data_6HIF
#
_entry.id   6HIF
#
_cell.length_a   211.860
_cell.length_b   211.860
_cell.length_c   398.570
_cell.angle_alpha   90.00
_cell.angle_beta   90.00
_cell.angle_gamma   120.00
#
_symmetry.space_group_name_H-M   'P 31'
#
loop_
_entity.id
_entity.type
_entity.pdbx_description
1 polymer 'Hydrazine dehydrogenase'
2 polymer 'hdh assembly factor Kustc1130'
3 non-polymer 'HEME C'
4 non-polymer 'SULFATE ION'
5 non-polymer GLYCEROL
6 non-polymer 'POTASSIUM ION'
7 water water
#
loop_
_entity_poly.entity_id
_entity_poly.type
_entity_poly.pdbx_seq_one_letter_code
_entity_poly.pdbx_strand_id
1 'polypeptide(L)'
;MRKFLKVTLASALIGCGVIGTVSSLMVKEAKAVEIITHWVPHEVYGMPGEPDNSGKVFFSGLKAKYMGYPKDAQRSPYPG
KYSKFWKTLPAYRYYIPDYMYNRDEVRPSNPIKGTFKLEQCVACHSVMTPGIVRDYNKSAHSKAEPAPTGCDTCHGNNHQ
KLTMPSSKACGTAECHETQYNEQGQGGIGSHASCSSFAQVECAWSIERPPGDTAGCTFCHTSPEERCSTCHQRHQFDPAV
ARRSEQCKTCHWGKDHRDWEAYDIGLHGTVYQVNKWDTEQFDFSKKLSDADYVGPTCQYCHMRGGHHNVQRASIVYTSMG
MSMADRGAPLWKEKRDRWVSICDDCHSPRFARENLQAMDESVKDASLKYRETFKVAEDLLIDGVLDPMPKDLCPDWSGQH
IWSLKIGAYHDGEAYGGTTGESGEFRMSNCTDVERLCFESVGYFQTYIYKGMAHGSWNDATYSDGSFGMDRWLVNVKQNA
SRARRLAALEKKVGISWQPEQFWKTGEWLDQLTGPYIVKNHPGKTIFDLCPDPGWLDTHHAPAEEVEYIERKLKELGITA
GSHSAHHHESGHDPAARSMKEH
;
G,A,B,C,D,E,F,H,I,J,K,L,M,N,O,P,Q,R,S,T,U,V,W,X
2 'polypeptide(L)'
;MLKKVLVGMFGAALIAGIGMTTAQAYDVKPAKLWVTAIAIGTPIVGAEIKVGDEECTTGNNGTCVFELRPGTYAISVHEH
GGQSAHKEVSLEEGNILFVSLDLGAKARHPSGSH
;
Y,Z,a,b,c,d,e,f,g,h,i,j
#
loop_
_chem_comp.id
_chem_comp.type
_chem_comp.name
_chem_comp.formula
GOL non-polymer GLYCEROL 'C3 H8 O3'
HEC non-polymer 'HEME C' 'C34 H34 Fe N4 O4'
K non-polymer 'POTASSIUM ION' 'K 1'
SO4 non-polymer 'SULFATE ION' 'O4 S -2'
#
# COMPACT_ATOMS: atom_id res chain seq x y z
N VAL A 33 -55.41 -46.64 54.41
CA VAL A 33 -55.94 -46.82 53.03
C VAL A 33 -57.25 -47.59 53.13
N GLU A 34 -58.32 -47.01 52.54
CA GLU A 34 -59.66 -47.57 52.61
C GLU A 34 -60.13 -47.91 51.19
N ILE A 35 -61.19 -48.72 51.10
CA ILE A 35 -61.94 -48.84 49.86
C ILE A 35 -62.96 -47.71 49.84
N ILE A 36 -62.60 -46.61 49.17
CA ILE A 36 -63.37 -45.37 49.23
C ILE A 36 -64.67 -45.55 48.44
N THR A 37 -65.79 -45.28 49.14
CA THR A 37 -67.12 -45.48 48.60
C THR A 37 -67.89 -44.16 48.53
N HIS A 38 -67.15 -43.05 48.52
CA HIS A 38 -67.74 -41.72 48.59
C HIS A 38 -67.21 -40.82 47.45
N TRP A 39 -67.73 -39.59 47.43
CA TRP A 39 -67.30 -38.50 46.57
C TRP A 39 -67.69 -38.74 45.12
N VAL A 40 -67.23 -39.86 44.54
CA VAL A 40 -67.59 -40.25 43.19
C VAL A 40 -69.11 -40.39 43.10
N PRO A 41 -69.78 -39.80 42.08
CA PRO A 41 -71.24 -39.85 41.99
C PRO A 41 -71.80 -41.28 42.05
N HIS A 42 -72.91 -41.45 42.80
CA HIS A 42 -73.49 -42.75 43.10
C HIS A 42 -74.02 -43.42 41.84
N GLU A 43 -74.47 -42.60 40.88
CA GLU A 43 -75.09 -43.07 39.65
C GLU A 43 -74.17 -44.08 38.97
N VAL A 44 -72.88 -44.03 39.32
CA VAL A 44 -71.87 -44.81 38.62
C VAL A 44 -71.35 -45.95 39.53
N TYR A 45 -71.95 -46.11 40.71
CA TYR A 45 -71.63 -47.22 41.59
C TYR A 45 -72.33 -48.48 41.11
N GLY A 46 -71.54 -49.54 40.89
CA GLY A 46 -72.09 -50.84 40.51
C GLY A 46 -72.68 -51.55 41.73
N MET A 47 -73.86 -52.14 41.54
CA MET A 47 -74.55 -52.86 42.60
C MET A 47 -74.51 -54.36 42.29
N PRO A 48 -74.65 -55.24 43.31
CA PRO A 48 -74.46 -56.68 43.11
C PRO A 48 -75.25 -57.24 41.94
N GLY A 49 -74.58 -58.03 41.10
CA GLY A 49 -75.23 -58.74 40.01
C GLY A 49 -75.13 -58.01 38.68
N GLU A 50 -74.73 -56.73 38.72
CA GLU A 50 -74.61 -55.91 37.53
C GLU A 50 -73.39 -56.34 36.71
N PRO A 51 -73.38 -56.12 35.38
CA PRO A 51 -72.26 -56.52 34.53
C PRO A 51 -71.00 -55.72 34.85
N ASP A 52 -69.84 -56.39 34.77
CA ASP A 52 -68.56 -55.78 35.08
C ASP A 52 -68.13 -54.85 33.93
N ASN A 53 -68.73 -55.07 32.75
CA ASN A 53 -68.34 -54.35 31.55
C ASN A 53 -69.29 -53.18 31.31
N SER A 54 -70.08 -52.82 32.34
CA SER A 54 -71.01 -51.71 32.26
C SER A 54 -70.26 -50.38 32.35
N GLY A 55 -69.12 -50.41 33.04
CA GLY A 55 -68.30 -49.22 33.22
C GLY A 55 -68.54 -48.61 34.61
N LYS A 56 -69.31 -49.31 35.44
CA LYS A 56 -69.62 -48.82 36.77
C LYS A 56 -68.51 -49.25 37.72
N VAL A 57 -68.36 -48.50 38.82
CA VAL A 57 -67.31 -48.76 39.80
C VAL A 57 -67.81 -49.81 40.78
N PHE A 58 -67.09 -50.93 40.85
CA PHE A 58 -67.35 -51.97 41.83
C PHE A 58 -66.28 -51.92 42.91
N PHE A 59 -66.72 -51.62 44.14
CA PHE A 59 -65.81 -51.41 45.24
C PHE A 59 -64.99 -52.67 45.52
N SER A 60 -63.67 -52.52 45.49
CA SER A 60 -62.73 -53.61 45.67
C SER A 60 -62.92 -54.69 44.60
N GLY A 61 -63.75 -54.36 43.60
CA GLY A 61 -63.99 -55.24 42.47
C GLY A 61 -64.97 -56.35 42.80
N LEU A 62 -65.73 -56.17 43.87
CA LEU A 62 -66.63 -57.19 44.39
C LEU A 62 -68.01 -57.07 43.74
N LYS A 63 -68.76 -58.18 43.76
CA LYS A 63 -70.20 -58.23 43.57
C LYS A 63 -70.59 -58.07 42.10
N ALA A 64 -69.60 -57.91 41.21
CA ALA A 64 -69.88 -57.73 39.79
C ALA A 64 -70.12 -59.08 39.13
N LYS A 65 -70.91 -59.06 38.04
CA LYS A 65 -71.14 -60.23 37.21
C LYS A 65 -70.12 -60.23 36.08
N TYR A 66 -69.30 -61.29 36.02
CA TYR A 66 -68.23 -61.40 35.05
C TYR A 66 -68.81 -61.71 33.67
N MET A 67 -68.53 -60.82 32.71
CA MET A 67 -69.11 -60.92 31.39
C MET A 67 -68.11 -61.53 30.41
N GLY A 68 -66.83 -61.46 30.75
CA GLY A 68 -65.78 -62.04 29.92
C GLY A 68 -65.39 -61.12 28.77
N TYR A 69 -64.38 -61.57 28.01
CA TYR A 69 -63.79 -60.77 26.94
C TYR A 69 -64.79 -60.59 25.79
N PRO A 70 -64.69 -59.49 25.01
CA PRO A 70 -65.60 -59.26 23.89
C PRO A 70 -65.29 -60.22 22.73
N LYS A 71 -66.19 -61.17 22.54
CA LYS A 71 -66.00 -62.21 21.53
C LYS A 71 -66.65 -61.80 20.22
N ASP A 72 -67.31 -60.64 20.23
CA ASP A 72 -67.92 -60.09 19.03
C ASP A 72 -66.95 -59.12 18.36
N ALA A 73 -65.90 -58.74 19.09
CA ALA A 73 -64.93 -57.74 18.64
C ALA A 73 -64.08 -58.31 17.51
N GLN A 74 -63.99 -57.55 16.41
CA GLN A 74 -63.25 -57.95 15.23
C GLN A 74 -61.77 -58.11 15.60
N ARG A 75 -61.25 -59.32 15.34
CA ARG A 75 -59.90 -59.69 15.74
C ARG A 75 -59.44 -60.91 14.95
N SER A 76 -58.25 -61.43 15.29
CA SER A 76 -57.71 -62.63 14.66
C SER A 76 -57.63 -63.76 15.67
N PRO A 77 -57.87 -65.02 15.25
CA PRO A 77 -57.50 -66.18 16.06
C PRO A 77 -55.97 -66.21 16.16
N TYR A 78 -55.46 -66.80 17.25
CA TYR A 78 -54.04 -67.04 17.41
C TYR A 78 -53.62 -68.16 16.46
N PRO A 79 -52.35 -68.18 15.97
CA PRO A 79 -51.87 -69.32 15.19
C PRO A 79 -51.47 -70.50 16.07
N GLY A 80 -51.19 -71.64 15.44
CA GLY A 80 -50.55 -72.75 16.14
C GLY A 80 -51.51 -73.85 16.56
N LYS A 81 -50.95 -74.81 17.31
CA LYS A 81 -51.55 -76.07 17.68
C LYS A 81 -52.86 -75.86 18.43
N TYR A 82 -52.87 -74.86 19.32
CA TYR A 82 -53.96 -74.69 20.28
C TYR A 82 -54.84 -73.51 19.88
N SER A 83 -54.95 -73.28 18.57
CA SER A 83 -55.68 -72.15 18.01
C SER A 83 -57.11 -72.11 18.55
N LYS A 84 -57.74 -73.29 18.68
CA LYS A 84 -59.15 -73.41 18.99
C LYS A 84 -59.45 -72.91 20.41
N PHE A 85 -58.47 -73.05 21.32
CA PHE A 85 -58.67 -72.72 22.72
C PHE A 85 -58.01 -71.39 23.06
N TRP A 86 -57.32 -70.79 22.09
CA TRP A 86 -56.63 -69.52 22.28
C TRP A 86 -57.61 -68.37 22.16
N LYS A 87 -58.02 -67.81 23.31
CA LYS A 87 -58.88 -66.64 23.35
C LYS A 87 -58.03 -65.39 23.09
N THR A 88 -58.49 -64.54 22.17
CA THR A 88 -57.69 -63.42 21.70
C THR A 88 -58.42 -62.09 21.90
N LEU A 89 -57.63 -61.02 21.96
CA LEU A 89 -58.11 -59.64 22.01
C LEU A 89 -57.78 -58.95 20.69
N PRO A 90 -58.50 -57.88 20.30
CA PRO A 90 -58.20 -57.14 19.08
C PRO A 90 -56.74 -56.72 19.00
N ALA A 91 -56.18 -56.30 20.15
CA ALA A 91 -54.84 -55.73 20.21
C ALA A 91 -53.78 -56.71 19.70
N TYR A 92 -54.07 -58.01 19.75
CA TYR A 92 -53.10 -59.04 19.44
C TYR A 92 -52.72 -59.03 17.96
N ARG A 93 -53.54 -58.36 17.13
CA ARG A 93 -53.37 -58.36 15.68
C ARG A 93 -51.95 -57.91 15.29
N TYR A 94 -51.36 -57.03 16.10
CA TYR A 94 -50.11 -56.40 15.75
C TYR A 94 -48.93 -57.33 16.03
N TYR A 95 -49.15 -58.33 16.91
CA TYR A 95 -48.05 -58.99 17.61
C TYR A 95 -47.51 -60.20 16.83
N ILE A 96 -48.40 -60.90 16.11
CA ILE A 96 -47.98 -61.87 15.11
C ILE A 96 -48.61 -61.48 13.78
N PRO A 97 -48.10 -60.40 13.13
CA PRO A 97 -48.86 -59.67 12.11
C PRO A 97 -49.13 -60.40 10.80
N ASP A 98 -48.22 -61.33 10.42
CA ASP A 98 -48.37 -62.04 9.18
C ASP A 98 -49.68 -62.83 9.17
N TYR A 99 -49.98 -63.48 10.29
CA TYR A 99 -51.18 -64.29 10.42
C TYR A 99 -52.35 -63.47 10.94
N MET A 100 -52.06 -62.52 11.83
CA MET A 100 -53.08 -61.90 12.66
C MET A 100 -53.49 -60.52 12.14
N TYR A 101 -52.81 -60.02 11.10
CA TYR A 101 -53.11 -58.71 10.55
C TYR A 101 -53.19 -58.77 9.03
N ASN A 102 -52.24 -59.48 8.40
CA ASN A 102 -51.95 -59.29 6.98
C ASN A 102 -52.87 -60.11 6.09
N ARG A 103 -53.58 -61.09 6.65
CA ARG A 103 -54.55 -61.86 5.88
C ARG A 103 -55.80 -61.01 5.67
N ASP A 104 -56.38 -61.12 4.46
CA ASP A 104 -57.52 -60.32 4.05
C ASP A 104 -58.70 -60.57 4.98
N GLU A 105 -58.78 -61.79 5.52
CA GLU A 105 -59.91 -62.24 6.33
C GLU A 105 -59.91 -61.55 7.68
N VAL A 106 -58.77 -60.94 8.05
CA VAL A 106 -58.53 -60.52 9.42
C VAL A 106 -58.23 -59.03 9.50
N ARG A 107 -57.59 -58.50 8.45
CA ARG A 107 -57.17 -57.11 8.40
C ARG A 107 -58.28 -56.20 8.93
N PRO A 108 -57.98 -55.32 9.91
CA PRO A 108 -59.00 -54.43 10.48
C PRO A 108 -59.40 -53.32 9.52
N SER A 109 -60.60 -52.77 9.74
CA SER A 109 -61.12 -51.68 8.94
C SER A 109 -60.31 -50.41 9.20
N ASN A 110 -60.33 -49.49 8.23
CA ASN A 110 -59.61 -48.24 8.33
C ASN A 110 -60.48 -47.12 7.74
N PRO A 111 -60.69 -46.01 8.48
CA PRO A 111 -61.54 -44.92 8.00
C PRO A 111 -61.01 -44.11 6.82
N ILE A 112 -59.72 -44.27 6.50
CA ILE A 112 -59.08 -43.51 5.42
C ILE A 112 -58.94 -44.42 4.19
N LYS A 113 -59.46 -43.93 3.06
CA LYS A 113 -59.49 -44.69 1.82
C LYS A 113 -58.55 -44.04 0.79
N GLY A 114 -58.08 -44.86 -0.15
CA GLY A 114 -57.23 -44.39 -1.24
C GLY A 114 -55.88 -45.10 -1.25
N THR A 115 -55.22 -45.10 -2.41
CA THR A 115 -53.83 -45.53 -2.50
C THR A 115 -52.98 -44.29 -2.69
N PHE A 116 -51.84 -44.21 -1.97
CA PHE A 116 -51.10 -42.97 -1.84
C PHE A 116 -49.63 -43.15 -2.21
N LYS A 117 -49.01 -42.03 -2.62
CA LYS A 117 -47.57 -41.92 -2.78
C LYS A 117 -46.93 -41.69 -1.40
N LEU A 118 -45.62 -41.88 -1.31
CA LEU A 118 -44.89 -41.75 -0.05
C LEU A 118 -45.06 -40.33 0.51
N GLU A 119 -44.97 -39.33 -0.37
CA GLU A 119 -45.12 -37.93 -0.01
C GLU A 119 -46.39 -37.73 0.81
N GLN A 120 -47.45 -38.47 0.42
CA GLN A 120 -48.78 -38.29 0.99
C GLN A 120 -48.85 -38.93 2.38
N CYS A 121 -48.21 -40.10 2.53
CA CYS A 121 -48.11 -40.74 3.83
C CYS A 121 -47.50 -39.77 4.83
N VAL A 122 -46.34 -39.21 4.47
CA VAL A 122 -45.55 -38.37 5.34
C VAL A 122 -46.35 -37.12 5.70
N ALA A 123 -46.90 -36.43 4.70
CA ALA A 123 -47.58 -35.16 4.89
C ALA A 123 -48.75 -35.31 5.84
N CYS A 124 -49.56 -36.36 5.62
CA CYS A 124 -50.79 -36.57 6.36
C CYS A 124 -50.48 -37.01 7.79
N HIS A 125 -49.54 -37.95 7.92
CA HIS A 125 -49.20 -38.52 9.22
C HIS A 125 -48.36 -37.55 10.05
N SER A 126 -47.73 -36.57 9.39
CA SER A 126 -46.89 -35.60 10.07
C SER A 126 -47.73 -34.82 11.07
N VAL A 127 -49.05 -34.83 10.84
CA VAL A 127 -49.98 -34.11 11.69
C VAL A 127 -50.83 -35.10 12.47
N MET A 128 -51.22 -36.20 11.79
CA MET A 128 -52.12 -37.18 12.37
C MET A 128 -51.41 -38.01 13.45
N THR A 129 -50.20 -38.47 13.15
CA THR A 129 -49.37 -39.20 14.10
C THR A 129 -47.96 -38.61 14.09
N PRO A 130 -47.78 -37.38 14.62
CA PRO A 130 -46.54 -36.61 14.43
C PRO A 130 -45.26 -37.36 14.77
N GLY A 131 -45.27 -38.08 15.90
CA GLY A 131 -44.09 -38.75 16.43
C GLY A 131 -43.53 -39.80 15.47
N ILE A 132 -44.41 -40.47 14.72
CA ILE A 132 -44.01 -41.51 13.79
C ILE A 132 -43.20 -40.88 12.66
N VAL A 133 -43.66 -39.73 12.16
CA VAL A 133 -43.00 -39.04 11.06
C VAL A 133 -41.68 -38.44 11.55
N ARG A 134 -41.69 -37.85 12.76
CA ARG A 134 -40.48 -37.33 13.36
C ARG A 134 -39.41 -38.42 13.42
N ASP A 135 -39.80 -39.63 13.83
CA ASP A 135 -38.91 -40.76 13.94
C ASP A 135 -38.44 -41.18 12.56
N TYR A 136 -39.38 -41.27 11.61
CA TYR A 136 -39.10 -41.74 10.27
C TYR A 136 -38.05 -40.84 9.61
N ASN A 137 -38.22 -39.53 9.78
CA ASN A 137 -37.36 -38.55 9.12
C ASN A 137 -35.94 -38.63 9.66
N LYS A 138 -35.80 -39.06 10.93
CA LYS A 138 -34.50 -39.22 11.56
C LYS A 138 -33.84 -40.50 11.04
N SER A 139 -34.66 -41.48 10.62
CA SER A 139 -34.18 -42.81 10.26
C SER A 139 -33.39 -42.78 8.96
N ALA A 140 -32.47 -43.75 8.82
CA ALA A 140 -31.67 -43.91 7.62
C ALA A 140 -32.55 -44.31 6.44
N HIS A 141 -33.68 -44.96 6.75
CA HIS A 141 -34.62 -45.44 5.75
C HIS A 141 -35.09 -44.30 4.86
N SER A 142 -35.31 -43.12 5.47
CA SER A 142 -35.87 -41.98 4.76
C SER A 142 -34.85 -41.37 3.82
N LYS A 143 -33.56 -41.51 4.17
CA LYS A 143 -32.47 -40.85 3.47
C LYS A 143 -31.89 -41.76 2.38
N ALA A 144 -32.36 -43.02 2.33
CA ALA A 144 -31.78 -44.05 1.48
C ALA A 144 -31.96 -43.68 0.00
N GLU A 145 -30.94 -44.01 -0.81
CA GLU A 145 -30.95 -43.77 -2.24
C GLU A 145 -30.57 -45.06 -2.96
N PRO A 146 -31.05 -45.23 -4.22
CA PRO A 146 -31.75 -44.21 -4.97
C PRO A 146 -33.21 -43.96 -4.56
N ALA A 147 -33.82 -44.95 -3.91
CA ALA A 147 -35.18 -44.84 -3.42
C ALA A 147 -35.21 -45.08 -1.91
N PRO A 148 -35.96 -44.27 -1.13
CA PRO A 148 -36.06 -44.46 0.32
C PRO A 148 -36.94 -45.65 0.67
N THR A 149 -36.63 -46.29 1.81
CA THR A 149 -37.51 -47.28 2.41
C THR A 149 -38.59 -46.52 3.17
N GLY A 150 -39.69 -46.24 2.49
CA GLY A 150 -40.72 -45.37 3.04
C GLY A 150 -41.85 -46.14 3.69
N CYS A 151 -42.82 -45.40 4.24
CA CYS A 151 -43.98 -45.95 4.92
C CYS A 151 -44.64 -47.00 4.03
N ASP A 152 -44.71 -46.70 2.72
CA ASP A 152 -45.38 -47.54 1.75
C ASP A 152 -44.60 -48.84 1.54
N THR A 153 -43.27 -48.77 1.69
CA THR A 153 -42.41 -49.92 1.49
C THR A 153 -42.67 -50.96 2.56
N CYS A 154 -43.00 -50.50 3.78
CA CYS A 154 -43.18 -51.37 4.93
C CYS A 154 -44.66 -51.67 5.19
N HIS A 155 -45.56 -50.79 4.71
CA HIS A 155 -46.97 -50.86 5.10
C HIS A 155 -47.89 -51.06 3.90
N GLY A 156 -47.43 -50.68 2.70
CA GLY A 156 -48.25 -50.78 1.50
C GLY A 156 -48.80 -49.42 1.06
N ASN A 157 -49.34 -49.37 -0.16
CA ASN A 157 -49.79 -48.13 -0.78
C ASN A 157 -51.29 -47.93 -0.55
N ASN A 158 -52.04 -49.04 -0.55
CA ASN A 158 -53.49 -49.00 -0.43
C ASN A 158 -53.88 -48.90 1.04
N HIS A 159 -54.55 -47.80 1.41
CA HIS A 159 -54.85 -47.55 2.81
C HIS A 159 -55.93 -48.51 3.32
N GLN A 160 -56.62 -49.16 2.39
CA GLN A 160 -57.64 -50.15 2.74
C GLN A 160 -57.01 -51.53 2.81
N LYS A 161 -55.76 -51.63 2.35
CA LYS A 161 -55.05 -52.91 2.34
C LYS A 161 -53.68 -52.75 2.98
N LEU A 162 -53.62 -52.03 4.11
CA LEU A 162 -52.40 -51.81 4.85
C LEU A 162 -51.95 -53.11 5.49
N THR A 163 -50.64 -53.25 5.69
CA THR A 163 -50.06 -54.42 6.35
C THR A 163 -49.05 -53.98 7.39
N MET A 164 -48.85 -54.82 8.41
CA MET A 164 -47.84 -54.60 9.43
C MET A 164 -46.64 -55.48 9.13
N PRO A 165 -45.42 -54.90 8.99
CA PRO A 165 -44.25 -55.66 8.56
C PRO A 165 -43.65 -56.48 9.70
N SER A 166 -43.59 -57.80 9.50
CA SER A 166 -43.00 -58.73 10.45
C SER A 166 -41.50 -58.81 10.20
N SER A 167 -40.84 -59.69 10.95
CA SER A 167 -39.41 -59.95 10.79
C SER A 167 -39.12 -60.48 9.40
N LYS A 168 -40.12 -61.15 8.81
CA LYS A 168 -39.99 -61.73 7.47
C LYS A 168 -39.89 -60.61 6.44
N ALA A 169 -40.59 -59.50 6.70
CA ALA A 169 -40.62 -58.36 5.80
C ALA A 169 -39.26 -57.67 5.80
N CYS A 170 -38.68 -57.52 7.00
CA CYS A 170 -37.38 -56.88 7.14
C CYS A 170 -36.29 -57.78 6.59
N GLY A 171 -36.50 -59.10 6.70
CA GLY A 171 -35.46 -60.09 6.47
C GLY A 171 -35.44 -60.61 5.04
N THR A 172 -36.07 -59.87 4.13
CA THR A 172 -36.06 -60.21 2.72
C THR A 172 -34.63 -60.08 2.19
N ALA A 173 -34.31 -60.88 1.16
CA ALA A 173 -32.96 -61.00 0.63
C ALA A 173 -32.43 -59.63 0.20
N GLU A 174 -33.34 -58.78 -0.28
CA GLU A 174 -33.01 -57.48 -0.84
C GLU A 174 -32.68 -56.50 0.28
N CYS A 175 -33.07 -56.85 1.52
CA CYS A 175 -32.99 -55.91 2.64
C CYS A 175 -32.06 -56.45 3.74
N HIS A 176 -32.63 -57.00 4.81
CA HIS A 176 -31.84 -57.40 5.97
C HIS A 176 -31.92 -58.90 6.22
N GLU A 177 -31.60 -59.69 5.20
CA GLU A 177 -31.66 -61.14 5.30
C GLU A 177 -30.62 -61.61 6.32
N THR A 178 -29.51 -60.89 6.40
CA THR A 178 -28.38 -61.27 7.25
C THR A 178 -28.85 -61.37 8.70
N GLN A 179 -29.50 -60.31 9.19
CA GLN A 179 -29.91 -60.21 10.58
C GLN A 179 -31.02 -61.21 10.89
N TYR A 180 -31.92 -61.40 9.92
CA TYR A 180 -33.02 -62.34 10.08
C TYR A 180 -32.47 -63.76 10.26
N ASN A 181 -31.52 -64.13 9.39
CA ASN A 181 -30.95 -65.48 9.39
C ASN A 181 -30.14 -65.69 10.67
N GLU A 182 -29.41 -64.66 11.10
CA GLU A 182 -28.61 -64.70 12.31
C GLU A 182 -29.51 -65.03 13.50
N GLN A 183 -30.57 -64.23 13.67
CA GLN A 183 -31.51 -64.40 14.76
C GLN A 183 -32.11 -65.80 14.69
N GLY A 184 -32.42 -66.24 13.46
CA GLY A 184 -33.10 -67.51 13.22
C GLY A 184 -32.24 -68.73 13.54
N GLN A 185 -30.95 -68.50 13.78
CA GLN A 185 -30.03 -69.58 14.13
C GLN A 185 -30.30 -70.05 15.56
N GLY A 186 -31.04 -69.24 16.33
CA GLY A 186 -31.31 -69.55 17.71
C GLY A 186 -32.13 -70.83 17.87
N GLY A 187 -31.91 -71.55 18.98
CA GLY A 187 -32.63 -72.78 19.27
C GLY A 187 -33.87 -72.52 20.11
N ILE A 188 -34.22 -73.50 20.96
CA ILE A 188 -35.32 -73.32 21.89
C ILE A 188 -34.89 -72.29 22.92
N GLY A 189 -35.83 -71.41 23.32
CA GLY A 189 -35.58 -70.42 24.34
C GLY A 189 -34.76 -69.23 23.84
N SER A 190 -34.75 -69.04 22.51
CA SER A 190 -34.02 -67.95 21.88
C SER A 190 -35.03 -66.97 21.29
N HIS A 191 -34.49 -65.93 20.61
CA HIS A 191 -35.32 -64.93 19.95
C HIS A 191 -35.96 -65.51 18.70
N ALA A 192 -35.56 -66.73 18.34
CA ALA A 192 -36.04 -67.37 17.12
C ALA A 192 -37.34 -68.12 17.38
N SER A 193 -37.62 -68.42 18.66
CA SER A 193 -38.66 -69.38 18.99
C SER A 193 -39.55 -68.87 20.12
N CYS A 194 -39.29 -67.63 20.58
CA CYS A 194 -39.93 -67.12 21.78
C CYS A 194 -41.41 -66.84 21.54
N SER A 195 -41.80 -66.70 20.27
CA SER A 195 -43.20 -66.55 19.92
C SER A 195 -43.80 -67.91 19.54
N SER A 196 -43.17 -68.54 18.55
CA SER A 196 -43.69 -69.74 17.89
C SER A 196 -43.84 -70.89 18.87
N PHE A 197 -42.90 -71.03 19.80
CA PHE A 197 -42.97 -72.11 20.78
C PHE A 197 -43.53 -71.58 22.10
N ALA A 198 -42.75 -70.70 22.75
CA ALA A 198 -42.96 -70.34 24.15
C ALA A 198 -44.34 -69.73 24.36
N GLN A 199 -44.78 -68.89 23.41
CA GLN A 199 -45.97 -68.09 23.58
C GLN A 199 -47.18 -68.75 22.92
N VAL A 200 -46.99 -69.27 21.71
CA VAL A 200 -48.08 -69.84 20.93
C VAL A 200 -48.59 -71.11 21.62
N GLU A 201 -47.69 -71.80 22.33
CA GLU A 201 -48.05 -73.02 23.04
C GLU A 201 -47.91 -72.81 24.55
N CYS A 202 -48.19 -71.58 25.00
CA CYS A 202 -48.07 -71.24 26.41
C CYS A 202 -49.29 -71.76 27.16
N ALA A 203 -49.05 -72.73 28.05
CA ALA A 203 -50.12 -73.41 28.79
C ALA A 203 -51.03 -72.41 29.48
N TRP A 204 -50.46 -71.50 30.27
CA TRP A 204 -51.22 -70.62 31.14
C TRP A 204 -52.06 -69.66 30.32
N SER A 205 -51.48 -69.15 29.22
CA SER A 205 -52.16 -68.19 28.37
C SER A 205 -53.41 -68.81 27.77
N ILE A 206 -53.29 -70.07 27.32
CA ILE A 206 -54.39 -70.81 26.73
C ILE A 206 -55.45 -71.08 27.80
N GLU A 207 -54.99 -71.47 28.99
CA GLU A 207 -55.84 -71.93 30.08
C GLU A 207 -56.79 -70.81 30.53
N ARG A 208 -56.27 -69.58 30.60
CA ARG A 208 -56.93 -68.50 31.31
C ARG A 208 -57.73 -67.64 30.34
N PRO A 209 -58.62 -66.75 30.85
CA PRO A 209 -59.19 -65.69 30.02
C PRO A 209 -58.07 -64.81 29.47
N PRO A 210 -58.27 -64.16 28.30
CA PRO A 210 -57.26 -63.26 27.76
C PRO A 210 -57.30 -61.97 28.56
N GLY A 211 -56.14 -61.39 28.84
CA GLY A 211 -56.08 -60.24 29.71
C GLY A 211 -55.43 -60.61 31.04
N ASP A 212 -55.78 -61.80 31.52
CA ASP A 212 -55.07 -62.43 32.62
C ASP A 212 -53.59 -62.51 32.27
N THR A 213 -53.31 -62.85 31.00
CA THR A 213 -51.96 -63.07 30.52
C THR A 213 -51.73 -62.27 29.24
N ALA A 214 -52.37 -61.10 29.14
CA ALA A 214 -52.26 -60.25 27.96
C ALA A 214 -50.82 -59.81 27.78
N GLY A 215 -50.16 -59.48 28.90
CA GLY A 215 -48.78 -59.01 28.88
C GLY A 215 -47.83 -60.00 28.24
N CYS A 216 -48.20 -61.30 28.30
CA CYS A 216 -47.35 -62.36 27.78
C CYS A 216 -47.30 -62.30 26.26
N THR A 217 -48.43 -61.96 25.64
CA THR A 217 -48.50 -61.80 24.20
C THR A 217 -47.62 -60.62 23.77
N PHE A 218 -47.71 -59.51 24.52
CA PHE A 218 -47.06 -58.27 24.18
C PHE A 218 -45.54 -58.40 24.33
N CYS A 219 -45.11 -59.28 25.24
CA CYS A 219 -43.69 -59.40 25.56
C CYS A 219 -43.01 -60.46 24.68
N HIS A 220 -43.66 -61.62 24.54
CA HIS A 220 -43.02 -62.81 23.99
C HIS A 220 -42.91 -62.76 22.47
N THR A 221 -43.92 -62.20 21.82
CA THR A 221 -44.00 -62.25 20.37
C THR A 221 -42.91 -61.37 19.73
N SER A 222 -42.60 -60.25 20.40
CA SER A 222 -41.84 -59.16 19.82
C SER A 222 -40.51 -59.61 19.21
N PRO A 223 -39.59 -60.24 19.96
CA PRO A 223 -38.25 -60.52 19.43
C PRO A 223 -38.29 -61.33 18.13
N GLU A 224 -39.23 -62.28 18.05
CA GLU A 224 -39.30 -63.20 16.92
C GLU A 224 -40.03 -62.55 15.74
N GLU A 225 -41.06 -61.75 16.05
CA GLU A 225 -42.03 -61.33 15.04
C GLU A 225 -41.79 -59.89 14.58
N ARG A 226 -41.29 -59.05 15.48
CA ARG A 226 -41.14 -57.62 15.19
C ARG A 226 -39.71 -57.17 15.42
N CYS A 227 -39.11 -56.59 14.36
CA CYS A 227 -37.72 -56.17 14.40
C CYS A 227 -37.61 -54.72 14.89
N SER A 228 -38.74 -54.17 15.37
CA SER A 228 -38.72 -52.89 16.06
C SER A 228 -38.23 -53.09 17.49
N THR A 229 -37.86 -54.34 17.79
CA THR A 229 -37.30 -54.71 19.08
C THR A 229 -35.83 -54.24 19.12
N CYS A 230 -35.44 -53.67 20.27
CA CYS A 230 -34.08 -53.20 20.53
C CYS A 230 -33.82 -51.87 19.85
N HIS A 231 -33.98 -51.82 18.52
CA HIS A 231 -33.98 -50.56 17.79
C HIS A 231 -35.42 -50.17 17.45
N GLN A 232 -35.94 -49.21 18.21
CA GLN A 232 -37.35 -48.84 18.19
C GLN A 232 -37.73 -48.30 16.82
N ARG A 233 -38.99 -48.54 16.42
CA ARG A 233 -39.61 -47.83 15.33
C ARG A 233 -39.89 -46.40 15.79
N HIS A 234 -39.90 -45.43 14.85
CA HIS A 234 -39.62 -45.64 13.44
C HIS A 234 -38.23 -45.13 13.10
N GLN A 235 -37.42 -44.94 14.14
CA GLN A 235 -36.10 -44.35 14.02
C GLN A 235 -35.09 -45.42 13.61
N PHE A 236 -35.27 -46.63 14.15
CA PHE A 236 -34.42 -47.78 13.89
C PHE A 236 -32.94 -47.42 14.00
N ASP A 237 -32.57 -46.93 15.19
CA ASP A 237 -31.22 -46.46 15.44
C ASP A 237 -30.40 -47.59 16.07
N PRO A 238 -29.36 -48.10 15.39
CA PRO A 238 -28.50 -49.15 15.96
C PRO A 238 -27.79 -48.67 17.22
N ALA A 239 -27.61 -47.34 17.32
CA ALA A 239 -26.88 -46.73 18.42
C ALA A 239 -27.67 -46.87 19.72
N VAL A 240 -29.00 -46.75 19.62
CA VAL A 240 -29.84 -46.90 20.80
C VAL A 240 -30.01 -48.38 21.11
N ALA A 241 -29.90 -49.22 20.07
CA ALA A 241 -30.04 -50.66 20.21
C ALA A 241 -28.84 -51.26 20.94
N ARG A 242 -27.73 -50.52 20.99
CA ARG A 242 -26.48 -51.03 21.58
C ARG A 242 -26.47 -50.79 23.08
N ARG A 243 -27.48 -50.09 23.60
CA ARG A 243 -27.57 -49.76 25.01
C ARG A 243 -28.16 -50.92 25.80
N SER A 244 -27.60 -51.16 26.99
CA SER A 244 -27.94 -52.30 27.82
C SER A 244 -29.42 -52.28 28.18
N GLU A 245 -29.95 -51.08 28.41
CA GLU A 245 -31.31 -50.91 28.94
C GLU A 245 -32.35 -51.48 27.98
N GLN A 246 -31.97 -51.64 26.70
CA GLN A 246 -32.89 -52.13 25.69
C GLN A 246 -33.47 -53.48 26.10
N CYS A 247 -32.65 -54.29 26.77
CA CYS A 247 -32.96 -55.67 27.08
C CYS A 247 -33.85 -55.73 28.32
N LYS A 248 -33.83 -54.66 29.13
CA LYS A 248 -34.42 -54.66 30.46
C LYS A 248 -35.93 -54.84 30.38
N THR A 249 -36.52 -54.39 29.26
CA THR A 249 -37.97 -54.30 29.15
C THR A 249 -38.60 -55.69 29.20
N CYS A 250 -37.81 -56.72 28.86
CA CYS A 250 -38.29 -58.10 28.86
C CYS A 250 -37.46 -58.95 29.83
N HIS A 251 -36.16 -58.64 29.93
CA HIS A 251 -35.25 -59.44 30.72
C HIS A 251 -35.13 -58.89 32.15
N TRP A 252 -36.27 -58.85 32.84
CA TRP A 252 -36.32 -58.43 34.23
C TRP A 252 -37.39 -59.25 34.96
N GLY A 253 -37.43 -59.11 36.28
CA GLY A 253 -38.60 -59.52 37.03
C GLY A 253 -38.46 -60.91 37.63
N LYS A 254 -39.61 -61.51 37.91
CA LYS A 254 -39.75 -62.56 38.90
C LYS A 254 -38.98 -63.82 38.51
N ASP A 255 -38.87 -64.09 37.20
CA ASP A 255 -38.35 -65.39 36.79
C ASP A 255 -37.10 -65.26 35.93
N HIS A 256 -36.57 -64.03 35.81
CA HIS A 256 -35.30 -63.79 35.14
C HIS A 256 -34.81 -62.37 35.43
N ARG A 257 -34.08 -62.21 36.54
CA ARG A 257 -33.56 -60.92 36.94
C ARG A 257 -32.28 -60.60 36.16
N ASP A 258 -32.37 -60.66 34.83
CA ASP A 258 -31.21 -60.48 33.99
C ASP A 258 -30.69 -59.05 34.13
N TRP A 259 -31.61 -58.09 33.94
CA TRP A 259 -31.28 -56.68 34.04
C TRP A 259 -30.83 -56.35 35.46
N GLU A 260 -31.62 -56.77 36.45
CA GLU A 260 -31.36 -56.42 37.85
C GLU A 260 -29.97 -56.90 38.25
N ALA A 261 -29.61 -58.12 37.84
CA ALA A 261 -28.33 -58.71 38.18
C ALA A 261 -27.19 -57.91 37.56
N TYR A 262 -27.33 -57.62 36.26
CA TYR A 262 -26.33 -56.86 35.52
C TYR A 262 -26.20 -55.47 36.14
N ASP A 263 -27.35 -54.82 36.34
CA ASP A 263 -27.45 -53.42 36.71
C ASP A 263 -26.72 -53.16 38.04
N ILE A 264 -26.91 -54.06 39.00
CA ILE A 264 -26.44 -53.84 40.37
C ILE A 264 -25.01 -54.38 40.53
N GLY A 265 -24.62 -55.32 39.67
CA GLY A 265 -23.25 -55.82 39.64
C GLY A 265 -22.26 -54.70 39.28
N LEU A 266 -20.96 -55.01 39.34
CA LEU A 266 -19.96 -54.00 39.11
C LEU A 266 -19.92 -53.60 37.63
N HIS A 267 -20.30 -54.53 36.74
CA HIS A 267 -20.43 -54.20 35.33
C HIS A 267 -21.51 -53.15 35.13
N GLY A 268 -22.65 -53.35 35.82
CA GLY A 268 -23.77 -52.43 35.77
C GLY A 268 -23.46 -51.11 36.46
N THR A 269 -22.65 -51.17 37.52
CA THR A 269 -22.19 -49.98 38.21
C THR A 269 -21.31 -49.16 37.29
N VAL A 270 -20.32 -49.83 36.69
CA VAL A 270 -19.42 -49.21 35.72
C VAL A 270 -20.25 -48.58 34.60
N TYR A 271 -21.28 -49.32 34.16
CA TYR A 271 -22.11 -48.89 33.04
C TYR A 271 -22.85 -47.59 33.41
N GLN A 272 -23.50 -47.58 34.57
CA GLN A 272 -24.37 -46.48 34.95
C GLN A 272 -23.55 -45.22 35.17
N VAL A 273 -22.29 -45.42 35.58
CA VAL A 273 -21.42 -44.31 35.97
C VAL A 273 -20.81 -43.67 34.72
N ASN A 274 -20.71 -44.43 33.62
CA ASN A 274 -19.87 -44.03 32.50
C ASN A 274 -20.65 -43.94 31.20
N LYS A 275 -21.92 -44.36 31.19
CA LYS A 275 -22.63 -44.64 29.94
C LYS A 275 -22.83 -43.38 29.10
N TRP A 276 -22.87 -42.21 29.75
CA TRP A 276 -23.05 -40.96 29.03
C TRP A 276 -21.71 -40.26 28.80
N ASP A 277 -20.62 -40.91 29.23
CA ASP A 277 -19.28 -40.43 28.95
C ASP A 277 -18.79 -41.13 27.67
N THR A 278 -18.65 -40.33 26.61
CA THR A 278 -18.37 -40.83 25.28
C THR A 278 -16.96 -41.42 25.23
N GLU A 279 -16.12 -41.05 26.20
CA GLU A 279 -14.74 -41.52 26.27
C GLU A 279 -14.70 -42.94 26.83
N GLN A 280 -15.80 -43.37 27.49
CA GLN A 280 -15.85 -44.65 28.15
C GLN A 280 -16.78 -45.60 27.39
N PHE A 281 -17.88 -45.05 26.85
CA PHE A 281 -18.86 -45.79 26.08
C PHE A 281 -19.22 -45.02 24.83
N ASP A 282 -18.80 -45.54 23.68
CA ASP A 282 -19.11 -44.92 22.40
C ASP A 282 -20.09 -45.81 21.64
N PHE A 283 -21.36 -45.40 21.64
CA PHE A 283 -22.43 -46.22 21.09
C PHE A 283 -22.52 -46.07 19.57
N SER A 284 -21.74 -45.13 19.02
CA SER A 284 -21.71 -44.92 17.58
C SER A 284 -20.87 -46.02 16.91
N LYS A 285 -19.93 -46.60 17.66
CA LYS A 285 -19.09 -47.69 17.19
C LYS A 285 -19.95 -48.94 17.01
N LYS A 286 -19.62 -49.74 15.98
CA LYS A 286 -20.21 -51.06 15.81
C LYS A 286 -19.66 -52.00 16.86
N LEU A 287 -20.40 -53.07 17.17
CA LEU A 287 -20.07 -53.95 18.28
C LEU A 287 -18.73 -54.64 18.06
N SER A 288 -18.31 -54.77 16.79
CA SER A 288 -17.02 -55.34 16.45
C SER A 288 -15.89 -54.45 16.90
N ASP A 289 -16.17 -53.15 17.03
CA ASP A 289 -15.15 -52.16 17.36
C ASP A 289 -15.36 -51.64 18.77
N ALA A 290 -16.32 -52.23 19.49
CA ALA A 290 -16.68 -51.78 20.82
C ALA A 290 -15.47 -51.91 21.75
N ASP A 291 -15.05 -50.78 22.31
CA ASP A 291 -13.89 -50.72 23.18
C ASP A 291 -14.28 -50.06 24.50
N TYR A 292 -15.43 -50.47 25.05
CA TYR A 292 -15.98 -49.89 26.26
C TYR A 292 -15.09 -50.22 27.46
N VAL A 293 -15.23 -49.43 28.53
CA VAL A 293 -14.54 -49.71 29.78
C VAL A 293 -15.13 -50.97 30.41
N GLY A 294 -16.46 -51.10 30.34
CA GLY A 294 -17.17 -52.25 30.85
C GLY A 294 -18.10 -52.86 29.80
N PRO A 295 -18.60 -54.10 30.00
CA PRO A 295 -19.46 -54.74 29.01
C PRO A 295 -20.93 -54.33 29.09
N THR A 296 -21.61 -54.44 27.94
CA THR A 296 -23.05 -54.32 27.83
C THR A 296 -23.64 -55.70 27.53
N CYS A 297 -24.96 -55.84 27.67
CA CYS A 297 -25.60 -57.11 27.35
C CYS A 297 -25.15 -57.55 25.95
N GLN A 298 -25.12 -56.57 25.03
CA GLN A 298 -24.81 -56.78 23.63
C GLN A 298 -23.34 -57.21 23.49
N TYR A 299 -22.47 -56.61 24.32
CA TYR A 299 -21.05 -56.88 24.25
C TYR A 299 -20.79 -58.37 24.42
N CYS A 300 -21.58 -59.02 25.29
CA CYS A 300 -21.37 -60.41 25.67
C CYS A 300 -22.24 -61.35 24.82
N HIS A 301 -23.52 -60.98 24.65
CA HIS A 301 -24.48 -61.91 24.04
C HIS A 301 -24.58 -61.71 22.53
N MET A 302 -24.27 -60.50 22.06
CA MET A 302 -24.34 -60.20 20.64
C MET A 302 -22.94 -59.84 20.12
N ARG A 303 -21.95 -60.64 20.55
CA ARG A 303 -20.56 -60.49 20.17
C ARG A 303 -20.45 -60.34 18.66
N GLY A 304 -19.76 -59.27 18.23
CA GLY A 304 -19.54 -59.00 16.82
C GLY A 304 -20.79 -58.49 16.11
N GLY A 305 -21.88 -58.31 16.86
CA GLY A 305 -23.12 -57.80 16.31
C GLY A 305 -24.05 -58.90 15.82
N HIS A 306 -23.68 -60.16 16.09
CA HIS A 306 -24.47 -61.31 15.69
C HIS A 306 -25.84 -61.27 16.37
N HIS A 307 -26.89 -61.54 15.59
CA HIS A 307 -28.26 -61.31 16.07
C HIS A 307 -28.80 -62.54 16.79
N ASN A 308 -28.15 -63.70 16.64
CA ASN A 308 -28.46 -64.84 17.48
C ASN A 308 -27.90 -64.60 18.86
N VAL A 309 -28.79 -64.23 19.78
CA VAL A 309 -28.43 -63.72 21.09
C VAL A 309 -28.03 -64.90 22.00
N GLN A 310 -28.33 -66.11 21.53
CA GLN A 310 -28.13 -67.35 22.27
C GLN A 310 -26.86 -68.04 21.78
N ARG A 311 -26.17 -67.40 20.84
CA ARG A 311 -25.06 -67.99 20.12
C ARG A 311 -24.01 -68.56 21.07
N ALA A 312 -23.73 -67.83 22.16
CA ALA A 312 -22.63 -68.16 23.05
C ALA A 312 -23.09 -69.04 24.21
N SER A 313 -24.41 -69.29 24.29
CA SER A 313 -25.00 -70.07 25.37
C SER A 313 -24.41 -71.48 25.36
N ILE A 314 -24.25 -72.06 26.56
CA ILE A 314 -23.63 -73.37 26.69
C ILE A 314 -24.68 -74.46 26.46
N VAL A 315 -25.74 -74.46 27.30
CA VAL A 315 -26.83 -75.42 27.18
C VAL A 315 -28.10 -74.81 27.77
N TYR A 316 -29.23 -75.10 27.13
CA TYR A 316 -30.53 -74.60 27.59
C TYR A 316 -30.97 -75.36 28.84
N THR A 317 -31.23 -74.61 29.91
CA THR A 317 -31.49 -75.19 31.22
C THR A 317 -32.83 -74.68 31.75
N SER A 318 -33.74 -74.37 30.82
CA SER A 318 -35.11 -74.05 31.15
C SER A 318 -35.13 -72.88 32.14
N MET A 319 -34.52 -71.77 31.72
CA MET A 319 -34.49 -70.51 32.45
C MET A 319 -33.55 -70.59 33.66
N GLY A 320 -32.80 -71.69 33.76
CA GLY A 320 -31.91 -71.91 34.88
C GLY A 320 -32.58 -72.71 35.99
N MET A 321 -33.80 -73.19 35.72
CA MET A 321 -34.53 -74.03 36.65
C MET A 321 -33.94 -75.44 36.64
N SER A 322 -33.60 -75.92 35.43
CA SER A 322 -32.83 -77.14 35.30
C SER A 322 -31.36 -76.84 35.58
N MET A 323 -30.61 -77.86 35.98
CA MET A 323 -29.27 -77.67 36.51
C MET A 323 -28.24 -78.39 35.64
N ALA A 324 -27.10 -77.72 35.43
CA ALA A 324 -25.97 -78.30 34.72
C ALA A 324 -24.67 -77.69 35.26
N ASP A 325 -23.65 -78.54 35.38
CA ASP A 325 -22.31 -78.04 35.65
C ASP A 325 -21.70 -77.63 34.32
N ARG A 326 -21.76 -76.32 34.03
CA ARG A 326 -21.29 -75.78 32.77
C ARG A 326 -19.77 -75.78 32.72
N GLY A 327 -19.15 -75.96 33.90
CA GLY A 327 -17.71 -75.97 34.04
C GLY A 327 -17.12 -77.37 33.86
N ALA A 328 -17.99 -78.35 33.61
CA ALA A 328 -17.59 -79.74 33.45
C ALA A 328 -16.85 -79.93 32.14
N PRO A 329 -15.92 -80.91 32.05
CA PRO A 329 -15.12 -81.12 30.83
C PRO A 329 -15.96 -81.27 29.56
N LEU A 330 -17.21 -81.69 29.72
CA LEU A 330 -18.14 -81.87 28.60
C LEU A 330 -18.32 -80.55 27.85
N TRP A 331 -18.35 -79.44 28.60
CA TRP A 331 -18.66 -78.14 28.04
C TRP A 331 -17.40 -77.27 27.97
N LYS A 332 -16.22 -77.90 27.95
CA LYS A 332 -14.97 -77.17 28.09
C LYS A 332 -14.84 -76.12 27.00
N GLU A 333 -15.13 -76.51 25.75
CA GLU A 333 -14.94 -75.63 24.60
C GLU A 333 -15.90 -74.44 24.66
N LYS A 334 -17.10 -74.68 25.19
CA LYS A 334 -18.15 -73.68 25.25
C LYS A 334 -17.86 -72.66 26.36
N ARG A 335 -17.33 -73.16 27.48
CA ARG A 335 -16.93 -72.30 28.59
C ARG A 335 -15.70 -71.50 28.21
N ASP A 336 -14.78 -72.14 27.46
CA ASP A 336 -13.57 -71.47 26.98
C ASP A 336 -13.95 -70.26 26.13
N ARG A 337 -15.02 -70.38 25.34
CA ARG A 337 -15.48 -69.31 24.48
C ARG A 337 -15.91 -68.12 25.33
N TRP A 338 -16.56 -68.40 26.47
CA TRP A 338 -16.99 -67.35 27.37
C TRP A 338 -15.79 -66.64 27.99
N VAL A 339 -14.76 -67.41 28.32
CA VAL A 339 -13.53 -66.88 28.89
C VAL A 339 -12.86 -65.96 27.86
N SER A 340 -13.06 -66.27 26.56
CA SER A 340 -12.53 -65.48 25.46
C SER A 340 -13.17 -64.10 25.42
N ILE A 341 -14.43 -64.02 25.87
CA ILE A 341 -15.16 -62.76 25.90
C ILE A 341 -14.70 -61.95 27.10
N CYS A 342 -14.57 -62.60 28.25
CA CYS A 342 -14.13 -61.94 29.47
C CYS A 342 -12.66 -61.52 29.35
N ASP A 343 -11.90 -62.31 28.57
CA ASP A 343 -10.49 -62.11 28.26
C ASP A 343 -10.20 -60.66 27.89
N ASP A 344 -11.21 -59.98 27.33
CA ASP A 344 -11.06 -58.64 26.81
C ASP A 344 -10.59 -57.69 27.91
N CYS A 345 -10.96 -57.97 29.16
CA CYS A 345 -10.71 -57.02 30.24
C CYS A 345 -10.27 -57.74 31.53
N HIS A 346 -10.03 -59.04 31.43
CA HIS A 346 -9.59 -59.84 32.57
C HIS A 346 -8.63 -60.93 32.10
N SER A 347 -7.83 -61.44 33.05
CA SER A 347 -7.02 -62.61 32.79
C SER A 347 -7.93 -63.82 32.60
N PRO A 348 -7.57 -64.77 31.69
CA PRO A 348 -8.35 -65.99 31.51
C PRO A 348 -8.67 -66.65 32.84
N ARG A 349 -7.67 -66.70 33.73
CA ARG A 349 -7.79 -67.40 35.01
C ARG A 349 -8.90 -66.78 35.85
N PHE A 350 -8.87 -65.44 35.96
CA PHE A 350 -9.81 -64.73 36.80
C PHE A 350 -11.24 -65.04 36.36
N ALA A 351 -11.46 -65.01 35.05
CA ALA A 351 -12.77 -65.21 34.47
C ALA A 351 -13.21 -66.66 34.62
N ARG A 352 -12.30 -67.60 34.29
CA ARG A 352 -12.58 -69.02 34.34
C ARG A 352 -13.03 -69.40 35.76
N GLU A 353 -12.35 -68.84 36.76
CA GLU A 353 -12.56 -69.23 38.14
C GLU A 353 -13.83 -68.58 38.69
N ASN A 354 -14.13 -67.37 38.19
CA ASN A 354 -15.32 -66.65 38.59
C ASN A 354 -16.56 -67.40 38.09
N LEU A 355 -16.48 -67.91 36.85
CA LEU A 355 -17.60 -68.65 36.27
C LEU A 355 -17.69 -70.03 36.93
N GLN A 356 -16.58 -70.52 37.45
CA GLN A 356 -16.58 -71.78 38.18
C GLN A 356 -17.39 -71.61 39.47
N ALA A 357 -17.23 -70.45 40.10
CA ALA A 357 -17.97 -70.13 41.31
C ALA A 357 -19.47 -70.17 41.03
N MET A 358 -19.87 -69.69 39.84
CA MET A 358 -21.26 -69.70 39.42
C MET A 358 -21.76 -71.14 39.38
N ASP A 359 -20.95 -72.02 38.75
CA ASP A 359 -21.29 -73.43 38.60
C ASP A 359 -21.57 -74.05 39.96
N GLU A 360 -20.75 -73.68 40.95
CA GLU A 360 -20.85 -74.23 42.29
C GLU A 360 -22.13 -73.74 42.96
N SER A 361 -22.45 -72.46 42.77
CA SER A 361 -23.66 -71.87 43.34
C SER A 361 -24.89 -72.57 42.77
N VAL A 362 -24.83 -72.89 41.47
CA VAL A 362 -25.94 -73.50 40.74
C VAL A 362 -26.17 -74.91 41.30
N LYS A 363 -25.07 -75.63 41.56
CA LYS A 363 -25.14 -77.01 42.01
C LYS A 363 -25.66 -77.06 43.45
N ASP A 364 -25.22 -76.10 44.26
CA ASP A 364 -25.58 -76.04 45.66
C ASP A 364 -27.06 -75.65 45.80
N ALA A 365 -27.54 -74.89 44.81
CA ALA A 365 -28.93 -74.43 44.79
C ALA A 365 -29.86 -75.61 44.57
N SER A 366 -29.48 -76.49 43.64
CA SER A 366 -30.30 -77.64 43.29
C SER A 366 -30.27 -78.68 44.42
N LEU A 367 -29.18 -78.70 45.18
CA LEU A 367 -29.08 -79.52 46.39
C LEU A 367 -30.23 -79.15 47.32
N LYS A 368 -30.42 -77.84 47.53
CA LYS A 368 -31.47 -77.30 48.39
C LYS A 368 -32.83 -77.69 47.84
N TYR A 369 -33.02 -77.53 46.52
CA TYR A 369 -34.33 -77.76 45.94
C TYR A 369 -34.69 -79.25 46.02
N ARG A 370 -33.68 -80.12 45.85
CA ARG A 370 -33.90 -81.56 45.95
C ARG A 370 -34.46 -81.88 47.34
N GLU A 371 -33.92 -81.21 48.37
CA GLU A 371 -34.42 -81.39 49.72
C GLU A 371 -35.85 -80.86 49.82
N THR A 372 -36.10 -79.72 49.16
CA THR A 372 -37.40 -79.05 49.18
C THR A 372 -38.42 -79.94 48.47
N PHE A 373 -38.02 -80.50 47.32
CA PHE A 373 -38.92 -81.31 46.51
C PHE A 373 -39.29 -82.59 47.23
N LYS A 374 -38.30 -83.20 47.92
CA LYS A 374 -38.50 -84.45 48.63
C LYS A 374 -39.65 -84.31 49.62
N VAL A 375 -39.68 -83.18 50.33
CA VAL A 375 -40.69 -82.90 51.33
C VAL A 375 -42.07 -82.87 50.67
N ALA A 376 -42.15 -82.26 49.48
CA ALA A 376 -43.40 -82.12 48.75
C ALA A 376 -43.82 -83.45 48.16
N GLU A 377 -42.86 -84.23 47.65
CA GLU A 377 -43.12 -85.50 47.00
C GLU A 377 -43.61 -86.51 48.03
N ASP A 378 -43.04 -86.44 49.24
CA ASP A 378 -43.39 -87.36 50.31
C ASP A 378 -44.84 -87.14 50.72
N LEU A 379 -45.30 -85.89 50.70
CA LEU A 379 -46.67 -85.57 51.06
C LEU A 379 -47.64 -86.23 50.08
N LEU A 380 -47.23 -86.30 48.80
CA LEU A 380 -48.06 -86.85 47.74
C LEU A 380 -48.10 -88.37 47.87
N ILE A 381 -46.93 -88.99 48.06
CA ILE A 381 -46.80 -90.43 48.14
C ILE A 381 -47.53 -90.95 49.37
N ASP A 382 -47.43 -90.21 50.48
CA ASP A 382 -48.10 -90.58 51.73
C ASP A 382 -49.57 -90.20 51.66
N GLY A 383 -49.96 -89.47 50.61
CA GLY A 383 -51.34 -89.11 50.35
C GLY A 383 -51.91 -88.13 51.38
N VAL A 384 -51.04 -87.41 52.08
CA VAL A 384 -51.47 -86.50 53.13
C VAL A 384 -51.39 -85.05 52.65
N LEU A 385 -50.99 -84.85 51.37
CA LEU A 385 -50.98 -83.54 50.75
C LEU A 385 -52.41 -82.98 50.73
N ASP A 386 -52.54 -81.69 51.06
CA ASP A 386 -53.84 -81.11 51.37
C ASP A 386 -54.17 -79.95 50.43
N PRO A 387 -54.85 -80.25 49.32
CA PRO A 387 -55.35 -81.58 49.00
C PRO A 387 -54.52 -82.28 47.94
N MET A 388 -54.92 -83.51 47.60
CA MET A 388 -54.29 -84.27 46.54
C MET A 388 -54.75 -83.72 45.19
N PRO A 389 -53.96 -83.90 44.11
CA PRO A 389 -54.30 -83.34 42.79
C PRO A 389 -55.71 -83.63 42.30
N LYS A 390 -56.28 -84.78 42.70
CA LYS A 390 -57.59 -85.23 42.25
C LYS A 390 -58.68 -84.33 42.80
N ASP A 391 -58.37 -83.61 43.89
CA ASP A 391 -59.35 -82.77 44.58
C ASP A 391 -59.14 -81.30 44.24
N LEU A 392 -58.15 -81.01 43.38
CA LEU A 392 -57.95 -79.68 42.82
C LEU A 392 -58.77 -79.56 41.55
N CYS A 393 -58.96 -78.31 41.11
CA CYS A 393 -59.54 -78.03 39.81
C CYS A 393 -58.69 -78.73 38.74
N PRO A 394 -59.31 -79.29 37.67
CA PRO A 394 -58.54 -79.89 36.58
C PRO A 394 -57.59 -78.86 35.95
N ASP A 395 -56.41 -79.33 35.54
CA ASP A 395 -55.40 -78.48 34.92
C ASP A 395 -55.86 -78.06 33.52
N TRP A 396 -55.02 -77.26 32.85
CA TRP A 396 -55.35 -76.68 31.55
C TRP A 396 -55.76 -77.79 30.58
N SER A 397 -55.22 -78.98 30.79
CA SER A 397 -55.37 -80.13 29.90
C SER A 397 -56.73 -80.79 30.12
N GLY A 398 -57.31 -80.56 31.30
CA GLY A 398 -58.55 -81.22 31.71
C GLY A 398 -58.26 -82.47 32.54
N GLN A 399 -57.05 -82.53 33.12
CA GLN A 399 -56.57 -83.68 33.86
C GLN A 399 -56.27 -83.28 35.31
N HIS A 400 -56.02 -84.29 36.16
CA HIS A 400 -55.69 -84.06 37.55
C HIS A 400 -54.28 -84.58 37.83
N ILE A 401 -53.34 -84.24 36.94
CA ILE A 401 -51.93 -84.61 37.09
C ILE A 401 -51.30 -83.68 38.11
N TRP A 402 -50.38 -84.22 38.91
CA TRP A 402 -49.65 -83.46 39.92
C TRP A 402 -48.86 -82.34 39.23
N SER A 403 -48.95 -81.15 39.82
CA SER A 403 -48.31 -79.95 39.32
C SER A 403 -46.82 -80.18 39.08
N LEU A 404 -46.15 -80.80 40.05
CA LEU A 404 -44.70 -80.85 40.09
C LEU A 404 -44.16 -82.07 39.33
N LYS A 405 -45.05 -82.85 38.74
CA LYS A 405 -44.65 -84.09 38.08
C LYS A 405 -43.84 -83.78 36.83
N ILE A 406 -42.61 -84.31 36.78
CA ILE A 406 -41.77 -84.26 35.60
C ILE A 406 -41.77 -85.65 34.98
N GLY A 407 -42.31 -85.73 33.75
CA GLY A 407 -42.57 -86.99 33.07
C GLY A 407 -41.32 -87.85 32.91
N ALA A 408 -40.15 -87.21 32.81
CA ALA A 408 -38.91 -87.91 32.54
C ALA A 408 -38.39 -88.60 33.80
N TYR A 409 -38.87 -88.18 34.98
CA TYR A 409 -38.34 -88.66 36.25
C TYR A 409 -39.43 -89.36 37.06
N HIS A 410 -40.68 -88.97 36.87
CA HIS A 410 -41.76 -89.44 37.73
C HIS A 410 -42.73 -90.31 36.93
N ASP A 411 -43.12 -91.43 37.54
CA ASP A 411 -44.12 -92.34 36.99
C ASP A 411 -44.80 -93.08 38.13
N GLY A 412 -46.13 -93.14 38.08
CA GLY A 412 -46.90 -93.81 39.13
C GLY A 412 -48.34 -93.34 39.19
N GLU A 413 -49.14 -94.05 40.00
CA GLU A 413 -50.57 -93.80 40.16
C GLU A 413 -50.78 -92.45 40.84
N ALA A 414 -49.90 -92.15 41.81
CA ALA A 414 -50.02 -90.98 42.67
C ALA A 414 -49.81 -89.69 41.86
N TYR A 415 -48.99 -89.80 40.82
CA TYR A 415 -48.59 -88.64 40.03
C TYR A 415 -49.67 -88.28 39.00
N GLY A 416 -50.31 -89.32 38.45
CA GLY A 416 -51.33 -89.14 37.43
C GLY A 416 -50.73 -89.02 36.04
N GLY A 417 -51.59 -89.05 35.01
CA GLY A 417 -51.20 -88.90 33.63
C GLY A 417 -50.54 -90.16 33.07
N THR A 418 -50.31 -90.17 31.75
CA THR A 418 -49.68 -91.30 31.08
C THR A 418 -48.18 -91.28 31.36
N THR A 419 -47.50 -92.39 31.00
CA THR A 419 -46.08 -92.56 31.20
C THR A 419 -45.32 -91.53 30.36
N GLY A 420 -44.46 -90.76 31.02
CA GLY A 420 -43.61 -89.79 30.36
C GLY A 420 -44.24 -88.40 30.30
N GLU A 421 -45.54 -88.32 30.62
CA GLU A 421 -46.29 -87.08 30.56
C GLU A 421 -46.05 -86.29 31.85
N SER A 422 -45.77 -84.99 31.70
CA SER A 422 -45.54 -84.09 32.82
C SER A 422 -46.86 -83.47 33.30
N GLY A 423 -46.82 -82.86 34.48
CA GLY A 423 -47.94 -82.08 34.98
C GLY A 423 -47.83 -80.62 34.52
N GLU A 424 -48.86 -79.84 34.81
CA GLU A 424 -48.83 -78.43 34.48
C GLU A 424 -48.11 -77.69 35.62
N PHE A 425 -46.81 -77.45 35.41
CA PHE A 425 -45.97 -76.70 36.33
C PHE A 425 -46.54 -75.30 36.49
N ARG A 426 -46.91 -74.95 37.72
CA ARG A 426 -47.63 -73.70 37.97
C ARG A 426 -47.48 -73.25 39.43
N MET A 427 -47.84 -71.99 39.66
CA MET A 427 -47.88 -71.37 40.97
C MET A 427 -49.33 -71.13 41.36
N SER A 428 -50.24 -71.48 40.44
CA SER A 428 -51.68 -71.27 40.59
C SER A 428 -52.40 -72.61 40.73
N ASN A 429 -53.59 -72.59 41.33
CA ASN A 429 -54.46 -73.75 41.43
C ASN A 429 -53.67 -74.95 41.93
N CYS A 430 -53.16 -74.84 43.16
CA CYS A 430 -52.35 -75.88 43.77
C CYS A 430 -52.29 -75.65 45.27
N THR A 431 -51.53 -76.49 45.97
CA THR A 431 -51.28 -76.34 47.39
C THR A 431 -50.18 -75.31 47.61
N ASP A 432 -50.03 -74.84 48.86
CA ASP A 432 -48.96 -73.93 49.23
C ASP A 432 -47.61 -74.60 48.99
N VAL A 433 -47.54 -75.91 49.28
CA VAL A 433 -46.32 -76.67 49.18
C VAL A 433 -45.89 -76.72 47.71
N GLU A 434 -46.85 -76.97 46.82
CA GLU A 434 -46.59 -76.97 45.38
C GLU A 434 -46.12 -75.59 44.95
N ARG A 435 -46.82 -74.56 45.45
CA ARG A 435 -46.59 -73.17 45.07
C ARG A 435 -45.18 -72.75 45.47
N LEU A 436 -44.80 -73.08 46.72
CA LEU A 436 -43.53 -72.65 47.30
C LEU A 436 -42.38 -73.36 46.59
N CYS A 437 -42.62 -74.61 46.16
CA CYS A 437 -41.64 -75.35 45.38
C CYS A 437 -41.40 -74.64 44.04
N PHE A 438 -42.49 -74.24 43.38
CA PHE A 438 -42.42 -73.53 42.12
C PHE A 438 -41.63 -72.24 42.30
N GLU A 439 -41.94 -71.50 43.38
CA GLU A 439 -41.30 -70.23 43.66
C GLU A 439 -39.81 -70.44 43.92
N SER A 440 -39.46 -71.54 44.59
CA SER A 440 -38.08 -71.80 44.99
C SER A 440 -37.18 -72.01 43.78
N VAL A 441 -37.66 -72.82 42.82
CA VAL A 441 -36.87 -73.19 41.66
C VAL A 441 -37.11 -72.19 40.52
N GLY A 442 -38.33 -71.66 40.46
CA GLY A 442 -38.78 -70.87 39.33
C GLY A 442 -38.45 -69.39 39.48
N TYR A 443 -38.26 -68.95 40.73
CA TYR A 443 -37.89 -67.57 41.01
C TYR A 443 -36.49 -67.53 41.63
N PHE A 444 -36.39 -68.02 42.87
CA PHE A 444 -35.21 -67.81 43.70
C PHE A 444 -33.97 -68.45 43.08
N GLN A 445 -34.12 -69.65 42.52
CA GLN A 445 -33.00 -70.38 41.97
C GLN A 445 -32.44 -69.61 40.77
N THR A 446 -33.33 -68.96 40.01
CA THR A 446 -32.93 -68.25 38.78
C THR A 446 -32.14 -67.00 39.15
N TYR A 447 -32.40 -66.46 40.34
CA TYR A 447 -31.67 -65.30 40.82
C TYR A 447 -30.22 -65.69 41.14
N ILE A 448 -30.01 -66.97 41.47
CA ILE A 448 -28.69 -67.48 41.77
C ILE A 448 -27.89 -67.64 40.48
N TYR A 449 -28.49 -68.30 39.49
CA TYR A 449 -27.83 -68.49 38.21
C TYR A 449 -27.53 -67.14 37.56
N LYS A 450 -28.58 -66.33 37.33
CA LYS A 450 -28.46 -65.07 36.65
C LYS A 450 -27.60 -64.10 37.47
N GLY A 451 -27.78 -64.15 38.79
CA GLY A 451 -27.02 -63.31 39.71
C GLY A 451 -25.52 -63.54 39.56
N MET A 452 -25.12 -64.81 39.65
CA MET A 452 -23.71 -65.19 39.63
C MET A 452 -23.12 -64.98 38.24
N ALA A 453 -23.95 -65.16 37.20
CA ALA A 453 -23.51 -65.03 35.82
C ALA A 453 -23.20 -63.57 35.50
N HIS A 454 -23.91 -62.64 36.17
CA HIS A 454 -23.83 -61.23 35.81
C HIS A 454 -23.10 -60.41 36.88
N GLY A 455 -22.70 -61.08 37.96
CA GLY A 455 -21.83 -60.49 38.97
C GLY A 455 -22.59 -59.83 40.11
N SER A 456 -23.88 -60.17 40.26
CA SER A 456 -24.67 -59.65 41.37
C SER A 456 -24.63 -60.64 42.53
N TRP A 457 -23.77 -60.36 43.50
CA TRP A 457 -23.49 -61.26 44.61
C TRP A 457 -24.70 -61.34 45.55
N ASN A 458 -25.46 -60.25 45.64
CA ASN A 458 -26.57 -60.17 46.58
C ASN A 458 -27.77 -60.90 46.00
N ASP A 459 -27.89 -60.89 44.67
CA ASP A 459 -28.96 -61.58 43.98
C ASP A 459 -28.82 -63.09 44.16
N ALA A 460 -27.58 -63.53 44.43
CA ALA A 460 -27.30 -64.95 44.55
C ALA A 460 -27.37 -65.40 46.00
N THR A 461 -27.49 -64.42 46.92
CA THR A 461 -27.48 -64.71 48.34
C THR A 461 -28.69 -64.08 49.03
N TYR A 462 -28.51 -62.87 49.57
CA TYR A 462 -29.48 -62.24 50.45
C TYR A 462 -30.77 -61.87 49.73
N SER A 463 -30.64 -61.29 48.52
CA SER A 463 -31.78 -60.75 47.81
C SER A 463 -32.54 -61.86 47.10
N ASP A 464 -33.18 -62.73 47.90
CA ASP A 464 -34.08 -63.77 47.43
C ASP A 464 -33.32 -64.81 46.62
N GLY A 465 -32.01 -64.92 46.87
CA GLY A 465 -31.19 -65.90 46.19
C GLY A 465 -31.14 -67.21 46.97
N SER A 466 -29.91 -67.60 47.34
CA SER A 466 -29.66 -68.78 48.17
C SER A 466 -30.52 -68.73 49.43
N PHE A 467 -30.59 -67.55 50.05
CA PHE A 467 -31.28 -67.39 51.32
C PHE A 467 -32.79 -67.31 51.10
N GLY A 468 -33.19 -67.01 49.86
CA GLY A 468 -34.59 -67.08 49.48
C GLY A 468 -35.09 -68.51 49.49
N MET A 469 -34.27 -69.40 48.91
CA MET A 469 -34.55 -70.83 48.85
C MET A 469 -34.56 -71.42 50.26
N ASP A 470 -33.67 -70.92 51.12
CA ASP A 470 -33.58 -71.30 52.52
C ASP A 470 -34.91 -71.03 53.22
N ARG A 471 -35.42 -69.81 53.00
CA ARG A 471 -36.64 -69.34 53.66
C ARG A 471 -37.82 -70.19 53.20
N TRP A 472 -37.84 -70.53 51.92
CA TRP A 472 -38.95 -71.28 51.34
C TRP A 472 -38.89 -72.74 51.76
N LEU A 473 -37.68 -73.25 51.99
CA LEU A 473 -37.50 -74.61 52.47
C LEU A 473 -38.13 -74.74 53.85
N VAL A 474 -37.89 -73.73 54.69
CA VAL A 474 -38.48 -73.67 56.02
C VAL A 474 -40.01 -73.64 55.87
N ASN A 475 -40.49 -72.83 54.93
CA ASN A 475 -41.91 -72.62 54.73
C ASN A 475 -42.58 -73.91 54.27
N VAL A 476 -41.89 -74.67 53.42
CA VAL A 476 -42.39 -75.93 52.89
C VAL A 476 -42.46 -76.95 54.02
N LYS A 477 -41.39 -77.01 54.82
CA LYS A 477 -41.27 -77.97 55.91
C LYS A 477 -42.40 -77.75 56.91
N GLN A 478 -42.65 -76.47 57.23
CA GLN A 478 -43.67 -76.09 58.19
C GLN A 478 -45.04 -76.52 57.68
N ASN A 479 -45.30 -76.29 56.38
CA ASN A 479 -46.57 -76.61 55.76
C ASN A 479 -46.76 -78.13 55.71
N ALA A 480 -45.65 -78.85 55.52
CA ALA A 480 -45.68 -80.30 55.50
C ALA A 480 -46.02 -80.82 56.90
N SER A 481 -45.36 -80.25 57.91
CA SER A 481 -45.55 -80.63 59.30
C SER A 481 -47.01 -80.47 59.70
N ARG A 482 -47.59 -79.30 59.39
CA ARG A 482 -48.95 -78.97 59.79
C ARG A 482 -49.91 -79.96 59.13
N ALA A 483 -49.70 -80.24 57.84
CA ALA A 483 -50.59 -81.10 57.08
C ALA A 483 -50.55 -82.53 57.63
N ARG A 484 -49.36 -82.95 58.07
CA ARG A 484 -49.15 -84.29 58.57
C ARG A 484 -49.76 -84.43 59.97
N ARG A 485 -49.71 -83.33 60.74
CA ARG A 485 -50.21 -83.31 62.10
C ARG A 485 -51.74 -83.38 62.09
N LEU A 486 -52.35 -82.74 61.08
CA LEU A 486 -53.80 -82.70 60.95
C LEU A 486 -54.30 -84.07 60.51
N ALA A 487 -53.57 -84.68 59.57
CA ALA A 487 -53.93 -85.98 59.01
C ALA A 487 -53.90 -87.04 60.11
N ALA A 488 -52.90 -86.94 61.00
CA ALA A 488 -52.71 -87.87 62.10
C ALA A 488 -53.86 -87.74 63.11
N LEU A 489 -54.24 -86.48 63.40
CA LEU A 489 -55.30 -86.19 64.35
C LEU A 489 -56.63 -86.72 63.83
N GLU A 490 -56.85 -86.54 62.52
CA GLU A 490 -58.11 -86.89 61.88
C GLU A 490 -58.26 -88.41 61.83
N LYS A 491 -57.16 -89.13 61.63
CA LYS A 491 -57.18 -90.57 61.62
C LYS A 491 -57.62 -91.07 62.99
N LYS A 492 -57.00 -90.54 64.05
CA LYS A 492 -57.19 -91.07 65.39
C LYS A 492 -58.59 -90.74 65.89
N VAL A 493 -59.12 -89.59 65.48
CA VAL A 493 -60.43 -89.14 65.93
C VAL A 493 -61.50 -89.73 65.02
N GLY A 494 -61.09 -90.22 63.84
CA GLY A 494 -61.98 -90.89 62.92
C GLY A 494 -62.73 -89.91 62.01
N ILE A 495 -62.09 -88.78 61.71
CA ILE A 495 -62.58 -87.87 60.68
C ILE A 495 -61.87 -88.21 59.37
N SER A 496 -62.67 -88.40 58.31
CA SER A 496 -62.12 -88.43 56.98
C SER A 496 -62.35 -87.05 56.35
N TRP A 497 -61.25 -86.30 56.19
CA TRP A 497 -61.29 -84.92 55.74
C TRP A 497 -61.79 -84.84 54.30
N GLN A 498 -62.88 -84.09 54.12
CA GLN A 498 -63.42 -83.78 52.81
C GLN A 498 -62.77 -82.49 52.32
N PRO A 499 -61.92 -82.53 51.28
CA PRO A 499 -61.31 -81.31 50.73
C PRO A 499 -62.39 -80.30 50.34
N GLU A 500 -62.14 -79.03 50.69
CA GLU A 500 -63.12 -77.96 50.57
C GLU A 500 -63.45 -77.69 49.11
N GLN A 501 -64.59 -77.01 48.91
CA GLN A 501 -65.16 -76.81 47.58
C GLN A 501 -64.28 -75.87 46.76
N PHE A 502 -63.57 -74.96 47.45
CA PHE A 502 -62.83 -73.90 46.79
C PHE A 502 -61.58 -74.42 46.09
N TRP A 503 -61.19 -75.67 46.38
CA TRP A 503 -60.07 -76.30 45.69
C TRP A 503 -60.52 -76.72 44.29
N LYS A 504 -61.82 -77.03 44.15
CA LYS A 504 -62.38 -77.59 42.93
C LYS A 504 -62.90 -76.45 42.04
N THR A 505 -63.72 -75.57 42.63
CA THR A 505 -64.45 -74.56 41.88
C THR A 505 -64.29 -73.20 42.54
N GLY A 506 -64.61 -72.16 41.78
CA GLY A 506 -64.49 -70.77 42.19
C GLY A 506 -64.68 -69.85 40.99
N GLU A 507 -64.92 -68.57 41.25
CA GLU A 507 -65.30 -67.64 40.20
C GLU A 507 -64.28 -67.65 39.07
N TRP A 508 -62.99 -67.66 39.44
CA TRP A 508 -61.91 -67.63 38.46
C TRP A 508 -61.68 -69.03 37.89
N LEU A 509 -61.64 -70.03 38.78
CA LEU A 509 -61.36 -71.41 38.40
C LEU A 509 -62.34 -71.88 37.33
N ASP A 510 -63.61 -71.48 37.45
CA ASP A 510 -64.68 -71.93 36.58
C ASP A 510 -64.47 -71.43 35.14
N GLN A 511 -63.64 -70.39 34.99
CA GLN A 511 -63.44 -69.74 33.71
C GLN A 511 -62.28 -70.40 32.94
N LEU A 512 -61.64 -71.40 33.56
CA LEU A 512 -60.44 -72.00 32.99
C LEU A 512 -60.82 -73.10 32.01
N THR A 513 -59.79 -73.60 31.29
CA THR A 513 -59.95 -74.61 30.25
C THR A 513 -60.29 -75.97 30.87
N GLY A 514 -59.63 -76.28 32.00
CA GLY A 514 -59.81 -77.53 32.71
C GLY A 514 -61.29 -77.89 32.87
N PRO A 515 -62.08 -77.10 33.64
CA PRO A 515 -63.51 -77.38 33.84
C PRO A 515 -64.30 -77.52 32.55
N TYR A 516 -63.94 -76.71 31.54
CA TYR A 516 -64.65 -76.69 30.28
C TYR A 516 -64.48 -78.02 29.56
N ILE A 517 -63.26 -78.55 29.57
CA ILE A 517 -62.95 -79.78 28.86
C ILE A 517 -63.66 -80.95 29.55
N VAL A 518 -63.59 -80.97 30.89
CA VAL A 518 -64.19 -82.04 31.68
C VAL A 518 -65.70 -82.07 31.43
N LYS A 519 -66.32 -80.88 31.31
CA LYS A 519 -67.76 -80.79 31.17
C LYS A 519 -68.17 -81.12 29.73
N ASN A 520 -67.48 -80.54 28.75
CA ASN A 520 -67.97 -80.48 27.39
C ASN A 520 -67.36 -81.57 26.51
N HIS A 521 -66.18 -82.07 26.90
CA HIS A 521 -65.52 -83.14 26.15
C HIS A 521 -65.05 -84.21 27.13
N PRO A 522 -65.98 -84.97 27.76
CA PRO A 522 -65.70 -85.68 28.99
C PRO A 522 -64.50 -86.62 28.97
N GLY A 523 -64.37 -87.40 27.89
CA GLY A 523 -63.40 -88.48 27.88
C GLY A 523 -62.00 -88.03 27.51
N LYS A 524 -61.88 -86.78 27.02
CA LYS A 524 -60.72 -86.38 26.25
C LYS A 524 -59.93 -85.28 26.96
N THR A 525 -58.70 -85.04 26.48
CA THR A 525 -57.83 -83.97 26.96
C THR A 525 -57.66 -82.93 25.86
N ILE A 526 -56.93 -81.84 26.18
CA ILE A 526 -56.73 -80.75 25.23
C ILE A 526 -55.87 -81.24 24.09
N PHE A 527 -55.03 -82.26 24.35
CA PHE A 527 -54.12 -82.79 23.36
C PHE A 527 -54.91 -83.61 22.33
N ASP A 528 -55.99 -84.24 22.79
CA ASP A 528 -56.93 -84.94 21.92
C ASP A 528 -57.64 -83.92 21.03
N LEU A 529 -58.06 -82.80 21.64
CA LEU A 529 -58.90 -81.81 20.98
C LEU A 529 -58.06 -80.92 20.05
N CYS A 530 -56.74 -80.92 20.26
CA CYS A 530 -55.84 -80.18 19.39
C CYS A 530 -54.79 -81.13 18.83
N PRO A 531 -55.14 -81.94 17.81
CA PRO A 531 -54.27 -83.04 17.37
C PRO A 531 -53.12 -82.61 16.45
N ASP A 532 -53.17 -81.36 15.99
CA ASP A 532 -52.20 -80.82 15.05
C ASP A 532 -50.78 -80.96 15.62
N PRO A 533 -49.74 -81.09 14.75
CA PRO A 533 -48.36 -81.14 15.21
C PRO A 533 -47.95 -79.81 15.87
N GLY A 534 -47.20 -79.91 16.97
CA GLY A 534 -46.72 -78.75 17.71
C GLY A 534 -45.36 -78.28 17.18
N TRP A 535 -44.77 -77.30 17.88
CA TRP A 535 -43.52 -76.70 17.49
C TRP A 535 -42.39 -77.72 17.61
N LEU A 536 -42.42 -78.54 18.66
CA LEU A 536 -41.39 -79.52 18.95
C LEU A 536 -41.38 -80.63 17.90
N ASP A 537 -42.50 -80.80 17.20
CA ASP A 537 -42.65 -81.85 16.21
C ASP A 537 -41.91 -81.48 14.93
N THR A 538 -41.76 -80.18 14.68
CA THR A 538 -41.24 -79.68 13.42
C THR A 538 -39.88 -79.01 13.60
N HIS A 539 -39.47 -78.80 14.85
CA HIS A 539 -38.22 -78.10 15.15
C HIS A 539 -37.34 -78.99 16.05
N HIS A 540 -36.11 -79.23 15.58
CA HIS A 540 -35.18 -80.11 16.26
C HIS A 540 -33.87 -79.38 16.52
N ALA A 541 -33.03 -79.96 17.39
CA ALA A 541 -31.71 -79.41 17.69
C ALA A 541 -30.83 -79.49 16.44
N PRO A 542 -29.95 -78.50 16.20
CA PRO A 542 -29.07 -78.52 15.02
C PRO A 542 -28.10 -79.71 15.04
N ALA A 543 -27.70 -80.14 13.83
CA ALA A 543 -26.88 -81.33 13.64
C ALA A 543 -25.55 -81.16 14.36
N GLU A 544 -25.00 -79.95 14.33
CA GLU A 544 -23.70 -79.66 14.90
C GLU A 544 -23.71 -79.79 16.42
N GLU A 545 -24.86 -79.52 17.03
CA GLU A 545 -25.00 -79.58 18.48
C GLU A 545 -24.95 -81.04 18.94
N VAL A 546 -25.69 -81.91 18.24
CA VAL A 546 -25.75 -83.32 18.56
C VAL A 546 -24.36 -83.93 18.32
N GLU A 547 -23.73 -83.47 17.23
CA GLU A 547 -22.44 -83.96 16.78
C GLU A 547 -21.37 -83.66 17.84
N TYR A 548 -21.45 -82.46 18.44
CA TYR A 548 -20.49 -82.01 19.43
C TYR A 548 -20.62 -82.87 20.70
N ILE A 549 -21.87 -83.05 21.15
CA ILE A 549 -22.16 -83.73 22.41
C ILE A 549 -21.71 -85.18 22.32
N GLU A 550 -22.05 -85.84 21.20
CA GLU A 550 -21.71 -87.24 20.98
C GLU A 550 -20.19 -87.42 20.96
N ARG A 551 -19.48 -86.45 20.34
CA ARG A 551 -18.03 -86.50 20.22
C ARG A 551 -17.40 -86.39 21.60
N LYS A 552 -17.97 -85.52 22.44
CA LYS A 552 -17.39 -85.17 23.74
C LYS A 552 -17.67 -86.29 24.75
N LEU A 553 -18.83 -86.94 24.62
CA LEU A 553 -19.21 -88.01 25.52
C LEU A 553 -18.35 -89.25 25.26
N LYS A 554 -18.00 -89.47 23.98
CA LYS A 554 -17.13 -90.56 23.56
C LYS A 554 -15.70 -90.26 24.04
N GLU A 555 -15.31 -88.99 23.92
CA GLU A 555 -13.97 -88.52 24.25
C GLU A 555 -13.70 -88.71 25.74
N LEU A 556 -14.75 -88.56 26.56
CA LEU A 556 -14.60 -88.58 28.00
C LEU A 556 -15.10 -89.91 28.59
N GLY A 557 -15.88 -90.64 27.79
CA GLY A 557 -16.41 -91.93 28.20
C GLY A 557 -17.51 -91.79 29.25
N ILE A 558 -18.56 -91.04 28.91
CA ILE A 558 -19.73 -90.89 29.75
C ILE A 558 -20.92 -91.47 29.00
N THR A 559 -21.80 -92.17 29.74
CA THR A 559 -22.99 -92.81 29.17
C THR A 559 -23.98 -91.74 28.70
N ALA A 560 -24.60 -92.00 27.55
CA ALA A 560 -25.64 -91.14 26.99
C ALA A 560 -26.94 -91.32 27.78
N GLY A 561 -27.80 -90.31 27.75
CA GLY A 561 -29.04 -90.31 28.52
C GLY A 561 -30.20 -90.97 27.77
N SER A 562 -31.39 -90.91 28.39
CA SER A 562 -32.59 -91.55 27.88
C SER A 562 -33.63 -90.52 27.46
N HIS A 563 -34.75 -91.00 26.90
CA HIS A 563 -35.84 -90.15 26.45
C HIS A 563 -36.59 -89.56 27.66
N VAL B 33 9.56 -51.15 -74.25
CA VAL B 33 8.19 -50.59 -74.37
C VAL B 33 7.51 -51.22 -75.58
N GLU B 34 6.32 -51.82 -75.33
CA GLU B 34 5.56 -52.53 -76.34
C GLU B 34 4.21 -51.85 -76.54
N ILE B 35 3.53 -52.19 -77.64
CA ILE B 35 2.11 -51.90 -77.78
C ILE B 35 1.35 -53.05 -77.14
N ILE B 36 0.95 -52.85 -75.87
CA ILE B 36 0.42 -53.92 -75.04
C ILE B 36 -1.00 -54.26 -75.51
N THR B 37 -1.19 -55.55 -75.83
CA THR B 37 -2.43 -56.04 -76.41
C THR B 37 -3.08 -57.07 -75.48
N HIS B 38 -2.70 -57.03 -74.18
CA HIS B 38 -3.16 -58.02 -73.23
C HIS B 38 -3.75 -57.36 -71.98
N TRP B 39 -4.20 -58.21 -71.05
CA TRP B 39 -4.69 -57.85 -69.73
C TRP B 39 -6.04 -57.15 -69.78
N VAL B 40 -6.10 -56.02 -70.50
CA VAL B 40 -7.33 -55.28 -70.70
C VAL B 40 -8.34 -56.20 -71.39
N PRO B 41 -9.60 -56.29 -70.90
CA PRO B 41 -10.59 -57.21 -71.48
C PRO B 41 -10.77 -57.03 -72.99
N HIS B 42 -10.91 -58.16 -73.69
CA HIS B 42 -10.93 -58.20 -75.15
C HIS B 42 -12.17 -57.49 -75.68
N GLU B 43 -13.26 -57.55 -74.91
CA GLU B 43 -14.56 -57.04 -75.32
C GLU B 43 -14.43 -55.58 -75.74
N VAL B 44 -13.34 -54.93 -75.31
CA VAL B 44 -13.18 -53.50 -75.49
C VAL B 44 -12.06 -53.22 -76.51
N TYR B 45 -11.52 -54.28 -77.12
CA TYR B 45 -10.54 -54.13 -78.19
C TYR B 45 -11.25 -53.77 -79.49
N GLY B 46 -10.83 -52.68 -80.12
CA GLY B 46 -11.33 -52.27 -81.42
C GLY B 46 -10.71 -53.10 -82.54
N MET B 47 -11.55 -53.56 -83.46
CA MET B 47 -11.10 -54.36 -84.60
C MET B 47 -11.18 -53.51 -85.87
N PRO B 48 -10.41 -53.86 -86.94
CA PRO B 48 -10.34 -53.03 -88.14
C PRO B 48 -11.70 -52.62 -88.70
N GLY B 49 -11.86 -51.33 -88.98
CA GLY B 49 -13.04 -50.80 -89.63
C GLY B 49 -14.06 -50.22 -88.66
N GLU B 50 -13.89 -50.52 -87.37
CA GLU B 50 -14.81 -50.07 -86.33
C GLU B 50 -14.62 -48.57 -86.08
N PRO B 51 -15.67 -47.84 -85.63
CA PRO B 51 -15.57 -46.40 -85.40
C PRO B 51 -14.59 -46.08 -84.27
N ASP B 52 -13.86 -44.97 -84.43
CA ASP B 52 -12.87 -44.55 -83.46
C ASP B 52 -13.56 -43.95 -82.23
N ASN B 53 -14.82 -43.53 -82.39
CA ASN B 53 -15.57 -42.85 -81.34
C ASN B 53 -16.44 -43.85 -80.59
N SER B 54 -16.18 -45.15 -80.78
CA SER B 54 -16.92 -46.20 -80.10
C SER B 54 -16.49 -46.28 -78.64
N GLY B 55 -15.23 -45.92 -78.39
CA GLY B 55 -14.66 -45.97 -77.05
C GLY B 55 -13.80 -47.21 -76.86
N LYS B 56 -13.61 -47.97 -77.95
CA LYS B 56 -12.82 -49.18 -77.89
C LYS B 56 -11.35 -48.82 -78.07
N VAL B 57 -10.47 -49.70 -77.56
CA VAL B 57 -9.04 -49.47 -77.62
C VAL B 57 -8.52 -49.96 -78.96
N PHE B 58 -7.90 -49.04 -79.72
CA PHE B 58 -7.23 -49.39 -80.95
C PHE B 58 -5.73 -49.35 -80.72
N PHE B 59 -5.08 -50.51 -80.87
CA PHE B 59 -3.67 -50.65 -80.56
C PHE B 59 -2.84 -49.75 -81.46
N SER B 60 -2.05 -48.88 -80.83
CA SER B 60 -1.20 -47.89 -81.51
C SER B 60 -2.05 -46.91 -82.31
N GLY B 61 -3.37 -46.99 -82.12
CA GLY B 61 -4.32 -46.12 -82.78
C GLY B 61 -4.60 -46.52 -84.23
N LEU B 62 -4.28 -47.79 -84.56
CA LEU B 62 -4.37 -48.28 -85.92
C LEU B 62 -5.75 -48.87 -86.19
N LYS B 63 -6.11 -48.93 -87.48
CA LYS B 63 -7.17 -49.77 -88.02
C LYS B 63 -8.55 -49.20 -87.70
N ALA B 64 -8.62 -48.05 -87.03
CA ALA B 64 -9.89 -47.45 -86.68
C ALA B 64 -10.44 -46.66 -87.87
N LYS B 65 -11.78 -46.55 -87.93
CA LYS B 65 -12.46 -45.72 -88.90
C LYS B 65 -12.69 -44.35 -88.28
N TYR B 66 -12.11 -43.31 -88.91
CA TYR B 66 -12.19 -41.96 -88.41
C TYR B 66 -13.59 -41.40 -88.61
N MET B 67 -14.23 -41.00 -87.50
CA MET B 67 -15.60 -40.53 -87.53
C MET B 67 -15.65 -39.00 -87.52
N GLY B 68 -14.57 -38.37 -87.06
CA GLY B 68 -14.49 -36.92 -87.01
C GLY B 68 -15.22 -36.33 -85.80
N TYR B 69 -15.15 -35.01 -85.67
CA TYR B 69 -15.66 -34.30 -84.51
C TYR B 69 -17.19 -34.36 -84.48
N PRO B 70 -17.82 -34.29 -83.29
CA PRO B 70 -19.28 -34.31 -83.18
C PRO B 70 -19.89 -33.00 -83.69
N LYS B 71 -20.53 -33.08 -84.86
CA LYS B 71 -21.09 -31.91 -85.51
C LYS B 71 -22.55 -31.74 -85.11
N ASP B 72 -23.06 -32.67 -84.30
CA ASP B 72 -24.42 -32.59 -83.78
C ASP B 72 -24.40 -31.94 -82.40
N ALA B 73 -23.20 -31.83 -81.82
CA ALA B 73 -23.03 -31.31 -80.47
C ALA B 73 -23.32 -29.81 -80.45
N GLN B 74 -24.17 -29.39 -79.50
CA GLN B 74 -24.57 -28.00 -79.35
C GLN B 74 -23.33 -27.17 -79.02
N ARG B 75 -23.08 -26.16 -79.86
CA ARG B 75 -21.89 -25.33 -79.76
C ARG B 75 -22.10 -24.04 -80.53
N SER B 76 -21.05 -23.22 -80.61
CA SER B 76 -21.08 -21.97 -81.37
C SER B 76 -20.17 -22.09 -82.59
N PRO B 77 -20.53 -21.43 -83.72
CA PRO B 77 -19.57 -21.19 -84.80
C PRO B 77 -18.54 -20.17 -84.29
N TYR B 78 -17.32 -20.26 -84.85
CA TYR B 78 -16.26 -19.30 -84.58
C TYR B 78 -16.62 -17.98 -85.25
N PRO B 79 -16.20 -16.81 -84.70
CA PRO B 79 -16.41 -15.54 -85.37
C PRO B 79 -15.38 -15.32 -86.48
N GLY B 80 -15.57 -14.26 -87.27
CA GLY B 80 -14.55 -13.77 -88.18
C GLY B 80 -14.73 -14.23 -89.62
N LYS B 81 -13.72 -13.90 -90.43
CA LYS B 81 -13.71 -14.01 -91.88
C LYS B 81 -13.98 -15.45 -92.33
N TYR B 82 -13.40 -16.42 -91.62
CA TYR B 82 -13.37 -17.79 -92.07
C TYR B 82 -14.36 -18.65 -91.27
N SER B 83 -15.43 -18.01 -90.80
CA SER B 83 -16.42 -18.64 -89.94
C SER B 83 -16.91 -19.96 -90.56
N LYS B 84 -17.09 -19.96 -91.88
CA LYS B 84 -17.74 -21.06 -92.58
C LYS B 84 -16.88 -22.31 -92.54
N PHE B 85 -15.56 -22.15 -92.47
CA PHE B 85 -14.64 -23.28 -92.54
C PHE B 85 -14.07 -23.61 -91.17
N TRP B 86 -14.43 -22.80 -90.16
CA TRP B 86 -13.97 -22.97 -88.79
C TRP B 86 -14.77 -24.05 -88.09
N LYS B 87 -14.19 -25.26 -87.98
CA LYS B 87 -14.81 -26.35 -87.25
C LYS B 87 -14.58 -26.14 -85.75
N THR B 88 -15.65 -26.24 -84.96
CA THR B 88 -15.61 -25.87 -83.55
C THR B 88 -16.00 -27.06 -82.67
N LEU B 89 -15.55 -27.01 -81.41
CA LEU B 89 -15.94 -27.93 -80.36
C LEU B 89 -16.79 -27.20 -79.33
N PRO B 90 -17.66 -27.90 -78.56
CA PRO B 90 -18.47 -27.27 -77.52
C PRO B 90 -17.65 -26.40 -76.57
N ALA B 91 -16.45 -26.87 -76.22
CA ALA B 91 -15.58 -26.26 -75.22
C ALA B 91 -15.23 -24.82 -75.60
N TYR B 92 -15.28 -24.51 -76.90
CA TYR B 92 -14.79 -23.23 -77.40
C TYR B 92 -15.68 -22.08 -76.93
N ARG B 93 -16.88 -22.42 -76.44
CA ARG B 93 -17.89 -21.44 -76.08
C ARG B 93 -17.35 -20.42 -75.08
N TYR B 94 -16.42 -20.86 -74.23
CA TYR B 94 -15.94 -20.05 -73.12
C TYR B 94 -14.89 -19.06 -73.58
N TYR B 95 -14.28 -19.31 -74.75
CA TYR B 95 -13.01 -18.70 -75.09
C TYR B 95 -13.16 -17.38 -75.84
N ILE B 96 -14.22 -17.26 -76.64
CA ILE B 96 -14.63 -15.96 -77.17
C ILE B 96 -16.09 -15.75 -76.77
N PRO B 97 -16.35 -15.45 -75.47
CA PRO B 97 -17.67 -15.65 -74.89
C PRO B 97 -18.79 -14.73 -75.39
N ASP B 98 -18.43 -13.52 -75.79
CA ASP B 98 -19.42 -12.55 -76.25
C ASP B 98 -20.20 -13.12 -77.43
N TYR B 99 -19.48 -13.74 -78.37
CA TYR B 99 -20.09 -14.27 -79.58
C TYR B 99 -20.48 -15.73 -79.38
N MET B 100 -19.69 -16.47 -78.59
CA MET B 100 -19.76 -17.92 -78.58
C MET B 100 -20.55 -18.45 -77.37
N TYR B 101 -20.95 -17.55 -76.46
CA TYR B 101 -21.67 -17.99 -75.27
C TYR B 101 -22.88 -17.09 -75.04
N ASN B 102 -22.70 -15.78 -75.20
CA ASN B 102 -23.62 -14.79 -74.63
C ASN B 102 -24.83 -14.54 -75.52
N ARG B 103 -24.76 -14.97 -76.79
CA ARG B 103 -25.89 -14.83 -77.68
C ARG B 103 -26.92 -15.91 -77.35
N ASP B 104 -28.21 -15.51 -77.39
CA ASP B 104 -29.33 -16.38 -77.02
C ASP B 104 -29.34 -17.64 -77.88
N GLU B 105 -28.88 -17.51 -79.13
CA GLU B 105 -28.95 -18.58 -80.12
C GLU B 105 -27.96 -19.69 -79.77
N VAL B 106 -27.00 -19.38 -78.88
CA VAL B 106 -25.83 -20.22 -78.70
C VAL B 106 -25.71 -20.69 -77.25
N ARG B 107 -26.12 -19.84 -76.30
CA ARG B 107 -26.00 -20.10 -74.88
C ARG B 107 -26.39 -21.56 -74.58
N PRO B 108 -25.54 -22.32 -73.86
CA PRO B 108 -25.81 -23.73 -73.59
C PRO B 108 -26.90 -23.89 -72.53
N SER B 109 -27.52 -25.07 -72.51
CA SER B 109 -28.57 -25.39 -71.55
C SER B 109 -27.96 -25.53 -70.16
N ASN B 110 -28.80 -25.33 -69.14
CA ASN B 110 -28.37 -25.43 -67.75
C ASN B 110 -29.48 -26.11 -66.95
N PRO B 111 -29.14 -27.17 -66.16
CA PRO B 111 -30.15 -27.91 -65.41
C PRO B 111 -30.79 -27.16 -64.24
N ILE B 112 -30.19 -26.03 -63.84
CA ILE B 112 -30.68 -25.27 -62.69
C ILE B 112 -31.46 -24.06 -63.19
N LYS B 113 -32.70 -23.93 -62.70
CA LYS B 113 -33.61 -22.89 -63.15
C LYS B 113 -33.85 -21.89 -62.01
N GLY B 114 -34.20 -20.67 -62.39
CA GLY B 114 -34.57 -19.62 -61.44
C GLY B 114 -33.63 -18.41 -61.54
N THR B 115 -34.12 -17.26 -61.07
CA THR B 115 -33.26 -16.09 -60.91
C THR B 115 -32.97 -15.92 -59.43
N PHE B 116 -31.71 -15.62 -59.08
CA PHE B 116 -31.26 -15.71 -57.70
C PHE B 116 -30.60 -14.41 -57.24
N LYS B 117 -30.61 -14.19 -55.92
CA LYS B 117 -29.82 -13.17 -55.27
C LYS B 117 -28.38 -13.67 -55.10
N LEU B 118 -27.46 -12.76 -54.79
CA LEU B 118 -26.04 -13.08 -54.66
C LEU B 118 -25.83 -14.12 -53.55
N GLU B 119 -26.53 -13.95 -52.43
CA GLU B 119 -26.47 -14.86 -51.30
C GLU B 119 -26.67 -16.30 -51.76
N GLN B 120 -27.58 -16.47 -52.73
CA GLN B 120 -28.00 -17.77 -53.20
C GLN B 120 -26.93 -18.39 -54.10
N CYS B 121 -26.30 -17.57 -54.95
CA CYS B 121 -25.19 -18.01 -55.77
C CYS B 121 -24.12 -18.63 -54.87
N VAL B 122 -23.73 -17.86 -53.84
CA VAL B 122 -22.62 -18.19 -52.96
C VAL B 122 -22.94 -19.49 -52.22
N ALA B 123 -24.13 -19.53 -51.60
CA ALA B 123 -24.53 -20.63 -50.73
C ALA B 123 -24.51 -21.95 -51.50
N CYS B 124 -25.08 -21.92 -52.71
CA CYS B 124 -25.27 -23.12 -53.51
C CYS B 124 -23.93 -23.58 -54.08
N HIS B 125 -23.16 -22.64 -54.60
CA HIS B 125 -21.90 -22.95 -55.27
C HIS B 125 -20.82 -23.29 -54.26
N SER B 126 -21.00 -22.86 -53.00
CA SER B 126 -20.03 -23.13 -51.95
C SER B 126 -19.86 -24.63 -51.76
N VAL B 127 -20.87 -25.39 -52.20
CA VAL B 127 -20.89 -26.83 -52.09
C VAL B 127 -20.76 -27.46 -53.47
N MET B 128 -21.42 -26.85 -54.46
CA MET B 128 -21.47 -27.38 -55.81
C MET B 128 -20.12 -27.22 -56.51
N THR B 129 -19.53 -26.02 -56.42
CA THR B 129 -18.22 -25.75 -56.97
C THR B 129 -17.39 -25.04 -55.89
N PRO B 130 -16.95 -25.74 -54.83
CA PRO B 130 -16.39 -25.11 -53.64
C PRO B 130 -15.24 -24.14 -53.90
N GLY B 131 -14.32 -24.53 -54.79
CA GLY B 131 -13.12 -23.77 -55.09
C GLY B 131 -13.41 -22.36 -55.60
N ILE B 132 -14.48 -22.23 -56.40
CA ILE B 132 -14.85 -20.96 -56.99
C ILE B 132 -15.27 -19.98 -55.88
N VAL B 133 -16.04 -20.49 -54.91
CA VAL B 133 -16.52 -19.67 -53.82
C VAL B 133 -15.37 -19.33 -52.87
N ARG B 134 -14.48 -20.30 -52.63
CA ARG B 134 -13.30 -20.06 -51.82
C ARG B 134 -12.50 -18.90 -52.40
N ASP B 135 -12.32 -18.93 -53.73
CA ASP B 135 -11.58 -17.91 -54.45
C ASP B 135 -12.31 -16.57 -54.36
N TYR B 136 -13.62 -16.60 -54.62
CA TYR B 136 -14.43 -15.40 -54.66
C TYR B 136 -14.36 -14.66 -53.32
N ASN B 137 -14.44 -15.43 -52.22
CA ASN B 137 -14.49 -14.86 -50.87
C ASN B 137 -13.17 -14.19 -50.53
N LYS B 138 -12.07 -14.68 -51.12
CA LYS B 138 -10.75 -14.11 -50.92
C LYS B 138 -10.60 -12.82 -51.73
N SER B 139 -11.36 -12.71 -52.82
CA SER B 139 -11.21 -11.62 -53.78
C SER B 139 -11.70 -10.30 -53.18
N ALA B 140 -11.18 -9.19 -53.71
CA ALA B 140 -11.57 -7.86 -53.29
C ALA B 140 -13.02 -7.59 -53.72
N HIS B 141 -13.44 -8.26 -54.80
CA HIS B 141 -14.76 -8.10 -55.39
C HIS B 141 -15.84 -8.36 -54.35
N SER B 142 -15.61 -9.36 -53.49
CA SER B 142 -16.59 -9.79 -52.51
C SER B 142 -16.71 -8.79 -51.38
N LYS B 143 -15.62 -8.05 -51.11
CA LYS B 143 -15.53 -7.16 -49.97
C LYS B 143 -15.92 -5.74 -50.35
N ALA B 144 -16.13 -5.49 -51.65
CA ALA B 144 -16.34 -4.16 -52.18
C ALA B 144 -17.62 -3.54 -51.61
N GLU B 145 -17.56 -2.23 -51.37
CA GLU B 145 -18.70 -1.46 -50.86
C GLU B 145 -18.92 -0.25 -51.75
N PRO B 146 -20.17 0.25 -51.82
CA PRO B 146 -21.29 -0.18 -50.99
C PRO B 146 -21.91 -1.52 -51.39
N ALA B 147 -21.70 -1.91 -52.65
CA ALA B 147 -22.20 -3.18 -53.16
C ALA B 147 -21.05 -4.01 -53.70
N PRO B 148 -20.98 -5.32 -53.40
CA PRO B 148 -19.92 -6.18 -53.91
C PRO B 148 -20.10 -6.51 -55.40
N THR B 149 -18.98 -6.71 -56.09
CA THR B 149 -18.98 -7.26 -57.43
C THR B 149 -19.15 -8.78 -57.32
N GLY B 150 -20.41 -9.22 -57.31
CA GLY B 150 -20.73 -10.61 -57.03
C GLY B 150 -20.88 -11.46 -58.29
N CYS B 151 -21.13 -12.76 -58.09
CA CYS B 151 -21.28 -13.72 -59.17
C CYS B 151 -22.30 -13.21 -60.18
N ASP B 152 -23.36 -12.58 -59.66
CA ASP B 152 -24.47 -12.09 -60.48
C ASP B 152 -24.02 -10.88 -61.31
N THR B 153 -23.08 -10.09 -60.77
CA THR B 153 -22.57 -8.92 -61.45
C THR B 153 -21.83 -9.32 -62.72
N CYS B 154 -21.16 -10.48 -62.68
CA CYS B 154 -20.31 -10.93 -63.77
C CYS B 154 -21.02 -11.96 -64.64
N HIS B 155 -22.05 -12.63 -64.08
CA HIS B 155 -22.63 -13.80 -64.75
C HIS B 155 -24.12 -13.63 -65.02
N GLY B 156 -24.78 -12.74 -64.27
CA GLY B 156 -26.22 -12.54 -64.42
C GLY B 156 -27.01 -13.22 -63.30
N ASN B 157 -28.29 -12.87 -63.19
CA ASN B 157 -29.16 -13.32 -62.11
C ASN B 157 -29.96 -14.55 -62.53
N ASN B 158 -30.35 -14.59 -63.81
CA ASN B 158 -31.17 -15.66 -64.35
C ASN B 158 -30.28 -16.84 -64.71
N HIS B 159 -30.51 -17.99 -64.05
CA HIS B 159 -29.66 -19.15 -64.22
C HIS B 159 -29.89 -19.79 -65.59
N GLN B 160 -30.99 -19.41 -66.24
CA GLN B 160 -31.28 -19.91 -67.58
C GLN B 160 -30.71 -18.96 -68.62
N LYS B 161 -30.26 -17.78 -68.17
CA LYS B 161 -29.69 -16.77 -69.05
C LYS B 161 -28.35 -16.29 -68.51
N LEU B 162 -27.50 -17.24 -68.11
CA LEU B 162 -26.17 -16.96 -67.59
C LEU B 162 -25.27 -16.50 -68.74
N THR B 163 -24.29 -15.65 -68.42
CA THR B 163 -23.33 -15.17 -69.40
C THR B 163 -21.92 -15.31 -68.84
N MET B 164 -20.94 -15.45 -69.74
CA MET B 164 -19.53 -15.48 -69.38
C MET B 164 -18.93 -14.10 -69.65
N PRO B 165 -18.33 -13.44 -68.64
CA PRO B 165 -17.83 -12.07 -68.81
C PRO B 165 -16.51 -12.00 -69.58
N SER B 166 -16.53 -11.30 -70.71
CA SER B 166 -15.33 -11.09 -71.51
C SER B 166 -14.56 -9.88 -70.97
N SER B 167 -13.48 -9.52 -71.68
CA SER B 167 -12.69 -8.35 -71.35
C SER B 167 -13.53 -7.07 -71.43
N LYS B 168 -14.55 -7.10 -72.30
CA LYS B 168 -15.44 -5.97 -72.49
C LYS B 168 -16.26 -5.75 -71.21
N ALA B 169 -16.62 -6.85 -70.54
CA ALA B 169 -17.42 -6.80 -69.33
C ALA B 169 -16.61 -6.18 -68.19
N CYS B 170 -15.34 -6.57 -68.08
CA CYS B 170 -14.44 -6.06 -67.06
C CYS B 170 -14.09 -4.60 -67.36
N GLY B 171 -14.01 -4.27 -68.66
CA GLY B 171 -13.47 -3.00 -69.12
C GLY B 171 -14.51 -1.90 -69.26
N THR B 172 -15.67 -2.08 -68.63
CA THR B 172 -16.71 -1.07 -68.63
C THR B 172 -16.22 0.17 -67.90
N ALA B 173 -16.74 1.33 -68.28
CA ALA B 173 -16.29 2.62 -67.78
C ALA B 173 -16.40 2.67 -66.26
N GLU B 174 -17.43 1.99 -65.73
CA GLU B 174 -17.77 2.01 -64.33
C GLU B 174 -16.78 1.14 -63.55
N CYS B 175 -16.05 0.28 -64.26
CA CYS B 175 -15.21 -0.73 -63.62
C CYS B 175 -13.75 -0.53 -63.99
N HIS B 176 -13.23 -1.34 -64.93
CA HIS B 176 -11.81 -1.35 -65.22
C HIS B 176 -11.53 -0.94 -66.66
N GLU B 177 -12.06 0.23 -67.05
CA GLU B 177 -11.88 0.74 -68.40
C GLU B 177 -10.40 1.02 -68.66
N THR B 178 -9.68 1.43 -67.61
CA THR B 178 -8.29 1.83 -67.70
C THR B 178 -7.47 0.68 -68.28
N GLN B 179 -7.60 -0.50 -67.66
CA GLN B 179 -6.78 -1.66 -68.00
C GLN B 179 -7.18 -2.18 -69.38
N TYR B 180 -8.48 -2.12 -69.69
CA TYR B 180 -8.98 -2.57 -70.98
C TYR B 180 -8.38 -1.73 -72.10
N ASN B 181 -8.42 -0.40 -71.91
CA ASN B 181 -7.93 0.55 -72.90
C ASN B 181 -6.41 0.42 -73.06
N GLU B 182 -5.71 0.23 -71.93
CA GLU B 182 -4.27 0.05 -71.93
C GLU B 182 -3.92 -1.15 -72.81
N GLN B 183 -4.54 -2.30 -72.51
CA GLN B 183 -4.26 -3.53 -73.25
C GLN B 183 -4.58 -3.33 -74.72
N GLY B 184 -5.68 -2.59 -74.99
CA GLY B 184 -6.18 -2.37 -76.33
C GLY B 184 -5.28 -1.49 -77.20
N GLN B 185 -4.30 -0.82 -76.57
CA GLN B 185 -3.36 0.03 -77.27
C GLN B 185 -2.38 -0.81 -78.09
N GLY B 186 -2.33 -2.11 -77.80
CA GLY B 186 -1.41 -3.02 -78.46
C GLY B 186 -1.71 -3.17 -79.95
N GLY B 187 -0.66 -3.36 -80.74
CA GLY B 187 -0.77 -3.51 -82.18
C GLY B 187 -0.94 -4.97 -82.58
N ILE B 188 -0.41 -5.32 -83.76
CA ILE B 188 -0.41 -6.69 -84.22
C ILE B 188 0.57 -7.48 -83.34
N GLY B 189 0.19 -8.70 -82.98
CA GLY B 189 1.04 -9.59 -82.20
C GLY B 189 1.07 -9.22 -80.72
N SER B 190 0.05 -8.47 -80.26
CA SER B 190 -0.07 -8.06 -78.88
C SER B 190 -1.24 -8.79 -78.22
N HIS B 191 -1.53 -8.43 -76.96
CA HIS B 191 -2.63 -9.04 -76.22
C HIS B 191 -3.95 -8.48 -76.74
N ALA B 192 -3.88 -7.48 -77.62
CA ALA B 192 -5.06 -6.80 -78.11
C ALA B 192 -5.63 -7.51 -79.34
N SER B 193 -4.79 -8.34 -79.99
CA SER B 193 -5.10 -8.86 -81.31
C SER B 193 -4.83 -10.36 -81.41
N CYS B 194 -4.41 -10.97 -80.29
CA CYS B 194 -3.95 -12.35 -80.30
C CYS B 194 -5.10 -13.33 -80.57
N SER B 195 -6.35 -12.88 -80.32
CA SER B 195 -7.52 -13.68 -80.61
C SER B 195 -8.08 -13.29 -81.98
N SER B 196 -8.39 -12.00 -82.13
CA SER B 196 -9.12 -11.47 -83.27
C SER B 196 -8.36 -11.67 -84.58
N PHE B 197 -7.04 -11.54 -84.54
CA PHE B 197 -6.24 -11.74 -85.75
C PHE B 197 -5.62 -13.12 -85.75
N ALA B 198 -4.71 -13.37 -84.81
CA ALA B 198 -3.80 -14.50 -84.85
C ALA B 198 -4.55 -15.83 -84.85
N GLN B 199 -5.64 -15.89 -84.07
CA GLN B 199 -6.33 -17.14 -83.80
C GLN B 199 -7.55 -17.30 -84.71
N VAL B 200 -8.33 -16.21 -84.84
CA VAL B 200 -9.56 -16.24 -85.62
C VAL B 200 -9.25 -16.46 -87.10
N GLU B 201 -8.07 -16.00 -87.54
CA GLU B 201 -7.64 -16.14 -88.91
C GLU B 201 -6.40 -17.05 -88.98
N CYS B 202 -6.34 -18.03 -88.08
CA CYS B 202 -5.21 -18.95 -88.01
C CYS B 202 -5.35 -20.02 -89.08
N ALA B 203 -4.44 -20.00 -90.05
CA ALA B 203 -4.49 -20.87 -91.22
C ALA B 203 -4.64 -22.33 -90.81
N TRP B 204 -3.73 -22.80 -89.94
CA TRP B 204 -3.63 -24.21 -89.60
C TRP B 204 -4.86 -24.70 -88.86
N SER B 205 -5.40 -23.84 -87.97
CA SER B 205 -6.56 -24.18 -87.18
C SER B 205 -7.77 -24.41 -88.09
N ILE B 206 -7.93 -23.53 -89.09
CA ILE B 206 -9.02 -23.61 -90.05
C ILE B 206 -8.85 -24.85 -90.91
N GLU B 207 -7.61 -25.09 -91.36
CA GLU B 207 -7.26 -26.15 -92.30
C GLU B 207 -7.60 -27.53 -91.73
N ARG B 208 -7.31 -27.73 -90.44
CA ARG B 208 -7.29 -29.05 -89.84
C ARG B 208 -8.62 -29.37 -89.16
N PRO B 209 -8.86 -30.65 -88.80
CA PRO B 209 -9.95 -31.00 -87.87
C PRO B 209 -9.74 -30.25 -86.55
N PRO B 210 -10.83 -29.96 -85.79
CA PRO B 210 -10.68 -29.32 -84.49
C PRO B 210 -10.21 -30.38 -83.51
N GLY B 211 -9.30 -30.00 -82.60
CA GLY B 211 -8.68 -30.96 -81.72
C GLY B 211 -7.22 -31.18 -82.09
N ASP B 212 -6.97 -31.22 -83.41
CA ASP B 212 -5.62 -31.14 -83.95
C ASP B 212 -4.95 -29.89 -83.39
N THR B 213 -5.72 -28.79 -83.34
CA THR B 213 -5.22 -27.49 -82.93
C THR B 213 -6.13 -26.89 -81.86
N ALA B 214 -6.71 -27.75 -81.02
CA ALA B 214 -7.61 -27.32 -79.96
C ALA B 214 -6.87 -26.40 -78.98
N GLY B 215 -5.63 -26.78 -78.66
CA GLY B 215 -4.80 -26.03 -77.73
C GLY B 215 -4.60 -24.58 -78.14
N CYS B 216 -4.67 -24.33 -79.45
CA CYS B 216 -4.45 -23.01 -80.01
C CYS B 216 -5.59 -22.08 -79.61
N THR B 217 -6.81 -22.62 -79.57
CA THR B 217 -7.98 -21.85 -79.18
C THR B 217 -7.87 -21.48 -77.71
N PHE B 218 -7.46 -22.45 -76.90
CA PHE B 218 -7.40 -22.31 -75.44
C PHE B 218 -6.30 -21.34 -75.04
N CYS B 219 -5.26 -21.22 -75.87
CA CYS B 219 -4.10 -20.41 -75.51
C CYS B 219 -4.25 -18.99 -76.03
N HIS B 220 -4.67 -18.85 -77.29
CA HIS B 220 -4.58 -17.59 -78.01
C HIS B 220 -5.68 -16.61 -77.60
N THR B 221 -6.88 -17.13 -77.34
CA THR B 221 -8.04 -16.29 -77.12
C THR B 221 -7.94 -15.55 -75.79
N SER B 222 -7.33 -16.19 -74.79
CA SER B 222 -7.37 -15.79 -73.39
C SER B 222 -6.96 -14.33 -73.18
N PRO B 223 -5.74 -13.88 -73.58
CA PRO B 223 -5.27 -12.54 -73.21
C PRO B 223 -6.22 -11.43 -73.67
N GLU B 224 -6.81 -11.63 -74.87
CA GLU B 224 -7.64 -10.61 -75.50
C GLU B 224 -9.05 -10.67 -74.94
N GLU B 225 -9.56 -11.88 -74.70
CA GLU B 225 -10.97 -12.10 -74.45
C GLU B 225 -11.27 -12.24 -72.97
N ARG B 226 -10.34 -12.82 -72.21
CA ARG B 226 -10.59 -13.14 -70.80
C ARG B 226 -9.54 -12.50 -69.91
N CYS B 227 -10.02 -11.70 -68.94
CA CYS B 227 -9.15 -10.97 -68.03
C CYS B 227 -8.82 -11.80 -66.79
N SER B 228 -9.22 -13.08 -66.80
CA SER B 228 -8.79 -14.01 -65.77
C SER B 228 -7.36 -14.47 -66.08
N THR B 229 -6.80 -13.89 -67.14
CA THR B 229 -5.41 -14.12 -67.52
C THR B 229 -4.50 -13.34 -66.56
N CYS B 230 -3.40 -13.99 -66.15
CA CYS B 230 -2.39 -13.42 -65.27
C CYS B 230 -2.86 -13.39 -63.82
N HIS B 231 -3.99 -12.72 -63.57
CA HIS B 231 -4.65 -12.81 -62.27
C HIS B 231 -5.85 -13.74 -62.39
N GLN B 232 -5.68 -14.96 -61.85
CA GLN B 232 -6.63 -16.05 -62.02
C GLN B 232 -7.98 -15.71 -61.40
N ARG B 233 -9.04 -16.25 -62.00
CA ARG B 233 -10.34 -16.29 -61.37
C ARG B 233 -10.30 -17.37 -60.29
N HIS B 234 -11.11 -17.21 -59.23
CA HIS B 234 -12.00 -16.08 -59.03
C HIS B 234 -11.42 -15.15 -57.96
N GLN B 235 -10.11 -15.29 -57.73
CA GLN B 235 -9.40 -14.58 -56.68
C GLN B 235 -8.99 -13.20 -57.18
N PHE B 236 -8.56 -13.13 -58.45
CA PHE B 236 -8.17 -11.91 -59.13
C PHE B 236 -7.18 -11.13 -58.27
N ASP B 237 -6.07 -11.79 -57.94
CA ASP B 237 -5.06 -11.22 -57.06
C ASP B 237 -3.96 -10.59 -57.91
N PRO B 238 -3.76 -9.25 -57.83
CA PRO B 238 -2.71 -8.58 -58.58
C PRO B 238 -1.33 -9.06 -58.14
N ALA B 239 -1.23 -9.52 -56.89
CA ALA B 239 0.02 -9.97 -56.29
C ALA B 239 0.51 -11.23 -56.99
N VAL B 240 -0.41 -12.13 -57.34
CA VAL B 240 -0.05 -13.35 -58.04
C VAL B 240 0.24 -13.04 -59.50
N ALA B 241 -0.41 -11.97 -60.01
CA ALA B 241 -0.29 -11.56 -61.40
C ALA B 241 1.10 -10.95 -61.65
N ARG B 242 1.77 -10.51 -60.58
CA ARG B 242 3.05 -9.83 -60.69
C ARG B 242 4.20 -10.82 -60.78
N ARG B 243 3.88 -12.12 -60.66
CA ARG B 243 4.89 -13.17 -60.67
C ARG B 243 5.21 -13.56 -62.10
N SER B 244 6.50 -13.79 -62.35
CA SER B 244 7.03 -14.07 -63.68
C SER B 244 6.35 -15.29 -64.29
N GLU B 245 6.09 -16.29 -63.45
CA GLU B 245 5.63 -17.60 -63.90
C GLU B 245 4.29 -17.49 -64.62
N GLN B 246 3.56 -16.39 -64.37
CA GLN B 246 2.24 -16.19 -64.94
C GLN B 246 2.30 -16.27 -66.47
N CYS B 247 3.40 -15.78 -67.03
CA CYS B 247 3.57 -15.62 -68.46
C CYS B 247 3.95 -16.96 -69.10
N LYS B 248 4.51 -17.87 -68.28
CA LYS B 248 5.15 -19.07 -68.79
C LYS B 248 4.14 -19.97 -69.49
N THR B 249 2.87 -19.89 -69.07
CA THR B 249 1.85 -20.84 -69.51
C THR B 249 1.62 -20.72 -71.01
N CYS B 250 1.93 -19.54 -71.57
CA CYS B 250 1.75 -19.30 -73.00
C CYS B 250 3.10 -18.98 -73.64
N HIS B 251 3.98 -18.28 -72.91
CA HIS B 251 5.23 -17.80 -73.46
C HIS B 251 6.35 -18.81 -73.21
N TRP B 252 6.15 -20.02 -73.73
CA TRP B 252 7.16 -21.06 -73.67
C TRP B 252 7.12 -21.88 -74.95
N GLY B 253 8.08 -22.80 -75.10
CA GLY B 253 7.94 -23.85 -76.10
C GLY B 253 8.62 -23.53 -77.42
N LYS B 254 8.17 -24.25 -78.46
CA LYS B 254 8.95 -24.49 -79.67
C LYS B 254 9.25 -23.21 -80.43
N ASP B 255 8.33 -22.23 -80.37
CA ASP B 255 8.44 -21.08 -81.27
C ASP B 255 8.54 -19.77 -80.49
N HIS B 256 8.70 -19.86 -79.17
CA HIS B 256 8.97 -18.70 -78.33
C HIS B 256 9.37 -19.15 -76.94
N ARG B 257 10.68 -19.37 -76.75
CA ARG B 257 11.22 -19.79 -75.46
C ARG B 257 11.42 -18.58 -74.56
N ASP B 258 10.35 -17.80 -74.37
CA ASP B 258 10.41 -16.58 -73.57
C ASP B 258 10.71 -16.93 -72.12
N TRP B 259 9.91 -17.85 -71.56
CA TRP B 259 10.07 -18.27 -70.18
C TRP B 259 11.41 -18.96 -70.01
N GLU B 260 11.71 -19.94 -70.88
CA GLU B 260 12.91 -20.74 -70.77
C GLU B 260 14.15 -19.84 -70.78
N ALA B 261 14.16 -18.82 -71.64
CA ALA B 261 15.29 -17.93 -71.78
C ALA B 261 15.46 -17.10 -70.50
N TYR B 262 14.36 -16.54 -70.02
CA TYR B 262 14.37 -15.73 -68.81
C TYR B 262 14.81 -16.60 -67.62
N ASP B 263 14.18 -17.78 -67.50
CA ASP B 263 14.29 -18.65 -66.34
C ASP B 263 15.74 -19.06 -66.12
N ILE B 264 16.44 -19.40 -67.20
CA ILE B 264 17.76 -20.00 -67.11
C ILE B 264 18.83 -18.91 -67.11
N GLY B 265 18.48 -17.72 -67.61
CA GLY B 265 19.36 -16.56 -67.56
C GLY B 265 19.62 -16.15 -66.12
N LEU B 266 20.53 -15.19 -65.93
CA LEU B 266 20.90 -14.78 -64.58
C LEU B 266 19.77 -14.02 -63.90
N HIS B 267 18.92 -13.37 -64.70
CA HIS B 267 17.73 -12.72 -64.18
C HIS B 267 16.79 -13.76 -63.56
N GLY B 268 16.63 -14.87 -64.28
CA GLY B 268 15.78 -15.98 -63.86
C GLY B 268 16.39 -16.76 -62.70
N THR B 269 17.73 -16.83 -62.69
CA THR B 269 18.46 -17.44 -61.59
C THR B 269 18.24 -16.61 -60.33
N VAL B 270 18.47 -15.30 -60.44
CA VAL B 270 18.24 -14.36 -59.35
C VAL B 270 16.80 -14.52 -58.86
N TYR B 271 15.87 -14.65 -59.81
CA TYR B 271 14.45 -14.71 -59.50
C TYR B 271 14.15 -15.95 -58.67
N GLN B 272 14.60 -17.12 -59.16
CA GLN B 272 14.25 -18.39 -58.55
C GLN B 272 14.83 -18.50 -57.16
N VAL B 273 15.98 -17.82 -56.95
CA VAL B 273 16.73 -17.92 -55.71
C VAL B 273 16.10 -17.03 -54.65
N ASN B 274 15.39 -15.98 -55.07
CA ASN B 274 15.04 -14.90 -54.18
C ASN B 274 13.53 -14.66 -54.12
N LYS B 275 12.75 -15.35 -54.96
CA LYS B 275 11.37 -14.95 -55.22
C LYS B 275 10.49 -15.09 -53.97
N TRP B 276 10.87 -16.00 -53.06
CA TRP B 276 10.09 -16.21 -51.85
C TRP B 276 10.71 -15.47 -50.66
N ASP B 277 11.80 -14.74 -50.92
CA ASP B 277 12.38 -13.85 -49.93
C ASP B 277 11.76 -12.47 -50.12
N THR B 278 10.97 -12.07 -49.12
CA THR B 278 10.17 -10.85 -49.18
C THR B 278 11.08 -9.61 -49.21
N GLU B 279 12.34 -9.78 -48.77
CA GLU B 279 13.30 -8.69 -48.70
C GLU B 279 13.89 -8.41 -50.08
N GLN B 280 13.70 -9.36 -51.01
CA GLN B 280 14.30 -9.26 -52.33
C GLN B 280 13.20 -9.05 -53.37
N PHE B 281 12.05 -9.69 -53.15
CA PHE B 281 10.91 -9.58 -54.04
C PHE B 281 9.64 -9.38 -53.21
N ASP B 282 9.07 -8.18 -53.30
CA ASP B 282 7.84 -7.87 -52.59
C ASP B 282 6.71 -7.69 -53.61
N PHE B 283 5.87 -8.72 -53.72
CA PHE B 283 4.84 -8.78 -54.74
C PHE B 283 3.60 -8.00 -54.33
N SER B 284 3.59 -7.52 -53.07
CA SER B 284 2.49 -6.72 -52.57
C SER B 284 2.59 -5.29 -53.10
N LYS B 285 3.82 -4.87 -53.45
CA LYS B 285 4.07 -3.57 -54.01
C LYS B 285 3.49 -3.51 -55.43
N LYS B 286 3.00 -2.33 -55.82
CA LYS B 286 2.59 -2.08 -57.19
C LYS B 286 3.84 -1.94 -58.05
N LEU B 287 3.68 -2.18 -59.37
CA LEU B 287 4.82 -2.27 -60.27
C LEU B 287 5.56 -0.94 -60.35
N SER B 288 4.86 0.17 -60.03
CA SER B 288 5.45 1.49 -60.01
C SER B 288 6.46 1.62 -58.87
N ASP B 289 6.27 0.80 -57.82
CA ASP B 289 7.08 0.89 -56.62
C ASP B 289 7.98 -0.35 -56.52
N ALA B 290 7.98 -1.17 -57.56
CA ALA B 290 8.74 -2.42 -57.57
C ALA B 290 10.23 -2.11 -57.44
N ASP B 291 10.84 -2.62 -56.37
CA ASP B 291 12.24 -2.40 -56.07
C ASP B 291 12.94 -3.75 -55.89
N TYR B 292 12.66 -4.68 -56.80
CA TYR B 292 13.20 -6.03 -56.72
C TYR B 292 14.71 -6.01 -56.92
N VAL B 293 15.38 -7.08 -56.51
CA VAL B 293 16.81 -7.26 -56.75
C VAL B 293 17.02 -7.52 -58.24
N GLY B 294 16.12 -8.30 -58.83
CA GLY B 294 16.16 -8.65 -60.24
C GLY B 294 14.82 -8.40 -60.92
N PRO B 295 14.76 -8.33 -62.27
CA PRO B 295 13.53 -8.02 -62.98
C PRO B 295 12.61 -9.24 -63.18
N THR B 296 11.31 -8.94 -63.28
CA THR B 296 10.30 -9.91 -63.68
C THR B 296 9.83 -9.55 -65.09
N CYS B 297 9.12 -10.46 -65.76
CA CYS B 297 8.56 -10.16 -67.07
C CYS B 297 7.80 -8.84 -66.99
N GLN B 298 7.04 -8.68 -65.91
CA GLN B 298 6.18 -7.54 -65.69
C GLN B 298 7.02 -6.29 -65.51
N TYR B 299 8.17 -6.45 -64.83
CA TYR B 299 9.05 -5.33 -64.53
C TYR B 299 9.47 -4.62 -65.82
N CYS B 300 9.70 -5.43 -66.88
CA CYS B 300 10.23 -4.92 -68.13
C CYS B 300 9.10 -4.61 -69.12
N HIS B 301 8.13 -5.52 -69.25
CA HIS B 301 7.15 -5.42 -70.32
C HIS B 301 5.90 -4.66 -69.86
N MET B 302 5.63 -4.67 -68.54
CA MET B 302 4.47 -3.99 -68.00
C MET B 302 4.93 -2.87 -67.05
N ARG B 303 5.97 -2.15 -67.49
CA ARG B 303 6.53 -1.01 -66.78
C ARG B 303 5.40 -0.12 -66.27
N GLY B 304 5.43 0.15 -64.95
CA GLY B 304 4.48 1.05 -64.32
C GLY B 304 3.10 0.42 -64.18
N GLY B 305 2.96 -0.84 -64.58
CA GLY B 305 1.70 -1.55 -64.48
C GLY B 305 0.81 -1.40 -65.71
N HIS B 306 1.37 -0.81 -66.78
CA HIS B 306 0.66 -0.60 -68.04
C HIS B 306 0.33 -1.96 -68.65
N HIS B 307 -0.93 -2.12 -69.10
CA HIS B 307 -1.44 -3.41 -69.52
C HIS B 307 -1.14 -3.71 -70.99
N ASN B 308 -0.73 -2.68 -71.74
CA ASN B 308 -0.19 -2.93 -73.07
C ASN B 308 1.22 -3.49 -72.92
N VAL B 309 1.33 -4.80 -73.13
CA VAL B 309 2.52 -5.56 -72.80
C VAL B 309 3.55 -5.36 -73.91
N GLN B 310 3.10 -4.75 -75.02
CA GLN B 310 3.90 -4.56 -76.22
C GLN B 310 4.41 -3.11 -76.26
N ARG B 311 4.06 -2.34 -75.23
CA ARG B 311 4.26 -0.90 -75.21
C ARG B 311 5.71 -0.52 -75.51
N ALA B 312 6.66 -1.31 -74.99
CA ALA B 312 8.07 -0.97 -75.06
C ALA B 312 8.75 -1.61 -76.27
N SER B 313 8.00 -2.46 -77.01
CA SER B 313 8.53 -3.17 -78.16
C SER B 313 9.01 -2.18 -79.22
N ILE B 314 10.07 -2.55 -79.93
CA ILE B 314 10.69 -1.67 -80.91
C ILE B 314 9.94 -1.80 -82.25
N VAL B 315 9.89 -3.01 -82.80
CA VAL B 315 9.20 -3.28 -84.05
C VAL B 315 8.79 -4.75 -84.09
N TYR B 316 7.60 -5.02 -84.63
CA TYR B 316 7.09 -6.37 -84.76
C TYR B 316 7.85 -7.11 -85.86
N THR B 317 8.46 -8.25 -85.49
CA THR B 317 9.33 -8.98 -86.39
C THR B 317 8.85 -10.42 -86.55
N SER B 318 7.53 -10.60 -86.44
CA SER B 318 6.88 -11.87 -86.72
C SER B 318 7.54 -12.97 -85.87
N MET B 319 7.51 -12.76 -84.54
CA MET B 319 7.99 -13.70 -83.53
C MET B 319 9.51 -13.77 -83.52
N GLY B 320 10.15 -12.87 -84.26
CA GLY B 320 11.60 -12.85 -84.37
C GLY B 320 12.10 -13.65 -85.56
N MET B 321 11.16 -14.11 -86.40
CA MET B 321 11.48 -14.82 -87.63
C MET B 321 11.96 -13.82 -88.68
N SER B 322 11.30 -12.66 -88.74
CA SER B 322 11.78 -11.54 -89.53
C SER B 322 12.90 -10.84 -88.75
N MET B 323 13.78 -10.16 -89.49
CA MET B 323 15.02 -9.66 -88.91
C MET B 323 15.07 -8.13 -89.01
N ALA B 324 15.57 -7.51 -87.94
CA ALA B 324 15.78 -6.07 -87.89
C ALA B 324 16.97 -5.76 -86.98
N ASP B 325 17.80 -4.79 -87.38
CA ASP B 325 18.80 -4.25 -86.49
C ASP B 325 18.13 -3.19 -85.61
N ARG B 326 17.76 -3.60 -84.40
CA ARG B 326 17.04 -2.75 -83.47
C ARG B 326 17.98 -1.70 -82.89
N GLY B 327 19.29 -1.91 -83.06
CA GLY B 327 20.30 -1.01 -82.56
C GLY B 327 20.66 0.08 -83.57
N ALA B 328 20.02 0.04 -84.74
CA ALA B 328 20.27 0.99 -85.82
C ALA B 328 19.74 2.37 -85.43
N PRO B 329 20.34 3.46 -85.97
CA PRO B 329 19.93 4.83 -85.61
C PRO B 329 18.44 5.10 -85.79
N LEU B 330 17.80 4.32 -86.67
CA LEU B 330 16.37 4.45 -86.95
C LEU B 330 15.57 4.26 -85.67
N TRP B 331 16.00 3.30 -84.84
CA TRP B 331 15.26 2.89 -83.65
C TRP B 331 15.94 3.41 -82.38
N LYS B 332 16.74 4.48 -82.51
CA LYS B 332 17.58 4.95 -81.42
C LYS B 332 16.72 5.25 -80.18
N GLU B 333 15.62 5.97 -80.39
CA GLU B 333 14.80 6.44 -79.28
C GLU B 333 14.13 5.27 -78.57
N LYS B 334 13.78 4.22 -79.33
CA LYS B 334 13.08 3.06 -78.83
C LYS B 334 14.01 2.15 -78.04
N ARG B 335 15.26 2.03 -78.51
CA ARG B 335 16.31 1.28 -77.83
C ARG B 335 16.73 2.01 -76.56
N ASP B 336 16.79 3.35 -76.65
CA ASP B 336 17.13 4.19 -75.51
C ASP B 336 16.14 3.94 -74.37
N ARG B 337 14.86 3.73 -74.72
CA ARG B 337 13.82 3.51 -73.73
C ARG B 337 14.07 2.19 -72.99
N TRP B 338 14.55 1.18 -73.72
CA TRP B 338 14.90 -0.10 -73.12
C TRP B 338 16.07 0.05 -72.16
N VAL B 339 17.05 0.87 -72.57
CA VAL B 339 18.22 1.16 -71.75
C VAL B 339 17.76 1.84 -70.44
N SER B 340 16.68 2.62 -70.52
CA SER B 340 16.13 3.32 -69.37
C SER B 340 15.58 2.34 -68.34
N ILE B 341 15.10 1.18 -68.83
CA ILE B 341 14.54 0.14 -67.98
C ILE B 341 15.68 -0.63 -67.32
N CYS B 342 16.70 -0.99 -68.11
CA CYS B 342 17.88 -1.68 -67.58
C CYS B 342 18.66 -0.76 -66.65
N ASP B 343 18.61 0.55 -66.91
CA ASP B 343 19.26 1.60 -66.15
C ASP B 343 19.05 1.41 -64.66
N ASP B 344 17.93 0.76 -64.30
CA ASP B 344 17.51 0.63 -62.92
C ASP B 344 18.56 -0.11 -62.09
N CYS B 345 19.32 -1.01 -62.75
CA CYS B 345 20.22 -1.89 -62.03
C CYS B 345 21.55 -2.07 -62.78
N HIS B 346 21.73 -1.30 -63.85
CA HIS B 346 22.94 -1.36 -64.65
C HIS B 346 23.29 0.03 -65.17
N SER B 347 24.57 0.20 -65.54
CA SER B 347 24.99 1.40 -66.25
C SER B 347 24.37 1.40 -67.65
N PRO B 348 23.97 2.59 -68.18
CA PRO B 348 23.44 2.68 -69.54
C PRO B 348 24.33 1.95 -70.54
N ARG B 349 25.65 2.10 -70.39
CA ARG B 349 26.61 1.54 -71.33
C ARG B 349 26.51 0.03 -71.35
N PHE B 350 26.49 -0.58 -70.15
CA PHE B 350 26.48 -2.03 -70.02
C PHE B 350 25.26 -2.61 -70.73
N ALA B 351 24.10 -1.96 -70.54
CA ALA B 351 22.83 -2.43 -71.07
C ALA B 351 22.81 -2.23 -72.59
N ARG B 352 23.18 -1.02 -73.03
CA ARG B 352 23.19 -0.69 -74.44
C ARG B 352 23.99 -1.74 -75.22
N GLU B 353 25.19 -2.02 -74.71
CA GLU B 353 26.16 -2.84 -75.42
C GLU B 353 25.72 -4.30 -75.40
N ASN B 354 25.02 -4.70 -74.34
CA ASN B 354 24.51 -6.05 -74.22
C ASN B 354 23.40 -6.29 -75.25
N LEU B 355 22.55 -5.27 -75.43
CA LEU B 355 21.46 -5.35 -76.38
C LEU B 355 22.00 -5.24 -77.80
N GLN B 356 23.15 -4.56 -77.95
CA GLN B 356 23.84 -4.49 -79.22
C GLN B 356 24.30 -5.88 -79.64
N ALA B 357 24.78 -6.66 -78.65
CA ALA B 357 25.22 -8.02 -78.90
C ALA B 357 24.06 -8.86 -79.43
N MET B 358 22.87 -8.61 -78.88
CA MET B 358 21.65 -9.28 -79.33
C MET B 358 21.45 -8.99 -80.82
N ASP B 359 21.52 -7.71 -81.18
CA ASP B 359 21.32 -7.26 -82.54
C ASP B 359 22.23 -8.03 -83.49
N GLU B 360 23.49 -8.22 -83.07
CA GLU B 360 24.51 -8.86 -83.88
C GLU B 360 24.18 -10.34 -84.06
N SER B 361 23.69 -10.97 -82.99
CA SER B 361 23.32 -12.37 -83.01
C SER B 361 22.15 -12.58 -83.98
N VAL B 362 21.23 -11.63 -83.99
CA VAL B 362 20.03 -11.68 -84.81
C VAL B 362 20.41 -11.59 -86.29
N LYS B 363 21.36 -10.70 -86.59
CA LYS B 363 21.79 -10.45 -87.96
C LYS B 363 22.58 -11.65 -88.48
N ASP B 364 23.41 -12.24 -87.61
CA ASP B 364 24.25 -13.37 -87.98
C ASP B 364 23.39 -14.61 -88.18
N ALA B 365 22.24 -14.64 -87.49
CA ALA B 365 21.32 -15.76 -87.58
C ALA B 365 20.65 -15.78 -88.95
N SER B 366 20.25 -14.59 -89.43
CA SER B 366 19.56 -14.45 -90.70
C SER B 366 20.53 -14.69 -91.86
N LEU B 367 21.81 -14.38 -91.63
CA LEU B 367 22.87 -14.71 -92.58
C LEU B 367 22.86 -16.21 -92.85
N LYS B 368 22.75 -17.00 -91.78
CA LYS B 368 22.72 -18.46 -91.88
C LYS B 368 21.47 -18.91 -92.61
N TYR B 369 20.33 -18.28 -92.30
CA TYR B 369 19.06 -18.72 -92.86
C TYR B 369 19.00 -18.40 -94.35
N ARG B 370 19.57 -17.24 -94.73
CA ARG B 370 19.66 -16.87 -96.14
C ARG B 370 20.38 -17.97 -96.91
N GLU B 371 21.47 -18.49 -96.34
CA GLU B 371 22.22 -19.57 -96.96
C GLU B 371 21.35 -20.83 -97.02
N THR B 372 20.57 -21.06 -95.96
CA THR B 372 19.71 -22.23 -95.84
C THR B 372 18.59 -22.15 -96.86
N PHE B 373 18.00 -20.96 -97.00
CA PHE B 373 16.87 -20.72 -97.87
C PHE B 373 17.30 -20.87 -99.33
N LYS B 374 18.51 -20.36 -99.66
CA LYS B 374 19.05 -20.40 -101.01
C LYS B 374 19.07 -21.84 -101.51
N VAL B 375 19.50 -22.76 -100.64
CA VAL B 375 19.61 -24.17 -100.98
C VAL B 375 18.23 -24.71 -101.35
N ALA B 376 17.22 -24.28 -100.58
CA ALA B 376 15.85 -24.76 -100.75
C ALA B 376 15.23 -24.14 -102.00
N GLU B 377 15.51 -22.85 -102.22
CA GLU B 377 14.96 -22.10 -103.33
C GLU B 377 15.51 -22.64 -104.65
N ASP B 378 16.80 -23.02 -104.64
CA ASP B 378 17.48 -23.52 -105.81
C ASP B 378 16.87 -24.84 -106.25
N LEU B 379 16.45 -25.67 -105.28
CA LEU B 379 15.82 -26.95 -105.57
C LEU B 379 14.50 -26.74 -106.31
N LEU B 380 13.79 -25.66 -105.96
CA LEU B 380 12.51 -25.33 -106.56
C LEU B 380 12.71 -24.81 -107.97
N ILE B 381 13.65 -23.87 -108.13
CA ILE B 381 13.92 -23.22 -109.41
C ILE B 381 14.46 -24.26 -110.39
N ASP B 382 15.31 -25.17 -109.92
CA ASP B 382 15.87 -26.21 -110.76
C ASP B 382 14.85 -27.33 -110.97
N GLY B 383 13.74 -27.27 -110.21
CA GLY B 383 12.62 -28.19 -110.35
C GLY B 383 12.94 -29.61 -109.88
N VAL B 384 14.00 -29.75 -109.05
CA VAL B 384 14.47 -31.05 -108.61
C VAL B 384 14.01 -31.32 -107.18
N LEU B 385 13.29 -30.37 -106.59
CA LEU B 385 12.69 -30.52 -105.27
C LEU B 385 11.74 -31.72 -105.30
N ASP B 386 11.78 -32.54 -104.25
CA ASP B 386 11.16 -33.84 -104.25
C ASP B 386 10.12 -33.97 -103.13
N PRO B 387 8.85 -33.65 -103.43
CA PRO B 387 8.41 -33.25 -104.76
C PRO B 387 8.16 -31.74 -104.85
N MET B 388 7.78 -31.29 -106.05
CA MET B 388 7.41 -29.91 -106.30
C MET B 388 6.02 -29.64 -105.72
N PRO B 389 5.71 -28.37 -105.35
CA PRO B 389 4.45 -28.03 -104.69
C PRO B 389 3.19 -28.58 -105.37
N LYS B 390 3.25 -28.72 -106.70
CA LYS B 390 2.11 -29.15 -107.50
C LYS B 390 1.77 -30.60 -107.21
N ASP B 391 2.74 -31.35 -106.67
CA ASP B 391 2.58 -32.78 -106.42
C ASP B 391 2.32 -33.04 -104.93
N LEU B 392 2.27 -31.98 -104.13
CA LEU B 392 1.85 -32.06 -102.74
C LEU B 392 0.33 -31.93 -102.68
N CYS B 393 -0.25 -32.33 -101.54
CA CYS B 393 -1.63 -32.02 -101.21
C CYS B 393 -1.84 -30.50 -101.30
N PRO B 394 -3.00 -30.03 -101.82
CA PRO B 394 -3.31 -28.60 -101.83
C PRO B 394 -3.28 -28.01 -100.42
N ASP B 395 -2.79 -26.77 -100.32
CA ASP B 395 -2.69 -26.06 -99.05
C ASP B 395 -4.08 -25.70 -98.55
N TRP B 396 -4.15 -25.04 -97.38
CA TRP B 396 -5.41 -24.71 -96.73
C TRP B 396 -6.33 -23.95 -97.67
N SER B 397 -5.71 -23.18 -98.58
CA SER B 397 -6.40 -22.29 -99.50
C SER B 397 -7.03 -23.08 -100.65
N GLY B 398 -6.50 -24.27 -100.90
CA GLY B 398 -6.91 -25.10 -102.03
C GLY B 398 -5.99 -24.88 -103.23
N GLN B 399 -4.78 -24.37 -102.95
CA GLN B 399 -3.83 -24.03 -103.97
C GLN B 399 -2.55 -24.87 -103.81
N HIS B 400 -1.67 -24.81 -104.80
CA HIS B 400 -0.40 -25.51 -104.76
C HIS B 400 0.75 -24.50 -104.77
N ILE B 401 0.63 -23.46 -103.92
CA ILE B 401 1.67 -22.47 -103.76
C ILE B 401 2.79 -23.05 -102.88
N TRP B 402 4.03 -22.69 -103.21
CA TRP B 402 5.20 -23.11 -102.46
C TRP B 402 5.09 -22.62 -101.01
N SER B 403 5.39 -23.53 -100.08
CA SER B 403 5.30 -23.30 -98.65
C SER B 403 6.05 -22.04 -98.24
N LEU B 404 7.28 -21.90 -98.77
CA LEU B 404 8.24 -20.92 -98.27
C LEU B 404 8.11 -19.59 -99.01
N LYS B 405 7.15 -19.51 -99.95
CA LYS B 405 7.00 -18.33 -100.79
C LYS B 405 6.53 -17.15 -99.94
N ILE B 406 7.33 -16.08 -99.96
CA ILE B 406 6.96 -14.81 -99.36
C ILE B 406 6.58 -13.85 -100.50
N GLY B 407 5.31 -13.43 -100.50
CA GLY B 407 4.72 -12.68 -101.60
C GLY B 407 5.45 -11.36 -101.87
N ALA B 408 6.07 -10.79 -100.83
CA ALA B 408 6.72 -9.50 -100.95
C ALA B 408 8.09 -9.62 -101.63
N TYR B 409 8.65 -10.84 -101.68
CA TYR B 409 9.99 -11.05 -102.19
C TYR B 409 10.00 -11.98 -103.39
N HIS B 410 9.01 -12.88 -103.48
CA HIS B 410 9.02 -13.93 -104.49
C HIS B 410 7.88 -13.75 -105.47
N ASP B 411 8.19 -13.91 -106.75
CA ASP B 411 7.20 -13.88 -107.83
C ASP B 411 7.72 -14.71 -108.99
N GLY B 412 6.85 -15.57 -109.55
CA GLY B 412 7.23 -16.44 -110.64
C GLY B 412 6.31 -17.65 -110.77
N GLU B 413 6.50 -18.39 -111.87
CA GLU B 413 5.69 -19.55 -112.21
C GLU B 413 5.98 -20.68 -111.23
N ALA B 414 7.24 -20.79 -110.81
CA ALA B 414 7.72 -21.89 -109.98
C ALA B 414 7.14 -21.78 -108.56
N TYR B 415 6.87 -20.55 -108.11
CA TYR B 415 6.41 -20.29 -106.76
C TYR B 415 4.91 -20.54 -106.65
N GLY B 416 4.16 -20.23 -107.71
CA GLY B 416 2.71 -20.36 -107.72
C GLY B 416 2.01 -19.15 -107.10
N GLY B 417 0.68 -19.12 -107.22
CA GLY B 417 -0.15 -18.07 -106.65
C GLY B 417 -0.05 -16.77 -107.44
N THR B 418 -0.91 -15.81 -107.10
CA THR B 418 -0.93 -14.50 -107.75
C THR B 418 0.23 -13.66 -107.24
N THR B 419 0.47 -12.52 -107.90
CA THR B 419 1.56 -11.62 -107.56
C THR B 419 1.29 -11.03 -106.17
N GLY B 420 2.27 -11.15 -105.29
CA GLY B 420 2.21 -10.56 -103.95
C GLY B 420 1.64 -11.54 -102.91
N GLU B 421 1.07 -12.65 -103.40
CA GLU B 421 0.46 -13.65 -102.54
C GLU B 421 1.53 -14.60 -102.02
N SER B 422 1.49 -14.86 -100.70
CA SER B 422 2.42 -15.76 -100.03
C SER B 422 1.90 -17.19 -100.07
N GLY B 423 2.79 -18.14 -99.75
CA GLY B 423 2.39 -19.53 -99.56
C GLY B 423 1.96 -19.77 -98.11
N GLU B 424 1.45 -20.97 -97.84
CA GLU B 424 1.11 -21.36 -96.48
C GLU B 424 2.37 -21.85 -95.78
N PHE B 425 2.99 -20.96 -95.00
CA PHE B 425 4.18 -21.25 -94.23
C PHE B 425 3.84 -22.32 -93.20
N ARG B 426 4.53 -23.47 -93.27
CA ARG B 426 4.15 -24.63 -92.48
C ARG B 426 5.32 -25.59 -92.32
N MET B 427 5.18 -26.51 -91.35
CA MET B 427 6.11 -27.58 -91.08
C MET B 427 5.47 -28.90 -91.49
N SER B 428 4.21 -28.81 -91.96
CA SER B 428 3.41 -29.96 -92.34
C SER B 428 3.18 -29.97 -93.84
N ASN B 429 2.87 -31.17 -94.38
CA ASN B 429 2.50 -31.34 -95.78
C ASN B 429 3.48 -30.61 -96.67
N CYS B 430 4.73 -31.06 -96.65
CA CYS B 430 5.81 -30.44 -97.41
C CYS B 430 6.99 -31.41 -97.48
N THR B 431 8.09 -30.94 -98.10
CA THR B 431 9.32 -31.71 -98.18
C THR B 431 10.10 -31.52 -96.88
N ASP B 432 11.10 -32.38 -96.67
CA ASP B 432 11.99 -32.25 -95.52
C ASP B 432 12.71 -30.91 -95.57
N VAL B 433 13.10 -30.50 -96.79
CA VAL B 433 13.86 -29.27 -97.00
C VAL B 433 13.01 -28.08 -96.58
N GLU B 434 11.73 -28.10 -96.96
CA GLU B 434 10.80 -27.05 -96.59
C GLU B 434 10.64 -27.04 -95.07
N ARG B 435 10.49 -28.24 -94.49
CA ARG B 435 10.24 -28.42 -93.07
C ARG B 435 11.40 -27.89 -92.25
N LEU B 436 12.62 -28.27 -92.65
CA LEU B 436 13.84 -27.93 -91.93
C LEU B 436 14.08 -26.42 -91.99
N CYS B 437 13.70 -25.80 -93.11
CA CYS B 437 13.78 -24.36 -93.26
C CYS B 437 12.84 -23.68 -92.27
N PHE B 438 11.62 -24.22 -92.17
CA PHE B 438 10.62 -23.71 -91.25
C PHE B 438 11.16 -23.78 -89.82
N GLU B 439 11.75 -24.94 -89.49
CA GLU B 439 12.26 -25.21 -88.16
C GLU B 439 13.41 -24.27 -87.84
N SER B 440 14.26 -24.00 -88.84
CA SER B 440 15.45 -23.22 -88.64
C SER B 440 15.10 -21.77 -88.26
N VAL B 441 14.14 -21.18 -88.97
CA VAL B 441 13.80 -19.78 -88.77
C VAL B 441 12.68 -19.67 -87.73
N GLY B 442 11.80 -20.69 -87.69
CA GLY B 442 10.57 -20.64 -86.91
C GLY B 442 10.77 -21.11 -85.47
N TYR B 443 11.81 -21.93 -85.25
CA TYR B 443 12.14 -22.42 -83.92
C TYR B 443 13.50 -21.87 -83.50
N PHE B 444 14.56 -22.35 -84.16
CA PHE B 444 15.93 -22.14 -83.70
C PHE B 444 16.30 -20.66 -83.69
N GLN B 445 15.86 -19.91 -84.71
CA GLN B 445 16.22 -18.50 -84.84
C GLN B 445 15.59 -17.70 -83.71
N THR B 446 14.38 -18.12 -83.29
CA THR B 446 13.64 -17.42 -82.24
C THR B 446 14.33 -17.63 -80.90
N TYR B 447 15.02 -18.76 -80.75
CA TYR B 447 15.75 -19.05 -79.53
C TYR B 447 16.92 -18.08 -79.40
N ILE B 448 17.43 -17.60 -80.55
CA ILE B 448 18.56 -16.67 -80.58
C ILE B 448 18.09 -15.29 -80.17
N TYR B 449 16.99 -14.83 -80.76
CA TYR B 449 16.46 -13.52 -80.45
C TYR B 449 16.01 -13.47 -78.98
N LYS B 450 15.13 -14.40 -78.59
CA LYS B 450 14.56 -14.42 -77.26
C LYS B 450 15.64 -14.74 -76.24
N GLY B 451 16.56 -15.65 -76.61
CA GLY B 451 17.68 -16.04 -75.78
C GLY B 451 18.53 -14.83 -75.39
N MET B 452 18.97 -14.08 -76.41
CA MET B 452 19.88 -12.97 -76.21
C MET B 452 19.17 -11.81 -75.52
N ALA B 453 17.86 -11.70 -75.76
CA ALA B 453 17.06 -10.62 -75.20
C ALA B 453 16.85 -10.82 -73.70
N HIS B 454 16.89 -12.08 -73.25
CA HIS B 454 16.54 -12.39 -71.87
C HIS B 454 17.75 -12.88 -71.09
N GLY B 455 18.89 -13.00 -71.77
CA GLY B 455 20.17 -13.25 -71.11
C GLY B 455 20.52 -14.73 -71.04
N SER B 456 19.84 -15.56 -71.87
CA SER B 456 20.14 -16.98 -71.94
C SER B 456 21.14 -17.25 -73.05
N TRP B 457 22.41 -17.38 -72.66
CA TRP B 457 23.52 -17.48 -73.60
C TRP B 457 23.50 -18.82 -74.32
N ASN B 458 22.99 -19.85 -73.63
CA ASN B 458 22.98 -21.20 -74.17
C ASN B 458 21.84 -21.36 -75.16
N ASP B 459 20.74 -20.63 -74.92
CA ASP B 459 19.59 -20.66 -75.80
C ASP B 459 19.94 -20.05 -77.15
N ALA B 460 20.95 -19.18 -77.15
CA ALA B 460 21.36 -18.45 -78.35
C ALA B 460 22.47 -19.22 -79.08
N THR B 461 23.02 -20.26 -78.43
CA THR B 461 24.14 -20.99 -78.98
C THR B 461 23.85 -22.50 -79.00
N TYR B 462 24.28 -23.21 -77.95
CA TYR B 462 24.31 -24.66 -77.93
C TYR B 462 22.90 -25.25 -77.96
N SER B 463 22.01 -24.68 -77.12
CA SER B 463 20.68 -25.23 -76.90
C SER B 463 19.74 -24.85 -78.04
N ASP B 464 20.03 -25.40 -79.23
CA ASP B 464 19.19 -25.31 -80.41
C ASP B 464 19.13 -23.86 -80.90
N GLY B 465 20.14 -23.07 -80.55
CA GLY B 465 20.22 -21.70 -80.99
C GLY B 465 20.98 -21.58 -82.31
N SER B 466 22.10 -20.83 -82.27
CA SER B 466 22.98 -20.67 -83.42
C SER B 466 23.40 -22.03 -83.97
N PHE B 467 23.72 -22.96 -83.07
CA PHE B 467 24.25 -24.25 -83.46
C PHE B 467 23.12 -25.18 -83.88
N GLY B 468 21.88 -24.83 -83.49
CA GLY B 468 20.70 -25.50 -84.00
C GLY B 468 20.54 -25.25 -85.49
N MET B 469 20.69 -23.97 -85.88
CA MET B 469 20.58 -23.54 -87.26
C MET B 469 21.70 -24.16 -88.09
N ASP B 470 22.88 -24.30 -87.45
CA ASP B 470 24.04 -24.90 -88.07
C ASP B 470 23.73 -26.34 -88.47
N ARG B 471 23.12 -27.06 -87.52
CA ARG B 471 22.82 -28.47 -87.67
C ARG B 471 21.78 -28.65 -88.78
N TRP B 472 20.82 -27.74 -88.85
CA TRP B 472 19.73 -27.83 -89.81
C TRP B 472 20.22 -27.45 -91.21
N LEU B 473 21.20 -26.53 -91.27
CA LEU B 473 21.79 -26.15 -92.53
C LEU B 473 22.46 -27.36 -93.18
N VAL B 474 23.18 -28.13 -92.36
CA VAL B 474 23.83 -29.37 -92.77
C VAL B 474 22.76 -30.33 -93.28
N ASN B 475 21.64 -30.40 -92.55
CA ASN B 475 20.58 -31.35 -92.85
C ASN B 475 19.92 -30.98 -94.18
N VAL B 476 19.76 -29.67 -94.42
CA VAL B 476 19.14 -29.17 -95.63
C VAL B 476 20.05 -29.47 -96.81
N LYS B 477 21.35 -29.18 -96.65
CA LYS B 477 22.34 -29.39 -97.70
C LYS B 477 22.38 -30.85 -98.11
N GLN B 478 22.34 -31.75 -97.12
CA GLN B 478 22.41 -33.18 -97.35
C GLN B 478 21.18 -33.64 -98.13
N ASN B 479 20.00 -33.14 -97.75
CA ASN B 479 18.74 -33.48 -98.39
C ASN B 479 18.72 -32.94 -99.82
N ALA B 480 19.33 -31.77 -100.03
CA ALA B 480 19.43 -31.16 -101.35
C ALA B 480 20.33 -32.03 -102.23
N SER B 481 21.48 -32.43 -101.69
CA SER B 481 22.47 -33.23 -102.39
C SER B 481 21.84 -34.54 -102.86
N ARG B 482 21.12 -35.21 -101.97
CA ARG B 482 20.54 -36.51 -102.25
C ARG B 482 19.50 -36.38 -103.37
N ALA B 483 18.67 -35.34 -103.28
CA ALA B 483 17.59 -35.11 -104.23
C ALA B 483 18.16 -34.83 -105.62
N ARG B 484 19.29 -34.11 -105.66
CA ARG B 484 19.94 -33.71 -106.90
C ARG B 484 20.64 -34.91 -107.53
N ARG B 485 21.17 -35.80 -106.68
CA ARG B 485 21.89 -36.97 -107.14
C ARG B 485 20.92 -37.97 -107.75
N LEU B 486 19.71 -38.04 -107.20
CA LEU B 486 18.68 -38.95 -107.68
C LEU B 486 18.13 -38.46 -109.01
N ALA B 487 17.92 -37.14 -109.11
CA ALA B 487 17.39 -36.51 -110.30
C ALA B 487 18.34 -36.71 -111.47
N ALA B 488 19.65 -36.62 -111.18
CA ALA B 488 20.69 -36.75 -112.18
C ALA B 488 20.74 -38.19 -112.70
N LEU B 489 20.60 -39.15 -111.77
CA LEU B 489 20.63 -40.57 -112.11
C LEU B 489 19.42 -40.93 -112.96
N GLU B 490 18.26 -40.37 -112.61
CA GLU B 490 17.01 -40.71 -113.26
C GLU B 490 16.98 -40.14 -114.67
N LYS B 491 17.60 -38.97 -114.86
CA LYS B 491 17.71 -38.36 -116.17
C LYS B 491 18.52 -39.28 -117.07
N LYS B 492 19.70 -39.71 -116.61
CA LYS B 492 20.64 -40.45 -117.44
C LYS B 492 20.11 -41.84 -117.76
N VAL B 493 19.35 -42.43 -116.82
CA VAL B 493 18.82 -43.77 -117.00
C VAL B 493 17.49 -43.70 -117.75
N GLY B 494 16.89 -42.51 -117.78
CA GLY B 494 15.68 -42.27 -118.54
C GLY B 494 14.41 -42.61 -117.75
N ILE B 495 14.49 -42.49 -116.42
CA ILE B 495 13.31 -42.57 -115.56
C ILE B 495 12.80 -41.16 -115.32
N SER B 496 11.50 -40.97 -115.59
CA SER B 496 10.80 -39.79 -115.14
C SER B 496 10.07 -40.12 -113.84
N TRP B 497 10.58 -39.60 -112.73
CA TRP B 497 10.09 -39.95 -111.40
C TRP B 497 8.67 -39.45 -111.20
N GLN B 498 7.77 -40.39 -110.89
CA GLN B 498 6.39 -40.10 -110.54
C GLN B 498 6.32 -39.91 -109.03
N PRO B 499 6.07 -38.67 -108.53
CA PRO B 499 5.92 -38.43 -107.09
C PRO B 499 4.86 -39.36 -106.50
N GLU B 500 5.18 -39.93 -105.33
CA GLU B 500 4.39 -40.98 -104.71
C GLU B 500 3.02 -40.44 -104.30
N GLN B 501 2.10 -41.36 -104.03
CA GLN B 501 0.70 -41.04 -103.79
C GLN B 501 0.53 -40.34 -102.44
N PHE B 502 1.44 -40.64 -101.50
CA PHE B 502 1.32 -40.18 -100.13
C PHE B 502 1.63 -38.68 -100.00
N TRP B 503 2.21 -38.08 -101.04
CA TRP B 503 2.43 -36.64 -101.05
C TRP B 503 1.10 -35.92 -101.32
N LYS B 504 0.21 -36.58 -102.06
CA LYS B 504 -1.05 -36.01 -102.50
C LYS B 504 -2.15 -36.29 -101.48
N THR B 505 -2.31 -37.58 -101.13
CA THR B 505 -3.42 -38.04 -100.33
C THR B 505 -2.93 -38.92 -99.18
N GLY B 506 -3.80 -39.11 -98.19
CA GLY B 506 -3.54 -39.87 -96.99
C GLY B 506 -4.65 -39.63 -95.97
N GLU B 507 -4.69 -40.48 -94.94
CA GLU B 507 -5.84 -40.49 -94.03
C GLU B 507 -6.07 -39.12 -93.42
N TRP B 508 -4.97 -38.46 -93.02
CA TRP B 508 -5.03 -37.15 -92.39
C TRP B 508 -5.22 -36.06 -93.46
N LEU B 509 -4.44 -36.14 -94.53
CA LEU B 509 -4.43 -35.15 -95.60
C LEU B 509 -5.83 -34.96 -96.16
N ASP B 510 -6.57 -36.07 -96.32
CA ASP B 510 -7.89 -36.08 -96.93
C ASP B 510 -8.88 -35.27 -96.11
N GLN B 511 -8.56 -35.04 -94.82
CA GLN B 511 -9.47 -34.40 -93.89
C GLN B 511 -9.27 -32.88 -93.89
N LEU B 512 -8.30 -32.40 -94.69
CA LEU B 512 -7.93 -31.00 -94.67
C LEU B 512 -8.85 -30.20 -95.58
N THR B 513 -8.70 -28.87 -95.53
CA THR B 513 -9.51 -27.93 -96.28
C THR B 513 -9.13 -27.97 -97.76
N GLY B 514 -7.82 -28.08 -98.03
CA GLY B 514 -7.28 -28.12 -99.37
C GLY B 514 -8.07 -29.05 -100.29
N PRO B 515 -8.04 -30.38 -100.04
CA PRO B 515 -8.76 -31.35 -100.87
C PRO B 515 -10.26 -31.08 -101.01
N TYR B 516 -10.88 -30.55 -99.94
CA TYR B 516 -12.30 -30.27 -99.92
C TYR B 516 -12.63 -29.16 -100.92
N ILE B 517 -11.81 -28.11 -100.94
CA ILE B 517 -12.04 -26.96 -101.80
C ILE B 517 -11.85 -27.37 -103.26
N VAL B 518 -10.78 -28.11 -103.53
CA VAL B 518 -10.46 -28.57 -104.87
C VAL B 518 -11.62 -29.41 -105.42
N LYS B 519 -12.19 -30.26 -104.56
CA LYS B 519 -13.23 -31.19 -104.98
C LYS B 519 -14.58 -30.49 -105.12
N ASN B 520 -14.93 -29.65 -104.14
CA ASN B 520 -16.30 -29.18 -103.99
C ASN B 520 -16.49 -27.78 -104.58
N HIS B 521 -15.40 -27.00 -104.65
CA HIS B 521 -15.47 -25.67 -105.24
C HIS B 521 -14.32 -25.49 -106.23
N PRO B 522 -14.36 -26.20 -107.39
CA PRO B 522 -13.17 -26.46 -108.20
C PRO B 522 -12.35 -25.24 -108.62
N GLY B 523 -13.03 -24.17 -109.04
CA GLY B 523 -12.35 -23.04 -109.64
C GLY B 523 -11.79 -22.05 -108.63
N LYS B 524 -12.19 -22.19 -107.35
CA LYS B 524 -12.07 -21.11 -106.39
C LYS B 524 -11.11 -21.48 -105.26
N THR B 525 -10.73 -20.46 -104.48
CA THR B 525 -9.90 -20.60 -103.29
C THR B 525 -10.72 -20.25 -102.05
N ILE B 526 -10.12 -20.42 -100.87
CA ILE B 526 -10.79 -20.15 -99.61
C ILE B 526 -11.09 -18.66 -99.48
N PHE B 527 -10.27 -17.84 -100.15
CA PHE B 527 -10.42 -16.39 -100.09
C PHE B 527 -11.64 -15.96 -100.90
N ASP B 528 -11.92 -16.72 -101.96
CA ASP B 528 -13.11 -16.53 -102.78
C ASP B 528 -14.35 -16.90 -101.95
N LEU B 529 -14.24 -18.02 -101.23
CA LEU B 529 -15.37 -18.59 -100.51
C LEU B 529 -15.62 -17.84 -99.21
N CYS B 530 -14.62 -17.07 -98.75
CA CYS B 530 -14.76 -16.24 -97.55
C CYS B 530 -14.44 -14.80 -97.91
N PRO B 531 -15.38 -14.08 -98.57
CA PRO B 531 -15.08 -12.76 -99.13
C PRO B 531 -15.11 -11.61 -98.14
N ASP B 532 -15.59 -11.88 -96.92
CA ASP B 532 -15.75 -10.87 -95.88
C ASP B 532 -14.41 -10.20 -95.60
N PRO B 533 -14.40 -8.92 -95.14
CA PRO B 533 -13.15 -8.24 -94.76
C PRO B 533 -12.51 -8.91 -93.55
N GLY B 534 -11.18 -9.05 -93.59
CA GLY B 534 -10.42 -9.64 -92.51
C GLY B 534 -10.00 -8.60 -91.47
N TRP B 535 -9.16 -9.04 -90.53
CA TRP B 535 -8.71 -8.19 -89.42
C TRP B 535 -7.84 -7.06 -89.95
N LEU B 536 -6.98 -7.38 -90.93
CA LEU B 536 -6.01 -6.46 -91.48
C LEU B 536 -6.71 -5.34 -92.26
N ASP B 537 -7.94 -5.61 -92.70
CA ASP B 537 -8.71 -4.67 -93.49
C ASP B 537 -9.25 -3.54 -92.61
N THR B 538 -9.46 -3.84 -91.32
CA THR B 538 -10.15 -2.94 -90.41
C THR B 538 -9.21 -2.39 -89.34
N HIS B 539 -8.01 -2.98 -89.24
CA HIS B 539 -7.04 -2.60 -88.23
C HIS B 539 -5.73 -2.19 -88.88
N HIS B 540 -5.27 -0.97 -88.56
CA HIS B 540 -4.09 -0.37 -89.15
C HIS B 540 -3.12 0.05 -88.05
N ALA B 541 -1.87 0.34 -88.43
CA ALA B 541 -0.85 0.83 -87.52
C ALA B 541 -1.24 2.21 -87.00
N PRO B 542 -0.96 2.55 -85.71
CA PRO B 542 -1.31 3.86 -85.16
C PRO B 542 -0.58 5.00 -85.88
N ALA B 543 -1.21 6.18 -85.86
CA ALA B 543 -0.75 7.34 -86.60
C ALA B 543 0.65 7.76 -86.13
N GLU B 544 0.88 7.63 -84.81
CA GLU B 544 2.12 8.07 -84.18
C GLU B 544 3.29 7.19 -84.62
N GLU B 545 3.00 5.92 -84.92
CA GLU B 545 4.03 4.98 -85.33
C GLU B 545 4.54 5.34 -86.74
N VAL B 546 3.60 5.61 -87.65
CA VAL B 546 3.93 5.97 -89.02
C VAL B 546 4.66 7.32 -89.00
N GLU B 547 4.21 8.21 -88.12
CA GLU B 547 4.72 9.56 -87.99
C GLU B 547 6.18 9.52 -87.54
N TYR B 548 6.49 8.60 -86.61
CA TYR B 548 7.83 8.46 -86.06
C TYR B 548 8.78 7.96 -87.14
N ILE B 549 8.36 6.91 -87.86
CA ILE B 549 9.21 6.25 -88.84
C ILE B 549 9.54 7.21 -89.97
N GLU B 550 8.52 7.95 -90.44
CA GLU B 550 8.67 8.89 -91.54
C GLU B 550 9.64 10.01 -91.14
N ARG B 551 9.53 10.45 -89.87
CA ARG B 551 10.36 11.53 -89.36
C ARG B 551 11.82 11.07 -89.30
N LYS B 552 12.04 9.82 -88.90
CA LYS B 552 13.37 9.28 -88.66
C LYS B 552 14.06 8.96 -89.97
N LEU B 553 13.29 8.51 -90.96
CA LEU B 553 13.82 8.16 -92.27
C LEU B 553 14.28 9.41 -93.01
N LYS B 554 13.53 10.52 -92.80
CA LYS B 554 13.86 11.80 -93.39
C LYS B 554 15.10 12.36 -92.70
N GLU B 555 15.16 12.17 -91.38
CA GLU B 555 16.22 12.69 -90.52
C GLU B 555 17.56 12.04 -90.88
N LEU B 556 17.51 10.78 -91.32
CA LEU B 556 18.71 10.01 -91.58
C LEU B 556 18.96 9.88 -93.08
N GLY B 557 17.91 10.14 -93.87
CA GLY B 557 18.00 10.07 -95.33
C GLY B 557 18.09 8.63 -95.82
N ILE B 558 17.09 7.81 -95.46
CA ILE B 558 16.97 6.44 -95.94
C ILE B 558 15.69 6.33 -96.76
N THR B 559 15.77 5.58 -97.87
CA THR B 559 14.64 5.37 -98.77
C THR B 559 13.57 4.55 -98.07
N ALA B 560 12.30 4.94 -98.30
CA ALA B 560 11.15 4.19 -97.80
C ALA B 560 10.94 2.92 -98.62
N GLY B 561 10.28 1.93 -98.00
CA GLY B 561 10.09 0.63 -98.61
C GLY B 561 8.83 0.57 -99.50
N SER B 562 8.54 -0.63 -100.02
CA SER B 562 7.45 -0.86 -100.94
C SER B 562 6.38 -1.75 -100.29
N HIS B 563 5.29 -1.97 -101.03
CA HIS B 563 4.17 -2.80 -100.59
C HIS B 563 4.58 -4.28 -100.57
N VAL C 33 0.92 -20.16 -88.52
CA VAL C 33 1.99 -19.12 -88.34
C VAL C 33 2.54 -18.75 -89.71
N GLU C 34 2.51 -17.45 -90.01
CA GLU C 34 2.93 -16.92 -91.31
C GLU C 34 4.11 -15.98 -91.11
N ILE C 35 4.82 -15.68 -92.21
CA ILE C 35 5.74 -14.56 -92.24
C ILE C 35 4.92 -13.31 -92.57
N ILE C 36 4.52 -12.57 -91.52
CA ILE C 36 3.57 -11.49 -91.65
C ILE C 36 4.24 -10.30 -92.34
N THR C 37 3.62 -9.86 -93.44
CA THR C 37 4.16 -8.81 -94.30
C THR C 37 3.22 -7.61 -94.34
N HIS C 38 2.35 -7.49 -93.32
CA HIS C 38 1.32 -6.47 -93.29
C HIS C 38 1.36 -5.69 -91.98
N TRP C 39 0.45 -4.71 -91.86
CA TRP C 39 0.17 -3.92 -90.68
C TRP C 39 1.30 -2.95 -90.36
N VAL C 40 2.52 -3.48 -90.19
CA VAL C 40 3.71 -2.68 -89.93
C VAL C 40 3.92 -1.75 -91.13
N PRO C 41 4.13 -0.43 -90.92
CA PRO C 41 4.28 0.52 -92.03
C PRO C 41 5.33 0.08 -93.07
N HIS C 42 4.99 0.28 -94.35
CA HIS C 42 5.80 -0.20 -95.46
C HIS C 42 7.15 0.51 -95.50
N GLU C 43 7.16 1.76 -95.05
CA GLU C 43 8.34 2.63 -95.11
C GLU C 43 9.53 1.92 -94.48
N VAL C 44 9.24 0.93 -93.63
CA VAL C 44 10.26 0.29 -92.82
C VAL C 44 10.52 -1.14 -93.32
N TYR C 45 9.88 -1.52 -94.42
CA TYR C 45 10.15 -2.81 -95.04
C TYR C 45 11.45 -2.74 -95.84
N GLY C 46 12.37 -3.66 -95.54
CA GLY C 46 13.61 -3.76 -96.30
C GLY C 46 13.39 -4.48 -97.62
N MET C 47 13.96 -3.93 -98.69
CA MET C 47 13.83 -4.50 -100.03
C MET C 47 15.17 -5.12 -100.44
N PRO C 48 15.18 -6.08 -101.39
CA PRO C 48 16.40 -6.82 -101.73
C PRO C 48 17.62 -5.93 -101.99
N GLY C 49 18.74 -6.28 -101.36
CA GLY C 49 20.01 -5.61 -101.60
C GLY C 49 20.33 -4.53 -100.58
N GLU C 50 19.31 -4.11 -99.80
CA GLU C 50 19.47 -3.07 -98.79
C GLU C 50 20.27 -3.60 -97.61
N PRO C 51 20.98 -2.71 -96.86
CA PRO C 51 21.81 -3.15 -95.73
C PRO C 51 20.97 -3.71 -94.60
N ASP C 52 21.49 -4.75 -93.93
CA ASP C 52 20.79 -5.41 -92.83
C ASP C 52 20.83 -4.53 -91.59
N ASN C 53 21.79 -3.60 -91.54
CA ASN C 53 22.01 -2.76 -90.37
C ASN C 53 21.29 -1.42 -90.53
N SER C 54 20.37 -1.34 -91.50
CA SER C 54 19.60 -0.12 -91.74
C SER C 54 18.53 0.04 -90.66
N GLY C 55 18.06 -1.09 -90.13
CA GLY C 55 17.01 -1.10 -89.13
C GLY C 55 15.65 -1.44 -89.73
N LYS C 56 15.66 -1.81 -91.01
CA LYS C 56 14.44 -2.13 -91.72
C LYS C 56 14.13 -3.61 -91.51
N VAL C 57 12.83 -3.95 -91.61
CA VAL C 57 12.36 -5.32 -91.39
C VAL C 57 12.55 -6.11 -92.68
N PHE C 58 13.34 -7.18 -92.60
CA PHE C 58 13.49 -8.12 -93.69
C PHE C 58 12.70 -9.39 -93.37
N PHE C 59 11.70 -9.67 -94.20
CA PHE C 59 10.78 -10.77 -93.96
C PHE C 59 11.54 -12.10 -93.97
N SER C 60 11.42 -12.85 -92.87
CA SER C 60 12.11 -14.11 -92.66
C SER C 60 13.63 -13.91 -92.70
N GLY C 61 14.06 -12.64 -92.71
CA GLY C 61 15.46 -12.27 -92.70
C GLY C 61 16.11 -12.44 -94.08
N LEU C 62 15.29 -12.47 -95.13
CA LEU C 62 15.76 -12.74 -96.48
C LEU C 62 16.10 -11.43 -97.18
N LYS C 63 16.97 -11.55 -98.21
CA LYS C 63 17.18 -10.56 -99.25
C LYS C 63 18.01 -9.37 -98.76
N ALA C 64 18.46 -9.40 -97.51
CA ALA C 64 19.25 -8.32 -96.95
C ALA C 64 20.71 -8.47 -97.36
N LYS C 65 21.42 -7.35 -97.44
CA LYS C 65 22.86 -7.33 -97.66
C LYS C 65 23.56 -7.31 -96.32
N TYR C 66 24.38 -8.35 -96.07
CA TYR C 66 25.07 -8.52 -94.80
C TYR C 66 26.21 -7.52 -94.69
N MET C 67 26.15 -6.68 -93.64
CA MET C 67 27.11 -5.58 -93.47
C MET C 67 28.18 -5.98 -92.46
N GLY C 68 27.88 -6.96 -91.61
CA GLY C 68 28.83 -7.45 -90.62
C GLY C 68 28.87 -6.54 -89.39
N TYR C 69 29.69 -6.96 -88.41
CA TYR C 69 29.76 -6.30 -87.11
C TYR C 69 30.39 -4.91 -87.24
N PRO C 70 30.04 -3.94 -86.36
CA PRO C 70 30.64 -2.61 -86.41
C PRO C 70 32.10 -2.63 -85.98
N LYS C 71 33.00 -2.45 -86.95
CA LYS C 71 34.43 -2.53 -86.72
C LYS C 71 34.99 -1.13 -86.42
N ASP C 72 34.11 -0.12 -86.48
CA ASP C 72 34.48 1.24 -86.14
C ASP C 72 34.15 1.52 -84.68
N ALA C 73 33.37 0.62 -84.07
CA ALA C 73 32.89 0.78 -82.71
C ALA C 73 34.04 0.60 -81.72
N GLN C 74 34.17 1.58 -80.80
CA GLN C 74 35.22 1.59 -79.80
C GLN C 74 35.07 0.36 -78.91
N ARG C 75 36.13 -0.44 -78.84
CA ARG C 75 36.12 -1.72 -78.14
C ARG C 75 37.55 -2.18 -77.89
N SER C 76 37.69 -3.39 -77.33
CA SER C 76 39.00 -3.97 -77.08
C SER C 76 39.19 -5.20 -77.97
N PRO C 77 40.43 -5.47 -78.43
CA PRO C 77 40.77 -6.77 -78.99
C PRO C 77 40.70 -7.81 -77.88
N TYR C 78 40.43 -9.07 -78.25
CA TYR C 78 40.46 -10.18 -77.33
C TYR C 78 41.91 -10.50 -76.99
N PRO C 79 42.22 -11.01 -75.77
CA PRO C 79 43.58 -11.44 -75.46
C PRO C 79 43.88 -12.80 -76.06
N GLY C 80 45.15 -13.22 -75.98
CA GLY C 80 45.51 -14.60 -76.26
C GLY C 80 46.11 -14.81 -77.65
N LYS C 81 46.35 -16.10 -77.96
CA LYS C 81 47.10 -16.58 -79.11
C LYS C 81 46.47 -16.07 -80.41
N TYR C 82 45.13 -16.07 -80.47
CA TYR C 82 44.41 -15.84 -81.71
C TYR C 82 43.79 -14.44 -81.72
N SER C 83 44.46 -13.50 -81.05
CA SER C 83 43.98 -12.14 -80.91
C SER C 83 43.65 -11.52 -82.27
N LYS C 84 44.48 -11.82 -83.28
CA LYS C 84 44.40 -11.17 -84.58
C LYS C 84 43.11 -11.56 -85.31
N PHE C 85 42.60 -12.76 -85.06
CA PHE C 85 41.43 -13.28 -85.77
C PHE C 85 40.18 -13.20 -84.91
N TRP C 86 40.35 -12.76 -83.65
CA TRP C 86 39.25 -12.64 -82.71
C TRP C 86 38.47 -11.35 -82.97
N LYS C 87 37.32 -11.48 -83.63
CA LYS C 87 36.43 -10.34 -83.84
C LYS C 87 35.62 -10.09 -82.58
N THR C 88 35.59 -8.83 -82.14
CA THR C 88 35.02 -8.47 -80.84
C THR C 88 33.88 -7.46 -80.99
N LEU C 89 33.01 -7.43 -79.97
CA LEU C 89 31.96 -6.43 -79.84
C LEU C 89 32.29 -5.53 -78.65
N PRO C 90 31.74 -4.29 -78.60
CA PRO C 90 31.97 -3.39 -77.46
C PRO C 90 31.66 -4.04 -76.12
N ALA C 91 30.60 -4.86 -76.08
CA ALA C 91 30.08 -5.45 -74.85
C ALA C 91 31.12 -6.32 -74.16
N TYR C 92 32.08 -6.85 -74.93
CA TYR C 92 33.03 -7.82 -74.42
C TYR C 92 33.98 -7.19 -73.41
N ARG C 93 34.02 -5.84 -73.35
CA ARG C 93 34.96 -5.11 -72.52
C ARG C 93 34.84 -5.54 -71.05
N TYR C 94 33.64 -5.94 -70.65
CA TYR C 94 33.37 -6.21 -69.24
C TYR C 94 33.84 -7.60 -68.84
N TYR C 95 34.04 -8.47 -69.84
CA TYR C 95 34.06 -9.91 -69.58
C TYR C 95 35.47 -10.42 -69.27
N ILE C 96 36.49 -9.81 -69.87
CA ILE C 96 37.87 -10.01 -69.45
C ILE C 96 38.45 -8.64 -69.11
N PRO C 97 38.04 -8.03 -67.98
CA PRO C 97 38.17 -6.58 -67.78
C PRO C 97 39.59 -6.03 -67.62
N ASP C 98 40.50 -6.84 -67.11
CA ASP C 98 41.88 -6.41 -66.91
C ASP C 98 42.48 -5.98 -68.24
N TYR C 99 42.27 -6.79 -69.28
CA TYR C 99 42.85 -6.53 -70.58
C TYR C 99 41.91 -5.66 -71.42
N MET C 100 40.60 -5.87 -71.25
CA MET C 100 39.62 -5.38 -72.21
C MET C 100 38.93 -4.11 -71.71
N TYR C 101 39.22 -3.68 -70.48
CA TYR C 101 38.58 -2.50 -69.93
C TYR C 101 39.62 -1.59 -69.26
N ASN C 102 40.55 -2.19 -68.51
CA ASN C 102 41.30 -1.46 -67.51
C ASN C 102 42.52 -0.76 -68.09
N ARG C 103 42.93 -1.17 -69.30
CA ARG C 103 44.04 -0.51 -69.99
C ARG C 103 43.57 0.86 -70.51
N ASP C 104 44.45 1.86 -70.42
CA ASP C 104 44.14 3.23 -70.80
C ASP C 104 43.76 3.31 -72.27
N GLU C 105 44.35 2.43 -73.08
CA GLU C 105 44.19 2.44 -74.52
C GLU C 105 42.77 2.01 -74.92
N VAL C 106 42.05 1.39 -73.98
CA VAL C 106 40.83 0.66 -74.30
C VAL C 106 39.64 1.20 -73.51
N ARG C 107 39.90 1.68 -72.28
CA ARG C 107 38.86 2.15 -71.38
C ARG C 107 37.86 3.01 -72.15
N PRO C 108 36.54 2.72 -72.05
CA PRO C 108 35.54 3.48 -72.79
C PRO C 108 35.32 4.85 -72.18
N SER C 109 34.78 5.77 -73.00
CA SER C 109 34.49 7.13 -72.58
C SER C 109 33.35 7.13 -71.57
N ASN C 110 33.29 8.17 -70.74
CA ASN C 110 32.23 8.31 -69.75
C ASN C 110 31.80 9.77 -69.68
N PRO C 111 30.48 10.06 -69.76
CA PRO C 111 29.99 11.43 -69.76
C PRO C 111 30.12 12.20 -68.44
N ILE C 112 30.42 11.48 -67.35
CA ILE C 112 30.53 12.09 -66.05
C ILE C 112 32.01 12.27 -65.69
N LYS C 113 32.39 13.50 -65.33
CA LYS C 113 33.77 13.86 -65.05
C LYS C 113 33.93 14.20 -63.56
N GLY C 114 35.15 13.99 -63.06
CA GLY C 114 35.51 14.33 -61.69
C GLY C 114 35.99 13.11 -60.91
N THR C 115 36.72 13.36 -59.82
CA THR C 115 37.06 12.31 -58.86
C THR C 115 36.23 12.55 -57.61
N PHE C 116 35.68 11.45 -57.05
CA PHE C 116 34.63 11.58 -56.05
C PHE C 116 34.96 10.74 -54.80
N LYS C 117 34.37 11.16 -53.67
CA LYS C 117 34.37 10.40 -52.44
C LYS C 117 33.28 9.33 -52.54
N LEU C 118 33.32 8.35 -51.63
CA LEU C 118 32.38 7.24 -51.63
C LEU C 118 30.95 7.76 -51.47
N GLU C 119 30.76 8.74 -50.58
CA GLU C 119 29.46 9.33 -50.32
C GLU C 119 28.81 9.77 -51.62
N GLN C 120 29.64 10.28 -52.54
CA GLN C 120 29.19 10.87 -53.79
C GLN C 120 28.77 9.78 -54.77
N CYS C 121 29.55 8.68 -54.81
CA CYS C 121 29.20 7.53 -55.63
C CYS C 121 27.78 7.08 -55.27
N VAL C 122 27.56 6.85 -53.97
CA VAL C 122 26.32 6.29 -53.47
C VAL C 122 25.16 7.23 -53.77
N ALA C 123 25.32 8.51 -53.44
CA ALA C 123 24.25 9.49 -53.55
C ALA C 123 23.77 9.61 -54.99
N CYS C 124 24.72 9.68 -55.92
CA CYS C 124 24.42 9.92 -57.32
C CYS C 124 23.81 8.66 -57.94
N HIS C 125 24.42 7.51 -57.66
CA HIS C 125 24.01 6.25 -58.27
C HIS C 125 22.71 5.74 -57.64
N SER C 126 22.39 6.23 -56.43
CA SER C 126 21.18 5.80 -55.74
C SER C 126 19.96 6.15 -56.58
N VAL C 127 20.15 7.12 -57.49
CA VAL C 127 19.08 7.59 -58.34
C VAL C 127 19.36 7.16 -59.79
N MET C 128 20.62 7.23 -60.19
CA MET C 128 21.02 6.97 -61.56
C MET C 128 20.92 5.47 -61.88
N THR C 129 21.45 4.64 -60.96
CA THR C 129 21.36 3.20 -61.07
C THR C 129 20.88 2.63 -59.73
N PRO C 130 19.58 2.82 -59.37
CA PRO C 130 19.10 2.56 -58.02
C PRO C 130 19.42 1.16 -57.48
N GLY C 131 19.22 0.15 -58.33
CA GLY C 131 19.36 -1.25 -57.96
C GLY C 131 20.76 -1.59 -57.44
N ILE C 132 21.78 -0.96 -58.03
CA ILE C 132 23.16 -1.20 -57.67
C ILE C 132 23.42 -0.73 -56.24
N VAL C 133 22.88 0.45 -55.89
CA VAL C 133 23.06 1.02 -54.57
C VAL C 133 22.24 0.23 -53.55
N ARG C 134 21.02 -0.20 -53.93
CA ARG C 134 20.19 -1.04 -53.09
C ARG C 134 20.94 -2.30 -52.71
N ASP C 135 21.61 -2.91 -53.70
CA ASP C 135 22.38 -4.12 -53.51
C ASP C 135 23.59 -3.84 -52.62
N TYR C 136 24.29 -2.74 -52.92
CA TYR C 136 25.52 -2.39 -52.21
C TYR C 136 25.23 -2.20 -50.72
N ASN C 137 24.13 -1.51 -50.41
CA ASN C 137 23.79 -1.17 -49.04
C ASN C 137 23.44 -2.42 -48.23
N LYS C 138 22.96 -3.46 -48.93
CA LYS C 138 22.64 -4.73 -48.28
C LYS C 138 23.92 -5.52 -48.03
N SER C 139 24.95 -5.27 -48.85
CA SER C 139 26.19 -6.05 -48.82
C SER C 139 26.99 -5.79 -47.55
N ALA C 140 27.81 -6.77 -47.17
CA ALA C 140 28.67 -6.66 -46.01
C ALA C 140 29.76 -5.63 -46.27
N HIS C 141 30.08 -5.42 -47.56
CA HIS C 141 31.12 -4.50 -47.99
C HIS C 141 30.85 -3.09 -47.48
N SER C 142 29.57 -2.69 -47.48
CA SER C 142 29.18 -1.34 -47.11
C SER C 142 29.30 -1.13 -45.60
N LYS C 143 29.17 -2.22 -44.83
CA LYS C 143 29.08 -2.15 -43.38
C LYS C 143 30.46 -2.37 -42.76
N ALA C 144 31.45 -2.71 -43.58
CA ALA C 144 32.77 -3.12 -43.13
C ALA C 144 33.47 -1.96 -42.41
N GLU C 145 34.21 -2.30 -41.35
CA GLU C 145 34.97 -1.34 -40.56
C GLU C 145 36.42 -1.82 -40.44
N PRO C 146 37.36 -0.88 -40.24
CA PRO C 146 37.10 0.53 -40.00
C PRO C 146 36.69 1.33 -41.23
N ALA C 147 37.02 0.82 -42.42
CA ALA C 147 36.66 1.45 -43.68
C ALA C 147 35.86 0.48 -44.53
N PRO C 148 34.76 0.92 -45.18
CA PRO C 148 33.96 0.05 -46.04
C PRO C 148 34.66 -0.22 -47.37
N THR C 149 34.39 -1.41 -47.94
CA THR C 149 34.77 -1.72 -49.30
C THR C 149 33.73 -1.09 -50.22
N GLY C 150 34.00 0.15 -50.64
CA GLY C 150 33.01 0.95 -51.35
C GLY C 150 33.19 0.88 -52.86
N CYS C 151 32.29 1.56 -53.58
CA CYS C 151 32.30 1.61 -55.03
C CYS C 151 33.70 1.97 -55.53
N ASP C 152 34.32 2.94 -54.83
CA ASP C 152 35.62 3.49 -55.18
C ASP C 152 36.71 2.45 -54.98
N THR C 153 36.53 1.57 -53.99
CA THR C 153 37.50 0.53 -53.68
C THR C 153 37.60 -0.45 -54.85
N CYS C 154 36.47 -0.70 -55.52
CA CYS C 154 36.40 -1.70 -56.57
C CYS C 154 36.51 -1.08 -57.96
N HIS C 155 36.18 0.22 -58.07
CA HIS C 155 36.01 0.84 -59.38
C HIS C 155 36.96 2.02 -59.60
N GLY C 156 37.44 2.63 -58.50
CA GLY C 156 38.30 3.80 -58.61
C GLY C 156 37.57 5.09 -58.27
N ASN C 157 38.34 6.16 -58.07
CA ASN C 157 37.82 7.45 -57.62
C ASN C 157 37.56 8.37 -58.80
N ASN C 158 38.42 8.27 -59.82
CA ASN C 158 38.36 9.12 -60.99
C ASN C 158 37.34 8.55 -61.97
N HIS C 159 36.27 9.32 -62.25
CA HIS C 159 35.17 8.85 -63.06
C HIS C 159 35.59 8.74 -64.53
N GLN C 160 36.71 9.37 -64.87
CA GLN C 160 37.25 9.32 -66.22
C GLN C 160 38.25 8.17 -66.32
N LYS C 161 38.60 7.58 -65.17
CA LYS C 161 39.55 6.48 -65.13
C LYS C 161 38.98 5.33 -64.29
N LEU C 162 37.70 5.01 -64.54
CA LEU C 162 37.01 3.93 -63.87
C LEU C 162 37.57 2.59 -64.35
N THR C 163 37.52 1.58 -63.47
CA THR C 163 37.97 0.24 -63.81
C THR C 163 36.92 -0.78 -63.37
N MET C 164 36.89 -1.92 -64.06
CA MET C 164 36.03 -3.05 -63.70
C MET C 164 36.87 -4.09 -62.96
N PRO C 165 36.50 -4.45 -61.70
CA PRO C 165 37.32 -5.34 -60.89
C PRO C 165 37.20 -6.81 -61.31
N SER C 166 38.34 -7.40 -61.68
CA SER C 166 38.39 -8.80 -62.05
C SER C 166 38.57 -9.66 -60.80
N SER C 167 38.76 -10.97 -61.01
CA SER C 167 39.00 -11.90 -59.93
C SER C 167 40.31 -11.56 -59.21
N LYS C 168 41.24 -10.94 -59.96
CA LYS C 168 42.54 -10.54 -59.44
C LYS C 168 42.36 -9.42 -58.41
N ALA C 169 41.37 -8.55 -58.65
CA ALA C 169 41.09 -7.43 -57.77
C ALA C 169 40.52 -7.94 -56.45
N CYS C 170 39.62 -8.93 -56.54
CA CYS C 170 38.99 -9.51 -55.36
C CYS C 170 40.01 -10.34 -54.58
N GLY C 171 40.93 -10.97 -55.33
CA GLY C 171 41.81 -11.99 -54.80
C GLY C 171 43.13 -11.45 -54.26
N THR C 172 43.18 -10.14 -54.01
CA THR C 172 44.35 -9.50 -53.43
C THR C 172 44.56 -10.04 -52.02
N ALA C 173 45.82 -10.04 -51.58
CA ALA C 173 46.22 -10.65 -50.31
C ALA C 173 45.47 -10.01 -49.15
N GLU C 174 45.16 -8.72 -49.29
CA GLU C 174 44.52 -7.94 -48.25
C GLU C 174 43.03 -8.28 -48.16
N CYS C 175 42.51 -8.94 -49.20
CA CYS C 175 41.08 -9.17 -49.33
C CYS C 175 40.74 -10.65 -49.36
N HIS C 176 40.49 -11.21 -50.56
CA HIS C 176 40.00 -12.58 -50.66
C HIS C 176 40.98 -13.45 -51.44
N GLU C 177 42.24 -13.47 -51.01
CA GLU C 177 43.27 -14.24 -51.67
C GLU C 177 42.96 -15.74 -51.56
N THR C 178 42.31 -16.12 -50.46
CA THR C 178 42.01 -17.51 -50.15
C THR C 178 41.16 -18.13 -51.25
N GLN C 179 40.05 -17.44 -51.58
CA GLN C 179 39.08 -17.95 -52.55
C GLN C 179 39.68 -17.93 -53.95
N TYR C 180 40.47 -16.88 -54.25
CA TYR C 180 41.12 -16.77 -55.54
C TYR C 180 42.06 -17.95 -55.76
N ASN C 181 42.88 -18.24 -54.75
CA ASN C 181 43.88 -19.30 -54.83
C ASN C 181 43.20 -20.66 -54.91
N GLU C 182 42.11 -20.82 -54.15
CA GLU C 182 41.33 -22.05 -54.15
C GLU C 182 40.84 -22.33 -55.57
N GLN C 183 40.13 -21.35 -56.16
CA GLN C 183 39.60 -21.48 -57.50
C GLN C 183 40.72 -21.79 -58.49
N GLY C 184 41.87 -21.12 -58.31
CA GLY C 184 43.00 -21.21 -59.21
C GLY C 184 43.69 -22.57 -59.20
N GLN C 185 43.33 -23.42 -58.22
CA GLN C 185 43.90 -24.75 -58.10
C GLN C 185 43.34 -25.66 -59.18
N GLY C 186 42.25 -25.23 -59.83
CA GLY C 186 41.57 -26.03 -60.83
C GLY C 186 42.44 -26.23 -62.06
N GLY C 187 42.28 -27.39 -62.71
CA GLY C 187 43.04 -27.73 -63.90
C GLY C 187 42.34 -27.28 -65.17
N ILE C 188 42.53 -28.06 -66.25
CA ILE C 188 41.81 -27.84 -67.49
C ILE C 188 40.34 -28.18 -67.27
N GLY C 189 39.46 -27.36 -67.84
CA GLY C 189 38.02 -27.59 -67.76
C GLY C 189 37.44 -27.19 -66.41
N SER C 190 38.16 -26.33 -65.68
CA SER C 190 37.72 -25.85 -64.37
C SER C 190 37.36 -24.38 -64.46
N HIS C 191 37.02 -23.78 -63.30
CA HIS C 191 36.70 -22.36 -63.23
C HIS C 191 37.98 -21.53 -63.34
N ALA C 192 39.14 -22.19 -63.36
CA ALA C 192 40.42 -21.51 -63.37
C ALA C 192 40.88 -21.25 -64.80
N SER C 193 40.30 -21.97 -65.76
CA SER C 193 40.83 -22.00 -67.12
C SER C 193 39.72 -21.86 -68.17
N CYS C 194 38.48 -21.65 -67.70
CA CYS C 194 37.31 -21.66 -68.57
C CYS C 194 37.28 -20.44 -69.49
N SER C 195 38.00 -19.38 -69.11
CA SER C 195 38.16 -18.21 -69.96
C SER C 195 39.45 -18.32 -70.77
N SER C 196 40.57 -18.48 -70.05
CA SER C 196 41.91 -18.37 -70.61
C SER C 196 42.17 -19.44 -71.67
N PHE C 197 41.63 -20.64 -71.45
CA PHE C 197 41.82 -21.72 -72.42
C PHE C 197 40.59 -21.88 -73.29
N ALA C 198 39.48 -22.30 -72.67
CA ALA C 198 38.29 -22.79 -73.38
C ALA C 198 37.73 -21.72 -74.30
N GLN C 199 37.72 -20.46 -73.84
CA GLN C 199 37.02 -19.39 -74.53
C GLN C 199 37.99 -18.59 -75.40
N VAL C 200 39.17 -18.26 -74.85
CA VAL C 200 40.14 -17.42 -75.55
C VAL C 200 40.69 -18.16 -76.76
N GLU C 201 40.71 -19.50 -76.70
CA GLU C 201 41.18 -20.31 -77.79
C GLU C 201 40.03 -21.17 -78.35
N CYS C 202 38.82 -20.60 -78.31
CA CYS C 202 37.64 -21.32 -78.78
C CYS C 202 37.56 -21.24 -80.30
N ALA C 203 37.71 -22.41 -80.95
CA ALA C 203 37.80 -22.53 -82.39
C ALA C 203 36.61 -21.83 -83.05
N TRP C 204 35.39 -22.20 -82.63
CA TRP C 204 34.18 -21.76 -83.31
C TRP C 204 33.99 -20.26 -83.18
N SER C 205 34.31 -19.72 -81.99
CA SER C 205 34.15 -18.30 -81.72
C SER C 205 35.05 -17.47 -82.64
N ILE C 206 36.29 -17.95 -82.82
CA ILE C 206 37.27 -17.30 -83.67
C ILE C 206 36.80 -17.38 -85.12
N GLU C 207 36.33 -18.58 -85.53
CA GLU C 207 35.97 -18.89 -86.90
C GLU C 207 34.86 -17.99 -87.41
N ARG C 208 33.87 -17.72 -86.55
CA ARG C 208 32.60 -17.16 -86.97
C ARG C 208 32.61 -15.64 -86.79
N PRO C 209 31.62 -14.91 -87.37
CA PRO C 209 31.36 -13.53 -86.98
C PRO C 209 31.05 -13.46 -85.48
N PRO C 210 31.31 -12.32 -84.81
CA PRO C 210 30.94 -12.18 -83.40
C PRO C 210 29.44 -11.93 -83.33
N GLY C 211 28.78 -12.54 -82.34
CA GLY C 211 27.33 -12.48 -82.27
C GLY C 211 26.74 -13.85 -82.58
N ASP C 212 27.34 -14.52 -83.56
CA ASP C 212 27.09 -15.94 -83.80
C ASP C 212 27.34 -16.71 -82.51
N THR C 213 28.42 -16.34 -81.81
CA THR C 213 28.87 -17.01 -80.60
C THR C 213 29.08 -16.02 -79.47
N ALA C 214 28.27 -14.95 -79.46
CA ALA C 214 28.40 -13.89 -78.47
C ALA C 214 28.14 -14.46 -77.07
N GLY C 215 27.15 -15.35 -76.98
CA GLY C 215 26.76 -15.97 -75.73
C GLY C 215 27.91 -16.74 -75.07
N CYS C 216 28.86 -17.18 -75.90
CA CYS C 216 29.99 -17.97 -75.42
C CYS C 216 30.93 -17.10 -74.60
N THR C 217 31.11 -15.85 -75.03
CA THR C 217 31.93 -14.89 -74.31
C THR C 217 31.29 -14.60 -72.95
N PHE C 218 29.97 -14.40 -72.96
CA PHE C 218 29.21 -13.97 -71.79
C PHE C 218 29.16 -15.08 -70.73
N CYS C 219 29.25 -16.34 -71.18
CA CYS C 219 29.09 -17.48 -70.29
C CYS C 219 30.44 -17.94 -69.75
N HIS C 220 31.44 -18.06 -70.65
CA HIS C 220 32.67 -18.76 -70.34
C HIS C 220 33.61 -17.93 -69.48
N THR C 221 33.64 -16.61 -69.71
CA THR C 221 34.63 -15.75 -69.09
C THR C 221 34.35 -15.59 -67.59
N SER C 222 33.06 -15.57 -67.24
CA SER C 222 32.57 -15.17 -65.92
C SER C 222 33.28 -15.88 -64.77
N PRO C 223 33.28 -17.24 -64.68
CA PRO C 223 33.79 -17.92 -63.49
C PRO C 223 35.24 -17.55 -63.18
N GLU C 224 36.05 -17.43 -64.25
CA GLU C 224 37.48 -17.19 -64.11
C GLU C 224 37.77 -15.72 -63.85
N GLU C 225 37.00 -14.84 -64.50
CA GLU C 225 37.36 -13.42 -64.58
C GLU C 225 36.55 -12.57 -63.61
N ARG C 226 35.31 -12.98 -63.32
CA ARG C 226 34.42 -12.17 -62.51
C ARG C 226 33.88 -12.97 -61.33
N CYS C 227 34.12 -12.44 -60.13
CA CYS C 227 33.72 -13.10 -58.90
C CYS C 227 32.31 -12.69 -58.48
N SER C 228 31.60 -11.98 -59.36
CA SER C 228 30.18 -11.72 -59.17
C SER C 228 29.40 -12.97 -59.58
N THR C 229 30.13 -14.02 -59.96
CA THR C 229 29.57 -15.33 -60.29
C THR C 229 29.16 -16.02 -58.99
N CYS C 230 27.98 -16.65 -59.01
CA CYS C 230 27.42 -17.42 -57.90
C CYS C 230 26.84 -16.49 -56.83
N HIS C 231 27.67 -15.59 -56.29
CA HIS C 231 27.19 -14.52 -55.44
C HIS C 231 27.15 -13.22 -56.24
N GLN C 232 25.93 -12.81 -56.61
CA GLN C 232 25.69 -11.73 -57.55
C GLN C 232 26.18 -10.41 -56.96
N ARG C 233 26.64 -9.52 -57.85
CA ARG C 233 26.84 -8.13 -57.51
C ARG C 233 25.46 -7.47 -57.40
N HIS C 234 25.34 -6.43 -56.58
CA HIS C 234 26.40 -5.89 -55.74
C HIS C 234 26.19 -6.31 -54.30
N GLN C 235 25.38 -7.36 -54.11
CA GLN C 235 24.96 -7.81 -52.80
C GLN C 235 26.01 -8.76 -52.23
N PHE C 236 26.60 -9.59 -53.10
CA PHE C 236 27.63 -10.56 -52.77
C PHE C 236 27.25 -11.36 -51.53
N ASP C 237 26.10 -12.04 -51.63
CA ASP C 237 25.53 -12.79 -50.52
C ASP C 237 25.96 -14.25 -50.65
N PRO C 238 26.75 -14.79 -49.69
CA PRO C 238 27.16 -16.19 -49.74
C PRO C 238 25.95 -17.12 -49.61
N ALA C 239 24.89 -16.60 -48.98
CA ALA C 239 23.68 -17.38 -48.72
C ALA C 239 22.96 -17.70 -50.03
N VAL C 240 22.97 -16.74 -50.97
CA VAL C 240 22.34 -16.97 -52.26
C VAL C 240 23.27 -17.84 -53.12
N ALA C 241 24.58 -17.74 -52.86
CA ALA C 241 25.58 -18.47 -53.62
C ALA C 241 25.53 -19.97 -53.29
N ARG C 242 24.90 -20.30 -52.16
CA ARG C 242 24.88 -21.68 -51.68
C ARG C 242 23.72 -22.45 -52.29
N ARG C 243 22.87 -21.74 -53.06
CA ARG C 243 21.70 -22.35 -53.70
C ARG C 243 22.12 -23.03 -54.99
N SER C 244 21.49 -24.19 -55.25
CA SER C 244 21.82 -25.04 -56.38
C SER C 244 21.61 -24.31 -57.70
N GLU C 245 20.56 -23.49 -57.77
CA GLU C 245 20.12 -22.85 -59.00
C GLU C 245 21.21 -21.94 -59.56
N GLN C 246 22.15 -21.51 -58.71
CA GLN C 246 23.21 -20.61 -59.10
C GLN C 246 23.98 -21.17 -60.29
N CYS C 247 24.17 -22.50 -60.29
CA CYS C 247 25.00 -23.17 -61.26
C CYS C 247 24.26 -23.38 -62.58
N LYS C 248 22.92 -23.31 -62.53
CA LYS C 248 22.07 -23.71 -63.65
C LYS C 248 22.29 -22.80 -64.85
N THR C 249 22.65 -21.54 -64.58
CA THR C 249 22.72 -20.52 -65.63
C THR C 249 23.78 -20.86 -66.67
N CYS C 250 24.76 -21.69 -66.30
CA CYS C 250 25.82 -22.11 -67.20
C CYS C 250 25.82 -23.63 -67.37
N HIS C 251 25.47 -24.35 -66.30
CA HIS C 251 25.53 -25.80 -66.29
C HIS C 251 24.20 -26.41 -66.69
N TRP C 252 23.75 -26.07 -67.91
CA TRP C 252 22.53 -26.63 -68.46
C TRP C 252 22.70 -26.82 -69.96
N GLY C 253 21.73 -27.48 -70.59
CA GLY C 253 21.58 -27.39 -72.03
C GLY C 253 22.25 -28.55 -72.77
N LYS C 254 22.57 -28.30 -74.04
CA LYS C 254 22.72 -29.34 -75.04
C LYS C 254 23.90 -30.25 -74.75
N ASP C 255 24.95 -29.70 -74.13
CA ASP C 255 26.20 -30.43 -74.04
C ASP C 255 26.63 -30.67 -72.59
N HIS C 256 25.76 -30.31 -71.65
CA HIS C 256 25.97 -30.58 -70.23
C HIS C 256 24.69 -30.32 -69.44
N ARG C 257 23.85 -31.35 -69.33
CA ARG C 257 22.58 -31.24 -68.63
C ARG C 257 22.80 -31.45 -67.14
N ASP C 258 23.71 -30.65 -66.56
CA ASP C 258 24.10 -30.78 -65.17
C ASP C 258 22.91 -30.43 -64.29
N TRP C 259 22.32 -29.26 -64.54
CA TRP C 259 21.18 -28.79 -63.77
C TRP C 259 19.99 -29.73 -63.98
N GLU C 260 19.67 -30.02 -65.24
CA GLU C 260 18.50 -30.82 -65.60
C GLU C 260 18.57 -32.18 -64.92
N ALA C 261 19.76 -32.80 -64.91
CA ALA C 261 19.95 -34.12 -64.31
C ALA C 261 19.73 -34.07 -62.80
N TYR C 262 20.36 -33.09 -62.14
CA TYR C 262 20.22 -32.88 -60.71
C TYR C 262 18.77 -32.60 -60.37
N ASP C 263 18.17 -31.65 -61.10
CA ASP C 263 16.86 -31.09 -60.81
C ASP C 263 15.78 -32.16 -60.82
N ILE C 264 15.85 -33.07 -61.81
CA ILE C 264 14.79 -34.04 -62.02
C ILE C 264 15.06 -35.31 -61.20
N GLY C 265 16.33 -35.54 -60.83
CA GLY C 265 16.70 -36.63 -59.95
C GLY C 265 16.06 -36.46 -58.57
N LEU C 266 16.21 -37.49 -57.72
CA LEU C 266 15.56 -37.47 -56.42
C LEU C 266 16.22 -36.44 -55.50
N HIS C 267 17.51 -36.17 -55.73
CA HIS C 267 18.19 -35.11 -55.00
C HIS C 267 17.54 -33.76 -55.33
N GLY C 268 17.26 -33.55 -56.62
CA GLY C 268 16.64 -32.33 -57.10
C GLY C 268 15.17 -32.23 -56.67
N THR C 269 14.51 -33.39 -56.60
CA THR C 269 13.13 -33.48 -56.12
C THR C 269 13.09 -33.09 -54.65
N VAL C 270 13.96 -33.71 -53.85
CA VAL C 270 14.11 -33.39 -52.43
C VAL C 270 14.37 -31.89 -52.29
N TYR C 271 15.25 -31.36 -53.15
CA TYR C 271 15.67 -29.97 -53.08
C TYR C 271 14.47 -29.04 -53.30
N GLN C 272 13.73 -29.28 -54.39
CA GLN C 272 12.67 -28.38 -54.81
C GLN C 272 11.53 -28.38 -53.80
N VAL C 273 11.37 -29.51 -53.10
CA VAL C 273 10.26 -29.71 -52.18
C VAL C 273 10.57 -29.04 -50.84
N ASN C 274 11.86 -28.87 -50.53
CA ASN C 274 12.30 -28.56 -49.17
C ASN C 274 13.09 -27.26 -49.10
N LYS C 275 13.44 -26.66 -50.25
CA LYS C 275 14.48 -25.65 -50.29
C LYS C 275 14.08 -24.38 -49.52
N TRP C 276 12.77 -24.13 -49.40
CA TRP C 276 12.29 -22.95 -48.70
C TRP C 276 11.86 -23.32 -47.27
N ASP C 277 12.03 -24.59 -46.90
CA ASP C 277 11.84 -25.01 -45.53
C ASP C 277 13.18 -24.95 -44.81
N THR C 278 13.28 -23.99 -43.88
CA THR C 278 14.51 -23.66 -43.17
C THR C 278 14.97 -24.83 -42.30
N GLU C 279 14.03 -25.73 -41.96
CA GLU C 279 14.30 -26.89 -41.12
C GLU C 279 14.99 -27.98 -41.94
N GLN C 280 14.93 -27.88 -43.27
CA GLN C 280 15.47 -28.89 -44.14
C GLN C 280 16.70 -28.35 -44.88
N PHE C 281 16.65 -27.06 -45.23
CA PHE C 281 17.76 -26.39 -45.91
C PHE C 281 17.99 -25.04 -45.26
N ASP C 282 19.14 -24.90 -44.59
CA ASP C 282 19.51 -23.66 -43.95
C ASP C 282 20.71 -23.06 -44.69
N PHE C 283 20.42 -22.03 -45.51
CA PHE C 283 21.43 -21.47 -46.39
C PHE C 283 22.30 -20.45 -45.66
N SER C 284 21.95 -20.15 -44.41
CA SER C 284 22.73 -19.22 -43.59
C SER C 284 23.96 -19.92 -43.04
N LYS C 285 23.89 -21.26 -42.90
CA LYS C 285 25.00 -22.07 -42.46
C LYS C 285 26.09 -22.08 -43.52
N LYS C 286 27.36 -22.12 -43.08
CA LYS C 286 28.49 -22.32 -43.98
C LYS C 286 28.50 -23.78 -44.44
N LEU C 287 29.13 -24.03 -45.59
CA LEU C 287 29.07 -25.33 -46.23
C LEU C 287 29.70 -26.41 -45.35
N SER C 288 30.61 -26.00 -44.46
CA SER C 288 31.25 -26.91 -43.51
C SER C 288 30.24 -27.44 -42.50
N ASP C 289 29.18 -26.66 -42.26
CA ASP C 289 28.19 -26.98 -41.24
C ASP C 289 26.88 -27.37 -41.89
N ALA C 290 26.88 -27.52 -43.22
CA ALA C 290 25.69 -27.83 -43.99
C ALA C 290 25.14 -29.20 -43.57
N ASP C 291 23.90 -29.20 -43.08
CA ASP C 291 23.26 -30.40 -42.58
C ASP C 291 21.91 -30.58 -43.29
N TYR C 292 21.91 -30.38 -44.60
CA TYR C 292 20.68 -30.42 -45.39
C TYR C 292 20.13 -31.85 -45.42
N VAL C 293 18.85 -31.97 -45.76
CA VAL C 293 18.22 -33.27 -45.94
C VAL C 293 18.77 -33.91 -47.21
N GLY C 294 18.96 -33.09 -48.25
CA GLY C 294 19.51 -33.54 -49.52
C GLY C 294 20.68 -32.66 -49.95
N PRO C 295 21.51 -33.11 -50.93
CA PRO C 295 22.67 -32.34 -51.36
C PRO C 295 22.34 -31.25 -52.37
N THR C 296 23.20 -30.21 -52.38
CA THR C 296 23.21 -29.17 -53.41
C THR C 296 24.47 -29.36 -54.25
N CYS C 297 24.54 -28.67 -55.40
CA CYS C 297 25.73 -28.72 -56.23
C CYS C 297 26.94 -28.42 -55.36
N GLN C 298 26.80 -27.40 -54.51
CA GLN C 298 27.86 -26.90 -53.66
C GLN C 298 28.24 -27.94 -52.62
N TYR C 299 27.24 -28.67 -52.11
CA TYR C 299 27.45 -29.68 -51.09
C TYR C 299 28.44 -30.73 -51.58
N CYS C 300 28.38 -31.08 -52.87
CA CYS C 300 29.21 -32.13 -53.43
C CYS C 300 30.49 -31.58 -54.06
N HIS C 301 30.37 -30.49 -54.82
CA HIS C 301 31.47 -30.01 -55.64
C HIS C 301 32.32 -28.97 -54.90
N MET C 302 31.70 -28.27 -53.95
CA MET C 302 32.40 -27.25 -53.18
C MET C 302 32.41 -27.65 -51.70
N ARG C 303 32.72 -28.93 -51.47
CA ARG C 303 32.83 -29.51 -50.14
C ARG C 303 33.68 -28.60 -49.25
N GLY C 304 33.12 -28.25 -48.09
CA GLY C 304 33.81 -27.43 -47.11
C GLY C 304 33.92 -25.96 -47.52
N GLY C 305 33.34 -25.62 -48.68
CA GLY C 305 33.33 -24.25 -49.17
C GLY C 305 34.54 -23.96 -50.07
N HIS C 306 35.29 -25.00 -50.43
CA HIS C 306 36.46 -24.87 -51.30
C HIS C 306 36.01 -24.38 -52.68
N HIS C 307 36.74 -23.40 -53.21
CA HIS C 307 36.32 -22.70 -54.42
C HIS C 307 36.81 -23.41 -55.69
N ASN C 308 37.76 -24.34 -55.54
CA ASN C 308 38.09 -25.21 -56.67
C ASN C 308 36.98 -26.23 -56.80
N VAL C 309 36.14 -26.02 -57.81
CA VAL C 309 34.89 -26.74 -57.97
C VAL C 309 35.18 -28.11 -58.58
N GLN C 310 36.41 -28.28 -59.06
CA GLN C 310 36.86 -29.48 -59.75
C GLN C 310 37.65 -30.37 -58.79
N ARG C 311 37.75 -29.93 -57.53
CA ARG C 311 38.65 -30.51 -56.56
C ARG C 311 38.43 -32.03 -56.43
N ALA C 312 37.16 -32.44 -56.49
CA ALA C 312 36.79 -33.82 -56.18
C ALA C 312 36.75 -34.67 -57.46
N SER C 313 36.90 -34.01 -58.61
CA SER C 313 36.82 -34.69 -59.91
C SER C 313 37.89 -35.78 -60.00
N ILE C 314 37.54 -36.87 -60.68
CA ILE C 314 38.44 -38.01 -60.80
C ILE C 314 39.43 -37.78 -61.94
N VAL C 315 38.92 -37.58 -63.17
CA VAL C 315 39.76 -37.32 -64.34
C VAL C 315 38.93 -36.55 -65.37
N TYR C 316 39.59 -35.60 -66.04
CA TYR C 316 38.95 -34.80 -67.08
C TYR C 316 38.73 -35.66 -68.32
N THR C 317 37.46 -35.71 -68.76
CA THR C 317 37.04 -36.60 -69.83
C THR C 317 36.35 -35.80 -70.93
N SER C 318 36.76 -34.53 -71.08
CA SER C 318 36.34 -33.68 -72.17
C SER C 318 34.81 -33.63 -72.21
N MET C 319 34.22 -33.20 -71.09
CA MET C 319 32.79 -33.00 -70.93
C MET C 319 32.04 -34.33 -70.82
N GLY C 320 32.80 -35.42 -70.75
CA GLY C 320 32.21 -36.76 -70.69
C GLY C 320 32.11 -37.39 -72.08
N MET C 321 32.68 -36.72 -73.08
CA MET C 321 32.74 -37.22 -74.44
C MET C 321 33.82 -38.32 -74.54
N SER C 322 34.96 -38.08 -73.87
CA SER C 322 35.95 -39.13 -73.66
C SER C 322 35.48 -40.06 -72.54
N MET C 323 35.98 -41.30 -72.57
CA MET C 323 35.45 -42.35 -71.71
C MET C 323 36.54 -42.86 -70.78
N ALA C 324 36.15 -43.10 -69.52
CA ALA C 324 36.99 -43.69 -68.50
C ALA C 324 36.16 -44.51 -67.53
N ASP C 325 36.70 -45.67 -67.12
CA ASP C 325 36.11 -46.43 -66.03
C ASP C 325 36.65 -45.85 -64.72
N ARG C 326 35.85 -44.97 -64.11
CA ARG C 326 36.25 -44.24 -62.92
C ARG C 326 36.24 -45.19 -61.72
N GLY C 327 35.58 -46.33 -61.89
CA GLY C 327 35.48 -47.33 -60.84
C GLY C 327 36.64 -48.32 -60.86
N ALA C 328 37.56 -48.14 -61.81
CA ALA C 328 38.70 -49.04 -61.98
C ALA C 328 39.68 -48.84 -60.82
N PRO C 329 40.47 -49.88 -60.45
CA PRO C 329 41.41 -49.79 -59.33
C PRO C 329 42.37 -48.61 -59.39
N LEU C 330 42.62 -48.11 -60.61
CA LEU C 330 43.51 -46.98 -60.85
C LEU C 330 43.00 -45.74 -60.10
N TRP C 331 41.68 -45.57 -60.06
CA TRP C 331 41.06 -44.39 -59.50
C TRP C 331 40.40 -44.68 -58.16
N LYS C 332 40.86 -45.75 -57.48
CA LYS C 332 40.19 -46.24 -56.29
C LYS C 332 40.09 -45.14 -55.24
N GLU C 333 41.20 -44.44 -55.00
CA GLU C 333 41.28 -43.46 -53.93
C GLU C 333 40.36 -42.27 -54.22
N LYS C 334 40.22 -41.93 -55.51
CA LYS C 334 39.45 -40.78 -55.95
C LYS C 334 37.96 -41.07 -55.89
N ARG C 335 37.58 -42.31 -56.23
CA ARG C 335 36.21 -42.77 -56.13
C ARG C 335 35.82 -42.88 -54.66
N ASP C 336 36.76 -43.38 -53.84
CA ASP C 336 36.56 -43.52 -52.40
C ASP C 336 36.19 -42.18 -51.80
N ARG C 337 36.82 -41.10 -52.29
CA ARG C 337 36.57 -39.76 -51.79
C ARG C 337 35.13 -39.34 -52.07
N TRP C 338 34.62 -39.75 -53.24
CA TRP C 338 33.24 -39.46 -53.62
C TRP C 338 32.28 -40.22 -52.72
N VAL C 339 32.64 -41.47 -52.39
CA VAL C 339 31.84 -42.29 -51.50
C VAL C 339 31.78 -41.63 -50.13
N SER C 340 32.86 -40.93 -49.74
CA SER C 340 32.97 -40.22 -48.47
C SER C 340 31.95 -39.08 -48.40
N ILE C 341 31.64 -38.50 -49.56
CA ILE C 341 30.69 -37.40 -49.65
C ILE C 341 29.26 -37.94 -49.57
N CYS C 342 29.02 -39.05 -50.28
CA CYS C 342 27.71 -39.70 -50.29
C CYS C 342 27.44 -40.35 -48.93
N ASP C 343 28.52 -40.79 -48.27
CA ASP C 343 28.52 -41.38 -46.94
C ASP C 343 27.65 -40.60 -45.97
N ASP C 344 27.53 -39.29 -46.22
CA ASP C 344 26.84 -38.38 -45.32
C ASP C 344 25.39 -38.81 -45.11
N CYS C 345 24.80 -39.45 -46.13
CA CYS C 345 23.38 -39.75 -46.09
C CYS C 345 23.08 -41.14 -46.66
N HIS C 346 24.13 -41.91 -46.96
CA HIS C 346 23.98 -43.25 -47.50
C HIS C 346 25.08 -44.15 -46.94
N SER C 347 24.82 -45.46 -46.98
CA SER C 347 25.85 -46.45 -46.69
C SER C 347 26.93 -46.38 -47.78
N PRO C 348 28.22 -46.56 -47.42
CA PRO C 348 29.29 -46.61 -48.43
C PRO C 348 28.93 -47.52 -49.59
N ARG C 349 28.36 -48.70 -49.27
CA ARG C 349 28.08 -49.72 -50.26
C ARG C 349 27.07 -49.21 -51.28
N PHE C 350 25.98 -48.59 -50.78
CA PHE C 350 24.93 -48.10 -51.64
C PHE C 350 25.48 -47.10 -52.65
N ALA C 351 26.32 -46.17 -52.16
CA ALA C 351 26.89 -45.11 -52.97
C ALA C 351 27.90 -45.69 -53.96
N ARG C 352 28.78 -46.57 -53.45
CA ARG C 352 29.83 -47.17 -54.25
C ARG C 352 29.22 -47.85 -55.47
N GLU C 353 28.14 -48.61 -55.22
CA GLU C 353 27.54 -49.48 -56.24
C GLU C 353 26.73 -48.65 -57.22
N ASN C 354 26.15 -47.53 -56.75
CA ASN C 354 25.38 -46.65 -57.60
C ASN C 354 26.30 -45.95 -58.59
N LEU C 355 27.48 -45.56 -58.13
CA LEU C 355 28.45 -44.90 -58.99
C LEU C 355 29.09 -45.93 -59.92
N GLN C 356 29.09 -47.19 -59.51
CA GLN C 356 29.57 -48.27 -60.36
C GLN C 356 28.62 -48.43 -61.55
N ALA C 357 27.32 -48.26 -61.29
CA ALA C 357 26.31 -48.35 -62.34
C ALA C 357 26.57 -47.26 -63.37
N MET C 358 26.96 -46.07 -62.90
CA MET C 358 27.29 -44.95 -63.78
C MET C 358 28.43 -45.37 -64.71
N ASP C 359 29.49 -45.96 -64.14
CA ASP C 359 30.67 -46.39 -64.88
C ASP C 359 30.27 -47.32 -66.01
N GLU C 360 29.32 -48.22 -65.72
CA GLU C 360 28.87 -49.23 -66.66
C GLU C 360 28.09 -48.57 -67.79
N SER C 361 27.26 -47.57 -67.44
CA SER C 361 26.48 -46.83 -68.42
C SER C 361 27.40 -46.09 -69.38
N VAL C 362 28.50 -45.54 -68.83
CA VAL C 362 29.47 -44.76 -69.56
C VAL C 362 30.20 -45.65 -70.57
N LYS C 363 30.54 -46.87 -70.14
CA LYS C 363 31.29 -47.81 -70.96
C LYS C 363 30.40 -48.33 -72.09
N ASP C 364 29.12 -48.59 -71.77
CA ASP C 364 28.17 -49.11 -72.72
C ASP C 364 27.81 -48.05 -73.75
N ALA C 365 27.90 -46.79 -73.35
CA ALA C 365 27.60 -45.67 -74.23
C ALA C 365 28.67 -45.55 -75.32
N SER C 366 29.93 -45.74 -74.93
CA SER C 366 31.05 -45.61 -75.85
C SER C 366 31.11 -46.80 -76.79
N LEU C 367 30.60 -47.94 -76.32
CA LEU C 367 30.43 -49.13 -77.15
C LEU C 367 29.56 -48.79 -78.35
N LYS C 368 28.45 -48.08 -78.09
CA LYS C 368 27.52 -47.66 -79.12
C LYS C 368 28.21 -46.67 -80.07
N TYR C 369 28.95 -45.71 -79.50
CA TYR C 369 29.54 -44.66 -80.32
C TYR C 369 30.64 -45.25 -81.21
N ARG C 370 31.38 -46.23 -80.69
CA ARG C 370 32.40 -46.90 -81.48
C ARG C 370 31.77 -47.51 -82.73
N GLU C 371 30.57 -48.10 -82.57
CA GLU C 371 29.84 -48.67 -83.69
C GLU C 371 29.39 -47.54 -84.64
N THR C 372 28.98 -46.41 -84.05
CA THR C 372 28.49 -45.27 -84.80
C THR C 372 29.65 -44.67 -85.60
N PHE C 373 30.81 -44.55 -84.95
CA PHE C 373 31.96 -43.93 -85.56
C PHE C 373 32.47 -44.78 -86.71
N LYS C 374 32.47 -46.11 -86.52
CA LYS C 374 32.97 -47.05 -87.51
C LYS C 374 32.25 -46.82 -88.85
N VAL C 375 30.93 -46.63 -88.77
CA VAL C 375 30.09 -46.43 -89.94
C VAL C 375 30.54 -45.17 -90.68
N ALA C 376 30.84 -44.11 -89.91
CA ALA C 376 31.24 -42.83 -90.45
C ALA C 376 32.66 -42.90 -91.03
N GLU C 377 33.54 -43.62 -90.33
CA GLU C 377 34.95 -43.73 -90.71
C GLU C 377 35.07 -44.54 -92.00
N ASP C 378 34.21 -45.55 -92.13
CA ASP C 378 34.21 -46.43 -93.30
C ASP C 378 33.82 -45.66 -94.55
N LEU C 379 32.89 -44.69 -94.40
CA LEU C 379 32.45 -43.87 -95.50
C LEU C 379 33.61 -43.03 -96.02
N LEU C 380 34.48 -42.59 -95.11
CA LEU C 380 35.62 -41.75 -95.44
C LEU C 380 36.70 -42.57 -96.14
N ILE C 381 37.00 -43.73 -95.57
CA ILE C 381 38.05 -44.62 -96.08
C ILE C 381 37.66 -45.13 -97.46
N ASP C 382 36.37 -45.46 -97.65
CA ASP C 382 35.86 -45.95 -98.90
C ASP C 382 35.65 -44.79 -99.88
N GLY C 383 35.78 -43.56 -99.37
CA GLY C 383 35.72 -42.35 -100.17
C GLY C 383 34.32 -42.05 -100.72
N VAL C 384 33.29 -42.66 -100.12
CA VAL C 384 31.93 -42.53 -100.61
C VAL C 384 31.14 -41.55 -99.74
N LEU C 385 31.81 -40.95 -98.74
CA LEU C 385 31.23 -39.93 -97.90
C LEU C 385 30.85 -38.73 -98.77
N ASP C 386 29.67 -38.16 -98.51
CA ASP C 386 29.04 -37.23 -99.43
C ASP C 386 28.79 -35.88 -98.76
N PRO C 387 29.76 -34.95 -98.89
CA PRO C 387 30.98 -35.14 -99.64
C PRO C 387 32.19 -35.40 -98.74
N MET C 388 33.35 -35.62 -99.37
CA MET C 388 34.61 -35.79 -98.68
C MET C 388 35.08 -34.42 -98.15
N PRO C 389 35.90 -34.39 -97.08
CA PRO C 389 36.35 -33.13 -96.48
C PRO C 389 36.93 -32.09 -97.44
N LYS C 390 37.54 -32.58 -98.53
CA LYS C 390 38.21 -31.72 -99.49
C LYS C 390 37.19 -30.87 -100.25
N ASP C 391 35.93 -31.32 -100.27
CA ASP C 391 34.87 -30.68 -101.03
C ASP C 391 33.98 -29.84 -100.12
N LEU C 392 34.30 -29.84 -98.82
CA LEU C 392 33.64 -28.96 -97.87
C LEU C 392 34.38 -27.64 -97.83
N CYS C 393 33.73 -26.62 -97.27
CA CYS C 393 34.38 -25.36 -96.96
C CYS C 393 35.58 -25.64 -96.06
N PRO C 394 36.71 -24.92 -96.23
CA PRO C 394 37.86 -25.07 -95.32
C PRO C 394 37.47 -24.76 -93.88
N ASP C 395 38.04 -25.53 -92.94
CA ASP C 395 37.78 -25.37 -91.52
C ASP C 395 38.37 -24.05 -91.03
N TRP C 396 38.21 -23.77 -89.73
CA TRP C 396 38.63 -22.52 -89.11
C TRP C 396 40.11 -22.26 -89.37
N SER C 397 40.87 -23.36 -89.51
CA SER C 397 42.31 -23.33 -89.66
C SER C 397 42.70 -22.95 -91.09
N GLY C 398 41.76 -23.17 -92.03
CA GLY C 398 42.01 -22.96 -93.45
C GLY C 398 42.42 -24.27 -94.13
N GLN C 399 42.07 -25.38 -93.49
CA GLN C 399 42.45 -26.71 -93.97
C GLN C 399 41.20 -27.53 -94.28
N HIS C 400 41.42 -28.69 -94.90
CA HIS C 400 40.34 -29.60 -95.25
C HIS C 400 40.51 -30.92 -94.49
N ILE C 401 40.79 -30.81 -93.19
CA ILE C 401 40.93 -31.97 -92.32
C ILE C 401 39.54 -32.48 -91.96
N TRP C 402 39.42 -33.81 -91.83
CA TRP C 402 38.18 -34.47 -91.48
C TRP C 402 37.74 -34.01 -90.09
N SER C 403 36.45 -33.66 -89.97
CA SER C 403 35.86 -33.13 -88.75
C SER C 403 36.14 -34.05 -87.57
N LEU C 404 35.98 -35.36 -87.77
CA LEU C 404 35.95 -36.32 -86.68
C LEU C 404 37.35 -36.87 -86.38
N LYS C 405 38.37 -36.36 -87.09
CA LYS C 405 39.72 -36.86 -86.95
C LYS C 405 40.27 -36.49 -85.58
N ILE C 406 40.66 -37.52 -84.82
CA ILE C 406 41.38 -37.35 -83.57
C ILE C 406 42.85 -37.71 -83.82
N GLY C 407 43.72 -36.70 -83.67
CA GLY C 407 45.12 -36.80 -84.05
C GLY C 407 45.85 -37.93 -83.32
N ALA C 408 45.37 -38.27 -82.11
CA ALA C 408 46.04 -39.26 -81.29
C ALA C 408 45.74 -40.68 -81.77
N TYR C 409 44.67 -40.84 -82.56
CA TYR C 409 44.21 -42.16 -82.97
C TYR C 409 44.24 -42.33 -84.49
N HIS C 410 44.10 -41.22 -85.22
CA HIS C 410 43.93 -41.27 -86.66
C HIS C 410 45.12 -40.65 -87.38
N ASP C 411 45.61 -41.34 -88.41
CA ASP C 411 46.67 -40.84 -89.27
C ASP C 411 46.50 -41.45 -90.65
N GLY C 412 46.61 -40.61 -91.68
CA GLY C 412 46.47 -41.09 -93.06
C GLY C 412 46.11 -39.97 -94.02
N GLU C 413 46.13 -40.31 -95.33
CA GLU C 413 45.88 -39.38 -96.41
C GLU C 413 44.42 -38.95 -96.39
N ALA C 414 43.55 -39.89 -96.04
CA ALA C 414 42.11 -39.71 -96.10
C ALA C 414 41.63 -38.72 -95.03
N TYR C 415 42.37 -38.68 -93.91
CA TYR C 415 41.98 -37.88 -92.76
C TYR C 415 42.42 -36.42 -92.94
N GLY C 416 43.57 -36.24 -93.58
CA GLY C 416 44.14 -34.91 -93.81
C GLY C 416 44.95 -34.42 -92.60
N GLY C 417 45.63 -33.28 -92.78
CA GLY C 417 46.42 -32.65 -91.73
C GLY C 417 47.72 -33.40 -91.45
N THR C 418 48.58 -32.80 -90.63
CA THR C 418 49.86 -33.40 -90.26
C THR C 418 49.63 -34.50 -89.24
N THR C 419 50.69 -35.29 -88.98
CA THR C 419 50.63 -36.40 -88.03
C THR C 419 50.40 -35.83 -86.62
N GLY C 420 49.37 -36.37 -85.96
CA GLY C 420 49.05 -36.01 -84.59
C GLY C 420 48.05 -34.85 -84.50
N GLU C 421 47.81 -34.18 -85.63
CA GLU C 421 46.91 -33.04 -85.70
C GLU C 421 45.47 -33.53 -85.84
N SER C 422 44.57 -32.95 -85.04
CA SER C 422 43.15 -33.29 -85.07
C SER C 422 42.42 -32.42 -86.08
N GLY C 423 41.18 -32.81 -86.39
CA GLY C 423 40.28 -31.98 -87.18
C GLY C 423 39.49 -31.03 -86.29
N GLU C 424 38.72 -30.13 -86.93
CA GLU C 424 37.85 -29.22 -86.19
C GLU C 424 36.55 -29.96 -85.89
N PHE C 425 36.47 -30.51 -84.68
CA PHE C 425 35.28 -31.19 -84.18
C PHE C 425 34.11 -30.20 -84.15
N ARG C 426 33.05 -30.51 -84.90
CA ARG C 426 31.98 -29.56 -85.10
C ARG C 426 30.69 -30.27 -85.52
N MET C 427 29.58 -29.52 -85.41
CA MET C 427 28.26 -29.94 -85.85
C MET C 427 27.87 -29.13 -87.09
N SER C 428 28.76 -28.20 -87.48
CA SER C 428 28.53 -27.28 -88.58
C SER C 428 29.47 -27.60 -89.74
N ASN C 429 29.09 -27.16 -90.94
CA ASN C 429 29.92 -27.28 -92.13
C ASN C 429 30.50 -28.69 -92.24
N CYS C 430 29.59 -29.67 -92.38
CA CYS C 430 29.96 -31.07 -92.49
C CYS C 430 28.81 -31.86 -93.11
N THR C 431 28.99 -33.19 -93.19
CA THR C 431 27.95 -34.09 -93.63
C THR C 431 26.99 -34.36 -92.48
N ASP C 432 25.82 -34.94 -92.80
CA ASP C 432 24.86 -35.35 -91.79
C ASP C 432 25.49 -36.42 -90.89
N VAL C 433 26.29 -37.30 -91.50
CA VAL C 433 26.90 -38.41 -90.80
C VAL C 433 27.88 -37.86 -89.76
N GLU C 434 28.67 -36.86 -90.14
CA GLU C 434 29.61 -36.19 -89.25
C GLU C 434 28.82 -35.52 -88.12
N ARG C 435 27.74 -34.83 -88.49
CA ARG C 435 26.93 -34.05 -87.57
C ARG C 435 26.30 -34.97 -86.51
N LEU C 436 25.72 -36.08 -86.98
CA LEU C 436 25.00 -37.00 -86.11
C LEU C 436 25.98 -37.67 -85.14
N CYS C 437 27.22 -37.89 -85.60
CA CYS C 437 28.26 -38.46 -84.76
C CYS C 437 28.60 -37.47 -83.65
N PHE C 438 28.73 -36.19 -84.01
CA PHE C 438 29.02 -35.15 -83.05
C PHE C 438 27.91 -35.10 -82.01
N GLU C 439 26.65 -35.15 -82.48
CA GLU C 439 25.47 -35.05 -81.62
C GLU C 439 25.43 -36.24 -80.67
N SER C 440 25.82 -37.42 -81.16
CA SER C 440 25.71 -38.66 -80.40
C SER C 440 26.63 -38.63 -79.19
N VAL C 441 27.89 -38.20 -79.40
CA VAL C 441 28.91 -38.22 -78.37
C VAL C 441 28.91 -36.90 -77.60
N GLY C 442 28.57 -35.81 -78.30
CA GLY C 442 28.72 -34.46 -77.77
C GLY C 442 27.48 -33.99 -77.01
N TYR C 443 26.32 -34.60 -77.32
CA TYR C 443 25.09 -34.28 -76.64
C TYR C 443 24.61 -35.49 -75.84
N PHE C 444 24.20 -36.54 -76.55
CA PHE C 444 23.46 -37.66 -75.98
C PHE C 444 24.31 -38.43 -74.96
N GLN C 445 25.59 -38.64 -75.28
CA GLN C 445 26.47 -39.39 -74.40
C GLN C 445 26.66 -38.64 -73.08
N THR C 446 26.72 -37.30 -73.14
CA THR C 446 26.94 -36.49 -71.95
C THR C 446 25.73 -36.58 -71.03
N TYR C 447 24.54 -36.80 -71.61
CA TYR C 447 23.33 -36.93 -70.82
C TYR C 447 23.38 -38.23 -70.00
N ILE C 448 24.14 -39.22 -70.49
CA ILE C 448 24.26 -40.50 -69.81
C ILE C 448 25.20 -40.33 -68.62
N TYR C 449 26.36 -39.71 -68.85
CA TYR C 449 27.34 -39.50 -67.79
C TYR C 449 26.75 -38.59 -66.71
N LYS C 450 26.30 -37.40 -67.10
CA LYS C 450 25.78 -36.42 -66.17
C LYS C 450 24.50 -36.93 -65.53
N GLY C 451 23.67 -37.60 -66.34
CA GLY C 451 22.42 -38.17 -65.86
C GLY C 451 22.64 -39.17 -64.74
N MET C 452 23.55 -40.13 -64.96
CA MET C 452 23.80 -41.19 -64.01
C MET C 452 24.53 -40.65 -62.78
N ALA C 453 25.34 -39.61 -62.99
CA ALA C 453 26.14 -39.01 -61.93
C ALA C 453 25.24 -38.25 -60.96
N HIS C 454 24.11 -37.75 -61.45
CA HIS C 454 23.28 -36.87 -60.65
C HIS C 454 21.95 -37.53 -60.29
N GLY C 455 21.74 -38.75 -60.79
CA GLY C 455 20.62 -39.58 -60.37
C GLY C 455 19.39 -39.43 -61.26
N SER C 456 19.59 -38.87 -62.47
CA SER C 456 18.50 -38.75 -63.43
C SER C 456 18.49 -39.95 -64.36
N TRP C 457 17.61 -40.90 -64.06
CA TRP C 457 17.56 -42.19 -64.73
C TRP C 457 17.05 -42.03 -66.16
N ASN C 458 16.19 -41.03 -66.37
CA ASN C 458 15.56 -40.82 -67.66
C ASN C 458 16.54 -40.11 -68.59
N ASP C 459 17.39 -39.24 -68.03
CA ASP C 459 18.39 -38.52 -68.79
C ASP C 459 19.40 -39.52 -69.37
N ALA C 460 19.53 -40.68 -68.73
CA ALA C 460 20.52 -41.66 -69.10
C ALA C 460 19.92 -42.69 -70.06
N THR C 461 18.58 -42.64 -70.22
CA THR C 461 17.88 -43.62 -71.03
C THR C 461 16.97 -42.93 -72.06
N TYR C 462 15.71 -42.72 -71.70
CA TYR C 462 14.67 -42.30 -72.63
C TYR C 462 14.92 -40.88 -73.14
N SER C 463 15.24 -39.97 -72.22
CA SER C 463 15.33 -38.55 -72.53
C SER C 463 16.65 -38.22 -73.21
N ASP C 464 16.82 -38.75 -74.44
CA ASP C 464 17.92 -38.44 -75.33
C ASP C 464 19.23 -39.00 -74.77
N GLY C 465 19.13 -40.01 -73.89
CA GLY C 465 20.29 -40.63 -73.31
C GLY C 465 20.77 -41.80 -74.16
N SER C 466 20.74 -43.00 -73.56
CA SER C 466 21.12 -44.24 -74.23
C SER C 466 20.30 -44.40 -75.51
N PHE C 467 19.00 -44.08 -75.42
CA PHE C 467 18.07 -44.32 -76.51
C PHE C 467 18.19 -43.19 -77.54
N GLY C 468 18.77 -42.07 -77.11
CA GLY C 468 19.13 -40.99 -78.03
C GLY C 468 20.23 -41.45 -78.98
N MET C 469 21.26 -42.10 -78.42
CA MET C 469 22.39 -42.62 -79.19
C MET C 469 21.91 -43.74 -80.11
N ASP C 470 20.93 -44.52 -79.65
CA ASP C 470 20.33 -45.60 -80.41
C ASP C 470 19.69 -45.02 -81.67
N ARG C 471 18.93 -43.94 -81.50
CA ARG C 471 18.18 -43.32 -82.57
C ARG C 471 19.14 -42.73 -83.60
N TRP C 472 20.25 -42.17 -83.12
CA TRP C 472 21.21 -41.51 -84.00
C TRP C 472 22.05 -42.55 -84.73
N LEU C 473 22.26 -43.72 -84.11
CA LEU C 473 22.99 -44.80 -84.74
C LEU C 473 22.21 -45.28 -85.96
N VAL C 474 20.88 -45.39 -85.80
CA VAL C 474 19.97 -45.75 -86.87
C VAL C 474 20.07 -44.69 -87.98
N ASN C 475 20.10 -43.42 -87.58
CA ASN C 475 20.11 -42.29 -88.50
C ASN C 475 21.41 -42.28 -89.30
N VAL C 476 22.52 -42.63 -88.64
CA VAL C 476 23.83 -42.66 -89.26
C VAL C 476 23.87 -43.80 -90.27
N LYS C 477 23.37 -44.98 -89.86
CA LYS C 477 23.38 -46.17 -90.69
C LYS C 477 22.58 -45.93 -91.98
N GLN C 478 21.43 -45.26 -91.83
CA GLN C 478 20.53 -44.98 -92.93
C GLN C 478 21.21 -44.04 -93.92
N ASN C 479 21.87 -43.00 -93.39
CA ASN C 479 22.56 -42.01 -94.19
C ASN C 479 23.76 -42.65 -94.92
N ALA C 480 24.39 -43.62 -94.25
CA ALA C 480 25.52 -44.35 -94.83
C ALA C 480 25.02 -45.21 -95.99
N SER C 481 23.91 -45.91 -95.76
CA SER C 481 23.31 -46.81 -96.73
C SER C 481 22.95 -46.04 -97.99
N ARG C 482 22.32 -44.87 -97.83
CA ARG C 482 21.83 -44.07 -98.95
C ARG C 482 23.01 -43.58 -99.77
N ALA C 483 24.07 -43.13 -99.08
CA ALA C 483 25.24 -42.57 -99.74
C ALA C 483 25.97 -43.65 -100.53
N ARG C 484 25.98 -44.87 -100.00
CA ARG C 484 26.66 -46.00 -100.63
C ARG C 484 25.87 -46.51 -101.83
N ARG C 485 24.54 -46.41 -101.74
CA ARG C 485 23.64 -46.87 -102.79
C ARG C 485 23.73 -45.93 -103.99
N LEU C 486 23.91 -44.63 -103.71
CA LEU C 486 24.02 -43.62 -104.76
C LEU C 486 25.37 -43.76 -105.47
N ALA C 487 26.42 -43.99 -104.69
CA ALA C 487 27.77 -44.11 -105.21
C ALA C 487 27.87 -45.33 -106.14
N ALA C 488 27.18 -46.41 -105.77
CA ALA C 488 27.18 -47.65 -106.53
C ALA C 488 26.44 -47.45 -107.85
N LEU C 489 25.32 -46.73 -107.80
CA LEU C 489 24.51 -46.46 -108.99
C LEU C 489 25.29 -45.57 -109.95
N GLU C 490 26.01 -44.59 -109.40
CA GLU C 490 26.71 -43.61 -110.21
C GLU C 490 27.91 -44.24 -110.89
N LYS C 491 28.54 -45.22 -110.23
CA LYS C 491 29.66 -45.94 -110.81
C LYS C 491 29.18 -46.73 -112.03
N LYS C 492 28.06 -47.46 -111.87
CA LYS C 492 27.58 -48.38 -112.89
C LYS C 492 27.03 -47.61 -114.09
N VAL C 493 26.42 -46.45 -113.84
CA VAL C 493 25.84 -45.65 -114.90
C VAL C 493 26.91 -44.75 -115.51
N GLY C 494 28.03 -44.57 -114.80
CA GLY C 494 29.17 -43.83 -115.31
C GLY C 494 29.07 -42.32 -115.04
N ILE C 495 28.38 -41.96 -113.95
CA ILE C 495 28.37 -40.59 -113.47
C ILE C 495 29.44 -40.46 -112.41
N SER C 496 30.31 -39.45 -112.57
CA SER C 496 31.20 -39.02 -111.51
C SER C 496 30.58 -37.81 -110.83
N TRP C 497 30.08 -38.03 -109.60
CA TRP C 497 29.30 -37.03 -108.88
C TRP C 497 30.17 -35.83 -108.52
N GLN C 498 29.76 -34.66 -109.00
CA GLN C 498 30.40 -33.40 -108.65
C GLN C 498 29.71 -32.86 -107.40
N PRO C 499 30.39 -32.82 -106.23
CA PRO C 499 29.81 -32.24 -105.01
C PRO C 499 29.32 -30.82 -105.27
N GLU C 500 28.13 -30.52 -104.71
CA GLU C 500 27.42 -29.28 -105.00
C GLU C 500 28.18 -28.08 -104.44
N GLN C 501 27.81 -26.90 -104.93
CA GLN C 501 28.56 -25.68 -104.65
C GLN C 501 28.32 -25.24 -103.21
N PHE C 502 27.19 -25.64 -102.63
CA PHE C 502 26.78 -25.16 -101.32
C PHE C 502 27.60 -25.83 -100.21
N TRP C 503 28.33 -26.90 -100.54
CA TRP C 503 29.24 -27.51 -99.58
C TRP C 503 30.49 -26.65 -99.40
N LYS C 504 30.86 -25.93 -100.47
CA LYS C 504 32.08 -25.14 -100.52
C LYS C 504 31.80 -23.71 -100.04
N THR C 505 30.80 -23.08 -100.64
CA THR C 505 30.53 -21.67 -100.42
C THR C 505 29.05 -21.45 -100.10
N GLY C 506 28.77 -20.28 -99.53
CA GLY C 506 27.45 -19.87 -99.09
C GLY C 506 27.52 -18.58 -98.28
N GLU C 507 26.38 -17.93 -98.08
CA GLU C 507 26.36 -16.58 -97.53
C GLU C 507 27.06 -16.56 -96.17
N TRP C 508 26.81 -17.59 -95.35
CA TRP C 508 27.41 -17.70 -94.04
C TRP C 508 28.85 -18.22 -94.13
N LEU C 509 29.03 -19.30 -94.90
CA LEU C 509 30.32 -19.96 -95.05
C LEU C 509 31.40 -18.96 -95.47
N ASP C 510 31.03 -18.01 -96.34
CA ASP C 510 31.97 -17.07 -96.93
C ASP C 510 32.51 -16.12 -95.86
N GLN C 511 31.80 -16.03 -94.74
CA GLN C 511 32.16 -15.08 -93.69
C GLN C 511 33.11 -15.70 -92.69
N LEU C 512 33.45 -16.99 -92.88
CA LEU C 512 34.24 -17.73 -91.92
C LEU C 512 35.74 -17.49 -92.16
N THR C 513 36.56 -17.99 -91.23
CA THR C 513 38.00 -17.81 -91.23
C THR C 513 38.64 -18.66 -92.32
N GLY C 514 38.11 -19.88 -92.49
CA GLY C 514 38.61 -20.82 -93.49
C GLY C 514 38.82 -20.17 -94.85
N PRO C 515 37.74 -19.73 -95.55
CA PRO C 515 37.86 -19.07 -96.85
C PRO C 515 38.82 -17.87 -96.87
N TYR C 516 38.85 -17.11 -95.77
CA TYR C 516 39.68 -15.92 -95.70
C TYR C 516 41.17 -16.30 -95.74
N ILE C 517 41.53 -17.36 -95.02
CA ILE C 517 42.91 -17.80 -94.91
C ILE C 517 43.37 -18.34 -96.26
N VAL C 518 42.51 -19.17 -96.87
CA VAL C 518 42.82 -19.79 -98.16
C VAL C 518 43.06 -18.72 -99.22
N LYS C 519 42.26 -17.64 -99.17
CA LYS C 519 42.31 -16.60 -100.18
C LYS C 519 43.50 -15.67 -99.93
N ASN C 520 43.68 -15.25 -98.67
CA ASN C 520 44.54 -14.12 -98.37
C ASN C 520 45.92 -14.57 -97.91
N HIS C 521 46.03 -15.78 -97.37
CA HIS C 521 47.30 -16.33 -96.91
C HIS C 521 47.46 -17.75 -97.45
N PRO C 522 47.64 -17.91 -98.78
CA PRO C 522 47.37 -19.17 -99.46
C PRO C 522 48.07 -20.41 -98.90
N GLY C 523 49.36 -20.28 -98.57
CA GLY C 523 50.16 -21.45 -98.23
C GLY C 523 50.04 -21.87 -96.77
N LYS C 524 49.41 -21.02 -95.95
CA LYS C 524 49.57 -21.09 -94.51
C LYS C 524 48.24 -21.43 -93.82
N THR C 525 48.33 -21.80 -92.53
CA THR C 525 47.19 -22.07 -91.67
C THR C 525 47.11 -21.01 -90.57
N ILE C 526 46.07 -21.09 -89.74
CA ILE C 526 45.85 -20.11 -88.69
C ILE C 526 46.94 -20.23 -87.62
N PHE C 527 47.52 -21.44 -87.52
CA PHE C 527 48.56 -21.72 -86.55
C PHE C 527 49.86 -21.05 -86.97
N ASP C 528 50.07 -20.97 -88.30
CA ASP C 528 51.19 -20.23 -88.86
C ASP C 528 51.02 -18.75 -88.57
N LEU C 529 49.78 -18.25 -88.77
CA LEU C 529 49.49 -16.83 -88.70
C LEU C 529 49.40 -16.36 -87.25
N CYS C 530 49.21 -17.31 -86.33
CA CYS C 530 49.19 -17.01 -84.90
C CYS C 530 50.24 -17.84 -84.19
N PRO C 531 51.54 -17.44 -84.27
CA PRO C 531 52.64 -18.29 -83.82
C PRO C 531 52.88 -18.26 -82.30
N ASP C 532 52.23 -17.32 -81.61
CA ASP C 532 52.41 -17.11 -80.19
C ASP C 532 52.11 -18.38 -79.42
N PRO C 533 52.75 -18.61 -78.24
CA PRO C 533 52.43 -19.78 -77.40
C PRO C 533 51.00 -19.72 -76.87
N GLY C 534 50.35 -20.89 -76.89
CA GLY C 534 48.98 -21.03 -76.41
C GLY C 534 48.91 -21.33 -74.92
N TRP C 535 47.71 -21.62 -74.43
CA TRP C 535 47.48 -21.87 -73.02
C TRP C 535 48.15 -23.17 -72.60
N LEU C 536 48.08 -24.18 -73.48
CA LEU C 536 48.60 -25.51 -73.19
C LEU C 536 50.13 -25.47 -73.11
N ASP C 537 50.73 -24.44 -73.70
CA ASP C 537 52.18 -24.32 -73.76
C ASP C 537 52.71 -23.86 -72.41
N THR C 538 51.88 -23.14 -71.65
CA THR C 538 52.31 -22.47 -70.43
C THR C 538 51.65 -23.08 -69.20
N HIS C 539 50.66 -23.95 -69.42
CA HIS C 539 49.92 -24.57 -68.33
C HIS C 539 49.99 -26.09 -68.43
N HIS C 540 50.43 -26.73 -67.35
CA HIS C 540 50.64 -28.17 -67.31
C HIS C 540 49.87 -28.76 -66.12
N ALA C 541 49.73 -30.10 -66.12
CA ALA C 541 49.09 -30.82 -65.03
C ALA C 541 49.94 -30.71 -63.76
N PRO C 542 49.32 -30.59 -62.57
CA PRO C 542 50.07 -30.48 -61.31
C PRO C 542 50.94 -31.71 -61.04
N ALA C 543 52.04 -31.49 -60.30
CA ALA C 543 53.05 -32.51 -60.05
C ALA C 543 52.43 -33.70 -59.31
N GLU C 544 51.50 -33.40 -58.39
CA GLU C 544 50.89 -34.40 -57.54
C GLU C 544 50.00 -35.34 -58.34
N GLU C 545 49.41 -34.82 -59.42
CA GLU C 545 48.53 -35.61 -60.28
C GLU C 545 49.33 -36.66 -61.05
N VAL C 546 50.47 -36.23 -61.63
CA VAL C 546 51.34 -37.11 -62.39
C VAL C 546 51.90 -38.15 -61.43
N GLU C 547 52.25 -37.69 -60.21
CA GLU C 547 52.88 -38.50 -59.19
C GLU C 547 51.93 -39.62 -58.75
N TYR C 548 50.64 -39.29 -58.64
CA TYR C 548 49.63 -40.26 -58.22
C TYR C 548 49.45 -41.34 -59.27
N ILE C 549 49.35 -40.92 -60.53
CA ILE C 549 49.05 -41.81 -61.64
C ILE C 549 50.21 -42.79 -61.83
N GLU C 550 51.44 -42.27 -61.79
CA GLU C 550 52.64 -43.08 -61.97
C GLU C 550 52.74 -44.12 -60.87
N ARG C 551 52.40 -43.70 -59.63
CA ARG C 551 52.47 -44.57 -58.46
C ARG C 551 51.47 -45.71 -58.61
N LYS C 552 50.27 -45.38 -59.10
CA LYS C 552 49.16 -46.33 -59.17
C LYS C 552 49.35 -47.31 -60.33
N LEU C 553 49.96 -46.83 -61.42
CA LEU C 553 50.22 -47.67 -62.59
C LEU C 553 51.30 -48.69 -62.28
N LYS C 554 52.27 -48.29 -61.45
CA LYS C 554 53.35 -49.17 -61.02
C LYS C 554 52.78 -50.20 -60.05
N GLU C 555 51.88 -49.74 -59.17
CA GLU C 555 51.28 -50.52 -58.10
C GLU C 555 50.42 -51.65 -58.70
N LEU C 556 49.82 -51.39 -59.86
CA LEU C 556 48.88 -52.33 -60.47
C LEU C 556 49.53 -53.04 -61.66
N GLY C 557 50.63 -52.48 -62.16
CA GLY C 557 51.35 -53.05 -63.29
C GLY C 557 50.59 -52.88 -64.61
N ILE C 558 50.28 -51.62 -64.95
CA ILE C 558 49.65 -51.28 -66.21
C ILE C 558 50.61 -50.40 -67.01
N THR C 559 50.68 -50.63 -68.33
CA THR C 559 51.55 -49.90 -69.21
C THR C 559 51.08 -48.45 -69.34
N ALA C 560 52.05 -47.52 -69.36
CA ALA C 560 51.78 -46.10 -69.55
C ALA C 560 51.45 -45.84 -71.02
N GLY C 561 50.72 -44.74 -71.27
CA GLY C 561 50.24 -44.40 -72.60
C GLY C 561 51.25 -43.58 -73.39
N SER C 562 50.85 -43.15 -74.59
CA SER C 562 51.71 -42.44 -75.52
C SER C 562 51.21 -41.00 -75.71
N HIS C 563 51.96 -40.23 -76.50
CA HIS C 563 51.65 -38.84 -76.80
C HIS C 563 50.43 -38.75 -77.73
N VAL D 33 34.38 -26.61 -79.44
CA VAL D 33 34.47 -27.81 -78.56
C VAL D 33 35.25 -28.91 -79.29
N GLU D 34 36.34 -29.37 -78.67
CA GLU D 34 37.24 -30.35 -79.26
C GLU D 34 37.24 -31.62 -78.41
N ILE D 35 37.75 -32.72 -78.96
CA ILE D 35 38.13 -33.88 -78.17
C ILE D 35 39.54 -33.64 -77.68
N ILE D 36 39.66 -33.12 -76.45
CA ILE D 36 40.91 -32.63 -75.90
C ILE D 36 41.82 -33.81 -75.58
N THR D 37 43.03 -33.78 -76.16
CA THR D 37 43.97 -34.88 -76.08
C THR D 37 45.25 -34.42 -75.38
N HIS D 38 45.15 -33.32 -74.62
CA HIS D 38 46.32 -32.70 -74.01
C HIS D 38 46.10 -32.51 -72.51
N TRP D 39 47.13 -31.96 -71.85
CA TRP D 39 47.14 -31.52 -70.45
C TRP D 39 47.11 -32.71 -69.48
N VAL D 40 46.08 -33.55 -69.59
CA VAL D 40 45.97 -34.76 -68.79
C VAL D 40 47.18 -35.64 -69.07
N PRO D 41 47.89 -36.15 -68.04
CA PRO D 41 49.10 -36.95 -68.23
C PRO D 41 48.92 -38.12 -69.19
N HIS D 42 49.93 -38.35 -70.05
CA HIS D 42 49.85 -39.30 -71.14
C HIS D 42 49.75 -40.72 -70.59
N GLU D 43 50.35 -40.95 -69.43
CA GLU D 43 50.45 -42.27 -68.83
C GLU D 43 49.07 -42.90 -68.70
N VAL D 44 48.03 -42.05 -68.75
CA VAL D 44 46.67 -42.47 -68.49
C VAL D 44 45.84 -42.47 -69.78
N TYR D 45 46.49 -42.18 -70.91
CA TYR D 45 45.82 -42.25 -72.19
C TYR D 45 45.74 -43.71 -72.64
N GLY D 46 44.52 -44.14 -72.97
CA GLY D 46 44.30 -45.47 -73.50
C GLY D 46 44.65 -45.53 -74.98
N MET D 47 45.35 -46.60 -75.37
CA MET D 47 45.76 -46.79 -76.76
C MET D 47 44.96 -47.93 -77.37
N PRO D 48 44.83 -48.00 -78.72
CA PRO D 48 43.94 -48.98 -79.36
C PRO D 48 44.18 -50.41 -78.86
N GLY D 49 43.08 -51.08 -78.52
CA GLY D 49 43.10 -52.50 -78.17
C GLY D 49 43.13 -52.73 -76.66
N GLU D 50 43.42 -51.67 -75.90
CA GLU D 50 43.50 -51.75 -74.45
C GLU D 50 42.11 -51.90 -73.84
N PRO D 51 41.97 -52.54 -72.65
CA PRO D 51 40.68 -52.74 -72.01
C PRO D 51 40.03 -51.42 -71.61
N ASP D 52 38.70 -51.35 -71.74
CA ASP D 52 37.94 -50.15 -71.41
C ASP D 52 37.84 -49.99 -69.90
N ASN D 53 38.02 -51.10 -69.17
CA ASN D 53 37.85 -51.13 -67.73
C ASN D 53 39.20 -50.96 -67.03
N SER D 54 40.21 -50.49 -67.77
CA SER D 54 41.54 -50.25 -67.22
C SER D 54 41.54 -48.97 -66.39
N GLY D 55 40.65 -48.04 -66.76
CA GLY D 55 40.57 -46.75 -66.10
C GLY D 55 41.30 -45.66 -66.89
N LYS D 56 41.78 -46.01 -68.09
CA LYS D 56 42.49 -45.08 -68.93
C LYS D 56 41.48 -44.29 -69.76
N VAL D 57 41.89 -43.08 -70.18
CA VAL D 57 41.04 -42.19 -70.95
C VAL D 57 41.13 -42.56 -72.42
N PHE D 58 39.98 -42.92 -73.00
CA PHE D 58 39.89 -43.17 -74.43
C PHE D 58 39.19 -41.99 -75.09
N PHE D 59 39.90 -41.30 -75.98
CA PHE D 59 39.42 -40.08 -76.59
C PHE D 59 38.17 -40.36 -77.42
N SER D 60 37.09 -39.65 -77.08
CA SER D 60 35.78 -39.81 -77.70
C SER D 60 35.24 -41.22 -77.48
N GLY D 61 35.93 -41.99 -76.64
CA GLY D 61 35.52 -43.34 -76.28
C GLY D 61 35.90 -44.35 -77.36
N LEU D 62 36.84 -43.98 -78.22
CA LEU D 62 37.21 -44.80 -79.37
C LEU D 62 38.36 -45.74 -79.01
N LYS D 63 38.45 -46.83 -79.79
CA LYS D 63 39.63 -47.68 -79.91
C LYS D 63 39.80 -48.59 -78.68
N ALA D 64 38.86 -48.53 -77.73
CA ALA D 64 38.93 -49.36 -76.54
C ALA D 64 38.39 -50.76 -76.82
N LYS D 65 38.89 -51.74 -76.09
CA LYS D 65 38.39 -53.11 -76.13
C LYS D 65 37.32 -53.26 -75.06
N TYR D 66 36.10 -53.61 -75.50
CA TYR D 66 34.96 -53.71 -74.60
C TYR D 66 35.08 -54.98 -73.77
N MET D 67 35.09 -54.81 -72.43
CA MET D 67 35.31 -55.92 -71.51
C MET D 67 33.99 -56.40 -70.93
N GLY D 68 32.98 -55.54 -70.97
CA GLY D 68 31.65 -55.88 -70.47
C GLY D 68 31.56 -55.77 -68.95
N TYR D 69 30.35 -56.00 -68.42
CA TYR D 69 30.04 -55.80 -67.01
C TYR D 69 30.79 -56.83 -66.15
N PRO D 70 31.10 -56.50 -64.88
CA PRO D 70 31.81 -57.44 -64.00
C PRO D 70 30.88 -58.57 -63.58
N LYS D 71 31.14 -59.76 -64.13
CA LYS D 71 30.30 -60.93 -63.88
C LYS D 71 30.84 -61.71 -62.68
N ASP D 72 31.97 -61.26 -62.13
CA ASP D 72 32.57 -61.88 -60.96
C ASP D 72 32.09 -61.15 -59.71
N ALA D 73 31.50 -59.97 -59.90
CA ALA D 73 31.07 -59.11 -58.81
C ALA D 73 29.86 -59.73 -58.09
N GLN D 74 29.97 -59.83 -56.76
CA GLN D 74 28.93 -60.42 -55.94
C GLN D 74 27.66 -59.62 -56.08
N ARG D 75 26.59 -60.29 -56.50
CA ARG D 75 25.31 -59.65 -56.79
C ARG D 75 24.20 -60.69 -56.77
N SER D 76 22.98 -60.25 -57.14
CA SER D 76 21.84 -61.14 -57.26
C SER D 76 21.42 -61.27 -58.71
N PRO D 77 20.92 -62.46 -59.15
CA PRO D 77 20.17 -62.57 -60.39
C PRO D 77 18.85 -61.81 -60.24
N TYR D 78 18.32 -61.33 -61.37
CA TYR D 78 17.01 -60.70 -61.40
C TYR D 78 15.94 -61.77 -61.25
N PRO D 79 14.77 -61.46 -60.66
CA PRO D 79 13.67 -62.43 -60.58
C PRO D 79 12.93 -62.50 -61.92
N GLY D 80 12.02 -63.47 -62.03
CA GLY D 80 11.06 -63.48 -63.13
C GLY D 80 11.41 -64.45 -64.25
N LYS D 81 10.59 -64.39 -65.30
CA LYS D 81 10.57 -65.32 -66.43
C LYS D 81 11.92 -65.37 -67.13
N TYR D 82 12.58 -64.21 -67.27
CA TYR D 82 13.76 -64.07 -68.11
C TYR D 82 15.02 -63.96 -67.25
N SER D 83 14.99 -64.59 -66.07
CA SER D 83 16.07 -64.52 -65.10
C SER D 83 17.40 -64.88 -65.76
N LYS D 84 17.38 -65.88 -66.64
CA LYS D 84 18.60 -66.47 -67.20
C LYS D 84 19.33 -65.48 -68.10
N PHE D 85 18.58 -64.56 -68.72
CA PHE D 85 19.15 -63.64 -69.69
C PHE D 85 19.30 -62.23 -69.11
N TRP D 86 18.83 -62.07 -67.86
CA TRP D 86 18.88 -60.79 -67.16
C TRP D 86 20.26 -60.58 -66.57
N LYS D 87 21.07 -59.74 -67.23
CA LYS D 87 22.38 -59.37 -66.72
C LYS D 87 22.21 -58.29 -65.66
N THR D 88 22.86 -58.48 -64.50
CA THR D 88 22.63 -57.62 -63.35
C THR D 88 23.93 -56.97 -62.89
N LEU D 89 23.78 -55.85 -62.16
CA LEU D 89 24.87 -55.16 -61.49
C LEU D 89 24.69 -55.29 -59.99
N PRO D 90 25.76 -55.16 -59.17
CA PRO D 90 25.65 -55.21 -57.71
C PRO D 90 24.58 -54.27 -57.15
N ALA D 91 24.47 -53.07 -57.74
CA ALA D 91 23.62 -52.01 -57.24
C ALA D 91 22.15 -52.42 -57.22
N TYR D 92 21.80 -53.40 -58.07
CA TYR D 92 20.40 -53.77 -58.26
C TYR D 92 19.81 -54.42 -57.01
N ARG D 93 20.69 -54.88 -56.10
CA ARG D 93 20.31 -55.63 -54.91
C ARG D 93 19.25 -54.88 -54.11
N TYR D 94 19.31 -53.55 -54.14
CA TYR D 94 18.46 -52.71 -53.30
C TYR D 94 17.05 -52.59 -53.88
N TYR D 95 16.90 -52.87 -55.19
CA TYR D 95 15.77 -52.37 -55.94
C TYR D 95 14.59 -53.35 -55.96
N ILE D 96 14.89 -54.66 -55.90
CA ILE D 96 13.89 -55.66 -55.60
C ILE D 96 14.40 -56.48 -54.41
N PRO D 97 14.36 -55.90 -53.18
CA PRO D 97 15.19 -56.36 -52.07
C PRO D 97 14.84 -57.74 -51.50
N ASP D 98 13.57 -58.13 -51.58
CA ASP D 98 13.12 -59.39 -51.02
C ASP D 98 13.90 -60.53 -51.67
N TYR D 99 14.02 -60.48 -53.00
CA TYR D 99 14.67 -61.52 -53.77
C TYR D 99 16.16 -61.24 -53.90
N MET D 100 16.52 -59.95 -54.01
CA MET D 100 17.86 -59.57 -54.48
C MET D 100 18.77 -59.15 -53.34
N TYR D 101 18.23 -59.07 -52.11
CA TYR D 101 19.03 -58.67 -50.96
C TYR D 101 18.82 -59.64 -49.79
N ASN D 102 17.56 -60.02 -49.54
CA ASN D 102 17.16 -60.55 -48.25
C ASN D 102 17.41 -62.06 -48.15
N ARG D 103 17.63 -62.73 -49.28
CA ARG D 103 17.96 -64.15 -49.27
C ARG D 103 19.41 -64.32 -48.81
N ASP D 104 19.65 -65.39 -48.02
CA ASP D 104 20.95 -65.64 -47.41
C ASP D 104 22.01 -65.83 -48.49
N GLU D 105 21.59 -66.37 -49.63
CA GLU D 105 22.49 -66.74 -50.72
C GLU D 105 23.04 -65.50 -51.42
N VAL D 106 22.41 -64.35 -51.18
CA VAL D 106 22.65 -63.17 -51.99
C VAL D 106 23.13 -62.00 -51.14
N ARG D 107 22.64 -61.92 -49.89
CA ARG D 107 22.93 -60.81 -48.99
C ARG D 107 24.42 -60.45 -49.06
N PRO D 108 24.76 -59.16 -49.29
CA PRO D 108 26.16 -58.75 -49.41
C PRO D 108 26.88 -58.75 -48.07
N SER D 109 28.21 -58.84 -48.12
CA SER D 109 29.04 -58.83 -46.92
C SER D 109 28.99 -57.45 -46.27
N ASN D 110 29.28 -57.41 -44.97
CA ASN D 110 29.29 -56.17 -44.22
C ASN D 110 30.45 -56.20 -43.24
N PRO D 111 31.31 -55.15 -43.22
CA PRO D 111 32.49 -55.13 -42.34
C PRO D 111 32.21 -55.00 -40.85
N ILE D 112 30.97 -54.68 -40.48
CA ILE D 112 30.61 -54.49 -39.08
C ILE D 112 29.84 -55.72 -38.59
N LYS D 113 30.34 -56.31 -37.49
CA LYS D 113 29.80 -57.53 -36.92
C LYS D 113 29.14 -57.24 -35.57
N GLY D 114 28.15 -58.08 -35.23
CA GLY D 114 27.46 -58.01 -33.96
C GLY D 114 25.96 -57.80 -34.13
N THR D 115 25.19 -58.16 -33.10
CA THR D 115 23.78 -57.82 -33.04
C THR D 115 23.60 -56.68 -32.04
N PHE D 116 22.79 -55.68 -32.38
CA PHE D 116 22.78 -54.44 -31.62
C PHE D 116 21.37 -54.05 -31.20
N LYS D 117 21.29 -53.24 -30.13
CA LYS D 117 20.06 -52.58 -29.71
C LYS D 117 19.88 -51.34 -30.57
N LEU D 118 18.67 -50.76 -30.52
CA LEU D 118 18.33 -49.60 -31.34
C LEU D 118 19.25 -48.42 -31.00
N GLU D 119 19.52 -48.22 -29.70
CA GLU D 119 20.37 -47.14 -29.22
C GLU D 119 21.70 -47.17 -29.97
N GLN D 120 22.18 -48.38 -30.26
CA GLN D 120 23.50 -48.59 -30.83
C GLN D 120 23.48 -48.24 -32.31
N CYS D 121 22.40 -48.62 -33.01
CA CYS D 121 22.23 -48.27 -34.40
C CYS D 121 22.34 -46.76 -34.55
N VAL D 122 21.56 -46.03 -33.74
CA VAL D 122 21.45 -44.59 -33.84
C VAL D 122 22.80 -43.94 -33.54
N ALA D 123 23.43 -44.34 -32.43
CA ALA D 123 24.65 -43.71 -31.96
C ALA D 123 25.76 -43.84 -33.00
N CYS D 124 25.89 -45.04 -33.57
CA CYS D 124 26.98 -45.34 -34.47
C CYS D 124 26.75 -44.66 -35.81
N HIS D 125 25.51 -44.75 -36.31
CA HIS D 125 25.16 -44.22 -37.62
C HIS D 125 25.04 -42.70 -37.59
N SER D 126 24.82 -42.12 -36.39
CA SER D 126 24.71 -40.67 -36.26
C SER D 126 25.99 -40.01 -36.75
N VAL D 127 27.08 -40.79 -36.77
CA VAL D 127 28.38 -40.29 -37.17
C VAL D 127 28.78 -40.92 -38.50
N MET D 128 28.45 -42.21 -38.67
CA MET D 128 28.85 -42.96 -39.85
C MET D 128 28.03 -42.57 -41.07
N THR D 129 26.71 -42.43 -40.89
CA THR D 129 25.82 -41.96 -41.94
C THR D 129 24.91 -40.89 -41.37
N PRO D 130 25.42 -39.67 -41.07
CA PRO D 130 24.69 -38.68 -40.26
C PRO D 130 23.29 -38.35 -40.74
N GLY D 131 23.14 -38.18 -42.06
CA GLY D 131 21.91 -37.76 -42.69
C GLY D 131 20.75 -38.72 -42.41
N ILE D 132 21.06 -40.02 -42.36
CA ILE D 132 20.06 -41.06 -42.15
C ILE D 132 19.48 -40.91 -40.74
N VAL D 133 20.35 -40.66 -39.75
CA VAL D 133 19.91 -40.51 -38.39
C VAL D 133 19.15 -39.20 -38.21
N ARG D 134 19.64 -38.13 -38.86
CA ARG D 134 18.97 -36.84 -38.83
C ARG D 134 17.53 -37.00 -39.31
N ASP D 135 17.36 -37.76 -40.41
CA ASP D 135 16.06 -38.01 -41.01
C ASP D 135 15.21 -38.86 -40.07
N TYR D 136 15.80 -39.93 -39.53
CA TYR D 136 15.11 -40.86 -38.67
C TYR D 136 14.54 -40.15 -37.44
N ASN D 137 15.34 -39.27 -36.84
CA ASN D 137 14.97 -38.57 -35.62
C ASN D 137 13.81 -37.62 -35.88
N LYS D 138 13.68 -37.14 -37.12
CA LYS D 138 12.60 -36.25 -37.49
C LYS D 138 11.32 -37.05 -37.70
N SER D 139 11.48 -38.33 -38.06
CA SER D 139 10.37 -39.19 -38.47
C SER D 139 9.48 -39.51 -37.29
N ALA D 140 8.21 -39.82 -37.58
CA ALA D 140 7.23 -40.22 -36.57
C ALA D 140 7.60 -41.58 -36.00
N HIS D 141 8.30 -42.38 -36.80
CA HIS D 141 8.72 -43.73 -36.45
C HIS D 141 9.53 -43.73 -35.16
N SER D 142 10.38 -42.71 -34.99
CA SER D 142 11.29 -42.62 -33.87
C SER D 142 10.55 -42.25 -32.58
N LYS D 143 9.43 -41.54 -32.74
CA LYS D 143 8.70 -40.98 -31.62
C LYS D 143 7.58 -41.91 -31.17
N ALA D 144 7.36 -42.99 -31.94
CA ALA D 144 6.22 -43.89 -31.75
C ALA D 144 6.29 -44.57 -30.40
N GLU D 145 5.13 -44.77 -29.78
CA GLU D 145 4.99 -45.44 -28.49
C GLU D 145 3.94 -46.54 -28.61
N PRO D 146 4.04 -47.59 -27.77
CA PRO D 146 5.02 -47.69 -26.68
C PRO D 146 6.46 -47.98 -27.11
N ALA D 147 6.61 -48.56 -28.31
CA ALA D 147 7.92 -48.87 -28.86
C ALA D 147 8.09 -48.19 -30.21
N PRO D 148 9.26 -47.56 -30.49
CA PRO D 148 9.49 -46.90 -31.77
C PRO D 148 9.74 -47.91 -32.90
N THR D 149 9.36 -47.53 -34.12
CA THR D 149 9.73 -48.27 -35.31
C THR D 149 11.16 -47.86 -35.68
N GLY D 150 12.13 -48.61 -35.16
CA GLY D 150 13.52 -48.20 -35.24
C GLY D 150 14.26 -48.87 -36.39
N CYS D 151 15.53 -48.51 -36.56
CA CYS D 151 16.38 -49.07 -37.61
C CYS D 151 16.27 -50.59 -37.61
N ASP D 152 16.27 -51.19 -36.42
CA ASP D 152 16.26 -52.62 -36.23
C ASP D 152 14.93 -53.22 -36.68
N THR D 153 13.84 -52.45 -36.51
CA THR D 153 12.50 -52.90 -36.90
C THR D 153 12.42 -53.09 -38.41
N CYS D 154 13.15 -52.25 -39.16
CA CYS D 154 13.08 -52.26 -40.61
C CYS D 154 14.26 -53.02 -41.23
N HIS D 155 15.36 -53.16 -40.48
CA HIS D 155 16.60 -53.66 -41.06
C HIS D 155 17.10 -54.93 -40.39
N GLY D 156 16.68 -55.16 -39.14
CA GLY D 156 17.15 -56.30 -38.36
C GLY D 156 18.20 -55.92 -37.32
N ASN D 157 18.49 -56.84 -36.40
CA ASN D 157 19.36 -56.59 -35.26
C ASN D 157 20.78 -57.05 -35.57
N ASN D 158 20.89 -58.15 -36.32
CA ASN D 158 22.16 -58.76 -36.64
C ASN D 158 22.78 -58.03 -37.83
N HIS D 159 23.95 -57.42 -37.62
CA HIS D 159 24.59 -56.59 -38.63
C HIS D 159 25.16 -57.46 -39.75
N GLN D 160 25.27 -58.76 -39.50
CA GLN D 160 25.73 -59.70 -40.51
C GLN D 160 24.53 -60.27 -41.27
N LYS D 161 23.33 -60.02 -40.76
CA LYS D 161 22.11 -60.51 -41.37
C LYS D 161 21.11 -59.37 -41.56
N LEU D 162 21.61 -58.23 -42.05
CA LEU D 162 20.79 -57.06 -42.31
C LEU D 162 19.89 -57.33 -43.51
N THR D 163 18.72 -56.69 -43.52
CA THR D 163 17.78 -56.80 -44.63
C THR D 163 17.30 -55.42 -45.05
N MET D 164 16.90 -55.31 -46.33
CA MET D 164 16.32 -54.09 -46.86
C MET D 164 14.81 -54.25 -46.91
N PRO D 165 14.02 -53.36 -46.26
CA PRO D 165 12.57 -53.53 -46.18
C PRO D 165 11.85 -53.13 -47.47
N SER D 166 11.13 -54.11 -48.05
CA SER D 166 10.35 -53.87 -49.24
C SER D 166 8.97 -53.35 -48.85
N SER D 167 8.10 -53.17 -49.86
CA SER D 167 6.73 -52.74 -49.63
C SER D 167 5.98 -53.75 -48.78
N LYS D 168 6.41 -55.02 -48.86
CA LYS D 168 5.79 -56.09 -48.10
C LYS D 168 6.06 -55.90 -46.61
N ALA D 169 7.25 -55.37 -46.30
CA ALA D 169 7.66 -55.15 -44.93
C ALA D 169 6.82 -54.03 -44.31
N CYS D 170 6.60 -52.97 -45.10
CA CYS D 170 5.82 -51.83 -44.64
C CYS D 170 4.34 -52.21 -44.54
N GLY D 171 3.92 -53.12 -45.42
CA GLY D 171 2.51 -53.39 -45.63
C GLY D 171 1.99 -54.55 -44.76
N THR D 172 2.74 -54.88 -43.71
CA THR D 172 2.32 -55.91 -42.76
C THR D 172 1.07 -55.44 -42.04
N ALA D 173 0.22 -56.40 -41.62
CA ALA D 173 -1.09 -56.14 -41.04
C ALA D 173 -0.96 -55.23 -39.81
N GLU D 174 0.15 -55.39 -39.10
CA GLU D 174 0.41 -54.68 -37.85
C GLU D 174 0.80 -53.23 -38.13
N CYS D 175 1.19 -52.94 -39.38
CA CYS D 175 1.74 -51.63 -39.73
C CYS D 175 0.86 -50.93 -40.76
N HIS D 176 1.27 -50.95 -42.04
CA HIS D 176 0.61 -50.16 -43.06
C HIS D 176 0.01 -51.05 -44.15
N GLU D 177 -0.83 -52.01 -43.73
CA GLU D 177 -1.46 -52.92 -44.67
C GLU D 177 -2.42 -52.14 -45.58
N THR D 178 -3.00 -51.07 -45.04
CA THR D 178 -4.00 -50.29 -45.75
C THR D 178 -3.42 -49.75 -47.06
N GLN D 179 -2.27 -49.07 -46.95
CA GLN D 179 -1.64 -48.41 -48.08
C GLN D 179 -1.12 -49.44 -49.08
N TYR D 180 -0.59 -50.56 -48.56
CA TYR D 180 -0.07 -51.63 -49.40
C TYR D 180 -1.19 -52.21 -50.26
N ASN D 181 -2.33 -52.48 -49.63
CA ASN D 181 -3.47 -53.09 -50.30
C ASN D 181 -4.06 -52.11 -51.31
N GLU D 182 -4.11 -50.83 -50.93
CA GLU D 182 -4.60 -49.78 -51.81
C GLU D 182 -3.77 -49.75 -53.09
N GLN D 183 -2.45 -49.63 -52.94
CA GLN D 183 -1.54 -49.58 -54.07
C GLN D 183 -1.71 -50.83 -54.93
N GLY D 184 -1.87 -51.99 -54.26
CA GLY D 184 -1.92 -53.29 -54.90
C GLY D 184 -3.19 -53.50 -55.74
N GLN D 185 -4.17 -52.60 -55.59
CA GLN D 185 -5.42 -52.66 -56.33
C GLN D 185 -5.18 -52.29 -57.79
N GLY D 186 -4.02 -51.67 -58.07
CA GLY D 186 -3.69 -51.19 -59.40
C GLY D 186 -3.57 -52.34 -60.39
N GLY D 187 -3.94 -52.06 -61.65
CA GLY D 187 -3.86 -53.05 -62.72
C GLY D 187 -2.51 -53.00 -63.43
N ILE D 188 -2.53 -53.31 -64.72
CA ILE D 188 -1.35 -53.20 -65.56
C ILE D 188 -1.03 -51.71 -65.72
N GLY D 189 0.26 -51.38 -65.69
CA GLY D 189 0.73 -50.02 -65.89
C GLY D 189 0.48 -49.13 -64.67
N SER D 190 0.35 -49.76 -63.50
CA SER D 190 0.14 -49.04 -62.25
C SER D 190 1.38 -49.19 -61.37
N HIS D 191 1.30 -48.66 -60.14
CA HIS D 191 2.38 -48.78 -59.17
C HIS D 191 2.44 -50.19 -58.61
N ALA D 192 1.45 -51.02 -58.95
CA ALA D 192 1.35 -52.38 -58.41
C ALA D 192 2.12 -53.36 -59.28
N SER D 193 2.44 -52.96 -60.52
CA SER D 193 2.94 -53.90 -61.52
C SER D 193 4.14 -53.33 -62.28
N CYS D 194 4.58 -52.14 -61.90
CA CYS D 194 5.60 -51.41 -62.65
C CYS D 194 6.96 -52.09 -62.55
N SER D 195 7.16 -52.90 -61.49
CA SER D 195 8.37 -53.68 -61.35
C SER D 195 8.15 -55.08 -61.93
N SER D 196 7.14 -55.78 -61.42
CA SER D 196 6.93 -57.19 -61.66
C SER D 196 6.67 -57.49 -63.14
N PHE D 197 5.93 -56.58 -63.80
CA PHE D 197 5.65 -56.76 -65.22
C PHE D 197 6.61 -55.92 -66.07
N ALA D 198 6.46 -54.59 -65.97
CA ALA D 198 7.06 -53.65 -66.91
C ALA D 198 8.57 -53.80 -66.95
N GLN D 199 9.19 -54.00 -65.78
CA GLN D 199 10.63 -53.94 -65.64
C GLN D 199 11.24 -55.35 -65.69
N VAL D 200 10.62 -56.28 -64.97
CA VAL D 200 11.16 -57.63 -64.85
C VAL D 200 11.10 -58.33 -66.22
N GLU D 201 10.12 -57.94 -67.04
CA GLU D 201 9.94 -58.51 -68.37
C GLU D 201 10.18 -57.44 -69.43
N CYS D 202 11.11 -56.50 -69.14
CA CYS D 202 11.41 -55.41 -70.04
C CYS D 202 12.34 -55.91 -71.15
N ALA D 203 11.83 -55.90 -72.38
CA ALA D 203 12.52 -56.45 -73.54
C ALA D 203 13.91 -55.86 -73.68
N TRP D 204 13.99 -54.52 -73.70
CA TRP D 204 15.22 -53.82 -74.01
C TRP D 204 16.27 -54.05 -72.93
N SER D 205 15.83 -54.08 -71.67
CA SER D 205 16.72 -54.26 -70.54
C SER D 205 17.40 -55.63 -70.63
N ILE D 206 16.61 -56.65 -70.98
CA ILE D 206 17.09 -58.01 -71.09
C ILE D 206 18.06 -58.10 -72.27
N GLU D 207 17.68 -57.46 -73.38
CA GLU D 207 18.39 -57.54 -74.66
C GLU D 207 19.81 -57.01 -74.54
N ARG D 208 19.96 -55.88 -73.82
CA ARG D 208 21.17 -55.08 -73.86
C ARG D 208 22.12 -55.47 -72.73
N PRO D 209 23.40 -55.00 -72.75
CA PRO D 209 24.25 -55.03 -71.57
C PRO D 209 23.60 -54.25 -70.43
N PRO D 210 23.89 -54.58 -69.15
CA PRO D 210 23.37 -53.80 -68.03
C PRO D 210 24.19 -52.51 -67.94
N GLY D 211 23.50 -51.41 -67.64
CA GLY D 211 24.16 -50.12 -67.67
C GLY D 211 23.64 -49.29 -68.83
N ASP D 212 23.46 -49.97 -69.97
CA ASP D 212 22.74 -49.42 -71.10
C ASP D 212 21.36 -48.96 -70.62
N THR D 213 20.73 -49.79 -69.77
CA THR D 213 19.39 -49.56 -69.27
C THR D 213 19.35 -49.64 -67.75
N ALA D 214 20.44 -49.22 -67.10
CA ALA D 214 20.57 -49.30 -65.65
C ALA D 214 19.49 -48.42 -65.01
N GLY D 215 19.27 -47.25 -65.60
CA GLY D 215 18.33 -46.27 -65.09
C GLY D 215 16.91 -46.83 -65.00
N CYS D 216 16.62 -47.83 -65.85
CA CYS D 216 15.29 -48.41 -65.93
C CYS D 216 15.01 -49.22 -64.66
N THR D 217 16.04 -49.91 -64.16
CA THR D 217 15.93 -50.67 -62.93
C THR D 217 15.66 -49.71 -61.76
N PHE D 218 16.42 -48.60 -61.73
CA PHE D 218 16.39 -47.65 -60.63
C PHE D 218 15.06 -46.92 -60.58
N CYS D 219 14.39 -46.78 -61.73
CA CYS D 219 13.19 -45.98 -61.83
C CYS D 219 11.94 -46.83 -61.64
N HIS D 220 11.92 -48.01 -62.29
CA HIS D 220 10.70 -48.79 -62.44
C HIS D 220 10.35 -49.55 -61.18
N THR D 221 11.38 -50.07 -60.49
CA THR D 221 11.19 -50.97 -59.36
C THR D 221 10.59 -50.24 -58.17
N SER D 222 10.98 -48.97 -58.01
CA SER D 222 10.75 -48.20 -56.79
C SER D 222 9.28 -48.21 -56.35
N PRO D 223 8.29 -47.78 -57.17
CA PRO D 223 6.93 -47.60 -56.68
C PRO D 223 6.34 -48.89 -56.10
N GLU D 224 6.68 -50.02 -56.73
CA GLU D 224 6.11 -51.30 -56.38
C GLU D 224 6.85 -51.91 -55.19
N GLU D 225 8.17 -51.73 -55.15
CA GLU D 225 9.03 -52.48 -54.25
C GLU D 225 9.44 -51.68 -53.02
N ARG D 226 9.58 -50.35 -53.17
CA ARG D 226 10.09 -49.52 -52.10
C ARG D 226 9.12 -48.37 -51.79
N CYS D 227 8.70 -48.30 -50.52
CA CYS D 227 7.71 -47.33 -50.07
C CYS D 227 8.40 -46.04 -49.63
N SER D 228 9.71 -45.95 -49.88
CA SER D 228 10.43 -44.71 -49.67
C SER D 228 10.16 -43.78 -50.84
N THR D 229 9.30 -44.25 -51.76
CA THR D 229 8.84 -43.48 -52.90
C THR D 229 7.83 -42.44 -52.42
N CYS D 230 7.94 -41.22 -52.94
CA CYS D 230 7.04 -40.11 -52.66
C CYS D 230 7.34 -39.49 -51.30
N HIS D 231 7.29 -40.30 -50.24
CA HIS D 231 7.76 -39.90 -48.94
C HIS D 231 9.13 -40.53 -48.70
N GLN D 232 10.18 -39.69 -48.81
CA GLN D 232 11.56 -40.14 -48.80
C GLN D 232 11.92 -40.75 -47.46
N ARG D 233 12.83 -41.73 -47.50
CA ARG D 233 13.51 -42.20 -46.31
C ARG D 233 14.52 -41.15 -45.89
N HIS D 234 14.83 -41.05 -44.59
CA HIS D 234 14.25 -41.86 -43.54
C HIS D 234 13.25 -41.03 -42.74
N GLN D 235 12.79 -39.93 -43.36
CA GLN D 235 11.93 -38.96 -42.69
C GLN D 235 10.48 -39.42 -42.81
N PHE D 236 10.13 -40.01 -43.97
CA PHE D 236 8.80 -40.53 -44.28
C PHE D 236 7.72 -39.50 -43.92
N ASP D 237 7.84 -38.31 -44.52
CA ASP D 237 6.95 -37.21 -44.24
C ASP D 237 5.81 -37.19 -45.27
N PRO D 238 4.55 -37.40 -44.84
CA PRO D 238 3.41 -37.35 -45.77
C PRO D 238 3.24 -35.96 -46.38
N ALA D 239 3.73 -34.94 -45.66
CA ALA D 239 3.60 -33.55 -46.06
C ALA D 239 4.44 -33.29 -47.31
N VAL D 240 5.62 -33.90 -47.38
CA VAL D 240 6.48 -33.75 -48.55
C VAL D 240 5.95 -34.62 -49.68
N ALA D 241 5.24 -35.70 -49.32
CA ALA D 241 4.72 -36.65 -50.28
C ALA D 241 3.54 -36.05 -51.04
N ARG D 242 2.94 -34.98 -50.47
CA ARG D 242 1.74 -34.39 -51.01
C ARG D 242 2.09 -33.35 -52.07
N ARG D 243 3.38 -33.11 -52.26
CA ARG D 243 3.85 -32.10 -53.20
C ARG D 243 3.93 -32.71 -54.60
N SER D 244 3.54 -31.90 -55.60
CA SER D 244 3.44 -32.35 -56.97
C SER D 244 4.79 -32.86 -57.49
N GLU D 245 5.87 -32.18 -57.08
CA GLU D 245 7.20 -32.41 -57.64
C GLU D 245 7.64 -33.86 -57.38
N GLN D 246 7.01 -34.52 -56.39
CA GLN D 246 7.41 -35.86 -56.00
C GLN D 246 7.33 -36.79 -57.20
N CYS D 247 6.34 -36.55 -58.07
CA CYS D 247 6.02 -37.44 -59.17
C CYS D 247 6.96 -37.18 -60.35
N LYS D 248 7.58 -36.00 -60.37
CA LYS D 248 8.32 -35.53 -61.52
C LYS D 248 9.53 -36.43 -61.79
N THR D 249 10.08 -37.04 -60.74
CA THR D 249 11.34 -37.76 -60.83
C THR D 249 11.22 -38.96 -61.77
N CYS D 250 10.00 -39.46 -61.96
CA CYS D 250 9.73 -40.59 -62.84
C CYS D 250 8.80 -40.19 -63.97
N HIS D 251 7.84 -39.31 -63.68
CA HIS D 251 6.80 -38.94 -64.63
C HIS D 251 7.21 -37.70 -65.42
N TRP D 252 8.33 -37.82 -66.13
CA TRP D 252 8.81 -36.77 -67.01
C TRP D 252 9.44 -37.40 -68.24
N GLY D 253 9.78 -36.57 -69.22
CA GLY D 253 10.70 -36.99 -70.27
C GLY D 253 10.01 -37.50 -71.53
N LYS D 254 10.76 -38.29 -72.29
CA LYS D 254 10.54 -38.49 -73.71
C LYS D 254 9.21 -39.17 -74.00
N ASP D 255 8.77 -40.05 -73.10
CA ASP D 255 7.63 -40.91 -73.42
C ASP D 255 6.47 -40.70 -72.44
N HIS D 256 6.60 -39.69 -71.56
CA HIS D 256 5.52 -39.30 -70.67
C HIS D 256 5.85 -37.96 -70.02
N ARG D 257 5.44 -36.87 -70.68
CA ARG D 257 5.67 -35.53 -70.18
C ARG D 257 4.57 -35.15 -69.18
N ASP D 258 4.39 -35.99 -68.16
CA ASP D 258 3.34 -35.78 -67.18
C ASP D 258 3.63 -34.51 -66.37
N TRP D 259 4.85 -34.43 -65.83
CA TRP D 259 5.28 -33.29 -65.04
C TRP D 259 5.28 -32.03 -65.90
N GLU D 260 5.97 -32.10 -67.05
CA GLU D 260 6.13 -30.97 -67.95
C GLU D 260 4.77 -30.38 -68.32
N ALA D 261 3.80 -31.25 -68.62
CA ALA D 261 2.47 -30.82 -69.04
C ALA D 261 1.75 -30.11 -67.89
N TYR D 262 1.79 -30.72 -66.70
CA TYR D 262 1.18 -30.16 -65.51
C TYR D 262 1.84 -28.82 -65.17
N ASP D 263 3.18 -28.84 -65.15
CA ASP D 263 4.00 -27.74 -64.67
C ASP D 263 3.72 -26.47 -65.47
N ILE D 264 3.61 -26.62 -66.80
CA ILE D 264 3.56 -25.46 -67.68
C ILE D 264 2.11 -25.02 -67.87
N GLY D 265 1.17 -25.94 -67.66
CA GLY D 265 -0.25 -25.64 -67.68
C GLY D 265 -0.61 -24.61 -66.61
N LEU D 266 -1.86 -24.13 -66.65
CA LEU D 266 -2.28 -23.12 -65.69
C LEU D 266 -2.37 -23.69 -64.28
N HIS D 267 -2.64 -25.00 -64.17
CA HIS D 267 -2.63 -25.67 -62.88
C HIS D 267 -1.22 -25.61 -62.27
N GLY D 268 -0.22 -25.89 -63.13
CA GLY D 268 1.17 -25.87 -62.73
C GLY D 268 1.66 -24.44 -62.46
N THR D 269 1.10 -23.48 -63.21
CA THR D 269 1.40 -22.08 -63.03
C THR D 269 0.88 -21.62 -61.67
N VAL D 270 -0.40 -21.95 -61.41
CA VAL D 270 -1.03 -21.64 -60.13
C VAL D 270 -0.21 -22.28 -59.01
N TYR D 271 0.24 -23.51 -59.23
CA TYR D 271 0.98 -24.27 -58.24
C TYR D 271 2.29 -23.56 -57.90
N GLN D 272 3.08 -23.22 -58.93
CA GLN D 272 4.42 -22.69 -58.73
C GLN D 272 4.35 -21.33 -58.04
N VAL D 273 3.25 -20.61 -58.29
CA VAL D 273 3.10 -19.24 -57.84
C VAL D 273 2.67 -19.22 -56.36
N ASN D 274 2.05 -20.31 -55.90
CA ASN D 274 1.30 -20.29 -54.65
C ASN D 274 1.81 -21.36 -53.67
N LYS D 275 2.69 -22.26 -54.12
CA LYS D 275 2.94 -23.50 -53.40
C LYS D 275 3.57 -23.25 -52.04
N TRP D 276 4.26 -22.12 -51.88
CA TRP D 276 4.90 -21.80 -50.61
C TRP D 276 4.06 -20.81 -49.82
N ASP D 277 2.89 -20.47 -50.36
CA ASP D 277 1.92 -19.67 -49.63
C ASP D 277 0.95 -20.63 -48.93
N THR D 278 1.00 -20.63 -47.59
CA THR D 278 0.31 -21.58 -46.77
C THR D 278 -1.21 -21.34 -46.85
N GLU D 279 -1.58 -20.12 -47.26
CA GLU D 279 -2.98 -19.73 -47.38
C GLU D 279 -3.60 -20.30 -48.65
N GLN D 280 -2.74 -20.77 -49.57
CA GLN D 280 -3.19 -21.26 -50.86
C GLN D 280 -2.97 -22.76 -50.95
N PHE D 281 -1.85 -23.23 -50.39
CA PHE D 281 -1.52 -24.65 -50.36
C PHE D 281 -1.05 -25.02 -48.96
N ASP D 282 -1.85 -25.85 -48.28
CA ASP D 282 -1.53 -26.33 -46.95
C ASP D 282 -1.25 -27.82 -47.01
N PHE D 283 0.05 -28.18 -46.97
CA PHE D 283 0.48 -29.55 -47.19
C PHE D 283 0.40 -30.36 -45.90
N SER D 284 0.06 -29.68 -44.80
CA SER D 284 -0.11 -30.34 -43.51
C SER D 284 -1.47 -31.04 -43.47
N LYS D 285 -2.43 -30.55 -44.26
CA LYS D 285 -3.75 -31.13 -44.37
C LYS D 285 -3.66 -32.47 -45.09
N LYS D 286 -4.49 -33.43 -44.67
CA LYS D 286 -4.64 -34.69 -45.39
C LYS D 286 -5.41 -34.43 -46.68
N LEU D 287 -5.23 -35.33 -47.66
CA LEU D 287 -5.75 -35.12 -49.01
C LEU D 287 -7.27 -35.06 -49.01
N SER D 288 -7.90 -35.66 -47.99
CA SER D 288 -9.34 -35.62 -47.84
C SER D 288 -9.82 -34.22 -47.51
N ASP D 289 -8.93 -33.42 -46.90
CA ASP D 289 -9.27 -32.09 -46.43
C ASP D 289 -8.58 -31.03 -47.28
N ALA D 290 -7.92 -31.47 -48.36
CA ALA D 290 -7.18 -30.58 -49.24
C ALA D 290 -8.11 -29.56 -49.87
N ASP D 291 -7.85 -28.27 -49.61
CA ASP D 291 -8.67 -27.17 -50.07
C ASP D 291 -7.79 -26.16 -50.82
N TYR D 292 -6.89 -26.69 -51.67
CA TYR D 292 -5.94 -25.87 -52.39
C TYR D 292 -6.67 -24.96 -53.39
N VAL D 293 -5.98 -23.91 -53.83
CA VAL D 293 -6.49 -23.02 -54.87
C VAL D 293 -6.47 -23.78 -56.20
N GLY D 294 -5.41 -24.57 -56.42
CA GLY D 294 -5.26 -25.37 -57.63
C GLY D 294 -4.92 -26.82 -57.29
N PRO D 295 -5.06 -27.77 -58.24
CA PRO D 295 -4.80 -29.18 -57.96
C PRO D 295 -3.33 -29.57 -58.01
N THR D 296 -3.00 -30.64 -57.28
CA THR D 296 -1.71 -31.31 -57.36
C THR D 296 -1.94 -32.68 -58.02
N CYS D 297 -0.86 -33.33 -58.44
CA CYS D 297 -0.98 -34.67 -59.00
C CYS D 297 -1.80 -35.54 -58.05
N GLN D 298 -1.51 -35.40 -56.75
CA GLN D 298 -2.11 -36.20 -55.69
C GLN D 298 -3.59 -35.85 -55.58
N TYR D 299 -3.92 -34.57 -55.76
CA TYR D 299 -5.29 -34.09 -55.64
C TYR D 299 -6.21 -34.85 -56.60
N CYS D 300 -5.68 -35.18 -57.79
CA CYS D 300 -6.47 -35.78 -58.86
C CYS D 300 -6.32 -37.29 -58.86
N HIS D 301 -5.08 -37.77 -58.74
CA HIS D 301 -4.80 -39.19 -58.94
C HIS D 301 -4.87 -39.99 -57.63
N MET D 302 -4.62 -39.32 -56.50
CA MET D 302 -4.68 -39.96 -55.19
C MET D 302 -5.79 -39.34 -54.36
N ARG D 303 -6.95 -39.15 -55.00
CA ARG D 303 -8.16 -38.60 -54.39
C ARG D 303 -8.41 -39.30 -53.06
N GLY D 304 -8.56 -38.50 -51.99
CA GLY D 304 -8.87 -39.00 -50.67
C GLY D 304 -7.68 -39.69 -50.00
N GLY D 305 -6.52 -39.68 -50.68
CA GLY D 305 -5.30 -40.25 -50.17
C GLY D 305 -5.11 -41.72 -50.56
N HIS D 306 -6.00 -42.22 -51.43
CA HIS D 306 -5.94 -43.60 -51.89
C HIS D 306 -4.64 -43.84 -52.65
N HIS D 307 -3.98 -44.97 -52.34
CA HIS D 307 -2.63 -45.22 -52.81
C HIS D 307 -2.62 -45.89 -54.19
N ASN D 308 -3.78 -46.39 -54.63
CA ASN D 308 -3.91 -46.83 -56.02
C ASN D 308 -4.04 -45.59 -56.90
N VAL D 309 -2.94 -45.27 -57.56
CA VAL D 309 -2.77 -44.00 -58.26
C VAL D 309 -3.52 -44.06 -59.60
N GLN D 310 -3.93 -45.28 -59.98
CA GLN D 310 -4.57 -45.57 -61.25
C GLN D 310 -6.08 -45.69 -61.05
N ARG D 311 -6.53 -45.46 -59.81
CA ARG D 311 -7.89 -45.75 -59.39
C ARG D 311 -8.90 -45.06 -60.30
N ALA D 312 -8.60 -43.82 -60.72
CA ALA D 312 -9.53 -42.98 -61.44
C ALA D 312 -9.39 -43.13 -62.95
N SER D 313 -8.35 -43.85 -63.37
CA SER D 313 -8.06 -44.05 -64.79
C SER D 313 -9.25 -44.71 -65.49
N ILE D 314 -9.46 -44.34 -66.77
CA ILE D 314 -10.59 -44.83 -67.53
C ILE D 314 -10.24 -46.19 -68.15
N VAL D 315 -9.19 -46.22 -68.98
CA VAL D 315 -8.74 -47.45 -69.61
C VAL D 315 -7.25 -47.33 -69.94
N TYR D 316 -6.51 -48.43 -69.77
CA TYR D 316 -5.09 -48.46 -70.07
C TYR D 316 -4.88 -48.45 -71.59
N THR D 317 -4.10 -47.46 -72.04
CA THR D 317 -3.92 -47.21 -73.47
C THR D 317 -2.43 -47.23 -73.82
N SER D 318 -1.66 -48.02 -73.06
CA SER D 318 -0.26 -48.28 -73.35
C SER D 318 0.49 -46.95 -73.45
N MET D 319 0.40 -46.15 -72.39
CA MET D 319 1.10 -44.88 -72.24
C MET D 319 0.47 -43.79 -73.11
N GLY D 320 -0.67 -44.11 -73.73
CA GLY D 320 -1.36 -43.18 -74.61
C GLY D 320 -0.98 -43.38 -76.06
N MET D 321 -0.20 -44.45 -76.33
CA MET D 321 0.18 -44.82 -77.67
C MET D 321 -1.01 -45.47 -78.36
N SER D 322 -1.74 -46.31 -77.63
CA SER D 322 -3.03 -46.83 -78.08
C SER D 322 -4.09 -45.76 -77.90
N MET D 323 -5.16 -45.85 -78.69
CA MET D 323 -6.13 -44.76 -78.79
C MET D 323 -7.51 -45.25 -78.35
N ALA D 324 -8.20 -44.37 -77.60
CA ALA D 324 -9.58 -44.61 -77.17
C ALA D 324 -10.29 -43.27 -77.03
N ASP D 325 -11.57 -43.25 -77.46
CA ASP D 325 -12.43 -42.13 -77.16
C ASP D 325 -12.99 -42.32 -75.76
N ARG D 326 -12.37 -41.66 -74.79
CA ARG D 326 -12.72 -41.80 -73.38
C ARG D 326 -14.04 -41.08 -73.10
N GLY D 327 -14.46 -40.22 -74.03
CA GLY D 327 -15.69 -39.47 -73.89
C GLY D 327 -16.89 -40.21 -74.50
N ALA D 328 -16.65 -41.42 -75.02
CA ALA D 328 -17.69 -42.22 -75.63
C ALA D 328 -18.65 -42.73 -74.56
N PRO D 329 -19.94 -42.98 -74.90
CA PRO D 329 -20.94 -43.45 -73.92
C PRO D 329 -20.51 -44.69 -73.14
N LEU D 330 -19.60 -45.48 -73.71
CA LEU D 330 -19.08 -46.68 -73.07
C LEU D 330 -18.42 -46.34 -71.73
N TRP D 331 -17.72 -45.20 -71.69
CA TRP D 331 -16.93 -44.81 -70.53
C TRP D 331 -17.60 -43.66 -69.77
N LYS D 332 -18.92 -43.52 -69.93
CA LYS D 332 -19.63 -42.36 -69.42
C LYS D 332 -19.42 -42.20 -67.92
N GLU D 333 -19.57 -43.32 -67.19
CA GLU D 333 -19.51 -43.31 -65.73
C GLU D 333 -18.11 -42.94 -65.25
N LYS D 334 -17.10 -43.39 -66.00
CA LYS D 334 -15.70 -43.20 -65.64
C LYS D 334 -15.26 -41.77 -65.90
N ARG D 335 -15.77 -41.18 -66.99
CA ARG D 335 -15.52 -39.79 -67.34
C ARG D 335 -16.25 -38.89 -66.35
N ASP D 336 -17.48 -39.30 -65.97
CA ASP D 336 -18.29 -38.56 -65.02
C ASP D 336 -17.53 -38.40 -63.70
N ARG D 337 -16.80 -39.47 -63.30
CA ARG D 337 -16.03 -39.47 -62.08
C ARG D 337 -14.93 -38.40 -62.12
N TRP D 338 -14.31 -38.25 -63.30
CA TRP D 338 -13.28 -37.25 -63.50
C TRP D 338 -13.86 -35.85 -63.39
N VAL D 339 -15.06 -35.68 -63.94
CA VAL D 339 -15.77 -34.41 -63.89
C VAL D 339 -16.07 -34.06 -62.43
N SER D 340 -16.29 -35.11 -61.61
CA SER D 340 -16.55 -34.96 -60.18
C SER D 340 -15.35 -34.37 -59.46
N ILE D 341 -14.14 -34.67 -59.96
CA ILE D 341 -12.90 -34.19 -59.38
C ILE D 341 -12.68 -32.73 -59.78
N CYS D 342 -12.90 -32.43 -61.07
CA CYS D 342 -12.76 -31.07 -61.59
C CYS D 342 -13.87 -30.18 -61.02
N ASP D 343 -15.03 -30.79 -60.71
CA ASP D 343 -16.20 -30.15 -60.14
C ASP D 343 -15.82 -29.26 -58.96
N ASP D 344 -14.72 -29.60 -58.28
CA ASP D 344 -14.30 -28.94 -57.06
C ASP D 344 -14.07 -27.45 -57.31
N CYS D 345 -13.65 -27.09 -58.53
CA CYS D 345 -13.23 -25.74 -58.83
C CYS D 345 -13.73 -25.26 -60.19
N HIS D 346 -14.56 -26.07 -60.84
CA HIS D 346 -15.12 -25.74 -62.14
C HIS D 346 -16.56 -26.24 -62.23
N SER D 347 -17.34 -25.64 -63.14
CA SER D 347 -18.65 -26.17 -63.48
C SER D 347 -18.48 -27.52 -64.17
N PRO D 348 -19.39 -28.50 -63.94
CA PRO D 348 -19.34 -29.78 -64.64
C PRO D 348 -19.16 -29.62 -66.15
N ARG D 349 -19.91 -28.67 -66.71
CA ARG D 349 -19.91 -28.46 -68.15
C ARG D 349 -18.50 -28.09 -68.64
N PHE D 350 -17.88 -27.12 -67.96
CA PHE D 350 -16.58 -26.62 -68.36
C PHE D 350 -15.58 -27.77 -68.42
N ALA D 351 -15.60 -28.61 -67.39
CA ALA D 351 -14.66 -29.72 -67.25
C ALA D 351 -14.96 -30.81 -68.28
N ARG D 352 -16.25 -31.13 -68.43
CA ARG D 352 -16.72 -32.17 -69.33
C ARG D 352 -16.27 -31.86 -70.75
N GLU D 353 -16.41 -30.60 -71.14
CA GLU D 353 -16.16 -30.16 -72.51
C GLU D 353 -14.65 -30.04 -72.78
N ASN D 354 -13.89 -29.68 -71.73
CA ASN D 354 -12.45 -29.56 -71.84
C ASN D 354 -11.82 -30.94 -72.05
N LEU D 355 -12.36 -31.94 -71.36
CA LEU D 355 -11.86 -33.30 -71.48
C LEU D 355 -12.33 -33.91 -72.81
N GLN D 356 -13.45 -33.40 -73.34
CA GLN D 356 -13.93 -33.80 -74.64
C GLN D 356 -12.93 -33.33 -75.71
N ALA D 357 -12.40 -32.11 -75.52
CA ALA D 357 -11.40 -31.55 -76.41
C ALA D 357 -10.18 -32.47 -76.47
N MET D 358 -9.79 -33.00 -75.30
CA MET D 358 -8.69 -33.94 -75.20
C MET D 358 -8.95 -35.17 -76.07
N ASP D 359 -10.16 -35.72 -75.96
CA ASP D 359 -10.57 -36.91 -76.70
C ASP D 359 -10.40 -36.67 -78.20
N GLU D 360 -10.78 -35.47 -78.65
CA GLU D 360 -10.72 -35.10 -80.05
C GLU D 360 -9.27 -35.00 -80.53
N SER D 361 -8.41 -34.43 -79.68
CA SER D 361 -7.00 -34.31 -79.97
C SER D 361 -6.36 -35.68 -80.13
N VAL D 362 -6.80 -36.62 -79.28
CA VAL D 362 -6.27 -37.98 -79.23
C VAL D 362 -6.65 -38.71 -80.52
N LYS D 363 -7.90 -38.51 -80.97
CA LYS D 363 -8.43 -39.18 -82.15
C LYS D 363 -7.76 -38.64 -83.41
N ASP D 364 -7.55 -37.33 -83.44
CA ASP D 364 -6.94 -36.64 -84.57
C ASP D 364 -5.46 -37.01 -84.69
N ALA D 365 -4.84 -37.32 -83.54
CA ALA D 365 -3.44 -37.69 -83.50
C ALA D 365 -3.24 -39.07 -84.14
N SER D 366 -4.17 -39.99 -83.85
CA SER D 366 -4.06 -41.35 -84.36
C SER D 366 -4.39 -41.38 -85.85
N LEU D 367 -5.21 -40.42 -86.30
CA LEU D 367 -5.49 -40.22 -87.71
C LEU D 367 -4.17 -39.98 -88.45
N LYS D 368 -3.34 -39.09 -87.89
CA LYS D 368 -2.03 -38.77 -88.44
C LYS D 368 -1.14 -40.00 -88.45
N TYR D 369 -1.15 -40.76 -87.34
CA TYR D 369 -0.23 -41.87 -87.22
C TYR D 369 -0.61 -42.98 -88.18
N ARG D 370 -1.92 -43.15 -88.40
CA ARG D 370 -2.42 -44.15 -89.33
C ARG D 370 -1.85 -43.86 -90.73
N GLU D 371 -1.81 -42.57 -91.08
CA GLU D 371 -1.22 -42.14 -92.35
C GLU D 371 0.29 -42.42 -92.35
N THR D 372 0.93 -42.15 -91.20
CA THR D 372 2.36 -42.34 -91.05
C THR D 372 2.70 -43.82 -91.16
N PHE D 373 1.89 -44.66 -90.50
CA PHE D 373 2.13 -46.10 -90.44
C PHE D 373 1.96 -46.72 -91.83
N LYS D 374 0.94 -46.24 -92.58
CA LYS D 374 0.63 -46.75 -93.90
C LYS D 374 1.86 -46.65 -94.80
N VAL D 375 2.53 -45.50 -94.75
CA VAL D 375 3.72 -45.23 -95.54
C VAL D 375 4.79 -46.28 -95.22
N ALA D 376 4.95 -46.59 -93.93
CA ALA D 376 5.97 -47.51 -93.46
C ALA D 376 5.60 -48.95 -93.82
N GLU D 377 4.31 -49.28 -93.70
CA GLU D 377 3.80 -50.61 -93.95
C GLU D 377 3.93 -50.93 -95.44
N ASP D 378 3.68 -49.92 -96.28
CA ASP D 378 3.72 -50.08 -97.73
C ASP D 378 5.15 -50.41 -98.18
N LEU D 379 6.14 -49.81 -97.51
CA LEU D 379 7.54 -50.06 -97.84
C LEU D 379 7.87 -51.53 -97.58
N LEU D 380 7.25 -52.11 -96.54
CA LEU D 380 7.53 -53.48 -96.14
C LEU D 380 6.86 -54.44 -97.12
N ILE D 381 5.59 -54.15 -97.44
CA ILE D 381 4.78 -54.99 -98.31
C ILE D 381 5.38 -54.99 -99.72
N ASP D 382 5.84 -53.81 -100.17
CA ASP D 382 6.45 -53.67 -101.49
C ASP D 382 7.89 -54.18 -101.46
N GLY D 383 8.40 -54.47 -100.26
CA GLY D 383 9.71 -55.07 -100.07
C GLY D 383 10.86 -54.11 -100.39
N VAL D 384 10.58 -52.81 -100.41
CA VAL D 384 11.56 -51.81 -100.80
C VAL D 384 12.12 -51.09 -99.57
N LEU D 385 11.66 -51.50 -98.39
CA LEU D 385 12.16 -50.99 -97.12
C LEU D 385 13.65 -51.32 -97.02
N ASP D 386 14.44 -50.35 -96.55
CA ASP D 386 15.89 -50.39 -96.68
C ASP D 386 16.57 -50.33 -95.30
N PRO D 387 16.84 -51.50 -94.70
CA PRO D 387 16.57 -52.81 -95.29
C PRO D 387 15.33 -53.47 -94.69
N MET D 388 15.01 -54.67 -95.22
CA MET D 388 13.94 -55.49 -94.71
C MET D 388 14.36 -56.13 -93.40
N PRO D 389 13.42 -56.48 -92.49
CA PRO D 389 13.75 -57.03 -91.18
C PRO D 389 14.73 -58.19 -91.17
N LYS D 390 14.74 -58.98 -92.27
CA LYS D 390 15.56 -60.17 -92.37
C LYS D 390 17.04 -59.79 -92.47
N ASP D 391 17.31 -58.54 -92.85
CA ASP D 391 18.67 -58.07 -93.09
C ASP D 391 19.14 -57.19 -91.93
N LEU D 392 18.28 -57.00 -90.93
CA LEU D 392 18.65 -56.35 -89.68
C LEU D 392 19.21 -57.41 -88.74
N CYS D 393 19.90 -56.93 -87.69
CA CYS D 393 20.30 -57.76 -86.56
C CYS D 393 19.05 -58.41 -85.97
N PRO D 394 19.13 -59.69 -85.54
CA PRO D 394 17.99 -60.35 -84.87
C PRO D 394 17.56 -59.59 -83.62
N ASP D 395 16.25 -59.54 -83.39
CA ASP D 395 15.67 -58.85 -82.24
C ASP D 395 16.04 -59.59 -80.96
N TRP D 396 15.57 -59.06 -79.82
CA TRP D 396 15.91 -59.58 -78.50
C TRP D 396 15.57 -61.07 -78.41
N SER D 397 14.54 -61.48 -79.17
CA SER D 397 13.99 -62.82 -79.16
C SER D 397 14.88 -63.77 -79.96
N GLY D 398 15.69 -63.22 -80.86
CA GLY D 398 16.52 -64.00 -81.77
C GLY D 398 15.81 -64.21 -83.10
N GLN D 399 14.84 -63.35 -83.39
CA GLN D 399 14.00 -63.47 -84.58
C GLN D 399 14.19 -62.24 -85.47
N HIS D 400 13.63 -62.30 -86.68
CA HIS D 400 13.69 -61.20 -87.61
C HIS D 400 12.27 -60.70 -87.90
N ILE D 401 11.49 -60.50 -86.84
CA ILE D 401 10.13 -59.97 -86.93
C ILE D 401 10.20 -58.45 -87.12
N TRP D 402 9.26 -57.92 -87.90
CA TRP D 402 9.18 -56.50 -88.17
C TRP D 402 8.92 -55.76 -86.85
N SER D 403 9.70 -54.69 -86.64
CA SER D 403 9.63 -53.87 -85.44
C SER D 403 8.19 -53.43 -85.14
N LEU D 404 7.48 -52.98 -86.17
CA LEU D 404 6.21 -52.28 -85.99
C LEU D 404 5.04 -53.25 -86.00
N LYS D 405 5.32 -54.56 -86.12
CA LYS D 405 4.27 -55.56 -86.24
C LYS D 405 3.52 -55.69 -84.92
N ILE D 406 2.21 -55.45 -84.99
CA ILE D 406 1.29 -55.70 -83.89
C ILE D 406 0.52 -56.98 -84.20
N GLY D 407 0.76 -58.00 -83.38
CA GLY D 407 0.25 -59.35 -83.60
C GLY D 407 -1.28 -59.41 -83.72
N ALA D 408 -1.97 -58.45 -83.09
CA ALA D 408 -3.42 -58.46 -83.07
C ALA D 408 -3.99 -57.94 -84.39
N TYR D 409 -3.17 -57.23 -85.18
CA TYR D 409 -3.63 -56.56 -86.38
C TYR D 409 -2.91 -57.07 -87.63
N HIS D 410 -1.67 -57.54 -87.45
CA HIS D 410 -0.84 -57.88 -88.59
C HIS D 410 -0.56 -59.38 -88.62
N ASP D 411 -0.68 -59.97 -89.81
CA ASP D 411 -0.33 -61.36 -90.04
C ASP D 411 0.09 -61.52 -91.50
N GLY D 412 1.20 -62.25 -91.72
CA GLY D 412 1.70 -62.47 -93.06
C GLY D 412 3.19 -62.82 -93.08
N GLU D 413 3.68 -63.19 -94.27
CA GLU D 413 5.05 -63.63 -94.48
C GLU D 413 6.00 -62.45 -94.30
N ALA D 414 5.55 -61.27 -94.74
CA ALA D 414 6.37 -60.06 -94.77
C ALA D 414 6.67 -59.57 -93.35
N TYR D 415 5.74 -59.82 -92.43
CA TYR D 415 5.81 -59.32 -91.07
C TYR D 415 6.72 -60.20 -90.22
N GLY D 416 6.68 -61.52 -90.48
CA GLY D 416 7.46 -62.48 -89.73
C GLY D 416 6.77 -62.91 -88.45
N GLY D 417 7.34 -63.94 -87.79
CA GLY D 417 6.83 -64.44 -86.52
C GLY D 417 5.57 -65.27 -86.71
N THR D 418 5.13 -65.93 -85.62
CA THR D 418 3.93 -66.75 -85.63
C THR D 418 2.69 -65.85 -85.61
N THR D 419 1.52 -66.47 -85.84
CA THR D 419 0.25 -65.76 -85.87
C THR D 419 -0.04 -65.21 -84.47
N GLY D 420 -0.30 -63.90 -84.41
CA GLY D 420 -0.68 -63.24 -83.17
C GLY D 420 0.53 -62.67 -82.42
N GLU D 421 1.73 -63.07 -82.84
CA GLU D 421 2.97 -62.62 -82.23
C GLU D 421 3.35 -61.24 -82.77
N SER D 422 3.70 -60.33 -81.86
CA SER D 422 4.14 -58.99 -82.21
C SER D 422 5.64 -58.96 -82.46
N GLY D 423 6.12 -57.85 -83.03
CA GLY D 423 7.54 -57.59 -83.15
C GLY D 423 8.06 -56.85 -81.93
N GLU D 424 9.39 -56.66 -81.87
CA GLU D 424 10.00 -55.89 -80.79
C GLU D 424 9.92 -54.41 -81.12
N PHE D 425 8.89 -53.75 -80.60
CA PHE D 425 8.67 -52.32 -80.78
C PHE D 425 9.87 -51.56 -80.20
N ARG D 426 10.57 -50.82 -81.05
CA ARG D 426 11.83 -50.20 -80.65
C ARG D 426 12.15 -48.98 -81.52
N MET D 427 13.11 -48.19 -81.04
CA MET D 427 13.66 -47.04 -81.75
C MET D 427 15.10 -47.37 -82.15
N SER D 428 15.55 -48.57 -81.78
CA SER D 428 16.91 -49.03 -82.03
C SER D 428 16.90 -50.17 -83.04
N ASN D 429 18.06 -50.41 -83.67
CA ASN D 429 18.26 -51.53 -84.57
C ASN D 429 17.09 -51.66 -85.53
N CYS D 430 16.91 -50.64 -86.37
CA CYS D 430 15.83 -50.58 -87.34
C CYS D 430 16.15 -49.53 -88.40
N THR D 431 15.20 -49.31 -89.31
CA THR D 431 15.30 -48.28 -90.33
C THR D 431 14.89 -46.94 -89.72
N ASP D 432 15.20 -45.85 -90.43
CA ASP D 432 14.78 -44.52 -90.02
C ASP D 432 13.26 -44.46 -90.00
N VAL D 433 12.63 -45.13 -90.98
CA VAL D 433 11.19 -45.10 -91.14
C VAL D 433 10.53 -45.75 -89.92
N GLU D 434 11.10 -46.89 -89.49
CA GLU D 434 10.64 -47.59 -88.31
C GLU D 434 10.82 -46.70 -87.08
N ARG D 435 12.00 -46.09 -86.99
CA ARG D 435 12.39 -45.26 -85.86
C ARG D 435 11.45 -44.07 -85.73
N LEU D 436 11.20 -43.38 -86.85
CA LEU D 436 10.40 -42.17 -86.85
C LEU D 436 8.95 -42.48 -86.49
N CYS D 437 8.49 -43.67 -86.89
CA CYS D 437 7.16 -44.13 -86.56
C CYS D 437 7.05 -44.32 -85.05
N PHE D 438 8.06 -44.98 -84.47
CA PHE D 438 8.14 -45.19 -83.03
C PHE D 438 8.10 -43.84 -82.31
N GLU D 439 8.91 -42.89 -82.78
CA GLU D 439 9.01 -41.57 -82.17
C GLU D 439 7.66 -40.85 -82.25
N SER D 440 6.95 -41.03 -83.36
CA SER D 440 5.73 -40.28 -83.62
C SER D 440 4.65 -40.68 -82.62
N VAL D 441 4.49 -41.99 -82.40
CA VAL D 441 3.44 -42.53 -81.56
C VAL D 441 3.93 -42.64 -80.12
N GLY D 442 5.22 -42.94 -79.95
CA GLY D 442 5.80 -43.26 -78.66
C GLY D 442 6.27 -42.04 -77.89
N TYR D 443 6.52 -40.94 -78.61
CA TYR D 443 6.92 -39.69 -77.96
C TYR D 443 5.85 -38.63 -78.20
N PHE D 444 5.72 -38.20 -79.46
CA PHE D 444 4.96 -37.01 -79.81
C PHE D 444 3.47 -37.18 -79.50
N GLN D 445 2.93 -38.37 -79.76
CA GLN D 445 1.52 -38.62 -79.54
C GLN D 445 1.18 -38.54 -78.06
N THR D 446 2.12 -39.00 -77.21
CA THR D 446 1.93 -39.02 -75.76
C THR D 446 1.90 -37.60 -75.23
N TYR D 447 2.62 -36.68 -75.90
CA TYR D 447 2.62 -35.28 -75.50
C TYR D 447 1.25 -34.67 -75.73
N ILE D 448 0.50 -35.22 -76.69
CA ILE D 448 -0.83 -34.71 -77.02
C ILE D 448 -1.81 -35.17 -75.94
N TYR D 449 -1.78 -36.47 -75.61
CA TYR D 449 -2.66 -37.03 -74.60
C TYR D 449 -2.39 -36.38 -73.25
N LYS D 450 -1.14 -36.47 -72.79
CA LYS D 450 -0.74 -35.96 -71.49
C LYS D 450 -0.88 -34.44 -71.46
N GLY D 451 -0.51 -33.79 -72.57
CA GLY D 451 -0.60 -32.35 -72.69
C GLY D 451 -2.04 -31.86 -72.46
N MET D 452 -2.98 -32.46 -73.20
CA MET D 452 -4.37 -32.03 -73.17
C MET D 452 -5.03 -32.41 -71.84
N ALA D 453 -4.57 -33.51 -71.24
CA ALA D 453 -5.10 -34.01 -69.99
C ALA D 453 -4.72 -33.09 -68.83
N HIS D 454 -3.57 -32.43 -68.95
CA HIS D 454 -3.01 -31.66 -67.85
C HIS D 454 -3.08 -30.16 -68.12
N GLY D 455 -3.57 -29.79 -69.31
CA GLY D 455 -3.85 -28.39 -69.64
C GLY D 455 -2.66 -27.67 -70.27
N SER D 456 -1.69 -28.43 -70.81
CA SER D 456 -0.58 -27.87 -71.55
C SER D 456 -0.89 -27.84 -73.03
N TRP D 457 -1.34 -26.65 -73.50
CA TRP D 457 -1.81 -26.47 -74.86
C TRP D 457 -0.66 -26.56 -75.86
N ASN D 458 0.53 -26.16 -75.43
CA ASN D 458 1.68 -26.11 -76.31
C ASN D 458 2.27 -27.52 -76.46
N ASP D 459 2.14 -28.33 -75.41
CA ASP D 459 2.63 -29.71 -75.43
C ASP D 459 1.81 -30.52 -76.43
N ALA D 460 0.58 -30.07 -76.69
CA ALA D 460 -0.34 -30.79 -77.55
C ALA D 460 -0.24 -30.28 -78.99
N THR D 461 0.48 -29.18 -79.19
CA THR D 461 0.58 -28.54 -80.50
C THR D 461 2.05 -28.32 -80.87
N TYR D 462 2.56 -27.11 -80.58
CA TYR D 462 3.85 -26.65 -81.09
C TYR D 462 5.01 -27.47 -80.52
N SER D 463 4.98 -27.71 -79.20
CA SER D 463 6.11 -28.30 -78.50
C SER D 463 6.12 -29.82 -78.68
N ASP D 464 6.37 -30.25 -79.94
CA ASP D 464 6.57 -31.64 -80.32
C ASP D 464 5.28 -32.43 -80.13
N GLY D 465 4.15 -31.73 -80.17
CA GLY D 465 2.84 -32.36 -80.04
C GLY D 465 2.28 -32.76 -81.41
N SER D 466 1.13 -32.17 -81.75
CA SER D 466 0.48 -32.37 -83.03
C SER D 466 1.45 -32.05 -84.17
N PHE D 467 2.20 -30.95 -84.01
CA PHE D 467 3.09 -30.45 -85.05
C PHE D 467 4.39 -31.25 -85.07
N GLY D 468 4.67 -31.94 -83.96
CA GLY D 468 5.77 -32.89 -83.93
C GLY D 468 5.50 -34.06 -84.86
N MET D 469 4.26 -34.57 -84.79
CA MET D 469 3.82 -35.70 -85.58
C MET D 469 3.78 -35.31 -87.05
N ASP D 470 3.41 -34.03 -87.30
CA ASP D 470 3.39 -33.44 -88.63
C ASP D 470 4.78 -33.52 -89.25
N ARG D 471 5.77 -33.09 -88.46
CA ARG D 471 7.15 -32.99 -88.89
C ARG D 471 7.70 -34.38 -89.21
N TRP D 472 7.30 -35.35 -88.38
CA TRP D 472 7.80 -36.71 -88.53
C TRP D 472 7.13 -37.42 -89.70
N LEU D 473 5.87 -37.04 -90.00
CA LEU D 473 5.15 -37.58 -91.14
C LEU D 473 5.87 -37.18 -92.42
N VAL D 474 6.29 -35.91 -92.49
CA VAL D 474 7.06 -35.37 -93.60
C VAL D 474 8.37 -36.17 -93.72
N ASN D 475 9.01 -36.42 -92.57
CA ASN D 475 10.30 -37.09 -92.52
C ASN D 475 10.16 -38.53 -93.02
N VAL D 476 9.05 -39.17 -92.65
CA VAL D 476 8.79 -40.56 -93.03
C VAL D 476 8.55 -40.62 -94.54
N LYS D 477 7.73 -39.70 -95.05
CA LYS D 477 7.37 -39.64 -96.45
C LYS D 477 8.62 -39.46 -97.31
N GLN D 478 9.50 -38.54 -96.86
CA GLN D 478 10.73 -38.24 -97.57
C GLN D 478 11.62 -39.49 -97.64
N ASN D 479 11.75 -40.18 -96.50
CA ASN D 479 12.57 -41.38 -96.40
C ASN D 479 11.99 -42.49 -97.27
N ALA D 480 10.66 -42.54 -97.37
CA ALA D 480 9.97 -43.52 -98.18
C ALA D 480 10.24 -43.24 -99.66
N SER D 481 10.13 -41.96 -100.03
CA SER D 481 10.34 -41.50 -101.39
C SER D 481 11.74 -41.86 -101.87
N ARG D 482 12.74 -41.57 -101.01
CA ARG D 482 14.14 -41.80 -101.37
C ARG D 482 14.41 -43.28 -101.57
N ALA D 483 13.86 -44.10 -100.68
CA ALA D 483 14.08 -45.54 -100.71
C ALA D 483 13.45 -46.15 -101.97
N ARG D 484 12.30 -45.60 -102.37
CA ARG D 484 11.56 -46.10 -103.52
C ARG D 484 12.25 -45.67 -104.81
N ARG D 485 12.87 -44.48 -104.78
CA ARG D 485 13.55 -43.93 -105.94
C ARG D 485 14.83 -44.72 -106.22
N LEU D 486 15.49 -45.17 -105.14
CA LEU D 486 16.73 -45.92 -105.25
C LEU D 486 16.44 -47.32 -105.77
N ALA D 487 15.34 -47.92 -105.27
CA ALA D 487 14.95 -49.27 -105.63
C ALA D 487 14.57 -49.32 -107.11
N ALA D 488 13.92 -48.26 -107.59
CA ALA D 488 13.50 -48.14 -108.99
C ALA D 488 14.71 -48.04 -109.90
N LEU D 489 15.70 -47.23 -109.48
CA LEU D 489 16.92 -47.01 -110.24
C LEU D 489 17.72 -48.30 -110.31
N GLU D 490 17.76 -49.04 -109.21
CA GLU D 490 18.57 -50.24 -109.10
C GLU D 490 17.97 -51.37 -109.95
N LYS D 491 16.63 -51.39 -110.05
CA LYS D 491 15.95 -52.38 -110.87
C LYS D 491 16.31 -52.15 -112.34
N LYS D 492 16.21 -50.90 -112.79
CA LYS D 492 16.37 -50.55 -114.19
C LYS D 492 17.83 -50.73 -114.63
N VAL D 493 18.77 -50.45 -113.72
CA VAL D 493 20.19 -50.54 -114.02
C VAL D 493 20.67 -51.97 -113.81
N GLY D 494 19.89 -52.76 -113.08
CA GLY D 494 20.17 -54.17 -112.89
C GLY D 494 21.10 -54.43 -111.70
N ILE D 495 21.06 -53.54 -110.70
CA ILE D 495 21.74 -53.76 -109.44
C ILE D 495 20.74 -54.39 -108.47
N SER D 496 21.13 -55.51 -107.87
CA SER D 496 20.44 -56.06 -106.72
C SER D 496 21.17 -55.61 -105.46
N TRP D 497 20.56 -54.67 -104.72
CA TRP D 497 21.21 -54.02 -103.59
C TRP D 497 21.42 -55.03 -102.45
N GLN D 498 22.69 -55.17 -102.06
CA GLN D 498 23.08 -55.99 -100.92
C GLN D 498 23.07 -55.09 -99.68
N PRO D 499 22.13 -55.31 -98.73
CA PRO D 499 22.11 -54.52 -97.49
C PRO D 499 23.45 -54.59 -96.78
N GLU D 500 23.91 -53.43 -96.28
CA GLU D 500 25.24 -53.26 -95.74
C GLU D 500 25.41 -54.10 -94.46
N GLN D 501 26.67 -54.31 -94.09
CA GLN D 501 27.03 -55.22 -93.00
C GLN D 501 26.61 -54.63 -91.66
N PHE D 502 26.54 -53.30 -91.57
CA PHE D 502 26.31 -52.62 -90.30
C PHE D 502 24.85 -52.75 -89.85
N TRP D 503 23.97 -53.21 -90.74
CA TRP D 503 22.59 -53.49 -90.36
C TRP D 503 22.53 -54.79 -89.55
N LYS D 504 23.47 -55.71 -89.85
CA LYS D 504 23.49 -57.05 -89.28
C LYS D 504 24.32 -57.05 -88.01
N THR D 505 25.56 -56.55 -88.11
CA THR D 505 26.53 -56.65 -87.04
C THR D 505 27.17 -55.30 -86.77
N GLY D 506 27.82 -55.20 -85.60
CA GLY D 506 28.46 -53.99 -85.11
C GLY D 506 28.85 -54.16 -83.65
N GLU D 507 29.70 -53.26 -83.14
CA GLU D 507 30.32 -53.45 -81.84
C GLU D 507 29.24 -53.60 -80.76
N TRP D 508 28.19 -52.79 -80.84
CA TRP D 508 27.12 -52.81 -79.87
C TRP D 508 26.13 -53.94 -80.18
N LEU D 509 25.76 -54.08 -81.46
CA LEU D 509 24.80 -55.08 -81.91
C LEU D 509 25.24 -56.48 -81.47
N ASP D 510 26.54 -56.75 -81.56
CA ASP D 510 27.10 -58.07 -81.29
C ASP D 510 26.90 -58.46 -79.83
N GLN D 511 26.67 -57.46 -78.97
CA GLN D 511 26.58 -57.68 -77.53
C GLN D 511 25.15 -58.00 -77.11
N LEU D 512 24.22 -57.97 -78.06
CA LEU D 512 22.80 -58.12 -77.78
C LEU D 512 22.44 -59.60 -77.66
N THR D 513 21.19 -59.84 -77.25
CA THR D 513 20.65 -61.18 -77.02
C THR D 513 20.40 -61.87 -78.36
N GLY D 514 19.86 -61.12 -79.33
CA GLY D 514 19.55 -61.63 -80.65
C GLY D 514 20.67 -62.50 -81.22
N PRO D 515 21.87 -61.91 -81.52
CA PRO D 515 23.00 -62.67 -82.06
C PRO D 515 23.42 -63.87 -81.23
N TYR D 516 23.29 -63.76 -79.90
CA TYR D 516 23.70 -64.82 -78.99
C TYR D 516 22.80 -66.04 -79.15
N ILE D 517 21.49 -65.79 -79.27
CA ILE D 517 20.51 -66.86 -79.38
C ILE D 517 20.66 -67.58 -80.72
N VAL D 518 20.81 -66.79 -81.80
CA VAL D 518 20.97 -67.32 -83.14
C VAL D 518 22.20 -68.23 -83.20
N LYS D 519 23.28 -67.81 -82.53
CA LYS D 519 24.55 -68.53 -82.60
C LYS D 519 24.52 -69.77 -81.71
N ASN D 520 24.03 -69.60 -80.48
CA ASN D 520 24.24 -70.58 -79.42
C ASN D 520 23.03 -71.52 -79.25
N HIS D 521 21.84 -71.05 -79.64
CA HIS D 521 20.64 -71.87 -79.57
C HIS D 521 19.88 -71.79 -80.90
N PRO D 522 20.44 -72.36 -81.99
CA PRO D 522 20.06 -72.00 -83.36
C PRO D 522 18.57 -72.06 -83.70
N GLY D 523 17.91 -73.13 -83.27
CA GLY D 523 16.54 -73.37 -83.72
C GLY D 523 15.49 -72.61 -82.91
N LYS D 524 15.91 -72.02 -81.78
CA LYS D 524 14.97 -71.63 -80.73
C LYS D 524 14.95 -70.10 -80.55
N THR D 525 13.93 -69.62 -79.82
CA THR D 525 13.76 -68.23 -79.44
C THR D 525 13.92 -68.09 -77.93
N ILE D 526 13.90 -66.84 -77.44
CA ILE D 526 14.08 -66.57 -76.03
C ILE D 526 12.90 -67.13 -75.23
N PHE D 527 11.74 -67.24 -75.89
CA PHE D 527 10.53 -67.73 -75.25
C PHE D 527 10.65 -69.23 -75.04
N ASP D 528 11.36 -69.91 -75.95
CA ASP D 528 11.66 -71.32 -75.82
C ASP D 528 12.61 -71.52 -74.64
N LEU D 529 13.60 -70.62 -74.54
CA LEU D 529 14.69 -70.75 -73.59
C LEU D 529 14.25 -70.30 -72.20
N CYS D 530 13.15 -69.54 -72.13
CA CYS D 530 12.59 -69.11 -70.87
C CYS D 530 11.12 -69.54 -70.78
N PRO D 531 10.86 -70.85 -70.51
CA PRO D 531 9.51 -71.40 -70.64
C PRO D 531 8.58 -71.09 -69.48
N ASP D 532 9.13 -70.54 -68.39
CA ASP D 532 8.40 -70.27 -67.16
C ASP D 532 7.22 -69.34 -67.45
N PRO D 533 6.12 -69.42 -66.66
CA PRO D 533 4.98 -68.51 -66.84
C PRO D 533 5.37 -67.08 -66.53
N GLY D 534 4.90 -66.14 -67.36
CA GLY D 534 5.15 -64.73 -67.18
C GLY D 534 4.11 -64.06 -66.28
N TRP D 535 4.19 -62.74 -66.18
CA TRP D 535 3.32 -61.95 -65.32
C TRP D 535 1.89 -62.02 -65.81
N LEU D 536 1.71 -61.97 -67.14
CA LEU D 536 0.39 -61.94 -67.76
C LEU D 536 -0.32 -63.27 -67.55
N ASP D 537 0.45 -64.33 -67.29
CA ASP D 537 -0.10 -65.67 -67.13
C ASP D 537 -0.78 -65.80 -65.77
N THR D 538 -0.32 -65.00 -64.79
CA THR D 538 -0.74 -65.15 -63.41
C THR D 538 -1.57 -63.94 -62.94
N HIS D 539 -1.59 -62.88 -63.76
CA HIS D 539 -2.29 -61.65 -63.40
C HIS D 539 -3.31 -61.28 -64.48
N HIS D 540 -4.57 -61.12 -64.06
CA HIS D 540 -5.69 -60.87 -64.96
C HIS D 540 -6.42 -59.60 -64.52
N ALA D 541 -7.28 -59.09 -65.41
CA ALA D 541 -8.10 -57.91 -65.12
C ALA D 541 -9.10 -58.24 -64.02
N PRO D 542 -9.43 -57.30 -63.11
CA PRO D 542 -10.38 -57.56 -62.03
C PRO D 542 -11.78 -57.88 -62.56
N ALA D 543 -12.54 -58.66 -61.78
CA ALA D 543 -13.84 -59.17 -62.18
C ALA D 543 -14.81 -58.00 -62.45
N GLU D 544 -14.68 -56.93 -61.65
CA GLU D 544 -15.58 -55.79 -61.71
C GLU D 544 -15.37 -55.01 -63.01
N GLU D 545 -14.14 -55.03 -63.53
CA GLU D 545 -13.81 -54.33 -64.76
C GLU D 545 -14.45 -55.00 -65.97
N VAL D 546 -14.35 -56.33 -66.03
CA VAL D 546 -14.94 -57.10 -67.11
C VAL D 546 -16.46 -56.97 -67.02
N GLU D 547 -16.98 -56.98 -65.78
CA GLU D 547 -18.40 -56.93 -65.49
C GLU D 547 -18.99 -55.62 -65.99
N TYR D 548 -18.24 -54.52 -65.79
CA TYR D 548 -18.68 -53.18 -66.18
C TYR D 548 -18.75 -53.07 -67.70
N ILE D 549 -17.70 -53.54 -68.39
CA ILE D 549 -17.58 -53.40 -69.83
C ILE D 549 -18.68 -54.21 -70.51
N GLU D 550 -18.90 -55.45 -70.05
CA GLU D 550 -19.89 -56.35 -70.61
C GLU D 550 -21.28 -55.75 -70.46
N ARG D 551 -21.53 -55.11 -69.30
CA ARG D 551 -22.81 -54.51 -69.00
C ARG D 551 -23.08 -53.33 -69.93
N LYS D 552 -22.03 -52.55 -70.19
CA LYS D 552 -22.14 -51.31 -70.95
C LYS D 552 -22.27 -51.59 -72.44
N LEU D 553 -21.59 -52.65 -72.90
CA LEU D 553 -21.64 -53.05 -74.31
C LEU D 553 -23.01 -53.59 -74.66
N LYS D 554 -23.63 -54.30 -73.70
CA LYS D 554 -24.98 -54.84 -73.87
C LYS D 554 -25.98 -53.68 -73.84
N GLU D 555 -25.73 -52.71 -72.95
CA GLU D 555 -26.61 -51.58 -72.73
C GLU D 555 -26.68 -50.70 -73.99
N LEU D 556 -25.57 -50.65 -74.73
CA LEU D 556 -25.45 -49.75 -75.87
C LEU D 556 -25.57 -50.53 -77.18
N GLY D 557 -25.38 -51.84 -77.11
CA GLY D 557 -25.47 -52.72 -78.26
C GLY D 557 -24.28 -52.56 -79.20
N ILE D 558 -23.07 -52.78 -78.66
CA ILE D 558 -21.84 -52.76 -79.44
C ILE D 558 -21.22 -54.16 -79.36
N THR D 559 -20.68 -54.63 -80.50
CA THR D 559 -20.08 -55.95 -80.61
C THR D 559 -18.79 -55.99 -79.78
N ALA D 560 -18.57 -57.12 -79.11
CA ALA D 560 -17.36 -57.37 -78.34
C ALA D 560 -16.20 -57.68 -79.29
N GLY D 561 -14.97 -57.43 -78.82
CA GLY D 561 -13.76 -57.58 -79.63
C GLY D 561 -13.21 -59.00 -79.60
N SER D 562 -12.06 -59.19 -80.27
CA SER D 562 -11.43 -60.49 -80.42
C SER D 562 -10.10 -60.55 -79.65
N HIS D 563 -9.46 -61.73 -79.67
CA HIS D 563 -8.19 -61.96 -79.01
C HIS D 563 -7.06 -61.24 -79.74
N VAL E 33 -71.99 -4.28 -50.54
CA VAL E 33 -71.05 -5.32 -51.09
C VAL E 33 -71.68 -5.91 -52.36
N GLU E 34 -70.93 -5.84 -53.46
CA GLU E 34 -71.39 -6.30 -54.76
C GLU E 34 -70.46 -7.41 -55.27
N ILE E 35 -70.83 -8.02 -56.40
CA ILE E 35 -69.92 -8.89 -57.13
C ILE E 35 -69.27 -8.06 -58.24
N ILE E 36 -68.12 -7.43 -57.90
CA ILE E 36 -67.54 -6.37 -58.70
C ILE E 36 -67.05 -6.92 -60.04
N THR E 37 -67.54 -6.31 -61.13
CA THR E 37 -67.28 -6.74 -62.50
C THR E 37 -66.56 -5.65 -63.29
N HIS E 38 -65.97 -4.69 -62.58
CA HIS E 38 -65.30 -3.57 -63.23
C HIS E 38 -63.84 -3.50 -62.77
N TRP E 39 -63.08 -2.58 -63.36
CA TRP E 39 -61.71 -2.24 -62.97
C TRP E 39 -60.72 -3.30 -63.41
N VAL E 40 -61.00 -4.57 -63.08
CA VAL E 40 -60.11 -5.69 -63.35
C VAL E 40 -59.97 -5.86 -64.86
N PRO E 41 -58.74 -5.92 -65.41
CA PRO E 41 -58.53 -6.02 -66.86
C PRO E 41 -59.51 -6.98 -67.54
N HIS E 42 -60.26 -6.42 -68.50
CA HIS E 42 -61.41 -7.06 -69.12
C HIS E 42 -61.03 -8.39 -69.74
N GLU E 43 -59.78 -8.47 -70.22
CA GLU E 43 -59.28 -9.59 -71.02
C GLU E 43 -59.21 -10.86 -70.19
N VAL E 44 -59.41 -10.75 -68.87
CA VAL E 44 -59.22 -11.89 -67.98
C VAL E 44 -60.58 -12.44 -67.54
N TYR E 45 -61.64 -11.65 -67.71
CA TYR E 45 -62.98 -12.04 -67.29
C TYR E 45 -63.39 -13.35 -67.96
N GLY E 46 -63.86 -14.30 -67.14
CA GLY E 46 -64.27 -15.61 -67.63
C GLY E 46 -65.71 -15.60 -68.15
N MET E 47 -65.94 -16.35 -69.23
CA MET E 47 -67.23 -16.38 -69.90
C MET E 47 -67.81 -17.80 -69.83
N PRO E 48 -69.16 -17.95 -69.91
CA PRO E 48 -69.82 -19.24 -69.67
C PRO E 48 -69.26 -20.38 -70.51
N GLY E 49 -69.00 -21.51 -69.86
CA GLY E 49 -68.55 -22.72 -70.54
C GLY E 49 -67.04 -22.83 -70.60
N GLU E 50 -66.34 -21.76 -70.20
CA GLU E 50 -64.89 -21.74 -70.18
C GLU E 50 -64.38 -22.57 -69.01
N PRO E 51 -63.25 -23.31 -69.17
CA PRO E 51 -62.66 -24.07 -68.08
C PRO E 51 -62.41 -23.20 -66.85
N ASP E 52 -62.57 -23.81 -65.66
CA ASP E 52 -62.35 -23.14 -64.38
C ASP E 52 -60.85 -23.04 -64.11
N ASN E 53 -60.09 -24.00 -64.65
CA ASN E 53 -58.66 -24.13 -64.41
C ASN E 53 -57.87 -23.29 -65.41
N SER E 54 -58.57 -22.35 -66.08
CA SER E 54 -57.94 -21.38 -66.95
C SER E 54 -57.34 -20.26 -66.10
N GLY E 55 -58.00 -19.98 -64.97
CA GLY E 55 -57.54 -18.95 -64.05
C GLY E 55 -58.22 -17.62 -64.32
N LYS E 56 -59.28 -17.66 -65.11
CA LYS E 56 -60.06 -16.46 -65.42
C LYS E 56 -61.03 -16.21 -64.28
N VAL E 57 -61.32 -14.94 -64.01
CA VAL E 57 -62.25 -14.55 -62.95
C VAL E 57 -63.68 -14.85 -63.41
N PHE E 58 -64.35 -15.72 -62.68
CA PHE E 58 -65.78 -15.97 -62.84
C PHE E 58 -66.51 -15.34 -61.66
N PHE E 59 -67.45 -14.44 -61.96
CA PHE E 59 -68.12 -13.68 -60.92
C PHE E 59 -69.03 -14.61 -60.12
N SER E 60 -68.81 -14.63 -58.80
CA SER E 60 -69.45 -15.57 -57.86
C SER E 60 -69.08 -17.01 -58.19
N GLY E 61 -68.17 -17.18 -59.16
CA GLY E 61 -67.67 -18.49 -59.56
C GLY E 61 -68.66 -19.25 -60.43
N LEU E 62 -69.44 -18.51 -61.23
CA LEU E 62 -70.55 -19.06 -61.98
C LEU E 62 -70.11 -19.39 -63.41
N LYS E 63 -70.93 -20.20 -64.09
CA LYS E 63 -70.86 -20.48 -65.51
C LYS E 63 -69.44 -20.88 -65.90
N ALA E 64 -69.00 -22.06 -65.45
CA ALA E 64 -67.68 -22.55 -65.78
C ALA E 64 -67.68 -24.08 -65.80
N LYS E 65 -67.11 -24.65 -66.86
CA LYS E 65 -67.00 -26.09 -67.00
C LYS E 65 -66.07 -26.60 -65.90
N TYR E 66 -66.65 -27.28 -64.90
CA TYR E 66 -65.89 -27.87 -63.82
C TYR E 66 -64.94 -28.92 -64.39
N MET E 67 -63.65 -28.60 -64.36
CA MET E 67 -62.63 -29.40 -65.02
C MET E 67 -62.18 -30.55 -64.13
N GLY E 68 -62.30 -30.35 -62.81
CA GLY E 68 -61.89 -31.36 -61.84
C GLY E 68 -60.41 -31.27 -61.51
N TYR E 69 -60.00 -32.08 -60.52
CA TYR E 69 -58.64 -32.05 -59.99
C TYR E 69 -57.64 -32.51 -61.06
N PRO E 70 -56.43 -31.93 -61.09
CA PRO E 70 -55.37 -32.40 -61.99
C PRO E 70 -55.00 -33.86 -61.72
N LYS E 71 -55.53 -34.75 -62.57
CA LYS E 71 -55.37 -36.19 -62.41
C LYS E 71 -54.05 -36.63 -63.03
N ASP E 72 -53.35 -35.69 -63.68
CA ASP E 72 -52.14 -36.02 -64.42
C ASP E 72 -50.92 -35.70 -63.56
N ALA E 73 -51.10 -34.85 -62.55
CA ALA E 73 -50.03 -34.39 -61.69
C ALA E 73 -49.37 -35.58 -60.96
N GLN E 74 -48.03 -35.57 -60.95
CA GLN E 74 -47.23 -36.59 -60.30
C GLN E 74 -47.50 -36.56 -58.79
N ARG E 75 -48.11 -37.63 -58.30
CA ARG E 75 -48.51 -37.73 -56.90
C ARG E 75 -48.59 -39.21 -56.51
N SER E 76 -49.02 -39.47 -55.27
CA SER E 76 -49.21 -40.83 -54.77
C SER E 76 -50.69 -41.08 -54.49
N PRO E 77 -51.17 -42.33 -54.67
CA PRO E 77 -52.48 -42.73 -54.16
C PRO E 77 -52.43 -42.91 -52.65
N TYR E 78 -53.55 -42.62 -51.98
CA TYR E 78 -53.72 -42.83 -50.56
C TYR E 78 -53.57 -44.33 -50.27
N PRO E 79 -53.16 -44.72 -49.04
CA PRO E 79 -53.15 -46.13 -48.67
C PRO E 79 -54.52 -46.55 -48.16
N GLY E 80 -54.69 -47.86 -47.91
CA GLY E 80 -55.82 -48.34 -47.12
C GLY E 80 -56.87 -49.09 -47.93
N LYS E 81 -58.07 -49.15 -47.35
CA LYS E 81 -59.16 -50.01 -47.82
C LYS E 81 -59.82 -49.38 -49.04
N TYR E 82 -60.05 -48.06 -48.98
CA TYR E 82 -60.78 -47.36 -50.02
C TYR E 82 -59.82 -46.69 -50.99
N SER E 83 -58.65 -47.33 -51.17
CA SER E 83 -57.53 -46.77 -51.93
C SER E 83 -57.98 -46.37 -53.34
N LYS E 84 -58.83 -47.21 -53.93
CA LYS E 84 -59.23 -47.15 -55.33
C LYS E 84 -60.07 -45.91 -55.62
N PHE E 85 -60.73 -45.37 -54.59
CA PHE E 85 -61.66 -44.25 -54.77
C PHE E 85 -61.09 -42.97 -54.14
N TRP E 86 -59.87 -43.08 -53.58
CA TRP E 86 -59.21 -41.98 -52.93
C TRP E 86 -58.53 -41.08 -53.97
N LYS E 87 -59.18 -39.95 -54.27
CA LYS E 87 -58.62 -38.97 -55.18
C LYS E 87 -57.68 -38.06 -54.39
N THR E 88 -56.43 -37.97 -54.84
CA THR E 88 -55.36 -37.29 -54.12
C THR E 88 -54.79 -36.13 -54.93
N LEU E 89 -54.25 -35.15 -54.20
CA LEU E 89 -53.50 -34.04 -54.76
C LEU E 89 -52.01 -34.28 -54.53
N PRO E 90 -51.09 -33.49 -55.15
CA PRO E 90 -49.65 -33.65 -54.93
C PRO E 90 -49.29 -33.41 -53.46
N ALA E 91 -49.88 -32.36 -52.89
CA ALA E 91 -49.62 -31.91 -51.52
C ALA E 91 -49.74 -33.07 -50.52
N TYR E 92 -50.53 -34.10 -50.89
CA TYR E 92 -50.87 -35.19 -49.99
C TYR E 92 -49.68 -36.11 -49.74
N ARG E 93 -48.58 -35.89 -50.48
CA ARG E 93 -47.42 -36.75 -50.40
C ARG E 93 -46.76 -36.66 -49.03
N TYR E 94 -46.81 -35.47 -48.42
CA TYR E 94 -46.04 -35.19 -47.22
C TYR E 94 -46.74 -35.70 -45.97
N TYR E 95 -48.02 -36.07 -46.08
CA TYR E 95 -48.88 -36.19 -44.91
C TYR E 95 -48.94 -37.62 -44.38
N ILE E 96 -48.81 -38.59 -45.29
CA ILE E 96 -48.50 -39.96 -44.89
C ILE E 96 -47.19 -40.35 -45.58
N PRO E 97 -46.04 -39.82 -45.11
CA PRO E 97 -44.79 -39.87 -45.87
C PRO E 97 -44.23 -41.26 -46.14
N ASP E 98 -44.61 -42.23 -45.31
CA ASP E 98 -44.12 -43.60 -45.45
C ASP E 98 -44.55 -44.18 -46.80
N TYR E 99 -45.86 -44.11 -47.09
CA TYR E 99 -46.40 -44.71 -48.29
C TYR E 99 -46.40 -43.69 -49.43
N MET E 100 -46.73 -42.43 -49.10
CA MET E 100 -47.10 -41.45 -50.11
C MET E 100 -45.90 -40.61 -50.56
N TYR E 101 -44.69 -40.96 -50.11
CA TYR E 101 -43.52 -40.18 -50.47
C TYR E 101 -42.30 -41.07 -50.64
N ASN E 102 -42.02 -41.91 -49.65
CA ASN E 102 -40.69 -42.51 -49.49
C ASN E 102 -40.47 -43.67 -50.45
N ARG E 103 -41.47 -43.97 -51.29
CA ARG E 103 -41.39 -45.10 -52.21
C ARG E 103 -40.82 -44.64 -53.55
N ASP E 104 -40.01 -45.52 -54.17
CA ASP E 104 -39.30 -45.24 -55.41
C ASP E 104 -40.29 -45.12 -56.59
N GLU E 105 -41.55 -45.47 -56.35
CA GLU E 105 -42.57 -45.46 -57.39
C GLU E 105 -43.44 -44.23 -57.23
N VAL E 106 -43.04 -43.30 -56.37
CA VAL E 106 -43.94 -42.27 -55.91
C VAL E 106 -43.16 -41.02 -55.49
N ARG E 107 -41.83 -41.17 -55.34
CA ARG E 107 -40.99 -40.09 -54.87
C ARG E 107 -41.00 -38.94 -55.88
N PRO E 108 -41.25 -37.68 -55.45
CA PRO E 108 -41.23 -36.53 -56.35
C PRO E 108 -39.81 -36.20 -56.79
N SER E 109 -39.70 -35.72 -58.05
CA SER E 109 -38.44 -35.32 -58.64
C SER E 109 -37.93 -34.05 -57.96
N ASN E 110 -36.60 -33.96 -57.83
CA ASN E 110 -35.98 -32.82 -57.18
C ASN E 110 -34.86 -32.29 -58.07
N PRO E 111 -34.82 -30.96 -58.33
CA PRO E 111 -33.81 -30.37 -59.21
C PRO E 111 -32.35 -30.52 -58.78
N ILE E 112 -32.11 -30.76 -57.48
CA ILE E 112 -30.76 -30.79 -56.94
C ILE E 112 -30.24 -32.22 -56.90
N LYS E 113 -29.03 -32.42 -57.45
CA LYS E 113 -28.45 -33.73 -57.62
C LYS E 113 -27.13 -33.83 -56.85
N GLY E 114 -26.71 -35.07 -56.56
CA GLY E 114 -25.52 -35.37 -55.77
C GLY E 114 -25.86 -35.84 -54.37
N THR E 115 -24.95 -36.59 -53.75
CA THR E 115 -25.13 -37.09 -52.40
C THR E 115 -24.21 -36.30 -51.45
N PHE E 116 -24.79 -35.68 -50.43
CA PHE E 116 -24.10 -34.64 -49.69
C PHE E 116 -23.86 -35.04 -48.23
N LYS E 117 -22.81 -34.47 -47.65
CA LYS E 117 -22.53 -34.54 -46.21
C LYS E 117 -23.41 -33.53 -45.48
N LEU E 118 -23.43 -33.61 -44.15
CA LEU E 118 -24.31 -32.79 -43.33
C LEU E 118 -23.92 -31.31 -43.47
N GLU E 119 -22.61 -31.04 -43.43
CA GLU E 119 -22.06 -29.69 -43.53
C GLU E 119 -22.59 -29.03 -44.80
N GLN E 120 -22.78 -29.85 -45.84
CA GLN E 120 -23.26 -29.40 -47.14
C GLN E 120 -24.73 -29.02 -47.03
N CYS E 121 -25.56 -29.94 -46.52
CA CYS E 121 -26.96 -29.63 -46.24
C CYS E 121 -27.07 -28.25 -45.61
N VAL E 122 -26.37 -28.05 -44.49
CA VAL E 122 -26.55 -26.87 -43.65
C VAL E 122 -26.08 -25.63 -44.39
N ALA E 123 -24.97 -25.74 -45.13
CA ALA E 123 -24.36 -24.60 -45.81
C ALA E 123 -25.32 -24.04 -46.85
N CYS E 124 -25.97 -24.93 -47.60
CA CYS E 124 -26.75 -24.60 -48.77
C CYS E 124 -28.13 -24.08 -48.38
N HIS E 125 -28.80 -24.78 -47.46
CA HIS E 125 -30.16 -24.44 -47.07
C HIS E 125 -30.19 -23.19 -46.20
N SER E 126 -29.06 -22.86 -45.56
CA SER E 126 -29.01 -21.74 -44.64
C SER E 126 -29.38 -20.45 -45.36
N VAL E 127 -29.34 -20.47 -46.70
CA VAL E 127 -29.71 -19.34 -47.52
C VAL E 127 -30.89 -19.70 -48.42
N MET E 128 -30.96 -20.98 -48.84
CA MET E 128 -32.04 -21.44 -49.72
C MET E 128 -33.35 -21.50 -48.94
N THR E 129 -33.34 -22.22 -47.80
CA THR E 129 -34.48 -22.32 -46.90
C THR E 129 -34.03 -21.84 -45.51
N PRO E 130 -33.79 -20.52 -45.34
CA PRO E 130 -33.09 -20.01 -44.16
C PRO E 130 -33.75 -20.33 -42.82
N GLY E 131 -35.09 -20.26 -42.79
CA GLY E 131 -35.88 -20.53 -41.59
C GLY E 131 -35.63 -21.93 -41.03
N ILE E 132 -35.49 -22.92 -41.92
CA ILE E 132 -35.30 -24.31 -41.52
C ILE E 132 -33.98 -24.45 -40.79
N VAL E 133 -32.92 -23.80 -41.29
CA VAL E 133 -31.60 -23.95 -40.70
C VAL E 133 -31.51 -23.19 -39.38
N ARG E 134 -32.15 -22.01 -39.30
CA ARG E 134 -32.22 -21.28 -38.04
C ARG E 134 -32.85 -22.18 -36.98
N ASP E 135 -33.88 -22.92 -37.39
CA ASP E 135 -34.61 -23.84 -36.53
C ASP E 135 -33.72 -24.99 -36.10
N TYR E 136 -33.14 -25.69 -37.08
CA TYR E 136 -32.34 -26.89 -36.83
C TYR E 136 -31.17 -26.55 -35.91
N ASN E 137 -30.58 -25.37 -36.10
CA ASN E 137 -29.43 -24.95 -35.31
C ASN E 137 -29.85 -24.73 -33.86
N LYS E 138 -31.06 -24.20 -33.66
CA LYS E 138 -31.57 -23.96 -32.32
C LYS E 138 -31.84 -25.29 -31.63
N SER E 139 -32.24 -26.31 -32.42
CA SER E 139 -32.62 -27.61 -31.90
C SER E 139 -31.44 -28.30 -31.24
N ALA E 140 -31.74 -29.22 -30.32
CA ALA E 140 -30.74 -30.00 -29.61
C ALA E 140 -30.15 -31.06 -30.53
N HIS E 141 -30.94 -31.49 -31.52
CA HIS E 141 -30.55 -32.49 -32.51
C HIS E 141 -29.20 -32.13 -33.12
N SER E 142 -28.94 -30.82 -33.22
CA SER E 142 -27.77 -30.29 -33.90
C SER E 142 -26.54 -30.39 -33.00
N LYS E 143 -26.79 -30.40 -31.68
CA LYS E 143 -25.73 -30.33 -30.69
C LYS E 143 -25.40 -31.71 -30.16
N ALA E 144 -26.29 -32.69 -30.42
CA ALA E 144 -26.19 -34.04 -29.90
C ALA E 144 -24.81 -34.62 -30.16
N GLU E 145 -24.28 -35.34 -29.16
CA GLU E 145 -22.94 -35.90 -29.21
C GLU E 145 -23.00 -37.42 -29.05
N PRO E 146 -22.00 -38.12 -29.62
CA PRO E 146 -20.91 -37.50 -30.37
C PRO E 146 -21.38 -36.98 -31.72
N ALA E 147 -22.21 -37.80 -32.40
CA ALA E 147 -22.77 -37.48 -33.70
C ALA E 147 -24.10 -36.73 -33.51
N PRO E 148 -24.35 -35.64 -34.29
CA PRO E 148 -25.63 -34.94 -34.24
C PRO E 148 -26.70 -35.63 -35.08
N THR E 149 -27.97 -35.43 -34.69
CA THR E 149 -29.09 -35.79 -35.53
C THR E 149 -29.29 -34.67 -36.56
N GLY E 150 -28.76 -34.89 -37.76
CA GLY E 150 -28.71 -33.86 -38.78
C GLY E 150 -29.71 -34.12 -39.90
N CYS E 151 -29.83 -33.14 -40.82
CA CYS E 151 -30.79 -33.20 -41.91
C CYS E 151 -30.82 -34.62 -42.48
N ASP E 152 -29.63 -35.17 -42.71
CA ASP E 152 -29.42 -36.43 -43.41
C ASP E 152 -29.93 -37.61 -42.60
N THR E 153 -29.93 -37.47 -41.27
CA THR E 153 -30.40 -38.52 -40.38
C THR E 153 -31.91 -38.70 -40.55
N CYS E 154 -32.60 -37.60 -40.86
CA CYS E 154 -34.05 -37.61 -40.95
C CYS E 154 -34.50 -37.63 -42.41
N HIS E 155 -33.59 -37.30 -43.33
CA HIS E 155 -33.97 -37.08 -44.72
C HIS E 155 -33.17 -37.95 -45.68
N GLY E 156 -31.90 -38.24 -45.36
CA GLY E 156 -31.06 -39.07 -46.20
C GLY E 156 -29.89 -38.28 -46.78
N ASN E 157 -29.00 -38.99 -47.49
CA ASN E 157 -27.80 -38.37 -48.03
C ASN E 157 -27.97 -38.04 -49.51
N ASN E 158 -28.62 -38.94 -50.24
CA ASN E 158 -28.86 -38.77 -51.67
C ASN E 158 -29.98 -37.74 -51.88
N HIS E 159 -29.67 -36.66 -52.59
CA HIS E 159 -30.65 -35.59 -52.77
C HIS E 159 -31.68 -35.98 -53.82
N GLN E 160 -31.45 -37.11 -54.48
CA GLN E 160 -32.43 -37.63 -55.43
C GLN E 160 -33.39 -38.56 -54.69
N LYS E 161 -32.83 -39.47 -53.90
CA LYS E 161 -33.59 -40.44 -53.12
C LYS E 161 -33.82 -39.91 -51.71
N LEU E 162 -34.41 -38.72 -51.61
CA LEU E 162 -34.72 -38.08 -50.34
C LEU E 162 -35.93 -38.74 -49.70
N THR E 163 -35.90 -38.90 -48.37
CA THR E 163 -37.05 -39.38 -47.64
C THR E 163 -37.58 -38.28 -46.72
N MET E 164 -38.84 -38.46 -46.30
CA MET E 164 -39.49 -37.60 -45.32
C MET E 164 -39.73 -38.43 -44.06
N PRO E 165 -39.25 -37.98 -42.88
CA PRO E 165 -39.32 -38.80 -41.67
C PRO E 165 -40.70 -38.83 -41.03
N SER E 166 -41.26 -40.04 -40.92
CA SER E 166 -42.56 -40.26 -40.31
C SER E 166 -42.38 -40.49 -38.82
N SER E 167 -43.49 -40.77 -38.13
CA SER E 167 -43.46 -41.05 -36.70
C SER E 167 -42.53 -42.23 -36.42
N LYS E 168 -42.50 -43.19 -37.35
CA LYS E 168 -41.72 -44.40 -37.23
C LYS E 168 -40.23 -44.07 -37.23
N ALA E 169 -39.85 -43.03 -37.98
CA ALA E 169 -38.45 -42.63 -38.11
C ALA E 169 -37.94 -42.03 -36.81
N CYS E 170 -38.78 -41.21 -36.15
CA CYS E 170 -38.46 -40.63 -34.87
C CYS E 170 -38.47 -41.72 -33.81
N GLY E 171 -39.38 -42.69 -33.97
CA GLY E 171 -39.68 -43.67 -32.94
C GLY E 171 -38.89 -44.96 -33.09
N THR E 172 -37.64 -44.86 -33.58
CA THR E 172 -36.76 -46.01 -33.62
C THR E 172 -36.26 -46.30 -32.21
N ALA E 173 -35.95 -47.58 -31.97
CA ALA E 173 -35.47 -48.08 -30.68
C ALA E 173 -34.22 -47.31 -30.27
N GLU E 174 -33.37 -47.04 -31.27
CA GLU E 174 -32.12 -46.33 -31.12
C GLU E 174 -32.41 -44.88 -30.71
N CYS E 175 -33.62 -44.39 -31.02
CA CYS E 175 -33.93 -42.97 -30.88
C CYS E 175 -35.07 -42.73 -29.89
N HIS E 176 -36.30 -42.53 -30.38
CA HIS E 176 -37.39 -42.09 -29.51
C HIS E 176 -38.52 -43.11 -29.44
N GLU E 177 -38.16 -44.39 -29.24
CA GLU E 177 -39.14 -45.46 -29.22
C GLU E 177 -40.18 -45.24 -28.12
N THR E 178 -39.74 -44.67 -26.99
CA THR E 178 -40.57 -44.52 -25.81
C THR E 178 -41.84 -43.75 -26.14
N GLN E 179 -41.68 -42.52 -26.65
CA GLN E 179 -42.79 -41.62 -26.92
C GLN E 179 -43.65 -42.20 -28.04
N TYR E 180 -43.00 -42.81 -29.03
CA TYR E 180 -43.70 -43.41 -30.15
C TYR E 180 -44.64 -44.51 -29.66
N ASN E 181 -44.12 -45.40 -28.79
CA ASN E 181 -44.86 -46.54 -28.30
C ASN E 181 -45.97 -46.08 -27.35
N GLU E 182 -45.65 -45.09 -26.50
CA GLU E 182 -46.62 -44.45 -25.61
C GLU E 182 -47.81 -43.98 -26.42
N GLN E 183 -47.54 -43.23 -27.49
CA GLN E 183 -48.56 -42.65 -28.35
C GLN E 183 -49.39 -43.76 -28.99
N GLY E 184 -48.72 -44.84 -29.39
CA GLY E 184 -49.36 -45.98 -30.05
C GLY E 184 -50.27 -46.77 -29.10
N GLN E 185 -50.11 -46.54 -27.79
CA GLN E 185 -50.95 -47.15 -26.78
C GLN E 185 -52.39 -46.69 -26.95
N GLY E 186 -52.57 -45.53 -27.60
CA GLY E 186 -53.88 -44.96 -27.83
C GLY E 186 -54.77 -45.89 -28.66
N GLY E 187 -56.06 -45.91 -28.32
CA GLY E 187 -57.02 -46.73 -29.03
C GLY E 187 -57.68 -45.93 -30.16
N ILE E 188 -58.97 -46.20 -30.39
CA ILE E 188 -59.73 -45.47 -31.39
C ILE E 188 -59.93 -44.04 -30.89
N GLY E 189 -60.04 -43.11 -31.83
CA GLY E 189 -60.27 -41.70 -31.53
C GLY E 189 -59.07 -41.03 -30.88
N SER E 190 -57.89 -41.62 -31.06
CA SER E 190 -56.67 -41.14 -30.41
C SER E 190 -55.69 -40.64 -31.48
N HIS E 191 -54.50 -40.23 -31.03
CA HIS E 191 -53.44 -39.83 -31.93
C HIS E 191 -52.79 -41.06 -32.56
N ALA E 192 -53.29 -42.25 -32.24
CA ALA E 192 -52.68 -43.47 -32.76
C ALA E 192 -53.46 -43.99 -33.96
N SER E 193 -54.68 -43.47 -34.17
CA SER E 193 -55.58 -44.03 -35.16
C SER E 193 -56.25 -42.93 -35.98
N CYS E 194 -55.89 -41.67 -35.73
CA CYS E 194 -56.60 -40.53 -36.28
C CYS E 194 -56.37 -40.40 -37.78
N SER E 195 -55.33 -41.07 -38.29
CA SER E 195 -55.05 -41.08 -39.71
C SER E 195 -55.55 -42.39 -40.32
N SER E 196 -55.10 -43.52 -39.74
CA SER E 196 -55.24 -44.84 -40.34
C SER E 196 -56.70 -45.31 -40.35
N PHE E 197 -57.51 -44.80 -39.42
CA PHE E 197 -58.92 -45.15 -39.38
C PHE E 197 -59.78 -43.97 -39.82
N ALA E 198 -59.64 -42.85 -39.10
CA ALA E 198 -60.60 -41.77 -39.18
C ALA E 198 -60.48 -41.00 -40.49
N GLN E 199 -59.32 -41.14 -41.16
CA GLN E 199 -59.01 -40.33 -42.33
C GLN E 199 -58.87 -41.21 -43.57
N VAL E 200 -58.06 -42.27 -43.45
CA VAL E 200 -57.83 -43.20 -44.55
C VAL E 200 -59.17 -43.83 -44.96
N GLU E 201 -60.07 -43.96 -43.98
CA GLU E 201 -61.42 -44.46 -44.21
C GLU E 201 -62.41 -43.39 -43.80
N CYS E 202 -62.20 -42.16 -44.29
CA CYS E 202 -63.11 -41.06 -44.02
C CYS E 202 -64.18 -41.02 -45.11
N ALA E 203 -65.43 -41.26 -44.70
CA ALA E 203 -66.57 -41.35 -45.60
C ALA E 203 -66.55 -40.21 -46.62
N TRP E 204 -66.69 -38.98 -46.11
CA TRP E 204 -66.93 -37.80 -46.93
C TRP E 204 -65.73 -37.55 -47.84
N SER E 205 -64.52 -37.63 -47.27
CA SER E 205 -63.29 -37.41 -48.02
C SER E 205 -63.27 -38.23 -49.30
N ILE E 206 -63.68 -39.51 -49.17
CA ILE E 206 -63.71 -40.45 -50.27
C ILE E 206 -64.77 -40.02 -51.28
N GLU E 207 -65.96 -39.68 -50.75
CA GLU E 207 -67.13 -39.37 -51.55
C GLU E 207 -66.89 -38.12 -52.41
N ARG E 208 -66.44 -37.04 -51.76
CA ARG E 208 -66.32 -35.75 -52.41
C ARG E 208 -65.03 -35.71 -53.23
N PRO E 209 -64.85 -34.67 -54.10
CA PRO E 209 -63.56 -34.46 -54.77
C PRO E 209 -62.60 -33.82 -53.77
N PRO E 210 -61.27 -34.06 -53.89
CA PRO E 210 -60.30 -33.53 -52.93
C PRO E 210 -60.21 -32.02 -53.13
N GLY E 211 -59.89 -31.30 -52.04
CA GLY E 211 -60.01 -29.85 -52.06
C GLY E 211 -61.25 -29.42 -51.30
N ASP E 212 -62.37 -30.08 -51.61
CA ASP E 212 -63.57 -30.02 -50.80
C ASP E 212 -63.19 -30.40 -49.37
N THR E 213 -62.46 -31.52 -49.26
CA THR E 213 -62.02 -32.09 -48.00
C THR E 213 -60.51 -32.24 -48.00
N ALA E 214 -59.81 -31.13 -48.27
CA ALA E 214 -58.36 -31.10 -48.26
C ALA E 214 -57.87 -30.88 -46.83
N GLY E 215 -58.52 -29.94 -46.14
CA GLY E 215 -58.19 -29.60 -44.77
C GLY E 215 -58.21 -30.82 -43.86
N CYS E 216 -58.97 -31.84 -44.26
CA CYS E 216 -59.15 -33.05 -43.48
C CYS E 216 -57.89 -33.91 -43.53
N THR E 217 -57.20 -33.88 -44.68
CA THR E 217 -55.95 -34.62 -44.82
C THR E 217 -54.87 -33.93 -44.00
N PHE E 218 -54.92 -32.59 -43.99
CA PHE E 218 -53.86 -31.78 -43.39
C PHE E 218 -53.94 -31.83 -41.86
N CYS E 219 -55.10 -32.21 -41.34
CA CYS E 219 -55.39 -32.10 -39.93
C CYS E 219 -55.37 -33.46 -39.24
N HIS E 220 -55.79 -34.51 -39.95
CA HIS E 220 -55.99 -35.81 -39.33
C HIS E 220 -54.70 -36.64 -39.35
N THR E 221 -53.91 -36.49 -40.40
CA THR E 221 -52.76 -37.36 -40.58
C THR E 221 -51.65 -36.99 -39.60
N SER E 222 -51.54 -35.68 -39.31
CA SER E 222 -50.42 -35.10 -38.58
C SER E 222 -50.07 -35.91 -37.33
N PRO E 223 -50.96 -36.01 -36.30
CA PRO E 223 -50.55 -36.51 -34.99
C PRO E 223 -49.98 -37.92 -35.04
N GLU E 224 -50.57 -38.76 -35.90
CA GLU E 224 -50.24 -40.17 -35.99
C GLU E 224 -48.96 -40.35 -36.82
N GLU E 225 -48.76 -39.45 -37.80
CA GLU E 225 -47.81 -39.70 -38.87
C GLU E 225 -46.57 -38.81 -38.73
N ARG E 226 -46.77 -37.58 -38.25
CA ARG E 226 -45.69 -36.60 -38.20
C ARG E 226 -45.46 -36.13 -36.76
N CYS E 227 -44.29 -36.45 -36.23
CA CYS E 227 -43.98 -36.16 -34.84
C CYS E 227 -43.54 -34.71 -34.71
N SER E 228 -43.76 -33.90 -35.75
CA SER E 228 -43.49 -32.49 -35.68
C SER E 228 -44.71 -31.76 -35.12
N THR E 229 -45.72 -32.54 -34.70
CA THR E 229 -46.90 -32.01 -34.04
C THR E 229 -46.52 -31.60 -32.62
N CYS E 230 -47.06 -30.46 -32.18
CA CYS E 230 -46.90 -29.93 -30.82
C CYS E 230 -45.53 -29.30 -30.63
N HIS E 231 -44.45 -30.05 -30.91
CA HIS E 231 -43.12 -29.50 -30.99
C HIS E 231 -42.71 -29.38 -32.45
N GLN E 232 -42.82 -28.16 -32.99
CA GLN E 232 -42.68 -27.89 -34.41
C GLN E 232 -41.25 -28.13 -34.87
N ARG E 233 -41.12 -28.64 -36.11
CA ARG E 233 -39.87 -28.68 -36.84
C ARG E 233 -39.47 -27.23 -37.17
N HIS E 234 -38.17 -27.00 -37.39
CA HIS E 234 -37.13 -28.00 -37.23
C HIS E 234 -36.42 -27.78 -35.88
N GLN E 235 -37.09 -27.05 -34.99
CA GLN E 235 -36.58 -26.61 -33.71
C GLN E 235 -36.85 -27.67 -32.64
N PHE E 236 -38.03 -28.31 -32.74
CA PHE E 236 -38.47 -29.39 -31.86
C PHE E 236 -38.25 -29.01 -30.40
N ASP E 237 -38.84 -27.90 -29.97
CA ASP E 237 -38.69 -27.42 -28.61
C ASP E 237 -39.80 -28.02 -27.73
N PRO E 238 -39.45 -28.83 -26.71
CA PRO E 238 -40.43 -29.35 -25.77
C PRO E 238 -41.06 -28.22 -24.96
N ALA E 239 -40.31 -27.12 -24.79
CA ALA E 239 -40.77 -25.98 -24.02
C ALA E 239 -42.01 -25.37 -24.65
N VAL E 240 -42.03 -25.29 -25.99
CA VAL E 240 -43.14 -24.69 -26.72
C VAL E 240 -44.24 -25.75 -26.90
N ALA E 241 -43.85 -27.03 -26.86
CA ALA E 241 -44.78 -28.13 -27.00
C ALA E 241 -45.69 -28.23 -25.78
N ARG E 242 -45.20 -27.72 -24.64
CA ARG E 242 -45.89 -27.84 -23.35
C ARG E 242 -46.93 -26.73 -23.19
N ARG E 243 -47.20 -25.99 -24.28
CA ARG E 243 -48.12 -24.86 -24.24
C ARG E 243 -49.48 -25.26 -24.80
N SER E 244 -50.54 -24.75 -24.14
CA SER E 244 -51.91 -25.13 -24.41
C SER E 244 -52.28 -24.87 -25.87
N GLU E 245 -51.81 -23.74 -26.40
CA GLU E 245 -52.21 -23.25 -27.70
C GLU E 245 -51.87 -24.28 -28.78
N GLN E 246 -50.87 -25.11 -28.52
CA GLN E 246 -50.40 -26.12 -29.46
C GLN E 246 -51.55 -27.02 -29.90
N CYS E 247 -52.50 -27.23 -28.99
CA CYS E 247 -53.60 -28.17 -29.19
C CYS E 247 -54.74 -27.52 -29.97
N LYS E 248 -54.73 -26.18 -30.07
CA LYS E 248 -55.86 -25.42 -30.58
C LYS E 248 -55.99 -25.59 -32.09
N THR E 249 -54.86 -25.86 -32.77
CA THR E 249 -54.82 -25.86 -34.23
C THR E 249 -55.64 -27.01 -34.80
N CYS E 250 -56.13 -27.90 -33.95
CA CYS E 250 -56.99 -28.99 -34.38
C CYS E 250 -58.23 -29.07 -33.48
N HIS E 251 -58.02 -28.84 -32.18
CA HIS E 251 -59.08 -29.01 -31.20
C HIS E 251 -59.84 -27.70 -31.01
N TRP E 252 -60.50 -27.26 -32.08
CA TRP E 252 -61.32 -26.06 -32.06
C TRP E 252 -62.45 -26.24 -33.06
N GLY E 253 -63.43 -25.34 -33.00
CA GLY E 253 -64.39 -25.21 -34.08
C GLY E 253 -65.63 -26.05 -33.87
N LYS E 254 -66.22 -26.48 -34.99
CA LYS E 254 -67.64 -26.79 -35.07
C LYS E 254 -67.97 -28.09 -34.33
N ASP E 255 -67.08 -29.07 -34.40
CA ASP E 255 -67.42 -30.39 -33.87
C ASP E 255 -66.50 -30.78 -32.72
N HIS E 256 -65.82 -29.78 -32.13
CA HIS E 256 -65.01 -29.98 -30.93
C HIS E 256 -64.44 -28.65 -30.44
N ARG E 257 -65.24 -27.92 -29.65
CA ARG E 257 -64.83 -26.62 -29.14
C ARG E 257 -63.88 -26.78 -27.95
N ASP E 258 -62.98 -27.78 -28.05
CA ASP E 258 -62.02 -28.07 -27.00
C ASP E 258 -61.30 -26.78 -26.58
N TRP E 259 -60.57 -26.19 -27.53
CA TRP E 259 -59.82 -24.97 -27.29
C TRP E 259 -60.72 -23.88 -26.75
N GLU E 260 -61.85 -23.63 -27.43
CA GLU E 260 -62.72 -22.51 -27.14
C GLU E 260 -63.28 -22.65 -25.72
N ALA E 261 -63.53 -23.90 -25.31
CA ALA E 261 -64.10 -24.19 -24.00
C ALA E 261 -63.04 -23.98 -22.92
N TYR E 262 -61.84 -24.52 -23.19
CA TYR E 262 -60.71 -24.34 -22.30
C TYR E 262 -60.36 -22.87 -22.18
N ASP E 263 -60.17 -22.21 -23.34
CA ASP E 263 -59.70 -20.84 -23.41
C ASP E 263 -60.61 -19.91 -22.61
N ILE E 264 -61.93 -20.08 -22.74
CA ILE E 264 -62.86 -19.12 -22.18
C ILE E 264 -63.23 -19.48 -20.75
N GLY E 265 -63.03 -20.76 -20.40
CA GLY E 265 -63.16 -21.23 -19.02
C GLY E 265 -62.17 -20.55 -18.08
N LEU E 266 -62.40 -20.69 -16.77
CA LEU E 266 -61.57 -20.02 -15.79
C LEU E 266 -60.14 -20.54 -15.82
N HIS E 267 -59.95 -21.79 -16.26
CA HIS E 267 -58.62 -22.35 -16.44
C HIS E 267 -57.86 -21.56 -17.51
N GLY E 268 -58.57 -21.27 -18.62
CA GLY E 268 -58.01 -20.51 -19.74
C GLY E 268 -57.81 -19.04 -19.39
N THR E 269 -58.73 -18.49 -18.59
CA THR E 269 -58.60 -17.15 -18.06
C THR E 269 -57.31 -17.04 -17.26
N VAL E 270 -57.11 -17.98 -16.33
CA VAL E 270 -55.89 -18.07 -15.54
C VAL E 270 -54.70 -18.22 -16.49
N TYR E 271 -54.83 -19.10 -17.49
CA TYR E 271 -53.75 -19.38 -18.40
C TYR E 271 -53.31 -18.12 -19.12
N GLN E 272 -54.29 -17.40 -19.69
CA GLN E 272 -54.01 -16.25 -20.54
C GLN E 272 -53.42 -15.10 -19.71
N VAL E 273 -53.89 -14.96 -18.48
CA VAL E 273 -53.50 -13.87 -17.60
C VAL E 273 -52.07 -14.08 -17.11
N ASN E 274 -51.62 -15.35 -17.10
CA ASN E 274 -50.43 -15.70 -16.35
C ASN E 274 -49.34 -16.32 -17.22
N LYS E 275 -49.66 -16.67 -18.49
CA LYS E 275 -48.83 -17.61 -19.24
C LYS E 275 -47.42 -17.09 -19.52
N TRP E 276 -47.21 -15.78 -19.39
CA TRP E 276 -45.89 -15.21 -19.64
C TRP E 276 -45.24 -14.77 -18.33
N ASP E 277 -45.92 -15.06 -17.21
CA ASP E 277 -45.34 -14.86 -15.88
C ASP E 277 -44.69 -16.17 -15.44
N THR E 278 -43.37 -16.11 -15.20
CA THR E 278 -42.56 -17.30 -15.01
C THR E 278 -42.79 -17.88 -13.61
N GLU E 279 -43.28 -17.03 -12.68
CA GLU E 279 -43.58 -17.43 -11.32
C GLU E 279 -44.88 -18.24 -11.28
N GLN E 280 -45.65 -18.18 -12.39
CA GLN E 280 -46.94 -18.83 -12.50
C GLN E 280 -46.88 -19.97 -13.51
N PHE E 281 -46.15 -19.75 -14.61
CA PHE E 281 -46.03 -20.73 -15.67
C PHE E 281 -44.59 -20.82 -16.13
N ASP E 282 -43.93 -21.93 -15.76
CA ASP E 282 -42.57 -22.21 -16.18
C ASP E 282 -42.60 -23.40 -17.15
N PHE E 283 -42.50 -23.08 -18.45
CA PHE E 283 -42.70 -24.05 -19.51
C PHE E 283 -41.45 -24.91 -19.73
N SER E 284 -40.34 -24.52 -19.08
CA SER E 284 -39.10 -25.26 -19.22
C SER E 284 -39.16 -26.54 -18.37
N LYS E 285 -39.91 -26.49 -17.27
CA LYS E 285 -40.06 -27.63 -16.38
C LYS E 285 -40.80 -28.75 -17.12
N LYS E 286 -40.32 -29.99 -16.95
CA LYS E 286 -41.01 -31.16 -17.48
C LYS E 286 -42.33 -31.33 -16.74
N LEU E 287 -43.33 -31.86 -17.45
CA LEU E 287 -44.68 -31.96 -16.94
C LEU E 287 -44.69 -32.65 -15.59
N SER E 288 -43.79 -33.63 -15.42
CA SER E 288 -43.64 -34.38 -14.18
C SER E 288 -43.43 -33.45 -12.99
N ASP E 289 -42.66 -32.37 -13.22
CA ASP E 289 -42.26 -31.44 -12.17
C ASP E 289 -43.00 -30.11 -12.31
N ALA E 290 -44.06 -30.11 -13.13
CA ALA E 290 -44.78 -28.88 -13.48
C ALA E 290 -45.72 -28.48 -12.36
N ASP E 291 -45.55 -27.25 -11.87
CA ASP E 291 -46.30 -26.73 -10.74
C ASP E 291 -46.94 -25.40 -11.12
N TYR E 292 -47.75 -25.41 -12.19
CA TYR E 292 -48.41 -24.21 -12.66
C TYR E 292 -49.48 -23.76 -11.67
N VAL E 293 -49.88 -22.49 -11.77
CA VAL E 293 -50.98 -21.99 -10.95
C VAL E 293 -52.28 -22.64 -11.44
N GLY E 294 -52.38 -22.82 -12.77
CA GLY E 294 -53.53 -23.42 -13.43
C GLY E 294 -53.12 -24.48 -14.44
N PRO E 295 -54.06 -25.34 -14.91
CA PRO E 295 -53.70 -26.47 -15.76
C PRO E 295 -53.63 -26.11 -17.24
N THR E 296 -52.81 -26.87 -17.98
CA THR E 296 -52.74 -26.77 -19.43
C THR E 296 -53.29 -28.07 -20.00
N CYS E 297 -53.68 -28.06 -21.30
CA CYS E 297 -54.13 -29.26 -21.98
C CYS E 297 -53.26 -30.44 -21.59
N GLN E 298 -51.94 -30.20 -21.64
CA GLN E 298 -50.91 -31.20 -21.44
C GLN E 298 -50.91 -31.66 -19.99
N TYR E 299 -51.25 -30.75 -19.07
CA TYR E 299 -51.17 -31.03 -17.64
C TYR E 299 -52.15 -32.14 -17.27
N CYS E 300 -53.28 -32.21 -17.98
CA CYS E 300 -54.36 -33.14 -17.70
C CYS E 300 -54.28 -34.36 -18.60
N HIS E 301 -54.11 -34.14 -19.91
CA HIS E 301 -54.23 -35.20 -20.90
C HIS E 301 -52.90 -35.90 -21.18
N MET E 302 -51.79 -35.19 -20.92
CA MET E 302 -50.46 -35.76 -21.12
C MET E 302 -49.72 -35.78 -19.78
N ARG E 303 -50.49 -36.02 -18.70
CA ARG E 303 -49.99 -36.15 -17.35
C ARG E 303 -48.74 -37.02 -17.34
N GLY E 304 -47.68 -36.51 -16.69
CA GLY E 304 -46.41 -37.23 -16.58
C GLY E 304 -45.56 -37.14 -17.85
N GLY E 305 -46.13 -36.55 -18.91
CA GLY E 305 -45.45 -36.48 -20.19
C GLY E 305 -45.80 -37.66 -21.10
N HIS E 306 -46.81 -38.44 -20.68
CA HIS E 306 -47.21 -39.63 -21.43
C HIS E 306 -47.81 -39.23 -22.77
N HIS E 307 -47.24 -39.80 -23.84
CA HIS E 307 -47.50 -39.38 -25.21
C HIS E 307 -48.81 -39.96 -25.74
N ASN E 308 -49.34 -40.98 -25.06
CA ASN E 308 -50.73 -41.36 -25.28
C ASN E 308 -51.60 -40.30 -24.62
N VAL E 309 -52.33 -39.58 -25.46
CA VAL E 309 -53.03 -38.37 -25.08
C VAL E 309 -54.40 -38.75 -24.51
N GLN E 310 -54.77 -40.02 -24.74
CA GLN E 310 -56.08 -40.57 -24.43
C GLN E 310 -55.99 -41.43 -23.17
N ARG E 311 -54.80 -41.46 -22.56
CA ARG E 311 -54.44 -42.40 -21.51
C ARG E 311 -55.38 -42.28 -20.29
N ALA E 312 -56.01 -41.11 -20.13
CA ALA E 312 -56.81 -40.86 -18.93
C ALA E 312 -58.30 -40.78 -19.26
N SER E 313 -58.64 -40.94 -20.53
CA SER E 313 -60.01 -40.86 -20.99
C SER E 313 -60.81 -42.05 -20.47
N ILE E 314 -62.10 -41.82 -20.19
CA ILE E 314 -62.93 -42.85 -19.58
C ILE E 314 -63.41 -43.82 -20.67
N VAL E 315 -64.35 -43.38 -21.52
CA VAL E 315 -64.84 -44.20 -22.63
C VAL E 315 -65.03 -43.33 -23.87
N TYR E 316 -64.78 -43.94 -25.05
CA TYR E 316 -64.96 -43.26 -26.32
C TYR E 316 -66.44 -43.13 -26.63
N THR E 317 -66.87 -41.91 -26.97
CA THR E 317 -68.28 -41.59 -27.13
C THR E 317 -68.52 -40.88 -28.46
N SER E 318 -67.79 -41.30 -29.50
CA SER E 318 -67.91 -40.72 -30.83
C SER E 318 -67.95 -39.20 -30.74
N MET E 319 -66.91 -38.61 -30.14
CA MET E 319 -66.68 -37.17 -30.20
C MET E 319 -67.55 -36.45 -29.17
N GLY E 320 -68.25 -37.22 -28.33
CA GLY E 320 -69.22 -36.67 -27.38
C GLY E 320 -70.64 -36.65 -27.95
N MET E 321 -70.82 -37.30 -29.11
CA MET E 321 -72.12 -37.41 -29.75
C MET E 321 -72.91 -38.56 -29.11
N SER E 322 -72.24 -39.68 -28.84
CA SER E 322 -72.78 -40.79 -28.05
C SER E 322 -72.80 -40.41 -26.58
N MET E 323 -73.70 -41.04 -25.81
CA MET E 323 -73.95 -40.63 -24.43
C MET E 323 -73.49 -41.72 -23.46
N ALA E 324 -72.99 -41.27 -22.30
CA ALA E 324 -72.60 -42.13 -21.20
C ALA E 324 -72.52 -41.31 -19.92
N ASP E 325 -73.07 -41.86 -18.83
CA ASP E 325 -72.88 -41.32 -17.50
C ASP E 325 -71.52 -41.82 -16.99
N ARG E 326 -70.54 -40.91 -17.01
CA ARG E 326 -69.17 -41.25 -16.68
C ARG E 326 -69.01 -41.30 -15.16
N GLY E 327 -69.98 -40.72 -14.45
CA GLY E 327 -70.01 -40.71 -12.99
C GLY E 327 -70.57 -42.00 -12.43
N ALA E 328 -71.21 -42.80 -13.29
CA ALA E 328 -71.88 -44.04 -12.90
C ALA E 328 -70.88 -45.00 -12.25
N PRO E 329 -71.36 -45.89 -11.34
CA PRO E 329 -70.49 -46.85 -10.65
C PRO E 329 -69.54 -47.66 -11.51
N LEU E 330 -69.86 -47.81 -12.79
CA LEU E 330 -69.11 -48.66 -13.71
C LEU E 330 -67.72 -48.07 -13.97
N TRP E 331 -67.66 -46.73 -14.06
CA TRP E 331 -66.45 -46.02 -14.45
C TRP E 331 -65.84 -45.32 -13.24
N LYS E 332 -66.05 -45.91 -12.04
CA LYS E 332 -65.73 -45.26 -10.79
C LYS E 332 -64.22 -45.05 -10.66
N GLU E 333 -63.44 -46.04 -11.11
CA GLU E 333 -62.00 -45.97 -11.01
C GLU E 333 -61.46 -44.88 -11.95
N LYS E 334 -62.02 -44.81 -13.16
CA LYS E 334 -61.53 -43.94 -14.22
C LYS E 334 -61.86 -42.49 -13.92
N ARG E 335 -63.00 -42.27 -13.24
CA ARG E 335 -63.43 -40.94 -12.83
C ARG E 335 -62.66 -40.53 -11.57
N ASP E 336 -62.27 -41.53 -10.77
CA ASP E 336 -61.50 -41.28 -9.56
C ASP E 336 -60.11 -40.80 -9.94
N ARG E 337 -59.56 -41.41 -11.00
CA ARG E 337 -58.25 -41.07 -11.54
C ARG E 337 -58.26 -39.63 -12.04
N TRP E 338 -59.39 -39.20 -12.61
CA TRP E 338 -59.58 -37.83 -13.04
C TRP E 338 -59.57 -36.89 -11.84
N VAL E 339 -60.24 -37.32 -10.77
CA VAL E 339 -60.32 -36.55 -9.53
C VAL E 339 -58.93 -36.43 -8.92
N SER E 340 -58.08 -37.42 -9.20
CA SER E 340 -56.69 -37.42 -8.75
C SER E 340 -55.86 -36.39 -9.49
N ILE E 341 -56.29 -36.02 -10.70
CA ILE E 341 -55.61 -34.99 -11.47
C ILE E 341 -56.03 -33.62 -10.94
N CYS E 342 -57.33 -33.42 -10.75
CA CYS E 342 -57.85 -32.16 -10.23
C CYS E 342 -57.37 -31.93 -8.81
N ASP E 343 -57.10 -33.04 -8.09
CA ASP E 343 -56.67 -33.10 -6.71
C ASP E 343 -55.50 -32.14 -6.44
N ASP E 344 -54.73 -31.84 -7.50
CA ASP E 344 -53.53 -31.05 -7.37
C ASP E 344 -53.86 -29.63 -6.91
N CYS E 345 -55.10 -29.17 -7.14
CA CYS E 345 -55.44 -27.78 -6.91
C CYS E 345 -56.83 -27.63 -6.29
N HIS E 346 -57.57 -28.73 -6.16
CA HIS E 346 -58.90 -28.71 -5.56
C HIS E 346 -59.07 -29.88 -4.59
N SER E 347 -60.03 -29.73 -3.68
CA SER E 347 -60.48 -30.83 -2.84
C SER E 347 -61.18 -31.87 -3.72
N PRO E 348 -61.03 -33.19 -3.42
CA PRO E 348 -61.63 -34.25 -4.24
C PRO E 348 -63.12 -34.01 -4.46
N ARG E 349 -63.79 -33.50 -3.42
CA ARG E 349 -65.24 -33.28 -3.45
C ARG E 349 -65.58 -32.28 -4.54
N PHE E 350 -64.86 -31.15 -4.56
CA PHE E 350 -65.13 -30.06 -5.48
C PHE E 350 -65.13 -30.58 -6.92
N ALA E 351 -64.06 -31.29 -7.28
CA ALA E 351 -63.88 -31.80 -8.64
C ALA E 351 -64.88 -32.90 -8.93
N ARG E 352 -64.99 -33.87 -8.01
CA ARG E 352 -65.87 -35.02 -8.14
C ARG E 352 -67.26 -34.57 -8.56
N GLU E 353 -67.78 -33.55 -7.85
CA GLU E 353 -69.15 -33.09 -7.98
C GLU E 353 -69.28 -32.19 -9.19
N ASN E 354 -68.17 -31.55 -9.58
CA ASN E 354 -68.15 -30.72 -10.77
C ASN E 354 -68.20 -31.62 -12.00
N LEU E 355 -67.45 -32.72 -11.96
CA LEU E 355 -67.42 -33.67 -13.06
C LEU E 355 -68.76 -34.41 -13.14
N GLN E 356 -69.52 -34.33 -12.04
CA GLN E 356 -70.85 -34.93 -11.98
C GLN E 356 -71.82 -34.06 -12.76
N ALA E 357 -71.72 -32.74 -12.56
CA ALA E 357 -72.56 -31.75 -13.21
C ALA E 357 -72.47 -31.92 -14.72
N MET E 358 -71.26 -32.18 -15.22
CA MET E 358 -71.01 -32.45 -16.62
C MET E 358 -71.86 -33.64 -17.07
N ASP E 359 -71.86 -34.70 -16.25
CA ASP E 359 -72.58 -35.93 -16.54
C ASP E 359 -74.07 -35.65 -16.67
N GLU E 360 -74.59 -34.82 -15.77
CA GLU E 360 -76.00 -34.47 -15.78
C GLU E 360 -76.32 -33.69 -17.05
N SER E 361 -75.47 -32.70 -17.35
CA SER E 361 -75.60 -31.87 -18.54
C SER E 361 -75.53 -32.71 -19.81
N VAL E 362 -74.78 -33.81 -19.76
CA VAL E 362 -74.64 -34.72 -20.89
C VAL E 362 -75.92 -35.52 -21.06
N LYS E 363 -76.52 -35.93 -19.93
CA LYS E 363 -77.69 -36.78 -19.94
C LYS E 363 -78.93 -36.00 -20.38
N ASP E 364 -79.03 -34.75 -19.90
CA ASP E 364 -80.15 -33.88 -20.22
C ASP E 364 -80.08 -33.46 -21.69
N ALA E 365 -78.88 -33.54 -22.27
CA ALA E 365 -78.63 -33.20 -23.65
C ALA E 365 -79.24 -34.28 -24.56
N SER E 366 -78.93 -35.54 -24.25
CA SER E 366 -79.38 -36.67 -25.05
C SER E 366 -80.90 -36.85 -24.92
N LEU E 367 -81.47 -36.33 -23.82
CA LEU E 367 -82.91 -36.30 -23.67
C LEU E 367 -83.50 -35.43 -24.78
N LYS E 368 -83.04 -34.18 -24.86
CA LYS E 368 -83.47 -33.25 -25.88
C LYS E 368 -83.34 -33.88 -27.27
N TYR E 369 -82.20 -34.54 -27.52
CA TYR E 369 -81.93 -35.02 -28.86
C TYR E 369 -82.87 -36.18 -29.22
N ARG E 370 -83.26 -36.97 -28.21
CA ARG E 370 -84.16 -38.10 -28.44
C ARG E 370 -85.51 -37.57 -28.94
N GLU E 371 -85.97 -36.47 -28.36
CA GLU E 371 -87.20 -35.82 -28.80
C GLU E 371 -87.01 -35.27 -30.22
N THR E 372 -85.79 -34.81 -30.52
CA THR E 372 -85.47 -34.22 -31.82
C THR E 372 -85.50 -35.32 -32.87
N PHE E 373 -84.85 -36.44 -32.56
CA PHE E 373 -84.69 -37.56 -33.48
C PHE E 373 -86.05 -38.23 -33.69
N LYS E 374 -86.91 -38.17 -32.67
CA LYS E 374 -88.25 -38.71 -32.73
C LYS E 374 -89.03 -38.00 -33.83
N VAL E 375 -89.08 -36.66 -33.73
CA VAL E 375 -89.75 -35.80 -34.70
C VAL E 375 -89.24 -36.12 -36.10
N ALA E 376 -87.93 -36.43 -36.20
CA ALA E 376 -87.30 -36.75 -37.46
C ALA E 376 -87.66 -38.16 -37.91
N GLU E 377 -87.65 -39.10 -36.96
CA GLU E 377 -87.88 -40.52 -37.24
C GLU E 377 -89.33 -40.71 -37.68
N ASP E 378 -90.23 -39.91 -37.10
CA ASP E 378 -91.66 -40.00 -37.35
C ASP E 378 -91.94 -39.71 -38.82
N LEU E 379 -91.30 -38.66 -39.36
CA LEU E 379 -91.50 -38.24 -40.74
C LEU E 379 -91.08 -39.32 -41.72
N LEU E 380 -90.30 -40.30 -41.26
CA LEU E 380 -89.80 -41.35 -42.13
C LEU E 380 -90.73 -42.56 -42.09
N ILE E 381 -91.17 -42.92 -40.88
CA ILE E 381 -92.10 -44.02 -40.70
C ILE E 381 -93.44 -43.63 -41.31
N ASP E 382 -93.87 -42.39 -41.05
CA ASP E 382 -95.05 -41.81 -41.64
C ASP E 382 -94.86 -41.68 -43.15
N GLY E 383 -93.60 -41.44 -43.57
CA GLY E 383 -93.24 -41.42 -44.98
C GLY E 383 -93.42 -40.04 -45.61
N VAL E 384 -93.72 -39.04 -44.78
CA VAL E 384 -93.99 -37.69 -45.28
C VAL E 384 -92.73 -36.84 -45.20
N LEU E 385 -91.56 -37.48 -45.17
CA LEU E 385 -90.28 -36.78 -45.21
C LEU E 385 -90.07 -36.24 -46.62
N ASP E 386 -89.60 -34.98 -46.70
CA ASP E 386 -89.60 -34.22 -47.95
C ASP E 386 -88.18 -33.85 -48.36
N PRO E 387 -87.49 -34.77 -49.07
CA PRO E 387 -88.05 -36.03 -49.53
C PRO E 387 -87.56 -37.23 -48.73
N MET E 388 -88.02 -38.42 -49.16
CA MET E 388 -87.59 -39.68 -48.57
C MET E 388 -86.15 -39.95 -49.00
N PRO E 389 -85.42 -40.88 -48.31
CA PRO E 389 -84.04 -41.18 -48.64
C PRO E 389 -83.85 -41.71 -50.07
N LYS E 390 -84.86 -42.43 -50.56
CA LYS E 390 -84.77 -43.10 -51.86
C LYS E 390 -84.73 -42.08 -52.99
N ASP E 391 -85.16 -40.84 -52.71
CA ASP E 391 -85.31 -39.81 -53.72
C ASP E 391 -84.05 -38.96 -53.83
N LEU E 392 -83.28 -38.89 -52.73
CA LEU E 392 -82.07 -38.08 -52.65
C LEU E 392 -80.99 -38.66 -53.55
N CYS E 393 -80.00 -37.82 -53.88
CA CYS E 393 -78.77 -38.26 -54.51
C CYS E 393 -78.18 -39.41 -53.69
N PRO E 394 -77.73 -40.52 -54.33
CA PRO E 394 -77.22 -41.68 -53.61
C PRO E 394 -75.97 -41.36 -52.78
N ASP E 395 -75.87 -41.97 -51.60
CA ASP E 395 -74.76 -41.70 -50.68
C ASP E 395 -73.47 -42.28 -51.25
N TRP E 396 -72.36 -42.05 -50.53
CA TRP E 396 -71.02 -42.38 -50.98
C TRP E 396 -70.93 -43.85 -51.44
N SER E 397 -71.83 -44.68 -50.90
CA SER E 397 -71.87 -46.10 -51.17
C SER E 397 -72.61 -46.39 -52.47
N GLY E 398 -73.55 -45.49 -52.81
CA GLY E 398 -74.44 -45.66 -53.95
C GLY E 398 -75.81 -46.16 -53.50
N GLN E 399 -75.97 -46.32 -52.19
CA GLN E 399 -77.22 -46.80 -51.60
C GLN E 399 -78.10 -45.62 -51.24
N HIS E 400 -79.38 -45.91 -50.97
CA HIS E 400 -80.35 -44.88 -50.61
C HIS E 400 -80.82 -45.09 -49.17
N ILE E 401 -79.85 -45.37 -48.29
CA ILE E 401 -80.11 -45.58 -46.86
C ILE E 401 -80.33 -44.22 -46.19
N TRP E 402 -81.16 -44.22 -45.15
CA TRP E 402 -81.44 -43.02 -44.37
C TRP E 402 -80.14 -42.46 -43.80
N SER E 403 -80.10 -41.12 -43.65
CA SER E 403 -78.94 -40.41 -43.14
C SER E 403 -78.68 -40.80 -41.68
N LEU E 404 -79.69 -40.58 -40.83
CA LEU E 404 -79.53 -40.63 -39.38
C LEU E 404 -79.65 -42.06 -38.85
N LYS E 405 -79.83 -43.02 -39.76
CA LYS E 405 -80.02 -44.41 -39.37
C LYS E 405 -78.76 -44.96 -38.72
N ILE E 406 -78.85 -45.22 -37.41
CA ILE E 406 -77.78 -45.90 -36.69
C ILE E 406 -78.09 -47.40 -36.71
N GLY E 407 -77.22 -48.16 -37.38
CA GLY E 407 -77.43 -49.56 -37.72
C GLY E 407 -77.84 -50.42 -36.53
N ALA E 408 -77.22 -50.17 -35.38
CA ALA E 408 -77.38 -51.04 -34.23
C ALA E 408 -78.60 -50.62 -33.38
N TYR E 409 -79.45 -49.75 -33.94
CA TYR E 409 -80.67 -49.34 -33.27
C TYR E 409 -81.87 -49.43 -34.22
N HIS E 410 -81.60 -49.41 -35.53
CA HIS E 410 -82.64 -49.29 -36.52
C HIS E 410 -82.53 -50.42 -37.55
N ASP E 411 -83.70 -50.96 -37.94
CA ASP E 411 -83.82 -51.92 -39.02
C ASP E 411 -85.25 -51.90 -39.55
N GLY E 412 -85.40 -52.18 -40.86
CA GLY E 412 -86.72 -52.24 -41.47
C GLY E 412 -86.72 -51.74 -42.92
N GLU E 413 -87.93 -51.55 -43.45
CA GLU E 413 -88.15 -51.18 -44.84
C GLU E 413 -87.77 -49.71 -45.05
N ALA E 414 -88.22 -48.86 -44.12
CA ALA E 414 -88.14 -47.40 -44.27
C ALA E 414 -86.71 -46.91 -44.09
N TYR E 415 -85.82 -47.80 -43.61
CA TYR E 415 -84.46 -47.42 -43.28
C TYR E 415 -83.52 -47.73 -44.44
N GLY E 416 -83.60 -48.96 -44.96
CA GLY E 416 -82.79 -49.38 -46.09
C GLY E 416 -81.48 -50.03 -45.67
N GLY E 417 -80.85 -50.74 -46.61
CA GLY E 417 -79.60 -51.44 -46.36
C GLY E 417 -79.83 -52.78 -45.69
N THR E 418 -78.73 -53.51 -45.41
CA THR E 418 -78.78 -54.78 -44.73
C THR E 418 -79.02 -54.57 -43.23
N THR E 419 -79.01 -55.67 -42.47
CA THR E 419 -79.29 -55.63 -41.04
C THR E 419 -78.07 -55.08 -40.31
N GLY E 420 -78.30 -54.04 -39.49
CA GLY E 420 -77.29 -53.50 -38.59
C GLY E 420 -76.32 -52.53 -39.25
N GLU E 421 -76.55 -52.23 -40.54
CA GLU E 421 -75.72 -51.34 -41.32
C GLU E 421 -76.27 -49.92 -41.22
N SER E 422 -75.38 -48.96 -40.94
CA SER E 422 -75.77 -47.56 -40.77
C SER E 422 -75.83 -46.86 -42.13
N GLY E 423 -76.38 -45.64 -42.12
CA GLY E 423 -76.35 -44.77 -43.29
C GLY E 423 -75.08 -43.91 -43.33
N GLU E 424 -75.03 -42.98 -44.28
CA GLU E 424 -73.94 -42.02 -44.31
C GLU E 424 -74.36 -40.79 -43.50
N PHE E 425 -73.93 -40.79 -42.23
CA PHE E 425 -74.22 -39.71 -41.31
C PHE E 425 -73.54 -38.44 -41.81
N ARG E 426 -74.34 -37.39 -42.04
CA ARG E 426 -73.85 -36.17 -42.65
C ARG E 426 -74.83 -35.02 -42.43
N MET E 427 -74.41 -33.82 -42.85
CA MET E 427 -75.18 -32.59 -42.76
C MET E 427 -75.49 -32.09 -44.17
N SER E 428 -75.07 -32.87 -45.17
CA SER E 428 -75.12 -32.49 -46.57
C SER E 428 -75.96 -33.48 -47.37
N ASN E 429 -76.57 -32.99 -48.46
CA ASN E 429 -77.37 -33.82 -49.36
C ASN E 429 -78.42 -34.58 -48.57
N CYS E 430 -79.40 -33.84 -48.05
CA CYS E 430 -80.43 -34.38 -47.18
C CYS E 430 -81.46 -33.29 -46.90
N THR E 431 -82.48 -33.64 -46.11
CA THR E 431 -83.53 -32.71 -45.71
C THR E 431 -82.97 -31.76 -44.66
N ASP E 432 -83.63 -30.60 -44.50
CA ASP E 432 -83.32 -29.67 -43.43
C ASP E 432 -83.40 -30.39 -42.09
N VAL E 433 -84.38 -31.29 -41.96
CA VAL E 433 -84.64 -32.00 -40.72
C VAL E 433 -83.43 -32.90 -40.41
N GLU E 434 -83.01 -33.71 -41.38
CA GLU E 434 -81.84 -34.55 -41.25
C GLU E 434 -80.61 -33.70 -40.91
N ARG E 435 -80.53 -32.52 -41.53
CA ARG E 435 -79.40 -31.61 -41.35
C ARG E 435 -79.39 -31.11 -39.91
N LEU E 436 -80.54 -30.59 -39.46
CA LEU E 436 -80.64 -29.93 -38.17
C LEU E 436 -80.50 -30.94 -37.03
N CYS E 437 -80.61 -32.23 -37.35
CA CYS E 437 -80.38 -33.29 -36.38
C CYS E 437 -78.87 -33.48 -36.18
N PHE E 438 -78.18 -33.80 -37.29
CA PHE E 438 -76.73 -33.88 -37.31
C PHE E 438 -76.14 -32.66 -36.61
N GLU E 439 -76.51 -31.46 -37.07
CA GLU E 439 -76.05 -30.22 -36.48
C GLU E 439 -76.22 -30.27 -34.96
N SER E 440 -77.42 -30.63 -34.51
CA SER E 440 -77.80 -30.56 -33.10
C SER E 440 -76.90 -31.47 -32.26
N VAL E 441 -76.63 -32.69 -32.75
CA VAL E 441 -75.93 -33.69 -31.97
C VAL E 441 -74.43 -33.64 -32.24
N GLY E 442 -74.06 -33.41 -33.50
CA GLY E 442 -72.67 -33.49 -33.94
C GLY E 442 -71.93 -32.17 -33.80
N TYR E 443 -72.65 -31.10 -33.44
CA TYR E 443 -72.03 -29.82 -33.14
C TYR E 443 -72.42 -29.40 -31.72
N PHE E 444 -73.70 -29.03 -31.55
CA PHE E 444 -74.20 -28.32 -30.39
C PHE E 444 -74.10 -29.14 -29.10
N GLN E 445 -74.29 -30.47 -29.22
CA GLN E 445 -74.21 -31.37 -28.07
C GLN E 445 -72.76 -31.44 -27.59
N THR E 446 -71.81 -31.43 -28.56
CA THR E 446 -70.38 -31.57 -28.30
C THR E 446 -69.85 -30.29 -27.65
N TYR E 447 -70.68 -29.25 -27.60
CA TYR E 447 -70.30 -28.03 -26.91
C TYR E 447 -70.69 -28.14 -25.44
N ILE E 448 -71.63 -29.04 -25.13
CA ILE E 448 -72.08 -29.21 -23.77
C ILE E 448 -71.11 -30.12 -23.02
N TYR E 449 -70.68 -31.21 -23.67
CA TYR E 449 -69.72 -32.13 -23.10
C TYR E 449 -68.39 -31.43 -22.87
N LYS E 450 -67.76 -30.96 -23.95
CA LYS E 450 -66.45 -30.33 -23.89
C LYS E 450 -66.55 -29.01 -23.13
N GLY E 451 -67.71 -28.36 -23.21
CA GLY E 451 -67.93 -27.10 -22.51
C GLY E 451 -67.89 -27.30 -20.99
N MET E 452 -68.53 -28.39 -20.53
CA MET E 452 -68.68 -28.70 -19.12
C MET E 452 -67.41 -29.35 -18.59
N ALA E 453 -66.74 -30.14 -19.45
CA ALA E 453 -65.49 -30.81 -19.11
C ALA E 453 -64.40 -29.78 -18.82
N HIS E 454 -64.50 -28.60 -19.46
CA HIS E 454 -63.38 -27.67 -19.47
C HIS E 454 -63.69 -26.40 -18.67
N GLY E 455 -64.94 -26.25 -18.24
CA GLY E 455 -65.31 -25.19 -17.31
C GLY E 455 -65.89 -23.95 -18.00
N SER E 456 -66.26 -24.09 -19.28
CA SER E 456 -66.93 -23.01 -20.00
C SER E 456 -68.44 -23.17 -19.86
N TRP E 457 -69.03 -22.31 -19.04
CA TRP E 457 -70.43 -22.44 -18.66
C TRP E 457 -71.35 -22.02 -19.81
N ASN E 458 -70.87 -21.08 -20.63
CA ASN E 458 -71.62 -20.54 -21.76
C ASN E 458 -71.61 -21.53 -22.92
N ASP E 459 -70.49 -22.25 -23.11
CA ASP E 459 -70.38 -23.21 -24.19
C ASP E 459 -71.37 -24.35 -24.00
N ALA E 460 -71.86 -24.51 -22.77
CA ALA E 460 -72.75 -25.60 -22.42
C ALA E 460 -74.17 -25.08 -22.18
N THR E 461 -74.34 -23.76 -22.34
CA THR E 461 -75.66 -23.14 -22.23
C THR E 461 -75.93 -22.25 -23.44
N TYR E 462 -75.66 -20.94 -23.29
CA TYR E 462 -76.07 -19.90 -24.21
C TYR E 462 -75.37 -20.02 -25.57
N SER E 463 -74.05 -20.26 -25.54
CA SER E 463 -73.25 -20.23 -26.75
C SER E 463 -73.37 -21.53 -27.53
N ASP E 464 -74.53 -21.72 -28.18
CA ASP E 464 -74.80 -22.83 -29.07
C ASP E 464 -74.70 -24.15 -28.30
N GLY E 465 -74.96 -24.09 -26.99
CA GLY E 465 -74.93 -25.26 -26.14
C GLY E 465 -76.32 -25.88 -25.99
N SER E 466 -76.79 -25.94 -24.75
CA SER E 466 -78.12 -26.45 -24.43
C SER E 466 -79.17 -25.64 -25.18
N PHE E 467 -79.04 -24.31 -25.13
CA PHE E 467 -80.01 -23.39 -25.69
C PHE E 467 -79.95 -23.43 -27.21
N GLY E 468 -78.84 -23.95 -27.75
CA GLY E 468 -78.71 -24.19 -29.17
C GLY E 468 -79.53 -25.39 -29.61
N MET E 469 -79.50 -26.46 -28.79
CA MET E 469 -80.27 -27.67 -29.02
C MET E 469 -81.76 -27.32 -28.93
N ASP E 470 -82.09 -26.47 -27.95
CA ASP E 470 -83.42 -25.90 -27.83
C ASP E 470 -83.84 -25.30 -29.17
N ARG E 471 -83.00 -24.40 -29.67
CA ARG E 471 -83.25 -23.65 -30.89
C ARG E 471 -83.52 -24.60 -32.05
N TRP E 472 -82.72 -25.66 -32.15
CA TRP E 472 -82.80 -26.58 -33.28
C TRP E 472 -84.04 -27.46 -33.20
N LEU E 473 -84.44 -27.82 -31.97
CA LEU E 473 -85.64 -28.62 -31.75
C LEU E 473 -86.87 -27.86 -32.27
N VAL E 474 -86.94 -26.56 -31.95
CA VAL E 474 -87.99 -25.66 -32.40
C VAL E 474 -87.98 -25.60 -33.92
N ASN E 475 -86.78 -25.58 -34.50
CA ASN E 475 -86.57 -25.46 -35.94
C ASN E 475 -86.95 -26.76 -36.64
N VAL E 476 -86.76 -27.90 -35.94
CA VAL E 476 -87.05 -29.21 -36.48
C VAL E 476 -88.55 -29.48 -36.40
N LYS E 477 -89.18 -29.04 -35.30
CA LYS E 477 -90.61 -29.13 -35.11
C LYS E 477 -91.32 -28.41 -36.26
N GLN E 478 -91.01 -27.11 -36.41
CA GLN E 478 -91.63 -26.25 -37.41
C GLN E 478 -91.41 -26.82 -38.81
N ASN E 479 -90.30 -27.55 -39.00
CA ASN E 479 -89.94 -28.06 -40.31
C ASN E 479 -90.60 -29.41 -40.54
N ALA E 480 -91.22 -29.96 -39.49
CA ALA E 480 -92.06 -31.13 -39.63
C ALA E 480 -93.51 -30.69 -39.83
N SER E 481 -93.92 -29.70 -39.02
CA SER E 481 -95.24 -29.09 -39.13
C SER E 481 -95.55 -28.74 -40.59
N ARG E 482 -94.58 -28.10 -41.26
CA ARG E 482 -94.75 -27.64 -42.63
C ARG E 482 -94.81 -28.84 -43.58
N ALA E 483 -94.00 -29.87 -43.29
CA ALA E 483 -93.90 -31.03 -44.16
C ALA E 483 -95.15 -31.90 -44.04
N ARG E 484 -95.90 -31.73 -42.95
CA ARG E 484 -97.12 -32.46 -42.71
C ARG E 484 -98.30 -31.70 -43.32
N ARG E 485 -98.41 -30.42 -42.97
CA ARG E 485 -99.48 -29.54 -43.44
C ARG E 485 -99.60 -29.64 -44.97
N LEU E 486 -98.46 -29.74 -45.66
CA LEU E 486 -98.40 -29.78 -47.11
C LEU E 486 -98.83 -31.15 -47.63
N ALA E 487 -98.27 -32.22 -47.06
CA ALA E 487 -98.48 -33.58 -47.55
C ALA E 487 -99.91 -34.04 -47.26
N ALA E 488 -100.58 -33.34 -46.34
CA ALA E 488 -101.97 -33.59 -46.02
C ALA E 488 -102.88 -32.89 -47.03
N LEU E 489 -102.47 -31.67 -47.44
CA LEU E 489 -103.18 -30.89 -48.43
C LEU E 489 -103.12 -31.60 -49.78
N GLU E 490 -101.94 -32.12 -50.13
CA GLU E 490 -101.71 -32.75 -51.42
C GLU E 490 -102.48 -34.06 -51.53
N LYS E 491 -102.88 -34.62 -50.38
CA LYS E 491 -103.70 -35.83 -50.37
C LYS E 491 -105.16 -35.46 -50.58
N LYS E 492 -105.61 -34.41 -49.88
CA LYS E 492 -107.01 -34.01 -49.92
C LYS E 492 -107.32 -33.21 -51.19
N VAL E 493 -106.27 -32.83 -51.94
CA VAL E 493 -106.45 -32.17 -53.22
C VAL E 493 -106.09 -33.15 -54.34
N GLY E 494 -105.34 -34.20 -53.99
CA GLY E 494 -105.11 -35.34 -54.86
C GLY E 494 -103.92 -35.18 -55.79
N ILE E 495 -103.00 -34.26 -55.44
CA ILE E 495 -101.76 -34.08 -56.18
C ILE E 495 -100.72 -35.05 -55.63
N SER E 496 -100.05 -35.76 -56.54
CA SER E 496 -98.92 -36.60 -56.18
C SER E 496 -97.63 -35.80 -56.34
N TRP E 497 -97.05 -35.40 -55.21
CA TRP E 497 -95.87 -34.54 -55.18
C TRP E 497 -94.66 -35.28 -55.72
N GLN E 498 -94.00 -34.65 -56.71
CA GLN E 498 -92.77 -35.21 -57.26
C GLN E 498 -91.57 -34.49 -56.64
N PRO E 499 -90.67 -35.24 -55.97
CA PRO E 499 -89.40 -34.68 -55.49
C PRO E 499 -88.66 -34.05 -56.66
N GLU E 500 -88.17 -32.83 -56.44
CA GLU E 500 -87.58 -31.99 -57.47
C GLU E 500 -86.28 -32.64 -57.97
N GLN E 501 -85.79 -32.13 -59.10
CA GLN E 501 -84.64 -32.72 -59.78
C GLN E 501 -83.37 -32.50 -58.96
N PHE E 502 -83.39 -31.46 -58.11
CA PHE E 502 -82.20 -31.02 -57.39
C PHE E 502 -81.89 -31.94 -56.21
N TRP E 503 -82.83 -32.81 -55.83
CA TRP E 503 -82.57 -33.81 -54.82
C TRP E 503 -81.75 -34.96 -55.43
N LYS E 504 -82.04 -35.27 -56.70
CA LYS E 504 -81.40 -36.37 -57.41
C LYS E 504 -80.03 -35.94 -57.91
N THR E 505 -80.00 -34.87 -58.71
CA THR E 505 -78.79 -34.42 -59.38
C THR E 505 -78.59 -32.92 -59.17
N GLY E 506 -77.44 -32.44 -59.63
CA GLY E 506 -76.98 -31.07 -59.43
C GLY E 506 -75.49 -31.00 -59.72
N GLU E 507 -74.99 -29.79 -60.03
CA GLU E 507 -73.63 -29.65 -60.52
C GLU E 507 -72.64 -30.35 -59.59
N TRP E 508 -72.79 -30.13 -58.26
CA TRP E 508 -71.91 -30.72 -57.27
C TRP E 508 -72.28 -32.19 -57.05
N LEU E 509 -73.56 -32.44 -56.75
CA LEU E 509 -74.06 -33.77 -56.41
C LEU E 509 -73.52 -34.81 -57.38
N ASP E 510 -73.32 -34.41 -58.64
CA ASP E 510 -72.98 -35.31 -59.74
C ASP E 510 -71.52 -35.77 -59.61
N GLN E 511 -70.71 -34.98 -58.90
CA GLN E 511 -69.27 -35.24 -58.80
C GLN E 511 -68.98 -36.30 -57.74
N LEU E 512 -69.96 -36.55 -56.86
CA LEU E 512 -69.84 -37.46 -55.73
C LEU E 512 -69.79 -38.91 -56.23
N THR E 513 -69.43 -39.82 -55.32
CA THR E 513 -69.16 -41.21 -55.66
C THR E 513 -70.48 -41.96 -55.89
N GLY E 514 -71.50 -41.62 -55.08
CA GLY E 514 -72.81 -42.26 -55.16
C GLY E 514 -73.30 -42.36 -56.59
N PRO E 515 -73.57 -41.21 -57.26
CA PRO E 515 -73.94 -41.20 -58.69
C PRO E 515 -73.03 -42.00 -59.62
N TYR E 516 -71.71 -41.98 -59.34
CA TYR E 516 -70.77 -42.74 -60.15
C TYR E 516 -71.05 -44.24 -59.99
N ILE E 517 -71.21 -44.69 -58.75
CA ILE E 517 -71.32 -46.11 -58.44
C ILE E 517 -72.64 -46.66 -58.99
N VAL E 518 -73.72 -45.90 -58.82
CA VAL E 518 -75.03 -46.25 -59.32
C VAL E 518 -74.95 -46.56 -60.81
N LYS E 519 -74.27 -45.67 -61.55
CA LYS E 519 -74.20 -45.73 -63.00
C LYS E 519 -73.25 -46.85 -63.43
N ASN E 520 -72.00 -46.80 -62.96
CA ASN E 520 -70.92 -47.60 -63.52
C ASN E 520 -70.94 -49.03 -62.98
N HIS E 521 -71.12 -49.18 -61.66
CA HIS E 521 -71.15 -50.51 -61.07
C HIS E 521 -72.53 -50.75 -60.45
N PRO E 522 -73.56 -51.10 -61.27
CA PRO E 522 -74.96 -51.00 -60.86
C PRO E 522 -75.37 -52.03 -59.81
N GLY E 523 -74.79 -53.23 -59.90
CA GLY E 523 -75.15 -54.32 -59.00
C GLY E 523 -74.09 -54.55 -57.93
N LYS E 524 -73.63 -53.46 -57.30
CA LYS E 524 -72.63 -53.51 -56.24
C LYS E 524 -72.60 -52.19 -55.47
N THR E 525 -72.04 -52.25 -54.25
CA THR E 525 -71.80 -51.08 -53.43
C THR E 525 -70.29 -50.82 -53.36
N ILE E 526 -69.92 -49.71 -52.70
CA ILE E 526 -68.53 -49.32 -52.52
C ILE E 526 -67.81 -50.37 -51.68
N PHE E 527 -68.57 -51.01 -50.77
CA PHE E 527 -68.05 -52.03 -49.87
C PHE E 527 -67.79 -53.30 -50.67
N ASP E 528 -68.63 -53.53 -51.69
CA ASP E 528 -68.50 -54.64 -52.62
C ASP E 528 -67.27 -54.42 -53.51
N LEU E 529 -67.06 -53.15 -53.88
CA LEU E 529 -66.00 -52.75 -54.77
C LEU E 529 -64.66 -52.70 -54.03
N CYS E 530 -64.72 -52.32 -52.75
CA CYS E 530 -63.55 -52.28 -51.89
C CYS E 530 -63.65 -53.39 -50.84
N PRO E 531 -63.29 -54.64 -51.20
CA PRO E 531 -63.55 -55.79 -50.31
C PRO E 531 -62.56 -55.92 -49.15
N ASP E 532 -61.34 -55.39 -49.34
CA ASP E 532 -60.21 -55.63 -48.44
C ASP E 532 -60.57 -55.22 -47.00
N PRO E 533 -59.91 -55.82 -45.98
CA PRO E 533 -60.25 -55.57 -44.58
C PRO E 533 -60.00 -54.13 -44.16
N GLY E 534 -60.88 -53.62 -43.28
CA GLY E 534 -60.79 -52.27 -42.76
C GLY E 534 -59.77 -52.17 -41.62
N TRP E 535 -59.76 -51.01 -40.97
CA TRP E 535 -58.90 -50.77 -39.81
C TRP E 535 -59.47 -51.50 -38.61
N LEU E 536 -60.80 -51.44 -38.47
CA LEU E 536 -61.54 -52.07 -37.39
C LEU E 536 -61.30 -53.58 -37.41
N ASP E 537 -61.19 -54.15 -38.62
CA ASP E 537 -61.05 -55.58 -38.80
C ASP E 537 -59.75 -56.07 -38.16
N THR E 538 -58.69 -55.26 -38.26
CA THR E 538 -57.36 -55.67 -37.82
C THR E 538 -57.06 -55.15 -36.43
N HIS E 539 -57.58 -53.96 -36.10
CA HIS E 539 -57.27 -53.28 -34.85
C HIS E 539 -58.39 -53.50 -33.83
N HIS E 540 -58.02 -54.09 -32.69
CA HIS E 540 -58.97 -54.46 -31.64
C HIS E 540 -58.78 -53.57 -30.42
N ALA E 541 -59.77 -53.61 -29.52
CA ALA E 541 -59.68 -53.00 -28.21
C ALA E 541 -58.66 -53.78 -27.36
N PRO E 542 -57.89 -53.09 -26.47
CA PRO E 542 -56.93 -53.78 -25.60
C PRO E 542 -57.63 -54.78 -24.69
N ALA E 543 -56.90 -55.84 -24.31
CA ALA E 543 -57.45 -56.93 -23.49
C ALA E 543 -57.77 -56.42 -22.09
N GLU E 544 -56.92 -55.53 -21.57
CA GLU E 544 -57.00 -55.05 -20.20
C GLU E 544 -58.25 -54.18 -20.01
N GLU E 545 -58.77 -53.65 -21.12
CA GLU E 545 -59.96 -52.80 -21.10
C GLU E 545 -61.22 -53.67 -21.09
N VAL E 546 -61.20 -54.73 -21.91
CA VAL E 546 -62.31 -55.67 -21.99
C VAL E 546 -62.45 -56.35 -20.63
N GLU E 547 -61.31 -56.70 -20.03
CA GLU E 547 -61.27 -57.38 -18.75
C GLU E 547 -61.91 -56.50 -17.67
N TYR E 548 -61.56 -55.21 -17.67
CA TYR E 548 -62.03 -54.28 -16.64
C TYR E 548 -63.55 -54.14 -16.70
N ILE E 549 -64.11 -54.10 -17.91
CA ILE E 549 -65.55 -53.90 -18.08
C ILE E 549 -66.29 -55.13 -17.52
N GLU E 550 -65.82 -56.32 -17.91
CA GLU E 550 -66.45 -57.57 -17.52
C GLU E 550 -66.43 -57.71 -16.00
N ARG E 551 -65.29 -57.37 -15.39
CA ARG E 551 -65.08 -57.43 -13.94
C ARG E 551 -66.07 -56.52 -13.24
N LYS E 552 -66.15 -55.26 -13.69
CA LYS E 552 -66.97 -54.24 -13.06
C LYS E 552 -68.46 -54.50 -13.30
N LEU E 553 -68.78 -55.18 -14.39
CA LEU E 553 -70.17 -55.49 -14.72
C LEU E 553 -70.68 -56.63 -13.83
N LYS E 554 -69.85 -57.66 -13.62
CA LYS E 554 -70.22 -58.75 -12.74
C LYS E 554 -70.18 -58.27 -11.28
N GLU E 555 -69.29 -57.32 -11.01
CA GLU E 555 -69.13 -56.72 -9.69
C GLU E 555 -70.43 -56.06 -9.24
N LEU E 556 -71.20 -55.52 -10.21
CA LEU E 556 -72.38 -54.73 -9.91
C LEU E 556 -73.65 -55.46 -10.34
N GLY E 557 -73.48 -56.46 -11.22
CA GLY E 557 -74.58 -57.25 -11.74
C GLY E 557 -75.43 -56.49 -12.77
N ILE E 558 -74.78 -56.07 -13.86
CA ILE E 558 -75.43 -55.46 -15.01
C ILE E 558 -75.08 -56.28 -16.25
N THR E 559 -76.09 -56.59 -17.06
CA THR E 559 -75.92 -57.45 -18.23
C THR E 559 -75.19 -56.68 -19.34
N ALA E 560 -74.71 -57.43 -20.34
CA ALA E 560 -73.91 -56.89 -21.44
C ALA E 560 -74.81 -56.56 -22.63
N GLY E 561 -74.18 -56.15 -23.73
CA GLY E 561 -74.88 -55.78 -24.96
C GLY E 561 -74.72 -56.82 -26.06
N SER E 562 -75.39 -56.57 -27.20
CA SER E 562 -75.42 -57.48 -28.34
C SER E 562 -74.29 -57.14 -29.31
N HIS E 563 -74.31 -57.81 -30.47
CA HIS E 563 -73.41 -57.50 -31.58
C HIS E 563 -74.04 -56.39 -32.44
N VAL F 33 -67.78 -38.15 -40.75
CA VAL F 33 -68.05 -38.33 -39.30
C VAL F 33 -69.28 -39.22 -39.13
N GLU F 34 -69.10 -40.34 -38.41
CA GLU F 34 -70.15 -41.34 -38.22
C GLU F 34 -70.48 -41.43 -36.73
N ILE F 35 -71.63 -42.06 -36.43
CA ILE F 35 -71.89 -42.51 -35.07
C ILE F 35 -71.28 -43.90 -34.93
N ILE F 36 -70.05 -43.93 -34.38
CA ILE F 36 -69.22 -45.12 -34.37
C ILE F 36 -69.79 -46.13 -33.37
N THR F 37 -70.08 -47.34 -33.87
CA THR F 37 -70.73 -48.38 -33.09
C THR F 37 -69.81 -49.60 -32.99
N HIS F 38 -68.51 -49.39 -33.15
CA HIS F 38 -67.54 -50.48 -33.19
C HIS F 38 -66.40 -50.21 -32.21
N TRP F 39 -65.46 -51.18 -32.17
CA TRP F 39 -64.19 -51.11 -31.45
C TRP F 39 -64.39 -51.19 -29.93
N VAL F 40 -65.18 -50.24 -29.39
CA VAL F 40 -65.51 -50.21 -27.97
C VAL F 40 -66.24 -51.51 -27.62
N PRO F 41 -65.85 -52.23 -26.55
CA PRO F 41 -66.47 -53.51 -26.19
C PRO F 41 -67.99 -53.45 -26.10
N HIS F 42 -68.65 -54.49 -26.62
CA HIS F 42 -70.10 -54.52 -26.76
C HIS F 42 -70.77 -54.54 -25.38
N GLU F 43 -70.09 -55.14 -24.41
CA GLU F 43 -70.63 -55.34 -23.07
C GLU F 43 -71.11 -54.01 -22.49
N VAL F 44 -70.61 -52.91 -23.06
CA VAL F 44 -70.86 -51.59 -22.50
C VAL F 44 -71.79 -50.79 -23.42
N TYR F 45 -72.29 -51.43 -24.48
CA TYR F 45 -73.27 -50.79 -25.34
C TYR F 45 -74.64 -50.85 -24.68
N GLY F 46 -75.29 -49.68 -24.56
CA GLY F 46 -76.63 -49.59 -24.04
C GLY F 46 -77.66 -49.99 -25.10
N MET F 47 -78.64 -50.81 -24.69
CA MET F 47 -79.70 -51.26 -25.59
C MET F 47 -81.01 -50.58 -25.21
N PRO F 48 -81.99 -50.48 -26.14
CA PRO F 48 -83.21 -49.70 -25.90
C PRO F 48 -83.89 -50.04 -24.58
N GLY F 49 -84.26 -49.00 -23.82
CA GLY F 49 -85.03 -49.14 -22.61
C GLY F 49 -84.17 -49.15 -21.34
N GLU F 50 -82.85 -49.34 -21.51
CA GLU F 50 -81.91 -49.41 -20.40
C GLU F 50 -81.72 -48.02 -19.79
N PRO F 51 -81.38 -47.92 -18.49
CA PRO F 51 -81.20 -46.62 -17.83
C PRO F 51 -80.01 -45.85 -18.39
N ASP F 52 -80.16 -44.52 -18.48
CA ASP F 52 -79.12 -43.66 -19.03
C ASP F 52 -77.98 -43.50 -18.03
N ASN F 53 -78.27 -43.79 -16.75
CA ASN F 53 -77.32 -43.59 -15.66
C ASN F 53 -76.61 -44.90 -15.33
N SER F 54 -76.72 -45.87 -16.24
CA SER F 54 -76.06 -47.16 -16.06
C SER F 54 -74.56 -47.03 -16.33
N GLY F 55 -74.21 -46.07 -17.21
CA GLY F 55 -72.83 -45.83 -17.60
C GLY F 55 -72.52 -46.48 -18.94
N LYS F 56 -73.56 -47.00 -19.59
CA LYS F 56 -73.38 -47.67 -20.88
C LYS F 56 -73.45 -46.61 -21.99
N VAL F 57 -72.83 -46.93 -23.13
CA VAL F 57 -72.76 -46.02 -24.26
C VAL F 57 -74.04 -46.17 -25.08
N PHE F 58 -74.79 -45.07 -25.22
CA PHE F 58 -75.96 -45.02 -26.07
C PHE F 58 -75.60 -44.22 -27.31
N PHE F 59 -75.62 -44.90 -28.47
CA PHE F 59 -75.20 -44.31 -29.73
C PHE F 59 -76.07 -43.12 -30.07
N SER F 60 -75.42 -41.96 -30.26
CA SER F 60 -76.07 -40.69 -30.56
C SER F 60 -76.99 -40.28 -29.41
N GLY F 61 -76.91 -41.02 -28.30
CA GLY F 61 -77.68 -40.73 -27.10
C GLY F 61 -79.13 -41.21 -27.22
N LEU F 62 -79.37 -42.15 -28.14
CA LEU F 62 -80.71 -42.60 -28.44
C LEU F 62 -81.07 -43.82 -27.59
N LYS F 63 -82.39 -44.03 -27.42
CA LYS F 63 -82.98 -45.29 -26.98
C LYS F 63 -82.78 -45.52 -25.48
N ALA F 64 -82.18 -44.54 -24.78
CA ALA F 64 -81.97 -44.67 -23.35
C ALA F 64 -83.22 -44.25 -22.58
N LYS F 65 -83.40 -44.83 -21.40
CA LYS F 65 -84.46 -44.46 -20.47
C LYS F 65 -83.92 -43.39 -19.53
N TYR F 66 -84.54 -42.20 -19.58
CA TYR F 66 -84.11 -41.07 -18.78
C TYR F 66 -84.46 -41.30 -17.32
N MET F 67 -83.43 -41.28 -16.46
CA MET F 67 -83.60 -41.57 -15.04
C MET F 67 -83.66 -40.27 -14.23
N GLY F 68 -83.13 -39.18 -14.80
CA GLY F 68 -83.14 -37.88 -14.14
C GLY F 68 -82.02 -37.74 -13.12
N TYR F 69 -81.94 -36.56 -12.50
CA TYR F 69 -80.86 -36.21 -11.59
C TYR F 69 -80.95 -37.04 -10.31
N PRO F 70 -79.82 -37.31 -9.62
CA PRO F 70 -79.85 -38.06 -8.36
C PRO F 70 -80.45 -37.23 -7.23
N LYS F 71 -81.67 -37.62 -6.81
CA LYS F 71 -82.41 -36.88 -5.81
C LYS F 71 -82.14 -37.47 -4.43
N ASP F 72 -81.35 -38.54 -4.39
CA ASP F 72 -80.94 -39.16 -3.13
C ASP F 72 -79.59 -38.59 -2.70
N ALA F 73 -78.91 -37.89 -3.61
CA ALA F 73 -77.57 -37.36 -3.38
C ALA F 73 -77.65 -36.21 -2.38
N GLN F 74 -76.79 -36.29 -1.34
CA GLN F 74 -76.73 -35.30 -0.28
C GLN F 74 -76.35 -33.95 -0.89
N ARG F 75 -77.22 -32.96 -0.68
CA ARG F 75 -77.06 -31.64 -1.28
C ARG F 75 -77.89 -30.61 -0.50
N SER F 76 -77.92 -29.38 -1.01
CA SER F 76 -78.72 -28.32 -0.44
C SER F 76 -79.85 -27.94 -1.40
N PRO F 77 -81.04 -27.56 -0.87
CA PRO F 77 -82.03 -26.86 -1.68
C PRO F 77 -81.49 -25.47 -2.03
N TYR F 78 -81.96 -24.92 -3.15
CA TYR F 78 -81.63 -23.57 -3.55
C TYR F 78 -82.38 -22.59 -2.64
N PRO F 79 -81.84 -21.38 -2.37
CA PRO F 79 -82.59 -20.37 -1.60
C PRO F 79 -83.61 -19.68 -2.49
N GLY F 80 -84.48 -18.87 -1.86
CA GLY F 80 -85.31 -17.92 -2.59
C GLY F 80 -86.75 -18.40 -2.79
N LYS F 81 -87.48 -17.59 -3.57
CA LYS F 81 -88.93 -17.67 -3.78
C LYS F 81 -89.32 -19.04 -4.30
N TYR F 82 -88.51 -19.59 -5.22
CA TYR F 82 -88.90 -20.76 -5.99
C TYR F 82 -88.14 -21.99 -5.50
N SER F 83 -87.81 -22.00 -4.20
CA SER F 83 -87.02 -23.04 -3.58
C SER F 83 -87.60 -24.43 -3.88
N LYS F 84 -88.93 -24.52 -3.85
CA LYS F 84 -89.63 -25.80 -3.91
C LYS F 84 -89.46 -26.45 -5.28
N PHE F 85 -89.30 -25.63 -6.33
CA PHE F 85 -89.24 -26.15 -7.69
C PHE F 85 -87.81 -26.17 -8.21
N TRP F 86 -86.87 -25.64 -7.40
CA TRP F 86 -85.47 -25.56 -7.75
C TRP F 86 -84.79 -26.90 -7.54
N LYS F 87 -84.59 -27.66 -8.62
CA LYS F 87 -83.86 -28.91 -8.58
C LYS F 87 -82.36 -28.62 -8.53
N THR F 88 -81.65 -29.25 -7.59
CA THR F 88 -80.25 -28.93 -7.33
C THR F 88 -79.35 -30.15 -7.48
N LEU F 89 -78.06 -29.88 -7.72
CA LEU F 89 -77.01 -30.88 -7.75
C LEU F 89 -76.10 -30.69 -6.55
N PRO F 90 -75.36 -31.73 -6.10
CA PRO F 90 -74.42 -31.59 -4.99
C PRO F 90 -73.45 -30.43 -5.17
N ALA F 91 -72.98 -30.24 -6.41
CA ALA F 91 -71.95 -29.27 -6.75
C ALA F 91 -72.35 -27.85 -6.38
N TYR F 92 -73.67 -27.59 -6.30
CA TYR F 92 -74.18 -26.25 -6.12
C TYR F 92 -73.85 -25.71 -4.72
N ARG F 93 -73.46 -26.61 -3.82
CA ARG F 93 -73.23 -26.27 -2.42
C ARG F 93 -72.23 -25.12 -2.29
N TYR F 94 -71.28 -25.05 -3.25
CA TYR F 94 -70.16 -24.12 -3.14
C TYR F 94 -70.58 -22.71 -3.58
N TYR F 95 -71.68 -22.62 -4.34
CA TYR F 95 -71.93 -21.45 -5.17
C TYR F 95 -72.75 -20.38 -4.44
N ILE F 96 -73.65 -20.80 -3.54
CA ILE F 96 -74.26 -19.89 -2.58
C ILE F 96 -73.99 -20.44 -1.19
N PRO F 97 -72.73 -20.33 -0.69
CA PRO F 97 -72.24 -21.17 0.41
C PRO F 97 -72.87 -20.94 1.78
N ASP F 98 -73.30 -19.70 2.04
CA ASP F 98 -73.89 -19.37 3.34
C ASP F 98 -75.10 -20.25 3.61
N TYR F 99 -75.95 -20.40 2.59
CA TYR F 99 -77.18 -21.16 2.72
C TYR F 99 -76.94 -22.63 2.36
N MET F 100 -76.06 -22.85 1.38
CA MET F 100 -75.99 -24.15 0.72
C MET F 100 -74.84 -25.00 1.23
N TYR F 101 -73.98 -24.43 2.10
CA TYR F 101 -72.86 -25.17 2.62
C TYR F 101 -72.77 -25.03 4.14
N ASN F 102 -72.98 -23.81 4.63
CA ASN F 102 -72.52 -23.43 5.97
C ASN F 102 -73.52 -23.80 7.06
N ARG F 103 -74.76 -24.12 6.67
CA ARG F 103 -75.75 -24.58 7.62
C ARG F 103 -75.44 -26.02 8.01
N ASP F 104 -75.64 -26.34 9.30
CA ASP F 104 -75.32 -27.64 9.86
C ASP F 104 -76.13 -28.73 9.17
N GLU F 105 -77.33 -28.39 8.71
CA GLU F 105 -78.27 -29.33 8.12
C GLU F 105 -77.80 -29.80 6.75
N VAL F 106 -76.85 -29.07 6.16
CA VAL F 106 -76.54 -29.22 4.75
C VAL F 106 -75.06 -29.55 4.56
N ARG F 107 -74.19 -29.02 5.43
CA ARG F 107 -72.75 -29.19 5.33
C ARG F 107 -72.43 -30.64 4.97
N PRO F 108 -71.60 -30.88 3.91
CA PRO F 108 -71.27 -32.25 3.48
C PRO F 108 -70.30 -32.93 4.44
N SER F 109 -70.29 -34.28 4.37
CA SER F 109 -69.41 -35.08 5.19
C SER F 109 -67.96 -34.92 4.73
N ASN F 110 -67.03 -35.16 5.65
CA ASN F 110 -65.61 -35.02 5.36
C ASN F 110 -64.87 -36.17 6.04
N PRO F 111 -64.02 -36.93 5.30
CA PRO F 111 -63.32 -38.08 5.87
C PRO F 111 -62.23 -37.76 6.90
N ILE F 112 -61.84 -36.49 6.99
CA ILE F 112 -60.77 -36.09 7.90
C ILE F 112 -61.37 -35.44 9.14
N LYS F 113 -60.99 -35.95 10.32
CA LYS F 113 -61.56 -35.52 11.59
C LYS F 113 -60.50 -34.80 12.42
N GLY F 114 -60.97 -33.88 13.27
CA GLY F 114 -60.11 -33.16 14.20
C GLY F 114 -60.20 -31.65 13.99
N THR F 115 -59.81 -30.89 15.03
CA THR F 115 -59.64 -29.46 14.91
C THR F 115 -58.13 -29.16 14.89
N PHE F 116 -57.70 -28.27 13.99
CA PHE F 116 -56.28 -28.12 13.69
C PHE F 116 -55.84 -26.67 13.80
N LYS F 117 -54.54 -26.48 14.04
CA LYS F 117 -53.87 -25.19 13.95
C LYS F 117 -53.56 -24.91 12.47
N LEU F 118 -53.21 -23.66 12.17
CA LEU F 118 -52.94 -23.24 10.80
C LEU F 118 -51.78 -24.06 10.21
N GLU F 119 -50.73 -24.27 11.01
CA GLU F 119 -49.55 -25.02 10.59
C GLU F 119 -49.97 -26.36 10.01
N GLN F 120 -51.01 -26.95 10.61
CA GLN F 120 -51.44 -28.30 10.27
C GLN F 120 -52.21 -28.29 8.95
N CYS F 121 -53.04 -27.26 8.75
CA CYS F 121 -53.74 -27.07 7.49
C CYS F 121 -52.72 -27.07 6.35
N VAL F 122 -51.70 -26.22 6.50
CA VAL F 122 -50.71 -25.97 5.46
C VAL F 122 -49.93 -27.24 5.16
N ALA F 123 -49.43 -27.90 6.23
CA ALA F 123 -48.55 -29.05 6.10
C ALA F 123 -49.26 -30.19 5.37
N CYS F 124 -50.51 -30.43 5.75
CA CYS F 124 -51.27 -31.56 5.22
C CYS F 124 -51.70 -31.28 3.78
N HIS F 125 -52.20 -30.06 3.54
CA HIS F 125 -52.75 -29.69 2.24
C HIS F 125 -51.64 -29.43 1.23
N SER F 126 -50.42 -29.16 1.72
CA SER F 126 -49.29 -28.90 0.84
C SER F 126 -49.01 -30.12 -0.04
N VAL F 127 -49.50 -31.27 0.40
CA VAL F 127 -49.32 -32.51 -0.34
C VAL F 127 -50.67 -32.99 -0.87
N MET F 128 -51.73 -32.80 -0.09
CA MET F 128 -53.05 -33.31 -0.43
C MET F 128 -53.67 -32.50 -1.55
N THR F 129 -53.56 -31.16 -1.45
CA THR F 129 -54.01 -30.24 -2.49
C THR F 129 -52.91 -29.21 -2.74
N PRO F 130 -51.78 -29.62 -3.37
CA PRO F 130 -50.57 -28.79 -3.44
C PRO F 130 -50.79 -27.37 -3.95
N GLY F 131 -51.56 -27.25 -5.04
CA GLY F 131 -51.79 -25.99 -5.72
C GLY F 131 -52.38 -24.91 -4.81
N ILE F 132 -53.28 -25.33 -3.91
CA ILE F 132 -53.95 -24.42 -3.01
C ILE F 132 -52.93 -23.80 -2.06
N VAL F 133 -52.01 -24.62 -1.55
CA VAL F 133 -51.01 -24.15 -0.61
C VAL F 133 -49.98 -23.28 -1.34
N ARG F 134 -49.60 -23.68 -2.56
CA ARG F 134 -48.71 -22.88 -3.39
C ARG F 134 -49.28 -21.47 -3.57
N ASP F 135 -50.59 -21.40 -3.86
CA ASP F 135 -51.30 -20.14 -4.05
C ASP F 135 -51.33 -19.36 -2.75
N TYR F 136 -51.68 -20.04 -1.65
CA TYR F 136 -51.82 -19.41 -0.36
C TYR F 136 -50.52 -18.76 0.08
N ASN F 137 -49.40 -19.46 -0.14
CA ASN F 137 -48.09 -19.00 0.31
C ASN F 137 -47.68 -17.73 -0.45
N LYS F 138 -48.15 -17.62 -1.70
CA LYS F 138 -47.86 -16.46 -2.53
C LYS F 138 -48.71 -15.27 -2.07
N SER F 139 -49.87 -15.55 -1.48
CA SER F 139 -50.86 -14.53 -1.14
C SER F 139 -50.37 -13.65 0.00
N ALA F 140 -50.90 -12.42 0.06
CA ALA F 140 -50.57 -11.47 1.10
C ALA F 140 -51.15 -11.94 2.43
N HIS F 141 -52.22 -12.74 2.35
CA HIS F 141 -52.92 -13.26 3.51
C HIS F 141 -51.96 -14.05 4.42
N SER F 142 -51.04 -14.79 3.80
CA SER F 142 -50.13 -15.67 4.52
C SER F 142 -49.06 -14.86 5.24
N LYS F 143 -48.75 -13.68 4.70
CA LYS F 143 -47.63 -12.87 5.16
C LYS F 143 -48.10 -11.83 6.18
N ALA F 144 -49.43 -11.73 6.36
CA ALA F 144 -50.04 -10.68 7.16
C ALA F 144 -49.62 -10.79 8.62
N GLU F 145 -49.42 -9.63 9.27
CA GLU F 145 -49.04 -9.54 10.67
C GLU F 145 -49.99 -8.59 11.39
N PRO F 146 -50.18 -8.78 12.71
CA PRO F 146 -49.43 -9.74 13.52
C PRO F 146 -49.83 -11.20 13.35
N ALA F 147 -51.06 -11.42 12.85
CA ALA F 147 -51.56 -12.76 12.60
C ALA F 147 -51.96 -12.90 11.13
N PRO F 148 -51.59 -14.01 10.45
CA PRO F 148 -51.98 -14.22 9.06
C PRO F 148 -53.45 -14.58 8.92
N THR F 149 -54.04 -14.20 7.78
CA THR F 149 -55.35 -14.66 7.39
C THR F 149 -55.20 -16.05 6.78
N GLY F 150 -55.28 -17.08 7.64
CA GLY F 150 -54.94 -18.43 7.24
C GLY F 150 -56.17 -19.24 6.82
N CYS F 151 -55.92 -20.48 6.39
CA CYS F 151 -56.98 -21.38 5.96
C CYS F 151 -58.10 -21.42 7.00
N ASP F 152 -57.71 -21.44 8.28
CA ASP F 152 -58.63 -21.56 9.39
C ASP F 152 -59.48 -20.30 9.52
N THR F 153 -58.89 -19.15 9.16
CA THR F 153 -59.58 -17.87 9.26
C THR F 153 -60.77 -17.85 8.29
N CYS F 154 -60.62 -18.52 7.14
CA CYS F 154 -61.62 -18.46 6.09
C CYS F 154 -62.49 -19.73 6.09
N HIS F 155 -62.00 -20.81 6.69
CA HIS F 155 -62.65 -22.11 6.55
C HIS F 155 -63.07 -22.71 7.89
N GLY F 156 -62.41 -22.28 8.97
CA GLY F 156 -62.68 -22.82 10.29
C GLY F 156 -61.61 -23.81 10.75
N ASN F 157 -61.64 -24.16 12.04
CA ASN F 157 -60.61 -24.98 12.65
C ASN F 157 -61.03 -26.45 12.67
N ASN F 158 -62.33 -26.68 12.87
CA ASN F 158 -62.89 -28.01 12.99
C ASN F 158 -63.14 -28.58 11.60
N HIS F 159 -62.44 -29.69 11.28
CA HIS F 159 -62.49 -30.27 9.95
C HIS F 159 -63.84 -30.93 9.68
N GLN F 160 -64.60 -31.16 10.75
CA GLN F 160 -65.93 -31.73 10.64
C GLN F 160 -66.97 -30.61 10.53
N LYS F 161 -66.53 -29.37 10.79
CA LYS F 161 -67.41 -28.22 10.72
C LYS F 161 -66.78 -27.13 9.85
N LEU F 162 -66.25 -27.53 8.69
CA LEU F 162 -65.64 -26.60 7.76
C LEU F 162 -66.73 -25.75 7.09
N THR F 163 -66.35 -24.53 6.70
CA THR F 163 -67.27 -23.63 6.02
C THR F 163 -66.58 -23.04 4.79
N MET F 164 -67.40 -22.65 3.80
CA MET F 164 -66.92 -21.98 2.59
C MET F 164 -67.21 -20.48 2.73
N PRO F 165 -66.19 -19.61 2.64
CA PRO F 165 -66.38 -18.19 2.90
C PRO F 165 -67.03 -17.47 1.72
N SER F 166 -68.19 -16.85 2.00
CA SER F 166 -68.89 -16.06 1.00
C SER F 166 -68.34 -14.63 0.99
N SER F 167 -68.97 -13.78 0.18
CA SER F 167 -68.62 -12.37 0.10
C SER F 167 -68.83 -11.70 1.46
N LYS F 168 -69.77 -12.22 2.25
CA LYS F 168 -70.09 -11.70 3.57
C LYS F 168 -68.90 -11.92 4.51
N ALA F 169 -68.21 -13.05 4.33
CA ALA F 169 -67.08 -13.42 5.16
C ALA F 169 -65.89 -12.49 4.87
N CYS F 170 -65.67 -12.18 3.60
CA CYS F 170 -64.60 -11.28 3.17
C CYS F 170 -64.94 -9.84 3.58
N GLY F 171 -66.22 -9.51 3.57
CA GLY F 171 -66.69 -8.14 3.68
C GLY F 171 -66.98 -7.72 5.12
N THR F 172 -66.44 -8.47 6.08
CA THR F 172 -66.57 -8.12 7.49
C THR F 172 -65.84 -6.79 7.74
N ALA F 173 -66.33 -6.04 8.74
CA ALA F 173 -65.84 -4.71 9.06
C ALA F 173 -64.35 -4.73 9.33
N GLU F 174 -63.88 -5.85 9.92
CA GLU F 174 -62.51 -6.02 10.35
C GLU F 174 -61.60 -6.28 9.14
N CYS F 175 -62.21 -6.64 8.00
CA CYS F 175 -61.48 -7.09 6.83
C CYS F 175 -61.73 -6.17 5.64
N HIS F 176 -62.59 -6.60 4.70
CA HIS F 176 -62.76 -5.89 3.44
C HIS F 176 -64.18 -5.38 3.28
N GLU F 177 -64.66 -4.64 4.28
CA GLU F 177 -66.02 -4.11 4.24
C GLU F 177 -66.16 -3.13 3.09
N THR F 178 -65.06 -2.41 2.79
CA THR F 178 -65.06 -1.37 1.77
C THR F 178 -65.49 -1.93 0.43
N GLN F 179 -64.86 -3.03 0.01
CA GLN F 179 -65.09 -3.61 -1.30
C GLN F 179 -66.47 -4.26 -1.35
N TYR F 180 -66.89 -4.86 -0.22
CA TYR F 180 -68.19 -5.50 -0.14
C TYR F 180 -69.29 -4.47 -0.34
N ASN F 181 -69.18 -3.34 0.38
CA ASN F 181 -70.16 -2.27 0.34
C ASN F 181 -70.19 -1.63 -1.05
N GLU F 182 -68.99 -1.43 -1.64
CA GLU F 182 -68.86 -0.87 -2.97
C GLU F 182 -69.64 -1.71 -3.96
N GLN F 183 -69.37 -3.02 -3.98
CA GLN F 183 -70.02 -3.95 -4.90
C GLN F 183 -71.53 -3.91 -4.67
N GLY F 184 -71.91 -3.83 -3.38
CA GLY F 184 -73.30 -3.90 -2.97
C GLY F 184 -74.12 -2.67 -3.38
N GLN F 185 -73.44 -1.61 -3.82
CA GLN F 185 -74.10 -0.39 -4.27
C GLN F 185 -74.79 -0.63 -5.60
N GLY F 186 -74.43 -1.72 -6.28
CA GLY F 186 -74.98 -2.04 -7.60
C GLY F 186 -76.48 -2.31 -7.55
N GLY F 187 -77.16 -1.94 -8.63
CA GLY F 187 -78.60 -2.13 -8.74
C GLY F 187 -78.97 -3.48 -9.35
N ILE F 188 -80.08 -3.50 -10.09
CA ILE F 188 -80.48 -4.69 -10.83
C ILE F 188 -79.48 -4.87 -11.98
N GLY F 189 -79.11 -6.13 -12.24
CA GLY F 189 -78.22 -6.46 -13.34
C GLY F 189 -76.77 -6.13 -13.04
N SER F 190 -76.43 -6.02 -11.74
CA SER F 190 -75.07 -5.73 -11.31
C SER F 190 -74.48 -6.96 -10.63
N HIS F 191 -73.27 -6.81 -10.09
CA HIS F 191 -72.61 -7.88 -9.36
C HIS F 191 -73.25 -8.06 -7.99
N ALA F 192 -74.17 -7.15 -7.63
CA ALA F 192 -74.78 -7.16 -6.31
C ALA F 192 -76.03 -8.02 -6.30
N SER F 193 -76.56 -8.35 -7.49
CA SER F 193 -77.88 -8.94 -7.60
C SER F 193 -77.90 -10.09 -8.60
N CYS F 194 -76.72 -10.43 -9.15
CA CYS F 194 -76.64 -11.38 -10.25
C CYS F 194 -76.94 -12.81 -9.78
N SER F 195 -76.82 -13.04 -8.47
CA SER F 195 -77.18 -14.32 -7.88
C SER F 195 -78.60 -14.27 -7.34
N SER F 196 -78.83 -13.31 -6.42
CA SER F 196 -80.05 -13.22 -5.63
C SER F 196 -81.29 -13.01 -6.50
N PHE F 197 -81.15 -12.23 -7.58
CA PHE F 197 -82.26 -11.97 -8.49
C PHE F 197 -82.15 -12.86 -9.72
N ALA F 198 -81.13 -12.60 -10.54
CA ALA F 198 -81.05 -13.13 -11.89
C ALA F 198 -81.05 -14.66 -11.91
N GLN F 199 -80.37 -15.26 -10.93
CA GLN F 199 -80.12 -16.70 -10.95
C GLN F 199 -81.11 -17.44 -10.06
N VAL F 200 -81.36 -16.89 -8.86
CA VAL F 200 -82.22 -17.53 -7.88
C VAL F 200 -83.67 -17.56 -8.40
N GLU F 201 -84.03 -16.57 -9.22
CA GLU F 201 -85.36 -16.47 -9.80
C GLU F 201 -85.27 -16.62 -11.32
N CYS F 202 -84.33 -17.45 -11.78
CA CYS F 202 -84.12 -17.68 -13.20
C CYS F 202 -85.17 -18.67 -13.71
N ALA F 203 -86.05 -18.17 -14.57
CA ALA F 203 -87.18 -18.94 -15.09
C ALA F 203 -86.71 -20.27 -15.65
N TRP F 204 -85.75 -20.23 -16.60
CA TRP F 204 -85.36 -21.41 -17.36
C TRP F 204 -84.72 -22.45 -16.47
N SER F 205 -83.91 -22.00 -15.50
CA SER F 205 -83.20 -22.89 -14.60
C SER F 205 -84.19 -23.69 -13.76
N ILE F 206 -85.23 -23.00 -13.28
CA ILE F 206 -86.27 -23.61 -12.46
C ILE F 206 -87.06 -24.59 -13.31
N GLU F 207 -87.39 -24.18 -14.54
CA GLU F 207 -88.26 -24.91 -15.45
C GLU F 207 -87.67 -26.28 -15.79
N ARG F 208 -86.35 -26.31 -16.02
CA ARG F 208 -85.70 -27.45 -16.66
C ARG F 208 -85.12 -28.39 -15.61
N PRO F 209 -84.72 -29.63 -16.00
CA PRO F 209 -83.87 -30.47 -15.15
C PRO F 209 -82.57 -29.72 -14.82
N PRO F 210 -81.91 -30.01 -13.68
CA PRO F 210 -80.62 -29.40 -13.38
C PRO F 210 -79.56 -30.10 -14.21
N GLY F 211 -78.60 -29.32 -14.72
CA GLY F 211 -77.63 -29.85 -15.66
C GLY F 211 -77.88 -29.28 -17.05
N ASP F 212 -79.16 -29.18 -17.41
CA ASP F 212 -79.58 -28.43 -18.58
C ASP F 212 -79.03 -27.01 -18.46
N THR F 213 -79.11 -26.46 -17.25
CA THR F 213 -78.70 -25.09 -16.98
C THR F 213 -77.73 -25.04 -15.81
N ALA F 214 -76.91 -26.09 -15.67
CA ALA F 214 -75.95 -26.17 -14.57
C ALA F 214 -74.97 -25.00 -14.65
N GLY F 215 -74.52 -24.70 -15.88
CA GLY F 215 -73.55 -23.65 -16.14
C GLY F 215 -74.01 -22.29 -15.62
N CYS F 216 -75.34 -22.10 -15.55
CA CYS F 216 -75.92 -20.84 -15.15
C CYS F 216 -75.66 -20.61 -13.65
N THR F 217 -75.71 -21.69 -12.87
CA THR F 217 -75.45 -21.62 -11.44
C THR F 217 -73.98 -21.25 -11.21
N PHE F 218 -73.10 -21.89 -11.99
CA PHE F 218 -71.66 -21.75 -11.84
C PHE F 218 -71.20 -20.35 -12.24
N CYS F 219 -71.94 -19.71 -13.15
CA CYS F 219 -71.53 -18.43 -13.71
C CYS F 219 -72.13 -17.26 -12.93
N HIS F 220 -73.42 -17.37 -12.60
CA HIS F 220 -74.19 -16.23 -12.11
C HIS F 220 -73.91 -15.93 -10.64
N THR F 221 -73.71 -16.98 -9.85
CA THR F 221 -73.62 -16.86 -8.39
C THR F 221 -72.32 -16.16 -7.99
N SER F 222 -71.25 -16.44 -8.75
CA SER F 222 -69.88 -16.10 -8.39
C SER F 222 -69.71 -14.64 -7.99
N PRO F 223 -70.04 -13.63 -8.85
CA PRO F 223 -69.69 -12.24 -8.54
C PRO F 223 -70.28 -11.76 -7.22
N GLU F 224 -71.51 -12.20 -6.93
CA GLU F 224 -72.23 -11.75 -5.76
C GLU F 224 -71.79 -12.52 -4.52
N GLU F 225 -71.53 -13.83 -4.68
CA GLU F 225 -71.41 -14.73 -3.54
C GLU F 225 -69.95 -15.02 -3.20
N ARG F 226 -69.07 -15.04 -4.22
CA ARG F 226 -67.69 -15.45 -4.04
C ARG F 226 -66.73 -14.38 -4.54
N CYS F 227 -65.85 -13.93 -3.64
CA CYS F 227 -64.91 -12.86 -3.94
C CYS F 227 -63.62 -13.44 -4.53
N SER F 228 -63.63 -14.73 -4.84
CA SER F 228 -62.51 -15.33 -5.56
C SER F 228 -62.66 -15.00 -7.04
N THR F 229 -63.69 -14.21 -7.34
CA THR F 229 -63.96 -13.71 -8.69
C THR F 229 -62.96 -12.58 -8.99
N CYS F 230 -62.41 -12.60 -10.21
CA CYS F 230 -61.50 -11.58 -10.73
C CYS F 230 -60.09 -11.79 -10.17
N HIS F 231 -59.96 -11.78 -8.84
CA HIS F 231 -58.73 -12.21 -8.18
C HIS F 231 -58.91 -13.63 -7.63
N GLN F 232 -58.31 -14.60 -8.34
CA GLN F 232 -58.51 -16.01 -8.09
C GLN F 232 -58.01 -16.40 -6.70
N ARG F 233 -58.67 -17.40 -6.11
CA ARG F 233 -58.16 -18.09 -4.94
C ARG F 233 -57.03 -19.00 -5.40
N HIS F 234 -56.05 -19.28 -4.54
CA HIS F 234 -55.96 -18.75 -3.18
C HIS F 234 -54.90 -17.66 -3.13
N GLN F 235 -54.56 -17.13 -4.30
CA GLN F 235 -53.48 -16.16 -4.45
C GLN F 235 -53.99 -14.75 -4.16
N PHE F 236 -55.23 -14.48 -4.59
CA PHE F 236 -55.92 -13.21 -4.40
C PHE F 236 -55.02 -12.04 -4.79
N ASP F 237 -54.56 -12.07 -6.05
CA ASP F 237 -53.62 -11.07 -6.55
C ASP F 237 -54.40 -9.97 -7.26
N PRO F 238 -54.37 -8.70 -6.75
CA PRO F 238 -55.06 -7.59 -7.39
C PRO F 238 -54.48 -7.31 -8.77
N ALA F 239 -53.21 -7.70 -8.97
CA ALA F 239 -52.49 -7.44 -10.20
C ALA F 239 -53.07 -8.28 -11.34
N VAL F 240 -53.48 -9.52 -11.03
CA VAL F 240 -54.09 -10.38 -12.02
C VAL F 240 -55.54 -9.95 -12.24
N ALA F 241 -56.15 -9.37 -11.19
CA ALA F 241 -57.54 -8.94 -11.23
C ALA F 241 -57.71 -7.73 -12.13
N ARG F 242 -56.59 -7.02 -12.40
CA ARG F 242 -56.62 -5.78 -13.16
C ARG F 242 -56.56 -6.05 -14.66
N ARG F 243 -56.38 -7.32 -15.02
CA ARG F 243 -56.29 -7.72 -16.42
C ARG F 243 -57.68 -7.87 -17.01
N SER F 244 -57.82 -7.43 -18.28
CA SER F 244 -59.09 -7.39 -18.98
C SER F 244 -59.70 -8.79 -19.08
N GLU F 245 -58.85 -9.80 -19.29
CA GLU F 245 -59.28 -11.17 -19.59
C GLU F 245 -60.11 -11.73 -18.45
N GLN F 246 -59.96 -11.17 -17.24
CA GLN F 246 -60.65 -11.66 -16.05
C GLN F 246 -62.16 -11.69 -16.29
N CYS F 247 -62.66 -10.70 -17.04
CA CYS F 247 -64.08 -10.49 -17.24
C CYS F 247 -64.62 -11.44 -18.31
N LYS F 248 -63.72 -11.93 -19.17
CA LYS F 248 -64.11 -12.65 -20.37
C LYS F 248 -64.85 -13.94 -20.02
N THR F 249 -64.56 -14.51 -18.84
CA THR F 249 -65.03 -15.84 -18.49
C THR F 249 -66.56 -15.84 -18.34
N CYS F 250 -67.14 -14.66 -18.08
CA CYS F 250 -68.58 -14.53 -17.94
C CYS F 250 -69.14 -13.59 -18.99
N HIS F 251 -68.37 -12.53 -19.33
CA HIS F 251 -68.82 -11.49 -20.23
C HIS F 251 -68.43 -11.81 -21.67
N TRP F 252 -68.92 -12.95 -22.18
CA TRP F 252 -68.73 -13.34 -23.56
C TRP F 252 -69.98 -14.05 -24.05
N GLY F 253 -70.00 -14.37 -25.35
CA GLY F 253 -70.93 -15.34 -25.88
C GLY F 253 -72.21 -14.72 -26.44
N LYS F 254 -73.25 -15.54 -26.48
CA LYS F 254 -74.40 -15.37 -27.37
C LYS F 254 -75.18 -14.10 -27.04
N ASP F 255 -75.24 -13.73 -25.77
CA ASP F 255 -76.17 -12.68 -25.36
C ASP F 255 -75.46 -11.48 -24.74
N HIS F 256 -74.12 -11.49 -24.80
CA HIS F 256 -73.30 -10.36 -24.36
C HIS F 256 -71.86 -10.56 -24.80
N ARG F 257 -71.54 -10.09 -26.01
CA ARG F 257 -70.21 -10.21 -26.57
C ARG F 257 -69.34 -9.06 -26.05
N ASP F 258 -69.28 -8.92 -24.72
CA ASP F 258 -68.54 -7.84 -24.09
C ASP F 258 -67.05 -7.99 -24.39
N TRP F 259 -66.53 -9.19 -24.10
CA TRP F 259 -65.12 -9.49 -24.33
C TRP F 259 -64.81 -9.38 -25.81
N GLU F 260 -65.60 -10.07 -26.64
CA GLU F 260 -65.35 -10.17 -28.07
C GLU F 260 -65.29 -8.78 -28.69
N ALA F 261 -66.20 -7.90 -28.26
CA ALA F 261 -66.27 -6.55 -28.79
C ALA F 261 -65.03 -5.76 -28.41
N TYR F 262 -64.65 -5.84 -27.13
CA TYR F 262 -63.48 -5.14 -26.61
C TYR F 262 -62.23 -5.67 -27.29
N ASP F 263 -62.12 -7.00 -27.32
CA ASP F 263 -60.92 -7.70 -27.77
C ASP F 263 -60.57 -7.33 -29.20
N ILE F 264 -61.58 -7.26 -30.07
CA ILE F 264 -61.35 -7.12 -31.50
C ILE F 264 -61.31 -5.64 -31.87
N GLY F 265 -61.91 -4.79 -31.04
CA GLY F 265 -61.82 -3.34 -31.19
C GLY F 265 -60.37 -2.86 -31.07
N LEU F 266 -60.14 -1.58 -31.37
CA LEU F 266 -58.79 -1.05 -31.37
C LEU F 266 -58.24 -0.97 -29.94
N HIS F 267 -59.13 -0.81 -28.96
CA HIS F 267 -58.74 -0.87 -27.56
C HIS F 267 -58.17 -2.25 -27.24
N GLY F 268 -58.87 -3.28 -27.72
CA GLY F 268 -58.47 -4.66 -27.50
C GLY F 268 -57.24 -5.04 -28.32
N THR F 269 -57.09 -4.40 -29.48
CA THR F 269 -55.90 -4.58 -30.32
C THR F 269 -54.70 -3.98 -29.60
N VAL F 270 -54.85 -2.73 -29.13
CA VAL F 270 -53.82 -2.05 -28.37
C VAL F 270 -53.44 -2.92 -27.17
N TYR F 271 -54.46 -3.47 -26.50
CA TYR F 271 -54.26 -4.26 -25.29
C TYR F 271 -53.41 -5.49 -25.58
N GLN F 272 -53.81 -6.26 -26.60
CA GLN F 272 -53.19 -7.55 -26.88
C GLN F 272 -51.74 -7.35 -27.32
N VAL F 273 -51.46 -6.20 -27.93
CA VAL F 273 -50.16 -5.92 -28.52
C VAL F 273 -49.20 -5.45 -27.43
N ASN F 274 -49.73 -4.90 -26.34
CA ASN F 274 -48.93 -4.14 -25.40
C ASN F 274 -48.99 -4.70 -23.97
N LYS F 275 -49.86 -5.69 -23.73
CA LYS F 275 -50.26 -6.05 -22.37
C LYS F 275 -49.10 -6.62 -21.57
N TRP F 276 -48.12 -7.22 -22.26
CA TRP F 276 -46.96 -7.79 -21.58
C TRP F 276 -45.77 -6.83 -21.62
N ASP F 277 -45.97 -5.64 -22.22
CA ASP F 277 -44.98 -4.59 -22.18
C ASP F 277 -45.27 -3.70 -20.98
N THR F 278 -44.37 -3.76 -20.00
CA THR F 278 -44.53 -3.11 -18.71
C THR F 278 -44.53 -1.59 -18.87
N GLU F 279 -43.97 -1.11 -19.99
CA GLU F 279 -43.87 0.32 -20.29
C GLU F 279 -45.21 0.85 -20.78
N GLN F 280 -46.10 -0.06 -21.19
CA GLN F 280 -47.39 0.33 -21.77
C GLN F 280 -48.51 -0.03 -20.81
N PHE F 281 -48.37 -1.17 -20.13
CA PHE F 281 -49.35 -1.65 -19.17
C PHE F 281 -48.65 -2.11 -17.90
N ASP F 282 -48.84 -1.36 -16.81
CA ASP F 282 -48.26 -1.70 -15.52
C ASP F 282 -49.38 -2.12 -14.56
N PHE F 283 -49.50 -3.44 -14.37
CA PHE F 283 -50.61 -4.00 -13.61
C PHE F 283 -50.32 -3.94 -12.11
N SER F 284 -49.11 -3.53 -11.75
CA SER F 284 -48.73 -3.41 -10.35
C SER F 284 -49.30 -2.11 -9.77
N LYS F 285 -49.57 -1.15 -10.65
CA LYS F 285 -50.17 0.13 -10.28
C LYS F 285 -51.63 -0.10 -9.90
N LYS F 286 -52.10 0.66 -8.90
CA LYS F 286 -53.52 0.67 -8.55
C LYS F 286 -54.28 1.42 -9.63
N LEU F 287 -55.59 1.17 -9.73
CA LEU F 287 -56.39 1.67 -10.84
C LEU F 287 -56.46 3.19 -10.81
N SER F 288 -56.26 3.79 -9.63
CA SER F 288 -56.24 5.23 -9.49
C SER F 288 -55.03 5.84 -10.20
N ASP F 289 -53.97 5.04 -10.34
CA ASP F 289 -52.70 5.51 -10.87
C ASP F 289 -52.47 4.89 -12.25
N ALA F 290 -53.48 4.18 -12.76
CA ALA F 290 -53.37 3.49 -14.03
C ALA F 290 -53.13 4.50 -15.15
N ASP F 291 -51.99 4.34 -15.85
CA ASP F 291 -51.58 5.25 -16.90
C ASP F 291 -51.29 4.44 -18.16
N TYR F 292 -52.17 3.50 -18.48
CA TYR F 292 -51.99 2.60 -19.61
C TYR F 292 -52.08 3.38 -20.93
N VAL F 293 -51.55 2.78 -22.00
CA VAL F 293 -51.66 3.34 -23.32
C VAL F 293 -53.12 3.24 -23.79
N GLY F 294 -53.74 2.09 -23.48
CA GLY F 294 -55.14 1.84 -23.81
C GLY F 294 -55.93 1.40 -22.59
N PRO F 295 -57.29 1.44 -22.64
CA PRO F 295 -58.10 1.07 -21.48
C PRO F 295 -58.31 -0.43 -21.32
N THR F 296 -58.55 -0.84 -20.07
CA THR F 296 -59.00 -2.18 -19.72
C THR F 296 -60.45 -2.09 -19.26
N CYS F 297 -61.14 -3.24 -19.17
CA CYS F 297 -62.50 -3.27 -18.66
C CYS F 297 -62.57 -2.51 -17.35
N GLN F 298 -61.57 -2.76 -16.50
CA GLN F 298 -61.47 -2.20 -15.17
C GLN F 298 -61.25 -0.69 -15.24
N TYR F 299 -60.48 -0.25 -16.25
CA TYR F 299 -60.14 1.16 -16.42
C TYR F 299 -61.42 1.99 -16.56
N CYS F 300 -62.42 1.42 -17.24
CA CYS F 300 -63.65 2.12 -17.57
C CYS F 300 -64.75 1.83 -16.54
N HIS F 301 -64.91 0.55 -16.18
CA HIS F 301 -66.05 0.16 -15.37
C HIS F 301 -65.74 0.19 -13.88
N MET F 302 -64.46 0.03 -13.53
CA MET F 302 -64.05 0.03 -12.14
C MET F 302 -63.12 1.22 -11.88
N ARG F 303 -63.52 2.37 -12.41
CA ARG F 303 -62.79 3.62 -12.29
C ARG F 303 -62.41 3.84 -10.82
N GLY F 304 -61.11 4.09 -10.59
CA GLY F 304 -60.60 4.36 -9.26
C GLY F 304 -60.55 3.13 -8.36
N GLY F 305 -60.90 1.97 -8.94
CA GLY F 305 -60.87 0.71 -8.22
C GLY F 305 -62.19 0.40 -7.50
N HIS F 306 -63.23 1.21 -7.77
CA HIS F 306 -64.54 1.03 -7.16
C HIS F 306 -65.11 -0.32 -7.61
N HIS F 307 -65.69 -1.05 -6.65
CA HIS F 307 -66.08 -2.43 -6.87
C HIS F 307 -67.49 -2.54 -7.44
N ASN F 308 -68.27 -1.44 -7.36
CA ASN F 308 -69.53 -1.37 -8.08
C ASN F 308 -69.23 -1.15 -9.56
N VAL F 309 -69.38 -2.24 -10.32
CA VAL F 309 -68.92 -2.29 -11.69
C VAL F 309 -69.94 -1.58 -12.60
N GLN F 310 -71.11 -1.28 -12.02
CA GLN F 310 -72.24 -0.69 -12.73
C GLN F 310 -72.32 0.80 -12.42
N ARG F 311 -71.35 1.29 -11.64
CA ARG F 311 -71.38 2.63 -11.08
C ARG F 311 -71.56 3.67 -12.18
N ALA F 312 -70.94 3.46 -13.34
CA ALA F 312 -70.88 4.45 -14.39
C ALA F 312 -72.01 4.26 -15.40
N SER F 313 -72.76 3.16 -15.27
CA SER F 313 -73.85 2.82 -16.18
C SER F 313 -74.90 3.94 -16.19
N ILE F 314 -75.51 4.15 -17.36
CA ILE F 314 -76.47 5.22 -17.54
C ILE F 314 -77.85 4.75 -17.07
N VAL F 315 -78.37 3.68 -17.72
CA VAL F 315 -79.65 3.10 -17.36
C VAL F 315 -79.68 1.63 -17.76
N TYR F 316 -80.29 0.80 -16.92
CA TYR F 316 -80.39 -0.62 -17.17
C TYR F 316 -81.39 -0.87 -18.30
N THR F 317 -80.92 -1.56 -19.35
CA THR F 317 -81.70 -1.74 -20.56
C THR F 317 -81.85 -3.22 -20.87
N SER F 318 -81.86 -4.05 -19.82
CA SER F 318 -82.14 -5.48 -19.94
C SER F 318 -81.19 -6.11 -20.96
N MET F 319 -79.88 -5.94 -20.71
CA MET F 319 -78.80 -6.52 -21.50
C MET F 319 -78.64 -5.80 -22.84
N GLY F 320 -79.37 -4.70 -23.01
CA GLY F 320 -79.36 -3.93 -24.25
C GLY F 320 -80.47 -4.38 -25.20
N MET F 321 -81.36 -5.25 -24.71
CA MET F 321 -82.52 -5.71 -25.46
C MET F 321 -83.57 -4.60 -25.47
N SER F 322 -83.74 -3.93 -24.32
CA SER F 322 -84.52 -2.70 -24.25
C SER F 322 -83.69 -1.55 -24.80
N MET F 323 -84.38 -0.50 -25.27
CA MET F 323 -83.73 0.55 -26.03
C MET F 323 -83.88 1.89 -25.31
N ALA F 324 -82.79 2.67 -25.32
CA ALA F 324 -82.79 4.03 -24.79
C ALA F 324 -81.78 4.87 -25.57
N ASP F 325 -82.15 6.14 -25.82
CA ASP F 325 -81.21 7.11 -26.34
C ASP F 325 -80.45 7.69 -25.15
N ARG F 326 -79.26 7.14 -24.92
CA ARG F 326 -78.44 7.50 -23.77
C ARG F 326 -77.84 8.90 -23.99
N GLY F 327 -77.87 9.36 -25.24
CA GLY F 327 -77.33 10.66 -25.61
C GLY F 327 -78.36 11.77 -25.50
N ALA F 328 -79.58 11.43 -25.07
CA ALA F 328 -80.67 12.37 -24.92
C ALA F 328 -80.40 13.30 -23.73
N PRO F 329 -80.92 14.55 -23.74
CA PRO F 329 -80.66 15.51 -22.67
C PRO F 329 -80.98 15.02 -21.27
N LEU F 330 -81.86 14.00 -21.20
CA LEU F 330 -82.26 13.40 -19.93
C LEU F 330 -81.05 12.81 -19.21
N TRP F 331 -80.15 12.20 -19.99
CA TRP F 331 -79.01 11.48 -19.44
C TRP F 331 -77.71 12.27 -19.65
N LYS F 332 -77.82 13.59 -19.80
CA LYS F 332 -76.68 14.41 -20.19
C LYS F 332 -75.54 14.23 -19.19
N GLU F 333 -75.86 14.30 -17.90
CA GLU F 333 -74.85 14.28 -16.85
C GLU F 333 -74.15 12.93 -16.79
N LYS F 334 -74.90 11.86 -17.10
CA LYS F 334 -74.39 10.51 -17.03
C LYS F 334 -73.49 10.19 -18.22
N ARG F 335 -73.86 10.73 -19.39
CA ARG F 335 -73.06 10.58 -20.60
C ARG F 335 -71.79 11.42 -20.46
N ASP F 336 -71.93 12.61 -19.85
CA ASP F 336 -70.80 13.51 -19.61
C ASP F 336 -69.74 12.79 -18.79
N ARG F 337 -70.17 11.97 -17.83
CA ARG F 337 -69.27 11.24 -16.95
C ARG F 337 -68.46 10.23 -17.75
N TRP F 338 -69.10 9.62 -18.75
CA TRP F 338 -68.43 8.67 -19.63
C TRP F 338 -67.39 9.38 -20.48
N VAL F 339 -67.73 10.59 -20.94
CA VAL F 339 -66.83 11.42 -21.73
C VAL F 339 -65.61 11.79 -20.88
N SER F 340 -65.82 11.90 -19.56
CA SER F 340 -64.75 12.20 -18.62
C SER F 340 -63.73 11.07 -18.54
N ILE F 341 -64.20 9.84 -18.75
CA ILE F 341 -63.36 8.66 -18.72
C ILE F 341 -62.56 8.56 -20.02
N CYS F 342 -63.23 8.80 -21.16
CA CYS F 342 -62.59 8.77 -22.46
C CYS F 342 -61.63 9.97 -22.61
N ASP F 343 -61.96 11.06 -21.92
CA ASP F 343 -61.18 12.29 -21.87
C ASP F 343 -59.70 12.01 -21.64
N ASP F 344 -59.42 10.88 -20.98
CA ASP F 344 -58.08 10.54 -20.55
C ASP F 344 -57.15 10.43 -21.75
N CYS F 345 -57.70 10.05 -22.91
CA CYS F 345 -56.87 9.74 -24.06
C CYS F 345 -57.49 10.25 -25.36
N HIS F 346 -58.59 11.01 -25.24
CA HIS F 346 -59.28 11.56 -26.39
C HIS F 346 -59.82 12.94 -26.04
N SER F 347 -60.09 13.76 -27.08
CA SER F 347 -60.80 15.01 -26.91
C SER F 347 -62.24 14.72 -26.51
N PRO F 348 -62.86 15.54 -25.63
CA PRO F 348 -64.26 15.37 -25.26
C PRO F 348 -65.16 15.17 -26.48
N ARG F 349 -64.91 15.97 -27.52
CA ARG F 349 -65.73 15.97 -28.71
C ARG F 349 -65.69 14.62 -29.41
N PHE F 350 -64.48 14.08 -29.58
CA PHE F 350 -64.29 12.82 -30.28
C PHE F 350 -65.07 11.70 -29.59
N ALA F 351 -64.99 11.66 -28.26
CA ALA F 351 -65.62 10.64 -27.44
C ALA F 351 -67.13 10.81 -27.46
N ARG F 352 -67.60 12.04 -27.20
CA ARG F 352 -69.02 12.36 -27.18
C ARG F 352 -69.68 11.88 -28.47
N GLU F 353 -69.06 12.21 -29.61
CA GLU F 353 -69.65 11.99 -30.92
C GLU F 353 -69.61 10.50 -31.27
N ASN F 354 -68.60 9.79 -30.76
CA ASN F 354 -68.46 8.36 -31.00
C ASN F 354 -69.56 7.61 -30.26
N LEU F 355 -69.86 8.07 -29.03
CA LEU F 355 -70.89 7.44 -28.23
C LEU F 355 -72.26 7.82 -28.76
N GLN F 356 -72.35 8.98 -29.44
CA GLN F 356 -73.57 9.40 -30.10
C GLN F 356 -73.88 8.43 -31.24
N ALA F 357 -72.83 8.00 -31.96
CA ALA F 357 -72.97 7.04 -33.05
C ALA F 357 -73.56 5.73 -32.51
N MET F 358 -73.13 5.35 -31.30
CA MET F 358 -73.64 4.15 -30.66
C MET F 358 -75.14 4.29 -30.45
N ASP F 359 -75.56 5.45 -29.92
CA ASP F 359 -76.96 5.75 -29.64
C ASP F 359 -77.80 5.56 -30.90
N GLU F 360 -77.25 6.03 -32.04
CA GLU F 360 -77.95 5.98 -33.31
C GLU F 360 -78.09 4.54 -33.79
N SER F 361 -77.03 3.75 -33.59
CA SER F 361 -77.03 2.34 -33.97
C SER F 361 -78.08 1.58 -33.17
N VAL F 362 -78.22 1.96 -31.89
CA VAL F 362 -79.13 1.30 -30.96
C VAL F 362 -80.57 1.58 -31.38
N LYS F 363 -80.84 2.84 -31.79
CA LYS F 363 -82.17 3.28 -32.18
C LYS F 363 -82.58 2.63 -33.50
N ASP F 364 -81.62 2.54 -34.43
CA ASP F 364 -81.86 1.98 -35.76
C ASP F 364 -82.07 0.46 -35.65
N ALA F 365 -81.49 -0.15 -34.62
CA ALA F 365 -81.60 -1.59 -34.40
C ALA F 365 -83.02 -1.92 -33.94
N SER F 366 -83.58 -1.08 -33.07
CA SER F 366 -84.90 -1.30 -32.52
C SER F 366 -85.97 -1.01 -33.58
N LEU F 367 -85.64 -0.11 -34.52
CA LEU F 367 -86.50 0.15 -35.67
C LEU F 367 -86.70 -1.16 -36.43
N LYS F 368 -85.61 -1.90 -36.65
CA LYS F 368 -85.65 -3.17 -37.35
C LYS F 368 -86.48 -4.18 -36.57
N TYR F 369 -86.28 -4.22 -35.24
CA TYR F 369 -86.93 -5.24 -34.42
C TYR F 369 -88.42 -4.96 -34.37
N ARG F 370 -88.80 -3.68 -34.32
CA ARG F 370 -90.20 -3.30 -34.32
C ARG F 370 -90.89 -3.87 -35.57
N GLU F 371 -90.20 -3.80 -36.71
CA GLU F 371 -90.71 -4.36 -37.95
C GLU F 371 -90.79 -5.88 -37.83
N THR F 372 -89.77 -6.47 -37.18
CA THR F 372 -89.68 -7.92 -37.02
C THR F 372 -90.80 -8.40 -36.11
N PHE F 373 -91.04 -7.66 -35.02
CA PHE F 373 -92.02 -8.02 -34.01
C PHE F 373 -93.42 -7.93 -34.60
N LYS F 374 -93.67 -6.89 -35.42
CA LYS F 374 -94.96 -6.64 -36.02
C LYS F 374 -95.41 -7.88 -36.81
N VAL F 375 -94.48 -8.45 -37.58
CA VAL F 375 -94.74 -9.62 -38.40
C VAL F 375 -95.19 -10.78 -37.50
N ALA F 376 -94.52 -10.93 -36.36
CA ALA F 376 -94.79 -12.02 -35.43
C ALA F 376 -96.12 -11.80 -34.71
N GLU F 377 -96.37 -10.54 -34.32
CA GLU F 377 -97.56 -10.17 -33.56
C GLU F 377 -98.80 -10.34 -34.43
N ASP F 378 -98.65 -10.04 -35.73
CA ASP F 378 -99.75 -10.11 -36.69
C ASP F 378 -100.18 -11.56 -36.88
N LEU F 379 -99.22 -12.49 -36.84
CA LEU F 379 -99.50 -13.90 -36.97
C LEU F 379 -100.36 -14.38 -35.80
N LEU F 380 -100.12 -13.81 -34.61
CA LEU F 380 -100.84 -14.18 -33.40
C LEU F 380 -102.25 -13.62 -33.44
N ILE F 381 -102.37 -12.32 -33.79
CA ILE F 381 -103.63 -11.63 -33.81
C ILE F 381 -104.55 -12.25 -34.88
N ASP F 382 -103.96 -12.61 -36.03
CA ASP F 382 -104.70 -13.22 -37.12
C ASP F 382 -104.92 -14.71 -36.84
N GLY F 383 -104.27 -15.22 -35.79
CA GLY F 383 -104.48 -16.57 -35.30
C GLY F 383 -103.92 -17.63 -36.24
N VAL F 384 -103.00 -17.24 -37.13
CA VAL F 384 -102.47 -18.12 -38.15
C VAL F 384 -101.07 -18.60 -37.76
N LEU F 385 -100.59 -18.15 -36.60
CA LEU F 385 -99.32 -18.59 -36.03
C LEU F 385 -99.38 -20.10 -35.80
N ASP F 386 -98.28 -20.78 -36.16
CA ASP F 386 -98.27 -22.23 -36.28
C ASP F 386 -97.25 -22.85 -35.35
N PRO F 387 -97.67 -23.22 -34.13
CA PRO F 387 -99.05 -23.08 -33.67
C PRO F 387 -99.23 -21.92 -32.71
N MET F 388 -100.46 -21.73 -32.25
CA MET F 388 -100.81 -20.71 -31.28
C MET F 388 -100.34 -21.17 -29.90
N PRO F 389 -100.06 -20.23 -28.96
CA PRO F 389 -99.53 -20.57 -27.64
C PRO F 389 -100.30 -21.67 -26.89
N LYS F 390 -101.60 -21.76 -27.14
CA LYS F 390 -102.48 -22.70 -26.46
C LYS F 390 -102.15 -24.13 -26.87
N ASP F 391 -101.48 -24.29 -28.02
CA ASP F 391 -101.20 -25.61 -28.57
C ASP F 391 -99.74 -25.99 -28.33
N LEU F 392 -98.99 -25.08 -27.69
CA LEU F 392 -97.63 -25.37 -27.24
C LEU F 392 -97.70 -26.01 -25.86
N CYS F 393 -96.59 -26.64 -25.46
CA CYS F 393 -96.39 -27.08 -24.10
C CYS F 393 -96.57 -25.89 -23.15
N PRO F 394 -97.20 -26.07 -21.97
CA PRO F 394 -97.31 -24.99 -20.99
C PRO F 394 -95.94 -24.47 -20.56
N ASP F 395 -95.86 -23.15 -20.35
CA ASP F 395 -94.61 -22.50 -19.96
C ASP F 395 -94.24 -22.91 -18.55
N TRP F 396 -93.11 -22.37 -18.05
CA TRP F 396 -92.56 -22.72 -16.74
C TRP F 396 -93.61 -22.50 -15.65
N SER F 397 -94.50 -21.54 -15.89
CA SER F 397 -95.52 -21.10 -14.93
C SER F 397 -96.69 -22.10 -14.90
N GLY F 398 -96.83 -22.87 -15.98
CA GLY F 398 -97.95 -23.78 -16.16
C GLY F 398 -99.08 -23.13 -16.94
N GLN F 399 -98.72 -22.07 -17.69
CA GLN F 399 -99.68 -21.28 -18.45
C GLN F 399 -99.38 -21.37 -19.94
N HIS F 400 -100.30 -20.85 -20.76
CA HIS F 400 -100.13 -20.83 -22.20
C HIS F 400 -100.08 -19.38 -22.69
N ILE F 401 -99.28 -18.56 -22.00
CA ILE F 401 -99.07 -17.16 -22.37
C ILE F 401 -98.09 -17.11 -23.54
N TRP F 402 -98.31 -16.16 -24.45
CA TRP F 402 -97.46 -15.94 -25.60
C TRP F 402 -96.05 -15.59 -25.14
N SER F 403 -95.05 -16.24 -25.76
CA SER F 403 -93.65 -16.08 -25.42
C SER F 403 -93.24 -14.61 -25.42
N LEU F 404 -93.65 -13.88 -26.45
CA LEU F 404 -93.13 -12.55 -26.74
C LEU F 404 -93.96 -11.47 -26.04
N LYS F 405 -94.94 -11.89 -25.23
CA LYS F 405 -95.84 -10.94 -24.59
C LYS F 405 -95.09 -10.16 -23.50
N ILE F 406 -95.08 -8.83 -23.66
CA ILE F 406 -94.58 -7.92 -22.65
C ILE F 406 -95.78 -7.27 -21.96
N GLY F 407 -95.94 -7.57 -20.68
CA GLY F 407 -97.11 -7.19 -19.90
C GLY F 407 -97.37 -5.68 -19.89
N ALA F 408 -96.31 -4.90 -20.05
CA ALA F 408 -96.42 -3.45 -19.96
C ALA F 408 -96.98 -2.86 -21.25
N TYR F 409 -96.93 -3.63 -22.34
CA TYR F 409 -97.30 -3.14 -23.65
C TYR F 409 -98.45 -3.92 -24.25
N HIS F 410 -98.59 -5.20 -23.86
CA HIS F 410 -99.54 -6.09 -24.49
C HIS F 410 -100.63 -6.50 -23.50
N ASP F 411 -101.88 -6.47 -23.96
CA ASP F 411 -103.03 -6.93 -23.21
C ASP F 411 -104.12 -7.39 -24.17
N GLY F 412 -104.71 -8.56 -23.89
CA GLY F 412 -105.73 -9.11 -24.76
C GLY F 412 -105.87 -10.62 -24.61
N GLU F 413 -106.92 -11.17 -25.25
CA GLU F 413 -107.27 -12.57 -25.17
C GLU F 413 -106.21 -13.42 -25.88
N ALA F 414 -105.69 -12.87 -26.99
CA ALA F 414 -104.77 -13.58 -27.87
C ALA F 414 -103.42 -13.80 -27.18
N TYR F 415 -103.06 -12.88 -26.29
CA TYR F 415 -101.76 -12.89 -25.64
C TYR F 415 -101.75 -13.87 -24.46
N GLY F 416 -102.88 -13.96 -23.75
CA GLY F 416 -103.01 -14.81 -22.58
C GLY F 416 -102.52 -14.12 -21.31
N GLY F 417 -102.74 -14.77 -20.16
CA GLY F 417 -102.30 -14.27 -18.87
C GLY F 417 -103.13 -13.08 -18.38
N THR F 418 -102.90 -12.69 -17.12
CA THR F 418 -103.62 -11.57 -16.51
C THR F 418 -103.04 -10.26 -17.05
N THR F 419 -103.73 -9.16 -16.73
CA THR F 419 -103.33 -7.83 -17.18
C THR F 419 -102.01 -7.46 -16.52
N GLY F 420 -101.03 -7.07 -17.35
CA GLY F 420 -99.74 -6.61 -16.89
C GLY F 420 -98.71 -7.74 -16.78
N GLU F 421 -99.19 -8.99 -16.88
CA GLU F 421 -98.34 -10.16 -16.78
C GLU F 421 -97.69 -10.43 -18.14
N SER F 422 -96.37 -10.71 -18.11
CA SER F 422 -95.61 -11.00 -19.30
C SER F 422 -95.63 -12.51 -19.58
N GLY F 423 -95.18 -12.90 -20.78
CA GLY F 423 -94.96 -14.28 -21.12
C GLY F 423 -93.54 -14.73 -20.75
N GLU F 424 -93.27 -16.02 -20.90
CA GLU F 424 -91.93 -16.53 -20.65
C GLU F 424 -91.08 -16.34 -21.92
N PHE F 425 -90.32 -15.24 -21.93
CA PHE F 425 -89.42 -14.90 -23.02
C PHE F 425 -88.38 -16.00 -23.17
N ARG F 426 -88.36 -16.65 -24.35
CA ARG F 426 -87.54 -17.83 -24.52
C ARG F 426 -87.24 -18.08 -26.00
N MET F 427 -86.25 -18.95 -26.23
CA MET F 427 -85.86 -19.41 -27.55
C MET F 427 -86.25 -20.88 -27.70
N SER F 428 -86.84 -21.43 -26.63
CA SER F 428 -87.23 -22.84 -26.56
C SER F 428 -88.74 -22.95 -26.50
N ASN F 429 -89.26 -24.13 -26.89
CA ASN F 429 -90.67 -24.46 -26.78
C ASN F 429 -91.52 -23.33 -27.34
N CYS F 430 -91.37 -23.08 -28.65
CA CYS F 430 -92.08 -22.01 -29.34
C CYS F 430 -92.01 -22.26 -30.84
N THR F 431 -92.54 -21.30 -31.62
CA THR F 431 -92.48 -21.33 -33.07
C THR F 431 -91.13 -20.78 -33.51
N ASP F 432 -90.79 -21.01 -34.78
CA ASP F 432 -89.58 -20.46 -35.38
C ASP F 432 -89.63 -18.94 -35.32
N VAL F 433 -90.83 -18.39 -35.56
CA VAL F 433 -91.03 -16.95 -35.63
C VAL F 433 -90.73 -16.34 -34.26
N GLU F 434 -91.23 -17.00 -33.20
CA GLU F 434 -90.97 -16.57 -31.84
C GLU F 434 -89.48 -16.64 -31.56
N ARG F 435 -88.85 -17.76 -31.98
CA ARG F 435 -87.46 -18.05 -31.72
C ARG F 435 -86.56 -17.01 -32.39
N LEU F 436 -86.85 -16.72 -33.67
CA LEU F 436 -86.03 -15.82 -34.46
C LEU F 436 -86.14 -14.40 -33.92
N CYS F 437 -87.31 -14.05 -33.38
CA CYS F 437 -87.52 -12.76 -32.75
C CYS F 437 -86.65 -12.64 -31.50
N PHE F 438 -86.64 -13.71 -30.69
CA PHE F 438 -85.81 -13.77 -29.49
C PHE F 438 -84.35 -13.60 -29.88
N GLU F 439 -83.91 -14.32 -30.92
CA GLU F 439 -82.54 -14.29 -31.38
C GLU F 439 -82.17 -12.90 -31.88
N SER F 440 -83.12 -12.22 -32.54
CA SER F 440 -82.85 -10.94 -33.16
C SER F 440 -82.54 -9.89 -32.10
N VAL F 441 -83.35 -9.85 -31.04
CA VAL F 441 -83.24 -8.82 -30.02
C VAL F 441 -82.31 -9.29 -28.91
N GLY F 442 -82.31 -10.60 -28.65
CA GLY F 442 -81.62 -11.17 -27.51
C GLY F 442 -80.15 -11.49 -27.79
N TYR F 443 -79.82 -11.68 -29.07
CA TYR F 443 -78.45 -11.96 -29.48
C TYR F 443 -77.93 -10.79 -30.33
N PHE F 444 -78.47 -10.67 -31.54
CA PHE F 444 -77.92 -9.80 -32.58
C PHE F 444 -77.94 -8.33 -32.17
N GLN F 445 -79.04 -7.90 -31.52
CA GLN F 445 -79.19 -6.52 -31.12
C GLN F 445 -78.15 -6.15 -30.06
N THR F 446 -77.82 -7.12 -29.18
CA THR F 446 -76.87 -6.88 -28.11
C THR F 446 -75.47 -6.71 -28.67
N TYR F 447 -75.20 -7.36 -29.82
CA TYR F 447 -73.92 -7.23 -30.50
C TYR F 447 -73.73 -5.81 -31.00
N ILE F 448 -74.85 -5.14 -31.32
CA ILE F 448 -74.81 -3.78 -31.82
C ILE F 448 -74.50 -2.82 -30.67
N TYR F 449 -75.21 -2.97 -29.55
CA TYR F 449 -75.00 -2.12 -28.40
C TYR F 449 -73.58 -2.30 -27.86
N LYS F 450 -73.23 -3.55 -27.53
CA LYS F 450 -71.95 -3.87 -26.93
C LYS F 450 -70.84 -3.60 -27.93
N GLY F 451 -71.09 -3.92 -29.21
CA GLY F 451 -70.14 -3.70 -30.28
C GLY F 451 -69.74 -2.23 -30.39
N MET F 452 -70.75 -1.35 -30.45
CA MET F 452 -70.53 0.07 -30.67
C MET F 452 -69.93 0.70 -29.41
N ALA F 453 -70.28 0.14 -28.24
CA ALA F 453 -69.85 0.68 -26.97
C ALA F 453 -68.37 0.41 -26.75
N HIS F 454 -67.86 -0.67 -27.36
CA HIS F 454 -66.52 -1.14 -27.10
C HIS F 454 -65.62 -0.96 -28.31
N GLY F 455 -66.20 -0.48 -29.42
CA GLY F 455 -65.44 -0.06 -30.58
C GLY F 455 -65.25 -1.19 -31.60
N SER F 456 -66.08 -2.23 -31.51
CA SER F 456 -66.06 -3.30 -32.50
C SER F 456 -67.09 -3.01 -33.60
N TRP F 457 -66.59 -2.50 -34.72
CA TRP F 457 -67.43 -2.01 -35.80
C TRP F 457 -68.09 -3.18 -36.53
N ASN F 458 -67.40 -4.33 -36.55
CA ASN F 458 -67.88 -5.49 -37.27
C ASN F 458 -68.95 -6.22 -36.47
N ASP F 459 -68.84 -6.15 -35.13
CA ASP F 459 -69.82 -6.75 -34.23
C ASP F 459 -71.16 -6.03 -34.36
N ALA F 460 -71.11 -4.76 -34.80
CA ALA F 460 -72.29 -3.93 -34.90
C ALA F 460 -72.90 -4.01 -36.30
N THR F 461 -72.16 -4.64 -37.23
CA THR F 461 -72.58 -4.70 -38.61
C THR F 461 -72.56 -6.15 -39.12
N TYR F 462 -71.45 -6.55 -39.74
CA TYR F 462 -71.36 -7.80 -40.49
C TYR F 462 -71.46 -9.01 -39.57
N SER F 463 -70.74 -8.97 -38.45
CA SER F 463 -70.62 -10.13 -37.58
C SER F 463 -71.85 -10.28 -36.69
N ASP F 464 -72.99 -10.60 -37.32
CA ASP F 464 -74.23 -10.93 -36.65
C ASP F 464 -74.78 -9.71 -35.91
N GLY F 465 -74.39 -8.52 -36.36
CA GLY F 465 -74.88 -7.27 -35.79
C GLY F 465 -76.13 -6.79 -36.51
N SER F 466 -76.03 -5.60 -37.11
CA SER F 466 -77.11 -4.99 -37.88
C SER F 466 -77.57 -5.95 -38.97
N PHE F 467 -76.60 -6.60 -39.64
CA PHE F 467 -76.88 -7.45 -40.78
C PHE F 467 -77.37 -8.82 -40.31
N GLY F 468 -77.11 -9.14 -39.04
CA GLY F 468 -77.67 -10.31 -38.41
C GLY F 468 -79.18 -10.17 -38.26
N MET F 469 -79.61 -9.00 -37.78
CA MET F 469 -81.01 -8.67 -37.60
C MET F 469 -81.72 -8.64 -38.96
N ASP F 470 -80.99 -8.15 -39.98
CA ASP F 470 -81.48 -8.09 -41.35
C ASP F 470 -81.83 -9.49 -41.84
N ARG F 471 -80.90 -10.43 -41.60
CA ARG F 471 -81.02 -11.80 -42.05
C ARG F 471 -82.22 -12.47 -41.37
N TRP F 472 -82.40 -12.15 -40.08
CA TRP F 472 -83.43 -12.78 -39.28
C TRP F 472 -84.80 -12.20 -39.62
N LEU F 473 -84.83 -10.92 -40.02
CA LEU F 473 -86.05 -10.27 -40.46
C LEU F 473 -86.59 -10.97 -41.72
N VAL F 474 -85.67 -11.29 -42.63
CA VAL F 474 -85.97 -12.03 -43.84
C VAL F 474 -86.53 -13.40 -43.46
N ASN F 475 -85.89 -14.05 -42.48
CA ASN F 475 -86.23 -15.39 -42.05
C ASN F 475 -87.62 -15.40 -41.42
N VAL F 476 -87.94 -14.35 -40.66
CA VAL F 476 -89.22 -14.21 -39.98
C VAL F 476 -90.31 -14.02 -41.04
N LYS F 477 -90.06 -13.11 -41.99
CA LYS F 477 -91.00 -12.78 -43.05
C LYS F 477 -91.35 -14.03 -43.85
N GLN F 478 -90.32 -14.82 -44.17
CA GLN F 478 -90.50 -16.02 -44.98
C GLN F 478 -91.36 -17.03 -44.22
N ASN F 479 -91.11 -17.18 -42.91
CA ASN F 479 -91.83 -18.11 -42.07
C ASN F 479 -93.28 -17.65 -41.90
N ALA F 480 -93.49 -16.33 -41.88
CA ALA F 480 -94.81 -15.75 -41.78
C ALA F 480 -95.58 -16.03 -43.07
N SER F 481 -94.91 -15.81 -44.20
CA SER F 481 -95.49 -16.00 -45.53
C SER F 481 -95.96 -17.45 -45.69
N ARG F 482 -95.10 -18.40 -45.32
CA ARG F 482 -95.38 -19.82 -45.49
C ARG F 482 -96.58 -20.22 -44.64
N ALA F 483 -96.62 -19.73 -43.40
CA ALA F 483 -97.67 -20.08 -42.45
C ALA F 483 -99.01 -19.53 -42.93
N ARG F 484 -98.99 -18.34 -43.53
CA ARG F 484 -100.19 -17.68 -44.01
C ARG F 484 -100.69 -18.36 -45.28
N ARG F 485 -99.76 -18.86 -46.10
CA ARG F 485 -100.10 -19.51 -47.35
C ARG F 485 -100.75 -20.86 -47.09
N LEU F 486 -100.29 -21.55 -46.02
CA LEU F 486 -100.83 -22.84 -45.65
C LEU F 486 -102.22 -22.68 -45.05
N ALA F 487 -102.39 -21.63 -44.22
CA ALA F 487 -103.65 -21.35 -43.55
C ALA F 487 -104.74 -21.02 -44.57
N ALA F 488 -104.35 -20.29 -45.62
CA ALA F 488 -105.25 -19.89 -46.69
C ALA F 488 -105.70 -21.11 -47.49
N LEU F 489 -104.74 -22.00 -47.78
CA LEU F 489 -105.01 -23.22 -48.55
C LEU F 489 -105.94 -24.13 -47.78
N GLU F 490 -105.72 -24.22 -46.46
CA GLU F 490 -106.46 -25.14 -45.60
C GLU F 490 -107.90 -24.66 -45.42
N LYS F 491 -108.09 -23.34 -45.40
CA LYS F 491 -109.43 -22.76 -45.31
C LYS F 491 -110.23 -23.14 -46.55
N LYS F 492 -109.64 -22.92 -47.74
CA LYS F 492 -110.33 -23.08 -49.00
C LYS F 492 -110.63 -24.55 -49.27
N VAL F 493 -109.74 -25.45 -48.83
CA VAL F 493 -109.88 -26.87 -49.06
C VAL F 493 -110.74 -27.48 -47.95
N GLY F 494 -110.87 -26.75 -46.85
CA GLY F 494 -111.75 -27.15 -45.75
C GLY F 494 -111.06 -28.08 -44.76
N ILE F 495 -109.73 -27.95 -44.63
CA ILE F 495 -108.98 -28.61 -43.59
C ILE F 495 -108.85 -27.65 -42.40
N SER F 496 -109.23 -28.14 -41.22
CA SER F 496 -108.89 -27.46 -39.98
C SER F 496 -107.65 -28.15 -39.40
N TRP F 497 -106.51 -27.44 -39.47
CA TRP F 497 -105.22 -28.00 -39.11
C TRP F 497 -105.17 -28.28 -37.62
N GLN F 498 -104.89 -29.55 -37.29
CA GLN F 498 -104.67 -29.99 -35.93
C GLN F 498 -103.17 -29.87 -35.61
N PRO F 499 -102.75 -28.93 -34.73
CA PRO F 499 -101.35 -28.81 -34.35
C PRO F 499 -100.80 -30.14 -33.86
N GLU F 500 -99.59 -30.49 -34.30
CA GLU F 500 -98.99 -31.79 -34.08
C GLU F 500 -98.73 -32.01 -32.59
N GLN F 501 -98.51 -33.28 -32.24
CA GLN F 501 -98.40 -33.70 -30.84
C GLN F 501 -97.10 -33.18 -30.24
N PHE F 502 -96.08 -32.99 -31.08
CA PHE F 502 -94.73 -32.67 -30.60
C PHE F 502 -94.65 -31.23 -30.10
N TRP F 503 -95.66 -30.42 -30.40
CA TRP F 503 -95.71 -29.06 -29.87
C TRP F 503 -96.11 -29.10 -28.40
N LYS F 504 -96.90 -30.12 -28.04
CA LYS F 504 -97.47 -30.24 -26.70
C LYS F 504 -96.54 -31.05 -25.80
N THR F 505 -96.15 -32.24 -26.28
CA THR F 505 -95.40 -33.19 -25.46
C THR F 505 -94.19 -33.72 -26.23
N GLY F 506 -93.28 -34.34 -25.48
CA GLY F 506 -92.03 -34.86 -25.97
C GLY F 506 -91.12 -35.22 -24.81
N GLU F 507 -90.06 -35.99 -25.09
CA GLU F 507 -89.25 -36.59 -24.03
C GLU F 507 -88.71 -35.51 -23.10
N TRP F 508 -88.25 -34.38 -23.67
CA TRP F 508 -87.69 -33.29 -22.89
C TRP F 508 -88.81 -32.43 -22.30
N LEU F 509 -89.81 -32.09 -23.12
CA LEU F 509 -90.92 -31.22 -22.72
C LEU F 509 -91.60 -31.77 -21.47
N ASP F 510 -91.75 -33.10 -21.40
CA ASP F 510 -92.48 -33.77 -20.34
C ASP F 510 -91.78 -33.59 -19.00
N GLN F 511 -90.48 -33.25 -19.03
CA GLN F 511 -89.68 -33.14 -17.84
C GLN F 511 -89.72 -31.73 -17.26
N LEU F 512 -90.44 -30.83 -17.92
CA LEU F 512 -90.46 -29.43 -17.54
C LEU F 512 -91.49 -29.18 -16.44
N THR F 513 -91.48 -27.96 -15.91
CA THR F 513 -92.33 -27.55 -14.80
C THR F 513 -93.77 -27.39 -15.29
N GLY F 514 -93.92 -26.83 -16.50
CA GLY F 514 -95.22 -26.58 -17.10
C GLY F 514 -96.16 -27.78 -16.98
N PRO F 515 -95.84 -28.92 -17.65
CA PRO F 515 -96.68 -30.12 -17.59
C PRO F 515 -96.96 -30.62 -16.16
N TYR F 516 -95.97 -30.48 -15.27
CA TYR F 516 -96.09 -30.96 -13.91
C TYR F 516 -97.15 -30.16 -13.16
N ILE F 517 -97.15 -28.83 -13.35
CA ILE F 517 -98.08 -27.96 -12.65
C ILE F 517 -99.50 -28.21 -13.15
N VAL F 518 -99.65 -28.33 -14.47
CA VAL F 518 -100.94 -28.55 -15.11
C VAL F 518 -101.55 -29.86 -14.60
N LYS F 519 -100.70 -30.89 -14.45
CA LYS F 519 -101.17 -32.21 -14.06
C LYS F 519 -101.46 -32.26 -12.56
N ASN F 520 -100.55 -31.72 -11.74
CA ASN F 520 -100.54 -32.02 -10.31
C ASN F 520 -101.19 -30.90 -9.50
N HIS F 521 -101.21 -29.68 -10.05
CA HIS F 521 -101.85 -28.55 -9.38
C HIS F 521 -102.74 -27.82 -10.38
N PRO F 522 -103.87 -28.44 -10.81
CA PRO F 522 -104.56 -28.07 -12.05
C PRO F 522 -104.96 -26.59 -12.18
N GLY F 523 -105.48 -26.02 -11.11
CA GLY F 523 -106.08 -24.69 -11.18
C GLY F 523 -105.07 -23.56 -11.05
N LYS F 524 -103.83 -23.90 -10.66
CA LYS F 524 -102.91 -22.90 -10.13
C LYS F 524 -101.68 -22.74 -11.03
N THR F 525 -100.91 -21.67 -10.78
CA THR F 525 -99.66 -21.38 -11.44
C THR F 525 -98.52 -21.50 -10.45
N ILE F 526 -97.27 -21.35 -10.94
CA ILE F 526 -96.09 -21.46 -10.11
C ILE F 526 -96.05 -20.32 -9.09
N PHE F 527 -96.69 -19.19 -9.44
CA PHE F 527 -96.71 -18.02 -8.58
C PHE F 527 -97.64 -18.26 -7.40
N ASP F 528 -98.69 -19.06 -7.64
CA ASP F 528 -99.60 -19.49 -6.59
C ASP F 528 -98.86 -20.43 -5.64
N LEU F 529 -98.09 -21.35 -6.22
CA LEU F 529 -97.43 -22.42 -5.48
C LEU F 529 -96.18 -21.89 -4.75
N CYS F 530 -95.67 -20.73 -5.19
CA CYS F 530 -94.55 -20.10 -4.53
C CYS F 530 -94.94 -18.68 -4.12
N PRO F 531 -95.71 -18.52 -3.02
CA PRO F 531 -96.30 -17.23 -2.67
C PRO F 531 -95.36 -16.26 -1.98
N ASP F 532 -94.18 -16.75 -1.58
CA ASP F 532 -93.21 -15.96 -0.84
C ASP F 532 -92.83 -14.70 -1.61
N PRO F 533 -92.43 -13.60 -0.94
CA PRO F 533 -91.98 -12.39 -1.64
C PRO F 533 -90.69 -12.66 -2.41
N GLY F 534 -90.61 -12.10 -3.63
CA GLY F 534 -89.44 -12.23 -4.49
C GLY F 534 -88.42 -11.12 -4.22
N TRP F 535 -87.39 -11.07 -5.08
CA TRP F 535 -86.29 -10.13 -4.93
C TRP F 535 -86.80 -8.71 -5.18
N LEU F 536 -87.68 -8.56 -6.16
CA LEU F 536 -88.19 -7.25 -6.58
C LEU F 536 -89.06 -6.65 -5.49
N ASP F 537 -89.58 -7.51 -4.60
CA ASP F 537 -90.49 -7.09 -3.55
C ASP F 537 -89.71 -6.38 -2.44
N THR F 538 -88.43 -6.75 -2.29
CA THR F 538 -87.64 -6.31 -1.15
C THR F 538 -86.50 -5.38 -1.60
N HIS F 539 -86.29 -5.28 -2.91
CA HIS F 539 -85.21 -4.46 -3.45
C HIS F 539 -85.76 -3.44 -4.44
N HIS F 540 -85.45 -2.16 -4.18
CA HIS F 540 -85.97 -1.05 -4.97
C HIS F 540 -84.81 -0.21 -5.49
N ALA F 541 -85.10 0.68 -6.44
CA ALA F 541 -84.12 1.61 -6.99
C ALA F 541 -83.70 2.60 -5.91
N PRO F 542 -82.41 3.03 -5.86
CA PRO F 542 -81.96 3.98 -4.86
C PRO F 542 -82.66 5.33 -4.97
N ALA F 543 -82.75 6.04 -3.84
CA ALA F 543 -83.49 7.28 -3.72
C ALA F 543 -82.91 8.34 -4.66
N GLU F 544 -81.58 8.34 -4.81
CA GLU F 544 -80.87 9.33 -5.60
C GLU F 544 -81.17 9.17 -7.08
N GLU F 545 -81.44 7.93 -7.50
CA GLU F 545 -81.72 7.64 -8.91
C GLU F 545 -83.09 8.20 -9.29
N VAL F 546 -84.09 7.97 -8.44
CA VAL F 546 -85.44 8.47 -8.67
C VAL F 546 -85.42 9.99 -8.63
N GLU F 547 -84.62 10.54 -7.69
CA GLU F 547 -84.50 11.97 -7.44
C GLU F 547 -83.92 12.66 -8.67
N TYR F 548 -82.93 12.01 -9.31
CA TYR F 548 -82.26 12.56 -10.48
C TYR F 548 -83.23 12.62 -11.66
N ILE F 549 -83.96 11.51 -11.89
CA ILE F 549 -84.82 11.36 -13.04
C ILE F 549 -85.97 12.38 -12.95
N GLU F 550 -86.57 12.48 -11.75
CA GLU F 550 -87.68 13.39 -11.51
C GLU F 550 -87.24 14.83 -11.75
N ARG F 551 -86.02 15.17 -11.32
CA ARG F 551 -85.47 16.50 -11.44
C ARG F 551 -85.27 16.85 -12.92
N LYS F 552 -84.80 15.87 -13.69
CA LYS F 552 -84.42 16.08 -15.08
C LYS F 552 -85.67 16.15 -15.97
N LEU F 553 -86.70 15.37 -15.62
CA LEU F 553 -87.94 15.35 -16.38
C LEU F 553 -88.68 16.67 -16.19
N LYS F 554 -88.59 17.23 -14.99
CA LYS F 554 -89.20 18.52 -14.68
C LYS F 554 -88.43 19.62 -15.41
N GLU F 555 -87.10 19.48 -15.43
CA GLU F 555 -86.19 20.46 -15.99
C GLU F 555 -86.40 20.58 -17.50
N LEU F 556 -86.78 19.47 -18.15
CA LEU F 556 -86.92 19.41 -19.59
C LEU F 556 -88.39 19.42 -20.01
N GLY F 557 -89.28 19.13 -19.06
CA GLY F 557 -90.72 19.12 -19.30
C GLY F 557 -91.14 17.93 -20.15
N ILE F 558 -90.83 16.72 -19.67
CA ILE F 558 -91.25 15.48 -20.30
C ILE F 558 -92.17 14.74 -19.33
N THR F 559 -93.24 14.14 -19.87
CA THR F 559 -94.22 13.40 -19.10
C THR F 559 -93.59 12.14 -18.51
N ALA F 560 -93.94 11.83 -17.26
CA ALA F 560 -93.50 10.61 -16.58
C ALA F 560 -94.27 9.41 -17.13
N GLY F 561 -93.68 8.22 -17.01
CA GLY F 561 -94.25 7.00 -17.55
C GLY F 561 -95.22 6.32 -16.58
N SER F 562 -95.70 5.14 -16.99
CA SER F 562 -96.71 4.40 -16.24
C SER F 562 -96.12 3.08 -15.71
N HIS F 563 -96.95 2.35 -14.95
CA HIS F 563 -96.56 1.07 -14.36
C HIS F 563 -96.45 -0.01 -15.45
N VAL G 33 -84.10 -15.53 -19.14
CA VAL G 33 -83.87 -14.11 -19.53
C VAL G 33 -85.21 -13.51 -19.95
N GLU G 34 -85.56 -12.39 -19.31
CA GLU G 34 -86.84 -11.71 -19.54
C GLU G 34 -86.58 -10.30 -20.07
N ILE G 35 -87.63 -9.68 -20.61
CA ILE G 35 -87.62 -8.24 -20.86
C ILE G 35 -88.08 -7.56 -19.56
N ILE G 36 -87.10 -7.15 -18.75
CA ILE G 36 -87.35 -6.70 -17.38
C ILE G 36 -88.02 -5.33 -17.43
N THR G 37 -89.19 -5.25 -16.79
CA THR G 37 -90.05 -4.07 -16.82
C THR G 37 -90.20 -3.50 -15.41
N HIS G 38 -89.27 -3.84 -14.51
CA HIS G 38 -89.38 -3.47 -13.11
C HIS G 38 -88.10 -2.79 -12.63
N TRP G 39 -88.11 -2.41 -11.33
CA TRP G 39 -86.99 -1.87 -10.59
C TRP G 39 -86.62 -0.46 -11.04
N VAL G 40 -86.31 -0.31 -12.34
CA VAL G 40 -86.00 0.98 -12.94
C VAL G 40 -87.21 1.89 -12.77
N PRO G 41 -87.03 3.14 -12.28
CA PRO G 41 -88.16 4.05 -12.04
C PRO G 41 -89.08 4.21 -13.24
N HIS G 42 -90.40 4.24 -12.98
CA HIS G 42 -91.41 4.22 -14.02
C HIS G 42 -91.37 5.51 -14.84
N GLU G 43 -90.98 6.61 -14.18
CA GLU G 43 -90.96 7.93 -14.77
C GLU G 43 -90.19 7.92 -16.08
N VAL G 44 -89.33 6.92 -16.24
CA VAL G 44 -88.40 6.88 -17.37
C VAL G 44 -88.81 5.77 -18.34
N TYR G 45 -89.97 5.12 -18.09
CA TYR G 45 -90.50 4.15 -19.03
C TYR G 45 -91.19 4.87 -20.18
N GLY G 46 -90.79 4.53 -21.40
CA GLY G 46 -91.42 5.06 -22.61
C GLY G 46 -92.73 4.35 -22.89
N MET G 47 -93.77 5.12 -23.21
CA MET G 47 -95.09 4.58 -23.53
C MET G 47 -95.35 4.73 -25.03
N PRO G 48 -96.26 3.91 -25.62
CA PRO G 48 -96.45 3.88 -27.07
C PRO G 48 -96.65 5.26 -27.69
N GLY G 49 -95.89 5.53 -28.77
CA GLY G 49 -96.06 6.75 -29.55
C GLY G 49 -95.05 7.83 -29.18
N GLU G 50 -94.38 7.67 -28.03
CA GLU G 50 -93.41 8.63 -27.54
C GLU G 50 -92.15 8.58 -28.40
N PRO G 51 -91.38 9.69 -28.50
CA PRO G 51 -90.16 9.73 -29.32
C PRO G 51 -89.09 8.81 -28.76
N ASP G 52 -88.33 8.17 -29.67
CA ASP G 52 -87.28 7.24 -29.29
C ASP G 52 -86.06 8.00 -28.77
N ASN G 53 -85.97 9.29 -29.11
CA ASN G 53 -84.83 10.11 -28.76
C ASN G 53 -85.11 10.92 -27.50
N SER G 54 -86.15 10.50 -26.75
CA SER G 54 -86.52 11.17 -25.51
C SER G 54 -85.55 10.77 -24.39
N GLY G 55 -85.01 9.55 -24.52
CA GLY G 55 -84.09 9.00 -23.54
C GLY G 55 -84.81 8.05 -22.59
N LYS G 56 -86.07 7.75 -22.89
CA LYS G 56 -86.87 6.86 -22.07
C LYS G 56 -86.62 5.42 -22.52
N VAL G 57 -86.84 4.48 -21.59
CA VAL G 57 -86.59 3.07 -21.84
C VAL G 57 -87.82 2.48 -22.52
N PHE G 58 -87.62 1.94 -23.72
CA PHE G 58 -88.67 1.22 -24.44
C PHE G 58 -88.36 -0.27 -24.38
N PHE G 59 -89.25 -1.02 -23.72
CA PHE G 59 -89.05 -2.44 -23.46
C PHE G 59 -88.95 -3.21 -24.78
N SER G 60 -87.83 -3.90 -24.95
CA SER G 60 -87.51 -4.66 -26.15
C SER G 60 -87.40 -3.74 -27.37
N GLY G 61 -87.43 -2.42 -27.11
CA GLY G 61 -87.33 -1.40 -28.14
C GLY G 61 -88.63 -1.19 -28.91
N LEU G 62 -89.75 -1.61 -28.30
CA LEU G 62 -91.04 -1.60 -28.97
C LEU G 62 -91.77 -0.30 -28.68
N LYS G 63 -92.70 0.04 -29.59
CA LYS G 63 -93.76 1.02 -29.37
C LYS G 63 -93.24 2.46 -29.43
N ALA G 64 -91.95 2.63 -29.75
CA ALA G 64 -91.37 3.96 -29.82
C ALA G 64 -91.65 4.56 -31.20
N LYS G 65 -91.72 5.89 -31.25
CA LYS G 65 -91.84 6.65 -32.50
C LYS G 65 -90.43 7.02 -32.96
N TYR G 66 -90.06 6.52 -34.15
CA TYR G 66 -88.73 6.71 -34.70
C TYR G 66 -88.56 8.16 -35.17
N MET G 67 -87.56 8.84 -34.60
CA MET G 67 -87.35 10.26 -34.86
C MET G 67 -86.23 10.45 -35.89
N GLY G 68 -85.37 9.44 -36.04
CA GLY G 68 -84.28 9.48 -36.99
C GLY G 68 -83.09 10.28 -36.47
N TYR G 69 -82.02 10.33 -37.28
CA TYR G 69 -80.75 10.93 -36.89
C TYR G 69 -80.89 12.44 -36.76
N PRO G 70 -80.08 13.10 -35.89
CA PRO G 70 -80.14 14.55 -35.73
C PRO G 70 -79.58 15.26 -36.96
N LYS G 71 -80.48 15.88 -37.73
CA LYS G 71 -80.13 16.52 -38.98
C LYS G 71 -79.83 18.00 -38.74
N ASP G 72 -80.00 18.43 -37.48
CA ASP G 72 -79.69 19.80 -37.09
C ASP G 72 -78.28 19.86 -36.51
N ALA G 73 -77.71 18.69 -36.22
CA ALA G 73 -76.40 18.59 -35.60
C ALA G 73 -75.31 18.99 -36.59
N GLN G 74 -74.44 19.91 -36.14
CA GLN G 74 -73.35 20.44 -36.95
C GLN G 74 -72.42 19.29 -37.34
N ARG G 75 -72.25 19.11 -38.66
CA ARG G 75 -71.49 18.01 -39.21
C ARG G 75 -71.09 18.33 -40.65
N SER G 76 -70.49 17.35 -41.32
CA SER G 76 -70.09 17.48 -42.71
C SER G 76 -70.92 16.54 -43.57
N PRO G 77 -71.25 16.93 -44.82
CA PRO G 77 -71.71 15.97 -45.82
C PRO G 77 -70.56 15.04 -46.19
N TYR G 78 -70.91 13.82 -46.61
CA TYR G 78 -69.94 12.86 -47.10
C TYR G 78 -69.46 13.32 -48.48
N PRO G 79 -68.20 13.02 -48.88
CA PRO G 79 -67.74 13.33 -50.23
C PRO G 79 -68.27 12.30 -51.24
N GLY G 80 -68.07 12.59 -52.53
CA GLY G 80 -68.24 11.59 -53.57
C GLY G 80 -69.56 11.72 -54.33
N LYS G 81 -69.79 10.72 -55.20
CA LYS G 81 -70.86 10.67 -56.19
C LYS G 81 -72.24 10.80 -55.52
N TYR G 82 -72.40 10.14 -54.37
CA TYR G 82 -73.72 9.99 -53.76
C TYR G 82 -73.86 10.89 -52.54
N SER G 83 -73.17 12.05 -52.59
CA SER G 83 -73.12 12.97 -51.48
C SER G 83 -74.52 13.34 -51.01
N LYS G 84 -75.45 13.50 -51.95
CA LYS G 84 -76.77 14.04 -51.69
C LYS G 84 -77.61 13.07 -50.83
N PHE G 85 -77.34 11.77 -50.96
CA PHE G 85 -78.13 10.75 -50.30
C PHE G 85 -77.39 10.17 -49.10
N TRP G 86 -76.14 10.62 -48.90
CA TRP G 86 -75.29 10.17 -47.81
C TRP G 86 -75.69 10.90 -46.52
N LYS G 87 -76.43 10.21 -45.65
CA LYS G 87 -76.76 10.75 -44.34
C LYS G 87 -75.58 10.55 -43.40
N THR G 88 -75.21 11.63 -42.69
CA THR G 88 -73.98 11.62 -41.91
C THR G 88 -74.26 11.95 -40.44
N LEU G 89 -73.32 11.52 -39.57
CA LEU G 89 -73.32 11.85 -38.16
C LEU G 89 -72.14 12.77 -37.86
N PRO G 90 -72.19 13.58 -36.77
CA PRO G 90 -71.08 14.46 -36.40
C PRO G 90 -69.74 13.74 -36.32
N ALA G 91 -69.76 12.49 -35.83
CA ALA G 91 -68.57 11.72 -35.55
C ALA G 91 -67.76 11.48 -36.83
N TYR G 92 -68.42 11.53 -37.99
CA TYR G 92 -67.80 11.16 -39.25
C TYR G 92 -66.71 12.16 -39.66
N ARG G 93 -66.72 13.34 -39.02
CA ARG G 93 -65.84 14.43 -39.37
C ARG G 93 -64.38 13.99 -39.35
N TYR G 94 -64.05 13.04 -38.47
CA TYR G 94 -62.68 12.66 -38.23
C TYR G 94 -62.18 11.68 -39.29
N TYR G 95 -63.12 11.04 -40.01
CA TYR G 95 -62.80 9.81 -40.72
C TYR G 95 -62.36 10.06 -42.16
N ILE G 96 -62.89 11.13 -42.78
CA ILE G 96 -62.32 11.65 -44.03
C ILE G 96 -62.02 13.13 -43.80
N PRO G 97 -60.93 13.44 -43.05
CA PRO G 97 -60.78 14.75 -42.41
C PRO G 97 -60.53 15.94 -43.34
N ASP G 98 -59.89 15.68 -44.49
CA ASP G 98 -59.59 16.74 -45.44
C ASP G 98 -60.87 17.45 -45.87
N TYR G 99 -61.90 16.66 -46.20
CA TYR G 99 -63.16 17.17 -46.69
C TYR G 99 -64.11 17.45 -45.52
N MET G 100 -64.05 16.61 -44.48
CA MET G 100 -65.10 16.55 -43.48
C MET G 100 -64.72 17.31 -42.20
N TYR G 101 -63.48 17.79 -42.12
CA TYR G 101 -63.05 18.50 -40.92
C TYR G 101 -62.33 19.81 -41.30
N ASN G 102 -61.48 19.74 -42.33
CA ASN G 102 -60.44 20.74 -42.52
C ASN G 102 -60.95 21.97 -43.29
N ARG G 103 -62.11 21.84 -43.96
CA ARG G 103 -62.73 22.96 -44.63
C ARG G 103 -63.34 23.90 -43.60
N ASP G 104 -63.21 25.21 -43.85
CA ASP G 104 -63.66 26.25 -42.93
C ASP G 104 -65.16 26.14 -42.69
N GLU G 105 -65.89 25.66 -43.71
CA GLU G 105 -67.34 25.61 -43.71
C GLU G 105 -67.84 24.54 -42.75
N VAL G 106 -66.94 23.63 -42.35
CA VAL G 106 -67.34 22.39 -41.70
C VAL G 106 -66.68 22.25 -40.33
N ARG G 107 -65.45 22.77 -40.19
CA ARG G 107 -64.66 22.65 -38.98
C ARG G 107 -65.53 22.91 -37.75
N PRO G 108 -65.55 21.99 -36.76
CA PRO G 108 -66.41 22.15 -35.58
C PRO G 108 -65.89 23.23 -34.64
N SER G 109 -66.77 23.74 -33.79
CA SER G 109 -66.43 24.77 -32.82
C SER G 109 -65.54 24.18 -31.74
N ASN G 110 -64.78 25.05 -31.08
CA ASN G 110 -63.87 24.64 -30.02
C ASN G 110 -63.89 25.68 -28.91
N PRO G 111 -64.11 25.28 -27.64
CA PRO G 111 -64.21 26.23 -26.52
C PRO G 111 -62.91 26.95 -26.15
N ILE G 112 -61.78 26.47 -26.66
CA ILE G 112 -60.48 27.03 -26.32
C ILE G 112 -60.00 27.92 -27.47
N LYS G 113 -59.67 29.18 -27.13
CA LYS G 113 -59.28 30.17 -28.11
C LYS G 113 -57.80 30.54 -27.95
N GLY G 114 -57.18 30.97 -29.05
CA GLY G 114 -55.81 31.44 -29.07
C GLY G 114 -54.95 30.61 -30.03
N THR G 115 -53.81 31.19 -30.43
CA THR G 115 -52.79 30.45 -31.15
C THR G 115 -51.61 30.21 -30.20
N PHE G 116 -51.07 28.99 -30.23
CA PHE G 116 -50.16 28.57 -29.18
C PHE G 116 -48.86 28.03 -29.75
N LYS G 117 -47.79 28.07 -28.92
CA LYS G 117 -46.54 27.39 -29.18
C LYS G 117 -46.69 25.93 -28.79
N LEU G 118 -45.74 25.09 -29.23
CA LEU G 118 -45.78 23.66 -28.97
C LEU G 118 -45.77 23.38 -27.47
N GLU G 119 -44.94 24.13 -26.72
CA GLU G 119 -44.80 23.99 -25.28
C GLU G 119 -46.19 24.05 -24.63
N GLN G 120 -47.05 24.91 -25.19
CA GLN G 120 -48.34 25.20 -24.62
C GLN G 120 -49.32 24.07 -24.91
N CYS G 121 -49.25 23.51 -26.12
CA CYS G 121 -50.05 22.35 -26.47
C CYS G 121 -49.80 21.24 -25.45
N VAL G 122 -48.52 20.93 -25.23
CA VAL G 122 -48.08 19.82 -24.41
C VAL G 122 -48.53 20.05 -22.96
N ALA G 123 -48.25 21.25 -22.43
CA ALA G 123 -48.47 21.55 -21.03
C ALA G 123 -49.95 21.43 -20.69
N CYS G 124 -50.80 21.96 -21.57
CA CYS G 124 -52.23 22.01 -21.33
C CYS G 124 -52.86 20.63 -21.50
N HIS G 125 -52.46 19.94 -22.57
CA HIS G 125 -53.05 18.65 -22.90
C HIS G 125 -52.52 17.55 -21.98
N SER G 126 -51.36 17.80 -21.34
CA SER G 126 -50.77 16.81 -20.45
C SER G 126 -51.72 16.50 -19.30
N VAL G 127 -52.64 17.42 -19.04
CA VAL G 127 -53.62 17.28 -17.98
C VAL G 127 -55.01 17.09 -18.57
N MET G 128 -55.30 17.79 -19.68
CA MET G 128 -56.61 17.79 -20.29
C MET G 128 -56.88 16.46 -21.00
N THR G 129 -55.89 15.99 -21.77
CA THR G 129 -55.96 14.69 -22.42
C THR G 129 -54.65 13.94 -22.16
N PRO G 130 -54.41 13.46 -20.92
CA PRO G 130 -53.09 12.98 -20.50
C PRO G 130 -52.48 11.93 -21.43
N GLY G 131 -53.29 10.96 -21.84
CA GLY G 131 -52.84 9.82 -22.62
C GLY G 131 -52.20 10.23 -23.94
N ILE G 132 -52.71 11.30 -24.55
CA ILE G 132 -52.23 11.76 -25.85
C ILE G 132 -50.80 12.29 -25.70
N VAL G 133 -50.56 13.03 -24.61
CA VAL G 133 -49.25 13.60 -24.35
C VAL G 133 -48.27 12.50 -23.96
N ARG G 134 -48.74 11.53 -23.14
CA ARG G 134 -47.92 10.39 -22.76
C ARG G 134 -47.42 9.67 -24.02
N ASP G 135 -48.33 9.48 -24.98
CA ASP G 135 -48.04 8.80 -26.23
C ASP G 135 -47.08 9.64 -27.06
N TYR G 136 -47.34 10.96 -27.15
CA TYR G 136 -46.55 11.87 -27.95
C TYR G 136 -45.10 11.88 -27.47
N ASN G 137 -44.92 11.93 -26.14
CA ASN G 137 -43.60 12.04 -25.54
C ASN G 137 -42.77 10.79 -25.80
N LYS G 138 -43.46 9.65 -25.97
CA LYS G 138 -42.81 8.38 -26.26
C LYS G 138 -42.41 8.33 -27.74
N SER G 139 -43.14 9.08 -28.59
CA SER G 139 -42.97 9.02 -30.03
C SER G 139 -41.65 9.64 -30.45
N ALA G 140 -41.15 9.21 -31.62
CA ALA G 140 -39.92 9.73 -32.21
C ALA G 140 -40.14 11.17 -32.66
N HIS G 141 -41.40 11.52 -32.97
CA HIS G 141 -41.78 12.83 -33.43
C HIS G 141 -41.34 13.90 -32.43
N SER G 142 -41.45 13.60 -31.14
CA SER G 142 -41.19 14.57 -30.09
C SER G 142 -39.69 14.81 -29.93
N LYS G 143 -38.90 13.79 -30.30
CA LYS G 143 -37.46 13.79 -30.05
C LYS G 143 -36.72 14.30 -31.28
N ALA G 144 -37.45 14.51 -32.39
CA ALA G 144 -36.85 14.83 -33.67
C ALA G 144 -36.12 16.17 -33.61
N GLU G 145 -34.99 16.24 -34.34
CA GLU G 145 -34.17 17.44 -34.44
C GLU G 145 -33.91 17.76 -35.90
N PRO G 146 -33.68 19.04 -36.23
CA PRO G 146 -33.52 20.12 -35.28
C PRO G 146 -34.82 20.62 -34.64
N ALA G 147 -35.94 20.36 -35.31
CA ALA G 147 -37.26 20.74 -34.79
C ALA G 147 -38.15 19.50 -34.69
N PRO G 148 -38.90 19.33 -33.57
CA PRO G 148 -39.79 18.19 -33.41
C PRO G 148 -41.04 18.32 -34.26
N THR G 149 -41.57 17.16 -34.70
CA THR G 149 -42.89 17.10 -35.31
C THR G 149 -43.92 17.12 -34.19
N GLY G 150 -44.34 18.33 -33.81
CA GLY G 150 -45.18 18.52 -32.63
C GLY G 150 -46.67 18.56 -32.97
N CYS G 151 -47.50 18.71 -31.92
CA CYS G 151 -48.94 18.78 -32.05
C CYS G 151 -49.33 19.80 -33.11
N ASP G 152 -48.62 20.95 -33.10
CA ASP G 152 -48.89 22.08 -33.98
C ASP G 152 -48.55 21.72 -35.42
N THR G 153 -47.54 20.87 -35.61
CA THR G 153 -47.10 20.46 -36.93
C THR G 153 -48.21 19.66 -37.63
N CYS G 154 -48.97 18.89 -36.83
CA CYS G 154 -49.98 17.99 -37.37
C CYS G 154 -51.39 18.58 -37.25
N HIS G 155 -51.57 19.55 -36.34
CA HIS G 155 -52.91 20.02 -36.02
C HIS G 155 -53.09 21.51 -36.27
N GLY G 156 -51.99 22.27 -36.30
CA GLY G 156 -52.04 23.70 -36.46
C GLY G 156 -51.82 24.44 -35.15
N ASN G 157 -51.61 25.77 -35.25
CA ASN G 157 -51.26 26.61 -34.11
C ASN G 157 -52.51 27.29 -33.55
N ASN G 158 -53.44 27.63 -34.44
CA ASN G 158 -54.65 28.35 -34.06
C ASN G 158 -55.69 27.36 -33.57
N HIS G 159 -56.08 27.50 -32.30
CA HIS G 159 -56.98 26.54 -31.66
C HIS G 159 -58.40 26.68 -32.22
N GLN G 160 -58.67 27.79 -32.89
CA GLN G 160 -59.96 28.02 -33.52
C GLN G 160 -59.93 27.51 -34.95
N LYS G 161 -58.73 27.19 -35.44
CA LYS G 161 -58.56 26.71 -36.81
C LYS G 161 -57.73 25.41 -36.80
N LEU G 162 -58.08 24.50 -35.89
CA LEU G 162 -57.41 23.21 -35.79
C LEU G 162 -57.79 22.34 -36.99
N THR G 163 -56.88 21.44 -37.37
CA THR G 163 -57.12 20.50 -38.45
C THR G 163 -56.73 19.09 -38.02
N MET G 164 -57.36 18.09 -38.64
CA MET G 164 -57.04 16.69 -38.41
C MET G 164 -56.20 16.20 -39.58
N PRO G 165 -54.96 15.69 -39.33
CA PRO G 165 -54.05 15.32 -40.41
C PRO G 165 -54.41 14.00 -41.07
N SER G 166 -54.66 14.06 -42.39
CA SER G 166 -54.97 12.88 -43.17
C SER G 166 -53.68 12.21 -43.63
N SER G 167 -53.82 11.18 -44.47
CA SER G 167 -52.68 10.49 -45.05
C SER G 167 -51.88 11.43 -45.95
N LYS G 168 -52.55 12.44 -46.49
CA LYS G 168 -51.93 13.44 -47.35
C LYS G 168 -50.96 14.28 -46.53
N ALA G 169 -51.33 14.55 -45.27
CA ALA G 169 -50.53 15.38 -44.38
C ALA G 169 -49.23 14.65 -44.01
N CYS G 170 -49.35 13.34 -43.75
CA CYS G 170 -48.22 12.51 -43.39
C CYS G 170 -47.33 12.30 -44.60
N GLY G 171 -47.97 12.24 -45.79
CA GLY G 171 -47.31 11.79 -47.01
C GLY G 171 -46.70 12.92 -47.82
N THR G 172 -46.50 14.09 -47.17
CA THR G 172 -45.83 15.20 -47.81
C THR G 172 -44.39 14.83 -48.13
N ALA G 173 -43.84 15.43 -49.19
CA ALA G 173 -42.52 15.11 -49.71
C ALA G 173 -41.46 15.27 -48.62
N GLU G 174 -41.68 16.24 -47.74
CA GLU G 174 -40.74 16.61 -46.69
C GLU G 174 -40.76 15.55 -45.58
N CYS G 175 -41.83 14.73 -45.54
CA CYS G 175 -42.06 13.81 -44.44
C CYS G 175 -42.05 12.36 -44.93
N HIS G 176 -43.23 11.76 -45.08
CA HIS G 176 -43.33 10.33 -45.35
C HIS G 176 -43.99 10.07 -46.71
N GLU G 177 -43.44 10.69 -47.75
CA GLU G 177 -43.99 10.55 -49.09
C GLU G 177 -43.84 9.10 -49.56
N THR G 178 -42.77 8.44 -49.08
CA THR G 178 -42.44 7.10 -49.51
C THR G 178 -43.58 6.13 -49.18
N GLN G 179 -44.06 6.19 -47.92
CA GLN G 179 -45.06 5.27 -47.43
C GLN G 179 -46.41 5.58 -48.07
N TYR G 180 -46.69 6.87 -48.26
CA TYR G 180 -47.93 7.31 -48.87
C TYR G 180 -48.02 6.76 -50.30
N ASN G 181 -46.94 6.93 -51.07
CA ASN G 181 -46.89 6.52 -52.46
C ASN G 181 -46.99 4.99 -52.55
N GLU G 182 -46.30 4.30 -51.64
CA GLU G 182 -46.31 2.86 -51.58
C GLU G 182 -47.75 2.36 -51.43
N GLN G 183 -48.44 2.88 -50.40
CA GLN G 183 -49.82 2.49 -50.12
C GLN G 183 -50.69 2.80 -51.33
N GLY G 184 -50.42 3.96 -51.96
CA GLY G 184 -51.20 4.47 -53.07
C GLY G 184 -51.08 3.63 -54.35
N GLN G 185 -50.11 2.71 -54.37
CA GLN G 185 -49.89 1.84 -55.50
C GLN G 185 -50.99 0.77 -55.59
N GLY G 186 -51.74 0.62 -54.50
CA GLY G 186 -52.77 -0.40 -54.42
C GLY G 186 -53.92 -0.14 -55.38
N GLY G 187 -54.50 -1.23 -55.90
CA GLY G 187 -55.61 -1.15 -56.84
C GLY G 187 -56.95 -1.09 -56.13
N ILE G 188 -57.97 -1.68 -56.77
CA ILE G 188 -59.29 -1.82 -56.17
C ILE G 188 -59.19 -2.85 -55.05
N GLY G 189 -59.88 -2.58 -53.93
CA GLY G 189 -59.91 -3.49 -52.80
C GLY G 189 -58.63 -3.46 -51.98
N SER G 190 -57.87 -2.37 -52.08
CA SER G 190 -56.63 -2.19 -51.35
C SER G 190 -56.80 -1.08 -50.30
N HIS G 191 -55.72 -0.74 -49.61
CA HIS G 191 -55.73 0.32 -48.62
C HIS G 191 -55.77 1.69 -49.31
N ALA G 192 -55.64 1.69 -50.64
CA ALA G 192 -55.56 2.91 -51.42
C ALA G 192 -56.96 3.38 -51.82
N SER G 193 -57.95 2.48 -51.75
CA SER G 193 -59.25 2.74 -52.35
C SER G 193 -60.39 2.32 -51.42
N CYS G 194 -60.05 1.87 -50.21
CA CYS G 194 -61.03 1.28 -49.30
C CYS G 194 -61.99 2.34 -48.76
N SER G 195 -61.59 3.61 -48.81
CA SER G 195 -62.47 4.71 -48.44
C SER G 195 -63.16 5.27 -49.69
N SER G 196 -62.35 5.69 -50.67
CA SER G 196 -62.79 6.46 -51.81
C SER G 196 -63.78 5.67 -52.68
N PHE G 197 -63.56 4.36 -52.80
CA PHE G 197 -64.46 3.53 -53.59
C PHE G 197 -65.43 2.78 -52.69
N ALA G 198 -64.89 1.86 -51.88
CA ALA G 198 -65.67 0.85 -51.17
C ALA G 198 -66.68 1.49 -50.23
N GLN G 199 -66.28 2.57 -49.55
CA GLN G 199 -67.07 3.15 -48.49
C GLN G 199 -67.89 4.34 -48.99
N VAL G 200 -67.26 5.20 -49.80
CA VAL G 200 -67.90 6.42 -50.27
C VAL G 200 -69.04 6.07 -51.23
N GLU G 201 -68.91 4.93 -51.92
CA GLU G 201 -69.92 4.47 -52.85
C GLU G 201 -70.53 3.15 -52.34
N CYS G 202 -70.64 3.02 -51.01
CA CYS G 202 -71.17 1.83 -50.39
C CYS G 202 -72.70 1.86 -50.45
N ALA G 203 -73.26 0.92 -51.22
CA ALA G 203 -74.69 0.87 -51.48
C ALA G 203 -75.48 0.90 -50.18
N TRP G 204 -75.17 -0.05 -49.28
CA TRP G 204 -75.97 -0.26 -48.06
C TRP G 204 -75.91 0.96 -47.14
N SER G 205 -74.72 1.57 -47.04
CA SER G 205 -74.52 2.70 -46.16
C SER G 205 -75.40 3.87 -46.61
N ILE G 206 -75.44 4.09 -47.93
CA ILE G 206 -76.22 5.16 -48.53
C ILE G 206 -77.71 4.86 -48.31
N GLU G 207 -78.09 3.60 -48.54
CA GLU G 207 -79.48 3.15 -48.53
C GLU G 207 -80.13 3.37 -47.16
N ARG G 208 -79.38 3.08 -46.10
CA ARG G 208 -79.94 2.95 -44.77
C ARG G 208 -79.82 4.26 -43.99
N PRO G 209 -80.51 4.40 -42.84
CA PRO G 209 -80.20 5.47 -41.89
C PRO G 209 -78.75 5.36 -41.43
N PRO G 210 -78.10 6.48 -41.00
CA PRO G 210 -76.74 6.40 -40.48
C PRO G 210 -76.82 5.86 -39.06
N GLY G 211 -75.85 5.01 -38.71
CA GLY G 211 -75.91 4.31 -37.43
C GLY G 211 -76.19 2.83 -37.65
N ASP G 212 -77.09 2.56 -38.59
CA ASP G 212 -77.30 1.22 -39.10
C ASP G 212 -75.96 0.66 -39.58
N THR G 213 -75.18 1.52 -40.26
CA THR G 213 -73.92 1.15 -40.86
C THR G 213 -72.81 2.12 -40.44
N ALA G 214 -72.93 2.65 -39.21
CA ALA G 214 -71.97 3.60 -38.69
C ALA G 214 -70.58 2.96 -38.63
N GLY G 215 -70.54 1.69 -38.21
CA GLY G 215 -69.30 0.94 -38.07
C GLY G 215 -68.51 0.86 -39.37
N CYS G 216 -69.22 0.94 -40.50
CA CYS G 216 -68.61 0.83 -41.81
C CYS G 216 -67.75 2.06 -42.10
N THR G 217 -68.22 3.23 -41.66
CA THR G 217 -67.48 4.48 -41.83
C THR G 217 -66.19 4.41 -41.01
N PHE G 218 -66.32 3.92 -39.76
CA PHE G 218 -65.23 3.89 -38.79
C PHE G 218 -64.15 2.90 -39.19
N CYS G 219 -64.54 1.85 -39.94
CA CYS G 219 -63.63 0.78 -40.30
C CYS G 219 -62.96 1.06 -41.64
N HIS G 220 -63.74 1.47 -42.64
CA HIS G 220 -63.30 1.48 -44.03
C HIS G 220 -62.41 2.67 -44.34
N THR G 221 -62.69 3.82 -43.74
CA THR G 221 -62.02 5.06 -44.09
C THR G 221 -60.57 5.06 -43.63
N SER G 222 -60.32 4.41 -42.47
CA SER G 222 -59.08 4.49 -41.73
C SER G 222 -57.84 4.22 -42.59
N PRO G 223 -57.69 3.04 -43.25
CA PRO G 223 -56.43 2.70 -43.92
C PRO G 223 -56.02 3.74 -44.95
N GLU G 224 -57.01 4.28 -45.68
CA GLU G 224 -56.77 5.19 -46.78
C GLU G 224 -56.55 6.61 -46.26
N GLU G 225 -57.29 7.00 -45.23
CA GLU G 225 -57.40 8.40 -44.84
C GLU G 225 -56.52 8.72 -43.64
N ARG G 226 -56.32 7.74 -42.74
CA ARG G 226 -55.63 7.99 -41.49
C ARG G 226 -54.47 7.02 -41.31
N CYS G 227 -53.27 7.57 -41.11
CA CYS G 227 -52.06 6.78 -41.00
C CYS G 227 -51.80 6.38 -39.55
N SER G 228 -52.76 6.68 -38.66
CA SER G 228 -52.70 6.19 -37.30
C SER G 228 -53.14 4.73 -37.26
N THR G 229 -53.40 4.19 -38.46
CA THR G 229 -53.72 2.79 -38.65
C THR G 229 -52.44 1.98 -38.53
N CYS G 230 -52.54 0.82 -37.85
CA CYS G 230 -51.44 -0.11 -37.65
C CYS G 230 -50.46 0.38 -36.59
N HIS G 231 -49.90 1.58 -36.80
CA HIS G 231 -49.12 2.25 -35.76
C HIS G 231 -49.98 3.36 -35.15
N GLN G 232 -50.50 3.09 -33.95
CA GLN G 232 -51.47 3.93 -33.28
C GLN G 232 -50.90 5.31 -32.99
N ARG G 233 -51.78 6.32 -33.02
CA ARG G 233 -51.48 7.63 -32.46
C ARG G 233 -51.52 7.50 -30.94
N HIS G 234 -50.75 8.34 -30.22
CA HIS G 234 -49.85 9.32 -30.81
C HIS G 234 -48.41 8.83 -30.69
N GLN G 235 -48.25 7.52 -30.51
CA GLN G 235 -46.96 6.90 -30.24
C GLN G 235 -46.26 6.60 -31.55
N PHE G 236 -47.05 6.19 -32.56
CA PHE G 236 -46.60 5.87 -33.90
C PHE G 236 -45.36 4.96 -33.85
N ASP G 237 -45.54 3.80 -33.21
CA ASP G 237 -44.45 2.87 -33.00
C ASP G 237 -44.48 1.81 -34.10
N PRO G 238 -43.43 1.74 -34.96
CA PRO G 238 -43.37 0.74 -36.01
C PRO G 238 -43.30 -0.68 -35.43
N ALA G 239 -42.81 -0.78 -34.19
CA ALA G 239 -42.62 -2.05 -33.52
C ALA G 239 -43.97 -2.68 -33.20
N VAL G 240 -44.94 -1.85 -32.80
CA VAL G 240 -46.28 -2.33 -32.51
C VAL G 240 -47.01 -2.60 -33.82
N ALA G 241 -46.64 -1.87 -34.87
CA ALA G 241 -47.28 -1.98 -36.18
C ALA G 241 -46.90 -3.31 -36.83
N ARG G 242 -45.80 -3.93 -36.36
CA ARG G 242 -45.28 -5.13 -36.99
C ARG G 242 -45.98 -6.37 -36.45
N ARG G 243 -46.84 -6.17 -35.45
CA ARG G 243 -47.56 -7.26 -34.80
C ARG G 243 -48.79 -7.65 -35.62
N SER G 244 -49.03 -8.97 -35.70
CA SER G 244 -50.10 -9.54 -36.51
C SER G 244 -51.46 -8.99 -36.09
N GLU G 245 -51.65 -8.81 -34.78
CA GLU G 245 -52.94 -8.47 -34.20
C GLU G 245 -53.44 -7.13 -34.73
N GLN G 246 -52.52 -6.31 -35.25
CA GLN G 246 -52.86 -4.97 -35.74
C GLN G 246 -53.95 -5.07 -36.80
N CYS G 247 -53.90 -6.12 -37.62
CA CYS G 247 -54.75 -6.30 -38.77
C CYS G 247 -56.13 -6.82 -38.35
N LYS G 248 -56.19 -7.44 -37.16
CA LYS G 248 -57.36 -8.19 -36.75
C LYS G 248 -58.58 -7.27 -36.60
N THR G 249 -58.33 -6.00 -36.28
CA THR G 249 -59.40 -5.08 -35.90
C THR G 249 -60.36 -4.86 -37.07
N CYS G 250 -59.87 -5.09 -38.29
CA CYS G 250 -60.65 -4.90 -39.50
C CYS G 250 -60.76 -6.22 -40.27
N HIS G 251 -59.68 -7.01 -40.25
CA HIS G 251 -59.61 -8.23 -41.04
C HIS G 251 -60.09 -9.43 -40.24
N TRP G 252 -61.34 -9.36 -39.78
CA TRP G 252 -61.99 -10.45 -39.06
C TRP G 252 -63.46 -10.50 -39.45
N GLY G 253 -64.15 -11.55 -39.00
CA GLY G 253 -65.60 -11.54 -38.98
C GLY G 253 -66.23 -12.21 -40.20
N LYS G 254 -67.47 -11.82 -40.47
CA LYS G 254 -68.43 -12.63 -41.21
C LYS G 254 -67.99 -12.83 -42.66
N ASP G 255 -67.30 -11.84 -43.24
CA ASP G 255 -67.07 -11.85 -44.67
C ASP G 255 -65.58 -11.86 -45.01
N HIS G 256 -64.73 -11.98 -43.99
CA HIS G 256 -63.30 -12.11 -44.17
C HIS G 256 -62.65 -12.54 -42.85
N ARG G 257 -62.55 -13.87 -42.66
CA ARG G 257 -61.96 -14.42 -41.45
C ARG G 257 -60.45 -14.49 -41.60
N ASP G 258 -59.83 -13.35 -41.92
CA ASP G 258 -58.40 -13.29 -42.19
C ASP G 258 -57.63 -13.59 -40.91
N TRP G 259 -57.97 -12.86 -39.84
CA TRP G 259 -57.33 -13.04 -38.55
C TRP G 259 -57.61 -14.44 -38.01
N GLU G 260 -58.90 -14.84 -38.01
CA GLU G 260 -59.33 -16.10 -37.43
C GLU G 260 -58.59 -17.26 -38.10
N ALA G 261 -58.43 -17.17 -39.43
CA ALA G 261 -57.79 -18.23 -40.21
C ALA G 261 -56.31 -18.32 -39.85
N TYR G 262 -55.64 -17.16 -39.81
CA TYR G 262 -54.24 -17.07 -39.47
C TYR G 262 -54.02 -17.55 -38.04
N ASP G 263 -54.84 -17.01 -37.12
CA ASP G 263 -54.69 -17.21 -35.68
C ASP G 263 -54.74 -18.68 -35.32
N ILE G 264 -55.67 -19.43 -35.91
CA ILE G 264 -55.93 -20.80 -35.49
C ILE G 264 -55.06 -21.76 -36.27
N GLY G 265 -54.57 -21.33 -37.44
CA GLY G 265 -53.62 -22.10 -38.23
C GLY G 265 -52.31 -22.29 -37.47
N LEU G 266 -51.42 -23.12 -38.03
CA LEU G 266 -50.16 -23.43 -37.35
C LEU G 266 -49.24 -22.21 -37.31
N HIS G 267 -49.35 -21.32 -38.31
CA HIS G 267 -48.62 -20.06 -38.29
C HIS G 267 -49.05 -19.24 -37.09
N GLY G 268 -50.36 -19.18 -36.86
CA GLY G 268 -50.94 -18.43 -35.75
C GLY G 268 -50.69 -19.09 -34.41
N THR G 269 -50.61 -20.42 -34.42
CA THR G 269 -50.25 -21.20 -33.24
C THR G 269 -48.80 -20.87 -32.87
N VAL G 270 -47.90 -20.99 -33.84
CA VAL G 270 -46.50 -20.65 -33.66
C VAL G 270 -46.39 -19.21 -33.14
N TYR G 271 -47.20 -18.32 -33.71
CA TYR G 271 -47.14 -16.90 -33.36
C TYR G 271 -47.50 -16.70 -31.89
N GLN G 272 -48.64 -17.26 -31.48
CA GLN G 272 -49.19 -17.00 -30.15
C GLN G 272 -48.27 -17.60 -29.08
N VAL G 273 -47.56 -18.66 -29.45
CA VAL G 273 -46.74 -19.41 -28.51
C VAL G 273 -45.40 -18.67 -28.31
N ASN G 274 -44.98 -17.88 -29.31
CA ASN G 274 -43.61 -17.43 -29.37
C ASN G 274 -43.51 -15.90 -29.39
N LYS G 275 -44.64 -15.20 -29.52
CA LYS G 275 -44.64 -13.80 -29.91
C LYS G 275 -43.96 -12.92 -28.86
N TRP G 276 -43.97 -13.35 -27.60
CA TRP G 276 -43.37 -12.57 -26.53
C TRP G 276 -41.97 -13.10 -26.20
N ASP G 277 -41.53 -14.11 -26.94
CA ASP G 277 -40.16 -14.60 -26.85
C ASP G 277 -39.33 -13.88 -27.91
N THR G 278 -38.43 -13.02 -27.41
CA THR G 278 -37.64 -12.13 -28.24
C THR G 278 -36.69 -12.93 -29.14
N GLU G 279 -36.39 -14.17 -28.76
CA GLU G 279 -35.50 -15.05 -29.49
C GLU G 279 -36.19 -15.63 -30.72
N GLN G 280 -37.53 -15.53 -30.74
CA GLN G 280 -38.32 -16.14 -31.80
C GLN G 280 -38.95 -15.04 -32.66
N PHE G 281 -39.38 -13.95 -32.01
CA PHE G 281 -39.98 -12.83 -32.68
C PHE G 281 -39.37 -11.53 -32.16
N ASP G 282 -38.58 -10.86 -33.00
CA ASP G 282 -37.97 -9.60 -32.65
C ASP G 282 -38.62 -8.47 -33.43
N PHE G 283 -39.50 -7.72 -32.76
CA PHE G 283 -40.32 -6.72 -33.43
C PHE G 283 -39.56 -5.42 -33.60
N SER G 284 -38.36 -5.35 -33.03
CA SER G 284 -37.52 -4.16 -33.14
C SER G 284 -36.83 -4.14 -34.50
N LYS G 285 -36.66 -5.34 -35.09
CA LYS G 285 -36.07 -5.47 -36.42
C LYS G 285 -37.05 -4.93 -37.46
N LYS G 286 -36.50 -4.33 -38.53
CA LYS G 286 -37.28 -3.93 -39.69
C LYS G 286 -37.67 -5.16 -40.49
N LEU G 287 -38.74 -5.05 -41.28
CA LEU G 287 -39.34 -6.20 -41.93
C LEU G 287 -38.37 -6.83 -42.93
N SER G 288 -37.41 -6.02 -43.41
CA SER G 288 -36.38 -6.51 -44.32
C SER G 288 -35.45 -7.49 -43.61
N ASP G 289 -35.35 -7.34 -42.29
CA ASP G 289 -34.41 -8.11 -41.50
C ASP G 289 -35.16 -9.12 -40.61
N ALA G 290 -36.48 -9.22 -40.81
CA ALA G 290 -37.32 -10.10 -40.02
C ALA G 290 -36.88 -11.56 -40.22
N ASP G 291 -36.51 -12.20 -39.11
CA ASP G 291 -36.01 -13.57 -39.12
C ASP G 291 -36.82 -14.39 -38.11
N TYR G 292 -38.14 -14.20 -38.12
CA TYR G 292 -39.03 -14.85 -37.17
C TYR G 292 -39.03 -16.35 -37.41
N VAL G 293 -39.48 -17.10 -36.39
CA VAL G 293 -39.67 -18.53 -36.52
C VAL G 293 -40.85 -18.81 -37.45
N GLY G 294 -41.91 -17.99 -37.31
CA GLY G 294 -43.11 -18.09 -38.12
C GLY G 294 -43.49 -16.74 -38.71
N PRO G 295 -44.37 -16.71 -39.75
CA PRO G 295 -44.72 -15.44 -40.41
C PRO G 295 -45.79 -14.65 -39.68
N THR G 296 -45.77 -13.33 -39.89
CA THR G 296 -46.83 -12.41 -39.49
C THR G 296 -47.56 -11.96 -40.75
N CYS G 297 -48.73 -11.33 -40.58
CA CYS G 297 -49.46 -10.76 -41.70
C CYS G 297 -48.51 -9.89 -42.51
N GLN G 298 -47.71 -9.09 -41.79
CA GLN G 298 -46.79 -8.13 -42.35
C GLN G 298 -45.68 -8.86 -43.11
N TYR G 299 -45.23 -10.00 -42.56
CA TYR G 299 -44.15 -10.76 -43.15
C TYR G 299 -44.48 -11.14 -44.58
N CYS G 300 -45.77 -11.45 -44.84
CA CYS G 300 -46.22 -11.96 -46.11
C CYS G 300 -46.76 -10.84 -47.01
N HIS G 301 -47.56 -9.94 -46.43
CA HIS G 301 -48.31 -8.97 -47.21
C HIS G 301 -47.54 -7.67 -47.36
N MET G 302 -46.68 -7.36 -46.38
CA MET G 302 -45.90 -6.14 -46.39
C MET G 302 -44.41 -6.48 -46.47
N ARG G 303 -44.10 -7.44 -47.35
CA ARG G 303 -42.74 -7.91 -47.61
C ARG G 303 -41.82 -6.71 -47.80
N GLY G 304 -40.72 -6.69 -47.05
CA GLY G 304 -39.71 -5.64 -47.14
C GLY G 304 -40.18 -4.30 -46.55
N GLY G 305 -41.40 -4.30 -45.98
CA GLY G 305 -41.94 -3.12 -45.33
C GLY G 305 -42.74 -2.24 -46.29
N HIS G 306 -42.99 -2.76 -47.50
CA HIS G 306 -43.76 -2.06 -48.53
C HIS G 306 -45.19 -1.85 -48.04
N HIS G 307 -45.70 -0.63 -48.22
CA HIS G 307 -46.96 -0.23 -47.61
C HIS G 307 -48.16 -0.61 -48.49
N ASN G 308 -47.90 -0.93 -49.76
CA ASN G 308 -48.94 -1.51 -50.60
C ASN G 308 -49.13 -2.96 -50.17
N VAL G 309 -50.21 -3.18 -49.43
CA VAL G 309 -50.46 -4.42 -48.74
C VAL G 309 -50.99 -5.45 -49.74
N GLN G 310 -51.35 -4.98 -50.94
CA GLN G 310 -51.96 -5.79 -51.99
C GLN G 310 -50.90 -6.16 -53.02
N ARG G 311 -49.66 -5.72 -52.78
CA ARG G 311 -48.59 -5.79 -53.76
C ARG G 311 -48.41 -7.21 -54.30
N ALA G 312 -48.56 -8.21 -53.43
CA ALA G 312 -48.24 -9.59 -53.76
C ALA G 312 -49.48 -10.35 -54.25
N SER G 313 -50.65 -9.69 -54.17
CA SER G 313 -51.91 -10.29 -54.58
C SER G 313 -51.87 -10.69 -56.05
N ILE G 314 -52.55 -11.80 -56.37
CA ILE G 314 -52.53 -12.35 -57.72
C ILE G 314 -53.58 -11.65 -58.57
N VAL G 315 -54.84 -11.73 -58.15
CA VAL G 315 -55.95 -11.08 -58.84
C VAL G 315 -57.08 -10.81 -57.86
N TYR G 316 -57.75 -9.66 -58.01
CA TYR G 316 -58.85 -9.29 -57.15
C TYR G 316 -60.08 -10.13 -57.50
N THR G 317 -60.62 -10.80 -56.49
CA THR G 317 -61.69 -11.76 -56.68
C THR G 317 -62.88 -11.40 -55.80
N SER G 318 -63.03 -10.10 -55.53
CA SER G 318 -64.20 -9.57 -54.84
C SER G 318 -64.38 -10.30 -53.50
N MET G 319 -63.32 -10.23 -52.67
CA MET G 319 -63.30 -10.78 -51.33
C MET G 319 -63.21 -12.30 -51.34
N GLY G 320 -63.01 -12.87 -52.53
CA GLY G 320 -62.96 -14.32 -52.68
C GLY G 320 -64.32 -14.91 -53.04
N MET G 321 -65.29 -14.03 -53.30
CA MET G 321 -66.62 -14.43 -53.73
C MET G 321 -66.56 -14.84 -55.20
N SER G 322 -65.83 -14.07 -56.00
CA SER G 322 -65.50 -14.47 -57.36
C SER G 322 -64.39 -15.53 -57.31
N MET G 323 -64.31 -16.34 -58.37
CA MET G 323 -63.46 -17.53 -58.35
C MET G 323 -62.41 -17.43 -59.46
N ALA G 324 -61.18 -17.85 -59.13
CA ALA G 324 -60.09 -17.94 -60.08
C ALA G 324 -59.15 -19.06 -59.67
N ASP G 325 -58.66 -19.81 -60.66
CA ASP G 325 -57.58 -20.77 -60.43
C ASP G 325 -56.26 -20.00 -60.48
N ARG G 326 -55.76 -19.64 -59.29
CA ARG G 326 -54.57 -18.82 -59.17
C ARG G 326 -53.33 -19.64 -59.51
N GLY G 327 -53.50 -20.96 -59.55
CA GLY G 327 -52.41 -21.88 -59.85
C GLY G 327 -52.30 -22.18 -61.34
N ALA G 328 -53.17 -21.56 -62.13
CA ALA G 328 -53.20 -21.74 -63.58
C ALA G 328 -51.98 -21.08 -64.21
N PRO G 329 -51.49 -21.59 -65.37
CA PRO G 329 -50.29 -21.05 -66.02
C PRO G 329 -50.33 -19.55 -66.27
N LEU G 330 -51.55 -18.99 -66.35
CA LEU G 330 -51.75 -17.57 -66.57
C LEU G 330 -51.10 -16.76 -65.44
N TRP G 331 -51.18 -17.28 -64.22
CA TRP G 331 -50.72 -16.56 -63.04
C TRP G 331 -49.43 -17.17 -62.48
N LYS G 332 -48.67 -17.86 -63.34
CA LYS G 332 -47.53 -18.64 -62.91
C LYS G 332 -46.53 -17.75 -62.17
N GLU G 333 -46.22 -16.59 -62.75
CA GLU G 333 -45.20 -15.69 -62.23
C GLU G 333 -45.64 -15.12 -60.88
N LYS G 334 -46.94 -14.89 -60.71
CA LYS G 334 -47.48 -14.28 -59.51
C LYS G 334 -47.53 -15.28 -58.37
N ARG G 335 -47.84 -16.54 -58.71
CA ARG G 335 -47.85 -17.64 -57.76
C ARG G 335 -46.42 -17.96 -57.34
N ASP G 336 -45.49 -17.91 -58.30
CA ASP G 336 -44.08 -18.14 -58.06
C ASP G 336 -43.56 -17.16 -57.01
N ARG G 337 -44.04 -15.91 -57.06
CA ARG G 337 -43.63 -14.88 -56.13
C ARG G 337 -44.05 -15.25 -54.71
N TRP G 338 -45.25 -15.84 -54.58
CA TRP G 338 -45.75 -16.27 -53.29
C TRP G 338 -44.90 -17.41 -52.74
N VAL G 339 -44.50 -18.32 -53.63
CA VAL G 339 -43.65 -19.45 -53.28
C VAL G 339 -42.30 -18.92 -52.77
N SER G 340 -41.87 -17.77 -53.31
CA SER G 340 -40.63 -17.12 -52.92
C SER G 340 -40.68 -16.65 -51.47
N ILE G 341 -41.89 -16.27 -51.03
CA ILE G 341 -42.11 -15.81 -49.66
C ILE G 341 -42.12 -17.01 -48.71
N CYS G 342 -42.81 -18.08 -49.11
CA CYS G 342 -42.90 -19.29 -48.31
C CYS G 342 -41.53 -19.98 -48.28
N ASP G 343 -40.76 -19.80 -49.36
CA ASP G 343 -39.42 -20.34 -49.54
C ASP G 343 -38.57 -20.12 -48.31
N ASP G 344 -38.88 -19.06 -47.56
CA ASP G 344 -38.07 -18.63 -46.44
C ASP G 344 -37.98 -19.73 -45.39
N CYS G 345 -39.01 -20.57 -45.29
CA CYS G 345 -39.09 -21.53 -44.21
C CYS G 345 -39.61 -22.89 -44.70
N HIS G 346 -39.80 -23.02 -46.02
CA HIS G 346 -40.29 -24.26 -46.61
C HIS G 346 -39.60 -24.49 -47.96
N SER G 347 -39.63 -25.74 -48.42
CA SER G 347 -39.20 -26.07 -49.76
C SER G 347 -40.18 -25.48 -50.76
N PRO G 348 -39.72 -25.00 -51.93
CA PRO G 348 -40.62 -24.49 -52.98
C PRO G 348 -41.77 -25.45 -53.25
N ARG G 349 -41.46 -26.75 -53.31
CA ARG G 349 -42.43 -27.77 -53.66
C ARG G 349 -43.55 -27.80 -52.63
N PHE G 350 -43.18 -27.81 -51.35
CA PHE G 350 -44.15 -27.92 -50.25
C PHE G 350 -45.15 -26.77 -50.32
N ALA G 351 -44.63 -25.55 -50.54
CA ALA G 351 -45.44 -24.34 -50.56
C ALA G 351 -46.30 -24.32 -51.82
N ARG G 352 -45.70 -24.63 -52.97
CA ARG G 352 -46.41 -24.59 -54.24
C ARG G 352 -47.64 -25.49 -54.13
N GLU G 353 -47.43 -26.71 -53.63
CA GLU G 353 -48.43 -27.77 -53.65
C GLU G 353 -49.53 -27.47 -52.62
N ASN G 354 -49.15 -26.80 -51.52
CA ASN G 354 -50.11 -26.42 -50.50
C ASN G 354 -51.06 -25.35 -51.04
N LEU G 355 -50.51 -24.42 -51.83
CA LEU G 355 -51.30 -23.34 -52.41
C LEU G 355 -52.14 -23.89 -53.56
N GLN G 356 -51.67 -24.98 -54.18
CA GLN G 356 -52.43 -25.68 -55.21
C GLN G 356 -53.69 -26.28 -54.57
N ALA G 357 -53.54 -26.81 -53.36
CA ALA G 357 -54.66 -27.37 -52.63
C ALA G 357 -55.72 -26.28 -52.39
N MET G 358 -55.26 -25.07 -52.10
CA MET G 358 -56.15 -23.93 -51.90
C MET G 358 -56.97 -23.69 -53.17
N ASP G 359 -56.29 -23.67 -54.32
CA ASP G 359 -56.91 -23.46 -55.61
C ASP G 359 -58.04 -24.45 -55.84
N GLU G 360 -57.78 -25.72 -55.47
CA GLU G 360 -58.72 -26.81 -55.67
C GLU G 360 -59.95 -26.62 -54.78
N SER G 361 -59.71 -26.17 -53.54
CA SER G 361 -60.78 -25.93 -52.59
C SER G 361 -61.68 -24.80 -53.09
N VAL G 362 -61.07 -23.79 -53.72
CA VAL G 362 -61.75 -22.61 -54.22
C VAL G 362 -62.65 -23.00 -55.39
N LYS G 363 -62.15 -23.89 -56.26
CA LYS G 363 -62.86 -24.33 -57.44
C LYS G 363 -64.03 -25.23 -57.05
N ASP G 364 -63.81 -26.09 -56.05
CA ASP G 364 -64.82 -27.02 -55.59
C ASP G 364 -65.93 -26.28 -54.84
N ALA G 365 -65.57 -25.14 -54.25
CA ALA G 365 -66.52 -24.32 -53.51
C ALA G 365 -67.51 -23.67 -54.48
N SER G 366 -66.99 -23.19 -55.62
CA SER G 366 -67.82 -22.51 -56.61
C SER G 366 -68.70 -23.50 -57.36
N LEU G 367 -68.23 -24.75 -57.45
CA LEU G 367 -69.03 -25.86 -57.98
C LEU G 367 -70.32 -25.98 -57.16
N LYS G 368 -70.17 -25.93 -55.83
CA LYS G 368 -71.30 -26.02 -54.92
C LYS G 368 -72.22 -24.82 -55.08
N TYR G 369 -71.64 -23.62 -55.22
CA TYR G 369 -72.45 -22.42 -55.28
C TYR G 369 -73.22 -22.36 -56.59
N ARG G 370 -72.60 -22.87 -57.67
CA ARG G 370 -73.27 -22.92 -58.97
C ARG G 370 -74.55 -23.74 -58.84
N GLU G 371 -74.47 -24.86 -58.11
CA GLU G 371 -75.62 -25.70 -57.86
C GLU G 371 -76.64 -24.95 -57.00
N THR G 372 -76.14 -24.19 -56.02
CA THR G 372 -76.97 -23.43 -55.11
C THR G 372 -77.69 -22.32 -55.88
N PHE G 373 -76.95 -21.65 -56.75
CA PHE G 373 -77.47 -20.51 -57.50
C PHE G 373 -78.54 -20.98 -58.48
N LYS G 374 -78.31 -22.14 -59.12
CA LYS G 374 -79.21 -22.71 -60.10
C LYS G 374 -80.61 -22.86 -59.50
N VAL G 375 -80.66 -23.38 -58.27
CA VAL G 375 -81.91 -23.59 -57.55
C VAL G 375 -82.64 -22.26 -57.38
N ALA G 376 -81.89 -21.21 -57.06
CA ALA G 376 -82.45 -19.88 -56.79
C ALA G 376 -82.90 -19.23 -58.10
N GLU G 377 -82.10 -19.40 -59.15
CA GLU G 377 -82.35 -18.80 -60.45
C GLU G 377 -83.59 -19.43 -61.09
N ASP G 378 -83.76 -20.74 -60.87
CA ASP G 378 -84.88 -21.50 -61.41
C ASP G 378 -86.20 -21.00 -60.81
N LEU G 379 -86.16 -20.64 -59.52
CA LEU G 379 -87.34 -20.13 -58.83
C LEU G 379 -87.79 -18.81 -59.45
N LEU G 380 -86.82 -18.01 -59.91
CA LEU G 380 -87.09 -16.71 -60.49
C LEU G 380 -87.66 -16.87 -61.90
N ILE G 381 -87.02 -17.74 -62.70
CA ILE G 381 -87.39 -17.97 -64.08
C ILE G 381 -88.78 -18.61 -64.14
N ASP G 382 -89.05 -19.54 -63.22
CA ASP G 382 -90.34 -20.21 -63.14
C ASP G 382 -91.37 -19.32 -62.45
N GLY G 383 -90.90 -18.19 -61.89
CA GLY G 383 -91.76 -17.16 -61.33
C GLY G 383 -92.45 -17.59 -60.03
N VAL G 384 -91.91 -18.63 -59.39
CA VAL G 384 -92.52 -19.21 -58.20
C VAL G 384 -91.76 -18.76 -56.94
N LEU G 385 -90.74 -17.91 -57.13
CA LEU G 385 -89.99 -17.32 -56.04
C LEU G 385 -90.93 -16.46 -55.20
N ASP G 386 -90.81 -16.56 -53.87
CA ASP G 386 -91.84 -16.07 -52.95
C ASP G 386 -91.24 -15.04 -51.99
N PRO G 387 -91.30 -13.75 -52.36
CA PRO G 387 -91.93 -13.29 -53.59
C PRO G 387 -90.92 -12.93 -54.68
N MET G 388 -91.43 -12.53 -55.84
CA MET G 388 -90.63 -12.05 -56.95
C MET G 388 -90.13 -10.63 -56.62
N PRO G 389 -89.00 -10.19 -57.21
CA PRO G 389 -88.41 -8.88 -56.90
C PRO G 389 -89.35 -7.69 -56.98
N LYS G 390 -90.38 -7.80 -57.84
CA LYS G 390 -91.31 -6.71 -58.09
C LYS G 390 -92.19 -6.49 -56.85
N ASP G 391 -92.29 -7.50 -55.99
CA ASP G 391 -93.17 -7.48 -54.84
C ASP G 391 -92.38 -7.21 -53.56
N LEU G 392 -91.06 -7.07 -53.70
CA LEU G 392 -90.20 -6.64 -52.61
C LEU G 392 -90.17 -5.11 -52.57
N CYS G 393 -89.73 -4.56 -51.45
CA CYS G 393 -89.40 -3.15 -51.35
C CYS G 393 -88.37 -2.80 -52.43
N PRO G 394 -88.46 -1.60 -53.06
CA PRO G 394 -87.46 -1.17 -54.04
C PRO G 394 -86.07 -1.11 -53.42
N ASP G 395 -85.06 -1.50 -54.21
CA ASP G 395 -83.67 -1.49 -53.76
C ASP G 395 -83.18 -0.06 -53.58
N TRP G 396 -81.91 0.08 -53.16
CA TRP G 396 -81.32 1.37 -52.84
C TRP G 396 -81.47 2.33 -54.00
N SER G 397 -81.49 1.77 -55.23
CA SER G 397 -81.51 2.52 -56.47
C SER G 397 -82.91 3.05 -56.74
N GLY G 398 -83.92 2.41 -56.13
CA GLY G 398 -85.32 2.72 -56.37
C GLY G 398 -85.91 1.81 -57.44
N GLN G 399 -85.27 0.66 -57.66
CA GLN G 399 -85.64 -0.28 -58.69
C GLN G 399 -86.03 -1.62 -58.05
N HIS G 400 -86.59 -2.51 -58.88
CA HIS G 400 -86.99 -3.84 -58.44
C HIS G 400 -86.17 -4.90 -59.17
N ILE G 401 -84.84 -4.68 -59.24
CA ILE G 401 -83.93 -5.63 -59.86
C ILE G 401 -83.66 -6.77 -58.88
N TRP G 402 -83.51 -7.97 -59.44
CA TRP G 402 -83.22 -9.17 -58.66
C TRP G 402 -81.89 -8.98 -57.91
N SER G 403 -81.91 -9.33 -56.63
CA SER G 403 -80.77 -9.20 -55.74
C SER G 403 -79.51 -9.86 -56.32
N LEU G 404 -79.68 -11.07 -56.85
CA LEU G 404 -78.56 -11.93 -57.21
C LEU G 404 -78.12 -11.71 -58.67
N LYS G 405 -78.76 -10.74 -59.35
CA LYS G 405 -78.48 -10.51 -60.76
C LYS G 405 -77.08 -9.89 -60.92
N ILE G 406 -76.25 -10.60 -61.69
CA ILE G 406 -74.95 -10.11 -62.11
C ILE G 406 -75.06 -9.67 -63.57
N GLY G 407 -74.89 -8.37 -63.80
CA GLY G 407 -75.12 -7.74 -65.09
C GLY G 407 -74.29 -8.35 -66.21
N ALA G 408 -73.12 -8.92 -65.87
CA ALA G 408 -72.20 -9.45 -66.85
C ALA G 408 -72.64 -10.84 -67.33
N TYR G 409 -73.53 -11.48 -66.57
CA TYR G 409 -73.90 -12.85 -66.87
C TYR G 409 -75.40 -12.97 -67.13
N HIS G 410 -76.19 -12.07 -66.53
CA HIS G 410 -77.64 -12.19 -66.55
C HIS G 410 -78.27 -11.04 -67.33
N ASP G 411 -79.23 -11.40 -68.20
CA ASP G 411 -80.01 -10.43 -68.95
C ASP G 411 -81.38 -11.04 -69.25
N GLY G 412 -82.44 -10.25 -69.03
CA GLY G 412 -83.79 -10.72 -69.28
C GLY G 412 -84.83 -9.92 -68.51
N GLU G 413 -86.11 -10.19 -68.82
CA GLU G 413 -87.25 -9.49 -68.23
C GLU G 413 -87.38 -9.86 -66.75
N ALA G 414 -87.07 -11.13 -66.43
CA ALA G 414 -87.26 -11.69 -65.11
C ALA G 414 -86.28 -11.08 -64.11
N TYR G 415 -85.10 -10.69 -64.60
CA TYR G 415 -84.02 -10.18 -63.77
C TYR G 415 -84.24 -8.71 -63.44
N GLY G 416 -84.77 -7.95 -64.41
CA GLY G 416 -85.00 -6.53 -64.25
C GLY G 416 -83.75 -5.71 -64.57
N GLY G 417 -83.92 -4.38 -64.61
CA GLY G 417 -82.83 -3.45 -64.88
C GLY G 417 -82.41 -3.46 -66.35
N THR G 418 -81.56 -2.50 -66.72
CA THR G 418 -81.05 -2.37 -68.07
C THR G 418 -80.00 -3.46 -68.33
N THR G 419 -79.60 -3.59 -69.60
CA THR G 419 -78.62 -4.58 -70.01
C THR G 419 -77.26 -4.25 -69.39
N GLY G 420 -76.68 -5.23 -68.70
CA GLY G 420 -75.36 -5.10 -68.11
C GLY G 420 -75.39 -4.60 -66.67
N GLU G 421 -76.57 -4.12 -66.24
CA GLU G 421 -76.77 -3.59 -64.90
C GLU G 421 -77.00 -4.74 -63.93
N SER G 422 -76.32 -4.69 -62.77
CA SER G 422 -76.45 -5.71 -61.74
C SER G 422 -77.55 -5.32 -60.76
N GLY G 423 -77.96 -6.27 -59.92
CA GLY G 423 -78.86 -6.00 -58.82
C GLY G 423 -78.09 -5.58 -57.57
N GLU G 424 -78.82 -5.16 -56.53
CA GLU G 424 -78.20 -4.83 -55.26
C GLU G 424 -77.99 -6.12 -54.47
N PHE G 425 -76.76 -6.65 -54.55
CA PHE G 425 -76.35 -7.84 -53.83
C PHE G 425 -76.45 -7.59 -52.33
N ARG G 426 -77.29 -8.37 -51.65
CA ARG G 426 -77.61 -8.09 -50.26
C ARG G 426 -78.11 -9.34 -49.55
N MET G 427 -78.15 -9.25 -48.21
CA MET G 427 -78.67 -10.27 -47.32
C MET G 427 -79.96 -9.76 -46.68
N SER G 428 -80.32 -8.51 -47.03
CA SER G 428 -81.47 -7.83 -46.47
C SER G 428 -82.53 -7.63 -47.55
N ASN G 429 -83.79 -7.43 -47.12
CA ASN G 429 -84.89 -7.10 -48.01
C ASN G 429 -84.89 -8.02 -49.22
N CYS G 430 -85.09 -9.32 -48.95
CA CYS G 430 -85.10 -10.34 -49.98
C CYS G 430 -85.77 -11.60 -49.45
N THR G 431 -85.75 -12.66 -50.25
CA THR G 431 -86.27 -13.96 -49.86
C THR G 431 -85.18 -14.70 -49.08
N ASP G 432 -85.58 -15.78 -48.39
CA ASP G 432 -84.64 -16.63 -47.68
C ASP G 432 -83.66 -17.23 -48.68
N VAL G 433 -84.16 -17.58 -49.86
CA VAL G 433 -83.36 -18.24 -50.88
C VAL G 433 -82.26 -17.30 -51.35
N GLU G 434 -82.63 -16.02 -51.56
CA GLU G 434 -81.67 -14.99 -51.94
C GLU G 434 -80.65 -14.81 -50.83
N ARG G 435 -81.14 -14.74 -49.59
CA ARG G 435 -80.33 -14.50 -48.41
C ARG G 435 -79.29 -15.61 -48.23
N LEU G 436 -79.75 -16.86 -48.31
CA LEU G 436 -78.90 -18.02 -48.08
C LEU G 436 -77.84 -18.12 -49.16
N CYS G 437 -78.18 -17.70 -50.38
CA CYS G 437 -77.24 -17.66 -51.48
C CYS G 437 -76.13 -16.64 -51.17
N PHE G 438 -76.53 -15.47 -50.69
CA PHE G 438 -75.60 -14.42 -50.31
C PHE G 438 -74.66 -14.95 -49.23
N GLU G 439 -75.24 -15.61 -48.22
CA GLU G 439 -74.48 -16.13 -47.09
C GLU G 439 -73.49 -17.20 -47.55
N SER G 440 -73.90 -18.02 -48.52
CA SER G 440 -73.10 -19.15 -48.96
C SER G 440 -71.82 -18.68 -49.65
N VAL G 441 -71.94 -17.67 -50.51
CA VAL G 441 -70.82 -17.18 -51.31
C VAL G 441 -70.11 -16.05 -50.57
N GLY G 442 -70.88 -15.26 -49.81
CA GLY G 442 -70.39 -14.02 -49.22
C GLY G 442 -69.77 -14.23 -47.83
N TYR G 443 -70.14 -15.34 -47.19
CA TYR G 443 -69.59 -15.71 -45.89
C TYR G 443 -68.78 -17.00 -46.01
N PHE G 444 -69.50 -18.11 -46.23
CA PHE G 444 -68.93 -19.45 -46.10
C PHE G 444 -67.81 -19.70 -47.12
N GLN G 445 -68.01 -19.22 -48.35
CA GLN G 445 -67.03 -19.43 -49.42
C GLN G 445 -65.73 -18.71 -49.08
N THR G 446 -65.84 -17.53 -48.46
CA THR G 446 -64.67 -16.72 -48.13
C THR G 446 -63.85 -17.40 -47.04
N TYR G 447 -64.52 -18.19 -46.19
CA TYR G 447 -63.84 -18.94 -45.14
C TYR G 447 -62.98 -20.03 -45.76
N ILE G 448 -63.36 -20.51 -46.95
CA ILE G 448 -62.62 -21.55 -47.63
C ILE G 448 -61.36 -20.95 -48.26
N TYR G 449 -61.52 -19.81 -48.95
CA TYR G 449 -60.39 -19.16 -49.59
C TYR G 449 -59.38 -18.68 -48.54
N LYS G 450 -59.86 -17.86 -47.59
CA LYS G 450 -59.02 -17.29 -46.56
C LYS G 450 -58.48 -18.38 -45.65
N GLY G 451 -59.33 -19.37 -45.35
CA GLY G 451 -58.95 -20.51 -44.52
C GLY G 451 -57.76 -21.26 -45.11
N MET G 452 -57.87 -21.65 -46.39
CA MET G 452 -56.85 -22.45 -47.03
C MET G 452 -55.59 -21.62 -47.27
N ALA G 453 -55.76 -20.31 -47.47
CA ALA G 453 -54.66 -19.41 -47.76
C ALA G 453 -53.80 -19.20 -46.51
N HIS G 454 -54.40 -19.32 -45.33
CA HIS G 454 -53.72 -18.98 -44.09
C HIS G 454 -53.45 -20.23 -43.25
N GLY G 455 -53.91 -21.39 -43.73
CA GLY G 455 -53.56 -22.67 -43.14
C GLY G 455 -54.56 -23.15 -42.09
N SER G 456 -55.77 -22.56 -42.08
CA SER G 456 -56.83 -22.99 -41.19
C SER G 456 -57.70 -24.03 -41.88
N TRP G 457 -57.43 -25.29 -41.57
CA TRP G 457 -58.06 -26.42 -42.25
C TRP G 457 -59.54 -26.53 -41.85
N ASN G 458 -59.87 -26.10 -40.63
CA ASN G 458 -61.21 -26.24 -40.11
C ASN G 458 -62.09 -25.12 -40.67
N ASP G 459 -61.49 -23.95 -40.91
CA ASP G 459 -62.20 -22.82 -41.49
C ASP G 459 -62.64 -23.15 -42.92
N ALA G 460 -61.93 -24.09 -43.55
CA ALA G 460 -62.18 -24.45 -44.93
C ALA G 460 -63.13 -25.63 -45.01
N THR G 461 -63.42 -26.25 -43.86
CA THR G 461 -64.25 -27.45 -43.82
C THR G 461 -65.38 -27.30 -42.80
N TYR G 462 -65.14 -27.77 -41.57
CA TYR G 462 -66.18 -27.90 -40.56
C TYR G 462 -66.72 -26.56 -40.11
N SER G 463 -65.81 -25.60 -39.86
CA SER G 463 -66.17 -24.34 -39.24
C SER G 463 -66.76 -23.38 -40.27
N ASP G 464 -67.95 -23.75 -40.79
CA ASP G 464 -68.75 -22.93 -41.68
C ASP G 464 -68.03 -22.76 -43.02
N GLY G 465 -67.16 -23.70 -43.35
CA GLY G 465 -66.43 -23.66 -44.61
C GLY G 465 -67.18 -24.40 -45.70
N SER G 466 -66.54 -25.44 -46.24
CA SER G 466 -67.12 -26.33 -47.23
C SER G 466 -68.47 -26.87 -46.73
N PHE G 467 -68.50 -27.27 -45.46
CA PHE G 467 -69.66 -27.92 -44.88
C PHE G 467 -70.72 -26.88 -44.51
N GLY G 468 -70.29 -25.62 -44.40
CA GLY G 468 -71.22 -24.50 -44.25
C GLY G 468 -72.06 -24.33 -45.51
N MET G 469 -71.38 -24.39 -46.66
CA MET G 469 -72.02 -24.26 -47.97
C MET G 469 -72.94 -25.45 -48.21
N ASP G 470 -72.53 -26.63 -47.73
CA ASP G 470 -73.29 -27.86 -47.81
C ASP G 470 -74.63 -27.68 -47.11
N ARG G 471 -74.57 -27.12 -45.89
CA ARG G 471 -75.74 -26.94 -45.03
C ARG G 471 -76.70 -25.95 -45.68
N TRP G 472 -76.14 -24.90 -46.29
CA TRP G 472 -76.93 -23.84 -46.89
C TRP G 472 -77.56 -24.30 -48.21
N LEU G 473 -76.87 -25.21 -48.90
CA LEU G 473 -77.41 -25.79 -50.13
C LEU G 473 -78.67 -26.57 -49.81
N VAL G 474 -78.62 -27.35 -48.71
CA VAL G 474 -79.76 -28.11 -48.21
C VAL G 474 -80.89 -27.14 -47.87
N ASN G 475 -80.54 -26.03 -47.21
CA ASN G 475 -81.50 -25.04 -46.74
C ASN G 475 -82.19 -24.37 -47.94
N VAL G 476 -81.41 -24.12 -49.00
CA VAL G 476 -81.92 -23.48 -50.20
C VAL G 476 -82.88 -24.43 -50.91
N LYS G 477 -82.46 -25.70 -51.05
CA LYS G 477 -83.25 -26.71 -51.74
C LYS G 477 -84.60 -26.89 -51.04
N GLN G 478 -84.58 -26.93 -49.71
CA GLN G 478 -85.78 -27.12 -48.90
C GLN G 478 -86.73 -25.95 -49.12
N ASN G 479 -86.19 -24.71 -49.10
CA ASN G 479 -86.97 -23.50 -49.28
C ASN G 479 -87.56 -23.46 -50.69
N ALA G 480 -86.80 -23.98 -51.67
CA ALA G 480 -87.25 -24.05 -53.05
C ALA G 480 -88.40 -25.03 -53.16
N SER G 481 -88.23 -26.20 -52.53
CA SER G 481 -89.22 -27.26 -52.54
C SER G 481 -90.55 -26.77 -51.96
N ARG G 482 -90.49 -26.09 -50.82
CA ARG G 482 -91.67 -25.62 -50.11
C ARG G 482 -92.42 -24.59 -50.97
N ALA G 483 -91.66 -23.68 -51.59
CA ALA G 483 -92.23 -22.61 -52.39
C ALA G 483 -92.92 -23.16 -53.63
N ARG G 484 -92.34 -24.22 -54.20
CA ARG G 484 -92.86 -24.84 -55.41
C ARG G 484 -94.10 -25.67 -55.09
N ARG G 485 -94.12 -26.27 -53.89
CA ARG G 485 -95.23 -27.09 -53.44
C ARG G 485 -96.46 -26.23 -53.16
N LEU G 486 -96.23 -25.02 -52.65
CA LEU G 486 -97.29 -24.08 -52.34
C LEU G 486 -97.89 -23.52 -53.63
N ALA G 487 -97.01 -23.19 -54.58
CA ALA G 487 -97.40 -22.62 -55.86
C ALA G 487 -98.27 -23.62 -56.64
N ALA G 488 -97.90 -24.90 -56.55
CA ALA G 488 -98.61 -25.98 -57.24
C ALA G 488 -100.00 -26.16 -56.64
N LEU G 489 -100.09 -26.10 -55.31
CA LEU G 489 -101.33 -26.25 -54.58
C LEU G 489 -102.27 -25.09 -54.91
N GLU G 490 -101.71 -23.89 -54.98
CA GLU G 490 -102.48 -22.67 -55.17
C GLU G 490 -103.04 -22.61 -56.59
N LYS G 491 -102.28 -23.14 -57.55
CA LYS G 491 -102.74 -23.21 -58.94
C LYS G 491 -103.96 -24.13 -59.03
N LYS G 492 -103.86 -25.32 -58.43
CA LYS G 492 -104.89 -26.35 -58.57
C LYS G 492 -106.17 -25.94 -57.84
N VAL G 493 -106.01 -25.24 -56.71
CA VAL G 493 -107.15 -24.84 -55.89
C VAL G 493 -107.71 -23.51 -56.43
N GLY G 494 -106.91 -22.81 -57.22
CA GLY G 494 -107.35 -21.58 -57.89
C GLY G 494 -107.16 -20.34 -57.02
N ILE G 495 -106.14 -20.38 -56.14
CA ILE G 495 -105.72 -19.21 -55.39
C ILE G 495 -104.56 -18.55 -56.16
N SER G 496 -104.70 -17.24 -56.41
CA SER G 496 -103.59 -16.43 -56.85
C SER G 496 -103.01 -15.72 -55.64
N TRP G 497 -101.82 -16.17 -55.22
CA TRP G 497 -101.21 -15.69 -53.98
C TRP G 497 -100.82 -14.22 -54.10
N GLN G 498 -101.38 -13.41 -53.20
CA GLN G 498 -101.02 -12.00 -53.08
C GLN G 498 -99.87 -11.89 -52.10
N PRO G 499 -98.64 -11.53 -52.55
CA PRO G 499 -97.50 -11.34 -51.64
C PRO G 499 -97.86 -10.35 -50.54
N GLU G 500 -97.45 -10.70 -49.31
CA GLU G 500 -97.85 -9.97 -48.10
C GLU G 500 -97.29 -8.56 -48.11
N GLN G 501 -97.85 -7.72 -47.24
CA GLN G 501 -97.55 -6.29 -47.22
C GLN G 501 -96.14 -6.04 -46.69
N PHE G 502 -95.65 -6.96 -45.84
CA PHE G 502 -94.39 -6.76 -45.14
C PHE G 502 -93.19 -6.92 -46.07
N TRP G 503 -93.41 -7.48 -47.27
CA TRP G 503 -92.36 -7.57 -48.27
C TRP G 503 -92.11 -6.20 -48.89
N LYS G 504 -93.17 -5.38 -48.94
CA LYS G 504 -93.15 -4.09 -49.61
C LYS G 504 -92.75 -3.00 -48.62
N THR G 505 -93.46 -2.95 -47.48
CA THR G 505 -93.31 -1.86 -46.52
C THR G 505 -93.14 -2.42 -45.11
N GLY G 506 -92.68 -1.55 -44.21
CA GLY G 506 -92.37 -1.88 -42.83
C GLY G 506 -91.61 -0.72 -42.19
N GLU G 507 -91.53 -0.72 -40.86
CA GLU G 507 -91.01 0.43 -40.12
C GLU G 507 -89.60 0.78 -40.60
N TRP G 508 -88.77 -0.26 -40.81
CA TRP G 508 -87.39 -0.05 -41.24
C TRP G 508 -87.34 0.20 -42.75
N LEU G 509 -88.06 -0.62 -43.52
CA LEU G 509 -88.06 -0.54 -44.98
C LEU G 509 -88.42 0.87 -45.45
N ASP G 510 -89.36 1.51 -44.75
CA ASP G 510 -89.90 2.81 -45.14
C ASP G 510 -88.84 3.89 -45.04
N GLN G 511 -87.78 3.61 -44.27
CA GLN G 511 -86.75 4.60 -43.99
C GLN G 511 -85.63 4.53 -45.03
N LEU G 512 -85.74 3.58 -45.97
CA LEU G 512 -84.69 3.33 -46.94
C LEU G 512 -84.80 4.30 -48.11
N THR G 513 -83.79 4.25 -48.99
CA THR G 513 -83.66 5.14 -50.14
C THR G 513 -84.67 4.73 -51.21
N GLY G 514 -84.83 3.42 -51.40
CA GLY G 514 -85.74 2.87 -52.38
C GLY G 514 -87.11 3.55 -52.38
N PRO G 515 -87.91 3.40 -51.29
CA PRO G 515 -89.23 4.03 -51.20
C PRO G 515 -89.23 5.55 -51.41
N TYR G 516 -88.16 6.22 -50.95
CA TYR G 516 -88.07 7.67 -51.06
C TYR G 516 -87.96 8.08 -52.53
N ILE G 517 -87.15 7.34 -53.30
CA ILE G 517 -86.91 7.66 -54.70
C ILE G 517 -88.19 7.43 -55.50
N VAL G 518 -88.85 6.28 -55.26
CA VAL G 518 -90.07 5.90 -55.95
C VAL G 518 -91.15 6.95 -55.71
N LYS G 519 -91.22 7.47 -54.48
CA LYS G 519 -92.27 8.42 -54.10
C LYS G 519 -91.94 9.82 -54.62
N ASN G 520 -90.69 10.27 -54.45
CA ASN G 520 -90.36 11.68 -54.59
C ASN G 520 -89.74 11.98 -55.96
N HIS G 521 -89.14 10.97 -56.60
CA HIS G 521 -88.57 11.14 -57.93
C HIS G 521 -89.03 10.00 -58.84
N PRO G 522 -90.34 9.96 -59.20
CA PRO G 522 -90.99 8.74 -59.67
C PRO G 522 -90.32 8.01 -60.84
N GLY G 523 -89.88 8.78 -61.85
CA GLY G 523 -89.43 8.18 -63.10
C GLY G 523 -87.97 7.74 -63.05
N LYS G 524 -87.24 8.15 -62.01
CA LYS G 524 -85.79 8.14 -62.05
C LYS G 524 -85.21 7.18 -61.01
N THR G 525 -83.91 6.90 -61.15
CA THR G 525 -83.13 6.08 -60.24
C THR G 525 -82.10 6.97 -59.51
N ILE G 526 -81.36 6.36 -58.57
CA ILE G 526 -80.37 7.08 -57.80
C ILE G 526 -79.21 7.52 -58.70
N PHE G 527 -79.00 6.75 -59.79
CA PHE G 527 -77.92 7.03 -60.73
C PHE G 527 -78.26 8.27 -61.55
N ASP G 528 -79.57 8.47 -61.80
CA ASP G 528 -80.07 9.66 -62.46
C ASP G 528 -79.88 10.86 -61.54
N LEU G 529 -80.18 10.67 -60.25
CA LEU G 529 -80.20 11.75 -59.27
C LEU G 529 -78.79 12.11 -58.82
N CYS G 530 -77.84 11.18 -59.06
CA CYS G 530 -76.43 11.42 -58.75
C CYS G 530 -75.60 11.21 -60.01
N PRO G 531 -75.58 12.21 -60.93
CA PRO G 531 -75.00 12.03 -62.26
C PRO G 531 -73.48 12.17 -62.32
N ASP G 532 -72.88 12.66 -61.22
CA ASP G 532 -71.45 12.92 -61.14
C ASP G 532 -70.66 11.65 -61.45
N PRO G 533 -69.42 11.75 -61.99
CA PRO G 533 -68.58 10.57 -62.22
C PRO G 533 -68.19 9.89 -60.92
N GLY G 534 -68.20 8.56 -60.94
CA GLY G 534 -67.84 7.76 -59.78
C GLY G 534 -66.34 7.46 -59.73
N TRP G 535 -65.95 6.60 -58.78
CA TRP G 535 -64.56 6.25 -58.57
C TRP G 535 -64.03 5.46 -59.76
N LEU G 536 -64.88 4.57 -60.31
CA LEU G 536 -64.50 3.67 -61.39
C LEU G 536 -64.28 4.45 -62.68
N ASP G 537 -64.86 5.66 -62.76
CA ASP G 537 -64.78 6.49 -63.94
C ASP G 537 -63.40 7.15 -64.03
N THR G 538 -62.76 7.36 -62.88
CA THR G 538 -61.53 8.14 -62.80
C THR G 538 -60.33 7.26 -62.42
N HIS G 539 -60.60 6.01 -62.02
CA HIS G 539 -59.55 5.09 -61.57
C HIS G 539 -59.59 3.81 -62.39
N HIS G 540 -58.45 3.49 -63.02
CA HIS G 540 -58.33 2.34 -63.90
C HIS G 540 -57.20 1.42 -63.42
N ALA G 541 -57.15 0.21 -63.99
CA ALA G 541 -56.10 -0.75 -63.70
C ALA G 541 -54.77 -0.22 -64.23
N PRO G 542 -53.63 -0.46 -63.53
CA PRO G 542 -52.33 0.01 -64.01
C PRO G 542 -51.93 -0.62 -65.34
N ALA G 543 -51.11 0.12 -66.10
CA ALA G 543 -50.72 -0.26 -67.46
C ALA G 543 -49.99 -1.60 -67.45
N GLU G 544 -49.18 -1.82 -66.40
CA GLU G 544 -48.33 -3.00 -66.30
C GLU G 544 -49.18 -4.26 -66.10
N GLU G 545 -50.33 -4.09 -65.44
CA GLU G 545 -51.22 -5.21 -65.16
C GLU G 545 -51.88 -5.70 -66.43
N VAL G 546 -52.38 -4.76 -67.25
CA VAL G 546 -53.01 -5.07 -68.52
C VAL G 546 -51.96 -5.68 -69.45
N GLU G 547 -50.75 -5.13 -69.39
CA GLU G 547 -49.64 -5.52 -70.23
C GLU G 547 -49.23 -6.97 -69.94
N TYR G 548 -49.26 -7.34 -68.65
CA TYR G 548 -48.88 -8.68 -68.22
C TYR G 548 -49.90 -9.70 -68.71
N ILE G 549 -51.18 -9.39 -68.52
CA ILE G 549 -52.27 -10.31 -68.83
C ILE G 549 -52.32 -10.57 -70.33
N GLU G 550 -52.20 -9.50 -71.12
CA GLU G 550 -52.23 -9.58 -72.58
C GLU G 550 -51.07 -10.44 -73.08
N ARG G 551 -49.90 -10.27 -72.46
CA ARG G 551 -48.70 -10.99 -72.85
C ARG G 551 -48.87 -12.49 -72.58
N LYS G 552 -49.50 -12.81 -71.44
CA LYS G 552 -49.62 -14.18 -70.96
C LYS G 552 -50.71 -14.92 -71.73
N LEU G 553 -51.77 -14.20 -72.12
CA LEU G 553 -52.87 -14.78 -72.86
C LEU G 553 -52.43 -15.13 -74.27
N LYS G 554 -51.54 -14.29 -74.83
CA LYS G 554 -50.98 -14.51 -76.15
C LYS G 554 -50.00 -15.69 -76.09
N GLU G 555 -49.24 -15.75 -74.99
CA GLU G 555 -48.19 -16.74 -74.77
C GLU G 555 -48.80 -18.14 -74.67
N LEU G 556 -50.02 -18.21 -74.13
CA LEU G 556 -50.68 -19.48 -73.84
C LEU G 556 -51.77 -19.76 -74.87
N GLY G 557 -52.22 -18.71 -75.57
CA GLY G 557 -53.24 -18.82 -76.59
C GLY G 557 -54.63 -19.06 -75.98
N ILE G 558 -55.05 -18.13 -75.12
CA ILE G 558 -56.38 -18.15 -74.53
C ILE G 558 -57.12 -16.89 -74.98
N THR G 559 -58.42 -17.05 -75.29
CA THR G 559 -59.25 -15.96 -75.77
C THR G 559 -59.47 -14.95 -74.64
N ALA G 560 -59.46 -13.67 -75.01
CA ALA G 560 -59.73 -12.57 -74.08
C ALA G 560 -61.23 -12.49 -73.81
N GLY G 561 -61.59 -11.91 -72.65
CA GLY G 561 -62.97 -11.85 -72.20
C GLY G 561 -63.70 -10.62 -72.74
N SER G 562 -64.96 -10.45 -72.30
CA SER G 562 -65.84 -9.39 -72.76
C SER G 562 -66.13 -8.40 -71.64
N HIS G 563 -66.87 -7.34 -71.97
CA HIS G 563 -67.26 -6.29 -71.03
C HIS G 563 -68.29 -6.83 -70.03
N VAL H 33 -45.17 -71.74 31.92
CA VAL H 33 -43.72 -72.08 32.10
C VAL H 33 -43.63 -73.53 32.59
N GLU H 34 -42.88 -74.35 31.85
CA GLU H 34 -42.74 -75.77 32.11
C GLU H 34 -41.28 -76.09 32.41
N ILE H 35 -41.04 -77.27 33.00
CA ILE H 35 -39.69 -77.85 33.05
C ILE H 35 -39.49 -78.61 31.74
N ILE H 36 -38.88 -77.92 30.77
CA ILE H 36 -38.79 -78.41 29.40
C ILE H 36 -37.82 -79.58 29.34
N THR H 37 -38.32 -80.72 28.84
CA THR H 37 -37.59 -81.97 28.80
C THR H 37 -37.40 -82.44 27.36
N HIS H 38 -37.49 -81.48 26.42
CA HIS H 38 -37.42 -81.80 24.99
C HIS H 38 -36.38 -80.94 24.29
N TRP H 39 -36.25 -81.17 22.97
CA TRP H 39 -35.44 -80.41 22.03
C TRP H 39 -33.94 -80.62 22.25
N VAL H 40 -33.46 -80.30 23.46
CA VAL H 40 -32.07 -80.53 23.85
C VAL H 40 -31.76 -82.02 23.69
N PRO H 41 -30.65 -82.42 23.03
CA PRO H 41 -30.34 -83.83 22.79
C PRO H 41 -30.35 -84.67 24.06
N HIS H 42 -30.90 -85.89 23.96
CA HIS H 42 -31.13 -86.77 25.10
C HIS H 42 -29.81 -87.20 25.74
N GLU H 43 -28.78 -87.32 24.89
CA GLU H 43 -27.48 -87.85 25.29
C GLU H 43 -26.96 -87.07 26.50
N VAL H 44 -27.50 -85.86 26.70
CA VAL H 44 -26.99 -84.94 27.71
C VAL H 44 -27.98 -84.81 28.87
N TYR H 45 -29.06 -85.60 28.84
CA TYR H 45 -30.00 -85.64 29.95
C TYR H 45 -29.44 -86.50 31.07
N GLY H 46 -29.38 -85.93 32.28
CA GLY H 46 -28.95 -86.66 33.46
C GLY H 46 -30.06 -87.55 33.98
N MET H 47 -29.71 -88.80 34.31
CA MET H 47 -30.66 -89.75 34.84
C MET H 47 -30.39 -89.98 36.33
N PRO H 48 -31.39 -90.45 37.12
CA PRO H 48 -31.25 -90.54 38.58
C PRO H 48 -29.98 -91.25 39.02
N GLY H 49 -29.26 -90.63 39.95
CA GLY H 49 -28.10 -91.25 40.58
C GLY H 49 -26.78 -90.80 39.96
N GLU H 50 -26.84 -90.19 38.76
CA GLU H 50 -25.68 -89.72 38.05
C GLU H 50 -25.08 -88.50 38.76
N PRO H 51 -23.75 -88.25 38.62
CA PRO H 51 -23.10 -87.11 39.28
C PRO H 51 -23.60 -85.77 38.73
N ASP H 52 -23.73 -84.79 39.62
CA ASP H 52 -24.20 -83.46 39.26
C ASP H 52 -23.12 -82.70 38.50
N ASN H 53 -21.86 -83.13 38.66
CA ASN H 53 -20.72 -82.44 38.08
C ASN H 53 -20.32 -83.09 36.75
N SER H 54 -21.21 -83.93 36.20
CA SER H 54 -20.97 -84.58 34.93
C SER H 54 -21.13 -83.60 33.77
N GLY H 55 -21.99 -82.60 33.99
CA GLY H 55 -22.29 -81.60 32.96
C GLY H 55 -23.60 -81.90 32.25
N LYS H 56 -24.32 -82.91 32.74
CA LYS H 56 -25.59 -83.30 32.15
C LYS H 56 -26.71 -82.46 32.75
N VAL H 57 -27.80 -82.31 31.99
CA VAL H 57 -28.93 -81.50 32.41
C VAL H 57 -29.84 -82.34 33.30
N PHE H 58 -30.04 -81.88 34.53
CA PHE H 58 -30.99 -82.50 35.44
C PHE H 58 -32.22 -81.62 35.55
N PHE H 59 -33.36 -82.16 35.09
CA PHE H 59 -34.59 -81.40 35.01
C PHE H 59 -35.00 -80.91 36.40
N SER H 60 -35.15 -79.58 36.52
CA SER H 60 -35.51 -78.93 37.77
C SER H 60 -34.44 -79.16 38.84
N GLY H 61 -33.32 -79.76 38.41
CA GLY H 61 -32.18 -80.02 39.28
C GLY H 61 -32.39 -81.24 40.17
N LEU H 62 -33.33 -82.11 39.77
CA LEU H 62 -33.71 -83.27 40.56
C LEU H 62 -32.87 -84.48 40.19
N LYS H 63 -32.79 -85.42 41.14
CA LYS H 63 -32.37 -86.80 40.90
C LYS H 63 -30.85 -86.94 40.71
N ALA H 64 -30.12 -85.81 40.83
CA ALA H 64 -28.68 -85.83 40.68
C ALA H 64 -28.02 -86.25 41.99
N LYS H 65 -26.83 -86.88 41.87
CA LYS H 65 -26.00 -87.20 43.02
C LYS H 65 -25.03 -86.05 43.27
N TYR H 66 -25.14 -85.45 44.46
CA TYR H 66 -24.34 -84.29 44.82
C TYR H 66 -22.89 -84.70 45.06
N MET H 67 -21.97 -84.11 44.29
CA MET H 67 -20.56 -84.49 44.34
C MET H 67 -19.77 -83.51 45.20
N GLY H 68 -20.30 -82.29 45.37
CA GLY H 68 -19.67 -81.28 46.20
C GLY H 68 -18.57 -80.54 45.44
N TYR H 69 -17.99 -79.54 46.10
CA TYR H 69 -17.00 -78.64 45.49
C TYR H 69 -15.72 -79.40 45.17
N PRO H 70 -14.94 -78.97 44.15
CA PRO H 70 -13.68 -79.64 43.81
C PRO H 70 -12.61 -79.36 44.86
N LYS H 71 -12.29 -80.41 45.63
CA LYS H 71 -11.35 -80.27 46.74
C LYS H 71 -9.93 -80.62 46.27
N ASP H 72 -9.83 -81.02 44.99
CA ASP H 72 -8.54 -81.33 44.39
C ASP H 72 -8.01 -80.09 43.66
N ALA H 73 -8.89 -79.10 43.46
CA ALA H 73 -8.56 -77.90 42.71
C ALA H 73 -7.58 -77.05 43.50
N GLN H 74 -6.50 -76.64 42.83
CA GLN H 74 -5.46 -75.82 43.43
C GLN H 74 -6.05 -74.49 43.87
N ARG H 75 -5.93 -74.19 45.16
CA ARG H 75 -6.52 -73.01 45.77
C ARG H 75 -5.83 -72.69 47.09
N SER H 76 -6.36 -71.70 47.81
CA SER H 76 -5.83 -71.34 49.11
C SER H 76 -6.87 -71.66 50.19
N PRO H 77 -6.44 -72.06 51.41
CA PRO H 77 -7.33 -72.04 52.56
C PRO H 77 -7.67 -70.60 52.91
N TYR H 78 -8.84 -70.40 53.52
CA TYR H 78 -9.21 -69.08 54.03
C TYR H 78 -8.37 -68.76 55.27
N PRO H 79 -8.09 -67.47 55.57
CA PRO H 79 -7.39 -67.13 56.81
C PRO H 79 -8.36 -67.13 57.99
N GLY H 80 -7.81 -67.00 59.20
CA GLY H 80 -8.62 -66.69 60.38
C GLY H 80 -8.91 -67.92 61.24
N LYS H 81 -9.74 -67.67 62.27
CA LYS H 81 -10.03 -68.57 63.37
C LYS H 81 -10.58 -69.90 62.86
N TYR H 82 -11.43 -69.84 61.82
CA TYR H 82 -12.20 -71.00 61.40
C TYR H 82 -11.64 -71.55 60.09
N SER H 83 -10.33 -71.40 59.90
CA SER H 83 -9.65 -71.80 58.68
C SER H 83 -9.97 -73.25 58.34
N LYS H 84 -10.03 -74.10 59.37
CA LYS H 84 -10.12 -75.55 59.20
C LYS H 84 -11.46 -75.95 58.59
N PHE H 85 -12.51 -75.17 58.86
CA PHE H 85 -13.85 -75.50 58.42
C PHE H 85 -14.28 -74.66 57.22
N TRP H 86 -13.40 -73.73 56.81
CA TRP H 86 -13.67 -72.82 55.72
C TRP H 86 -13.38 -73.49 54.38
N LYS H 87 -14.44 -73.96 53.71
CA LYS H 87 -14.33 -74.55 52.39
C LYS H 87 -14.18 -73.44 51.37
N THR H 88 -13.18 -73.58 50.47
CA THR H 88 -12.82 -72.51 49.54
C THR H 88 -12.90 -72.98 48.10
N LEU H 89 -13.06 -72.01 47.20
CA LEU H 89 -12.99 -72.22 45.75
C LEU H 89 -11.74 -71.54 45.22
N PRO H 90 -11.21 -71.97 44.05
CA PRO H 90 -10.05 -71.32 43.43
C PRO H 90 -10.19 -69.81 43.32
N ALA H 91 -11.39 -69.35 42.98
CA ALA H 91 -11.65 -67.95 42.68
C ALA H 91 -11.33 -67.05 43.87
N TYR H 92 -11.36 -67.62 45.08
CA TYR H 92 -11.23 -66.82 46.29
C TYR H 92 -9.82 -66.23 46.42
N ARG H 93 -8.88 -66.77 45.64
CA ARG H 93 -7.47 -66.39 45.75
C ARG H 93 -7.29 -64.88 45.61
N TYR H 94 -8.17 -64.24 44.82
CA TYR H 94 -8.02 -62.83 44.48
C TYR H 94 -8.53 -61.93 45.61
N TYR H 95 -9.35 -62.48 46.51
CA TYR H 95 -10.21 -61.66 47.35
C TYR H 95 -9.55 -61.28 48.67
N ILE H 96 -8.71 -62.17 49.21
CA ILE H 96 -7.80 -61.80 50.30
C ILE H 96 -6.39 -62.14 49.85
N PRO H 97 -5.81 -61.34 48.93
CA PRO H 97 -4.67 -61.77 48.12
C PRO H 97 -3.35 -61.99 48.85
N ASP H 98 -3.13 -61.24 49.93
CA ASP H 98 -1.89 -61.35 50.69
C ASP H 98 -1.69 -62.78 51.19
N TYR H 99 -2.78 -63.36 51.73
CA TYR H 99 -2.71 -64.70 52.28
C TYR H 99 -3.03 -65.74 51.20
N MET H 100 -3.94 -65.40 50.27
CA MET H 100 -4.58 -66.40 49.43
C MET H 100 -3.97 -66.43 48.02
N TYR H 101 -3.04 -65.51 47.73
CA TYR H 101 -2.43 -65.46 46.41
C TYR H 101 -0.91 -65.32 46.54
N ASN H 102 -0.46 -64.47 47.46
CA ASN H 102 0.88 -63.92 47.39
C ASN H 102 1.91 -64.85 48.04
N ARG H 103 1.44 -65.82 48.84
CA ARG H 103 2.34 -66.80 49.44
C ARG H 103 2.77 -67.80 48.36
N ASP H 104 4.04 -68.21 48.42
CA ASP H 104 4.64 -69.09 47.43
C ASP H 104 3.89 -70.42 47.38
N GLU H 105 3.35 -70.83 48.54
CA GLU H 105 2.73 -72.13 48.73
C GLU H 105 1.40 -72.18 47.98
N VAL H 106 0.89 -71.01 47.59
CA VAL H 106 -0.50 -70.90 47.16
C VAL H 106 -0.59 -70.31 45.76
N ARG H 107 0.32 -69.39 45.42
CA ARG H 107 0.33 -68.70 44.14
C ARG H 107 -0.01 -69.69 43.02
N PRO H 108 -1.01 -69.37 42.15
CA PRO H 108 -1.38 -70.27 41.06
C PRO H 108 -0.34 -70.30 39.94
N SER H 109 -0.39 -71.37 39.14
CA SER H 109 0.51 -71.53 38.00
C SER H 109 0.15 -70.50 36.93
N ASN H 110 1.13 -70.20 36.07
CA ASN H 110 0.94 -69.27 34.98
C ASN H 110 1.68 -69.78 33.75
N PRO H 111 1.01 -69.86 32.57
CA PRO H 111 1.64 -70.41 31.36
C PRO H 111 2.73 -69.55 30.72
N ILE H 112 2.84 -68.29 31.16
CA ILE H 112 3.83 -67.37 30.60
C ILE H 112 5.00 -67.25 31.57
N LYS H 113 6.22 -67.47 31.03
CA LYS H 113 7.43 -67.47 31.82
C LYS H 113 8.31 -66.28 31.43
N GLY H 114 9.13 -65.83 32.38
CA GLY H 114 10.10 -64.76 32.16
C GLY H 114 9.88 -63.59 33.11
N THR H 115 10.93 -62.79 33.31
CA THR H 115 10.79 -61.52 34.01
C THR H 115 10.87 -60.40 32.97
N PHE H 116 9.98 -59.41 33.08
CA PHE H 116 9.77 -58.46 32.00
C PHE H 116 9.89 -57.02 32.48
N LYS H 117 10.22 -56.13 31.54
CA LYS H 117 10.16 -54.69 31.73
C LYS H 117 8.71 -54.24 31.57
N LEU H 118 8.41 -53.01 32.01
CA LEU H 118 7.06 -52.48 31.97
C LEU H 118 6.57 -52.43 30.52
N GLU H 119 7.45 -52.02 29.59
CA GLU H 119 7.13 -51.92 28.18
C GLU H 119 6.52 -53.22 27.69
N GLN H 120 7.04 -54.33 28.22
CA GLN H 120 6.69 -55.67 27.77
C GLN H 120 5.33 -56.06 28.30
N CYS H 121 5.05 -55.72 29.57
CA CYS H 121 3.75 -55.97 30.16
C CYS H 121 2.68 -55.33 29.28
N VAL H 122 2.87 -54.04 28.98
CA VAL H 122 1.90 -53.23 28.27
C VAL H 122 1.69 -53.80 26.86
N ALA H 123 2.78 -54.06 26.14
CA ALA H 123 2.71 -54.46 24.75
C ALA H 123 1.95 -55.77 24.61
N CYS H 124 2.25 -56.71 25.50
CA CYS H 124 1.71 -58.06 25.42
C CYS H 124 0.24 -58.05 25.83
N HIS H 125 -0.05 -57.38 26.95
CA HIS H 125 -1.39 -57.37 27.50
C HIS H 125 -2.32 -56.46 26.68
N SER H 126 -1.74 -55.55 25.88
CA SER H 126 -2.53 -54.64 25.07
C SER H 126 -3.37 -55.46 24.09
N VAL H 127 -2.94 -56.69 23.84
CA VAL H 127 -3.61 -57.58 22.90
C VAL H 127 -4.26 -58.73 23.67
N MET H 128 -3.56 -59.23 24.70
CA MET H 128 -4.00 -60.38 25.46
C MET H 128 -5.19 -60.02 26.36
N THR H 129 -5.09 -58.89 27.06
CA THR H 129 -6.16 -58.39 27.88
C THR H 129 -6.37 -56.90 27.59
N PRO H 130 -6.91 -56.55 26.38
CA PRO H 130 -6.89 -55.17 25.90
C PRO H 130 -7.43 -54.13 26.88
N GLY H 131 -8.55 -54.46 27.53
CA GLY H 131 -9.29 -53.54 28.38
C GLY H 131 -8.47 -53.06 29.57
N ILE H 132 -7.60 -53.94 30.08
CA ILE H 132 -6.76 -53.61 31.23
C ILE H 132 -5.74 -52.54 30.83
N VAL H 133 -5.16 -52.69 29.62
CA VAL H 133 -4.17 -51.75 29.14
C VAL H 133 -4.83 -50.41 28.79
N ARG H 134 -6.03 -50.48 28.17
CA ARG H 134 -6.81 -49.29 27.88
C ARG H 134 -7.04 -48.48 29.15
N ASP H 135 -7.40 -49.18 30.23
CA ASP H 135 -7.66 -48.57 31.52
C ASP H 135 -6.38 -47.98 32.09
N TYR H 136 -5.30 -48.77 32.03
CA TYR H 136 -4.03 -48.39 32.61
C TYR H 136 -3.52 -47.10 31.97
N ASN H 137 -3.63 -47.02 30.64
CA ASN H 137 -3.11 -45.89 29.87
C ASN H 137 -3.88 -44.61 30.21
N LYS H 138 -5.14 -44.75 30.62
CA LYS H 138 -5.98 -43.62 30.99
C LYS H 138 -5.61 -43.15 32.40
N SER H 139 -5.09 -44.08 33.23
CA SER H 139 -4.82 -43.84 34.63
C SER H 139 -3.65 -42.87 34.82
N ALA H 140 -3.67 -42.17 35.96
CA ALA H 140 -2.60 -41.25 36.33
C ALA H 140 -1.31 -42.02 36.60
N HIS H 141 -1.46 -43.28 37.02
CA HIS H 141 -0.34 -44.16 37.33
C HIS H 141 0.63 -44.26 36.16
N SER H 142 0.10 -44.31 34.93
CA SER H 142 0.90 -44.50 33.74
C SER H 142 1.69 -43.25 33.38
N LYS H 143 1.15 -42.09 33.78
CA LYS H 143 1.68 -40.80 33.38
C LYS H 143 2.64 -40.25 34.44
N ALA H 144 2.72 -40.94 35.58
CA ALA H 144 3.47 -40.47 36.74
C ALA H 144 4.96 -40.37 36.43
N GLU H 145 5.59 -39.33 36.99
CA GLU H 145 7.02 -39.07 36.83
C GLU H 145 7.65 -38.89 38.21
N PRO H 146 8.96 -39.20 38.34
CA PRO H 146 9.84 -39.53 37.23
C PRO H 146 9.65 -40.95 36.68
N ALA H 147 9.08 -41.83 37.49
CA ALA H 147 8.82 -43.21 37.09
C ALA H 147 7.32 -43.51 37.25
N PRO H 148 6.69 -44.18 36.27
CA PRO H 148 5.27 -44.54 36.36
C PRO H 148 5.02 -45.68 37.34
N THR H 149 3.86 -45.67 37.98
CA THR H 149 3.38 -46.81 38.74
C THR H 149 2.79 -47.82 37.75
N GLY H 150 3.65 -48.74 37.28
CA GLY H 150 3.32 -49.64 36.19
C GLY H 150 2.82 -50.99 36.69
N CYS H 151 2.43 -51.84 35.74
CA CYS H 151 1.93 -53.18 36.01
C CYS H 151 2.88 -53.90 36.96
N ASP H 152 4.19 -53.73 36.71
CA ASP H 152 5.25 -54.38 37.47
C ASP H 152 5.31 -53.85 38.89
N THR H 153 4.96 -52.57 39.07
CA THR H 153 5.01 -51.94 40.39
C THR H 153 3.96 -52.58 41.30
N CYS H 154 2.83 -53.01 40.72
CA CYS H 154 1.71 -53.52 41.49
C CYS H 154 1.67 -55.05 41.47
N HIS H 155 2.30 -55.67 40.46
CA HIS H 155 2.14 -57.09 40.23
C HIS H 155 3.45 -57.86 40.28
N GLY H 156 4.58 -57.16 40.09
CA GLY H 156 5.89 -57.79 40.07
C GLY H 156 6.42 -57.97 38.66
N ASN H 157 7.72 -58.31 38.54
CA ASN H 157 8.42 -58.41 37.27
C ASN H 157 8.42 -59.84 36.76
N ASN H 158 8.52 -60.80 37.71
CA ASN H 158 8.64 -62.21 37.39
C ASN H 158 7.24 -62.79 37.14
N HIS H 159 7.01 -63.27 35.91
CA HIS H 159 5.68 -63.72 35.52
C HIS H 159 5.34 -65.03 36.21
N GLN H 160 6.35 -65.69 36.77
CA GLN H 160 6.15 -66.93 37.52
C GLN H 160 5.95 -66.62 39.00
N LYS H 161 6.22 -65.37 39.38
CA LYS H 161 6.07 -64.94 40.76
C LYS H 161 5.24 -63.66 40.83
N LEU H 162 4.12 -63.66 40.09
CA LEU H 162 3.20 -62.53 40.08
C LEU H 162 2.46 -62.46 41.43
N THR H 163 2.08 -61.24 41.81
CA THR H 163 1.32 -61.01 43.03
C THR H 163 0.13 -60.11 42.75
N MET H 164 -0.92 -60.25 43.57
CA MET H 164 -2.08 -59.38 43.51
C MET H 164 -1.98 -58.34 44.62
N PRO H 165 -2.00 -57.02 44.29
CA PRO H 165 -1.80 -55.97 45.29
C PRO H 165 -3.02 -55.72 46.17
N SER H 166 -2.84 -55.92 47.48
CA SER H 166 -3.90 -55.68 48.46
C SER H 166 -3.89 -54.20 48.85
N SER H 167 -4.76 -53.86 49.81
CA SER H 167 -4.83 -52.50 50.33
C SER H 167 -3.51 -52.13 50.98
N LYS H 168 -2.77 -53.14 51.47
CA LYS H 168 -1.49 -52.94 52.12
C LYS H 168 -0.47 -52.44 51.10
N ALA H 169 -0.59 -52.94 49.87
CA ALA H 169 0.33 -52.59 48.79
C ALA H 169 0.11 -51.12 48.40
N CYS H 170 -1.16 -50.73 48.32
CA CYS H 170 -1.51 -49.36 47.93
C CYS H 170 -1.14 -48.41 49.06
N GLY H 171 -1.25 -48.90 50.29
CA GLY H 171 -1.20 -48.05 51.47
C GLY H 171 0.21 -47.90 52.05
N THR H 172 1.22 -48.23 51.25
CA THR H 172 2.60 -48.08 51.64
C THR H 172 2.90 -46.59 51.83
N ALA H 173 3.85 -46.29 52.73
CA ALA H 173 4.16 -44.93 53.14
C ALA H 173 4.53 -44.08 51.93
N GLU H 174 5.18 -44.72 50.95
CA GLU H 174 5.70 -44.06 49.77
C GLU H 174 4.56 -43.71 48.81
N CYS H 175 3.39 -44.34 49.01
CA CYS H 175 2.29 -44.24 48.06
C CYS H 175 1.06 -43.61 48.71
N HIS H 176 0.07 -44.43 49.10
CA HIS H 176 -1.20 -43.93 49.59
C HIS H 176 -1.47 -44.34 51.03
N GLU H 177 -0.51 -44.05 51.92
CA GLU H 177 -0.64 -44.42 53.32
C GLU H 177 -1.80 -43.65 53.96
N THR H 178 -2.06 -42.44 53.44
CA THR H 178 -3.08 -41.57 53.99
C THR H 178 -4.45 -42.24 53.94
N GLN H 179 -4.81 -42.73 52.75
CA GLN H 179 -6.12 -43.30 52.52
C GLN H 179 -6.25 -44.62 53.26
N TYR H 180 -5.17 -45.40 53.29
CA TYR H 180 -5.16 -46.68 53.98
C TYR H 180 -5.46 -46.46 55.46
N ASN H 181 -4.75 -45.49 56.07
CA ASN H 181 -4.86 -45.21 57.49
C ASN H 181 -6.25 -44.67 57.80
N GLU H 182 -6.78 -43.83 56.92
CA GLU H 182 -8.09 -43.24 57.05
C GLU H 182 -9.14 -44.34 57.12
N GLN H 183 -9.13 -45.24 56.13
CA GLN H 183 -10.05 -46.36 56.07
C GLN H 183 -9.91 -47.20 57.33
N GLY H 184 -8.66 -47.40 57.77
CA GLY H 184 -8.35 -48.29 58.89
C GLY H 184 -8.82 -47.76 60.24
N GLN H 185 -9.25 -46.50 60.26
CA GLN H 185 -9.76 -45.88 61.48
C GLN H 185 -11.15 -46.44 61.81
N GLY H 186 -11.78 -47.11 60.84
CA GLY H 186 -13.11 -47.66 60.99
C GLY H 186 -13.16 -48.74 62.06
N GLY H 187 -14.31 -48.81 62.77
CA GLY H 187 -14.51 -49.80 63.83
C GLY H 187 -15.12 -51.08 63.28
N ILE H 188 -15.91 -51.74 64.13
CA ILE H 188 -16.68 -52.91 63.70
C ILE H 188 -17.74 -52.44 62.71
N GLY H 189 -17.96 -53.23 61.66
CA GLY H 189 -19.00 -52.93 60.69
C GLY H 189 -18.62 -51.83 59.72
N SER H 190 -17.30 -51.56 59.61
CA SER H 190 -16.78 -50.56 58.69
C SER H 190 -16.04 -51.24 57.54
N HIS H 191 -15.40 -50.42 56.68
CA HIS H 191 -14.61 -50.93 55.57
C HIS H 191 -13.28 -51.48 56.07
N ALA H 192 -13.00 -51.28 57.36
CA ALA H 192 -11.73 -51.69 57.95
C ALA H 192 -11.81 -53.14 58.44
N SER H 193 -13.03 -53.65 58.61
CA SER H 193 -13.22 -54.92 59.32
C SER H 193 -14.21 -55.83 58.59
N CYS H 194 -14.68 -55.39 57.42
CA CYS H 194 -15.74 -56.10 56.71
C CYS H 194 -15.26 -57.44 56.15
N SER H 195 -13.94 -57.60 55.99
CA SER H 195 -13.38 -58.87 55.58
C SER H 195 -12.93 -59.67 56.81
N SER H 196 -12.06 -59.04 57.62
CA SER H 196 -11.36 -59.70 58.70
C SER H 196 -12.31 -60.23 59.76
N PHE H 197 -13.39 -59.49 60.04
CA PHE H 197 -14.35 -59.92 61.03
C PHE H 197 -15.57 -60.55 60.35
N ALA H 198 -16.33 -59.72 59.63
CA ALA H 198 -17.67 -60.06 59.15
C ALA H 198 -17.65 -61.30 58.26
N GLN H 199 -16.62 -61.41 57.41
CA GLN H 199 -16.59 -62.41 56.37
C GLN H 199 -15.77 -63.62 56.81
N VAL H 200 -14.60 -63.35 57.40
CA VAL H 200 -13.67 -64.41 57.79
C VAL H 200 -14.29 -65.27 58.89
N GLU H 201 -15.15 -64.64 59.71
CA GLU H 201 -15.82 -65.32 60.81
C GLU H 201 -17.32 -65.36 60.56
N CYS H 202 -17.70 -65.47 59.29
CA CYS H 202 -19.10 -65.50 58.90
C CYS H 202 -19.66 -66.90 59.11
N ALA H 203 -20.58 -67.01 60.08
CA ALA H 203 -21.16 -68.28 60.49
C ALA H 203 -21.71 -69.06 59.30
N TRP H 204 -22.58 -68.42 58.49
CA TRP H 204 -23.29 -69.11 57.43
C TRP H 204 -22.34 -69.62 56.36
N SER H 205 -21.33 -68.80 56.03
CA SER H 205 -20.37 -69.14 54.99
C SER H 205 -19.59 -70.39 55.38
N ILE H 206 -19.17 -70.45 56.65
CA ILE H 206 -18.42 -71.58 57.20
C ILE H 206 -19.32 -72.82 57.20
N GLU H 207 -20.58 -72.64 57.62
CA GLU H 207 -21.53 -73.72 57.85
C GLU H 207 -21.83 -74.47 56.56
N ARG H 208 -21.96 -73.73 55.45
CA ARG H 208 -22.52 -74.25 54.21
C ARG H 208 -21.43 -74.70 53.26
N PRO H 209 -21.76 -75.45 52.19
CA PRO H 209 -20.85 -75.66 51.07
C PRO H 209 -20.43 -74.31 50.49
N PRO H 210 -19.25 -74.20 49.84
CA PRO H 210 -18.87 -72.96 49.18
C PRO H 210 -19.63 -72.85 47.88
N GLY H 211 -20.07 -71.64 47.54
CA GLY H 211 -20.93 -71.50 46.37
C GLY H 211 -22.33 -71.14 46.81
N ASP H 212 -22.79 -71.80 47.88
CA ASP H 212 -24.00 -71.41 48.57
C ASP H 212 -23.87 -69.94 48.96
N THR H 213 -22.68 -69.56 49.44
CA THR H 213 -22.42 -68.22 49.94
C THR H 213 -21.18 -67.63 49.25
N ALA H 214 -20.97 -68.00 47.98
CA ALA H 214 -19.80 -67.54 47.23
C ALA H 214 -19.82 -66.03 47.10
N GLY H 215 -21.02 -65.48 46.86
CA GLY H 215 -21.22 -64.05 46.66
C GLY H 215 -20.75 -63.24 47.86
N CYS H 216 -20.77 -63.86 49.05
CA CYS H 216 -20.42 -63.19 50.28
C CYS H 216 -18.92 -62.90 50.32
N THR H 217 -18.12 -63.83 49.79
CA THR H 217 -16.68 -63.66 49.68
C THR H 217 -16.38 -62.50 48.73
N PHE H 218 -17.07 -62.49 47.59
CA PHE H 218 -16.83 -61.55 46.52
C PHE H 218 -17.22 -60.13 46.93
N CYS H 219 -18.21 -60.03 47.84
CA CYS H 219 -18.74 -58.73 48.23
C CYS H 219 -17.99 -58.16 49.44
N HIS H 220 -17.77 -59.00 50.45
CA HIS H 220 -17.37 -58.54 51.77
C HIS H 220 -15.88 -58.17 51.81
N THR H 221 -15.06 -58.93 51.08
CA THR H 221 -13.61 -58.83 51.20
C THR H 221 -13.12 -57.52 50.58
N SER H 222 -13.80 -57.10 49.51
CA SER H 222 -13.34 -56.03 48.62
C SER H 222 -12.96 -54.75 49.35
N PRO H 223 -13.85 -54.10 50.14
CA PRO H 223 -13.54 -52.78 50.70
C PRO H 223 -12.27 -52.77 51.56
N GLU H 224 -12.06 -53.86 52.30
CA GLU H 224 -10.95 -53.96 53.24
C GLU H 224 -9.67 -54.37 52.51
N GLU H 225 -9.79 -55.26 51.51
CA GLU H 225 -8.64 -55.95 50.96
C GLU H 225 -8.20 -55.35 49.63
N ARG H 226 -9.16 -54.82 48.85
CA ARG H 226 -8.87 -54.35 47.50
C ARG H 226 -9.31 -52.90 47.33
N CYS H 227 -8.35 -52.05 46.93
CA CYS H 227 -8.59 -50.63 46.77
C CYS H 227 -9.07 -50.30 45.35
N SER H 228 -9.35 -51.36 44.57
CA SER H 228 -10.01 -51.17 43.29
C SER H 228 -11.51 -50.95 43.52
N THR H 229 -11.89 -50.92 44.79
CA THR H 229 -13.25 -50.60 45.22
C THR H 229 -13.50 -49.11 45.05
N CYS H 230 -14.68 -48.77 44.51
CA CYS H 230 -15.15 -47.40 44.32
C CYS H 230 -14.48 -46.76 43.10
N HIS H 231 -13.15 -46.72 43.08
CA HIS H 231 -12.40 -46.36 41.89
C HIS H 231 -11.86 -47.62 41.23
N GLN H 232 -12.51 -48.02 40.12
CA GLN H 232 -12.26 -49.31 39.50
C GLN H 232 -10.83 -49.39 38.98
N ARG H 233 -10.28 -50.61 38.96
CA ARG H 233 -9.08 -50.89 38.20
C ARG H 233 -9.46 -50.94 36.72
N HIS H 234 -8.52 -50.60 35.81
CA HIS H 234 -7.17 -50.19 36.14
C HIS H 234 -7.04 -48.69 35.92
N GLN H 235 -8.18 -48.01 35.88
CA GLN H 235 -8.27 -46.60 35.57
C GLN H 235 -8.05 -45.77 36.84
N PHE H 236 -8.57 -46.26 37.97
CA PHE H 236 -8.44 -45.64 39.29
C PHE H 236 -8.78 -44.15 39.23
N ASP H 237 -10.00 -43.86 38.74
CA ASP H 237 -10.45 -42.50 38.55
C ASP H 237 -11.22 -42.04 39.79
N PRO H 238 -10.73 -41.01 40.52
CA PRO H 238 -11.44 -40.49 41.69
C PRO H 238 -12.79 -39.87 41.29
N ALA H 239 -12.88 -39.43 40.04
CA ALA H 239 -14.08 -38.78 39.53
C ALA H 239 -15.23 -39.77 39.44
N VAL H 240 -14.92 -41.02 39.08
CA VAL H 240 -15.95 -42.05 38.99
C VAL H 240 -16.28 -42.54 40.39
N ALA H 241 -15.28 -42.44 41.29
CA ALA H 241 -15.43 -42.92 42.66
C ALA H 241 -16.36 -42.01 43.45
N ARG H 242 -16.57 -40.79 42.94
CA ARG H 242 -17.34 -39.76 43.64
C ARG H 242 -18.82 -39.90 43.34
N ARG H 243 -19.16 -40.83 42.43
CA ARG H 243 -20.54 -41.05 42.02
C ARG H 243 -21.23 -41.96 43.03
N SER H 244 -22.50 -41.65 43.33
CA SER H 244 -23.29 -42.36 44.32
C SER H 244 -23.41 -43.84 43.98
N GLU H 245 -23.55 -44.16 42.68
CA GLU H 245 -23.86 -45.50 42.23
C GLU H 245 -22.76 -46.49 42.62
N GLN H 246 -21.56 -45.96 42.91
CA GLN H 246 -20.41 -46.79 43.27
C GLN H 246 -20.76 -47.69 44.45
N CYS H 247 -21.56 -47.16 45.38
CA CYS H 247 -21.85 -47.82 46.64
C CYS H 247 -22.95 -48.86 46.47
N LYS H 248 -23.73 -48.73 45.39
CA LYS H 248 -24.94 -49.51 45.21
C LYS H 248 -24.62 -51.00 45.09
N THR H 249 -23.42 -51.31 44.56
CA THR H 249 -23.09 -52.68 44.19
C THR H 249 -23.05 -53.59 45.43
N CYS H 250 -22.85 -52.98 46.60
CA CYS H 250 -22.81 -53.72 47.85
C CYS H 250 -23.91 -53.23 48.78
N HIS H 251 -24.22 -51.93 48.75
CA HIS H 251 -25.15 -51.33 49.68
C HIS H 251 -26.56 -51.31 49.10
N TRP H 252 -27.08 -52.51 48.80
CA TRP H 252 -28.43 -52.68 48.31
C TRP H 252 -29.00 -53.98 48.88
N GLY H 253 -30.30 -54.20 48.62
CA GLY H 253 -30.88 -55.52 48.78
C GLY H 253 -31.50 -55.74 50.15
N LYS H 254 -31.63 -57.03 50.50
CA LYS H 254 -32.60 -57.53 51.46
C LYS H 254 -32.35 -56.98 52.87
N ASP H 255 -31.09 -56.74 53.22
CA ASP H 255 -30.77 -56.45 54.61
C ASP H 255 -30.09 -55.09 54.77
N HIS H 256 -30.05 -54.30 53.69
CA HIS H 256 -29.58 -52.92 53.71
C HIS H 256 -29.93 -52.23 52.40
N ARG H 257 -31.12 -51.63 52.34
CA ARG H 257 -31.59 -50.92 51.16
C ARG H 257 -31.03 -49.50 51.15
N ASP H 258 -29.70 -49.39 51.27
CA ASP H 258 -29.03 -48.10 51.36
C ASP H 258 -29.22 -47.34 50.05
N TRP H 259 -28.86 -48.00 48.94
CA TRP H 259 -28.99 -47.42 47.61
C TRP H 259 -30.46 -47.12 47.31
N GLU H 260 -31.33 -48.12 47.52
CA GLU H 260 -32.74 -48.01 47.18
C GLU H 260 -33.34 -46.80 47.89
N ALA H 261 -33.02 -46.64 49.18
CA ALA H 261 -33.58 -45.58 50.00
C ALA H 261 -33.14 -44.21 49.49
N TYR H 262 -31.83 -44.08 49.24
CA TYR H 262 -31.24 -42.85 48.70
C TYR H 262 -31.83 -42.56 47.32
N ASP H 263 -31.85 -43.58 46.46
CA ASP H 263 -32.18 -43.42 45.05
C ASP H 263 -33.59 -42.87 44.89
N ILE H 264 -34.53 -43.37 45.69
CA ILE H 264 -35.95 -43.08 45.50
C ILE H 264 -36.33 -41.85 46.30
N GLY H 265 -35.54 -41.53 47.33
CA GLY H 265 -35.75 -40.31 48.09
C GLY H 265 -35.53 -39.08 47.21
N LEU H 266 -35.82 -37.90 47.77
CA LEU H 266 -35.72 -36.67 46.99
C LEU H 266 -34.26 -36.33 46.68
N HIS H 267 -33.34 -36.74 47.56
CA HIS H 267 -31.92 -36.61 47.28
C HIS H 267 -31.55 -37.41 46.04
N GLY H 268 -32.06 -38.64 45.97
CA GLY H 268 -31.79 -39.53 44.85
C GLY H 268 -32.49 -39.07 43.59
N THR H 269 -33.67 -38.46 43.76
CA THR H 269 -34.42 -37.87 42.66
C THR H 269 -33.64 -36.70 42.08
N VAL H 270 -33.20 -35.79 42.96
CA VAL H 270 -32.37 -34.66 42.58
C VAL H 270 -31.13 -35.18 41.85
N TYR H 271 -30.51 -36.23 42.41
CA TYR H 271 -29.30 -36.80 41.86
C TYR H 271 -29.51 -37.30 40.43
N GLN H 272 -30.56 -38.12 40.23
CA GLN H 272 -30.76 -38.79 38.95
C GLN H 272 -31.09 -37.77 37.87
N VAL H 273 -31.71 -36.65 38.28
CA VAL H 273 -32.20 -35.65 37.37
C VAL H 273 -31.06 -34.75 36.91
N ASN H 274 -30.01 -34.62 37.74
CA ASN H 274 -29.03 -33.57 37.59
C ASN H 274 -27.61 -34.10 37.42
N LYS H 275 -27.42 -35.42 37.58
CA LYS H 275 -26.08 -35.98 37.76
C LYS H 275 -25.20 -35.78 36.53
N TRP H 276 -25.81 -35.67 35.35
CA TRP H 276 -25.05 -35.49 34.12
C TRP H 276 -25.03 -34.02 33.72
N ASP H 277 -25.64 -33.17 34.54
CA ASP H 277 -25.53 -31.73 34.36
C ASP H 277 -24.37 -31.23 35.21
N THR H 278 -23.34 -30.76 34.50
CA THR H 278 -22.07 -30.37 35.09
C THR H 278 -22.24 -29.12 35.96
N GLU H 279 -23.33 -28.38 35.72
CA GLU H 279 -23.63 -27.15 36.45
C GLU H 279 -24.23 -27.49 37.81
N GLN H 280 -24.70 -28.73 37.98
CA GLN H 280 -25.37 -29.15 39.20
C GLN H 280 -24.49 -30.13 39.97
N PHE H 281 -23.79 -31.00 39.23
CA PHE H 281 -22.89 -31.99 39.82
C PHE H 281 -21.57 -31.98 39.04
N ASP H 282 -20.50 -31.53 39.70
CA ASP H 282 -19.19 -31.50 39.11
C ASP H 282 -18.29 -32.52 39.82
N PHE H 283 -18.08 -33.67 39.15
CA PHE H 283 -17.40 -34.79 39.78
C PHE H 283 -15.88 -34.62 39.68
N SER H 284 -15.43 -33.59 38.97
CA SER H 284 -14.02 -33.29 38.83
C SER H 284 -13.51 -32.59 40.09
N LYS H 285 -14.42 -31.94 40.81
CA LYS H 285 -14.10 -31.28 42.07
C LYS H 285 -13.81 -32.35 43.13
N LYS H 286 -12.87 -32.04 44.03
CA LYS H 286 -12.61 -32.87 45.20
C LYS H 286 -13.75 -32.67 46.20
N LEU H 287 -13.93 -33.65 47.09
CA LEU H 287 -15.11 -33.68 47.96
C LEU H 287 -15.10 -32.49 48.92
N SER H 288 -13.92 -31.91 49.15
CA SER H 288 -13.80 -30.73 50.01
C SER H 288 -14.43 -29.52 49.34
N ASP H 289 -14.47 -29.53 48.01
CA ASP H 289 -14.93 -28.40 47.22
C ASP H 289 -16.29 -28.71 46.58
N ALA H 290 -16.87 -29.86 46.95
CA ALA H 290 -18.12 -30.31 46.37
C ALA H 290 -19.24 -29.33 46.70
N ASP H 291 -19.86 -28.77 45.65
CA ASP H 291 -20.89 -27.76 45.78
C ASP H 291 -22.13 -28.20 45.01
N TYR H 292 -22.48 -29.49 45.14
CA TYR H 292 -23.58 -30.08 44.39
C TYR H 292 -24.90 -29.46 44.84
N VAL H 293 -25.92 -29.60 43.99
CA VAL H 293 -27.27 -29.17 44.33
C VAL H 293 -27.83 -30.09 45.42
N GLY H 294 -27.54 -31.39 45.28
CA GLY H 294 -27.98 -32.40 46.24
C GLY H 294 -26.80 -33.28 46.68
N PRO H 295 -26.94 -34.04 47.79
CA PRO H 295 -25.83 -34.84 48.30
C PRO H 295 -25.68 -36.19 47.60
N THR H 296 -24.44 -36.70 47.63
CA THR H 296 -24.10 -38.06 47.23
C THR H 296 -23.76 -38.84 48.50
N CYS H 297 -23.69 -40.18 48.39
CA CYS H 297 -23.28 -41.01 49.51
C CYS H 297 -21.98 -40.45 50.08
N GLN H 298 -21.06 -40.09 49.17
CA GLN H 298 -19.73 -39.63 49.50
C GLN H 298 -19.82 -38.28 50.21
N TYR H 299 -20.77 -37.45 49.79
CA TYR H 299 -20.93 -36.10 50.34
C TYR H 299 -21.18 -36.18 51.85
N CYS H 300 -21.93 -37.20 52.28
CA CYS H 300 -22.33 -37.34 53.66
C CYS H 300 -21.37 -38.24 54.43
N HIS H 301 -21.00 -39.38 53.84
CA HIS H 301 -20.28 -40.42 54.57
C HIS H 301 -18.77 -40.26 54.43
N MET H 302 -18.33 -39.64 53.33
CA MET H 302 -16.91 -39.42 53.09
C MET H 302 -16.64 -37.92 53.04
N ARG H 303 -17.22 -37.20 54.00
CA ARG H 303 -17.04 -35.77 54.18
C ARG H 303 -15.55 -35.43 54.10
N GLY H 304 -15.23 -34.48 53.22
CA GLY H 304 -13.86 -33.98 53.06
C GLY H 304 -12.95 -34.97 52.33
N GLY H 305 -13.53 -36.10 51.90
CA GLY H 305 -12.79 -37.12 51.18
C GLY H 305 -12.17 -38.17 52.10
N HIS H 306 -12.50 -38.11 53.40
CA HIS H 306 -12.00 -39.05 54.40
C HIS H 306 -12.47 -40.47 54.06
N HIS H 307 -11.55 -41.43 54.15
CA HIS H 307 -11.80 -42.77 53.64
C HIS H 307 -12.45 -43.66 54.68
N ASN H 308 -12.43 -43.23 55.95
CA ASN H 308 -13.23 -43.90 56.97
C ASN H 308 -14.69 -43.49 56.78
N VAL H 309 -15.45 -44.42 56.20
CA VAL H 309 -16.79 -44.18 55.72
C VAL H 309 -17.76 -44.18 56.89
N GLN H 310 -17.29 -44.64 58.05
CA GLN H 310 -18.08 -44.81 59.26
C GLN H 310 -17.78 -43.65 60.21
N ARG H 311 -16.95 -42.71 59.77
CA ARG H 311 -16.40 -41.65 60.61
C ARG H 311 -17.53 -40.88 61.32
N ALA H 312 -18.63 -40.63 60.60
CA ALA H 312 -19.68 -39.76 61.10
C ALA H 312 -20.76 -40.56 61.84
N SER H 313 -20.65 -41.89 61.82
CA SER H 313 -21.64 -42.78 62.41
C SER H 313 -21.75 -42.51 63.91
N ILE H 314 -22.97 -42.65 64.44
CA ILE H 314 -23.23 -42.33 65.84
C ILE H 314 -22.87 -43.54 66.70
N VAL H 315 -23.51 -44.69 66.45
CA VAL H 315 -23.25 -45.92 67.18
C VAL H 315 -23.63 -47.11 66.31
N TYR H 316 -22.82 -48.17 66.37
CA TYR H 316 -23.07 -49.39 65.60
C TYR H 316 -24.25 -50.14 66.20
N THR H 317 -25.26 -50.40 65.36
CA THR H 317 -26.51 -50.97 65.80
C THR H 317 -26.82 -52.24 65.02
N SER H 318 -25.77 -52.93 64.59
CA SER H 318 -25.88 -54.25 63.98
C SER H 318 -26.81 -54.19 62.77
N MET H 319 -26.48 -53.30 61.82
CA MET H 319 -27.19 -53.10 60.57
C MET H 319 -28.51 -52.37 60.79
N GLY H 320 -28.75 -51.92 62.02
CA GLY H 320 -30.01 -51.26 62.35
C GLY H 320 -31.03 -52.25 62.94
N MET H 321 -30.58 -53.49 63.16
CA MET H 321 -31.39 -54.51 63.82
C MET H 321 -31.49 -54.23 65.31
N SER H 322 -30.37 -53.83 65.92
CA SER H 322 -30.37 -53.29 67.27
C SER H 322 -30.88 -51.86 67.24
N MET H 323 -31.42 -51.39 68.38
CA MET H 323 -32.14 -50.13 68.42
C MET H 323 -31.45 -49.15 69.37
N ALA H 324 -31.40 -47.88 68.95
CA ALA H 324 -30.88 -46.81 69.78
C ALA H 324 -31.58 -45.51 69.41
N ASP H 325 -31.88 -44.69 70.44
CA ASP H 325 -32.36 -43.33 70.21
C ASP H 325 -31.14 -42.45 70.00
N ARG H 326 -30.81 -42.21 68.72
CA ARG H 326 -29.63 -41.46 68.35
C ARG H 326 -29.83 -39.98 68.65
N GLY H 327 -31.09 -39.59 68.90
CA GLY H 327 -31.43 -38.21 69.19
C GLY H 327 -31.40 -37.91 70.69
N ALA H 328 -31.04 -38.92 71.49
CA ALA H 328 -30.98 -38.79 72.93
C ALA H 328 -29.80 -37.89 73.33
N PRO H 329 -29.86 -37.21 74.49
CA PRO H 329 -28.79 -36.30 74.92
C PRO H 329 -27.40 -36.94 74.97
N LEU H 330 -27.38 -38.27 75.12
CA LEU H 330 -26.14 -39.03 75.17
C LEU H 330 -25.33 -38.82 73.88
N TRP H 331 -26.03 -38.74 72.74
CA TRP H 331 -25.40 -38.69 71.44
C TRP H 331 -25.51 -37.30 70.84
N LYS H 332 -25.70 -36.28 71.70
CA LYS H 332 -26.02 -34.94 71.22
C LYS H 332 -24.95 -34.44 70.26
N GLU H 333 -23.68 -34.60 70.63
CA GLU H 333 -22.57 -34.06 69.88
C GLU H 333 -22.47 -34.75 68.51
N LYS H 334 -22.80 -36.05 68.48
CA LYS H 334 -22.66 -36.86 67.28
C LYS H 334 -23.79 -36.55 66.30
N ARG H 335 -24.99 -36.30 66.83
CA ARG H 335 -26.13 -35.92 66.02
C ARG H 335 -25.92 -34.50 65.50
N ASP H 336 -25.33 -33.64 66.34
CA ASP H 336 -25.03 -32.26 65.98
C ASP H 336 -24.13 -32.26 64.74
N ARG H 337 -23.20 -33.21 64.69
CA ARG H 337 -22.25 -33.29 63.59
C ARG H 337 -22.98 -33.59 62.29
N TRP H 338 -24.02 -34.43 62.37
CA TRP H 338 -24.82 -34.77 61.22
C TRP H 338 -25.62 -33.56 60.74
N VAL H 339 -26.12 -32.78 61.70
CA VAL H 339 -26.84 -31.56 61.40
C VAL H 339 -25.94 -30.58 60.67
N SER H 340 -24.64 -30.60 61.01
CA SER H 340 -23.61 -29.77 60.39
C SER H 340 -23.45 -30.11 58.90
N ILE H 341 -23.67 -31.39 58.55
CA ILE H 341 -23.56 -31.84 57.18
C ILE H 341 -24.80 -31.42 56.40
N CYS H 342 -25.98 -31.60 57.01
CA CYS H 342 -27.24 -31.21 56.40
C CYS H 342 -27.35 -29.69 56.29
N ASP H 343 -26.75 -28.99 57.27
CA ASP H 343 -26.65 -27.54 57.34
C ASP H 343 -26.29 -26.93 56.00
N ASP H 344 -25.58 -27.67 55.16
CA ASP H 344 -25.05 -27.17 53.91
C ASP H 344 -26.18 -26.69 53.00
N CYS H 345 -27.36 -27.30 53.14
CA CYS H 345 -28.46 -27.01 52.22
C CYS H 345 -29.80 -26.91 52.94
N HIS H 346 -29.77 -26.93 54.28
CA HIS H 346 -30.98 -26.86 55.09
C HIS H 346 -30.69 -26.08 56.36
N SER H 347 -31.76 -25.55 56.98
CA SER H 347 -31.65 -24.97 58.30
C SER H 347 -31.33 -26.07 59.32
N PRO H 348 -30.50 -25.79 60.35
CA PRO H 348 -30.24 -26.76 61.41
C PRO H 348 -31.52 -27.39 61.94
N ARG H 349 -32.55 -26.56 62.13
CA ARG H 349 -33.80 -27.01 62.73
C ARG H 349 -34.45 -28.08 61.86
N PHE H 350 -34.54 -27.80 60.55
CA PHE H 350 -35.21 -28.70 59.62
C PHE H 350 -34.55 -30.06 59.65
N ALA H 351 -33.21 -30.08 59.63
CA ALA H 351 -32.44 -31.32 59.59
C ALA H 351 -32.55 -32.05 60.92
N ARG H 352 -32.40 -31.32 62.03
CA ARG H 352 -32.45 -31.87 63.37
C ARG H 352 -33.76 -32.62 63.57
N GLU H 353 -34.86 -31.99 63.16
CA GLU H 353 -36.21 -32.49 63.42
C GLU H 353 -36.53 -33.64 62.49
N ASN H 354 -35.97 -33.63 61.28
CA ASN H 354 -36.18 -34.71 60.33
C ASN H 354 -35.49 -35.98 60.82
N LEU H 355 -34.31 -35.82 61.42
CA LEU H 355 -33.55 -36.95 61.95
C LEU H 355 -34.18 -37.43 63.25
N GLN H 356 -34.87 -36.53 63.95
CA GLN H 356 -35.62 -36.89 65.14
C GLN H 356 -36.77 -37.81 64.76
N ALA H 357 -37.39 -37.53 63.60
CA ALA H 357 -38.47 -38.36 63.07
C ALA H 357 -37.96 -39.78 62.82
N MET H 358 -36.73 -39.88 62.30
CA MET H 358 -36.11 -41.17 62.07
C MET H 358 -36.01 -41.93 63.39
N ASP H 359 -35.52 -41.26 64.44
CA ASP H 359 -35.35 -41.85 65.75
C ASP H 359 -36.66 -42.45 66.24
N GLU H 360 -37.76 -41.73 66.00
CA GLU H 360 -39.08 -42.13 66.46
C GLU H 360 -39.55 -43.37 65.70
N SER H 361 -39.28 -43.40 64.39
CA SER H 361 -39.63 -44.54 63.55
C SER H 361 -38.89 -45.79 64.01
N VAL H 362 -37.62 -45.60 64.41
CA VAL H 362 -36.75 -46.68 64.83
C VAL H 362 -37.28 -47.29 66.13
N LYS H 363 -37.72 -46.42 67.05
CA LYS H 363 -38.19 -46.84 68.36
C LYS H 363 -39.52 -47.57 68.21
N ASP H 364 -40.38 -47.05 67.33
CA ASP H 364 -41.71 -47.59 67.11
C ASP H 364 -41.61 -48.94 66.41
N ALA H 365 -40.55 -49.12 65.63
CA ALA H 365 -40.31 -50.37 64.91
C ALA H 365 -39.95 -51.48 65.91
N SER H 366 -39.13 -51.15 66.90
CA SER H 366 -38.67 -52.11 67.89
C SER H 366 -39.79 -52.46 68.86
N LEU H 367 -40.73 -51.53 69.04
CA LEU H 367 -41.94 -51.79 69.80
C LEU H 367 -42.71 -52.95 69.16
N LYS H 368 -42.84 -52.91 67.82
CA LYS H 368 -43.52 -53.94 67.06
C LYS H 368 -42.76 -55.26 67.17
N TYR H 369 -41.43 -55.21 67.06
CA TYR H 369 -40.64 -56.43 67.08
C TYR H 369 -40.70 -57.10 68.45
N ARG H 370 -40.67 -56.29 69.51
CA ARG H 370 -40.79 -56.81 70.86
C ARG H 370 -42.07 -57.63 70.99
N GLU H 371 -43.16 -57.14 70.39
CA GLU H 371 -44.43 -57.85 70.41
C GLU H 371 -44.31 -59.12 69.58
N THR H 372 -43.58 -59.03 68.46
CA THR H 372 -43.40 -60.15 67.55
C THR H 372 -42.57 -61.22 68.25
N PHE H 373 -41.51 -60.79 68.94
CA PHE H 373 -40.57 -61.69 69.58
C PHE H 373 -41.24 -62.42 70.74
N LYS H 374 -42.10 -61.70 71.48
CA LYS H 374 -42.79 -62.25 72.64
C LYS H 374 -43.59 -63.47 72.23
N VAL H 375 -44.26 -63.38 71.07
CA VAL H 375 -45.09 -64.45 70.56
C VAL H 375 -44.21 -65.68 70.31
N ALA H 376 -43.02 -65.44 69.76
CA ALA H 376 -42.10 -66.51 69.39
C ALA H 376 -41.47 -67.12 70.63
N GLU H 377 -41.11 -66.27 71.60
CA GLU H 377 -40.46 -66.68 72.83
C GLU H 377 -41.42 -67.52 73.67
N ASP H 378 -42.71 -67.13 73.66
CA ASP H 378 -43.73 -67.82 74.43
C ASP H 378 -43.92 -69.25 73.91
N LEU H 379 -43.79 -69.43 72.59
CA LEU H 379 -43.93 -70.76 72.00
C LEU H 379 -42.82 -71.67 72.49
N LEU H 380 -41.63 -71.10 72.71
CA LEU H 380 -40.46 -71.85 73.13
C LEU H 380 -40.59 -72.22 74.60
N ILE H 381 -40.98 -71.23 75.42
CA ILE H 381 -41.10 -71.42 76.86
C ILE H 381 -42.22 -72.42 77.15
N ASP H 382 -43.31 -72.33 76.40
CA ASP H 382 -44.45 -73.24 76.59
C ASP H 382 -44.14 -74.58 75.95
N GLY H 383 -43.06 -74.64 75.16
CA GLY H 383 -42.57 -75.87 74.56
C GLY H 383 -43.46 -76.38 73.44
N VAL H 384 -44.28 -75.49 72.86
CA VAL H 384 -45.25 -75.88 71.84
C VAL H 384 -44.75 -75.44 70.45
N LEU H 385 -43.56 -74.83 70.41
CA LEU H 385 -42.93 -74.45 69.16
C LEU H 385 -42.67 -75.71 68.34
N ASP H 386 -42.94 -75.62 67.03
CA ASP H 386 -43.05 -76.80 66.18
C ASP H 386 -42.03 -76.74 65.03
N PRO H 387 -40.84 -77.32 65.23
CA PRO H 387 -40.47 -78.03 66.44
C PRO H 387 -39.53 -77.21 67.34
N MET H 388 -39.19 -77.78 68.50
CA MET H 388 -38.26 -77.17 69.43
C MET H 388 -36.84 -77.31 68.88
N PRO H 389 -35.89 -76.42 69.26
CA PRO H 389 -34.53 -76.45 68.71
C PRO H 389 -33.84 -77.80 68.74
N LYS H 390 -34.17 -78.64 69.73
CA LYS H 390 -33.53 -79.93 69.92
C LYS H 390 -33.90 -80.88 68.79
N ASP H 391 -34.99 -80.57 68.09
CA ASP H 391 -35.51 -81.46 67.04
C ASP H 391 -35.17 -80.91 65.66
N LEU H 392 -34.47 -79.77 65.63
CA LEU H 392 -33.94 -79.23 64.39
C LEU H 392 -32.55 -79.82 64.15
N CYS H 393 -32.07 -79.71 62.91
CA CYS H 393 -30.68 -79.99 62.59
C CYS H 393 -29.77 -79.16 63.49
N PRO H 394 -28.64 -79.69 63.98
CA PRO H 394 -27.69 -78.91 64.77
C PRO H 394 -27.19 -77.69 63.98
N ASP H 395 -27.00 -76.58 64.69
CA ASP H 395 -26.52 -75.33 64.10
C ASP H 395 -25.06 -75.48 63.66
N TRP H 396 -24.48 -74.41 63.11
CA TRP H 396 -23.15 -74.42 62.53
C TRP H 396 -22.13 -74.89 63.56
N SER H 397 -22.45 -74.63 64.83
CA SER H 397 -21.57 -74.90 65.97
C SER H 397 -21.60 -76.38 66.33
N GLY H 398 -22.68 -77.07 65.93
CA GLY H 398 -22.92 -78.45 66.29
C GLY H 398 -23.80 -78.55 67.54
N GLN H 399 -24.54 -77.49 67.81
CA GLN H 399 -25.37 -77.38 69.02
C GLN H 399 -26.84 -77.24 68.62
N HIS H 400 -27.72 -77.33 69.62
CA HIS H 400 -29.15 -77.15 69.41
C HIS H 400 -29.65 -75.94 70.19
N ILE H 401 -28.93 -74.82 70.05
CA ILE H 401 -29.30 -73.57 70.69
C ILE H 401 -30.41 -72.92 69.85
N TRP H 402 -31.34 -72.24 70.52
CA TRP H 402 -32.43 -71.53 69.88
C TRP H 402 -31.87 -70.44 68.99
N SER H 403 -32.38 -70.38 67.75
CA SER H 403 -31.97 -69.43 66.72
C SER H 403 -31.96 -68.00 67.27
N LEU H 404 -33.05 -67.62 67.96
CA LEU H 404 -33.31 -66.22 68.30
C LEU H 404 -32.68 -65.85 69.64
N LYS H 405 -31.95 -66.78 70.26
CA LYS H 405 -31.39 -66.56 71.58
C LYS H 405 -30.26 -65.53 71.51
N ILE H 406 -30.43 -64.44 72.26
CA ILE H 406 -29.40 -63.43 72.44
C ILE H 406 -28.81 -63.63 73.84
N GLY H 407 -27.53 -64.01 73.87
CA GLY H 407 -26.84 -64.40 75.09
C GLY H 407 -26.87 -63.32 76.18
N ALA H 408 -26.98 -62.05 75.76
CA ALA H 408 -26.90 -60.96 76.70
C ALA H 408 -28.24 -60.76 77.43
N TYR H 409 -29.31 -61.34 76.87
CA TYR H 409 -30.66 -61.12 77.39
C TYR H 409 -31.31 -62.43 77.84
N HIS H 410 -30.92 -63.55 77.21
CA HIS H 410 -31.62 -64.81 77.41
C HIS H 410 -30.70 -65.81 78.09
N ASP H 411 -31.26 -66.51 79.10
CA ASP H 411 -30.55 -67.57 79.80
C ASP H 411 -31.58 -68.56 80.34
N GLY H 412 -31.32 -69.85 80.15
CA GLY H 412 -32.23 -70.88 80.62
C GLY H 412 -32.08 -72.19 79.85
N GLU H 413 -32.77 -73.22 80.35
CA GLU H 413 -32.70 -74.57 79.80
C GLU H 413 -33.32 -74.59 78.41
N ALA H 414 -34.39 -73.80 78.23
CA ALA H 414 -35.21 -73.83 77.03
C ALA H 414 -34.44 -73.22 75.85
N TYR H 415 -33.53 -72.30 76.16
CA TYR H 415 -32.81 -71.56 75.14
C TYR H 415 -31.61 -72.37 74.64
N GLY H 416 -30.97 -73.12 75.56
CA GLY H 416 -29.81 -73.94 75.24
C GLY H 416 -28.53 -73.12 75.31
N GLY H 417 -27.38 -73.81 75.17
CA GLY H 417 -26.07 -73.17 75.19
C GLY H 417 -25.66 -72.74 76.58
N THR H 418 -24.39 -72.34 76.73
CA THR H 418 -23.85 -71.86 78.00
C THR H 418 -24.36 -70.44 78.26
N THR H 419 -24.13 -69.96 79.49
CA THR H 419 -24.56 -68.63 79.91
C THR H 419 -23.82 -67.58 79.10
N GLY H 420 -24.58 -66.65 78.50
CA GLY H 420 -24.03 -65.54 77.74
C GLY H 420 -23.84 -65.86 76.26
N GLU H 421 -23.96 -67.15 75.91
CA GLU H 421 -23.78 -67.63 74.54
C GLU H 421 -25.08 -67.41 73.76
N SER H 422 -24.95 -66.87 72.55
CA SER H 422 -26.07 -66.64 71.65
C SER H 422 -26.33 -67.86 70.77
N GLY H 423 -27.49 -67.87 70.12
CA GLY H 423 -27.80 -68.86 69.11
C GLY H 423 -27.33 -68.40 67.74
N GLU H 424 -27.45 -69.28 66.74
CA GLU H 424 -27.11 -68.92 65.38
C GLU H 424 -28.31 -68.24 64.73
N PHE H 425 -28.30 -66.90 64.76
CA PHE H 425 -29.32 -66.06 64.15
C PHE H 425 -29.37 -66.36 62.66
N ARG H 426 -30.54 -66.83 62.19
CA ARG H 426 -30.63 -67.30 60.82
C ARG H 426 -32.08 -67.28 60.33
N MET H 427 -32.22 -67.38 59.01
CA MET H 427 -33.50 -67.49 58.33
C MET H 427 -33.65 -68.91 57.78
N SER H 428 -32.63 -69.74 58.03
CA SER H 428 -32.57 -71.10 57.51
C SER H 428 -32.61 -72.09 58.68
N ASN H 429 -33.02 -73.33 58.37
CA ASN H 429 -33.01 -74.44 59.32
C ASN H 429 -33.64 -73.99 60.64
N CYS H 430 -34.92 -73.64 60.57
CA CYS H 430 -35.68 -73.18 61.73
C CYS H 430 -37.17 -73.31 61.44
N THR H 431 -37.99 -72.84 62.40
CA THR H 431 -39.44 -72.79 62.23
C THR H 431 -39.80 -71.54 61.41
N ASP H 432 -41.04 -71.50 60.91
CA ASP H 432 -41.56 -70.33 60.23
C ASP H 432 -41.54 -69.13 61.17
N VAL H 433 -41.87 -69.36 62.45
CA VAL H 433 -41.97 -68.30 63.44
C VAL H 433 -40.59 -67.68 63.64
N GLU H 434 -39.56 -68.52 63.74
CA GLU H 434 -38.17 -68.06 63.87
C GLU H 434 -37.78 -67.26 62.63
N ARG H 435 -38.13 -67.81 61.45
CA ARG H 435 -37.80 -67.23 60.16
C ARG H 435 -38.41 -65.84 60.02
N LEU H 436 -39.71 -65.74 60.34
CA LEU H 436 -40.47 -64.51 60.16
C LEU H 436 -39.96 -63.43 61.11
N CYS H 437 -39.51 -63.84 62.30
CA CYS H 437 -38.92 -62.94 63.28
C CYS H 437 -37.61 -62.37 62.70
N PHE H 438 -36.79 -63.25 62.12
CA PHE H 438 -35.54 -62.85 61.50
C PHE H 438 -35.83 -61.84 60.40
N GLU H 439 -36.82 -62.15 59.54
CA GLU H 439 -37.17 -61.31 58.41
C GLU H 439 -37.66 -59.94 58.89
N SER H 440 -38.40 -59.93 60.00
CA SER H 440 -39.02 -58.71 60.51
C SER H 440 -37.96 -57.72 60.95
N VAL H 441 -36.96 -58.20 61.70
CA VAL H 441 -35.95 -57.33 62.29
C VAL H 441 -34.77 -57.19 61.33
N GLY H 442 -34.49 -58.26 60.56
CA GLY H 442 -33.29 -58.34 59.75
C GLY H 442 -33.49 -57.75 58.35
N TYR H 443 -34.75 -57.67 57.90
CA TYR H 443 -35.05 -57.08 56.61
C TYR H 443 -35.87 -55.81 56.80
N PHE H 444 -37.12 -55.98 57.26
CA PHE H 444 -38.12 -54.92 57.24
C PHE H 444 -37.72 -53.75 58.14
N GLN H 445 -37.16 -54.06 59.32
CA GLN H 445 -36.79 -53.04 60.29
C GLN H 445 -35.67 -52.16 59.72
N THR H 446 -34.76 -52.78 58.96
CA THR H 446 -33.62 -52.07 58.39
C THR H 446 -34.10 -51.10 57.31
N TYR H 447 -35.22 -51.44 56.65
CA TYR H 447 -35.80 -50.56 55.64
C TYR H 447 -36.34 -49.29 56.29
N ILE H 448 -36.73 -49.39 57.57
CA ILE H 448 -37.26 -48.25 58.30
C ILE H 448 -36.10 -47.33 58.69
N TYR H 449 -35.03 -47.89 59.27
CA TYR H 449 -33.86 -47.11 59.66
C TYR H 449 -33.21 -46.46 58.44
N LYS H 450 -32.83 -47.28 57.46
CA LYS H 450 -32.16 -46.80 56.25
C LYS H 450 -33.10 -45.90 55.44
N GLY H 451 -34.38 -46.28 55.38
CA GLY H 451 -35.39 -45.49 54.68
C GLY H 451 -35.47 -44.06 55.22
N MET H 452 -35.64 -43.95 56.54
CA MET H 452 -35.85 -42.67 57.18
C MET H 452 -34.56 -41.85 57.16
N ALA H 453 -33.42 -42.54 57.19
CA ALA H 453 -32.11 -41.89 57.22
C ALA H 453 -31.80 -41.27 55.86
N HIS H 454 -32.37 -41.84 54.80
CA HIS H 454 -32.01 -41.43 53.45
C HIS H 454 -33.17 -40.72 52.75
N GLY H 455 -34.31 -40.65 53.44
CA GLY H 455 -35.42 -39.82 53.00
C GLY H 455 -36.41 -40.57 52.11
N SER H 456 -36.35 -41.90 52.17
CA SER H 456 -37.32 -42.73 51.48
C SER H 456 -38.49 -43.08 52.41
N TRP H 457 -39.57 -42.32 52.25
CA TRP H 457 -40.73 -42.39 53.13
C TRP H 457 -41.48 -43.70 52.93
N ASN H 458 -41.44 -44.23 51.69
CA ASN H 458 -42.18 -45.43 51.35
C ASN H 458 -41.44 -46.66 51.84
N ASP H 459 -40.10 -46.58 51.87
CA ASP H 459 -39.26 -47.67 52.37
C ASP H 459 -39.49 -47.84 53.88
N ALA H 460 -39.94 -46.77 54.53
CA ALA H 460 -40.13 -46.79 55.97
C ALA H 460 -41.56 -47.18 56.33
N THR H 461 -42.44 -47.25 55.31
CA THR H 461 -43.85 -47.50 55.53
C THR H 461 -44.34 -48.65 54.63
N TYR H 462 -44.85 -48.31 53.45
CA TYR H 462 -45.59 -49.24 52.60
C TYR H 462 -44.67 -50.31 52.03
N SER H 463 -43.48 -49.89 51.57
CA SER H 463 -42.59 -50.77 50.83
C SER H 463 -41.78 -51.65 51.79
N ASP H 464 -42.49 -52.55 52.48
CA ASP H 464 -41.91 -53.57 53.34
C ASP H 464 -41.25 -52.91 54.56
N GLY H 465 -41.70 -51.70 54.89
CA GLY H 465 -41.17 -50.99 56.04
C GLY H 465 -41.96 -51.33 57.30
N SER H 466 -42.55 -50.29 57.89
CA SER H 466 -43.41 -50.42 59.07
C SER H 466 -44.52 -51.43 58.80
N PHE H 467 -45.12 -51.36 57.61
CA PHE H 467 -46.26 -52.18 57.25
C PHE H 467 -45.82 -53.59 56.87
N GLY H 468 -44.53 -53.74 56.54
CA GLY H 468 -43.91 -55.04 56.36
C GLY H 468 -43.88 -55.80 57.69
N MET H 469 -43.47 -55.10 58.75
CA MET H 469 -43.38 -55.66 60.08
C MET H 469 -44.78 -56.00 60.59
N ASP H 470 -45.76 -55.16 60.22
CA ASP H 470 -47.15 -55.36 60.56
C ASP H 470 -47.64 -56.69 59.98
N ARG H 471 -47.30 -56.90 58.70
CA ARG H 471 -47.74 -58.08 57.97
C ARG H 471 -47.14 -59.34 58.56
N TRP H 472 -45.87 -59.23 59.00
CA TRP H 472 -45.14 -60.38 59.52
C TRP H 472 -45.59 -60.68 60.95
N LEU H 473 -46.01 -59.65 61.69
CA LEU H 473 -46.54 -59.84 63.03
C LEU H 473 -47.80 -60.68 62.96
N VAL H 474 -48.67 -60.36 61.97
CA VAL H 474 -49.88 -61.11 61.71
C VAL H 474 -49.51 -62.56 61.39
N ASN H 475 -48.46 -62.73 60.57
CA ASN H 475 -48.05 -64.04 60.08
C ASN H 475 -47.51 -64.89 61.24
N VAL H 476 -46.80 -64.24 62.17
CA VAL H 476 -46.22 -64.90 63.32
C VAL H 476 -47.35 -65.35 64.26
N LYS H 477 -48.29 -64.43 64.53
CA LYS H 477 -49.42 -64.69 65.41
C LYS H 477 -50.22 -65.88 64.89
N GLN H 478 -50.46 -65.92 63.57
CA GLN H 478 -51.26 -66.96 62.96
C GLN H 478 -50.56 -68.31 63.12
N ASN H 479 -49.24 -68.32 62.89
CA ASN H 479 -48.43 -69.52 63.00
C ASN H 479 -48.38 -69.99 64.44
N ALA H 480 -48.40 -69.03 65.38
CA ALA H 480 -48.38 -69.36 66.80
C ALA H 480 -49.70 -70.01 67.18
N SER H 481 -50.80 -69.42 66.68
CA SER H 481 -52.15 -69.86 66.96
C SER H 481 -52.34 -71.30 66.49
N ARG H 482 -51.89 -71.59 65.26
CA ARG H 482 -52.06 -72.89 64.65
C ARG H 482 -51.29 -73.94 65.44
N ALA H 483 -50.05 -73.61 65.82
CA ALA H 483 -49.18 -74.52 66.53
C ALA H 483 -49.75 -74.85 67.90
N ARG H 484 -50.38 -73.85 68.54
CA ARG H 484 -50.94 -74.01 69.88
C ARG H 484 -52.23 -74.83 69.81
N ARG H 485 -52.97 -74.67 68.71
CA ARG H 485 -54.23 -75.35 68.51
C ARG H 485 -54.00 -76.84 68.27
N LEU H 486 -52.90 -77.15 67.57
CA LEU H 486 -52.54 -78.53 67.27
C LEU H 486 -52.05 -79.23 68.54
N ALA H 487 -51.23 -78.52 69.32
CA ALA H 487 -50.67 -79.04 70.55
C ALA H 487 -51.78 -79.38 71.54
N ALA H 488 -52.81 -78.52 71.58
CA ALA H 488 -53.94 -78.70 72.49
C ALA H 488 -54.76 -79.92 72.09
N LEU H 489 -54.95 -80.09 70.78
CA LEU H 489 -55.72 -81.20 70.24
C LEU H 489 -55.00 -82.50 70.51
N GLU H 490 -53.67 -82.48 70.35
CA GLU H 490 -52.86 -83.68 70.47
C GLU H 490 -52.79 -84.15 71.92
N LYS H 491 -52.79 -83.18 72.86
CA LYS H 491 -52.80 -83.49 74.27
C LYS H 491 -54.10 -84.22 74.62
N LYS H 492 -55.23 -83.67 74.16
CA LYS H 492 -56.55 -84.16 74.56
C LYS H 492 -56.81 -85.53 73.93
N VAL H 493 -56.29 -85.75 72.73
CA VAL H 493 -56.51 -86.99 72.00
C VAL H 493 -55.45 -88.02 72.41
N GLY H 494 -54.36 -87.54 73.04
CA GLY H 494 -53.33 -88.42 73.56
C GLY H 494 -52.29 -88.79 72.50
N ILE H 495 -52.08 -87.90 71.53
CA ILE H 495 -50.97 -88.03 70.59
C ILE H 495 -49.81 -87.21 71.13
N SER H 496 -48.65 -87.85 71.21
CA SER H 496 -47.39 -87.15 71.43
C SER H 496 -46.71 -86.98 70.08
N TRP H 497 -46.70 -85.73 69.58
CA TRP H 497 -46.25 -85.45 68.24
C TRP H 497 -44.75 -85.70 68.12
N GLN H 498 -44.39 -86.58 67.16
CA GLN H 498 -43.00 -86.84 66.83
C GLN H 498 -42.60 -85.90 65.70
N PRO H 499 -41.72 -84.90 65.97
CA PRO H 499 -41.24 -83.99 64.93
C PRO H 499 -40.69 -84.77 63.74
N GLU H 500 -41.03 -84.29 62.53
CA GLU H 500 -40.74 -85.01 61.29
C GLU H 500 -39.24 -85.09 61.04
N GLN H 501 -38.86 -86.02 60.15
CA GLN H 501 -37.46 -86.33 59.91
C GLN H 501 -36.77 -85.16 59.19
N PHE H 502 -37.54 -84.39 58.41
CA PHE H 502 -36.99 -83.36 57.55
C PHE H 502 -36.50 -82.15 58.35
N TRP H 503 -36.89 -82.07 59.63
CA TRP H 503 -36.38 -81.01 60.50
C TRP H 503 -34.94 -81.31 60.89
N LYS H 504 -34.60 -82.62 60.96
CA LYS H 504 -33.32 -83.10 61.45
C LYS H 504 -32.35 -83.23 60.27
N THR H 505 -32.79 -83.95 59.22
CA THR H 505 -31.92 -84.32 58.13
C THR H 505 -32.58 -84.01 56.78
N GLY H 506 -31.75 -83.97 55.74
CA GLY H 506 -32.15 -83.66 54.38
C GLY H 506 -30.92 -83.45 53.51
N GLU H 507 -31.12 -83.45 52.19
CA GLU H 507 -30.01 -83.48 51.25
C GLU H 507 -29.04 -82.33 51.50
N TRP H 508 -29.59 -81.13 51.76
CA TRP H 508 -28.79 -79.95 52.01
C TRP H 508 -28.29 -79.93 53.45
N LEU H 509 -29.18 -80.22 54.40
CA LEU H 509 -28.87 -80.18 55.82
C LEU H 509 -27.66 -81.06 56.13
N ASP H 510 -27.60 -82.22 55.48
CA ASP H 510 -26.58 -83.22 55.76
C ASP H 510 -25.20 -82.69 55.39
N GLN H 511 -25.14 -81.64 54.55
CA GLN H 511 -23.89 -81.14 54.03
C GLN H 511 -23.33 -80.05 54.93
N LEU H 512 -24.06 -79.73 56.00
CA LEU H 512 -23.70 -78.61 56.86
C LEU H 512 -22.67 -79.05 57.89
N THR H 513 -22.14 -78.08 58.63
CA THR H 513 -21.10 -78.28 59.63
C THR H 513 -21.69 -78.97 60.86
N GLY H 514 -22.89 -78.54 61.27
CA GLY H 514 -23.59 -79.09 62.43
C GLY H 514 -23.55 -80.62 62.46
N PRO H 515 -24.19 -81.33 61.49
CA PRO H 515 -24.16 -82.79 61.48
C PRO H 515 -22.77 -83.39 61.50
N TYR H 516 -21.82 -82.74 60.82
CA TYR H 516 -20.46 -83.23 60.72
C TYR H 516 -19.80 -83.23 62.10
N ILE H 517 -19.99 -82.16 62.87
CA ILE H 517 -19.37 -82.01 64.17
C ILE H 517 -19.97 -83.02 65.14
N VAL H 518 -21.31 -83.16 65.12
CA VAL H 518 -22.01 -84.09 66.00
C VAL H 518 -21.53 -85.52 65.74
N LYS H 519 -21.30 -85.86 64.47
CA LYS H 519 -20.94 -87.22 64.10
C LYS H 519 -19.46 -87.48 64.39
N ASN H 520 -18.59 -86.54 64.02
CA ASN H 520 -17.16 -86.80 63.93
C ASN H 520 -16.41 -86.30 65.17
N HIS H 521 -16.99 -85.32 65.88
CA HIS H 521 -16.37 -84.80 67.09
C HIS H 521 -17.43 -84.69 68.18
N PRO H 522 -17.92 -85.85 68.69
CA PRO H 522 -19.20 -85.91 69.41
C PRO H 522 -19.38 -84.94 70.58
N GLY H 523 -18.34 -84.81 71.41
CA GLY H 523 -18.49 -84.08 72.66
C GLY H 523 -18.32 -82.58 72.51
N LYS H 524 -17.85 -82.15 71.32
CA LYS H 524 -17.27 -80.81 71.19
C LYS H 524 -18.08 -79.93 70.24
N THR H 525 -17.79 -78.62 70.28
CA THR H 525 -18.38 -77.63 69.39
C THR H 525 -17.30 -77.08 68.46
N ILE H 526 -17.71 -76.22 67.52
CA ILE H 526 -16.79 -75.65 66.54
C ILE H 526 -15.79 -74.73 67.24
N PHE H 527 -16.20 -74.18 68.39
CA PHE H 527 -15.36 -73.27 69.15
C PHE H 527 -14.24 -74.05 69.84
N ASP H 528 -14.55 -75.30 70.23
CA ASP H 528 -13.55 -76.20 70.77
C ASP H 528 -12.54 -76.55 69.67
N LEU H 529 -13.06 -76.82 68.47
CA LEU H 529 -12.27 -77.34 67.36
C LEU H 529 -11.47 -76.21 66.70
N CYS H 530 -11.87 -74.96 66.95
CA CYS H 530 -11.16 -73.80 66.45
C CYS H 530 -10.78 -72.90 67.62
N PRO H 531 -9.74 -73.26 68.40
CA PRO H 531 -9.44 -72.57 69.66
C PRO H 531 -8.69 -71.24 69.52
N ASP H 532 -8.21 -70.96 68.30
CA ASP H 532 -7.42 -69.77 68.01
C ASP H 532 -8.20 -68.52 68.39
N PRO H 533 -7.52 -67.41 68.78
CA PRO H 533 -8.20 -66.15 69.08
C PRO H 533 -8.87 -65.58 67.82
N GLY H 534 -10.08 -65.03 68.01
CA GLY H 534 -10.83 -64.44 66.92
C GLY H 534 -10.54 -62.95 66.76
N TRP H 535 -11.32 -62.29 65.90
CA TRP H 535 -11.11 -60.89 65.60
C TRP H 535 -11.41 -60.03 66.82
N LEU H 536 -12.46 -60.40 67.55
CA LEU H 536 -12.93 -59.63 68.69
C LEU H 536 -11.92 -59.68 69.84
N ASP H 537 -11.06 -60.71 69.82
CA ASP H 537 -10.07 -60.92 70.88
C ASP H 537 -8.90 -59.94 70.72
N THR H 538 -8.67 -59.48 69.48
CA THR H 538 -7.50 -58.69 69.15
C THR H 538 -7.88 -57.26 68.76
N HIS H 539 -9.18 -57.01 68.57
CA HIS H 539 -9.66 -55.70 68.13
C HIS H 539 -10.69 -55.17 69.11
N HIS H 540 -10.44 -53.96 69.62
CA HIS H 540 -11.27 -53.34 70.64
C HIS H 540 -11.71 -51.96 70.17
N ALA H 541 -12.71 -51.39 70.87
CA ALA H 541 -13.19 -50.05 70.59
C ALA H 541 -12.10 -49.02 70.90
N PRO H 542 -11.97 -47.94 70.10
CA PRO H 542 -10.95 -46.90 70.36
C PRO H 542 -11.14 -46.23 71.71
N ALA H 543 -10.02 -45.75 72.29
CA ALA H 543 -9.99 -45.18 73.62
C ALA H 543 -10.89 -43.95 73.69
N GLU H 544 -10.93 -43.17 72.61
CA GLU H 544 -11.68 -41.93 72.56
C GLU H 544 -13.19 -42.19 72.62
N GLU H 545 -13.62 -43.34 72.08
CA GLU H 545 -15.02 -43.70 72.05
C GLU H 545 -15.51 -44.04 73.46
N VAL H 546 -14.71 -44.83 74.19
CA VAL H 546 -15.05 -45.21 75.55
C VAL H 546 -15.03 -43.97 76.43
N GLU H 547 -14.05 -43.09 76.17
CA GLU H 547 -13.82 -41.86 76.92
C GLU H 547 -15.02 -40.93 76.79
N TYR H 548 -15.58 -40.85 75.56
CA TYR H 548 -16.71 -39.98 75.27
C TYR H 548 -17.95 -40.47 76.01
N ILE H 549 -18.22 -41.78 75.93
CA ILE H 549 -19.42 -42.38 76.47
C ILE H 549 -19.42 -42.23 77.99
N GLU H 550 -18.28 -42.52 78.62
CA GLU H 550 -18.13 -42.45 80.07
C GLU H 550 -18.35 -41.02 80.55
N ARG H 551 -17.83 -40.05 79.78
CA ARG H 551 -17.94 -38.64 80.12
C ARG H 551 -19.40 -38.21 80.07
N LYS H 552 -20.13 -38.70 79.05
CA LYS H 552 -21.50 -38.27 78.78
C LYS H 552 -22.47 -38.91 79.76
N LEU H 553 -22.18 -40.15 80.16
CA LEU H 553 -23.02 -40.88 81.11
C LEU H 553 -22.91 -40.26 82.49
N LYS H 554 -21.71 -39.78 82.84
CA LYS H 554 -21.46 -39.10 84.09
C LYS H 554 -22.15 -37.74 84.07
N GLU H 555 -22.08 -37.07 82.91
CA GLU H 555 -22.59 -35.73 82.71
C GLU H 555 -24.11 -35.72 82.87
N LEU H 556 -24.75 -36.83 82.49
CA LEU H 556 -26.21 -36.91 82.45
C LEU H 556 -26.72 -37.74 83.62
N GLY H 557 -25.83 -38.52 84.24
CA GLY H 557 -26.18 -39.36 85.37
C GLY H 557 -27.04 -40.55 84.96
N ILE H 558 -26.53 -41.37 84.03
CA ILE H 558 -27.17 -42.60 83.60
C ILE H 558 -26.25 -43.76 83.98
N THR H 559 -26.86 -44.86 84.44
CA THR H 559 -26.13 -46.05 84.87
C THR H 559 -25.49 -46.71 83.66
N ALA H 560 -24.26 -47.20 83.83
CA ALA H 560 -23.54 -47.95 82.81
C ALA H 560 -24.12 -49.36 82.70
N GLY H 561 -23.93 -49.98 81.53
CA GLY H 561 -24.49 -51.29 81.24
C GLY H 561 -23.60 -52.45 81.68
N SER H 562 -24.02 -53.68 81.36
CA SER H 562 -23.33 -54.89 81.79
C SER H 562 -22.75 -55.62 80.57
N HIS H 563 -22.02 -56.71 80.85
CA HIS H 563 -21.39 -57.54 79.84
C HIS H 563 -22.45 -58.31 79.04
N VAL I 33 -25.43 -63.56 59.48
CA VAL I 33 -25.60 -62.27 60.21
C VAL I 33 -25.91 -62.57 61.68
N GLU I 34 -25.53 -61.66 62.58
CA GLU I 34 -25.73 -61.87 64.01
C GLU I 34 -26.10 -60.56 64.69
N ILE I 35 -26.93 -60.66 65.74
CA ILE I 35 -27.17 -59.57 66.67
C ILE I 35 -25.91 -59.38 67.52
N ILE I 36 -25.02 -58.50 67.05
CA ILE I 36 -23.67 -58.38 67.61
C ILE I 36 -23.74 -57.69 68.97
N THR I 37 -23.23 -58.38 70.00
CA THR I 37 -23.32 -57.94 71.37
C THR I 37 -21.92 -57.66 71.92
N HIS I 38 -21.00 -57.25 71.04
CA HIS I 38 -19.60 -57.06 71.41
C HIS I 38 -19.01 -55.83 70.72
N TRP I 39 -17.85 -55.40 71.23
CA TRP I 39 -16.99 -54.38 70.67
C TRP I 39 -17.47 -52.97 71.01
N VAL I 40 -18.77 -52.71 70.85
CA VAL I 40 -19.36 -51.46 71.27
C VAL I 40 -19.21 -51.37 72.79
N PRO I 41 -18.65 -50.28 73.35
CA PRO I 41 -18.41 -50.19 74.80
C PRO I 41 -19.65 -50.62 75.59
N HIS I 42 -19.43 -51.47 76.58
CA HIS I 42 -20.52 -52.18 77.24
C HIS I 42 -21.35 -51.24 78.11
N GLU I 43 -20.75 -50.11 78.49
CA GLU I 43 -21.40 -49.16 79.38
C GLU I 43 -22.56 -48.46 78.67
N VAL I 44 -22.71 -48.76 77.37
CA VAL I 44 -23.73 -48.14 76.54
C VAL I 44 -24.79 -49.16 76.16
N TYR I 45 -24.67 -50.38 76.69
CA TYR I 45 -25.65 -51.43 76.45
C TYR I 45 -26.86 -51.20 77.35
N GLY I 46 -28.05 -51.21 76.75
CA GLY I 46 -29.29 -51.15 77.50
C GLY I 46 -29.65 -52.53 78.05
N MET I 47 -30.06 -52.58 79.31
CA MET I 47 -30.43 -53.82 79.96
C MET I 47 -31.94 -53.83 80.20
N PRO I 48 -32.57 -55.02 80.40
CA PRO I 48 -34.02 -55.12 80.55
C PRO I 48 -34.64 -54.09 81.49
N GLY I 49 -35.60 -53.32 80.96
CA GLY I 49 -36.41 -52.44 81.77
C GLY I 49 -36.09 -50.95 81.55
N GLU I 50 -34.97 -50.68 80.88
CA GLU I 50 -34.46 -49.33 80.75
C GLU I 50 -35.19 -48.57 79.64
N PRO I 51 -35.21 -47.21 79.68
CA PRO I 51 -35.95 -46.41 78.71
C PRO I 51 -35.29 -46.47 77.33
N ASP I 52 -36.13 -46.49 76.29
CA ASP I 52 -35.66 -46.66 74.92
C ASP I 52 -35.03 -45.36 74.42
N ASN I 53 -35.27 -44.26 75.13
CA ASN I 53 -34.78 -42.95 74.71
C ASN I 53 -33.56 -42.54 75.52
N SER I 54 -32.96 -43.51 76.23
CA SER I 54 -31.76 -43.27 77.03
C SER I 54 -30.54 -43.07 76.14
N GLY I 55 -30.61 -43.57 74.91
CA GLY I 55 -29.50 -43.49 73.96
C GLY I 55 -28.72 -44.80 73.91
N LYS I 56 -29.03 -45.69 74.86
CA LYS I 56 -28.34 -46.97 74.95
C LYS I 56 -28.79 -47.89 73.82
N VAL I 57 -27.98 -48.90 73.54
CA VAL I 57 -28.24 -49.86 72.48
C VAL I 57 -28.98 -51.05 73.07
N PHE I 58 -30.13 -51.38 72.44
CA PHE I 58 -30.90 -52.55 72.81
C PHE I 58 -30.76 -53.60 71.71
N PHE I 59 -30.26 -54.77 72.09
CA PHE I 59 -29.94 -55.83 71.15
C PHE I 59 -31.22 -56.32 70.48
N SER I 60 -31.22 -56.30 69.14
CA SER I 60 -32.36 -56.71 68.34
C SER I 60 -33.60 -55.90 68.75
N GLY I 61 -33.38 -54.87 69.57
CA GLY I 61 -34.41 -53.90 69.92
C GLY I 61 -35.23 -54.33 71.13
N LEU I 62 -34.75 -55.37 71.84
CA LEU I 62 -35.53 -56.03 72.87
C LEU I 62 -35.28 -55.41 74.24
N LYS I 63 -36.18 -55.72 75.18
CA LYS I 63 -35.99 -55.58 76.61
C LYS I 63 -36.10 -54.13 77.06
N ALA I 64 -36.31 -53.20 76.12
CA ALA I 64 -36.40 -51.79 76.43
C ALA I 64 -37.81 -51.43 76.90
N LYS I 65 -37.92 -50.34 77.66
CA LYS I 65 -39.20 -49.77 78.06
C LYS I 65 -39.54 -48.63 77.09
N TYR I 66 -40.75 -48.68 76.54
CA TYR I 66 -41.21 -47.71 75.56
C TYR I 66 -41.64 -46.43 76.28
N MET I 67 -41.10 -45.30 75.82
CA MET I 67 -41.36 -44.00 76.43
C MET I 67 -42.30 -43.18 75.54
N GLY I 68 -42.37 -43.53 74.24
CA GLY I 68 -43.23 -42.83 73.30
C GLY I 68 -42.63 -41.51 72.84
N TYR I 69 -43.25 -40.94 71.79
CA TYR I 69 -42.83 -39.69 71.17
C TYR I 69 -42.77 -38.58 72.22
N PRO I 70 -41.91 -37.56 72.05
CA PRO I 70 -41.73 -36.52 73.07
C PRO I 70 -42.89 -35.53 73.06
N LYS I 71 -43.77 -35.66 74.06
CA LYS I 71 -44.98 -34.85 74.13
C LYS I 71 -44.68 -33.50 74.78
N ASP I 72 -43.43 -33.34 75.24
CA ASP I 72 -42.93 -32.09 75.79
C ASP I 72 -42.34 -31.23 74.66
N ALA I 73 -42.09 -31.86 73.51
CA ALA I 73 -41.41 -31.22 72.40
C ALA I 73 -42.30 -30.16 71.76
N GLN I 74 -41.81 -28.91 71.75
CA GLN I 74 -42.55 -27.81 71.16
C GLN I 74 -42.87 -28.17 69.71
N ARG I 75 -44.17 -28.06 69.35
CA ARG I 75 -44.65 -28.46 68.05
C ARG I 75 -46.08 -27.95 67.85
N SER I 76 -46.56 -28.04 66.60
CA SER I 76 -47.96 -27.78 66.29
C SER I 76 -48.76 -29.08 66.28
N PRO I 77 -50.02 -29.08 66.80
CA PRO I 77 -50.95 -30.17 66.54
C PRO I 77 -51.32 -30.22 65.07
N TYR I 78 -51.98 -31.30 64.66
CA TYR I 78 -52.33 -31.55 63.28
C TYR I 78 -53.64 -30.83 62.97
N PRO I 79 -53.88 -30.41 61.70
CA PRO I 79 -55.19 -29.90 61.30
C PRO I 79 -56.23 -31.00 61.15
N GLY I 80 -57.49 -30.58 60.93
CA GLY I 80 -58.54 -31.47 60.47
C GLY I 80 -59.45 -32.00 61.58
N LYS I 81 -60.39 -32.85 61.18
CA LYS I 81 -61.46 -33.38 62.01
C LYS I 81 -60.87 -34.16 63.19
N TYR I 82 -59.71 -34.79 62.97
CA TYR I 82 -59.23 -35.81 63.90
C TYR I 82 -58.10 -35.26 64.77
N SER I 83 -57.91 -33.94 64.76
CA SER I 83 -56.77 -33.33 65.43
C SER I 83 -56.62 -33.90 66.84
N LYS I 84 -57.75 -34.03 67.55
CA LYS I 84 -57.77 -34.43 68.94
C LYS I 84 -56.90 -35.67 69.17
N PHE I 85 -56.79 -36.53 68.14
CA PHE I 85 -56.19 -37.84 68.29
C PHE I 85 -54.85 -37.94 67.57
N TRP I 86 -54.59 -36.99 66.66
CA TRP I 86 -53.40 -36.96 65.81
C TRP I 86 -52.16 -36.65 66.63
N LYS I 87 -51.33 -37.68 66.87
CA LYS I 87 -50.05 -37.49 67.54
C LYS I 87 -49.03 -36.98 66.53
N THR I 88 -48.33 -35.89 66.88
CA THR I 88 -47.45 -35.21 65.95
C THR I 88 -46.02 -35.07 66.49
N LEU I 89 -45.06 -34.97 65.56
CA LEU I 89 -43.65 -34.71 65.85
C LEU I 89 -43.33 -33.27 65.45
N PRO I 90 -42.27 -32.67 66.04
CA PRO I 90 -41.84 -31.34 65.62
C PRO I 90 -41.68 -31.18 64.11
N ALA I 91 -41.08 -32.18 63.46
CA ALA I 91 -40.71 -32.10 62.05
C ALA I 91 -41.90 -31.71 61.17
N TYR I 92 -43.11 -32.01 61.65
CA TYR I 92 -44.32 -31.91 60.84
C TYR I 92 -44.65 -30.44 60.57
N ARG I 93 -44.04 -29.54 61.34
CA ARG I 93 -44.35 -28.12 61.28
C ARG I 93 -44.27 -27.60 59.85
N TYR I 94 -43.35 -28.16 59.06
CA TYR I 94 -43.04 -27.63 57.73
C TYR I 94 -44.06 -28.09 56.69
N TYR I 95 -44.85 -29.12 57.00
CA TYR I 95 -45.50 -29.90 55.96
C TYR I 95 -46.93 -29.44 55.71
N ILE I 96 -47.58 -28.88 56.74
CA ILE I 96 -48.83 -28.17 56.55
C ILE I 96 -48.64 -26.78 57.17
N PRO I 97 -47.77 -25.94 56.56
CA PRO I 97 -47.16 -24.81 57.26
C PRO I 97 -48.10 -23.69 57.70
N ASP I 98 -49.22 -23.50 56.98
CA ASP I 98 -50.16 -22.45 57.30
C ASP I 98 -50.71 -22.64 58.72
N TYR I 99 -51.13 -23.88 59.01
CA TYR I 99 -51.66 -24.23 60.32
C TYR I 99 -50.53 -24.54 61.28
N MET I 100 -49.45 -25.14 60.77
CA MET I 100 -48.48 -25.84 61.61
C MET I 100 -47.20 -25.05 61.81
N TYR I 101 -47.10 -23.86 61.22
CA TYR I 101 -45.90 -23.04 61.35
C TYR I 101 -46.25 -21.57 61.54
N ASN I 102 -47.16 -21.06 60.72
CA ASN I 102 -47.35 -19.64 60.53
C ASN I 102 -48.27 -19.03 61.59
N ARG I 103 -49.01 -19.88 62.31
CA ARG I 103 -49.78 -19.40 63.45
C ARG I 103 -48.81 -19.08 64.58
N ASP I 104 -48.97 -17.90 65.19
CA ASP I 104 -48.04 -17.33 66.15
C ASP I 104 -47.90 -18.23 67.38
N GLU I 105 -48.92 -19.06 67.61
CA GLU I 105 -49.01 -19.92 68.78
C GLU I 105 -48.10 -21.14 68.63
N VAL I 106 -47.46 -21.28 67.48
CA VAL I 106 -46.97 -22.57 67.05
C VAL I 106 -45.65 -22.43 66.30
N ARG I 107 -45.38 -21.22 65.78
CA ARG I 107 -44.12 -20.88 65.13
C ARG I 107 -42.97 -21.30 66.02
N PRO I 108 -41.92 -21.98 65.47
CA PRO I 108 -40.80 -22.43 66.29
C PRO I 108 -39.96 -21.24 66.67
N SER I 109 -39.17 -21.38 67.74
CA SER I 109 -38.20 -20.37 68.11
C SER I 109 -37.11 -20.28 67.04
N ASN I 110 -36.29 -19.24 67.14
CA ASN I 110 -35.19 -19.01 66.22
C ASN I 110 -34.13 -18.20 66.96
N PRO I 111 -32.84 -18.62 66.92
CA PRO I 111 -31.79 -17.93 67.67
C PRO I 111 -31.24 -16.66 67.03
N ILE I 112 -31.75 -16.28 65.86
CA ILE I 112 -31.29 -15.08 65.18
C ILE I 112 -32.42 -14.04 65.18
N LYS I 113 -32.12 -12.84 65.70
CA LYS I 113 -33.09 -11.77 65.84
C LYS I 113 -32.83 -10.67 64.82
N GLY I 114 -33.79 -9.74 64.71
CA GLY I 114 -33.67 -8.58 63.84
C GLY I 114 -34.49 -8.75 62.56
N THR I 115 -34.77 -7.64 61.89
CA THR I 115 -35.45 -7.68 60.59
C THR I 115 -34.47 -7.18 59.53
N PHE I 116 -34.37 -7.92 58.42
CA PHE I 116 -33.25 -7.76 57.50
C PHE I 116 -33.75 -7.43 56.10
N LYS I 117 -32.88 -6.76 55.32
CA LYS I 117 -33.06 -6.54 53.89
C LYS I 117 -32.66 -7.81 53.16
N LEU I 118 -33.12 -7.97 51.92
CA LEU I 118 -32.87 -9.17 51.13
C LEU I 118 -31.37 -9.45 51.04
N GLU I 119 -30.57 -8.40 50.83
CA GLU I 119 -29.13 -8.49 50.69
C GLU I 119 -28.53 -9.27 51.87
N GLN I 120 -29.10 -9.04 53.06
CA GLN I 120 -28.60 -9.64 54.29
C GLN I 120 -28.97 -11.12 54.34
N CYS I 121 -30.23 -11.43 54.01
CA CYS I 121 -30.68 -12.82 53.89
C CYS I 121 -29.65 -13.59 53.09
N VAL I 122 -29.34 -13.07 51.88
CA VAL I 122 -28.52 -13.74 50.89
C VAL I 122 -27.11 -13.91 51.43
N ALA I 123 -26.57 -12.84 52.02
CA ALA I 123 -25.19 -12.81 52.48
C ALA I 123 -24.97 -13.82 53.60
N CYS I 124 -25.84 -13.76 54.62
CA CYS I 124 -25.66 -14.50 55.85
C CYS I 124 -25.95 -15.99 55.63
N HIS I 125 -26.92 -16.28 54.77
CA HIS I 125 -27.29 -17.66 54.49
C HIS I 125 -26.32 -18.29 53.51
N SER I 126 -25.64 -17.45 52.72
CA SER I 126 -24.64 -17.93 51.77
C SER I 126 -23.53 -18.68 52.51
N VAL I 127 -23.45 -18.44 53.82
CA VAL I 127 -22.41 -19.05 54.65
C VAL I 127 -23.04 -20.15 55.51
N MET I 128 -24.14 -19.82 56.20
CA MET I 128 -24.76 -20.68 57.18
C MET I 128 -25.49 -21.84 56.51
N THR I 129 -26.12 -21.57 55.36
CA THR I 129 -26.82 -22.59 54.58
C THR I 129 -26.44 -22.42 53.11
N PRO I 130 -25.18 -22.75 52.72
CA PRO I 130 -24.66 -22.41 51.40
C PRO I 130 -25.55 -22.82 50.23
N GLY I 131 -26.02 -24.07 50.26
CA GLY I 131 -26.72 -24.68 49.13
C GLY I 131 -28.01 -23.93 48.77
N ILE I 132 -28.74 -23.51 49.81
CA ILE I 132 -29.98 -22.77 49.62
C ILE I 132 -29.69 -21.54 48.76
N VAL I 133 -28.68 -20.77 49.16
CA VAL I 133 -28.33 -19.53 48.49
C VAL I 133 -27.79 -19.85 47.10
N ARG I 134 -27.04 -20.96 46.98
CA ARG I 134 -26.52 -21.40 45.69
C ARG I 134 -27.68 -21.66 44.73
N ASP I 135 -28.75 -22.28 45.25
CA ASP I 135 -29.96 -22.59 44.49
C ASP I 135 -30.69 -21.31 44.13
N TYR I 136 -30.98 -20.50 45.16
CA TYR I 136 -31.76 -19.28 44.98
C TYR I 136 -31.13 -18.41 43.89
N ASN I 137 -29.79 -18.32 43.87
CA ASN I 137 -29.09 -17.45 42.95
C ASN I 137 -29.21 -17.96 41.51
N LYS I 138 -29.46 -19.27 41.36
CA LYS I 138 -29.61 -19.89 40.05
C LYS I 138 -31.03 -19.68 39.55
N SER I 139 -31.94 -19.32 40.47
CA SER I 139 -33.37 -19.29 40.22
C SER I 139 -33.78 -18.01 39.51
N ALA I 140 -34.87 -18.09 38.73
CA ALA I 140 -35.42 -16.95 38.01
C ALA I 140 -35.92 -15.88 39.00
N HIS I 141 -36.20 -16.30 40.23
CA HIS I 141 -36.75 -15.44 41.26
C HIS I 141 -35.77 -14.33 41.61
N SER I 142 -34.47 -14.67 41.61
CA SER I 142 -33.43 -13.75 42.05
C SER I 142 -33.19 -12.69 40.98
N LYS I 143 -33.51 -13.03 39.72
CA LYS I 143 -33.18 -12.20 38.57
C LYS I 143 -34.39 -11.38 38.13
N ALA I 144 -35.53 -11.59 38.80
CA ALA I 144 -36.79 -10.92 38.46
C ALA I 144 -36.63 -9.40 38.59
N GLU I 145 -37.23 -8.69 37.63
CA GLU I 145 -37.31 -7.23 37.67
C GLU I 145 -38.78 -6.81 37.56
N PRO I 146 -39.13 -5.64 38.12
CA PRO I 146 -38.21 -4.66 38.68
C PRO I 146 -37.67 -4.97 40.08
N ALA I 147 -38.30 -5.94 40.74
CA ALA I 147 -37.82 -6.44 42.02
C ALA I 147 -37.79 -7.97 42.01
N PRO I 148 -36.86 -8.61 42.75
CA PRO I 148 -36.81 -10.07 42.81
C PRO I 148 -37.72 -10.68 43.88
N THR I 149 -38.29 -11.84 43.55
CA THR I 149 -38.90 -12.69 44.56
C THR I 149 -37.79 -13.28 45.42
N GLY I 150 -37.60 -12.72 46.61
CA GLY I 150 -36.45 -13.06 47.44
C GLY I 150 -36.86 -13.81 48.70
N CYS I 151 -35.85 -14.25 49.46
CA CYS I 151 -36.05 -14.95 50.72
C CYS I 151 -37.12 -14.23 51.53
N ASP I 152 -36.99 -12.90 51.61
CA ASP I 152 -37.86 -12.02 52.37
C ASP I 152 -39.30 -12.10 51.87
N THR I 153 -39.45 -12.20 50.54
CA THR I 153 -40.75 -12.27 49.89
C THR I 153 -41.52 -13.50 50.36
N CYS I 154 -40.86 -14.67 50.34
CA CYS I 154 -41.53 -15.94 50.60
C CYS I 154 -41.58 -16.25 52.09
N HIS I 155 -40.64 -15.69 52.87
CA HIS I 155 -40.43 -16.12 54.25
C HIS I 155 -40.71 -15.04 55.28
N GLY I 156 -40.64 -13.76 54.86
CA GLY I 156 -40.82 -12.65 55.79
C GLY I 156 -39.50 -11.95 56.09
N ASN I 157 -39.59 -10.84 56.83
CA ASN I 157 -38.52 -9.88 57.04
C ASN I 157 -37.96 -10.00 58.45
N ASN I 158 -38.85 -10.32 59.40
CA ASN I 158 -38.51 -10.38 60.81
C ASN I 158 -38.12 -11.81 61.13
N HIS I 159 -36.89 -11.99 61.65
CA HIS I 159 -36.34 -13.31 61.85
C HIS I 159 -37.02 -14.01 63.04
N GLN I 160 -37.65 -13.21 63.91
CA GLN I 160 -38.42 -13.75 65.02
C GLN I 160 -39.85 -14.04 64.57
N LYS I 161 -40.17 -13.71 63.32
CA LYS I 161 -41.52 -13.92 62.81
C LYS I 161 -41.45 -14.40 61.36
N LEU I 162 -40.58 -15.38 61.13
CA LEU I 162 -40.45 -16.04 59.83
C LEU I 162 -41.65 -16.94 59.62
N THR I 163 -42.01 -17.15 58.34
CA THR I 163 -43.10 -18.02 57.97
C THR I 163 -42.64 -18.94 56.83
N MET I 164 -43.33 -20.07 56.68
CA MET I 164 -43.01 -21.03 55.64
C MET I 164 -44.10 -20.97 54.57
N PRO I 165 -43.73 -20.68 53.30
CA PRO I 165 -44.72 -20.41 52.25
C PRO I 165 -45.36 -21.69 51.75
N SER I 166 -46.68 -21.78 51.96
CA SER I 166 -47.46 -22.89 51.44
C SER I 166 -47.77 -22.63 49.97
N SER I 167 -48.62 -23.48 49.40
CA SER I 167 -49.11 -23.32 48.04
C SER I 167 -50.03 -22.10 47.99
N LYS I 168 -50.62 -21.76 49.13
CA LYS I 168 -51.46 -20.58 49.21
C LYS I 168 -50.63 -19.33 48.90
N ALA I 169 -49.36 -19.35 49.33
CA ALA I 169 -48.44 -18.25 49.10
C ALA I 169 -48.08 -18.12 47.62
N CYS I 170 -47.65 -19.23 47.00
CA CYS I 170 -47.21 -19.19 45.61
C CYS I 170 -48.37 -18.80 44.70
N GLY I 171 -49.60 -19.12 45.14
CA GLY I 171 -50.77 -19.11 44.28
C GLY I 171 -51.54 -17.79 44.31
N THR I 172 -50.98 -16.81 45.03
CA THR I 172 -51.50 -15.45 45.09
C THR I 172 -51.59 -14.87 43.68
N ALA I 173 -52.50 -13.91 43.49
CA ALA I 173 -52.92 -13.48 42.17
C ALA I 173 -51.78 -12.88 41.36
N GLU I 174 -50.95 -12.05 42.02
CA GLU I 174 -49.88 -11.34 41.32
C GLU I 174 -48.70 -12.28 41.05
N CYS I 175 -48.84 -13.55 41.43
CA CYS I 175 -47.76 -14.52 41.34
C CYS I 175 -48.17 -15.72 40.50
N HIS I 176 -48.45 -16.86 41.15
CA HIS I 176 -48.64 -18.12 40.44
C HIS I 176 -50.03 -18.71 40.73
N GLU I 177 -51.06 -17.89 40.54
CA GLU I 177 -52.44 -18.30 40.77
C GLU I 177 -52.84 -19.36 39.76
N THR I 178 -52.34 -19.23 38.52
CA THR I 178 -52.75 -20.10 37.43
C THR I 178 -52.55 -21.56 37.81
N GLN I 179 -51.36 -21.89 38.33
CA GLN I 179 -50.99 -23.26 38.64
C GLN I 179 -51.75 -23.72 39.88
N TYR I 180 -51.87 -22.85 40.89
CA TYR I 180 -52.62 -23.18 42.09
C TYR I 180 -54.03 -23.61 41.70
N ASN I 181 -54.67 -22.83 40.82
CA ASN I 181 -56.01 -23.09 40.37
C ASN I 181 -56.05 -24.37 39.53
N GLU I 182 -55.01 -24.56 38.71
CA GLU I 182 -54.95 -25.73 37.84
C GLU I 182 -54.92 -27.00 38.68
N GLN I 183 -54.06 -27.00 39.70
CA GLN I 183 -53.91 -28.15 40.58
C GLN I 183 -55.17 -28.32 41.42
N GLY I 184 -55.80 -27.19 41.77
CA GLY I 184 -56.99 -27.18 42.61
C GLY I 184 -58.19 -27.84 41.94
N GLN I 185 -58.15 -27.96 40.61
CA GLN I 185 -59.23 -28.55 39.84
C GLN I 185 -59.35 -30.04 40.11
N GLY I 186 -58.33 -30.62 40.73
CA GLY I 186 -58.31 -32.05 41.01
C GLY I 186 -59.41 -32.45 41.99
N GLY I 187 -59.92 -33.68 41.81
CA GLY I 187 -60.95 -34.24 42.68
C GLY I 187 -60.34 -34.97 43.88
N ILE I 188 -61.03 -36.02 44.33
CA ILE I 188 -60.47 -36.89 45.35
C ILE I 188 -59.32 -37.67 44.70
N GLY I 189 -58.28 -37.95 45.50
CA GLY I 189 -57.16 -38.76 45.05
C GLY I 189 -56.20 -38.01 44.13
N SER I 190 -56.32 -36.67 44.09
CA SER I 190 -55.46 -35.83 43.28
C SER I 190 -54.49 -35.06 44.17
N HIS I 191 -53.63 -34.25 43.55
CA HIS I 191 -52.74 -33.37 44.28
C HIS I 191 -53.52 -32.23 44.93
N ALA I 192 -54.84 -32.18 44.69
CA ALA I 192 -55.67 -31.15 45.28
C ALA I 192 -56.05 -31.51 46.70
N SER I 193 -56.14 -32.82 46.98
CA SER I 193 -56.74 -33.29 48.22
C SER I 193 -55.82 -34.24 48.98
N CYS I 194 -54.73 -34.68 48.33
CA CYS I 194 -53.86 -35.73 48.83
C CYS I 194 -53.38 -35.46 50.26
N SER I 195 -53.39 -34.19 50.68
CA SER I 195 -53.04 -33.87 52.05
C SER I 195 -54.30 -33.78 52.90
N SER I 196 -55.22 -32.91 52.48
CA SER I 196 -56.33 -32.47 53.31
C SER I 196 -57.33 -33.60 53.57
N PHE I 197 -57.48 -34.51 52.61
CA PHE I 197 -58.31 -35.69 52.80
C PHE I 197 -57.47 -36.89 53.20
N ALA I 198 -56.57 -37.32 52.30
CA ALA I 198 -55.94 -38.62 52.36
C ALA I 198 -55.05 -38.75 53.59
N GLN I 199 -54.31 -37.67 53.90
CA GLN I 199 -53.34 -37.70 54.98
C GLN I 199 -53.99 -37.23 56.29
N VAL I 200 -54.64 -36.06 56.23
CA VAL I 200 -55.21 -35.40 57.40
C VAL I 200 -56.27 -36.28 58.07
N GLU I 201 -56.86 -37.22 57.31
CA GLU I 201 -57.89 -38.11 57.81
C GLU I 201 -57.46 -39.57 57.67
N CYS I 202 -56.15 -39.79 57.50
CA CYS I 202 -55.56 -41.12 57.32
C CYS I 202 -55.67 -41.91 58.62
N ALA I 203 -56.45 -43.00 58.58
CA ALA I 203 -56.78 -43.79 59.76
C ALA I 203 -55.53 -44.41 60.41
N TRP I 204 -54.64 -44.99 59.60
CA TRP I 204 -53.46 -45.67 60.11
C TRP I 204 -52.61 -44.67 60.89
N SER I 205 -52.41 -43.48 60.30
CA SER I 205 -51.57 -42.45 60.91
C SER I 205 -52.12 -42.09 62.29
N ILE I 206 -53.43 -41.86 62.36
CA ILE I 206 -54.12 -41.44 63.57
C ILE I 206 -54.02 -42.54 64.63
N GLU I 207 -54.26 -43.79 64.22
CA GLU I 207 -54.36 -44.93 65.11
C GLU I 207 -53.06 -45.14 65.89
N ARG I 208 -51.93 -45.02 65.18
CA ARG I 208 -50.64 -45.53 65.62
C ARG I 208 -49.82 -44.43 66.30
N PRO I 209 -48.74 -44.77 67.04
CA PRO I 209 -47.74 -43.78 67.45
C PRO I 209 -47.19 -43.06 66.22
N PRO I 210 -46.73 -41.80 66.35
CA PRO I 210 -46.22 -41.06 65.19
C PRO I 210 -44.82 -41.59 64.87
N GLY I 211 -44.47 -41.62 63.59
CA GLY I 211 -43.16 -42.13 63.25
C GLY I 211 -43.29 -43.54 62.69
N ASP I 212 -44.12 -44.35 63.35
CA ASP I 212 -44.64 -45.58 62.78
C ASP I 212 -45.14 -45.27 61.37
N THR I 213 -45.67 -44.04 61.16
CA THR I 213 -46.17 -43.63 59.85
C THR I 213 -45.66 -42.24 59.48
N ALA I 214 -44.63 -41.73 60.19
CA ALA I 214 -44.11 -40.38 59.97
C ALA I 214 -43.89 -40.10 58.48
N GLY I 215 -43.45 -41.12 57.74
CA GLY I 215 -43.15 -40.98 56.32
C GLY I 215 -44.37 -40.57 55.49
N CYS I 216 -45.56 -40.97 55.95
CA CYS I 216 -46.81 -40.65 55.30
C CYS I 216 -47.01 -39.13 55.31
N THR I 217 -46.77 -38.50 56.46
CA THR I 217 -46.82 -37.05 56.55
C THR I 217 -45.92 -36.44 55.49
N PHE I 218 -44.66 -36.89 55.46
CA PHE I 218 -43.62 -36.29 54.63
C PHE I 218 -43.94 -36.46 53.14
N CYS I 219 -44.69 -37.52 52.79
CA CYS I 219 -44.94 -37.85 51.39
C CYS I 219 -46.25 -37.22 50.91
N HIS I 220 -47.31 -37.37 51.70
CA HIS I 220 -48.67 -37.06 51.26
C HIS I 220 -48.90 -35.54 51.16
N THR I 221 -48.38 -34.81 52.15
CA THR I 221 -48.68 -33.39 52.31
C THR I 221 -48.16 -32.56 51.13
N SER I 222 -46.95 -32.88 50.65
CA SER I 222 -46.17 -32.03 49.75
C SER I 222 -46.98 -31.57 48.53
N PRO I 223 -47.55 -32.47 47.69
CA PRO I 223 -48.13 -32.07 46.42
C PRO I 223 -49.19 -30.98 46.58
N GLU I 224 -49.96 -31.06 47.67
CA GLU I 224 -51.04 -30.14 47.90
C GLU I 224 -50.50 -28.82 48.47
N GLU I 225 -49.54 -28.93 49.39
CA GLU I 225 -49.21 -27.88 50.34
C GLU I 225 -47.93 -27.14 49.97
N ARG I 226 -46.94 -27.85 49.42
CA ARG I 226 -45.66 -27.23 49.12
C ARG I 226 -45.38 -27.34 47.62
N CYS I 227 -45.13 -26.18 46.99
CA CYS I 227 -44.96 -26.12 45.54
C CYS I 227 -43.49 -26.30 45.17
N SER I 228 -42.65 -26.58 46.18
CA SER I 228 -41.30 -27.05 45.97
C SER I 228 -41.33 -28.44 45.34
N THR I 229 -42.54 -29.01 45.24
CA THR I 229 -42.76 -30.31 44.63
C THR I 229 -42.50 -30.23 43.13
N CYS I 230 -41.82 -31.24 42.58
CA CYS I 230 -41.53 -31.40 41.16
C CYS I 230 -40.40 -30.46 40.72
N HIS I 231 -40.54 -29.17 41.03
CA HIS I 231 -39.47 -28.20 40.86
C HIS I 231 -38.97 -27.79 42.24
N GLN I 232 -37.77 -28.26 42.60
CA GLN I 232 -37.26 -28.21 43.96
C GLN I 232 -36.95 -26.77 44.37
N ARG I 233 -37.17 -26.47 45.65
CA ARG I 233 -36.57 -25.29 46.26
C ARG I 233 -35.06 -25.51 46.24
N HIS I 234 -34.28 -24.44 46.10
CA HIS I 234 -34.74 -23.08 45.89
C HIS I 234 -34.49 -22.65 44.44
N GLN I 235 -34.18 -23.64 43.60
CA GLN I 235 -33.81 -23.37 42.22
C GLN I 235 -35.05 -23.12 41.37
N PHE I 236 -36.13 -23.85 41.70
CA PHE I 236 -37.45 -23.71 41.08
C PHE I 236 -37.34 -23.73 39.55
N ASP I 237 -36.63 -24.75 39.05
CA ASP I 237 -36.34 -24.86 37.63
C ASP I 237 -37.37 -25.75 36.96
N PRO I 238 -38.26 -25.19 36.11
CA PRO I 238 -39.27 -25.99 35.42
C PRO I 238 -38.66 -27.14 34.62
N ALA I 239 -37.39 -26.98 34.24
CA ALA I 239 -36.71 -27.93 33.39
C ALA I 239 -36.59 -29.28 34.11
N VAL I 240 -36.18 -29.22 35.38
CA VAL I 240 -35.97 -30.43 36.15
C VAL I 240 -37.32 -31.05 36.51
N ALA I 241 -38.37 -30.21 36.55
CA ALA I 241 -39.71 -30.66 36.88
C ALA I 241 -40.29 -31.52 35.75
N ARG I 242 -39.78 -31.31 34.53
CA ARG I 242 -40.31 -31.99 33.37
C ARG I 242 -39.73 -33.41 33.26
N ARG I 243 -38.70 -33.68 34.06
CA ARG I 243 -38.09 -35.00 34.12
C ARG I 243 -39.07 -35.99 34.75
N SER I 244 -39.18 -37.18 34.15
CA SER I 244 -40.09 -38.20 34.61
C SER I 244 -39.81 -38.56 36.06
N GLU I 245 -38.52 -38.74 36.38
CA GLU I 245 -38.08 -39.24 37.68
C GLU I 245 -38.68 -38.39 38.79
N GLN I 246 -39.02 -37.13 38.49
CA GLN I 246 -39.55 -36.23 39.49
C GLN I 246 -40.68 -36.90 40.27
N CYS I 247 -41.51 -37.67 39.55
CA CYS I 247 -42.73 -38.23 40.10
C CYS I 247 -42.42 -39.47 40.93
N LYS I 248 -41.29 -40.11 40.61
CA LYS I 248 -40.93 -41.40 41.16
C LYS I 248 -40.93 -41.35 42.69
N THR I 249 -40.45 -40.24 43.26
CA THR I 249 -40.18 -40.11 44.67
C THR I 249 -41.42 -40.43 45.51
N CYS I 250 -42.61 -40.36 44.89
CA CYS I 250 -43.85 -40.62 45.61
C CYS I 250 -44.62 -41.74 44.93
N HIS I 251 -44.56 -41.80 43.59
CA HIS I 251 -45.37 -42.72 42.82
C HIS I 251 -44.62 -44.03 42.57
N TRP I 252 -44.23 -44.69 43.66
CA TRP I 252 -43.53 -45.96 43.57
C TRP I 252 -43.97 -46.86 44.72
N GLY I 253 -43.67 -48.16 44.58
CA GLY I 253 -43.68 -49.02 45.76
C GLY I 253 -44.92 -49.89 45.87
N LYS I 254 -45.19 -50.32 47.11
CA LYS I 254 -45.99 -51.49 47.41
C LYS I 254 -47.40 -51.38 46.83
N ASP I 255 -47.91 -50.15 46.72
CA ASP I 255 -49.33 -49.94 46.44
C ASP I 255 -49.56 -49.09 45.19
N HIS I 256 -48.48 -48.70 44.50
CA HIS I 256 -48.60 -47.98 43.24
C HIS I 256 -47.27 -47.95 42.50
N ARG I 257 -46.96 -49.05 41.78
CA ARG I 257 -45.74 -49.11 41.01
C ARG I 257 -45.88 -48.26 39.75
N ASP I 258 -46.20 -46.99 39.94
CA ASP I 258 -46.38 -46.03 38.86
C ASP I 258 -45.06 -45.84 38.14
N TRP I 259 -44.01 -45.56 38.91
CA TRP I 259 -42.68 -45.37 38.34
C TRP I 259 -42.15 -46.70 37.79
N GLU I 260 -42.29 -47.78 38.57
CA GLU I 260 -41.69 -49.05 38.18
C GLU I 260 -42.22 -49.48 36.81
N ALA I 261 -43.56 -49.43 36.65
CA ALA I 261 -44.20 -49.82 35.40
C ALA I 261 -43.67 -48.94 34.28
N TYR I 262 -43.74 -47.62 34.45
CA TYR I 262 -43.29 -46.67 33.44
C TYR I 262 -41.83 -46.93 33.09
N ASP I 263 -41.00 -47.11 34.12
CA ASP I 263 -39.56 -47.24 34.01
C ASP I 263 -39.17 -48.46 33.16
N ILE I 264 -39.82 -49.61 33.41
CA ILE I 264 -39.38 -50.85 32.80
C ILE I 264 -40.13 -51.12 31.49
N GLY I 265 -41.24 -50.39 31.29
CA GLY I 265 -41.96 -50.43 30.03
C GLY I 265 -41.08 -49.91 28.90
N LEU I 266 -41.60 -49.96 27.66
CA LEU I 266 -40.82 -49.47 26.53
C LEU I 266 -40.68 -47.95 26.58
N HIS I 267 -41.70 -47.25 27.09
CA HIS I 267 -41.59 -45.81 27.22
C HIS I 267 -40.41 -45.45 28.12
N GLY I 268 -40.31 -46.15 29.26
CA GLY I 268 -39.25 -45.94 30.22
C GLY I 268 -37.89 -46.40 29.69
N THR I 269 -37.91 -47.42 28.83
CA THR I 269 -36.71 -47.88 28.16
C THR I 269 -36.22 -46.80 27.19
N VAL I 270 -37.15 -46.29 26.37
CA VAL I 270 -36.88 -45.20 25.44
C VAL I 270 -36.40 -43.98 26.23
N TYR I 271 -36.97 -43.78 27.42
CA TYR I 271 -36.65 -42.61 28.22
C TYR I 271 -35.22 -42.73 28.74
N GLN I 272 -34.90 -43.88 29.34
CA GLN I 272 -33.63 -44.06 30.00
C GLN I 272 -32.49 -43.98 28.97
N VAL I 273 -32.80 -44.43 27.76
CA VAL I 273 -31.81 -44.58 26.70
C VAL I 273 -31.54 -43.22 26.06
N ASN I 274 -32.57 -42.35 25.98
CA ASN I 274 -32.45 -41.14 25.18
C ASN I 274 -32.43 -39.88 26.05
N LYS I 275 -32.60 -40.02 27.37
CA LYS I 275 -33.04 -38.88 28.18
C LYS I 275 -31.99 -37.78 28.24
N TRP I 276 -30.71 -38.12 28.07
CA TRP I 276 -29.66 -37.12 28.11
C TRP I 276 -29.25 -36.70 26.71
N ASP I 277 -29.89 -37.27 25.70
CA ASP I 277 -29.71 -36.82 24.33
C ASP I 277 -30.74 -35.72 24.04
N THR I 278 -30.22 -34.54 23.70
CA THR I 278 -30.99 -33.32 23.65
C THR I 278 -31.89 -33.33 22.40
N GLU I 279 -31.46 -34.08 21.38
CA GLU I 279 -32.15 -34.13 20.10
C GLU I 279 -33.33 -35.09 20.20
N GLN I 280 -33.46 -35.76 21.36
CA GLN I 280 -34.53 -36.72 21.57
C GLN I 280 -35.45 -36.24 22.69
N PHE I 281 -34.84 -35.67 23.74
CA PHE I 281 -35.58 -35.12 24.88
C PHE I 281 -35.05 -33.73 25.20
N ASP I 282 -35.84 -32.71 24.84
CA ASP I 282 -35.48 -31.33 25.12
C ASP I 282 -36.31 -30.80 26.28
N PHE I 283 -35.71 -30.75 27.47
CA PHE I 283 -36.42 -30.41 28.69
C PHE I 283 -36.55 -28.90 28.85
N SER I 284 -35.96 -28.14 27.92
CA SER I 284 -35.98 -26.69 27.98
C SER I 284 -37.26 -26.17 27.33
N LYS I 285 -37.81 -26.98 26.42
CA LYS I 285 -39.10 -26.74 25.81
C LYS I 285 -40.20 -26.84 26.87
N LYS I 286 -41.32 -26.15 26.61
CA LYS I 286 -42.52 -26.26 27.44
C LYS I 286 -43.36 -27.42 26.92
N LEU I 287 -44.20 -27.97 27.80
CA LEU I 287 -44.92 -29.20 27.50
C LEU I 287 -45.82 -29.03 26.29
N SER I 288 -46.34 -27.81 26.09
CA SER I 288 -47.14 -27.50 24.91
C SER I 288 -46.33 -27.64 23.64
N ASP I 289 -45.02 -27.89 23.78
CA ASP I 289 -44.10 -27.93 22.65
C ASP I 289 -43.29 -29.23 22.66
N ALA I 290 -43.55 -30.08 23.66
CA ALA I 290 -42.79 -31.31 23.81
C ALA I 290 -42.89 -32.14 22.53
N ASP I 291 -41.73 -32.37 21.90
CA ASP I 291 -41.62 -33.21 20.72
C ASP I 291 -40.67 -34.37 21.00
N TYR I 292 -40.77 -34.93 22.21
CA TYR I 292 -39.92 -36.05 22.61
C TYR I 292 -40.18 -37.26 21.72
N VAL I 293 -39.21 -38.17 21.68
CA VAL I 293 -39.35 -39.42 20.93
C VAL I 293 -40.30 -40.35 21.68
N GLY I 294 -40.25 -40.29 23.02
CA GLY I 294 -41.10 -41.07 23.89
C GLY I 294 -41.75 -40.20 24.95
N PRO I 295 -42.85 -40.66 25.60
CA PRO I 295 -43.55 -39.85 26.59
C PRO I 295 -42.91 -39.87 27.99
N THR I 296 -43.25 -38.86 28.78
CA THR I 296 -42.88 -38.80 30.19
C THR I 296 -44.16 -38.75 31.01
N CYS I 297 -44.06 -39.01 32.32
CA CYS I 297 -45.22 -38.88 33.18
C CYS I 297 -45.95 -37.59 32.84
N GLN I 298 -45.17 -36.51 32.63
CA GLN I 298 -45.72 -35.18 32.44
C GLN I 298 -46.43 -35.10 31.08
N TYR I 299 -45.84 -35.73 30.07
CA TYR I 299 -46.36 -35.66 28.72
C TYR I 299 -47.80 -36.17 28.68
N CYS I 300 -48.11 -37.12 29.57
CA CYS I 300 -49.40 -37.81 29.56
C CYS I 300 -50.35 -37.25 30.61
N HIS I 301 -49.80 -36.86 31.77
CA HIS I 301 -50.61 -36.52 32.93
C HIS I 301 -50.68 -35.01 33.16
N MET I 302 -49.73 -34.28 32.56
CA MET I 302 -49.69 -32.83 32.65
C MET I 302 -49.63 -32.27 31.23
N ARG I 303 -50.41 -32.87 30.34
CA ARG I 303 -50.60 -32.41 28.98
C ARG I 303 -50.80 -30.89 28.98
N GLY I 304 -50.01 -30.20 28.15
CA GLY I 304 -50.10 -28.76 27.99
C GLY I 304 -49.53 -27.99 29.18
N GLY I 305 -49.00 -28.72 30.18
CA GLY I 305 -48.44 -28.12 31.37
C GLY I 305 -49.46 -27.99 32.50
N HIS I 306 -50.70 -28.41 32.25
CA HIS I 306 -51.78 -28.28 33.22
C HIS I 306 -51.38 -28.99 34.51
N HIS I 307 -51.59 -28.33 35.65
CA HIS I 307 -51.11 -28.78 36.94
C HIS I 307 -52.14 -29.65 37.66
N ASN I 308 -53.35 -29.74 37.10
CA ASN I 308 -54.24 -30.81 37.53
C ASN I 308 -53.76 -32.10 36.88
N VAL I 309 -53.16 -32.93 37.73
CA VAL I 309 -52.37 -34.06 37.29
C VAL I 309 -53.33 -35.21 36.96
N GLN I 310 -54.57 -35.06 37.43
CA GLN I 310 -55.63 -36.07 37.35
C GLN I 310 -56.61 -35.67 36.26
N ARG I 311 -56.30 -34.58 35.55
CA ARG I 311 -57.22 -33.92 34.62
C ARG I 311 -57.81 -34.92 33.62
N ALA I 312 -57.01 -35.85 33.12
CA ALA I 312 -57.44 -36.72 32.03
C ALA I 312 -57.84 -38.11 32.55
N SER I 313 -57.87 -38.27 33.88
CA SER I 313 -58.28 -39.54 34.48
C SER I 313 -59.72 -39.86 34.09
N ILE I 314 -60.05 -41.15 34.05
CA ILE I 314 -61.38 -41.57 33.63
C ILE I 314 -62.32 -41.60 34.84
N VAL I 315 -61.94 -42.34 35.89
CA VAL I 315 -62.73 -42.44 37.10
C VAL I 315 -61.84 -42.90 38.26
N TYR I 316 -62.13 -42.41 39.46
CA TYR I 316 -61.36 -42.77 40.63
C TYR I 316 -61.77 -44.17 41.10
N THR I 317 -60.77 -45.06 41.21
CA THR I 317 -61.00 -46.46 41.50
C THR I 317 -60.14 -46.91 42.68
N SER I 318 -59.90 -45.97 43.61
CA SER I 318 -59.28 -46.29 44.89
C SER I 318 -57.91 -46.93 44.68
N MET I 319 -57.10 -46.35 43.79
CA MET I 319 -55.74 -46.78 43.49
C MET I 319 -55.75 -48.03 42.61
N GLY I 320 -56.86 -48.26 41.90
CA GLY I 320 -57.02 -49.44 41.07
C GLY I 320 -57.45 -50.66 41.89
N MET I 321 -57.75 -50.43 43.18
CA MET I 321 -58.28 -51.47 44.04
C MET I 321 -59.73 -51.76 43.69
N SER I 322 -60.49 -50.70 43.36
CA SER I 322 -61.85 -50.85 42.87
C SER I 322 -61.81 -50.99 41.35
N MET I 323 -62.85 -51.61 40.77
CA MET I 323 -62.77 -52.02 39.37
C MET I 323 -63.82 -51.29 38.53
N ALA I 324 -63.40 -50.90 37.33
CA ALA I 324 -64.25 -50.27 36.33
C ALA I 324 -63.74 -50.58 34.93
N ASP I 325 -64.65 -50.99 34.03
CA ASP I 325 -64.32 -51.19 32.63
C ASP I 325 -64.26 -49.82 31.95
N ARG I 326 -63.04 -49.29 31.81
CA ARG I 326 -62.81 -47.94 31.31
C ARG I 326 -63.13 -47.89 29.81
N GLY I 327 -63.12 -49.06 29.17
CA GLY I 327 -63.40 -49.17 27.75
C GLY I 327 -64.89 -49.21 27.45
N ALA I 328 -65.70 -49.29 28.51
CA ALA I 328 -67.15 -49.37 28.37
C ALA I 328 -67.69 -48.07 27.79
N PRO I 329 -68.81 -48.11 27.04
CA PRO I 329 -69.39 -46.91 26.41
C PRO I 329 -69.68 -45.72 27.33
N LEU I 330 -69.86 -45.98 28.63
CA LEU I 330 -70.11 -44.94 29.62
C LEU I 330 -68.92 -43.98 29.68
N TRP I 331 -67.75 -44.41 29.19
CA TRP I 331 -66.53 -43.65 29.29
C TRP I 331 -65.95 -43.33 27.92
N LYS I 332 -66.79 -43.37 26.87
CA LYS I 332 -66.37 -43.22 25.49
C LYS I 332 -65.55 -41.95 25.30
N GLU I 333 -66.07 -40.82 25.77
CA GLU I 333 -65.41 -39.53 25.58
C GLU I 333 -64.09 -39.52 26.34
N LYS I 334 -64.11 -40.04 27.57
CA LYS I 334 -62.98 -39.98 28.49
C LYS I 334 -61.84 -40.88 28.01
N ARG I 335 -62.18 -42.05 27.46
CA ARG I 335 -61.18 -42.95 26.90
C ARG I 335 -60.59 -42.34 25.64
N ASP I 336 -61.47 -41.74 24.82
CA ASP I 336 -61.08 -41.15 23.55
C ASP I 336 -60.03 -40.07 23.76
N ARG I 337 -60.14 -39.35 24.88
CA ARG I 337 -59.17 -38.32 25.22
C ARG I 337 -57.77 -38.94 25.31
N TRP I 338 -57.68 -40.11 25.97
CA TRP I 338 -56.40 -40.77 26.18
C TRP I 338 -55.82 -41.20 24.84
N VAL I 339 -56.69 -41.61 23.92
CA VAL I 339 -56.27 -42.03 22.60
C VAL I 339 -55.64 -40.83 21.88
N SER I 340 -56.26 -39.64 22.04
CA SER I 340 -55.74 -38.38 21.53
C SER I 340 -54.27 -38.21 21.89
N ILE I 341 -53.96 -38.50 23.16
CA ILE I 341 -52.61 -38.37 23.69
C ILE I 341 -51.71 -39.42 23.03
N CYS I 342 -52.12 -40.69 23.12
CA CYS I 342 -51.39 -41.78 22.48
C CYS I 342 -51.21 -41.49 20.98
N ASP I 343 -52.26 -40.97 20.35
CA ASP I 343 -52.31 -40.60 18.93
C ASP I 343 -51.02 -39.93 18.47
N ASP I 344 -50.39 -39.18 19.37
CA ASP I 344 -49.20 -38.41 19.03
C ASP I 344 -48.16 -39.29 18.35
N CYS I 345 -48.01 -40.54 18.80
CA CYS I 345 -46.91 -41.37 18.34
C CYS I 345 -47.38 -42.72 17.85
N HIS I 346 -48.70 -42.97 17.96
CA HIS I 346 -49.26 -44.23 17.49
C HIS I 346 -50.55 -43.97 16.72
N SER I 347 -51.00 -44.97 15.96
CA SER I 347 -52.31 -44.93 15.34
C SER I 347 -53.35 -44.98 16.45
N PRO I 348 -54.54 -44.36 16.26
CA PRO I 348 -55.63 -44.44 17.24
C PRO I 348 -56.00 -45.90 17.54
N ARG I 349 -56.18 -46.69 16.47
CA ARG I 349 -56.54 -48.09 16.60
C ARG I 349 -55.57 -48.80 17.53
N PHE I 350 -54.27 -48.56 17.35
CA PHE I 350 -53.25 -49.25 18.13
C PHE I 350 -53.47 -48.97 19.61
N ALA I 351 -53.57 -47.69 19.96
CA ALA I 351 -53.62 -47.26 21.34
C ALA I 351 -54.95 -47.67 21.98
N ARG I 352 -56.03 -47.54 21.21
CA ARG I 352 -57.37 -47.87 21.69
C ARG I 352 -57.41 -49.32 22.14
N GLU I 353 -56.83 -50.20 21.30
CA GLU I 353 -56.89 -51.63 21.53
C GLU I 353 -55.96 -52.02 22.68
N ASN I 354 -54.84 -51.30 22.81
CA ASN I 354 -53.89 -51.57 23.87
C ASN I 354 -54.49 -51.21 25.24
N LEU I 355 -55.28 -50.14 25.28
CA LEU I 355 -55.94 -49.74 26.50
C LEU I 355 -57.10 -50.68 26.82
N GLN I 356 -57.71 -51.26 25.77
CA GLN I 356 -58.73 -52.28 25.94
C GLN I 356 -58.14 -53.46 26.71
N ALA I 357 -56.91 -53.85 26.33
CA ALA I 357 -56.20 -54.95 26.99
C ALA I 357 -56.11 -54.67 28.48
N MET I 358 -55.80 -53.41 28.83
CA MET I 358 -55.75 -53.00 30.23
C MET I 358 -57.08 -53.30 30.92
N ASP I 359 -58.17 -52.85 30.29
CA ASP I 359 -59.52 -53.04 30.81
C ASP I 359 -59.77 -54.52 31.09
N GLU I 360 -59.30 -55.37 30.16
CA GLU I 360 -59.50 -56.80 30.24
C GLU I 360 -58.69 -57.37 31.40
N SER I 361 -57.40 -57.04 31.43
CA SER I 361 -56.53 -57.48 32.51
C SER I 361 -57.12 -57.11 33.87
N VAL I 362 -57.72 -55.91 33.94
CA VAL I 362 -58.32 -55.38 35.16
C VAL I 362 -59.55 -56.23 35.52
N LYS I 363 -60.39 -56.51 34.51
CA LYS I 363 -61.62 -57.23 34.75
C LYS I 363 -61.31 -58.62 35.29
N ASP I 364 -60.44 -59.34 34.56
CA ASP I 364 -59.96 -60.65 34.96
C ASP I 364 -59.39 -60.57 36.38
N ALA I 365 -58.68 -59.48 36.69
CA ALA I 365 -58.04 -59.33 37.99
C ALA I 365 -59.08 -59.47 39.10
N SER I 366 -60.20 -58.73 38.95
CA SER I 366 -61.22 -58.65 39.98
C SER I 366 -61.99 -59.97 40.05
N LEU I 367 -62.05 -60.66 38.90
CA LEU I 367 -62.59 -62.01 38.89
C LEU I 367 -61.84 -62.85 39.92
N LYS I 368 -60.50 -62.84 39.83
CA LYS I 368 -59.66 -63.57 40.77
C LYS I 368 -59.94 -63.14 42.20
N TYR I 369 -59.98 -61.82 42.43
CA TYR I 369 -60.09 -61.30 43.78
C TYR I 369 -61.44 -61.65 44.39
N ARG I 370 -62.49 -61.61 43.57
CA ARG I 370 -63.81 -62.00 44.05
C ARG I 370 -63.72 -63.42 44.60
N GLU I 371 -63.02 -64.29 43.87
CA GLU I 371 -62.83 -65.68 44.29
C GLU I 371 -62.04 -65.72 45.59
N THR I 372 -60.98 -64.91 45.68
CA THR I 372 -60.17 -64.83 46.88
C THR I 372 -61.04 -64.37 48.06
N PHE I 373 -61.94 -63.41 47.79
CA PHE I 373 -62.73 -62.77 48.82
C PHE I 373 -63.77 -63.75 49.37
N LYS I 374 -64.41 -64.50 48.46
CA LYS I 374 -65.46 -65.44 48.87
C LYS I 374 -64.91 -66.35 49.96
N VAL I 375 -63.67 -66.82 49.76
CA VAL I 375 -63.04 -67.75 50.69
C VAL I 375 -62.95 -67.11 52.06
N ALA I 376 -62.57 -65.82 52.09
CA ALA I 376 -62.35 -65.10 53.34
C ALA I 376 -63.69 -64.78 54.00
N GLU I 377 -64.69 -64.44 53.17
CA GLU I 377 -66.01 -64.10 53.67
C GLU I 377 -66.64 -65.33 54.30
N ASP I 378 -66.40 -66.51 53.70
CA ASP I 378 -67.06 -67.73 54.12
C ASP I 378 -66.58 -68.17 55.51
N LEU I 379 -65.31 -67.91 55.82
CA LEU I 379 -64.79 -68.22 57.14
C LEU I 379 -65.51 -67.35 58.17
N LEU I 380 -65.90 -66.14 57.76
CA LEU I 380 -66.55 -65.21 58.66
C LEU I 380 -67.98 -65.66 58.93
N ILE I 381 -68.71 -65.94 57.83
CA ILE I 381 -70.10 -66.37 57.87
C ILE I 381 -70.19 -67.65 58.69
N ASP I 382 -69.21 -68.56 58.51
CA ASP I 382 -69.22 -69.84 59.20
C ASP I 382 -68.59 -69.71 60.59
N GLY I 383 -68.06 -68.52 60.89
CA GLY I 383 -67.52 -68.23 62.21
C GLY I 383 -66.32 -69.12 62.57
N VAL I 384 -65.58 -69.55 61.54
CA VAL I 384 -64.44 -70.42 61.72
C VAL I 384 -63.13 -69.67 61.42
N LEU I 385 -63.25 -68.41 60.99
CA LEU I 385 -62.11 -67.53 60.84
C LEU I 385 -61.41 -67.42 62.19
N ASP I 386 -60.08 -67.28 62.18
CA ASP I 386 -59.27 -67.54 63.37
C ASP I 386 -58.28 -66.40 63.63
N PRO I 387 -58.70 -65.39 64.41
CA PRO I 387 -60.00 -65.37 65.06
C PRO I 387 -61.01 -64.43 64.40
N MET I 388 -62.24 -64.47 64.92
CA MET I 388 -63.28 -63.53 64.56
C MET I 388 -62.90 -62.14 65.09
N PRO I 389 -63.29 -61.04 64.39
CA PRO I 389 -62.92 -59.68 64.81
C PRO I 389 -63.13 -59.35 66.28
N LYS I 390 -64.16 -59.93 66.90
CA LYS I 390 -64.49 -59.63 68.28
C LYS I 390 -63.31 -59.96 69.17
N ASP I 391 -62.36 -60.76 68.65
CA ASP I 391 -61.29 -61.34 69.44
C ASP I 391 -59.94 -60.74 69.03
N LEU I 392 -59.96 -59.91 67.99
CA LEU I 392 -58.84 -59.05 67.64
C LEU I 392 -58.87 -57.81 68.56
N CYS I 393 -57.76 -57.07 68.54
CA CYS I 393 -57.68 -55.76 69.14
C CYS I 393 -58.69 -54.84 68.45
N PRO I 394 -59.39 -53.93 69.18
CA PRO I 394 -60.29 -52.96 68.56
C PRO I 394 -59.54 -52.10 67.53
N ASP I 395 -60.23 -51.74 66.44
CA ASP I 395 -59.64 -50.93 65.39
C ASP I 395 -59.54 -49.48 65.86
N TRP I 396 -59.04 -48.60 64.98
CA TRP I 396 -58.70 -47.24 65.38
C TRP I 396 -59.90 -46.54 66.01
N SER I 397 -61.10 -46.86 65.51
CA SER I 397 -62.34 -46.24 65.95
C SER I 397 -62.75 -46.76 67.33
N GLY I 398 -62.18 -47.90 67.72
CA GLY I 398 -62.49 -48.52 69.01
C GLY I 398 -63.62 -49.53 68.88
N GLN I 399 -63.67 -50.21 67.72
CA GLN I 399 -64.74 -51.14 67.41
C GLN I 399 -64.15 -52.45 66.88
N HIS I 400 -65.01 -53.44 66.67
CA HIS I 400 -64.59 -54.76 66.19
C HIS I 400 -65.32 -55.10 64.89
N ILE I 401 -65.25 -54.18 63.92
CA ILE I 401 -65.84 -54.40 62.60
C ILE I 401 -64.84 -55.21 61.77
N TRP I 402 -65.35 -56.15 60.97
CA TRP I 402 -64.53 -56.93 60.06
C TRP I 402 -63.76 -55.97 59.15
N SER I 403 -62.42 -56.08 59.22
CA SER I 403 -61.53 -55.21 58.50
C SER I 403 -61.90 -55.15 57.01
N LEU I 404 -62.46 -56.25 56.49
CA LEU I 404 -62.73 -56.39 55.07
C LEU I 404 -64.14 -55.92 54.70
N LYS I 405 -64.95 -55.57 55.71
CA LYS I 405 -66.33 -55.17 55.46
C LYS I 405 -66.37 -53.85 54.70
N ILE I 406 -67.03 -53.88 53.53
CA ILE I 406 -67.37 -52.69 52.76
C ILE I 406 -68.85 -52.39 52.99
N GLY I 407 -69.12 -51.34 53.78
CA GLY I 407 -70.47 -51.00 54.21
C GLY I 407 -71.48 -50.92 53.08
N ALA I 408 -71.00 -50.69 51.85
CA ALA I 408 -71.88 -50.48 50.71
C ALA I 408 -72.32 -51.82 50.13
N TYR I 409 -71.65 -52.90 50.53
CA TYR I 409 -71.94 -54.22 49.99
C TYR I 409 -72.27 -55.20 51.12
N HIS I 410 -71.74 -54.93 52.32
CA HIS I 410 -71.85 -55.88 53.41
C HIS I 410 -72.68 -55.28 54.54
N ASP I 411 -73.53 -56.13 55.14
CA ASP I 411 -74.41 -55.75 56.22
C ASP I 411 -74.77 -57.00 57.01
N GLY I 412 -74.61 -56.95 58.34
CA GLY I 412 -74.97 -58.08 59.16
C GLY I 412 -74.17 -58.18 60.45
N GLU I 413 -74.67 -59.00 61.37
CA GLU I 413 -74.11 -59.27 62.68
C GLU I 413 -72.66 -59.75 62.55
N ALA I 414 -72.43 -60.61 61.56
CA ALA I 414 -71.15 -61.26 61.35
C ALA I 414 -70.07 -60.25 60.95
N TYR I 415 -70.49 -59.17 60.25
CA TYR I 415 -69.57 -58.19 59.72
C TYR I 415 -69.25 -57.11 60.75
N GLY I 416 -70.23 -56.83 61.63
CA GLY I 416 -70.08 -55.80 62.64
C GLY I 416 -70.40 -54.41 62.08
N GLY I 417 -70.40 -53.41 62.98
CA GLY I 417 -70.71 -52.04 62.63
C GLY I 417 -72.20 -51.83 62.33
N THR I 418 -72.56 -50.58 62.03
CA THR I 418 -73.93 -50.23 61.67
C THR I 418 -74.05 -50.14 60.15
N THR I 419 -75.28 -49.97 59.66
CA THR I 419 -75.56 -50.11 58.24
C THR I 419 -74.82 -49.04 57.46
N GLY I 420 -74.09 -49.48 56.43
CA GLY I 420 -73.32 -48.62 55.56
C GLY I 420 -71.90 -48.39 56.08
N GLU I 421 -71.69 -48.67 57.37
CA GLU I 421 -70.39 -48.47 58.00
C GLU I 421 -69.44 -49.58 57.54
N SER I 422 -68.22 -49.19 57.16
CA SER I 422 -67.18 -50.10 56.74
C SER I 422 -66.28 -50.45 57.91
N GLY I 423 -65.43 -51.48 57.72
CA GLY I 423 -64.37 -51.80 58.66
C GLY I 423 -63.13 -50.99 58.35
N GLU I 424 -62.13 -51.05 59.23
CA GLU I 424 -60.85 -50.44 58.94
C GLU I 424 -60.02 -51.38 58.06
N PHE I 425 -60.08 -51.14 56.74
CA PHE I 425 -59.26 -51.86 55.78
C PHE I 425 -57.80 -51.67 56.18
N ARG I 426 -57.08 -52.78 56.33
CA ARG I 426 -55.71 -52.76 56.82
C ARG I 426 -55.03 -54.09 56.56
N MET I 427 -53.69 -54.06 56.53
CA MET I 427 -52.85 -55.25 56.47
C MET I 427 -52.38 -55.61 57.87
N SER I 428 -52.80 -54.82 58.87
CA SER I 428 -52.35 -54.99 60.24
C SER I 428 -53.50 -55.52 61.09
N ASN I 429 -53.19 -55.81 62.36
CA ASN I 429 -54.15 -56.22 63.38
C ASN I 429 -55.27 -57.06 62.79
N CYS I 430 -54.91 -58.24 62.27
CA CYS I 430 -55.88 -59.12 61.66
C CYS I 430 -55.30 -60.52 61.49
N THR I 431 -56.01 -61.34 60.71
CA THR I 431 -55.66 -62.72 60.42
C THR I 431 -54.92 -62.75 59.08
N ASP I 432 -54.25 -63.87 58.80
CA ASP I 432 -53.48 -64.04 57.57
C ASP I 432 -54.40 -63.89 56.36
N VAL I 433 -55.65 -64.34 56.48
CA VAL I 433 -56.58 -64.39 55.38
C VAL I 433 -57.02 -62.98 55.01
N GLU I 434 -57.29 -62.16 56.04
CA GLU I 434 -57.59 -60.77 55.82
C GLU I 434 -56.37 -60.08 55.20
N ARG I 435 -55.19 -60.38 55.76
CA ARG I 435 -53.96 -59.73 55.35
C ARG I 435 -53.70 -60.01 53.87
N LEU I 436 -53.85 -61.29 53.46
CA LEU I 436 -53.50 -61.72 52.12
C LEU I 436 -54.50 -61.17 51.11
N CYS I 437 -55.80 -61.12 51.49
CA CYS I 437 -56.81 -60.48 50.67
C CYS I 437 -56.43 -59.02 50.43
N PHE I 438 -55.99 -58.36 51.51
CA PHE I 438 -55.54 -56.99 51.44
C PHE I 438 -54.39 -56.88 50.44
N GLU I 439 -53.41 -57.78 50.56
CA GLU I 439 -52.24 -57.73 49.71
C GLU I 439 -52.63 -57.99 48.26
N SER I 440 -53.55 -58.94 48.06
CA SER I 440 -53.91 -59.33 46.70
C SER I 440 -54.50 -58.12 45.96
N VAL I 441 -55.47 -57.46 46.59
CA VAL I 441 -56.19 -56.37 45.97
C VAL I 441 -55.38 -55.09 46.06
N GLY I 442 -54.70 -54.90 47.20
CA GLY I 442 -54.09 -53.64 47.56
C GLY I 442 -52.68 -53.45 46.99
N TYR I 443 -52.03 -54.56 46.64
CA TYR I 443 -50.69 -54.50 46.08
C TYR I 443 -50.70 -55.10 44.67
N PHE I 444 -51.04 -56.39 44.58
CA PHE I 444 -50.86 -57.12 43.33
C PHE I 444 -51.77 -56.56 42.24
N GLN I 445 -53.05 -56.36 42.56
CA GLN I 445 -54.05 -55.91 41.61
C GLN I 445 -53.64 -54.56 41.01
N THR I 446 -53.09 -53.68 41.85
CA THR I 446 -52.66 -52.37 41.41
C THR I 446 -51.53 -52.52 40.39
N TYR I 447 -50.61 -53.46 40.64
CA TYR I 447 -49.54 -53.71 39.70
C TYR I 447 -50.12 -54.05 38.33
N ILE I 448 -51.31 -54.66 38.32
CA ILE I 448 -51.95 -55.08 37.07
C ILE I 448 -52.47 -53.83 36.37
N TYR I 449 -53.23 -53.02 37.10
CA TYR I 449 -53.77 -51.78 36.55
C TYR I 449 -52.62 -50.89 36.10
N LYS I 450 -51.75 -50.52 37.03
CA LYS I 450 -50.66 -49.61 36.72
C LYS I 450 -49.71 -50.26 35.72
N GLY I 451 -49.58 -51.58 35.76
CA GLY I 451 -48.69 -52.31 34.86
C GLY I 451 -49.14 -52.17 33.41
N MET I 452 -50.42 -52.40 33.14
CA MET I 452 -50.94 -52.37 31.78
C MET I 452 -51.02 -50.92 31.31
N ALA I 453 -51.24 -50.01 32.27
CA ALA I 453 -51.47 -48.61 31.98
C ALA I 453 -50.21 -47.96 31.39
N HIS I 454 -49.06 -48.38 31.90
CA HIS I 454 -47.79 -47.75 31.54
C HIS I 454 -46.94 -48.74 30.76
N GLY I 455 -47.48 -49.94 30.57
CA GLY I 455 -46.95 -50.92 29.63
C GLY I 455 -45.81 -51.76 30.22
N SER I 456 -45.95 -52.15 31.49
CA SER I 456 -45.08 -53.16 32.06
C SER I 456 -45.79 -54.51 32.07
N TRP I 457 -45.48 -55.32 31.07
CA TRP I 457 -46.12 -56.61 30.86
C TRP I 457 -45.86 -57.55 32.04
N ASN I 458 -44.68 -57.42 32.67
CA ASN I 458 -44.36 -58.25 33.81
C ASN I 458 -45.08 -57.76 35.07
N ASP I 459 -45.18 -56.43 35.23
CA ASP I 459 -45.89 -55.89 36.38
C ASP I 459 -47.34 -56.40 36.35
N ALA I 460 -47.83 -56.69 35.14
CA ALA I 460 -49.16 -57.22 34.93
C ALA I 460 -49.21 -58.72 35.20
N THR I 461 -48.09 -59.41 34.95
CA THR I 461 -48.07 -60.86 34.97
C THR I 461 -47.14 -61.38 36.08
N TYR I 462 -45.89 -61.70 35.73
CA TYR I 462 -45.00 -62.50 36.57
C TYR I 462 -44.63 -61.76 37.85
N SER I 463 -44.26 -60.48 37.73
CA SER I 463 -43.73 -59.75 38.86
C SER I 463 -44.85 -59.29 39.79
N ASP I 464 -45.52 -60.27 40.42
CA ASP I 464 -46.50 -60.09 41.48
C ASP I 464 -47.79 -59.45 40.95
N GLY I 465 -48.04 -59.58 39.65
CA GLY I 465 -49.26 -59.04 39.08
C GLY I 465 -50.38 -60.06 39.12
N SER I 466 -50.78 -60.55 37.93
CA SER I 466 -51.73 -61.63 37.80
C SER I 466 -51.27 -62.83 38.62
N PHE I 467 -49.99 -63.21 38.46
CA PHE I 467 -49.48 -64.43 39.07
C PHE I 467 -49.21 -64.19 40.56
N GLY I 468 -49.08 -62.93 40.96
CA GLY I 468 -49.06 -62.58 42.36
C GLY I 468 -50.36 -62.96 43.06
N MET I 469 -51.49 -62.58 42.44
CA MET I 469 -52.82 -62.85 42.95
C MET I 469 -53.08 -64.36 42.92
N ASP I 470 -52.59 -65.04 41.88
CA ASP I 470 -52.65 -66.48 41.78
C ASP I 470 -52.06 -67.10 43.04
N ARG I 471 -50.86 -66.62 43.41
CA ARG I 471 -50.11 -67.14 44.53
C ARG I 471 -50.91 -66.92 45.82
N TRP I 472 -51.44 -65.72 45.99
CA TRP I 472 -52.12 -65.35 47.22
C TRP I 472 -53.47 -66.06 47.32
N LEU I 473 -54.06 -66.41 46.17
CA LEU I 473 -55.29 -67.18 46.17
C LEU I 473 -55.00 -68.54 46.81
N VAL I 474 -53.90 -69.17 46.38
CA VAL I 474 -53.46 -70.45 46.92
C VAL I 474 -53.28 -70.32 48.43
N ASN I 475 -52.56 -69.28 48.84
CA ASN I 475 -52.15 -69.13 50.23
C ASN I 475 -53.39 -68.91 51.12
N VAL I 476 -54.33 -68.09 50.64
CA VAL I 476 -55.59 -67.85 51.33
C VAL I 476 -56.34 -69.17 51.49
N LYS I 477 -56.48 -69.92 50.39
CA LYS I 477 -57.19 -71.18 50.39
C LYS I 477 -56.59 -72.11 51.44
N GLN I 478 -55.27 -72.31 51.38
CA GLN I 478 -54.58 -73.20 52.29
C GLN I 478 -54.92 -72.82 53.73
N ASN I 479 -55.00 -71.51 53.97
CA ASN I 479 -55.25 -70.96 55.29
C ASN I 479 -56.68 -71.23 55.74
N ALA I 480 -57.62 -71.17 54.79
CA ALA I 480 -59.02 -71.46 55.07
C ALA I 480 -59.15 -72.93 55.43
N SER I 481 -58.56 -73.79 54.59
CA SER I 481 -58.49 -75.23 54.81
C SER I 481 -58.00 -75.54 56.22
N ARG I 482 -56.82 -75.02 56.58
CA ARG I 482 -56.21 -75.35 57.87
C ARG I 482 -57.16 -74.96 59.00
N ALA I 483 -57.71 -73.74 58.93
CA ALA I 483 -58.55 -73.22 60.00
C ALA I 483 -59.85 -74.02 60.10
N ARG I 484 -60.34 -74.50 58.94
CA ARG I 484 -61.57 -75.27 58.89
C ARG I 484 -61.36 -76.65 59.51
N ARG I 485 -60.23 -77.28 59.14
CA ARG I 485 -59.86 -78.60 59.60
C ARG I 485 -59.68 -78.61 61.11
N LEU I 486 -59.06 -77.54 61.64
CA LEU I 486 -58.83 -77.40 63.07
C LEU I 486 -60.16 -77.29 63.80
N ALA I 487 -61.07 -76.47 63.27
CA ALA I 487 -62.38 -76.25 63.88
C ALA I 487 -63.14 -77.58 63.94
N ALA I 488 -63.10 -78.32 62.84
CA ALA I 488 -63.78 -79.60 62.71
C ALA I 488 -63.25 -80.59 63.75
N LEU I 489 -61.92 -80.63 63.90
CA LEU I 489 -61.26 -81.49 64.86
C LEU I 489 -61.63 -81.07 66.28
N GLU I 490 -61.72 -79.75 66.50
CA GLU I 490 -61.95 -79.21 67.83
C GLU I 490 -63.39 -79.42 68.26
N LYS I 491 -64.30 -79.48 67.27
CA LYS I 491 -65.70 -79.78 67.53
C LYS I 491 -65.82 -81.24 67.98
N LYS I 492 -65.21 -82.14 67.21
CA LYS I 492 -65.37 -83.57 67.43
C LYS I 492 -64.81 -83.96 68.80
N VAL I 493 -63.67 -83.34 69.16
CA VAL I 493 -62.99 -83.66 70.40
C VAL I 493 -63.66 -82.90 71.55
N GLY I 494 -64.52 -81.93 71.21
CA GLY I 494 -65.23 -81.14 72.20
C GLY I 494 -64.34 -80.11 72.86
N ILE I 495 -63.52 -79.43 72.06
CA ILE I 495 -62.69 -78.33 72.50
C ILE I 495 -63.34 -77.04 72.02
N SER I 496 -63.45 -76.07 72.92
CA SER I 496 -63.86 -74.73 72.55
C SER I 496 -62.63 -73.82 72.56
N TRP I 497 -62.12 -73.53 71.36
CA TRP I 497 -60.86 -72.80 71.20
C TRP I 497 -61.00 -71.37 71.70
N GLN I 498 -60.10 -71.00 72.62
CA GLN I 498 -59.99 -69.66 73.17
C GLN I 498 -58.93 -68.90 72.37
N PRO I 499 -59.31 -67.95 71.48
CA PRO I 499 -58.33 -67.18 70.71
C PRO I 499 -57.29 -66.55 71.63
N GLU I 500 -56.03 -66.56 71.17
CA GLU I 500 -54.91 -66.26 72.04
C GLU I 500 -54.89 -64.79 72.42
N GLN I 501 -54.27 -64.50 73.56
CA GLN I 501 -54.20 -63.16 74.12
C GLN I 501 -53.54 -62.22 73.12
N PHE I 502 -52.61 -62.76 72.31
CA PHE I 502 -51.80 -61.95 71.40
C PHE I 502 -52.65 -61.40 70.24
N TRP I 503 -53.92 -61.76 70.18
CA TRP I 503 -54.79 -61.15 69.18
C TRP I 503 -55.37 -59.85 69.74
N LYS I 504 -55.58 -59.82 71.07
CA LYS I 504 -56.21 -58.71 71.77
C LYS I 504 -55.16 -57.69 72.18
N THR I 505 -54.16 -58.14 72.95
CA THR I 505 -53.16 -57.27 73.53
C THR I 505 -51.77 -57.63 73.01
N GLY I 506 -50.88 -56.64 73.10
CA GLY I 506 -49.49 -56.74 72.69
C GLY I 506 -48.80 -55.40 72.93
N GLU I 507 -47.47 -55.39 72.87
CA GLU I 507 -46.74 -54.19 73.27
C GLU I 507 -47.03 -53.04 72.31
N TRP I 508 -47.18 -53.36 71.02
CA TRP I 508 -47.56 -52.38 70.02
C TRP I 508 -49.06 -52.13 70.07
N LEU I 509 -49.85 -53.21 69.98
CA LEU I 509 -51.30 -53.13 69.99
C LEU I 509 -51.78 -52.14 71.06
N ASP I 510 -51.23 -52.24 72.27
CA ASP I 510 -51.74 -51.50 73.41
C ASP I 510 -51.47 -50.01 73.26
N GLN I 511 -50.70 -49.61 72.24
CA GLN I 511 -50.34 -48.22 72.02
C GLN I 511 -51.27 -47.56 70.99
N LEU I 512 -52.23 -48.32 70.47
CA LEU I 512 -53.15 -47.83 69.45
C LEU I 512 -54.35 -47.15 70.11
N THR I 513 -55.17 -46.50 69.28
CA THR I 513 -56.27 -45.66 69.73
C THR I 513 -57.46 -46.53 70.12
N GLY I 514 -57.70 -47.59 69.35
CA GLY I 514 -58.74 -48.56 69.67
C GLY I 514 -58.78 -48.91 71.15
N PRO I 515 -57.71 -49.52 71.72
CA PRO I 515 -57.72 -49.88 73.13
C PRO I 515 -57.97 -48.67 74.02
N TYR I 516 -57.42 -47.52 73.61
CA TYR I 516 -57.55 -46.28 74.36
C TYR I 516 -59.02 -45.89 74.50
N ILE I 517 -59.72 -45.90 73.36
CA ILE I 517 -61.11 -45.48 73.27
C ILE I 517 -61.97 -46.40 74.15
N VAL I 518 -61.71 -47.71 74.08
CA VAL I 518 -62.49 -48.70 74.82
C VAL I 518 -62.27 -48.55 76.32
N LYS I 519 -61.06 -48.13 76.71
CA LYS I 519 -60.70 -48.03 78.12
C LYS I 519 -61.23 -46.71 78.70
N ASN I 520 -61.32 -45.67 77.86
CA ASN I 520 -61.44 -44.31 78.36
C ASN I 520 -62.76 -43.67 77.95
N HIS I 521 -63.31 -44.10 76.82
CA HIS I 521 -64.59 -43.59 76.33
C HIS I 521 -65.54 -44.75 76.06
N PRO I 522 -65.96 -45.51 77.10
CA PRO I 522 -66.50 -46.86 76.93
C PRO I 522 -67.66 -46.98 75.93
N GLY I 523 -68.54 -45.99 75.88
CA GLY I 523 -69.70 -46.11 75.02
C GLY I 523 -69.46 -45.67 73.58
N LYS I 524 -68.33 -44.99 73.31
CA LYS I 524 -68.24 -44.13 72.14
C LYS I 524 -67.23 -44.67 71.13
N THR I 525 -67.26 -44.11 69.92
CA THR I 525 -66.27 -44.37 68.88
C THR I 525 -65.49 -43.09 68.59
N ILE I 526 -64.42 -43.21 67.79
CA ILE I 526 -63.58 -42.06 67.45
C ILE I 526 -64.39 -41.06 66.64
N PHE I 527 -65.45 -41.53 65.96
CA PHE I 527 -66.29 -40.64 65.16
C PHE I 527 -67.15 -39.76 66.08
N ASP I 528 -67.59 -40.35 67.21
CA ASP I 528 -68.35 -39.64 68.22
C ASP I 528 -67.45 -38.58 68.85
N LEU I 529 -66.17 -38.92 69.00
CA LEU I 529 -65.22 -38.13 69.76
C LEU I 529 -64.57 -37.08 68.88
N CYS I 530 -64.87 -37.13 67.58
CA CYS I 530 -64.40 -36.11 66.67
C CYS I 530 -65.57 -35.62 65.81
N PRO I 531 -66.45 -34.73 66.36
CA PRO I 531 -67.69 -34.35 65.70
C PRO I 531 -67.51 -33.36 64.55
N ASP I 532 -66.35 -32.71 64.48
CA ASP I 532 -66.08 -31.66 63.50
C ASP I 532 -66.31 -32.19 62.09
N PRO I 533 -66.67 -31.30 61.12
CA PRO I 533 -66.93 -31.72 59.74
C PRO I 533 -65.63 -32.13 59.05
N GLY I 534 -65.69 -33.25 58.32
CA GLY I 534 -64.54 -33.78 57.62
C GLY I 534 -64.42 -33.19 56.21
N TRP I 535 -63.46 -33.71 55.44
CA TRP I 535 -63.24 -33.26 54.08
C TRP I 535 -64.42 -33.65 53.20
N LEU I 536 -64.89 -34.90 53.33
CA LEU I 536 -65.96 -35.44 52.52
C LEU I 536 -67.26 -34.69 52.82
N ASP I 537 -67.36 -34.15 54.04
CA ASP I 537 -68.49 -33.37 54.50
C ASP I 537 -68.57 -32.05 53.73
N THR I 538 -67.45 -31.62 53.14
CA THR I 538 -67.32 -30.25 52.64
C THR I 538 -66.78 -30.23 51.21
N HIS I 539 -66.71 -31.39 50.56
CA HIS I 539 -66.27 -31.51 49.18
C HIS I 539 -67.13 -32.53 48.45
N HIS I 540 -67.36 -32.30 47.16
CA HIS I 540 -68.20 -33.16 46.35
C HIS I 540 -67.71 -33.16 44.91
N ALA I 541 -68.16 -34.17 44.14
CA ALA I 541 -67.85 -34.30 42.72
C ALA I 541 -68.32 -33.06 41.96
N PRO I 542 -67.55 -32.55 40.98
CA PRO I 542 -67.96 -31.39 40.19
C PRO I 542 -69.17 -31.69 39.32
N ALA I 543 -70.02 -30.66 39.13
CA ALA I 543 -71.27 -30.78 38.40
C ALA I 543 -71.01 -31.29 36.99
N GLU I 544 -69.91 -30.81 36.38
CA GLU I 544 -69.50 -31.22 35.05
C GLU I 544 -69.48 -32.74 34.97
N GLU I 545 -68.91 -33.37 36.00
CA GLU I 545 -68.73 -34.82 36.03
C GLU I 545 -70.07 -35.50 36.23
N VAL I 546 -70.82 -35.08 37.27
CA VAL I 546 -72.12 -35.63 37.58
C VAL I 546 -73.00 -35.54 36.32
N GLU I 547 -73.00 -34.36 35.71
CA GLU I 547 -73.77 -34.08 34.52
C GLU I 547 -73.42 -35.09 33.43
N TYR I 548 -72.12 -35.27 33.19
CA TYR I 548 -71.64 -36.19 32.18
C TYR I 548 -72.21 -37.59 32.41
N ILE I 549 -71.99 -38.11 33.62
CA ILE I 549 -72.41 -39.46 33.98
C ILE I 549 -73.91 -39.60 33.75
N GLU I 550 -74.69 -38.74 34.41
CA GLU I 550 -76.15 -38.77 34.32
C GLU I 550 -76.59 -38.82 32.87
N ARG I 551 -76.05 -37.91 32.05
CA ARG I 551 -76.37 -37.84 30.63
C ARG I 551 -76.12 -39.20 29.99
N LYS I 552 -74.90 -39.72 30.19
CA LYS I 552 -74.41 -40.90 29.52
C LYS I 552 -75.24 -42.13 29.89
N LEU I 553 -75.65 -42.20 31.17
CA LEU I 553 -76.43 -43.33 31.66
C LEU I 553 -77.80 -43.34 31.00
N LYS I 554 -78.44 -42.16 30.90
CA LYS I 554 -79.75 -42.06 30.30
C LYS I 554 -79.69 -42.51 28.83
N GLU I 555 -78.73 -41.94 28.10
CA GLU I 555 -78.52 -42.20 26.68
C GLU I 555 -78.29 -43.69 26.43
N LEU I 556 -77.54 -44.35 27.32
CA LEU I 556 -77.20 -45.75 27.16
C LEU I 556 -78.29 -46.65 27.74
N GLY I 557 -79.17 -46.07 28.56
CA GLY I 557 -80.23 -46.80 29.22
C GLY I 557 -79.70 -47.77 30.28
N ILE I 558 -78.97 -47.25 31.27
CA ILE I 558 -78.53 -48.00 32.42
C ILE I 558 -79.08 -47.30 33.68
N THR I 559 -79.23 -48.05 34.77
CA THR I 559 -79.71 -47.50 36.03
C THR I 559 -78.64 -46.60 36.66
N VAL J 33 61.31 -62.46 -7.67
CA VAL J 33 61.73 -61.62 -6.50
C VAL J 33 63.10 -62.12 -6.04
N GLU J 34 64.06 -61.19 -5.96
CA GLU J 34 65.44 -61.49 -5.61
C GLU J 34 65.81 -60.75 -4.33
N ILE J 35 66.92 -61.17 -3.71
CA ILE J 35 67.58 -60.35 -2.71
C ILE J 35 68.52 -59.39 -3.44
N ILE J 36 68.03 -58.17 -3.69
CA ILE J 36 68.70 -57.22 -4.56
C ILE J 36 69.95 -56.68 -3.86
N THR J 37 71.10 -56.85 -4.52
CA THR J 37 72.39 -56.49 -3.96
C THR J 37 73.05 -55.40 -4.79
N HIS J 38 72.24 -54.65 -5.55
CA HIS J 38 72.75 -53.65 -6.48
C HIS J 38 72.08 -52.30 -6.26
N TRP J 39 72.49 -51.32 -7.07
CA TRP J 39 71.92 -49.99 -7.18
C TRP J 39 72.21 -49.13 -5.94
N VAL J 40 71.80 -49.62 -4.77
CA VAL J 40 72.05 -48.96 -3.50
C VAL J 40 73.56 -48.85 -3.32
N PRO J 41 74.11 -47.66 -2.96
CA PRO J 41 75.56 -47.49 -2.83
C PRO J 41 76.22 -48.52 -1.92
N HIS J 42 77.40 -49.01 -2.34
CA HIS J 42 78.09 -50.11 -1.68
C HIS J 42 78.53 -49.69 -0.28
N GLU J 43 78.84 -48.40 -0.12
CA GLU J 43 79.40 -47.87 1.11
C GLU J 43 78.50 -48.23 2.29
N VAL J 44 77.24 -48.58 1.99
CA VAL J 44 76.24 -48.80 3.02
C VAL J 44 75.88 -50.29 3.10
N TYR J 45 76.59 -51.13 2.34
CA TYR J 45 76.40 -52.57 2.45
C TYR J 45 77.15 -53.10 3.67
N GLY J 46 76.42 -53.83 4.53
CA GLY J 46 77.02 -54.46 5.69
C GLY J 46 77.75 -55.74 5.29
N MET J 47 78.96 -55.92 5.85
CA MET J 47 79.76 -57.10 5.56
C MET J 47 79.80 -58.00 6.79
N PRO J 48 80.08 -59.32 6.64
CA PRO J 48 79.98 -60.26 7.76
C PRO J 48 80.72 -59.79 9.01
N GLY J 49 80.03 -59.86 10.16
CA GLY J 49 80.63 -59.60 11.45
C GLY J 49 80.38 -58.17 11.94
N GLU J 50 79.92 -57.31 11.04
CA GLU J 50 79.65 -55.91 11.38
C GLU J 50 78.39 -55.82 12.24
N PRO J 51 78.25 -54.76 13.08
CA PRO J 51 77.08 -54.61 13.95
C PRO J 51 75.80 -54.36 13.15
N ASP J 52 74.70 -54.95 13.64
CA ASP J 52 73.40 -54.81 12.98
C ASP J 52 72.83 -53.41 13.21
N ASN J 53 73.34 -52.72 14.24
CA ASN J 53 72.81 -51.41 14.61
C ASN J 53 73.67 -50.30 14.02
N SER J 54 74.48 -50.65 13.01
CA SER J 54 75.33 -49.68 12.34
C SER J 54 74.50 -48.84 11.37
N GLY J 55 73.43 -49.45 10.84
CA GLY J 55 72.54 -48.80 9.90
C GLY J 55 72.84 -49.23 8.47
N LYS J 56 73.72 -50.23 8.35
CA LYS J 56 74.10 -50.75 7.05
C LYS J 56 73.10 -51.82 6.62
N VAL J 57 72.99 -52.02 5.31
CA VAL J 57 72.05 -52.98 4.73
C VAL J 57 72.70 -54.36 4.74
N PHE J 58 72.06 -55.30 5.43
CA PHE J 58 72.48 -56.69 5.42
C PHE J 58 71.51 -57.49 4.56
N PHE J 59 72.01 -58.04 3.47
CA PHE J 59 71.19 -58.71 2.48
C PHE J 59 70.50 -59.92 3.12
N SER J 60 69.16 -59.92 3.05
CA SER J 60 68.32 -60.95 3.64
C SER J 60 68.50 -61.00 5.15
N GLY J 61 69.18 -59.99 5.69
CA GLY J 61 69.42 -59.85 7.12
C GLY J 61 70.49 -60.80 7.63
N LEU J 62 71.33 -61.31 6.72
CA LEU J 62 72.34 -62.30 7.05
C LEU J 62 73.65 -61.63 7.45
N LYS J 63 74.46 -62.38 8.21
CA LYS J 63 75.88 -62.14 8.40
C LYS J 63 76.14 -61.00 9.39
N ALA J 64 75.08 -60.40 9.92
CA ALA J 64 75.22 -59.29 10.85
C ALA J 64 75.51 -59.82 12.26
N LYS J 65 76.21 -58.99 13.05
CA LYS J 65 76.45 -59.27 14.46
C LYS J 65 75.35 -58.61 15.29
N TYR J 66 74.59 -59.43 16.02
CA TYR J 66 73.45 -58.97 16.79
C TYR J 66 73.93 -58.20 18.01
N MET J 67 73.52 -56.94 18.12
CA MET J 67 73.98 -56.05 19.17
C MET J 67 72.95 -55.97 20.29
N GLY J 68 71.69 -56.30 19.98
CA GLY J 68 70.61 -56.28 20.95
C GLY J 68 70.07 -54.87 21.19
N TYR J 69 69.04 -54.78 22.03
CA TYR J 69 68.32 -53.54 22.28
C TYR J 69 69.20 -52.53 23.02
N PRO J 70 68.96 -51.21 22.85
CA PRO J 70 69.75 -50.19 23.53
C PRO J 70 69.43 -50.15 25.02
N LYS J 71 70.36 -50.64 25.83
CA LYS J 71 70.16 -50.74 27.27
C LYS J 71 70.66 -49.48 27.96
N ASP J 72 71.24 -48.55 27.19
CA ASP J 72 71.71 -47.29 27.70
C ASP J 72 70.63 -46.22 27.52
N ALA J 73 69.60 -46.55 26.71
CA ALA J 73 68.54 -45.62 26.37
C ALA J 73 67.65 -45.38 27.58
N GLN J 74 67.42 -44.09 27.88
CA GLN J 74 66.61 -43.67 29.01
C GLN J 74 65.19 -44.17 28.84
N ARG J 75 64.72 -44.95 29.82
CA ARG J 75 63.43 -45.64 29.75
C ARG J 75 63.00 -46.04 31.15
N SER J 76 61.89 -46.77 31.23
CA SER J 76 61.38 -47.29 32.49
C SER J 76 61.47 -48.80 32.51
N PRO J 77 61.71 -49.42 33.68
CA PRO J 77 61.49 -50.86 33.85
C PRO J 77 59.99 -51.11 33.78
N TYR J 78 59.62 -52.32 33.35
CA TYR J 78 58.24 -52.77 33.38
C TYR J 78 57.83 -53.02 34.83
N PRO J 79 56.55 -52.83 35.20
CA PRO J 79 56.07 -53.18 36.54
C PRO J 79 55.85 -54.69 36.66
N GLY J 80 55.60 -55.14 37.90
CA GLY J 80 55.09 -56.49 38.13
C GLY J 80 56.15 -57.48 38.58
N LYS J 81 55.71 -58.74 38.67
CA LYS J 81 56.43 -59.87 39.27
C LYS J 81 57.77 -60.07 38.57
N TYR J 82 57.79 -59.92 37.25
CA TYR J 82 58.94 -60.33 36.45
C TYR J 82 59.71 -59.11 35.98
N SER J 83 59.67 -58.04 36.78
CA SER J 83 60.28 -56.77 36.44
C SER J 83 61.75 -56.96 36.04
N LYS J 84 62.45 -57.85 36.75
CA LYS J 84 63.88 -58.01 36.62
C LYS J 84 64.27 -58.57 35.24
N PHE J 85 63.39 -59.36 34.63
CA PHE J 85 63.68 -60.02 33.38
C PHE J 85 62.97 -59.35 32.21
N TRP J 86 62.15 -58.33 32.51
CA TRP J 86 61.40 -57.59 31.51
C TRP J 86 62.30 -56.56 30.83
N LYS J 87 62.75 -56.88 29.61
CA LYS J 87 63.53 -55.94 28.81
C LYS J 87 62.58 -54.95 28.14
N THR J 88 62.89 -53.66 28.26
CA THR J 88 61.98 -52.61 27.83
C THR J 88 62.64 -51.69 26.79
N LEU J 89 61.79 -51.02 26.00
CA LEU J 89 62.19 -50.00 25.05
C LEU J 89 61.69 -48.64 25.55
N PRO J 90 62.31 -47.52 25.13
CA PRO J 90 61.85 -46.18 25.52
C PRO J 90 60.36 -45.95 25.27
N ALA J 91 59.87 -46.48 24.15
CA ALA J 91 58.50 -46.25 23.70
C ALA J 91 57.48 -46.76 24.71
N TYR J 92 57.87 -47.70 25.57
CA TYR J 92 56.94 -48.37 26.47
C TYR J 92 56.44 -47.41 27.54
N ARG J 93 57.13 -46.27 27.70
CA ARG J 93 56.85 -45.31 28.76
C ARG J 93 55.38 -44.86 28.72
N TYR J 94 54.79 -44.84 27.53
CA TYR J 94 53.46 -44.29 27.33
C TYR J 94 52.38 -45.30 27.72
N TYR J 95 52.74 -46.58 27.78
CA TYR J 95 51.75 -47.64 27.71
C TYR J 95 51.26 -48.07 29.09
N ILE J 96 52.11 -48.00 30.11
CA ILE J 96 51.68 -48.08 31.50
C ILE J 96 52.18 -46.83 32.20
N PRO J 97 51.55 -45.67 31.96
CA PRO J 97 52.16 -44.37 32.22
C PRO J 97 52.37 -44.00 33.70
N ASP J 98 51.50 -44.50 34.59
CA ASP J 98 51.60 -44.17 36.00
C ASP J 98 52.97 -44.60 36.54
N TYR J 99 53.39 -45.81 36.16
CA TYR J 99 54.65 -46.35 36.66
C TYR J 99 55.80 -45.97 35.72
N MET J 100 55.50 -45.91 34.41
CA MET J 100 56.55 -45.91 33.41
C MET J 100 56.83 -44.50 32.86
N TYR J 101 56.02 -43.52 33.28
CA TYR J 101 56.20 -42.15 32.80
C TYR J 101 56.15 -41.16 33.95
N ASN J 102 55.21 -41.36 34.89
CA ASN J 102 54.78 -40.30 35.79
C ASN J 102 55.68 -40.19 37.02
N ARG J 103 56.49 -41.22 37.28
CA ARG J 103 57.44 -41.18 38.39
C ARG J 103 58.60 -40.26 38.00
N ASP J 104 59.08 -39.48 38.97
CA ASP J 104 60.14 -38.50 38.75
C ASP J 104 61.39 -39.20 38.24
N GLU J 105 61.61 -40.45 38.68
CA GLU J 105 62.83 -41.18 38.40
C GLU J 105 62.89 -41.59 36.94
N VAL J 106 61.75 -41.51 36.24
CA VAL J 106 61.61 -42.15 34.95
C VAL J 106 61.24 -41.13 33.88
N ARG J 107 60.43 -40.12 34.26
CA ARG J 107 59.92 -39.12 33.35
C ARG J 107 61.00 -38.68 32.37
N PRO J 108 60.74 -38.71 31.05
CA PRO J 108 61.75 -38.35 30.05
C PRO J 108 61.98 -36.84 29.99
N SER J 109 63.16 -36.47 29.48
CA SER J 109 63.54 -35.06 29.35
C SER J 109 62.66 -34.39 28.29
N ASN J 110 62.54 -33.07 28.38
CA ASN J 110 61.75 -32.30 27.44
C ASN J 110 62.46 -30.98 27.15
N PRO J 111 62.67 -30.63 25.86
CA PRO J 111 63.42 -29.42 25.49
C PRO J 111 62.73 -28.10 25.79
N ILE J 112 61.43 -28.14 26.11
CA ILE J 112 60.66 -26.93 26.39
C ILE J 112 60.50 -26.77 27.90
N LYS J 113 60.86 -25.59 28.40
CA LYS J 113 60.86 -25.30 29.83
C LYS J 113 59.82 -24.24 30.15
N GLY J 114 59.30 -24.28 31.38
CA GLY J 114 58.34 -23.32 31.88
C GLY J 114 57.04 -23.96 32.33
N THR J 115 56.29 -23.26 33.18
CA THR J 115 54.93 -23.67 33.51
C THR J 115 53.98 -22.72 32.79
N PHE J 116 52.91 -23.26 32.21
CA PHE J 116 52.08 -22.50 31.26
C PHE J 116 50.61 -22.55 31.63
N LYS J 117 49.87 -21.53 31.18
CA LYS J 117 48.42 -21.49 31.22
C LYS J 117 47.89 -22.29 30.03
N LEU J 118 46.59 -22.62 30.07
CA LEU J 118 45.98 -23.45 29.04
C LEU J 118 46.11 -22.78 27.67
N GLU J 119 45.89 -21.46 27.63
CA GLU J 119 45.95 -20.66 26.41
C GLU J 119 47.26 -20.93 25.70
N GLN J 120 48.34 -21.09 26.49
CA GLN J 120 49.69 -21.21 25.98
C GLN J 120 49.90 -22.59 25.39
N CYS J 121 49.37 -23.63 26.06
CA CYS J 121 49.42 -24.99 25.54
C CYS J 121 48.84 -25.00 24.13
N VAL J 122 47.63 -24.43 24.01
CA VAL J 122 46.85 -24.49 22.78
C VAL J 122 47.58 -23.74 21.67
N ALA J 123 48.03 -22.51 21.99
CA ALA J 123 48.62 -21.63 21.00
C ALA J 123 49.89 -22.22 20.40
N CYS J 124 50.72 -22.80 21.28
CA CYS J 124 52.02 -23.34 20.88
C CYS J 124 51.84 -24.64 20.11
N HIS J 125 50.96 -25.52 20.64
CA HIS J 125 50.78 -26.85 20.08
C HIS J 125 49.94 -26.80 18.82
N SER J 126 49.21 -25.70 18.62
CA SER J 126 48.35 -25.55 17.44
C SER J 126 49.21 -25.55 16.18
N VAL J 127 50.51 -25.26 16.35
CA VAL J 127 51.44 -25.23 15.24
C VAL J 127 52.44 -26.38 15.40
N MET J 128 52.84 -26.67 16.64
CA MET J 128 53.87 -27.66 16.90
C MET J 128 53.34 -29.08 16.67
N THR J 129 52.12 -29.35 17.18
CA THR J 129 51.44 -30.61 16.95
C THR J 129 49.99 -30.32 16.53
N PRO J 130 49.78 -29.82 15.29
CA PRO J 130 48.49 -29.24 14.90
C PRO J 130 47.28 -30.15 15.14
N GLY J 131 47.44 -31.44 14.81
CA GLY J 131 46.37 -32.41 14.84
C GLY J 131 45.78 -32.58 16.23
N ILE J 132 46.65 -32.48 17.25
CA ILE J 132 46.24 -32.67 18.64
C ILE J 132 45.30 -31.53 19.04
N VAL J 133 45.63 -30.31 18.63
CA VAL J 133 44.83 -29.13 18.98
C VAL J 133 43.52 -29.14 18.19
N ARG J 134 43.60 -29.55 16.90
CA ARG J 134 42.40 -29.69 16.07
C ARG J 134 41.42 -30.64 16.75
N ASP J 135 41.93 -31.76 17.27
CA ASP J 135 41.13 -32.76 17.95
C ASP J 135 40.57 -32.20 19.25
N TYR J 136 41.44 -31.54 20.03
CA TYR J 136 41.07 -31.03 21.33
C TYR J 136 39.92 -30.03 21.19
N ASN J 137 40.00 -29.16 20.17
CA ASN J 137 39.04 -28.08 19.97
C ASN J 137 37.67 -28.65 19.61
N LYS J 138 37.66 -29.82 18.97
CA LYS J 138 36.42 -30.50 18.60
C LYS J 138 35.81 -31.17 19.83
N SER J 139 36.66 -31.54 20.80
CA SER J 139 36.25 -32.32 21.96
C SER J 139 35.33 -31.50 22.87
N ALA J 140 34.51 -32.22 23.65
CA ALA J 140 33.62 -31.60 24.61
C ALA J 140 34.42 -31.01 25.77
N HIS J 141 35.60 -31.57 26.01
CA HIS J 141 36.50 -31.15 27.08
C HIS J 141 36.82 -29.67 26.97
N SER J 142 36.99 -29.19 25.74
CA SER J 142 37.42 -27.82 25.48
C SER J 142 36.28 -26.85 25.75
N LYS J 143 35.05 -27.33 25.60
CA LYS J 143 33.87 -26.48 25.64
C LYS J 143 33.25 -26.51 27.03
N ALA J 144 33.80 -27.34 27.93
CA ALA J 144 33.24 -27.58 29.24
C ALA J 144 33.27 -26.31 30.09
N GLU J 145 32.20 -26.11 30.88
CA GLU J 145 32.07 -24.98 31.77
C GLU J 145 31.74 -25.48 33.19
N PRO J 146 32.10 -24.70 34.22
CA PRO J 146 32.68 -23.37 34.10
C PRO J 146 34.15 -23.31 33.65
N ALA J 147 34.87 -24.42 33.85
CA ALA J 147 36.26 -24.54 33.44
C ALA J 147 36.43 -25.72 32.49
N PRO J 148 37.17 -25.56 31.37
CA PRO J 148 37.40 -26.66 30.43
C PRO J 148 38.40 -27.68 30.99
N THR J 149 38.22 -28.94 30.58
CA THR J 149 39.20 -29.98 30.83
C THR J 149 40.30 -29.83 29.78
N GLY J 150 41.33 -29.05 30.11
CA GLY J 150 42.34 -28.64 29.14
C GLY J 150 43.58 -29.52 29.18
N CYS J 151 44.52 -29.24 28.28
CA CYS J 151 45.77 -29.98 28.18
C CYS J 151 46.42 -30.09 29.55
N ASP J 152 46.37 -28.99 30.32
CA ASP J 152 47.00 -28.90 31.63
C ASP J 152 46.28 -29.78 32.64
N THR J 153 44.97 -29.95 32.45
CA THR J 153 44.17 -30.78 33.36
C THR J 153 44.61 -32.23 33.27
N CYS J 154 45.03 -32.66 32.07
CA CYS J 154 45.36 -34.06 31.82
C CYS J 154 46.87 -34.28 31.84
N HIS J 155 47.66 -33.22 31.63
CA HIS J 155 49.08 -33.38 31.41
C HIS J 155 49.92 -32.62 32.44
N GLY J 156 49.35 -31.59 33.06
CA GLY J 156 50.08 -30.78 34.02
C GLY J 156 50.47 -29.43 33.44
N ASN J 157 50.91 -28.51 34.32
CA ASN J 157 51.23 -27.15 33.93
C ASN J 157 52.72 -27.00 33.66
N ASN J 158 53.55 -27.72 34.43
CA ASN J 158 54.99 -27.62 34.33
C ASN J 158 55.48 -28.50 33.19
N HIS J 159 56.09 -27.87 32.18
CA HIS J 159 56.50 -28.59 30.97
C HIS J 159 57.67 -29.52 31.26
N GLN J 160 58.35 -29.31 32.40
CA GLN J 160 59.46 -30.15 32.82
C GLN J 160 58.95 -31.27 33.71
N LYS J 161 57.67 -31.18 34.11
CA LYS J 161 57.05 -32.19 34.96
C LYS J 161 55.73 -32.65 34.35
N LEU J 162 55.73 -32.89 33.04
CA LEU J 162 54.55 -33.36 32.32
C LEU J 162 54.24 -34.80 32.72
N THR J 163 52.96 -35.16 32.66
CA THR J 163 52.52 -36.53 32.94
C THR J 163 51.57 -37.01 31.84
N MET J 164 51.52 -38.34 31.67
CA MET J 164 50.60 -38.97 30.74
C MET J 164 49.43 -39.55 31.53
N PRO J 165 48.18 -39.14 31.25
CA PRO J 165 47.03 -39.54 32.06
C PRO J 165 46.57 -40.98 31.77
N SER J 166 46.59 -41.80 32.81
CA SER J 166 46.14 -43.18 32.74
C SER J 166 44.64 -43.25 32.95
N SER J 167 44.10 -44.47 32.99
CA SER J 167 42.69 -44.69 33.25
C SER J 167 42.31 -44.17 34.63
N LYS J 168 43.28 -44.18 35.56
CA LYS J 168 43.07 -43.70 36.92
C LYS J 168 42.82 -42.20 36.90
N ALA J 169 43.48 -41.50 35.98
CA ALA J 169 43.35 -40.04 35.85
C ALA J 169 41.95 -39.68 35.36
N CYS J 170 41.46 -40.45 34.37
CA CYS J 170 40.13 -40.23 33.80
C CYS J 170 39.06 -40.63 34.81
N GLY J 171 39.38 -41.65 35.61
CA GLY J 171 38.39 -42.31 36.45
C GLY J 171 38.28 -41.73 37.85
N THR J 172 38.80 -40.51 38.02
CA THR J 172 38.68 -39.81 39.29
C THR J 172 37.20 -39.52 39.58
N ALA J 173 36.85 -39.45 40.87
CA ALA J 173 35.47 -39.33 41.33
C ALA J 173 34.83 -38.08 40.73
N GLU J 174 35.65 -37.04 40.54
CA GLU J 174 35.19 -35.76 40.06
C GLU J 174 34.88 -35.82 38.55
N CYS J 175 35.39 -36.86 37.88
CA CYS J 175 35.34 -36.95 36.43
C CYS J 175 34.54 -38.17 35.97
N HIS J 176 35.24 -39.25 35.58
CA HIS J 176 34.58 -40.38 34.95
C HIS J 176 34.77 -41.65 35.78
N GLU J 177 34.45 -41.59 37.07
CA GLU J 177 34.60 -42.72 37.97
C GLU J 177 33.67 -43.85 37.53
N THR J 178 32.52 -43.49 36.95
CA THR J 178 31.51 -44.47 36.57
C THR J 178 32.09 -45.46 35.58
N GLN J 179 32.70 -44.94 34.51
CA GLN J 179 33.20 -45.76 33.43
C GLN J 179 34.41 -46.58 33.90
N TYR J 180 35.24 -45.97 34.75
CA TYR J 180 36.42 -46.62 35.29
C TYR J 180 36.00 -47.86 36.10
N ASN J 181 35.00 -47.65 36.98
CA ASN J 181 34.52 -48.70 37.87
C ASN J 181 33.84 -49.80 37.07
N GLU J 182 33.07 -49.39 36.04
CA GLU J 182 32.39 -50.35 35.17
C GLU J 182 33.41 -51.28 34.53
N GLN J 183 34.42 -50.69 33.87
CA GLN J 183 35.46 -51.46 33.20
C GLN J 183 36.16 -52.37 34.21
N GLY J 184 36.38 -51.85 35.42
CA GLY J 184 37.12 -52.52 36.47
C GLY J 184 36.38 -53.74 37.03
N GLN J 185 35.10 -53.87 36.70
CA GLN J 185 34.29 -54.99 37.17
C GLN J 185 34.70 -56.27 36.44
N GLY J 186 35.45 -56.11 35.35
CA GLY J 186 35.86 -57.23 34.51
C GLY J 186 36.78 -58.19 35.25
N GLY J 187 36.68 -59.48 34.91
CA GLY J 187 37.49 -60.52 35.53
C GLY J 187 38.79 -60.75 34.78
N ILE J 188 39.27 -61.99 34.81
CA ILE J 188 40.43 -62.39 34.03
C ILE J 188 40.03 -62.39 32.56
N GLY J 189 40.93 -61.89 31.70
CA GLY J 189 40.70 -61.87 30.27
C GLY J 189 39.76 -60.74 29.83
N SER J 190 39.63 -59.71 30.68
CA SER J 190 38.79 -58.57 30.38
C SER J 190 39.66 -57.34 30.16
N HIS J 191 39.00 -56.19 29.96
CA HIS J 191 39.71 -54.93 29.78
C HIS J 191 40.30 -54.46 31.11
N ALA J 192 39.95 -55.15 32.20
CA ALA J 192 40.36 -54.74 33.53
C ALA J 192 41.73 -55.34 33.89
N SER J 193 42.13 -56.39 33.16
CA SER J 193 43.27 -57.20 33.58
C SER J 193 44.19 -57.51 32.40
N CYS J 194 43.90 -56.93 31.22
CA CYS J 194 44.61 -57.29 30.00
C CYS J 194 46.04 -56.76 30.01
N SER J 195 46.31 -55.75 30.85
CA SER J 195 47.65 -55.24 31.04
C SER J 195 48.29 -55.93 32.23
N SER J 196 47.65 -55.81 33.39
CA SER J 196 48.19 -56.18 34.69
C SER J 196 48.50 -57.67 34.77
N PHE J 197 47.66 -58.50 34.15
CA PHE J 197 47.88 -59.93 34.16
C PHE J 197 48.51 -60.38 32.84
N ALA J 198 47.74 -60.26 31.75
CA ALA J 198 48.04 -60.89 30.48
C ALA J 198 49.39 -60.44 29.94
N GLN J 199 49.69 -59.14 30.09
CA GLN J 199 50.82 -58.54 29.42
C GLN J 199 52.01 -58.46 30.37
N VAL J 200 51.76 -58.03 31.61
CA VAL J 200 52.81 -57.81 32.58
C VAL J 200 53.46 -59.16 32.96
N GLU J 201 52.66 -60.23 32.89
CA GLU J 201 53.15 -61.57 33.20
C GLU J 201 53.11 -62.44 31.94
N CYS J 202 53.37 -61.82 30.77
CA CYS J 202 53.35 -62.52 29.50
C CYS J 202 54.66 -63.29 29.33
N ALA J 203 54.56 -64.61 29.32
CA ALA J 203 55.72 -65.50 29.25
C ALA J 203 56.62 -65.13 28.07
N TRP J 204 56.05 -65.08 26.87
CA TRP J 204 56.83 -64.93 25.63
C TRP J 204 57.53 -63.57 25.61
N SER J 205 56.83 -62.53 26.07
CA SER J 205 57.37 -61.18 26.06
C SER J 205 58.61 -61.09 26.94
N ILE J 206 58.53 -61.73 28.11
CA ILE J 206 59.62 -61.75 29.08
C ILE J 206 60.79 -62.55 28.49
N GLU J 207 60.47 -63.70 27.89
CA GLU J 207 61.43 -64.68 27.39
C GLU J 207 62.34 -64.06 26.31
N ARG J 208 61.72 -63.26 25.43
CA ARG J 208 62.37 -62.86 24.18
C ARG J 208 63.05 -61.51 24.33
N PRO J 209 63.90 -61.09 23.36
CA PRO J 209 64.33 -59.69 23.26
C PRO J 209 63.10 -58.81 23.07
N PRO J 210 63.16 -57.52 23.49
CA PRO J 210 62.06 -56.60 23.26
C PRO J 210 62.08 -56.19 21.79
N GLY J 211 60.90 -56.09 21.17
CA GLY J 211 60.83 -55.82 19.75
C GLY J 211 60.33 -57.06 19.02
N ASP J 212 60.81 -58.21 19.47
CA ASP J 212 60.24 -59.49 19.09
C ASP J 212 58.74 -59.47 19.38
N THR J 213 58.37 -58.90 20.54
CA THR J 213 57.01 -58.88 21.02
C THR J 213 56.60 -57.46 21.41
N ALA J 214 57.17 -56.46 20.71
CA ALA J 214 56.90 -55.07 21.01
C ALA J 214 55.42 -54.76 20.82
N GLY J 215 54.84 -55.33 19.76
CA GLY J 215 53.44 -55.13 19.42
C GLY J 215 52.50 -55.53 20.56
N CYS J 216 52.95 -56.49 21.38
CA CYS J 216 52.14 -57.02 22.47
C CYS J 216 51.96 -55.95 23.55
N THR J 217 53.02 -55.17 23.80
CA THR J 217 52.95 -54.08 24.76
C THR J 217 51.97 -53.03 24.27
N PHE J 218 52.05 -52.72 22.97
CA PHE J 218 51.28 -51.64 22.36
C PHE J 218 49.80 -51.99 22.32
N CYS J 219 49.49 -53.29 22.22
CA CYS J 219 48.11 -53.74 22.05
C CYS J 219 47.44 -54.01 23.39
N HIS J 220 48.17 -54.69 24.30
CA HIS J 220 47.57 -55.27 25.51
C HIS J 220 47.31 -54.23 26.58
N THR J 221 48.22 -53.26 26.71
CA THR J 221 48.19 -52.31 27.82
C THR J 221 47.01 -51.34 27.67
N SER J 222 46.69 -50.98 26.43
CA SER J 222 45.80 -49.87 26.10
C SER J 222 44.45 -49.95 26.83
N PRO J 223 43.64 -51.03 26.70
CA PRO J 223 42.28 -51.02 27.25
C PRO J 223 42.26 -50.72 28.75
N GLU J 224 43.24 -51.27 29.48
CA GLU J 224 43.28 -51.18 30.92
C GLU J 224 43.88 -49.84 31.35
N GLU J 225 44.88 -49.35 30.62
CA GLU J 225 45.73 -48.26 31.10
C GLU J 225 45.34 -46.92 30.47
N ARG J 226 44.86 -46.95 29.22
CA ARG J 226 44.60 -45.74 28.45
C ARG J 226 43.16 -45.72 27.95
N CYS J 227 42.44 -44.66 28.33
CA CYS J 227 41.03 -44.52 27.99
C CYS J 227 40.88 -43.80 26.65
N SER J 228 42.00 -43.60 25.94
CA SER J 228 41.95 -43.11 24.58
C SER J 228 41.59 -44.27 23.65
N THR J 229 41.37 -45.44 24.25
CA THR J 229 40.91 -46.63 23.55
C THR J 229 39.43 -46.45 23.19
N CYS J 230 39.08 -46.86 21.97
CA CYS J 230 37.72 -46.84 21.44
C CYS J 230 37.32 -45.43 21.03
N HIS J 231 37.38 -44.50 21.98
CA HIS J 231 37.23 -43.08 21.66
C HIS J 231 38.60 -42.44 21.67
N GLN J 232 39.11 -42.16 20.45
CA GLN J 232 40.48 -41.71 20.24
C GLN J 232 40.71 -40.36 20.92
N ARG J 233 41.95 -40.14 21.36
CA ARG J 233 42.43 -38.80 21.70
C ARG J 233 42.66 -38.03 20.39
N HIS J 234 42.54 -36.70 20.43
CA HIS J 234 42.15 -35.93 21.61
C HIS J 234 40.70 -35.48 21.47
N GLN J 235 39.97 -36.16 20.59
CA GLN J 235 38.60 -35.80 20.25
C GLN J 235 37.63 -36.39 21.27
N PHE J 236 37.93 -37.62 21.71
CA PHE J 236 37.14 -38.37 22.68
C PHE J 236 35.65 -38.34 22.31
N ASP J 237 35.35 -38.82 21.10
CA ASP J 237 34.00 -38.79 20.57
C ASP J 237 33.31 -40.11 20.85
N PRO J 238 32.25 -40.15 21.69
CA PRO J 238 31.52 -41.39 21.96
C PRO J 238 30.86 -41.94 20.70
N ALA J 239 30.60 -41.07 19.73
CA ALA J 239 29.94 -41.44 18.49
C ALA J 239 30.86 -42.32 17.65
N VAL J 240 32.17 -42.03 17.65
CA VAL J 240 33.11 -42.84 16.90
C VAL J 240 33.40 -44.13 17.67
N ALA J 241 33.26 -44.06 19.00
CA ALA J 241 33.51 -45.19 19.88
C ALA J 241 32.42 -46.26 19.71
N ARG J 242 31.27 -45.86 19.16
CA ARG J 242 30.12 -46.73 19.04
C ARG J 242 30.20 -47.56 17.78
N ARG J 243 31.21 -47.30 16.95
CA ARG J 243 31.40 -48.01 15.69
C ARG J 243 32.11 -49.34 15.92
N SER J 244 31.65 -50.37 15.21
CA SER J 244 32.17 -51.72 15.36
C SER J 244 33.67 -51.77 15.11
N GLU J 245 34.14 -51.01 14.11
CA GLU J 245 35.51 -51.11 13.64
C GLU J 245 36.50 -50.79 14.76
N GLN J 246 36.03 -50.09 15.81
CA GLN J 246 36.90 -49.66 16.89
C GLN J 246 37.61 -50.85 17.52
N CYS J 247 36.91 -51.98 17.56
CA CYS J 247 37.36 -53.18 18.25
C CYS J 247 38.32 -53.97 17.37
N LYS J 248 38.29 -53.72 16.06
CA LYS J 248 39.00 -54.55 15.09
C LYS J 248 40.51 -54.45 15.31
N THR J 249 40.97 -53.32 15.83
CA THR J 249 42.40 -53.03 15.86
C THR J 249 43.11 -54.00 16.80
N CYS J 250 42.37 -54.60 17.74
CA CYS J 250 42.93 -55.56 18.67
C CYS J 250 42.25 -56.92 18.50
N HIS J 251 40.96 -56.92 18.19
CA HIS J 251 40.17 -58.13 18.14
C HIS J 251 40.14 -58.68 16.72
N TRP J 252 41.32 -58.99 16.19
CA TRP J 252 41.45 -59.62 14.89
C TRP J 252 42.60 -60.61 14.92
N GLY J 253 42.77 -61.36 13.84
CA GLY J 253 44.03 -62.05 13.60
C GLY J 253 44.01 -63.49 14.10
N LYS J 254 45.22 -64.02 14.30
CA LYS J 254 45.51 -65.44 14.28
C LYS J 254 44.80 -66.18 15.41
N ASP J 255 44.62 -65.53 16.56
CA ASP J 255 44.15 -66.25 17.74
C ASP J 255 42.83 -65.69 18.28
N HIS J 256 42.19 -64.80 17.52
CA HIS J 256 40.86 -64.28 17.84
C HIS J 256 40.32 -63.50 16.65
N ARG J 257 39.63 -64.20 15.75
CA ARG J 257 39.08 -63.58 14.55
C ARG J 257 37.71 -62.97 14.88
N ASP J 258 37.69 -62.10 15.90
CA ASP J 258 36.46 -61.50 16.39
C ASP J 258 35.88 -60.59 15.31
N TRP J 259 36.72 -59.69 14.79
CA TRP J 259 36.31 -58.75 13.77
C TRP J 259 35.95 -59.51 12.49
N GLU J 260 36.85 -60.38 12.05
CA GLU J 260 36.69 -61.10 10.79
C GLU J 260 35.37 -61.88 10.80
N ALA J 261 35.07 -62.53 11.93
CA ALA J 261 33.86 -63.33 12.05
C ALA J 261 32.62 -62.44 11.98
N TYR J 262 32.65 -61.32 12.70
CA TYR J 262 31.53 -60.39 12.72
C TYR J 262 31.35 -59.80 11.33
N ASP J 263 32.46 -59.34 10.75
CA ASP J 263 32.48 -58.55 9.53
C ASP J 263 31.86 -59.33 8.38
N ILE J 264 32.21 -60.62 8.28
CA ILE J 264 31.83 -61.41 7.12
C ILE J 264 30.46 -62.06 7.33
N GLY J 265 30.06 -62.20 8.60
CA GLY J 265 28.74 -62.69 8.96
C GLY J 265 27.64 -61.75 8.47
N LEU J 266 26.38 -62.16 8.58
CA LEU J 266 25.29 -61.37 8.06
C LEU J 266 25.10 -60.09 8.88
N HIS J 267 25.47 -60.14 10.16
CA HIS J 267 25.45 -58.94 10.99
C HIS J 267 26.45 -57.92 10.44
N GLY J 268 27.63 -58.41 10.06
CA GLY J 268 28.68 -57.55 9.52
C GLY J 268 28.35 -57.08 8.11
N THR J 269 27.64 -57.93 7.36
CA THR J 269 27.17 -57.59 6.03
C THR J 269 26.15 -56.47 6.15
N VAL J 270 25.16 -56.65 7.03
CA VAL J 270 24.14 -55.65 7.31
C VAL J 270 24.85 -54.35 7.71
N TYR J 271 25.88 -54.47 8.54
CA TYR J 271 26.58 -53.31 9.08
C TYR J 271 27.24 -52.53 7.95
N GLN J 272 28.01 -53.25 7.11
CA GLN J 272 28.83 -52.59 6.10
C GLN J 272 27.94 -51.90 5.07
N VAL J 273 26.75 -52.46 4.86
CA VAL J 273 25.83 -51.99 3.82
C VAL J 273 25.08 -50.74 4.30
N ASN J 274 24.94 -50.59 5.63
CA ASN J 274 23.98 -49.65 6.19
C ASN J 274 24.64 -48.61 7.10
N LYS J 275 25.93 -48.77 7.40
CA LYS J 275 26.55 -48.07 8.52
C LYS J 275 26.59 -46.55 8.30
N TRP J 276 26.60 -46.12 7.03
CA TRP J 276 26.64 -44.69 6.73
C TRP J 276 25.24 -44.18 6.40
N ASP J 277 24.24 -45.06 6.49
CA ASP J 277 22.86 -44.67 6.35
C ASP J 277 22.31 -44.38 7.75
N THR J 278 22.02 -43.10 7.99
CA THR J 278 21.66 -42.60 9.30
C THR J 278 20.29 -43.14 9.73
N GLU J 279 19.51 -43.60 8.75
CA GLU J 279 18.18 -44.15 8.99
C GLU J 279 18.29 -45.59 9.52
N GLN J 280 19.46 -46.21 9.35
CA GLN J 280 19.65 -47.59 9.73
C GLN J 280 20.57 -47.67 10.95
N PHE J 281 21.59 -46.80 10.98
CA PHE J 281 22.56 -46.73 12.05
C PHE J 281 22.73 -45.28 12.46
N ASP J 282 22.27 -44.94 13.67
CA ASP J 282 22.43 -43.60 14.21
C ASP J 282 23.41 -43.66 15.38
N PHE J 283 24.64 -43.19 15.13
CA PHE J 283 25.72 -43.33 16.10
C PHE J 283 25.68 -42.18 17.11
N SER J 284 24.78 -41.20 16.89
CA SER J 284 24.62 -40.10 17.81
C SER J 284 23.83 -40.54 19.03
N LYS J 285 23.00 -41.58 18.85
CA LYS J 285 22.19 -42.14 19.92
C LYS J 285 23.10 -42.85 20.91
N LYS J 286 22.73 -42.79 22.20
CA LYS J 286 23.42 -43.56 23.23
C LYS J 286 23.00 -45.02 23.09
N LEU J 287 23.83 -45.93 23.61
CA LEU J 287 23.65 -47.35 23.38
C LEU J 287 22.34 -47.85 23.97
N SER J 288 21.84 -47.16 25.01
CA SER J 288 20.56 -47.48 25.62
C SER J 288 19.42 -47.24 24.65
N ASP J 289 19.63 -46.34 23.69
CA ASP J 289 18.57 -45.93 22.77
C ASP J 289 18.89 -46.46 21.37
N ALA J 290 19.92 -47.29 21.26
CA ALA J 290 20.35 -47.81 19.97
C ALA J 290 19.25 -48.67 19.36
N ASP J 291 18.79 -48.26 18.17
CA ASP J 291 17.70 -48.94 17.47
C ASP J 291 18.17 -49.30 16.06
N TYR J 292 19.39 -49.84 15.95
CA TYR J 292 20.01 -50.16 14.67
C TYR J 292 19.23 -51.30 13.99
N VAL J 293 19.44 -51.44 12.68
CA VAL J 293 18.86 -52.54 11.93
C VAL J 293 19.58 -53.82 12.32
N GLY J 294 20.90 -53.72 12.50
CA GLY J 294 21.74 -54.84 12.89
C GLY J 294 22.62 -54.48 14.08
N PRO J 295 23.20 -55.47 14.78
CA PRO J 295 24.00 -55.20 15.97
C PRO J 295 25.44 -54.77 15.68
N THR J 296 26.03 -54.02 16.62
CA THR J 296 27.46 -53.72 16.63
C THR J 296 28.09 -54.49 17.78
N CYS J 297 29.42 -54.55 17.80
CA CYS J 297 30.13 -55.17 18.91
C CYS J 297 29.59 -54.59 20.22
N GLN J 298 29.44 -53.27 20.24
CA GLN J 298 29.02 -52.51 21.41
C GLN J 298 27.57 -52.87 21.76
N TYR J 299 26.74 -53.08 20.74
CA TYR J 299 25.34 -53.40 20.95
C TYR J 299 25.21 -54.64 21.85
N CYS J 300 26.11 -55.62 21.66
CA CYS J 300 26.01 -56.90 22.31
C CYS J 300 26.85 -56.93 23.58
N HIS J 301 28.09 -56.43 23.50
CA HIS J 301 29.06 -56.60 24.56
C HIS J 301 29.04 -55.43 25.54
N MET J 302 28.60 -54.26 25.08
CA MET J 302 28.53 -53.08 25.94
C MET J 302 27.08 -52.62 26.04
N ARG J 303 26.18 -53.59 26.23
CA ARG J 303 24.76 -53.38 26.42
C ARG J 303 24.53 -52.25 27.41
N GLY J 304 23.74 -51.25 26.99
CA GLY J 304 23.38 -50.13 27.84
C GLY J 304 24.52 -49.14 28.05
N GLY J 305 25.65 -49.39 27.38
CA GLY J 305 26.82 -48.52 27.46
C GLY J 305 27.76 -48.91 28.61
N HIS J 306 27.49 -50.05 29.26
CA HIS J 306 28.33 -50.55 30.33
C HIS J 306 29.73 -50.83 29.82
N HIS J 307 30.75 -50.39 30.57
CA HIS J 307 32.12 -50.41 30.10
C HIS J 307 32.82 -51.74 30.42
N ASN J 308 32.20 -52.55 31.28
CA ASN J 308 32.67 -53.92 31.44
C ASN J 308 32.20 -54.73 30.23
N VAL J 309 33.16 -54.98 29.35
CA VAL J 309 32.88 -55.53 28.03
C VAL J 309 32.64 -57.03 28.16
N GLN J 310 32.98 -57.57 29.33
CA GLN J 310 32.91 -59.00 29.61
C GLN J 310 31.65 -59.32 30.41
N ARG J 311 30.86 -58.29 30.69
CA ARG J 311 29.73 -58.36 31.60
C ARG J 311 28.79 -59.52 31.24
N ALA J 312 28.57 -59.74 29.94
CA ALA J 312 27.58 -60.69 29.48
C ALA J 312 28.19 -62.08 29.23
N SER J 313 29.52 -62.18 29.37
CA SER J 313 30.23 -63.42 29.12
C SER J 313 29.75 -64.52 30.07
N ILE J 314 29.71 -65.76 29.58
CA ILE J 314 29.21 -66.88 30.34
C ILE J 314 30.32 -67.41 31.27
N VAL J 315 31.44 -67.85 30.67
CA VAL J 315 32.57 -68.35 31.43
C VAL J 315 33.84 -68.18 30.61
N TYR J 316 34.94 -67.83 31.29
CA TYR J 316 36.22 -67.64 30.62
C TYR J 316 36.79 -69.00 30.21
N THR J 317 37.09 -69.14 28.92
CA THR J 317 37.51 -70.40 28.35
C THR J 317 38.86 -70.24 27.64
N SER J 318 39.67 -69.29 28.13
CA SER J 318 41.05 -69.13 27.70
C SER J 318 41.09 -68.92 26.19
N MET J 319 40.36 -67.89 25.72
CA MET J 319 40.29 -67.48 24.32
C MET J 319 39.46 -68.45 23.48
N GLY J 320 38.81 -69.42 24.14
CA GLY J 320 38.04 -70.42 23.44
C GLY J 320 38.85 -71.70 23.18
N MET J 321 40.08 -71.73 23.72
CA MET J 321 40.94 -72.89 23.62
C MET J 321 40.45 -73.97 24.58
N SER J 322 40.05 -73.56 25.78
CA SER J 322 39.33 -74.43 26.70
C SER J 322 37.88 -74.56 26.25
N MET J 323 37.23 -75.66 26.63
CA MET J 323 35.93 -76.01 26.09
C MET J 323 34.90 -76.07 27.22
N ALA J 324 33.69 -75.54 26.92
CA ALA J 324 32.56 -75.61 27.82
C ALA J 324 31.27 -75.67 27.00
N ASP J 325 30.30 -76.47 27.47
CA ASP J 325 28.97 -76.45 26.90
C ASP J 325 28.20 -75.31 27.57
N ARG J 326 28.16 -74.15 26.90
CA ARG J 326 27.56 -72.96 27.47
C ARG J 326 26.04 -73.10 27.48
N GLY J 327 25.53 -74.07 26.71
CA GLY J 327 24.10 -74.32 26.61
C GLY J 327 23.60 -75.30 27.66
N ALA J 328 24.52 -75.79 28.51
CA ALA J 328 24.19 -76.74 29.56
C ALA J 328 23.36 -76.07 30.64
N PRO J 329 22.49 -76.82 31.37
CA PRO J 329 21.63 -76.26 32.41
C PRO J 329 22.36 -75.41 33.45
N LEU J 330 23.65 -75.70 33.65
CA LEU J 330 24.47 -74.99 34.61
C LEU J 330 24.52 -73.50 34.28
N TRP J 331 24.55 -73.17 32.98
CA TRP J 331 24.71 -71.81 32.52
C TRP J 331 23.40 -71.26 31.95
N LYS J 332 22.27 -71.85 32.37
CA LYS J 332 20.97 -71.53 31.76
C LYS J 332 20.70 -70.04 31.84
N GLU J 333 20.90 -69.44 33.02
CA GLU J 333 20.54 -68.06 33.27
C GLU J 333 21.41 -67.12 32.42
N LYS J 334 22.67 -67.51 32.22
CA LYS J 334 23.66 -66.69 31.52
C LYS J 334 23.40 -66.73 30.02
N ARG J 335 23.01 -67.91 29.52
CA ARG J 335 22.65 -68.08 28.12
C ARG J 335 21.33 -67.36 27.84
N ASP J 336 20.38 -67.43 28.80
CA ASP J 336 19.10 -66.75 28.70
C ASP J 336 19.34 -65.26 28.50
N ARG J 337 20.35 -64.71 29.18
CA ARG J 337 20.65 -63.29 29.11
C ARG J 337 21.07 -62.92 27.69
N TRP J 338 21.83 -63.81 27.04
CA TRP J 338 22.26 -63.61 25.67
C TRP J 338 21.07 -63.63 24.72
N VAL J 339 20.13 -64.55 24.96
CA VAL J 339 18.91 -64.66 24.18
C VAL J 339 18.12 -63.37 24.31
N SER J 340 18.22 -62.71 25.48
CA SER J 340 17.54 -61.46 25.75
C SER J 340 18.06 -60.34 24.84
N ILE J 341 19.35 -60.43 24.49
CA ILE J 341 19.99 -59.44 23.65
C ILE J 341 19.59 -59.70 22.19
N CYS J 342 19.59 -60.96 21.78
CA CYS J 342 19.21 -61.35 20.43
C CYS J 342 17.71 -61.11 20.23
N ASP J 343 16.95 -61.25 21.34
CA ASP J 343 15.52 -61.04 21.40
C ASP J 343 15.10 -59.76 20.69
N ASP J 344 16.02 -58.79 20.62
CA ASP J 344 15.74 -57.46 20.10
C ASP J 344 15.31 -57.53 18.65
N CYS J 345 15.79 -58.56 17.92
CA CYS J 345 15.56 -58.61 16.48
C CYS J 345 15.29 -60.05 16.02
N HIS J 346 15.12 -60.97 16.98
CA HIS J 346 14.84 -62.36 16.66
C HIS J 346 13.92 -62.95 17.72
N SER J 347 13.23 -64.04 17.35
CA SER J 347 12.48 -64.82 18.31
C SER J 347 13.45 -65.48 19.28
N PRO J 348 13.09 -65.61 20.58
CA PRO J 348 13.93 -66.31 21.55
C PRO J 348 14.40 -67.66 21.02
N ARG J 349 13.48 -68.40 20.39
CA ARG J 349 13.75 -69.74 19.93
C ARG J 349 14.87 -69.73 18.90
N PHE J 350 14.77 -68.83 17.92
CA PHE J 350 15.73 -68.76 16.83
C PHE J 350 17.13 -68.53 17.40
N ALA J 351 17.24 -67.58 18.33
CA ALA J 351 18.52 -67.21 18.93
C ALA J 351 19.05 -68.35 19.79
N ARG J 352 18.20 -68.88 20.68
CA ARG J 352 18.57 -69.97 21.57
C ARG J 352 19.18 -71.12 20.77
N GLU J 353 18.50 -71.51 19.68
CA GLU J 353 18.87 -72.69 18.92
C GLU J 353 20.13 -72.44 18.10
N ASN J 354 20.32 -71.18 17.68
CA ASN J 354 21.50 -70.81 16.91
C ASN J 354 22.74 -70.86 17.80
N LEU J 355 22.60 -70.44 19.06
CA LEU J 355 23.69 -70.46 20.00
C LEU J 355 23.95 -71.90 20.46
N GLN J 356 22.91 -72.74 20.41
CA GLN J 356 23.05 -74.16 20.70
C GLN J 356 23.94 -74.81 19.66
N ALA J 357 23.76 -74.40 18.40
CA ALA J 357 24.58 -74.90 17.30
C ALA J 357 26.05 -74.58 17.56
N MET J 358 26.32 -73.38 18.11
CA MET J 358 27.66 -72.97 18.46
C MET J 358 28.25 -73.95 19.47
N ASP J 359 27.47 -74.24 20.52
CA ASP J 359 27.89 -75.15 21.57
C ASP J 359 28.33 -76.48 20.99
N GLU J 360 27.56 -76.98 20.01
CA GLU J 360 27.81 -78.27 19.40
C GLU J 360 29.10 -78.22 18.59
N SER J 361 29.33 -77.11 17.89
CA SER J 361 30.52 -76.92 17.09
C SER J 361 31.75 -76.91 17.99
N VAL J 362 31.60 -76.30 19.16
CA VAL J 362 32.68 -76.15 20.13
C VAL J 362 33.06 -77.52 20.69
N LYS J 363 32.04 -78.35 20.97
CA LYS J 363 32.23 -79.67 21.55
C LYS J 363 32.88 -80.61 20.53
N ASP J 364 32.42 -80.51 19.26
CA ASP J 364 32.91 -81.36 18.19
C ASP J 364 34.35 -80.98 17.83
N ALA J 365 34.71 -79.71 18.08
CA ALA J 365 36.06 -79.22 17.80
C ALA J 365 37.05 -79.83 18.78
N SER J 366 36.64 -79.91 20.06
CA SER J 366 37.51 -80.44 21.11
C SER J 366 37.64 -81.96 21.00
N LEU J 367 36.61 -82.62 20.44
CA LEU J 367 36.68 -84.03 20.09
C LEU J 367 37.87 -84.26 19.15
N LYS J 368 37.99 -83.40 18.13
CA LYS J 368 39.07 -83.49 17.15
C LYS J 368 40.41 -83.26 17.83
N TYR J 369 40.47 -82.25 18.71
CA TYR J 369 41.75 -81.89 19.30
C TYR J 369 42.22 -82.98 20.26
N ARG J 370 41.26 -83.61 20.95
CA ARG J 370 41.58 -84.72 21.85
C ARG J 370 42.29 -85.82 21.06
N GLU J 371 41.80 -86.09 19.85
CA GLU J 371 42.41 -87.06 18.96
C GLU J 371 43.80 -86.58 18.56
N THR J 372 43.91 -85.27 18.28
CA THR J 372 45.15 -84.67 17.85
C THR J 372 46.18 -84.74 18.97
N PHE J 373 45.72 -84.45 20.20
CA PHE J 373 46.59 -84.37 21.35
C PHE J 373 47.11 -85.77 21.70
N LYS J 374 46.23 -86.77 21.58
CA LYS J 374 46.56 -88.15 21.91
C LYS J 374 47.79 -88.58 21.10
N VAL J 375 47.81 -88.24 19.81
CA VAL J 375 48.88 -88.60 18.90
C VAL J 375 50.19 -87.99 19.40
N ALA J 376 50.12 -86.74 19.86
CA ALA J 376 51.29 -86.00 20.31
C ALA J 376 51.77 -86.54 21.66
N GLU J 377 50.81 -86.86 22.54
CA GLU J 377 51.11 -87.33 23.89
C GLU J 377 51.76 -88.72 23.82
N ASP J 378 51.27 -89.55 22.88
CA ASP J 378 51.78 -90.90 22.72
C ASP J 378 53.24 -90.87 22.27
N LEU J 379 53.60 -89.87 21.47
CA LEU J 379 54.97 -89.72 21.01
C LEU J 379 55.89 -89.45 22.19
N LEU J 380 55.37 -88.70 23.17
CA LEU J 380 56.16 -88.30 24.33
C LEU J 380 56.34 -89.48 25.27
N ILE J 381 55.23 -90.19 25.53
CA ILE J 381 55.19 -91.31 26.45
C ILE J 381 56.07 -92.44 25.89
N ASP J 382 55.99 -92.66 24.57
CA ASP J 382 56.78 -93.69 23.91
C ASP J 382 58.22 -93.22 23.70
N GLY J 383 58.48 -91.94 24.01
CA GLY J 383 59.83 -91.38 23.98
C GLY J 383 60.40 -91.25 22.57
N VAL J 384 59.53 -91.31 21.55
CA VAL J 384 59.98 -91.30 20.16
C VAL J 384 59.76 -89.92 19.54
N LEU J 385 59.27 -88.96 20.35
CA LEU J 385 59.11 -87.58 19.93
C LEU J 385 60.49 -87.00 19.59
N ASP J 386 60.56 -86.26 18.48
CA ASP J 386 61.82 -85.91 17.86
C ASP J 386 61.99 -84.38 17.79
N PRO J 387 62.61 -83.78 18.82
CA PRO J 387 63.17 -84.49 19.96
C PRO J 387 62.29 -84.39 21.20
N MET J 388 62.73 -85.03 22.28
CA MET J 388 62.08 -84.94 23.57
C MET J 388 62.40 -83.58 24.20
N PRO J 389 61.53 -83.06 25.11
CA PRO J 389 61.72 -81.75 25.72
C PRO J 389 63.12 -81.48 26.28
N LYS J 390 63.78 -82.54 26.78
CA LYS J 390 65.07 -82.42 27.43
C LYS J 390 66.14 -82.01 26.42
N ASP J 391 65.87 -82.25 25.14
CA ASP J 391 66.84 -81.99 24.08
C ASP J 391 66.53 -80.69 23.35
N LEU J 392 65.44 -80.03 23.76
CA LEU J 392 65.12 -78.69 23.28
C LEU J 392 65.83 -77.65 24.13
N CYS J 393 65.90 -76.42 23.62
CA CYS J 393 66.35 -75.29 24.40
C CYS J 393 65.46 -75.17 25.63
N PRO J 394 66.02 -74.79 26.81
CA PRO J 394 65.20 -74.57 28.01
C PRO J 394 64.14 -73.49 27.78
N ASP J 395 62.95 -73.70 28.36
CA ASP J 395 61.83 -72.78 28.23
C ASP J 395 62.13 -71.49 28.98
N TRP J 396 61.19 -70.55 28.95
CA TRP J 396 61.37 -69.22 29.51
C TRP J 396 61.79 -69.32 30.98
N SER J 397 61.32 -70.39 31.63
CA SER J 397 61.48 -70.61 33.05
C SER J 397 62.90 -71.12 33.36
N GLY J 398 63.55 -71.68 32.34
CA GLY J 398 64.86 -72.30 32.48
C GLY J 398 64.73 -73.81 32.72
N GLN J 399 63.59 -74.36 32.33
CA GLN J 399 63.26 -75.76 32.54
C GLN J 399 63.07 -76.46 31.20
N HIS J 400 62.95 -77.79 31.26
CA HIS J 400 62.71 -78.61 30.08
C HIS J 400 61.37 -79.32 30.22
N ILE J 401 60.34 -78.56 30.61
CA ILE J 401 58.99 -79.10 30.72
C ILE J 401 58.38 -79.17 29.32
N TRP J 402 57.55 -80.20 29.10
CA TRP J 402 56.86 -80.40 27.83
C TRP J 402 55.94 -79.22 27.56
N SER J 403 56.00 -78.72 26.32
CA SER J 403 55.25 -77.56 25.86
C SER J 403 53.76 -77.73 26.17
N LEU J 404 53.23 -78.92 25.89
CA LEU J 404 51.79 -79.12 25.86
C LEU J 404 51.26 -79.58 27.23
N LYS J 405 52.16 -79.64 28.22
CA LYS J 405 51.80 -80.14 29.54
C LYS J 405 50.87 -79.16 30.24
N ILE J 406 49.68 -79.65 30.60
CA ILE J 406 48.73 -78.92 31.43
C ILE J 406 48.78 -79.52 32.83
N GLY J 407 49.24 -78.70 33.79
CA GLY J 407 49.51 -79.14 35.15
C GLY J 407 48.30 -79.78 35.84
N ALA J 408 47.09 -79.38 35.42
CA ALA J 408 45.88 -79.85 36.06
C ALA J 408 45.51 -81.26 35.60
N TYR J 409 46.07 -81.70 34.47
CA TYR J 409 45.68 -82.96 33.85
C TYR J 409 46.87 -83.92 33.73
N HIS J 410 48.08 -83.37 33.65
CA HIS J 410 49.26 -84.16 33.35
C HIS J 410 50.23 -84.16 34.53
N ASP J 411 50.72 -85.35 34.87
CA ASP J 411 51.74 -85.52 35.90
C ASP J 411 52.55 -86.76 35.57
N GLY J 412 53.89 -86.65 35.69
CA GLY J 412 54.77 -87.76 35.37
C GLY J 412 56.18 -87.30 35.02
N GLU J 413 57.09 -88.28 34.90
CA GLU J 413 58.50 -88.04 34.64
C GLU J 413 58.68 -87.50 33.23
N ALA J 414 57.85 -88.01 32.31
CA ALA J 414 57.96 -87.72 30.89
C ALA J 414 57.60 -86.27 30.60
N TYR J 415 56.70 -85.71 31.42
CA TYR J 415 56.17 -84.37 31.20
C TYR J 415 57.13 -83.32 31.74
N GLY J 416 57.78 -83.63 32.86
CA GLY J 416 58.71 -82.71 33.52
C GLY J 416 57.99 -81.76 34.47
N GLY J 417 58.77 -80.99 35.23
CA GLY J 417 58.25 -79.99 36.16
C GLY J 417 57.63 -80.63 37.40
N THR J 418 57.29 -79.78 38.38
CA THR J 418 56.70 -80.22 39.63
C THR J 418 55.22 -80.57 39.40
N THR J 419 54.60 -81.20 40.40
CA THR J 419 53.21 -81.61 40.32
C THR J 419 52.34 -80.37 40.24
N GLY J 420 51.47 -80.34 39.22
CA GLY J 420 50.50 -79.27 39.04
C GLY J 420 51.03 -78.14 38.17
N GLU J 421 52.34 -78.14 37.90
CA GLU J 421 52.99 -77.11 37.11
C GLU J 421 52.82 -77.44 35.63
N SER J 422 52.43 -76.41 34.85
CA SER J 422 52.23 -76.56 33.41
C SER J 422 53.55 -76.29 32.68
N GLY J 423 53.57 -76.63 31.38
CA GLY J 423 54.66 -76.26 30.50
C GLY J 423 54.43 -74.89 29.88
N GLU J 424 55.43 -74.40 29.12
CA GLU J 424 55.28 -73.15 28.40
C GLU J 424 54.59 -73.42 27.06
N PHE J 425 53.28 -73.24 27.05
CA PHE J 425 52.46 -73.40 25.86
C PHE J 425 52.96 -72.43 24.79
N ARG J 426 53.41 -72.97 23.65
CA ARG J 426 54.06 -72.15 22.63
C ARG J 426 53.99 -72.81 21.25
N MET J 427 54.28 -72.00 20.23
CA MET J 427 54.37 -72.41 18.84
C MET J 427 55.84 -72.34 18.41
N SER J 428 56.69 -71.89 19.34
CA SER J 428 58.11 -71.69 19.11
C SER J 428 58.92 -72.70 19.92
N ASN J 429 60.17 -72.93 19.50
CA ASN J 429 61.12 -73.77 20.22
C ASN J 429 60.47 -75.07 20.66
N CYS J 430 60.05 -75.87 19.68
CA CYS J 430 59.37 -77.14 19.91
C CYS J 430 59.43 -77.98 18.64
N THR J 431 58.78 -79.15 18.69
CA THR J 431 58.64 -80.01 17.53
C THR J 431 57.50 -79.52 16.64
N ASP J 432 57.43 -80.03 15.41
CA ASP J 432 56.33 -79.73 14.51
C ASP J 432 55.02 -80.19 15.15
N VAL J 433 55.07 -81.36 15.80
CA VAL J 433 53.89 -81.99 16.37
C VAL J 433 53.33 -81.09 17.46
N GLU J 434 54.22 -80.56 18.31
CA GLU J 434 53.86 -79.63 19.36
C GLU J 434 53.25 -78.37 18.72
N ARG J 435 53.91 -77.88 17.67
CA ARG J 435 53.55 -76.64 17.02
C ARG J 435 52.16 -76.74 16.41
N LEU J 436 51.92 -77.84 15.69
CA LEU J 436 50.67 -78.06 14.98
C LEU J 436 49.52 -78.22 15.98
N CYS J 437 49.81 -78.82 17.14
CA CYS J 437 48.82 -78.95 18.21
C CYS J 437 48.44 -77.56 18.72
N PHE J 438 49.45 -76.71 18.95
CA PHE J 438 49.22 -75.34 19.40
C PHE J 438 48.35 -74.61 18.39
N GLU J 439 48.69 -74.75 17.10
CA GLU J 439 47.99 -74.07 16.02
C GLU J 439 46.54 -74.55 15.96
N SER J 440 46.32 -75.85 16.19
CA SER J 440 45.00 -76.46 16.01
C SER J 440 44.03 -75.91 17.05
N VAL J 441 44.47 -75.79 18.31
CA VAL J 441 43.61 -75.39 19.40
C VAL J 441 43.68 -73.87 19.58
N GLY J 442 44.85 -73.29 19.30
CA GLY J 442 45.13 -71.89 19.61
C GLY J 442 44.74 -70.95 18.49
N TYR J 443 44.60 -71.48 17.26
CA TYR J 443 44.19 -70.70 16.12
C TYR J 443 42.86 -71.23 15.59
N PHE J 444 42.89 -72.44 15.02
CA PHE J 444 41.78 -72.97 14.24
C PHE J 444 40.54 -73.17 15.10
N GLN J 445 40.71 -73.66 16.33
CA GLN J 445 39.59 -73.93 17.21
C GLN J 445 38.89 -72.63 17.59
N THR J 446 39.66 -71.55 17.72
CA THR J 446 39.11 -70.26 18.13
C THR J 446 38.27 -69.69 17.00
N TYR J 447 38.61 -70.04 15.76
CA TYR J 447 37.84 -69.60 14.60
C TYR J 447 36.46 -70.25 14.63
N ILE J 448 36.36 -71.43 15.25
CA ILE J 448 35.09 -72.13 15.32
C ILE J 448 34.19 -71.47 16.37
N TYR J 449 34.77 -71.21 17.55
CA TYR J 449 34.01 -70.57 18.63
C TYR J 449 33.57 -69.17 18.23
N LYS J 450 34.54 -68.32 17.84
CA LYS J 450 34.28 -66.94 17.48
C LYS J 450 33.44 -66.88 16.21
N GLY J 451 33.73 -67.80 15.27
CA GLY J 451 32.99 -67.89 14.02
C GLY J 451 31.50 -68.11 14.27
N MET J 452 31.20 -69.14 15.07
CA MET J 452 29.83 -69.55 15.31
C MET J 452 29.10 -68.53 16.17
N ALA J 453 29.86 -67.85 17.04
CA ALA J 453 29.30 -66.87 17.97
C ALA J 453 28.89 -65.61 17.23
N HIS J 454 29.55 -65.32 16.11
CA HIS J 454 29.35 -64.05 15.41
C HIS J 454 28.68 -64.25 14.06
N GLY J 455 28.41 -65.52 13.71
CA GLY J 455 27.57 -65.85 12.57
C GLY J 455 28.37 -66.06 11.28
N SER J 456 29.70 -66.25 11.42
CA SER J 456 30.56 -66.55 10.29
C SER J 456 30.69 -68.06 10.09
N TRP J 457 29.87 -68.60 9.17
CA TRP J 457 29.75 -70.02 8.96
C TRP J 457 31.02 -70.58 8.33
N ASN J 458 31.71 -69.75 7.54
CA ASN J 458 32.88 -70.20 6.82
C ASN J 458 34.08 -70.22 7.76
N ASP J 459 34.09 -69.31 8.75
CA ASP J 459 35.16 -69.25 9.74
C ASP J 459 35.12 -70.50 10.61
N ALA J 460 33.95 -71.13 10.70
CA ALA J 460 33.75 -72.28 11.57
C ALA J 460 33.98 -73.57 10.80
N THR J 461 34.11 -73.46 9.47
CA THR J 461 34.25 -74.63 8.61
C THR J 461 35.48 -74.50 7.71
N TYR J 462 35.27 -73.98 6.48
CA TYR J 462 36.25 -74.03 5.41
C TYR J 462 37.45 -73.13 5.71
N SER J 463 37.18 -71.92 6.20
CA SER J 463 38.23 -70.92 6.37
C SER J 463 39.00 -71.18 7.65
N ASP J 464 39.74 -72.29 7.67
CA ASP J 464 40.68 -72.64 8.72
C ASP J 464 39.94 -72.95 10.02
N GLY J 465 38.66 -73.32 9.90
CA GLY J 465 37.86 -73.66 11.07
C GLY J 465 37.94 -75.16 11.37
N SER J 466 36.79 -75.81 11.31
CA SER J 466 36.68 -77.26 11.48
C SER J 466 37.65 -77.98 10.55
N PHE J 467 37.68 -77.54 9.29
CA PHE J 467 38.48 -78.20 8.27
C PHE J 467 39.94 -77.81 8.39
N GLY J 468 40.21 -76.71 9.11
CA GLY J 468 41.57 -76.36 9.48
C GLY J 468 42.16 -77.38 10.44
N MET J 469 41.36 -77.75 11.45
CA MET J 469 41.75 -78.72 12.47
C MET J 469 41.91 -80.09 11.83
N ASP J 470 41.06 -80.39 10.84
CA ASP J 470 41.11 -81.63 10.08
C ASP J 470 42.47 -81.75 9.40
N ARG J 471 42.89 -80.66 8.75
CA ARG J 471 44.11 -80.62 7.97
C ARG J 471 45.31 -80.80 8.89
N TRP J 472 45.24 -80.21 10.07
CA TRP J 472 46.35 -80.24 11.02
C TRP J 472 46.42 -81.60 11.70
N LEU J 473 45.27 -82.27 11.85
CA LEU J 473 45.24 -83.60 12.42
C LEU J 473 45.99 -84.56 11.51
N VAL J 474 45.76 -84.41 10.20
CA VAL J 474 46.44 -85.18 9.17
C VAL J 474 47.94 -84.92 9.27
N ASN J 475 48.30 -83.64 9.44
CA ASN J 475 49.68 -83.20 9.46
C ASN J 475 50.39 -83.76 10.69
N VAL J 476 49.67 -83.81 11.83
CA VAL J 476 50.22 -84.33 13.07
C VAL J 476 50.45 -85.84 12.92
N LYS J 477 49.44 -86.54 12.36
CA LYS J 477 49.49 -87.98 12.21
C LYS J 477 50.68 -88.37 11.33
N GLN J 478 50.89 -87.60 10.24
CA GLN J 478 51.94 -87.87 9.29
C GLN J 478 53.30 -87.69 9.97
N ASN J 479 53.44 -86.61 10.75
CA ASN J 479 54.67 -86.32 11.46
C ASN J 479 54.94 -87.38 12.53
N ALA J 480 53.88 -87.91 13.13
CA ALA J 480 54.00 -88.96 14.14
C ALA J 480 54.46 -90.25 13.47
N SER J 481 53.86 -90.57 12.33
CA SER J 481 54.19 -91.76 11.56
C SER J 481 55.67 -91.75 11.17
N ARG J 482 56.14 -90.62 10.65
CA ARG J 482 57.50 -90.49 10.15
C ARG J 482 58.49 -90.67 11.30
N ALA J 483 58.21 -90.03 12.44
CA ALA J 483 59.09 -90.06 13.60
C ALA J 483 59.18 -91.48 14.17
N ARG J 484 58.07 -92.22 14.09
CA ARG J 484 57.98 -93.56 14.62
C ARG J 484 58.71 -94.54 13.70
N ARG J 485 58.64 -94.26 12.39
CA ARG J 485 59.26 -95.11 11.38
C ARG J 485 60.78 -94.99 11.47
N LEU J 486 61.27 -93.78 11.76
CA LEU J 486 62.69 -93.51 11.88
C LEU J 486 63.25 -94.16 13.14
N ALA J 487 62.49 -94.06 14.25
CA ALA J 487 62.89 -94.61 15.53
C ALA J 487 63.01 -96.12 15.43
N ALA J 488 62.08 -96.74 14.69
CA ALA J 488 62.04 -98.19 14.51
C ALA J 488 63.26 -98.65 13.70
N LEU J 489 63.60 -97.89 12.64
CA LEU J 489 64.71 -98.20 11.77
C LEU J 489 66.02 -98.08 12.53
N GLU J 490 66.12 -97.05 13.38
CA GLU J 490 67.35 -96.75 14.08
C GLU J 490 67.61 -97.79 15.17
N LYS J 491 66.52 -98.32 15.74
CA LYS J 491 66.64 -99.36 16.76
C LYS J 491 67.23 -100.62 16.12
N LYS J 492 66.68 -101.02 14.97
CA LYS J 492 67.01 -102.28 14.32
C LYS J 492 68.43 -102.23 13.75
N VAL J 493 68.85 -101.05 13.29
CA VAL J 493 70.15 -100.87 12.67
C VAL J 493 71.19 -100.59 13.77
N GLY J 494 70.69 -100.20 14.95
CA GLY J 494 71.54 -99.97 16.11
C GLY J 494 72.12 -98.56 16.15
N ILE J 495 71.40 -97.59 15.58
CA ILE J 495 71.74 -96.18 15.72
C ILE J 495 70.94 -95.63 16.90
N SER J 496 71.64 -94.97 17.82
CA SER J 496 70.98 -94.14 18.80
C SER J 496 71.07 -92.70 18.36
N TRP J 497 69.93 -92.14 17.95
CA TRP J 497 69.86 -90.84 17.33
C TRP J 497 70.22 -89.76 18.34
N GLN J 498 71.26 -88.98 17.99
CA GLN J 498 71.66 -87.81 18.76
C GLN J 498 70.88 -86.60 18.24
N PRO J 499 69.95 -86.02 19.01
CA PRO J 499 69.23 -84.82 18.59
C PRO J 499 70.21 -83.71 18.21
N GLU J 500 69.89 -83.04 17.09
CA GLU J 500 70.78 -82.07 16.47
C GLU J 500 71.00 -80.87 17.39
N GLN J 501 72.04 -80.09 17.08
CA GLN J 501 72.48 -79.01 17.94
C GLN J 501 71.49 -77.85 17.88
N PHE J 502 70.76 -77.74 16.75
CA PHE J 502 69.91 -76.59 16.52
C PHE J 502 68.64 -76.63 17.36
N TRP J 503 68.35 -77.79 17.97
CA TRP J 503 67.23 -77.90 18.89
C TRP J 503 67.58 -77.22 20.22
N LYS J 504 68.88 -77.23 20.57
CA LYS J 504 69.37 -76.75 21.85
C LYS J 504 69.73 -75.27 21.73
N THR J 505 70.55 -74.94 20.71
CA THR J 505 71.14 -73.61 20.59
C THR J 505 70.96 -73.08 19.17
N GLY J 506 71.15 -71.76 19.04
CA GLY J 506 70.98 -71.03 17.79
C GLY J 506 70.99 -69.54 18.06
N GLU J 507 71.15 -68.74 17.00
CA GLU J 507 71.39 -67.31 17.17
C GLU J 507 70.27 -66.65 17.98
N TRP J 508 69.03 -67.04 17.70
CA TRP J 508 67.88 -66.50 18.40
C TRP J 508 67.70 -67.16 19.76
N LEU J 509 67.77 -68.50 19.79
CA LEU J 509 67.56 -69.28 21.01
C LEU J 509 68.48 -68.79 22.12
N ASP J 510 69.72 -68.46 21.77
CA ASP J 510 70.75 -68.09 22.73
C ASP J 510 70.39 -66.80 23.45
N GLN J 511 69.48 -66.01 22.85
CA GLN J 511 69.14 -64.69 23.36
C GLN J 511 67.97 -64.78 24.33
N LEU J 512 67.43 -65.99 24.53
CA LEU J 512 66.25 -66.19 25.35
C LEU J 512 66.61 -66.30 26.83
N THR J 513 65.57 -66.33 27.67
CA THR J 513 65.71 -66.33 29.12
C THR J 513 66.18 -67.71 29.58
N GLY J 514 65.65 -68.75 28.95
CA GLY J 514 65.97 -70.14 29.27
C GLY J 514 67.47 -70.37 29.43
N PRO J 515 68.27 -70.22 28.34
CA PRO J 515 69.72 -70.39 28.41
C PRO J 515 70.43 -69.52 29.44
N TYR J 516 69.93 -68.30 29.65
CA TYR J 516 70.53 -67.36 30.58
C TYR J 516 70.40 -67.87 32.01
N ILE J 517 69.21 -68.40 32.36
CA ILE J 517 68.93 -68.88 33.70
C ILE J 517 69.76 -70.12 33.99
N VAL J 518 69.82 -71.04 33.02
CA VAL J 518 70.56 -72.29 33.16
C VAL J 518 72.03 -72.00 33.39
N LYS J 519 72.57 -70.99 32.67
CA LYS J 519 73.97 -70.67 32.75
C LYS J 519 74.30 -69.89 34.03
N ASN J 520 73.47 -68.89 34.35
CA ASN J 520 73.86 -67.87 35.33
C ASN J 520 73.26 -68.16 36.70
N HIS J 521 72.14 -68.89 36.75
CA HIS J 521 71.50 -69.26 38.00
C HIS J 521 71.18 -70.75 37.99
N PRO J 522 72.21 -71.62 38.05
CA PRO J 522 72.09 -73.03 37.62
C PRO J 522 70.98 -73.84 38.26
N GLY J 523 70.80 -73.69 39.58
CA GLY J 523 69.89 -74.57 40.29
C GLY J 523 68.43 -74.12 40.24
N LYS J 524 68.20 -72.89 39.75
CA LYS J 524 66.95 -72.20 40.02
C LYS J 524 66.15 -71.96 38.74
N THR J 525 64.88 -71.59 38.91
CA THR J 525 63.97 -71.22 37.83
C THR J 525 63.64 -69.73 37.94
N ILE J 526 62.87 -69.23 36.95
CA ILE J 526 62.52 -67.82 36.91
C ILE J 526 61.58 -67.49 38.08
N PHE J 527 60.85 -68.49 38.56
CA PHE J 527 59.90 -68.32 39.65
C PHE J 527 60.66 -68.14 40.97
N ASP J 528 61.81 -68.81 41.07
CA ASP J 528 62.72 -68.63 42.20
C ASP J 528 63.29 -67.22 42.18
N LEU J 529 63.68 -66.77 40.98
CA LEU J 529 64.39 -65.51 40.82
C LEU J 529 63.43 -64.34 40.89
N CYS J 530 62.14 -64.61 40.71
CA CYS J 530 61.10 -63.59 40.83
C CYS J 530 60.08 -64.05 41.87
N PRO J 531 60.39 -63.92 43.17
CA PRO J 531 59.56 -64.50 44.23
C PRO J 531 58.32 -63.69 44.59
N ASP J 532 58.23 -62.45 44.09
CA ASP J 532 57.16 -61.53 44.42
C ASP J 532 55.80 -62.15 44.07
N PRO J 533 54.71 -61.78 44.78
CA PRO J 533 53.38 -62.26 44.43
C PRO J 533 52.95 -61.77 43.06
N GLY J 534 52.32 -62.66 42.29
CA GLY J 534 51.80 -62.33 40.96
C GLY J 534 50.39 -61.77 41.01
N TRP J 535 49.79 -61.60 39.82
CA TRP J 535 48.46 -61.04 39.68
C TRP J 535 47.42 -61.99 40.28
N LEU J 536 47.61 -63.30 40.06
CA LEU J 536 46.65 -64.32 40.48
C LEU J 536 46.62 -64.42 42.00
N ASP J 537 47.70 -63.96 42.65
CA ASP J 537 47.84 -64.06 44.09
C ASP J 537 46.95 -63.01 44.78
N THR J 538 46.70 -61.90 44.08
CA THR J 538 46.04 -60.74 44.68
C THR J 538 44.67 -60.51 44.07
N HIS J 539 44.35 -61.24 42.99
CA HIS J 539 43.09 -61.07 42.28
C HIS J 539 42.35 -62.39 42.20
N HIS J 540 41.10 -62.41 42.68
CA HIS J 540 40.30 -63.61 42.77
C HIS J 540 38.96 -63.38 42.06
N ALA J 541 38.24 -64.47 41.80
CA ALA J 541 36.91 -64.41 41.20
C ALA J 541 35.94 -63.73 42.15
N PRO J 542 34.98 -62.92 41.65
CA PRO J 542 34.01 -62.24 42.51
C PRO J 542 33.13 -63.23 43.29
N ALA J 543 32.66 -62.79 44.46
CA ALA J 543 31.91 -63.62 45.38
C ALA J 543 30.63 -64.14 44.74
N GLU J 544 30.00 -63.28 43.91
CA GLU J 544 28.72 -63.58 43.30
C GLU J 544 28.86 -64.69 42.26
N GLU J 545 30.04 -64.78 41.64
CA GLU J 545 30.31 -65.79 40.62
C GLU J 545 30.40 -67.16 41.27
N VAL J 546 31.14 -67.26 42.38
CA VAL J 546 31.32 -68.50 43.11
C VAL J 546 29.97 -68.92 43.67
N GLU J 547 29.21 -67.92 44.15
CA GLU J 547 27.92 -68.11 44.79
C GLU J 547 26.93 -68.71 43.78
N TYR J 548 26.97 -68.22 42.54
CA TYR J 548 26.08 -68.66 41.49
C TYR J 548 26.37 -70.12 41.13
N ILE J 549 27.65 -70.44 40.94
CA ILE J 549 28.08 -71.76 40.49
C ILE J 549 27.73 -72.80 41.54
N GLU J 550 28.01 -72.49 42.81
CA GLU J 550 27.76 -73.41 43.92
C GLU J 550 26.27 -73.69 44.02
N ARG J 551 25.45 -72.66 43.81
CA ARG J 551 24.01 -72.76 43.91
C ARG J 551 23.48 -73.67 42.79
N LYS J 552 24.04 -73.51 41.60
CA LYS J 552 23.55 -74.21 40.42
C LYS J 552 23.98 -75.67 40.43
N LEU J 553 25.18 -75.94 40.98
CA LEU J 553 25.71 -77.29 41.05
C LEU J 553 24.91 -78.12 42.06
N LYS J 554 24.47 -77.45 43.14
CA LYS J 554 23.66 -78.07 44.17
C LYS J 554 22.26 -78.33 43.60
N GLU J 555 21.76 -77.37 42.82
CA GLU J 555 20.42 -77.38 42.25
C GLU J 555 20.29 -78.55 41.27
N LEU J 556 21.39 -78.89 40.58
CA LEU J 556 21.37 -79.88 39.52
C LEU J 556 22.00 -81.19 40.00
N GLY J 557 22.76 -81.12 41.10
CA GLY J 557 23.42 -82.29 41.67
C GLY J 557 24.59 -82.77 40.81
N ILE J 558 25.55 -81.86 40.58
CA ILE J 558 26.78 -82.19 39.88
C ILE J 558 27.95 -81.99 40.85
N THR J 559 28.93 -82.91 40.79
CA THR J 559 30.09 -82.88 41.66
C THR J 559 30.97 -81.68 41.29
N ALA J 560 31.52 -81.02 42.32
CA ALA J 560 32.44 -79.91 42.16
C ALA J 560 33.82 -80.44 41.74
N GLY J 561 34.60 -79.58 41.09
CA GLY J 561 35.89 -79.95 40.54
C GLY J 561 37.03 -79.81 41.55
N SER J 562 38.26 -80.06 41.07
CA SER J 562 39.45 -80.06 41.91
C SER J 562 40.38 -78.91 41.53
N HIS J 563 41.48 -78.77 42.27
CA HIS J 563 42.48 -77.74 42.06
C HIS J 563 43.28 -78.03 40.78
N VAL K 33 50.98 -66.90 25.70
CA VAL K 33 49.59 -67.42 25.80
C VAL K 33 49.64 -68.81 26.43
N GLU K 34 48.88 -69.00 27.51
CA GLU K 34 48.84 -70.25 28.26
C GLU K 34 47.44 -70.84 28.20
N ILE K 35 47.32 -72.12 28.58
CA ILE K 35 46.03 -72.69 28.92
C ILE K 35 45.78 -72.39 30.40
N ILE K 36 45.03 -71.30 30.65
CA ILE K 36 44.88 -70.75 31.98
C ILE K 36 43.99 -71.69 32.82
N THR K 37 44.51 -72.12 33.97
CA THR K 37 43.84 -73.09 34.83
C THR K 37 43.55 -72.49 36.20
N HIS K 38 43.51 -71.14 36.26
CA HIS K 38 43.35 -70.44 37.52
C HIS K 38 42.20 -69.44 37.45
N TRP K 39 41.98 -68.73 38.57
CA TRP K 39 41.05 -67.62 38.72
C TRP K 39 39.60 -68.08 38.69
N VAL K 40 39.20 -68.72 37.58
CA VAL K 40 37.86 -69.28 37.43
C VAL K 40 37.65 -70.29 38.54
N PRO K 41 36.51 -70.25 39.28
CA PRO K 41 36.27 -71.17 40.40
C PRO K 41 36.43 -72.64 40.03
N HIS K 42 37.06 -73.41 40.94
CA HIS K 42 37.45 -74.78 40.69
C HIS K 42 36.21 -75.66 40.51
N GLU K 43 35.12 -75.30 41.20
CA GLU K 43 33.90 -76.09 41.22
C GLU K 43 33.44 -76.37 39.81
N VAL K 44 33.91 -75.57 38.85
CA VAL K 44 33.42 -75.63 37.48
C VAL K 44 34.48 -76.20 36.56
N TYR K 45 35.61 -76.66 37.12
CA TYR K 45 36.64 -77.34 36.34
C TYR K 45 36.22 -78.79 36.10
N GLY K 46 36.21 -79.19 34.82
CA GLY K 46 35.92 -80.56 34.46
C GLY K 46 37.14 -81.45 34.69
N MET K 47 36.91 -82.62 35.27
CA MET K 47 37.97 -83.59 35.54
C MET K 47 37.84 -84.78 34.59
N PRO K 48 38.92 -85.53 34.33
CA PRO K 48 38.92 -86.59 33.31
C PRO K 48 37.73 -87.54 33.45
N GLY K 49 37.05 -87.79 32.34
CA GLY K 49 35.99 -88.79 32.27
C GLY K 49 34.61 -88.18 32.39
N GLU K 50 34.53 -86.92 32.86
CA GLU K 50 33.27 -86.23 33.06
C GLU K 50 32.65 -85.87 31.71
N PRO K 51 31.30 -85.74 31.63
CA PRO K 51 30.63 -85.41 30.36
C PRO K 51 30.99 -84.01 29.86
N ASP K 52 31.10 -83.87 28.53
CA ASP K 52 31.48 -82.60 27.93
C ASP K 52 30.29 -81.64 27.96
N ASN K 53 29.09 -82.20 28.11
CA ASN K 53 27.86 -81.40 28.05
C ASN K 53 27.40 -81.03 29.45
N SER K 54 28.29 -81.17 30.44
CA SER K 54 27.99 -80.84 31.83
C SER K 54 28.01 -79.33 32.01
N GLY K 55 28.82 -78.66 31.19
CA GLY K 55 28.96 -77.21 31.27
C GLY K 55 30.23 -76.81 32.02
N LYS K 56 31.04 -77.81 32.36
CA LYS K 56 32.28 -77.55 33.08
C LYS K 56 33.38 -77.22 32.07
N VAL K 57 34.40 -76.50 32.54
CA VAL K 57 35.50 -76.06 31.71
C VAL K 57 36.54 -77.18 31.63
N PHE K 58 36.82 -77.66 30.42
CA PHE K 58 37.87 -78.63 30.19
C PHE K 58 39.04 -77.92 29.54
N PHE K 59 40.18 -77.89 30.25
CA PHE K 59 41.35 -77.15 29.82
C PHE K 59 41.84 -77.68 28.48
N SER K 60 41.92 -76.77 27.50
CA SER K 60 42.33 -77.10 26.14
C SER K 60 41.37 -78.12 25.51
N GLY K 61 40.26 -78.37 26.19
CA GLY K 61 39.22 -79.25 25.69
C GLY K 61 39.56 -80.72 25.90
N LEU K 62 40.53 -80.99 26.78
CA LEU K 62 41.05 -82.34 26.99
C LEU K 62 40.25 -83.06 28.07
N LYS K 63 40.30 -84.40 28.01
CA LYS K 63 39.97 -85.30 29.11
C LYS K 63 38.46 -85.43 29.30
N ALA K 64 37.67 -84.76 28.45
CA ALA K 64 36.22 -84.83 28.56
C ALA K 64 35.70 -86.09 27.86
N LYS K 65 34.55 -86.58 28.33
CA LYS K 65 33.83 -87.68 27.71
C LYS K 65 32.81 -87.09 26.73
N TYR K 66 32.96 -87.46 25.46
CA TYR K 66 32.14 -86.93 24.39
C TYR K 66 30.74 -87.55 24.47
N MET K 67 29.73 -86.69 24.62
CA MET K 67 28.36 -87.13 24.82
C MET K 67 27.57 -87.08 23.51
N GLY K 68 28.05 -86.27 22.56
CA GLY K 68 27.40 -86.14 21.27
C GLY K 68 26.20 -85.21 21.31
N TYR K 69 25.59 -84.99 20.14
CA TYR K 69 24.52 -84.01 19.97
C TYR K 69 23.26 -84.49 20.69
N PRO K 70 22.38 -83.57 21.14
CA PRO K 70 21.15 -83.94 21.83
C PRO K 70 20.14 -84.55 20.85
N LYS K 71 19.95 -85.88 20.98
CA LYS K 71 19.11 -86.62 20.07
C LYS K 71 17.68 -86.70 20.63
N ASP K 72 17.49 -86.16 21.83
CA ASP K 72 16.19 -86.10 22.46
C ASP K 72 15.53 -84.76 22.16
N ALA K 73 16.32 -83.81 21.65
CA ALA K 73 15.86 -82.45 21.38
C ALA K 73 14.90 -82.46 20.20
N GLN K 74 13.73 -81.83 20.40
CA GLN K 74 12.68 -81.74 19.39
C GLN K 74 13.22 -80.98 18.18
N ARG K 75 13.18 -81.64 17.01
CA ARG K 75 13.76 -81.13 15.78
C ARG K 75 13.15 -81.87 14.60
N SER K 76 13.67 -81.57 13.40
CA SER K 76 13.25 -82.23 12.18
C SER K 76 14.37 -83.08 11.62
N PRO K 77 14.07 -84.24 10.98
CA PRO K 77 15.04 -84.92 10.13
C PRO K 77 15.30 -84.07 8.89
N TYR K 78 16.50 -84.22 8.32
CA TYR K 78 16.85 -83.55 7.08
C TYR K 78 16.09 -84.23 5.94
N PRO K 79 15.73 -83.52 4.85
CA PRO K 79 15.12 -84.15 3.69
C PRO K 79 16.19 -84.85 2.83
N GLY K 80 15.73 -85.64 1.85
CA GLY K 80 16.59 -86.13 0.79
C GLY K 80 17.05 -87.57 0.98
N LYS K 81 17.94 -87.99 0.08
CA LYS K 81 18.39 -89.36 -0.12
C LYS K 81 18.97 -89.94 1.16
N TYR K 82 19.73 -89.11 1.89
CA TYR K 82 20.54 -89.60 3.00
C TYR K 82 19.92 -89.19 4.33
N SER K 83 18.59 -89.09 4.34
CA SER K 83 17.83 -88.62 5.50
C SER K 83 18.21 -89.42 6.76
N LYS K 84 18.42 -90.74 6.58
CA LYS K 84 18.59 -91.67 7.69
C LYS K 84 19.90 -91.41 8.42
N PHE K 85 20.92 -90.90 7.71
CA PHE K 85 22.25 -90.71 8.28
C PHE K 85 22.51 -89.24 8.59
N TRP K 86 21.55 -88.37 8.23
CA TRP K 86 21.66 -86.94 8.45
C TRP K 86 21.30 -86.60 9.89
N LYS K 87 22.34 -86.35 10.71
CA LYS K 87 22.15 -85.92 12.10
C LYS K 87 21.86 -84.42 12.11
N THR K 88 20.80 -84.02 12.82
CA THR K 88 20.29 -82.66 12.76
C THR K 88 20.26 -82.02 14.15
N LEU K 89 20.27 -80.69 14.15
CA LEU K 89 20.13 -79.87 15.35
C LEU K 89 18.79 -79.14 15.28
N PRO K 90 18.21 -78.73 16.43
CA PRO K 90 16.95 -77.97 16.42
C PRO K 90 16.98 -76.77 15.48
N ALA K 91 18.11 -76.07 15.45
CA ALA K 91 18.27 -74.81 14.72
C ALA K 91 17.99 -75.00 13.24
N TYR K 92 18.14 -76.22 12.73
CA TYR K 92 18.07 -76.47 11.30
C TYR K 92 16.65 -76.27 10.78
N ARG K 93 15.68 -76.24 11.70
CA ARG K 93 14.27 -76.19 11.35
C ARG K 93 13.98 -75.01 10.41
N TYR K 94 14.75 -73.92 10.57
CA TYR K 94 14.46 -72.68 9.87
C TYR K 94 14.99 -72.73 8.43
N TYR K 95 15.92 -73.64 8.16
CA TYR K 95 16.80 -73.50 7.00
C TYR K 95 16.23 -74.18 5.76
N ILE K 96 15.48 -75.27 5.95
CA ILE K 96 14.66 -75.84 4.88
C ILE K 96 13.23 -75.93 5.42
N PRO K 97 12.52 -74.78 5.55
CA PRO K 97 11.36 -74.68 6.42
C PRO K 97 10.13 -75.46 6.00
N ASP K 98 9.94 -75.67 4.70
CA ASP K 98 8.77 -76.38 4.19
C ASP K 98 8.70 -77.77 4.81
N TYR K 99 9.85 -78.46 4.82
CA TYR K 99 9.91 -79.82 5.33
C TYR K 99 10.22 -79.82 6.84
N MET K 100 11.05 -78.87 7.28
CA MET K 100 11.68 -78.96 8.59
C MET K 100 10.97 -78.09 9.64
N TYR K 101 9.97 -77.32 9.22
CA TYR K 101 9.24 -76.46 10.14
C TYR K 101 7.74 -76.59 9.92
N ASN K 102 7.30 -76.61 8.66
CA ASN K 102 5.91 -76.31 8.32
C ASN K 102 5.01 -77.54 8.46
N ARG K 103 5.60 -78.74 8.54
CA ARG K 103 4.83 -79.96 8.74
C ARG K 103 4.38 -80.02 10.20
N ASP K 104 3.14 -80.45 10.42
CA ASP K 104 2.53 -80.53 11.74
C ASP K 104 3.36 -81.40 12.68
N GLU K 105 4.00 -82.44 12.12
CA GLU K 105 4.73 -83.43 12.87
C GLU K 105 5.99 -82.83 13.48
N VAL K 106 6.41 -81.68 12.96
CA VAL K 106 7.74 -81.16 13.23
C VAL K 106 7.68 -79.77 13.87
N ARG K 107 6.66 -78.98 13.51
CA ARG K 107 6.52 -77.60 13.97
C ARG K 107 6.80 -77.53 15.46
N PRO K 108 7.71 -76.61 15.90
CA PRO K 108 8.07 -76.50 17.32
C PRO K 108 6.96 -75.87 18.15
N SER K 109 7.01 -76.10 19.45
CA SER K 109 6.01 -75.56 20.38
C SER K 109 6.23 -74.05 20.51
N ASN K 110 5.16 -73.36 20.90
CA ASN K 110 5.21 -71.91 21.08
C ASN K 110 4.40 -71.54 22.31
N PRO K 111 4.97 -70.74 23.25
CA PRO K 111 4.29 -70.38 24.50
C PRO K 111 3.08 -69.45 24.36
N ILE K 112 2.92 -68.83 23.18
CA ILE K 112 1.85 -67.88 22.96
C ILE K 112 0.74 -68.56 22.16
N LYS K 113 -0.49 -68.48 22.69
CA LYS K 113 -1.64 -69.16 22.10
C LYS K 113 -2.62 -68.12 21.56
N GLY K 114 -3.36 -68.51 20.53
CA GLY K 114 -4.42 -67.69 19.95
C GLY K 114 -4.19 -67.46 18.46
N THR K 115 -5.28 -67.10 17.76
CA THR K 115 -5.17 -66.62 16.39
C THR K 115 -5.40 -65.12 16.40
N PHE K 116 -4.59 -64.37 15.64
CA PHE K 116 -4.55 -62.92 15.80
C PHE K 116 -4.72 -62.21 14.46
N LYS K 117 -5.19 -60.96 14.54
CA LYS K 117 -5.20 -60.03 13.42
C LYS K 117 -3.80 -59.43 13.26
N LEU K 118 -3.56 -58.79 12.12
CA LEU K 118 -2.24 -58.22 11.82
C LEU K 118 -1.87 -57.16 12.86
N GLU K 119 -2.85 -56.34 13.26
CA GLU K 119 -2.64 -55.26 14.22
C GLU K 119 -1.99 -55.83 15.48
N GLN K 120 -2.42 -57.05 15.84
CA GLN K 120 -2.02 -57.69 17.09
C GLN K 120 -0.59 -58.20 16.98
N CYS K 121 -0.24 -58.79 15.82
CA CYS K 121 1.11 -59.21 15.56
C CYS K 121 2.05 -58.03 15.81
N VAL K 122 1.75 -56.90 15.17
CA VAL K 122 2.60 -55.73 15.15
C VAL K 122 2.74 -55.17 16.56
N ALA K 123 1.61 -55.01 17.25
CA ALA K 123 1.56 -54.37 18.56
C ALA K 123 2.39 -55.15 19.58
N CYS K 124 2.23 -56.48 19.55
CA CYS K 124 2.88 -57.35 20.52
C CYS K 124 4.37 -57.45 20.22
N HIS K 125 4.72 -57.65 18.95
CA HIS K 125 6.10 -57.90 18.54
C HIS K 125 6.89 -56.60 18.55
N SER K 126 6.20 -55.46 18.52
CA SER K 126 6.87 -54.17 18.50
C SER K 126 7.68 -53.99 19.78
N VAL K 127 7.32 -54.77 20.81
CA VAL K 127 8.01 -54.71 22.08
C VAL K 127 8.79 -56.02 22.31
N MET K 128 8.19 -57.16 21.89
CA MET K 128 8.76 -58.47 22.14
C MET K 128 9.97 -58.71 21.26
N THR K 129 9.85 -58.37 19.97
CA THR K 129 10.97 -58.44 19.04
C THR K 129 11.05 -57.12 18.26
N PRO K 130 11.48 -56.01 18.91
CA PRO K 130 11.33 -54.67 18.34
C PRO K 130 11.88 -54.49 16.93
N GLY K 131 13.07 -55.04 16.69
CA GLY K 131 13.79 -54.86 15.45
C GLY K 131 13.03 -55.40 14.23
N ILE K 132 12.27 -56.47 14.43
CA ILE K 132 11.51 -57.11 13.36
C ILE K 132 10.41 -56.16 12.90
N VAL K 133 9.73 -55.54 13.86
CA VAL K 133 8.63 -54.62 13.57
C VAL K 133 9.18 -53.35 12.94
N ARG K 134 10.32 -52.85 13.48
CA ARG K 134 10.99 -51.69 12.91
C ARG K 134 11.29 -51.91 11.43
N ASP K 135 11.80 -53.12 11.11
CA ASP K 135 12.13 -53.51 9.74
C ASP K 135 10.86 -53.60 8.90
N TYR K 136 9.83 -54.25 9.45
CA TYR K 136 8.58 -54.49 8.76
C TYR K 136 7.94 -53.16 8.35
N ASN K 137 7.92 -52.20 9.28
CA ASN K 137 7.27 -50.93 9.07
C ASN K 137 7.97 -50.15 7.95
N LYS K 138 9.27 -50.38 7.80
CA LYS K 138 10.06 -49.72 6.76
C LYS K 138 9.78 -50.37 5.40
N SER K 139 9.38 -51.65 5.42
CA SER K 139 9.24 -52.45 4.21
C SER K 139 8.03 -51.99 3.40
N ALA K 140 8.09 -52.26 2.08
CA ALA K 140 7.01 -51.93 1.17
C ALA K 140 5.79 -52.79 1.47
N HIS K 141 6.04 -53.98 2.03
CA HIS K 141 5.02 -54.95 2.36
C HIS K 141 3.94 -54.32 3.27
N SER K 142 4.39 -53.49 4.21
CA SER K 142 3.52 -52.92 5.22
C SER K 142 2.63 -51.84 4.61
N LYS K 143 3.12 -51.21 3.55
CA LYS K 143 2.48 -50.06 2.95
C LYS K 143 1.57 -50.47 1.79
N ALA K 144 1.62 -51.75 1.43
CA ALA K 144 0.94 -52.26 0.24
C ALA K 144 -0.57 -52.11 0.37
N GLU K 145 -1.22 -51.79 -0.76
CA GLU K 145 -2.67 -51.65 -0.83
C GLU K 145 -3.20 -52.50 -1.98
N PRO K 146 -4.47 -52.95 -1.89
CA PRO K 146 -5.42 -52.55 -0.85
C PRO K 146 -5.19 -53.20 0.51
N ALA K 147 -4.49 -54.34 0.53
CA ALA K 147 -4.17 -55.04 1.76
C ALA K 147 -2.66 -55.22 1.86
N PRO K 148 -2.05 -54.98 3.05
CA PRO K 148 -0.62 -55.17 3.23
C PRO K 148 -0.22 -56.64 3.29
N THR K 149 1.00 -56.92 2.86
CA THR K 149 1.61 -58.23 3.06
C THR K 149 2.17 -58.25 4.48
N GLY K 150 1.34 -58.70 5.43
CA GLY K 150 1.66 -58.58 6.84
C GLY K 150 2.27 -59.86 7.42
N CYS K 151 2.64 -59.80 8.70
CA CYS K 151 3.25 -60.92 9.41
C CYS K 151 2.41 -62.18 9.20
N ASP K 152 1.09 -62.01 9.23
CA ASP K 152 0.14 -63.11 9.10
C ASP K 152 0.17 -63.69 7.69
N THR K 153 0.42 -62.83 6.69
CA THR K 153 0.46 -63.26 5.30
C THR K 153 1.62 -64.24 5.09
N CYS K 154 2.72 -64.03 5.82
CA CYS K 154 3.95 -64.81 5.63
C CYS K 154 4.08 -65.91 6.68
N HIS K 155 3.40 -65.76 7.82
CA HIS K 155 3.65 -66.63 8.96
C HIS K 155 2.38 -67.39 9.40
N GLY K 156 1.21 -66.85 9.08
CA GLY K 156 -0.06 -67.46 9.49
C GLY K 156 -0.71 -66.69 10.64
N ASN K 157 -1.98 -67.00 10.92
CA ASN K 157 -2.77 -66.29 11.91
C ASN K 157 -2.73 -67.00 13.27
N ASN K 158 -2.68 -68.33 13.22
CA ASN K 158 -2.73 -69.16 14.42
C ASN K 158 -1.32 -69.28 15.00
N HIS K 159 -1.15 -68.78 16.22
CA HIS K 159 0.17 -68.70 16.83
C HIS K 159 0.67 -70.10 17.22
N GLN K 160 -0.25 -71.06 17.24
CA GLN K 160 0.10 -72.44 17.55
C GLN K 160 0.39 -73.20 16.26
N LYS K 161 0.08 -72.57 15.12
CA LYS K 161 0.30 -73.17 13.82
C LYS K 161 1.06 -72.21 12.91
N LEU K 162 2.10 -71.58 13.46
CA LEU K 162 2.93 -70.64 12.73
C LEU K 162 3.75 -71.41 11.69
N THR K 163 4.10 -70.74 10.59
CA THR K 163 4.94 -71.32 9.56
C THR K 163 6.04 -70.33 9.17
N MET K 164 7.16 -70.87 8.67
CA MET K 164 8.26 -70.07 8.16
C MET K 164 8.20 -70.07 6.64
N PRO K 165 8.11 -68.89 5.98
CA PRO K 165 7.90 -68.82 4.54
C PRO K 165 9.18 -69.10 3.74
N SER K 166 9.13 -70.14 2.90
CA SER K 166 10.24 -70.50 2.05
C SER K 166 10.17 -69.68 0.75
N SER K 167 11.08 -70.00 -0.18
CA SER K 167 11.09 -69.34 -1.48
C SER K 167 9.82 -69.65 -2.25
N LYS K 168 9.19 -70.79 -1.94
CA LYS K 168 7.95 -71.21 -2.57
C LYS K 168 6.81 -70.28 -2.15
N ALA K 169 6.86 -69.80 -0.90
CA ALA K 169 5.86 -68.92 -0.34
C ALA K 169 5.93 -67.55 -1.02
N CYS K 170 7.17 -67.06 -1.24
CA CYS K 170 7.39 -65.77 -1.89
C CYS K 170 7.05 -65.87 -3.37
N GLY K 171 7.29 -67.06 -3.95
CA GLY K 171 7.27 -67.24 -5.39
C GLY K 171 5.91 -67.66 -5.92
N THR K 172 4.86 -67.45 -5.13
CA THR K 172 3.50 -67.75 -5.55
C THR K 172 3.13 -66.82 -6.71
N ALA K 173 2.25 -67.31 -7.60
CA ALA K 173 1.88 -66.61 -8.82
C ALA K 173 1.33 -65.22 -8.51
N GLU K 174 0.67 -65.11 -7.34
CA GLU K 174 0.01 -63.88 -6.93
C GLU K 174 1.04 -62.87 -6.45
N CYS K 175 2.27 -63.34 -6.16
CA CYS K 175 3.28 -62.52 -5.52
C CYS K 175 4.51 -62.37 -6.41
N HIS K 176 5.58 -63.12 -6.11
CA HIS K 176 6.85 -62.93 -6.79
C HIS K 176 7.26 -64.19 -7.55
N GLU K 177 6.38 -64.68 -8.43
CA GLU K 177 6.64 -65.86 -9.21
C GLU K 177 7.81 -65.61 -10.17
N THR K 178 7.94 -64.36 -10.62
CA THR K 178 8.94 -63.97 -11.61
C THR K 178 10.35 -64.28 -11.09
N GLN K 179 10.64 -63.81 -9.86
CA GLN K 179 11.96 -63.93 -9.29
C GLN K 179 12.25 -65.38 -8.91
N TYR K 180 11.20 -66.10 -8.45
CA TYR K 180 11.34 -67.50 -8.09
C TYR K 180 11.73 -68.31 -9.31
N ASN K 181 11.02 -68.08 -10.43
CA ASN K 181 11.23 -68.82 -11.66
C ASN K 181 12.61 -68.48 -12.24
N GLU K 182 12.99 -67.20 -12.16
CA GLU K 182 14.28 -66.73 -12.64
C GLU K 182 15.39 -67.50 -11.94
N GLN K 183 15.34 -67.50 -10.60
CA GLN K 183 16.34 -68.16 -9.78
C GLN K 183 16.38 -69.65 -10.13
N GLY K 184 15.18 -70.22 -10.32
CA GLY K 184 15.01 -71.64 -10.56
C GLY K 184 15.56 -72.11 -11.90
N GLN K 185 15.92 -71.16 -12.78
CA GLN K 185 16.47 -71.47 -14.09
C GLN K 185 17.90 -71.98 -13.94
N GLY K 186 18.50 -71.73 -12.76
CA GLY K 186 19.88 -72.09 -12.50
C GLY K 186 20.10 -73.61 -12.55
N GLY K 187 21.29 -74.01 -13.00
CA GLY K 187 21.63 -75.42 -13.10
C GLY K 187 22.29 -75.94 -11.82
N ILE K 188 23.20 -76.91 -11.98
CA ILE K 188 24.00 -77.40 -10.87
C ILE K 188 24.96 -76.28 -10.45
N GLY K 189 25.16 -76.13 -9.14
CA GLY K 189 26.08 -75.14 -8.59
C GLY K 189 25.52 -73.72 -8.63
N SER K 190 24.19 -73.59 -8.72
CA SER K 190 23.53 -72.30 -8.76
C SER K 190 22.73 -72.11 -7.47
N HIS K 191 21.98 -70.99 -7.41
CA HIS K 191 21.14 -70.69 -6.26
C HIS K 191 19.90 -71.56 -6.26
N ALA K 192 19.70 -72.32 -7.35
CA ALA K 192 18.52 -73.16 -7.51
C ALA K 192 18.74 -74.54 -6.89
N SER K 193 20.00 -74.92 -6.66
CA SER K 193 20.32 -76.30 -6.32
C SER K 193 21.30 -76.38 -5.15
N CYS K 194 21.66 -75.21 -4.58
CA CYS K 194 22.71 -75.15 -3.57
C CYS K 194 22.28 -75.81 -2.27
N SER K 195 20.96 -75.93 -2.05
CA SER K 195 20.43 -76.65 -0.90
C SER K 195 20.16 -78.10 -1.28
N SER K 196 19.32 -78.28 -2.31
CA SER K 196 18.74 -79.58 -2.67
C SER K 196 19.81 -80.58 -3.08
N PHE K 197 20.85 -80.11 -3.77
CA PHE K 197 21.93 -80.99 -4.18
C PHE K 197 23.12 -80.85 -3.23
N ALA K 198 23.77 -79.68 -3.27
CA ALA K 198 25.08 -79.48 -2.67
C ALA K 198 25.08 -79.78 -1.17
N GLN K 199 23.99 -79.41 -0.48
CA GLN K 199 23.94 -79.46 0.96
C GLN K 199 23.24 -80.73 1.45
N VAL K 200 22.11 -81.06 0.82
CA VAL K 200 21.29 -82.18 1.24
C VAL K 200 22.05 -83.48 1.00
N GLU K 201 22.93 -83.48 -0.01
CA GLU K 201 23.73 -84.66 -0.35
C GLU K 201 25.21 -84.38 -0.10
N CYS K 202 25.49 -83.54 0.91
CA CYS K 202 26.85 -83.15 1.23
C CYS K 202 27.52 -84.26 2.01
N ALA K 203 28.53 -84.88 1.39
CA ALA K 203 29.22 -86.03 1.95
C ALA K 203 29.69 -85.77 3.39
N TRP K 204 30.44 -84.67 3.58
CA TRP K 204 31.12 -84.40 4.83
C TRP K 204 30.12 -84.12 5.94
N SER K 205 29.04 -83.41 5.61
CA SER K 205 28.02 -83.06 6.59
C SER K 205 27.36 -84.32 7.13
N ILE K 206 27.06 -85.26 6.23
CA ILE K 206 26.43 -86.53 6.57
C ILE K 206 27.40 -87.35 7.42
N GLU K 207 28.67 -87.39 7.01
CA GLU K 207 29.71 -88.22 7.60
C GLU K 207 29.94 -87.86 9.08
N ARG K 208 29.95 -86.55 9.38
CA ARG K 208 30.45 -86.06 10.65
C ARG K 208 29.31 -85.87 11.64
N PRO K 209 29.60 -85.66 12.95
CA PRO K 209 28.61 -85.14 13.90
C PRO K 209 28.08 -83.81 13.41
N PRO K 210 26.83 -83.42 13.77
CA PRO K 210 26.30 -82.12 13.40
C PRO K 210 26.95 -81.08 14.33
N GLY K 211 27.29 -79.92 13.77
CA GLY K 211 28.03 -78.94 14.53
C GLY K 211 29.45 -78.82 14.00
N ASP K 212 30.03 -79.99 13.68
CA ASP K 212 31.26 -80.03 12.92
C ASP K 212 31.07 -79.23 11.63
N THR K 213 29.89 -79.39 11.01
CA THR K 213 29.58 -78.77 9.73
C THR K 213 28.25 -78.02 9.82
N ALA K 214 27.96 -77.46 11.00
CA ALA K 214 26.72 -76.73 11.23
C ALA K 214 26.64 -75.53 10.30
N GLY K 215 27.78 -74.84 10.13
CA GLY K 215 27.86 -73.64 9.31
C GLY K 215 27.44 -73.90 7.86
N CYS K 216 27.62 -75.16 7.41
CA CYS K 216 27.31 -75.53 6.03
C CYS K 216 25.80 -75.50 5.80
N THR K 217 25.02 -75.89 6.81
CA THR K 217 23.57 -75.85 6.74
C THR K 217 23.10 -74.40 6.64
N PHE K 218 23.69 -73.55 7.49
CA PHE K 218 23.30 -72.15 7.63
C PHE K 218 23.65 -71.36 6.38
N CYS K 219 24.68 -71.80 5.65
CA CYS K 219 25.16 -71.04 4.51
C CYS K 219 24.50 -71.52 3.21
N HIS K 220 24.40 -72.84 3.03
CA HIS K 220 24.07 -73.43 1.75
C HIS K 220 22.58 -73.37 1.45
N THR K 221 21.74 -73.53 2.48
CA THR K 221 20.31 -73.65 2.30
C THR K 221 19.68 -72.33 1.86
N SER K 222 20.24 -71.22 2.37
CA SER K 222 19.63 -69.89 2.30
C SER K 222 19.24 -69.50 0.88
N PRO K 223 20.15 -69.46 -0.12
CA PRO K 223 19.80 -68.89 -1.43
C PRO K 223 18.61 -69.58 -2.07
N GLU K 224 18.52 -70.91 -1.90
CA GLU K 224 17.51 -71.72 -2.54
C GLU K 224 16.21 -71.69 -1.75
N GLU K 225 16.31 -71.62 -0.42
CA GLU K 225 15.16 -71.89 0.44
C GLU K 225 14.58 -70.61 1.03
N ARG K 226 15.42 -69.60 1.25
CA ARG K 226 14.98 -68.38 1.92
C ARG K 226 15.33 -67.15 1.08
N CYS K 227 14.28 -66.36 0.78
CA CYS K 227 14.44 -65.20 -0.08
C CYS K 227 14.76 -63.97 0.76
N SER K 228 15.06 -64.17 2.04
CA SER K 228 15.59 -63.10 2.87
C SER K 228 17.08 -62.93 2.57
N THR K 229 17.56 -63.73 1.62
CA THR K 229 18.93 -63.64 1.12
C THR K 229 19.06 -62.40 0.23
N CYS K 230 20.17 -61.68 0.42
CA CYS K 230 20.53 -60.50 -0.36
C CYS K 230 19.73 -59.28 0.10
N HIS K 231 18.40 -59.37 0.07
CA HIS K 231 17.54 -58.38 0.70
C HIS K 231 17.04 -58.94 2.03
N GLN K 232 17.60 -58.42 3.13
CA GLN K 232 17.39 -58.95 4.46
C GLN K 232 15.93 -58.79 4.87
N ARG K 233 15.45 -59.75 5.68
CA ARG K 233 14.21 -59.57 6.41
C ARG K 233 14.48 -58.57 7.54
N HIS K 234 13.45 -57.82 7.97
CA HIS K 234 12.10 -57.87 7.43
C HIS K 234 11.85 -56.64 6.57
N GLN K 235 12.95 -56.00 6.15
CA GLN K 235 12.93 -54.74 5.43
C GLN K 235 12.74 -54.99 3.94
N PHE K 236 13.37 -56.07 3.45
CA PHE K 236 13.32 -56.52 2.06
C PHE K 236 13.56 -55.35 1.11
N ASP K 237 14.71 -54.70 1.28
CA ASP K 237 15.05 -53.51 0.52
C ASP K 237 15.90 -53.90 -0.68
N PRO K 238 15.40 -53.71 -1.92
CA PRO K 238 16.18 -54.04 -3.13
C PRO K 238 17.44 -53.18 -3.24
N ALA K 239 17.40 -51.99 -2.61
CA ALA K 239 18.49 -51.06 -2.64
C ALA K 239 19.70 -51.61 -1.90
N VAL K 240 19.46 -52.30 -0.78
CA VAL K 240 20.55 -52.90 -0.02
C VAL K 240 21.01 -54.18 -0.72
N ALA K 241 20.09 -54.81 -1.45
CA ALA K 241 20.38 -56.06 -2.15
C ALA K 241 21.30 -55.81 -3.33
N ARG K 242 21.40 -54.55 -3.78
CA ARG K 242 22.14 -54.20 -4.98
C ARG K 242 23.61 -53.96 -4.64
N ARG K 243 23.93 -54.00 -3.34
CA ARG K 243 25.27 -53.73 -2.86
C ARG K 243 26.12 -55.00 -2.95
N SER K 244 27.37 -54.83 -3.37
CA SER K 244 28.29 -55.93 -3.62
C SER K 244 28.46 -56.78 -2.37
N GLU K 245 28.53 -56.13 -1.20
CA GLU K 245 28.89 -56.78 0.05
C GLU K 245 27.90 -57.88 0.40
N GLN K 246 26.69 -57.83 -0.19
CA GLN K 246 25.64 -58.80 0.10
C GLN K 246 26.13 -60.22 -0.15
N CYS K 247 26.97 -60.37 -1.18
CA CYS K 247 27.41 -61.68 -1.66
C CYS K 247 28.57 -62.20 -0.81
N LYS K 248 29.23 -61.29 -0.08
CA LYS K 248 30.48 -61.61 0.59
C LYS K 248 30.25 -62.64 1.69
N THR K 249 29.05 -62.65 2.27
CA THR K 249 28.77 -63.45 3.45
C THR K 249 28.89 -64.94 3.15
N CYS K 250 28.73 -65.32 1.86
CA CYS K 250 28.84 -66.70 1.43
C CYS K 250 29.99 -66.87 0.44
N HIS K 251 30.19 -65.86 -0.42
CA HIS K 251 31.18 -65.96 -1.49
C HIS K 251 32.53 -65.39 -1.03
N TRP K 252 33.09 -66.02 0.00
CA TRP K 252 34.40 -65.68 0.50
C TRP K 252 35.09 -66.94 0.99
N GLY K 253 36.38 -66.81 1.33
CA GLY K 253 37.05 -67.83 2.12
C GLY K 253 37.80 -68.85 1.26
N LYS K 254 38.05 -70.00 1.88
CA LYS K 254 39.13 -70.90 1.53
C LYS K 254 38.97 -71.47 0.12
N ASP K 255 37.73 -71.68 -0.32
CA ASP K 255 37.50 -72.43 -1.55
C ASP K 255 36.77 -71.59 -2.60
N HIS K 256 36.57 -70.29 -2.32
CA HIS K 256 36.02 -69.35 -3.29
C HIS K 256 36.22 -67.92 -2.79
N ARG K 257 37.37 -67.32 -3.14
CA ARG K 257 37.67 -65.96 -2.75
C ARG K 257 37.01 -64.98 -3.73
N ASP K 258 35.69 -65.10 -3.89
CA ASP K 258 34.95 -64.28 -4.84
C ASP K 258 34.99 -62.83 -4.38
N TRP K 259 34.61 -62.60 -3.11
CA TRP K 259 34.58 -61.27 -2.54
C TRP K 259 35.99 -60.69 -2.48
N GLU K 260 36.93 -61.48 -1.93
CA GLU K 260 38.30 -61.02 -1.75
C GLU K 260 38.90 -60.57 -3.08
N ALA K 261 38.65 -61.35 -4.14
CA ALA K 261 39.19 -61.06 -5.45
C ALA K 261 38.61 -59.74 -5.98
N TYR K 262 37.28 -59.62 -5.88
CA TYR K 262 36.58 -58.44 -6.37
C TYR K 262 37.03 -57.23 -5.56
N ASP K 263 37.07 -57.38 -4.24
CA ASP K 263 37.26 -56.30 -3.29
C ASP K 263 38.63 -55.63 -3.51
N ILE K 264 39.66 -56.44 -3.75
CA ILE K 264 41.02 -55.94 -3.78
C ILE K 264 41.39 -55.52 -5.20
N GLY K 265 40.69 -56.09 -6.19
CA GLY K 265 40.85 -55.67 -7.58
C GLY K 265 40.45 -54.21 -7.78
N LEU K 266 40.72 -53.69 -8.99
CA LEU K 266 40.48 -52.26 -9.24
C LEU K 266 38.99 -51.98 -9.26
N HIS K 267 38.17 -52.96 -9.65
CA HIS K 267 36.72 -52.82 -9.57
C HIS K 267 36.30 -52.62 -8.12
N GLY K 268 36.87 -53.43 -7.22
CA GLY K 268 36.59 -53.36 -5.80
C GLY K 268 37.17 -52.10 -5.16
N THR K 269 38.31 -51.64 -5.70
CA THR K 269 38.92 -50.40 -5.27
C THR K 269 38.01 -49.23 -5.64
N VAL K 270 37.58 -49.21 -6.90
CA VAL K 270 36.66 -48.20 -7.40
C VAL K 270 35.40 -48.21 -6.54
N TYR K 271 34.92 -49.42 -6.22
CA TYR K 271 33.69 -49.59 -5.47
C TYR K 271 33.82 -48.97 -4.08
N GLN K 272 34.89 -49.33 -3.36
CA GLN K 272 35.06 -48.94 -1.97
C GLN K 272 35.24 -47.43 -1.85
N VAL K 273 35.81 -46.83 -2.90
CA VAL K 273 36.16 -45.43 -2.90
C VAL K 273 34.91 -44.58 -3.19
N ASN K 274 33.93 -45.17 -3.90
CA ASN K 274 32.88 -44.39 -4.52
C ASN K 274 31.50 -44.80 -4.03
N LYS K 275 31.40 -45.88 -3.24
CA LYS K 275 30.11 -46.56 -3.04
C LYS K 275 29.13 -45.68 -2.29
N TRP K 276 29.63 -44.74 -1.48
CA TRP K 276 28.75 -43.86 -0.72
C TRP K 276 28.59 -42.52 -1.41
N ASP K 277 29.21 -42.37 -2.59
CA ASP K 277 29.01 -41.20 -3.43
C ASP K 277 27.90 -41.51 -4.41
N THR K 278 26.77 -40.81 -4.22
CA THR K 278 25.53 -41.07 -4.95
C THR K 278 25.69 -40.73 -6.43
N GLU K 279 26.70 -39.90 -6.75
CA GLU K 279 26.99 -39.47 -8.10
C GLU K 279 27.72 -40.57 -8.87
N GLN K 280 28.28 -41.54 -8.14
CA GLN K 280 29.07 -42.61 -8.75
C GLN K 280 28.33 -43.93 -8.66
N PHE K 281 27.62 -44.14 -7.55
CA PHE K 281 26.83 -45.35 -7.33
C PHE K 281 25.47 -44.98 -6.78
N ASP K 282 24.43 -45.20 -7.59
CA ASP K 282 23.06 -44.91 -7.19
C ASP K 282 22.30 -46.22 -7.03
N PHE K 283 22.10 -46.64 -5.78
CA PHE K 283 21.56 -47.95 -5.49
C PHE K 283 20.03 -47.92 -5.56
N SER K 284 19.47 -46.72 -5.73
CA SER K 284 18.02 -46.58 -5.86
C SER K 284 17.58 -46.96 -7.27
N LYS K 285 18.49 -46.86 -8.24
CA LYS K 285 18.22 -47.26 -9.61
C LYS K 285 18.10 -48.78 -9.69
N LYS K 286 17.21 -49.26 -10.56
CA LYS K 286 17.13 -50.69 -10.87
C LYS K 286 18.34 -51.08 -11.72
N LEU K 287 18.66 -52.38 -11.71
CA LEU K 287 19.90 -52.87 -12.31
C LEU K 287 19.89 -52.64 -13.83
N SER K 288 18.70 -52.51 -14.42
CA SER K 288 18.56 -52.22 -15.84
C SER K 288 19.04 -50.81 -16.16
N ASP K 289 18.99 -49.93 -15.15
CA ASP K 289 19.31 -48.52 -15.34
C ASP K 289 20.61 -48.18 -14.61
N ALA K 290 21.29 -49.21 -14.09
CA ALA K 290 22.52 -49.03 -13.34
C ALA K 290 23.59 -48.40 -14.24
N ASP K 291 24.05 -47.22 -13.84
CA ASP K 291 25.04 -46.47 -14.61
C ASP K 291 26.23 -46.15 -13.70
N TYR K 292 26.70 -47.15 -12.95
CA TYR K 292 27.77 -46.95 -11.98
C TYR K 292 29.08 -46.66 -12.70
N VAL K 293 30.05 -46.11 -11.94
CA VAL K 293 31.38 -45.87 -12.47
C VAL K 293 32.09 -47.21 -12.64
N GLY K 294 31.88 -48.11 -11.68
CA GLY K 294 32.45 -49.45 -11.70
C GLY K 294 31.38 -50.51 -11.45
N PRO K 295 31.66 -51.79 -11.76
CA PRO K 295 30.66 -52.86 -11.62
C PRO K 295 30.52 -53.38 -10.19
N THR K 296 29.34 -53.91 -9.89
CA THR K 296 29.06 -54.68 -8.68
C THR K 296 28.86 -56.13 -9.08
N CYS K 297 28.87 -57.03 -8.10
CA CYS K 297 28.60 -58.44 -8.35
C CYS K 297 27.31 -58.56 -9.15
N GLN K 298 26.31 -57.76 -8.77
CA GLN K 298 24.98 -57.78 -9.34
C GLN K 298 25.03 -57.27 -10.78
N TYR K 299 25.89 -56.27 -11.01
CA TYR K 299 26.03 -55.64 -12.32
C TYR K 299 26.39 -56.68 -13.37
N CYS K 300 27.22 -57.65 -12.98
CA CYS K 300 27.77 -58.64 -13.89
C CYS K 300 26.96 -59.94 -13.88
N HIS K 301 26.59 -60.40 -12.67
CA HIS K 301 26.00 -61.73 -12.53
C HIS K 301 24.48 -61.67 -12.56
N MET K 302 23.91 -60.53 -12.16
CA MET K 302 22.47 -60.36 -12.17
C MET K 302 22.10 -59.25 -13.16
N ARG K 303 22.71 -59.31 -14.34
CA ARG K 303 22.45 -58.39 -15.44
C ARG K 303 20.93 -58.22 -15.64
N GLY K 304 20.48 -56.96 -15.62
CA GLY K 304 19.09 -56.63 -15.86
C GLY K 304 18.19 -57.00 -14.69
N GLY K 305 18.79 -57.48 -13.60
CA GLY K 305 18.06 -57.82 -12.39
C GLY K 305 17.55 -59.27 -12.39
N HIS K 306 18.00 -60.06 -13.37
CA HIS K 306 17.66 -61.47 -13.46
C HIS K 306 18.19 -62.22 -12.24
N HIS K 307 17.34 -63.08 -11.67
CA HIS K 307 17.64 -63.71 -10.39
C HIS K 307 18.43 -65.00 -10.55
N ASN K 308 18.49 -65.54 -11.78
CA ASN K 308 19.42 -66.62 -12.06
C ASN K 308 20.83 -66.05 -12.16
N VAL K 309 21.59 -66.27 -11.09
CA VAL K 309 22.86 -65.62 -10.88
C VAL K 309 23.93 -66.32 -11.72
N GLN K 310 23.56 -67.47 -12.29
CA GLN K 310 24.46 -68.32 -13.05
C GLN K 310 24.19 -68.15 -14.55
N ARG K 311 23.25 -67.25 -14.87
CA ARG K 311 22.74 -67.08 -16.22
C ARG K 311 23.86 -66.87 -17.23
N ALA K 312 24.88 -66.10 -16.85
CA ALA K 312 25.92 -65.68 -17.77
C ALA K 312 27.10 -66.64 -17.76
N SER K 313 27.09 -67.62 -16.83
CA SER K 313 28.18 -68.56 -16.68
C SER K 313 28.39 -69.35 -17.97
N ILE K 314 29.64 -69.68 -18.26
CA ILE K 314 29.98 -70.39 -19.49
C ILE K 314 29.77 -71.90 -19.30
N VAL K 315 30.48 -72.50 -18.33
CA VAL K 315 30.36 -73.91 -18.04
C VAL K 315 30.75 -74.18 -16.59
N TYR K 316 30.02 -75.09 -15.94
CA TYR K 316 30.27 -75.43 -14.55
C TYR K 316 31.54 -76.25 -14.45
N THR K 317 32.49 -75.78 -13.63
CA THR K 317 33.81 -76.36 -13.55
C THR K 317 34.14 -76.74 -12.11
N SER K 318 33.09 -77.07 -11.35
CA SER K 318 33.23 -77.61 -10.02
C SER K 318 34.07 -76.66 -9.15
N MET K 319 33.61 -75.40 -9.08
CA MET K 319 34.20 -74.34 -8.26
C MET K 319 35.50 -73.83 -8.88
N GLY K 320 35.80 -74.29 -10.09
CA GLY K 320 37.03 -73.92 -10.77
C GLY K 320 38.16 -74.91 -10.51
N MET K 321 37.82 -76.03 -9.87
CA MET K 321 38.75 -77.12 -9.62
C MET K 321 38.95 -77.90 -10.93
N SER K 322 37.85 -78.11 -11.67
CA SER K 322 37.93 -78.63 -13.02
C SER K 322 38.34 -77.52 -13.97
N MET K 323 38.94 -77.89 -15.10
CA MET K 323 39.58 -76.92 -15.97
C MET K 323 38.90 -76.92 -17.34
N ALA K 324 38.72 -75.71 -17.89
CA ALA K 324 38.21 -75.52 -19.24
C ALA K 324 38.82 -74.26 -19.85
N ASP K 325 39.14 -74.33 -21.15
CA ASP K 325 39.50 -73.13 -21.89
C ASP K 325 38.20 -72.46 -22.36
N ARG K 326 37.75 -71.48 -21.58
CA ARG K 326 36.49 -70.80 -21.84
C ARG K 326 36.62 -69.88 -23.06
N GLY K 327 37.87 -69.62 -23.48
CA GLY K 327 38.15 -68.77 -24.62
C GLY K 327 38.21 -69.56 -25.92
N ALA K 328 38.00 -70.88 -25.84
CA ALA K 328 38.05 -71.76 -26.98
C ALA K 328 36.85 -71.52 -27.89
N PRO K 329 36.96 -71.77 -29.21
CA PRO K 329 35.88 -71.50 -30.16
C PRO K 329 34.54 -72.13 -29.77
N LEU K 330 34.60 -73.21 -28.98
CA LEU K 330 33.43 -73.92 -28.53
C LEU K 330 32.51 -73.00 -27.74
N TRP K 331 33.12 -72.10 -26.94
CA TRP K 331 32.38 -71.24 -26.03
C TRP K 331 32.35 -69.80 -26.53
N LYS K 332 32.54 -69.61 -27.85
CA LYS K 332 32.73 -68.28 -28.40
C LYS K 332 31.54 -67.39 -28.06
N GLU K 333 30.32 -67.91 -28.23
CA GLU K 333 29.12 -67.11 -28.06
C GLU K 333 28.95 -66.71 -26.60
N LYS K 334 29.37 -67.60 -25.69
CA LYS K 334 29.18 -67.41 -24.26
C LYS K 334 30.20 -66.41 -23.73
N ARG K 335 31.41 -66.45 -24.27
CA ARG K 335 32.48 -65.52 -23.93
C ARG K 335 32.13 -64.14 -24.50
N ASP K 336 31.57 -64.12 -25.72
CA ASP K 336 31.14 -62.90 -26.37
C ASP K 336 30.13 -62.15 -25.50
N ARG K 337 29.25 -62.91 -24.82
CA ARG K 337 28.23 -62.35 -23.98
C ARG K 337 28.87 -61.63 -22.80
N TRP K 338 29.97 -62.19 -22.27
CA TRP K 338 30.69 -61.58 -21.16
C TRP K 338 31.35 -60.28 -21.62
N VAL K 339 31.87 -60.29 -22.85
CA VAL K 339 32.51 -59.12 -23.44
C VAL K 339 31.47 -58.01 -23.59
N SER K 340 30.21 -58.40 -23.83
CA SER K 340 29.09 -57.48 -23.96
C SER K 340 28.83 -56.75 -22.65
N ILE K 341 29.10 -57.42 -21.52
CA ILE K 341 28.91 -56.84 -20.21
C ILE K 341 30.06 -55.88 -19.90
N CYS K 342 31.30 -56.30 -20.20
CA CYS K 342 32.46 -55.46 -19.99
C CYS K 342 32.44 -54.27 -20.95
N ASP K 343 31.86 -54.48 -22.13
CA ASP K 343 31.68 -53.49 -23.19
C ASP K 343 31.18 -52.16 -22.63
N ASP K 344 30.46 -52.23 -21.50
CA ASP K 344 29.80 -51.06 -20.93
C ASP K 344 30.83 -49.98 -20.58
N CYS K 345 32.07 -50.40 -20.28
CA CYS K 345 33.05 -49.46 -19.75
C CYS K 345 34.44 -49.75 -20.32
N HIS K 346 34.51 -50.67 -21.28
CA HIS K 346 35.78 -51.03 -21.91
C HIS K 346 35.56 -51.33 -23.39
N SER K 347 36.64 -51.25 -24.17
CA SER K 347 36.60 -51.71 -25.54
C SER K 347 36.43 -53.23 -25.56
N PRO K 348 35.68 -53.81 -26.52
CA PRO K 348 35.58 -55.26 -26.64
C PRO K 348 36.93 -55.95 -26.59
N ARG K 349 37.93 -55.37 -27.26
CA ARG K 349 39.25 -55.97 -27.39
C ARG K 349 39.90 -56.09 -26.01
N PHE K 350 39.86 -54.99 -25.25
CA PHE K 350 40.50 -54.95 -23.94
C PHE K 350 39.93 -56.05 -23.03
N ALA K 351 38.61 -56.20 -23.04
CA ALA K 351 37.91 -57.16 -22.20
C ALA K 351 38.18 -58.58 -22.69
N ARG K 352 38.05 -58.80 -24.00
CA ARG K 352 38.26 -60.12 -24.58
C ARG K 352 39.64 -60.64 -24.17
N GLU K 353 40.65 -59.78 -24.33
CA GLU K 353 42.04 -60.18 -24.17
C GLU K 353 42.38 -60.38 -22.69
N ASN K 354 41.69 -59.63 -21.82
CA ASN K 354 41.90 -59.76 -20.38
C ASN K 354 41.33 -61.09 -19.89
N LEU K 355 40.19 -61.49 -20.46
CA LEU K 355 39.57 -62.75 -20.09
C LEU K 355 40.34 -63.91 -20.72
N GLN K 356 41.03 -63.64 -21.83
CA GLN K 356 41.89 -64.63 -22.44
C GLN K 356 43.07 -64.93 -21.52
N ALA K 357 43.59 -63.89 -20.85
CA ALA K 357 44.67 -64.03 -19.89
C ALA K 357 44.24 -64.96 -18.76
N MET K 358 42.98 -64.81 -18.31
CA MET K 358 42.41 -65.67 -17.30
C MET K 358 42.48 -67.12 -17.75
N ASP K 359 42.04 -67.38 -18.98
CA ASP K 359 42.00 -68.71 -19.56
C ASP K 359 43.39 -69.34 -19.49
N GLU K 360 44.42 -68.54 -19.79
CA GLU K 360 45.79 -69.01 -19.84
C GLU K 360 46.27 -69.36 -18.44
N SER K 361 45.88 -68.55 -17.45
CA SER K 361 46.25 -68.76 -16.06
C SER K 361 45.63 -70.07 -15.56
N VAL K 362 44.40 -70.34 -16.01
CA VAL K 362 43.64 -71.50 -15.60
C VAL K 362 44.30 -72.76 -16.14
N LYS K 363 44.77 -72.68 -17.40
CA LYS K 363 45.38 -73.82 -18.07
C LYS K 363 46.74 -74.13 -17.47
N ASP K 364 47.50 -73.08 -17.14
CA ASP K 364 48.83 -73.20 -16.58
C ASP K 364 48.76 -73.72 -15.15
N ALA K 365 47.64 -73.42 -14.46
CA ALA K 365 47.42 -73.88 -13.10
C ALA K 365 47.23 -75.39 -13.08
N SER K 366 46.46 -75.91 -14.04
CA SER K 366 46.16 -77.32 -14.12
C SER K 366 47.37 -78.11 -14.57
N LEU K 367 48.25 -77.46 -15.33
CA LEU K 367 49.54 -78.03 -15.71
C LEU K 367 50.31 -78.38 -14.44
N LYS K 368 50.33 -77.44 -13.49
CA LYS K 368 51.02 -77.62 -12.21
C LYS K 368 50.38 -78.76 -11.43
N TYR K 369 49.04 -78.77 -11.39
CA TYR K 369 48.35 -79.75 -10.56
C TYR K 369 48.55 -81.15 -11.12
N ARG K 370 48.59 -81.27 -12.46
CA ARG K 370 48.83 -82.55 -13.11
C ARG K 370 50.16 -83.11 -12.63
N GLU K 371 51.17 -82.24 -12.51
CA GLU K 371 52.48 -82.65 -12.02
C GLU K 371 52.37 -83.05 -10.56
N THR K 372 51.56 -82.29 -9.80
CA THR K 372 51.38 -82.52 -8.37
C THR K 372 50.67 -83.86 -8.16
N PHE K 373 49.65 -84.12 -8.99
CA PHE K 373 48.82 -85.30 -8.86
C PHE K 373 49.63 -86.54 -9.22
N LYS K 374 50.48 -86.42 -10.24
CA LYS K 374 51.30 -87.53 -10.71
C LYS K 374 52.13 -88.08 -9.55
N VAL K 375 52.72 -87.17 -8.77
CA VAL K 375 53.56 -87.51 -7.64
C VAL K 375 52.76 -88.34 -6.64
N ALA K 376 51.51 -87.91 -6.41
CA ALA K 376 50.63 -88.55 -5.44
C ALA K 376 50.15 -89.90 -5.95
N GLU K 377 49.83 -89.96 -7.26
CA GLU K 377 49.30 -91.16 -7.88
C GLU K 377 50.39 -92.25 -7.93
N ASP K 378 51.63 -91.82 -8.16
CA ASP K 378 52.75 -92.74 -8.25
C ASP K 378 52.99 -93.41 -6.89
N LEU K 379 52.77 -92.67 -5.81
CA LEU K 379 52.94 -93.21 -4.46
C LEU K 379 51.95 -94.34 -4.23
N LEU K 380 50.74 -94.19 -4.79
CA LEU K 380 49.66 -95.15 -4.62
C LEU K 380 49.96 -96.39 -5.45
N ILE K 381 50.34 -96.19 -6.71
CA ILE K 381 50.59 -97.28 -7.65
C ILE K 381 51.79 -98.09 -7.17
N ASP K 382 52.82 -97.41 -6.65
CA ASP K 382 54.01 -98.06 -6.14
C ASP K 382 53.75 -98.63 -4.75
N GLY K 383 52.59 -98.31 -4.17
CA GLY K 383 52.16 -98.85 -2.89
C GLY K 383 52.99 -98.36 -1.70
N VAL K 384 53.69 -97.23 -1.89
CA VAL K 384 54.60 -96.72 -0.86
C VAL K 384 53.96 -95.52 -0.15
N LEU K 385 52.73 -95.18 -0.54
CA LEU K 385 51.95 -94.14 0.13
C LEU K 385 51.72 -94.53 1.58
N ASP K 386 51.88 -93.56 2.49
CA ASP K 386 51.99 -93.84 3.91
C ASP K 386 50.89 -93.13 4.70
N PRO K 387 49.75 -93.81 4.90
CA PRO K 387 49.53 -95.18 4.49
C PRO K 387 48.63 -95.28 3.26
N MET K 388 48.41 -96.52 2.81
CA MET K 388 47.52 -96.80 1.70
C MET K 388 46.08 -96.69 2.18
N PRO K 389 45.11 -96.38 1.27
CA PRO K 389 43.72 -96.17 1.66
C PRO K 389 43.11 -97.26 2.56
N LYS K 390 43.58 -98.50 2.39
CA LYS K 390 43.03 -99.64 3.10
C LYS K 390 43.36 -99.54 4.59
N ASP K 391 44.38 -98.75 4.94
CA ASP K 391 44.88 -98.63 6.30
C ASP K 391 44.38 -97.34 6.95
N LEU K 392 43.64 -96.53 6.18
CA LEU K 392 42.96 -95.36 6.72
C LEU K 392 41.60 -95.79 7.27
N CYS K 393 41.00 -94.91 8.08
CA CYS K 393 39.62 -95.05 8.49
C CYS K 393 38.74 -95.15 7.25
N PRO K 394 37.67 -95.98 7.25
CA PRO K 394 36.74 -96.03 6.12
C PRO K 394 36.06 -94.68 5.87
N ASP K 395 35.88 -94.36 4.59
CA ASP K 395 35.29 -93.10 4.18
C ASP K 395 33.82 -93.06 4.58
N TRP K 396 33.15 -91.93 4.28
CA TRP K 396 31.76 -91.71 4.67
C TRP K 396 30.87 -92.86 4.21
N SER K 397 31.27 -93.49 3.10
CA SER K 397 30.52 -94.54 2.43
C SER K 397 30.67 -95.87 3.16
N GLY K 398 31.75 -95.99 3.94
CA GLY K 398 32.11 -97.22 4.62
C GLY K 398 33.09 -98.05 3.80
N GLN K 399 33.79 -97.37 2.87
CA GLN K 399 34.69 -98.01 1.93
C GLN K 399 36.11 -97.47 2.15
N HIS K 400 37.08 -98.11 1.48
CA HIS K 400 38.47 -97.70 1.55
C HIS K 400 38.96 -97.29 0.17
N ILE K 401 38.14 -96.47 -0.53
CA ILE K 401 38.49 -95.93 -1.83
C ILE K 401 39.46 -94.77 -1.64
N TRP K 402 40.40 -94.63 -2.59
CA TRP K 402 41.40 -93.56 -2.57
C TRP K 402 40.70 -92.21 -2.65
N SER K 403 41.13 -91.29 -1.79
CA SER K 403 40.56 -89.95 -1.68
C SER K 403 40.50 -89.25 -3.03
N LEU K 404 41.60 -89.35 -3.79
CA LEU K 404 41.79 -88.52 -4.98
C LEU K 404 41.26 -89.22 -6.24
N LYS K 405 40.64 -90.40 -6.06
CA LYS K 405 40.18 -91.17 -7.20
C LYS K 405 38.98 -90.49 -7.85
N ILE K 406 39.14 -90.17 -9.14
CA ILE K 406 38.05 -89.66 -9.97
C ILE K 406 37.60 -90.80 -10.88
N GLY K 407 36.35 -91.22 -10.67
CA GLY K 407 35.78 -92.41 -11.31
C GLY K 407 35.82 -92.36 -12.82
N ALA K 408 35.81 -91.14 -13.39
CA ALA K 408 35.76 -90.98 -14.83
C ALA K 408 37.14 -91.17 -15.46
N TYR K 409 38.20 -91.10 -14.65
CA TYR K 409 39.56 -91.14 -15.16
C TYR K 409 40.34 -92.33 -14.59
N HIS K 410 39.97 -92.78 -13.39
CA HIS K 410 40.75 -93.78 -12.68
C HIS K 410 39.96 -95.08 -12.54
N ASP K 411 40.65 -96.20 -12.79
CA ASP K 411 40.08 -97.53 -12.59
C ASP K 411 41.22 -98.50 -12.31
N GLY K 412 41.03 -99.35 -11.28
CA GLY K 412 42.06 -100.30 -10.90
C GLY K 412 41.93 -100.78 -9.46
N GLU K 413 42.72 -101.79 -9.11
CA GLU K 413 42.68 -102.43 -7.81
C GLU K 413 43.19 -101.45 -6.75
N ALA K 414 44.20 -100.65 -7.14
CA ALA K 414 44.90 -99.77 -6.23
C ALA K 414 44.01 -98.62 -5.77
N TYR K 415 43.06 -98.23 -6.64
CA TYR K 415 42.20 -97.09 -6.40
C TYR K 415 41.03 -97.47 -5.50
N GLY K 416 40.52 -98.71 -5.67
CA GLY K 416 39.39 -99.20 -4.90
C GLY K 416 38.07 -98.79 -5.53
N GLY K 417 36.96 -99.31 -4.99
CA GLY K 417 35.62 -99.01 -5.45
C GLY K 417 35.29 -99.67 -6.79
N THR K 418 34.01 -99.59 -7.18
CA THR K 418 33.54 -100.14 -8.44
C THR K 418 33.98 -99.23 -9.59
N THR K 419 33.81 -99.73 -10.82
CA THR K 419 34.19 -99.01 -12.02
C THR K 419 33.33 -97.76 -12.15
N GLY K 420 33.99 -96.61 -12.29
CA GLY K 420 33.31 -95.34 -12.51
C GLY K 420 33.00 -94.60 -11.22
N GLU K 421 33.19 -95.29 -10.08
CA GLU K 421 32.92 -94.74 -8.77
C GLU K 421 34.13 -93.93 -8.30
N SER K 422 33.87 -92.72 -7.79
CA SER K 422 34.92 -91.83 -7.30
C SER K 422 35.18 -92.11 -5.82
N GLY K 423 36.29 -91.57 -5.30
CA GLY K 423 36.58 -91.56 -3.88
C GLY K 423 35.95 -90.35 -3.19
N GLU K 424 36.03 -90.32 -1.85
CA GLU K 424 35.56 -89.18 -1.10
C GLU K 424 36.65 -88.12 -1.07
N PHE K 425 36.53 -87.14 -1.98
CA PHE K 425 37.46 -86.03 -2.10
C PHE K 425 37.42 -85.23 -0.80
N ARG K 426 38.58 -85.14 -0.12
CA ARG K 426 38.60 -84.56 1.21
C ARG K 426 39.99 -84.06 1.57
N MET K 427 40.05 -83.26 2.64
CA MET K 427 41.27 -82.74 3.23
C MET K 427 41.48 -83.39 4.60
N SER K 428 40.52 -84.26 4.97
CA SER K 428 40.49 -84.93 6.27
C SER K 428 40.70 -86.43 6.06
N ASN K 429 41.15 -87.10 7.13
CA ASN K 429 41.29 -88.55 7.18
C ASN K 429 42.01 -89.04 5.93
N CYS K 430 43.26 -88.61 5.78
CA CYS K 430 44.07 -88.96 4.62
C CYS K 430 45.55 -88.70 4.93
N THR K 431 46.41 -88.90 3.93
CA THR K 431 47.82 -88.60 4.03
C THR K 431 48.03 -87.11 3.79
N ASP K 432 49.23 -86.62 4.14
CA ASP K 432 49.60 -85.24 3.86
C ASP K 432 49.59 -84.99 2.37
N VAL K 433 50.03 -86.00 1.59
CA VAL K 433 50.14 -85.89 0.15
C VAL K 433 48.75 -85.70 -0.46
N GLU K 434 47.78 -86.49 0.03
CA GLU K 434 46.40 -86.38 -0.39
C GLU K 434 45.86 -85.00 -0.02
N ARG K 435 46.16 -84.56 1.20
CA ARG K 435 45.66 -83.33 1.77
C ARG K 435 46.17 -82.14 0.94
N LEU K 436 47.48 -82.14 0.66
CA LEU K 436 48.14 -81.03 -0.02
C LEU K 436 47.62 -80.93 -1.47
N CYS K 437 47.31 -82.09 -2.06
CA CYS K 437 46.73 -82.14 -3.39
C CYS K 437 45.36 -81.49 -3.38
N PHE K 438 44.56 -81.83 -2.36
CA PHE K 438 43.24 -81.24 -2.19
C PHE K 438 43.36 -79.72 -2.07
N GLU K 439 44.29 -79.27 -1.22
CA GLU K 439 44.50 -77.86 -0.96
C GLU K 439 44.92 -77.15 -2.24
N SER K 440 45.75 -77.81 -3.05
CA SER K 440 46.34 -77.19 -4.22
C SER K 440 45.27 -76.86 -5.27
N VAL K 441 44.35 -77.81 -5.49
CA VAL K 441 43.35 -77.67 -6.53
C VAL K 441 42.08 -77.05 -5.94
N GLY K 442 41.82 -77.35 -4.65
CA GLY K 442 40.57 -77.01 -4.01
C GLY K 442 40.59 -75.62 -3.38
N TYR K 443 41.79 -75.11 -3.08
CA TYR K 443 41.95 -73.77 -2.53
C TYR K 443 42.72 -72.91 -3.53
N PHE K 444 44.00 -73.21 -3.72
CA PHE K 444 44.92 -72.31 -4.40
C PHE K 444 44.52 -72.11 -5.86
N GLN K 445 44.09 -73.18 -6.53
CA GLN K 445 43.74 -73.10 -7.94
C GLN K 445 42.53 -72.20 -8.12
N THR K 446 41.59 -72.24 -7.16
CA THR K 446 40.38 -71.46 -7.25
C THR K 446 40.71 -69.97 -7.12
N TYR K 447 41.78 -69.66 -6.38
CA TYR K 447 42.20 -68.27 -6.21
C TYR K 447 42.69 -67.72 -7.54
N ILE K 448 43.18 -68.61 -8.40
CA ILE K 448 43.70 -68.22 -9.72
C ILE K 448 42.52 -67.92 -10.64
N TYR K 449 41.55 -68.84 -10.71
CA TYR K 449 40.38 -68.64 -11.55
C TYR K 449 39.59 -67.40 -11.11
N LYS K 450 39.18 -67.38 -9.84
CA LYS K 450 38.37 -66.29 -9.29
C LYS K 450 39.18 -65.00 -9.28
N GLY K 451 40.47 -65.11 -8.98
CA GLY K 451 41.36 -63.95 -8.94
C GLY K 451 41.41 -63.25 -10.29
N MET K 452 41.67 -64.04 -11.35
CA MET K 452 41.85 -63.51 -12.69
C MET K 452 40.52 -63.02 -13.25
N ALA K 453 39.42 -63.66 -12.83
CA ALA K 453 38.09 -63.34 -13.31
C ALA K 453 37.63 -61.99 -12.76
N HIS K 454 38.11 -61.63 -11.56
CA HIS K 454 37.61 -60.46 -10.86
C HIS K 454 38.66 -59.36 -10.80
N GLY K 455 39.85 -59.63 -11.35
CA GLY K 455 40.87 -58.62 -11.56
C GLY K 455 41.85 -58.52 -10.39
N SER K 456 41.90 -59.55 -9.54
CA SER K 456 42.85 -59.59 -8.44
C SER K 456 44.11 -60.33 -8.87
N TRP K 457 45.12 -59.54 -9.25
CA TRP K 457 46.35 -60.06 -9.82
C TRP K 457 47.16 -60.81 -8.76
N ASN K 458 47.05 -60.37 -7.49
CA ASN K 458 47.85 -60.95 -6.42
C ASN K 458 47.24 -62.27 -5.99
N ASP K 459 45.90 -62.38 -6.07
CA ASP K 459 45.20 -63.60 -5.72
C ASP K 459 45.57 -64.72 -6.68
N ALA K 460 46.00 -64.33 -7.89
CA ALA K 460 46.29 -65.30 -8.93
C ALA K 460 47.77 -65.67 -8.91
N THR K 461 48.56 -64.92 -8.12
CA THR K 461 50.00 -65.10 -8.08
C THR K 461 50.47 -65.29 -6.64
N TYR K 462 50.89 -64.19 -6.00
CA TYR K 462 51.59 -64.24 -4.72
C TYR K 462 50.70 -64.74 -3.58
N SER K 463 49.47 -64.23 -3.53
CA SER K 463 48.57 -64.49 -2.42
C SER K 463 47.90 -65.85 -2.56
N ASP K 464 48.73 -66.90 -2.45
CA ASP K 464 48.29 -68.29 -2.39
C ASP K 464 47.68 -68.71 -3.72
N GLY K 465 48.05 -67.99 -4.79
CA GLY K 465 47.58 -68.32 -6.13
C GLY K 465 48.51 -69.32 -6.82
N SER K 466 49.09 -68.88 -7.95
CA SER K 466 50.05 -69.66 -8.71
C SER K 466 51.20 -70.11 -7.82
N PHE K 467 51.67 -69.20 -6.95
CA PHE K 467 52.83 -69.45 -6.14
C PHE K 467 52.44 -70.28 -4.92
N GLY K 468 51.14 -70.29 -4.60
CA GLY K 468 50.59 -71.19 -3.60
C GLY K 468 50.74 -72.65 -4.05
N MET K 469 50.34 -72.91 -5.30
CA MET K 469 50.43 -74.22 -5.91
C MET K 469 51.88 -74.65 -6.03
N ASP K 470 52.76 -73.69 -6.30
CA ASP K 470 54.19 -73.92 -6.40
C ASP K 470 54.71 -74.46 -5.08
N ARG K 471 54.29 -73.82 -3.99
CA ARG K 471 54.76 -74.12 -2.65
C ARG K 471 54.29 -75.51 -2.26
N TRP K 472 53.05 -75.84 -2.64
CA TRP K 472 52.44 -77.11 -2.29
C TRP K 472 53.03 -78.25 -3.12
N LEU K 473 53.44 -77.94 -4.35
CA LEU K 473 54.09 -78.92 -5.21
C LEU K 473 55.41 -79.36 -4.57
N VAL K 474 56.17 -78.39 -4.05
CA VAL K 474 57.40 -78.64 -3.32
C VAL K 474 57.10 -79.51 -2.11
N ASN K 475 56.03 -79.18 -1.40
CA ASN K 475 55.64 -79.86 -0.16
C ASN K 475 55.28 -81.31 -0.47
N VAL K 476 54.58 -81.53 -1.59
CA VAL K 476 54.15 -82.86 -1.99
C VAL K 476 55.37 -83.69 -2.35
N LYS K 477 56.28 -83.10 -3.15
CA LYS K 477 57.47 -83.78 -3.61
C LYS K 477 58.31 -84.24 -2.43
N GLN K 478 58.46 -83.34 -1.44
CA GLN K 478 59.26 -83.61 -0.26
C GLN K 478 58.65 -84.78 0.52
N ASN K 479 57.32 -84.76 0.69
CA ASN K 479 56.62 -85.80 1.40
C ASN K 479 56.72 -87.14 0.65
N ALA K 480 56.75 -87.06 -0.68
CA ALA K 480 56.87 -88.26 -1.51
C ALA K 480 58.27 -88.84 -1.33
N SER K 481 59.27 -87.96 -1.38
CA SER K 481 60.67 -88.32 -1.24
C SER K 481 60.90 -89.05 0.09
N ARG K 482 60.38 -88.48 1.18
CA ARG K 482 60.58 -89.00 2.53
C ARG K 482 59.95 -90.38 2.65
N ALA K 483 58.73 -90.52 2.12
CA ALA K 483 57.97 -91.77 2.21
C ALA K 483 58.68 -92.88 1.44
N ARG K 484 59.29 -92.51 0.30
CA ARG K 484 59.97 -93.45 -0.58
C ARG K 484 61.29 -93.88 0.05
N ARG K 485 61.94 -92.94 0.74
CA ARG K 485 63.23 -93.19 1.36
C ARG K 485 63.07 -94.14 2.55
N LEU K 486 61.94 -94.00 3.26
CA LEU K 486 61.65 -94.85 4.40
C LEU K 486 61.31 -96.26 3.94
N ALA K 487 60.51 -96.35 2.86
CA ALA K 487 60.08 -97.63 2.32
C ALA K 487 61.29 -98.42 1.83
N ALA K 488 62.27 -97.71 1.25
CA ALA K 488 63.46 -98.33 0.72
C ALA K 488 64.33 -98.89 1.85
N LEU K 489 64.45 -98.10 2.93
CA LEU K 489 65.24 -98.47 4.09
C LEU K 489 64.62 -99.69 4.77
N GLU K 490 63.28 -99.71 4.84
CA GLU K 490 62.56 -100.75 5.55
C GLU K 490 62.64 -102.07 4.79
N LYS K 491 62.67 -101.99 3.46
CA LYS K 491 62.81 -103.17 2.63
C LYS K 491 64.17 -103.82 2.90
N LYS K 492 65.23 -102.99 2.86
CA LYS K 492 66.59 -103.48 2.93
C LYS K 492 66.90 -104.04 4.32
N VAL K 493 66.31 -103.44 5.35
CA VAL K 493 66.55 -103.84 6.73
C VAL K 493 65.59 -104.96 7.11
N GLY K 494 64.54 -105.15 6.30
CA GLY K 494 63.62 -106.26 6.49
C GLY K 494 62.51 -105.93 7.50
N ILE K 495 62.15 -104.65 7.61
CA ILE K 495 60.98 -104.23 8.36
C ILE K 495 59.81 -104.12 7.39
N SER K 496 58.71 -104.76 7.75
CA SER K 496 57.44 -104.52 7.09
C SER K 496 56.64 -103.55 7.97
N TRP K 497 56.52 -102.31 7.51
CA TRP K 497 55.92 -101.23 8.29
C TRP K 497 54.43 -101.49 8.51
N GLN K 498 54.05 -101.54 9.80
CA GLN K 498 52.67 -101.64 10.22
C GLN K 498 52.11 -100.24 10.40
N PRO K 499 51.18 -99.77 9.52
CA PRO K 499 50.58 -98.45 9.66
C PRO K 499 49.98 -98.29 11.05
N GLU K 500 50.20 -97.10 11.65
CA GLU K 500 49.86 -96.83 13.04
C GLU K 500 48.36 -96.86 13.24
N GLN K 501 47.95 -96.97 14.50
CA GLN K 501 46.56 -97.20 14.88
C GLN K 501 45.74 -95.94 14.61
N PHE K 502 46.39 -94.77 14.65
CA PHE K 502 45.70 -93.50 14.57
C PHE K 502 45.21 -93.19 13.16
N TRP K 503 45.68 -93.96 12.18
CA TRP K 503 45.17 -93.82 10.83
C TRP K 503 43.78 -94.45 10.73
N LYS K 504 43.56 -95.48 11.55
CA LYS K 504 42.34 -96.29 11.50
C LYS K 504 41.29 -95.71 12.44
N THR K 505 41.69 -95.48 13.71
CA THR K 505 40.75 -95.11 14.75
C THR K 505 41.28 -93.91 15.54
N GLY K 506 40.37 -93.28 16.28
CA GLY K 506 40.64 -92.08 17.05
C GLY K 506 39.32 -91.49 17.54
N GLU K 507 39.41 -90.56 18.51
CA GLU K 507 38.22 -90.09 19.21
C GLU K 507 37.22 -89.50 18.22
N TRP K 508 37.71 -88.74 17.24
CA TRP K 508 36.86 -88.11 16.24
C TRP K 508 36.48 -89.11 15.16
N LEU K 509 37.47 -89.85 14.65
CA LEU K 509 37.28 -90.82 13.58
C LEU K 509 36.16 -91.81 13.92
N ASP K 510 36.11 -92.22 15.20
CA ASP K 510 35.19 -93.26 15.65
C ASP K 510 33.74 -92.77 15.57
N GLN K 511 33.57 -91.45 15.48
CA GLN K 511 32.24 -90.85 15.49
C GLN K 511 31.68 -90.71 14.07
N LEU K 512 32.48 -91.09 13.07
CA LEU K 512 32.12 -90.90 11.67
C LEU K 512 31.21 -92.03 11.18
N THR K 513 30.69 -91.86 9.97
CA THR K 513 29.75 -92.79 9.35
C THR K 513 30.48 -94.06 8.90
N GLY K 514 31.71 -93.88 8.39
CA GLY K 514 32.53 -94.99 7.93
C GLY K 514 32.57 -96.16 8.90
N PRO K 515 33.16 -95.97 10.11
CA PRO K 515 33.24 -97.03 11.12
C PRO K 515 31.88 -97.63 11.51
N TYR K 516 30.84 -96.80 11.53
CA TYR K 516 29.51 -97.25 11.92
C TYR K 516 28.98 -98.23 10.88
N ILE K 517 29.17 -97.94 9.60
CA ILE K 517 28.65 -98.77 8.52
C ILE K 517 29.38 -100.10 8.51
N VAL K 518 30.71 -100.06 8.65
CA VAL K 518 31.55 -101.24 8.64
C VAL K 518 31.13 -102.17 9.78
N LYS K 519 30.83 -101.60 10.95
CA LYS K 519 30.53 -102.39 12.13
C LYS K 519 29.10 -102.93 12.06
N ASN K 520 28.14 -102.08 11.67
CA ASN K 520 26.73 -102.37 11.90
C ASN K 520 26.06 -102.91 10.64
N HIS K 521 26.60 -102.60 9.47
CA HIS K 521 26.05 -103.10 8.21
C HIS K 521 27.20 -103.65 7.36
N PRO K 522 27.81 -104.78 7.77
CA PRO K 522 29.15 -105.17 7.32
C PRO K 522 29.37 -105.22 5.81
N GLY K 523 28.41 -105.80 5.08
CA GLY K 523 28.60 -106.08 3.67
C GLY K 523 28.34 -104.88 2.77
N LYS K 524 27.72 -103.83 3.33
CA LYS K 524 27.04 -102.84 2.51
C LYS K 524 27.71 -101.47 2.63
N THR K 525 27.34 -100.56 1.71
CA THR K 525 27.79 -99.18 1.71
C THR K 525 26.60 -98.25 2.00
N ILE K 526 26.88 -96.95 2.12
CA ILE K 526 25.85 -95.97 2.45
C ILE K 526 24.85 -95.88 1.30
N PHE K 527 25.31 -96.21 0.08
CA PHE K 527 24.48 -96.13 -1.11
C PHE K 527 23.47 -97.27 -1.11
N ASP K 528 23.87 -98.41 -0.53
CA ASP K 528 23.00 -99.55 -0.33
C ASP K 528 21.94 -99.19 0.70
N LEU K 529 22.36 -98.52 1.77
CA LEU K 529 21.51 -98.24 2.91
C LEU K 529 20.59 -97.05 2.62
N CYS K 530 20.93 -96.27 1.59
CA CYS K 530 20.11 -95.15 1.16
C CYS K 530 19.79 -95.31 -0.31
N PRO K 531 18.83 -96.20 -0.67
CA PRO K 531 18.60 -96.58 -2.06
C PRO K 531 17.76 -95.58 -2.86
N ASP K 532 17.15 -94.61 -2.17
CA ASP K 532 16.27 -93.64 -2.79
C ASP K 532 16.99 -92.90 -3.91
N PRO K 533 16.26 -92.40 -4.95
CA PRO K 533 16.89 -91.59 -6.00
C PRO K 533 17.41 -90.27 -5.45
N GLY K 534 18.60 -89.88 -5.93
CA GLY K 534 19.23 -88.63 -5.53
C GLY K 534 18.82 -87.46 -6.43
N TRP K 535 19.46 -86.31 -6.22
CA TRP K 535 19.15 -85.08 -6.94
C TRP K 535 19.48 -85.24 -8.42
N LEU K 536 20.62 -85.90 -8.71
CA LEU K 536 21.12 -86.05 -10.05
C LEU K 536 20.22 -86.96 -10.87
N ASP K 537 19.43 -87.79 -10.17
CA ASP K 537 18.55 -88.75 -10.82
C ASP K 537 17.32 -88.05 -11.41
N THR K 538 16.94 -86.92 -10.79
CA THR K 538 15.69 -86.26 -11.12
C THR K 538 15.93 -84.91 -11.79
N HIS K 539 17.20 -84.45 -11.80
CA HIS K 539 17.55 -83.14 -12.35
C HIS K 539 18.63 -83.31 -13.41
N HIS K 540 18.33 -82.80 -14.61
CA HIS K 540 19.21 -82.94 -15.77
C HIS K 540 19.52 -81.56 -16.35
N ALA K 541 20.53 -81.51 -17.22
CA ALA K 541 20.91 -80.28 -17.92
C ALA K 541 19.77 -79.86 -18.85
N PRO K 542 19.51 -78.54 -19.02
CA PRO K 542 18.45 -78.07 -19.92
C PRO K 542 18.70 -78.46 -21.37
N ALA K 543 17.61 -78.62 -22.12
CA ALA K 543 17.64 -79.08 -23.50
C ALA K 543 18.47 -78.14 -24.37
N GLU K 544 18.38 -76.84 -24.10
CA GLU K 544 19.03 -75.81 -24.89
C GLU K 544 20.54 -75.88 -24.73
N GLU K 545 21.00 -76.32 -23.55
CA GLU K 545 22.42 -76.43 -23.26
C GLU K 545 23.05 -77.55 -24.07
N VAL K 546 22.38 -78.71 -24.08
CA VAL K 546 22.84 -79.88 -24.82
C VAL K 546 22.82 -79.55 -26.31
N GLU K 547 21.76 -78.83 -26.72
CA GLU K 547 21.51 -78.46 -28.11
C GLU K 547 22.63 -77.56 -28.63
N TYR K 548 23.08 -76.63 -27.78
CA TYR K 548 24.12 -75.67 -28.12
C TYR K 548 25.45 -76.40 -28.32
N ILE K 549 25.79 -77.28 -27.36
CA ILE K 549 27.08 -77.96 -27.35
C ILE K 549 27.18 -78.87 -28.57
N GLU K 550 26.11 -79.63 -28.85
CA GLU K 550 26.08 -80.56 -29.96
C GLU K 550 26.26 -79.82 -31.28
N ARG K 551 25.62 -78.64 -31.38
CA ARG K 551 25.66 -77.82 -32.58
C ARG K 551 27.08 -77.31 -32.82
N LYS K 552 27.74 -76.90 -31.74
CA LYS K 552 29.06 -76.27 -31.81
C LYS K 552 30.15 -77.31 -32.08
N LEU K 553 29.97 -78.51 -31.53
CA LEU K 553 30.94 -79.59 -31.72
C LEU K 553 30.90 -80.08 -33.17
N LYS K 554 29.70 -80.08 -33.76
CA LYS K 554 29.51 -80.46 -35.15
C LYS K 554 30.11 -79.38 -36.04
N GLU K 555 29.89 -78.11 -35.64
CA GLU K 555 30.30 -76.94 -36.40
C GLU K 555 31.83 -76.89 -36.48
N LEU K 556 32.51 -77.37 -35.44
CA LEU K 556 33.95 -77.26 -35.33
C LEU K 556 34.61 -78.60 -35.64
N GLY K 557 33.83 -79.68 -35.57
CA GLY K 557 34.32 -81.02 -35.83
C GLY K 557 35.24 -81.52 -34.71
N ILE K 558 34.69 -81.55 -33.48
CA ILE K 558 35.38 -82.11 -32.32
C ILE K 558 34.57 -83.31 -31.83
N THR K 559 35.28 -84.37 -31.42
CA THR K 559 34.68 -85.60 -30.94
C THR K 559 33.99 -85.35 -29.60
N ALA K 560 32.81 -85.95 -29.41
CA ALA K 560 32.06 -85.87 -28.17
C ALA K 560 32.72 -86.78 -27.13
N GLY K 561 32.48 -86.48 -25.85
CA GLY K 561 33.10 -87.18 -24.74
C GLY K 561 32.32 -88.42 -24.31
N SER K 562 32.80 -89.07 -23.23
CA SER K 562 32.23 -90.31 -22.73
C SER K 562 31.59 -90.09 -21.36
N HIS K 563 30.97 -91.16 -20.83
CA HIS K 563 30.31 -91.14 -19.53
C HIS K 563 31.35 -91.07 -18.40
N VAL L 33 32.65 -81.68 -0.53
CA VAL L 33 33.03 -81.10 -1.85
C VAL L 33 33.67 -82.20 -2.69
N GLU L 34 33.11 -82.42 -3.89
CA GLU L 34 33.56 -83.48 -4.79
C GLU L 34 34.07 -82.85 -6.09
N ILE L 35 34.81 -83.64 -6.88
CA ILE L 35 35.03 -83.31 -8.28
C ILE L 35 33.84 -83.84 -9.07
N ILE L 36 32.86 -82.95 -9.33
CA ILE L 36 31.58 -83.33 -9.88
C ILE L 36 31.75 -83.71 -11.35
N THR L 37 31.31 -84.93 -11.69
CA THR L 37 31.50 -85.51 -13.02
C THR L 37 30.14 -85.77 -13.67
N HIS L 38 29.10 -85.08 -13.20
CA HIS L 38 27.74 -85.35 -13.66
C HIS L 38 27.05 -84.06 -14.08
N TRP L 39 25.80 -84.21 -14.53
CA TRP L 39 24.86 -83.14 -14.86
C TRP L 39 25.26 -82.42 -16.15
N VAL L 40 26.47 -81.86 -16.17
CA VAL L 40 27.02 -81.20 -17.34
C VAL L 40 27.08 -82.22 -18.48
N PRO L 41 26.57 -81.88 -19.70
CA PRO L 41 26.54 -82.84 -20.82
C PRO L 41 27.90 -83.49 -21.10
N HIS L 42 27.86 -84.80 -21.38
CA HIS L 42 29.07 -85.61 -21.54
C HIS L 42 29.87 -85.18 -22.75
N GLU L 43 29.16 -84.68 -23.78
CA GLU L 43 29.76 -84.31 -25.05
C GLU L 43 30.92 -83.34 -24.83
N VAL L 44 30.93 -82.69 -23.66
CA VAL L 44 31.87 -81.62 -23.38
C VAL L 44 32.90 -82.07 -22.34
N TYR L 45 32.84 -83.35 -21.96
CA TYR L 45 33.85 -83.91 -21.06
C TYR L 45 35.12 -84.24 -21.84
N GLY L 46 36.25 -83.72 -21.38
CA GLY L 46 37.54 -84.02 -21.96
C GLY L 46 38.05 -85.37 -21.51
N MET L 47 38.56 -86.16 -22.47
CA MET L 47 39.07 -87.48 -22.19
C MET L 47 40.60 -87.46 -22.31
N PRO L 48 41.32 -88.42 -21.68
CA PRO L 48 42.79 -88.38 -21.62
C PRO L 48 43.44 -88.19 -22.98
N GLY L 49 44.38 -87.24 -23.06
CA GLY L 49 45.18 -87.02 -24.24
C GLY L 49 44.66 -85.87 -25.11
N GLU L 50 43.41 -85.46 -24.88
CA GLU L 50 42.78 -84.41 -25.65
C GLU L 50 43.40 -83.05 -25.32
N PRO L 51 43.38 -82.06 -26.25
CA PRO L 51 43.97 -80.75 -26.00
C PRO L 51 43.23 -79.98 -24.91
N ASP L 52 43.98 -79.23 -24.10
CA ASP L 52 43.41 -78.47 -23.01
C ASP L 52 42.68 -77.23 -23.54
N ASN L 53 43.02 -76.84 -24.77
CA ASN L 53 42.50 -75.62 -25.36
C ASN L 53 41.30 -75.93 -26.25
N SER L 54 40.75 -77.15 -26.13
CA SER L 54 39.59 -77.56 -26.90
C SER L 54 38.33 -76.90 -26.36
N GLY L 55 38.35 -76.61 -25.06
CA GLY L 55 37.21 -76.01 -24.37
C GLY L 55 36.39 -77.04 -23.61
N LYS L 56 36.91 -78.27 -23.56
CA LYS L 56 36.23 -79.36 -22.86
C LYS L 56 36.61 -79.32 -21.39
N VAL L 57 35.74 -79.88 -20.54
CA VAL L 57 35.92 -79.89 -19.10
C VAL L 57 36.81 -81.07 -18.74
N PHE L 58 37.96 -80.78 -18.13
CA PHE L 58 38.84 -81.82 -17.59
C PHE L 58 38.70 -81.83 -16.07
N PHE L 59 38.20 -82.95 -15.55
CA PHE L 59 37.89 -83.08 -14.13
C PHE L 59 39.15 -82.92 -13.31
N SER L 60 39.11 -81.95 -12.39
CA SER L 60 40.24 -81.59 -11.54
C SER L 60 41.43 -81.12 -12.38
N GLY L 61 41.20 -80.90 -13.68
CA GLY L 61 42.22 -80.43 -14.59
C GLY L 61 43.20 -81.53 -15.01
N LEU L 62 42.78 -82.78 -14.85
CA LEU L 62 43.66 -83.92 -15.08
C LEU L 62 43.53 -84.41 -16.53
N LYS L 63 44.59 -85.07 -17.00
CA LYS L 63 44.56 -85.95 -18.17
C LYS L 63 44.55 -85.16 -19.48
N ALA L 64 44.63 -83.83 -19.39
CA ALA L 64 44.62 -82.99 -20.58
C ALA L 64 46.03 -82.89 -21.16
N LYS L 65 46.10 -82.69 -22.47
CA LYS L 65 47.36 -82.45 -23.16
C LYS L 65 47.57 -80.94 -23.22
N TYR L 66 48.68 -80.48 -22.62
CA TYR L 66 48.99 -79.07 -22.53
C TYR L 66 49.44 -78.56 -23.89
N MET L 67 48.73 -77.54 -24.40
CA MET L 67 48.96 -77.00 -25.73
C MET L 67 49.77 -75.71 -25.66
N GLY L 68 49.74 -75.06 -24.48
CA GLY L 68 50.50 -73.84 -24.27
C GLY L 68 49.80 -72.61 -24.86
N TYR L 69 50.41 -71.44 -24.64
CA TYR L 69 49.81 -70.16 -25.00
C TYR L 69 49.73 -70.00 -26.52
N PRO L 70 48.75 -69.22 -27.03
CA PRO L 70 48.60 -69.03 -28.48
C PRO L 70 49.73 -68.14 -29.01
N LYS L 71 50.65 -68.76 -29.75
CA LYS L 71 51.82 -68.07 -30.25
C LYS L 71 51.54 -67.51 -31.65
N ASP L 72 50.35 -67.82 -32.17
CA ASP L 72 49.92 -67.31 -33.46
C ASP L 72 49.13 -66.03 -33.27
N ALA L 73 48.74 -65.75 -32.02
CA ALA L 73 47.89 -64.63 -31.69
C ALA L 73 48.67 -63.33 -31.85
N GLN L 74 48.08 -62.38 -32.59
CA GLN L 74 48.69 -61.08 -32.85
C GLN L 74 48.89 -60.35 -31.53
N ARG L 75 50.16 -59.99 -31.27
CA ARG L 75 50.56 -59.38 -30.01
C ARG L 75 51.90 -58.68 -30.18
N SER L 76 52.45 -58.17 -29.08
CA SER L 76 53.76 -57.55 -29.07
C SER L 76 54.74 -58.40 -28.27
N PRO L 77 56.03 -58.45 -28.67
CA PRO L 77 57.09 -58.92 -27.78
C PRO L 77 57.24 -57.93 -26.62
N TYR L 78 57.74 -58.44 -25.49
CA TYR L 78 58.03 -57.62 -24.33
C TYR L 78 59.30 -56.83 -24.62
N PRO L 79 59.48 -55.61 -24.05
CA PRO L 79 60.74 -54.88 -24.20
C PRO L 79 61.81 -55.44 -23.26
N GLY L 80 63.05 -54.96 -23.45
CA GLY L 80 64.10 -55.15 -22.46
C GLY L 80 65.06 -56.29 -22.80
N LYS L 81 65.95 -56.55 -21.85
CA LYS L 81 67.11 -57.44 -21.97
C LYS L 81 66.67 -58.84 -22.38
N TYR L 82 65.56 -59.33 -21.81
CA TYR L 82 65.18 -60.73 -21.94
C TYR L 82 64.02 -60.89 -22.92
N SER L 83 63.97 -59.98 -23.90
CA SER L 83 62.88 -59.93 -24.87
C SER L 83 62.66 -61.29 -25.52
N LYS L 84 63.76 -62.00 -25.81
CA LYS L 84 63.75 -63.21 -26.61
C LYS L 84 63.04 -64.35 -25.87
N PHE L 85 63.11 -64.33 -24.54
CA PHE L 85 62.57 -65.41 -23.72
C PHE L 85 61.25 -65.01 -23.07
N TRP L 86 60.84 -63.76 -23.28
CA TRP L 86 59.62 -63.22 -22.71
C TRP L 86 58.42 -63.65 -23.55
N LYS L 87 57.69 -64.67 -23.06
CA LYS L 87 56.46 -65.11 -23.70
C LYS L 87 55.33 -64.15 -23.32
N THR L 88 54.57 -63.68 -24.33
CA THR L 88 53.59 -62.63 -24.12
C THR L 88 52.20 -63.09 -24.57
N LEU L 89 51.18 -62.41 -24.02
CA LEU L 89 49.78 -62.58 -24.38
C LEU L 89 49.31 -61.31 -25.08
N PRO L 90 48.26 -61.38 -25.93
CA PRO L 90 47.70 -60.19 -26.58
C PRO L 90 47.40 -59.06 -25.60
N ALA L 91 46.90 -59.41 -24.42
CA ALA L 91 46.40 -58.45 -23.44
C ALA L 91 47.53 -57.50 -22.99
N TYR L 92 48.78 -57.93 -23.13
CA TYR L 92 49.91 -57.21 -22.59
C TYR L 92 50.13 -55.88 -23.33
N ARG L 93 49.52 -55.77 -24.52
CA ARG L 93 49.72 -54.63 -25.40
C ARG L 93 49.44 -53.31 -24.67
N TYR L 94 48.50 -53.35 -23.71
CA TYR L 94 48.02 -52.13 -23.08
C TYR L 94 48.98 -51.67 -21.99
N TYR L 95 49.85 -52.58 -21.52
CA TYR L 95 50.48 -52.40 -20.22
C TYR L 95 51.83 -51.68 -20.30
N ILE L 96 52.55 -51.87 -21.42
CA ILE L 96 53.69 -51.02 -21.76
C ILE L 96 53.42 -50.46 -23.16
N PRO L 97 52.48 -49.49 -23.30
CA PRO L 97 51.84 -49.19 -24.58
C PRO L 97 52.74 -48.56 -25.65
N ASP L 98 53.74 -47.79 -25.24
CA ASP L 98 54.63 -47.12 -26.17
C ASP L 98 55.29 -48.15 -27.10
N TYR L 99 55.77 -49.25 -26.50
CA TYR L 99 56.48 -50.27 -27.26
C TYR L 99 55.48 -51.32 -27.76
N MET L 100 54.45 -51.61 -26.96
CA MET L 100 53.66 -52.82 -27.16
C MET L 100 52.33 -52.52 -27.85
N TYR L 101 52.04 -51.23 -28.09
CA TYR L 101 50.80 -50.86 -28.76
C TYR L 101 51.05 -49.85 -29.88
N ASN L 102 51.91 -48.85 -29.59
CA ASN L 102 51.94 -47.63 -30.37
C ASN L 102 52.80 -47.76 -31.63
N ARG L 103 53.64 -48.79 -31.71
CA ARG L 103 54.43 -49.04 -32.90
C ARG L 103 53.52 -49.61 -33.99
N ASP L 104 53.75 -49.17 -35.24
CA ASP L 104 52.94 -49.56 -36.39
C ASP L 104 52.98 -51.08 -36.57
N GLU L 105 54.11 -51.69 -36.22
CA GLU L 105 54.36 -53.11 -36.46
C GLU L 105 53.49 -53.96 -35.54
N VAL L 106 52.94 -53.35 -34.48
CA VAL L 106 52.35 -54.09 -33.38
C VAL L 106 50.89 -53.71 -33.19
N ARG L 107 50.55 -52.44 -33.44
CA ARG L 107 49.21 -51.91 -33.23
C ARG L 107 48.17 -52.92 -33.70
N PRO L 108 47.17 -53.27 -32.86
CA PRO L 108 46.15 -54.25 -33.23
C PRO L 108 45.15 -53.70 -34.23
N SER L 109 44.48 -54.61 -34.97
CA SER L 109 43.48 -54.21 -35.94
C SER L 109 42.27 -53.64 -35.23
N ASN L 110 41.47 -52.85 -35.95
CA ASN L 110 40.28 -52.25 -35.41
C ASN L 110 39.19 -52.24 -36.49
N PRO L 111 37.98 -52.74 -36.19
CA PRO L 111 36.90 -52.83 -37.19
C PRO L 111 36.30 -51.51 -37.64
N ILE L 112 36.60 -50.42 -36.93
CA ILE L 112 36.06 -49.10 -37.25
C ILE L 112 37.11 -48.28 -37.97
N LYS L 113 36.73 -47.75 -39.15
CA LYS L 113 37.64 -47.02 -40.02
C LYS L 113 37.24 -45.55 -40.09
N GLY L 114 38.23 -44.69 -40.32
CA GLY L 114 38.00 -43.27 -40.52
C GLY L 114 38.76 -42.43 -39.50
N THR L 115 38.98 -41.15 -39.84
CA THR L 115 39.52 -40.19 -38.89
C THR L 115 38.37 -39.27 -38.46
N PHE L 116 38.30 -38.96 -37.16
CA PHE L 116 37.11 -38.36 -36.61
C PHE L 116 37.45 -37.11 -35.79
N LYS L 117 36.45 -36.23 -35.66
CA LYS L 117 36.49 -35.10 -34.74
C LYS L 117 36.11 -35.60 -33.35
N LEU L 118 36.37 -34.77 -32.33
CA LEU L 118 36.11 -35.14 -30.95
C LEU L 118 34.62 -35.45 -30.74
N GLU L 119 33.74 -34.62 -31.34
CA GLU L 119 32.30 -34.77 -31.23
C GLU L 119 31.90 -36.20 -31.60
N GLN L 120 32.59 -36.75 -32.60
CA GLN L 120 32.25 -38.04 -33.16
C GLN L 120 32.69 -39.17 -32.22
N CYS L 121 33.88 -39.00 -31.61
CA CYS L 121 34.36 -39.95 -30.60
C CYS L 121 33.30 -40.11 -29.52
N VAL L 122 32.86 -38.96 -28.97
CA VAL L 122 31.95 -38.91 -27.85
C VAL L 122 30.61 -39.53 -28.22
N ALA L 123 30.06 -39.11 -29.37
CA ALA L 123 28.72 -39.50 -29.77
C ALA L 123 28.64 -41.02 -29.95
N CYS L 124 29.65 -41.59 -30.61
CA CYS L 124 29.65 -43.00 -30.95
C CYS L 124 29.91 -43.84 -29.70
N HIS L 125 30.90 -43.43 -28.90
CA HIS L 125 31.31 -44.20 -27.74
C HIS L 125 30.32 -44.05 -26.60
N SER L 126 29.49 -43.01 -26.64
CA SER L 126 28.52 -42.77 -25.59
C SER L 126 27.53 -43.94 -25.53
N VAL L 127 27.46 -44.70 -26.61
CA VAL L 127 26.56 -45.84 -26.69
C VAL L 127 27.40 -47.13 -26.76
N MET L 128 28.53 -47.07 -27.47
CA MET L 128 29.35 -48.26 -27.70
C MET L 128 30.08 -48.65 -26.43
N THR L 129 30.67 -47.67 -25.73
CA THR L 129 31.32 -47.89 -24.45
C THR L 129 30.83 -46.81 -23.46
N PRO L 130 29.56 -46.90 -23.02
CA PRO L 130 28.91 -45.78 -22.30
C PRO L 130 29.69 -45.25 -21.11
N GLY L 131 30.25 -46.16 -20.30
CA GLY L 131 30.92 -45.82 -19.06
C GLY L 131 32.12 -44.90 -19.27
N ILE L 132 32.84 -45.10 -20.38
CA ILE L 132 34.02 -44.30 -20.70
C ILE L 132 33.62 -42.85 -20.94
N VAL L 133 32.52 -42.64 -21.68
CA VAL L 133 32.05 -41.31 -21.99
C VAL L 133 31.47 -40.65 -20.73
N ARG L 134 30.74 -41.42 -19.92
CA ARG L 134 30.22 -40.94 -18.65
C ARG L 134 31.35 -40.40 -17.79
N ASP L 135 32.47 -41.14 -17.75
CA ASP L 135 33.64 -40.77 -16.97
C ASP L 135 34.29 -39.53 -17.57
N TYR L 136 34.44 -39.53 -18.89
CA TYR L 136 35.11 -38.44 -19.59
C TYR L 136 34.39 -37.14 -19.34
N ASN L 137 33.05 -37.17 -19.40
CA ASN L 137 32.23 -35.97 -19.28
C ASN L 137 32.35 -35.38 -17.89
N LYS L 138 32.63 -36.24 -16.90
CA LYS L 138 32.79 -35.81 -15.52
C LYS L 138 34.16 -35.19 -15.33
N SER L 139 35.13 -35.61 -16.16
CA SER L 139 36.52 -35.21 -16.02
C SER L 139 36.71 -33.73 -16.34
N ALA L 140 37.78 -33.16 -15.77
CA ALA L 140 38.15 -31.77 -16.01
C ALA L 140 38.64 -31.61 -17.44
N HIS L 141 39.17 -32.70 -18.01
CA HIS L 141 39.70 -32.73 -19.37
C HIS L 141 38.66 -32.27 -20.38
N SER L 142 37.40 -32.66 -20.15
CA SER L 142 36.32 -32.38 -21.09
C SER L 142 35.91 -30.91 -21.03
N LYS L 143 36.12 -30.28 -19.86
CA LYS L 143 35.64 -28.93 -19.59
C LYS L 143 36.73 -27.91 -19.89
N ALA L 144 37.95 -28.38 -20.20
CA ALA L 144 39.11 -27.53 -20.35
C ALA L 144 38.94 -26.55 -21.51
N GLU L 145 39.45 -25.33 -21.32
CA GLU L 145 39.41 -24.29 -22.34
C GLU L 145 40.82 -23.73 -22.53
N PRO L 146 41.12 -23.19 -23.72
CA PRO L 146 40.16 -22.98 -24.81
C PRO L 146 39.76 -24.24 -25.56
N ALA L 147 40.60 -25.28 -25.49
CA ALA L 147 40.33 -26.54 -26.15
C ALA L 147 40.36 -27.66 -25.11
N PRO L 148 39.39 -28.61 -25.14
CA PRO L 148 39.37 -29.73 -24.20
C PRO L 148 40.42 -30.77 -24.53
N THR L 149 40.91 -31.46 -23.50
CA THR L 149 41.76 -32.63 -23.66
C THR L 149 40.84 -33.81 -23.95
N GLY L 150 40.57 -34.05 -25.23
CA GLY L 150 39.56 -35.00 -25.64
C GLY L 150 40.14 -36.37 -25.97
N CYS L 151 39.24 -37.30 -26.33
CA CYS L 151 39.62 -38.67 -26.67
C CYS L 151 40.73 -38.65 -27.70
N ASP L 152 40.63 -37.73 -28.66
CA ASP L 152 41.55 -37.63 -29.78
C ASP L 152 42.92 -37.13 -29.32
N THR L 153 42.91 -36.28 -28.27
CA THR L 153 44.14 -35.74 -27.72
C THR L 153 45.00 -36.85 -27.12
N CYS L 154 44.35 -37.87 -26.56
CA CYS L 154 45.04 -38.94 -25.85
C CYS L 154 45.17 -40.20 -26.72
N HIS L 155 44.31 -40.33 -27.75
CA HIS L 155 44.23 -41.59 -28.47
C HIS L 155 44.53 -41.42 -29.96
N GLY L 156 44.36 -40.21 -30.48
CA GLY L 156 44.56 -39.95 -31.90
C GLY L 156 43.24 -39.80 -32.64
N ASN L 157 43.31 -39.30 -33.89
CA ASN L 157 42.13 -39.00 -34.69
C ASN L 157 41.80 -40.16 -35.62
N ASN L 158 42.85 -40.83 -36.11
CA ASN L 158 42.70 -41.93 -37.06
C ASN L 158 42.38 -43.22 -36.30
N HIS L 159 41.18 -43.77 -36.55
CA HIS L 159 40.72 -44.94 -35.82
C HIS L 159 41.51 -46.19 -36.22
N GLN L 160 42.23 -46.11 -37.34
CA GLN L 160 43.07 -47.21 -37.80
C GLN L 160 44.48 -47.04 -37.24
N LYS L 161 44.75 -45.87 -36.66
CA LYS L 161 46.06 -45.57 -36.10
C LYS L 161 45.91 -45.03 -34.67
N LEU L 162 45.05 -45.70 -33.90
CA LEU L 162 44.81 -45.32 -32.50
C LEU L 162 46.04 -45.66 -31.68
N THR L 163 46.25 -44.91 -30.59
CA THR L 163 47.34 -45.15 -29.67
C THR L 163 46.83 -45.14 -28.24
N MET L 164 47.55 -45.84 -27.36
CA MET L 164 47.27 -45.85 -25.93
C MET L 164 48.27 -44.94 -25.22
N PRO L 165 47.81 -43.91 -24.49
CA PRO L 165 48.72 -42.91 -23.90
C PRO L 165 49.42 -43.42 -22.64
N SER L 166 50.75 -43.44 -22.70
CA SER L 166 51.57 -43.84 -21.57
C SER L 166 51.79 -42.66 -20.64
N SER L 167 52.62 -42.85 -19.61
CA SER L 167 52.97 -41.78 -18.70
C SER L 167 53.71 -40.67 -19.44
N LYS L 168 54.40 -41.04 -20.53
CA LYS L 168 55.15 -40.09 -21.34
C LYS L 168 54.19 -39.12 -22.01
N ALA L 169 53.01 -39.63 -22.40
CA ALA L 169 52.02 -38.83 -23.09
C ALA L 169 51.42 -37.80 -22.14
N CYS L 170 51.15 -38.22 -20.89
CA CYS L 170 50.59 -37.34 -19.88
C CYS L 170 51.65 -36.33 -19.43
N GLY L 171 52.92 -36.75 -19.46
CA GLY L 171 54.00 -36.01 -18.83
C GLY L 171 54.71 -35.06 -19.78
N THR L 172 54.04 -34.72 -20.89
CA THR L 172 54.57 -33.77 -21.85
C THR L 172 54.64 -32.39 -21.20
N ALA L 173 55.58 -31.55 -21.66
CA ALA L 173 55.88 -30.27 -21.06
C ALA L 173 54.64 -29.38 -21.05
N GLU L 174 53.80 -29.56 -22.07
CA GLU L 174 52.61 -28.76 -22.27
C GLU L 174 51.51 -29.18 -21.30
N CYS L 175 51.65 -30.37 -20.70
CA CYS L 175 50.60 -30.96 -19.90
C CYS L 175 51.05 -31.17 -18.46
N HIS L 176 51.41 -32.42 -18.09
CA HIS L 176 51.68 -32.75 -16.70
C HIS L 176 53.13 -33.21 -16.53
N GLU L 177 54.07 -32.38 -16.98
CA GLU L 177 55.49 -32.70 -16.87
C GLU L 177 55.89 -32.75 -15.41
N THR L 178 55.23 -31.95 -14.57
CA THR L 178 55.59 -31.84 -13.17
C THR L 178 55.46 -33.19 -12.47
N GLN L 179 54.30 -33.82 -12.64
CA GLN L 179 53.97 -35.08 -11.98
C GLN L 179 54.83 -36.21 -12.54
N TYR L 180 55.09 -36.18 -13.85
CA TYR L 180 55.92 -37.19 -14.49
C TYR L 180 57.33 -37.16 -13.91
N ASN L 181 57.89 -35.95 -13.81
CA ASN L 181 59.25 -35.75 -13.34
C ASN L 181 59.36 -36.12 -11.86
N GLU L 182 58.34 -35.76 -11.09
CA GLU L 182 58.27 -36.08 -9.67
C GLU L 182 58.35 -37.60 -9.49
N GLN L 183 57.46 -38.32 -10.17
CA GLN L 183 57.41 -39.77 -10.09
C GLN L 183 58.76 -40.35 -10.52
N GLY L 184 59.35 -39.76 -11.56
CA GLY L 184 60.58 -40.26 -12.16
C GLY L 184 61.80 -40.09 -11.26
N GLN L 185 61.66 -39.31 -10.18
CA GLN L 185 62.74 -39.08 -9.23
C GLN L 185 63.00 -40.34 -8.40
N GLY L 186 62.05 -41.28 -8.45
CA GLY L 186 62.13 -42.51 -7.67
C GLY L 186 63.30 -43.38 -8.10
N GLY L 187 63.89 -44.09 -7.14
CA GLY L 187 65.01 -44.97 -7.38
C GLY L 187 64.54 -46.39 -7.72
N ILE L 188 65.35 -47.38 -7.33
CA ILE L 188 64.99 -48.77 -7.48
C ILE L 188 63.85 -49.07 -6.49
N GLY L 189 62.87 -49.84 -6.94
CA GLY L 189 61.77 -50.26 -6.09
C GLY L 189 60.73 -49.15 -5.90
N SER L 190 60.71 -48.19 -6.82
CA SER L 190 59.77 -47.08 -6.78
C SER L 190 58.80 -47.21 -7.95
N HIS L 191 57.91 -46.21 -8.10
CA HIS L 191 56.95 -46.17 -9.19
C HIS L 191 57.64 -45.81 -10.50
N ALA L 192 58.92 -45.46 -10.43
CA ALA L 192 59.68 -45.02 -11.59
C ALA L 192 60.33 -46.21 -12.29
N SER L 193 60.44 -47.34 -11.59
CA SER L 193 61.25 -48.45 -12.06
C SER L 193 60.53 -49.79 -11.93
N CYS L 194 59.27 -49.75 -11.48
CA CYS L 194 58.54 -50.97 -11.15
C CYS L 194 58.22 -51.78 -12.40
N SER L 195 58.20 -51.12 -13.56
CA SER L 195 57.99 -51.81 -14.82
C SER L 195 59.33 -52.16 -15.44
N SER L 196 60.15 -51.13 -15.67
CA SER L 196 61.37 -51.21 -16.45
C SER L 196 62.37 -52.18 -15.83
N PHE L 197 62.45 -52.22 -14.50
CA PHE L 197 63.38 -53.12 -13.83
C PHE L 197 62.65 -54.35 -13.31
N ALA L 198 61.75 -54.15 -12.34
CA ALA L 198 61.18 -55.22 -11.54
C ALA L 198 60.44 -56.24 -12.43
N GLN L 199 59.71 -55.74 -13.44
CA GLN L 199 58.79 -56.56 -14.20
C GLN L 199 59.44 -57.03 -15.50
N VAL L 200 60.12 -56.12 -16.19
CA VAL L 200 60.73 -56.41 -17.48
C VAL L 200 61.86 -57.42 -17.31
N GLU L 201 62.52 -57.40 -16.14
CA GLU L 201 63.60 -58.33 -15.85
C GLU L 201 63.19 -59.26 -14.71
N CYS L 202 61.91 -59.61 -14.65
CA CYS L 202 61.38 -60.48 -13.62
C CYS L 202 61.70 -61.92 -13.95
N ALA L 203 62.56 -62.53 -13.12
CA ALA L 203 63.05 -63.88 -13.34
C ALA L 203 61.90 -64.87 -13.56
N TRP L 204 60.94 -64.89 -12.62
CA TRP L 204 59.90 -65.91 -12.60
C TRP L 204 58.99 -65.76 -13.83
N SER L 205 58.69 -64.52 -14.19
CA SER L 205 57.81 -64.23 -15.31
C SER L 205 58.40 -64.76 -16.61
N ILE L 206 59.72 -64.55 -16.78
CA ILE L 206 60.45 -64.99 -17.95
C ILE L 206 60.50 -66.52 -17.96
N GLU L 207 60.75 -67.11 -16.79
CA GLU L 207 60.98 -68.54 -16.62
C GLU L 207 59.77 -69.36 -17.03
N ARG L 208 58.58 -68.86 -16.67
CA ARG L 208 57.35 -69.66 -16.68
C ARG L 208 56.57 -69.40 -17.98
N PRO L 209 55.57 -70.24 -18.30
CA PRO L 209 54.58 -69.90 -19.33
C PRO L 209 53.88 -68.59 -18.95
N PRO L 210 53.37 -67.81 -19.93
CA PRO L 210 52.64 -66.58 -19.62
C PRO L 210 51.26 -67.00 -19.13
N GLY L 211 50.74 -66.30 -18.13
CA GLY L 211 49.48 -66.71 -17.55
C GLY L 211 49.71 -67.26 -16.14
N ASP L 212 50.77 -68.04 -16.01
CA ASP L 212 51.29 -68.42 -14.71
C ASP L 212 51.54 -67.15 -13.90
N THR L 213 52.08 -66.11 -14.56
CA THR L 213 52.47 -64.86 -13.92
C THR L 213 51.87 -63.67 -14.68
N ALA L 214 50.68 -63.87 -15.27
CA ALA L 214 50.02 -62.83 -16.02
C ALA L 214 49.69 -61.64 -15.13
N GLY L 215 49.27 -61.92 -13.89
CA GLY L 215 48.90 -60.90 -12.94
C GLY L 215 50.04 -59.94 -12.64
N CYS L 216 51.28 -60.42 -12.80
CA CYS L 216 52.46 -59.63 -12.52
C CYS L 216 52.62 -58.50 -13.54
N THR L 217 52.27 -58.80 -14.80
CA THR L 217 52.33 -57.81 -15.86
C THR L 217 51.28 -56.72 -15.58
N PHE L 218 50.09 -57.17 -15.16
CA PHE L 218 48.95 -56.28 -14.98
C PHE L 218 49.17 -55.36 -13.79
N CYS L 219 49.97 -55.81 -12.81
CA CYS L 219 50.13 -55.08 -11.57
C CYS L 219 51.34 -54.16 -11.64
N HIS L 220 52.46 -54.68 -12.16
CA HIS L 220 53.76 -54.03 -12.01
C HIS L 220 53.92 -52.86 -12.98
N THR L 221 53.38 -53.02 -14.19
CA THR L 221 53.62 -52.06 -15.25
C THR L 221 52.90 -50.73 -14.98
N SER L 222 51.72 -50.83 -14.36
CA SER L 222 50.78 -49.72 -14.23
C SER L 222 51.43 -48.44 -13.67
N PRO L 223 52.04 -48.42 -12.46
CA PRO L 223 52.48 -47.16 -11.85
C PRO L 223 53.43 -46.37 -12.74
N GLU L 224 54.33 -47.10 -13.43
CA GLU L 224 55.36 -46.48 -14.22
C GLU L 224 54.83 -46.07 -15.60
N GLU L 225 53.94 -46.90 -16.17
CA GLU L 225 53.60 -46.78 -17.58
C GLU L 225 52.26 -46.06 -17.77
N ARG L 226 51.33 -46.23 -16.83
CA ARG L 226 49.97 -45.72 -17.00
C ARG L 226 49.58 -44.83 -15.83
N CYS L 227 49.20 -43.58 -16.16
CA CYS L 227 48.88 -42.59 -15.14
C CYS L 227 47.40 -42.66 -14.78
N SER L 228 46.70 -43.68 -15.28
CA SER L 228 45.34 -43.96 -14.84
C SER L 228 45.37 -44.66 -13.49
N THR L 229 46.59 -44.83 -12.97
CA THR L 229 46.82 -45.39 -11.64
C THR L 229 46.47 -44.33 -10.59
N CYS L 230 45.78 -44.77 -9.54
CA CYS L 230 45.39 -43.94 -8.40
C CYS L 230 44.17 -43.08 -8.73
N HIS L 231 44.29 -42.26 -9.78
CA HIS L 231 43.15 -41.55 -10.34
C HIS L 231 42.72 -42.27 -11.62
N GLN L 232 41.61 -43.00 -11.52
CA GLN L 232 41.15 -43.91 -12.55
C GLN L 232 40.77 -43.12 -13.81
N ARG L 233 40.97 -43.76 -14.96
CA ARG L 233 40.38 -43.30 -16.20
C ARG L 233 38.88 -43.61 -16.14
N HIS L 234 38.06 -42.82 -16.84
CA HIS L 234 38.47 -41.66 -17.62
C HIS L 234 38.09 -40.39 -16.87
N GLN L 235 37.87 -40.52 -15.57
CA GLN L 235 37.39 -39.44 -14.72
C GLN L 235 38.57 -38.62 -14.23
N PHE L 236 39.70 -39.28 -13.95
CA PHE L 236 40.94 -38.69 -13.48
C PHE L 236 40.65 -37.69 -12.35
N ASP L 237 40.03 -38.19 -11.29
CA ASP L 237 39.63 -37.37 -10.16
C ASP L 237 40.72 -37.43 -9.09
N PRO L 238 41.39 -36.29 -8.77
CA PRO L 238 42.40 -36.27 -7.71
C PRO L 238 41.80 -36.58 -6.35
N ALA L 239 40.49 -36.32 -6.21
CA ALA L 239 39.79 -36.53 -4.96
C ALA L 239 39.69 -38.02 -4.63
N VAL L 240 39.48 -38.85 -5.66
CA VAL L 240 39.43 -40.28 -5.45
C VAL L 240 40.84 -40.84 -5.28
N ALA L 241 41.83 -40.14 -5.85
CA ALA L 241 43.23 -40.57 -5.80
C ALA L 241 43.81 -40.37 -4.41
N ARG L 242 43.16 -39.51 -3.62
CA ARG L 242 43.66 -39.13 -2.30
C ARG L 242 43.21 -40.15 -1.25
N ARG L 243 42.38 -41.11 -1.66
CA ARG L 243 41.84 -42.11 -0.75
C ARG L 243 42.85 -43.25 -0.58
N SER L 244 42.97 -43.73 0.67
CA SER L 244 43.95 -44.74 1.05
C SER L 244 43.77 -46.01 0.21
N GLU L 245 42.51 -46.38 -0.04
CA GLU L 245 42.17 -47.65 -0.66
C GLU L 245 42.81 -47.78 -2.05
N GLN L 246 43.18 -46.63 -2.66
CA GLN L 246 43.72 -46.62 -4.00
C GLN L 246 44.96 -47.52 -4.09
N CYS L 247 45.72 -47.55 -2.98
CA CYS L 247 47.01 -48.22 -2.95
C CYS L 247 46.84 -49.71 -2.70
N LYS L 248 45.67 -50.09 -2.18
CA LYS L 248 45.44 -51.44 -1.69
C LYS L 248 45.51 -52.45 -2.83
N THR L 249 45.15 -52.02 -4.04
CA THR L 249 45.00 -52.92 -5.17
C THR L 249 46.33 -53.59 -5.53
N CYS L 250 47.45 -52.95 -5.17
CA CYS L 250 48.77 -53.50 -5.44
C CYS L 250 49.54 -53.72 -4.15
N HIS L 251 49.32 -52.86 -3.14
CA HIS L 251 50.06 -52.90 -1.90
C HIS L 251 49.33 -53.74 -0.85
N TRP L 252 49.09 -55.02 -1.18
CA TRP L 252 48.49 -55.97 -0.27
C TRP L 252 49.14 -57.34 -0.49
N GLY L 253 48.79 -58.29 0.38
CA GLY L 253 49.04 -59.69 0.08
C GLY L 253 50.35 -60.21 0.65
N LYS L 254 50.82 -61.31 0.06
CA LYS L 254 51.71 -62.27 0.69
C LYS L 254 53.05 -61.63 1.04
N ASP L 255 53.53 -60.68 0.21
CA ASP L 255 54.90 -60.23 0.34
C ASP L 255 54.98 -58.73 0.62
N HIS L 256 53.82 -58.11 0.89
CA HIS L 256 53.75 -56.71 1.32
C HIS L 256 52.34 -56.40 1.80
N ARG L 257 52.09 -56.62 3.10
CA ARG L 257 50.80 -56.35 3.71
C ARG L 257 50.70 -54.87 4.08
N ASP L 258 50.94 -54.00 3.10
CA ASP L 258 50.94 -52.56 3.32
C ASP L 258 49.55 -52.09 3.71
N TRP L 259 48.56 -52.47 2.89
CA TRP L 259 47.17 -52.10 3.13
C TRP L 259 46.67 -52.75 4.43
N GLU L 260 46.89 -54.06 4.57
CA GLU L 260 46.39 -54.82 5.71
C GLU L 260 46.91 -54.20 7.01
N ALA L 261 48.19 -53.83 7.01
CA ALA L 261 48.84 -53.29 8.20
C ALA L 261 48.23 -51.94 8.57
N TYR L 262 48.08 -51.07 7.55
CA TYR L 262 47.50 -49.75 7.74
C TYR L 262 46.05 -49.88 8.19
N ASP L 263 45.29 -50.72 7.47
CA ASP L 263 43.85 -50.84 7.60
C ASP L 263 43.48 -51.25 9.03
N ILE L 264 44.23 -52.20 9.60
CA ILE L 264 43.85 -52.80 10.87
C ILE L 264 44.44 -52.02 12.04
N GLY L 265 45.51 -51.25 11.76
CA GLY L 265 46.12 -50.38 12.74
C GLY L 265 45.16 -49.27 13.15
N LEU L 266 45.55 -48.48 14.15
CA LEU L 266 44.64 -47.46 14.67
C LEU L 266 44.45 -46.33 13.66
N HIS L 267 45.48 -46.10 12.81
CA HIS L 267 45.35 -45.14 11.72
C HIS L 267 44.27 -45.60 10.75
N GLY L 268 44.29 -46.90 10.43
CA GLY L 268 43.29 -47.51 9.55
C GLY L 268 41.92 -47.58 10.20
N THR L 269 41.90 -47.75 11.52
CA THR L 269 40.65 -47.78 12.28
C THR L 269 40.03 -46.39 12.23
N VAL L 270 40.85 -45.37 12.56
CA VAL L 270 40.42 -43.98 12.51
C VAL L 270 39.89 -43.69 11.10
N TYR L 271 40.61 -44.18 10.09
CA TYR L 271 40.27 -43.91 8.70
C TYR L 271 38.89 -44.46 8.37
N GLN L 272 38.67 -45.74 8.67
CA GLN L 272 37.46 -46.44 8.26
C GLN L 272 36.25 -45.85 8.97
N VAL L 273 36.47 -45.31 10.17
CA VAL L 273 35.41 -44.81 11.02
C VAL L 273 34.98 -43.42 10.57
N ASN L 274 35.89 -42.68 9.91
CA ASN L 274 35.73 -41.25 9.72
C ASN L 274 35.75 -40.86 8.25
N LYS L 275 36.07 -41.79 7.34
CA LYS L 275 36.47 -41.43 5.99
C LYS L 275 35.33 -40.79 5.20
N TRP L 276 34.08 -41.09 5.59
CA TRP L 276 32.93 -40.53 4.90
C TRP L 276 32.36 -39.34 5.67
N ASP L 277 33.02 -38.99 6.79
CA ASP L 277 32.68 -37.78 7.53
C ASP L 277 33.58 -36.65 7.02
N THR L 278 32.95 -35.69 6.35
CA THR L 278 33.63 -34.61 5.66
C THR L 278 34.33 -33.69 6.66
N GLU L 279 33.90 -33.74 7.92
CA GLU L 279 34.45 -32.92 8.99
C GLU L 279 35.78 -33.50 9.49
N GLN L 280 36.03 -34.78 9.16
CA GLN L 280 37.21 -35.49 9.62
C GLN L 280 38.17 -35.74 8.46
N PHE L 281 37.60 -36.04 7.28
CA PHE L 281 38.39 -36.28 6.09
C PHE L 281 37.78 -35.51 4.92
N ASP L 282 38.50 -34.49 4.43
CA ASP L 282 38.04 -33.70 3.30
C ASP L 282 38.96 -33.98 2.11
N PHE L 283 38.45 -34.79 1.18
CA PHE L 283 39.26 -35.27 0.06
C PHE L 283 39.30 -34.24 -1.06
N SER L 284 38.53 -33.15 -0.91
CA SER L 284 38.51 -32.10 -1.90
C SER L 284 39.74 -31.20 -1.71
N LYS L 285 40.28 -31.18 -0.49
CA LYS L 285 41.48 -30.43 -0.17
C LYS L 285 42.68 -31.09 -0.86
N LYS L 286 43.64 -30.25 -1.30
CA LYS L 286 44.92 -30.73 -1.81
C LYS L 286 45.74 -31.22 -0.63
N LEU L 287 46.72 -32.09 -0.92
CA LEU L 287 47.45 -32.79 0.13
C LEU L 287 48.26 -31.80 0.98
N SER L 288 48.58 -30.63 0.40
CA SER L 288 49.30 -29.59 1.11
C SER L 288 48.43 -28.99 2.21
N ASP L 289 47.11 -29.10 2.05
CA ASP L 289 46.17 -28.47 2.96
C ASP L 289 45.42 -29.54 3.75
N ALA L 290 45.83 -30.80 3.59
CA ALA L 290 45.20 -31.93 4.24
C ALA L 290 45.29 -31.79 5.77
N ASP L 291 44.13 -31.72 6.42
CA ASP L 291 44.05 -31.52 7.86
C ASP L 291 43.18 -32.63 8.45
N TYR L 292 43.41 -33.87 8.00
CA TYR L 292 42.63 -35.02 8.44
C TYR L 292 42.87 -35.31 9.92
N VAL L 293 41.95 -36.07 10.52
CA VAL L 293 42.08 -36.48 11.91
C VAL L 293 43.20 -37.52 11.99
N GLY L 294 43.25 -38.39 10.98
CA GLY L 294 44.26 -39.44 10.88
C GLY L 294 44.92 -39.44 9.51
N PRO L 295 46.09 -40.11 9.34
CA PRO L 295 46.80 -40.09 8.07
C PRO L 295 46.28 -41.09 7.05
N THR L 296 46.51 -40.77 5.77
CA THR L 296 46.30 -41.68 4.65
C THR L 296 47.65 -42.07 4.10
N CYS L 297 47.69 -43.10 3.24
CA CYS L 297 48.94 -43.50 2.59
C CYS L 297 49.59 -42.27 1.96
N GLN L 298 48.75 -41.46 1.30
CA GLN L 298 49.16 -40.27 0.57
C GLN L 298 49.70 -39.23 1.55
N TYR L 299 49.07 -39.12 2.71
CA TYR L 299 49.45 -38.13 3.71
C TYR L 299 50.93 -38.30 4.07
N CYS L 300 51.39 -39.55 4.14
CA CYS L 300 52.72 -39.89 4.60
C CYS L 300 53.70 -40.04 3.44
N HIS L 301 53.28 -40.74 2.38
CA HIS L 301 54.20 -41.11 1.32
C HIS L 301 54.20 -40.10 0.18
N MET L 302 53.09 -39.36 0.03
CA MET L 302 52.98 -38.36 -1.01
C MET L 302 52.80 -36.98 -0.37
N ARG L 303 53.60 -36.71 0.66
CA ARG L 303 53.63 -35.45 1.38
C ARG L 303 53.67 -34.30 0.38
N GLY L 304 52.73 -33.37 0.53
CA GLY L 304 52.66 -32.16 -0.28
C GLY L 304 52.17 -32.44 -1.71
N GLY L 305 51.82 -33.70 -1.98
CA GLY L 305 51.31 -34.10 -3.28
C GLY L 305 52.40 -34.54 -4.24
N HIS L 306 53.63 -34.67 -3.72
CA HIS L 306 54.76 -35.11 -4.52
C HIS L 306 54.53 -36.54 -5.02
N HIS L 307 54.82 -36.76 -6.30
CA HIS L 307 54.44 -38.00 -6.98
C HIS L 307 55.51 -39.07 -6.83
N ASN L 308 56.72 -38.68 -6.38
CA ASN L 308 57.70 -39.67 -5.99
C ASN L 308 57.30 -40.21 -4.62
N VAL L 309 56.78 -41.43 -4.65
CA VAL L 309 56.12 -42.04 -3.51
C VAL L 309 57.18 -42.57 -2.54
N GLN L 310 58.43 -42.62 -3.02
CA GLN L 310 59.55 -43.19 -2.30
C GLN L 310 60.39 -42.06 -1.69
N ARG L 311 59.93 -40.83 -1.90
CA ARG L 311 60.71 -39.63 -1.57
C ARG L 311 61.21 -39.66 -0.13
N ALA L 312 60.36 -40.15 0.80
CA ALA L 312 60.64 -40.06 2.22
C ALA L 312 61.32 -41.34 2.74
N SER L 313 61.43 -42.35 1.87
CA SER L 313 62.05 -43.63 2.22
C SER L 313 63.48 -43.41 2.70
N ILE L 314 63.90 -44.24 3.67
CA ILE L 314 65.22 -44.11 4.26
C ILE L 314 66.25 -44.83 3.38
N VAL L 315 66.06 -46.16 3.18
CA VAL L 315 66.95 -46.97 2.37
C VAL L 315 66.18 -48.19 1.87
N TYR L 316 66.45 -48.56 0.61
CA TYR L 316 65.79 -49.69 -0.02
C TYR L 316 66.33 -50.99 0.56
N THR L 317 65.41 -51.81 1.09
CA THR L 317 65.79 -53.00 1.83
C THR L 317 65.13 -54.22 1.21
N SER L 318 64.90 -54.14 -0.10
CA SER L 318 64.44 -55.29 -0.88
C SER L 318 63.15 -55.83 -0.27
N MET L 319 62.16 -54.94 -0.15
CA MET L 319 60.81 -55.24 0.34
C MET L 319 60.80 -55.47 1.84
N GLY L 320 61.94 -55.17 2.50
CA GLY L 320 62.09 -55.39 3.92
C GLY L 320 62.65 -56.77 4.25
N MET L 321 63.06 -57.51 3.20
CA MET L 321 63.72 -58.80 3.36
C MET L 321 65.16 -58.59 3.83
N SER L 322 65.83 -57.57 3.28
CA SER L 322 67.10 -57.11 3.79
C SER L 322 66.86 -56.26 5.02
N MET L 323 67.88 -56.17 5.89
CA MET L 323 67.71 -55.59 7.21
C MET L 323 68.62 -54.38 7.36
N ALA L 324 68.08 -53.32 8.00
CA ALA L 324 68.83 -52.13 8.33
C ALA L 324 68.25 -51.52 9.62
N ASP L 325 69.14 -51.02 10.49
CA ASP L 325 68.71 -50.22 11.61
C ASP L 325 68.52 -48.78 11.12
N ARG L 326 67.27 -48.43 10.81
CA ARG L 326 66.95 -47.13 10.24
C ARG L 326 67.05 -46.05 11.31
N GLY L 327 67.11 -46.47 12.58
CA GLY L 327 67.21 -45.56 13.71
C GLY L 327 68.66 -45.25 14.07
N ALA L 328 69.60 -45.84 13.32
CA ALA L 328 71.03 -45.67 13.56
C ALA L 328 71.44 -44.24 13.19
N PRO L 329 72.49 -43.68 13.85
CA PRO L 329 72.92 -42.30 13.59
C PRO L 329 73.19 -42.00 12.12
N LEU L 330 73.48 -43.04 11.34
CA LEU L 330 73.76 -42.93 9.91
C LEU L 330 72.55 -42.33 9.19
N TRP L 331 71.35 -42.71 9.63
CA TRP L 331 70.12 -42.32 8.96
C TRP L 331 69.36 -41.27 9.77
N LYS L 332 70.07 -40.54 10.64
CA LYS L 332 69.43 -39.67 11.61
C LYS L 332 68.52 -38.66 10.90
N GLU L 333 69.06 -38.02 9.85
CA GLU L 333 68.37 -36.94 9.16
C GLU L 333 67.11 -37.46 8.48
N LYS L 334 67.18 -38.70 7.97
CA LYS L 334 66.10 -39.31 7.20
C LYS L 334 64.98 -39.77 8.14
N ARG L 335 65.35 -40.27 9.32
CA ARG L 335 64.39 -40.66 10.34
C ARG L 335 63.74 -39.41 10.92
N ASP L 336 64.55 -38.35 11.11
CA ASP L 336 64.06 -37.07 11.61
C ASP L 336 62.93 -36.55 10.71
N ARG L 337 63.07 -36.76 9.39
CA ARG L 337 62.10 -36.30 8.42
C ARG L 337 60.77 -37.01 8.63
N TRP L 338 60.83 -38.31 8.95
CA TRP L 338 59.64 -39.10 9.24
C TRP L 338 58.95 -38.59 10.50
N VAL L 339 59.75 -38.23 11.51
CA VAL L 339 59.25 -37.70 12.76
C VAL L 339 58.53 -36.37 12.49
N SER L 340 59.00 -35.64 11.47
CA SER L 340 58.41 -34.37 11.06
C SER L 340 57.00 -34.58 10.51
N ILE L 341 56.77 -35.75 9.90
CA ILE L 341 55.47 -36.09 9.33
C ILE L 341 54.52 -36.51 10.44
N CYS L 342 55.02 -37.33 11.37
CA CYS L 342 54.23 -37.79 12.51
C CYS L 342 53.96 -36.62 13.46
N ASP L 343 54.90 -35.66 13.51
CA ASP L 343 54.83 -34.44 14.31
C ASP L 343 53.49 -33.74 14.18
N ASP L 344 52.82 -33.96 13.06
CA ASP L 344 51.57 -33.28 12.74
C ASP L 344 50.52 -33.59 13.80
N CYS L 345 50.59 -34.78 14.42
CA CYS L 345 49.53 -35.25 15.29
C CYS L 345 50.08 -35.94 16.54
N HIS L 346 51.41 -35.90 16.70
CA HIS L 346 52.07 -36.55 17.83
C HIS L 346 53.28 -35.71 18.26
N SER L 347 53.70 -35.90 19.51
CA SER L 347 54.97 -35.32 19.96
C SER L 347 56.11 -36.00 19.22
N PRO L 348 57.20 -35.26 18.89
CA PRO L 348 58.38 -35.87 18.26
C PRO L 348 58.84 -37.12 18.99
N ARG L 349 58.83 -37.07 20.33
CA ARG L 349 59.33 -38.15 21.16
C ARG L 349 58.51 -39.42 20.93
N PHE L 350 57.18 -39.27 20.98
CA PHE L 350 56.29 -40.40 20.84
C PHE L 350 56.55 -41.12 19.51
N ALA L 351 56.68 -40.34 18.44
CA ALA L 351 56.87 -40.88 17.11
C ALA L 351 58.27 -41.49 16.96
N ARG L 352 59.28 -40.77 17.45
CA ARG L 352 60.67 -41.23 17.37
C ARG L 352 60.77 -42.62 17.97
N GLU L 353 60.20 -42.77 19.18
CA GLU L 353 60.37 -43.96 19.99
C GLU L 353 59.56 -45.11 19.43
N ASN L 354 58.41 -44.80 18.81
CA ASN L 354 57.57 -45.81 18.20
C ASN L 354 58.26 -46.41 16.98
N LEU L 355 58.96 -45.56 16.21
CA LEU L 355 59.69 -46.02 15.04
C LEU L 355 60.95 -46.74 15.46
N GLN L 356 61.48 -46.40 16.64
CA GLN L 356 62.61 -47.11 17.22
C GLN L 356 62.20 -48.55 17.52
N ALA L 357 60.96 -48.72 18.02
CA ALA L 357 60.43 -50.04 18.33
C ALA L 357 60.39 -50.88 17.06
N MET L 358 60.02 -50.26 15.93
CA MET L 358 60.02 -50.92 14.63
C MET L 358 61.42 -51.44 14.30
N ASP L 359 62.42 -50.57 14.48
CA ASP L 359 63.82 -50.90 14.20
C ASP L 359 64.23 -52.15 14.97
N GLU L 360 63.79 -52.23 16.24
CA GLU L 360 64.15 -53.33 17.12
C GLU L 360 63.47 -54.63 16.65
N SER L 361 62.22 -54.50 16.19
CA SER L 361 61.47 -55.64 15.70
C SER L 361 62.14 -56.21 14.45
N VAL L 362 62.65 -55.31 13.61
CA VAL L 362 63.29 -55.65 12.34
C VAL L 362 64.59 -56.42 12.61
N LYS L 363 65.36 -55.95 13.60
CA LYS L 363 66.65 -56.53 13.95
C LYS L 363 66.45 -57.91 14.59
N ASP L 364 65.41 -58.03 15.43
CA ASP L 364 65.11 -59.27 16.13
C ASP L 364 64.58 -60.31 15.14
N ALA L 365 63.94 -59.84 14.07
CA ALA L 365 63.39 -60.71 13.05
C ALA L 365 64.53 -61.37 12.27
N SER L 366 65.57 -60.59 11.96
CA SER L 366 66.70 -61.07 11.17
C SER L 366 67.57 -62.00 12.00
N LEU L 367 67.57 -61.79 13.32
CA LEU L 367 68.21 -62.70 14.26
C LEU L 367 67.61 -64.10 14.08
N LYS L 368 66.27 -64.16 14.00
CA LYS L 368 65.56 -65.43 13.84
C LYS L 368 65.91 -66.05 12.49
N TYR L 369 65.95 -65.22 11.44
CA TYR L 369 66.17 -65.75 10.11
C TYR L 369 67.60 -66.28 9.96
N ARG L 370 68.55 -65.59 10.61
CA ARG L 370 69.94 -66.03 10.59
C ARG L 370 70.03 -67.44 11.14
N GLU L 371 69.29 -67.72 12.23
CA GLU L 371 69.23 -69.05 12.81
C GLU L 371 68.56 -70.02 11.83
N THR L 372 67.51 -69.55 11.15
CA THR L 372 66.76 -70.36 10.20
C THR L 372 67.65 -70.71 9.01
N PHE L 373 68.40 -69.71 8.53
CA PHE L 373 69.24 -69.86 7.35
C PHE L 373 70.38 -70.83 7.64
N LYS L 374 70.97 -70.71 8.84
CA LYS L 374 72.09 -71.54 9.25
C LYS L 374 71.71 -73.01 9.10
N VAL L 375 70.51 -73.37 9.54
CA VAL L 375 70.03 -74.74 9.49
C VAL L 375 70.02 -75.22 8.04
N ALA L 376 69.54 -74.36 7.14
CA ALA L 376 69.41 -74.67 5.73
C ALA L 376 70.78 -74.75 5.07
N GLU L 377 71.67 -73.82 5.42
CA GLU L 377 73.00 -73.73 4.84
C GLU L 377 73.82 -74.95 5.24
N ASP L 378 73.63 -75.41 6.48
CA ASP L 378 74.37 -76.55 7.02
C ASP L 378 73.99 -77.81 6.26
N LEU L 379 72.72 -77.91 5.84
CA LEU L 379 72.26 -79.08 5.10
C LEU L 379 72.98 -79.14 3.76
N LEU L 380 73.25 -77.97 3.18
CA LEU L 380 73.88 -77.88 1.87
C LEU L 380 75.37 -78.24 2.00
N ILE L 381 76.02 -77.65 3.00
CA ILE L 381 77.46 -77.82 3.21
C ILE L 381 77.74 -79.27 3.56
N ASP L 382 76.87 -79.88 4.37
CA ASP L 382 77.01 -81.27 4.77
C ASP L 382 76.53 -82.18 3.65
N GLY L 383 75.92 -81.61 2.62
CA GLY L 383 75.51 -82.32 1.42
C GLY L 383 74.34 -83.29 1.66
N VAL L 384 73.60 -83.08 2.76
CA VAL L 384 72.54 -83.99 3.14
C VAL L 384 71.18 -83.40 2.80
N LEU L 385 71.19 -82.20 2.20
CA LEU L 385 69.99 -81.54 1.71
C LEU L 385 69.34 -82.43 0.65
N ASP L 386 68.00 -82.55 0.72
CA ASP L 386 67.29 -83.58 -0.02
C ASP L 386 66.25 -82.96 -0.96
N PRO L 387 66.65 -82.69 -2.20
CA PRO L 387 67.97 -83.02 -2.73
C PRO L 387 68.86 -81.79 -2.85
N MET L 388 70.09 -82.02 -3.30
CA MET L 388 71.06 -80.96 -3.56
C MET L 388 70.66 -80.25 -4.86
N PRO L 389 71.05 -78.96 -5.04
CA PRO L 389 70.66 -78.17 -6.21
C PRO L 389 70.90 -78.85 -7.56
N LYS L 390 71.94 -79.69 -7.63
CA LYS L 390 72.35 -80.34 -8.86
C LYS L 390 71.29 -81.36 -9.31
N ASP L 391 70.44 -81.80 -8.37
CA ASP L 391 69.47 -82.84 -8.63
C ASP L 391 68.07 -82.24 -8.79
N LEU L 392 67.99 -80.91 -8.67
CA LEU L 392 66.77 -80.18 -8.97
C LEU L 392 66.74 -79.84 -10.46
N CYS L 393 65.57 -79.50 -10.97
CA CYS L 393 65.42 -78.91 -12.28
C CYS L 393 66.31 -77.67 -12.37
N PRO L 394 66.96 -77.41 -13.54
CA PRO L 394 67.76 -76.19 -13.71
C PRO L 394 66.91 -74.94 -13.53
N ASP L 395 67.52 -73.91 -12.92
CA ASP L 395 66.84 -72.65 -12.66
C ASP L 395 66.58 -71.92 -13.97
N TRP L 396 65.97 -70.74 -13.89
CA TRP L 396 65.54 -69.97 -15.04
C TRP L 396 66.73 -69.72 -15.97
N SER L 397 67.92 -69.65 -15.38
CA SER L 397 69.16 -69.32 -16.06
C SER L 397 69.68 -70.52 -16.84
N GLY L 398 69.23 -71.71 -16.45
CA GLY L 398 69.72 -72.96 -17.01
C GLY L 398 70.87 -73.53 -16.18
N GLN L 399 70.96 -73.10 -14.92
CA GLN L 399 72.03 -73.47 -14.01
C GLN L 399 71.46 -74.23 -12.81
N HIS L 400 72.35 -74.81 -12.01
CA HIS L 400 71.97 -75.52 -10.81
C HIS L 400 72.56 -74.83 -9.58
N ILE L 401 72.39 -73.50 -9.54
CA ILE L 401 72.84 -72.70 -8.40
C ILE L 401 71.82 -72.84 -7.28
N TRP L 402 72.32 -72.83 -6.04
CA TRP L 402 71.49 -72.93 -4.84
C TRP L 402 70.54 -71.74 -4.78
N SER L 403 69.26 -72.04 -4.50
CA SER L 403 68.19 -71.07 -4.45
C SER L 403 68.56 -69.89 -3.54
N LEU L 404 69.10 -70.21 -2.36
CA LEU L 404 69.24 -69.25 -1.29
C LEU L 404 70.58 -68.51 -1.36
N LYS L 405 71.40 -68.83 -2.37
CA LYS L 405 72.74 -68.29 -2.48
C LYS L 405 72.67 -66.80 -2.81
N ILE L 406 73.27 -66.00 -1.93
CA ILE L 406 73.44 -64.57 -2.15
C ILE L 406 74.90 -64.33 -2.52
N GLY L 407 75.11 -63.87 -3.76
CA GLY L 407 76.43 -63.76 -4.36
C GLY L 407 77.38 -62.89 -3.54
N ALA L 408 76.83 -61.94 -2.79
CA ALA L 408 77.65 -60.98 -2.04
C ALA L 408 78.20 -61.61 -0.76
N TYR L 409 77.59 -62.71 -0.32
CA TYR L 409 77.94 -63.32 0.97
C TYR L 409 78.44 -64.75 0.79
N HIS L 410 77.99 -65.43 -0.27
CA HIS L 410 78.26 -66.85 -0.43
C HIS L 410 79.16 -67.09 -1.64
N ASP L 411 80.17 -67.95 -1.45
CA ASP L 411 81.05 -68.37 -2.52
C ASP L 411 81.59 -69.76 -2.19
N GLY L 412 81.56 -70.67 -3.18
CA GLY L 412 82.01 -72.03 -2.96
C GLY L 412 81.43 -73.00 -3.98
N GLU L 413 81.95 -74.24 -3.96
CA GLU L 413 81.59 -75.29 -4.89
C GLU L 413 80.15 -75.73 -4.62
N ALA L 414 79.77 -75.73 -3.33
CA ALA L 414 78.50 -76.26 -2.88
C ALA L 414 77.35 -75.36 -3.33
N TYR L 415 77.64 -74.06 -3.45
CA TYR L 415 76.64 -73.06 -3.76
C TYR L 415 76.36 -73.01 -5.27
N GLY L 416 77.41 -73.22 -6.08
CA GLY L 416 77.31 -73.18 -7.53
C GLY L 416 77.44 -71.76 -8.07
N GLY L 417 77.51 -71.65 -9.41
CA GLY L 417 77.59 -70.37 -10.08
C GLY L 417 78.98 -69.73 -9.94
N THR L 418 79.20 -68.64 -10.69
CA THR L 418 80.45 -67.90 -10.65
C THR L 418 80.51 -67.05 -9.38
N THR L 419 81.70 -66.49 -9.11
CA THR L 419 81.92 -65.68 -7.93
C THR L 419 81.06 -64.42 -8.02
N GLY L 420 80.28 -64.16 -6.96
CA GLY L 420 79.47 -62.95 -6.86
C GLY L 420 78.07 -63.13 -7.43
N GLU L 421 77.86 -64.25 -8.13
CA GLU L 421 76.58 -64.55 -8.76
C GLU L 421 75.64 -65.17 -7.72
N SER L 422 74.39 -64.68 -7.69
CA SER L 422 73.39 -65.19 -6.77
C SER L 422 72.64 -66.36 -7.40
N GLY L 423 71.85 -67.06 -6.58
CA GLY L 423 70.92 -68.06 -7.06
C GLY L 423 69.57 -67.44 -7.39
N GLU L 424 68.67 -68.25 -7.97
CA GLU L 424 67.31 -67.80 -8.25
C GLU L 424 66.47 -67.97 -6.99
N PHE L 425 66.35 -66.89 -6.22
CA PHE L 425 65.56 -66.85 -5.00
C PHE L 425 64.11 -67.17 -5.35
N ARG L 426 63.57 -68.24 -4.76
CA ARG L 426 62.26 -68.72 -5.16
C ARG L 426 61.63 -69.58 -4.06
N MET L 427 60.33 -69.81 -4.21
CA MET L 427 59.52 -70.67 -3.35
C MET L 427 59.13 -71.91 -4.14
N SER L 428 59.55 -71.95 -5.42
CA SER L 428 59.20 -73.01 -6.34
C SER L 428 60.45 -73.81 -6.70
N ASN L 429 60.25 -75.05 -7.16
CA ASN L 429 61.32 -75.90 -7.67
C ASN L 429 62.50 -75.87 -6.71
N CYS L 430 62.27 -76.38 -5.48
CA CYS L 430 63.27 -76.43 -4.45
C CYS L 430 62.83 -77.42 -3.37
N THR L 431 63.62 -77.50 -2.28
CA THR L 431 63.31 -78.31 -1.13
C THR L 431 62.33 -77.55 -0.23
N ASP L 432 61.71 -78.27 0.71
CA ASP L 432 60.84 -77.65 1.70
C ASP L 432 61.65 -76.64 2.52
N VAL L 433 62.90 -77.00 2.82
CA VAL L 433 63.75 -76.19 3.67
C VAL L 433 64.02 -74.85 2.98
N GLU L 434 64.31 -74.91 1.68
CA GLU L 434 64.54 -73.72 0.87
C GLU L 434 63.26 -72.88 0.83
N ARG L 435 62.13 -73.56 0.62
CA ARG L 435 60.83 -72.92 0.49
C ARG L 435 60.47 -72.18 1.78
N LEU L 436 60.63 -72.86 2.91
CA LEU L 436 60.24 -72.33 4.21
C LEU L 436 61.12 -71.13 4.57
N CYS L 437 62.39 -71.18 4.15
CA CYS L 437 63.30 -70.07 4.34
C CYS L 437 62.82 -68.85 3.56
N PHE L 438 62.43 -69.09 2.29
CA PHE L 438 61.91 -68.04 1.44
C PHE L 438 60.68 -67.42 2.10
N GLU L 439 59.76 -68.27 2.58
CA GLU L 439 58.52 -67.83 3.18
C GLU L 439 58.79 -67.00 4.44
N SER L 440 59.82 -67.40 5.20
CA SER L 440 60.10 -66.78 6.49
C SER L 440 60.55 -65.33 6.31
N VAL L 441 61.44 -65.11 5.33
CA VAL L 441 62.04 -63.81 5.12
C VAL L 441 61.21 -63.01 4.11
N GLY L 442 60.59 -63.72 3.16
CA GLY L 442 59.92 -63.10 2.03
C GLY L 442 58.45 -62.76 2.31
N TYR L 443 57.86 -63.47 3.28
CA TYR L 443 56.48 -63.22 3.67
C TYR L 443 56.46 -62.69 5.11
N PHE L 444 56.80 -63.56 6.06
CA PHE L 444 56.56 -63.31 7.48
C PHE L 444 57.37 -62.12 7.98
N GLN L 445 58.63 -62.01 7.54
CA GLN L 445 59.49 -60.94 8.00
C GLN L 445 58.97 -59.58 7.52
N THR L 446 58.36 -59.56 6.32
CA THR L 446 57.86 -58.32 5.74
C THR L 446 56.65 -57.85 6.54
N TYR L 447 55.91 -58.79 7.14
CA TYR L 447 54.75 -58.46 7.94
C TYR L 447 55.19 -57.72 9.20
N ILE L 448 56.43 -58.01 9.65
CA ILE L 448 56.98 -57.38 10.85
C ILE L 448 57.37 -55.95 10.53
N TYR L 449 58.12 -55.75 9.43
CA TYR L 449 58.53 -54.42 9.03
C TYR L 449 57.32 -53.54 8.71
N LYS L 450 56.48 -54.01 7.77
CA LYS L 450 55.33 -53.25 7.32
C LYS L 450 54.33 -53.10 8.46
N GLY L 451 54.18 -54.16 9.26
CA GLY L 451 53.28 -54.16 10.41
C GLY L 451 53.62 -53.04 11.38
N MET L 452 54.90 -53.00 11.79
CA MET L 452 55.37 -52.09 12.81
C MET L 452 55.40 -50.66 12.27
N ALA L 453 55.63 -50.53 10.96
CA ALA L 453 55.71 -49.25 10.29
C ALA L 453 54.34 -48.58 10.21
N HIS L 454 53.29 -49.40 10.15
CA HIS L 454 51.95 -48.89 9.91
C HIS L 454 51.06 -49.01 11.14
N GLY L 455 51.61 -49.59 12.21
CA GLY L 455 50.95 -49.62 13.51
C GLY L 455 50.07 -50.85 13.72
N SER L 456 50.28 -51.89 12.90
CA SER L 456 49.59 -53.16 13.09
C SER L 456 50.42 -54.09 13.97
N TRP L 457 50.06 -54.14 15.25
CA TRP L 457 50.82 -54.86 16.26
C TRP L 457 50.68 -56.37 16.07
N ASN L 458 49.54 -56.80 15.53
CA ASN L 458 49.25 -58.22 15.38
C ASN L 458 49.97 -58.74 14.14
N ASP L 459 50.14 -57.88 13.14
CA ASP L 459 50.83 -58.25 11.91
C ASP L 459 52.30 -58.52 12.20
N ALA L 460 52.81 -57.89 13.27
CA ALA L 460 54.21 -57.99 13.64
C ALA L 460 54.45 -59.15 14.60
N THR L 461 53.35 -59.74 15.12
CA THR L 461 53.44 -60.78 16.14
C THR L 461 52.63 -62.01 15.73
N TYR L 462 51.37 -62.09 16.18
CA TYR L 462 50.54 -63.29 16.07
C TYR L 462 50.21 -63.61 14.61
N SER L 463 49.82 -62.58 13.85
CA SER L 463 49.29 -62.78 12.51
C SER L 463 50.42 -62.99 11.51
N ASP L 464 51.11 -64.12 11.66
CA ASP L 464 52.15 -64.59 10.74
C ASP L 464 53.35 -63.65 10.76
N GLY L 465 53.51 -62.92 11.86
CA GLY L 465 54.63 -62.00 12.01
C GLY L 465 55.83 -62.70 12.65
N SER L 466 56.23 -62.19 13.82
CA SER L 466 57.30 -62.76 14.63
C SER L 466 57.02 -64.25 14.86
N PHE L 467 55.77 -64.57 15.20
CA PHE L 467 55.39 -65.92 15.58
C PHE L 467 55.21 -66.79 14.35
N GLY L 468 55.06 -66.15 13.18
CA GLY L 468 55.08 -66.85 11.91
C GLY L 468 56.47 -67.42 11.63
N MET L 469 57.49 -66.58 11.86
CA MET L 469 58.88 -66.94 11.66
C MET L 469 59.28 -68.04 12.66
N ASP L 470 58.72 -67.95 13.87
CA ASP L 470 58.91 -68.92 14.93
C ASP L 470 58.45 -70.29 14.45
N ARG L 471 57.24 -70.33 13.87
CA ARG L 471 56.60 -71.55 13.43
C ARG L 471 57.40 -72.17 12.29
N TRP L 472 57.94 -71.32 11.41
CA TRP L 472 58.67 -71.78 10.24
C TRP L 472 60.06 -72.28 10.64
N LEU L 473 60.64 -71.67 11.68
CA LEU L 473 61.93 -72.09 12.21
C LEU L 473 61.82 -73.52 12.73
N VAL L 474 60.73 -73.81 13.45
CA VAL L 474 60.42 -75.14 13.93
C VAL L 474 60.30 -76.09 12.73
N ASN L 475 59.59 -75.65 11.69
CA ASN L 475 59.31 -76.45 10.52
C ASN L 475 60.60 -76.77 9.78
N VAL L 476 61.53 -75.80 9.74
CA VAL L 476 62.81 -75.98 9.05
C VAL L 476 63.64 -76.99 9.83
N LYS L 477 63.71 -76.79 11.16
CA LYS L 477 64.50 -77.65 12.03
C LYS L 477 64.04 -79.10 11.91
N GLN L 478 62.72 -79.30 11.90
CA GLN L 478 62.13 -80.63 11.81
C GLN L 478 62.53 -81.29 10.49
N ASN L 479 62.46 -80.52 9.39
CA ASN L 479 62.77 -81.00 8.05
C ASN L 479 64.26 -81.33 7.95
N ALA L 480 65.08 -80.53 8.65
CA ALA L 480 66.51 -80.74 8.69
C ALA L 480 66.82 -82.04 9.44
N SER L 481 66.16 -82.22 10.59
CA SER L 481 66.31 -83.38 11.44
C SER L 481 65.99 -84.66 10.67
N ARG L 482 64.85 -84.66 9.96
CA ARG L 482 64.38 -85.83 9.24
C ARG L 482 65.35 -86.20 8.13
N ALA L 483 65.84 -85.19 7.40
CA ALA L 483 66.73 -85.40 6.27
C ALA L 483 68.07 -85.96 6.74
N ARG L 484 68.52 -85.52 7.92
CA ARG L 484 69.80 -85.93 8.48
C ARG L 484 69.68 -87.35 9.03
N ARG L 485 68.49 -87.69 9.55
CA ARG L 485 68.26 -89.00 10.14
C ARG L 485 68.20 -90.05 9.04
N LEU L 486 67.66 -89.68 7.87
CA LEU L 486 67.54 -90.58 6.73
C LEU L 486 68.93 -90.81 6.11
N ALA L 487 69.72 -89.74 6.02
CA ALA L 487 71.05 -89.80 5.43
C ALA L 487 71.95 -90.71 6.26
N ALA L 488 71.80 -90.63 7.59
CA ALA L 488 72.59 -91.41 8.53
C ALA L 488 72.23 -92.89 8.42
N LEU L 489 70.93 -93.18 8.29
CA LEU L 489 70.43 -94.53 8.17
C LEU L 489 70.92 -95.15 6.86
N GLU L 490 70.92 -94.35 5.79
CA GLU L 490 71.25 -94.83 4.46
C GLU L 490 72.74 -95.13 4.37
N LYS L 491 73.56 -94.33 5.07
CA LYS L 491 74.99 -94.55 5.10
C LYS L 491 75.28 -95.90 5.75
N LYS L 492 74.66 -96.15 6.90
CA LYS L 492 74.96 -97.31 7.73
C LYS L 492 74.46 -98.59 7.04
N VAL L 493 73.34 -98.48 6.32
CA VAL L 493 72.74 -99.64 5.68
C VAL L 493 73.38 -99.83 4.30
N GLY L 494 74.04 -98.77 3.80
CA GLY L 494 74.78 -98.84 2.54
C GLY L 494 73.89 -98.56 1.34
N ILE L 495 72.85 -97.73 1.54
CA ILE L 495 72.06 -97.20 0.43
C ILE L 495 72.63 -95.84 0.06
N SER L 496 72.90 -95.67 -1.24
CA SER L 496 73.17 -94.35 -1.78
C SER L 496 71.88 -93.85 -2.43
N TRP L 497 71.25 -92.86 -1.77
CA TRP L 497 69.92 -92.39 -2.18
C TRP L 497 70.00 -91.71 -3.53
N GLN L 498 69.22 -92.23 -4.50
CA GLN L 498 69.03 -91.63 -5.80
C GLN L 498 67.87 -90.65 -5.73
N PRO L 499 68.11 -89.32 -5.82
CA PRO L 499 67.03 -88.33 -5.82
C PRO L 499 66.00 -88.66 -6.91
N GLU L 500 64.72 -88.53 -6.55
CA GLU L 500 63.61 -88.96 -7.38
C GLU L 500 63.52 -88.12 -8.64
N GLN L 501 62.79 -88.65 -9.63
CA GLN L 501 62.74 -88.09 -10.97
C GLN L 501 61.97 -86.77 -10.95
N PHE L 502 61.05 -86.62 -9.99
CA PHE L 502 60.14 -85.49 -9.97
C PHE L 502 60.84 -84.20 -9.52
N TRP L 503 62.06 -84.34 -8.98
CA TRP L 503 62.87 -83.17 -8.65
C TRP L 503 63.45 -82.54 -9.92
N LYS L 504 63.69 -83.38 -10.93
CA LYS L 504 64.34 -83.00 -12.16
C LYS L 504 63.30 -82.56 -13.20
N THR L 505 62.30 -83.43 -13.43
CA THR L 505 61.35 -83.22 -14.51
C THR L 505 59.92 -83.41 -13.99
N GLY L 506 58.97 -82.95 -14.81
CA GLY L 506 57.55 -82.95 -14.50
C GLY L 506 56.80 -82.10 -15.51
N GLU L 507 55.46 -82.24 -15.54
CA GLU L 507 54.67 -81.62 -16.59
C GLU L 507 54.90 -80.12 -16.63
N TRP L 508 54.95 -79.48 -15.46
CA TRP L 508 55.15 -78.05 -15.36
C TRP L 508 56.63 -77.68 -15.54
N LEU L 509 57.51 -78.42 -14.85
CA LEU L 509 58.94 -78.15 -14.85
C LEU L 509 59.48 -78.14 -16.27
N ASP L 510 58.97 -79.06 -17.11
CA ASP L 510 59.45 -79.24 -18.47
C ASP L 510 59.18 -78.01 -19.33
N GLN L 511 58.23 -77.18 -18.90
CA GLN L 511 57.78 -76.03 -19.68
C GLN L 511 58.61 -74.80 -19.33
N LEU L 512 59.56 -74.94 -18.39
CA LEU L 512 60.32 -73.81 -17.90
C LEU L 512 61.52 -73.53 -18.82
N THR L 513 62.19 -72.40 -18.54
CA THR L 513 63.30 -71.92 -19.33
C THR L 513 64.54 -72.79 -19.09
N GLY L 514 64.74 -73.17 -17.83
CA GLY L 514 65.86 -74.00 -17.41
C GLY L 514 66.09 -75.19 -18.34
N PRO L 515 65.16 -76.16 -18.40
CA PRO L 515 65.31 -77.33 -19.27
C PRO L 515 65.55 -76.98 -20.74
N TYR L 516 64.91 -75.90 -21.21
CA TYR L 516 65.02 -75.49 -22.61
C TYR L 516 66.44 -75.07 -22.93
N ILE L 517 67.05 -74.28 -22.03
CA ILE L 517 68.40 -73.77 -22.24
C ILE L 517 69.39 -74.92 -22.21
N VAL L 518 69.24 -75.83 -21.23
CA VAL L 518 70.13 -76.96 -21.07
C VAL L 518 70.10 -77.83 -22.33
N LYS L 519 68.90 -78.02 -22.90
CA LYS L 519 68.74 -78.89 -24.05
C LYS L 519 69.21 -78.22 -25.33
N ASN L 520 68.84 -76.95 -25.53
CA ASN L 520 68.94 -76.33 -26.84
C ASN L 520 70.18 -75.44 -26.97
N HIS L 521 70.70 -74.97 -25.83
CA HIS L 521 71.90 -74.15 -25.82
C HIS L 521 72.87 -74.67 -24.76
N PRO L 522 73.44 -75.88 -24.95
CA PRO L 522 74.01 -76.67 -23.86
C PRO L 522 75.04 -75.97 -22.97
N GLY L 523 75.97 -75.24 -23.59
CA GLY L 523 77.10 -74.70 -22.85
C GLY L 523 76.79 -73.39 -22.13
N LYS L 524 75.64 -72.79 -22.44
CA LYS L 524 75.43 -71.37 -22.15
C LYS L 524 74.30 -71.19 -21.15
N THR L 525 74.21 -69.95 -20.61
CA THR L 525 73.15 -69.53 -19.69
C THR L 525 72.30 -68.47 -20.38
N ILE L 526 71.23 -68.05 -19.69
CA ILE L 526 70.29 -67.06 -20.23
C ILE L 526 71.00 -65.72 -20.39
N PHE L 527 72.04 -65.49 -19.57
CA PHE L 527 72.77 -64.23 -19.58
C PHE L 527 73.66 -64.18 -20.82
N ASP L 528 74.12 -65.35 -21.26
CA ASP L 528 74.87 -65.49 -22.49
C ASP L 528 73.95 -65.20 -23.67
N LEU L 529 72.73 -65.77 -23.61
CA LEU L 529 71.78 -65.72 -24.71
C LEU L 529 71.09 -64.36 -24.78
N CYS L 530 71.16 -63.58 -23.70
CA CYS L 530 70.61 -62.25 -23.66
C CYS L 530 71.71 -61.26 -23.25
N PRO L 531 72.63 -60.90 -24.17
CA PRO L 531 73.83 -60.16 -23.81
C PRO L 531 73.62 -58.65 -23.65
N ASP L 532 72.44 -58.16 -24.05
CA ASP L 532 72.12 -56.74 -24.04
C ASP L 532 72.28 -56.17 -22.62
N PRO L 533 72.59 -54.87 -22.47
CA PRO L 533 72.67 -54.25 -21.14
C PRO L 533 71.31 -54.23 -20.47
N GLY L 534 71.30 -54.50 -19.16
CA GLY L 534 70.08 -54.51 -18.35
C GLY L 534 69.79 -53.14 -17.75
N TRP L 535 68.78 -53.09 -16.88
CA TRP L 535 68.32 -51.84 -16.27
C TRP L 535 69.41 -51.29 -15.34
N LEU L 536 70.08 -52.19 -14.62
CA LEU L 536 71.07 -51.83 -13.63
C LEU L 536 72.31 -51.24 -14.29
N ASP L 537 72.49 -51.56 -15.57
CA ASP L 537 73.65 -51.11 -16.33
C ASP L 537 73.51 -49.63 -16.69
N THR L 538 72.27 -49.16 -16.82
CA THR L 538 71.99 -47.83 -17.35
C THR L 538 71.41 -46.91 -16.27
N HIS L 539 71.05 -47.49 -15.11
CA HIS L 539 70.41 -46.73 -14.04
C HIS L 539 71.22 -46.89 -12.74
N HIS L 540 71.63 -45.75 -12.17
CA HIS L 540 72.47 -45.73 -10.99
C HIS L 540 71.80 -44.90 -9.90
N ALA L 541 72.32 -45.01 -8.67
CA ALA L 541 71.84 -44.22 -7.55
C ALA L 541 72.15 -42.75 -7.77
N PRO L 542 71.27 -41.81 -7.35
CA PRO L 542 71.51 -40.38 -7.54
C PRO L 542 72.75 -39.90 -6.78
N ALA L 543 73.37 -38.84 -7.31
CA ALA L 543 74.63 -38.32 -6.80
C ALA L 543 74.48 -37.87 -5.34
N GLU L 544 73.32 -37.31 -5.01
CA GLU L 544 73.06 -36.74 -3.70
C GLU L 544 72.98 -37.84 -2.64
N GLU L 545 72.53 -39.03 -3.06
CA GLU L 545 72.39 -40.15 -2.15
C GLU L 545 73.76 -40.67 -1.74
N VAL L 546 74.65 -40.84 -2.71
CA VAL L 546 76.02 -41.30 -2.48
C VAL L 546 76.75 -40.27 -1.63
N GLU L 547 76.49 -38.98 -1.94
CA GLU L 547 77.12 -37.84 -1.31
C GLU L 547 76.76 -37.81 0.18
N TYR L 548 75.49 -38.12 0.49
CA TYR L 548 74.98 -38.10 1.85
C TYR L 548 75.64 -39.21 2.67
N ILE L 549 75.66 -40.42 2.10
CA ILE L 549 76.15 -41.59 2.80
C ILE L 549 77.64 -41.44 3.11
N GLU L 550 78.40 -40.97 2.12
CA GLU L 550 79.84 -40.77 2.26
C GLU L 550 80.14 -39.74 3.35
N ARG L 551 79.33 -38.68 3.38
CA ARG L 551 79.49 -37.60 4.34
C ARG L 551 79.24 -38.12 5.75
N LYS L 552 78.20 -38.96 5.90
CA LYS L 552 77.75 -39.45 7.19
C LYS L 552 78.69 -40.52 7.75
N LEU L 553 79.26 -41.34 6.85
CA LEU L 553 80.18 -42.39 7.25
C LEU L 553 81.49 -41.79 7.74
N LYS L 554 81.89 -40.67 7.11
CA LYS L 554 83.09 -39.95 7.50
C LYS L 554 82.85 -39.25 8.83
N GLU L 555 81.65 -38.71 8.99
CA GLU L 555 81.24 -37.94 10.16
C GLU L 555 81.23 -38.84 11.40
N LEU L 556 80.92 -40.13 11.21
CA LEU L 556 80.73 -41.06 12.31
C LEU L 556 81.93 -42.00 12.42
N GLY L 557 82.71 -42.09 11.34
CA GLY L 557 83.88 -42.95 11.30
C GLY L 557 83.51 -44.43 11.22
N ILE L 558 82.74 -44.79 10.20
CA ILE L 558 82.39 -46.18 9.92
C ILE L 558 82.99 -46.56 8.56
N THR L 559 83.52 -47.79 8.48
CA THR L 559 84.14 -48.30 7.27
C THR L 559 83.09 -48.49 6.19
N ALA L 560 83.45 -48.16 4.94
CA ALA L 560 82.59 -48.35 3.78
C ALA L 560 82.58 -49.83 3.40
N GLY L 561 81.51 -50.26 2.71
CA GLY L 561 81.30 -51.66 2.35
C GLY L 561 81.97 -52.03 1.04
N SER L 562 81.75 -53.28 0.60
CA SER L 562 82.36 -53.84 -0.59
C SER L 562 81.32 -54.11 -1.67
N HIS L 563 81.79 -54.57 -2.84
CA HIS L 563 80.94 -54.88 -3.97
C HIS L 563 80.14 -56.16 -3.69
N VAL M 33 -34.37 31.28 74.33
CA VAL M 33 -34.22 29.81 74.55
C VAL M 33 -34.86 29.47 75.91
N GLU M 34 -35.81 28.52 75.88
CA GLU M 34 -36.57 28.13 77.05
C GLU M 34 -36.31 26.64 77.34
N ILE M 35 -36.66 26.21 78.55
CA ILE M 35 -36.79 24.79 78.85
C ILE M 35 -38.19 24.36 78.43
N ILE M 36 -38.30 23.83 77.20
CA ILE M 36 -39.58 23.57 76.57
C ILE M 36 -40.26 22.38 77.25
N THR M 37 -41.48 22.62 77.74
CA THR M 37 -42.24 21.65 78.51
C THR M 37 -43.53 21.28 77.78
N HIS M 38 -43.56 21.48 76.46
CA HIS M 38 -44.77 21.29 75.67
C HIS M 38 -44.49 20.42 74.45
N TRP M 39 -45.55 20.16 73.67
CA TRP M 39 -45.53 19.46 72.39
C TRP M 39 -45.25 17.97 72.55
N VAL M 40 -44.11 17.63 73.15
CA VAL M 40 -43.72 16.25 73.44
C VAL M 40 -44.80 15.63 74.35
N PRO M 41 -45.33 14.43 74.03
CA PRO M 41 -46.41 13.82 74.82
C PRO M 41 -46.09 13.75 76.32
N HIS M 42 -47.10 14.05 77.15
CA HIS M 42 -46.94 14.16 78.59
C HIS M 42 -46.57 12.81 79.20
N GLU M 43 -47.06 11.73 78.59
CA GLU M 43 -46.89 10.38 79.11
C GLU M 43 -45.43 10.09 79.37
N VAL M 44 -44.55 10.87 78.71
CA VAL M 44 -43.12 10.61 78.73
C VAL M 44 -42.40 11.68 79.56
N TYR M 45 -43.16 12.57 80.21
CA TYR M 45 -42.57 13.54 81.12
C TYR M 45 -42.27 12.87 82.46
N GLY M 46 -41.01 13.01 82.91
CA GLY M 46 -40.62 12.51 84.22
C GLY M 46 -41.07 13.46 85.32
N MET M 47 -41.62 12.89 86.39
CA MET M 47 -42.08 13.67 87.54
C MET M 47 -41.14 13.43 88.72
N PRO M 48 -41.09 14.37 89.71
CA PRO M 48 -40.10 14.30 90.79
C PRO M 48 -40.05 12.94 91.48
N GLY M 49 -38.83 12.41 91.64
CA GLY M 49 -38.59 11.19 92.39
C GLY M 49 -38.47 9.95 91.49
N GLU M 50 -38.89 10.09 90.23
CA GLU M 50 -38.87 8.98 89.28
C GLU M 50 -37.43 8.69 88.86
N PRO M 51 -37.12 7.43 88.46
CA PRO M 51 -35.76 7.06 88.06
C PRO M 51 -35.33 7.78 86.79
N ASP M 52 -34.04 8.16 86.74
CA ASP M 52 -33.47 8.87 85.60
C ASP M 52 -33.30 7.91 84.42
N ASN M 53 -33.24 6.61 84.71
CA ASN M 53 -32.97 5.59 83.72
C ASN M 53 -34.28 4.99 83.19
N SER M 54 -35.39 5.67 83.47
CA SER M 54 -36.70 5.22 83.01
C SER M 54 -36.87 5.52 81.52
N GLY M 55 -36.19 6.58 81.06
CA GLY M 55 -36.25 7.00 79.67
C GLY M 55 -37.20 8.19 79.49
N LYS M 56 -37.68 8.71 80.62
CA LYS M 56 -38.60 9.84 80.60
C LYS M 56 -37.81 11.14 80.56
N VAL M 57 -38.44 12.19 80.02
CA VAL M 57 -37.80 13.48 79.86
C VAL M 57 -37.92 14.25 81.17
N PHE M 58 -36.77 14.62 81.73
CA PHE M 58 -36.72 15.47 82.91
C PHE M 58 -36.28 16.86 82.48
N PHE M 59 -37.16 17.85 82.68
CA PHE M 59 -36.93 19.20 82.20
C PHE M 59 -35.69 19.77 82.90
N SER M 60 -34.73 20.20 82.08
CA SER M 60 -33.45 20.76 82.53
C SER M 60 -32.67 19.73 83.34
N GLY M 61 -33.16 18.48 83.33
CA GLY M 61 -32.53 17.36 84.02
C GLY M 61 -32.81 17.38 85.52
N LEU M 62 -33.87 18.08 85.93
CA LEU M 62 -34.16 18.28 87.34
C LEU M 62 -35.10 17.20 87.84
N LYS M 63 -35.06 16.99 89.17
CA LYS M 63 -36.09 16.29 89.93
C LYS M 63 -36.02 14.77 89.74
N ALA M 64 -35.05 14.29 88.97
CA ALA M 64 -34.92 12.86 88.72
C ALA M 64 -34.17 12.21 89.87
N LYS M 65 -34.43 10.92 90.09
CA LYS M 65 -33.72 10.10 91.06
C LYS M 65 -32.58 9.40 90.33
N TYR M 66 -31.34 9.68 90.78
CA TYR M 66 -30.14 9.14 90.15
C TYR M 66 -30.00 7.66 90.47
N MET M 67 -29.96 6.84 89.42
CA MET M 67 -29.94 5.39 89.57
C MET M 67 -28.51 4.86 89.42
N GLY M 68 -27.65 5.64 88.76
CA GLY M 68 -26.26 5.28 88.55
C GLY M 68 -26.09 4.29 87.39
N TYR M 69 -24.82 3.95 87.11
CA TYR M 69 -24.46 3.13 85.95
C TYR M 69 -24.97 1.71 86.13
N PRO M 70 -25.26 0.98 85.03
CA PRO M 70 -25.73 -0.40 85.11
C PRO M 70 -24.60 -1.33 85.55
N LYS M 71 -24.71 -1.80 86.80
CA LYS M 71 -23.68 -2.64 87.40
C LYS M 71 -24.00 -4.11 87.17
N ASP M 72 -25.14 -4.38 86.52
CA ASP M 72 -25.54 -5.73 86.18
C ASP M 72 -25.11 -6.06 84.75
N ALA M 73 -24.73 -5.01 84.01
CA ALA M 73 -24.35 -5.12 82.60
C ALA M 73 -23.03 -5.86 82.48
N GLN M 74 -23.02 -6.88 81.60
CA GLN M 74 -21.86 -7.70 81.35
C GLN M 74 -20.75 -6.84 80.78
N ARG M 75 -19.60 -6.83 81.47
CA ARG M 75 -18.49 -5.96 81.14
C ARG M 75 -17.22 -6.50 81.82
N SER M 76 -16.12 -5.75 81.66
CA SER M 76 -14.86 -6.10 82.29
C SER M 76 -14.52 -5.09 83.37
N PRO M 77 -13.87 -5.51 84.47
CA PRO M 77 -13.19 -4.58 85.37
C PRO M 77 -12.00 -3.95 84.64
N TYR M 78 -11.63 -2.74 85.06
CA TYR M 78 -10.45 -2.06 84.55
C TYR M 78 -9.21 -2.74 85.12
N PRO M 79 -8.07 -2.76 84.40
CA PRO M 79 -6.83 -3.29 84.95
C PRO M 79 -6.18 -2.28 85.90
N GLY M 80 -5.13 -2.72 86.60
CA GLY M 80 -4.26 -1.80 87.31
C GLY M 80 -4.51 -1.72 88.80
N LYS M 81 -3.79 -0.79 89.44
CA LYS M 81 -3.68 -0.62 90.88
C LYS M 81 -5.06 -0.38 91.51
N TYR M 82 -5.90 0.41 90.82
CA TYR M 82 -7.14 0.90 91.41
C TYR M 82 -8.34 0.16 90.81
N SER M 83 -8.12 -1.10 90.44
CA SER M 83 -9.13 -1.92 89.79
C SER M 83 -10.44 -1.92 90.59
N LYS M 84 -10.30 -1.97 91.92
CA LYS M 84 -11.44 -2.18 92.82
C LYS M 84 -12.39 -0.98 92.79
N PHE M 85 -11.85 0.22 92.52
CA PHE M 85 -12.63 1.44 92.60
C PHE M 85 -12.97 1.95 91.20
N TRP M 86 -12.46 1.26 90.18
CA TRP M 86 -12.66 1.63 88.79
C TRP M 86 -14.03 1.14 88.32
N LYS M 87 -14.99 2.06 88.24
CA LYS M 87 -16.31 1.74 87.70
C LYS M 87 -16.25 1.76 86.18
N THR M 88 -16.78 0.70 85.55
CA THR M 88 -16.62 0.52 84.12
C THR M 88 -17.98 0.42 83.42
N LEU M 89 -17.97 0.70 82.11
CA LEU M 89 -19.12 0.52 81.23
C LEU M 89 -18.80 -0.60 80.24
N PRO M 90 -19.84 -1.27 79.67
CA PRO M 90 -19.61 -2.33 78.68
C PRO M 90 -18.67 -1.90 77.55
N ALA M 91 -18.81 -0.64 77.11
CA ALA M 91 -18.12 -0.12 75.94
C ALA M 91 -16.61 -0.19 76.11
N TYR M 92 -16.14 -0.21 77.38
CA TYR M 92 -14.73 -0.10 77.68
C TYR M 92 -13.97 -1.35 77.21
N ARG M 93 -14.70 -2.44 76.95
CA ARG M 93 -14.12 -3.73 76.62
C ARG M 93 -13.15 -3.60 75.45
N TYR M 94 -13.42 -2.66 74.54
CA TYR M 94 -12.67 -2.55 73.29
C TYR M 94 -11.35 -1.82 73.51
N TYR M 95 -11.24 -1.07 74.62
CA TYR M 95 -10.24 -0.01 74.71
C TYR M 95 -8.93 -0.50 75.32
N ILE M 96 -9.01 -1.47 76.24
CA ILE M 96 -7.85 -2.22 76.67
C ILE M 96 -8.13 -3.70 76.44
N PRO M 97 -8.10 -4.16 75.17
CA PRO M 97 -8.76 -5.41 74.77
C PRO M 97 -8.16 -6.70 75.31
N ASP M 98 -6.84 -6.70 75.56
CA ASP M 98 -6.15 -7.90 76.04
C ASP M 98 -6.76 -8.35 77.36
N TYR M 99 -6.98 -7.39 78.26
CA TYR M 99 -7.51 -7.69 79.58
C TYR M 99 -9.03 -7.65 79.57
N MET M 100 -9.60 -6.73 78.77
CA MET M 100 -11.00 -6.34 78.92
C MET M 100 -11.89 -7.01 77.88
N TYR M 101 -11.31 -7.75 76.95
CA TYR M 101 -12.09 -8.42 75.92
C TYR M 101 -11.64 -9.87 75.75
N ASN M 102 -10.33 -10.09 75.75
CA ASN M 102 -9.75 -11.31 75.20
C ASN M 102 -9.76 -12.46 76.21
N ARG M 103 -9.92 -12.15 77.50
CA ARG M 103 -10.02 -13.18 78.51
C ARG M 103 -11.38 -13.86 78.42
N ASP M 104 -11.40 -15.19 78.61
CA ASP M 104 -12.59 -16.01 78.47
C ASP M 104 -13.67 -15.58 79.46
N GLU M 105 -13.24 -15.06 80.61
CA GLU M 105 -14.13 -14.69 81.71
C GLU M 105 -14.93 -13.44 81.35
N VAL M 106 -14.48 -12.71 80.32
CA VAL M 106 -14.97 -11.36 80.07
C VAL M 106 -15.57 -11.25 78.68
N ARG M 107 -15.02 -12.00 77.72
CA ARG M 107 -15.43 -11.92 76.31
C ARG M 107 -16.96 -11.86 76.22
N PRO M 108 -17.53 -10.87 75.50
CA PRO M 108 -18.98 -10.72 75.40
C PRO M 108 -19.60 -11.81 74.50
N SER M 109 -20.90 -12.03 74.69
CA SER M 109 -21.64 -13.01 73.92
C SER M 109 -21.77 -12.52 72.48
N ASN M 110 -21.99 -13.46 71.56
CA ASN M 110 -22.15 -13.15 70.15
C ASN M 110 -23.23 -14.06 69.56
N PRO M 111 -24.24 -13.49 68.85
CA PRO M 111 -25.34 -14.29 68.31
C PRO M 111 -24.99 -15.23 67.15
N ILE M 112 -23.80 -15.05 66.57
CA ILE M 112 -23.37 -15.85 65.43
C ILE M 112 -22.40 -16.92 65.90
N LYS M 113 -22.71 -18.18 65.56
CA LYS M 113 -21.94 -19.33 66.01
C LYS M 113 -21.24 -19.99 64.82
N GLY M 114 -20.09 -20.62 65.10
CA GLY M 114 -19.34 -21.36 64.11
C GLY M 114 -17.91 -20.85 63.99
N THR M 115 -17.02 -21.70 63.47
CA THR M 115 -15.69 -21.27 63.09
C THR M 115 -15.63 -21.20 61.56
N PHE M 116 -15.01 -20.14 61.02
CA PHE M 116 -15.17 -19.82 59.62
C PHE M 116 -13.82 -19.63 58.94
N LYS M 117 -13.81 -19.83 57.61
CA LYS M 117 -12.68 -19.46 56.76
C LYS M 117 -12.76 -17.96 56.48
N LEU M 118 -11.66 -17.41 55.94
CA LEU M 118 -11.58 -15.98 55.67
C LEU M 118 -12.66 -15.56 54.65
N GLU M 119 -12.87 -16.39 53.62
CA GLU M 119 -13.86 -16.14 52.58
C GLU M 119 -15.20 -15.85 53.21
N GLN M 120 -15.51 -16.56 54.30
CA GLN M 120 -16.81 -16.51 54.95
C GLN M 120 -16.95 -15.22 55.77
N CYS M 121 -15.87 -14.81 56.45
CA CYS M 121 -15.85 -13.54 57.15
C CYS M 121 -16.23 -12.43 56.18
N VAL M 122 -15.53 -12.39 55.04
CA VAL M 122 -15.65 -11.32 54.06
C VAL M 122 -17.07 -11.30 53.49
N ALA M 123 -17.54 -12.47 53.07
CA ALA M 123 -18.82 -12.60 52.37
C ALA M 123 -19.97 -12.11 53.25
N CYS M 124 -19.93 -12.52 54.52
CA CYS M 124 -21.02 -12.24 55.46
C CYS M 124 -20.98 -10.78 55.89
N HIS M 125 -19.79 -10.30 56.21
CA HIS M 125 -19.61 -8.95 56.73
C HIS M 125 -19.74 -7.91 55.62
N SER M 126 -19.57 -8.34 54.37
CA SER M 126 -19.67 -7.43 53.24
C SER M 126 -21.07 -6.82 53.18
N VAL M 127 -22.01 -7.48 53.83
CA VAL M 127 -23.39 -7.03 53.85
C VAL M 127 -23.75 -6.59 55.27
N MET M 128 -23.26 -7.34 56.27
CA MET M 128 -23.61 -7.10 57.67
C MET M 128 -22.96 -5.83 58.19
N THR M 129 -21.66 -5.65 57.89
CA THR M 129 -20.94 -4.43 58.23
C THR M 129 -20.16 -3.97 57.00
N PRO M 130 -20.86 -3.44 55.96
CA PRO M 130 -20.25 -3.22 54.65
C PRO M 130 -18.95 -2.41 54.68
N GLY M 131 -18.93 -1.35 55.47
CA GLY M 131 -17.83 -0.40 55.52
C GLY M 131 -16.51 -1.05 55.92
N ILE M 132 -16.58 -2.03 56.82
CA ILE M 132 -15.40 -2.73 57.31
C ILE M 132 -14.77 -3.53 56.19
N VAL M 133 -15.61 -4.20 55.39
CA VAL M 133 -15.11 -5.02 54.28
C VAL M 133 -14.59 -4.11 53.16
N ARG M 134 -15.27 -2.97 52.92
CA ARG M 134 -14.82 -2.01 51.92
C ARG M 134 -13.41 -1.54 52.28
N ASP M 135 -13.19 -1.27 53.57
CA ASP M 135 -11.91 -0.80 54.08
C ASP M 135 -10.87 -1.90 53.96
N TYR M 136 -11.24 -3.11 54.38
CA TYR M 136 -10.34 -4.25 54.38
C TYR M 136 -9.82 -4.53 52.97
N ASN M 137 -10.72 -4.48 51.98
CA ASN M 137 -10.38 -4.81 50.61
C ASN M 137 -9.41 -3.80 50.02
N LYS M 138 -9.45 -2.56 50.53
CA LYS M 138 -8.56 -1.50 50.09
C LYS M 138 -7.18 -1.68 50.73
N SER M 139 -7.17 -2.33 51.91
CA SER M 139 -5.95 -2.45 52.71
C SER M 139 -4.94 -3.38 52.04
N ALA M 140 -3.66 -3.18 52.38
CA ALA M 140 -2.58 -4.01 51.89
C ALA M 140 -2.68 -5.41 52.48
N HIS M 141 -3.30 -5.50 53.68
CA HIS M 141 -3.44 -6.75 54.40
C HIS M 141 -4.16 -7.79 53.54
N SER M 142 -5.15 -7.35 52.77
CA SER M 142 -5.99 -8.23 51.98
C SER M 142 -5.22 -8.77 50.78
N LYS M 143 -4.24 -7.99 50.29
CA LYS M 143 -3.54 -8.28 49.04
C LYS M 143 -2.25 -9.05 49.33
N ALA M 144 -1.90 -9.20 50.61
CA ALA M 144 -0.63 -9.77 51.03
C ALA M 144 -0.51 -11.22 50.57
N GLU M 145 0.72 -11.60 50.19
CA GLU M 145 1.04 -12.95 49.75
C GLU M 145 2.26 -13.45 50.53
N PRO M 146 2.37 -14.78 50.70
CA PRO M 146 1.51 -15.78 50.08
C PRO M 146 0.11 -15.92 50.70
N ALA M 147 -0.03 -15.49 51.96
CA ALA M 147 -1.30 -15.53 52.67
C ALA M 147 -1.67 -14.12 53.14
N PRO M 148 -2.94 -13.68 52.95
CA PRO M 148 -3.36 -12.36 53.40
C PRO M 148 -3.51 -12.30 54.92
N THR M 149 -3.29 -11.11 55.48
CA THR M 149 -3.61 -10.83 56.87
C THR M 149 -5.10 -10.53 56.95
N GLY M 150 -5.90 -11.58 57.19
CA GLY M 150 -7.35 -11.49 57.07
C GLY M 150 -8.02 -11.25 58.40
N CYS M 151 -9.35 -11.11 58.37
CA CYS M 151 -10.17 -10.87 59.54
C CYS M 151 -9.82 -11.88 60.63
N ASP M 152 -9.64 -13.14 60.20
CA ASP M 152 -9.37 -14.27 61.09
C ASP M 152 -7.99 -14.12 61.72
N THR M 153 -7.05 -13.51 60.98
CA THR M 153 -5.68 -13.33 61.46
C THR M 153 -5.68 -12.39 62.66
N CYS M 154 -6.60 -11.41 62.66
CA CYS M 154 -6.62 -10.36 63.67
C CYS M 154 -7.68 -10.62 64.73
N HIS M 155 -8.69 -11.46 64.40
CA HIS M 155 -9.87 -11.59 65.24
C HIS M 155 -10.10 -13.02 65.71
N GLY M 156 -9.57 -14.00 64.97
CA GLY M 156 -9.80 -15.40 65.29
C GLY M 156 -10.80 -16.05 64.33
N ASN M 157 -10.87 -17.39 64.37
CA ASN M 157 -11.68 -18.15 63.45
C ASN M 157 -13.03 -18.49 64.08
N ASN M 158 -13.02 -18.71 65.40
CA ASN M 158 -14.19 -19.13 66.14
C ASN M 158 -15.00 -17.90 66.52
N HIS M 159 -16.24 -17.82 66.01
CA HIS M 159 -17.07 -16.64 66.17
C HIS M 159 -17.56 -16.51 67.62
N GLN M 160 -17.44 -17.61 68.38
CA GLN M 160 -17.81 -17.62 69.78
C GLN M 160 -16.60 -17.28 70.64
N LYS M 161 -15.41 -17.26 70.01
CA LYS M 161 -14.17 -16.96 70.70
C LYS M 161 -13.39 -15.89 69.94
N LEU M 162 -14.10 -14.83 69.53
CA LEU M 162 -13.50 -13.72 68.82
C LEU M 162 -12.63 -12.90 69.79
N THR M 163 -11.61 -12.24 69.24
CA THR M 163 -10.73 -11.40 70.03
C THR M 163 -10.53 -10.07 69.32
N MET M 164 -10.24 -9.02 70.11
CA MET M 164 -9.91 -7.71 69.58
C MET M 164 -8.39 -7.53 69.63
N PRO M 165 -7.72 -7.26 68.50
CA PRO M 165 -6.25 -7.21 68.46
C PRO M 165 -5.70 -5.90 69.03
N SER M 166 -4.88 -6.04 70.07
CA SER M 166 -4.21 -4.90 70.68
C SER M 166 -2.93 -4.58 69.92
N SER M 167 -2.16 -3.62 70.46
CA SER M 167 -0.87 -3.26 69.89
C SER M 167 0.10 -4.43 69.95
N LYS M 168 -0.09 -5.31 70.95
CA LYS M 168 0.73 -6.50 71.12
C LYS M 168 0.51 -7.46 69.95
N ALA M 169 -0.72 -7.51 69.44
CA ALA M 169 -1.08 -8.40 68.34
C ALA M 169 -0.42 -7.93 67.05
N CYS M 170 -0.41 -6.61 66.84
CA CYS M 170 0.19 -6.01 65.66
C CYS M 170 1.72 -6.12 65.74
N GLY M 171 2.24 -6.04 66.98
CA GLY M 171 3.66 -5.87 67.23
C GLY M 171 4.41 -7.18 67.44
N THR M 172 3.81 -8.29 66.97
CA THR M 172 4.45 -9.58 67.00
C THR M 172 5.66 -9.55 66.06
N ALA M 173 6.67 -10.37 66.39
CA ALA M 173 7.95 -10.40 65.70
C ALA M 173 7.75 -10.68 64.20
N GLU M 174 6.73 -11.49 63.90
CA GLU M 174 6.44 -11.93 62.55
C GLU M 174 5.81 -10.79 61.75
N CYS M 175 5.32 -9.76 62.44
CA CYS M 175 4.52 -8.72 61.80
C CYS M 175 5.19 -7.36 61.96
N HIS M 176 4.72 -6.54 62.91
CA HIS M 176 5.17 -5.16 63.02
C HIS M 176 5.83 -4.90 64.37
N GLU M 177 6.83 -5.72 64.70
CA GLU M 177 7.54 -5.57 65.95
C GLU M 177 8.29 -4.24 65.98
N THR M 178 8.74 -3.79 64.81
CA THR M 178 9.55 -2.58 64.67
C THR M 178 8.79 -1.39 65.25
N GLN M 179 7.55 -1.19 64.78
CA GLN M 179 6.75 -0.03 65.13
C GLN M 179 6.32 -0.12 66.60
N TYR M 180 6.04 -1.35 67.07
CA TYR M 180 5.64 -1.57 68.45
C TYR M 180 6.76 -1.16 69.40
N ASN M 181 7.99 -1.61 69.07
CA ASN M 181 9.16 -1.36 69.89
C ASN M 181 9.50 0.13 69.87
N GLU M 182 9.37 0.74 68.68
CA GLU M 182 9.63 2.16 68.51
C GLU M 182 8.73 2.95 69.46
N GLN M 183 7.42 2.70 69.37
CA GLN M 183 6.44 3.40 70.19
C GLN M 183 6.75 3.17 71.67
N GLY M 184 7.16 1.94 71.99
CA GLY M 184 7.38 1.52 73.37
C GLY M 184 8.60 2.17 74.02
N GLN M 185 9.43 2.84 73.20
CA GLN M 185 10.62 3.52 73.68
C GLN M 185 10.23 4.79 74.43
N GLY M 186 8.97 5.21 74.28
CA GLY M 186 8.47 6.42 74.90
C GLY M 186 8.45 6.32 76.42
N GLY M 187 8.70 7.45 77.09
CA GLY M 187 8.72 7.50 78.54
C GLY M 187 7.34 7.81 79.11
N ILE M 188 7.32 8.52 80.24
CA ILE M 188 6.08 9.03 80.83
C ILE M 188 5.53 10.11 79.91
N GLY M 189 4.21 10.11 79.73
CA GLY M 189 3.53 11.13 78.95
C GLY M 189 3.68 10.90 77.44
N SER M 190 4.00 9.66 77.06
CA SER M 190 4.16 9.29 75.65
C SER M 190 3.02 8.36 75.24
N HIS M 191 3.10 7.86 73.99
CA HIS M 191 2.12 6.92 73.48
C HIS M 191 2.33 5.54 74.09
N ALA M 192 3.41 5.39 74.86
CA ALA M 192 3.78 4.10 75.42
C ALA M 192 3.12 3.90 76.78
N SER M 193 2.65 5.00 77.40
CA SER M 193 2.26 4.97 78.79
C SER M 193 0.93 5.70 79.02
N CYS M 194 0.32 6.20 77.93
CA CYS M 194 -0.84 7.06 78.03
C CYS M 194 -2.08 6.29 78.51
N SER M 195 -2.05 4.97 78.37
CA SER M 195 -3.11 4.13 78.91
C SER M 195 -2.71 3.62 80.29
N SER M 196 -1.55 2.94 80.35
CA SER M 196 -1.12 2.17 81.50
C SER M 196 -0.91 3.07 82.72
N PHE M 197 -0.41 4.28 82.50
CA PHE M 197 -0.18 5.21 83.60
C PHE M 197 -1.30 6.23 83.68
N ALA M 198 -1.38 7.09 82.65
CA ALA M 198 -2.19 8.30 82.69
C ALA M 198 -3.66 7.98 82.92
N GLN M 199 -4.16 6.91 82.29
CA GLN M 199 -5.58 6.62 82.26
C GLN M 199 -5.95 5.59 83.34
N VAL M 200 -5.13 4.54 83.46
CA VAL M 200 -5.43 3.45 84.38
C VAL M 200 -5.34 3.95 85.82
N GLU M 201 -4.50 4.97 86.04
CA GLU M 201 -4.32 5.54 87.37
C GLU M 201 -4.81 6.99 87.38
N CYS M 202 -5.83 7.27 86.57
CA CYS M 202 -6.38 8.61 86.46
C CYS M 202 -7.29 8.90 87.65
N ALA M 203 -6.87 9.86 88.48
CA ALA M 203 -7.54 10.17 89.73
C ALA M 203 -9.02 10.46 89.50
N TRP M 204 -9.31 11.40 88.59
CA TRP M 204 -10.66 11.90 88.38
C TRP M 204 -11.59 10.80 87.87
N SER M 205 -11.06 9.96 86.96
CA SER M 205 -11.84 8.88 86.38
C SER M 205 -12.29 7.90 87.46
N ILE M 206 -11.37 7.57 88.36
CA ILE M 206 -11.62 6.64 89.45
C ILE M 206 -12.63 7.25 90.41
N GLU M 207 -12.44 8.54 90.71
CA GLU M 207 -13.22 9.28 91.71
C GLU M 207 -14.69 9.34 91.34
N ARG M 208 -14.97 9.57 90.05
CA ARG M 208 -16.30 9.94 89.60
C ARG M 208 -17.09 8.72 89.15
N PRO M 209 -18.42 8.84 88.94
CA PRO M 209 -19.18 7.84 88.18
C PRO M 209 -18.61 7.67 86.78
N PRO M 210 -18.75 6.49 86.14
CA PRO M 210 -18.29 6.32 84.77
C PRO M 210 -19.29 7.01 83.85
N GLY M 211 -18.78 7.68 82.81
CA GLY M 211 -19.64 8.47 81.96
C GLY M 211 -19.35 9.94 82.16
N ASP M 212 -19.15 10.31 83.42
CA ASP M 212 -18.59 11.61 83.77
C ASP M 212 -17.30 11.80 83.00
N THR M 213 -16.48 10.74 82.96
CA THR M 213 -15.16 10.77 82.35
C THR M 213 -15.01 9.65 81.33
N ALA M 214 -16.12 9.28 80.68
CA ALA M 214 -16.13 8.20 79.70
C ALA M 214 -15.19 8.52 78.54
N GLY M 215 -15.19 9.78 78.11
CA GLY M 215 -14.38 10.24 77.00
C GLY M 215 -12.89 10.03 77.24
N CYS M 216 -12.49 10.00 78.52
CA CYS M 216 -11.09 9.86 78.89
C CYS M 216 -10.61 8.46 78.54
N THR M 217 -11.48 7.46 78.76
CA THR M 217 -11.18 6.07 78.42
C THR M 217 -11.00 5.95 76.91
N PHE M 218 -11.91 6.58 76.16
CA PHE M 218 -11.96 6.46 74.72
C PHE M 218 -10.77 7.15 74.05
N CYS M 219 -10.22 8.17 74.73
CA CYS M 219 -9.16 8.98 74.15
C CYS M 219 -7.78 8.43 74.53
N HIS M 220 -7.60 8.11 75.81
CA HIS M 220 -6.28 7.88 76.37
C HIS M 220 -5.73 6.50 76.00
N THR M 221 -6.61 5.50 75.96
CA THR M 221 -6.20 4.12 75.80
C THR M 221 -5.66 3.87 74.40
N SER M 222 -6.24 4.57 73.41
CA SER M 222 -6.07 4.28 71.99
C SER M 222 -4.59 4.19 71.58
N PRO M 223 -3.74 5.24 71.78
CA PRO M 223 -2.39 5.24 71.21
C PRO M 223 -1.56 4.04 71.67
N GLU M 224 -1.73 3.65 72.94
CA GLU M 224 -0.93 2.61 73.57
C GLU M 224 -1.50 1.23 73.22
N GLU M 225 -2.84 1.12 73.15
CA GLU M 225 -3.49 -0.18 73.12
C GLU M 225 -3.93 -0.56 71.72
N ARG M 226 -4.28 0.43 70.89
CA ARG M 226 -4.86 0.16 69.59
C ARG M 226 -4.07 0.86 68.49
N CYS M 227 -3.60 0.08 67.51
CA CYS M 227 -2.76 0.60 66.45
C CYS M 227 -3.62 1.06 65.26
N SER M 228 -4.94 1.08 65.45
CA SER M 228 -5.83 1.67 64.48
C SER M 228 -5.82 3.19 64.65
N THR M 229 -4.97 3.66 65.57
CA THR M 229 -4.71 5.07 65.79
C THR M 229 -3.84 5.59 64.64
N CYS M 230 -4.18 6.79 64.15
CA CYS M 230 -3.46 7.51 63.10
C CYS M 230 -3.77 6.91 61.72
N HIS M 231 -3.51 5.61 61.55
CA HIS M 231 -3.97 4.89 60.38
C HIS M 231 -5.19 4.04 60.75
N GLN M 232 -6.36 4.53 60.33
CA GLN M 232 -7.65 4.01 60.74
C GLN M 232 -7.81 2.56 60.26
N ARG M 233 -8.55 1.77 61.05
CA ARG M 233 -9.07 0.50 60.59
C ARG M 233 -10.21 0.78 59.61
N HIS M 234 -10.45 -0.14 58.66
CA HIS M 234 -9.67 -1.35 58.46
C HIS M 234 -8.77 -1.18 57.23
N GLN M 235 -8.54 0.08 56.86
CA GLN M 235 -7.79 0.43 55.66
C GLN M 235 -6.30 0.44 55.95
N PHE M 236 -5.94 0.91 57.15
CA PHE M 236 -4.57 0.99 57.64
C PHE M 236 -3.66 1.61 56.59
N ASP M 237 -4.02 2.84 56.17
CA ASP M 237 -3.30 3.54 55.12
C ASP M 237 -2.26 4.46 55.74
N PRO M 238 -0.95 4.22 55.51
CA PRO M 238 0.09 5.10 56.04
C PRO M 238 0.00 6.51 55.46
N ALA M 239 -0.62 6.62 54.27
CA ALA M 239 -0.74 7.88 53.56
C ALA M 239 -1.69 8.81 54.31
N VAL M 240 -2.75 8.24 54.91
CA VAL M 240 -3.70 9.05 55.66
C VAL M 240 -3.12 9.33 57.05
N ALA M 241 -2.23 8.45 57.51
CA ALA M 241 -1.62 8.57 58.82
C ALA M 241 -0.60 9.71 58.84
N ARG M 242 -0.14 10.11 57.66
CA ARG M 242 0.91 11.12 57.51
C ARG M 242 0.32 12.53 57.55
N ARG M 243 -1.01 12.62 57.58
CA ARG M 243 -1.70 13.90 57.58
C ARG M 243 -1.78 14.46 58.99
N SER M 244 -1.61 15.78 59.10
CA SER M 244 -1.51 16.47 60.38
C SER M 244 -2.79 16.27 61.20
N GLU M 245 -3.93 16.26 60.51
CA GLU M 245 -5.24 16.27 61.15
C GLU M 245 -5.43 15.02 62.03
N GLN M 246 -4.64 13.97 61.76
CA GLN M 246 -4.75 12.71 62.47
C GLN M 246 -4.62 12.93 63.97
N CYS M 247 -3.75 13.88 64.33
CA CYS M 247 -3.35 14.09 65.72
C CYS M 247 -4.39 14.95 66.44
N LYS M 248 -5.20 15.68 65.66
CA LYS M 248 -6.10 16.70 66.19
C LYS M 248 -7.15 16.09 67.09
N THR M 249 -7.53 14.83 66.82
CA THR M 249 -8.65 14.20 67.50
C THR M 249 -8.38 14.06 69.00
N CYS M 250 -7.10 14.06 69.38
CA CYS M 250 -6.72 13.95 70.78
C CYS M 250 -5.93 15.18 71.23
N HIS M 251 -5.10 15.72 70.32
CA HIS M 251 -4.21 16.82 70.64
C HIS M 251 -4.89 18.17 70.35
N TRP M 252 -6.01 18.41 71.03
CA TRP M 252 -6.72 19.68 70.94
C TRP M 252 -7.33 20.01 72.30
N GLY M 253 -7.88 21.22 72.41
CA GLY M 253 -8.78 21.52 73.51
C GLY M 253 -8.09 22.17 74.71
N LYS M 254 -8.74 22.04 75.86
CA LYS M 254 -8.59 22.95 76.98
C LYS M 254 -7.18 22.92 77.55
N ASP M 255 -6.53 21.75 77.53
CA ASP M 255 -5.29 21.57 78.29
C ASP M 255 -4.14 21.20 77.37
N HIS M 256 -4.34 21.27 76.04
CA HIS M 256 -3.28 21.07 75.07
C HIS M 256 -3.77 21.47 73.67
N ARG M 257 -3.63 22.76 73.34
CA ARG M 257 -4.06 23.27 72.05
C ARG M 257 -2.99 23.00 71.00
N ASP M 258 -2.60 21.73 70.86
CA ASP M 258 -1.53 21.34 69.96
C ASP M 258 -1.97 21.59 68.52
N TRP M 259 -3.14 21.07 68.17
CA TRP M 259 -3.70 21.24 66.84
C TRP M 259 -3.97 22.71 66.56
N GLU M 260 -4.70 23.38 67.47
CA GLU M 260 -5.10 24.76 67.30
C GLU M 260 -3.88 25.65 67.04
N ALA M 261 -2.80 25.41 67.80
CA ALA M 261 -1.60 26.22 67.69
C ALA M 261 -0.94 26.02 66.33
N TYR M 262 -0.80 24.75 65.93
CA TYR M 262 -0.21 24.40 64.65
C TYR M 262 -1.07 24.96 63.53
N ASP M 263 -2.39 24.72 63.62
CA ASP M 263 -3.34 24.99 62.55
C ASP M 263 -3.33 26.48 62.19
N ILE M 264 -3.30 27.33 63.22
CA ILE M 264 -3.48 28.76 63.01
C ILE M 264 -2.14 29.44 62.75
N GLY M 265 -1.04 28.80 63.18
CA GLY M 265 0.31 29.26 62.88
C GLY M 265 0.57 29.26 61.38
N LEU M 266 1.73 29.80 60.97
CA LEU M 266 2.04 29.90 59.55
C LEU M 266 2.33 28.53 58.96
N HIS M 267 2.81 27.59 59.79
CA HIS M 267 2.98 26.22 59.36
C HIS M 267 1.63 25.61 58.98
N GLY M 268 0.64 25.83 59.85
CA GLY M 268 -0.72 25.36 59.63
C GLY M 268 -1.43 26.08 58.49
N THR M 269 -1.09 27.36 58.31
CA THR M 269 -1.60 28.15 57.21
C THR M 269 -1.07 27.57 55.90
N VAL M 270 0.26 27.37 55.86
CA VAL M 270 0.91 26.77 54.71
C VAL M 270 0.29 25.42 54.41
N TYR M 271 0.04 24.65 55.48
CA TYR M 271 -0.52 23.31 55.38
C TYR M 271 -1.89 23.35 54.72
N GLN M 272 -2.79 24.17 55.27
CA GLN M 272 -4.18 24.18 54.84
C GLN M 272 -4.30 24.66 53.39
N VAL M 273 -3.34 25.49 52.97
CA VAL M 273 -3.39 26.12 51.67
C VAL M 273 -2.87 25.16 50.60
N ASN M 274 -2.04 24.20 51.01
CA ASN M 274 -1.24 23.44 50.05
C ASN M 274 -1.49 21.94 50.16
N LYS M 275 -2.24 21.48 51.17
CA LYS M 275 -2.24 20.08 51.57
C LYS M 275 -2.81 19.18 50.46
N TRP M 276 -3.68 19.73 49.61
CA TRP M 276 -4.27 18.96 48.54
C TRP M 276 -3.55 19.20 47.22
N ASP M 277 -2.49 20.03 47.26
CA ASP M 277 -1.62 20.21 46.11
C ASP M 277 -0.46 19.23 46.22
N THR M 278 -0.45 18.27 45.29
CA THR M 278 0.47 17.14 45.33
C THR M 278 1.90 17.61 45.12
N GLU M 279 2.05 18.79 44.52
CA GLU M 279 3.35 19.38 44.22
C GLU M 279 3.97 19.98 45.49
N GLN M 280 3.14 20.18 46.52
CA GLN M 280 3.58 20.83 47.75
C GLN M 280 3.61 19.82 48.89
N PHE M 281 2.63 18.92 48.89
CA PHE M 281 2.54 17.87 49.90
C PHE M 281 2.23 16.55 49.23
N ASP M 282 3.20 15.63 49.28
CA ASP M 282 3.04 14.31 48.70
C ASP M 282 3.01 13.28 49.83
N PHE M 283 1.80 12.80 50.14
CA PHE M 283 1.59 11.94 51.30
C PHE M 283 1.91 10.48 50.96
N SER M 284 2.19 10.21 49.68
CA SER M 284 2.55 8.87 49.25
C SER M 284 4.02 8.58 49.61
N LYS M 285 4.82 9.65 49.75
CA LYS M 285 6.21 9.54 50.14
C LYS M 285 6.29 9.12 51.60
N LYS M 286 7.31 8.31 51.93
CA LYS M 286 7.61 7.97 53.31
C LYS M 286 8.23 9.20 53.98
N LEU M 287 8.14 9.23 55.31
CA LEU M 287 8.52 10.42 56.07
C LEU M 287 10.01 10.72 55.91
N SER M 288 10.80 9.68 55.58
CA SER M 288 12.22 9.84 55.34
C SER M 288 12.47 10.66 54.08
N ASP M 289 11.51 10.61 53.15
CA ASP M 289 11.66 11.25 51.86
C ASP M 289 10.74 12.47 51.76
N ALA M 290 10.10 12.82 52.88
CA ALA M 290 9.15 13.93 52.91
C ALA M 290 9.86 15.23 52.56
N ASP M 291 9.40 15.86 51.48
CA ASP M 291 9.99 17.10 50.98
C ASP M 291 8.91 18.16 50.86
N TYR M 292 8.07 18.28 51.89
CA TYR M 292 6.93 19.20 51.89
C TYR M 292 7.43 20.64 51.91
N VAL M 293 6.54 21.56 51.52
CA VAL M 293 6.84 22.99 51.59
C VAL M 293 6.87 23.40 53.05
N GLY M 294 5.93 22.86 53.84
CA GLY M 294 5.82 23.14 55.26
C GLY M 294 5.78 21.84 56.07
N PRO M 295 6.01 21.90 57.41
CA PRO M 295 6.03 20.68 58.23
C PRO M 295 4.64 20.22 58.65
N THR M 296 4.54 18.90 58.91
CA THR M 296 3.38 18.29 59.54
C THR M 296 3.79 17.86 60.94
N CYS M 297 2.80 17.52 61.78
CA CYS M 297 3.08 17.02 63.12
C CYS M 297 4.10 15.88 63.02
N GLN M 298 3.88 15.02 62.03
CA GLN M 298 4.68 13.82 61.81
C GLN M 298 6.09 14.22 61.37
N TYR M 299 6.20 15.28 60.57
CA TYR M 299 7.47 15.74 60.04
C TYR M 299 8.43 16.06 61.19
N CYS M 300 7.88 16.59 62.30
CA CYS M 300 8.69 17.06 63.41
C CYS M 300 8.80 16.00 64.50
N HIS M 301 7.67 15.37 64.84
CA HIS M 301 7.61 14.49 66.01
C HIS M 301 7.90 13.04 65.64
N MET M 302 7.64 12.66 64.39
CA MET M 302 7.87 11.30 63.94
C MET M 302 8.92 11.32 62.83
N ARG M 303 9.98 12.10 63.06
CA ARG M 303 11.11 12.24 62.15
C ARG M 303 11.55 10.84 61.70
N GLY M 304 11.66 10.67 60.38
CA GLY M 304 12.13 9.42 59.79
C GLY M 304 11.11 8.29 59.89
N GLY M 305 9.92 8.59 60.43
CA GLY M 305 8.85 7.62 60.57
C GLY M 305 8.91 6.85 61.88
N HIS M 306 9.80 7.28 62.79
CA HIS M 306 9.94 6.67 64.10
C HIS M 306 8.63 6.81 64.88
N HIS M 307 8.21 5.73 65.53
CA HIS M 307 6.88 5.66 66.14
C HIS M 307 6.89 6.18 67.58
N ASN M 308 8.07 6.34 68.16
CA ASN M 308 8.19 7.05 69.43
C ASN M 308 8.06 8.54 69.14
N VAL M 309 6.88 9.07 69.48
CA VAL M 309 6.46 10.40 69.08
C VAL M 309 7.11 11.42 70.03
N GLN M 310 7.68 10.91 71.13
CA GLN M 310 8.28 11.72 72.17
C GLN M 310 9.79 11.75 72.00
N ARG M 311 10.29 11.10 70.93
CA ARG M 311 11.71 10.84 70.74
C ARG M 311 12.52 12.13 70.81
N ALA M 312 11.98 13.21 70.27
CA ALA M 312 12.74 14.46 70.11
C ALA M 312 12.50 15.39 71.29
N SER M 313 11.60 15.02 72.20
CA SER M 313 11.25 15.84 73.35
C SER M 313 12.47 16.08 74.23
N ILE M 314 12.53 17.28 74.82
CA ILE M 314 13.67 17.67 75.62
C ILE M 314 13.52 17.13 77.04
N VAL M 315 12.44 17.53 77.73
CA VAL M 315 12.15 17.07 79.07
C VAL M 315 10.64 17.15 79.33
N TYR M 316 10.12 16.15 80.06
CA TYR M 316 8.70 16.11 80.38
C TYR M 316 8.38 17.14 81.45
N THR M 317 7.42 18.01 81.13
CA THR M 317 7.12 19.17 81.97
C THR M 317 5.64 19.16 82.34
N SER M 318 5.06 17.95 82.41
CA SER M 318 3.71 17.76 82.89
C SER M 318 2.73 18.62 82.08
N MET M 319 2.75 18.42 80.76
CA MET M 319 1.85 19.07 79.81
C MET M 319 2.25 20.53 79.60
N GLY M 320 3.39 20.93 80.17
CA GLY M 320 3.85 22.31 80.07
C GLY M 320 3.42 23.15 81.28
N MET M 321 2.81 22.47 82.27
CA MET M 321 2.39 23.12 83.50
C MET M 321 3.63 23.36 84.38
N SER M 322 4.53 22.37 84.42
CA SER M 322 5.85 22.56 85.01
C SER M 322 6.73 23.34 84.04
N MET M 323 7.75 24.02 84.57
CA MET M 323 8.51 24.98 83.80
C MET M 323 9.98 24.56 83.73
N ALA M 324 10.57 24.75 82.54
CA ALA M 324 11.99 24.50 82.30
C ALA M 324 12.48 25.44 81.21
N ASP M 325 13.70 25.96 81.40
CA ASP M 325 14.40 26.66 80.33
C ASP M 325 15.08 25.63 79.45
N ARG M 326 14.42 25.29 78.34
CA ARG M 326 14.87 24.26 77.44
C ARG M 326 16.07 24.77 76.64
N GLY M 327 16.27 26.09 76.65
CA GLY M 327 17.37 26.72 75.93
C GLY M 327 18.64 26.80 76.77
N ALA M 328 18.56 26.32 78.01
CA ALA M 328 19.68 26.36 78.94
C ALA M 328 20.78 25.41 78.48
N PRO M 329 22.07 25.69 78.82
CA PRO M 329 23.19 24.84 78.39
C PRO M 329 23.02 23.36 78.73
N LEU M 330 22.21 23.07 79.76
CA LEU M 330 21.95 21.71 80.21
C LEU M 330 21.33 20.90 79.08
N TRP M 331 20.46 21.53 78.29
CA TRP M 331 19.70 20.85 77.25
C TRP M 331 20.23 21.21 75.86
N LYS M 332 21.50 21.64 75.77
CA LYS M 332 22.03 22.18 74.54
C LYS M 332 21.88 21.19 73.40
N GLU M 333 22.26 19.93 73.67
CA GLU M 333 22.32 18.90 72.64
C GLU M 333 20.90 18.57 72.14
N LYS M 334 19.93 18.64 73.06
CA LYS M 334 18.56 18.28 72.77
C LYS M 334 17.88 19.38 71.96
N ARG M 335 18.19 20.64 72.28
CA ARG M 335 17.70 21.79 71.56
C ARG M 335 18.33 21.84 70.17
N ASP M 336 19.63 21.49 70.11
CA ASP M 336 20.36 21.45 68.85
C ASP M 336 19.68 20.49 67.89
N ARG M 337 19.14 19.39 68.43
CA ARG M 337 18.48 18.38 67.61
C ARG M 337 17.23 18.98 66.97
N TRP M 338 16.51 19.81 67.73
CA TRP M 338 15.32 20.48 67.24
C TRP M 338 15.67 21.45 66.12
N VAL M 339 16.79 22.15 66.28
CA VAL M 339 17.28 23.09 65.29
C VAL M 339 17.62 22.35 64.01
N SER M 340 18.06 21.09 64.14
CA SER M 340 18.39 20.23 63.02
C SER M 340 17.17 19.91 62.16
N ILE M 341 16.01 19.85 62.84
CA ILE M 341 14.74 19.57 62.18
C ILE M 341 14.26 20.83 61.46
N CYS M 342 14.35 21.98 62.13
CA CYS M 342 13.95 23.25 61.55
C CYS M 342 14.90 23.64 60.42
N ASP M 343 16.17 23.22 60.56
CA ASP M 343 17.25 23.43 59.61
C ASP M 343 16.80 23.15 58.18
N ASP M 344 15.81 22.25 58.03
CA ASP M 344 15.37 21.76 56.75
C ASP M 344 14.87 22.93 55.88
N CYS M 345 14.32 23.96 56.53
CA CYS M 345 13.67 25.04 55.78
C CYS M 345 14.00 26.42 56.37
N HIS M 346 14.92 26.45 57.34
CA HIS M 346 15.32 27.69 57.99
C HIS M 346 16.81 27.65 58.30
N SER M 347 17.41 28.83 58.47
CA SER M 347 18.77 28.93 58.98
C SER M 347 18.79 28.47 60.44
N PRO M 348 19.86 27.77 60.89
CA PRO M 348 19.98 27.37 62.30
C PRO M 348 19.68 28.54 63.25
N ARG M 349 20.20 29.72 62.91
CA ARG M 349 20.09 30.88 63.78
C ARG M 349 18.62 31.25 63.97
N PHE M 350 17.88 31.32 62.86
CA PHE M 350 16.48 31.75 62.88
C PHE M 350 15.68 30.83 63.80
N ALA M 351 15.91 29.52 63.65
CA ALA M 351 15.18 28.53 64.41
C ALA M 351 15.58 28.59 65.89
N ARG M 352 16.89 28.68 66.13
CA ARG M 352 17.42 28.61 67.48
C ARG M 352 16.86 29.78 68.29
N GLU M 353 16.77 30.95 67.65
CA GLU M 353 16.37 32.17 68.32
C GLU M 353 14.86 32.21 68.53
N ASN M 354 14.12 31.61 67.60
CA ASN M 354 12.67 31.53 67.69
C ASN M 354 12.26 30.63 68.85
N LEU M 355 13.00 29.53 69.04
CA LEU M 355 12.74 28.60 70.13
C LEU M 355 13.21 29.21 71.44
N GLN M 356 14.19 30.12 71.37
CA GLN M 356 14.64 30.85 72.54
C GLN M 356 13.52 31.75 73.05
N ALA M 357 12.81 32.37 72.10
CA ALA M 357 11.68 33.22 72.42
C ALA M 357 10.62 32.41 73.18
N MET M 358 10.41 31.16 72.76
CA MET M 358 9.48 30.27 73.42
C MET M 358 9.89 30.10 74.89
N ASP M 359 11.19 29.84 75.10
CA ASP M 359 11.73 29.61 76.44
C ASP M 359 11.42 30.80 77.33
N GLU M 360 11.55 32.01 76.78
CA GLU M 360 11.36 33.25 77.51
C GLU M 360 9.89 33.41 77.89
N SER M 361 8.99 33.06 76.96
CA SER M 361 7.56 33.14 77.17
C SER M 361 7.15 32.19 78.29
N VAL M 362 7.80 31.01 78.33
CA VAL M 362 7.51 29.97 79.30
C VAL M 362 7.91 30.44 80.69
N LYS M 363 9.08 31.10 80.78
CA LYS M 363 9.63 31.55 82.04
C LYS M 363 8.79 32.71 82.59
N ASP M 364 8.37 33.61 81.69
CA ASP M 364 7.59 34.78 82.05
C ASP M 364 6.20 34.36 82.49
N ALA M 365 5.71 33.23 81.95
CA ALA M 365 4.40 32.71 82.28
C ALA M 365 4.39 32.20 83.72
N SER M 366 5.48 31.53 84.12
CA SER M 366 5.57 30.94 85.44
C SER M 366 5.80 32.01 86.50
N LEU M 367 6.42 33.12 86.08
CA LEU M 367 6.55 34.30 86.91
C LEU M 367 5.17 34.77 87.34
N LYS M 368 4.23 34.85 86.37
CA LYS M 368 2.86 35.27 86.63
C LYS M 368 2.17 34.28 87.56
N TYR M 369 2.39 32.98 87.32
CA TYR M 369 1.68 31.97 88.09
C TYR M 369 2.18 31.96 89.53
N ARG M 370 3.49 32.19 89.71
CA ARG M 370 4.07 32.26 91.04
C ARG M 370 3.37 33.36 91.86
N GLU M 371 3.09 34.49 91.20
CA GLU M 371 2.37 35.58 91.83
C GLU M 371 0.93 35.15 92.13
N THR M 372 0.33 34.41 91.19
CA THR M 372 -1.05 33.95 91.32
C THR M 372 -1.15 32.94 92.46
N PHE M 373 -0.16 32.04 92.55
CA PHE M 373 -0.16 30.98 93.54
C PHE M 373 0.03 31.56 94.93
N LYS M 374 0.89 32.59 95.03
CA LYS M 374 1.21 33.22 96.30
C LYS M 374 -0.08 33.73 96.95
N VAL M 375 -0.93 34.37 96.14
CA VAL M 375 -2.19 34.91 96.61
C VAL M 375 -3.05 33.80 97.20
N ALA M 376 -3.08 32.65 96.52
CA ALA M 376 -3.89 31.51 96.91
C ALA M 376 -3.31 30.84 98.15
N GLU M 377 -1.98 30.75 98.21
CA GLU M 377 -1.27 30.09 99.30
C GLU M 377 -1.43 30.90 100.59
N ASP M 378 -1.45 32.24 100.44
CA ASP M 378 -1.55 33.15 101.57
C ASP M 378 -2.92 33.03 102.21
N LEU M 379 -3.95 32.79 101.39
CA LEU M 379 -5.31 32.60 101.90
C LEU M 379 -5.37 31.37 102.79
N LEU M 380 -4.62 30.33 102.42
CA LEU M 380 -4.62 29.06 103.14
C LEU M 380 -3.87 29.21 104.45
N ILE M 381 -2.69 29.84 104.39
CA ILE M 381 -1.82 30.00 105.54
C ILE M 381 -2.50 30.91 106.56
N ASP M 382 -3.17 31.96 106.08
CA ASP M 382 -3.88 32.90 106.95
C ASP M 382 -5.21 32.30 107.38
N GLY M 383 -5.59 31.17 106.77
CA GLY M 383 -6.77 30.42 107.16
C GLY M 383 -8.08 31.12 106.81
N VAL M 384 -8.03 32.06 105.87
CA VAL M 384 -9.18 32.87 105.50
C VAL M 384 -9.76 32.40 104.17
N LEU M 385 -9.16 31.34 103.59
CA LEU M 385 -9.66 30.72 102.37
C LEU M 385 -11.06 30.17 102.66
N ASP M 386 -11.96 30.37 101.69
CA ASP M 386 -13.40 30.19 101.92
C ASP M 386 -13.97 29.14 100.97
N PRO M 387 -14.00 27.87 101.40
CA PRO M 387 -13.56 27.45 102.71
C PRO M 387 -12.20 26.76 102.69
N MET M 388 -11.73 26.37 103.87
CA MET M 388 -10.50 25.62 104.02
C MET M 388 -10.72 24.18 103.59
N PRO M 389 -9.67 23.45 103.13
CA PRO M 389 -9.81 22.09 102.62
C PRO M 389 -10.61 21.13 103.51
N LYS M 390 -10.55 21.36 104.83
CA LYS M 390 -11.18 20.48 105.80
C LYS M 390 -12.70 20.58 105.71
N ASP M 391 -13.19 21.67 105.12
CA ASP M 391 -14.61 21.94 105.04
C ASP M 391 -15.16 21.64 103.64
N LEU M 392 -14.26 21.20 102.75
CA LEU M 392 -14.66 20.70 101.44
C LEU M 392 -14.97 19.22 101.55
N CYS M 393 -15.65 18.68 100.53
CA CYS M 393 -15.84 17.25 100.37
C CYS M 393 -14.47 16.58 100.32
N PRO M 394 -14.29 15.39 100.95
CA PRO M 394 -13.03 14.66 100.86
C PRO M 394 -12.65 14.37 99.41
N ASP M 395 -11.35 14.44 99.12
CA ASP M 395 -10.83 14.19 97.78
C ASP M 395 -10.97 12.71 97.43
N TRP M 396 -10.54 12.35 96.21
CA TRP M 396 -10.69 11.00 95.69
C TRP M 396 -10.10 9.97 96.65
N SER M 397 -9.08 10.41 97.39
CA SER M 397 -8.31 9.57 98.30
C SER M 397 -9.09 9.32 99.58
N GLY M 398 -10.03 10.22 99.88
CA GLY M 398 -10.78 10.19 101.13
C GLY M 398 -10.14 11.11 102.17
N GLN M 399 -9.33 12.06 101.70
CA GLN M 399 -8.58 12.96 102.55
C GLN M 399 -9.01 14.40 102.30
N HIS M 400 -8.53 15.31 103.16
CA HIS M 400 -8.84 16.73 103.04
C HIS M 400 -7.55 17.51 102.79
N ILE M 401 -6.73 17.01 101.86
CA ILE M 401 -5.50 17.66 101.47
C ILE M 401 -5.84 18.82 100.54
N TRP M 402 -5.07 19.90 100.64
CA TRP M 402 -5.23 21.08 99.80
C TRP M 402 -5.01 20.70 98.34
N SER M 403 -5.92 21.16 97.48
CA SER M 403 -5.92 20.88 96.06
C SER M 403 -4.56 21.19 95.42
N LEU M 404 -3.99 22.34 95.77
CA LEU M 404 -2.85 22.90 95.06
C LEU M 404 -1.53 22.45 95.67
N LYS M 405 -1.61 21.58 96.71
CA LYS M 405 -0.42 21.15 97.42
C LYS M 405 0.43 20.25 96.54
N ILE M 406 1.68 20.68 96.32
CA ILE M 406 2.69 19.88 95.66
C ILE M 406 3.65 19.34 96.73
N GLY M 407 3.65 18.01 96.88
CA GLY M 407 4.36 17.33 97.96
C GLY M 407 5.84 17.64 98.00
N ALA M 408 6.42 17.95 96.84
CA ALA M 408 7.85 18.18 96.70
C ALA M 408 8.23 19.57 97.22
N TYR M 409 7.24 20.47 97.32
CA TYR M 409 7.52 21.86 97.66
C TYR M 409 6.83 22.27 98.95
N HIS M 410 5.69 21.62 99.25
CA HIS M 410 4.83 22.06 100.35
C HIS M 410 4.81 21.01 101.45
N ASP M 411 4.95 21.46 102.70
CA ASP M 411 4.83 20.62 103.87
C ASP M 411 4.35 21.46 105.04
N GLY M 412 3.37 20.94 105.80
CA GLY M 412 2.81 21.66 106.92
C GLY M 412 1.40 21.19 107.29
N GLU M 413 0.90 21.70 108.42
CA GLU M 413 -0.38 21.32 108.98
C GLU M 413 -1.50 21.86 108.09
N ALA M 414 -1.28 23.05 107.52
CA ALA M 414 -2.28 23.77 106.75
C ALA M 414 -2.56 23.06 105.43
N TYR M 415 -1.54 22.36 104.90
CA TYR M 415 -1.62 21.73 103.60
C TYR M 415 -2.31 20.38 103.69
N GLY M 416 -2.08 19.66 104.81
CA GLY M 416 -2.65 18.34 105.02
C GLY M 416 -1.80 17.25 104.38
N GLY M 417 -2.15 15.99 104.66
CA GLY M 417 -1.48 14.82 104.10
C GLY M 417 -0.11 14.60 104.73
N THR M 418 0.50 13.44 104.41
CA THR M 418 1.81 13.08 104.91
C THR M 418 2.89 13.88 104.16
N THR M 419 4.12 13.82 104.68
CA THR M 419 5.25 14.53 104.10
C THR M 419 5.53 13.99 102.71
N GLY M 420 5.58 14.89 101.72
CA GLY M 420 5.93 14.53 100.35
C GLY M 420 4.70 14.18 99.51
N GLU M 421 3.55 14.02 100.17
CA GLU M 421 2.30 13.67 99.51
C GLU M 421 1.66 14.92 98.94
N SER M 422 1.22 14.84 97.68
CA SER M 422 0.55 15.95 97.01
C SER M 422 -0.95 15.91 97.27
N GLY M 423 -1.63 17.01 96.94
CA GLY M 423 -3.09 17.05 96.94
C GLY M 423 -3.65 16.60 95.59
N GLU M 424 -4.98 16.46 95.51
CA GLU M 424 -5.62 16.12 94.26
C GLU M 424 -5.83 17.39 93.44
N PHE M 425 -4.89 17.63 92.51
CA PHE M 425 -4.92 18.78 91.61
C PHE M 425 -6.18 18.69 90.76
N ARG M 426 -7.04 19.72 90.87
CA ARG M 426 -8.36 19.65 90.25
C ARG M 426 -8.94 21.04 90.04
N MET M 427 -10.00 21.09 89.21
CA MET M 427 -10.78 22.28 88.92
C MET M 427 -12.17 22.12 89.55
N SER M 428 -12.39 20.95 90.16
CA SER M 428 -13.67 20.57 90.74
C SER M 428 -13.53 20.50 92.27
N ASN M 429 -14.67 20.63 92.97
CA ASN M 429 -14.75 20.45 94.41
C ASN M 429 -13.64 21.23 95.10
N CYS M 430 -13.69 22.56 94.95
CA CYS M 430 -12.69 23.45 95.52
C CYS M 430 -13.25 24.87 95.54
N THR M 431 -12.41 25.83 95.96
CA THR M 431 -12.75 27.24 95.95
C THR M 431 -12.53 27.80 94.55
N ASP M 432 -13.06 29.00 94.29
CA ASP M 432 -12.84 29.70 93.04
C ASP M 432 -11.36 29.98 92.85
N VAL M 433 -10.68 30.31 93.97
CA VAL M 433 -9.28 30.67 93.94
C VAL M 433 -8.44 29.47 93.51
N GLU M 434 -8.77 28.29 94.06
CA GLU M 434 -8.13 27.03 93.69
C GLU M 434 -8.38 26.75 92.21
N ARG M 435 -9.64 26.92 91.79
CA ARG M 435 -10.08 26.61 90.44
C ARG M 435 -9.34 27.50 89.44
N LEU M 436 -9.29 28.80 89.72
CA LEU M 436 -8.71 29.78 88.79
C LEU M 436 -7.21 29.55 88.67
N CYS M 437 -6.58 29.09 89.76
CA CYS M 437 -5.17 28.75 89.76
C CYS M 437 -4.93 27.56 88.82
N PHE M 438 -5.79 26.54 88.96
CA PHE M 438 -5.73 25.36 88.12
C PHE M 438 -5.86 25.78 86.65
N GLU M 439 -6.83 26.65 86.37
CA GLU M 439 -7.12 27.09 85.01
C GLU M 439 -5.93 27.87 84.45
N SER M 440 -5.27 28.65 85.31
CA SER M 440 -4.20 29.54 84.86
C SER M 440 -2.99 28.74 84.38
N VAL M 441 -2.63 27.71 85.14
CA VAL M 441 -1.44 26.91 84.85
C VAL M 441 -1.82 25.73 83.95
N GLY M 442 -3.03 25.20 84.14
CA GLY M 442 -3.45 23.96 83.50
C GLY M 442 -4.05 24.19 82.11
N TYR M 443 -4.55 25.40 81.87
CA TYR M 443 -5.10 25.74 80.56
C TYR M 443 -4.24 26.82 79.91
N PHE M 444 -4.27 28.03 80.49
CA PHE M 444 -3.75 29.22 79.82
C PHE M 444 -2.24 29.11 79.60
N GLN M 445 -1.52 28.57 80.60
CA GLN M 445 -0.07 28.47 80.53
C GLN M 445 0.35 27.52 79.40
N THR M 446 -0.44 26.46 79.20
CA THR M 446 -0.15 25.46 78.19
C THR M 446 -0.33 26.04 76.79
N TYR M 447 -1.21 27.05 76.68
CA TYR M 447 -1.43 27.72 75.41
C TYR M 447 -0.20 28.53 75.03
N ILE M 448 0.55 28.98 76.04
CA ILE M 448 1.76 29.76 75.81
C ILE M 448 2.87 28.84 75.32
N TYR M 449 3.07 27.71 76.02
CA TYR M 449 4.11 26.76 75.63
C TYR M 449 3.82 26.20 74.25
N LYS M 450 2.63 25.60 74.08
CA LYS M 450 2.25 24.95 72.83
C LYS M 450 2.13 26.00 71.73
N GLY M 451 1.60 27.18 72.09
CA GLY M 451 1.44 28.28 71.16
C GLY M 451 2.78 28.69 70.54
N MET M 452 3.76 28.94 71.40
CA MET M 452 5.06 29.44 70.98
C MET M 452 5.84 28.34 70.26
N ALA M 453 5.60 27.08 70.67
CA ALA M 453 6.30 25.95 70.09
C ALA M 453 5.84 25.70 68.66
N HIS M 454 4.59 26.07 68.35
CA HIS M 454 4.01 25.71 67.07
C HIS M 454 3.79 26.93 66.19
N GLY M 455 4.12 28.11 66.72
CA GLY M 455 4.15 29.34 65.94
C GLY M 455 2.83 30.11 65.96
N SER M 456 1.98 29.81 66.95
CA SER M 456 0.74 30.54 67.14
C SER M 456 0.94 31.67 68.14
N TRP M 457 1.14 32.88 67.61
CA TRP M 457 1.50 34.04 68.41
C TRP M 457 0.32 34.52 69.25
N ASN M 458 -0.89 34.29 68.75
CA ASN M 458 -2.11 34.74 69.41
C ASN M 458 -2.45 33.79 70.55
N ASP M 459 -2.13 32.51 70.38
CA ASP M 459 -2.37 31.50 71.40
C ASP M 459 -1.49 31.77 72.62
N ALA M 460 -0.39 32.48 72.41
CA ALA M 460 0.59 32.74 73.45
C ALA M 460 0.31 34.09 74.12
N THR M 461 -0.59 34.87 73.52
CA THR M 461 -0.89 36.22 73.99
C THR M 461 -2.40 36.40 74.21
N TYR M 462 -3.09 36.93 73.19
CA TYR M 462 -4.45 37.40 73.32
C TYR M 462 -5.42 36.24 73.56
N SER M 463 -5.26 35.16 72.80
CA SER M 463 -6.21 34.06 72.81
C SER M 463 -5.98 33.15 74.02
N ASP M 464 -6.25 33.70 75.20
CA ASP M 464 -6.25 32.98 76.48
C ASP M 464 -4.84 32.53 76.83
N GLY M 465 -3.83 33.21 76.27
CA GLY M 465 -2.44 32.91 76.54
C GLY M 465 -1.92 33.69 77.74
N SER M 466 -0.92 34.54 77.46
CA SER M 466 -0.32 35.41 78.46
C SER M 466 -1.41 36.28 79.10
N PHE M 467 -2.31 36.79 78.26
CA PHE M 467 -3.33 37.72 78.71
C PHE M 467 -4.48 36.98 79.38
N GLY M 468 -4.59 35.67 79.11
CA GLY M 468 -5.50 34.81 79.84
C GLY M 468 -5.09 34.72 81.31
N MET M 469 -3.78 34.51 81.53
CA MET M 469 -3.21 34.38 82.86
C MET M 469 -3.35 35.71 83.60
N ASP M 470 -3.20 36.81 82.85
CA ASP M 470 -3.36 38.15 83.37
C ASP M 470 -4.76 38.34 83.95
N ARG M 471 -5.76 37.89 83.17
CA ARG M 471 -7.16 38.04 83.50
C ARG M 471 -7.50 37.22 84.74
N TRP M 472 -6.89 36.04 84.84
CA TRP M 472 -7.16 35.12 85.94
C TRP M 472 -6.45 35.57 87.22
N LEU M 473 -5.30 36.24 87.06
CA LEU M 473 -4.58 36.81 88.19
C LEU M 473 -5.44 37.87 88.87
N VAL M 474 -6.07 38.73 88.05
CA VAL M 474 -6.99 39.76 88.50
C VAL M 474 -8.14 39.09 89.24
N ASN M 475 -8.66 38.00 88.66
CA ASN M 475 -9.82 37.30 89.19
C ASN M 475 -9.48 36.68 90.54
N VAL M 476 -8.26 36.16 90.66
CA VAL M 476 -7.81 35.52 91.89
C VAL M 476 -7.65 36.59 92.97
N LYS M 477 -7.03 37.72 92.60
CA LYS M 477 -6.77 38.81 93.53
C LYS M 477 -8.09 39.33 94.10
N GLN M 478 -9.09 39.49 93.22
CA GLN M 478 -10.39 40.02 93.60
C GLN M 478 -11.07 39.06 94.58
N ASN M 479 -11.00 37.75 94.30
CA ASN M 479 -11.61 36.74 95.13
C ASN M 479 -10.90 36.66 96.48
N ALA M 480 -9.58 36.91 96.48
CA ALA M 480 -8.80 36.92 97.70
C ALA M 480 -9.21 38.12 98.56
N SER M 481 -9.35 39.28 97.90
CA SER M 481 -9.72 40.53 98.55
C SER M 481 -11.08 40.41 99.23
N ARG M 482 -12.06 39.86 98.51
CA ARG M 482 -13.42 39.72 99.01
C ARG M 482 -13.45 38.80 100.22
N ALA M 483 -12.71 37.67 100.14
CA ALA M 483 -12.69 36.67 101.19
C ALA M 483 -12.06 37.24 102.46
N ARG M 484 -11.05 38.10 102.28
CA ARG M 484 -10.30 38.70 103.38
C ARG M 484 -11.15 39.79 104.03
N ARG M 485 -11.94 40.50 103.21
CA ARG M 485 -12.78 41.58 103.68
C ARG M 485 -13.92 41.03 104.53
N LEU M 486 -14.44 39.85 104.14
CA LEU M 486 -15.53 39.20 104.85
C LEU M 486 -15.04 38.66 106.19
N ALA M 487 -13.83 38.06 106.16
CA ALA M 487 -13.24 37.46 107.35
C ALA M 487 -12.97 38.54 108.40
N ALA M 488 -12.54 39.72 107.95
CA ALA M 488 -12.23 40.84 108.82
C ALA M 488 -13.50 41.37 109.46
N LEU M 489 -14.57 41.48 108.67
CA LEU M 489 -15.86 41.98 109.14
C LEU M 489 -16.43 41.01 110.17
N GLU M 490 -16.29 39.71 109.92
CA GLU M 490 -16.89 38.68 110.75
C GLU M 490 -16.17 38.60 112.09
N LYS M 491 -14.85 38.86 112.08
CA LYS M 491 -14.07 38.88 113.31
C LYS M 491 -14.57 40.00 114.21
N LYS M 492 -14.70 41.21 113.62
CA LYS M 492 -15.01 42.42 114.37
C LYS M 492 -16.44 42.38 114.91
N VAL M 493 -17.35 41.76 114.15
CA VAL M 493 -18.76 41.69 114.53
C VAL M 493 -18.99 40.48 115.43
N GLY M 494 -18.03 39.54 115.40
CA GLY M 494 -18.06 38.38 116.29
C GLY M 494 -18.87 37.22 115.71
N ILE M 495 -18.89 37.13 114.38
CA ILE M 495 -19.44 35.97 113.69
C ILE M 495 -18.28 35.02 113.38
N SER M 496 -18.46 33.76 113.79
CA SER M 496 -17.60 32.68 113.32
C SER M 496 -18.31 31.97 112.17
N TRP M 497 -17.82 32.20 110.94
CA TRP M 497 -18.49 31.73 109.73
C TRP M 497 -18.47 30.21 109.67
N GLN M 498 -19.66 29.62 109.60
CA GLN M 498 -19.83 28.19 109.39
C GLN M 498 -19.89 27.94 107.89
N PRO M 499 -18.86 27.27 107.29
CA PRO M 499 -18.89 26.93 105.87
C PRO M 499 -20.17 26.16 105.52
N GLU M 500 -20.75 26.51 104.37
CA GLU M 500 -22.07 26.02 103.97
C GLU M 500 -22.01 24.52 103.69
N GLN M 501 -23.20 23.90 103.66
CA GLN M 501 -23.32 22.46 103.58
C GLN M 501 -22.91 21.97 102.19
N PHE M 502 -23.05 22.84 101.17
CA PHE M 502 -22.86 22.44 99.79
C PHE M 502 -21.37 22.27 99.46
N TRP M 503 -20.49 22.73 100.35
CA TRP M 503 -19.07 22.49 100.18
C TRP M 503 -18.75 21.04 100.52
N LYS M 504 -19.53 20.47 101.45
CA LYS M 504 -19.28 19.13 101.99
C LYS M 504 -20.02 18.10 101.17
N THR M 505 -21.33 18.32 100.97
CA THR M 505 -22.20 17.33 100.36
C THR M 505 -23.04 17.96 99.26
N GLY M 506 -23.63 17.09 98.43
CA GLY M 506 -24.42 17.48 97.28
C GLY M 506 -24.68 16.26 96.39
N GLU M 507 -25.63 16.38 95.47
CA GLU M 507 -26.11 15.22 94.73
C GLU M 507 -24.96 14.53 94.01
N TRP M 508 -24.06 15.32 93.41
CA TRP M 508 -22.92 14.79 92.66
C TRP M 508 -21.81 14.39 93.63
N LEU M 509 -21.49 15.27 94.58
CA LEU M 509 -20.40 15.05 95.53
C LEU M 509 -20.58 13.72 96.24
N ASP M 510 -21.83 13.37 96.59
CA ASP M 510 -22.13 12.19 97.38
C ASP M 510 -21.78 10.92 96.61
N GLN M 511 -21.65 11.04 95.28
CA GLN M 511 -21.44 9.89 94.42
C GLN M 511 -19.95 9.61 94.23
N LEU M 512 -19.11 10.46 94.84
CA LEU M 512 -17.67 10.38 94.65
C LEU M 512 -17.05 9.35 95.59
N THR M 513 -15.75 9.08 95.37
CA THR M 513 -14.99 8.08 96.11
C THR M 513 -14.72 8.59 97.52
N GLY M 514 -14.39 9.88 97.63
CA GLY M 514 -14.08 10.53 98.90
C GLY M 514 -15.08 10.16 100.00
N PRO M 515 -16.36 10.59 99.88
CA PRO M 515 -17.37 10.26 100.88
C PRO M 515 -17.54 8.76 101.17
N TYR M 516 -17.38 7.93 100.14
CA TYR M 516 -17.54 6.49 100.29
C TYR M 516 -16.46 5.93 101.20
N ILE M 517 -15.21 6.39 101.01
CA ILE M 517 -14.06 5.89 101.77
C ILE M 517 -14.19 6.32 103.23
N VAL M 518 -14.55 7.59 103.45
CA VAL M 518 -14.69 8.15 104.78
C VAL M 518 -15.76 7.38 105.56
N LYS M 519 -16.85 7.01 104.88
CA LYS M 519 -17.98 6.36 105.52
C LYS M 519 -17.70 4.88 105.76
N ASN M 520 -17.15 4.19 104.75
CA ASN M 520 -17.13 2.73 104.74
C ASN M 520 -15.78 2.17 105.19
N HIS M 521 -14.71 2.96 105.05
CA HIS M 521 -13.38 2.55 105.48
C HIS M 521 -12.74 3.68 106.29
N PRO M 522 -13.26 3.96 107.51
CA PRO M 522 -13.05 5.24 108.18
C PRO M 522 -11.59 5.69 108.35
N GLY M 523 -10.72 4.77 108.76
CA GLY M 523 -9.37 5.13 109.15
C GLY M 523 -8.42 5.25 107.96
N LYS M 524 -8.85 4.78 106.78
CA LYS M 524 -7.92 4.47 105.70
C LYS M 524 -8.14 5.39 104.50
N THR M 525 -7.18 5.36 103.57
CA THR M 525 -7.22 6.08 102.30
C THR M 525 -7.32 5.08 101.16
N ILE M 526 -7.45 5.59 99.93
CA ILE M 526 -7.57 4.76 98.75
C ILE M 526 -6.26 4.00 98.51
N PHE M 527 -5.15 4.57 98.97
CA PHE M 527 -3.82 3.99 98.80
C PHE M 527 -3.67 2.78 99.72
N ASP M 528 -4.33 2.85 100.89
CA ASP M 528 -4.39 1.73 101.81
C ASP M 528 -5.22 0.61 101.19
N LEU M 529 -6.33 0.99 100.56
CA LEU M 529 -7.31 0.04 100.06
C LEU M 529 -6.86 -0.56 98.73
N CYS M 530 -5.91 0.11 98.07
CA CYS M 530 -5.33 -0.39 96.83
C CYS M 530 -3.81 -0.50 97.00
N PRO M 531 -3.31 -1.55 97.69
CA PRO M 531 -1.90 -1.62 98.08
C PRO M 531 -0.96 -2.08 96.97
N ASP M 532 -1.53 -2.58 95.86
CA ASP M 532 -0.76 -3.14 94.76
C ASP M 532 0.23 -2.10 94.23
N PRO M 533 1.37 -2.53 93.63
CA PRO M 533 2.32 -1.59 93.04
C PRO M 533 1.71 -0.90 91.82
N GLY M 534 1.99 0.42 91.70
CA GLY M 534 1.51 1.22 90.60
C GLY M 534 2.47 1.20 89.41
N TRP M 535 2.18 2.05 88.42
CA TRP M 535 2.96 2.10 87.19
C TRP M 535 4.36 2.64 87.48
N LEU M 536 4.43 3.63 88.37
CA LEU M 536 5.68 4.32 88.69
C LEU M 536 6.63 3.38 89.43
N ASP M 537 6.07 2.33 90.05
CA ASP M 537 6.84 1.38 90.84
C ASP M 537 7.62 0.45 89.93
N THR M 538 7.11 0.22 88.71
CA THR M 538 7.63 -0.79 87.82
C THR M 538 8.28 -0.16 86.59
N HIS M 539 8.07 1.15 86.40
CA HIS M 539 8.56 1.85 85.23
C HIS M 539 9.44 3.03 85.65
N HIS M 540 10.67 3.06 85.14
CA HIS M 540 11.66 4.05 85.52
C HIS M 540 12.20 4.74 84.26
N ALA M 541 12.90 5.86 84.45
CA ALA M 541 13.54 6.58 83.36
C ALA M 541 14.66 5.74 82.77
N PRO M 542 14.88 5.79 81.43
CA PRO M 542 15.94 5.01 80.79
C PRO M 542 17.33 5.41 81.28
N ALA M 543 18.26 4.44 81.24
CA ALA M 543 19.60 4.60 81.78
C ALA M 543 20.33 5.74 81.08
N GLU M 544 20.09 5.88 79.77
CA GLU M 544 20.79 6.84 78.94
C GLU M 544 20.38 8.27 79.32
N GLU M 545 19.13 8.42 79.78
CA GLU M 545 18.60 9.72 80.16
C GLU M 545 19.27 10.22 81.43
N VAL M 546 19.38 9.33 82.43
CA VAL M 546 20.02 9.65 83.70
C VAL M 546 21.50 9.94 83.44
N GLU M 547 22.09 9.14 82.54
CA GLU M 547 23.50 9.20 82.19
C GLU M 547 23.83 10.56 81.57
N TYR M 548 22.92 11.05 80.70
CA TYR M 548 23.12 12.31 80.01
C TYR M 548 23.07 13.47 81.00
N ILE M 549 22.07 13.45 81.88
CA ILE M 549 21.82 14.55 82.81
C ILE M 549 22.98 14.66 83.78
N GLU M 550 23.43 13.52 84.31
CA GLU M 550 24.53 13.47 85.27
C GLU M 550 25.81 14.01 84.63
N ARG M 551 26.04 13.66 83.36
CA ARG M 551 27.22 14.06 82.62
C ARG M 551 27.22 15.58 82.43
N LYS M 552 26.03 16.13 82.11
CA LYS M 552 25.89 17.54 81.76
C LYS M 552 25.96 18.41 83.01
N LEU M 553 25.45 17.90 84.14
CA LEU M 553 25.45 18.64 85.39
C LEU M 553 26.88 18.74 85.92
N LYS M 554 27.66 17.69 85.71
CA LYS M 554 29.06 17.66 86.11
C LYS M 554 29.85 18.60 85.21
N GLU M 555 29.51 18.59 83.92
CA GLU M 555 30.20 19.35 82.89
C GLU M 555 30.03 20.85 83.14
N LEU M 556 28.88 21.24 83.72
CA LEU M 556 28.54 22.63 83.90
C LEU M 556 28.71 23.04 85.36
N GLY M 557 28.75 22.04 86.24
CA GLY M 557 28.91 22.28 87.68
C GLY M 557 27.64 22.87 88.29
N ILE M 558 26.53 22.14 88.15
CA ILE M 558 25.27 22.49 88.78
C ILE M 558 24.89 21.39 89.76
N THR M 559 24.37 21.78 90.93
CA THR M 559 23.97 20.87 91.99
C THR M 559 22.77 20.05 91.54
N ALA M 560 22.78 18.75 91.89
CA ALA M 560 21.68 17.84 91.60
C ALA M 560 20.53 18.12 92.57
N GLY M 561 19.32 17.74 92.15
CA GLY M 561 18.10 18.02 92.91
C GLY M 561 17.80 16.93 93.94
N SER M 562 16.65 17.08 94.62
CA SER M 562 16.24 16.20 95.70
C SER M 562 15.00 15.40 95.29
N HIS M 563 14.57 14.50 96.19
CA HIS M 563 13.40 13.66 95.98
C HIS M 563 12.11 14.49 96.06
N VAL N 33 -5.63 14.84 86.29
CA VAL N 33 -4.37 15.51 85.85
C VAL N 33 -3.67 16.05 87.09
N GLU N 34 -2.39 15.66 87.26
CA GLU N 34 -1.60 16.01 88.43
C GLU N 34 -0.38 16.83 87.98
N ILE N 35 0.27 17.49 88.96
CA ILE N 35 1.60 18.02 88.74
C ILE N 35 2.59 16.89 89.04
N ILE N 36 3.03 16.20 87.98
CA ILE N 36 3.79 14.97 88.12
C ILE N 36 5.20 15.29 88.59
N THR N 37 5.58 14.66 89.71
CA THR N 37 6.85 14.93 90.37
C THR N 37 7.71 13.66 90.41
N HIS N 38 7.43 12.72 89.50
CA HIS N 38 8.10 11.42 89.50
C HIS N 38 8.66 11.10 88.13
N TRP N 39 9.30 9.93 88.03
CA TRP N 39 9.81 9.31 86.81
C TRP N 39 11.00 10.06 86.24
N VAL N 40 10.83 11.35 85.94
CA VAL N 40 11.90 12.21 85.47
C VAL N 40 13.00 12.22 86.53
N PRO N 41 14.29 12.01 86.16
CA PRO N 41 15.39 11.96 87.15
C PRO N 41 15.44 13.18 88.07
N HIS N 42 15.72 12.92 89.36
CA HIS N 42 15.65 13.93 90.40
C HIS N 42 16.72 14.99 90.20
N GLU N 43 17.85 14.58 89.62
CA GLU N 43 19.02 15.43 89.43
C GLU N 43 18.61 16.72 88.71
N VAL N 44 17.47 16.66 88.01
CA VAL N 44 17.06 17.76 87.16
C VAL N 44 15.85 18.49 87.75
N TYR N 45 15.45 18.10 88.98
CA TYR N 45 14.39 18.81 89.69
C TYR N 45 14.95 20.09 90.31
N GLY N 46 14.31 21.22 90.00
CA GLY N 46 14.67 22.49 90.58
C GLY N 46 14.12 22.61 92.00
N MET N 47 14.97 23.10 92.92
CA MET N 47 14.58 23.29 94.31
C MET N 47 14.45 24.79 94.61
N PRO N 48 13.69 25.18 95.65
CA PRO N 48 13.39 26.59 95.91
C PRO N 48 14.63 27.48 95.90
N GLY N 49 14.54 28.59 95.17
CA GLY N 49 15.59 29.62 95.17
C GLY N 49 16.55 29.48 93.99
N GLU N 50 16.52 28.32 93.32
CA GLU N 50 17.42 28.05 92.21
C GLU N 50 16.99 28.88 90.99
N PRO N 51 17.93 29.22 90.07
CA PRO N 51 17.61 30.02 88.90
C PRO N 51 16.68 29.30 87.93
N ASP N 52 15.76 30.05 87.32
CA ASP N 52 14.78 29.50 86.41
C ASP N 52 15.44 29.16 85.07
N ASN N 53 16.60 29.76 84.81
CA ASN N 53 17.29 29.59 83.54
C ASN N 53 18.38 28.52 83.65
N SER N 54 18.31 27.72 84.71
CA SER N 54 19.25 26.64 84.93
C SER N 54 18.95 25.47 84.01
N GLY N 55 17.66 25.33 83.65
CA GLY N 55 17.20 24.25 82.79
C GLY N 55 16.56 23.12 83.60
N LYS N 56 16.41 23.36 84.91
CA LYS N 56 15.84 22.36 85.80
C LYS N 56 14.32 22.50 85.77
N VAL N 57 13.63 21.40 86.09
CA VAL N 57 12.18 21.36 86.08
C VAL N 57 11.66 21.89 87.41
N PHE N 58 10.86 22.96 87.34
CA PHE N 58 10.18 23.50 88.51
C PHE N 58 8.71 23.14 88.44
N PHE N 59 8.25 22.34 89.41
CA PHE N 59 6.91 21.78 89.39
C PHE N 59 5.89 22.92 89.44
N SER N 60 5.00 22.94 88.44
CA SER N 60 3.97 23.96 88.28
C SER N 60 4.60 25.33 88.10
N GLY N 61 5.93 25.36 87.93
CA GLY N 61 6.68 26.57 87.69
C GLY N 61 6.90 27.37 88.98
N LEU N 62 6.79 26.69 90.12
CA LEU N 62 6.86 27.34 91.42
C LEU N 62 8.30 27.33 91.94
N LYS N 63 8.58 28.27 92.85
CA LYS N 63 9.73 28.24 93.74
C LYS N 63 11.03 28.62 93.02
N ALA N 64 10.95 28.94 91.73
CA ALA N 64 12.13 29.32 90.96
C ALA N 64 12.48 30.79 91.19
N LYS N 65 13.77 31.11 91.05
CA LYS N 65 14.24 32.48 91.09
C LYS N 65 14.29 33.03 89.67
N TYR N 66 13.51 34.09 89.43
CA TYR N 66 13.37 34.68 88.10
C TYR N 66 14.65 35.44 87.75
N MET N 67 15.28 35.04 86.64
CA MET N 67 16.56 35.59 86.23
C MET N 67 16.37 36.63 85.13
N GLY N 68 15.23 36.56 84.43
CA GLY N 68 14.91 37.52 83.39
C GLY N 68 15.60 37.19 82.07
N TYR N 69 15.32 38.00 81.05
CA TYR N 69 15.77 37.74 79.69
C TYR N 69 17.29 37.92 79.60
N PRO N 70 17.98 37.22 78.66
CA PRO N 70 19.43 37.37 78.50
C PRO N 70 19.77 38.72 77.89
N LYS N 71 20.35 39.60 78.72
CA LYS N 71 20.66 40.95 78.30
C LYS N 71 22.10 41.02 77.78
N ASP N 72 22.81 39.89 77.86
CA ASP N 72 24.15 39.79 77.33
C ASP N 72 24.12 39.25 75.89
N ALA N 73 22.96 38.72 75.49
CA ALA N 73 22.79 38.09 74.19
C ALA N 73 22.83 39.15 73.08
N GLN N 74 23.67 38.90 72.08
CA GLN N 74 23.85 39.80 70.96
C GLN N 74 22.51 39.94 70.23
N ARG N 75 22.04 41.19 70.11
CA ARG N 75 20.74 41.50 69.54
C ARG N 75 20.69 42.98 69.15
N SER N 76 19.51 43.43 68.70
CA SER N 76 19.29 44.82 68.35
C SER N 76 18.34 45.47 69.35
N PRO N 77 18.51 46.78 69.67
CA PRO N 77 17.45 47.56 70.30
C PRO N 77 16.30 47.73 69.33
N TYR N 78 15.09 47.88 69.86
CA TYR N 78 13.90 48.17 69.06
C TYR N 78 13.99 49.61 68.56
N PRO N 79 13.41 49.94 67.38
CA PRO N 79 13.37 51.33 66.93
C PRO N 79 12.25 52.10 67.63
N GLY N 80 12.23 53.42 67.43
CA GLY N 80 11.08 54.23 67.80
C GLY N 80 11.23 54.98 69.12
N LYS N 81 10.14 55.62 69.53
CA LYS N 81 10.05 56.58 70.62
C LYS N 81 10.52 55.95 71.93
N TYR N 82 10.15 54.68 72.16
CA TYR N 82 10.33 54.06 73.45
C TYR N 82 11.47 53.06 73.41
N SER N 83 12.47 53.33 72.57
CA SER N 83 13.60 52.45 72.35
C SER N 83 14.26 52.05 73.67
N LYS N 84 14.35 53.02 74.60
CA LYS N 84 15.13 52.88 75.82
C LYS N 84 14.49 51.84 76.75
N PHE N 85 13.17 51.70 76.68
CA PHE N 85 12.44 50.82 77.58
C PHE N 85 12.04 49.52 76.89
N TRP N 86 12.31 49.43 75.59
CA TRP N 86 11.98 48.27 74.78
C TRP N 86 13.00 47.16 75.00
N LYS N 87 12.63 46.15 75.81
CA LYS N 87 13.46 44.98 76.03
C LYS N 87 13.29 44.03 74.85
N THR N 88 14.41 43.57 74.30
CA THR N 88 14.41 42.80 73.06
C THR N 88 15.06 41.43 73.24
N LEU N 89 14.70 40.51 72.34
CA LEU N 89 15.30 39.18 72.26
C LEU N 89 16.07 39.09 70.94
N PRO N 90 17.07 38.19 70.83
CA PRO N 90 17.83 38.03 69.59
C PRO N 90 16.94 37.81 68.37
N ALA N 91 15.85 37.06 68.55
CA ALA N 91 14.97 36.64 67.47
C ALA N 91 14.35 37.83 66.75
N TYR N 92 14.26 38.98 67.43
CA TYR N 92 13.55 40.13 66.91
C TYR N 92 14.27 40.73 65.70
N ARG N 93 15.54 40.36 65.53
CA ARG N 93 16.40 40.93 64.50
C ARG N 93 15.75 40.82 63.12
N TYR N 94 14.97 39.77 62.91
CA TYR N 94 14.43 39.46 61.59
C TYR N 94 13.21 40.31 61.29
N TYR N 95 12.59 40.88 62.33
CA TYR N 95 11.20 41.31 62.23
C TYR N 95 11.08 42.78 61.79
N ILE N 96 12.05 43.61 62.20
CA ILE N 96 12.21 44.93 61.61
C ILE N 96 13.64 45.02 61.07
N PRO N 97 13.93 44.36 59.93
CA PRO N 97 15.31 44.00 59.57
C PRO N 97 16.23 45.16 59.19
N ASP N 98 15.65 46.24 58.64
CA ASP N 98 16.44 47.39 58.20
C ASP N 98 17.23 47.96 59.37
N TYR N 99 16.55 48.09 60.52
CA TYR N 99 17.16 48.67 61.71
C TYR N 99 17.81 47.58 62.57
N MET N 100 17.19 46.39 62.60
CA MET N 100 17.50 45.41 63.62
C MET N 100 18.42 44.31 63.09
N TYR N 101 18.72 44.32 61.79
CA TYR N 101 19.58 43.32 61.20
C TYR N 101 20.65 43.96 60.31
N ASN N 102 20.25 44.95 59.51
CA ASN N 102 21.03 45.35 58.34
C ASN N 102 22.12 46.36 58.71
N ARG N 103 22.04 46.96 59.89
CA ARG N 103 23.09 47.87 60.36
C ARG N 103 24.31 47.06 60.80
N ASP N 104 25.50 47.58 60.49
CA ASP N 104 26.76 46.91 60.74
C ASP N 104 26.93 46.66 62.24
N GLU N 105 26.37 47.54 63.05
CA GLU N 105 26.54 47.52 64.49
C GLU N 105 25.78 46.34 65.11
N VAL N 106 24.84 45.77 64.34
CA VAL N 106 23.84 44.88 64.89
C VAL N 106 23.88 43.51 64.21
N ARG N 107 24.20 43.49 62.91
CA ARG N 107 24.23 42.28 62.11
C ARG N 107 24.87 41.14 62.92
N PRO N 108 24.19 39.97 63.02
CA PRO N 108 24.72 38.85 63.80
C PRO N 108 25.89 38.17 63.09
N SER N 109 26.70 37.45 63.87
CA SER N 109 27.85 36.71 63.34
C SER N 109 27.35 35.54 62.50
N ASN N 110 28.21 35.07 61.58
CA ASN N 110 27.90 33.95 60.72
C ASN N 110 29.14 33.09 60.55
N PRO N 111 29.04 31.76 60.79
CA PRO N 111 30.20 30.87 60.70
C PRO N 111 30.78 30.63 59.30
N ILE N 112 30.04 31.04 58.26
CA ILE N 112 30.47 30.83 56.88
C ILE N 112 31.01 32.14 56.33
N LYS N 113 32.23 32.08 55.78
CA LYS N 113 32.94 33.26 55.30
C LYS N 113 33.11 33.17 53.79
N GLY N 114 33.18 34.34 53.15
CA GLY N 114 33.42 34.45 51.71
C GLY N 114 32.31 35.21 51.01
N THR N 115 32.62 35.74 49.83
CA THR N 115 31.61 36.29 48.95
C THR N 115 31.39 35.31 47.81
N PHE N 116 30.13 35.08 47.43
CA PHE N 116 29.79 33.98 46.55
C PHE N 116 28.95 34.44 45.37
N LYS N 117 29.00 33.66 44.28
CA LYS N 117 28.10 33.77 43.16
C LYS N 117 26.79 33.08 43.51
N LEU N 118 25.75 33.32 42.70
CA LEU N 118 24.41 32.78 42.95
C LEU N 118 24.46 31.25 42.94
N GLU N 119 25.22 30.68 41.99
CA GLU N 119 25.34 29.24 41.82
C GLU N 119 25.75 28.61 43.14
N GLN N 120 26.60 29.32 43.89
CA GLN N 120 27.20 28.82 45.11
C GLN N 120 26.19 28.85 46.25
N CYS N 121 25.39 29.92 46.29
CA CYS N 121 24.31 30.02 47.27
C CYS N 121 23.43 28.79 47.15
N VAL N 122 22.99 28.51 45.91
CA VAL N 122 22.01 27.48 45.62
C VAL N 122 22.58 26.12 45.97
N ALA N 123 23.80 25.85 45.50
CA ALA N 123 24.43 24.54 45.63
C ALA N 123 24.61 24.18 47.11
N CYS N 124 25.06 25.15 47.90
CA CYS N 124 25.39 24.93 49.29
C CYS N 124 24.13 24.80 50.13
N HIS N 125 23.16 25.69 49.88
CA HIS N 125 21.93 25.76 50.66
C HIS N 125 20.97 24.65 50.26
N SER N 126 21.16 24.08 49.06
CA SER N 126 20.31 23.00 48.58
C SER N 126 20.40 21.80 49.53
N VAL N 127 21.48 21.76 50.31
CA VAL N 127 21.70 20.67 51.25
C VAL N 127 21.60 21.21 52.67
N MET N 128 22.10 22.43 52.88
CA MET N 128 22.18 22.99 54.23
C MET N 128 20.80 23.43 54.71
N THR N 129 20.04 24.08 53.82
CA THR N 129 18.66 24.46 54.09
C THR N 129 17.79 24.06 52.90
N PRO N 130 17.54 22.73 52.69
CA PRO N 130 16.95 22.24 51.45
C PRO N 130 15.65 22.92 51.04
N GLY N 131 14.75 23.12 52.00
CA GLY N 131 13.41 23.64 51.77
C GLY N 131 13.44 25.02 51.10
N ILE N 132 14.41 25.85 51.48
CA ILE N 132 14.54 27.21 50.98
C ILE N 132 14.86 27.15 49.49
N VAL N 133 15.76 26.25 49.11
CA VAL N 133 16.17 26.12 47.72
C VAL N 133 15.04 25.52 46.90
N ARG N 134 14.35 24.53 47.47
CA ARG N 134 13.19 23.92 46.82
C ARG N 134 12.17 24.98 46.48
N ASP N 135 11.93 25.89 47.43
CA ASP N 135 10.97 26.97 47.28
C ASP N 135 11.47 27.96 46.22
N TYR N 136 12.76 28.31 46.31
CA TYR N 136 13.35 29.30 45.42
C TYR N 136 13.24 28.84 43.97
N ASN N 137 13.52 27.55 43.73
CA ASN N 137 13.56 27.00 42.39
C ASN N 137 12.17 27.00 41.77
N LYS N 138 11.13 26.91 42.62
CA LYS N 138 9.75 26.94 42.16
C LYS N 138 9.36 28.38 41.83
N SER N 139 10.01 29.35 42.48
CA SER N 139 9.63 30.76 42.38
C SER N 139 9.94 31.31 40.99
N ALA N 140 9.21 32.36 40.61
CA ALA N 140 9.40 33.04 39.34
C ALA N 140 10.73 33.79 39.35
N HIS N 141 11.19 34.16 40.55
CA HIS N 141 12.43 34.88 40.75
C HIS N 141 13.60 34.13 40.13
N SER N 142 13.60 32.81 40.25
CA SER N 142 14.71 31.98 39.80
C SER N 142 14.73 31.89 38.28
N LYS N 143 13.56 32.03 37.66
CA LYS N 143 13.40 31.79 36.23
C LYS N 143 13.52 33.10 35.45
N ALA N 144 13.61 34.23 36.18
CA ALA N 144 13.57 35.56 35.60
C ALA N 144 14.76 35.81 34.67
N GLU N 145 14.50 36.52 33.56
CA GLU N 145 15.52 36.86 32.59
C GLU N 145 15.48 38.37 32.33
N PRO N 146 16.61 38.95 31.92
CA PRO N 146 17.84 38.25 31.57
C PRO N 146 18.64 37.72 32.77
N ALA N 147 18.42 38.32 33.94
CA ALA N 147 19.09 37.89 35.16
C ALA N 147 18.05 37.52 36.21
N PRO N 148 18.24 36.40 36.94
CA PRO N 148 17.30 36.00 37.98
C PRO N 148 17.44 36.85 39.23
N THR N 149 16.32 37.03 39.95
CA THR N 149 16.34 37.61 41.28
C THR N 149 16.74 36.51 42.26
N GLY N 150 18.05 36.40 42.50
CA GLY N 150 18.61 35.28 43.25
C GLY N 150 18.82 35.62 44.72
N CYS N 151 19.29 34.62 45.48
CA CYS N 151 19.55 34.75 46.90
C CYS N 151 20.38 36.00 47.17
N ASP N 152 21.38 36.22 46.31
CA ASP N 152 22.32 37.33 46.44
C ASP N 152 21.61 38.66 46.22
N THR N 153 20.61 38.67 45.33
CA THR N 153 19.86 39.88 45.02
C THR N 153 19.12 40.38 46.24
N CYS N 154 18.67 39.45 47.09
CA CYS N 154 17.84 39.78 48.24
C CYS N 154 18.66 39.80 49.53
N HIS N 155 19.80 39.10 49.54
CA HIS N 155 20.53 38.87 50.78
C HIS N 155 21.95 39.41 50.75
N GLY N 156 22.51 39.59 49.53
CA GLY N 156 23.86 40.07 49.38
C GLY N 156 24.83 38.95 49.01
N ASN N 157 26.05 39.33 48.60
CA ASN N 157 27.04 38.39 48.11
C ASN N 157 27.98 37.96 49.23
N ASN N 158 28.30 38.90 50.12
CA ASN N 158 29.27 38.68 51.19
C ASN N 158 28.58 37.99 52.36
N HIS N 159 29.04 36.78 52.69
CA HIS N 159 28.37 35.96 53.69
C HIS N 159 28.61 36.52 55.09
N GLN N 160 29.57 37.43 55.20
CA GLN N 160 29.85 38.08 56.48
C GLN N 160 29.07 39.39 56.57
N LYS N 161 28.46 39.80 55.45
CA LYS N 161 27.69 41.04 55.40
C LYS N 161 26.32 40.78 54.78
N LEU N 162 25.67 39.69 55.23
CA LEU N 162 24.35 39.31 54.77
C LEU N 162 23.31 40.29 55.31
N THR N 163 22.23 40.48 54.55
CA THR N 163 21.13 41.34 54.96
C THR N 163 19.80 40.62 54.75
N MET N 164 18.81 41.01 55.57
CA MET N 164 17.46 40.51 55.44
C MET N 164 16.62 41.56 54.72
N PRO N 165 15.97 41.20 53.58
CA PRO N 165 15.24 42.17 52.76
C PRO N 165 13.88 42.54 53.34
N SER N 166 13.71 43.84 53.63
CA SER N 166 12.45 44.37 54.13
C SER N 166 11.53 44.69 52.96
N SER N 167 10.36 45.27 53.28
CA SER N 167 9.40 45.70 52.26
C SER N 167 10.02 46.77 51.37
N LYS N 168 10.98 47.53 51.92
CA LYS N 168 11.67 48.57 51.19
C LYS N 168 12.51 47.96 50.08
N ALA N 169 13.11 46.80 50.36
CA ALA N 169 13.96 46.10 49.41
C ALA N 169 13.13 45.58 48.24
N CYS N 170 11.95 45.03 48.54
CA CYS N 170 11.05 44.52 47.52
C CYS N 170 10.46 45.68 46.71
N GLY N 171 10.26 46.82 47.39
CA GLY N 171 9.46 47.91 46.85
C GLY N 171 10.29 48.95 46.12
N THR N 172 11.52 48.56 45.71
CA THR N 172 12.37 49.42 44.92
C THR N 172 11.73 49.67 43.56
N ALA N 173 12.02 50.84 42.97
CA ALA N 173 11.40 51.29 41.74
C ALA N 173 11.61 50.26 40.63
N GLU N 174 12.76 49.59 40.67
CA GLU N 174 13.18 48.64 39.65
C GLU N 174 12.40 47.34 39.78
N CYS N 175 11.78 47.13 40.94
CA CYS N 175 11.15 45.86 41.27
C CYS N 175 9.65 46.02 41.49
N HIS N 176 9.21 46.05 42.76
CA HIS N 176 7.79 46.02 43.07
C HIS N 176 7.36 47.29 43.81
N GLU N 177 7.65 48.45 43.21
CA GLU N 177 7.32 49.72 43.83
C GLU N 177 5.80 49.86 43.91
N THR N 178 5.10 49.28 42.93
CA THR N 178 3.65 49.39 42.82
C THR N 178 2.98 48.87 44.09
N GLN N 179 3.35 47.66 44.49
CA GLN N 179 2.72 46.99 45.61
C GLN N 179 3.11 47.67 46.92
N TYR N 180 4.36 48.14 47.00
CA TYR N 180 4.84 48.82 48.19
C TYR N 180 4.03 50.09 48.42
N ASN N 181 3.86 50.87 47.35
CA ASN N 181 3.17 52.15 47.40
C ASN N 181 1.70 51.94 47.72
N GLU N 182 1.11 50.88 47.11
CA GLU N 182 -0.28 50.53 47.35
C GLU N 182 -0.49 50.27 48.84
N GLN N 183 0.32 49.38 49.41
CA GLN N 183 0.22 49.02 50.81
C GLN N 183 0.39 50.26 51.67
N GLY N 184 1.34 51.12 51.27
CA GLY N 184 1.72 52.31 52.01
C GLY N 184 0.63 53.38 52.06
N GLN N 185 -0.41 53.22 51.21
CA GLN N 185 -1.52 54.16 51.17
C GLN N 185 -2.39 54.00 52.42
N GLY N 186 -2.20 52.89 53.14
CA GLY N 186 -3.00 52.59 54.31
C GLY N 186 -2.79 53.60 55.44
N GLY N 187 -3.85 53.84 56.20
CA GLY N 187 -3.81 54.79 57.32
C GLY N 187 -3.42 54.10 58.62
N ILE N 188 -3.94 54.62 59.74
CA ILE N 188 -3.75 53.99 61.03
C ILE N 188 -4.53 52.68 61.03
N GLY N 189 -3.94 51.65 61.63
CA GLY N 189 -4.59 50.35 61.78
C GLY N 189 -4.58 49.55 60.47
N SER N 190 -3.66 49.89 59.56
CA SER N 190 -3.53 49.20 58.30
C SER N 190 -2.22 48.42 58.26
N HIS N 191 -1.92 47.82 57.10
CA HIS N 191 -0.68 47.08 56.92
C HIS N 191 0.50 48.02 56.79
N ALA N 192 0.22 49.33 56.68
CA ALA N 192 1.24 50.34 56.48
C ALA N 192 1.81 50.82 57.81
N SER N 193 1.10 50.57 58.91
CA SER N 193 1.41 51.21 60.18
C SER N 193 1.37 50.21 61.34
N CYS N 194 1.16 48.93 61.03
CA CYS N 194 0.92 47.92 62.05
C CYS N 194 2.20 47.61 62.83
N SER N 195 3.36 47.93 62.24
CA SER N 195 4.63 47.80 62.93
C SER N 195 5.02 49.13 63.58
N SER N 196 5.10 50.17 62.74
CA SER N 196 5.66 51.45 63.11
C SER N 196 4.88 52.12 64.24
N PHE N 197 3.54 51.97 64.21
CA PHE N 197 2.72 52.57 65.25
C PHE N 197 2.33 51.51 66.29
N ALA N 198 1.53 50.53 65.87
CA ALA N 198 0.82 49.64 66.76
C ALA N 198 1.78 48.84 67.63
N GLN N 199 2.91 48.43 67.05
CA GLN N 199 3.81 47.49 67.70
C GLN N 199 4.97 48.24 68.36
N VAL N 200 5.55 49.20 67.64
CA VAL N 200 6.72 49.92 68.10
C VAL N 200 6.36 50.77 69.33
N GLU N 201 5.10 51.22 69.39
CA GLU N 201 4.62 52.02 70.50
C GLU N 201 3.56 51.25 71.28
N CYS N 202 3.71 49.92 71.35
CA CYS N 202 2.76 49.06 72.02
C CYS N 202 3.00 49.11 73.53
N ALA N 203 2.04 49.69 74.25
CA ALA N 203 2.15 49.91 75.69
C ALA N 203 2.55 48.64 76.43
N TRP N 204 1.80 47.55 76.20
CA TRP N 204 1.93 46.34 76.99
C TRP N 204 3.29 45.69 76.73
N SER N 205 3.72 45.72 75.46
CA SER N 205 4.98 45.11 75.07
C SER N 205 6.15 45.79 75.76
N ILE N 206 6.09 47.12 75.84
CA ILE N 206 7.12 47.94 76.48
C ILE N 206 7.11 47.67 77.98
N GLU N 207 5.90 47.62 78.56
CA GLU N 207 5.68 47.51 79.98
C GLU N 207 6.28 46.22 80.55
N ARG N 208 6.12 45.12 79.81
CA ARG N 208 6.33 43.78 80.34
C ARG N 208 7.73 43.29 79.99
N PRO N 209 8.22 42.19 80.62
CA PRO N 209 9.39 41.45 80.12
C PRO N 209 9.16 41.01 78.68
N PRO N 210 10.22 40.84 77.87
CA PRO N 210 10.05 40.32 76.51
C PRO N 210 9.83 38.82 76.60
N GLY N 211 8.93 38.30 75.76
CA GLY N 211 8.54 36.91 75.86
C GLY N 211 7.11 36.80 76.39
N ASP N 212 6.79 37.65 77.37
CA ASP N 212 5.42 37.87 77.78
C ASP N 212 4.60 38.24 76.56
N THR N 213 5.18 39.08 75.69
CA THR N 213 4.50 39.60 74.52
C THR N 213 5.34 39.39 73.26
N ALA N 214 6.12 38.30 73.25
CA ALA N 214 7.00 37.99 72.13
C ALA N 214 6.19 37.79 70.85
N GLY N 215 5.04 37.13 71.00
CA GLY N 215 4.16 36.83 69.88
C GLY N 215 3.72 38.10 69.15
N CYS N 216 3.67 39.22 69.88
CA CYS N 216 3.17 40.47 69.33
C CYS N 216 4.16 41.02 68.32
N THR N 217 5.46 40.83 68.58
CA THR N 217 6.52 41.26 67.69
C THR N 217 6.43 40.45 66.39
N PHE N 218 6.23 39.14 66.54
CA PHE N 218 6.25 38.19 65.45
C PHE N 218 5.04 38.40 64.53
N CYS N 219 3.93 38.89 65.10
CA CYS N 219 2.68 39.01 64.36
C CYS N 219 2.57 40.38 63.70
N HIS N 220 2.87 41.44 64.47
CA HIS N 220 2.54 42.80 64.09
C HIS N 220 3.48 43.35 63.03
N THR N 221 4.76 43.00 63.13
CA THR N 221 5.79 43.60 62.29
C THR N 221 5.63 43.16 60.83
N SER N 222 5.22 41.90 60.65
CA SER N 222 5.28 41.20 59.37
C SER N 222 4.64 42.00 58.23
N PRO N 223 3.35 42.40 58.29
CA PRO N 223 2.70 42.97 57.11
C PRO N 223 3.42 44.21 56.58
N GLU N 224 3.94 45.02 57.50
CA GLU N 224 4.56 46.29 57.14
C GLU N 224 5.99 46.09 56.68
N GLU N 225 6.71 45.16 57.34
CA GLU N 225 8.15 45.07 57.23
C GLU N 225 8.58 43.97 56.26
N ARG N 226 7.82 42.88 56.21
CA ARG N 226 8.19 41.70 55.44
C ARG N 226 7.11 41.34 54.43
N CYS N 227 7.50 41.27 53.15
CA CYS N 227 6.58 40.98 52.07
C CYS N 227 6.48 39.48 51.82
N SER N 228 7.08 38.68 52.71
CA SER N 228 6.89 37.24 52.69
C SER N 228 5.53 36.91 53.32
N THR N 229 4.80 37.96 53.70
CA THR N 229 3.45 37.85 54.23
C THR N 229 2.50 37.56 53.07
N CYS N 230 1.55 36.64 53.31
CA CYS N 230 0.51 36.26 52.37
C CYS N 230 1.06 35.32 51.28
N HIS N 231 2.06 35.79 50.54
CA HIS N 231 2.83 34.92 49.65
C HIS N 231 4.16 34.56 50.33
N GLN N 232 4.24 33.32 50.82
CA GLN N 232 5.33 32.85 51.66
C GLN N 232 6.64 32.84 50.87
N ARG N 233 7.73 33.09 51.60
CA ARG N 233 9.06 32.81 51.08
C ARG N 233 9.27 31.30 51.10
N HIS N 234 10.10 30.78 50.17
CA HIS N 234 10.80 31.56 49.16
C HIS N 234 10.13 31.36 47.81
N GLN N 235 8.88 30.90 47.84
CA GLN N 235 8.15 30.52 46.64
C GLN N 235 7.50 31.76 46.04
N PHE N 236 6.99 32.64 46.90
CA PHE N 236 6.34 33.89 46.54
C PHE N 236 5.29 33.65 45.46
N ASP N 237 4.33 32.77 45.78
CA ASP N 237 3.30 32.37 44.85
C ASP N 237 2.05 33.23 45.07
N PRO N 238 1.66 34.06 44.07
CA PRO N 238 0.44 34.89 44.20
C PRO N 238 -0.81 34.03 44.33
N ALA N 239 -0.73 32.80 43.80
CA ALA N 239 -1.86 31.88 43.79
C ALA N 239 -2.18 31.41 45.20
N VAL N 240 -1.15 31.20 46.03
CA VAL N 240 -1.35 30.80 47.40
C VAL N 240 -1.78 32.01 48.22
N ALA N 241 -1.35 33.21 47.78
CA ALA N 241 -1.63 34.45 48.49
C ALA N 241 -3.10 34.84 48.34
N ARG N 242 -3.76 34.27 47.33
CA ARG N 242 -5.14 34.61 46.99
C ARG N 242 -6.12 33.79 47.84
N ARG N 243 -5.59 32.86 48.64
CA ARG N 243 -6.42 32.00 49.47
C ARG N 243 -6.76 32.70 50.78
N SER N 244 -8.02 32.53 51.21
CA SER N 244 -8.56 33.19 52.39
C SER N 244 -7.73 32.89 53.63
N GLU N 245 -7.24 31.64 53.74
CA GLU N 245 -6.62 31.14 54.95
C GLU N 245 -5.36 31.94 55.28
N GLN N 246 -4.81 32.61 54.27
CA GLN N 246 -3.58 33.39 54.43
C GLN N 246 -3.73 34.40 55.56
N CYS N 247 -4.92 34.98 55.68
CA CYS N 247 -5.19 36.06 56.60
C CYS N 247 -5.41 35.54 58.01
N LYS N 248 -5.74 34.24 58.12
CA LYS N 248 -6.20 33.67 59.37
C LYS N 248 -5.11 33.71 60.44
N THR N 249 -3.85 33.68 59.99
CA THR N 249 -2.73 33.50 60.90
C THR N 249 -2.60 34.69 61.85
N CYS N 250 -3.14 35.85 61.42
CA CYS N 250 -3.10 37.06 62.22
C CYS N 250 -4.51 37.53 62.57
N HIS N 251 -5.44 37.36 61.63
CA HIS N 251 -6.79 37.87 61.77
C HIS N 251 -7.71 36.81 62.39
N TRP N 252 -7.36 36.39 63.61
CA TRP N 252 -8.16 35.45 64.37
C TRP N 252 -8.07 35.81 65.85
N GLY N 253 -8.88 35.14 66.66
CA GLY N 253 -8.65 35.12 68.11
C GLY N 253 -9.45 36.18 68.86
N LYS N 254 -8.96 36.50 70.06
CA LYS N 254 -9.75 37.06 71.12
C LYS N 254 -10.31 38.44 70.76
N ASP N 255 -9.56 39.21 69.97
CA ASP N 255 -9.90 40.61 69.80
C ASP N 255 -10.17 40.95 68.33
N HIS N 256 -10.25 39.92 67.48
CA HIS N 256 -10.64 40.09 66.08
C HIS N 256 -10.88 38.72 65.45
N ARG N 257 -12.12 38.23 65.58
CA ARG N 257 -12.49 36.94 65.02
C ARG N 257 -12.83 37.08 63.53
N ASP N 258 -11.89 37.64 62.76
CA ASP N 258 -12.10 37.92 61.35
C ASP N 258 -12.23 36.61 60.59
N TRP N 259 -11.27 35.71 60.80
CA TRP N 259 -11.27 34.41 60.14
C TRP N 259 -12.47 33.59 60.60
N GLU N 260 -12.64 33.47 61.92
CA GLU N 260 -13.70 32.67 62.51
C GLU N 260 -15.06 33.09 61.95
N ALA N 261 -15.28 34.41 61.86
CA ALA N 261 -16.56 34.94 61.40
C ALA N 261 -16.79 34.58 59.94
N TYR N 262 -15.76 34.79 59.12
CA TYR N 262 -15.82 34.49 57.69
C TYR N 262 -16.03 32.99 57.50
N ASP N 263 -15.21 32.20 58.20
CA ASP N 263 -15.11 30.76 58.02
C ASP N 263 -16.46 30.08 58.27
N ILE N 264 -17.15 30.51 59.34
CA ILE N 264 -18.35 29.82 59.79
C ILE N 264 -19.58 30.38 59.08
N GLY N 265 -19.48 31.63 58.58
CA GLY N 265 -20.54 32.23 57.79
C GLY N 265 -20.75 31.45 56.49
N LEU N 266 -21.80 31.81 55.75
CA LEU N 266 -22.15 31.08 54.54
C LEU N 266 -21.11 31.31 53.45
N HIS N 267 -20.43 32.47 53.48
CA HIS N 267 -19.33 32.73 52.56
C HIS N 267 -18.21 31.73 52.82
N GLY N 268 -17.91 31.51 54.10
CA GLY N 268 -16.87 30.59 54.53
C GLY N 268 -17.26 29.13 54.31
N THR N 269 -18.57 28.85 54.44
CA THR N 269 -19.12 27.55 54.14
C THR N 269 -18.97 27.26 52.66
N VAL N 270 -19.41 28.20 51.81
CA VAL N 270 -19.26 28.10 50.37
C VAL N 270 -17.79 27.89 50.03
N TYR N 271 -16.90 28.63 50.72
CA TYR N 271 -15.47 28.58 50.45
C TYR N 271 -14.94 27.18 50.73
N GLN N 272 -15.23 26.66 51.92
CA GLN N 272 -14.63 25.41 52.39
C GLN N 272 -15.11 24.25 51.52
N VAL N 273 -16.32 24.39 50.97
CA VAL N 273 -16.97 23.32 50.24
C VAL N 273 -16.44 23.27 48.80
N ASN N 274 -15.92 24.40 48.32
CA ASN N 274 -15.70 24.59 46.89
C ASN N 274 -14.25 24.94 46.55
N LYS N 275 -13.43 25.20 47.59
CA LYS N 275 -12.14 25.87 47.39
C LYS N 275 -11.18 25.03 46.56
N TRP N 276 -11.34 23.70 46.59
CA TRP N 276 -10.47 22.82 45.84
C TRP N 276 -11.12 22.41 44.52
N ASP N 277 -12.32 22.92 44.26
CA ASP N 277 -12.99 22.72 42.98
C ASP N 277 -12.62 23.90 42.08
N THR N 278 -11.83 23.61 41.05
CA THR N 278 -11.26 24.61 40.16
C THR N 278 -12.35 25.32 39.37
N GLU N 279 -13.53 24.69 39.27
CA GLU N 279 -14.66 25.22 38.52
C GLU N 279 -15.38 26.29 39.34
N GLN N 280 -15.10 26.32 40.65
CA GLN N 280 -15.77 27.24 41.55
C GLN N 280 -14.79 28.30 42.04
N PHE N 281 -13.54 27.89 42.28
CA PHE N 281 -12.49 28.80 42.74
C PHE N 281 -11.22 28.55 41.94
N ASP N 282 -10.86 29.53 41.09
CA ASP N 282 -9.66 29.43 40.28
C ASP N 282 -8.63 30.44 40.78
N PHE N 283 -7.65 29.94 41.53
CA PHE N 283 -6.69 30.80 42.21
C PHE N 283 -5.56 31.21 41.27
N SER N 284 -5.56 30.68 40.05
CA SER N 284 -4.58 31.05 39.05
C SER N 284 -4.96 32.39 38.42
N LYS N 285 -6.25 32.73 38.46
CA LYS N 285 -6.76 33.98 37.96
C LYS N 285 -6.31 35.13 38.87
N LYS N 286 -6.01 36.29 38.26
CA LYS N 286 -5.74 37.51 39.02
C LYS N 286 -7.04 38.01 39.61
N LEU N 287 -6.94 38.79 40.70
CA LEU N 287 -8.11 39.21 41.46
C LEU N 287 -9.06 40.06 40.62
N SER N 288 -8.52 40.69 39.56
CA SER N 288 -9.32 41.49 38.65
C SER N 288 -10.26 40.61 37.85
N ASP N 289 -9.88 39.34 37.67
CA ASP N 289 -10.61 38.40 36.84
C ASP N 289 -11.27 37.33 37.70
N ALA N 290 -11.20 37.50 39.02
CA ALA N 290 -11.76 36.54 39.96
C ALA N 290 -13.26 36.43 39.76
N ASP N 291 -13.72 35.21 39.43
CA ASP N 291 -15.12 34.93 39.15
C ASP N 291 -15.57 33.78 40.04
N TYR N 292 -15.20 33.82 41.32
CA TYR N 292 -15.50 32.76 42.26
C TYR N 292 -17.01 32.68 42.50
N VAL N 293 -17.45 31.53 43.04
CA VAL N 293 -18.84 31.35 43.42
C VAL N 293 -19.11 32.20 44.66
N GLY N 294 -18.13 32.21 45.57
CA GLY N 294 -18.21 32.97 46.80
C GLY N 294 -16.98 33.85 47.00
N PRO N 295 -17.03 34.86 47.90
CA PRO N 295 -15.89 35.77 48.09
C PRO N 295 -14.80 35.21 49.02
N THR N 296 -13.58 35.70 48.79
CA THR N 296 -12.46 35.49 49.70
C THR N 296 -12.16 36.82 50.39
N CYS N 297 -11.34 36.78 51.46
CA CYS N 297 -10.90 38.00 52.12
C CYS N 297 -10.39 38.98 51.06
N GLN N 298 -9.59 38.44 50.14
CA GLN N 298 -8.91 39.22 49.11
C GLN N 298 -9.94 39.81 48.14
N TYR N 299 -11.00 39.04 47.86
CA TYR N 299 -12.03 39.45 46.93
C TYR N 299 -12.67 40.77 47.37
N CYS N 300 -12.80 40.95 48.69
CA CYS N 300 -13.49 42.10 49.26
C CYS N 300 -12.50 43.21 49.65
N HIS N 301 -11.40 42.82 50.31
CA HIS N 301 -10.51 43.80 50.91
C HIS N 301 -9.37 44.20 49.98
N MET N 302 -9.03 43.32 49.04
CA MET N 302 -7.96 43.58 48.08
C MET N 302 -8.54 43.59 46.68
N ARG N 303 -9.68 44.27 46.53
CA ARG N 303 -10.40 44.42 45.27
C ARG N 303 -9.41 44.86 44.19
N GLY N 304 -9.40 44.12 43.08
CA GLY N 304 -8.56 44.43 41.92
C GLY N 304 -7.08 44.12 42.16
N GLY N 305 -6.76 43.56 43.34
CA GLY N 305 -5.40 43.19 43.68
C GLY N 305 -4.64 44.31 44.38
N HIS N 306 -5.35 45.38 44.74
CA HIS N 306 -4.77 46.52 45.42
C HIS N 306 -4.25 46.09 46.79
N HIS N 307 -3.02 46.52 47.13
CA HIS N 307 -2.33 46.00 48.30
C HIS N 307 -2.68 46.78 49.56
N ASN N 308 -3.31 47.96 49.41
CA ASN N 308 -3.90 48.64 50.55
C ASN N 308 -5.18 47.93 50.93
N VAL N 309 -5.08 47.17 52.03
CA VAL N 309 -6.09 46.22 52.43
C VAL N 309 -7.23 46.97 53.13
N GLN N 310 -6.96 48.24 53.47
CA GLN N 310 -7.86 49.09 54.22
C GLN N 310 -8.58 50.05 53.26
N ARG N 311 -8.30 49.92 51.96
CA ARG N 311 -8.74 50.85 50.94
C ARG N 311 -10.25 51.08 51.01
N ALA N 312 -11.02 50.01 51.25
CA ALA N 312 -12.46 50.05 51.17
C ALA N 312 -13.10 50.37 52.52
N SER N 313 -12.27 50.43 53.58
CA SER N 313 -12.75 50.69 54.93
C SER N 313 -13.47 52.02 55.00
N ILE N 314 -14.49 52.10 55.86
CA ILE N 314 -15.29 53.31 55.97
C ILE N 314 -14.63 54.29 56.93
N VAL N 315 -14.43 53.87 58.18
CA VAL N 315 -13.78 54.68 59.19
C VAL N 315 -13.15 53.76 60.25
N TYR N 316 -11.96 54.16 60.72
CA TYR N 316 -11.24 53.40 61.73
C TYR N 316 -11.93 53.56 63.08
N THR N 317 -12.31 52.42 63.68
CA THR N 317 -13.11 52.41 64.88
C THR N 317 -12.40 51.63 65.98
N SER N 318 -11.07 51.64 65.93
CA SER N 318 -10.25 51.06 66.98
C SER N 318 -10.63 49.61 67.20
N MET N 319 -10.57 48.80 66.13
CA MET N 319 -10.83 47.37 66.12
C MET N 319 -12.33 47.07 66.27
N GLY N 320 -13.15 48.13 66.21
CA GLY N 320 -14.58 47.99 66.38
C GLY N 320 -15.02 48.18 67.83
N MET N 321 -14.08 48.60 68.68
CA MET N 321 -14.36 48.93 70.06
C MET N 321 -15.06 50.30 70.13
N SER N 322 -14.60 51.25 69.30
CA SER N 322 -15.31 52.49 69.07
C SER N 322 -16.46 52.25 68.11
N MET N 323 -17.49 53.10 68.20
CA MET N 323 -18.76 52.83 67.55
C MET N 323 -19.06 53.93 66.54
N ALA N 324 -19.59 53.52 65.38
CA ALA N 324 -20.04 54.44 64.33
C ALA N 324 -21.19 53.80 63.56
N ASP N 325 -22.20 54.62 63.23
CA ASP N 325 -23.22 54.20 62.29
C ASP N 325 -22.68 54.42 60.87
N ARG N 326 -22.15 53.34 60.28
CA ARG N 326 -21.53 53.39 58.97
C ARG N 326 -22.59 53.54 57.89
N GLY N 327 -23.86 53.30 58.26
CA GLY N 327 -24.96 53.41 57.34
C GLY N 327 -25.57 54.80 57.31
N ALA N 328 -24.99 55.71 58.12
CA ALA N 328 -25.47 57.09 58.22
C ALA N 328 -25.16 57.86 56.93
N PRO N 329 -25.96 58.89 56.57
CA PRO N 329 -25.77 59.63 55.33
C PRO N 329 -24.36 60.20 55.15
N LEU N 330 -23.65 60.40 56.28
CA LEU N 330 -22.28 60.89 56.28
C LEU N 330 -21.37 59.97 55.47
N TRP N 331 -21.60 58.65 55.59
CA TRP N 331 -20.74 57.65 54.98
C TRP N 331 -21.39 57.01 53.77
N LYS N 332 -22.36 57.70 53.17
CA LYS N 332 -23.20 57.11 52.13
C LYS N 332 -22.33 56.58 50.99
N GLU N 333 -21.38 57.39 50.53
CA GLU N 333 -20.57 57.07 49.36
C GLU N 333 -19.68 55.86 49.65
N LYS N 334 -19.21 55.76 50.90
CA LYS N 334 -18.29 54.71 51.32
C LYS N 334 -19.03 53.37 51.47
N ARG N 335 -20.26 53.43 51.99
CA ARG N 335 -21.12 52.26 52.12
C ARG N 335 -21.56 51.80 50.73
N ASP N 336 -21.86 52.77 49.84
CA ASP N 336 -22.25 52.47 48.48
C ASP N 336 -21.17 51.66 47.78
N ARG N 337 -19.90 51.95 48.10
CA ARG N 337 -18.77 51.27 47.49
C ARG N 337 -18.76 49.81 47.90
N TRP N 338 -19.12 49.55 49.17
CA TRP N 338 -19.20 48.20 49.68
C TRP N 338 -20.32 47.43 48.99
N VAL N 339 -21.44 48.11 48.76
CA VAL N 339 -22.58 47.53 48.07
C VAL N 339 -22.18 47.15 46.65
N SER N 340 -21.23 47.92 46.08
CA SER N 340 -20.72 47.69 44.73
C SER N 340 -19.96 46.36 44.65
N ILE N 341 -19.32 45.99 45.77
CA ILE N 341 -18.54 44.77 45.86
C ILE N 341 -19.50 43.58 46.02
N CYS N 342 -20.51 43.74 46.90
CA CYS N 342 -21.50 42.71 47.13
C CYS N 342 -22.38 42.54 45.90
N ASP N 343 -22.57 43.64 45.15
CA ASP N 343 -23.33 43.71 43.91
C ASP N 343 -22.98 42.56 42.98
N ASP N 344 -21.77 42.04 43.11
CA ASP N 344 -21.24 41.04 42.20
C ASP N 344 -22.10 39.79 42.22
N CYS N 345 -22.74 39.51 43.36
CA CYS N 345 -23.43 38.25 43.56
C CYS N 345 -24.75 38.45 44.31
N HIS N 346 -25.12 39.72 44.54
CA HIS N 346 -26.35 40.04 45.23
C HIS N 346 -26.96 41.30 44.62
N SER N 347 -28.27 41.49 44.84
CA SER N 347 -28.94 42.74 44.52
C SER N 347 -28.41 43.83 45.46
N PRO N 348 -28.25 45.08 44.97
CA PRO N 348 -27.85 46.20 45.82
C PRO N 348 -28.66 46.25 47.12
N ARG N 349 -29.97 46.05 46.99
CA ARG N 349 -30.89 46.17 48.12
C ARG N 349 -30.54 45.15 49.20
N PHE N 350 -30.33 43.89 48.79
CA PHE N 350 -30.09 42.81 49.72
C PHE N 350 -28.83 43.10 50.55
N ALA N 351 -27.79 43.57 49.86
CA ALA N 351 -26.50 43.85 50.48
C ALA N 351 -26.62 45.07 51.38
N ARG N 352 -27.27 46.12 50.86
CA ARG N 352 -27.40 47.38 51.55
C ARG N 352 -28.07 47.15 52.91
N GLU N 353 -29.14 46.34 52.89
CA GLU N 353 -29.99 46.14 54.05
C GLU N 353 -29.33 45.20 55.04
N ASN N 354 -28.50 44.27 54.53
CA ASN N 354 -27.78 43.34 55.37
C ASN N 354 -26.71 44.08 56.17
N LEU N 355 -26.05 45.05 55.52
CA LEU N 355 -25.02 45.85 56.16
C LEU N 355 -25.67 46.84 57.12
N GLN N 356 -26.91 47.21 56.84
CA GLN N 356 -27.68 48.07 57.73
C GLN N 356 -27.94 47.33 59.04
N ALA N 357 -28.23 46.03 58.94
CA ALA N 357 -28.43 45.18 60.10
C ALA N 357 -27.19 45.18 60.98
N MET N 358 -26.00 45.15 60.35
CA MET N 358 -24.73 45.20 61.05
C MET N 358 -24.65 46.49 61.87
N ASP N 359 -24.98 47.62 61.23
CA ASP N 359 -24.94 48.94 61.85
C ASP N 359 -25.77 48.94 63.12
N GLU N 360 -26.96 48.30 63.05
CA GLU N 360 -27.90 48.27 64.14
C GLU N 360 -27.34 47.44 65.29
N SER N 361 -26.70 46.33 64.94
CA SER N 361 -26.11 45.44 65.93
C SER N 361 -24.99 46.14 66.68
N VAL N 362 -24.22 46.96 65.95
CA VAL N 362 -23.09 47.71 66.46
C VAL N 362 -23.58 48.76 67.47
N LYS N 363 -24.69 49.44 67.10
CA LYS N 363 -25.25 50.50 67.92
C LYS N 363 -25.86 49.94 69.19
N ASP N 364 -26.52 48.78 69.06
CA ASP N 364 -27.18 48.14 70.19
C ASP N 364 -26.14 47.55 71.15
N ALA N 365 -24.96 47.22 70.61
CA ALA N 365 -23.88 46.67 71.40
C ALA N 365 -23.31 47.74 72.33
N SER N 366 -23.14 48.95 71.78
CA SER N 366 -22.56 50.07 72.53
C SER N 366 -23.55 50.59 73.57
N LEU N 367 -24.84 50.43 73.29
CA LEU N 367 -25.89 50.69 74.27
C LEU N 367 -25.65 49.85 75.52
N LYS N 368 -25.35 48.57 75.32
CA LYS N 368 -25.09 47.65 76.42
C LYS N 368 -23.82 48.07 77.16
N TYR N 369 -22.78 48.44 76.40
CA TYR N 369 -21.50 48.74 77.02
C TYR N 369 -21.60 50.03 77.85
N ARG N 370 -22.37 51.00 77.35
CA ARG N 370 -22.60 52.26 78.06
C ARG N 370 -23.19 51.95 79.43
N GLU N 371 -24.13 51.00 79.48
CA GLU N 371 -24.71 50.58 80.74
C GLU N 371 -23.66 49.91 81.62
N THR N 372 -22.80 49.11 80.97
CA THR N 372 -21.76 48.36 81.66
C THR N 372 -20.74 49.34 82.24
N PHE N 373 -20.36 50.34 81.45
CA PHE N 373 -19.35 51.31 81.81
C PHE N 373 -19.85 52.17 82.98
N LYS N 374 -21.13 52.55 82.93
CA LYS N 374 -21.74 53.39 83.93
C LYS N 374 -21.55 52.76 85.32
N VAL N 375 -21.78 51.45 85.40
CA VAL N 375 -21.67 50.70 86.64
C VAL N 375 -20.25 50.81 87.17
N ALA N 376 -19.26 50.72 86.27
CA ALA N 376 -17.85 50.74 86.61
C ALA N 376 -17.42 52.15 87.00
N GLU N 377 -17.92 53.14 86.27
CA GLU N 377 -17.58 54.54 86.48
C GLU N 377 -18.12 55.00 87.82
N ASP N 378 -19.31 54.52 88.18
CA ASP N 378 -19.98 54.91 89.42
C ASP N 378 -19.19 54.40 90.62
N LEU N 379 -18.57 53.22 90.49
CA LEU N 379 -17.77 52.66 91.56
C LEU N 379 -16.56 53.55 91.83
N LEU N 380 -16.02 54.15 90.77
CA LEU N 380 -14.83 54.99 90.87
C LEU N 380 -15.21 56.34 91.49
N ILE N 381 -16.30 56.94 91.00
CA ILE N 381 -16.76 58.23 91.46
C ILE N 381 -17.17 58.15 92.93
N ASP N 382 -17.84 57.05 93.30
CA ASP N 382 -18.27 56.84 94.68
C ASP N 382 -17.11 56.37 95.54
N GLY N 383 -15.98 56.05 94.90
CA GLY N 383 -14.73 55.71 95.58
C GLY N 383 -14.78 54.34 96.26
N VAL N 384 -15.73 53.50 95.86
CA VAL N 384 -15.94 52.21 96.51
C VAL N 384 -15.37 51.09 95.66
N LEU N 385 -14.77 51.45 94.52
CA LEU N 385 -14.08 50.50 93.66
C LEU N 385 -12.94 49.85 94.45
N ASP N 386 -12.79 48.54 94.30
CA ASP N 386 -11.96 47.73 95.19
C ASP N 386 -10.85 47.03 94.40
N PRO N 387 -9.68 47.66 94.30
CA PRO N 387 -9.38 48.96 94.90
C PRO N 387 -9.40 50.09 93.89
N MET N 388 -9.16 51.31 94.39
CA MET N 388 -9.05 52.49 93.56
C MET N 388 -7.69 52.49 92.84
N PRO N 389 -7.57 53.13 91.66
CA PRO N 389 -6.33 53.13 90.88
C PRO N 389 -5.05 53.44 91.64
N LYS N 390 -5.17 54.26 92.69
CA LYS N 390 -4.04 54.72 93.47
C LYS N 390 -3.44 53.56 94.28
N ASP N 391 -4.23 52.50 94.48
CA ASP N 391 -3.82 51.38 95.31
C ASP N 391 -3.42 50.20 94.45
N LEU N 392 -3.50 50.36 93.12
CA LEU N 392 -2.99 49.39 92.17
C LEU N 392 -1.52 49.68 91.91
N CYS N 393 -0.83 48.69 91.35
CA CYS N 393 0.52 48.89 90.82
C CYS N 393 0.47 50.02 89.79
N PRO N 394 1.50 50.90 89.73
CA PRO N 394 1.57 51.94 88.71
C PRO N 394 1.54 51.36 87.29
N ASP N 395 0.87 52.06 86.38
CA ASP N 395 0.73 51.64 85.00
C ASP N 395 2.08 51.76 84.28
N TRP N 396 2.10 51.39 82.99
CA TRP N 396 3.32 51.33 82.22
C TRP N 396 4.05 52.67 82.26
N SER N 397 3.27 53.74 82.41
CA SER N 397 3.73 55.12 82.37
C SER N 397 4.41 55.48 83.69
N GLY N 398 4.07 54.74 84.75
CA GLY N 398 4.53 55.03 86.10
C GLY N 398 3.52 55.90 86.86
N GLN N 399 2.26 55.86 86.39
CA GLN N 399 1.19 56.68 86.94
C GLN N 399 0.09 55.78 87.51
N HIS N 400 -0.85 56.41 88.22
CA HIS N 400 -1.99 55.70 88.78
C HIS N 400 -3.29 56.20 88.16
N ILE N 401 -3.29 56.33 86.83
CA ILE N 401 -4.47 56.73 86.07
C ILE N 401 -5.41 55.53 85.97
N TRP N 402 -6.72 55.82 85.99
CA TRP N 402 -7.76 54.80 85.85
C TRP N 402 -7.63 54.13 84.49
N SER N 403 -7.71 52.79 84.51
CA SER N 403 -7.57 51.94 83.33
C SER N 403 -8.51 52.39 82.22
N LEU N 404 -9.77 52.65 82.58
CA LEU N 404 -10.84 52.83 81.60
C LEU N 404 -10.99 54.29 81.18
N LYS N 405 -10.12 55.17 81.71
CA LYS N 405 -10.21 56.60 81.45
C LYS N 405 -9.88 56.89 79.99
N ILE N 406 -10.84 57.49 79.29
CA ILE N 406 -10.65 58.00 77.95
C ILE N 406 -10.51 59.52 78.03
N GLY N 407 -9.32 60.02 77.67
CA GLY N 407 -8.95 61.42 77.85
C GLY N 407 -9.91 62.39 77.17
N ALA N 408 -10.53 61.93 76.08
CA ALA N 408 -11.39 62.79 75.28
C ALA N 408 -12.76 62.97 75.93
N TYR N 409 -13.09 62.10 76.89
CA TYR N 409 -14.42 62.09 77.48
C TYR N 409 -14.36 62.32 78.99
N HIS N 410 -13.24 61.92 79.61
CA HIS N 410 -13.15 61.90 81.06
C HIS N 410 -12.12 62.92 81.54
N ASP N 411 -12.49 63.68 82.58
CA ASP N 411 -11.59 64.61 83.24
C ASP N 411 -12.03 64.80 84.69
N GLY N 412 -11.06 64.74 85.61
CA GLY N 412 -11.35 64.86 87.03
C GLY N 412 -10.26 64.25 87.90
N GLU N 413 -10.39 64.49 89.21
CA GLU N 413 -9.44 64.06 90.22
C GLU N 413 -9.47 62.54 90.35
N ALA N 414 -10.68 61.97 90.22
CA ALA N 414 -10.92 60.56 90.45
C ALA N 414 -10.28 59.70 89.35
N TYR N 415 -10.17 60.28 88.15
CA TYR N 415 -9.67 59.57 86.98
C TYR N 415 -8.15 59.57 86.96
N GLY N 416 -7.53 60.67 87.42
CA GLY N 416 -6.08 60.79 87.43
C GLY N 416 -5.55 61.29 86.08
N GLY N 417 -4.25 61.61 86.05
CA GLY N 417 -3.59 62.07 84.84
C GLY N 417 -3.95 63.51 84.48
N THR N 418 -3.23 64.06 83.50
CA THR N 418 -3.46 65.42 83.03
C THR N 418 -4.73 65.46 82.17
N THR N 419 -5.18 66.67 81.84
CA THR N 419 -6.38 66.87 81.04
C THR N 419 -6.13 66.34 79.62
N GLY N 420 -7.03 65.46 79.16
CA GLY N 420 -6.97 64.92 77.81
C GLY N 420 -6.17 63.62 77.73
N GLU N 421 -5.46 63.29 78.81
CA GLU N 421 -4.63 62.10 78.87
C GLU N 421 -5.49 60.89 79.25
N SER N 422 -5.32 59.79 78.52
CA SER N 422 -6.06 58.56 78.76
C SER N 422 -5.31 57.69 79.77
N GLY N 423 -6.00 56.66 80.28
CA GLY N 423 -5.40 55.63 81.09
C GLY N 423 -4.84 54.50 80.22
N GLU N 424 -4.13 53.57 80.85
CA GLU N 424 -3.63 52.39 80.14
C GLU N 424 -4.74 51.35 80.09
N PHE N 425 -5.45 51.32 78.95
CA PHE N 425 -6.53 50.38 78.70
C PHE N 425 -5.96 48.97 78.72
N ARG N 426 -6.44 48.13 79.64
CA ARG N 426 -5.83 46.83 79.87
C ARG N 426 -6.82 45.87 80.52
N MET N 427 -6.46 44.58 80.48
CA MET N 427 -7.18 43.49 81.12
C MET N 427 -6.36 42.98 82.31
N SER N 428 -5.17 43.59 82.49
CA SER N 428 -4.22 43.17 83.50
C SER N 428 -4.09 44.27 84.55
N ASN N 429 -3.61 43.89 85.74
CA ASN N 429 -3.30 44.82 86.81
C ASN N 429 -4.46 45.81 86.99
N CYS N 430 -5.62 45.28 87.39
CA CYS N 430 -6.82 46.08 87.58
C CYS N 430 -7.82 45.27 88.41
N THR N 431 -9.02 45.85 88.59
CA THR N 431 -10.12 45.19 89.27
C THR N 431 -10.82 44.26 88.28
N ASP N 432 -11.67 43.36 88.80
CA ASP N 432 -12.48 42.49 87.98
C ASP N 432 -13.41 43.34 87.12
N VAL N 433 -13.94 44.42 87.71
CA VAL N 433 -14.90 45.29 87.05
C VAL N 433 -14.25 45.95 85.84
N GLU N 434 -13.01 46.44 86.02
CA GLU N 434 -12.23 47.03 84.94
C GLU N 434 -11.97 45.97 83.86
N ARG N 435 -11.60 44.77 84.31
CA ARG N 435 -11.23 43.67 83.43
C ARG N 435 -12.42 43.26 82.56
N LEU N 436 -13.58 43.09 83.20
CA LEU N 436 -14.79 42.62 82.52
C LEU N 436 -15.28 43.65 81.52
N CYS N 437 -15.08 44.94 81.84
CA CYS N 437 -15.41 46.02 80.93
C CYS N 437 -14.53 45.92 79.68
N PHE N 438 -13.23 45.70 79.90
CA PHE N 438 -12.28 45.56 78.81
C PHE N 438 -12.71 44.40 77.91
N GLU N 439 -13.05 43.27 78.55
CA GLU N 439 -13.43 42.06 77.84
C GLU N 439 -14.70 42.31 77.03
N SER N 440 -15.63 43.08 77.60
CA SER N 440 -16.93 43.28 76.99
C SER N 440 -16.81 44.03 75.67
N VAL N 441 -16.00 45.10 75.69
CA VAL N 441 -15.87 45.98 74.53
C VAL N 441 -14.72 45.49 73.64
N GLY N 442 -13.69 44.92 74.26
CA GLY N 442 -12.45 44.59 73.59
C GLY N 442 -12.47 43.21 72.93
N TYR N 443 -13.35 42.32 73.44
CA TYR N 443 -13.51 40.99 72.90
C TYR N 443 -14.90 40.85 72.29
N PHE N 444 -15.92 40.83 73.16
CA PHE N 444 -17.27 40.42 72.79
C PHE N 444 -17.89 41.37 71.77
N GLN N 445 -17.66 42.67 71.94
CA GLN N 445 -18.23 43.67 71.05
C GLN N 445 -17.66 43.50 69.64
N THR N 446 -16.37 43.12 69.55
CA THR N 446 -15.71 43.00 68.27
C THR N 446 -16.27 41.80 67.51
N TYR N 447 -16.76 40.80 68.27
CA TYR N 447 -17.35 39.61 67.68
C TYR N 447 -18.66 39.98 67.00
N ILE N 448 -19.31 41.04 67.49
CA ILE N 448 -20.58 41.50 66.94
C ILE N 448 -20.31 42.24 65.62
N TYR N 449 -19.33 43.16 65.62
CA TYR N 449 -19.00 43.93 64.44
C TYR N 449 -18.48 43.01 63.34
N LYS N 450 -17.42 42.24 63.66
CA LYS N 450 -16.78 41.35 62.71
C LYS N 450 -17.74 40.24 62.30
N GLY N 451 -18.51 39.74 63.28
CA GLY N 451 -19.49 38.69 63.04
C GLY N 451 -20.51 39.10 61.99
N MET N 452 -21.14 40.27 62.21
CA MET N 452 -22.19 40.75 61.34
C MET N 452 -21.63 41.16 59.98
N ALA N 453 -20.37 41.61 59.96
CA ALA N 453 -19.72 42.09 58.75
C ALA N 453 -19.40 40.93 57.82
N HIS N 454 -19.18 39.75 58.41
CA HIS N 454 -18.70 38.61 57.66
C HIS N 454 -19.77 37.52 57.54
N GLY N 455 -20.93 37.75 58.17
CA GLY N 455 -22.09 36.91 58.00
C GLY N 455 -22.19 35.78 59.02
N SER N 456 -21.44 35.91 60.12
CA SER N 456 -21.50 34.94 61.20
C SER N 456 -22.51 35.38 62.26
N TRP N 457 -23.72 34.82 62.16
CA TRP N 457 -24.85 35.23 62.96
C TRP N 457 -24.65 34.83 64.42
N ASN N 458 -23.94 33.72 64.64
CA ASN N 458 -23.76 33.16 65.97
C ASN N 458 -22.67 33.95 66.70
N ASP N 459 -21.69 34.46 65.93
CA ASP N 459 -20.60 35.24 66.48
C ASP N 459 -21.14 36.56 67.03
N ALA N 460 -22.29 36.98 66.49
CA ALA N 460 -22.89 38.26 66.83
C ALA N 460 -23.90 38.09 67.96
N THR N 461 -24.23 36.84 68.29
CA THR N 461 -25.26 36.54 69.28
C THR N 461 -24.73 35.57 70.35
N TYR N 462 -24.93 34.27 70.12
CA TYR N 462 -24.72 33.25 71.15
C TYR N 462 -23.25 33.08 71.47
N SER N 463 -22.41 33.04 70.42
CA SER N 463 -20.99 32.70 70.56
C SER N 463 -20.20 33.91 71.04
N ASP N 464 -20.48 34.33 72.28
CA ASP N 464 -19.75 35.37 72.99
C ASP N 464 -19.95 36.73 72.31
N GLY N 465 -21.05 36.86 71.57
CA GLY N 465 -21.38 38.12 70.91
C GLY N 465 -22.24 39.01 71.80
N SER N 466 -23.45 39.32 71.33
CA SER N 466 -24.42 40.08 72.08
C SER N 466 -24.63 39.47 73.46
N PHE N 467 -24.75 38.14 73.51
CA PHE N 467 -25.10 37.45 74.74
C PHE N 467 -23.86 37.31 75.63
N GLY N 468 -22.68 37.48 75.02
CA GLY N 468 -21.43 37.56 75.76
C GLY N 468 -21.40 38.81 76.61
N MET N 469 -21.79 39.94 75.99
CA MET N 469 -21.84 41.24 76.64
C MET N 469 -22.91 41.22 77.74
N ASP N 470 -24.00 40.50 77.48
CA ASP N 470 -25.08 40.32 78.43
C ASP N 470 -24.55 39.66 79.70
N ARG N 471 -23.78 38.59 79.51
CA ARG N 471 -23.25 37.79 80.59
C ARG N 471 -22.26 38.60 81.42
N TRP N 472 -21.48 39.44 80.74
CA TRP N 472 -20.45 40.24 81.40
C TRP N 472 -21.08 41.42 82.13
N LEU N 473 -22.20 41.93 81.61
CA LEU N 473 -22.93 43.00 82.26
C LEU N 473 -23.44 42.52 83.62
N VAL N 474 -23.97 41.29 83.64
CA VAL N 474 -24.43 40.64 84.85
C VAL N 474 -23.26 40.51 85.83
N ASN N 475 -22.10 40.11 85.30
CA ASN N 475 -20.91 39.85 86.09
C ASN N 475 -20.41 41.14 86.72
N VAL N 476 -20.48 42.23 85.95
CA VAL N 476 -20.04 43.55 86.39
C VAL N 476 -20.96 44.04 87.50
N LYS N 477 -22.27 43.92 87.28
CA LYS N 477 -23.28 44.36 88.23
C LYS N 477 -23.09 43.63 89.56
N GLN N 478 -22.84 42.31 89.49
CA GLN N 478 -22.69 41.50 90.67
C GLN N 478 -21.47 41.95 91.47
N ASN N 479 -20.37 42.20 90.74
CA ASN N 479 -19.11 42.61 91.34
C ASN N 479 -19.27 44.00 91.97
N ALA N 480 -20.08 44.86 91.34
CA ALA N 480 -20.36 46.20 91.84
C ALA N 480 -21.17 46.09 93.12
N SER N 481 -22.20 45.23 93.11
CA SER N 481 -23.08 45.01 94.24
C SER N 481 -22.28 44.56 95.46
N ARG N 482 -21.40 43.58 95.26
CA ARG N 482 -20.62 42.98 96.34
C ARG N 482 -19.69 44.02 96.96
N ALA N 483 -19.06 44.82 96.09
CA ALA N 483 -18.09 45.83 96.53
C ALA N 483 -18.78 46.92 97.34
N ARG N 484 -20.01 47.26 96.94
CA ARG N 484 -20.78 48.30 97.59
C ARG N 484 -21.32 47.82 98.93
N ARG N 485 -21.66 46.52 98.98
CA ARG N 485 -22.20 45.91 100.20
C ARG N 485 -21.12 45.82 101.26
N LEU N 486 -19.87 45.57 100.83
CA LEU N 486 -18.74 45.45 101.74
C LEU N 486 -18.37 46.82 102.28
N ALA N 487 -18.39 47.84 101.40
CA ALA N 487 -18.03 49.20 101.76
C ALA N 487 -19.03 49.75 102.78
N ALA N 488 -20.30 49.39 102.62
CA ALA N 488 -21.37 49.83 103.50
C ALA N 488 -21.22 49.21 104.88
N LEU N 489 -20.87 47.91 104.90
CA LEU N 489 -20.69 47.17 106.15
C LEU N 489 -19.49 47.72 106.91
N GLU N 490 -18.42 48.07 106.18
CA GLU N 490 -17.17 48.49 106.78
C GLU N 490 -17.32 49.89 107.37
N LYS N 491 -18.14 50.73 106.73
CA LYS N 491 -18.42 52.07 107.24
C LYS N 491 -19.13 51.96 108.58
N LYS N 492 -20.19 51.12 108.64
CA LYS N 492 -21.05 51.04 109.80
C LYS N 492 -20.32 50.40 110.98
N VAL N 493 -19.43 49.45 110.70
CA VAL N 493 -18.69 48.74 111.73
C VAL N 493 -17.44 49.52 112.11
N GLY N 494 -17.04 50.46 111.24
CA GLY N 494 -15.94 51.36 111.51
C GLY N 494 -14.59 50.78 111.10
N ILE N 495 -14.60 49.92 110.07
CA ILE N 495 -13.37 49.43 109.44
C ILE N 495 -13.08 50.32 108.24
N SER N 496 -11.85 50.83 108.20
CA SER N 496 -11.32 51.45 107.00
C SER N 496 -10.47 50.42 106.28
N TRP N 497 -10.98 49.91 105.15
CA TRP N 497 -10.37 48.80 104.43
C TRP N 497 -9.02 49.23 103.85
N GLN N 498 -7.97 48.51 104.24
CA GLN N 498 -6.64 48.68 103.68
C GLN N 498 -6.51 47.75 102.47
N PRO N 499 -6.43 48.28 101.23
CA PRO N 499 -6.22 47.44 100.04
C PRO N 499 -4.99 46.55 100.21
N GLU N 500 -5.14 45.28 99.82
CA GLU N 500 -4.14 44.25 100.07
C GLU N 500 -2.86 44.54 99.28
N GLN N 501 -1.79 43.87 99.69
CA GLN N 501 -0.45 44.17 99.19
C GLN N 501 -0.31 43.71 97.74
N PHE N 502 -1.10 42.69 97.36
CA PHE N 502 -0.95 42.05 96.07
C PHE N 502 -1.48 42.93 94.93
N TRP N 503 -2.23 43.99 95.27
CA TRP N 503 -2.69 44.95 94.28
C TRP N 503 -1.53 45.85 93.84
N LYS N 504 -0.58 46.07 94.77
CA LYS N 504 0.53 46.99 94.59
C LYS N 504 1.73 46.24 94.00
N THR N 505 2.11 45.14 94.66
CA THR N 505 3.34 44.42 94.33
C THR N 505 3.06 42.92 94.18
N GLY N 506 4.01 42.24 93.55
CA GLY N 506 3.95 40.82 93.24
C GLY N 506 5.07 40.44 92.29
N GLU N 507 5.34 39.12 92.18
CA GLU N 507 6.52 38.65 91.47
C GLU N 507 6.56 39.19 90.04
N TRP N 508 5.39 39.21 89.39
CA TRP N 508 5.26 39.67 88.01
C TRP N 508 5.20 41.20 87.97
N LEU N 509 4.37 41.78 88.83
CA LEU N 509 4.15 43.22 88.88
C LEU N 509 5.47 43.98 89.04
N ASP N 510 6.36 43.43 89.87
CA ASP N 510 7.63 44.07 90.22
C ASP N 510 8.53 44.19 89.00
N GLN N 511 8.27 43.38 87.97
CA GLN N 511 9.11 43.32 86.79
C GLN N 511 8.66 44.32 85.73
N LEU N 512 7.58 45.06 86.03
CA LEU N 512 6.97 45.95 85.05
C LEU N 512 7.69 47.30 85.06
N THR N 513 7.32 48.15 84.08
CA THR N 513 7.91 49.46 83.88
C THR N 513 7.45 50.42 84.97
N GLY N 514 6.16 50.33 85.33
CA GLY N 514 5.57 51.17 86.35
C GLY N 514 6.44 51.29 87.59
N PRO N 515 6.64 50.20 88.36
CA PRO N 515 7.45 50.25 89.58
C PRO N 515 8.88 50.77 89.38
N TYR N 516 9.45 50.48 88.20
CA TYR N 516 10.81 50.88 87.89
C TYR N 516 10.89 52.40 87.78
N ILE N 517 9.90 53.00 87.10
CA ILE N 517 9.88 54.44 86.88
C ILE N 517 9.68 55.16 88.21
N VAL N 518 8.74 54.66 89.02
CA VAL N 518 8.42 55.27 90.30
C VAL N 518 9.65 55.26 91.20
N LYS N 519 10.41 54.17 91.16
CA LYS N 519 11.56 54.00 92.04
C LYS N 519 12.76 54.80 91.54
N ASN N 520 13.03 54.74 90.23
CA ASN N 520 14.32 55.17 89.70
C ASN N 520 14.24 56.58 89.10
N HIS N 521 13.04 56.99 88.67
CA HIS N 521 12.85 58.34 88.12
C HIS N 521 11.63 58.97 88.79
N PRO N 522 11.71 59.31 90.10
CA PRO N 522 10.52 59.51 90.93
C PRO N 522 9.48 60.50 90.41
N GLY N 523 9.95 61.66 89.92
CA GLY N 523 9.04 62.74 89.60
C GLY N 523 8.39 62.60 88.21
N LYS N 524 8.90 61.68 87.40
CA LYS N 524 8.66 61.72 85.97
C LYS N 524 7.85 60.51 85.49
N THR N 525 7.36 60.60 84.25
CA THR N 525 6.65 59.53 83.57
C THR N 525 7.48 59.03 82.40
N ILE N 526 6.99 57.97 81.73
CA ILE N 526 7.70 57.37 80.61
C ILE N 526 7.75 58.35 79.45
N PHE N 527 6.77 59.27 79.40
CA PHE N 527 6.68 60.24 78.32
C PHE N 527 7.75 61.31 78.50
N ASP N 528 8.09 61.59 79.76
CA ASP N 528 9.18 62.47 80.10
C ASP N 528 10.50 61.83 79.69
N LEU N 529 10.64 60.53 79.99
CA LEU N 529 11.88 59.80 79.82
C LEU N 529 12.09 59.44 78.34
N CYS N 530 11.01 59.47 77.56
CA CYS N 530 11.09 59.23 76.12
C CYS N 530 10.50 60.42 75.38
N PRO N 531 11.27 61.54 75.25
CA PRO N 531 10.72 62.79 74.73
C PRO N 531 10.61 62.86 73.21
N ASP N 532 11.22 61.90 72.52
CA ASP N 532 11.29 61.89 71.07
C ASP N 532 9.87 61.94 70.48
N PRO N 533 9.68 62.48 69.25
CA PRO N 533 8.37 62.47 68.60
C PRO N 533 7.93 61.05 68.27
N GLY N 534 6.64 60.76 68.49
CA GLY N 534 6.04 59.47 68.21
C GLY N 534 5.54 59.38 66.76
N TRP N 535 4.83 58.28 66.47
CA TRP N 535 4.33 58.01 65.13
C TRP N 535 3.24 59.01 64.76
N LEU N 536 2.39 59.34 65.75
CA LEU N 536 1.24 60.22 65.55
C LEU N 536 1.70 61.65 65.24
N ASP N 537 2.94 61.97 65.65
CA ASP N 537 3.48 63.31 65.50
C ASP N 537 3.90 63.54 64.05
N THR N 538 4.23 62.46 63.34
CA THR N 538 4.81 62.56 62.01
C THR N 538 3.87 62.00 60.95
N HIS N 539 2.79 61.35 61.39
CA HIS N 539 1.85 60.73 60.48
C HIS N 539 0.43 61.25 60.73
N HIS N 540 -0.18 61.79 59.67
CA HIS N 540 -1.50 62.43 59.75
C HIS N 540 -2.44 61.78 58.74
N ALA N 541 -3.75 62.05 58.89
CA ALA N 541 -4.77 61.58 57.98
C ALA N 541 -4.59 62.23 56.61
N PRO N 542 -4.84 61.50 55.49
CA PRO N 542 -4.67 62.07 54.16
C PRO N 542 -5.62 63.25 53.91
N ALA N 543 -5.19 64.15 53.02
CA ALA N 543 -5.89 65.39 52.73
C ALA N 543 -7.30 65.11 52.20
N GLU N 544 -7.43 64.05 51.39
CA GLU N 544 -8.67 63.70 50.73
C GLU N 544 -9.70 63.22 51.74
N GLU N 545 -9.24 62.62 52.84
CA GLU N 545 -10.12 62.10 53.86
C GLU N 545 -10.76 63.24 54.64
N VAL N 546 -9.94 64.24 55.00
CA VAL N 546 -10.41 65.40 55.73
C VAL N 546 -11.36 66.20 54.83
N GLU N 547 -10.99 66.26 53.54
CA GLU N 547 -11.72 67.01 52.52
C GLU N 547 -13.12 66.43 52.34
N TYR N 548 -13.22 65.09 52.37
CA TYR N 548 -14.47 64.38 52.17
C TYR N 548 -15.41 64.62 53.35
N ILE N 549 -14.88 64.51 54.58
CA ILE N 549 -15.66 64.61 55.79
C ILE N 549 -16.21 66.03 55.93
N GLU N 550 -15.36 67.04 55.68
CA GLU N 550 -15.73 68.44 55.78
C GLU N 550 -16.84 68.75 54.78
N ARG N 551 -16.73 68.19 53.58
CA ARG N 551 -17.68 68.41 52.51
C ARG N 551 -19.04 67.84 52.89
N LYS N 552 -19.02 66.65 53.51
CA LYS N 552 -20.23 65.90 53.82
C LYS N 552 -20.95 66.49 55.03
N LEU N 553 -20.16 67.01 55.99
CA LEU N 553 -20.72 67.61 57.19
C LEU N 553 -21.42 68.93 56.85
N LYS N 554 -20.86 69.65 55.88
CA LYS N 554 -21.43 70.90 55.38
C LYS N 554 -22.70 70.60 54.59
N GLU N 555 -22.64 69.52 53.80
CA GLU N 555 -23.71 69.10 52.92
C GLU N 555 -24.94 68.71 53.73
N LEU N 556 -24.72 68.16 54.92
CA LEU N 556 -25.79 67.62 55.75
C LEU N 556 -26.11 68.55 56.91
N GLY N 557 -25.17 69.47 57.21
CA GLY N 557 -25.34 70.43 58.29
C GLY N 557 -25.23 69.77 59.66
N ILE N 558 -24.09 69.12 59.92
CA ILE N 558 -23.78 68.54 61.21
C ILE N 558 -22.56 69.25 61.78
N THR N 559 -22.57 69.51 63.09
CA THR N 559 -21.49 70.19 63.78
C THR N 559 -20.25 69.30 63.81
N ALA N 560 -19.08 69.92 63.60
CA ALA N 560 -17.80 69.25 63.68
C ALA N 560 -17.44 68.99 65.15
N GLY N 561 -16.58 67.98 65.37
CA GLY N 561 -16.22 67.55 66.70
C GLY N 561 -15.04 68.34 67.28
N SER N 562 -14.59 67.92 68.47
CA SER N 562 -13.52 68.60 69.20
C SER N 562 -12.28 67.70 69.31
N HIS N 563 -11.22 68.25 69.90
CA HIS N 563 -9.95 67.55 70.09
C HIS N 563 -10.11 66.46 71.15
N VAL O 33 -3.15 47.64 73.68
CA VAL O 33 -4.37 48.04 72.92
C VAL O 33 -5.06 49.18 73.66
N GLU O 34 -5.28 50.29 72.95
CA GLU O 34 -5.86 51.50 73.52
C GLU O 34 -7.17 51.82 72.79
N ILE O 35 -7.97 52.70 73.39
CA ILE O 35 -9.07 53.33 72.69
C ILE O 35 -8.50 54.55 71.97
N ILE O 36 -8.16 54.38 70.69
CA ILE O 36 -7.40 55.37 69.95
C ILE O 36 -8.30 56.57 69.63
N THR O 37 -7.84 57.75 70.06
CA THR O 37 -8.59 58.99 69.95
C THR O 37 -7.88 59.99 69.04
N HIS O 38 -6.98 59.49 68.19
CA HIS O 38 -6.14 60.34 67.37
C HIS O 38 -6.21 59.94 65.91
N TRP O 39 -5.47 60.68 65.07
CA TRP O 39 -5.24 60.42 63.65
C TRP O 39 -6.50 60.68 62.82
N VAL O 40 -7.60 59.98 63.15
CA VAL O 40 -8.89 60.16 62.50
C VAL O 40 -9.32 61.61 62.71
N PRO O 41 -9.74 62.34 61.64
CA PRO O 41 -10.13 63.75 61.76
C PRO O 41 -11.15 64.02 62.86
N HIS O 42 -10.95 65.12 63.58
CA HIS O 42 -11.73 65.45 64.77
C HIS O 42 -13.18 65.74 64.40
N GLU O 43 -13.37 66.28 63.20
CA GLU O 43 -14.68 66.73 62.71
C GLU O 43 -15.69 65.59 62.83
N VAL O 44 -15.18 64.36 62.92
CA VAL O 44 -16.03 63.17 62.89
C VAL O 44 -16.07 62.50 64.26
N TYR O 45 -15.46 63.13 65.27
CA TYR O 45 -15.54 62.64 66.64
C TYR O 45 -16.88 63.04 67.24
N GLY O 46 -17.61 62.05 67.76
CA GLY O 46 -18.86 62.31 68.45
C GLY O 46 -18.60 62.81 69.88
N MET O 47 -19.35 63.84 70.28
CA MET O 47 -19.22 64.42 71.60
C MET O 47 -20.47 64.08 72.43
N PRO O 48 -20.38 64.09 73.78
CA PRO O 48 -21.48 63.61 74.63
C PRO O 48 -22.84 64.22 74.28
N GLY O 49 -23.85 63.35 74.16
CA GLY O 49 -25.22 63.78 73.94
C GLY O 49 -25.64 63.73 72.47
N GLU O 50 -24.66 63.62 71.57
CA GLU O 50 -24.92 63.60 70.13
C GLU O 50 -25.55 62.27 69.74
N PRO O 51 -26.35 62.22 68.64
CA PRO O 51 -27.02 61.00 68.22
C PRO O 51 -26.01 59.94 67.74
N ASP O 52 -26.31 58.68 68.06
CA ASP O 52 -25.45 57.55 67.71
C ASP O 52 -25.53 57.27 66.21
N ASN O 53 -26.62 57.72 65.58
CA ASN O 53 -26.90 57.43 64.19
C ASN O 53 -26.45 58.58 63.30
N SER O 54 -25.61 59.47 63.85
CA SER O 54 -25.08 60.60 63.12
C SER O 54 -23.97 60.13 62.17
N GLY O 55 -23.29 59.05 62.57
CA GLY O 55 -22.19 58.48 61.80
C GLY O 55 -20.83 58.90 62.35
N LYS O 56 -20.87 59.57 63.52
CA LYS O 56 -19.65 60.05 64.15
C LYS O 56 -19.09 58.93 65.03
N VAL O 57 -17.77 58.97 65.24
CA VAL O 57 -17.07 57.97 66.03
C VAL O 57 -17.21 58.31 67.51
N PHE O 58 -17.78 57.39 68.27
CA PHE O 58 -17.86 57.51 69.72
C PHE O 58 -16.87 56.55 70.34
N PHE O 59 -15.89 57.11 71.06
CA PHE O 59 -14.79 56.32 71.59
C PHE O 59 -15.31 55.31 72.59
N SER O 60 -15.01 54.02 72.32
CA SER O 60 -15.45 52.89 73.12
C SER O 60 -16.98 52.79 73.12
N GLY O 61 -17.62 53.57 72.25
CA GLY O 61 -19.06 53.60 72.10
C GLY O 61 -19.76 54.36 73.23
N LEU O 62 -19.01 55.22 73.92
CA LEU O 62 -19.51 55.93 75.09
C LEU O 62 -20.13 57.27 74.69
N LYS O 63 -21.02 57.77 75.55
CA LYS O 63 -21.46 59.17 75.59
C LYS O 63 -22.43 59.50 74.47
N ALA O 64 -22.78 58.50 73.65
CA ALA O 64 -23.72 58.72 72.54
C ALA O 64 -25.16 58.64 73.05
N LYS O 65 -26.04 59.37 72.36
CA LYS O 65 -27.48 59.32 72.62
C LYS O 65 -28.09 58.27 71.70
N TYR O 66 -28.70 57.26 72.32
CA TYR O 66 -29.27 56.12 71.60
C TYR O 66 -30.55 56.57 70.89
N MET O 67 -30.56 56.40 69.56
CA MET O 67 -31.67 56.86 68.73
C MET O 67 -32.59 55.69 68.38
N GLY O 68 -32.06 54.47 68.45
CA GLY O 68 -32.85 53.27 68.16
C GLY O 68 -32.97 53.01 66.67
N TYR O 69 -33.63 51.90 66.33
CA TYR O 69 -33.73 51.42 64.96
C TYR O 69 -34.60 52.36 64.12
N PRO O 70 -34.37 52.45 62.80
CA PRO O 70 -35.17 53.31 61.93
C PRO O 70 -36.58 52.76 61.74
N LYS O 71 -37.56 53.43 62.37
CA LYS O 71 -38.93 52.96 62.36
C LYS O 71 -39.69 53.61 61.20
N ASP O 72 -39.01 54.48 60.46
CA ASP O 72 -39.58 55.11 59.29
C ASP O 72 -39.20 54.34 58.03
N ALA O 73 -38.23 53.42 58.18
CA ALA O 73 -37.69 52.65 57.08
C ALA O 73 -38.73 51.63 56.60
N GLN O 74 -38.96 51.62 55.28
CA GLN O 74 -39.94 50.75 54.65
C GLN O 74 -39.52 49.30 54.88
N ARG O 75 -40.43 48.54 55.49
CA ARG O 75 -40.16 47.16 55.89
C ARG O 75 -41.48 46.43 56.14
N SER O 76 -41.37 45.19 56.62
CA SER O 76 -42.54 44.39 56.95
C SER O 76 -42.59 44.16 58.46
N PRO O 77 -43.80 44.09 59.06
CA PRO O 77 -43.95 43.53 60.41
C PRO O 77 -43.64 42.04 60.36
N TYR O 78 -43.21 41.50 61.50
CA TYR O 78 -42.97 40.07 61.64
C TYR O 78 -44.34 39.37 61.74
N PRO O 79 -44.47 38.11 61.26
CA PRO O 79 -45.71 37.37 61.44
C PRO O 79 -45.83 36.83 62.85
N GLY O 80 -46.99 36.27 63.19
CA GLY O 80 -47.15 35.46 64.38
C GLY O 80 -47.80 36.20 65.55
N LYS O 81 -47.85 35.50 66.69
CA LYS O 81 -48.56 35.87 67.90
C LYS O 81 -48.11 37.24 68.40
N TYR O 82 -46.80 37.50 68.34
CA TYR O 82 -46.21 38.64 69.01
C TYR O 82 -45.85 39.73 67.99
N SER O 83 -46.62 39.79 66.90
CA SER O 83 -46.37 40.70 65.80
C SER O 83 -46.22 42.14 66.31
N LYS O 84 -47.04 42.51 67.29
CA LYS O 84 -47.17 43.89 67.73
C LYS O 84 -45.89 44.37 68.43
N PHE O 85 -45.16 43.44 69.06
CA PHE O 85 -43.98 43.78 69.83
C PHE O 85 -42.69 43.43 69.07
N TRP O 86 -42.85 42.84 67.89
CA TRP O 86 -41.73 42.41 67.07
C TRP O 86 -41.19 43.60 66.28
N LYS O 87 -40.07 44.16 66.75
CA LYS O 87 -39.40 45.24 66.03
C LYS O 87 -38.57 44.66 64.91
N THR O 88 -38.73 45.22 63.70
CA THR O 88 -38.14 44.62 62.50
C THR O 88 -37.21 45.61 61.79
N LEU O 89 -36.29 45.06 61.00
CA LEU O 89 -35.39 45.81 60.13
C LEU O 89 -35.79 45.54 58.68
N PRO O 90 -35.46 46.44 57.73
CA PRO O 90 -35.74 46.21 56.31
C PRO O 90 -35.24 44.86 55.80
N ALA O 91 -34.06 44.45 56.27
CA ALA O 91 -33.37 43.25 55.79
C ALA O 91 -34.22 41.99 56.01
N TYR O 92 -35.14 42.04 56.98
CA TYR O 92 -35.87 40.85 57.39
C TYR O 92 -36.82 40.40 56.29
N ARG O 93 -37.08 41.28 55.32
CA ARG O 93 -38.07 41.04 54.28
C ARG O 93 -37.80 39.73 53.54
N TYR O 94 -36.52 39.36 53.43
CA TYR O 94 -36.10 38.22 52.63
C TYR O 94 -36.32 36.91 53.38
N TYR O 95 -36.44 36.98 54.71
CA TYR O 95 -36.22 35.82 55.56
C TYR O 95 -37.48 35.01 55.80
N ILE O 96 -38.64 35.69 55.86
CA ILE O 96 -39.93 35.02 55.79
C ILE O 96 -40.72 35.63 54.63
N PRO O 97 -40.34 35.30 53.37
CA PRO O 97 -40.69 36.13 52.22
C PRO O 97 -42.17 36.18 51.82
N ASP O 98 -42.90 35.10 52.10
CA ASP O 98 -44.31 35.02 51.75
C ASP O 98 -45.08 36.17 52.41
N TYR O 99 -44.80 36.40 53.70
CA TYR O 99 -45.49 37.40 54.47
C TYR O 99 -44.76 38.74 54.39
N MET O 100 -43.42 38.70 54.32
CA MET O 100 -42.60 39.87 54.57
C MET O 100 -42.09 40.49 53.27
N TYR O 101 -42.37 39.86 52.14
CA TYR O 101 -41.90 40.40 50.86
C TYR O 101 -43.01 40.36 49.81
N ASN O 102 -43.78 39.27 49.79
CA ASN O 102 -44.59 38.94 48.63
C ASN O 102 -45.95 39.64 48.65
N ARG O 103 -46.35 40.18 49.81
CA ARG O 103 -47.60 40.92 49.89
C ARG O 103 -47.40 42.29 49.26
N ASP O 104 -48.44 42.76 48.54
CA ASP O 104 -48.40 44.02 47.81
C ASP O 104 -48.12 45.19 48.77
N GLU O 105 -48.60 45.05 50.00
CA GLU O 105 -48.54 46.11 51.00
C GLU O 105 -47.10 46.33 51.46
N VAL O 106 -46.22 45.35 51.19
CA VAL O 106 -44.93 45.28 51.85
C VAL O 106 -43.80 45.29 50.83
N ARG O 107 -44.04 44.69 49.65
CA ARG O 107 -43.04 44.55 48.62
C ARG O 107 -42.25 45.85 48.47
N PRO O 108 -40.90 45.80 48.51
CA PRO O 108 -40.09 47.01 48.40
C PRO O 108 -40.05 47.57 46.99
N SER O 109 -39.73 48.86 46.88
CA SER O 109 -39.65 49.54 45.60
C SER O 109 -38.44 49.01 44.82
N ASN O 110 -38.50 49.16 43.49
CA ASN O 110 -37.43 48.72 42.62
C ASN O 110 -37.25 49.74 41.50
N PRO O 111 -36.00 50.21 41.25
CA PRO O 111 -35.75 51.24 40.24
C PRO O 111 -35.94 50.81 38.79
N ILE O 112 -36.04 49.49 38.55
CA ILE O 112 -36.15 48.96 37.19
C ILE O 112 -37.60 48.58 36.93
N LYS O 113 -38.15 49.10 35.83
CA LYS O 113 -39.56 48.93 35.48
C LYS O 113 -39.68 48.10 34.21
N GLY O 114 -40.81 47.39 34.09
CA GLY O 114 -41.13 46.59 32.92
C GLY O 114 -41.35 45.11 33.29
N THR O 115 -42.04 44.39 32.41
CA THR O 115 -42.15 42.95 32.49
C THR O 115 -41.27 42.35 31.39
N PHE O 116 -40.51 41.29 31.74
CA PHE O 116 -39.45 40.82 30.86
C PHE O 116 -39.57 39.33 30.59
N LYS O 117 -38.98 38.91 29.47
CA LYS O 117 -38.76 37.50 29.16
C LYS O 117 -37.52 37.02 29.90
N LEU O 118 -37.34 35.70 29.96
CA LEU O 118 -36.22 35.09 30.67
C LEU O 118 -34.89 35.58 30.09
N GLU O 119 -34.80 35.65 28.76
CA GLU O 119 -33.60 36.07 28.06
C GLU O 119 -33.12 37.40 28.62
N GLN O 120 -34.09 38.26 28.96
CA GLN O 120 -33.83 39.63 29.39
C GLN O 120 -33.30 39.65 30.82
N CYS O 121 -33.88 38.82 31.69
CA CYS O 121 -33.40 38.67 33.05
C CYS O 121 -31.91 38.34 33.01
N VAL O 122 -31.57 37.31 32.24
CA VAL O 122 -30.23 36.74 32.16
C VAL O 122 -29.26 37.80 31.63
N ALA O 123 -29.63 38.43 30.51
CA ALA O 123 -28.74 39.35 29.80
C ALA O 123 -28.38 40.53 30.69
N CYS O 124 -29.38 41.06 31.37
CA CYS O 124 -29.21 42.27 32.18
C CYS O 124 -28.44 41.94 33.46
N HIS O 125 -28.83 40.85 34.13
CA HIS O 125 -28.26 40.48 35.41
C HIS O 125 -26.86 39.89 35.25
N SER O 126 -26.54 39.43 34.03
CA SER O 126 -25.24 38.85 33.77
C SER O 126 -24.15 39.88 34.01
N VAL O 127 -24.54 41.15 33.98
CA VAL O 127 -23.61 42.25 34.18
C VAL O 127 -23.92 42.95 35.50
N MET O 128 -25.21 43.09 35.81
CA MET O 128 -25.65 43.81 37.00
C MET O 128 -25.33 43.02 38.26
N THR O 129 -25.65 41.72 38.25
CA THR O 129 -25.33 40.83 39.35
C THR O 129 -24.68 39.57 38.79
N PRO O 130 -23.41 39.65 38.31
CA PRO O 130 -22.79 38.59 37.52
C PRO O 130 -22.84 37.19 38.15
N GLY O 131 -22.53 37.13 39.45
CA GLY O 131 -22.40 35.88 40.19
C GLY O 131 -23.69 35.05 40.19
N ILE O 132 -24.84 35.75 40.21
CA ILE O 132 -26.14 35.10 40.24
C ILE O 132 -26.36 34.37 38.91
N VAL O 133 -26.00 35.01 37.80
CA VAL O 133 -26.20 34.43 36.48
C VAL O 133 -25.20 33.30 36.26
N ARG O 134 -23.96 33.48 36.73
CA ARG O 134 -22.95 32.44 36.66
C ARG O 134 -23.46 31.18 37.35
N ASP O 135 -24.07 31.36 38.52
CA ASP O 135 -24.60 30.27 39.32
C ASP O 135 -25.79 29.63 38.59
N TYR O 136 -26.68 30.47 38.08
CA TYR O 136 -27.91 30.02 37.42
C TYR O 136 -27.56 29.14 36.22
N ASN O 137 -26.57 29.58 35.42
CA ASN O 137 -26.19 28.88 34.20
C ASN O 137 -25.60 27.51 34.50
N LYS O 138 -24.99 27.37 35.68
CA LYS O 138 -24.43 26.10 36.12
C LYS O 138 -25.53 25.17 36.59
N SER O 139 -26.65 25.76 37.07
CA SER O 139 -27.73 25.00 37.69
C SER O 139 -28.48 24.15 36.66
N ALA O 140 -29.09 23.07 37.14
CA ALA O 140 -29.90 22.18 36.32
C ALA O 140 -31.16 22.90 35.85
N HIS O 141 -31.59 23.89 36.63
CA HIS O 141 -32.79 24.66 36.36
C HIS O 141 -32.71 25.31 34.97
N SER O 142 -31.52 25.77 34.60
CA SER O 142 -31.33 26.51 33.37
C SER O 142 -31.39 25.56 32.17
N LYS O 143 -31.03 24.30 32.39
CA LYS O 143 -30.86 23.34 31.31
C LYS O 143 -32.14 22.53 31.11
N ALA O 144 -33.12 22.71 32.03
CA ALA O 144 -34.33 21.90 32.07
C ALA O 144 -35.14 22.06 30.80
N GLU O 145 -35.75 20.95 30.36
CA GLU O 145 -36.61 20.93 29.18
C GLU O 145 -37.94 20.27 29.53
N PRO O 146 -39.02 20.63 28.82
CA PRO O 146 -38.98 21.47 27.62
C PRO O 146 -38.79 22.97 27.89
N ALA O 147 -39.12 23.40 29.11
CA ALA O 147 -38.95 24.80 29.51
C ALA O 147 -38.07 24.87 30.76
N PRO O 148 -37.09 25.81 30.80
CA PRO O 148 -36.21 25.94 31.97
C PRO O 148 -36.94 26.58 33.15
N THR O 149 -36.53 26.21 34.36
CA THR O 149 -36.93 26.90 35.58
C THR O 149 -36.07 28.16 35.70
N GLY O 150 -36.56 29.26 35.11
CA GLY O 150 -35.78 30.48 34.97
C GLY O 150 -36.05 31.48 36.09
N CYS O 151 -35.33 32.60 36.05
CA CYS O 151 -35.44 33.66 37.04
C CYS O 151 -36.90 34.05 37.23
N ASP O 152 -37.63 34.11 36.10
CA ASP O 152 -39.02 34.53 36.07
C ASP O 152 -39.91 33.48 36.75
N THR O 153 -39.52 32.21 36.64
CA THR O 153 -40.28 31.12 37.24
C THR O 153 -40.27 31.25 38.76
N CYS O 154 -39.17 31.77 39.31
CA CYS O 154 -38.99 31.82 40.75
C CYS O 154 -39.29 33.22 41.30
N HIS O 155 -39.21 34.24 40.44
CA HIS O 155 -39.24 35.63 40.90
C HIS O 155 -40.39 36.41 40.29
N GLY O 156 -40.89 35.98 39.13
CA GLY O 156 -41.95 36.70 38.43
C GLY O 156 -41.42 37.47 37.22
N ASN O 157 -42.33 37.93 36.38
CA ASN O 157 -41.99 38.59 35.13
C ASN O 157 -41.97 40.10 35.29
N ASN O 158 -42.87 40.61 36.14
CA ASN O 158 -43.02 42.04 36.35
C ASN O 158 -41.98 42.51 37.36
N HIS O 159 -41.09 43.42 36.92
CA HIS O 159 -39.98 43.86 37.76
C HIS O 159 -40.47 44.75 38.89
N GLN O 160 -41.71 45.26 38.76
CA GLN O 160 -42.32 46.08 39.79
C GLN O 160 -43.11 45.20 40.75
N LYS O 161 -43.29 43.93 40.37
CA LYS O 161 -44.03 42.99 41.20
C LYS O 161 -43.22 41.71 41.39
N LEU O 162 -41.92 41.88 41.71
CA LEU O 162 -41.03 40.76 41.95
C LEU O 162 -41.39 40.10 43.27
N THR O 163 -41.12 38.79 43.37
CA THR O 163 -41.36 38.03 44.59
C THR O 163 -40.12 37.20 44.93
N MET O 164 -39.96 36.90 46.22
CA MET O 164 -38.90 36.02 46.70
C MET O 164 -39.50 34.64 46.98
N PRO O 165 -38.98 33.57 46.35
CA PRO O 165 -39.60 32.24 46.46
C PRO O 165 -39.24 31.56 47.78
N SER O 166 -40.29 31.22 48.55
CA SER O 166 -40.14 30.52 49.81
C SER O 166 -40.11 29.02 49.55
N SER O 167 -40.05 28.23 50.63
CA SER O 167 -40.08 26.78 50.55
C SER O 167 -41.38 26.31 49.90
N LYS O 168 -42.44 27.10 50.06
CA LYS O 168 -43.75 26.79 49.49
C LYS O 168 -43.67 26.85 47.96
N ALA O 169 -42.87 27.78 47.45
CA ALA O 169 -42.72 27.97 46.01
C ALA O 169 -42.00 26.79 45.40
N CYS O 170 -40.96 26.31 46.09
CA CYS O 170 -40.17 25.17 45.63
C CYS O 170 -41.00 23.89 45.75
N GLY O 171 -41.85 23.85 46.79
CA GLY O 171 -42.50 22.61 47.21
C GLY O 171 -43.85 22.41 46.55
N THR O 172 -44.08 23.10 45.43
CA THR O 172 -45.31 22.94 44.66
C THR O 172 -45.35 21.54 44.07
N ALA O 173 -46.57 21.01 43.88
CA ALA O 173 -46.78 19.64 43.44
C ALA O 173 -46.06 19.37 42.12
N GLU O 174 -45.97 20.42 41.29
CA GLU O 174 -45.42 20.32 39.95
C GLU O 174 -43.88 20.26 40.02
N CYS O 175 -43.33 20.64 41.17
CA CYS O 175 -41.89 20.81 41.32
C CYS O 175 -41.33 19.85 42.38
N HIS O 176 -41.04 20.36 43.59
CA HIS O 176 -40.36 19.57 44.59
C HIS O 176 -41.22 19.38 45.83
N GLU O 177 -42.44 18.86 45.62
CA GLU O 177 -43.36 18.62 46.73
C GLU O 177 -42.78 17.58 47.67
N THR O 178 -42.00 16.64 47.12
CA THR O 178 -41.48 15.52 47.87
C THR O 178 -40.61 16.00 49.01
N GLN O 179 -39.67 16.90 48.69
CA GLN O 179 -38.70 17.38 49.66
C GLN O 179 -39.37 18.30 50.67
N TYR O 180 -40.34 19.10 50.20
CA TYR O 180 -41.09 20.00 51.08
C TYR O 180 -41.83 19.21 52.13
N ASN O 181 -42.54 18.15 51.70
CA ASN O 181 -43.34 17.32 52.58
C ASN O 181 -42.45 16.56 53.56
N GLU O 182 -41.31 16.06 53.05
CA GLU O 182 -40.34 15.35 53.86
C GLU O 182 -39.90 16.25 55.01
N GLN O 183 -39.43 17.45 54.68
CA GLN O 183 -38.95 18.40 55.66
C GLN O 183 -40.05 18.70 56.66
N GLY O 184 -41.28 18.85 56.14
CA GLY O 184 -42.44 19.25 56.93
C GLY O 184 -42.89 18.19 57.93
N GLN O 185 -42.34 16.98 57.81
CA GLN O 185 -42.67 15.89 58.71
C GLN O 185 -42.06 16.14 60.09
N GLY O 186 -41.09 17.06 60.14
CA GLY O 186 -40.35 17.35 61.37
C GLY O 186 -41.27 17.93 62.45
N GLY O 187 -40.96 17.62 63.71
CA GLY O 187 -41.74 18.09 64.85
C GLY O 187 -41.20 19.41 65.37
N ILE O 188 -41.32 19.60 66.69
CA ILE O 188 -40.73 20.75 67.36
C ILE O 188 -39.21 20.61 67.33
N GLY O 189 -38.52 21.73 67.06
CA GLY O 189 -37.07 21.75 67.07
C GLY O 189 -36.46 21.15 65.80
N SER O 190 -37.26 21.10 64.74
CA SER O 190 -36.82 20.56 63.46
C SER O 190 -36.72 21.70 62.44
N HIS O 191 -36.39 21.35 61.19
CA HIS O 191 -36.32 22.33 60.11
C HIS O 191 -37.73 22.76 59.69
N ALA O 192 -38.76 22.12 60.25
CA ALA O 192 -40.14 22.39 59.87
C ALA O 192 -40.72 23.52 60.74
N SER O 193 -40.07 23.82 61.87
CA SER O 193 -40.68 24.67 62.88
C SER O 193 -39.69 25.70 63.43
N CYS O 194 -38.47 25.72 62.87
CA CYS O 194 -37.38 26.51 63.41
C CYS O 194 -37.62 28.01 63.18
N SER O 195 -38.48 28.34 62.22
CA SER O 195 -38.89 29.72 62.00
C SER O 195 -40.19 29.99 62.75
N SER O 196 -41.22 29.21 62.43
CA SER O 196 -42.60 29.46 62.84
C SER O 196 -42.75 29.42 64.35
N PHE O 197 -42.00 28.53 65.01
CA PHE O 197 -42.07 28.44 66.47
C PHE O 197 -40.89 29.17 67.10
N ALA O 198 -39.68 28.63 66.87
CA ALA O 198 -38.50 28.99 67.63
C ALA O 198 -38.18 30.47 67.49
N GLN O 199 -38.36 31.00 66.27
CA GLN O 199 -37.88 32.34 65.94
C GLN O 199 -39.02 33.35 66.08
N VAL O 200 -40.20 33.00 65.53
CA VAL O 200 -41.34 33.91 65.49
C VAL O 200 -41.82 34.17 66.92
N GLU O 201 -41.63 33.20 67.81
CA GLU O 201 -42.03 33.34 69.20
C GLU O 201 -40.80 33.34 70.10
N CYS O 202 -39.69 33.89 69.60
CA CYS O 202 -38.44 33.93 70.34
C CYS O 202 -38.48 35.06 71.37
N ALA O 203 -38.48 34.68 72.65
CA ALA O 203 -38.63 35.62 73.75
C ALA O 203 -37.62 36.77 73.62
N TRP O 204 -36.34 36.42 73.50
CA TRP O 204 -35.26 37.41 73.58
C TRP O 204 -35.32 38.37 72.40
N SER O 205 -35.67 37.84 71.22
CA SER O 205 -35.71 38.66 70.02
C SER O 205 -36.79 39.73 70.15
N ILE O 206 -37.94 39.34 70.69
CA ILE O 206 -39.08 40.22 70.89
C ILE O 206 -38.71 41.27 71.95
N GLU O 207 -38.08 40.82 73.04
CA GLU O 207 -37.77 41.64 74.21
C GLU O 207 -36.85 42.81 73.83
N ARG O 208 -35.86 42.53 72.98
CA ARG O 208 -34.73 43.43 72.79
C ARG O 208 -34.98 44.34 71.58
N PRO O 209 -34.17 45.40 71.40
CA PRO O 209 -34.10 46.12 70.12
C PRO O 209 -33.70 45.16 69.01
N PRO O 210 -34.11 45.41 67.75
CA PRO O 210 -33.68 44.57 66.62
C PRO O 210 -32.24 44.93 66.30
N GLY O 211 -31.43 43.91 65.98
CA GLY O 211 -30.00 44.13 65.79
C GLY O 211 -29.22 43.51 66.93
N ASP O 212 -29.75 43.65 68.15
CA ASP O 212 -29.28 42.89 69.29
C ASP O 212 -29.32 41.41 68.95
N THR O 213 -30.40 40.99 68.27
CA THR O 213 -30.63 39.60 67.93
C THR O 213 -30.95 39.45 66.45
N ALA O 214 -30.36 40.32 65.63
CA ALA O 214 -30.58 40.31 64.19
C ALA O 214 -30.14 38.97 63.60
N GLY O 215 -29.01 38.45 64.11
CA GLY O 215 -28.43 37.21 63.62
C GLY O 215 -29.39 36.03 63.77
N CYS O 216 -30.28 36.13 64.77
CA CYS O 216 -31.24 35.08 65.07
C CYS O 216 -32.25 34.93 63.94
N THR O 217 -32.67 36.07 63.37
CA THR O 217 -33.60 36.09 62.24
C THR O 217 -32.92 35.45 61.03
N PHE O 218 -31.66 35.80 60.81
CA PHE O 218 -30.92 35.38 59.63
C PHE O 218 -30.62 33.88 59.68
N CYS O 219 -30.51 33.33 60.89
CA CYS O 219 -30.11 31.96 61.05
C CYS O 219 -31.34 31.04 61.10
N HIS O 220 -32.36 31.43 61.86
CA HIS O 220 -33.44 30.53 62.26
C HIS O 220 -34.44 30.32 61.13
N THR O 221 -34.69 31.38 60.35
CA THR O 221 -35.77 31.38 59.37
C THR O 221 -35.42 30.47 58.19
N SER O 222 -34.13 30.45 57.83
CA SER O 222 -33.63 29.86 56.60
C SER O 222 -34.15 28.44 56.37
N PRO O 223 -33.90 27.45 57.26
CA PRO O 223 -34.20 26.06 56.94
C PRO O 223 -35.67 25.83 56.58
N GLU O 224 -36.56 26.56 57.28
CA GLU O 224 -37.99 26.38 57.12
C GLU O 224 -38.50 27.15 55.91
N GLU O 225 -37.95 28.35 55.68
CA GLU O 225 -38.55 29.31 54.77
C GLU O 225 -37.84 29.32 53.43
N ARG O 226 -36.52 29.05 53.43
CA ARG O 226 -35.73 29.17 52.22
C ARG O 226 -35.00 27.88 51.92
N CYS O 227 -35.21 27.35 50.71
CA CYS O 227 -34.64 26.08 50.30
C CYS O 227 -33.28 26.30 49.64
N SER O 228 -32.77 27.53 49.70
CA SER O 228 -31.41 27.81 49.28
C SER O 228 -30.44 27.38 50.38
N THR O 229 -31.02 26.82 51.45
CA THR O 229 -30.26 26.24 52.55
C THR O 229 -29.65 24.91 52.10
N CYS O 230 -28.39 24.68 52.48
CA CYS O 230 -27.64 23.45 52.20
C CYS O 230 -27.16 23.41 50.75
N HIS O 231 -28.09 23.52 49.80
CA HIS O 231 -27.73 23.73 48.40
C HIS O 231 -27.97 25.19 48.05
N GLN O 232 -26.86 25.94 47.94
CA GLN O 232 -26.88 27.39 47.81
C GLN O 232 -27.54 27.80 46.50
N ARG O 233 -28.20 28.96 46.51
CA ARG O 233 -28.60 29.65 45.29
C ARG O 233 -27.35 30.24 44.65
N HIS O 234 -27.34 30.39 43.32
CA HIS O 234 -28.41 30.00 42.43
C HIS O 234 -28.03 28.72 41.68
N GLN O 235 -27.06 27.99 42.25
CA GLN O 235 -26.48 26.82 41.63
C GLN O 235 -27.32 25.58 41.97
N PHE O 236 -27.81 25.55 43.21
CA PHE O 236 -28.65 24.48 43.75
C PHE O 236 -28.05 23.10 43.43
N ASP O 237 -26.82 22.90 43.90
CA ASP O 237 -26.07 21.69 43.62
C ASP O 237 -26.24 20.71 44.77
N PRO O 238 -26.88 19.53 44.54
CA PRO O 238 -27.05 18.53 45.59
C PRO O 238 -25.69 18.01 46.06
N ALA O 239 -24.69 18.09 45.19
CA ALA O 239 -23.35 17.57 45.46
C ALA O 239 -22.69 18.40 46.56
N VAL O 240 -22.92 19.72 46.54
CA VAL O 240 -22.35 20.59 47.55
C VAL O 240 -23.18 20.46 48.84
N ALA O 241 -24.47 20.13 48.67
CA ALA O 241 -25.39 20.00 49.80
C ALA O 241 -25.06 18.76 50.64
N ARG O 242 -24.32 17.81 50.04
CA ARG O 242 -24.03 16.53 50.67
C ARG O 242 -22.80 16.64 51.58
N ARG O 243 -22.16 17.82 51.56
CA ARG O 243 -20.95 18.04 52.33
C ARG O 243 -21.30 18.42 53.76
N SER O 244 -20.54 17.88 54.72
CA SER O 244 -20.79 18.06 56.14
C SER O 244 -20.80 19.53 56.52
N GLU O 245 -19.89 20.31 55.91
CA GLU O 245 -19.65 21.70 56.30
C GLU O 245 -20.90 22.56 56.12
N GLN O 246 -21.84 22.10 55.29
CA GLN O 246 -23.07 22.83 55.00
C GLN O 246 -23.82 23.14 56.29
N CYS O 247 -23.74 22.22 57.25
CA CYS O 247 -24.54 22.29 58.46
C CYS O 247 -23.87 23.21 59.49
N LYS O 248 -22.55 23.43 59.31
CA LYS O 248 -21.73 24.10 60.31
C LYS O 248 -22.19 25.54 60.53
N THR O 249 -22.75 26.15 59.48
CA THR O 249 -23.04 27.58 59.48
C THR O 249 -24.09 27.92 60.53
N CYS O 250 -24.89 26.93 60.93
CA CYS O 250 -25.92 27.12 61.94
C CYS O 250 -25.65 26.20 63.14
N HIS O 251 -25.17 24.99 62.88
CA HIS O 251 -24.99 23.99 63.91
C HIS O 251 -23.59 24.08 64.52
N TRP O 252 -23.27 25.24 65.09
CA TRP O 252 -22.01 25.44 65.78
C TRP O 252 -22.24 26.36 66.97
N GLY O 253 -21.23 26.51 67.81
CA GLY O 253 -21.20 27.61 68.77
C GLY O 253 -21.70 27.21 70.15
N LYS O 254 -22.14 28.23 70.88
CA LYS O 254 -22.18 28.22 72.34
C LYS O 254 -23.18 27.20 72.88
N ASP O 255 -24.28 26.97 72.14
CA ASP O 255 -25.37 26.19 72.68
C ASP O 255 -25.66 24.94 71.84
N HIS O 256 -24.80 24.65 70.86
CA HIS O 256 -24.87 23.43 70.08
C HIS O 256 -23.59 23.26 69.26
N ARG O 257 -22.58 22.62 69.85
CA ARG O 257 -21.31 22.38 69.18
C ARG O 257 -21.42 21.14 68.30
N ASP O 258 -22.39 21.14 67.38
CA ASP O 258 -22.66 19.99 66.53
C ASP O 258 -21.48 19.79 65.59
N TRP O 259 -21.12 20.87 64.88
CA TRP O 259 -20.01 20.83 63.93
C TRP O 259 -18.71 20.53 64.65
N GLU O 260 -18.43 21.29 65.73
CA GLU O 260 -17.18 21.19 66.46
C GLU O 260 -16.97 19.76 66.94
N ALA O 261 -18.04 19.13 67.45
CA ALA O 261 -17.97 17.78 68.00
C ALA O 261 -17.66 16.79 66.88
N TYR O 262 -18.39 16.90 65.77
CA TYR O 262 -18.20 16.03 64.62
C TYR O 262 -16.79 16.23 64.06
N ASP O 263 -16.41 17.50 63.86
CA ASP O 263 -15.19 17.89 63.17
C ASP O 263 -13.96 17.31 63.87
N ILE O 264 -13.95 17.37 65.20
CA ILE O 264 -12.74 17.03 65.95
C ILE O 264 -12.73 15.55 66.31
N GLY O 265 -13.91 14.92 66.31
CA GLY O 265 -14.03 13.49 66.50
C GLY O 265 -13.35 12.72 65.37
N LEU O 266 -13.26 11.39 65.52
CA LEU O 266 -12.56 10.59 64.53
C LEU O 266 -13.33 10.54 63.21
N HIS O 267 -14.66 10.70 63.27
CA HIS O 267 -15.46 10.80 62.06
C HIS O 267 -15.05 12.05 61.28
N GLY O 268 -14.89 13.16 62.01
CA GLY O 268 -14.52 14.44 61.43
C GLY O 268 -13.07 14.45 60.96
N THR O 269 -12.23 13.70 61.69
CA THR O 269 -10.84 13.52 61.31
C THR O 269 -10.76 12.76 59.99
N VAL O 270 -11.47 11.63 59.92
CA VAL O 270 -11.55 10.81 58.72
C VAL O 270 -12.05 11.70 57.58
N TYR O 271 -13.06 12.53 57.87
CA TYR O 271 -13.69 13.37 56.87
C TYR O 271 -12.68 14.35 56.29
N GLN O 272 -11.99 15.08 57.17
CA GLN O 272 -11.12 16.16 56.75
C GLN O 272 -9.94 15.62 55.95
N VAL O 273 -9.54 14.39 56.26
CA VAL O 273 -8.37 13.77 55.68
C VAL O 273 -8.70 13.24 54.28
N ASN O 274 -9.97 12.93 54.04
CA ASN O 274 -10.35 12.11 52.90
C ASN O 274 -11.34 12.81 51.97
N LYS O 275 -11.87 13.97 52.39
CA LYS O 275 -13.06 14.53 51.76
C LYS O 275 -12.82 14.92 50.30
N TRP O 276 -11.56 15.21 49.94
CA TRP O 276 -11.25 15.60 48.58
C TRP O 276 -10.67 14.42 47.80
N ASP O 277 -10.61 13.26 48.45
CA ASP O 277 -10.25 12.02 47.78
C ASP O 277 -11.54 11.34 47.31
N THR O 278 -11.71 11.32 45.99
CA THR O 278 -12.92 10.84 45.35
C THR O 278 -13.12 9.34 45.62
N GLU O 279 -12.03 8.63 45.95
CA GLU O 279 -12.06 7.20 46.20
C GLU O 279 -12.61 6.92 47.58
N GLN O 280 -12.66 7.94 48.44
CA GLN O 280 -13.09 7.78 49.82
C GLN O 280 -14.44 8.46 50.04
N PHE O 281 -14.62 9.60 49.37
CA PHE O 281 -15.87 10.37 49.45
C PHE O 281 -16.28 10.79 48.05
N ASP O 282 -17.38 10.22 47.56
CA ASP O 282 -17.92 10.56 46.26
C ASP O 282 -19.24 11.30 46.45
N PHE O 283 -19.20 12.62 46.29
CA PHE O 283 -20.34 13.48 46.57
C PHE O 283 -21.31 13.52 45.39
N SER O 284 -20.91 12.89 44.27
CA SER O 284 -21.77 12.82 43.10
C SER O 284 -22.83 11.74 43.30
N LYS O 285 -22.54 10.77 44.16
CA LYS O 285 -23.47 9.70 44.49
C LYS O 285 -24.62 10.27 45.34
N LYS O 286 -25.82 9.73 45.14
CA LYS O 286 -26.96 10.05 45.98
C LYS O 286 -26.76 9.38 47.34
N LEU O 287 -27.44 9.89 48.37
CA LEU O 287 -27.19 9.47 49.74
C LEU O 287 -27.59 8.01 49.94
N SER O 288 -28.48 7.50 49.08
CA SER O 288 -28.90 6.11 49.10
C SER O 288 -27.75 5.20 48.70
N ASP O 289 -26.81 5.74 47.91
CA ASP O 289 -25.72 4.97 47.35
C ASP O 289 -24.39 5.39 47.99
N ALA O 290 -24.47 6.24 49.02
CA ALA O 290 -23.28 6.75 49.69
C ALA O 290 -22.51 5.60 50.34
N ASP O 291 -21.26 5.42 49.89
CA ASP O 291 -20.40 4.36 50.36
C ASP O 291 -19.09 4.96 50.88
N TYR O 292 -19.20 6.04 51.67
CA TYR O 292 -18.03 6.76 52.16
C TYR O 292 -17.27 5.90 53.15
N VAL O 293 -16.00 6.27 53.38
CA VAL O 293 -15.18 5.61 54.38
C VAL O 293 -15.71 5.97 55.77
N GLY O 294 -16.11 7.24 55.93
CA GLY O 294 -16.64 7.75 57.18
C GLY O 294 -17.97 8.48 56.95
N PRO O 295 -18.77 8.72 58.01
CA PRO O 295 -20.08 9.37 57.86
C PRO O 295 -20.01 10.89 57.75
N THR O 296 -21.02 11.46 57.08
CA THR O 296 -21.28 12.88 57.07
C THR O 296 -22.53 13.15 57.89
N CYS O 297 -22.79 14.44 58.21
CA CYS O 297 -24.00 14.79 58.92
C CYS O 297 -25.19 14.19 58.19
N GLN O 298 -25.16 14.33 56.86
CA GLN O 298 -26.23 13.88 55.97
C GLN O 298 -26.35 12.36 56.02
N TYR O 299 -25.20 11.67 56.12
CA TYR O 299 -25.17 10.21 56.13
C TYR O 299 -26.03 9.67 57.26
N CYS O 300 -26.01 10.38 58.41
CA CYS O 300 -26.67 9.93 59.62
C CYS O 300 -28.07 10.53 59.75
N HIS O 301 -28.19 11.84 59.51
CA HIS O 301 -29.41 12.56 59.82
C HIS O 301 -30.36 12.61 58.63
N MET O 302 -29.79 12.53 57.41
CA MET O 302 -30.60 12.56 56.20
C MET O 302 -30.45 11.23 55.45
N ARG O 303 -30.54 10.14 56.22
CA ARG O 303 -30.48 8.79 55.71
C ARG O 303 -31.39 8.65 54.49
N GLY O 304 -30.81 8.16 53.38
CA GLY O 304 -31.57 7.90 52.18
C GLY O 304 -31.96 9.17 51.42
N GLY O 305 -31.51 10.32 51.95
CA GLY O 305 -31.77 11.60 51.32
C GLY O 305 -33.07 12.25 51.81
N HIS O 306 -33.67 11.66 52.86
CA HIS O 306 -34.88 12.18 53.48
C HIS O 306 -34.61 13.57 54.07
N HIS O 307 -35.52 14.51 53.81
CA HIS O 307 -35.30 15.91 54.14
C HIS O 307 -35.74 16.24 55.55
N ASN O 308 -36.51 15.34 56.19
CA ASN O 308 -36.77 15.49 57.61
C ASN O 308 -35.52 15.06 58.37
N VAL O 309 -34.80 16.08 58.85
CA VAL O 309 -33.46 15.90 59.39
C VAL O 309 -33.57 15.34 60.81
N GLN O 310 -34.79 15.36 61.36
CA GLN O 310 -35.05 14.96 62.73
C GLN O 310 -35.62 13.54 62.74
N ARG O 311 -35.74 12.94 61.56
CA ARG O 311 -36.46 11.69 61.35
C ARG O 311 -35.97 10.60 62.31
N ALA O 312 -34.66 10.54 62.55
CA ALA O 312 -34.05 9.45 63.30
C ALA O 312 -33.93 9.80 64.78
N SER O 313 -34.30 11.04 65.15
CA SER O 313 -34.19 11.50 66.53
C SER O 313 -35.05 10.65 67.44
N ILE O 314 -34.58 10.45 68.68
CA ILE O 314 -35.28 9.60 69.63
C ILE O 314 -36.37 10.40 70.34
N VAL O 315 -35.97 11.48 71.03
CA VAL O 315 -36.91 12.36 71.72
C VAL O 315 -36.31 13.76 71.84
N TYR O 316 -37.16 14.79 71.69
CA TYR O 316 -36.73 16.17 71.80
C TYR O 316 -36.44 16.52 73.26
N THR O 317 -35.22 16.99 73.52
CA THR O 317 -34.75 17.21 74.88
C THR O 317 -34.27 18.65 75.04
N SER O 318 -34.89 19.55 74.25
CA SER O 318 -34.68 20.98 74.39
C SER O 318 -33.19 21.29 74.28
N MET O 319 -32.60 20.90 73.13
CA MET O 319 -31.21 21.14 72.77
C MET O 319 -30.26 20.29 73.61
N GLY O 320 -30.81 19.35 74.38
CA GLY O 320 -30.02 18.49 75.24
C GLY O 320 -29.90 19.05 76.66
N MET O 321 -30.64 20.15 76.92
CA MET O 321 -30.70 20.75 78.24
C MET O 321 -31.57 19.89 79.15
N SER O 322 -32.68 19.38 78.61
CA SER O 322 -33.48 18.36 79.27
C SER O 322 -32.81 17.01 79.12
N MET O 323 -33.08 16.10 80.05
CA MET O 323 -32.32 14.87 80.14
C MET O 323 -33.25 13.67 79.92
N ALA O 324 -32.75 12.67 79.19
CA ALA O 324 -33.43 11.41 78.97
C ALA O 324 -32.41 10.28 78.80
N ASP O 325 -32.71 9.12 79.39
CA ASP O 325 -31.94 7.92 79.10
C ASP O 325 -32.48 7.30 77.82
N ARG O 326 -31.82 7.63 76.70
CA ARG O 326 -32.25 7.21 75.38
C ARG O 326 -32.00 5.71 75.21
N GLY O 327 -31.17 5.14 76.09
CA GLY O 327 -30.83 3.73 76.04
C GLY O 327 -31.80 2.88 76.85
N ALA O 328 -32.80 3.52 77.45
CA ALA O 328 -33.77 2.83 78.28
C ALA O 328 -34.70 1.99 77.40
N PRO O 329 -35.28 0.89 77.94
CA PRO O 329 -36.14 -0.01 77.15
C PRO O 329 -37.28 0.70 76.43
N LEU O 330 -37.69 1.85 76.96
CA LEU O 330 -38.77 2.65 76.39
C LEU O 330 -38.44 3.04 74.95
N TRP O 331 -37.16 3.35 74.70
CA TRP O 331 -36.71 3.88 73.41
C TRP O 331 -35.93 2.83 72.64
N LYS O 332 -36.14 1.55 72.97
CA LYS O 332 -35.33 0.47 72.42
C LYS O 332 -35.35 0.51 70.89
N GLU O 333 -36.55 0.63 70.32
CA GLU O 333 -36.72 0.53 68.87
C GLU O 333 -36.02 1.71 68.18
N LYS O 334 -36.02 2.86 68.84
CA LYS O 334 -35.49 4.10 68.27
C LYS O 334 -33.96 4.10 68.33
N ARG O 335 -33.41 3.53 69.41
CA ARG O 335 -31.98 3.37 69.57
C ARG O 335 -31.47 2.30 68.60
N ASP O 336 -32.26 1.24 68.43
CA ASP O 336 -31.93 0.16 67.52
C ASP O 336 -31.75 0.72 66.11
N ARG O 337 -32.59 1.71 65.75
CA ARG O 337 -32.55 2.30 64.42
C ARG O 337 -31.21 3.02 64.22
N TRP O 338 -30.72 3.67 65.28
CA TRP O 338 -29.45 4.36 65.23
C TRP O 338 -28.32 3.35 65.04
N VAL O 339 -28.43 2.21 65.73
CA VAL O 339 -27.45 1.14 65.64
C VAL O 339 -27.41 0.62 64.21
N SER O 340 -28.56 0.66 63.53
CA SER O 340 -28.68 0.23 62.14
C SER O 340 -27.88 1.13 61.21
N ILE O 341 -27.74 2.40 61.59
CA ILE O 341 -27.00 3.38 60.80
C ILE O 341 -25.50 3.16 61.03
N CYS O 342 -25.12 2.99 62.30
CA CYS O 342 -23.72 2.75 62.65
C CYS O 342 -23.28 1.39 62.12
N ASP O 343 -24.23 0.44 62.05
CA ASP O 343 -24.05 -0.91 61.56
C ASP O 343 -23.26 -0.94 60.25
N ASP O 344 -23.35 0.16 59.49
CA ASP O 344 -22.78 0.23 58.16
C ASP O 344 -21.26 0.03 58.22
N CYS O 345 -20.64 0.41 59.35
CA CYS O 345 -19.19 0.43 59.44
C CYS O 345 -18.71 -0.05 60.80
N HIS O 346 -19.63 -0.57 61.62
CA HIS O 346 -19.29 -1.08 62.94
C HIS O 346 -20.17 -2.28 63.28
N SER O 347 -19.71 -3.09 64.23
CA SER O 347 -20.55 -4.13 64.79
C SER O 347 -21.69 -3.49 65.59
N PRO O 348 -22.91 -4.07 65.56
CA PRO O 348 -24.03 -3.59 66.38
C PRO O 348 -23.61 -3.34 67.82
N ARG O 349 -22.81 -4.27 68.38
CA ARG O 349 -22.44 -4.21 69.78
C ARG O 349 -21.60 -2.96 70.04
N PHE O 350 -20.62 -2.71 69.17
CA PHE O 350 -19.70 -1.60 69.36
C PHE O 350 -20.48 -0.30 69.41
N ALA O 351 -21.43 -0.14 68.47
CA ALA O 351 -22.22 1.06 68.33
C ALA O 351 -23.18 1.21 69.51
N ARG O 352 -23.86 0.12 69.86
CA ARG O 352 -24.87 0.14 70.92
C ARG O 352 -24.21 0.60 72.22
N GLU O 353 -23.01 0.07 72.49
CA GLU O 353 -22.34 0.28 73.76
C GLU O 353 -21.74 1.68 73.81
N ASN O 354 -21.33 2.19 72.64
CA ASN O 354 -20.78 3.54 72.56
C ASN O 354 -21.86 4.57 72.84
N LEU O 355 -23.07 4.32 72.32
CA LEU O 355 -24.19 5.21 72.51
C LEU O 355 -24.71 5.08 73.95
N GLN O 356 -24.48 3.91 74.56
CA GLN O 356 -24.83 3.71 75.95
C GLN O 356 -23.95 4.59 76.83
N ALA O 357 -22.68 4.73 76.43
CA ALA O 357 -21.74 5.58 77.14
C ALA O 357 -22.24 7.02 77.13
N MET O 358 -22.79 7.44 75.98
CA MET O 358 -23.36 8.77 75.83
C MET O 358 -24.48 8.97 76.85
N ASP O 359 -25.39 7.98 76.94
CA ASP O 359 -26.51 8.02 77.85
C ASP O 359 -26.03 8.25 79.27
N GLU O 360 -24.92 7.58 79.65
CA GLU O 360 -24.38 7.64 80.99
C GLU O 360 -23.80 9.02 81.27
N SER O 361 -23.14 9.59 80.26
CA SER O 361 -22.55 10.92 80.36
C SER O 361 -23.64 11.96 80.56
N VAL O 362 -24.77 11.76 79.86
CA VAL O 362 -25.92 12.67 79.89
C VAL O 362 -26.54 12.65 81.29
N LYS O 363 -26.64 11.45 81.89
CA LYS O 363 -27.28 11.27 83.18
C LYS O 363 -26.39 11.85 84.28
N ASP O 364 -25.07 11.67 84.13
CA ASP O 364 -24.11 12.12 85.12
C ASP O 364 -24.00 13.65 85.08
N ALA O 365 -24.28 14.23 83.90
CA ALA O 365 -24.22 15.66 83.70
C ALA O 365 -25.38 16.34 84.44
N SER O 366 -26.57 15.72 84.38
CA SER O 366 -27.74 16.27 85.03
C SER O 366 -27.66 16.11 86.55
N LEU O 367 -26.94 15.07 86.99
CA LEU O 367 -26.65 14.89 88.41
C LEU O 367 -25.92 16.12 88.93
N LYS O 368 -24.93 16.61 88.16
CA LYS O 368 -24.14 17.78 88.52
C LYS O 368 -25.04 19.02 88.53
N TYR O 369 -25.90 19.15 87.53
CA TYR O 369 -26.71 20.35 87.40
C TYR O 369 -27.75 20.40 88.51
N ARG O 370 -28.29 19.24 88.90
CA ARG O 370 -29.24 19.18 90.00
C ARG O 370 -28.59 19.75 91.26
N GLU O 371 -27.31 19.42 91.49
CA GLU O 371 -26.58 19.95 92.62
C GLU O 371 -26.38 21.45 92.45
N THR O 372 -26.10 21.88 91.21
CA THR O 372 -25.87 23.28 90.90
C THR O 372 -27.16 24.07 91.11
N PHE O 373 -28.28 23.52 90.67
CA PHE O 373 -29.57 24.17 90.72
C PHE O 373 -30.01 24.32 92.18
N LYS O 374 -29.77 23.29 92.98
CA LYS O 374 -30.17 23.26 94.38
C LYS O 374 -29.59 24.48 95.10
N VAL O 375 -28.30 24.76 94.82
CA VAL O 375 -27.60 25.87 95.43
C VAL O 375 -28.30 27.18 95.09
N ALA O 376 -28.74 27.29 93.83
CA ALA O 376 -29.37 28.50 93.31
C ALA O 376 -30.78 28.63 93.87
N GLU O 377 -31.49 27.50 93.96
CA GLU O 377 -32.88 27.47 94.42
C GLU O 377 -32.94 27.80 95.90
N ASP O 378 -31.94 27.34 96.66
CA ASP O 378 -31.87 27.58 98.09
C ASP O 378 -31.69 29.06 98.39
N LEU O 379 -30.93 29.76 97.54
CA LEU O 379 -30.71 31.19 97.70
C LEU O 379 -32.02 31.94 97.55
N LEU O 380 -32.89 31.45 96.66
CA LEU O 380 -34.17 32.09 96.39
C LEU O 380 -35.14 31.84 97.54
N ILE O 381 -35.22 30.58 97.98
CA ILE O 381 -36.13 30.17 99.03
C ILE O 381 -35.75 30.85 100.34
N ASP O 382 -34.44 30.97 100.60
CA ASP O 382 -33.93 31.61 101.81
C ASP O 382 -33.99 33.13 101.66
N GLY O 383 -34.27 33.59 100.43
CA GLY O 383 -34.47 35.00 100.13
C GLY O 383 -33.19 35.82 100.18
N VAL O 384 -32.03 35.15 100.12
CA VAL O 384 -30.76 35.81 100.28
C VAL O 384 -30.08 36.00 98.92
N LEU O 385 -30.77 35.57 97.85
CA LEU O 385 -30.31 35.79 96.49
C LEU O 385 -30.20 37.29 96.23
N ASP O 386 -29.11 37.69 95.56
CA ASP O 386 -28.71 39.09 95.51
C ASP O 386 -28.65 39.58 94.06
N PRO O 387 -29.75 40.14 93.55
CA PRO O 387 -30.99 40.34 94.30
C PRO O 387 -32.08 39.33 93.94
N MET O 388 -33.22 39.44 94.63
CA MET O 388 -34.38 38.62 94.35
C MET O 388 -35.04 39.11 93.06
N PRO O 389 -35.79 38.24 92.33
CA PRO O 389 -36.40 38.59 91.05
C PRO O 389 -37.20 39.89 91.03
N LYS O 390 -37.80 40.24 92.18
CA LYS O 390 -38.66 41.41 92.30
C LYS O 390 -37.85 42.70 92.17
N ASP O 391 -36.52 42.60 92.39
CA ASP O 391 -35.64 43.76 92.39
C ASP O 391 -34.84 43.83 91.10
N LEU O 392 -35.05 42.86 90.21
CA LEU O 392 -34.49 42.89 88.86
C LEU O 392 -35.45 43.65 87.95
N CYS O 393 -34.93 44.07 86.79
CA CYS O 393 -35.77 44.60 85.73
C CYS O 393 -36.84 43.57 85.37
N PRO O 394 -38.09 44.00 85.06
CA PRO O 394 -39.12 43.06 84.62
C PRO O 394 -38.71 42.31 83.36
N ASP O 395 -39.09 41.03 83.29
CA ASP O 395 -38.75 40.17 82.17
C ASP O 395 -39.51 40.62 80.93
N TRP O 396 -39.31 39.92 79.80
CA TRP O 396 -39.89 40.27 78.52
C TRP O 396 -41.41 40.42 78.64
N SER O 397 -41.99 39.64 79.57
CA SER O 397 -43.42 39.52 79.76
C SER O 397 -43.96 40.73 80.52
N GLY O 398 -43.07 41.40 81.25
CA GLY O 398 -43.43 42.50 82.12
C GLY O 398 -43.65 42.04 83.56
N GLN O 399 -43.10 40.87 83.87
CA GLN O 399 -43.29 40.22 85.16
C GLN O 399 -41.95 40.09 85.88
N HIS O 400 -42.01 39.70 87.16
CA HIS O 400 -40.82 39.50 87.97
C HIS O 400 -40.74 38.04 88.39
N ILE O 401 -40.95 37.13 87.43
CA ILE O 401 -40.81 35.70 87.65
C ILE O 401 -39.33 35.33 87.66
N TRP O 402 -38.98 34.37 88.51
CA TRP O 402 -37.63 33.85 88.62
C TRP O 402 -37.19 33.25 87.28
N SER O 403 -35.98 33.62 86.85
CA SER O 403 -35.38 33.20 85.59
C SER O 403 -35.44 31.68 85.42
N LEU O 404 -35.08 30.95 86.49
CA LEU O 404 -34.82 29.52 86.41
C LEU O 404 -36.09 28.71 86.69
N LYS O 405 -37.21 29.39 86.91
CA LYS O 405 -38.46 28.73 87.26
C LYS O 405 -38.98 27.93 86.07
N ILE O 406 -39.13 26.62 86.28
CA ILE O 406 -39.79 25.73 85.34
C ILE O 406 -41.18 25.43 85.87
N GLY O 407 -42.20 25.86 85.12
CA GLY O 407 -43.60 25.83 85.54
C GLY O 407 -44.08 24.42 85.88
N ALA O 408 -43.47 23.40 85.26
CA ALA O 408 -43.89 22.03 85.43
C ALA O 408 -43.40 21.47 86.76
N TYR O 409 -42.37 22.09 87.36
CA TYR O 409 -41.72 21.55 88.54
C TYR O 409 -41.81 22.50 89.72
N HIS O 410 -41.94 23.81 89.44
CA HIS O 410 -41.84 24.82 90.48
C HIS O 410 -43.17 25.56 90.62
N ASP O 411 -43.60 25.74 91.88
CA ASP O 411 -44.79 26.51 92.20
C ASP O 411 -44.62 27.10 93.60
N GLY O 412 -44.95 28.39 93.75
CA GLY O 412 -44.81 29.05 95.03
C GLY O 412 -44.70 30.57 94.88
N GLU O 413 -44.74 31.26 96.04
CA GLU O 413 -44.73 32.70 96.11
C GLU O 413 -43.36 33.24 95.68
N ALA O 414 -42.32 32.48 96.06
CA ALA O 414 -40.94 32.89 95.86
C ALA O 414 -40.58 32.89 94.37
N TYR O 415 -41.22 31.99 93.61
CA TYR O 415 -40.91 31.79 92.20
C TYR O 415 -41.60 32.85 91.34
N GLY O 416 -42.81 33.25 91.74
CA GLY O 416 -43.59 34.22 90.98
C GLY O 416 -44.36 33.58 89.84
N GLY O 417 -45.23 34.36 89.20
CA GLY O 417 -46.05 33.90 88.09
C GLY O 417 -47.19 32.98 88.54
N THR O 418 -48.09 32.68 87.60
CA THR O 418 -49.23 31.80 87.86
C THR O 418 -48.74 30.35 87.91
N THR O 419 -49.63 29.46 88.36
CA THR O 419 -49.34 28.04 88.46
C THR O 419 -49.10 27.46 87.07
N GLY O 420 -47.96 26.78 86.90
CA GLY O 420 -47.63 26.12 85.65
C GLY O 420 -46.83 27.01 84.70
N GLU O 421 -46.76 28.31 85.01
CA GLU O 421 -46.08 29.29 84.19
C GLU O 421 -44.59 29.29 84.54
N SER O 422 -43.74 29.27 83.50
CA SER O 422 -42.30 29.28 83.65
C SER O 422 -41.78 30.71 83.68
N GLY O 423 -40.51 30.86 84.09
CA GLY O 423 -39.81 32.14 84.00
C GLY O 423 -39.15 32.30 82.65
N GLU O 424 -38.58 33.49 82.40
CA GLU O 424 -37.84 33.73 81.18
C GLU O 424 -36.41 33.25 81.38
N PHE O 425 -36.15 32.01 80.91
CA PHE O 425 -34.84 31.38 80.96
C PHE O 425 -33.85 32.22 80.16
N ARG O 426 -32.82 32.73 80.84
CA ARG O 426 -31.92 33.70 80.22
C ARG O 426 -30.57 33.71 80.93
N MET O 427 -29.60 34.33 80.24
CA MET O 427 -28.25 34.58 80.74
C MET O 427 -28.08 36.08 80.99
N SER O 428 -29.14 36.84 80.67
CA SER O 428 -29.14 38.29 80.78
C SER O 428 -30.09 38.73 81.89
N ASN O 429 -29.86 39.95 82.40
CA ASN O 429 -30.75 40.58 83.37
C ASN O 429 -31.09 39.59 84.49
N CYS O 430 -30.05 39.18 85.24
CA CYS O 430 -30.19 38.24 86.33
C CYS O 430 -28.96 38.31 87.23
N THR O 431 -28.92 37.43 88.23
CA THR O 431 -27.77 37.30 89.11
C THR O 431 -26.71 36.45 88.42
N ASP O 432 -25.48 36.47 88.97
CA ASP O 432 -24.40 35.62 88.49
C ASP O 432 -24.79 34.15 88.65
N VAL O 433 -25.46 33.85 89.77
CA VAL O 433 -25.85 32.48 90.11
C VAL O 433 -26.83 31.96 89.07
N GLU O 434 -27.80 32.81 88.69
CA GLU O 434 -28.76 32.47 87.65
C GLU O 434 -28.03 32.26 86.32
N ARG O 435 -27.11 33.18 86.02
CA ARG O 435 -26.37 33.19 84.76
C ARG O 435 -25.54 31.92 84.64
N LEU O 436 -24.80 31.57 85.71
CA LEU O 436 -23.90 30.44 85.70
C LEU O 436 -24.68 29.13 85.56
N CYS O 437 -25.88 29.09 86.15
CA CYS O 437 -26.77 27.95 86.03
C CYS O 437 -27.19 27.77 84.56
N PHE O 438 -27.56 28.88 83.93
CA PHE O 438 -27.96 28.89 82.52
C PHE O 438 -26.80 28.36 81.68
N GLU O 439 -25.59 28.88 81.94
CA GLU O 439 -24.40 28.52 81.19
C GLU O 439 -24.10 27.03 81.37
N SER O 440 -24.30 26.51 82.59
CA SER O 440 -23.94 25.14 82.91
C SER O 440 -24.78 24.15 82.11
N VAL O 441 -26.09 24.40 82.03
CA VAL O 441 -27.02 23.48 81.40
C VAL O 441 -27.18 23.85 79.93
N GLY O 442 -27.09 25.15 79.63
CA GLY O 442 -27.42 25.65 78.31
C GLY O 442 -26.23 25.63 77.35
N TYR O 443 -25.02 25.62 77.92
CA TYR O 443 -23.80 25.56 77.12
C TYR O 443 -23.08 24.25 77.38
N PHE O 444 -22.53 24.12 78.60
CA PHE O 444 -21.60 23.06 78.92
C PHE O 444 -22.24 21.68 78.80
N GLN O 445 -23.49 21.55 79.28
CA GLN O 445 -24.17 20.26 79.27
C GLN O 445 -24.42 19.80 77.83
N THR O 446 -24.70 20.75 76.93
CA THR O 446 -24.96 20.44 75.55
C THR O 446 -23.69 19.92 74.87
N TYR O 447 -22.53 20.37 75.34
CA TYR O 447 -21.26 19.91 74.81
C TYR O 447 -21.04 18.43 75.15
N ILE O 448 -21.65 17.98 76.25
CA ILE O 448 -21.52 16.60 76.69
C ILE O 448 -22.41 15.71 75.81
N TYR O 449 -23.66 16.12 75.62
CA TYR O 449 -24.59 15.36 74.78
C TYR O 449 -24.08 15.30 73.35
N LYS O 450 -23.86 16.48 72.75
CA LYS O 450 -23.44 16.57 71.35
C LYS O 450 -22.05 15.98 71.18
N GLY O 451 -21.18 16.20 72.18
CA GLY O 451 -19.82 15.68 72.15
C GLY O 451 -19.82 14.15 72.07
N MET O 452 -20.54 13.51 73.00
CA MET O 452 -20.55 12.07 73.10
C MET O 452 -21.28 11.45 71.91
N ALA O 453 -22.26 12.18 71.36
CA ALA O 453 -23.07 11.72 70.25
C ALA O 453 -22.26 11.69 68.96
N HIS O 454 -21.26 12.58 68.87
CA HIS O 454 -20.53 12.76 67.61
C HIS O 454 -19.10 12.27 67.74
N GLY O 455 -18.72 11.81 68.94
CA GLY O 455 -17.46 11.13 69.16
C GLY O 455 -16.33 12.07 69.57
N SER O 456 -16.69 13.27 70.04
CA SER O 456 -15.71 14.22 70.55
C SER O 456 -15.57 14.05 72.06
N TRP O 457 -14.52 13.32 72.45
CA TRP O 457 -14.31 12.94 73.84
C TRP O 457 -13.92 14.14 74.69
N ASN O 458 -13.24 15.10 74.06
CA ASN O 458 -12.74 16.26 74.77
C ASN O 458 -13.87 17.26 74.99
N ASP O 459 -14.82 17.31 74.06
CA ASP O 459 -15.98 18.19 74.16
C ASP O 459 -16.86 17.77 75.32
N ALA O 460 -16.77 16.49 75.70
CA ALA O 460 -17.61 15.92 76.74
C ALA O 460 -16.90 15.99 78.09
N THR O 461 -15.61 16.37 78.08
CA THR O 461 -14.80 16.37 79.29
C THR O 461 -14.09 17.72 79.47
N TYR O 462 -12.85 17.82 78.99
CA TYR O 462 -11.97 18.95 79.27
C TYR O 462 -12.49 20.23 78.64
N SER O 463 -12.90 20.15 77.37
CA SER O 463 -13.22 21.33 76.57
C SER O 463 -14.61 21.83 76.92
N ASP O 464 -14.77 22.30 78.16
CA ASP O 464 -15.96 22.96 78.65
C ASP O 464 -17.12 21.97 78.74
N GLY O 465 -16.80 20.68 78.83
CA GLY O 465 -17.78 19.62 78.94
C GLY O 465 -18.13 19.36 80.41
N SER O 466 -17.88 18.12 80.84
CA SER O 466 -18.09 17.68 82.21
C SER O 466 -17.33 18.61 83.17
N PHE O 467 -16.10 18.96 82.80
CA PHE O 467 -15.23 19.73 83.66
C PHE O 467 -15.60 21.22 83.59
N GLY O 468 -16.32 21.60 82.53
CA GLY O 468 -16.91 22.93 82.45
C GLY O 468 -17.98 23.12 83.51
N MET O 469 -18.85 22.11 83.65
CA MET O 469 -19.93 22.11 84.63
C MET O 469 -19.33 22.08 86.03
N ASP O 470 -18.22 21.36 86.19
CA ASP O 470 -17.49 21.27 87.45
C ASP O 470 -17.04 22.66 87.89
N ARG O 471 -16.46 23.40 86.94
CA ARG O 471 -15.90 24.71 87.19
C ARG O 471 -17.02 25.69 87.58
N TRP O 472 -18.17 25.56 86.91
CA TRP O 472 -19.28 26.46 87.13
C TRP O 472 -19.99 26.15 88.44
N LEU O 473 -19.96 24.87 88.85
CA LEU O 473 -20.53 24.46 90.12
C LEU O 473 -19.76 25.12 91.27
N VAL O 474 -18.43 25.16 91.12
CA VAL O 474 -17.55 25.83 92.06
C VAL O 474 -17.89 27.31 92.10
N ASN O 475 -18.10 27.89 90.91
CA ASN O 475 -18.35 29.32 90.76
C ASN O 475 -19.69 29.68 91.43
N VAL O 476 -20.69 28.80 91.26
CA VAL O 476 -22.00 29.00 91.82
C VAL O 476 -21.92 28.94 93.35
N LYS O 477 -21.22 27.91 93.86
CA LYS O 477 -21.10 27.69 95.29
C LYS O 477 -20.43 28.89 95.94
N GLN O 478 -19.38 29.42 95.29
CA GLN O 478 -18.63 30.55 95.81
C GLN O 478 -19.53 31.77 95.90
N ASN O 479 -20.32 32.00 94.83
CA ASN O 479 -21.22 33.14 94.74
C ASN O 479 -22.33 33.02 95.78
N ALA O 480 -22.75 31.78 96.05
CA ALA O 480 -23.77 31.52 97.06
C ALA O 480 -23.21 31.82 98.45
N SER O 481 -21.98 31.36 98.68
CA SER O 481 -21.29 31.53 99.96
C SER O 481 -21.17 33.02 100.28
N ARG O 482 -20.71 33.81 99.30
CA ARG O 482 -20.45 35.23 99.48
C ARG O 482 -21.75 35.96 99.80
N ALA O 483 -22.81 35.61 99.06
CA ALA O 483 -24.11 36.28 99.22
C ALA O 483 -24.69 35.98 100.59
N ARG O 484 -24.47 34.76 101.09
CA ARG O 484 -24.99 34.31 102.38
C ARG O 484 -24.20 34.96 103.51
N ARG O 485 -22.90 35.17 103.28
CA ARG O 485 -22.02 35.74 104.28
C ARG O 485 -22.36 37.22 104.48
N LEU O 486 -22.73 37.89 103.37
CA LEU O 486 -23.06 39.30 103.40
C LEU O 486 -24.42 39.50 104.09
N ALA O 487 -25.37 38.60 103.80
CA ALA O 487 -26.70 38.66 104.35
C ALA O 487 -26.67 38.49 105.87
N ALA O 488 -25.78 37.59 106.33
CA ALA O 488 -25.63 37.27 107.74
C ALA O 488 -25.03 38.48 108.47
N LEU O 489 -24.04 39.12 107.84
CA LEU O 489 -23.36 40.27 108.42
C LEU O 489 -24.33 41.44 108.52
N GLU O 490 -25.16 41.61 107.49
CA GLU O 490 -26.07 42.74 107.40
C GLU O 490 -27.19 42.59 108.43
N LYS O 491 -27.61 41.35 108.70
CA LYS O 491 -28.63 41.08 109.71
C LYS O 491 -28.10 41.50 111.07
N LYS O 492 -26.88 41.05 111.41
CA LYS O 492 -26.31 41.23 112.73
C LYS O 492 -26.00 42.70 112.99
N VAL O 493 -25.59 43.43 111.94
CA VAL O 493 -25.20 44.82 112.06
C VAL O 493 -26.44 45.70 111.94
N GLY O 494 -27.52 45.12 111.40
CA GLY O 494 -28.81 45.81 111.31
C GLY O 494 -28.93 46.68 110.06
N ILE O 495 -28.23 46.26 108.99
CA ILE O 495 -28.44 46.85 107.68
C ILE O 495 -29.46 46.01 106.92
N SER O 496 -30.47 46.67 106.38
CA SER O 496 -31.34 46.07 105.40
C SER O 496 -30.88 46.52 104.01
N TRP O 497 -30.27 45.58 103.27
CA TRP O 497 -29.63 45.89 102.00
C TRP O 497 -30.68 46.30 100.96
N GLN O 498 -30.49 47.50 100.42
CA GLN O 498 -31.30 48.01 99.33
C GLN O 498 -30.63 47.62 98.02
N PRO O 499 -31.22 46.70 97.22
CA PRO O 499 -30.68 46.32 95.92
C PRO O 499 -30.43 47.56 95.07
N GLU O 500 -29.28 47.59 94.39
CA GLU O 500 -28.81 48.75 93.66
C GLU O 500 -29.72 49.06 92.47
N GLN O 501 -29.59 50.28 91.96
CA GLN O 501 -30.49 50.80 90.93
C GLN O 501 -30.25 50.09 89.61
N PHE O 502 -29.03 49.60 89.39
CA PHE O 502 -28.62 49.06 88.10
C PHE O 502 -29.26 47.69 87.85
N TRP O 503 -29.81 47.07 88.90
CA TRP O 503 -30.54 45.82 88.73
C TRP O 503 -31.89 46.08 88.07
N LYS O 504 -32.46 47.27 88.35
CA LYS O 504 -33.79 47.65 87.91
C LYS O 504 -33.72 48.34 86.55
N THR O 505 -32.87 49.35 86.43
CA THR O 505 -32.82 50.21 85.25
C THR O 505 -31.38 50.37 84.77
N GLY O 506 -31.27 50.83 83.53
CA GLY O 506 -30.00 51.01 82.83
C GLY O 506 -30.26 51.33 81.36
N GLU O 507 -29.22 51.82 80.66
CA GLU O 507 -29.39 52.33 79.31
C GLU O 507 -30.00 51.26 78.41
N TRP O 508 -29.52 50.02 78.55
CA TRP O 508 -29.99 48.90 77.74
C TRP O 508 -31.32 48.36 78.29
N LEU O 509 -31.38 48.15 79.61
CA LEU O 509 -32.56 47.60 80.28
C LEU O 509 -33.81 48.41 79.94
N ASP O 510 -33.67 49.73 79.88
CA ASP O 510 -34.78 50.65 79.68
C ASP O 510 -35.40 50.45 78.29
N GLN O 511 -34.65 49.84 77.38
CA GLN O 511 -35.07 49.69 76.00
C GLN O 511 -35.84 48.39 75.80
N LEU O 512 -35.99 47.60 76.87
CA LEU O 512 -36.59 46.27 76.79
C LEU O 512 -38.11 46.36 76.89
N THR O 513 -38.76 45.22 76.64
CA THR O 513 -40.21 45.10 76.61
C THR O 513 -40.78 45.21 78.02
N GLY O 514 -40.08 44.57 78.97
CA GLY O 514 -40.46 44.55 80.38
C GLY O 514 -40.86 45.93 80.90
N PRO O 515 -39.93 46.91 80.98
CA PRO O 515 -40.24 48.26 81.45
C PRO O 515 -41.37 48.94 80.68
N TYR O 516 -41.46 48.69 79.37
CA TYR O 516 -42.47 49.31 78.54
C TYR O 516 -43.86 48.84 78.95
N ILE O 517 -44.01 47.53 79.20
CA ILE O 517 -45.29 46.93 79.53
C ILE O 517 -45.73 47.43 80.92
N VAL O 518 -44.80 47.44 81.87
CA VAL O 518 -45.09 47.87 83.23
C VAL O 518 -45.56 49.33 83.22
N LYS O 519 -44.95 50.16 82.37
CA LYS O 519 -45.24 51.59 82.35
C LYS O 519 -46.54 51.86 81.60
N ASN O 520 -46.71 51.25 80.43
CA ASN O 520 -47.74 51.65 79.48
C ASN O 520 -49.00 50.77 79.57
N HIS O 521 -48.86 49.55 80.08
CA HIS O 521 -49.99 48.64 80.23
C HIS O 521 -49.94 48.01 81.63
N PRO O 522 -50.18 48.82 82.69
CA PRO O 522 -49.75 48.48 84.04
C PRO O 522 -50.20 47.12 84.58
N GLY O 523 -51.47 46.78 84.36
CA GLY O 523 -52.04 45.60 85.00
C GLY O 523 -51.74 44.30 84.26
N LYS O 524 -51.20 44.39 83.04
CA LYS O 524 -51.25 43.28 82.10
C LYS O 524 -49.84 42.78 81.76
N THR O 525 -49.79 41.61 81.11
CA THR O 525 -48.57 41.00 80.62
C THR O 525 -48.60 40.97 79.09
N ILE O 526 -47.50 40.51 78.48
CA ILE O 526 -47.37 40.46 77.03
C ILE O 526 -48.37 39.45 76.47
N PHE O 527 -48.73 38.45 77.29
CA PHE O 527 -49.64 37.40 76.87
C PHE O 527 -51.06 37.94 76.78
N ASP O 528 -51.36 38.90 77.66
CA ASP O 528 -52.63 39.63 77.64
C ASP O 528 -52.68 40.49 76.37
N LEU O 529 -51.56 41.13 76.06
CA LEU O 529 -51.51 42.12 74.98
C LEU O 529 -51.39 41.42 73.62
N CYS O 530 -51.00 40.14 73.63
CA CYS O 530 -50.93 39.34 72.43
C CYS O 530 -51.78 38.09 72.60
N PRO O 531 -53.12 38.22 72.47
CA PRO O 531 -54.03 37.13 72.82
C PRO O 531 -54.17 36.04 71.75
N ASP O 532 -53.64 36.30 70.56
CA ASP O 532 -53.77 35.40 69.42
C ASP O 532 -53.22 34.02 69.77
N PRO O 533 -53.71 32.93 69.14
CA PRO O 533 -53.16 31.58 69.37
C PRO O 533 -51.73 31.50 68.86
N GLY O 534 -50.88 30.81 69.64
CA GLY O 534 -49.49 30.61 69.29
C GLY O 534 -49.29 29.35 68.45
N TRP O 535 -48.02 29.00 68.23
CA TRP O 535 -47.65 27.86 67.40
C TRP O 535 -48.09 26.56 68.09
N LEU O 536 -47.90 26.51 69.42
CA LEU O 536 -48.17 25.32 70.20
C LEU O 536 -49.67 25.02 70.23
N ASP O 537 -50.49 26.04 69.97
CA ASP O 537 -51.93 25.91 70.01
C ASP O 537 -52.43 25.17 68.78
N THR O 538 -51.69 25.29 67.67
CA THR O 538 -52.15 24.81 66.38
C THR O 538 -51.32 23.62 65.91
N HIS O 539 -50.21 23.34 66.60
CA HIS O 539 -49.30 22.27 66.20
C HIS O 539 -49.10 21.29 67.37
N HIS O 540 -49.37 20.01 67.09
CA HIS O 540 -49.33 18.97 68.10
C HIS O 540 -48.39 17.85 67.64
N ALA O 541 -48.04 16.95 68.57
CA ALA O 541 -47.22 15.79 68.27
C ALA O 541 -47.99 14.83 67.37
N PRO O 542 -47.33 14.16 66.40
CA PRO O 542 -48.02 13.24 65.49
C PRO O 542 -48.64 12.05 66.24
N ALA O 543 -49.71 11.51 65.65
CA ALA O 543 -50.50 10.46 66.26
C ALA O 543 -49.65 9.22 66.53
N GLU O 544 -48.73 8.93 65.61
CA GLU O 544 -47.91 7.74 65.67
C GLU O 544 -46.93 7.80 66.85
N GLU O 545 -46.52 9.03 67.20
CA GLU O 545 -45.58 9.23 68.29
C GLU O 545 -46.23 8.93 69.62
N VAL O 546 -47.45 9.45 69.81
CA VAL O 546 -48.21 9.24 71.03
C VAL O 546 -48.56 7.75 71.14
N GLU O 547 -48.89 7.15 69.99
CA GLU O 547 -49.30 5.76 69.88
C GLU O 547 -48.16 4.84 70.31
N TYR O 548 -46.93 5.19 69.91
CA TYR O 548 -45.74 4.41 70.21
C TYR O 548 -45.46 4.44 71.71
N ILE O 549 -45.49 5.65 72.29
CA ILE O 549 -45.12 5.85 73.69
C ILE O 549 -46.12 5.13 74.59
N GLU O 550 -47.41 5.25 74.28
CA GLU O 550 -48.47 4.65 75.07
C GLU O 550 -48.34 3.13 75.04
N ARG O 551 -47.98 2.60 73.87
CA ARG O 551 -47.83 1.16 73.65
C ARG O 551 -46.66 0.63 74.49
N LYS O 552 -45.58 1.40 74.52
CA LYS O 552 -44.34 0.98 75.16
C LYS O 552 -44.46 1.09 76.67
N LEU O 553 -45.19 2.10 77.15
CA LEU O 553 -45.37 2.31 78.58
C LEU O 553 -46.23 1.21 79.17
N LYS O 554 -47.22 0.75 78.38
CA LYS O 554 -48.10 -0.33 78.77
C LYS O 554 -47.31 -1.64 78.76
N GLU O 555 -46.44 -1.80 77.76
CA GLU O 555 -45.66 -3.00 77.54
C GLU O 555 -44.68 -3.21 78.68
N LEU O 556 -44.19 -2.10 79.27
CA LEU O 556 -43.16 -2.16 80.29
C LEU O 556 -43.76 -1.92 81.68
N GLY O 557 -44.98 -1.36 81.72
CA GLY O 557 -45.66 -1.05 82.96
C GLY O 557 -45.03 0.12 83.71
N ILE O 558 -44.94 1.28 83.04
CA ILE O 558 -44.46 2.51 83.64
C ILE O 558 -45.60 3.53 83.63
N THR O 559 -45.72 4.28 84.74
CA THR O 559 -46.78 5.28 84.91
C THR O 559 -46.55 6.43 83.93
N ALA O 560 -47.65 6.93 83.35
CA ALA O 560 -47.62 8.08 82.46
C ALA O 560 -47.44 9.35 83.27
N GLY O 561 -46.93 10.41 82.62
CA GLY O 561 -46.60 11.66 83.27
C GLY O 561 -47.78 12.63 83.32
N SER O 562 -47.54 13.84 83.86
CA SER O 562 -48.56 14.84 84.06
C SER O 562 -48.34 16.04 83.14
N HIS O 563 -49.26 17.01 83.20
CA HIS O 563 -49.20 18.22 82.40
C HIS O 563 -48.07 19.13 82.90
N VAL P 33 71.39 10.11 54.89
CA VAL P 33 71.70 8.91 54.05
C VAL P 33 72.99 8.27 54.57
N GLU P 34 72.92 6.97 54.90
CA GLU P 34 74.03 6.25 55.48
C GLU P 34 74.43 5.11 54.54
N ILE P 35 75.63 4.55 54.76
CA ILE P 35 75.97 3.25 54.20
C ILE P 35 75.44 2.19 55.15
N ILE P 36 74.24 1.68 54.84
CA ILE P 36 73.51 0.81 55.75
C ILE P 36 74.19 -0.56 55.81
N THR P 37 74.52 -0.98 57.04
CA THR P 37 75.27 -2.20 57.28
C THR P 37 74.44 -3.17 58.12
N HIS P 38 73.11 -2.99 58.12
CA HIS P 38 72.23 -3.77 58.97
C HIS P 38 71.11 -4.40 58.15
N TRP P 39 70.23 -5.14 58.85
CA TRP P 39 68.99 -5.72 58.35
C TRP P 39 69.25 -6.87 57.39
N VAL P 40 69.99 -6.60 56.31
CA VAL P 40 70.37 -7.60 55.32
C VAL P 40 71.20 -8.67 56.04
N PRO P 41 70.90 -9.97 55.86
CA PRO P 41 71.61 -11.05 56.57
C PRO P 41 73.12 -10.96 56.42
N HIS P 42 73.84 -11.23 57.53
CA HIS P 42 75.28 -11.05 57.61
C HIS P 42 75.99 -12.02 56.69
N GLU P 43 75.39 -13.20 56.48
CA GLU P 43 76.00 -14.29 55.73
C GLU P 43 76.42 -13.80 54.34
N VAL P 44 75.82 -12.68 53.91
CA VAL P 44 76.00 -12.20 52.55
C VAL P 44 76.83 -10.91 52.56
N TYR P 45 77.35 -10.52 53.73
CA TYR P 45 78.26 -9.38 53.82
C TYR P 45 79.65 -9.81 53.37
N GLY P 46 80.21 -9.07 52.41
CA GLY P 46 81.58 -9.30 51.96
C GLY P 46 82.59 -8.71 52.92
N MET P 47 83.62 -9.48 53.26
CA MET P 47 84.66 -9.05 54.17
C MET P 47 85.95 -8.78 53.37
N PRO P 48 86.88 -7.96 53.89
CA PRO P 48 88.06 -7.53 53.14
C PRO P 48 88.82 -8.69 52.48
N GLY P 49 89.11 -8.52 51.19
CA GLY P 49 89.95 -9.47 50.46
C GLY P 49 89.14 -10.47 49.66
N GLU P 50 87.83 -10.57 49.94
CA GLU P 50 86.96 -11.51 49.26
C GLU P 50 86.70 -11.04 47.84
N PRO P 51 86.40 -11.97 46.89
CA PRO P 51 86.16 -11.61 45.49
C PRO P 51 84.89 -10.77 45.32
N ASP P 52 84.95 -9.80 44.40
CA ASP P 52 83.84 -8.89 44.15
C ASP P 52 82.74 -9.61 43.37
N ASN P 53 83.10 -10.71 42.71
CA ASN P 53 82.18 -11.46 41.87
C ASN P 53 81.56 -12.63 42.63
N SER P 54 81.69 -12.61 43.96
CA SER P 54 81.13 -13.65 44.82
C SER P 54 79.62 -13.47 44.94
N GLY P 55 79.16 -12.22 44.82
CA GLY P 55 77.76 -11.88 44.95
C GLY P 55 77.43 -11.32 46.33
N LYS P 56 78.48 -11.11 47.15
CA LYS P 56 78.31 -10.60 48.51
C LYS P 56 78.28 -9.08 48.46
N VAL P 57 77.65 -8.48 49.48
CA VAL P 57 77.48 -7.04 49.53
C VAL P 57 78.72 -6.44 50.16
N PHE P 58 79.39 -5.55 49.43
CA PHE P 58 80.51 -4.79 49.94
C PHE P 58 80.07 -3.36 50.21
N PHE P 59 80.10 -2.97 51.48
CA PHE P 59 79.59 -1.68 51.91
C PHE P 59 80.36 -0.56 51.23
N SER P 60 79.62 0.30 50.51
CA SER P 60 80.17 1.41 49.74
C SER P 60 81.10 0.91 48.64
N GLY P 61 81.12 -0.42 48.44
CA GLY P 61 81.92 -1.06 47.41
C GLY P 61 83.39 -1.19 47.81
N LEU P 62 83.66 -1.10 49.12
CA LEU P 62 85.03 -1.08 49.63
C LEU P 62 85.50 -2.50 49.94
N LYS P 63 86.82 -2.68 49.96
CA LYS P 63 87.50 -3.81 50.58
C LYS P 63 87.38 -5.09 49.75
N ALA P 64 86.73 -5.00 48.59
CA ALA P 64 86.58 -6.16 47.72
C ALA P 64 87.84 -6.35 46.86
N LYS P 65 88.11 -7.61 46.50
CA LYS P 65 89.18 -7.96 45.58
C LYS P 65 88.61 -8.00 44.17
N TYR P 66 89.14 -7.13 43.31
CA TYR P 66 88.65 -6.98 41.94
C TYR P 66 89.06 -8.20 41.12
N MET P 67 88.06 -8.89 40.55
CA MET P 67 88.30 -10.12 39.84
C MET P 67 88.30 -9.88 38.33
N GLY P 68 87.68 -8.76 37.90
CA GLY P 68 87.64 -8.38 36.50
C GLY P 68 86.56 -9.14 35.73
N TYR P 69 86.42 -8.81 34.44
CA TYR P 69 85.36 -9.32 33.59
C TYR P 69 85.56 -10.81 33.32
N PRO P 70 84.47 -11.58 33.08
CA PRO P 70 84.59 -13.02 32.82
C PRO P 70 85.18 -13.26 31.43
N LYS P 71 86.44 -13.74 31.42
CA LYS P 71 87.17 -13.95 30.19
C LYS P 71 86.99 -15.38 29.70
N ASP P 72 86.26 -16.18 30.48
CA ASP P 72 85.94 -17.54 30.10
C ASP P 72 84.58 -17.59 29.42
N ALA P 73 83.83 -16.49 29.55
CA ALA P 73 82.46 -16.40 29.03
C ALA P 73 82.50 -16.38 27.50
N GLN P 74 81.69 -17.26 26.89
CA GLN P 74 81.60 -17.38 25.44
C GLN P 74 81.11 -16.04 24.87
N ARG P 75 81.91 -15.48 23.96
CA ARG P 75 81.64 -14.17 23.38
C ARG P 75 82.44 -14.01 22.09
N SER P 76 82.36 -12.80 21.51
CA SER P 76 83.12 -12.47 20.32
C SER P 76 84.19 -11.43 20.66
N PRO P 77 85.37 -11.48 20.00
CA PRO P 77 86.28 -10.34 19.98
C PRO P 77 85.63 -9.19 19.20
N TYR P 78 86.01 -7.96 19.55
CA TYR P 78 85.58 -6.79 18.80
C TYR P 78 86.31 -6.76 17.46
N PRO P 79 85.70 -6.19 16.39
CA PRO P 79 86.41 -6.02 15.12
C PRO P 79 87.36 -4.82 15.16
N GLY P 80 88.18 -4.68 14.12
CA GLY P 80 88.92 -3.46 13.90
C GLY P 80 90.38 -3.52 14.34
N LYS P 81 91.04 -2.35 14.26
CA LYS P 81 92.47 -2.16 14.40
C LYS P 81 92.95 -2.66 15.77
N TYR P 82 92.14 -2.39 16.81
CA TYR P 82 92.57 -2.58 18.19
C TYR P 82 91.89 -3.81 18.79
N SER P 83 91.60 -4.80 17.94
CA SER P 83 90.91 -6.02 18.33
C SER P 83 91.58 -6.69 19.52
N LYS P 84 92.92 -6.67 19.53
CA LYS P 84 93.72 -7.41 20.50
C LYS P 84 93.54 -6.86 21.91
N PHE P 85 93.28 -5.55 22.02
CA PHE P 85 93.20 -4.89 23.32
C PHE P 85 91.75 -4.58 23.70
N TRP P 86 90.82 -4.93 22.80
CA TRP P 86 89.40 -4.71 23.01
C TRP P 86 88.82 -5.83 23.88
N LYS P 87 88.61 -5.52 25.17
CA LYS P 87 87.98 -6.46 26.08
C LYS P 87 86.48 -6.41 25.86
N THR P 88 85.85 -7.58 25.74
CA THR P 88 84.44 -7.67 25.35
C THR P 88 83.63 -8.42 26.38
N LEU P 89 82.31 -8.15 26.38
CA LEU P 89 81.33 -8.87 27.17
C LEU P 89 80.45 -9.70 26.24
N PRO P 90 79.81 -10.78 26.72
CA PRO P 90 78.89 -11.58 25.89
C PRO P 90 77.84 -10.73 25.18
N ALA P 91 77.33 -9.72 25.88
CA ALA P 91 76.21 -8.91 25.42
C ALA P 91 76.53 -8.22 24.10
N TYR P 92 77.82 -8.01 23.82
CA TYR P 92 78.26 -7.21 22.69
C TYR P 92 77.92 -7.90 21.37
N ARG P 93 77.64 -9.20 21.43
CA ARG P 93 77.45 -10.03 20.25
C ARG P 93 76.37 -9.43 19.34
N TYR P 94 75.39 -8.75 19.95
CA TYR P 94 74.23 -8.28 19.22
C TYR P 94 74.54 -6.99 18.48
N TYR P 95 75.60 -6.28 18.88
CA TYR P 95 75.74 -4.87 18.56
C TYR P 95 76.51 -4.63 17.26
N ILE P 96 77.46 -5.52 16.94
CA ILE P 96 78.03 -5.58 15.61
C ILE P 96 77.86 -7.01 15.10
N PRO P 97 76.62 -7.39 14.71
CA PRO P 97 76.24 -8.79 14.61
C PRO P 97 76.91 -9.61 13.50
N ASP P 98 77.26 -8.95 12.39
CA ASP P 98 77.86 -9.64 11.26
C ASP P 98 79.15 -10.33 11.69
N TYR P 99 79.96 -9.61 12.47
CA TYR P 99 81.24 -10.14 12.92
C TYR P 99 81.10 -10.87 14.25
N MET P 100 80.20 -10.37 15.12
CA MET P 100 80.18 -10.75 16.52
C MET P 100 79.10 -11.77 16.83
N TYR P 101 78.26 -12.10 15.84
CA TYR P 101 77.19 -13.06 16.07
C TYR P 101 77.15 -14.09 14.95
N ASN P 102 77.29 -13.63 13.70
CA ASN P 102 76.86 -14.39 12.54
C ASN P 102 77.92 -15.39 12.08
N ARG P 103 79.17 -15.22 12.53
CA ARG P 103 80.22 -16.16 12.21
C ARG P 103 80.02 -17.43 13.04
N ASP P 104 80.28 -18.59 12.40
CA ASP P 104 80.08 -19.89 13.00
C ASP P 104 80.93 -20.05 14.26
N GLU P 105 82.09 -19.38 14.28
CA GLU P 105 83.07 -19.52 15.34
C GLU P 105 82.57 -18.85 16.62
N VAL P 106 81.55 -17.99 16.49
CA VAL P 106 81.19 -17.05 17.54
C VAL P 106 79.74 -17.25 17.97
N ARG P 107 78.87 -17.60 17.01
CA ARG P 107 77.44 -17.76 17.26
C ARG P 107 77.20 -18.47 18.58
N PRO P 108 76.37 -17.91 19.50
CA PRO P 108 76.13 -18.52 20.80
C PRO P 108 75.24 -19.77 20.68
N SER P 109 75.31 -20.63 21.70
CA SER P 109 74.51 -21.83 21.77
C SER P 109 73.04 -21.46 21.99
N ASN P 110 72.15 -22.37 21.58
CA ASN P 110 70.72 -22.17 21.72
C ASN P 110 70.08 -23.50 22.14
N PRO P 111 69.26 -23.50 23.22
CA PRO P 111 68.64 -24.74 23.72
C PRO P 111 67.59 -25.39 22.81
N ILE P 112 67.10 -24.64 21.82
CA ILE P 112 66.06 -25.12 20.94
C ILE P 112 66.68 -25.55 19.61
N LYS P 113 66.38 -26.79 19.20
CA LYS P 113 66.95 -27.39 18.01
C LYS P 113 65.86 -27.59 16.96
N GLY P 114 66.29 -27.60 15.69
CA GLY P 114 65.41 -27.87 14.57
C GLY P 114 65.40 -26.71 13.57
N THR P 115 65.01 -27.01 12.33
CA THR P 115 64.72 -25.96 11.35
C THR P 115 63.21 -25.87 11.20
N PHE P 116 62.68 -24.64 11.12
CA PHE P 116 61.25 -24.42 11.25
C PHE P 116 60.70 -23.57 10.12
N LYS P 117 59.39 -23.72 9.87
CA LYS P 117 58.64 -22.85 9.00
C LYS P 117 58.26 -21.59 9.77
N LEU P 118 57.82 -20.55 9.06
CA LEU P 118 57.49 -19.27 9.66
C LEU P 118 56.37 -19.44 10.69
N GLU P 119 55.37 -20.25 10.33
CA GLU P 119 54.22 -20.52 11.19
C GLU P 119 54.71 -20.95 12.57
N GLN P 120 55.80 -21.72 12.58
CA GLN P 120 56.32 -22.32 13.80
C GLN P 120 57.03 -21.27 14.65
N CYS P 121 57.78 -20.38 14.00
CA CYS P 121 58.44 -19.29 14.70
C CYS P 121 57.38 -18.52 15.48
N VAL P 122 56.32 -18.11 14.78
CA VAL P 122 55.29 -17.24 15.32
C VAL P 122 54.58 -17.93 16.48
N ALA P 123 54.15 -19.18 16.26
CA ALA P 123 53.34 -19.89 17.23
C ALA P 123 54.10 -20.06 18.55
N CYS P 124 55.37 -20.46 18.45
CA CYS P 124 56.17 -20.78 19.61
C CYS P 124 56.55 -19.50 20.35
N HIS P 125 56.95 -18.47 19.59
CA HIS P 125 57.42 -17.23 20.19
C HIS P 125 56.26 -16.37 20.68
N SER P 126 55.04 -16.65 20.19
CA SER P 126 53.86 -15.92 20.62
C SER P 126 53.64 -16.10 22.12
N VAL P 127 54.23 -17.17 22.65
CA VAL P 127 54.11 -17.50 24.06
C VAL P 127 55.44 -17.30 24.76
N MET P 128 56.54 -17.66 24.08
CA MET P 128 57.88 -17.63 24.65
C MET P 128 58.38 -16.20 24.78
N THR P 129 58.19 -15.39 23.73
CA THR P 129 58.54 -13.98 23.74
C THR P 129 57.38 -13.17 23.18
N PRO P 130 56.25 -13.06 23.93
CA PRO P 130 54.99 -12.57 23.38
C PRO P 130 55.09 -11.22 22.64
N GLY P 131 55.81 -10.27 23.26
CA GLY P 131 55.92 -8.91 22.78
C GLY P 131 56.50 -8.82 21.37
N ILE P 132 57.45 -9.72 21.05
CA ILE P 132 58.09 -9.72 19.74
C ILE P 132 57.06 -10.08 18.67
N VAL P 133 56.23 -11.08 18.96
CA VAL P 133 55.22 -11.54 18.01
C VAL P 133 54.13 -10.48 17.87
N ARG P 134 53.73 -9.88 19.00
CA ARG P 134 52.75 -8.80 18.98
C ARG P 134 53.21 -7.68 18.05
N ASP P 135 54.50 -7.33 18.16
CA ASP P 135 55.13 -6.30 17.34
C ASP P 135 55.15 -6.74 15.89
N TYR P 136 55.58 -7.98 15.65
CA TYR P 136 55.73 -8.51 14.31
C TYR P 136 54.40 -8.46 13.57
N ASN P 137 53.33 -8.87 14.26
CA ASN P 137 52.01 -8.99 13.64
C ASN P 137 51.48 -7.61 13.25
N LYS P 138 51.92 -6.57 13.97
CA LYS P 138 51.53 -5.21 13.67
C LYS P 138 52.30 -4.68 12.46
N SER P 139 53.50 -5.23 12.24
CA SER P 139 54.43 -4.74 11.23
C SER P 139 53.92 -5.04 9.82
N ALA P 140 54.35 -4.21 8.87
CA ALA P 140 54.00 -4.38 7.47
C ALA P 140 54.65 -5.64 6.92
N HIS P 141 55.78 -6.05 7.53
CA HIS P 141 56.55 -7.20 7.11
C HIS P 141 55.70 -8.46 7.13
N SER P 142 54.80 -8.56 8.11
CA SER P 142 53.98 -9.76 8.30
C SER P 142 52.87 -9.84 7.25
N LYS P 143 52.46 -8.67 6.74
CA LYS P 143 51.31 -8.56 5.86
C LYS P 143 51.75 -8.59 4.39
N ALA P 144 53.07 -8.56 4.18
CA ALA P 144 53.63 -8.39 2.84
C ALA P 144 53.27 -9.58 1.95
N GLU P 145 53.03 -9.29 0.66
CA GLU P 145 52.70 -10.29 -0.33
C GLU P 145 53.62 -10.13 -1.54
N PRO P 146 53.85 -11.22 -2.29
CA PRO P 146 53.21 -12.51 -2.13
C PRO P 146 53.69 -13.34 -0.93
N ALA P 147 54.91 -13.04 -0.46
CA ALA P 147 55.48 -13.71 0.70
C ALA P 147 55.84 -12.68 1.77
N PRO P 148 55.53 -12.95 3.06
CA PRO P 148 55.88 -12.02 4.14
C PRO P 148 57.36 -12.05 4.47
N THR P 149 57.88 -10.90 4.92
CA THR P 149 59.22 -10.82 5.50
C THR P 149 59.12 -11.30 6.96
N GLY P 150 59.32 -12.61 7.14
CA GLY P 150 59.06 -13.27 8.41
C GLY P 150 60.32 -13.41 9.26
N CYS P 151 60.15 -13.93 10.47
CA CYS P 151 61.24 -14.14 11.42
C CYS P 151 62.39 -14.86 10.72
N ASP P 152 62.05 -15.85 9.90
CA ASP P 152 63.01 -16.70 9.22
C ASP P 152 63.77 -15.90 8.16
N THR P 153 63.11 -14.90 7.57
CA THR P 153 63.69 -14.06 6.54
C THR P 153 64.85 -13.25 7.13
N CYS P 154 64.69 -12.83 8.40
CA CYS P 154 65.65 -11.96 9.04
C CYS P 154 66.62 -12.74 9.95
N HIS P 155 66.21 -13.94 10.37
CA HIS P 155 66.95 -14.65 11.41
C HIS P 155 67.45 -16.02 10.94
N GLY P 156 66.81 -16.58 9.91
CA GLY P 156 67.16 -17.91 9.43
C GLY P 156 66.17 -18.97 9.90
N ASN P 157 66.27 -20.17 9.30
CA ASN P 157 65.32 -21.25 9.51
C ASN P 157 65.84 -22.21 10.58
N ASN P 158 67.17 -22.43 10.57
CA ASN P 158 67.81 -23.36 11.47
C ASN P 158 68.04 -22.69 12.82
N HIS P 159 67.42 -23.25 13.87
CA HIS P 159 67.46 -22.63 15.19
C HIS P 159 68.83 -22.77 15.83
N GLN P 160 69.66 -23.67 15.26
CA GLN P 160 71.02 -23.87 15.74
C GLN P 160 71.97 -22.98 14.96
N LYS P 161 71.45 -22.37 13.87
CA LYS P 161 72.25 -21.49 13.03
C LYS P 161 71.53 -20.16 12.82
N LEU P 162 70.99 -19.60 13.91
CA LEU P 162 70.29 -18.33 13.89
C LEU P 162 71.28 -17.20 13.65
N THR P 163 70.81 -16.12 13.03
CA THR P 163 71.65 -14.95 12.78
C THR P 163 70.89 -13.70 13.20
N MET P 164 71.63 -12.65 13.54
CA MET P 164 71.07 -11.34 13.85
C MET P 164 71.26 -10.42 12.65
N PRO P 165 70.18 -9.85 12.08
CA PRO P 165 70.27 -9.07 10.84
C PRO P 165 70.83 -7.66 11.07
N SER P 166 71.95 -7.36 10.41
CA SER P 166 72.57 -6.06 10.49
C SER P 166 71.94 -5.13 9.46
N SER P 167 72.49 -3.92 9.33
CA SER P 167 72.02 -2.95 8.36
C SER P 167 72.25 -3.49 6.95
N LYS P 168 73.24 -4.37 6.80
CA LYS P 168 73.57 -4.97 5.51
C LYS P 168 72.44 -5.88 5.07
N ALA P 169 71.83 -6.57 6.05
CA ALA P 169 70.75 -7.51 5.79
C ALA P 169 69.51 -6.76 5.30
N CYS P 170 69.24 -5.60 5.94
CA CYS P 170 68.09 -4.79 5.59
C CYS P 170 68.32 -4.11 4.25
N GLY P 171 69.60 -3.80 3.96
CA GLY P 171 69.96 -2.93 2.87
C GLY P 171 70.27 -3.67 1.58
N THR P 172 69.84 -4.94 1.52
CA THR P 172 70.00 -5.74 0.31
C THR P 172 69.19 -5.11 -0.82
N ALA P 173 69.66 -5.32 -2.06
CA ALA P 173 69.10 -4.68 -3.25
C ALA P 173 67.61 -5.00 -3.37
N GLU P 174 67.23 -6.22 -2.97
CA GLU P 174 65.88 -6.73 -3.09
C GLU P 174 64.98 -6.06 -2.06
N CYS P 175 65.57 -5.44 -1.03
CA CYS P 175 64.80 -4.94 0.10
C CYS P 175 64.94 -3.42 0.22
N HIS P 176 65.79 -2.95 1.15
CA HIS P 176 65.88 -1.53 1.46
C HIS P 176 67.27 -0.99 1.18
N GLU P 177 67.73 -1.19 -0.06
CA GLU P 177 69.05 -0.71 -0.46
C GLU P 177 69.07 0.82 -0.44
N THR P 178 67.92 1.44 -0.72
CA THR P 178 67.81 2.89 -0.82
C THR P 178 68.23 3.54 0.49
N GLN P 179 67.64 3.08 1.59
CA GLN P 179 67.88 3.67 2.89
C GLN P 179 69.30 3.38 3.36
N TYR P 180 69.80 2.18 3.06
CA TYR P 180 71.14 1.79 3.44
C TYR P 180 72.16 2.71 2.78
N ASN P 181 71.99 2.93 1.47
CA ASN P 181 72.90 3.73 0.66
C ASN P 181 72.83 5.19 1.09
N GLU P 182 71.62 5.67 1.39
CA GLU P 182 71.40 7.02 1.88
C GLU P 182 72.21 7.25 3.15
N GLN P 183 72.01 6.38 4.15
CA GLN P 183 72.69 6.49 5.42
C GLN P 183 74.20 6.44 5.20
N GLY P 184 74.63 5.55 4.29
CA GLY P 184 76.04 5.30 4.02
C GLY P 184 76.75 6.47 3.35
N GLN P 185 75.98 7.47 2.90
CA GLN P 185 76.53 8.67 2.28
C GLN P 185 77.19 9.56 3.34
N GLY P 186 76.89 9.31 4.61
CA GLY P 186 77.41 10.09 5.71
C GLY P 186 78.92 9.99 5.82
N GLY P 187 79.54 11.10 6.28
CA GLY P 187 80.98 11.15 6.45
C GLY P 187 81.41 10.73 7.85
N ILE P 188 82.50 11.34 8.34
CA ILE P 188 82.94 11.13 9.70
C ILE P 188 81.93 11.78 10.64
N GLY P 189 81.63 11.11 11.75
CA GLY P 189 80.72 11.65 12.75
C GLY P 189 79.25 11.56 12.34
N SER P 190 78.94 10.64 11.41
CA SER P 190 77.59 10.43 10.94
C SER P 190 77.12 9.04 11.39
N HIS P 191 75.92 8.65 10.93
CA HIS P 191 75.36 7.34 11.26
C HIS P 191 76.06 6.25 10.46
N ALA P 192 76.92 6.65 9.52
CA ALA P 192 77.59 5.71 8.64
C ALA P 192 78.88 5.20 9.26
N SER P 193 79.39 5.93 10.26
CA SER P 193 80.75 5.71 10.75
C SER P 193 80.80 5.67 12.28
N CYS P 194 79.65 5.81 12.93
CA CYS P 194 79.59 5.96 14.37
C CYS P 194 80.00 4.68 15.11
N SER P 195 79.94 3.55 14.40
CA SER P 195 80.41 2.28 14.96
C SER P 195 81.85 2.03 14.52
N SER P 196 82.04 2.03 13.19
CA SER P 196 83.27 1.58 12.56
C SER P 196 84.46 2.44 12.95
N PHE P 197 84.23 3.75 13.10
CA PHE P 197 85.29 4.67 13.49
C PHE P 197 85.21 4.97 14.99
N ALA P 198 84.15 5.69 15.37
CA ALA P 198 84.04 6.33 16.67
C ALA P 198 84.14 5.31 17.80
N GLN P 199 83.54 4.13 17.61
CA GLN P 199 83.37 3.18 18.69
C GLN P 199 84.45 2.10 18.62
N VAL P 200 84.71 1.60 17.41
CA VAL P 200 85.64 0.50 17.21
C VAL P 200 87.05 0.98 17.54
N GLU P 201 87.31 2.27 17.33
CA GLU P 201 88.60 2.86 17.63
C GLU P 201 88.49 3.87 18.76
N CYS P 202 87.58 3.59 19.71
CA CYS P 202 87.35 4.48 20.83
C CYS P 202 88.43 4.28 21.89
N ALA P 203 89.25 5.31 22.10
CA ALA P 203 90.41 5.24 22.97
C ALA P 203 90.02 4.76 24.37
N TRP P 204 89.03 5.41 24.98
CA TRP P 204 88.67 5.16 26.37
C TRP P 204 88.13 3.75 26.55
N SER P 205 87.33 3.29 25.59
CA SER P 205 86.71 1.97 25.67
C SER P 205 87.77 0.88 25.66
N ILE P 206 88.79 1.05 24.80
CA ILE P 206 89.90 0.12 24.68
C ILE P 206 90.71 0.15 25.98
N GLU P 207 90.96 1.37 26.48
CA GLU P 207 91.86 1.61 27.61
C GLU P 207 91.35 0.91 28.87
N ARG P 208 90.03 0.97 29.09
CA ARG P 208 89.42 0.63 30.38
C ARG P 208 88.97 -0.82 30.39
N PRO P 209 88.63 -1.40 31.57
CA PRO P 209 87.87 -2.65 31.64
C PRO P 209 86.54 -2.47 30.91
N PRO P 210 85.93 -3.56 30.37
CA PRO P 210 84.62 -3.47 29.74
C PRO P 210 83.56 -3.37 30.85
N GLY P 211 82.55 -2.54 30.62
CA GLY P 211 81.58 -2.28 31.65
C GLY P 211 81.74 -0.85 32.16
N ASP P 212 83.00 -0.43 32.30
CA ASP P 212 83.32 0.96 32.53
C ASP P 212 82.70 1.80 31.42
N THR P 213 82.75 1.28 30.19
CA THR P 213 82.27 1.97 29.00
C THR P 213 81.35 1.07 28.20
N ALA P 214 80.61 0.19 28.89
CA ALA P 214 79.70 -0.74 28.25
C ALA P 214 78.63 0.02 27.48
N GLY P 215 78.13 1.10 28.08
CA GLY P 215 77.08 1.92 27.50
C GLY P 215 77.48 2.49 26.14
N CYS P 216 78.79 2.64 25.91
CA CYS P 216 79.30 3.23 24.68
C CYS P 216 79.08 2.26 23.52
N THR P 217 79.24 0.96 23.79
CA THR P 217 79.02 -0.07 22.79
C THR P 217 77.53 -0.10 22.41
N PHE P 218 76.67 -0.01 23.42
CA PHE P 218 75.24 -0.13 23.26
C PHE P 218 74.67 1.06 22.49
N CYS P 219 75.32 2.23 22.62
CA CYS P 219 74.80 3.46 22.06
C CYS P 219 75.35 3.71 20.64
N HIS P 220 76.66 3.49 20.47
CA HIS P 220 77.38 3.93 19.28
C HIS P 220 77.12 3.03 18.08
N THR P 221 77.06 1.72 18.33
CA THR P 221 77.01 0.73 17.26
C THR P 221 75.68 0.80 16.51
N SER P 222 74.60 1.09 17.25
CA SER P 222 73.22 0.95 16.79
C SER P 222 72.97 1.61 15.45
N PRO P 223 73.19 2.95 15.26
CA PRO P 223 72.76 3.63 14.03
C PRO P 223 73.37 3.00 12.78
N GLU P 224 74.62 2.55 12.90
CA GLU P 224 75.37 2.07 11.75
C GLU P 224 75.04 0.60 11.50
N GLU P 225 74.84 -0.17 12.58
CA GLU P 225 74.82 -1.63 12.49
C GLU P 225 73.40 -2.18 12.53
N ARG P 226 72.50 -1.50 13.25
CA ARG P 226 71.16 -2.01 13.46
C ARG P 226 70.11 -1.00 13.01
N CYS P 227 69.23 -1.43 12.10
CA CYS P 227 68.22 -0.57 11.52
C CYS P 227 66.95 -0.59 12.36
N SER P 228 67.02 -1.24 13.53
CA SER P 228 65.93 -1.17 14.49
C SER P 228 66.00 0.17 15.22
N THR P 229 66.96 0.99 14.79
CA THR P 229 67.14 2.34 15.33
C THR P 229 66.06 3.24 14.74
N CYS P 230 65.47 4.09 15.59
CA CYS P 230 64.48 5.08 15.21
C CYS P 230 63.10 4.43 15.03
N HIS P 231 63.02 3.44 14.14
CA HIS P 231 61.85 2.59 14.04
C HIS P 231 62.14 1.26 14.72
N GLN P 232 61.57 1.08 15.92
CA GLN P 232 61.88 -0.03 16.80
C GLN P 232 61.47 -1.35 16.15
N ARG P 233 62.21 -2.41 16.48
CA ARG P 233 61.78 -3.78 16.23
C ARG P 233 60.70 -4.12 17.26
N HIS P 234 59.77 -5.03 16.91
CA HIS P 234 59.70 -5.68 15.61
C HIS P 234 58.57 -5.07 14.78
N GLN P 235 58.14 -3.86 15.18
CA GLN P 235 57.00 -3.19 14.58
C GLN P 235 57.45 -2.42 13.33
N PHE P 236 58.65 -1.83 13.40
CA PHE P 236 59.26 -1.08 12.32
C PHE P 236 58.27 -0.07 11.73
N ASP P 237 57.76 0.81 12.59
CA ASP P 237 56.75 1.78 12.22
C ASP P 237 57.43 3.10 11.85
N PRO P 238 57.32 3.55 10.57
CA PRO P 238 57.92 4.82 10.17
C PRO P 238 57.27 6.00 10.88
N ALA P 239 56.02 5.79 11.33
CA ALA P 239 55.25 6.83 11.99
C ALA P 239 55.85 7.15 13.36
N VAL P 240 56.37 6.13 14.06
CA VAL P 240 56.99 6.33 15.35
C VAL P 240 58.40 6.89 15.16
N ALA P 241 59.00 6.56 14.01
CA ALA P 241 60.36 6.97 13.68
C ALA P 241 60.40 8.46 13.37
N ARG P 242 59.24 9.04 13.04
CA ARG P 242 59.15 10.43 12.63
C ARG P 242 59.07 11.35 13.84
N ARG P 243 58.98 10.76 15.04
CA ARG P 243 58.83 11.52 16.27
C ARG P 243 60.21 11.98 16.78
N SER P 244 60.26 13.20 17.29
CA SER P 244 61.49 13.85 17.70
C SER P 244 62.19 13.03 18.79
N GLU P 245 61.41 12.46 19.70
CA GLU P 245 61.92 11.79 20.89
C GLU P 245 62.81 10.61 20.52
N GLN P 246 62.69 10.11 19.29
CA GLN P 246 63.45 8.95 18.85
C GLN P 246 64.93 9.22 19.00
N CYS P 247 65.32 10.47 18.75
CA CYS P 247 66.72 10.86 18.69
C CYS P 247 67.29 11.08 20.08
N LYS P 248 66.40 11.30 21.06
CA LYS P 248 66.79 11.73 22.40
C LYS P 248 67.63 10.65 23.08
N THR P 249 67.40 9.38 22.74
CA THR P 249 67.99 8.27 23.48
C THR P 249 69.51 8.27 23.35
N CYS P 250 70.03 8.89 22.28
CA CYS P 250 71.46 8.98 22.06
C CYS P 250 71.91 10.44 22.04
N HIS P 251 71.06 11.34 21.52
CA HIS P 251 71.42 12.73 21.33
C HIS P 251 71.01 13.56 22.54
N TRP P 252 71.56 13.20 23.70
CA TRP P 252 71.34 13.94 24.93
C TRP P 252 72.61 13.92 25.77
N GLY P 253 72.61 14.69 26.86
CA GLY P 253 73.57 14.50 27.91
C GLY P 253 74.80 15.41 27.78
N LYS P 254 75.89 14.97 28.41
CA LYS P 254 76.96 15.84 28.87
C LYS P 254 77.68 16.49 27.69
N ASP P 255 77.77 15.80 26.55
CA ASP P 255 78.64 16.26 25.49
C ASP P 255 77.87 16.56 24.19
N HIS P 256 76.53 16.49 24.26
CA HIS P 256 75.67 16.86 23.14
C HIS P 256 74.23 16.97 23.62
N ARG P 257 73.85 18.17 24.08
CA ARG P 257 72.51 18.41 24.58
C ARG P 257 71.58 18.72 23.40
N ASP P 258 71.56 17.82 22.41
CA ASP P 258 70.77 18.01 21.20
C ASP P 258 69.28 18.01 21.56
N TRP P 259 68.85 16.96 22.28
CA TRP P 259 67.46 16.82 22.67
C TRP P 259 67.08 17.97 23.61
N GLU P 260 67.89 18.18 24.66
CA GLU P 260 67.60 19.17 25.69
C GLU P 260 67.43 20.56 25.06
N ALA P 261 68.31 20.90 24.12
CA ALA P 261 68.27 22.19 23.45
C ALA P 261 66.98 22.35 22.65
N TYR P 262 66.66 21.33 21.84
CA TYR P 262 65.47 21.32 21.01
C TYR P 262 64.22 21.40 21.90
N ASP P 263 64.19 20.52 22.92
CA ASP P 263 63.04 20.29 23.76
C ASP P 263 62.61 21.58 24.46
N ILE P 264 63.58 22.34 24.96
CA ILE P 264 63.28 23.47 25.82
C ILE P 264 63.11 24.73 24.98
N GLY P 265 63.68 24.73 23.77
CA GLY P 265 63.49 25.81 22.82
C GLY P 265 62.02 25.94 22.40
N LEU P 266 61.70 26.99 21.65
CA LEU P 266 60.32 27.24 21.27
C LEU P 266 59.83 26.19 20.26
N HIS P 267 60.76 25.63 19.47
CA HIS P 267 60.40 24.52 18.58
C HIS P 267 59.93 23.33 19.42
N GLY P 268 60.69 23.04 20.49
CA GLY P 268 60.39 21.94 21.39
C GLY P 268 59.14 22.20 22.22
N THR P 269 58.91 23.48 22.54
CA THR P 269 57.72 23.91 23.26
C THR P 269 56.50 23.69 22.37
N VAL P 270 56.59 24.18 21.12
CA VAL P 270 55.55 24.00 20.13
C VAL P 270 55.27 22.50 19.97
N TYR P 271 56.35 21.71 19.90
CA TYR P 271 56.26 20.28 19.69
C TYR P 271 55.48 19.61 20.83
N GLN P 272 55.89 19.88 22.07
CA GLN P 272 55.34 19.19 23.23
C GLN P 272 53.87 19.55 23.41
N VAL P 273 53.50 20.75 22.97
CA VAL P 273 52.17 21.29 23.17
C VAL P 273 51.21 20.71 22.13
N ASN P 274 51.75 20.30 20.97
CA ASN P 274 50.91 20.05 19.80
C ASN P 274 51.08 18.63 19.28
N LYS P 275 52.03 17.86 19.82
CA LYS P 275 52.49 16.63 19.16
C LYS P 275 51.38 15.58 19.07
N TRP P 276 50.42 15.62 20.00
CA TRP P 276 49.33 14.66 20.01
C TRP P 276 48.08 15.25 19.37
N ASP P 277 48.19 16.49 18.87
CA ASP P 277 47.13 17.08 18.09
C ASP P 277 47.42 16.81 16.62
N THR P 278 46.55 15.98 16.03
CA THR P 278 46.73 15.47 14.67
C THR P 278 46.62 16.60 13.65
N GLU P 279 45.99 17.70 14.05
CA GLU P 279 45.78 18.86 13.18
C GLU P 279 47.06 19.68 13.09
N GLN P 280 47.99 19.44 14.01
CA GLN P 280 49.22 20.22 14.09
C GLN P 280 50.41 19.36 13.69
N PHE P 281 50.37 18.09 14.09
CA PHE P 281 51.42 17.14 13.76
C PHE P 281 50.78 15.83 13.29
N ASP P 282 50.96 15.53 11.99
CA ASP P 282 50.45 14.31 11.40
C ASP P 282 51.62 13.40 11.05
N PHE P 283 51.84 12.37 11.89
CA PHE P 283 53.00 11.52 11.78
C PHE P 283 52.77 10.41 10.75
N SER P 284 51.54 10.34 10.22
CA SER P 284 51.22 9.36 9.18
C SER P 284 51.73 9.84 7.83
N LYS P 285 51.90 11.16 7.69
CA LYS P 285 52.44 11.76 6.48
C LYS P 285 53.92 11.44 6.36
N LYS P 286 54.38 11.24 5.12
CA LYS P 286 55.80 11.08 4.84
C LYS P 286 56.47 12.45 5.00
N LEU P 287 57.79 12.44 5.24
CA LEU P 287 58.51 13.66 5.58
C LEU P 287 58.48 14.67 4.44
N SER P 288 58.29 14.18 3.20
CA SER P 288 58.18 15.03 2.03
C SER P 288 56.91 15.85 2.07
N ASP P 289 55.90 15.35 2.79
CA ASP P 289 54.59 15.98 2.84
C ASP P 289 54.33 16.56 4.23
N ALA P 290 55.36 16.54 5.09
CA ALA P 290 55.25 17.03 6.45
C ALA P 290 54.91 18.52 6.45
N ASP P 291 53.76 18.86 7.03
CA ASP P 291 53.26 20.22 7.08
C ASP P 291 52.97 20.60 8.53
N TYR P 292 53.92 20.27 9.42
CA TYR P 292 53.75 20.49 10.85
C TYR P 292 53.74 21.98 11.14
N VAL P 293 53.21 22.34 12.32
CA VAL P 293 53.24 23.72 12.79
C VAL P 293 54.67 24.08 13.14
N GLY P 294 55.39 23.13 13.75
CA GLY P 294 56.79 23.32 14.15
C GLY P 294 57.65 22.17 13.65
N PRO P 295 58.99 22.31 13.62
CA PRO P 295 59.87 21.27 13.11
C PRO P 295 60.19 20.18 14.13
N THR P 296 60.52 18.99 13.58
CA THR P 296 61.05 17.86 14.32
C THR P 296 62.51 17.69 13.91
N CYS P 297 63.26 16.90 14.68
CA CYS P 297 64.64 16.61 14.33
C CYS P 297 64.69 16.16 12.88
N GLN P 298 63.72 15.29 12.52
CA GLN P 298 63.65 14.65 11.23
C GLN P 298 63.35 15.70 10.15
N TYR P 299 62.52 16.69 10.51
CA TYR P 299 62.09 17.73 9.60
C TYR P 299 63.30 18.47 9.04
N CYS P 300 64.31 18.67 9.89
CA CYS P 300 65.48 19.46 9.56
C CYS P 300 66.62 18.57 9.06
N HIS P 301 66.88 17.46 9.76
CA HIS P 301 68.08 16.69 9.51
C HIS P 301 67.82 15.57 8.50
N MET P 302 66.56 15.12 8.40
CA MET P 302 66.19 14.07 7.48
C MET P 302 65.20 14.62 6.45
N ARG P 303 65.51 15.81 5.94
CA ARG P 303 64.72 16.50 4.93
C ARG P 303 64.39 15.51 3.81
N GLY P 304 63.09 15.41 3.49
CA GLY P 304 62.60 14.59 2.40
C GLY P 304 62.67 13.10 2.71
N GLY P 305 63.07 12.76 3.94
CA GLY P 305 63.15 11.38 4.39
C GLY P 305 64.50 10.74 4.11
N HIS P 306 65.46 11.55 3.66
CA HIS P 306 66.81 11.09 3.39
C HIS P 306 67.45 10.57 4.68
N HIS P 307 68.12 9.41 4.57
CA HIS P 307 68.59 8.69 5.75
C HIS P 307 70.00 9.13 6.16
N ASN P 308 70.68 9.86 5.27
CA ASN P 308 71.92 10.52 5.66
C ASN P 308 71.56 11.74 6.49
N VAL P 309 71.73 11.59 7.80
CA VAL P 309 71.24 12.55 8.79
C VAL P 309 72.17 13.76 8.82
N GLN P 310 73.34 13.61 8.20
CA GLN P 310 74.41 14.60 8.21
C GLN P 310 74.38 15.39 6.89
N ARG P 311 73.42 15.07 6.03
CA ARG P 311 73.37 15.56 4.67
C ARG P 311 73.46 17.09 4.62
N ALA P 312 72.79 17.76 5.56
CA ALA P 312 72.65 19.20 5.52
C ALA P 312 73.75 19.90 6.33
N SER P 313 74.58 19.11 7.02
CA SER P 313 75.64 19.65 7.86
C SER P 313 76.63 20.47 7.02
N ILE P 314 77.18 21.52 7.64
CA ILE P 314 78.07 22.43 6.93
C ILE P 314 79.48 21.87 6.95
N VAL P 315 80.04 21.67 8.16
CA VAL P 315 81.37 21.11 8.32
C VAL P 315 81.47 20.43 9.68
N TYR P 316 82.18 19.30 9.72
CA TYR P 316 82.36 18.54 10.95
C TYR P 316 83.33 19.29 11.87
N THR P 317 82.87 19.57 13.09
CA THR P 317 83.63 20.39 14.01
C THR P 317 83.85 19.64 15.32
N SER P 318 83.95 18.31 15.22
CA SER P 318 84.31 17.47 16.35
C SER P 318 83.38 17.72 17.52
N MET P 319 82.07 17.55 17.27
CA MET P 319 81.00 17.69 18.26
C MET P 319 80.75 19.15 18.63
N GLY P 320 81.39 20.07 17.90
CA GLY P 320 81.29 21.50 18.17
C GLY P 320 82.40 21.99 19.09
N MET P 321 83.36 21.10 19.39
CA MET P 321 84.52 21.44 20.20
C MET P 321 85.50 22.26 19.37
N SER P 322 85.67 21.87 18.10
CA SER P 322 86.37 22.70 17.13
C SER P 322 85.45 23.82 16.67
N MET P 323 86.05 24.91 16.18
CA MET P 323 85.31 26.13 15.91
C MET P 323 85.40 26.50 14.43
N ALA P 324 84.27 26.96 13.88
CA ALA P 324 84.19 27.45 12.51
C ALA P 324 83.10 28.52 12.41
N ASP P 325 83.39 29.58 11.65
CA ASP P 325 82.37 30.55 11.30
C ASP P 325 81.60 29.99 10.10
N ARG P 326 80.45 29.37 10.39
CA ARG P 326 79.64 28.72 9.38
C ARG P 326 78.94 29.77 8.52
N GLY P 327 78.91 31.01 9.01
CA GLY P 327 78.27 32.11 8.32
C GLY P 327 79.22 32.84 7.38
N ALA P 328 80.48 32.36 7.32
CA ALA P 328 81.51 32.95 6.47
C ALA P 328 81.21 32.67 4.99
N PRO P 329 81.64 33.56 4.07
CA PRO P 329 81.37 33.39 2.63
C PRO P 329 81.77 32.03 2.07
N LEU P 330 82.73 31.38 2.73
CA LEU P 330 83.22 30.07 2.33
C LEU P 330 82.07 29.06 2.33
N TRP P 331 81.18 29.17 3.32
CA TRP P 331 80.10 28.22 3.53
C TRP P 331 78.76 28.80 3.10
N LYS P 332 78.78 29.79 2.21
CA LYS P 332 77.56 30.54 1.89
C LYS P 332 76.48 29.60 1.38
N GLU P 333 76.84 28.71 0.46
CA GLU P 333 75.88 27.84 -0.21
C GLU P 333 75.27 26.85 0.78
N LYS P 334 76.08 26.41 1.76
CA LYS P 334 75.67 25.42 2.74
C LYS P 334 74.75 26.03 3.79
N ARG P 335 75.04 27.28 4.17
CA ARG P 335 74.21 28.04 5.09
C ARG P 335 72.89 28.39 4.41
N ASP P 336 72.96 28.75 3.12
CA ASP P 336 71.79 29.08 2.32
C ASP P 336 70.81 27.91 2.31
N ARG P 337 71.35 26.68 2.26
CA ARG P 337 70.54 25.48 2.25
C ARG P 337 69.75 25.37 3.55
N TRP P 338 70.39 25.74 4.67
CA TRP P 338 69.74 25.71 5.98
C TRP P 338 68.63 26.74 6.04
N VAL P 339 68.87 27.91 5.44
CA VAL P 339 67.88 28.98 5.39
C VAL P 339 66.67 28.51 4.59
N SER P 340 66.91 27.63 3.60
CA SER P 340 65.87 27.05 2.76
C SER P 340 64.95 26.15 3.57
N ILE P 341 65.49 25.54 4.63
CA ILE P 341 64.72 24.66 5.50
C ILE P 341 63.89 25.51 6.46
N CYS P 342 64.52 26.56 7.02
CA CYS P 342 63.83 27.46 7.94
C CYS P 342 62.79 28.30 7.18
N ASP P 343 63.06 28.56 5.90
CA ASP P 343 62.20 29.29 4.97
C ASP P 343 60.75 28.81 5.05
N ASP P 344 60.57 27.54 5.43
CA ASP P 344 59.27 26.90 5.44
C ASP P 344 58.30 27.66 6.33
N CYS P 345 58.83 28.29 7.39
CA CYS P 345 57.99 28.88 8.43
C CYS P 345 58.53 30.23 8.90
N HIS P 346 59.57 30.72 8.23
CA HIS P 346 60.17 32.01 8.57
C HIS P 346 60.64 32.71 7.30
N SER P 347 60.80 34.03 7.39
CA SER P 347 61.44 34.78 6.33
C SER P 347 62.92 34.39 6.25
N PRO P 348 63.51 34.34 5.03
CA PRO P 348 64.94 34.04 4.88
C PRO P 348 65.80 34.90 5.80
N ARG P 349 65.44 36.18 5.92
CA ARG P 349 66.22 37.13 6.70
C ARG P 349 66.26 36.70 8.16
N PHE P 350 65.08 36.40 8.72
CA PHE P 350 64.94 36.07 10.14
C PHE P 350 65.84 34.88 10.47
N ALA P 351 65.79 33.86 9.61
CA ALA P 351 66.52 32.62 9.81
C ALA P 351 68.02 32.86 9.64
N ARG P 352 68.40 33.57 8.58
CA ARG P 352 69.80 33.84 8.27
C ARG P 352 70.46 34.52 9.46
N GLU P 353 69.77 35.51 10.02
CA GLU P 353 70.32 36.38 11.05
C GLU P 353 70.35 35.64 12.40
N ASN P 354 69.39 34.73 12.61
CA ASN P 354 69.36 33.94 13.82
C ASN P 354 70.53 32.96 13.85
N LEU P 355 70.86 32.39 12.68
CA LEU P 355 71.96 31.45 12.57
C LEU P 355 73.29 32.19 12.62
N GLN P 356 73.27 33.46 12.21
CA GLN P 356 74.44 34.32 12.33
C GLN P 356 74.77 34.55 13.80
N ALA P 357 73.72 34.73 14.61
CA ALA P 357 73.87 34.89 16.06
C ALA P 357 74.57 33.66 16.64
N MET P 358 74.20 32.48 16.14
CA MET P 358 74.82 31.23 16.57
C MET P 358 76.32 31.29 16.31
N ASP P 359 76.68 31.70 15.08
CA ASP P 359 78.07 31.79 14.64
C ASP P 359 78.88 32.66 15.60
N GLU P 360 78.27 33.77 16.02
CA GLU P 360 78.91 34.74 16.90
C GLU P 360 79.13 34.13 18.29
N SER P 361 78.14 33.38 18.77
CA SER P 361 78.20 32.72 20.06
C SER P 361 79.33 31.69 20.07
N VAL P 362 79.49 31.02 18.94
CA VAL P 362 80.47 29.95 18.77
C VAL P 362 81.88 30.55 18.80
N LYS P 363 82.04 31.70 18.14
CA LYS P 363 83.32 32.38 18.04
C LYS P 363 83.73 32.96 19.40
N ASP P 364 82.74 33.53 20.11
CA ASP P 364 82.98 34.14 21.41
C ASP P 364 83.28 33.07 22.45
N ALA P 365 82.78 31.86 22.23
CA ALA P 365 83.00 30.75 23.14
C ALA P 365 84.45 30.30 23.05
N SER P 366 84.98 30.26 21.82
CA SER P 366 86.34 29.80 21.59
C SER P 366 87.35 30.85 22.06
N LEU P 367 86.95 32.12 22.02
CA LEU P 367 87.72 33.20 22.60
C LEU P 367 87.99 32.92 24.07
N LYS P 368 86.94 32.52 24.80
CA LYS P 368 87.04 32.18 26.22
C LYS P 368 87.95 30.97 26.41
N TYR P 369 87.78 29.95 25.57
CA TYR P 369 88.54 28.72 25.75
C TYR P 369 90.01 28.96 25.47
N ARG P 370 90.31 29.81 24.48
CA ARG P 370 91.69 30.17 24.17
C ARG P 370 92.36 30.75 25.42
N GLU P 371 91.62 31.60 26.15
CA GLU P 371 92.13 32.18 27.39
C GLU P 371 92.31 31.08 28.44
N THR P 372 91.36 30.14 28.47
CA THR P 372 91.38 29.04 29.43
C THR P 372 92.56 28.13 29.14
N PHE P 373 92.79 27.85 27.85
CA PHE P 373 93.83 26.93 27.42
C PHE P 373 95.20 27.52 27.71
N LYS P 374 95.34 28.83 27.47
CA LYS P 374 96.60 29.53 27.68
C LYS P 374 97.09 29.31 29.11
N VAL P 375 96.17 29.44 30.07
CA VAL P 375 96.48 29.29 31.48
C VAL P 375 97.04 27.89 31.74
N ALA P 376 96.43 26.89 31.08
CA ALA P 376 96.79 25.49 31.26
C ALA P 376 98.12 25.19 30.58
N GLU P 377 98.32 25.78 29.40
CA GLU P 377 99.50 25.55 28.59
C GLU P 377 100.71 26.16 29.29
N ASP P 378 100.51 27.33 29.91
CA ASP P 378 101.57 28.05 30.58
C ASP P 378 102.08 27.25 31.78
N LEU P 379 101.18 26.54 32.46
CA LEU P 379 101.56 25.72 33.59
C LEU P 379 102.50 24.60 33.13
N LEU P 380 102.25 24.09 31.92
CA LEU P 380 103.02 22.98 31.37
C LEU P 380 104.41 23.48 30.95
N ILE P 381 104.43 24.61 30.23
CA ILE P 381 105.65 25.18 29.68
C ILE P 381 106.56 25.61 30.84
N ASP P 382 105.96 26.19 31.89
CA ASP P 382 106.69 26.64 33.06
C ASP P 382 107.04 25.46 33.96
N GLY P 383 106.46 24.29 33.66
CA GLY P 383 106.78 23.05 34.35
C GLY P 383 106.24 22.99 35.78
N VAL P 384 105.27 23.86 36.10
CA VAL P 384 104.76 23.97 37.45
C VAL P 384 103.40 23.28 37.57
N LEU P 385 102.93 22.67 36.47
CA LEU P 385 101.71 21.88 36.45
C LEU P 385 101.88 20.71 37.40
N ASP P 386 100.83 20.42 38.18
CA ASP P 386 100.92 19.56 39.35
C ASP P 386 99.97 18.37 39.22
N PRO P 387 100.45 17.25 38.66
CA PRO P 387 101.82 17.10 38.20
C PRO P 387 101.97 17.20 36.68
N MET P 388 103.21 17.09 36.22
CA MET P 388 103.52 17.06 34.79
C MET P 388 103.14 15.69 34.23
N PRO P 389 102.83 15.60 32.92
CA PRO P 389 102.38 14.34 32.30
C PRO P 389 103.25 13.12 32.60
N LYS P 390 104.55 13.35 32.79
CA LYS P 390 105.50 12.26 33.00
C LYS P 390 105.25 11.58 34.34
N ASP P 391 104.55 12.28 35.25
CA ASP P 391 104.32 11.80 36.61
C ASP P 391 102.90 11.27 36.78
N LEU P 392 102.11 11.34 35.70
CA LEU P 392 100.80 10.71 35.64
C LEU P 392 100.95 9.27 35.18
N CYS P 393 99.90 8.47 35.39
CA CYS P 393 99.79 7.15 34.82
C CYS P 393 99.94 7.26 33.30
N PRO P 394 100.62 6.31 32.62
CA PRO P 394 100.69 6.32 31.16
C PRO P 394 99.30 6.26 30.53
N ASP P 395 99.13 6.97 29.41
CA ASP P 395 97.87 7.03 28.70
C ASP P 395 97.59 5.68 28.04
N TRP P 396 96.45 5.59 27.33
CA TRP P 396 95.96 4.35 26.75
C TRP P 396 97.04 3.74 25.84
N SER P 397 97.85 4.62 25.25
CA SER P 397 98.86 4.27 24.27
C SER P 397 100.11 3.69 24.95
N GLY P 398 100.25 3.98 26.26
CA GLY P 398 101.43 3.59 27.01
C GLY P 398 102.48 4.69 27.04
N GLN P 399 102.03 5.92 26.77
CA GLN P 399 102.90 7.08 26.66
C GLN P 399 102.54 8.10 27.73
N HIS P 400 103.39 9.12 27.87
CA HIS P 400 103.17 10.19 28.82
C HIS P 400 102.99 11.51 28.08
N ILE P 401 102.18 11.50 27.03
CA ILE P 401 101.89 12.69 26.24
C ILE P 401 100.86 13.52 27.00
N TRP P 402 100.99 14.85 26.91
CA TRP P 402 100.08 15.79 27.53
C TRP P 402 98.67 15.57 26.99
N SER P 403 97.70 15.50 27.92
CA SER P 403 96.29 15.28 27.61
C SER P 403 95.79 16.23 26.54
N LEU P 404 96.12 17.52 26.68
CA LEU P 404 95.51 18.59 25.90
C LEU P 404 96.28 18.85 24.60
N LYS P 405 97.33 18.05 24.35
CA LYS P 405 98.18 18.27 23.18
C LYS P 405 97.43 17.92 21.90
N ILE P 406 97.30 18.92 21.02
CA ILE P 406 96.79 18.74 19.68
C ILE P 406 97.97 18.75 18.71
N GLY P 407 98.21 17.59 18.08
CA GLY P 407 99.37 17.35 17.24
C GLY P 407 99.52 18.37 16.11
N ALA P 408 98.41 18.95 15.66
CA ALA P 408 98.41 19.85 14.53
C ALA P 408 98.88 21.25 14.93
N TYR P 409 98.85 21.54 16.25
CA TYR P 409 99.15 22.87 16.74
C TYR P 409 100.33 22.87 17.70
N HIS P 410 100.56 21.74 18.37
CA HIS P 410 101.56 21.67 19.44
C HIS P 410 102.69 20.74 19.06
N ASP P 411 103.93 21.19 19.31
CA ASP P 411 105.13 20.40 19.12
C ASP P 411 106.19 20.90 20.09
N GLY P 412 106.86 19.94 20.76
CA GLY P 412 107.90 20.30 21.73
C GLY P 412 108.15 19.18 22.74
N GLU P 413 109.21 19.35 23.53
CA GLU P 413 109.66 18.37 24.51
C GLU P 413 108.64 18.28 25.63
N ALA P 414 108.03 19.42 25.99
CA ALA P 414 107.14 19.54 27.13
C ALA P 414 105.83 18.79 26.88
N TYR P 415 105.43 18.73 25.60
CA TYR P 415 104.16 18.15 25.20
C TYR P 415 104.25 16.63 25.14
N GLY P 416 105.41 16.13 24.69
CA GLY P 416 105.63 14.69 24.54
C GLY P 416 105.14 14.17 23.19
N GLY P 417 105.45 12.90 22.90
CA GLY P 417 105.03 12.25 21.67
C GLY P 417 105.81 12.73 20.46
N THR P 418 105.62 12.05 19.33
CA THR P 418 106.27 12.39 18.07
C THR P 418 105.58 13.62 17.46
N THR P 419 106.22 14.19 16.43
CA THR P 419 105.70 15.36 15.76
C THR P 419 104.37 15.03 15.07
N GLY P 420 103.36 15.84 15.38
CA GLY P 420 102.05 15.71 14.74
C GLY P 420 101.11 14.80 15.53
N GLU P 421 101.66 14.07 16.50
CA GLU P 421 100.90 13.15 17.33
C GLU P 421 100.21 13.93 18.45
N SER P 422 98.92 13.64 18.66
CA SER P 422 98.14 14.28 19.72
C SER P 422 98.24 13.47 21.01
N GLY P 423 97.77 14.08 22.10
CA GLY P 423 97.63 13.39 23.38
C GLY P 423 96.26 12.73 23.48
N GLU P 424 96.06 11.94 24.54
CA GLU P 424 94.78 11.32 24.80
C GLU P 424 93.87 12.32 25.51
N PHE P 425 93.04 13.01 24.72
CA PHE P 425 92.09 13.99 25.22
C PHE P 425 91.12 13.29 26.18
N ARG P 426 91.11 13.73 27.44
CA ARG P 426 90.36 13.01 28.47
C ARG P 426 90.02 13.92 29.64
N MET P 427 89.07 13.45 30.46
CA MET P 427 88.66 14.07 31.70
C MET P 427 89.13 13.23 32.88
N SER P 428 89.79 12.11 32.56
CA SER P 428 90.28 11.16 33.54
C SER P 428 91.80 11.17 33.55
N ASN P 429 92.38 10.69 34.66
CA ASN P 429 93.82 10.48 34.80
C ASN P 429 94.57 11.72 34.32
N CYS P 430 94.34 12.85 35.02
CA CYS P 430 94.94 14.12 34.67
C CYS P 430 94.85 15.08 35.86
N THR P 431 95.30 16.32 35.65
CA THR P 431 95.18 17.37 36.63
C THR P 431 93.78 17.97 36.58
N ASP P 432 93.41 18.73 37.61
CA ASP P 432 92.16 19.45 37.64
C ASP P 432 92.11 20.43 36.48
N VAL P 433 93.26 21.05 36.18
CA VAL P 433 93.36 22.08 35.16
C VAL P 433 93.07 21.46 33.79
N GLU P 434 93.64 20.27 33.56
CA GLU P 434 93.41 19.52 32.33
C GLU P 434 91.93 19.16 32.24
N ARG P 435 91.38 18.65 33.35
CA ARG P 435 90.01 18.18 33.45
C ARG P 435 89.03 19.31 33.14
N LEU P 436 89.24 20.47 33.78
CA LEU P 436 88.35 21.61 33.67
C LEU P 436 88.38 22.16 32.24
N CYS P 437 89.55 22.08 31.59
CA CYS P 437 89.70 22.49 30.21
C CYS P 437 88.87 21.58 29.31
N PHE P 438 88.96 20.27 29.56
CA PHE P 438 88.18 19.30 28.83
C PHE P 438 86.70 19.60 28.98
N GLU P 439 86.26 19.84 30.23
CA GLU P 439 84.87 20.10 30.54
C GLU P 439 84.40 21.38 29.84
N SER P 440 85.28 22.39 29.76
CA SER P 440 84.89 23.69 29.24
C SER P 440 84.57 23.60 27.75
N VAL P 441 85.40 22.85 27.01
CA VAL P 441 85.28 22.78 25.56
C VAL P 441 84.43 21.57 25.18
N GLY P 442 84.51 20.50 25.99
CA GLY P 442 83.90 19.24 25.65
C GLY P 442 82.45 19.13 26.11
N TYR P 443 82.08 19.94 27.11
CA TYR P 443 80.71 19.96 27.62
C TYR P 443 80.11 21.33 27.34
N PHE P 444 80.58 22.35 28.06
CA PHE P 444 79.94 23.65 28.13
C PHE P 444 79.87 24.32 26.75
N GLN P 445 80.96 24.21 25.98
CA GLN P 445 81.04 24.86 24.69
C GLN P 445 80.00 24.25 23.74
N THR P 446 79.77 22.94 23.87
CA THR P 446 78.85 22.21 23.00
C THR P 446 77.41 22.64 23.29
N TYR P 447 77.16 23.06 24.54
CA TYR P 447 75.85 23.54 24.93
C TYR P 447 75.56 24.86 24.23
N ILE P 448 76.63 25.60 23.89
CA ILE P 448 76.49 26.89 23.22
C ILE P 448 76.15 26.67 21.75
N TYR P 449 76.91 25.78 21.09
CA TYR P 449 76.68 25.48 19.69
C TYR P 449 75.29 24.86 19.49
N LYS P 450 75.05 23.75 20.19
CA LYS P 450 73.79 23.00 20.08
C LYS P 450 72.64 23.86 20.58
N GLY P 451 72.88 24.60 21.67
CA GLY P 451 71.88 25.47 22.25
C GLY P 451 71.38 26.50 21.24
N MET P 452 72.32 27.20 20.60
CA MET P 452 72.00 28.30 19.71
C MET P 452 71.42 27.76 18.40
N ALA P 453 71.86 26.55 18.02
CA ALA P 453 71.42 25.90 16.78
C ALA P 453 69.95 25.47 16.89
N HIS P 454 69.51 25.15 18.11
CA HIS P 454 68.20 24.55 18.31
C HIS P 454 67.24 25.52 19.00
N GLY P 455 67.75 26.70 19.36
CA GLY P 455 66.91 27.79 19.85
C GLY P 455 66.77 27.79 21.37
N SER P 456 67.67 27.09 22.07
CA SER P 456 67.70 27.11 23.52
C SER P 456 68.66 28.18 24.02
N TRP P 457 68.09 29.33 24.38
CA TRP P 457 68.86 30.52 24.75
C TRP P 457 69.55 30.31 26.10
N ASN P 458 68.94 29.51 26.97
CA ASN P 458 69.46 29.31 28.32
C ASN P 458 70.61 28.30 28.27
N ASP P 459 70.55 27.36 27.32
CA ASP P 459 71.59 26.37 27.15
C ASP P 459 72.87 27.03 26.67
N ALA P 460 72.73 28.19 26.04
CA ALA P 460 73.85 28.91 25.46
C ALA P 460 74.41 29.93 26.45
N THR P 461 73.69 30.15 27.56
CA THR P 461 74.07 31.17 28.52
C THR P 461 74.13 30.58 29.93
N TYR P 462 73.02 30.69 30.68
CA TYR P 462 72.98 30.41 32.10
C TYR P 462 73.19 28.91 32.38
N SER P 463 72.52 28.06 31.60
CA SER P 463 72.48 26.63 31.89
C SER P 463 73.75 25.96 31.38
N ASP P 464 74.88 26.29 32.02
CA ASP P 464 76.17 25.68 31.79
C ASP P 464 76.69 26.00 30.39
N GLY P 465 76.20 27.09 29.80
CA GLY P 465 76.61 27.51 28.48
C GLY P 465 77.81 28.45 28.54
N SER P 466 77.60 29.68 28.08
CA SER P 466 78.61 30.74 28.14
C SER P 466 79.09 30.94 29.56
N PHE P 467 78.15 30.94 30.52
CA PHE P 467 78.43 31.24 31.90
C PHE P 467 79.02 30.00 32.60
N GLY P 468 78.83 28.83 31.98
CA GLY P 468 79.50 27.62 32.43
C GLY P 468 81.01 27.73 32.19
N MET P 469 81.37 28.20 30.99
CA MET P 469 82.75 28.37 30.58
C MET P 469 83.41 29.45 31.44
N ASP P 470 82.62 30.48 31.78
CA ASP P 470 83.05 31.57 32.64
C ASP P 470 83.46 31.01 34.00
N ARG P 471 82.61 30.14 34.55
CA ARG P 471 82.81 29.57 35.87
C ARG P 471 84.06 28.71 35.88
N TRP P 472 84.28 27.97 34.79
CA TRP P 472 85.38 27.04 34.69
C TRP P 472 86.71 27.76 34.45
N LEU P 473 86.63 28.92 33.78
CA LEU P 473 87.79 29.77 33.55
C LEU P 473 88.32 30.25 34.90
N VAL P 474 87.39 30.67 35.78
CA VAL P 474 87.69 31.10 37.13
C VAL P 474 88.34 29.94 37.90
N ASN P 475 87.78 28.74 37.71
CA ASN P 475 88.23 27.54 38.42
C ASN P 475 89.64 27.17 37.96
N VAL P 476 89.91 27.34 36.66
CA VAL P 476 91.21 27.02 36.09
C VAL P 476 92.26 28.00 36.62
N LYS P 477 91.91 29.29 36.59
CA LYS P 477 92.79 30.37 37.03
C LYS P 477 93.19 30.17 38.49
N GLN P 478 92.20 29.80 39.33
CA GLN P 478 92.42 29.60 40.75
C GLN P 478 93.38 28.42 40.96
N ASN P 479 93.18 27.34 40.21
CA ASN P 479 93.99 26.14 40.32
C ASN P 479 95.41 26.43 39.82
N ALA P 480 95.54 27.31 38.83
CA ALA P 480 96.82 27.72 38.30
C ALA P 480 97.57 28.54 39.36
N SER P 481 96.84 29.50 39.96
CA SER P 481 97.38 30.37 40.98
C SER P 481 97.94 29.56 42.15
N ARG P 482 97.16 28.60 42.63
CA ARG P 482 97.53 27.80 43.79
C ARG P 482 98.77 26.98 43.48
N ALA P 483 98.82 26.39 42.29
CA ALA P 483 99.93 25.53 41.90
C ALA P 483 101.21 26.34 41.78
N ARG P 484 101.08 27.59 41.31
CA ARG P 484 102.22 28.46 41.09
C ARG P 484 102.73 28.98 42.43
N ARG P 485 101.80 29.19 43.38
CA ARG P 485 102.14 29.72 44.69
C ARG P 485 102.89 28.66 45.50
N LEU P 486 102.53 27.38 45.30
CA LEU P 486 103.15 26.27 46.00
C LEU P 486 104.55 26.04 45.44
N ALA P 487 104.68 26.14 44.11
CA ALA P 487 105.95 25.92 43.43
C ALA P 487 106.97 26.96 43.86
N ALA P 488 106.50 28.21 44.02
CA ALA P 488 107.33 29.33 44.42
C ALA P 488 107.82 29.15 45.85
N LEU P 489 106.93 28.70 46.73
CA LEU P 489 107.24 28.48 48.13
C LEU P 489 108.25 27.35 48.27
N GLU P 490 108.08 26.30 47.47
CA GLU P 490 108.92 25.11 47.56
C GLU P 490 110.32 25.40 47.06
N LYS P 491 110.43 26.29 46.06
CA LYS P 491 111.72 26.70 45.52
C LYS P 491 112.50 27.43 46.61
N LYS P 492 111.85 28.40 47.26
CA LYS P 492 112.50 29.28 48.21
C LYS P 492 112.90 28.52 49.48
N VAL P 493 112.08 27.53 49.86
CA VAL P 493 112.32 26.77 51.09
C VAL P 493 113.26 25.61 50.77
N GLY P 494 113.37 25.27 49.48
CA GLY P 494 114.31 24.25 49.03
C GLY P 494 113.72 22.86 49.08
N ILE P 495 112.40 22.76 48.90
CA ILE P 495 111.72 21.49 48.72
C ILE P 495 111.57 21.24 47.22
N SER P 496 112.02 20.07 46.78
CA SER P 496 111.70 19.56 45.46
C SER P 496 110.53 18.60 45.59
N TRP P 497 109.35 19.03 45.14
CA TRP P 497 108.10 18.31 45.34
C TRP P 497 108.12 17.00 44.56
N GLN P 498 107.96 15.88 45.29
CA GLN P 498 107.82 14.57 44.70
C GLN P 498 106.33 14.31 44.45
N PRO P 499 105.87 14.26 43.18
CA PRO P 499 104.47 13.98 42.88
C PRO P 499 104.04 12.67 43.54
N GLU P 500 102.84 12.68 44.11
CA GLU P 500 102.33 11.60 44.95
C GLU P 500 102.12 10.33 44.12
N GLN P 501 102.02 9.21 44.82
CA GLN P 501 101.99 7.89 44.20
C GLN P 501 100.68 7.68 43.44
N PHE P 502 99.62 8.37 43.89
CA PHE P 502 98.27 8.12 43.38
C PHE P 502 98.09 8.70 41.97
N TRP P 503 99.03 9.56 41.55
CA TRP P 503 99.02 10.06 40.18
C TRP P 503 99.47 8.97 39.21
N LYS P 504 100.34 8.07 39.70
CA LYS P 504 100.98 7.05 38.89
C LYS P 504 100.15 5.78 38.90
N THR P 505 99.81 5.31 40.12
CA THR P 505 99.16 4.02 40.31
C THR P 505 97.96 4.17 41.24
N GLY P 506 97.10 3.14 41.20
CA GLY P 506 95.85 3.08 41.95
C GLY P 506 95.04 1.88 41.47
N GLU P 507 94.02 1.51 42.25
CA GLU P 507 93.29 0.26 42.00
C GLU P 507 92.72 0.26 40.59
N TRP P 508 92.17 1.40 40.15
CA TRP P 508 91.57 1.51 38.83
C TRP P 508 92.65 1.71 37.77
N LEU P 509 93.59 2.63 38.04
CA LEU P 509 94.66 2.98 37.11
C LEU P 509 95.43 1.73 36.66
N ASP P 510 95.67 0.81 37.61
CA ASP P 510 96.47 -0.38 37.36
C ASP P 510 95.80 -1.30 36.35
N GLN P 511 94.49 -1.12 36.15
CA GLN P 511 93.72 -2.01 35.30
C GLN P 511 93.68 -1.50 33.85
N LEU P 512 94.31 -0.34 33.62
CA LEU P 512 94.26 0.32 32.31
C LEU P 512 95.32 -0.26 31.37
N THR P 513 95.25 0.15 30.11
CA THR P 513 96.11 -0.33 29.04
C THR P 513 97.53 0.22 29.21
N GLY P 514 97.60 1.50 29.59
CA GLY P 514 98.86 2.21 29.78
C GLY P 514 99.88 1.40 30.58
N PRO P 515 99.61 1.12 31.88
CA PRO P 515 100.53 0.33 32.71
C PRO P 515 100.89 -1.04 32.12
N TYR P 516 99.92 -1.68 31.44
CA TYR P 516 100.11 -3.00 30.88
C TYR P 516 101.15 -2.96 29.77
N ILE P 517 101.06 -1.94 28.90
CA ILE P 517 101.96 -1.80 27.76
C ILE P 517 103.37 -1.50 28.25
N VAL P 518 103.49 -0.57 29.21
CA VAL P 518 104.77 -0.16 29.78
C VAL P 518 105.47 -1.37 30.39
N LYS P 519 104.70 -2.24 31.07
CA LYS P 519 105.27 -3.37 31.77
C LYS P 519 105.61 -4.49 30.81
N ASN P 520 104.69 -4.80 29.89
CA ASN P 520 104.76 -6.06 29.15
C ASN P 520 105.38 -5.87 27.76
N HIS P 521 105.29 -4.65 27.22
CA HIS P 521 105.87 -4.35 25.92
C HIS P 521 106.69 -3.06 26.03
N PRO P 522 107.83 -3.08 26.75
CA PRO P 522 108.45 -1.86 27.28
C PRO P 522 108.74 -0.75 26.27
N GLY P 523 109.28 -1.12 25.11
CA GLY P 523 109.78 -0.13 24.17
C GLY P 523 108.68 0.46 23.28
N LYS P 524 107.50 -0.16 23.29
CA LYS P 524 106.53 0.03 22.22
C LYS P 524 105.26 0.73 22.73
N THR P 525 104.44 1.20 21.78
CA THR P 525 103.14 1.80 22.03
C THR P 525 102.03 0.89 21.48
N ILE P 526 100.78 1.27 21.73
CA ILE P 526 99.64 0.49 21.28
C ILE P 526 99.58 0.49 19.75
N PHE P 527 100.11 1.55 19.14
CA PHE P 527 100.08 1.71 17.70
C PHE P 527 101.07 0.73 17.07
N ASP P 528 102.16 0.45 17.79
CA ASP P 528 103.15 -0.54 17.38
C ASP P 528 102.51 -1.93 17.46
N LEU P 529 101.76 -2.16 18.55
CA LEU P 529 101.20 -3.47 18.86
C LEU P 529 99.96 -3.74 18.02
N CYS P 530 99.37 -2.68 17.46
CA CYS P 530 98.21 -2.83 16.58
C CYS P 530 98.53 -2.17 15.24
N PRO P 531 99.32 -2.83 14.37
CA PRO P 531 99.85 -2.18 13.16
C PRO P 531 98.86 -2.10 12.00
N ASP P 532 97.73 -2.80 12.13
CA ASP P 532 96.73 -2.90 11.07
C ASP P 532 96.24 -1.51 10.68
N PRO P 533 95.80 -1.30 9.41
CA PRO P 533 95.24 -0.02 8.98
C PRO P 533 93.93 0.28 9.73
N GLY P 534 93.78 1.55 10.13
CA GLY P 534 92.59 2.01 10.82
C GLY P 534 91.52 2.49 9.86
N TRP P 535 90.45 3.08 10.41
CA TRP P 535 89.31 3.52 9.65
C TRP P 535 89.72 4.68 8.74
N LEU P 536 90.56 5.58 9.28
CA LEU P 536 90.95 6.79 8.59
C LEU P 536 91.83 6.46 7.39
N ASP P 537 92.44 5.26 7.42
CA ASP P 537 93.36 4.84 6.37
C ASP P 537 92.58 4.42 5.13
N THR P 538 91.33 3.98 5.33
CA THR P 538 90.53 3.37 4.28
C THR P 538 89.34 4.23 3.90
N HIS P 539 89.07 5.28 4.70
CA HIS P 539 87.91 6.14 4.49
C HIS P 539 88.36 7.59 4.38
N HIS P 540 87.99 8.23 3.26
CA HIS P 540 88.41 9.59 2.95
C HIS P 540 87.17 10.46 2.69
N ALA P 541 87.37 11.78 2.67
CA ALA P 541 86.32 12.73 2.37
C ALA P 541 85.87 12.57 0.92
N PRO P 542 84.56 12.73 0.61
CA PRO P 542 84.08 12.60 -0.78
C PRO P 542 84.69 13.64 -1.71
N ALA P 543 84.78 13.28 -2.99
CA ALA P 543 85.44 14.06 -4.01
C ALA P 543 84.75 15.43 -4.16
N GLU P 544 83.42 15.43 -4.02
CA GLU P 544 82.60 16.62 -4.21
C GLU P 544 82.86 17.64 -3.11
N GLU P 545 83.20 17.14 -1.91
CA GLU P 545 83.45 18.00 -0.76
C GLU P 545 84.75 18.77 -0.97
N VAL P 546 85.81 18.06 -1.39
CA VAL P 546 87.11 18.65 -1.63
C VAL P 546 86.99 19.64 -2.78
N GLU P 547 86.21 19.24 -3.79
CA GLU P 547 86.00 20.00 -5.02
C GLU P 547 85.33 21.33 -4.69
N TYR P 548 84.37 21.31 -3.76
CA TYR P 548 83.62 22.50 -3.37
C TYR P 548 84.53 23.48 -2.64
N ILE P 549 85.32 22.96 -1.69
CA ILE P 549 86.16 23.78 -0.83
C ILE P 549 87.24 24.46 -1.67
N GLU P 550 87.87 23.69 -2.57
CA GLU P 550 88.92 24.20 -3.43
C GLU P 550 88.40 25.31 -4.33
N ARG P 551 87.17 25.12 -4.84
CA ARG P 551 86.53 26.07 -5.74
C ARG P 551 86.26 27.38 -5.00
N LYS P 552 85.82 27.27 -3.75
CA LYS P 552 85.37 28.41 -2.95
C LYS P 552 86.57 29.21 -2.43
N LEU P 553 87.66 28.50 -2.12
CA LEU P 553 88.87 29.14 -1.63
C LEU P 553 89.54 29.93 -2.75
N LYS P 554 89.46 29.41 -3.97
CA LYS P 554 90.00 30.09 -5.15
C LYS P 554 89.13 31.30 -5.47
N GLU P 555 87.81 31.13 -5.32
CA GLU P 555 86.81 32.14 -5.64
C GLU P 555 86.98 33.34 -4.72
N LEU P 556 87.41 33.10 -3.47
CA LEU P 556 87.47 34.14 -2.46
C LEU P 556 88.92 34.57 -2.23
N GLY P 557 89.87 33.74 -2.67
CA GLY P 557 91.29 34.02 -2.53
C GLY P 557 91.76 33.89 -1.07
N ILE P 558 91.54 32.70 -0.50
CA ILE P 558 92.02 32.37 0.83
C ILE P 558 93.03 31.22 0.70
N THR P 559 94.10 31.29 1.49
CA THR P 559 95.16 30.29 1.48
C THR P 559 94.63 28.97 2.05
N ALA P 560 95.05 27.86 1.43
CA ALA P 560 94.71 26.52 1.89
C ALA P 560 95.55 26.18 3.12
N GLY P 561 95.04 25.25 3.94
CA GLY P 561 95.68 24.88 5.20
C GLY P 561 96.71 23.77 5.03
N SER P 562 97.26 23.32 6.17
CA SER P 562 98.35 22.35 6.20
C SER P 562 97.86 21.04 6.82
N HIS P 563 98.75 20.04 6.84
CA HIS P 563 98.47 18.73 7.41
C HIS P 563 98.37 18.80 8.94
N VAL Q 33 86.93 10.27 23.27
CA VAL Q 33 86.59 11.49 22.48
C VAL Q 33 87.87 12.30 22.27
N GLU Q 34 88.17 12.61 21.00
CA GLU Q 34 89.39 13.31 20.61
C GLU Q 34 89.03 14.63 19.94
N ILE Q 35 90.01 15.52 19.82
CA ILE Q 35 89.92 16.65 18.91
C ILE Q 35 90.38 16.16 17.53
N ILE Q 36 89.41 15.78 16.69
CA ILE Q 36 89.68 15.09 15.45
C ILE Q 36 90.27 16.08 14.44
N THR Q 37 91.46 15.74 13.93
CA THR Q 37 92.22 16.61 13.05
C THR Q 37 92.39 15.96 11.68
N HIS Q 38 91.52 14.99 11.35
CA HIS Q 38 91.65 14.21 10.14
C HIS Q 38 90.35 14.22 9.34
N TRP Q 39 90.38 13.52 8.19
CA TRP Q 39 89.25 13.25 7.31
C TRP Q 39 88.78 14.50 6.58
N VAL Q 40 88.40 15.54 7.34
CA VAL Q 40 87.99 16.82 6.79
C VAL Q 40 89.15 17.38 5.97
N PRO Q 41 88.91 17.85 4.72
CA PRO Q 41 90.00 18.34 3.86
C PRO Q 41 90.86 19.42 4.54
N HIS Q 42 92.18 19.32 4.31
CA HIS Q 42 93.16 20.16 4.99
C HIS Q 42 92.99 21.62 4.58
N GLU Q 43 92.55 21.83 3.34
CA GLU Q 43 92.45 23.16 2.75
C GLU Q 43 91.63 24.08 3.65
N VAL Q 44 90.83 23.48 4.54
CA VAL Q 44 89.87 24.20 5.34
C VAL Q 44 90.31 24.23 6.81
N TYR Q 45 91.50 23.69 7.10
CA TYR Q 45 92.07 23.76 8.43
C TYR Q 45 92.67 25.14 8.66
N GLY Q 46 92.25 25.79 9.74
CA GLY Q 46 92.80 27.07 10.13
C GLY Q 46 94.15 26.91 10.83
N MET Q 47 95.12 27.74 10.44
CA MET Q 47 96.45 27.70 11.02
C MET Q 47 96.64 28.92 11.92
N PRO Q 48 97.59 28.88 12.90
CA PRO Q 48 97.72 29.94 13.90
C PRO Q 48 97.81 31.34 13.27
N GLY Q 49 97.02 32.27 13.81
CA GLY Q 49 97.08 33.67 13.43
C GLY Q 49 96.02 34.05 12.39
N GLU Q 50 95.41 33.04 11.76
CA GLU Q 50 94.39 33.26 10.73
C GLU Q 50 93.10 33.78 11.38
N PRO Q 51 92.27 34.54 10.64
CA PRO Q 51 91.02 35.09 11.19
C PRO Q 51 90.02 33.99 11.52
N ASP Q 52 89.26 34.19 12.62
CA ASP Q 52 88.29 33.22 13.07
C ASP Q 52 87.05 33.24 12.18
N ASN Q 53 86.88 34.35 11.45
CA ASN Q 53 85.69 34.57 10.65
C ASN Q 53 85.95 34.17 9.19
N SER Q 54 87.05 33.45 8.96
CA SER Q 54 87.42 32.99 7.63
C SER Q 54 86.52 31.84 7.22
N GLY Q 55 86.05 31.07 8.21
CA GLY Q 55 85.22 29.90 7.98
C GLY Q 55 86.02 28.60 8.06
N LYS Q 56 87.29 28.72 8.45
CA LYS Q 56 88.16 27.57 8.53
C LYS Q 56 87.98 26.93 9.91
N VAL Q 57 88.28 25.63 9.98
CA VAL Q 57 88.13 24.86 11.20
C VAL Q 57 89.37 25.06 12.06
N PHE Q 58 89.17 25.58 13.28
CA PHE Q 58 90.23 25.70 14.26
C PHE Q 58 90.03 24.63 15.32
N PHE Q 59 91.01 23.73 15.42
CA PHE Q 59 90.89 22.57 16.30
C PHE Q 59 90.77 23.04 17.76
N SER Q 60 89.69 22.61 18.40
CA SER Q 60 89.38 22.96 19.79
C SER Q 60 89.20 24.48 19.92
N GLY Q 61 89.14 25.16 18.77
CA GLY Q 61 88.92 26.59 18.70
C GLY Q 61 90.18 27.39 19.03
N LEU Q 62 91.34 26.74 18.92
CA LEU Q 62 92.61 27.33 19.33
C LEU Q 62 93.26 28.05 18.16
N LYS Q 63 94.14 29.01 18.49
CA LYS Q 63 95.15 29.56 17.60
C LYS Q 63 94.54 30.54 16.60
N ALA Q 64 93.23 30.78 16.69
CA ALA Q 64 92.57 31.70 15.77
C ALA Q 64 92.74 33.14 16.25
N LYS Q 65 92.73 34.08 15.29
CA LYS Q 65 92.75 35.50 15.57
C LYS Q 65 91.31 36.00 15.64
N TYR Q 66 90.93 36.51 16.81
CA TYR Q 66 89.57 36.97 17.08
C TYR Q 66 89.31 38.26 16.32
N MET Q 67 88.29 38.24 15.46
CA MET Q 67 87.98 39.36 14.57
C MET Q 67 86.82 40.16 15.13
N GLY Q 68 86.02 39.54 16.00
CA GLY Q 68 84.89 40.21 16.64
C GLY Q 68 83.67 40.27 15.73
N TYR Q 69 82.58 40.84 16.26
CA TYR Q 69 81.28 40.85 15.59
C TYR Q 69 81.33 41.78 14.37
N PRO Q 70 80.50 41.53 13.33
CA PRO Q 70 80.47 42.38 12.14
C PRO Q 70 79.82 43.73 12.45
N LYS Q 71 80.67 44.77 12.48
CA LYS Q 71 80.23 46.11 12.84
C LYS Q 71 79.86 46.89 11.59
N ASP Q 72 80.04 46.27 10.42
CA ASP Q 72 79.66 46.86 9.15
C ASP Q 72 78.26 46.38 8.76
N ALA Q 73 77.77 45.35 9.46
CA ALA Q 73 76.50 44.72 9.14
C ALA Q 73 75.36 45.64 9.52
N GLN Q 74 74.43 45.85 8.56
CA GLN Q 74 73.29 46.73 8.73
C GLN Q 74 72.43 46.20 9.87
N ARG Q 75 72.21 47.05 10.88
CA ARG Q 75 71.50 46.66 12.09
C ARG Q 75 71.03 47.91 12.83
N SER Q 76 70.47 47.71 14.02
CA SER Q 76 70.02 48.81 14.87
C SER Q 76 70.88 48.87 16.12
N PRO Q 77 71.14 50.10 16.67
CA PRO Q 77 71.63 50.23 18.03
C PRO Q 77 70.53 49.80 19.00
N TYR Q 78 70.94 49.31 20.17
CA TYR Q 78 70.01 48.97 21.24
C TYR Q 78 69.46 50.27 21.81
N PRO Q 79 68.20 50.28 22.35
CA PRO Q 79 67.69 51.46 23.04
C PRO Q 79 68.25 51.56 24.46
N GLY Q 80 67.96 52.68 25.12
CA GLY Q 80 68.17 52.79 26.56
C GLY Q 80 69.45 53.52 26.94
N LYS Q 81 69.72 53.50 28.25
CA LYS Q 81 70.75 54.29 28.93
C LYS Q 81 72.13 53.98 28.37
N TYR Q 82 72.39 52.70 28.08
CA TYR Q 82 73.72 52.24 27.74
C TYR Q 82 73.84 51.94 26.25
N SER Q 83 73.08 52.69 25.44
CA SER Q 83 73.02 52.50 24.00
C SER Q 83 74.42 52.50 23.39
N LYS Q 84 75.29 53.38 23.89
CA LYS Q 84 76.58 53.64 23.29
C LYS Q 84 77.50 52.42 23.43
N PHE Q 85 77.32 51.64 24.49
CA PHE Q 85 78.20 50.51 24.77
C PHE Q 85 77.54 49.18 24.41
N TRP Q 86 76.28 49.25 23.96
CA TRP Q 86 75.51 48.08 23.58
C TRP Q 86 75.88 47.63 22.17
N LYS Q 87 76.70 46.57 22.08
CA LYS Q 87 77.06 45.97 20.80
C LYS Q 87 75.91 45.07 20.34
N THR Q 88 75.50 45.22 19.08
CA THR Q 88 74.30 44.57 18.58
C THR Q 88 74.61 43.71 17.36
N LEU Q 89 73.74 42.73 17.12
CA LEU Q 89 73.77 41.89 15.93
C LEU Q 89 72.55 42.21 15.07
N PRO Q 90 72.59 41.95 13.74
CA PRO Q 90 71.44 42.18 12.86
C PRO Q 90 70.14 41.56 13.38
N ALA Q 91 70.26 40.36 13.96
CA ALA Q 91 69.13 39.56 14.38
C ALA Q 91 68.28 40.28 15.42
N TYR Q 92 68.89 41.23 16.15
CA TYR Q 92 68.26 41.87 17.29
C TYR Q 92 67.10 42.76 16.83
N ARG Q 93 67.06 43.07 15.53
CA ARG Q 93 66.10 44.02 14.98
C ARG Q 93 64.67 43.61 15.33
N TYR Q 94 64.43 42.30 15.46
CA TYR Q 94 63.09 41.76 15.60
C TYR Q 94 62.62 41.88 17.05
N TYR Q 95 63.56 42.04 17.99
CA TYR Q 95 63.31 41.74 19.38
C TYR Q 95 62.79 42.94 20.16
N ILE Q 96 63.23 44.14 19.78
CA ILE Q 96 62.60 45.37 20.25
C ILE Q 96 62.20 46.17 19.01
N PRO Q 97 61.14 45.74 18.29
CA PRO Q 97 60.92 46.13 16.90
C PRO Q 97 60.57 47.61 16.64
N ASP Q 98 59.92 48.24 17.62
CA ASP Q 98 59.51 49.63 17.47
C ASP Q 98 60.72 50.51 17.22
N TYR Q 99 61.79 50.28 18.00
CA TYR Q 99 63.00 51.09 17.91
C TYR Q 99 63.98 50.47 16.91
N MET Q 100 64.00 49.14 16.83
CA MET Q 100 65.09 48.44 16.19
C MET Q 100 64.71 47.95 14.78
N TYR Q 101 63.44 48.12 14.39
CA TYR Q 101 63.01 47.69 13.07
C TYR Q 101 62.20 48.79 12.38
N ASN Q 102 61.31 49.45 13.12
CA ASN Q 102 60.21 50.19 12.52
C ASN Q 102 60.61 51.61 12.12
N ARG Q 103 61.75 52.10 12.64
CA ARG Q 103 62.26 53.40 12.25
C ARG Q 103 62.85 53.31 10.85
N ASP Q 104 62.65 54.36 10.05
CA ASP Q 104 63.06 54.40 8.65
C ASP Q 104 64.58 54.25 8.55
N GLU Q 105 65.30 54.76 9.56
CA GLU Q 105 66.75 54.81 9.57
C GLU Q 105 67.34 53.41 9.71
N VAL Q 106 66.52 52.44 10.13
CA VAL Q 106 67.01 51.16 10.60
C VAL Q 106 66.41 50.01 9.80
N ARG Q 107 65.15 50.17 9.36
CA ARG Q 107 64.43 49.13 8.66
C ARG Q 107 65.33 48.46 7.64
N PRO Q 108 65.43 47.11 7.64
CA PRO Q 108 66.31 46.40 6.71
C PRO Q 108 65.76 46.40 5.28
N SER Q 109 66.65 46.18 4.31
CA SER Q 109 66.27 46.13 2.90
C SER Q 109 65.45 44.86 2.65
N ASN Q 110 64.65 44.90 1.57
CA ASN Q 110 63.81 43.77 1.19
C ASN Q 110 63.82 43.64 -0.33
N PRO Q 111 64.11 42.45 -0.87
CA PRO Q 111 64.19 42.27 -2.34
C PRO Q 111 62.87 42.37 -3.09
N ILE Q 112 61.74 42.35 -2.36
CA ILE Q 112 60.43 42.39 -2.99
C ILE Q 112 59.84 43.80 -2.87
N LYS Q 113 59.45 44.37 -4.01
CA LYS Q 113 58.97 45.73 -4.09
C LYS Q 113 57.48 45.75 -4.44
N GLY Q 114 56.80 46.81 -3.99
CA GLY Q 114 55.40 47.04 -4.31
C GLY Q 114 54.54 47.13 -3.05
N THR Q 115 53.37 47.75 -3.18
CA THR Q 115 52.37 47.73 -2.12
C THR Q 115 51.25 46.77 -2.55
N PHE Q 116 50.78 45.93 -1.62
CA PHE Q 116 49.94 44.80 -1.98
C PHE Q 116 48.65 44.78 -1.16
N LYS Q 117 47.62 44.13 -1.74
CA LYS Q 117 46.40 43.78 -1.03
C LYS Q 117 46.66 42.52 -0.22
N LEU Q 118 45.76 42.23 0.73
CA LEU Q 118 45.89 41.09 1.62
C LEU Q 118 45.95 39.79 0.81
N GLU Q 119 45.10 39.68 -0.21
CA GLU Q 119 45.04 38.51 -1.07
C GLU Q 119 46.43 38.16 -1.58
N GLN Q 120 47.22 39.20 -1.86
CA GLN Q 120 48.52 39.07 -2.50
C GLN Q 120 49.55 38.58 -1.50
N CYS Q 121 49.47 39.09 -0.26
CA CYS Q 121 50.33 38.64 0.82
C CYS Q 121 50.19 37.13 0.96
N VAL Q 122 48.93 36.67 1.07
CA VAL Q 122 48.61 35.28 1.37
C VAL Q 122 49.07 34.38 0.23
N ALA Q 123 48.74 34.77 -1.01
CA ALA Q 123 49.01 33.95 -2.17
C ALA Q 123 50.51 33.73 -2.35
N CYS Q 124 51.28 34.80 -2.18
CA CYS Q 124 52.71 34.76 -2.43
C CYS Q 124 53.41 34.01 -1.31
N HIS Q 125 53.02 34.30 -0.06
CA HIS Q 125 53.67 33.74 1.11
C HIS Q 125 53.25 32.29 1.31
N SER Q 126 52.11 31.90 0.74
CA SER Q 126 51.61 30.54 0.88
C SER Q 126 52.62 29.56 0.32
N VAL Q 127 53.51 30.06 -0.56
CA VAL Q 127 54.51 29.24 -1.21
C VAL Q 127 55.90 29.63 -0.69
N MET Q 128 56.10 30.94 -0.47
CA MET Q 128 57.39 31.47 -0.08
C MET Q 128 57.70 31.12 1.37
N THR Q 129 56.72 31.30 2.26
CA THR Q 129 56.85 30.93 3.66
C THR Q 129 55.61 30.16 4.09
N PRO Q 130 55.44 28.90 3.59
CA PRO Q 130 54.16 28.19 3.71
C PRO Q 130 53.58 28.13 5.12
N GLY Q 131 54.44 27.83 6.10
CA GLY Q 131 54.05 27.63 7.48
C GLY Q 131 53.32 28.83 8.09
N ILE Q 132 53.75 30.03 7.69
CA ILE Q 132 53.18 31.27 8.21
C ILE Q 132 51.73 31.40 7.75
N VAL Q 133 51.48 31.07 6.47
CA VAL Q 133 50.16 31.18 5.89
C VAL Q 133 49.26 30.09 6.46
N ARG Q 134 49.81 28.88 6.63
CA ARG Q 134 49.10 27.77 7.24
C ARG Q 134 48.59 28.19 8.63
N ASP Q 135 49.47 28.85 9.40
CA ASP Q 135 49.16 29.30 10.75
C ASP Q 135 48.12 30.40 10.70
N TYR Q 136 48.32 31.38 9.79
CA TYR Q 136 47.44 32.52 9.66
C TYR Q 136 46.00 32.07 9.37
N ASN Q 137 45.87 31.11 8.45
CA ASN Q 137 44.57 30.63 7.98
C ASN Q 137 43.82 29.93 9.11
N LYS Q 138 44.57 29.35 10.05
CA LYS Q 138 43.98 28.68 11.20
C LYS Q 138 43.53 29.72 12.23
N SER Q 139 44.18 30.89 12.22
CA SER Q 139 43.96 31.91 13.25
C SER Q 139 42.58 32.55 13.12
N ALA Q 140 42.09 33.09 14.23
CA ALA Q 140 40.82 33.80 14.26
C ALA Q 140 40.91 35.10 13.47
N HIS Q 141 42.14 35.65 13.41
CA HIS Q 141 42.43 36.89 12.72
C HIS Q 141 41.97 36.84 11.27
N SER Q 142 42.15 35.69 10.62
CA SER Q 142 41.84 35.54 9.21
C SER Q 142 40.34 35.49 8.98
N LYS Q 143 39.60 35.02 9.99
CA LYS Q 143 38.18 34.74 9.86
C LYS Q 143 37.35 35.93 10.33
N ALA Q 144 38.02 36.94 10.90
CA ALA Q 144 37.36 38.07 11.53
C ALA Q 144 36.55 38.88 10.51
N GLU Q 145 35.40 39.38 10.96
CA GLU Q 145 34.50 40.19 10.15
C GLU Q 145 34.16 41.48 10.92
N PRO Q 146 33.84 42.57 10.18
CA PRO Q 146 33.65 42.56 8.74
C PRO Q 146 34.93 42.50 7.92
N ALA Q 147 36.06 42.90 8.53
CA ALA Q 147 37.36 42.86 7.88
C ALA Q 147 38.33 42.02 8.71
N PRO Q 148 39.12 41.12 8.07
CA PRO Q 148 40.09 40.30 8.79
C PRO Q 148 41.31 41.10 9.24
N THR Q 149 41.90 40.69 10.36
CA THR Q 149 43.18 41.21 10.78
C THR Q 149 44.26 40.47 10.00
N GLY Q 150 44.61 41.03 8.83
CA GLY Q 150 45.47 40.35 7.88
C GLY Q 150 46.94 40.72 8.05
N CYS Q 151 47.80 40.10 7.22
CA CYS Q 151 49.24 40.34 7.23
C CYS Q 151 49.51 41.83 7.17
N ASP Q 152 48.74 42.53 6.33
CA ASP Q 152 48.90 43.95 6.07
C ASP Q 152 48.55 44.76 7.33
N THR Q 153 47.57 44.26 8.09
CA THR Q 153 47.12 44.94 9.30
C THR Q 153 48.25 45.00 10.33
N CYS Q 154 49.09 43.96 10.34
CA CYS Q 154 50.12 43.82 11.36
C CYS Q 154 51.49 44.24 10.82
N HIS Q 155 51.65 44.22 9.48
CA HIS Q 155 52.97 44.38 8.89
C HIS Q 155 53.04 45.59 7.95
N GLY Q 156 51.89 46.03 7.42
CA GLY Q 156 51.87 47.11 6.46
C GLY Q 156 51.66 46.62 5.04
N ASN Q 157 51.34 47.55 4.13
CA ASN Q 157 50.98 47.25 2.76
C ASN Q 157 52.20 47.35 1.85
N ASN Q 158 53.07 48.32 2.14
CA ASN Q 158 54.25 48.60 1.33
C ASN Q 158 55.38 47.64 1.71
N HIS Q 159 55.81 46.83 0.75
CA HIS Q 159 56.78 45.77 1.02
C HIS Q 159 58.17 46.37 1.26
N GLN Q 160 58.34 47.64 0.89
CA GLN Q 160 59.59 48.35 1.11
C GLN Q 160 59.54 49.07 2.45
N LYS Q 161 58.35 49.14 3.05
CA LYS Q 161 58.17 49.81 4.32
C LYS Q 161 57.42 48.89 5.29
N LEU Q 162 57.85 47.63 5.35
CA LEU Q 162 57.29 46.64 6.25
C LEU Q 162 57.67 46.98 7.68
N THR Q 163 56.81 46.60 8.64
CA THR Q 163 57.06 46.80 10.05
C THR Q 163 56.78 45.51 10.82
N MET Q 164 57.45 45.35 11.96
CA MET Q 164 57.22 44.23 12.86
C MET Q 164 56.36 44.70 14.02
N PRO Q 165 55.18 44.09 14.26
CA PRO Q 165 54.24 44.57 15.29
C PRO Q 165 54.67 44.19 16.70
N SER Q 166 54.87 45.23 17.53
CA SER Q 166 55.24 45.05 18.92
C SER Q 166 53.97 44.85 19.75
N SER Q 167 54.14 44.79 21.08
CA SER Q 167 53.02 44.68 22.00
C SER Q 167 52.13 45.93 21.90
N LYS Q 168 52.73 47.06 21.52
CA LYS Q 168 52.00 48.31 21.37
C LYS Q 168 51.02 48.21 20.21
N ALA Q 169 51.42 47.49 19.16
CA ALA Q 169 50.59 47.32 17.97
C ALA Q 169 49.36 46.48 18.31
N CYS Q 170 49.58 45.42 19.09
CA CYS Q 170 48.51 44.51 19.49
C CYS Q 170 47.59 45.22 20.48
N GLY Q 171 48.18 46.10 21.31
CA GLY Q 171 47.52 46.65 22.47
C GLY Q 171 46.80 47.96 22.19
N THR Q 172 46.55 48.24 20.91
CA THR Q 172 45.80 49.42 20.50
C THR Q 172 44.37 49.30 21.03
N ALA Q 173 43.73 50.46 21.29
CA ALA Q 173 42.42 50.54 21.92
C ALA Q 173 41.38 49.77 21.10
N GLU Q 174 41.58 49.77 19.79
CA GLU Q 174 40.66 49.16 18.84
C GLU Q 174 40.79 47.65 18.88
N CYS Q 175 41.90 47.14 19.44
CA CYS Q 175 42.23 45.73 19.38
C CYS Q 175 42.31 45.12 20.77
N HIS Q 176 43.52 44.92 21.30
CA HIS Q 176 43.70 44.17 22.53
C HIS Q 176 44.32 45.05 23.62
N GLU Q 177 43.69 46.20 23.88
CA GLU Q 177 44.20 47.14 24.87
C GLU Q 177 44.13 46.51 26.26
N THR Q 178 43.13 45.64 26.46
CA THR Q 178 42.86 45.04 27.76
C THR Q 178 44.07 44.22 28.22
N GLN Q 179 44.58 43.35 27.33
CA GLN Q 179 45.66 42.44 27.65
C GLN Q 179 46.97 43.23 27.81
N TYR Q 180 47.15 44.25 26.98
CA TYR Q 180 48.34 45.09 27.04
C TYR Q 180 48.43 45.79 28.39
N ASN Q 181 47.32 46.40 28.81
CA ASN Q 181 47.23 47.15 30.06
C ASN Q 181 47.40 46.21 31.25
N GLU Q 182 46.81 45.02 31.15
CA GLU Q 182 46.91 44.01 32.19
C GLU Q 182 48.38 43.68 32.42
N GLN Q 183 49.08 43.32 31.33
CA GLN Q 183 50.48 42.93 31.40
C GLN Q 183 51.29 44.09 31.97
N GLY Q 184 50.94 45.31 31.53
CA GLY Q 184 51.66 46.53 31.88
C GLY Q 184 51.54 46.89 33.36
N GLN Q 185 50.62 46.22 34.08
CA GLN Q 185 50.40 46.48 35.49
C GLN Q 185 51.57 45.92 36.30
N GLY Q 186 52.36 45.05 35.68
CA GLY Q 186 53.46 44.37 36.35
C GLY Q 186 54.54 45.36 36.79
N GLY Q 187 55.19 45.04 37.91
CA GLY Q 187 56.25 45.87 38.46
C GLY Q 187 57.62 45.47 37.92
N ILE Q 188 58.65 45.63 38.76
CA ILE Q 188 59.99 45.18 38.44
C ILE Q 188 59.99 43.66 38.45
N GLY Q 189 60.69 43.06 37.48
CA GLY Q 189 60.83 41.61 37.40
C GLY Q 189 59.58 40.92 36.85
N SER Q 190 58.75 41.69 36.13
CA SER Q 190 57.53 41.18 35.54
C SER Q 190 57.67 41.16 34.02
N HIS Q 191 56.57 40.81 33.33
CA HIS Q 191 56.56 40.77 31.87
C HIS Q 191 56.50 42.19 31.32
N ALA Q 192 56.31 43.17 32.20
CA ALA Q 192 56.14 44.55 31.81
C ALA Q 192 57.49 45.26 31.70
N SER Q 193 58.53 44.68 32.30
CA SER Q 193 59.79 45.38 32.50
C SER Q 193 60.99 44.49 32.16
N CYS Q 194 60.72 43.28 31.69
CA CYS Q 194 61.77 42.27 31.50
C CYS Q 194 62.69 42.66 30.34
N SER Q 195 62.20 43.52 29.43
CA SER Q 195 63.01 44.02 28.34
C SER Q 195 63.63 45.36 28.75
N SER Q 196 62.75 46.31 29.10
CA SER Q 196 63.11 47.71 29.29
C SER Q 196 64.12 47.89 30.43
N PHE Q 197 63.98 47.09 31.50
CA PHE Q 197 64.89 47.17 32.62
C PHE Q 197 65.93 46.07 32.54
N ALA Q 198 65.48 44.82 32.70
CA ALA Q 198 66.35 43.68 32.97
C ALA Q 198 67.36 43.47 31.84
N GLN Q 199 66.92 43.68 30.59
CA GLN Q 199 67.72 43.33 29.42
C GLN Q 199 68.44 44.55 28.87
N VAL Q 200 67.73 45.68 28.76
CA VAL Q 200 68.26 46.90 28.18
C VAL Q 200 69.38 47.45 29.05
N GLU Q 201 69.30 47.20 30.37
CA GLU Q 201 70.32 47.64 31.32
C GLU Q 201 71.02 46.42 31.93
N CYS Q 202 71.17 45.36 31.14
CA CYS Q 202 71.80 44.13 31.59
C CYS Q 202 73.32 44.30 31.58
N ALA Q 203 73.91 44.29 32.78
CA ALA Q 203 75.34 44.54 32.95
C ALA Q 203 76.18 43.65 32.04
N TRP Q 204 75.96 42.33 32.14
CA TRP Q 204 76.80 41.35 31.48
C TRP Q 204 76.69 41.47 29.97
N SER Q 205 75.48 41.74 29.48
CA SER Q 205 75.25 41.83 28.05
C SER Q 205 76.04 42.99 27.45
N ILE Q 206 76.03 44.12 28.17
CA ILE Q 206 76.72 45.33 27.76
C ILE Q 206 78.22 45.09 27.80
N GLU Q 207 78.68 44.43 28.88
CA GLU Q 207 80.09 44.22 29.18
C GLU Q 207 80.77 43.40 28.08
N ARG Q 208 80.07 42.36 27.60
CA ARG Q 208 80.69 41.31 26.80
C ARG Q 208 80.50 41.61 25.31
N PRO Q 209 81.22 40.90 24.42
CA PRO Q 209 80.89 40.87 22.99
C PRO Q 209 79.47 40.37 22.81
N PRO Q 210 78.76 40.76 21.73
CA PRO Q 210 77.42 40.23 21.45
C PRO Q 210 77.57 38.83 20.89
N GLY Q 211 76.68 37.92 21.32
CA GLY Q 211 76.85 36.52 20.97
C GLY Q 211 77.23 35.70 22.20
N ASP Q 212 78.11 36.29 23.01
CA ASP Q 212 78.38 35.79 24.35
C ASP Q 212 77.06 35.68 25.11
N THR Q 213 76.20 36.70 24.94
CA THR Q 213 74.94 36.82 25.65
C THR Q 213 73.80 37.08 24.68
N ALA Q 214 73.92 36.52 23.46
CA ALA Q 214 72.91 36.72 22.43
C ALA Q 214 71.57 36.14 22.89
N GLY Q 215 71.63 35.00 23.57
CA GLY Q 215 70.44 34.29 24.04
C GLY Q 215 69.61 35.14 25.00
N CYS Q 216 70.28 36.08 25.67
CA CYS Q 216 69.63 36.94 26.64
C CYS Q 216 68.68 37.91 25.94
N THR Q 217 69.09 38.39 24.77
CA THR Q 217 68.28 39.30 23.97
C THR Q 217 67.03 38.55 23.52
N PHE Q 218 67.23 37.32 23.03
CA PHE Q 218 66.19 36.51 22.42
C PHE Q 218 65.15 36.09 23.47
N CYS Q 219 65.58 35.96 24.72
CA CYS Q 219 64.72 35.45 25.77
C CYS Q 219 63.99 36.58 26.49
N HIS Q 220 64.72 37.65 26.83
CA HIS Q 220 64.22 38.66 27.77
C HIS Q 220 63.22 39.61 27.11
N THR Q 221 63.47 39.95 25.84
CA THR Q 221 62.71 41.00 25.17
C THR Q 221 61.28 40.55 24.91
N SER Q 222 61.11 39.25 24.62
CA SER Q 222 59.88 38.67 24.09
C SER Q 222 58.65 39.05 24.91
N PRO Q 223 58.55 38.74 26.22
CA PRO Q 223 57.29 38.91 26.95
C PRO Q 223 56.77 40.34 26.89
N GLU Q 224 57.69 41.31 26.96
CA GLU Q 224 57.35 42.72 27.02
C GLU Q 224 57.07 43.28 25.63
N GLU Q 225 57.82 42.82 24.62
CA GLU Q 225 57.85 43.47 23.33
C GLU Q 225 57.00 42.73 22.29
N ARG Q 226 56.91 41.39 22.42
CA ARG Q 226 56.26 40.58 21.42
C ARG Q 226 55.15 39.73 22.06
N CYS Q 227 53.94 39.88 21.54
CA CYS Q 227 52.78 39.18 22.07
C CYS Q 227 52.60 37.82 21.39
N SER Q 228 53.57 37.43 20.55
CA SER Q 228 53.61 36.09 20.00
C SER Q 228 54.13 35.12 21.06
N THR Q 229 54.37 35.66 22.25
CA THR Q 229 54.76 34.89 23.42
C THR Q 229 53.54 34.16 23.96
N CYS Q 230 53.73 32.88 24.34
CA CYS Q 230 52.72 32.04 24.94
C CYS Q 230 51.74 31.52 23.88
N HIS Q 231 51.09 32.44 23.15
CA HIS Q 231 50.33 32.06 21.97
C HIS Q 231 51.13 32.41 20.72
N GLN Q 232 51.70 31.37 20.11
CA GLN Q 232 52.65 31.51 19.01
C GLN Q 232 52.00 32.18 17.81
N ARG Q 233 52.82 32.94 17.07
CA ARG Q 233 52.45 33.37 15.73
C ARG Q 233 52.56 32.16 14.79
N HIS Q 234 51.76 32.14 13.71
CA HIS Q 234 50.79 33.16 13.39
C HIS Q 234 49.38 32.66 13.71
N GLN Q 235 49.32 31.63 14.55
CA GLN Q 235 48.07 30.94 14.86
C GLN Q 235 47.35 31.67 16.00
N PHE Q 236 48.13 32.19 16.96
CA PHE Q 236 47.64 32.94 18.11
C PHE Q 236 46.47 32.21 18.76
N ASP Q 237 46.74 30.96 19.18
CA ASP Q 237 45.72 30.10 19.77
C ASP Q 237 45.77 30.23 21.29
N PRO Q 238 44.72 30.75 21.95
CA PRO Q 238 44.68 30.85 23.41
C PRO Q 238 44.72 29.48 24.08
N ALA Q 239 44.26 28.45 23.32
CA ALA Q 239 44.18 27.09 23.82
C ALA Q 239 45.59 26.53 24.04
N VAL Q 240 46.52 26.88 23.14
CA VAL Q 240 47.89 26.41 23.26
C VAL Q 240 48.60 27.24 24.33
N ALA Q 241 48.14 28.49 24.50
CA ALA Q 241 48.74 29.42 25.45
C ALA Q 241 48.42 29.01 26.88
N ARG Q 242 47.39 28.19 27.06
CA ARG Q 242 46.91 27.81 28.38
C ARG Q 242 47.71 26.60 28.90
N ARG Q 243 48.59 26.06 28.07
CA ARG Q 243 49.38 24.89 28.42
C ARG Q 243 50.60 25.31 29.23
N SER Q 244 50.93 24.51 30.25
CA SER Q 244 52.00 24.81 31.19
C SER Q 244 53.34 24.96 30.48
N GLU Q 245 53.57 24.13 29.46
CA GLU Q 245 54.85 24.01 28.79
C GLU Q 245 55.25 25.35 28.15
N GLN Q 246 54.26 26.21 27.88
CA GLN Q 246 54.51 27.49 27.23
C GLN Q 246 55.57 28.28 27.99
N CYS Q 247 55.55 28.15 29.33
CA CYS Q 247 56.36 28.96 30.21
C CYS Q 247 57.77 28.39 30.32
N LYS Q 248 57.93 27.11 29.97
CA LYS Q 248 59.16 26.38 30.20
C LYS Q 248 60.31 26.96 29.40
N THR Q 249 60.01 27.55 28.23
CA THR Q 249 61.03 27.97 27.28
C THR Q 249 61.92 29.06 27.89
N CYS Q 250 61.37 29.79 28.88
CA CYS Q 250 62.10 30.86 29.53
C CYS Q 250 62.29 30.56 31.02
N HIS Q 251 61.27 29.94 31.63
CA HIS Q 251 61.26 29.70 33.07
C HIS Q 251 61.85 28.33 33.40
N TRP Q 252 63.11 28.13 33.01
CA TRP Q 252 63.83 26.92 33.33
C TRP Q 252 65.30 27.27 33.59
N GLY Q 253 66.07 26.28 34.02
CA GLY Q 253 67.51 26.37 33.98
C GLY Q 253 68.12 26.89 35.28
N LYS Q 254 69.34 27.41 35.15
CA LYS Q 254 70.31 27.49 36.23
C LYS Q 254 69.85 28.40 37.36
N ASP Q 255 69.10 29.46 37.04
CA ASP Q 255 68.81 30.49 38.01
C ASP Q 255 67.30 30.65 38.25
N HIS Q 256 66.50 29.74 37.69
CA HIS Q 256 65.07 29.68 37.95
C HIS Q 256 64.50 28.37 37.40
N ARG Q 257 64.50 27.34 38.24
CA ARG Q 257 63.97 26.04 37.87
C ARG Q 257 62.46 26.01 38.07
N ASP Q 258 61.76 26.96 37.46
CA ASP Q 258 60.32 27.09 37.61
C ASP Q 258 59.63 25.88 36.99
N TRP Q 259 59.95 25.61 35.71
CA TRP Q 259 59.38 24.49 35.00
C TRP Q 259 59.77 23.18 35.67
N GLU Q 260 61.07 22.99 35.94
CA GLU Q 260 61.59 21.76 36.49
C GLU Q 260 60.90 21.42 37.80
N ALA Q 261 60.70 22.44 38.65
CA ALA Q 261 60.09 22.27 39.95
C ALA Q 261 58.63 21.85 39.81
N TYR Q 262 57.90 22.55 38.93
CA TYR Q 262 56.49 22.27 38.68
C TYR Q 262 56.37 20.87 38.07
N ASP Q 263 57.18 20.59 37.05
CA ASP Q 263 57.08 19.40 36.23
C ASP Q 263 57.25 18.13 37.08
N ILE Q 264 58.20 18.16 38.01
CA ILE Q 264 58.57 16.95 38.75
C ILE Q 264 57.73 16.84 40.02
N GLY Q 265 57.17 17.95 40.49
CA GLY Q 265 56.24 17.96 41.60
C GLY Q 265 54.97 17.19 41.27
N LEU Q 266 54.11 16.99 42.27
CA LEU Q 266 52.92 16.18 42.07
C LEU Q 266 51.92 16.89 41.15
N HIS Q 267 51.93 18.24 41.16
CA HIS Q 267 51.13 19.01 40.23
C HIS Q 267 51.55 18.70 38.80
N GLY Q 268 52.87 18.66 38.58
CA GLY Q 268 53.44 18.38 37.27
C GLY Q 268 53.25 16.93 36.88
N THR Q 269 53.25 16.05 37.88
CA THR Q 269 53.00 14.63 37.66
C THR Q 269 51.55 14.45 37.19
N VAL Q 270 50.61 15.02 37.96
CA VAL Q 270 49.20 15.03 37.62
C VAL Q 270 49.04 15.59 36.20
N TYR Q 271 49.76 16.68 35.91
CA TYR Q 271 49.65 17.36 34.63
C TYR Q 271 50.03 16.41 33.49
N GLN Q 272 51.22 15.82 33.60
CA GLN Q 272 51.80 15.05 32.51
C GLN Q 272 50.96 13.79 32.24
N VAL Q 273 50.31 13.31 33.30
CA VAL Q 273 49.56 12.06 33.25
C VAL Q 273 48.18 12.30 32.60
N ASN Q 274 47.69 13.54 32.68
CA ASN Q 274 46.28 13.82 32.42
C ASN Q 274 46.09 14.86 31.30
N LYS Q 275 47.18 15.48 30.84
CA LYS Q 275 47.08 16.71 30.06
C LYS Q 275 46.37 16.47 28.72
N TRP Q 276 46.46 15.25 28.20
CA TRP Q 276 45.84 14.92 26.92
C TRP Q 276 44.49 14.24 27.12
N ASP Q 277 44.09 14.08 28.39
CA ASP Q 277 42.76 13.59 28.72
C ASP Q 277 41.85 14.80 28.90
N THR Q 278 40.90 14.94 27.96
CA THR Q 278 40.03 16.10 27.87
C THR Q 278 39.09 16.18 29.08
N GLU Q 279 38.90 15.04 29.76
CA GLU Q 279 38.03 14.95 30.91
C GLU Q 279 38.71 15.51 32.15
N GLN Q 280 40.04 15.67 32.08
CA GLN Q 280 40.83 16.12 33.21
C GLN Q 280 41.38 17.53 32.97
N PHE Q 281 41.74 17.81 31.71
CA PHE Q 281 42.26 19.11 31.32
C PHE Q 281 41.60 19.53 30.02
N ASP Q 282 40.75 20.56 30.10
CA ASP Q 282 40.05 21.09 28.93
C ASP Q 282 40.62 22.47 28.62
N PHE Q 283 41.46 22.53 27.58
CA PHE Q 283 42.20 23.75 27.27
C PHE Q 283 41.36 24.69 26.42
N SER Q 284 40.17 24.21 26.01
CA SER Q 284 39.26 25.04 25.24
C SER Q 284 38.52 26.01 26.16
N LYS Q 285 38.41 25.65 27.44
CA LYS Q 285 37.80 26.49 28.46
C LYS Q 285 38.69 27.69 28.73
N LYS Q 286 38.06 28.85 29.00
CA LYS Q 286 38.77 30.03 29.46
C LYS Q 286 39.20 29.81 30.90
N LEU Q 287 40.24 30.55 31.32
CA LEU Q 287 40.88 30.30 32.60
C LEU Q 287 39.92 30.56 33.76
N SER Q 288 38.90 31.40 33.51
CA SER Q 288 37.87 31.69 34.50
C SER Q 288 37.02 30.46 34.78
N ASP Q 289 36.95 29.55 33.79
CA ASP Q 289 36.08 28.38 33.85
C ASP Q 289 36.93 27.12 33.99
N ALA Q 290 38.24 27.29 34.17
CA ALA Q 290 39.17 26.18 34.27
C ALA Q 290 38.83 25.32 35.48
N ASP Q 291 38.51 24.05 35.21
CA ASP Q 291 38.11 23.10 36.25
C ASP Q 291 39.00 21.87 36.17
N TYR Q 292 40.31 22.09 36.01
CA TYR Q 292 41.28 21.01 35.83
C TYR Q 292 41.39 20.18 37.10
N VAL Q 293 41.92 18.97 36.97
CA VAL Q 293 42.18 18.11 38.12
C VAL Q 293 43.34 18.70 38.92
N GLY Q 294 44.35 19.20 38.20
CA GLY Q 294 45.53 19.82 38.78
C GLY Q 294 45.80 21.18 38.18
N PRO Q 295 46.63 22.03 38.82
CA PRO Q 295 46.87 23.39 38.32
C PRO Q 295 47.92 23.46 37.21
N THR Q 296 47.79 24.51 36.38
CA THR Q 296 48.81 24.89 35.41
C THR Q 296 49.47 26.17 35.89
N CYS Q 297 50.61 26.53 35.29
CA CYS Q 297 51.27 27.80 35.58
C CYS Q 297 50.22 28.92 35.52
N GLN Q 298 49.41 28.87 34.45
CA GLN Q 298 48.40 29.88 34.15
C GLN Q 298 47.32 29.87 35.22
N TYR Q 299 46.98 28.67 35.72
CA TYR Q 299 45.92 28.51 36.70
C TYR Q 299 46.23 29.34 37.94
N CYS Q 300 47.51 29.42 38.30
CA CYS Q 300 47.95 30.06 39.54
C CYS Q 300 48.37 31.51 39.28
N HIS Q 301 49.15 31.74 38.22
CA HIS Q 301 49.80 33.03 38.01
C HIS Q 301 48.96 33.95 37.13
N MET Q 302 48.11 33.34 36.29
CA MET Q 302 47.25 34.12 35.41
C MET Q 302 45.78 33.86 35.75
N ARG Q 303 45.50 33.85 37.06
CA ARG Q 303 44.17 33.64 37.61
C ARG Q 303 43.17 34.52 36.86
N GLY Q 304 42.10 33.89 36.36
CA GLY Q 304 41.02 34.59 35.67
C GLY Q 304 41.41 35.06 34.27
N GLY Q 305 42.65 34.72 33.86
CA GLY Q 305 43.15 35.08 32.53
C GLY Q 305 43.88 36.42 32.52
N HIS Q 306 44.10 37.00 33.71
CA HIS Q 306 44.80 38.27 33.85
C HIS Q 306 46.22 38.14 33.33
N HIS Q 307 46.66 39.13 32.54
CA HIS Q 307 47.91 39.03 31.80
C HIS Q 307 49.09 39.53 32.64
N ASN Q 308 48.80 40.25 33.73
CA ASN Q 308 49.85 40.55 34.69
C ASN Q 308 50.15 39.28 35.48
N VAL Q 309 51.28 38.67 35.15
CA VAL Q 309 51.62 37.33 35.60
C VAL Q 309 52.17 37.41 37.02
N GLN Q 310 52.45 38.64 37.47
CA GLN Q 310 53.07 38.91 38.75
C GLN Q 310 52.00 39.38 39.75
N ARG Q 311 50.75 39.41 39.28
CA ARG Q 311 49.63 40.01 40.02
C ARG Q 311 49.54 39.44 41.43
N ALA Q 312 49.78 38.14 41.58
CA ALA Q 312 49.54 37.44 42.83
C ALA Q 312 50.80 37.39 43.69
N SER Q 313 51.92 37.85 43.14
CA SER Q 313 53.22 37.84 43.82
C SER Q 313 53.14 38.65 45.11
N ILE Q 314 53.87 38.19 46.13
CA ILE Q 314 53.84 38.84 47.45
C ILE Q 314 54.82 40.01 47.47
N VAL Q 315 56.11 39.73 47.22
CA VAL Q 315 57.14 40.76 47.18
C VAL Q 315 58.29 40.29 46.30
N TYR Q 316 58.86 41.22 45.53
CA TYR Q 316 59.99 40.91 44.64
C TYR Q 316 61.24 40.69 45.47
N THR Q 317 61.86 39.51 45.29
CA THR Q 317 62.98 39.09 46.10
C THR Q 317 64.18 38.75 45.23
N SER Q 318 64.27 39.44 44.07
CA SER Q 318 65.41 39.35 43.18
C SER Q 318 65.68 37.89 42.82
N MET Q 319 64.66 37.25 42.24
CA MET Q 319 64.71 35.87 41.75
C MET Q 319 64.72 34.86 42.89
N GLY Q 320 64.51 35.35 44.12
CA GLY Q 320 64.54 34.51 45.30
C GLY Q 320 65.93 34.47 45.93
N MET Q 321 66.83 35.32 45.44
CA MET Q 321 68.17 35.46 45.99
C MET Q 321 68.11 36.27 47.29
N SER Q 322 67.28 37.33 47.27
CA SER Q 322 66.93 38.04 48.49
C SER Q 322 65.89 37.24 49.26
N MET Q 323 65.84 37.46 50.58
CA MET Q 323 65.06 36.61 51.47
C MET Q 323 63.97 37.42 52.15
N ALA Q 324 62.78 36.80 52.27
CA ALA Q 324 61.65 37.37 53.00
C ALA Q 324 60.81 36.24 53.58
N ASP Q 325 60.32 36.45 54.81
CA ASP Q 325 59.32 35.58 55.39
C ASP Q 325 57.95 36.04 54.88
N ARG Q 326 57.47 35.37 53.83
CA ARG Q 326 56.23 35.72 53.16
C ARG Q 326 55.04 35.35 54.04
N GLY Q 327 55.29 34.49 55.03
CA GLY Q 327 54.26 34.02 55.95
C GLY Q 327 54.10 34.94 57.16
N ALA Q 328 54.91 36.01 57.21
CA ALA Q 328 54.90 36.95 58.32
C ALA Q 328 53.62 37.79 58.29
N PRO Q 329 53.13 38.28 59.46
CA PRO Q 329 51.87 39.03 59.53
C PRO Q 329 51.80 40.22 58.58
N LEU Q 330 52.98 40.73 58.17
CA LEU Q 330 53.08 41.86 57.26
C LEU Q 330 52.42 41.53 55.92
N TRP Q 331 52.58 40.27 55.48
CA TRP Q 331 52.12 39.84 54.17
C TRP Q 331 50.88 38.94 54.28
N LYS Q 332 50.14 39.08 55.38
CA LYS Q 332 49.06 38.15 55.70
C LYS Q 332 48.05 38.13 54.56
N GLU Q 333 47.65 39.33 54.10
CA GLU Q 333 46.59 39.45 53.11
C GLU Q 333 47.03 38.86 51.78
N LYS Q 334 48.32 38.98 51.47
CA LYS Q 334 48.87 38.54 50.20
C LYS Q 334 49.01 37.02 50.18
N ARG Q 335 49.40 36.45 51.32
CA ARG Q 335 49.52 35.01 51.49
C ARG Q 335 48.13 34.38 51.48
N ASP Q 336 47.16 35.07 52.12
CA ASP Q 336 45.77 34.63 52.16
C ASP Q 336 45.23 34.48 50.74
N ARG Q 337 45.66 35.38 49.85
CA ARG Q 337 45.20 35.37 48.46
C ARG Q 337 45.69 34.10 47.78
N TRP Q 338 46.93 33.68 48.11
CA TRP Q 338 47.50 32.46 47.56
C TRP Q 338 46.75 31.24 48.05
N VAL Q 339 46.36 31.27 49.33
CA VAL Q 339 45.60 30.19 49.94
C VAL Q 339 44.24 30.07 49.24
N SER Q 340 43.71 31.22 48.77
CA SER Q 340 42.44 31.27 48.05
C SER Q 340 42.54 30.52 46.72
N ILE Q 341 43.72 30.52 46.12
CA ILE Q 341 43.97 29.84 44.85
C ILE Q 341 44.10 28.34 45.09
N CYS Q 342 44.85 27.96 46.14
CA CYS Q 342 45.03 26.57 46.50
C CYS Q 342 43.72 25.98 47.02
N ASP Q 343 42.90 26.85 47.64
CA ASP Q 343 41.59 26.53 48.20
C ASP Q 343 40.76 25.69 47.23
N ASP Q 344 41.02 25.89 45.93
CA ASP Q 344 40.24 25.28 44.87
C ASP Q 344 40.25 23.76 44.99
N CYS Q 345 41.34 23.21 45.54
CA CYS Q 345 41.53 21.76 45.52
C CYS Q 345 42.13 21.27 46.83
N HIS Q 346 42.23 22.15 47.83
CA HIS Q 346 42.79 21.80 49.12
C HIS Q 346 42.07 22.60 50.21
N SER Q 347 42.15 22.09 51.45
CA SER Q 347 41.70 22.85 52.60
C SER Q 347 42.61 24.05 52.81
N PRO Q 348 42.07 25.22 53.23
CA PRO Q 348 42.90 26.38 53.54
C PRO Q 348 44.10 26.02 54.40
N ARG Q 349 43.86 25.20 55.44
CA ARG Q 349 44.88 24.85 56.40
C ARG Q 349 46.05 24.14 55.71
N PHE Q 350 45.74 23.14 54.88
CA PHE Q 350 46.75 22.33 54.20
C PHE Q 350 47.66 23.22 53.37
N ALA Q 351 47.05 24.15 52.62
CA ALA Q 351 47.78 25.04 51.73
C ALA Q 351 48.61 26.03 52.54
N ARG Q 352 47.99 26.65 53.55
CA ARG Q 352 48.62 27.65 54.40
C ARG Q 352 49.90 27.09 55.01
N GLU Q 353 49.82 25.86 55.51
CA GLU Q 353 50.89 25.25 56.27
C GLU Q 353 52.00 24.76 55.33
N ASN Q 354 51.62 24.36 54.11
CA ASN Q 354 52.57 23.91 53.11
C ASN Q 354 53.42 25.10 52.64
N LEU Q 355 52.78 26.27 52.50
CA LEU Q 355 53.48 27.47 52.08
C LEU Q 355 54.31 28.02 53.24
N GLN Q 356 53.90 27.71 54.47
CA GLN Q 356 54.66 28.07 55.65
C GLN Q 356 55.98 27.28 55.66
N ALA Q 357 55.92 26.02 55.23
CA ALA Q 357 57.11 25.18 55.13
C ALA Q 357 58.10 25.79 54.14
N MET Q 358 57.58 26.36 53.05
CA MET Q 358 58.40 27.03 52.06
C MET Q 358 59.16 28.18 52.73
N ASP Q 359 58.43 28.99 53.50
CA ASP Q 359 58.97 30.15 54.18
C ASP Q 359 60.16 29.74 55.05
N GLU Q 360 60.00 28.59 55.73
CA GLU Q 360 61.00 28.09 56.66
C GLU Q 360 62.24 27.64 55.89
N SER Q 361 62.02 27.00 54.74
CA SER Q 361 63.11 26.53 53.89
C SER Q 361 63.93 27.71 53.38
N VAL Q 362 63.22 28.81 53.06
CA VAL Q 362 63.81 30.01 52.50
C VAL Q 362 64.70 30.67 53.56
N LYS Q 363 64.20 30.71 54.81
CA LYS Q 363 64.91 31.34 55.92
C LYS Q 363 66.14 30.54 56.29
N ASP Q 364 66.02 29.20 56.27
CA ASP Q 364 67.10 28.31 56.64
C ASP Q 364 68.18 28.32 55.56
N ALA Q 365 67.78 28.63 54.32
CA ALA Q 365 68.69 28.69 53.20
C ALA Q 365 69.61 29.91 53.33
N SER Q 366 69.03 31.04 53.75
CA SER Q 366 69.77 32.28 53.90
C SER Q 366 70.68 32.22 55.11
N LEU Q 367 70.29 31.41 56.11
CA LEU Q 367 71.14 31.15 57.26
C LEU Q 367 72.46 30.55 56.78
N LYS Q 368 72.36 29.58 55.85
CA LYS Q 368 73.53 28.91 55.29
C LYS Q 368 74.37 29.90 54.49
N TYR Q 369 73.71 30.76 53.70
CA TYR Q 369 74.42 31.66 52.83
C TYR Q 369 75.14 32.74 53.65
N ARG Q 370 74.51 33.17 54.75
CA ARG Q 370 75.14 34.11 55.65
C ARG Q 370 76.47 33.56 56.15
N GLU Q 371 76.48 32.27 56.50
CA GLU Q 371 77.70 31.60 56.93
C GLU Q 371 78.70 31.54 55.78
N THR Q 372 78.20 31.28 54.56
CA THR Q 372 79.02 31.17 53.37
C THR Q 372 79.64 32.52 53.04
N PHE Q 373 78.84 33.59 53.16
CA PHE Q 373 79.26 34.93 52.79
C PHE Q 373 80.30 35.44 53.78
N LYS Q 374 80.11 35.12 55.07
CA LYS Q 374 81.03 35.53 56.12
C LYS Q 374 82.44 35.07 55.79
N VAL Q 375 82.57 33.80 55.35
CA VAL Q 375 83.85 33.21 55.00
C VAL Q 375 84.51 34.03 53.88
N ALA Q 376 83.71 34.44 52.90
CA ALA Q 376 84.17 35.17 51.74
C ALA Q 376 84.54 36.61 52.11
N GLU Q 377 83.72 37.22 52.98
CA GLU Q 377 83.90 38.60 53.40
C GLU Q 377 85.15 38.72 54.26
N ASP Q 378 85.41 37.69 55.07
CA ASP Q 378 86.55 37.67 55.97
C ASP Q 378 87.85 37.64 55.17
N LEU Q 379 87.84 36.93 54.04
CA LEU Q 379 89.02 36.84 53.19
C LEU Q 379 89.35 38.22 52.63
N LEU Q 380 88.32 39.02 52.34
CA LEU Q 380 88.49 40.33 51.76
C LEU Q 380 89.01 41.30 52.81
N ILE Q 381 88.39 41.27 54.01
CA ILE Q 381 88.73 42.16 55.10
C ILE Q 381 90.16 41.88 55.57
N ASP Q 382 90.53 40.60 55.63
CA ASP Q 382 91.86 40.20 56.05
C ASP Q 382 92.85 40.38 54.90
N GLY Q 383 92.34 40.68 53.71
CA GLY Q 383 93.14 41.00 52.55
C GLY Q 383 93.90 39.79 51.99
N VAL Q 384 93.43 38.58 52.33
CA VAL Q 384 94.12 37.35 51.96
C VAL Q 384 93.38 36.66 50.81
N LEU Q 385 92.30 37.29 50.32
CA LEU Q 385 91.57 36.82 49.16
C LEU Q 385 92.50 36.84 47.95
N ASP Q 386 92.44 35.77 47.14
CA ASP Q 386 93.45 35.50 46.13
C ASP Q 386 92.83 35.44 44.73
N PRO Q 387 92.79 36.58 44.03
CA PRO Q 387 93.35 37.84 44.50
C PRO Q 387 92.27 38.82 44.96
N MET Q 388 92.73 39.99 45.44
CA MET Q 388 91.86 41.07 45.84
C MET Q 388 91.30 41.76 44.59
N PRO Q 389 90.11 42.40 44.69
CA PRO Q 389 89.44 43.01 43.52
C PRO Q 389 90.31 43.92 42.66
N LYS Q 390 91.29 44.58 43.30
CA LYS Q 390 92.16 45.54 42.63
C LYS Q 390 93.06 44.84 41.62
N ASP Q 391 93.26 43.52 41.80
CA ASP Q 391 94.18 42.74 40.98
C ASP Q 391 93.42 41.90 39.95
N LEU Q 392 92.08 42.02 39.96
CA LEU Q 392 91.25 41.43 38.93
C LEU Q 392 91.10 42.43 37.79
N CYS Q 393 90.67 41.92 36.62
CA CYS Q 393 90.27 42.77 35.51
C CYS Q 393 89.20 43.74 36.01
N PRO Q 394 89.19 45.02 35.54
CA PRO Q 394 88.12 45.96 35.90
C PRO Q 394 86.75 45.44 35.47
N ASP Q 395 85.74 45.70 36.30
CA ASP Q 395 84.36 45.27 36.05
C ASP Q 395 83.79 46.06 34.87
N TRP Q 396 82.52 45.77 34.53
CA TRP Q 396 81.87 46.34 33.37
C TRP Q 396 81.91 47.86 33.42
N SER Q 397 81.94 48.40 34.65
CA SER Q 397 81.88 49.82 34.92
C SER Q 397 83.23 50.48 34.66
N GLY Q 398 84.29 49.68 34.72
CA GLY Q 398 85.66 50.16 34.62
C GLY Q 398 86.28 50.38 36.00
N GLN Q 399 85.69 49.71 37.01
CA GLN Q 399 86.08 49.88 38.40
C GLN Q 399 86.58 48.54 38.95
N HIS Q 400 87.17 48.59 40.16
CA HIS Q 400 87.65 47.40 40.83
C HIS Q 400 86.87 47.19 42.13
N ILE Q 401 85.55 47.31 42.06
CA ILE Q 401 84.67 47.07 43.19
C ILE Q 401 84.51 45.57 43.39
N TRP Q 402 84.40 45.15 44.66
CA TRP Q 402 84.22 43.76 45.02
C TRP Q 402 82.92 43.24 44.42
N SER Q 403 82.99 42.04 43.82
CA SER Q 403 81.88 41.39 43.16
C SER Q 403 80.65 41.30 44.07
N LEU Q 404 80.87 40.89 45.31
CA LEU Q 404 79.80 40.52 46.22
C LEU Q 404 79.30 41.71 47.03
N LYS Q 405 79.86 42.91 46.77
CA LYS Q 405 79.50 44.09 47.54
C LYS Q 405 78.07 44.53 47.22
N ILE Q 406 77.25 44.56 48.28
CA ILE Q 406 75.91 45.12 48.22
C ILE Q 406 75.93 46.49 48.88
N GLY Q 407 75.66 47.53 48.07
CA GLY Q 407 75.81 48.91 48.46
C GLY Q 407 74.98 49.30 49.69
N ALA Q 408 73.87 48.57 49.90
CA ALA Q 408 72.95 48.89 50.97
C ALA Q 408 73.46 48.37 52.31
N TYR Q 409 74.41 47.42 52.27
CA TYR Q 409 74.87 46.75 53.48
C TYR Q 409 76.37 46.96 53.70
N HIS Q 410 77.12 47.16 52.61
CA HIS Q 410 78.57 47.20 52.68
C HIS Q 410 79.10 48.60 52.35
N ASP Q 411 80.05 49.06 53.15
CA ASP Q 411 80.74 50.32 52.92
C ASP Q 411 82.14 50.24 53.55
N GLY Q 412 83.14 50.69 52.80
CA GLY Q 412 84.51 50.65 53.28
C GLY Q 412 85.52 50.66 52.13
N GLU Q 413 86.80 50.80 52.51
CA GLU Q 413 87.93 50.90 51.58
C GLU Q 413 88.12 49.56 50.86
N ALA Q 414 87.92 48.47 51.60
CA ALA Q 414 88.18 47.12 51.12
C ALA Q 414 87.19 46.72 50.03
N TYR Q 415 85.97 47.27 50.10
CA TYR Q 415 84.90 46.92 49.19
C TYR Q 415 85.04 47.68 47.86
N GLY Q 416 85.50 48.92 47.94
CA GLY Q 416 85.64 49.78 46.77
C GLY Q 416 84.33 50.49 46.41
N GLY Q 417 84.40 51.41 45.45
CA GLY Q 417 83.25 52.15 44.97
C GLY Q 417 82.80 53.22 45.96
N THR Q 418 81.87 54.07 45.51
CA THR Q 418 81.29 55.12 46.34
C THR Q 418 80.31 54.52 47.33
N THR Q 419 79.87 55.34 48.30
CA THR Q 419 78.94 54.91 49.34
C THR Q 419 77.59 54.57 48.70
N GLY Q 420 77.10 53.36 48.98
CA GLY Q 420 75.79 52.93 48.52
C GLY Q 420 75.84 52.22 47.16
N GLU Q 421 77.01 52.28 46.50
CA GLU Q 421 77.21 51.67 45.21
C GLU Q 421 77.57 50.19 45.40
N SER Q 422 76.92 49.33 44.61
CA SER Q 422 77.14 47.89 44.65
C SER Q 422 78.26 47.50 43.68
N GLY Q 423 78.75 46.27 43.83
CA GLY Q 423 79.69 45.68 42.89
C GLY Q 423 78.94 45.00 41.74
N GLU Q 424 79.68 44.54 40.74
CA GLU Q 424 79.08 43.79 39.64
C GLU Q 424 78.96 42.32 40.06
N PHE Q 425 77.76 41.95 40.54
CA PHE Q 425 77.45 40.59 40.96
C PHE Q 425 77.61 39.66 39.75
N ARG Q 426 78.52 38.68 39.87
CA ARG Q 426 78.88 37.85 38.71
C ARG Q 426 79.49 36.54 39.16
N MET Q 427 79.54 35.60 38.20
CA MET Q 427 80.16 34.29 38.34
C MET Q 427 81.45 34.26 37.51
N SER Q 428 81.71 35.37 36.81
CA SER Q 428 82.83 35.50 35.90
C SER Q 428 83.83 36.52 36.46
N ASN Q 429 85.09 36.41 36.01
CA ASN Q 429 86.13 37.37 36.32
C ASN Q 429 86.15 37.65 37.84
N CYS Q 430 86.46 36.60 38.60
CA CYS Q 430 86.48 36.67 40.05
C CYS Q 430 87.24 35.47 40.60
N THR Q 431 87.28 35.37 41.94
CA THR Q 431 87.88 34.24 42.62
C THR Q 431 86.88 33.09 42.65
N ASP Q 432 87.37 31.89 43.00
CA ASP Q 432 86.50 30.73 43.17
C ASP Q 432 85.53 30.99 44.31
N VAL Q 433 86.00 31.65 45.36
CA VAL Q 433 85.19 31.92 46.54
C VAL Q 433 84.03 32.84 46.17
N GLU Q 434 84.31 33.86 45.36
CA GLU Q 434 83.29 34.78 44.87
C GLU Q 434 82.28 34.00 44.02
N ARG Q 435 82.82 33.15 43.13
CA ARG Q 435 82.03 32.39 42.17
C ARG Q 435 81.09 31.44 42.90
N LEU Q 436 81.62 30.70 43.87
CA LEU Q 436 80.86 29.70 44.60
C LEU Q 436 79.75 30.36 45.42
N CYS Q 437 80.03 31.58 45.91
CA CYS Q 437 79.04 32.34 46.65
C CYS Q 437 77.89 32.71 45.72
N PHE Q 438 78.23 33.17 44.52
CA PHE Q 438 77.25 33.53 43.50
C PHE Q 438 76.38 32.31 43.19
N GLU Q 439 77.03 31.16 42.98
CA GLU Q 439 76.36 29.93 42.63
C GLU Q 439 75.42 29.49 43.75
N SER Q 440 75.84 29.70 45.00
CA SER Q 440 75.10 29.22 46.16
C SER Q 440 73.78 29.96 46.29
N VAL Q 441 73.81 31.28 46.12
CA VAL Q 441 72.62 32.11 46.32
C VAL Q 441 71.87 32.27 45.00
N GLY Q 442 72.62 32.29 43.89
CA GLY Q 442 72.07 32.63 42.59
C GLY Q 442 71.51 31.42 41.84
N TYR Q 443 71.99 30.22 42.21
CA TYR Q 443 71.49 29.00 41.62
C TYR Q 443 70.77 28.17 42.69
N PHE Q 444 71.55 27.62 43.63
CA PHE Q 444 71.06 26.60 44.56
C PHE Q 444 69.93 27.12 45.44
N GLN Q 445 70.04 28.37 45.90
CA GLN Q 445 69.05 28.93 46.81
C GLN Q 445 67.72 29.10 46.08
N THR Q 446 67.78 29.41 44.78
CA THR Q 446 66.57 29.63 43.99
C THR Q 446 65.83 28.31 43.78
N TYR Q 447 66.58 27.21 43.77
CA TYR Q 447 66.00 25.88 43.64
C TYR Q 447 65.18 25.55 44.88
N ILE Q 448 65.54 26.16 46.02
CA ILE Q 448 64.85 25.92 47.28
C ILE Q 448 63.53 26.69 47.28
N TYR Q 449 63.59 27.98 46.91
CA TYR Q 449 62.40 28.81 46.86
C TYR Q 449 61.42 28.27 45.83
N LYS Q 450 61.87 28.15 44.57
CA LYS Q 450 61.03 27.71 43.48
C LYS Q 450 60.59 26.25 43.69
N GLY Q 451 61.52 25.43 44.22
CA GLY Q 451 61.23 24.04 44.52
C GLY Q 451 60.06 23.88 45.49
N MET Q 452 60.15 24.58 46.63
CA MET Q 452 59.17 24.47 47.69
C MET Q 452 57.85 25.11 47.28
N ALA Q 453 57.92 26.14 46.42
CA ALA Q 453 56.76 26.88 45.96
C ALA Q 453 55.94 26.03 45.00
N HIS Q 454 56.60 25.11 44.28
CA HIS Q 454 55.95 24.37 43.21
C HIS Q 454 55.77 22.90 43.58
N GLY Q 455 56.30 22.51 44.74
CA GLY Q 455 56.06 21.19 45.30
C GLY Q 455 57.13 20.16 44.91
N SER Q 456 58.28 20.64 44.45
CA SER Q 456 59.41 19.77 44.15
C SER Q 456 60.32 19.65 45.37
N TRP Q 457 60.13 18.56 46.12
CA TRP Q 457 60.80 18.34 47.38
C TRP Q 457 62.29 18.08 47.16
N ASN Q 458 62.63 17.49 46.01
CA ASN Q 458 64.00 17.10 45.73
C ASN Q 458 64.79 18.32 45.26
N ASP Q 459 64.11 19.26 44.59
CA ASP Q 459 64.73 20.49 44.13
C ASP Q 459 65.14 21.35 45.31
N ALA Q 460 64.48 21.14 46.45
CA ALA Q 460 64.70 21.95 47.64
C ALA Q 460 65.72 21.28 48.56
N THR Q 461 66.08 20.03 48.24
CA THR Q 461 66.98 19.25 49.08
C THR Q 461 68.14 18.68 48.25
N TYR Q 462 67.98 17.44 47.77
CA TYR Q 462 69.06 16.66 47.19
C TYR Q 462 69.53 17.27 45.87
N SER Q 463 68.58 17.64 45.00
CA SER Q 463 68.89 18.05 43.65
C SER Q 463 69.37 19.51 43.62
N ASP Q 464 70.55 19.73 44.21
CA ASP Q 464 71.26 20.99 44.18
C ASP Q 464 70.49 22.06 44.96
N GLY Q 465 69.66 21.62 45.90
CA GLY Q 465 68.89 22.53 46.74
C GLY Q 465 69.65 22.89 48.00
N SER Q 466 69.06 22.54 49.15
CA SER Q 466 69.66 22.73 50.46
C SER Q 466 71.04 22.08 50.50
N PHE Q 467 71.15 20.87 49.94
CA PHE Q 467 72.37 20.09 50.01
C PHE Q 467 73.37 20.58 48.96
N GLY Q 468 72.87 21.32 47.97
CA GLY Q 468 73.73 22.01 47.03
C GLY Q 468 74.52 23.11 47.72
N MET Q 469 73.81 23.91 48.54
CA MET Q 469 74.38 25.00 49.31
C MET Q 469 75.37 24.43 50.32
N ASP Q 470 75.03 23.25 50.87
CA ASP Q 470 75.88 22.56 51.84
C ASP Q 470 77.23 22.26 51.20
N ARG Q 471 77.18 21.74 49.97
CA ARG Q 471 78.35 21.28 49.24
C ARG Q 471 79.24 22.48 48.90
N TRP Q 472 78.60 23.60 48.57
CA TRP Q 472 79.30 24.80 48.16
C TRP Q 472 79.90 25.51 49.37
N LEU Q 473 79.25 25.38 50.53
CA LEU Q 473 79.78 25.93 51.77
C LEU Q 473 81.10 25.25 52.10
N VAL Q 474 81.13 23.93 51.93
CA VAL Q 474 82.33 23.12 52.14
C VAL Q 474 83.41 23.60 51.18
N ASN Q 475 83.00 23.85 49.93
CA ASN Q 475 83.92 24.21 48.86
C ASN Q 475 84.52 25.59 49.13
N VAL Q 476 83.69 26.49 49.67
CA VAL Q 476 84.12 27.85 50.00
C VAL Q 476 85.10 27.81 51.17
N LYS Q 477 84.78 27.01 52.19
CA LYS Q 477 85.60 26.89 53.38
C LYS Q 477 86.98 26.35 53.03
N GLN Q 478 87.02 25.36 52.14
CA GLN Q 478 88.25 24.71 51.72
C GLN Q 478 89.13 25.71 50.98
N ASN Q 479 88.51 26.49 50.08
CA ASN Q 479 89.21 27.49 49.29
C ASN Q 479 89.72 28.61 50.19
N ALA Q 480 88.97 28.93 51.25
CA ALA Q 480 89.38 29.95 52.21
C ALA Q 480 90.58 29.45 52.99
N SER Q 481 90.51 28.19 53.43
CA SER Q 481 91.56 27.55 54.21
C SER Q 481 92.88 27.55 53.43
N ARG Q 482 92.82 27.15 52.16
CA ARG Q 482 94.00 27.02 51.32
C ARG Q 482 94.64 28.40 51.11
N ALA Q 483 93.81 29.41 50.87
CA ALA Q 483 94.28 30.75 50.58
C ALA Q 483 94.96 31.36 51.81
N ARG Q 484 94.42 31.03 53.00
CA ARG Q 484 94.94 31.54 54.25
C ARG Q 484 96.24 30.84 54.63
N ARG Q 485 96.34 29.55 54.27
CA ARG Q 485 97.50 28.74 54.57
C ARG Q 485 98.68 29.20 53.71
N LEU Q 486 98.39 29.62 52.47
CA LEU Q 486 99.41 30.08 51.55
C LEU Q 486 99.92 31.45 51.98
N ALA Q 487 98.99 32.31 52.39
CA ALA Q 487 99.30 33.67 52.82
C ALA Q 487 100.20 33.64 54.05
N ALA Q 488 99.94 32.69 54.95
CA ALA Q 488 100.68 32.54 56.19
C ALA Q 488 102.10 32.07 55.88
N LEU Q 489 102.22 31.12 54.94
CA LEU Q 489 103.50 30.57 54.56
C LEU Q 489 104.35 31.65 53.89
N GLU Q 490 103.71 32.47 53.06
CA GLU Q 490 104.41 33.47 52.26
C GLU Q 490 104.91 34.60 53.17
N LYS Q 491 104.15 34.91 54.21
CA LYS Q 491 104.55 35.92 55.18
C LYS Q 491 105.83 35.46 55.87
N LYS Q 492 105.82 34.21 56.38
CA LYS Q 492 106.89 33.70 57.21
C LYS Q 492 108.17 33.51 56.39
N VAL Q 493 108.03 33.15 55.12
CA VAL Q 493 109.16 32.89 54.24
C VAL Q 493 109.63 34.21 53.61
N GLY Q 494 108.75 35.22 53.64
CA GLY Q 494 109.08 36.55 53.18
C GLY Q 494 108.84 36.74 51.68
N ILE Q 495 107.88 35.98 51.13
CA ILE Q 495 107.40 36.19 49.77
C ILE Q 495 106.20 37.10 49.82
N SER Q 496 106.24 38.17 49.03
CA SER Q 496 105.06 38.97 48.74
C SER Q 496 104.48 38.51 47.42
N TRP Q 497 103.35 37.81 47.48
CA TRP Q 497 102.75 37.16 46.32
C TRP Q 497 102.26 38.21 45.32
N GLN Q 498 102.81 38.12 44.10
CA GLN Q 498 102.36 38.94 42.98
C GLN Q 498 101.23 38.20 42.27
N PRO Q 499 99.97 38.71 42.33
CA PRO Q 499 98.85 38.09 41.62
C PRO Q 499 99.17 37.94 40.13
N GLU Q 500 98.82 36.77 39.58
CA GLU Q 500 99.22 36.38 38.23
C GLU Q 500 98.57 37.29 37.19
N GLN Q 501 99.11 37.24 35.97
CA GLN Q 501 98.73 38.17 34.92
C GLN Q 501 97.33 37.85 34.40
N PHE Q 502 96.93 36.58 34.53
CA PHE Q 502 95.69 36.09 33.95
C PHE Q 502 94.47 36.60 34.72
N TRP Q 503 94.68 37.13 35.93
CA TRP Q 503 93.60 37.75 36.69
C TRP Q 503 93.24 39.10 36.07
N LYS Q 504 94.25 39.75 35.47
CA LYS Q 504 94.12 41.11 34.97
C LYS Q 504 93.69 41.08 33.50
N THR Q 505 94.43 40.30 32.69
CA THR Q 505 94.24 40.32 31.25
C THR Q 505 94.16 38.90 30.72
N GLY Q 506 93.65 38.79 29.49
CA GLY Q 506 93.44 37.53 28.80
C GLY Q 506 92.64 37.77 27.53
N GLU Q 507 92.62 36.77 26.64
CA GLU Q 507 92.05 36.96 25.31
C GLU Q 507 90.61 37.45 25.40
N TRP Q 508 89.83 36.85 26.32
CA TRP Q 508 88.43 37.21 26.50
C TRP Q 508 88.31 38.50 27.32
N LEU Q 509 89.05 38.57 28.43
CA LEU Q 509 89.01 39.70 29.35
C LEU Q 509 89.25 41.01 28.60
N ASP Q 510 90.21 41.00 27.66
CA ASP Q 510 90.64 42.18 26.94
C ASP Q 510 89.50 42.75 26.09
N GLN Q 511 88.49 41.91 25.81
CA GLN Q 511 87.42 42.29 24.92
C GLN Q 511 86.25 42.94 25.67
N LEU Q 512 86.38 43.02 27.00
CA LEU Q 512 85.31 43.52 27.86
C LEU Q 512 85.33 45.04 27.92
N THR Q 513 84.29 45.60 28.57
CA THR Q 513 84.07 47.03 28.69
C THR Q 513 85.07 47.61 29.68
N GLY Q 514 85.30 46.88 30.78
CA GLY Q 514 86.21 47.30 31.83
C GLY Q 514 87.53 47.84 31.28
N PRO Q 515 88.37 47.00 30.65
CA PRO Q 515 89.65 47.44 30.09
C PRO Q 515 89.56 48.61 29.12
N TYR Q 516 88.47 48.66 28.34
CA TYR Q 516 88.28 49.70 27.34
C TYR Q 516 88.09 51.06 28.01
N ILE Q 517 87.31 51.09 29.09
CA ILE Q 517 86.99 52.32 29.80
C ILE Q 517 88.25 52.85 30.49
N VAL Q 518 88.99 51.94 31.15
CA VAL Q 518 90.21 52.28 31.87
C VAL Q 518 91.22 52.88 30.90
N LYS Q 519 91.30 52.32 29.69
CA LYS Q 519 92.30 52.74 28.71
C LYS Q 519 91.88 54.03 28.03
N ASN Q 520 90.60 54.11 27.62
CA ASN Q 520 90.18 55.15 26.69
C ASN Q 520 89.50 56.32 27.38
N HIS Q 521 88.95 56.09 28.59
CA HIS Q 521 88.31 57.14 29.36
C HIS Q 521 88.82 57.08 30.79
N PRO Q 522 90.11 57.41 31.04
CA PRO Q 522 90.81 56.99 32.25
C PRO Q 522 90.15 57.32 33.59
N GLY Q 523 89.63 58.55 33.70
CA GLY Q 523 89.16 59.05 34.98
C GLY Q 523 87.74 58.61 35.31
N LYS Q 524 87.03 58.07 34.31
CA LYS Q 524 85.59 57.99 34.39
C LYS Q 524 85.10 56.54 34.41
N THR Q 525 83.81 56.37 34.75
CA THR Q 525 83.12 55.08 34.75
C THR Q 525 82.05 55.09 33.67
N ILE Q 526 81.39 53.93 33.50
CA ILE Q 526 80.38 53.76 32.46
C ILE Q 526 79.18 54.64 32.77
N PHE Q 527 78.97 54.94 34.06
CA PHE Q 527 77.85 55.74 34.51
C PHE Q 527 78.09 57.20 34.12
N ASP Q 528 79.36 57.60 34.12
CA ASP Q 528 79.77 58.93 33.68
C ASP Q 528 79.53 59.04 32.17
N LEU Q 529 79.89 57.98 31.44
CA LEU Q 529 79.88 57.97 29.99
C LEU Q 529 78.46 57.77 29.46
N CYS Q 530 77.56 57.27 30.32
CA CYS Q 530 76.16 57.10 29.97
C CYS Q 530 75.30 57.85 30.99
N PRO Q 531 75.18 59.19 30.86
CA PRO Q 531 74.57 60.01 31.90
C PRO Q 531 73.04 60.04 31.87
N ASP Q 532 72.46 59.49 30.79
CA ASP Q 532 71.01 59.51 30.57
C ASP Q 532 70.30 58.84 31.74
N PRO Q 533 69.03 59.23 32.05
CA PRO Q 533 68.25 58.57 33.10
C PRO Q 533 67.94 57.12 32.73
N GLY Q 534 68.06 56.24 33.74
CA GLY Q 534 67.78 54.82 33.56
C GLY Q 534 66.30 54.50 33.79
N TRP Q 535 66.00 53.19 33.80
CA TRP Q 535 64.64 52.70 33.95
C TRP Q 535 64.12 53.02 35.35
N LEU Q 536 65.01 52.88 36.34
CA LEU Q 536 64.65 53.06 37.74
C LEU Q 536 64.33 54.53 38.03
N ASP Q 537 64.83 55.42 37.17
CA ASP Q 537 64.65 56.85 37.35
C ASP Q 537 63.24 57.26 36.97
N THR Q 538 62.62 56.50 36.06
CA THR Q 538 61.36 56.88 35.45
C THR Q 538 60.23 55.94 35.88
N HIS Q 539 60.59 54.83 36.54
CA HIS Q 539 59.62 53.82 36.93
C HIS Q 539 59.71 53.57 38.44
N HIS Q 540 58.58 53.73 39.12
CA HIS Q 540 58.49 53.62 40.57
C HIS Q 540 57.43 52.59 40.95
N ALA Q 541 57.46 52.17 42.22
CA ALA Q 541 56.47 51.24 42.76
C ALA Q 541 55.09 51.91 42.76
N PRO Q 542 53.99 51.16 42.49
CA PRO Q 542 52.65 51.73 42.49
C PRO Q 542 52.24 52.27 43.86
N ALA Q 543 51.36 53.28 43.85
CA ALA Q 543 50.94 54.00 45.05
C ALA Q 543 50.29 53.05 46.05
N GLU Q 544 49.53 52.07 45.54
CA GLU Q 544 48.77 51.16 46.36
C GLU Q 544 49.70 50.22 47.12
N GLU Q 545 50.87 49.92 46.54
CA GLU Q 545 51.83 49.01 47.15
C GLU Q 545 52.46 49.68 48.37
N VAL Q 546 52.87 50.95 48.20
CA VAL Q 546 53.49 51.72 49.28
C VAL Q 546 52.44 51.92 50.38
N GLU Q 547 51.21 52.19 49.95
CA GLU Q 547 50.07 52.47 50.84
C GLU Q 547 49.80 51.25 51.72
N TYR Q 548 49.88 50.05 51.13
CA TYR Q 548 49.61 48.81 51.83
C TYR Q 548 50.68 48.57 52.90
N ILE Q 549 51.95 48.73 52.51
CA ILE Q 549 53.07 48.41 53.37
C ILE Q 549 53.08 49.36 54.58
N GLU Q 550 52.86 50.65 54.32
CA GLU Q 550 52.85 51.67 55.36
C GLU Q 550 51.74 51.39 56.36
N ARG Q 551 50.57 50.96 55.85
CA ARG Q 551 49.40 50.69 56.67
C ARG Q 551 49.69 49.51 57.59
N LYS Q 552 50.37 48.49 57.04
CA LYS Q 552 50.58 47.23 57.74
C LYS Q 552 51.69 47.39 58.79
N LEU Q 553 52.69 48.22 58.48
CA LEU Q 553 53.80 48.45 59.39
C LEU Q 553 53.31 49.23 60.60
N LYS Q 554 52.36 50.15 60.37
CA LYS Q 554 51.77 50.95 61.44
C LYS Q 554 50.87 50.05 62.28
N GLU Q 555 50.14 49.15 61.61
CA GLU Q 555 49.18 48.25 62.23
C GLU Q 555 49.89 47.29 63.18
N LEU Q 556 51.13 46.92 62.84
CA LEU Q 556 51.87 45.91 63.58
C LEU Q 556 52.95 46.55 64.46
N GLY Q 557 53.30 47.81 64.14
CA GLY Q 557 54.29 48.55 64.89
C GLY Q 557 55.71 48.03 64.62
N ILE Q 558 56.10 48.03 63.34
CA ILE Q 558 57.45 47.68 62.92
C ILE Q 558 58.10 48.91 62.28
N THR Q 559 59.38 49.13 62.58
CA THR Q 559 60.14 50.26 62.08
C THR Q 559 60.33 50.12 60.57
N ALA Q 560 60.21 51.25 59.85
CA ALA Q 560 60.44 51.31 58.42
C ALA Q 560 61.95 51.26 58.15
N GLY Q 561 62.31 50.81 56.94
CA GLY Q 561 63.70 50.62 56.55
C GLY Q 561 64.34 51.88 55.98
N SER Q 562 65.60 51.75 55.53
CA SER Q 562 66.40 52.86 55.04
C SER Q 562 66.67 52.71 53.54
N HIS Q 563 67.33 53.72 52.96
CA HIS Q 563 67.68 53.75 51.54
C HIS Q 563 68.77 52.72 51.24
N VAL R 33 72.92 39.94 36.13
CA VAL R 33 72.01 39.67 37.29
C VAL R 33 72.61 40.29 38.54
N GLU R 34 71.83 41.16 39.20
CA GLU R 34 72.28 41.90 40.37
C GLU R 34 71.43 41.51 41.57
N ILE R 35 71.90 41.86 42.77
CA ILE R 35 71.06 41.88 43.96
C ILE R 35 70.34 43.23 44.00
N ILE R 36 69.11 43.25 43.47
CA ILE R 36 68.40 44.51 43.23
C ILE R 36 67.94 45.08 44.56
N THR R 37 68.33 46.33 44.81
CA THR R 37 68.09 47.01 46.08
C THR R 37 67.22 48.25 45.84
N HIS R 38 66.48 48.27 44.73
CA HIS R 38 65.71 49.44 44.35
C HIS R 38 64.26 49.05 44.05
N TRP R 39 63.47 50.07 43.68
CA TRP R 39 62.08 49.95 43.21
C TRP R 39 61.12 49.55 44.33
N VAL R 40 61.37 48.40 44.95
CA VAL R 40 60.59 47.92 46.08
C VAL R 40 60.68 48.96 47.19
N PRO R 41 59.54 49.38 47.79
CA PRO R 41 59.56 50.42 48.84
C PRO R 41 60.53 50.13 49.99
N HIS R 42 61.22 51.17 50.45
CA HIS R 42 62.31 51.06 51.41
C HIS R 42 61.79 50.59 52.76
N GLU R 43 60.54 50.95 53.06
CA GLU R 43 59.92 50.68 54.36
C GLU R 43 60.01 49.20 54.67
N VAL R 44 60.21 48.37 53.63
CA VAL R 44 60.14 46.93 53.77
C VAL R 44 61.53 46.31 53.61
N TYR R 45 62.57 47.16 53.51
CA TYR R 45 63.94 46.69 53.49
C TYR R 45 64.39 46.38 54.91
N GLY R 46 64.90 45.16 55.11
CA GLY R 46 65.45 44.74 56.39
C GLY R 46 66.86 45.26 56.57
N MET R 47 67.13 45.80 57.77
CA MET R 47 68.43 46.36 58.10
C MET R 47 69.15 45.43 59.07
N PRO R 48 70.50 45.48 59.16
CA PRO R 48 71.25 44.51 59.96
C PRO R 48 70.73 44.36 61.39
N GLY R 49 70.57 43.11 61.81
CA GLY R 49 70.20 42.80 63.19
C GLY R 49 68.70 42.56 63.37
N GLU R 50 67.90 42.96 62.37
CA GLU R 50 66.45 42.81 62.42
C GLU R 50 66.07 41.34 62.26
N PRO R 51 64.91 40.91 62.79
CA PRO R 51 64.48 39.51 62.70
C PRO R 51 64.18 39.10 61.26
N ASP R 52 64.52 37.84 60.92
CA ASP R 52 64.30 37.32 59.58
C ASP R 52 62.83 37.02 59.35
N ASN R 53 62.07 36.88 60.45
CA ASN R 53 60.67 36.49 60.38
C ASN R 53 59.77 37.72 60.46
N SER R 54 60.35 38.91 60.25
CA SER R 54 59.61 40.16 60.27
C SER R 54 58.80 40.31 58.98
N GLY R 55 59.31 39.71 57.90
CA GLY R 55 58.68 39.80 56.59
C GLY R 55 59.35 40.84 55.71
N LYS R 56 60.48 41.38 56.19
CA LYS R 56 61.20 42.41 55.47
C LYS R 56 62.19 41.74 54.52
N VAL R 57 62.54 42.44 53.44
CA VAL R 57 63.43 41.92 52.42
C VAL R 57 64.87 42.15 52.87
N PHE R 58 65.61 41.04 52.99
CA PHE R 58 67.04 41.09 53.27
C PHE R 58 67.80 40.75 51.99
N PHE R 59 68.55 41.73 51.49
CA PHE R 59 69.24 41.61 50.21
C PHE R 59 70.24 40.45 50.27
N SER R 60 70.08 39.50 49.34
CA SER R 60 70.90 38.30 49.26
C SER R 60 70.75 37.46 50.52
N GLY R 61 69.80 37.84 51.37
CA GLY R 61 69.50 37.12 52.60
C GLY R 61 70.50 37.41 53.72
N LEU R 62 71.21 38.53 53.58
CA LEU R 62 72.30 38.89 54.48
C LEU R 62 71.78 39.76 55.63
N LYS R 63 72.51 39.71 56.75
CA LYS R 63 72.44 40.69 57.83
C LYS R 63 71.21 40.50 58.71
N ALA R 64 70.41 39.46 58.42
CA ALA R 64 69.22 39.17 59.21
C ALA R 64 69.58 38.39 60.47
N LYS R 65 68.78 38.57 61.51
CA LYS R 65 68.89 37.81 62.75
C LYS R 65 67.98 36.59 62.64
N TYR R 66 68.58 35.40 62.71
CA TYR R 66 67.87 34.14 62.57
C TYR R 66 67.02 33.88 63.81
N MET R 67 65.70 33.76 63.59
CA MET R 67 64.75 33.60 64.68
C MET R 67 64.39 32.12 64.86
N GLY R 68 64.57 31.32 63.81
CA GLY R 68 64.27 29.89 63.85
C GLY R 68 62.78 29.61 63.65
N TYR R 69 62.42 28.32 63.65
CA TYR R 69 61.08 27.86 63.33
C TYR R 69 60.12 28.24 64.45
N PRO R 70 58.81 28.45 64.14
CA PRO R 70 57.83 28.80 65.16
C PRO R 70 57.54 27.61 66.07
N LYS R 71 58.03 27.70 67.32
CA LYS R 71 57.91 26.61 68.28
C LYS R 71 56.65 26.79 69.12
N ASP R 72 55.94 27.89 68.89
CA ASP R 72 54.68 28.17 69.57
C ASP R 72 53.52 27.67 68.71
N ALA R 73 53.81 27.37 67.44
CA ALA R 73 52.80 26.97 66.47
C ALA R 73 52.27 25.58 66.81
N GLN R 74 50.93 25.46 66.87
CA GLN R 74 50.26 24.23 67.21
C GLN R 74 50.61 23.18 66.15
N ARG R 75 51.18 22.05 66.61
CA ARG R 75 51.66 21.01 65.73
C ARG R 75 51.82 19.71 66.53
N SER R 76 52.38 18.68 65.88
CA SER R 76 52.64 17.41 66.52
C SER R 76 54.14 17.17 66.60
N PRO R 77 54.62 16.51 67.68
CA PRO R 77 55.97 15.93 67.67
C PRO R 77 56.02 14.79 66.65
N TYR R 78 57.21 14.55 66.11
CA TYR R 78 57.45 13.42 65.22
C TYR R 78 57.43 12.14 66.06
N PRO R 79 57.04 10.98 65.50
CA PRO R 79 57.13 9.72 66.22
C PRO R 79 58.55 9.18 66.18
N GLY R 80 58.80 8.12 66.95
CA GLY R 80 60.01 7.33 66.81
C GLY R 80 61.08 7.64 67.86
N LYS R 81 62.24 7.01 67.66
CA LYS R 81 63.36 6.96 68.59
C LYS R 81 63.83 8.37 68.96
N TYR R 82 63.89 9.25 67.95
CA TYR R 82 64.55 10.54 68.10
C TYR R 82 63.51 11.66 68.22
N SER R 83 62.36 11.32 68.82
CA SER R 83 61.23 12.23 68.92
C SER R 83 61.67 13.56 69.56
N LYS R 84 62.55 13.46 70.57
CA LYS R 84 62.90 14.59 71.41
C LYS R 84 63.69 15.64 70.63
N PHE R 85 64.44 15.21 69.61
CA PHE R 85 65.31 16.09 68.85
C PHE R 85 64.71 16.44 67.49
N TRP R 86 63.55 15.86 67.19
CA TRP R 86 62.85 16.05 65.92
C TRP R 86 62.06 17.36 65.95
N LYS R 87 62.61 18.40 65.33
CA LYS R 87 61.92 19.67 65.22
C LYS R 87 60.90 19.58 64.09
N THR R 88 59.66 20.00 64.36
CA THR R 88 58.55 19.79 63.44
C THR R 88 57.90 21.12 63.05
N LEU R 89 57.22 21.10 61.89
CA LEU R 89 56.40 22.20 61.42
C LEU R 89 54.93 21.77 61.46
N PRO R 90 53.97 22.72 61.52
CA PRO R 90 52.55 22.39 61.50
C PRO R 90 52.16 21.47 60.34
N ALA R 91 52.75 21.71 59.16
CA ALA R 91 52.41 21.03 57.94
C ALA R 91 52.62 19.51 58.03
N TYR R 92 53.48 19.07 58.97
CA TYR R 92 53.88 17.69 59.05
C TYR R 92 52.73 16.80 59.52
N ARG R 93 51.69 17.44 60.10
CA ARG R 93 50.56 16.73 60.71
C ARG R 93 49.93 15.75 59.72
N TYR R 94 49.96 16.09 58.43
CA TYR R 94 49.27 15.32 57.41
C TYR R 94 50.05 14.07 57.03
N TYR R 95 51.36 14.07 57.32
CA TYR R 95 52.29 13.17 56.63
C TYR R 95 52.46 11.84 57.36
N ILE R 96 52.36 11.86 58.69
CA ILE R 96 52.22 10.64 59.46
C ILE R 96 50.95 10.77 60.31
N PRO R 97 49.75 10.68 59.69
CA PRO R 97 48.52 11.23 60.27
C PRO R 97 48.01 10.51 61.52
N ASP R 98 48.27 9.21 61.63
CA ASP R 98 47.77 8.44 62.75
C ASP R 98 48.29 9.04 64.06
N TYR R 99 49.59 9.37 64.08
CA TYR R 99 50.23 9.89 65.26
C TYR R 99 50.14 11.41 65.30
N MET R 100 50.20 12.04 64.12
CA MET R 100 50.48 13.46 64.04
C MET R 100 49.21 14.27 63.77
N TYR R 101 48.08 13.59 63.57
CA TYR R 101 46.84 14.30 63.30
C TYR R 101 45.69 13.72 64.14
N ASN R 102 45.64 12.39 64.25
CA ASN R 102 44.42 11.70 64.64
C ASN R 102 44.28 11.61 66.15
N ARG R 103 45.36 11.85 66.88
CA ARG R 103 45.31 11.88 68.34
C ARG R 103 44.63 13.17 68.79
N ASP R 104 43.81 13.06 69.84
CA ASP R 104 43.00 14.17 70.35
C ASP R 104 43.91 15.32 70.79
N GLU R 105 45.11 14.96 71.27
CA GLU R 105 46.04 15.90 71.86
C GLU R 105 46.64 16.81 70.79
N VAL R 106 46.49 16.41 69.52
CA VAL R 106 47.29 16.99 68.44
C VAL R 106 46.38 17.57 67.36
N ARG R 107 45.22 16.93 67.14
CA ARG R 107 44.29 17.33 66.08
C ARG R 107 44.16 18.85 66.04
N PRO R 108 44.31 19.49 64.86
CA PRO R 108 44.23 20.95 64.76
C PRO R 108 42.80 21.44 64.88
N SER R 109 42.65 22.72 65.23
CA SER R 109 41.35 23.35 65.34
C SER R 109 40.72 23.51 63.97
N ASN R 110 39.39 23.61 63.94
CA ASN R 110 38.65 23.76 62.69
C ASN R 110 37.50 24.75 62.92
N PRO R 111 37.36 25.78 62.06
CA PRO R 111 36.32 26.80 62.24
C PRO R 111 34.88 26.34 62.03
N ILE R 112 34.70 25.16 61.42
CA ILE R 112 33.38 24.64 61.12
C ILE R 112 33.00 23.59 62.16
N LYS R 113 31.83 23.76 62.77
CA LYS R 113 31.36 22.90 63.84
C LYS R 113 30.13 22.12 63.38
N GLY R 114 29.92 20.95 63.99
CA GLY R 114 28.76 20.11 63.74
C GLY R 114 29.16 18.73 63.23
N THR R 115 28.26 17.76 63.39
CA THR R 115 28.43 16.46 62.75
C THR R 115 27.45 16.38 61.57
N PHE R 116 27.91 15.85 60.44
CA PHE R 116 27.19 15.99 59.19
C PHE R 116 26.98 14.65 58.51
N LYS R 117 25.93 14.59 57.67
CA LYS R 117 25.71 13.48 56.75
C LYS R 117 26.59 13.69 55.51
N LEU R 118 26.74 12.63 54.71
CA LEU R 118 27.60 12.66 53.53
C LEU R 118 27.13 13.74 52.57
N GLU R 119 25.81 13.85 52.38
CA GLU R 119 25.21 14.84 51.48
C GLU R 119 25.75 16.22 51.81
N GLN R 120 25.95 16.48 53.10
CA GLN R 120 26.33 17.80 53.61
C GLN R 120 27.80 18.06 53.32
N CYS R 121 28.64 17.04 53.50
CA CYS R 121 30.05 17.16 53.15
C CYS R 121 30.18 17.62 51.71
N VAL R 122 29.50 16.91 50.81
CA VAL R 122 29.62 17.08 49.38
C VAL R 122 29.14 18.48 48.99
N ALA R 123 27.95 18.85 49.50
CA ALA R 123 27.31 20.09 49.09
C ALA R 123 28.17 21.29 49.48
N CYS R 124 28.70 21.26 50.71
CA CYS R 124 29.43 22.39 51.27
C CYS R 124 30.79 22.50 50.59
N HIS R 125 31.47 21.35 50.46
CA HIS R 125 32.82 21.32 49.91
C HIS R 125 32.80 21.52 48.39
N SER R 126 31.65 21.27 47.76
CA SER R 126 31.54 21.41 46.32
C SER R 126 31.84 22.85 45.92
N VAL R 127 31.71 23.76 46.90
CA VAL R 127 31.93 25.17 46.68
C VAL R 127 33.19 25.62 47.43
N MET R 128 33.37 25.08 48.63
CA MET R 128 34.48 25.47 49.51
C MET R 128 35.81 24.95 48.97
N THR R 129 35.84 23.67 48.58
CA THR R 129 37.01 23.05 47.98
C THR R 129 36.59 22.30 46.73
N PRO R 130 36.20 23.01 45.65
CA PRO R 130 35.52 22.39 44.51
C PRO R 130 36.23 21.16 43.92
N GLY R 131 37.56 21.26 43.76
CA GLY R 131 38.36 20.24 43.11
C GLY R 131 38.27 18.88 43.80
N ILE R 132 38.17 18.90 45.13
CA ILE R 132 38.08 17.68 45.93
C ILE R 132 36.78 16.94 45.60
N VAL R 133 35.69 17.69 45.50
CA VAL R 133 34.38 17.11 45.22
C VAL R 133 34.32 16.63 43.78
N ARG R 134 34.90 17.42 42.86
CA ARG R 134 34.99 17.02 41.46
C ARG R 134 35.70 15.67 41.34
N ASP R 135 36.79 15.51 42.10
CA ASP R 135 37.58 14.29 42.10
C ASP R 135 36.76 13.16 42.71
N TYR R 136 36.12 13.44 43.84
CA TYR R 136 35.38 12.43 44.59
C TYR R 136 34.26 11.84 43.72
N ASN R 137 33.56 12.73 42.99
CA ASN R 137 32.41 12.34 42.21
C ASN R 137 32.84 11.44 41.04
N LYS R 138 34.09 11.60 40.59
CA LYS R 138 34.62 10.80 39.52
C LYS R 138 35.03 9.43 40.05
N SER R 139 35.35 9.36 41.34
CA SER R 139 35.91 8.16 41.97
C SER R 139 34.85 7.05 42.07
N ALA R 140 35.32 5.81 42.11
CA ALA R 140 34.47 4.64 42.27
C ALA R 140 33.86 4.64 43.66
N HIS R 141 34.55 5.27 44.62
CA HIS R 141 34.12 5.34 46.01
C HIS R 141 32.72 5.94 46.11
N SER R 142 32.44 6.93 45.27
CA SER R 142 31.19 7.68 45.35
C SER R 142 30.04 6.84 44.78
N LYS R 143 30.36 5.93 43.87
CA LYS R 143 29.36 5.18 43.12
C LYS R 143 29.08 3.84 43.80
N ALA R 144 29.87 3.51 44.84
CA ALA R 144 29.85 2.20 45.47
C ALA R 144 28.49 1.93 46.13
N GLU R 145 28.05 0.67 46.03
CA GLU R 145 26.80 0.22 46.62
C GLU R 145 27.05 -1.01 47.49
N PRO R 146 26.21 -1.24 48.50
CA PRO R 146 24.99 -0.49 48.76
C PRO R 146 25.20 0.90 49.35
N ALA R 147 26.36 1.11 49.99
CA ALA R 147 26.70 2.39 50.60
C ALA R 147 28.01 2.88 49.99
N PRO R 148 28.11 4.19 49.63
CA PRO R 148 29.35 4.75 49.10
C PRO R 148 30.41 4.93 50.18
N THR R 149 31.69 4.82 49.77
CA THR R 149 32.81 5.21 50.61
C THR R 149 32.97 6.72 50.51
N GLY R 150 32.28 7.43 51.41
CA GLY R 150 32.17 8.88 51.32
C GLY R 150 33.19 9.60 52.18
N CYS R 151 33.17 10.94 52.10
CA CYS R 151 34.08 11.80 52.85
C CYS R 151 34.09 11.38 54.31
N ASP R 152 32.90 11.07 54.85
CA ASP R 152 32.71 10.73 56.25
C ASP R 152 33.35 9.39 56.57
N THR R 153 33.37 8.48 55.58
CA THR R 153 33.93 7.15 55.76
C THR R 153 35.44 7.25 56.02
N CYS R 154 36.09 8.22 55.37
CA CYS R 154 37.53 8.38 55.40
C CYS R 154 37.96 9.43 56.42
N HIS R 155 37.06 10.38 56.74
CA HIS R 155 37.44 11.55 57.51
C HIS R 155 36.69 11.66 58.82
N GLY R 156 35.51 11.03 58.92
CA GLY R 156 34.68 11.13 60.10
C GLY R 156 33.50 12.09 59.90
N ASN R 157 32.55 12.04 60.85
CA ASN R 157 31.28 12.77 60.73
C ASN R 157 31.37 14.09 61.47
N ASN R 158 32.07 14.08 62.61
CA ASN R 158 32.20 15.24 63.48
C ASN R 158 33.29 16.16 62.95
N HIS R 159 32.90 17.39 62.56
CA HIS R 159 33.81 18.32 61.93
C HIS R 159 34.85 18.85 62.93
N GLN R 160 34.56 18.66 64.22
CA GLN R 160 35.49 19.04 65.28
C GLN R 160 36.40 17.87 65.63
N LYS R 161 36.08 16.69 65.09
CA LYS R 161 36.89 15.50 65.35
C LYS R 161 37.23 14.81 64.04
N LEU R 162 37.64 15.60 63.04
CA LEU R 162 38.04 15.09 61.73
C LEU R 162 39.35 14.32 61.87
N THR R 163 39.55 13.33 60.99
CA THR R 163 40.77 12.55 60.95
C THR R 163 41.27 12.46 59.51
N MET R 164 42.59 12.26 59.36
CA MET R 164 43.22 12.03 58.07
C MET R 164 43.49 10.53 57.93
N PRO R 165 42.97 9.86 56.88
CA PRO R 165 43.09 8.42 56.75
C PRO R 165 44.48 7.98 56.25
N SER R 166 45.15 7.17 57.08
CA SER R 166 46.46 6.63 56.74
C SER R 166 46.28 5.35 55.92
N SER R 167 47.40 4.70 55.61
CA SER R 167 47.40 3.44 54.89
C SER R 167 46.66 2.37 55.70
N LYS R 168 46.66 2.54 57.03
CA LYS R 168 45.99 1.61 57.93
C LYS R 168 44.49 1.70 57.73
N ALA R 169 43.99 2.92 57.46
CA ALA R 169 42.57 3.15 57.27
C ALA R 169 42.10 2.49 55.98
N CYS R 170 42.90 2.61 54.92
CA CYS R 170 42.59 2.02 53.62
C CYS R 170 42.70 0.50 53.71
N GLY R 171 43.64 0.02 54.53
CA GLY R 171 44.06 -1.37 54.51
C GLY R 171 43.28 -2.23 55.50
N THR R 172 42.12 -1.73 55.94
CA THR R 172 41.25 -2.49 56.83
C THR R 172 40.71 -3.70 56.08
N ALA R 173 40.42 -4.78 56.84
CA ALA R 173 40.05 -6.07 56.28
C ALA R 173 38.83 -5.92 55.38
N GLU R 174 37.95 -5.00 55.74
CA GLU R 174 36.68 -4.79 55.06
C GLU R 174 36.90 -4.08 53.73
N CYS R 175 38.07 -3.46 53.58
CA CYS R 175 38.35 -2.59 52.43
C CYS R 175 39.51 -3.13 51.59
N HIS R 176 40.72 -2.56 51.75
CA HIS R 176 41.83 -2.89 50.88
C HIS R 176 42.98 -3.51 51.65
N GLU R 177 42.70 -4.58 52.41
CA GLU R 177 43.71 -5.25 53.20
C GLU R 177 44.76 -5.88 52.30
N THR R 178 44.33 -6.30 51.10
CA THR R 178 45.19 -7.00 50.16
C THR R 178 46.38 -6.13 49.79
N GLN R 179 46.11 -4.88 49.39
CA GLN R 179 47.13 -3.97 48.90
C GLN R 179 48.02 -3.53 50.06
N TYR R 180 47.42 -3.36 51.24
CA TYR R 180 48.17 -2.95 52.42
C TYR R 180 49.20 -4.01 52.78
N ASN R 181 48.74 -5.27 52.81
CA ASN R 181 49.58 -6.39 53.18
C ASN R 181 50.68 -6.60 52.14
N GLU R 182 50.31 -6.44 50.85
CA GLU R 182 51.26 -6.57 49.75
C GLU R 182 52.41 -5.60 49.94
N GLN R 183 52.06 -4.31 50.10
CA GLN R 183 53.05 -3.26 50.26
C GLN R 183 53.90 -3.57 51.49
N GLY R 184 53.26 -4.07 52.56
CA GLY R 184 53.90 -4.29 53.84
C GLY R 184 54.91 -5.44 53.82
N GLN R 185 54.91 -6.22 52.73
CA GLN R 185 55.83 -7.33 52.57
C GLN R 185 57.25 -6.81 52.30
N GLY R 186 57.35 -5.52 51.95
CA GLY R 186 58.62 -4.91 51.59
C GLY R 186 59.58 -4.86 52.77
N GLY R 187 60.88 -4.99 52.48
CA GLY R 187 61.91 -4.96 53.51
C GLY R 187 62.40 -3.55 53.77
N ILE R 188 63.69 -3.44 54.12
CA ILE R 188 64.34 -2.16 54.28
C ILE R 188 64.47 -1.51 52.91
N GLY R 189 64.22 -0.21 52.84
CA GLY R 189 64.38 0.55 51.60
C GLY R 189 63.21 0.34 50.64
N SER R 190 62.07 -0.10 51.18
CA SER R 190 60.87 -0.34 50.39
C SER R 190 59.81 0.70 50.77
N HIS R 191 58.61 0.56 50.19
CA HIS R 191 57.50 1.44 50.49
C HIS R 191 56.92 1.13 51.86
N ALA R 192 57.40 0.04 52.48
CA ALA R 192 56.88 -0.42 53.76
C ALA R 192 57.62 0.26 54.91
N SER R 193 58.81 0.81 54.63
CA SER R 193 59.71 1.24 55.68
C SER R 193 60.29 2.64 55.41
N CYS R 194 59.86 3.26 54.30
CA CYS R 194 60.46 4.50 53.84
C CYS R 194 60.13 5.67 54.76
N SER R 195 59.07 5.53 55.58
CA SER R 195 58.74 6.52 56.58
C SER R 195 59.33 6.11 57.93
N SER R 196 58.96 4.91 58.39
CA SER R 196 59.22 4.43 59.74
C SER R 196 60.72 4.34 60.02
N PHE R 197 61.50 3.93 59.01
CA PHE R 197 62.94 3.82 59.17
C PHE R 197 63.65 5.03 58.59
N ALA R 198 63.58 5.17 57.26
CA ALA R 198 64.42 6.05 56.49
C ALA R 198 64.25 7.51 56.94
N GLN R 199 63.00 7.90 57.24
CA GLN R 199 62.65 9.29 57.46
C GLN R 199 62.59 9.60 58.96
N VAL R 200 61.97 8.70 59.73
CA VAL R 200 61.77 8.90 61.16
C VAL R 200 63.12 8.88 61.88
N GLU R 201 64.08 8.13 61.32
CA GLU R 201 65.42 8.04 61.89
C GLU R 201 66.44 8.64 60.92
N CYS R 202 66.01 9.67 60.18
CA CYS R 202 66.87 10.35 59.22
C CYS R 202 67.82 11.31 59.93
N ALA R 203 69.11 10.97 59.91
CA ALA R 203 70.15 11.71 60.61
C ALA R 203 70.07 13.21 60.30
N TRP R 204 70.10 13.55 59.01
CA TRP R 204 70.22 14.94 58.58
C TRP R 204 69.00 15.76 58.99
N SER R 205 67.82 15.13 58.88
CA SER R 205 66.56 15.80 59.20
C SER R 205 66.52 16.19 60.67
N ILE R 206 66.96 15.25 61.54
CA ILE R 206 67.03 15.47 62.97
C ILE R 206 68.06 16.56 63.29
N GLU R 207 69.22 16.48 62.64
CA GLU R 207 70.37 17.33 62.90
C GLU R 207 70.03 18.80 62.66
N ARG R 208 69.29 19.07 61.58
CA ARG R 208 69.18 20.42 61.05
C ARG R 208 67.91 21.09 61.59
N PRO R 209 67.75 22.42 61.40
CA PRO R 209 66.46 23.07 61.56
C PRO R 209 65.44 22.45 60.62
N PRO R 210 64.12 22.46 60.95
CA PRO R 210 63.10 21.96 60.05
C PRO R 210 62.89 23.00 58.94
N GLY R 211 62.72 22.54 57.71
CA GLY R 211 62.65 23.43 56.58
C GLY R 211 63.88 23.28 55.70
N ASP R 212 65.03 23.12 56.37
CA ASP R 212 66.26 22.71 55.73
C ASP R 212 65.99 21.41 54.97
N THR R 213 65.22 20.52 55.62
CA THR R 213 64.94 19.18 55.11
C THR R 213 63.44 18.90 55.13
N ALA R 214 62.63 19.96 54.95
CA ALA R 214 61.18 19.84 54.96
C ALA R 214 60.71 18.91 53.85
N GLY R 215 61.34 19.03 52.68
CA GLY R 215 60.99 18.25 51.51
C GLY R 215 61.12 16.75 51.75
N CYS R 216 61.99 16.37 52.70
CA CYS R 216 62.26 14.98 53.01
C CYS R 216 61.05 14.35 53.71
N THR R 217 60.37 15.14 54.56
CA THR R 217 59.17 14.70 55.24
C THR R 217 58.06 14.48 54.22
N PHE R 218 57.93 15.43 53.29
CA PHE R 218 56.86 15.43 52.31
C PHE R 218 57.02 14.29 51.31
N CYS R 219 58.26 13.86 51.08
CA CYS R 219 58.54 12.86 50.06
C CYS R 219 58.52 11.45 50.65
N HIS R 220 59.17 11.29 51.81
CA HIS R 220 59.49 9.97 52.33
C HIS R 220 58.29 9.28 52.96
N THR R 221 57.44 10.06 53.63
CA THR R 221 56.37 9.52 54.45
C THR R 221 55.27 8.92 53.56
N SER R 222 55.04 9.54 52.40
CA SER R 222 53.89 9.30 51.55
C SER R 222 53.68 7.81 51.24
N PRO R 223 54.64 7.08 50.61
CA PRO R 223 54.38 5.72 50.16
C PRO R 223 53.88 4.80 51.28
N GLU R 224 54.44 4.98 52.48
CA GLU R 224 54.16 4.11 53.61
C GLU R 224 52.87 4.53 54.31
N GLU R 225 52.64 5.85 54.40
CA GLU R 225 51.62 6.38 55.29
C GLU R 225 50.35 6.78 54.55
N ARG R 226 50.49 7.19 53.28
CA ARG R 226 49.36 7.71 52.52
C ARG R 226 49.19 6.96 51.20
N CYS R 227 48.00 6.38 51.01
CA CYS R 227 47.72 5.58 49.83
C CYS R 227 47.17 6.45 48.70
N SER R 228 47.22 7.78 48.88
CA SER R 228 46.92 8.69 47.80
C SER R 228 48.13 8.80 46.88
N THR R 229 49.17 8.01 47.20
CA THR R 229 50.37 7.89 46.40
C THR R 229 50.07 7.04 45.16
N CYS R 230 50.57 7.50 44.01
CA CYS R 230 50.43 6.81 42.72
C CYS R 230 49.04 7.03 42.13
N HIS R 231 48.00 6.65 42.87
CA HIS R 231 46.63 7.01 42.52
C HIS R 231 46.17 8.17 43.41
N GLN R 232 46.14 9.37 42.82
CA GLN R 232 45.92 10.61 43.54
C GLN R 232 44.55 10.63 44.17
N ARG R 233 44.43 11.31 45.31
CA ARG R 233 43.15 11.71 45.86
C ARG R 233 42.61 12.85 45.02
N HIS R 234 41.28 12.99 44.95
CA HIS R 234 40.32 12.11 45.59
C HIS R 234 39.71 11.17 44.54
N GLN R 235 40.37 11.05 43.40
CA GLN R 235 39.86 10.33 42.25
C GLN R 235 40.18 8.84 42.39
N PHE R 236 41.38 8.56 42.93
CA PHE R 236 41.88 7.21 43.18
C PHE R 236 41.69 6.34 41.94
N ASP R 237 42.27 6.79 40.83
CA ASP R 237 42.13 6.12 39.54
C ASP R 237 43.31 5.17 39.34
N PRO R 238 43.07 3.84 39.27
CA PRO R 238 44.16 2.88 39.02
C PRO R 238 44.79 3.09 37.63
N ALA R 239 44.02 3.68 36.72
CA ALA R 239 44.45 3.89 35.35
C ALA R 239 45.57 4.94 35.30
N VAL R 240 45.45 5.97 36.16
CA VAL R 240 46.48 7.00 36.22
C VAL R 240 47.67 6.47 37.01
N ALA R 241 47.41 5.53 37.93
CA ALA R 241 48.44 4.96 38.79
C ALA R 241 49.37 4.04 37.98
N ARG R 242 48.89 3.59 36.81
CA ARG R 242 49.62 2.62 35.99
C ARG R 242 50.63 3.33 35.08
N ARG R 243 50.61 4.67 35.09
CA ARG R 243 51.49 5.47 34.25
C ARG R 243 52.86 5.63 34.92
N SER R 244 53.90 5.55 34.09
CA SER R 244 55.28 5.57 34.55
C SER R 244 55.58 6.85 35.35
N GLU R 245 55.03 7.98 34.88
CA GLU R 245 55.37 9.28 35.42
C GLU R 245 55.02 9.38 36.90
N GLN R 246 54.14 8.49 37.38
CA GLN R 246 53.68 8.53 38.76
C GLN R 246 54.87 8.43 39.72
N CYS R 247 55.88 7.66 39.31
CA CYS R 247 57.02 7.33 40.15
C CYS R 247 58.05 8.46 40.14
N LYS R 248 57.99 9.30 39.10
CA LYS R 248 59.02 10.30 38.83
C LYS R 248 59.10 11.32 39.97
N THR R 249 57.99 11.55 40.66
CA THR R 249 57.89 12.64 41.62
C THR R 249 58.82 12.40 42.80
N CYS R 250 59.19 11.14 43.03
CA CYS R 250 60.08 10.79 44.13
C CYS R 250 61.35 10.14 43.58
N HIS R 251 61.20 9.35 42.51
CA HIS R 251 62.30 8.55 41.97
C HIS R 251 63.03 9.31 40.88
N TRP R 252 63.57 10.49 41.24
CA TRP R 252 64.38 11.29 40.35
C TRP R 252 65.48 11.95 41.16
N GLY R 253 66.39 12.63 40.45
CA GLY R 253 67.29 13.58 41.08
C GLY R 253 68.64 12.98 41.47
N LYS R 254 69.29 13.64 42.42
CA LYS R 254 70.73 13.58 42.62
C LYS R 254 71.19 12.19 43.02
N ASP R 255 70.36 11.45 43.76
CA ASP R 255 70.84 10.22 44.39
C ASP R 255 70.06 9.00 43.91
N HIS R 256 69.18 9.18 42.90
CA HIS R 256 68.46 8.09 42.27
C HIS R 256 67.77 8.61 41.01
N ARG R 257 68.49 8.54 39.88
CA ARG R 257 67.97 8.99 38.60
C ARG R 257 67.15 7.87 37.97
N ASP R 258 66.15 7.37 38.71
CA ASP R 258 65.33 6.25 38.27
C ASP R 258 64.52 6.68 37.07
N TRP R 259 63.79 7.80 37.21
CA TRP R 259 62.96 8.33 36.15
C TRP R 259 63.83 8.73 34.96
N GLU R 260 64.87 9.52 35.22
CA GLU R 260 65.73 10.04 34.16
C GLU R 260 66.29 8.90 33.32
N ALA R 261 66.74 7.82 33.99
CA ALA R 261 67.35 6.69 33.32
C ALA R 261 66.33 5.99 32.43
N TYR R 262 65.14 5.74 32.99
CA TYR R 262 64.07 5.09 32.26
C TYR R 262 63.64 5.96 31.08
N ASP R 263 63.42 7.24 31.37
CA ASP R 263 62.82 8.19 30.44
C ASP R 263 63.65 8.32 29.17
N ILE R 264 64.99 8.36 29.33
CA ILE R 264 65.88 8.68 28.22
C ILE R 264 66.30 7.40 27.50
N GLY R 265 66.22 6.26 28.20
CA GLY R 265 66.47 4.96 27.62
C GLY R 265 65.45 4.65 26.51
N LEU R 266 65.67 3.55 25.80
CA LEU R 266 64.80 3.21 24.68
C LEU R 266 63.41 2.80 25.17
N HIS R 267 63.33 2.23 26.39
CA HIS R 267 62.04 1.94 27.01
C HIS R 267 61.25 3.23 27.19
N GLY R 268 61.94 4.26 27.70
CA GLY R 268 61.32 5.56 27.95
C GLY R 268 61.01 6.31 26.65
N THR R 269 61.84 6.07 25.63
CA THR R 269 61.62 6.62 24.30
C THR R 269 60.35 6.01 23.71
N VAL R 270 60.28 4.67 23.73
CA VAL R 270 59.12 3.93 23.28
C VAL R 270 57.89 4.44 24.03
N TYR R 271 58.04 4.65 25.35
CA TYR R 271 56.94 5.06 26.20
C TYR R 271 56.40 6.41 25.76
N GLN R 272 57.30 7.40 25.62
CA GLN R 272 56.90 8.78 25.38
C GLN R 272 56.27 8.90 24.00
N VAL R 273 56.68 8.02 23.08
CA VAL R 273 56.25 8.08 21.69
C VAL R 273 54.86 7.47 21.55
N ASN R 274 54.50 6.56 22.47
CA ASN R 274 53.37 5.67 22.25
C ASN R 274 52.32 5.79 23.36
N LYS R 275 52.62 6.53 24.43
CA LYS R 275 51.87 6.41 25.68
C LYS R 275 50.41 6.87 25.51
N TRP R 276 50.17 7.76 24.54
CA TRP R 276 48.83 8.27 24.31
C TRP R 276 48.17 7.55 23.13
N ASP R 277 48.88 6.56 22.56
CA ASP R 277 48.31 5.68 21.56
C ASP R 277 47.76 4.45 22.28
N THR R 278 46.43 4.32 22.24
CA THR R 278 45.71 3.32 23.00
C THR R 278 46.01 1.92 22.45
N GLU R 279 46.50 1.85 21.20
CA GLU R 279 46.82 0.60 20.54
C GLU R 279 48.15 0.05 21.03
N GLN R 280 48.94 0.92 21.69
CA GLN R 280 50.29 0.57 22.11
C GLN R 280 50.34 0.49 23.64
N PHE R 281 49.59 1.38 24.30
CA PHE R 281 49.52 1.42 25.75
C PHE R 281 48.08 1.60 26.19
N ASP R 282 47.51 0.54 26.79
CA ASP R 282 46.14 0.56 27.27
C ASP R 282 46.15 0.54 28.80
N PHE R 283 45.92 1.71 29.40
CA PHE R 283 46.06 1.87 30.84
C PHE R 283 44.80 1.41 31.56
N SER R 284 43.75 1.08 30.79
CA SER R 284 42.51 0.60 31.36
C SER R 284 42.66 -0.86 31.77
N LYS R 285 43.58 -1.57 31.10
CA LYS R 285 43.89 -2.96 31.41
C LYS R 285 44.58 -3.04 32.77
N LYS R 286 44.29 -4.12 33.52
CA LYS R 286 45.01 -4.42 34.75
C LYS R 286 46.41 -4.92 34.40
N LEU R 287 47.34 -4.81 35.35
CA LEU R 287 48.74 -5.06 35.09
C LEU R 287 48.96 -6.52 34.70
N SER R 288 48.05 -7.40 35.14
CA SER R 288 48.13 -8.80 34.79
C SER R 288 47.88 -9.01 33.29
N ASP R 289 47.14 -8.07 32.68
CA ASP R 289 46.74 -8.21 31.29
C ASP R 289 47.49 -7.19 30.43
N ALA R 290 48.46 -6.50 31.04
CA ALA R 290 49.21 -5.46 30.35
C ALA R 290 49.96 -6.07 29.18
N ASP R 291 49.67 -5.56 27.98
CA ASP R 291 50.28 -6.04 26.75
C ASP R 291 50.89 -4.87 25.98
N TYR R 292 51.60 -4.00 26.71
CA TYR R 292 52.18 -2.80 26.13
C TYR R 292 53.27 -3.17 25.12
N VAL R 293 53.61 -2.22 24.24
CA VAL R 293 54.72 -2.38 23.32
C VAL R 293 56.02 -2.34 24.10
N GLY R 294 56.10 -1.43 25.09
CA GLY R 294 57.25 -1.30 25.96
C GLY R 294 56.85 -1.31 27.44
N PRO R 295 57.81 -1.52 28.37
CA PRO R 295 57.50 -1.60 29.80
C PRO R 295 57.34 -0.25 30.49
N THR R 296 56.56 -0.26 31.57
CA THR R 296 56.43 0.85 32.49
C THR R 296 57.12 0.44 33.80
N CYS R 297 57.35 1.40 34.70
CA CYS R 297 57.91 1.11 36.00
C CYS R 297 57.10 -0.01 36.64
N GLN R 298 55.76 0.12 36.53
CA GLN R 298 54.81 -0.78 37.13
C GLN R 298 54.92 -2.16 36.49
N TYR R 299 55.15 -2.19 35.17
CA TYR R 299 55.24 -3.43 34.42
C TYR R 299 56.32 -4.33 35.00
N CYS R 300 57.43 -3.73 35.47
CA CYS R 300 58.59 -4.45 35.93
C CYS R 300 58.58 -4.62 37.45
N HIS R 301 58.25 -3.54 38.18
CA HIS R 301 58.40 -3.53 39.63
C HIS R 301 57.12 -3.97 40.34
N MET R 302 55.97 -3.77 39.68
CA MET R 302 54.68 -4.13 40.25
C MET R 302 54.03 -5.19 39.37
N ARG R 303 54.84 -6.16 38.93
CA ARG R 303 54.40 -7.32 38.16
C ARG R 303 53.12 -7.90 38.77
N GLY R 304 52.10 -8.04 37.93
CA GLY R 304 50.83 -8.64 38.33
C GLY R 304 49.98 -7.71 39.19
N GLY R 305 50.48 -6.50 39.44
CA GLY R 305 49.78 -5.51 40.25
C GLY R 305 50.14 -5.59 41.73
N HIS R 306 51.13 -6.43 42.06
CA HIS R 306 51.57 -6.59 43.43
C HIS R 306 52.11 -5.26 43.97
N HIS R 307 51.73 -4.91 45.20
CA HIS R 307 51.99 -3.60 45.74
C HIS R 307 53.34 -3.52 46.44
N ASN R 308 53.94 -4.68 46.72
CA ASN R 308 55.33 -4.70 47.16
C ASN R 308 56.21 -4.44 45.95
N VAL R 309 56.73 -3.21 45.89
CA VAL R 309 57.41 -2.68 44.72
C VAL R 309 58.85 -3.21 44.69
N GLN R 310 59.26 -3.81 45.81
CA GLN R 310 60.61 -4.31 45.99
C GLN R 310 60.63 -5.83 45.79
N ARG R 311 59.48 -6.39 45.44
CA ARG R 311 59.27 -7.82 45.41
C ARG R 311 60.33 -8.53 44.56
N ALA R 312 60.69 -7.93 43.43
CA ALA R 312 61.55 -8.57 42.44
C ALA R 312 63.01 -8.24 42.69
N SER R 313 63.29 -7.33 43.64
CA SER R 313 64.64 -6.88 43.95
C SER R 313 65.52 -8.05 44.38
N ILE R 314 66.80 -8.00 44.00
CA ILE R 314 67.72 -9.08 44.27
C ILE R 314 68.29 -8.95 45.68
N VAL R 315 68.93 -7.81 45.97
CA VAL R 315 69.50 -7.54 47.28
C VAL R 315 69.62 -6.02 47.47
N TYR R 316 69.34 -5.57 48.71
CA TYR R 316 69.41 -4.15 49.04
C TYR R 316 70.87 -3.72 49.14
N THR R 317 71.21 -2.69 48.35
CA THR R 317 72.60 -2.26 48.18
C THR R 317 72.73 -0.79 48.52
N SER R 318 71.85 -0.31 49.41
CA SER R 318 71.92 1.03 49.97
C SER R 318 71.93 2.05 48.83
N MET R 319 70.88 1.99 48.00
CA MET R 319 70.65 2.92 46.89
C MET R 319 71.60 2.66 45.74
N GLY R 320 72.36 1.56 45.83
CA GLY R 320 73.34 1.23 44.81
C GLY R 320 74.73 1.78 45.13
N MET R 321 74.87 2.33 46.34
CA MET R 321 76.15 2.81 46.84
C MET R 321 77.01 1.62 47.27
N SER R 322 76.38 0.64 47.93
CA SER R 322 77.02 -0.64 48.17
C SER R 322 77.00 -1.46 46.87
N MET R 323 77.93 -2.42 46.77
CA MET R 323 78.18 -3.11 45.52
C MET R 323 77.95 -4.61 45.69
N ALA R 324 77.32 -5.22 44.68
CA ALA R 324 77.10 -6.65 44.62
C ALA R 324 77.08 -7.09 43.16
N ASP R 325 77.69 -8.25 42.88
CA ASP R 325 77.55 -8.89 41.59
C ASP R 325 76.24 -9.69 41.62
N ARG R 326 75.19 -9.08 41.07
CA ARG R 326 73.85 -9.66 41.09
C ARG R 326 73.78 -10.83 40.11
N GLY R 327 74.76 -10.91 39.20
CA GLY R 327 74.83 -11.97 38.21
C GLY R 327 75.57 -13.20 38.71
N ALA R 328 76.05 -13.13 39.96
CA ALA R 328 76.82 -14.22 40.55
C ALA R 328 75.89 -15.41 40.83
N PRO R 329 76.42 -16.66 40.83
CA PRO R 329 75.60 -17.86 41.03
C PRO R 329 74.75 -17.83 42.30
N LEU R 330 75.17 -17.02 43.28
CA LEU R 330 74.46 -16.86 44.53
C LEU R 330 73.04 -16.34 44.29
N TRP R 331 72.91 -15.44 43.31
CA TRP R 331 71.64 -14.76 43.05
C TRP R 331 70.99 -15.29 41.77
N LYS R 332 71.35 -16.52 41.37
CA LYS R 332 70.96 -17.04 40.07
C LYS R 332 69.44 -17.00 39.92
N GLU R 333 68.73 -17.49 40.94
CA GLU R 333 67.28 -17.66 40.89
C GLU R 333 66.59 -16.29 40.81
N LYS R 334 67.18 -15.30 41.47
CA LYS R 334 66.62 -13.96 41.56
C LYS R 334 66.83 -13.21 40.24
N ARG R 335 67.99 -13.42 39.61
CA ARG R 335 68.30 -12.82 38.32
C ARG R 335 67.44 -13.48 37.24
N ASP R 336 67.26 -14.80 37.35
CA ASP R 336 66.42 -15.57 36.44
C ASP R 336 65.01 -14.99 36.42
N ARG R 337 64.52 -14.58 37.59
CA ARG R 337 63.18 -14.01 37.72
C ARG R 337 63.08 -12.72 36.91
N TRP R 338 64.15 -11.92 36.92
CA TRP R 338 64.21 -10.68 36.15
C TRP R 338 64.21 -10.97 34.66
N VAL R 339 64.92 -12.03 34.26
CA VAL R 339 64.98 -12.46 32.88
C VAL R 339 63.57 -12.86 32.42
N SER R 340 62.79 -13.43 33.36
CA SER R 340 61.42 -13.86 33.11
C SER R 340 60.52 -12.67 32.75
N ILE R 341 60.84 -11.51 33.32
CA ILE R 341 60.09 -10.28 33.08
C ILE R 341 60.48 -9.71 31.71
N CYS R 342 61.78 -9.70 31.43
CA CYS R 342 62.28 -9.19 30.16
C CYS R 342 61.88 -10.15 29.03
N ASP R 343 61.79 -11.44 29.35
CA ASP R 343 61.36 -12.51 28.46
C ASP R 343 60.15 -12.11 27.63
N ASP R 344 59.31 -11.23 28.18
CA ASP R 344 58.05 -10.85 27.59
C ASP R 344 58.26 -10.28 26.18
N CYS R 345 59.41 -9.64 25.97
CA CYS R 345 59.63 -8.90 24.73
C CYS R 345 61.05 -9.08 24.21
N HIS R 346 61.81 -9.98 24.84
CA HIS R 346 63.19 -10.25 24.46
C HIS R 346 63.49 -11.74 24.66
N SER R 347 64.53 -12.22 23.96
CA SER R 347 65.05 -13.55 24.23
C SER R 347 65.69 -13.56 25.61
N PRO R 348 65.60 -14.70 26.36
CA PRO R 348 66.26 -14.83 27.65
C PRO R 348 67.72 -14.39 27.59
N ARG R 349 68.42 -14.83 26.52
CA ARG R 349 69.84 -14.58 26.36
C ARG R 349 70.13 -13.09 26.30
N PHE R 350 69.38 -12.37 25.45
CA PHE R 350 69.57 -10.95 25.25
C PHE R 350 69.45 -10.22 26.59
N ALA R 351 68.42 -10.56 27.37
CA ALA R 351 68.14 -9.90 28.63
C ALA R 351 69.21 -10.27 29.67
N ARG R 352 69.54 -11.56 29.74
N ARG R 352 69.54 -11.57 29.73
CA ARG R 352 70.50 -12.06 30.71
CA ARG R 352 70.50 -12.10 30.68
C ARG R 352 71.83 -11.33 30.54
C ARG R 352 71.82 -11.36 30.54
N GLU R 353 72.26 -11.20 29.28
CA GLU R 353 73.57 -10.68 28.96
C GLU R 353 73.61 -9.16 29.14
N ASN R 354 72.46 -8.50 28.92
CA ASN R 354 72.36 -7.06 29.10
C ASN R 354 72.46 -6.71 30.57
N LEU R 355 71.87 -7.55 31.43
CA LEU R 355 71.91 -7.32 32.86
C LEU R 355 73.28 -7.71 33.41
N GLN R 356 73.96 -8.62 32.71
CA GLN R 356 75.34 -8.97 33.06
C GLN R 356 76.23 -7.77 32.84
N ALA R 357 75.99 -7.02 31.76
CA ALA R 357 76.73 -5.80 31.45
C ALA R 357 76.58 -4.80 32.60
N MET R 358 75.37 -4.73 33.16
CA MET R 358 75.09 -3.85 34.30
C MET R 358 76.00 -4.25 35.46
N ASP R 359 76.06 -5.56 35.75
CA ASP R 359 76.84 -6.10 36.84
C ASP R 359 78.30 -5.68 36.71
N GLU R 360 78.80 -5.68 35.47
CA GLU R 360 80.19 -5.36 35.18
C GLU R 360 80.44 -3.88 35.40
N SER R 361 79.48 -3.04 34.99
CA SER R 361 79.56 -1.60 35.17
C SER R 361 79.62 -1.26 36.65
N VAL R 362 78.82 -1.99 37.45
CA VAL R 362 78.69 -1.78 38.88
C VAL R 362 80.01 -2.11 39.57
N LYS R 363 80.65 -3.21 39.14
CA LYS R 363 81.88 -3.68 39.72
C LYS R 363 83.03 -2.73 39.38
N ASP R 364 83.03 -2.25 38.13
CA ASP R 364 84.07 -1.36 37.64
C ASP R 364 83.95 0.01 38.29
N ALA R 365 82.72 0.36 38.71
CA ALA R 365 82.46 1.64 39.35
C ALA R 365 83.06 1.65 40.76
N SER R 366 82.93 0.51 41.45
CA SER R 366 83.42 0.39 42.82
C SER R 366 84.95 0.29 42.83
N LEU R 367 85.52 -0.25 41.75
CA LEU R 367 86.96 -0.26 41.55
C LEU R 367 87.50 1.17 41.60
N LYS R 368 86.81 2.08 40.89
CA LYS R 368 87.16 3.48 40.85
C LYS R 368 87.02 4.11 42.24
N TYR R 369 85.93 3.79 42.94
CA TYR R 369 85.67 4.41 44.23
C TYR R 369 86.67 3.94 45.26
N ARG R 370 87.07 2.66 45.19
CA ARG R 370 88.07 2.13 46.09
C ARG R 370 89.36 2.93 45.97
N GLU R 371 89.72 3.30 44.72
CA GLU R 371 90.89 4.13 44.48
C GLU R 371 90.66 5.53 45.05
N THR R 372 89.43 6.03 44.89
CA THR R 372 89.07 7.36 45.36
C THR R 372 89.12 7.41 46.88
N PHE R 373 88.59 6.35 47.52
CA PHE R 373 88.49 6.28 48.97
C PHE R 373 89.88 6.18 49.59
N LYS R 374 90.76 5.39 48.95
CA LYS R 374 92.12 5.18 49.43
C LYS R 374 92.82 6.52 49.61
N VAL R 375 92.67 7.42 48.62
CA VAL R 375 93.28 8.73 48.64
C VAL R 375 92.80 9.51 49.86
N ALA R 376 91.49 9.40 50.15
CA ALA R 376 90.87 10.13 51.24
C ALA R 376 91.28 9.52 52.58
N GLU R 377 91.35 8.18 52.64
CA GLU R 377 91.66 7.46 53.85
C GLU R 377 93.11 7.72 54.25
N ASP R 378 93.98 7.83 53.23
CA ASP R 378 95.41 8.04 53.46
C ASP R 378 95.65 9.40 54.08
N LEU R 379 94.84 10.40 53.67
CA LEU R 379 94.95 11.74 54.21
C LEU R 379 94.63 11.74 55.71
N LEU R 380 93.69 10.88 56.11
CA LEU R 380 93.25 10.79 57.49
C LEU R 380 94.32 10.08 58.34
N ILE R 381 94.83 8.96 57.81
CA ILE R 381 95.79 8.14 58.50
C ILE R 381 97.10 8.92 58.67
N ASP R 382 97.48 9.67 57.64
CA ASP R 382 98.70 10.48 57.65
C ASP R 382 98.47 11.77 58.43
N GLY R 383 97.20 12.03 58.78
CA GLY R 383 96.83 13.15 59.64
C GLY R 383 96.96 14.50 58.94
N VAL R 384 97.03 14.50 57.61
CA VAL R 384 97.28 15.71 56.85
C VAL R 384 95.99 16.23 56.22
N LEU R 385 94.87 15.52 56.48
CA LEU R 385 93.55 15.93 56.04
C LEU R 385 93.22 17.28 56.66
N ASP R 386 92.63 18.18 55.85
CA ASP R 386 92.55 19.58 56.20
C ASP R 386 91.09 20.05 56.24
N PRO R 387 90.45 19.99 57.42
CA PRO R 387 91.06 19.54 58.66
C PRO R 387 90.65 18.12 59.05
N MET R 388 91.21 17.64 60.16
CA MET R 388 90.88 16.35 60.72
C MET R 388 89.51 16.44 61.38
N PRO R 389 88.75 15.32 61.50
CA PRO R 389 87.40 15.32 62.07
C PRO R 389 87.24 16.04 63.40
N LYS R 390 88.30 16.02 64.22
CA LYS R 390 88.29 16.60 65.56
C LYS R 390 88.16 18.13 65.48
N ASP R 391 88.51 18.71 64.33
CA ASP R 391 88.56 20.15 64.16
C ASP R 391 87.34 20.63 63.36
N LEU R 392 86.48 19.69 62.97
CA LEU R 392 85.20 20.00 62.36
C LEU R 392 84.17 20.20 63.46
N CYS R 393 83.04 20.82 63.11
CA CYS R 393 81.86 20.86 63.96
C CYS R 393 81.46 19.44 64.33
N PRO R 394 81.01 19.17 65.57
CA PRO R 394 80.53 17.84 65.96
C PRO R 394 79.35 17.40 65.07
N ASP R 395 79.32 16.11 64.76
CA ASP R 395 78.27 15.54 63.92
C ASP R 395 76.93 15.56 64.67
N TRP R 396 75.89 15.06 64.01
CA TRP R 396 74.53 15.07 64.54
C TRP R 396 74.49 14.42 65.92
N SER R 397 75.38 13.45 66.13
CA SER R 397 75.44 12.63 67.33
C SER R 397 76.08 13.41 68.47
N GLY R 398 76.85 14.45 68.13
CA GLY R 398 77.63 15.22 69.08
C GLY R 398 79.05 14.67 69.22
N GLN R 399 79.50 13.95 68.19
CA GLN R 399 80.80 13.29 68.17
C GLN R 399 81.65 13.86 67.04
N HIS R 400 82.94 13.48 67.03
CA HIS R 400 83.86 13.90 65.99
C HIS R 400 84.36 12.69 65.20
N ILE R 401 83.42 11.79 64.84
CA ILE R 401 83.73 10.61 64.05
C ILE R 401 83.91 11.02 62.58
N TRP R 402 84.84 10.35 61.90
CA TRP R 402 85.11 10.60 60.49
C TRP R 402 83.85 10.32 59.68
N SER R 403 83.52 11.26 58.78
CA SER R 403 82.35 11.20 57.91
C SER R 403 82.27 9.84 57.19
N LEU R 404 83.39 9.40 56.63
CA LEU R 404 83.42 8.30 55.68
C LEU R 404 83.63 6.95 56.40
N LYS R 405 83.67 6.98 57.73
CA LYS R 405 83.94 5.77 58.49
C LYS R 405 82.75 4.82 58.42
N ILE R 406 83.02 3.61 57.92
CA ILE R 406 82.07 2.52 57.93
C ILE R 406 82.47 1.55 59.04
N GLY R 407 81.60 1.45 60.05
CA GLY R 407 81.89 0.71 61.27
C GLY R 407 82.26 -0.75 61.02
N ALA R 408 81.76 -1.32 59.91
CA ALA R 408 81.95 -2.73 59.62
C ALA R 408 83.34 -2.99 59.04
N TYR R 409 83.99 -1.92 58.54
CA TYR R 409 85.26 -2.07 57.84
C TYR R 409 86.38 -1.29 58.54
N HIS R 410 86.02 -0.21 59.25
CA HIS R 410 87.00 0.70 59.81
C HIS R 410 86.98 0.65 61.34
N ASP R 411 88.18 0.60 61.94
CA ASP R 411 88.35 0.66 63.38
C ASP R 411 89.73 1.24 63.69
N GLY R 412 89.78 2.20 64.61
CA GLY R 412 91.03 2.84 64.98
C GLY R 412 90.82 4.20 65.62
N GLU R 413 91.93 4.76 66.13
CA GLU R 413 91.92 6.02 66.85
C GLU R 413 91.60 7.16 65.89
N ALA R 414 92.11 7.04 64.65
CA ALA R 414 92.04 8.09 63.64
C ALA R 414 90.60 8.27 63.16
N TYR R 415 89.82 7.18 63.20
CA TYR R 415 88.47 7.17 62.67
C TYR R 415 87.49 7.75 63.68
N GLY R 416 87.75 7.48 64.97
CA GLY R 416 86.89 7.92 66.06
C GLY R 416 85.72 6.96 66.29
N GLY R 417 84.95 7.22 67.36
CA GLY R 417 83.78 6.42 67.70
C GLY R 417 84.16 5.05 68.27
N THR R 418 83.15 4.34 68.78
CA THR R 418 83.33 3.02 69.36
C THR R 418 83.49 2.00 68.23
N THR R 419 83.89 0.78 68.61
CA THR R 419 84.10 -0.30 67.65
C THR R 419 82.77 -0.67 67.00
N GLY R 420 82.75 -0.68 65.66
CA GLY R 420 81.59 -1.08 64.88
C GLY R 420 80.68 0.10 64.55
N GLU R 421 80.92 1.24 65.19
CA GLU R 421 80.12 2.44 64.99
C GLU R 421 80.60 3.19 63.75
N SER R 422 79.66 3.59 62.90
CA SER R 422 79.96 4.34 61.68
C SER R 422 79.97 5.84 61.96
N GLY R 423 80.47 6.60 60.98
CA GLY R 423 80.39 8.04 61.02
C GLY R 423 79.11 8.54 60.36
N GLU R 424 78.84 9.84 60.46
CA GLU R 424 77.69 10.43 59.80
C GLU R 424 78.06 10.72 58.36
N PHE R 425 77.68 9.79 57.47
CA PHE R 425 77.90 9.91 56.04
C PHE R 425 77.16 11.14 55.53
N ARG R 426 77.90 12.09 54.96
CA ARG R 426 77.32 13.38 54.60
C ARG R 426 78.15 14.09 53.53
N MET R 427 77.52 15.11 52.92
CA MET R 427 78.16 15.98 51.94
C MET R 427 78.36 17.35 52.57
N SER R 428 77.91 17.49 53.82
CA SER R 428 77.93 18.74 54.55
C SER R 428 78.92 18.64 55.72
N ASN R 429 79.38 19.81 56.20
CA ASN R 429 80.23 19.90 57.38
C ASN R 429 81.36 18.87 57.30
N CYS R 430 82.23 19.06 56.30
CA CYS R 430 83.34 18.14 56.05
C CYS R 430 84.34 18.83 55.12
N THR R 431 85.39 18.09 54.76
CA THR R 431 86.39 18.55 53.81
C THR R 431 85.86 18.35 52.39
N ASP R 432 86.51 18.99 51.41
CA ASP R 432 86.18 18.80 50.01
C ASP R 432 86.40 17.33 49.62
N VAL R 433 87.44 16.72 50.19
CA VAL R 433 87.81 15.35 49.87
C VAL R 433 86.70 14.41 50.33
N GLU R 434 86.19 14.65 51.54
CA GLU R 434 85.08 13.88 52.09
C GLU R 434 83.84 14.06 51.22
N ARG R 435 83.57 15.31 50.85
CA ARG R 435 82.40 15.71 50.08
C ARG R 435 82.42 15.04 48.71
N LEU R 436 83.57 15.09 48.03
CA LEU R 436 83.71 14.58 46.67
C LEU R 436 83.59 13.06 46.68
N CYS R 437 84.03 12.42 47.77
CA CYS R 437 83.89 10.98 47.92
C CYS R 437 82.41 10.62 48.04
N PHE R 438 81.68 11.41 48.85
CA PHE R 438 80.26 11.21 49.03
C PHE R 438 79.56 11.34 47.68
N GLU R 439 79.90 12.40 46.93
CA GLU R 439 79.29 12.68 45.65
C GLU R 439 79.57 11.55 44.66
N SER R 440 80.79 10.98 44.73
CA SER R 440 81.21 9.99 43.75
C SER R 440 80.39 8.71 43.89
N VAL R 441 80.19 8.26 45.13
CA VAL R 441 79.51 7.00 45.40
C VAL R 441 78.01 7.23 45.58
N GLY R 442 77.65 8.41 46.10
CA GLY R 442 76.28 8.70 46.50
C GLY R 442 75.46 9.30 45.38
N TYR R 443 76.12 9.90 44.38
CA TYR R 443 75.46 10.45 43.22
C TYR R 443 75.86 9.68 41.97
N PHE R 444 77.14 9.82 41.57
CA PHE R 444 77.61 9.38 40.26
C PHE R 444 77.49 7.87 40.11
N GLN R 445 77.83 7.12 41.16
CA GLN R 445 77.83 5.67 41.12
C GLN R 445 76.41 5.15 40.93
N THR R 446 75.44 5.84 41.54
CA THR R 446 74.04 5.44 41.46
C THR R 446 73.53 5.62 40.04
N TYR R 447 74.09 6.61 39.32
CA TYR R 447 73.70 6.86 37.94
C TYR R 447 74.13 5.68 37.06
N ILE R 448 75.19 4.99 37.47
CA ILE R 448 75.71 3.86 36.73
C ILE R 448 74.80 2.66 36.93
N TYR R 449 74.46 2.37 38.20
CA TYR R 449 73.58 1.25 38.52
C TYR R 449 72.21 1.45 37.90
N LYS R 450 71.56 2.58 38.23
CA LYS R 450 70.22 2.87 37.77
C LYS R 450 70.22 3.06 36.25
N GLY R 451 71.27 3.71 35.73
CA GLY R 451 71.42 3.93 34.31
C GLY R 451 71.42 2.62 33.53
N MET R 452 72.27 1.69 33.95
CA MET R 452 72.46 0.43 33.25
C MET R 452 71.24 -0.47 33.44
N ALA R 453 70.57 -0.33 34.58
CA ALA R 453 69.41 -1.14 34.92
C ALA R 453 68.21 -0.73 34.05
N HIS R 454 68.17 0.54 33.65
CA HIS R 454 67.01 1.07 32.97
C HIS R 454 67.29 1.36 31.50
N GLY R 455 68.54 1.13 31.09
CA GLY R 455 68.92 1.17 29.68
C GLY R 455 69.38 2.55 29.23
N SER R 456 69.74 3.41 30.18
CA SER R 456 70.30 4.72 29.87
C SER R 456 71.82 4.65 29.82
N TRP R 457 72.35 4.54 28.61
CA TRP R 457 73.77 4.31 28.38
C TRP R 457 74.59 5.55 28.74
N ASN R 458 73.98 6.74 28.58
CA ASN R 458 74.68 7.98 28.80
C ASN R 458 74.72 8.29 30.30
N ASP R 459 73.69 7.84 31.03
CA ASP R 459 73.65 8.02 32.48
C ASP R 459 74.76 7.21 33.14
N ALA R 460 75.20 6.15 32.45
CA ALA R 460 76.18 5.23 33.01
C ALA R 460 77.59 5.64 32.59
N THR R 461 77.69 6.61 31.67
CA THR R 461 78.96 7.02 31.11
C THR R 461 79.13 8.54 31.20
N TYR R 462 78.78 9.24 30.13
CA TYR R 462 79.08 10.66 29.96
C TYR R 462 78.34 11.51 30.98
N SER R 463 77.04 11.24 31.16
CA SER R 463 76.16 12.09 31.95
C SER R 463 76.34 11.80 33.44
N ASP R 464 77.53 12.15 33.94
CA ASP R 464 77.88 12.12 35.36
C ASP R 464 77.91 10.69 35.86
N GLY R 465 78.13 9.74 34.95
CA GLY R 465 78.18 8.33 35.30
C GLY R 465 79.61 7.91 35.62
N SER R 466 80.12 6.96 34.82
CA SER R 466 81.50 6.48 34.92
C SER R 466 82.46 7.66 34.85
N PHE R 467 82.20 8.58 33.92
CA PHE R 467 83.09 9.69 33.64
C PHE R 467 82.92 10.80 34.68
N GLY R 468 81.78 10.77 35.39
CA GLY R 468 81.58 11.63 36.54
C GLY R 468 82.52 11.24 37.68
N MET R 469 82.60 9.92 37.93
CA MET R 469 83.46 9.38 38.97
C MET R 469 84.93 9.66 38.63
N ASP R 470 85.24 9.57 37.32
CA ASP R 470 86.56 9.86 36.78
C ASP R 470 86.97 11.30 37.15
N ARG R 471 86.03 12.22 36.92
CA ARG R 471 86.27 13.64 37.11
C ARG R 471 86.49 13.94 38.60
N TRP R 472 85.74 13.23 39.45
CA TRP R 472 85.79 13.45 40.89
C TRP R 472 87.06 12.81 41.47
N LEU R 473 87.51 11.71 40.86
CA LEU R 473 88.76 11.07 41.28
C LEU R 473 89.93 12.03 41.09
N VAL R 474 89.93 12.72 39.94
CA VAL R 474 90.93 13.74 39.62
C VAL R 474 90.84 14.86 40.66
N ASN R 475 89.60 15.25 40.99
CA ASN R 475 89.36 16.36 41.90
C ASN R 475 89.86 16.00 43.30
N VAL R 476 89.66 14.74 43.70
CA VAL R 476 90.07 14.25 45.01
C VAL R 476 91.60 14.22 45.08
N LYS R 477 92.23 13.69 44.02
CA LYS R 477 93.68 13.56 43.95
C LYS R 477 94.34 14.94 44.04
N GLN R 478 93.77 15.91 43.34
CA GLN R 478 94.29 17.28 43.32
C GLN R 478 94.21 17.89 44.70
N ASN R 479 93.08 17.68 45.39
CA ASN R 479 92.84 18.23 46.72
C ASN R 479 93.77 17.54 47.72
N ALA R 480 94.06 16.26 47.50
CA ALA R 480 94.97 15.52 48.36
C ALA R 480 96.38 16.06 48.18
N SER R 481 96.77 16.28 46.92
CA SER R 481 98.10 16.77 46.56
C SER R 481 98.36 18.12 47.22
N ARG R 482 97.39 19.03 47.11
CA ARG R 482 97.52 20.39 47.61
C ARG R 482 97.67 20.36 49.13
N ALA R 483 96.86 19.53 49.80
CA ALA R 483 96.85 19.44 51.24
C ALA R 483 98.17 18.88 51.76
N ARG R 484 98.74 17.94 51.02
CA ARG R 484 100.00 17.30 51.39
C ARG R 484 101.16 18.25 51.16
N ARG R 485 101.05 19.08 50.12
CA ARG R 485 102.09 20.03 49.75
C ARG R 485 102.18 21.14 50.78
N LEU R 486 101.02 21.54 51.33
CA LEU R 486 100.94 22.58 52.33
C LEU R 486 101.48 22.06 53.66
N ALA R 487 101.14 20.82 54.01
CA ALA R 487 101.56 20.19 55.25
C ALA R 487 103.08 20.04 55.29
N ALA R 488 103.66 19.71 54.13
CA ALA R 488 105.10 19.53 53.99
C ALA R 488 105.83 20.85 54.16
N LEU R 489 105.26 21.92 53.56
CA LEU R 489 105.84 23.25 53.62
C LEU R 489 105.79 23.78 55.05
N GLU R 490 104.69 23.51 55.74
CA GLU R 490 104.46 24.02 57.08
C GLU R 490 105.38 23.32 58.08
N LYS R 491 105.66 22.04 57.85
CA LYS R 491 106.58 21.29 58.70
C LYS R 491 107.98 21.91 58.60
N LYS R 492 108.45 22.14 57.37
CA LYS R 492 109.81 22.57 57.12
C LYS R 492 110.02 24.00 57.61
N VAL R 493 108.98 24.83 57.50
CA VAL R 493 109.08 26.23 57.88
C VAL R 493 108.80 26.38 59.37
N GLY R 494 108.18 25.34 59.95
CA GLY R 494 107.93 25.28 61.38
C GLY R 494 106.62 25.97 61.78
N ILE R 495 105.65 25.97 60.86
CA ILE R 495 104.29 26.40 61.17
C ILE R 495 103.48 25.16 61.55
N SER R 496 102.82 25.24 62.70
CA SER R 496 101.78 24.29 63.04
C SER R 496 100.43 24.91 62.71
N TRP R 497 99.79 24.41 61.65
CA TRP R 497 98.58 24.99 61.11
C TRP R 497 97.42 24.82 62.10
N GLN R 498 96.85 25.96 62.49
CA GLN R 498 95.65 26.00 63.32
C GLN R 498 94.44 26.00 62.41
N PRO R 499 93.64 24.90 62.38
CA PRO R 499 92.42 24.87 61.57
C PRO R 499 91.51 26.06 61.88
N GLU R 500 90.95 26.67 60.83
CA GLU R 500 90.22 27.92 60.92
C GLU R 500 88.94 27.73 61.73
N GLN R 501 88.35 28.85 62.15
CA GLN R 501 87.23 28.85 63.08
C GLN R 501 85.97 28.37 62.38
N PHE R 502 85.91 28.54 61.06
CA PHE R 502 84.70 28.28 60.30
C PHE R 502 84.45 26.78 60.12
N TRP R 503 85.47 25.96 60.41
CA TRP R 503 85.30 24.52 60.40
C TRP R 503 84.51 24.07 61.63
N LYS R 504 84.65 24.82 62.73
CA LYS R 504 84.08 24.48 64.01
C LYS R 504 82.69 25.11 64.13
N THR R 505 82.61 26.43 63.92
CA THR R 505 81.40 27.19 64.17
C THR R 505 81.04 28.06 62.98
N GLY R 506 79.81 28.54 62.97
CA GLY R 506 79.23 29.33 61.89
C GLY R 506 77.73 29.46 62.09
N GLU R 507 77.11 30.40 61.37
CA GLU R 507 75.73 30.77 61.63
C GLU R 507 74.81 29.55 61.51
N TRP R 508 75.07 28.71 60.50
CA TRP R 508 74.27 27.51 60.27
C TRP R 508 74.72 26.38 61.20
N LEU R 509 76.04 26.19 61.31
CA LEU R 509 76.61 25.10 62.09
C LEU R 509 76.11 25.16 63.53
N ASP R 510 75.97 26.38 64.05
CA ASP R 510 75.63 26.61 65.45
C ASP R 510 74.21 26.13 65.74
N GLN R 511 73.40 25.98 64.68
CA GLN R 511 72.00 25.65 64.82
C GLN R 511 71.80 24.13 64.83
N LEU R 512 72.88 23.37 64.66
CA LEU R 512 72.80 21.93 64.50
C LEU R 512 72.73 21.24 65.87
N THR R 513 72.51 19.93 65.83
CA THR R 513 72.35 19.11 67.01
C THR R 513 73.70 18.91 67.70
N GLY R 514 74.74 18.71 66.89
CA GLY R 514 76.10 18.48 67.38
C GLY R 514 76.49 19.46 68.47
N PRO R 515 76.61 20.77 68.15
CA PRO R 515 76.98 21.79 69.15
C PRO R 515 76.08 21.83 70.39
N TYR R 516 74.79 21.55 70.18
CA TYR R 516 73.82 21.59 71.28
C TYR R 516 74.11 20.47 72.28
N ILE R 517 74.41 19.26 71.77
CA ILE R 517 74.66 18.11 72.61
C ILE R 517 75.96 18.32 73.40
N VAL R 518 77.00 18.79 72.70
CA VAL R 518 78.31 19.02 73.30
C VAL R 518 78.18 20.04 74.45
N LYS R 519 77.37 21.08 74.24
CA LYS R 519 77.23 22.15 75.21
C LYS R 519 76.33 21.73 76.37
N ASN R 520 75.20 21.10 76.06
CA ASN R 520 74.13 20.96 77.04
C ASN R 520 74.13 19.58 77.70
N HIS R 521 74.71 18.58 77.02
CA HIS R 521 74.81 17.24 77.58
C HIS R 521 76.23 16.72 77.38
N PRO R 522 77.22 17.29 78.12
CA PRO R 522 78.63 17.19 77.73
C PRO R 522 79.19 15.79 77.50
N GLY R 523 78.86 14.85 78.38
CA GLY R 523 79.50 13.55 78.35
C GLY R 523 78.86 12.57 77.36
N LYS R 524 77.69 12.94 76.81
CA LYS R 524 76.81 11.96 76.20
C LYS R 524 76.62 12.24 74.71
N THR R 525 76.07 11.24 74.00
CA THR R 525 75.74 11.33 72.58
C THR R 525 74.21 11.29 72.42
N ILE R 526 73.74 11.46 71.18
CA ILE R 526 72.32 11.48 70.89
C ILE R 526 71.71 10.10 71.16
N PHE R 527 72.53 9.06 71.07
CA PHE R 527 72.08 7.70 71.27
C PHE R 527 71.82 7.46 72.76
N ASP R 528 72.61 8.14 73.60
CA ASP R 528 72.43 8.12 75.04
C ASP R 528 71.12 8.83 75.39
N LEU R 529 70.88 9.97 74.74
CA LEU R 529 69.77 10.85 75.04
C LEU R 529 68.47 10.32 74.44
N CYS R 530 68.57 9.40 73.47
CA CYS R 530 67.42 8.75 72.88
C CYS R 530 67.56 7.25 73.01
N PRO R 531 67.31 6.67 74.21
CA PRO R 531 67.65 5.27 74.48
C PRO R 531 66.63 4.25 73.96
N ASP R 532 65.48 4.76 73.49
CA ASP R 532 64.38 3.92 73.02
C ASP R 532 64.85 3.02 71.90
N PRO R 533 64.25 1.81 71.71
CA PRO R 533 64.59 0.92 70.60
C PRO R 533 64.23 1.57 69.26
N GLY R 534 65.12 1.39 68.28
CA GLY R 534 64.92 1.92 66.94
C GLY R 534 64.17 0.94 66.04
N TRP R 535 64.08 1.30 64.75
CA TRP R 535 63.36 0.50 63.78
C TRP R 535 64.06 -0.85 63.57
N LEU R 536 65.40 -0.81 63.54
CA LEU R 536 66.21 -1.98 63.26
C LEU R 536 66.11 -2.99 64.40
N ASP R 537 65.71 -2.50 65.58
CA ASP R 537 65.63 -3.34 66.77
C ASP R 537 64.40 -4.23 66.70
N THR R 538 63.37 -3.76 65.99
CA THR R 538 62.05 -4.39 65.99
C THR R 538 61.73 -5.01 64.63
N HIS R 539 62.54 -4.70 63.62
CA HIS R 539 62.28 -5.16 62.26
C HIS R 539 63.51 -5.93 61.74
N HIS R 540 63.29 -7.17 61.32
CA HIS R 540 64.34 -8.05 60.86
C HIS R 540 64.03 -8.56 59.45
N ALA R 541 65.05 -9.14 58.80
CA ALA R 541 64.89 -9.73 57.48
C ALA R 541 63.95 -10.94 57.56
N PRO R 542 63.10 -11.18 56.54
CA PRO R 542 62.18 -12.33 56.56
C PRO R 542 62.92 -13.67 56.59
N ALA R 543 62.26 -14.67 57.18
CA ALA R 543 62.85 -15.98 57.41
C ALA R 543 63.27 -16.62 56.09
N GLU R 544 62.46 -16.41 55.04
CA GLU R 544 62.66 -17.04 53.74
C GLU R 544 63.91 -16.49 53.07
N GLU R 545 64.25 -15.23 53.36
CA GLU R 545 65.41 -14.58 52.77
C GLU R 545 66.68 -15.17 53.34
N VAL R 546 66.72 -15.35 54.67
CA VAL R 546 67.86 -15.91 55.35
C VAL R 546 68.02 -17.37 54.91
N GLU R 547 66.88 -18.05 54.77
CA GLU R 547 66.81 -19.46 54.42
C GLU R 547 67.38 -19.68 53.02
N TYR R 548 67.08 -18.76 52.10
CA TYR R 548 67.54 -18.84 50.72
C TYR R 548 69.06 -18.68 50.67
N ILE R 549 69.57 -17.66 51.36
CA ILE R 549 70.98 -17.30 51.31
C ILE R 549 71.83 -18.43 51.89
N GLU R 550 71.39 -18.96 53.04
CA GLU R 550 72.09 -20.03 53.73
C GLU R 550 72.15 -21.28 52.85
N ARG R 551 71.05 -21.56 52.14
CA ARG R 551 70.93 -22.72 51.28
C ARG R 551 71.92 -22.59 50.10
N LYS R 552 72.02 -21.37 49.55
CA LYS R 552 72.78 -21.11 48.34
C LYS R 552 74.29 -21.07 48.65
N LEU R 553 74.64 -20.57 49.85
CA LEU R 553 76.03 -20.49 50.27
C LEU R 553 76.58 -21.89 50.53
N LYS R 554 75.72 -22.78 51.07
CA LYS R 554 76.09 -24.16 51.32
C LYS R 554 76.22 -24.89 49.99
N GLU R 555 75.31 -24.58 49.06
CA GLU R 555 75.22 -25.22 47.76
C GLU R 555 76.48 -24.93 46.94
N LEU R 556 77.05 -23.73 47.14
CA LEU R 556 78.16 -23.27 46.33
C LEU R 556 79.47 -23.36 47.13
N GLY R 557 79.35 -23.47 48.45
CA GLY R 557 80.51 -23.57 49.33
C GLY R 557 81.26 -22.25 49.46
N ILE R 558 80.54 -21.20 49.88
CA ILE R 558 81.12 -19.90 50.16
C ILE R 558 80.95 -19.60 51.65
N THR R 559 81.99 -19.00 52.24
CA THR R 559 82.00 -18.68 53.67
C THR R 559 81.00 -17.56 53.95
N ALA R 560 80.29 -17.69 55.07
CA ALA R 560 79.34 -16.67 55.52
C ALA R 560 80.11 -15.48 56.10
N GLY R 561 79.45 -14.31 56.11
CA GLY R 561 80.08 -13.06 56.53
C GLY R 561 79.96 -12.82 58.03
N SER R 562 80.44 -11.66 58.47
CA SER R 562 80.50 -11.29 59.89
C SER R 562 79.54 -10.13 60.18
N HIS R 563 79.45 -9.77 61.46
CA HIS R 563 78.60 -8.68 61.92
C HIS R 563 79.16 -7.32 61.48
N VAL S 33 26.23 56.75 -61.66
CA VAL S 33 25.41 57.55 -60.70
C VAL S 33 25.26 58.96 -61.28
N GLU S 34 24.01 59.41 -61.42
CA GLU S 34 23.68 60.70 -62.01
C GLU S 34 22.96 61.57 -60.98
N ILE S 35 22.89 62.88 -61.27
CA ILE S 35 21.95 63.75 -60.56
C ILE S 35 20.61 63.65 -61.28
N ILE S 36 19.73 62.79 -60.77
CA ILE S 36 18.50 62.42 -61.46
C ILE S 36 17.51 63.57 -61.41
N THR S 37 17.07 64.00 -62.60
CA THR S 37 16.22 65.17 -62.76
C THR S 37 14.88 64.77 -63.36
N HIS S 38 14.51 63.49 -63.22
CA HIS S 38 13.31 62.95 -63.86
C HIS S 38 12.45 62.21 -62.84
N TRP S 39 11.32 61.68 -63.33
CA TRP S 39 10.39 60.81 -62.63
C TRP S 39 9.62 61.58 -61.55
N VAL S 40 10.35 62.18 -60.59
CA VAL S 40 9.76 63.00 -59.54
C VAL S 40 8.99 64.15 -60.19
N PRO S 41 7.72 64.40 -59.80
CA PRO S 41 6.91 65.46 -60.42
C PRO S 41 7.60 66.82 -60.45
N HIS S 42 7.46 67.53 -61.58
CA HIS S 42 8.18 68.76 -61.86
C HIS S 42 7.74 69.87 -60.89
N GLU S 43 6.47 69.80 -60.48
CA GLU S 43 5.85 70.82 -59.65
C GLU S 43 6.70 71.07 -58.40
N VAL S 44 7.55 70.09 -58.07
CA VAL S 44 8.29 70.11 -56.81
C VAL S 44 9.78 70.36 -57.08
N TYR S 45 10.14 70.60 -58.35
CA TYR S 45 11.50 70.98 -58.69
C TYR S 45 11.72 72.45 -58.36
N GLY S 46 12.78 72.70 -57.58
CA GLY S 46 13.19 74.06 -57.25
C GLY S 46 13.95 74.69 -58.40
N MET S 47 13.60 75.95 -58.72
CA MET S 47 14.26 76.68 -59.79
C MET S 47 15.15 77.78 -59.19
N PRO S 48 16.18 78.27 -59.92
CA PRO S 48 17.16 79.20 -59.37
C PRO S 48 16.53 80.39 -58.64
N GLY S 49 17.02 80.67 -57.44
CA GLY S 49 16.61 81.85 -56.68
C GLY S 49 15.52 81.56 -55.66
N GLU S 50 14.87 80.39 -55.78
CA GLU S 50 13.79 80.00 -54.89
C GLU S 50 14.36 79.63 -53.51
N PRO S 51 13.57 79.78 -52.43
CA PRO S 51 14.04 79.48 -51.07
C PRO S 51 14.34 78.00 -50.89
N ASP S 52 15.38 77.70 -50.11
CA ASP S 52 15.81 76.33 -49.87
C ASP S 52 14.85 75.64 -48.89
N ASN S 53 14.10 76.45 -48.12
CA ASN S 53 13.22 75.96 -47.08
C ASN S 53 11.79 75.84 -47.61
N SER S 54 11.63 75.87 -48.94
CA SER S 54 10.33 75.75 -49.58
C SER S 54 9.88 74.29 -49.55
N GLY S 55 10.86 73.39 -49.57
CA GLY S 55 10.61 71.96 -49.58
C GLY S 55 10.72 71.39 -50.98
N LYS S 56 11.19 72.21 -51.91
CA LYS S 56 11.35 71.79 -53.29
C LYS S 56 12.72 71.14 -53.46
N VAL S 57 12.82 70.25 -54.46
CA VAL S 57 14.05 69.51 -54.72
C VAL S 57 14.96 70.38 -55.57
N PHE S 58 16.16 70.66 -55.04
CA PHE S 58 17.19 71.36 -55.77
C PHE S 58 18.28 70.36 -56.17
N PHE S 59 18.43 70.16 -57.48
CA PHE S 59 19.33 69.15 -58.03
C PHE S 59 20.75 69.45 -57.59
N SER S 60 21.37 68.45 -56.94
CA SER S 60 22.72 68.54 -56.39
C SER S 60 22.81 69.64 -55.34
N GLY S 61 21.65 70.20 -54.97
CA GLY S 61 21.56 71.23 -53.95
C GLY S 61 21.95 72.60 -54.49
N LEU S 62 21.91 72.76 -55.82
CA LEU S 62 22.37 73.97 -56.48
C LEU S 62 21.23 74.96 -56.65
N LYS S 63 21.59 76.25 -56.77
CA LYS S 63 20.75 77.31 -57.31
C LYS S 63 19.69 77.77 -56.30
N ALA S 64 19.71 77.19 -55.09
CA ALA S 64 18.74 77.56 -54.07
C ALA S 64 19.21 78.83 -53.34
N LYS S 65 18.24 79.59 -52.83
CA LYS S 65 18.49 80.75 -52.00
C LYS S 65 18.49 80.31 -50.54
N TYR S 66 19.63 80.49 -49.87
CA TYR S 66 19.80 80.06 -48.50
C TYR S 66 19.02 80.97 -47.56
N MET S 67 18.09 80.37 -46.79
CA MET S 67 17.19 81.12 -45.93
C MET S 67 17.68 81.08 -44.49
N GLY S 68 18.52 80.08 -44.16
CA GLY S 68 19.08 79.95 -42.82
C GLY S 68 18.10 79.30 -41.85
N TYR S 69 18.55 79.11 -40.61
CA TYR S 69 17.82 78.38 -39.59
C TYR S 69 16.59 79.19 -39.15
N PRO S 70 15.50 78.52 -38.69
CA PRO S 70 14.30 79.22 -38.24
C PRO S 70 14.55 79.93 -36.91
N LYS S 71 14.62 81.26 -36.98
CA LYS S 71 14.95 82.07 -35.81
C LYS S 71 13.67 82.50 -35.10
N ASP S 72 12.52 82.13 -35.69
CA ASP S 72 11.23 82.42 -35.09
C ASP S 72 10.76 81.22 -34.27
N ALA S 73 11.44 80.08 -34.45
CA ALA S 73 11.06 78.83 -33.80
C ALA S 73 11.37 78.92 -32.30
N GLN S 74 10.37 78.57 -31.49
CA GLN S 74 10.46 78.60 -30.04
C GLN S 74 11.56 77.65 -29.59
N ARG S 75 12.55 78.19 -28.88
CA ARG S 75 13.72 77.43 -28.46
C ARG S 75 14.41 78.16 -27.31
N SER S 76 15.57 77.64 -26.90
CA SER S 76 16.37 78.25 -25.85
C SER S 76 17.67 78.78 -26.44
N PRO S 77 18.21 79.90 -25.91
CA PRO S 77 19.61 80.28 -26.16
C PRO S 77 20.50 79.26 -25.47
N TYR S 78 21.72 79.09 -26.02
CA TYR S 78 22.75 78.26 -25.41
C TYR S 78 23.28 78.97 -24.17
N PRO S 79 23.74 78.24 -23.13
CA PRO S 79 24.37 78.88 -21.98
C PRO S 79 25.83 79.24 -22.30
N GLY S 80 26.46 79.98 -21.38
CA GLY S 80 27.90 80.17 -21.40
C GLY S 80 28.34 81.50 -22.00
N LYS S 81 29.67 81.63 -22.15
CA LYS S 81 30.38 82.85 -22.49
C LYS S 81 29.88 83.42 -23.82
N TYR S 82 29.63 82.54 -24.80
CA TYR S 82 29.39 82.95 -26.17
C TYR S 82 27.91 82.83 -26.51
N SER S 83 27.06 83.01 -25.51
CA SER S 83 25.61 82.85 -25.63
C SER S 83 25.07 83.66 -26.80
N LYS S 84 25.61 84.88 -26.97
CA LYS S 84 25.07 85.85 -27.91
C LYS S 84 25.27 85.39 -29.35
N PHE S 85 26.33 84.62 -29.61
CA PHE S 85 26.68 84.22 -30.96
C PHE S 85 26.30 82.76 -31.21
N TRP S 86 25.77 82.09 -30.18
CA TRP S 86 25.38 80.69 -30.26
C TRP S 86 24.00 80.57 -30.89
N LYS S 87 23.97 80.20 -32.18
CA LYS S 87 22.73 79.96 -32.90
C LYS S 87 22.22 78.56 -32.53
N THR S 88 20.94 78.47 -32.15
CA THR S 88 20.37 77.25 -31.60
C THR S 88 19.19 76.76 -32.42
N LEU S 89 18.90 75.46 -32.30
CA LEU S 89 17.74 74.82 -32.88
C LEU S 89 16.81 74.39 -31.74
N PRO S 90 15.49 74.21 -32.00
CA PRO S 90 14.55 73.75 -30.98
C PRO S 90 15.00 72.48 -30.27
N ALA S 91 15.61 71.56 -31.03
CA ALA S 91 15.98 70.23 -30.57
C ALA S 91 16.98 70.31 -29.40
N TYR S 92 17.72 71.41 -29.31
CA TYR S 92 18.81 71.54 -28.36
C TYR S 92 18.29 71.61 -26.92
N ARG S 93 16.98 71.86 -26.77
CA ARG S 93 16.36 72.08 -25.47
C ARG S 93 16.63 70.90 -24.53
N TYR S 94 16.76 69.70 -25.11
CA TYR S 94 16.85 68.47 -24.33
C TYR S 94 18.26 68.26 -23.81
N TYR S 95 19.25 68.92 -24.44
CA TYR S 95 20.64 68.49 -24.34
C TYR S 95 21.37 69.16 -23.18
N ILE S 96 21.00 70.39 -22.84
CA ILE S 96 21.41 71.01 -21.58
C ILE S 96 20.13 71.46 -20.87
N PRO S 97 19.36 70.50 -20.29
CA PRO S 97 17.95 70.73 -19.96
C PRO S 97 17.66 71.71 -18.82
N ASP S 98 18.59 71.83 -17.87
CA ASP S 98 18.40 72.71 -16.73
C ASP S 98 18.19 74.14 -17.21
N TYR S 99 19.03 74.56 -18.16
CA TYR S 99 18.99 75.92 -18.68
C TYR S 99 18.05 76.01 -19.87
N MET S 100 18.01 74.95 -20.69
CA MET S 100 17.43 75.03 -22.02
C MET S 100 16.02 74.45 -22.07
N TYR S 101 15.54 73.87 -20.95
CA TYR S 101 14.22 73.28 -20.93
C TYR S 101 13.47 73.71 -19.67
N ASN S 102 14.16 73.71 -18.52
CA ASN S 102 13.51 73.67 -17.23
C ASN S 102 13.11 75.07 -16.74
N ARG S 103 13.67 76.12 -17.37
CA ARG S 103 13.28 77.48 -17.04
C ARG S 103 11.92 77.78 -17.65
N ASP S 104 11.09 78.52 -16.90
CA ASP S 104 9.72 78.83 -17.27
C ASP S 104 9.69 79.60 -18.59
N GLU S 105 10.74 80.40 -18.82
CA GLU S 105 10.81 81.30 -19.97
C GLU S 105 11.01 80.50 -21.26
N VAL S 106 11.41 79.24 -21.13
CA VAL S 106 11.93 78.48 -22.27
C VAL S 106 11.10 77.21 -22.50
N ARG S 107 10.61 76.62 -21.41
CA ARG S 107 9.86 75.36 -21.46
C ARG S 107 8.90 75.36 -22.65
N PRO S 108 8.94 74.34 -23.53
CA PRO S 108 8.07 74.30 -24.71
C PRO S 108 6.62 74.00 -24.33
N SER S 109 5.70 74.34 -25.23
CA SER S 109 4.28 74.11 -25.04
C SER S 109 3.99 72.62 -25.13
N ASN S 110 2.88 72.20 -24.50
CA ASN S 110 2.47 70.81 -24.51
C ASN S 110 0.95 70.74 -24.66
N PRO S 111 0.43 69.95 -25.62
CA PRO S 111 -1.02 69.87 -25.87
C PRO S 111 -1.85 69.20 -24.79
N ILE S 112 -1.19 68.51 -23.85
CA ILE S 112 -1.88 67.79 -22.79
C ILE S 112 -1.81 68.59 -21.49
N LYS S 113 -2.98 68.83 -20.89
CA LYS S 113 -3.10 69.67 -19.70
C LYS S 113 -3.53 68.82 -18.50
N GLY S 114 -3.15 69.27 -17.31
CA GLY S 114 -3.53 68.64 -16.05
C GLY S 114 -2.32 68.19 -15.26
N THR S 115 -2.51 68.01 -13.94
CA THR S 115 -1.52 67.37 -13.09
C THR S 115 -2.00 65.96 -12.77
N PHE S 116 -1.08 64.99 -12.83
CA PHE S 116 -1.47 63.59 -12.82
C PHE S 116 -0.72 62.80 -11.75
N LYS S 117 -1.33 61.69 -11.34
CA LYS S 117 -0.69 60.67 -10.52
C LYS S 117 0.17 59.78 -11.42
N LEU S 118 1.07 59.00 -10.80
CA LEU S 118 1.98 58.13 -11.54
C LEU S 118 1.19 57.14 -12.40
N GLU S 119 0.11 56.58 -11.83
CA GLU S 119 -0.72 55.59 -12.50
C GLU S 119 -1.16 56.13 -13.86
N GLN S 120 -1.42 57.44 -13.89
CA GLN S 120 -1.99 58.10 -15.06
C GLN S 120 -0.91 58.28 -16.13
N CYS S 121 0.30 58.64 -15.70
CA CYS S 121 1.44 58.76 -16.60
C CYS S 121 1.59 57.44 -17.37
N VAL S 122 1.64 56.34 -16.61
CA VAL S 122 1.93 55.02 -17.14
C VAL S 122 0.83 54.59 -18.11
N ALA S 123 -0.43 54.75 -17.67
CA ALA S 123 -1.57 54.25 -18.41
C ALA S 123 -1.66 54.94 -19.78
N CYS S 124 -1.47 56.26 -19.77
CA CYS S 124 -1.62 57.07 -20.97
C CYS S 124 -0.45 56.83 -21.92
N HIS S 125 0.77 56.83 -21.38
CA HIS S 125 1.98 56.73 -22.17
C HIS S 125 2.19 55.30 -22.65
N SER S 126 1.56 54.33 -22.00
CA SER S 126 1.69 52.93 -22.37
C SER S 126 1.20 52.72 -23.80
N VAL S 127 0.37 53.66 -24.27
CA VAL S 127 -0.20 53.60 -25.61
C VAL S 127 0.39 54.72 -26.45
N MET S 128 0.58 55.90 -25.84
CA MET S 128 1.02 57.09 -26.55
C MET S 128 2.49 56.97 -26.95
N THR S 129 3.33 56.53 -26.00
CA THR S 129 4.74 56.27 -26.24
C THR S 129 5.10 54.90 -25.67
N PRO S 130 4.63 53.80 -26.30
CA PRO S 130 4.68 52.47 -25.68
C PRO S 130 6.06 52.04 -25.16
N GLY S 131 7.09 52.30 -25.97
CA GLY S 131 8.45 51.87 -25.71
C GLY S 131 9.01 52.42 -24.39
N ILE S 132 8.61 53.65 -24.05
CA ILE S 132 9.08 54.31 -22.85
C ILE S 132 8.54 53.58 -21.62
N VAL S 133 7.27 53.19 -21.66
CA VAL S 133 6.62 52.51 -20.56
C VAL S 133 7.16 51.08 -20.45
N ARG S 134 7.36 50.42 -21.60
CA ARG S 134 7.95 49.09 -21.63
C ARG S 134 9.31 49.11 -20.92
N ASP S 135 10.11 50.14 -21.21
CA ASP S 135 11.43 50.31 -20.62
C ASP S 135 11.29 50.60 -19.12
N TYR S 136 10.38 51.50 -18.77
CA TYR S 136 10.20 51.92 -17.40
C TYR S 136 9.84 50.73 -16.51
N ASN S 137 8.94 49.87 -17.03
CA ASN S 137 8.41 48.75 -16.27
C ASN S 137 9.50 47.71 -16.00
N LYS S 138 10.49 47.65 -16.90
CA LYS S 138 11.61 46.75 -16.74
C LYS S 138 12.60 47.32 -15.72
N SER S 139 12.62 48.65 -15.57
CA SER S 139 13.61 49.34 -14.76
C SER S 139 13.39 49.05 -13.27
N ALA S 140 14.47 49.20 -12.48
CA ALA S 140 14.42 49.00 -11.04
C ALA S 140 13.64 50.14 -10.39
N HIS S 141 13.61 51.28 -11.08
CA HIS S 141 12.93 52.48 -10.60
C HIS S 141 11.46 52.20 -10.34
N SER S 142 10.84 51.38 -11.20
CA SER S 142 9.42 51.09 -11.12
C SER S 142 9.10 50.18 -9.95
N LYS S 143 10.08 49.35 -9.56
CA LYS S 143 9.87 48.30 -8.58
C LYS S 143 10.27 48.77 -7.20
N ALA S 144 10.87 49.97 -7.11
CA ALA S 144 11.45 50.49 -5.88
C ALA S 144 10.38 50.69 -4.81
N GLU S 145 10.76 50.41 -3.56
CA GLU S 145 9.90 50.57 -2.40
C GLU S 145 10.62 51.39 -1.34
N PRO S 146 9.85 52.09 -0.48
CA PRO S 146 8.40 52.02 -0.40
C PRO S 146 7.65 52.74 -1.52
N ALA S 147 8.32 53.71 -2.17
CA ALA S 147 7.75 54.46 -3.27
C ALA S 147 8.63 54.32 -4.51
N PRO S 148 8.05 54.07 -5.70
CA PRO S 148 8.83 53.95 -6.93
C PRO S 148 9.33 55.31 -7.42
N THR S 149 10.49 55.29 -8.08
CA THR S 149 10.98 56.45 -8.81
C THR S 149 10.26 56.49 -10.15
N GLY S 150 9.12 57.19 -10.17
CA GLY S 150 8.22 57.17 -11.31
C GLY S 150 8.45 58.34 -12.27
N CYS S 151 7.70 58.34 -13.38
CA CYS S 151 7.78 59.37 -14.41
C CYS S 151 7.69 60.74 -13.74
N ASP S 152 6.81 60.87 -12.76
CA ASP S 152 6.54 62.12 -12.07
C ASP S 152 7.75 62.54 -11.23
N THR S 153 8.50 61.56 -10.72
CA THR S 153 9.66 61.81 -9.89
C THR S 153 10.75 62.50 -10.72
N CYS S 154 10.82 62.15 -12.00
CA CYS S 154 11.88 62.63 -12.87
C CYS S 154 11.41 63.78 -13.75
N HIS S 155 10.09 63.88 -13.96
CA HIS S 155 9.56 64.80 -14.97
C HIS S 155 8.61 65.83 -14.37
N GLY S 156 8.01 65.53 -13.22
CA GLY S 156 7.04 66.42 -12.60
C GLY S 156 5.61 65.93 -12.79
N ASN S 157 4.68 66.52 -12.03
CA ASN S 157 3.29 66.09 -11.99
C ASN S 157 2.44 66.91 -12.96
N ASN S 158 2.79 68.20 -13.09
CA ASN S 158 2.04 69.13 -13.92
C ASN S 158 2.50 68.99 -15.36
N HIS S 159 1.58 68.60 -16.25
CA HIS S 159 1.91 68.31 -17.64
C HIS S 159 2.20 69.60 -18.40
N GLN S 160 1.82 70.74 -17.81
CA GLN S 160 2.09 72.04 -18.41
C GLN S 160 3.42 72.58 -17.88
N LYS S 161 3.95 71.92 -16.84
CA LYS S 161 5.20 72.34 -16.23
C LYS S 161 6.15 71.14 -16.11
N LEU S 162 6.25 70.37 -17.20
CA LEU S 162 7.13 69.22 -17.28
C LEU S 162 8.58 69.68 -17.32
N THR S 163 9.48 68.85 -16.79
CA THR S 163 10.91 69.12 -16.80
C THR S 163 11.67 67.89 -17.29
N MET S 164 12.85 68.13 -17.87
CA MET S 164 13.76 67.07 -18.29
C MET S 164 14.87 66.94 -17.26
N PRO S 165 15.05 65.75 -16.65
CA PRO S 165 16.01 65.58 -15.55
C PRO S 165 17.45 65.50 -16.04
N SER S 166 18.28 66.44 -15.55
CA SER S 166 19.69 66.47 -15.87
C SER S 166 20.45 65.55 -14.92
N SER S 167 21.79 65.58 -15.02
CA SER S 167 22.66 64.82 -14.14
C SER S 167 22.50 65.30 -12.70
N LYS S 168 22.11 66.58 -12.54
CA LYS S 168 21.92 67.18 -11.24
C LYS S 168 20.70 66.55 -10.54
N ALA S 169 19.69 66.20 -11.35
CA ALA S 169 18.46 65.60 -10.84
C ALA S 169 18.72 64.18 -10.34
N CYS S 170 19.54 63.43 -11.10
CA CYS S 170 19.92 62.07 -10.74
C CYS S 170 20.84 62.09 -9.52
N GLY S 171 21.69 63.12 -9.45
CA GLY S 171 22.80 63.16 -8.51
C GLY S 171 22.46 63.84 -7.18
N THR S 172 21.16 63.93 -6.88
CA THR S 172 20.70 64.46 -5.60
C THR S 172 21.15 63.53 -4.49
N ALA S 173 21.36 64.10 -3.29
CA ALA S 173 21.91 63.39 -2.14
C ALA S 173 21.05 62.17 -1.80
N GLU S 174 19.75 62.30 -2.04
CA GLU S 174 18.77 61.29 -1.69
C GLU S 174 18.83 60.13 -2.68
N CYS S 175 19.45 60.37 -3.85
CA CYS S 175 19.42 59.41 -4.94
C CYS S 175 20.84 58.93 -5.28
N HIS S 176 21.43 59.46 -6.36
CA HIS S 176 22.69 58.94 -6.86
C HIS S 176 23.79 59.99 -6.81
N GLU S 177 24.00 60.56 -5.61
CA GLU S 177 25.01 61.58 -5.42
C GLU S 177 26.39 61.00 -5.67
N THR S 178 26.55 59.71 -5.34
CA THR S 178 27.84 59.03 -5.42
C THR S 178 28.37 59.09 -6.85
N GLN S 179 27.53 58.69 -7.82
CA GLN S 179 27.93 58.59 -9.21
C GLN S 179 28.14 59.97 -9.81
N TYR S 180 27.31 60.93 -9.39
CA TYR S 180 27.42 62.31 -9.87
C TYR S 180 28.76 62.89 -9.44
N ASN S 181 29.12 62.72 -8.16
CA ASN S 181 30.34 63.26 -7.60
C ASN S 181 31.55 62.58 -8.23
N GLU S 182 31.44 61.26 -8.46
CA GLU S 182 32.51 60.49 -9.08
C GLU S 182 32.82 61.06 -10.45
N GLN S 183 31.78 61.19 -11.28
CA GLN S 183 31.92 61.71 -12.64
C GLN S 183 32.51 63.12 -12.58
N GLY S 184 32.05 63.92 -11.61
CA GLY S 184 32.42 65.32 -11.46
C GLY S 184 33.88 65.52 -11.05
N GLN S 185 34.55 64.44 -10.66
CA GLN S 185 35.96 64.49 -10.26
C GLN S 185 36.84 64.68 -11.50
N GLY S 186 36.26 64.45 -12.68
CA GLY S 186 36.99 64.55 -13.94
C GLY S 186 37.48 65.97 -14.21
N GLY S 187 38.65 66.06 -14.86
CA GLY S 187 39.24 67.34 -15.20
C GLY S 187 38.78 67.83 -16.57
N ILE S 188 39.68 68.54 -17.27
CA ILE S 188 39.43 68.96 -18.64
C ILE S 188 39.46 67.73 -19.52
N GLY S 189 38.55 67.68 -20.50
CA GLY S 189 38.50 66.59 -21.46
C GLY S 189 37.90 65.31 -20.87
N SER S 190 37.12 65.46 -19.79
CA SER S 190 36.46 64.34 -19.14
C SER S 190 34.95 64.44 -19.35
N HIS S 191 34.21 63.53 -18.72
CA HIS S 191 32.76 63.53 -18.79
C HIS S 191 32.18 64.64 -17.92
N ALA S 192 33.05 65.31 -17.16
CA ALA S 192 32.63 66.35 -16.23
C ALA S 192 32.57 67.71 -16.92
N SER S 193 33.25 67.84 -18.08
CA SER S 193 33.49 69.14 -18.67
C SER S 193 33.24 69.12 -20.19
N CYS S 194 32.76 67.99 -20.70
CA CYS S 194 32.63 67.80 -22.14
C CYS S 194 31.52 68.66 -22.72
N SER S 195 30.59 69.10 -21.88
CA SER S 195 29.53 70.01 -22.29
C SER S 195 29.96 71.45 -21.97
N SER S 196 30.25 71.70 -20.69
CA SER S 196 30.44 73.04 -20.14
C SER S 196 31.62 73.75 -20.80
N PHE S 197 32.69 73.01 -21.11
CA PHE S 197 33.86 73.59 -21.73
C PHE S 197 33.85 73.30 -23.24
N ALA S 198 34.02 72.02 -23.59
CA ALA S 198 34.33 71.60 -24.94
C ALA S 198 33.27 72.05 -25.93
N GLN S 199 31.99 71.98 -25.52
CA GLN S 199 30.87 72.18 -26.43
C GLN S 199 30.34 73.60 -26.33
N VAL S 200 30.19 74.10 -25.10
CA VAL S 200 29.60 75.41 -24.86
C VAL S 200 30.53 76.50 -25.40
N GLU S 201 31.84 76.21 -25.42
CA GLU S 201 32.84 77.14 -25.93
C GLU S 201 33.50 76.56 -27.18
N CYS S 202 32.74 75.80 -27.96
CA CYS S 202 33.25 75.18 -29.17
C CYS S 202 33.31 76.21 -30.29
N ALA S 203 34.55 76.51 -30.72
CA ALA S 203 34.80 77.54 -31.71
C ALA S 203 33.95 77.33 -32.97
N TRP S 204 34.05 76.13 -33.55
CA TRP S 204 33.44 75.85 -34.85
C TRP S 204 31.92 75.92 -34.78
N SER S 205 31.35 75.41 -33.68
CA SER S 205 29.91 75.39 -33.50
C SER S 205 29.35 76.81 -33.46
N ILE S 206 30.05 77.71 -32.76
CA ILE S 206 29.66 79.11 -32.64
C ILE S 206 29.79 79.79 -33.99
N GLU S 207 30.90 79.49 -34.70
CA GLU S 207 31.28 80.15 -35.94
C GLU S 207 30.23 79.89 -37.03
N ARG S 208 29.73 78.65 -37.10
CA ARG S 208 28.98 78.19 -38.25
C ARG S 208 27.48 78.37 -38.02
N PRO S 209 26.63 78.19 -39.07
CA PRO S 209 25.19 78.01 -38.88
C PRO S 209 24.94 76.77 -38.04
N PRO S 210 23.81 76.70 -37.29
CA PRO S 210 23.48 75.50 -36.52
C PRO S 210 22.95 74.46 -37.50
N GLY S 211 23.33 73.20 -37.29
CA GLY S 211 23.01 72.16 -38.25
C GLY S 211 24.27 71.70 -38.96
N ASP S 212 25.13 72.67 -39.29
CA ASP S 212 26.48 72.39 -39.74
C ASP S 212 27.17 71.52 -38.69
N THR S 213 26.95 71.86 -37.41
CA THR S 213 27.59 71.20 -36.29
C THR S 213 26.54 70.77 -35.27
N ALA S 214 25.35 70.40 -35.76
CA ALA S 214 24.25 69.98 -34.89
C ALA S 214 24.65 68.73 -34.11
N GLY S 215 25.33 67.80 -34.80
CA GLY S 215 25.75 66.54 -34.22
C GLY S 215 26.64 66.73 -32.99
N CYS S 216 27.35 67.87 -32.94
CA CYS S 216 28.29 68.17 -31.87
C CYS S 216 27.54 68.42 -30.58
N THR S 217 26.37 69.09 -30.68
CA THR S 217 25.52 69.35 -29.52
C THR S 217 25.00 68.02 -28.97
N PHE S 218 24.56 67.14 -29.88
CA PHE S 218 23.90 65.90 -29.55
C PHE S 218 24.88 64.92 -28.91
N CYS S 219 26.17 65.05 -29.27
CA CYS S 219 27.18 64.11 -28.82
C CYS S 219 27.84 64.57 -27.53
N HIS S 220 28.21 65.86 -27.47
CA HIS S 220 29.09 66.38 -26.44
C HIS S 220 28.38 66.59 -25.11
N THR S 221 27.12 67.02 -25.17
CA THR S 221 26.40 67.44 -23.98
C THR S 221 26.07 66.24 -23.10
N SER S 222 25.79 65.09 -23.74
CA SER S 222 25.20 63.91 -23.12
C SER S 222 25.93 63.47 -21.85
N PRO S 223 27.25 63.14 -21.88
CA PRO S 223 27.91 62.54 -20.72
C PRO S 223 27.79 63.40 -19.47
N GLU S 224 27.87 64.73 -19.66
CA GLU S 224 27.92 65.66 -18.54
C GLU S 224 26.50 65.97 -18.05
N GLU S 225 25.55 66.06 -18.98
CA GLU S 225 24.24 66.64 -18.70
C GLU S 225 23.18 65.55 -18.48
N ARG S 226 23.31 64.42 -19.19
CA ARG S 226 22.28 63.40 -19.19
C ARG S 226 22.87 62.05 -18.78
N CYS S 227 22.29 61.47 -17.73
CA CYS S 227 22.77 60.22 -17.17
C CYS S 227 22.10 59.03 -17.85
N SER S 228 21.34 59.29 -18.91
CA SER S 228 20.80 58.23 -19.75
C SER S 228 21.90 57.72 -20.68
N THR S 229 23.10 58.28 -20.51
CA THR S 229 24.29 57.86 -21.22
C THR S 229 24.79 56.55 -20.62
N CYS S 230 25.19 55.63 -21.50
CA CYS S 230 25.75 54.32 -21.15
C CYS S 230 24.65 53.35 -20.75
N HIS S 231 23.88 53.73 -19.72
CA HIS S 231 22.66 53.01 -19.37
C HIS S 231 21.46 53.79 -19.88
N GLN S 232 20.89 53.29 -20.98
CA GLN S 232 19.84 53.98 -21.73
C GLN S 232 18.60 54.16 -20.87
N ARG S 233 17.88 55.25 -21.13
CA ARG S 233 16.52 55.43 -20.64
C ARG S 233 15.62 54.52 -21.48
N HIS S 234 14.50 54.05 -20.90
CA HIS S 234 14.10 54.33 -19.53
C HIS S 234 14.35 53.09 -18.67
N GLN S 235 15.20 52.20 -19.18
CA GLN S 235 15.47 50.90 -18.57
C GLN S 235 16.55 51.06 -17.49
N PHE S 236 17.54 51.90 -17.77
CA PHE S 236 18.64 52.22 -16.86
C PHE S 236 19.25 50.93 -16.32
N ASP S 237 19.70 50.07 -17.23
CA ASP S 237 20.25 48.76 -16.89
C ASP S 237 21.77 48.87 -16.78
N PRO S 238 22.35 48.66 -15.57
CA PRO S 238 23.80 48.69 -15.41
C PRO S 238 24.48 47.59 -16.22
N ALA S 239 23.74 46.51 -16.48
CA ALA S 239 24.24 45.35 -17.19
C ALA S 239 24.54 45.70 -18.65
N VAL S 240 23.69 46.54 -19.25
CA VAL S 240 23.90 46.97 -20.63
C VAL S 240 24.99 48.04 -20.66
N ALA S 241 25.12 48.78 -19.55
CA ALA S 241 26.08 49.87 -19.44
C ALA S 241 27.50 49.33 -19.35
N ARG S 242 27.63 48.04 -18.99
CA ARG S 242 28.93 47.42 -18.75
C ARG S 242 29.52 46.90 -20.06
N ARG S 243 28.74 47.00 -21.15
CA ARG S 243 29.16 46.52 -22.45
C ARG S 243 30.02 47.57 -23.15
N SER S 244 31.08 47.09 -23.82
CA SER S 244 32.07 47.95 -24.47
C SER S 244 31.41 48.86 -25.49
N GLU S 245 30.42 48.32 -26.23
CA GLU S 245 29.83 49.00 -27.37
C GLU S 245 29.17 50.31 -26.95
N GLN S 246 28.88 50.46 -25.65
CA GLN S 246 28.21 51.65 -25.13
C GLN S 246 29.02 52.90 -25.49
N CYS S 247 30.35 52.76 -25.47
CA CYS S 247 31.25 53.89 -25.61
C CYS S 247 31.43 54.25 -27.09
N LYS S 248 31.12 53.30 -27.98
CA LYS S 248 31.44 53.41 -29.40
C LYS S 248 30.68 54.58 -30.04
N THR S 249 29.50 54.90 -29.50
CA THR S 249 28.60 55.85 -30.14
C THR S 249 29.22 57.25 -30.19
N CYS S 250 30.18 57.51 -29.28
CA CYS S 250 30.86 58.79 -29.21
C CYS S 250 32.36 58.61 -29.46
N HIS S 251 32.92 57.52 -28.95
CA HIS S 251 34.36 57.29 -29.00
C HIS S 251 34.74 56.51 -30.26
N TRP S 252 34.42 57.09 -31.42
CA TRP S 252 34.79 56.52 -32.70
C TRP S 252 35.14 57.64 -33.66
N GLY S 253 35.65 57.27 -34.84
CA GLY S 253 35.68 58.18 -35.97
C GLY S 253 37.00 58.93 -36.12
N LYS S 254 36.93 60.08 -36.80
CA LYS S 254 38.05 60.70 -37.47
C LYS S 254 39.13 61.15 -36.49
N ASP S 255 38.74 61.58 -35.28
CA ASP S 255 39.69 62.24 -34.39
C ASP S 255 39.85 61.48 -33.06
N HIS S 256 39.25 60.28 -32.98
CA HIS S 256 39.44 59.39 -31.83
C HIS S 256 38.88 58.00 -32.17
N ARG S 257 39.73 57.15 -32.74
CA ARG S 257 39.34 55.79 -33.09
C ARG S 257 39.46 54.88 -31.88
N ASP S 258 38.80 55.27 -30.78
CA ASP S 258 38.88 54.53 -29.53
C ASP S 258 38.24 53.16 -29.70
N TRP S 259 37.00 53.14 -30.20
CA TRP S 259 36.27 51.91 -30.44
C TRP S 259 37.00 51.06 -31.48
N GLU S 260 37.33 51.68 -32.62
CA GLU S 260 37.92 50.96 -33.75
C GLU S 260 39.20 50.26 -33.30
N ALA S 261 39.99 50.96 -32.49
CA ALA S 261 41.28 50.44 -32.03
C ALA S 261 41.06 49.24 -31.11
N TYR S 262 40.15 49.41 -30.15
CA TYR S 262 39.82 48.35 -29.20
C TYR S 262 39.23 47.15 -29.95
N ASP S 263 38.26 47.43 -30.82
CA ASP S 263 37.44 46.43 -31.50
C ASP S 263 38.32 45.48 -32.31
N ILE S 264 39.32 46.03 -33.02
CA ILE S 264 40.07 45.25 -33.99
C ILE S 264 41.29 44.63 -33.30
N GLY S 265 41.73 45.21 -32.19
CA GLY S 265 42.78 44.65 -31.37
C GLY S 265 42.39 43.28 -30.84
N LEU S 266 43.34 42.58 -30.20
CA LEU S 266 43.08 41.23 -29.71
C LEU S 266 42.12 41.27 -28.53
N HIS S 267 42.11 42.36 -27.77
CA HIS S 267 41.13 42.54 -26.70
C HIS S 267 39.73 42.55 -27.29
N GLY S 268 39.57 43.30 -28.39
CA GLY S 268 38.29 43.45 -29.07
C GLY S 268 37.90 42.16 -29.80
N THR S 269 38.92 41.44 -30.28
CA THR S 269 38.72 40.14 -30.91
C THR S 269 38.19 39.16 -29.86
N VAL S 270 38.89 39.09 -28.73
CA VAL S 270 38.48 38.26 -27.61
C VAL S 270 37.05 38.62 -27.22
N TYR S 271 36.77 39.94 -27.17
CA TYR S 271 35.47 40.44 -26.73
C TYR S 271 34.37 39.95 -27.67
N GLN S 272 34.55 40.15 -28.97
CA GLN S 272 33.52 39.88 -29.95
C GLN S 272 33.22 38.38 -30.02
N VAL S 273 34.24 37.57 -29.72
CA VAL S 273 34.17 36.12 -29.84
C VAL S 273 33.44 35.53 -28.63
N ASN S 274 33.48 36.25 -27.50
CA ASN S 274 33.14 35.65 -26.21
C ASN S 274 32.02 36.41 -25.51
N LYS S 275 31.60 37.55 -26.05
CA LYS S 275 30.78 38.50 -25.29
C LYS S 275 29.41 37.92 -24.92
N TRP S 276 28.91 36.99 -25.74
CA TRP S 276 27.60 36.40 -25.50
C TRP S 276 27.75 35.04 -24.80
N ASP S 277 28.99 34.65 -24.51
CA ASP S 277 29.26 33.47 -23.70
C ASP S 277 29.38 33.91 -22.24
N THR S 278 28.39 33.49 -21.44
CA THR S 278 28.23 33.93 -20.06
C THR S 278 29.38 33.41 -19.19
N GLU S 279 30.07 32.37 -19.68
CA GLU S 279 31.18 31.75 -18.97
C GLU S 279 32.45 32.58 -19.14
N GLN S 280 32.44 33.49 -20.13
CA GLN S 280 33.62 34.29 -20.43
C GLN S 280 33.37 35.75 -20.04
N PHE S 281 32.13 36.21 -20.25
CA PHE S 281 31.73 37.57 -19.92
C PHE S 281 30.39 37.55 -19.21
N ASP S 282 30.41 37.90 -17.91
CA ASP S 282 29.21 37.96 -17.10
C ASP S 282 28.91 39.42 -16.76
N PHE S 283 27.93 40.00 -17.48
CA PHE S 283 27.63 41.42 -17.38
C PHE S 283 26.74 41.70 -16.17
N SER S 284 26.27 40.64 -15.51
CA SER S 284 25.43 40.78 -14.33
C SER S 284 26.29 41.12 -13.12
N LYS S 285 27.57 40.73 -13.18
CA LYS S 285 28.53 41.03 -12.13
C LYS S 285 28.83 42.52 -12.13
N LYS S 286 29.06 43.08 -10.94
CA LYS S 286 29.54 44.45 -10.79
C LYS S 286 31.01 44.51 -11.20
N LEU S 287 31.48 45.70 -11.59
CA LEU S 287 32.80 45.86 -12.18
C LEU S 287 33.88 45.47 -11.18
N SER S 288 33.56 45.54 -9.88
CA SER S 288 34.49 45.17 -8.83
C SER S 288 34.74 43.66 -8.85
N ASP S 289 33.77 42.91 -9.39
CA ASP S 289 33.81 41.46 -9.37
C ASP S 289 34.02 40.93 -10.78
N ALA S 290 34.28 41.84 -11.72
CA ALA S 290 34.42 41.47 -13.12
C ALA S 290 35.63 40.54 -13.29
N ASP S 291 35.37 39.33 -13.80
CA ASP S 291 36.38 38.32 -13.98
C ASP S 291 36.36 37.83 -15.43
N TYR S 292 36.26 38.79 -16.37
CA TYR S 292 36.18 38.48 -17.79
C TYR S 292 37.47 37.82 -18.27
N VAL S 293 37.38 37.17 -19.44
CA VAL S 293 38.56 36.61 -20.08
C VAL S 293 39.40 37.76 -20.63
N GLY S 294 38.73 38.76 -21.21
CA GLY S 294 39.37 39.94 -21.78
C GLY S 294 38.77 41.23 -21.21
N PRO S 295 39.44 42.38 -21.36
CA PRO S 295 38.92 43.63 -20.79
C PRO S 295 37.87 44.32 -21.65
N THR S 296 37.03 45.12 -20.99
CA THR S 296 36.10 46.04 -21.63
C THR S 296 36.60 47.47 -21.39
N CYS S 297 36.04 48.44 -22.12
CA CYS S 297 36.37 49.84 -21.89
C CYS S 297 36.22 50.14 -20.41
N GLN S 298 35.12 49.62 -19.83
CA GLN S 298 34.75 49.86 -18.44
C GLN S 298 35.75 49.20 -17.51
N TYR S 299 36.24 48.02 -17.89
CA TYR S 299 37.18 47.26 -17.09
C TYR S 299 38.42 48.09 -16.79
N CYS S 300 38.86 48.89 -17.78
CA CYS S 300 40.11 49.65 -17.68
C CYS S 300 39.84 51.08 -17.18
N HIS S 301 38.83 51.74 -17.75
CA HIS S 301 38.64 53.16 -17.53
C HIS S 301 37.70 53.43 -16.36
N MET S 302 36.80 52.48 -16.07
CA MET S 302 35.87 52.61 -14.97
C MET S 302 36.15 51.51 -13.94
N ARG S 303 37.44 51.31 -13.64
CA ARG S 303 37.91 50.36 -12.65
C ARG S 303 37.10 50.51 -11.36
N GLY S 304 36.55 49.39 -10.89
CA GLY S 304 35.80 49.35 -9.64
C GLY S 304 34.42 50.00 -9.75
N GLY S 305 34.06 50.45 -10.97
CA GLY S 305 32.77 51.06 -11.23
C GLY S 305 32.77 52.56 -11.02
N HIS S 306 33.97 53.13 -10.81
CA HIS S 306 34.13 54.57 -10.61
C HIS S 306 33.70 55.31 -11.87
N HIS S 307 32.92 56.39 -11.69
CA HIS S 307 32.25 57.06 -12.79
C HIS S 307 33.13 58.15 -13.41
N ASN S 308 34.21 58.53 -12.71
CA ASN S 308 35.23 59.35 -13.33
C ASN S 308 36.05 58.48 -14.29
N VAL S 309 35.76 58.65 -15.57
CA VAL S 309 36.26 57.77 -16.61
C VAL S 309 37.70 58.13 -16.93
N GLN S 310 38.14 59.28 -16.41
CA GLN S 310 39.45 59.84 -16.69
C GLN S 310 40.39 59.56 -15.50
N ARG S 311 39.85 58.87 -14.49
CA ARG S 311 40.52 58.69 -13.21
C ARG S 311 41.94 58.16 -13.38
N ALA S 312 42.12 57.23 -14.33
CA ALA S 312 43.38 56.50 -14.48
C ALA S 312 44.31 57.19 -15.47
N SER S 313 43.80 58.23 -16.15
CA SER S 313 44.56 58.95 -17.17
C SER S 313 45.83 59.54 -16.56
N ILE S 314 46.89 59.58 -17.37
CA ILE S 314 48.18 60.05 -16.91
C ILE S 314 48.24 61.59 -17.01
N VAL S 315 48.07 62.11 -18.23
CA VAL S 315 48.07 63.55 -18.46
C VAL S 315 47.25 63.86 -19.71
N TYR S 316 46.50 64.97 -19.68
CA TYR S 316 45.69 65.38 -20.80
C TYR S 316 46.59 65.92 -21.91
N THR S 317 46.46 65.33 -23.11
CA THR S 317 47.34 65.63 -24.22
C THR S 317 46.51 66.08 -25.43
N SER S 318 45.36 66.70 -25.15
CA SER S 318 44.54 67.32 -26.18
C SER S 318 44.21 66.30 -27.28
N MET S 319 43.59 65.19 -26.85
CA MET S 319 43.12 64.13 -27.73
C MET S 319 44.28 63.29 -28.27
N GLY S 320 45.49 63.55 -27.76
CA GLY S 320 46.68 62.84 -28.22
C GLY S 320 47.40 63.60 -29.32
N MET S 321 46.93 64.83 -29.60
CA MET S 321 47.57 65.71 -30.58
C MET S 321 48.83 66.30 -29.96
N SER S 322 48.77 66.68 -28.68
CA SER S 322 49.94 67.04 -27.91
C SER S 322 50.66 65.77 -27.49
N MET S 323 51.97 65.89 -27.25
CA MET S 323 52.84 64.72 -27.07
C MET S 323 53.47 64.74 -25.68
N ALA S 324 53.53 63.54 -25.08
CA ALA S 324 54.19 63.33 -23.79
C ALA S 324 54.75 61.91 -23.75
N ASP S 325 55.94 61.77 -23.16
CA ASP S 325 56.46 60.46 -22.83
C ASP S 325 55.87 60.04 -21.49
N ARG S 326 54.81 59.24 -21.54
CA ARG S 326 54.07 58.82 -20.36
C ARG S 326 54.88 57.80 -19.58
N GLY S 327 55.91 57.24 -20.22
CA GLY S 327 56.77 56.24 -19.62
C GLY S 327 57.97 56.86 -18.91
N ALA S 328 58.05 58.19 -18.93
CA ALA S 328 59.13 58.93 -18.29
C ALA S 328 59.01 58.84 -16.78
N PRO S 329 60.14 58.93 -16.03
CA PRO S 329 60.13 58.82 -14.57
C PRO S 329 59.16 59.76 -13.86
N LEU S 330 58.82 60.86 -14.53
CA LEU S 330 57.90 61.87 -14.01
C LEU S 330 56.53 61.23 -13.73
N TRP S 331 56.13 60.32 -14.62
CA TRP S 331 54.79 59.73 -14.58
C TRP S 331 54.86 58.27 -14.10
N LYS S 332 55.92 57.92 -13.37
CA LYS S 332 56.18 56.54 -13.02
C LYS S 332 55.00 55.94 -12.26
N GLU S 333 54.49 56.68 -11.27
CA GLU S 333 53.44 56.17 -10.38
C GLU S 333 52.15 55.98 -11.16
N LYS S 334 51.90 56.86 -12.15
CA LYS S 334 50.67 56.84 -12.92
C LYS S 334 50.68 55.70 -13.93
N ARG S 335 51.86 55.44 -14.50
CA ARG S 335 52.05 54.33 -15.43
C ARG S 335 51.98 53.01 -14.67
N ASP S 336 52.54 53.01 -13.45
CA ASP S 336 52.52 51.84 -12.58
C ASP S 336 51.07 51.41 -12.32
N ARG S 337 50.18 52.41 -12.17
CA ARG S 337 48.78 52.14 -11.89
C ARG S 337 48.14 51.42 -13.06
N TRP S 338 48.53 51.80 -14.29
CA TRP S 338 48.02 51.16 -15.50
C TRP S 338 48.51 49.72 -15.58
N VAL S 339 49.77 49.50 -15.20
CA VAL S 339 50.36 48.16 -15.16
C VAL S 339 49.59 47.30 -14.17
N SER S 340 49.07 47.93 -13.10
CA SER S 340 48.29 47.26 -12.08
C SER S 340 46.98 46.71 -12.66
N ILE S 341 46.44 47.42 -13.65
CA ILE S 341 45.20 47.03 -14.30
C ILE S 341 45.47 45.89 -15.28
N CYS S 342 46.57 46.00 -16.04
CA CYS S 342 46.95 44.97 -17.00
C CYS S 342 47.41 43.72 -16.25
N ASP S 343 47.95 43.92 -15.04
CA ASP S 343 48.45 42.89 -14.14
C ASP S 343 47.45 41.75 -14.01
N ASP S 344 46.17 42.07 -14.18
CA ASP S 344 45.08 41.14 -13.95
C ASP S 344 45.21 39.91 -14.84
N CYS S 345 45.83 40.08 -16.03
CA CYS S 345 45.84 39.02 -17.02
C CYS S 345 47.20 38.94 -17.72
N HIS S 346 48.17 39.74 -17.25
CA HIS S 346 49.50 39.76 -17.83
C HIS S 346 50.53 39.96 -16.73
N SER S 347 51.78 39.58 -17.03
CA SER S 347 52.91 39.89 -16.15
C SER S 347 53.14 41.40 -16.19
N PRO S 348 53.52 42.03 -15.05
CA PRO S 348 53.86 43.45 -15.03
C PRO S 348 54.80 43.84 -16.17
N ARG S 349 55.81 43.00 -16.40
CA ARG S 349 56.84 43.29 -17.39
C ARG S 349 56.22 43.42 -18.78
N PHE S 350 55.38 42.43 -19.14
CA PHE S 350 54.78 42.39 -20.47
C PHE S 350 53.99 43.66 -20.73
N ALA S 351 53.22 44.08 -19.73
CA ALA S 351 52.35 45.25 -19.84
C ALA S 351 53.18 46.53 -19.90
N ARG S 352 54.17 46.63 -18.99
CA ARG S 352 55.03 47.79 -18.87
C ARG S 352 55.69 48.08 -20.22
N GLU S 353 56.21 47.00 -20.84
CA GLU S 353 57.03 47.13 -22.03
C GLU S 353 56.16 47.40 -23.26
N ASN S 354 54.92 46.90 -23.22
CA ASN S 354 53.98 47.11 -24.31
C ASN S 354 53.54 48.57 -24.34
N LEU S 355 53.35 49.15 -23.15
CA LEU S 355 52.95 50.54 -23.03
C LEU S 355 54.14 51.46 -23.33
N GLN S 356 55.35 50.94 -23.10
CA GLN S 356 56.57 51.65 -23.46
C GLN S 356 56.66 51.80 -24.97
N ALA S 357 56.28 50.74 -25.70
CA ALA S 357 56.23 50.74 -27.15
C ALA S 357 55.30 51.83 -27.64
N MET S 358 54.17 52.02 -26.93
CA MET S 358 53.21 53.06 -27.25
C MET S 358 53.89 54.43 -27.15
N ASP S 359 54.62 54.64 -26.06
CA ASP S 359 55.31 55.89 -25.79
C ASP S 359 56.25 56.23 -26.95
N GLU S 360 56.95 55.20 -27.45
CA GLU S 360 57.93 55.34 -28.51
C GLU S 360 57.24 55.73 -29.83
N SER S 361 56.09 55.10 -30.09
CA SER S 361 55.29 55.38 -31.27
C SER S 361 54.81 56.83 -31.27
N VAL S 362 54.43 57.31 -30.06
CA VAL S 362 53.90 58.65 -29.87
C VAL S 362 54.99 59.67 -30.14
N LYS S 363 56.21 59.38 -29.67
CA LYS S 363 57.35 60.28 -29.81
C LYS S 363 57.80 60.35 -31.26
N ASP S 364 57.79 59.19 -31.94
CA ASP S 364 58.22 59.09 -33.33
C ASP S 364 57.20 59.77 -34.25
N ALA S 365 55.94 59.81 -33.80
CA ALA S 365 54.86 60.41 -34.57
C ALA S 365 55.03 61.93 -34.59
N SER S 366 55.41 62.50 -33.43
CA SER S 366 55.57 63.94 -33.30
C SER S 366 56.83 64.40 -34.02
N LEU S 367 57.83 63.51 -34.11
CA LEU S 367 59.03 63.75 -34.89
C LEU S 367 58.62 64.05 -36.34
N LYS S 368 57.72 63.22 -36.88
CA LYS S 368 57.21 63.38 -38.24
C LYS S 368 56.46 64.69 -38.38
N TYR S 369 55.62 65.01 -37.38
CA TYR S 369 54.77 66.19 -37.48
C TYR S 369 55.62 67.45 -37.40
N ARG S 370 56.68 67.42 -36.58
CA ARG S 370 57.59 68.54 -36.47
C ARG S 370 58.18 68.87 -37.85
N GLU S 371 58.54 67.81 -38.60
CA GLU S 371 59.04 67.98 -39.95
C GLU S 371 57.94 68.53 -40.85
N THR S 372 56.71 68.04 -40.66
CA THR S 372 55.56 68.46 -41.45
C THR S 372 55.24 69.93 -41.18
N PHE S 373 55.29 70.31 -39.90
CA PHE S 373 54.95 71.66 -39.47
C PHE S 373 55.98 72.66 -39.98
N LYS S 374 57.26 72.26 -39.95
CA LYS S 374 58.36 73.12 -40.39
C LYS S 374 58.11 73.58 -41.82
N VAL S 375 57.71 72.64 -42.69
CA VAL S 375 57.44 72.92 -44.09
C VAL S 375 56.35 73.99 -44.20
N ALA S 376 55.31 73.87 -43.36
CA ALA S 376 54.17 74.76 -43.39
C ALA S 376 54.54 76.13 -42.81
N GLU S 377 55.35 76.12 -41.75
CA GLU S 377 55.74 77.33 -41.05
C GLU S 377 56.67 78.16 -41.95
N ASP S 378 57.52 77.46 -42.71
CA ASP S 378 58.48 78.11 -43.60
C ASP S 378 57.75 78.86 -44.72
N LEU S 379 56.63 78.29 -45.19
CA LEU S 379 55.84 78.92 -46.23
C LEU S 379 55.27 80.24 -45.73
N LEU S 380 54.93 80.29 -44.44
CA LEU S 380 54.34 81.48 -43.84
C LEU S 380 55.41 82.55 -43.64
N ILE S 381 56.55 82.13 -43.10
CA ILE S 381 57.66 83.04 -42.78
C ILE S 381 58.21 83.63 -44.08
N ASP S 382 58.30 82.80 -45.13
CA ASP S 382 58.80 83.23 -46.42
C ASP S 382 57.71 83.98 -47.19
N GLY S 383 56.48 83.95 -46.65
CA GLY S 383 55.35 84.70 -47.18
C GLY S 383 54.84 84.17 -48.52
N VAL S 384 55.20 82.93 -48.85
CA VAL S 384 54.87 82.35 -50.15
C VAL S 384 53.68 81.39 -50.02
N LEU S 385 53.14 81.28 -48.79
CA LEU S 385 51.95 80.48 -48.53
C LEU S 385 50.79 81.06 -49.32
N ASP S 386 49.99 80.16 -49.93
CA ASP S 386 49.05 80.55 -50.97
C ASP S 386 47.62 80.17 -50.57
N PRO S 387 46.90 81.10 -49.92
CA PRO S 387 47.38 82.43 -49.62
C PRO S 387 47.79 82.59 -48.15
N MET S 388 48.26 83.79 -47.81
CA MET S 388 48.59 84.15 -46.44
C MET S 388 47.30 84.38 -45.65
N PRO S 389 47.32 84.20 -44.31
CA PRO S 389 46.11 84.34 -43.48
C PRO S 389 45.29 85.62 -43.68
N LYS S 390 45.97 86.71 -44.08
CA LYS S 390 45.34 88.01 -44.24
C LYS S 390 44.40 87.99 -45.44
N ASP S 391 44.60 87.03 -46.36
CA ASP S 391 43.84 86.95 -47.59
C ASP S 391 42.77 85.87 -47.52
N LEU S 392 42.71 85.17 -46.38
CA LEU S 392 41.66 84.22 -46.08
C LEU S 392 40.48 84.98 -45.46
N CYS S 393 39.32 84.33 -45.44
CA CYS S 393 38.17 84.80 -44.68
C CYS S 393 38.59 84.95 -43.21
N PRO S 394 38.12 85.99 -42.50
CA PRO S 394 38.39 86.12 -41.06
C PRO S 394 37.90 84.91 -40.28
N ASP S 395 38.67 84.51 -39.26
CA ASP S 395 38.34 83.36 -38.43
C ASP S 395 37.13 83.68 -37.56
N TRP S 396 36.71 82.72 -36.73
CA TRP S 396 35.51 82.82 -35.92
C TRP S 396 35.55 84.08 -35.06
N SER S 397 36.77 84.50 -34.71
CA SER S 397 37.02 85.61 -33.81
C SER S 397 36.85 86.95 -34.53
N GLY S 398 36.96 86.90 -35.87
CA GLY S 398 36.93 88.10 -36.70
C GLY S 398 38.32 88.61 -36.99
N GLN S 399 39.32 87.72 -36.85
CA GLN S 399 40.72 88.05 -37.00
C GLN S 399 41.32 87.27 -38.16
N HIS S 400 42.56 87.61 -38.53
CA HIS S 400 43.28 86.93 -39.59
C HIS S 400 44.54 86.27 -39.02
N ILE S 401 44.37 85.58 -37.88
CA ILE S 401 45.47 84.85 -37.25
C ILE S 401 45.68 83.54 -38.00
N TRP S 402 46.95 83.12 -38.07
CA TRP S 402 47.33 81.88 -38.72
C TRP S 402 46.68 80.70 -38.01
N SER S 403 46.09 79.80 -38.80
CA SER S 403 45.37 78.62 -38.32
C SER S 403 46.22 77.82 -37.33
N LEU S 404 47.49 77.60 -37.69
CA LEU S 404 48.34 76.64 -36.99
C LEU S 404 49.10 77.30 -35.85
N LYS S 405 48.84 78.59 -35.61
CA LYS S 405 49.57 79.34 -34.58
C LYS S 405 49.18 78.85 -33.19
N ILE S 406 50.19 78.38 -32.45
CA ILE S 406 50.05 78.04 -31.04
C ILE S 406 50.68 79.16 -30.23
N GLY S 407 49.84 79.86 -29.45
CA GLY S 407 50.23 81.07 -28.73
C GLY S 407 51.40 80.86 -27.78
N ALA S 408 51.56 79.63 -27.30
CA ALA S 408 52.58 79.31 -26.30
C ALA S 408 53.96 79.15 -26.95
N TYR S 409 53.98 78.95 -28.28
CA TYR S 409 55.22 78.65 -28.98
C TYR S 409 55.52 79.70 -30.05
N HIS S 410 54.47 80.32 -30.59
CA HIS S 410 54.62 81.21 -31.74
C HIS S 410 54.29 82.66 -31.36
N ASP S 411 55.14 83.58 -31.81
CA ASP S 411 54.93 85.00 -31.65
C ASP S 411 55.64 85.73 -32.79
N GLY S 412 54.93 86.70 -33.40
CA GLY S 412 55.48 87.47 -34.50
C GLY S 412 54.40 88.10 -35.37
N GLU S 413 54.85 88.94 -36.31
CA GLU S 413 53.98 89.70 -37.20
C GLU S 413 53.28 88.75 -38.18
N ALA S 414 54.03 87.73 -38.61
CA ALA S 414 53.58 86.81 -39.64
C ALA S 414 52.44 85.93 -39.14
N TYR S 415 52.43 85.67 -37.83
CA TYR S 415 51.47 84.76 -37.21
C TYR S 415 50.14 85.47 -36.96
N GLY S 416 50.22 86.76 -36.58
CA GLY S 416 49.05 87.55 -36.26
C GLY S 416 48.63 87.38 -34.80
N GLY S 417 47.64 88.18 -34.37
CA GLY S 417 47.09 88.12 -33.04
C GLY S 417 48.04 88.68 -31.99
N THR S 418 47.53 88.84 -30.76
CA THR S 418 48.31 89.34 -29.64
C THR S 418 49.27 88.26 -29.14
N THR S 419 50.19 88.65 -28.26
CA THR S 419 51.18 87.74 -27.70
C THR S 419 50.48 86.70 -26.84
N GLY S 420 50.75 85.43 -27.12
CA GLY S 420 50.23 84.32 -26.35
C GLY S 420 48.90 83.78 -26.89
N GLU S 421 48.30 84.54 -27.82
CA GLU S 421 47.03 84.18 -28.42
C GLU S 421 47.27 83.18 -29.55
N SER S 422 46.46 82.11 -29.57
CA SER S 422 46.53 81.09 -30.60
C SER S 422 45.63 81.44 -31.79
N GLY S 423 45.81 80.72 -32.89
CA GLY S 423 44.91 80.81 -34.03
C GLY S 423 43.75 79.84 -33.88
N GLU S 424 42.79 79.92 -34.80
CA GLU S 424 41.68 78.99 -34.83
C GLU S 424 42.11 77.73 -35.58
N PHE S 425 42.53 76.72 -34.80
CA PHE S 425 42.95 75.43 -35.33
C PHE S 425 41.78 74.79 -36.04
N ARG S 426 41.94 74.52 -37.35
CA ARG S 426 40.83 74.09 -38.18
C ARG S 426 41.33 73.35 -39.43
N MET S 427 40.38 72.66 -40.07
CA MET S 427 40.59 71.96 -41.33
C MET S 427 39.82 72.70 -42.43
N SER S 428 39.12 73.76 -42.02
CA SER S 428 38.26 74.55 -42.91
C SER S 428 38.86 75.94 -43.10
N ASN S 429 38.47 76.60 -44.19
CA ASN S 429 38.83 77.98 -44.47
C ASN S 429 40.33 78.19 -44.26
N CYS S 430 41.13 77.50 -45.07
CA CYS S 430 42.58 77.55 -44.96
C CYS S 430 43.19 77.01 -46.25
N THR S 431 44.52 76.93 -46.28
CA THR S 431 45.26 76.35 -47.39
C THR S 431 45.26 74.84 -47.25
N ASP S 432 45.64 74.14 -48.33
CA ASP S 432 45.78 72.69 -48.31
C ASP S 432 46.86 72.30 -47.31
N VAL S 433 47.93 73.11 -47.24
CA VAL S 433 49.07 72.83 -46.37
C VAL S 433 48.62 72.89 -44.91
N GLU S 434 47.81 73.90 -44.57
CA GLU S 434 47.25 74.06 -43.24
C GLU S 434 46.35 72.87 -42.92
N ARG S 435 45.50 72.50 -43.89
CA ARG S 435 44.51 71.45 -43.75
C ARG S 435 45.21 70.10 -43.51
N LEU S 436 46.24 69.80 -44.32
CA LEU S 436 46.92 68.53 -44.26
C LEU S 436 47.68 68.41 -42.93
N CYS S 437 48.16 69.54 -42.42
CA CYS S 437 48.84 69.56 -41.12
C CYS S 437 47.85 69.21 -40.02
N PHE S 438 46.65 69.82 -40.10
CA PHE S 438 45.58 69.55 -39.15
C PHE S 438 45.24 68.05 -39.18
N GLU S 439 45.08 67.51 -40.40
CA GLU S 439 44.72 66.11 -40.59
C GLU S 439 45.79 65.19 -40.02
N SER S 440 47.07 65.58 -40.19
CA SER S 440 48.19 64.73 -39.81
C SER S 440 48.24 64.54 -38.29
N VAL S 441 48.04 65.64 -37.54
CA VAL S 441 48.16 65.61 -36.10
C VAL S 441 46.81 65.34 -35.46
N GLY S 442 45.74 65.80 -36.12
CA GLY S 442 44.41 65.78 -35.54
C GLY S 442 43.64 64.50 -35.84
N TYR S 443 44.07 63.79 -36.89
CA TYR S 443 43.46 62.52 -37.25
C TYR S 443 44.49 61.41 -37.10
N PHE S 444 45.50 61.39 -37.99
CA PHE S 444 46.40 60.27 -38.15
C PHE S 444 47.22 60.01 -36.90
N GLN S 445 47.67 61.08 -36.22
CA GLN S 445 48.50 60.95 -35.04
C GLN S 445 47.71 60.31 -33.91
N THR S 446 46.41 60.64 -33.82
CA THR S 446 45.56 60.12 -32.77
C THR S 446 45.33 58.62 -32.96
N TYR S 447 45.38 58.16 -34.22
CA TYR S 447 45.24 56.75 -34.52
C TYR S 447 46.44 55.97 -34.00
N ILE S 448 47.59 56.66 -33.87
CA ILE S 448 48.80 56.03 -33.38
C ILE S 448 48.72 55.89 -31.86
N TYR S 449 48.32 56.97 -31.18
CA TYR S 449 48.22 56.94 -29.74
C TYR S 449 47.14 55.94 -29.30
N LYS S 450 45.91 56.15 -29.81
CA LYS S 450 44.77 55.33 -29.45
C LYS S 450 45.01 53.89 -29.92
N GLY S 451 45.58 53.75 -31.11
CA GLY S 451 45.86 52.45 -31.69
C GLY S 451 46.77 51.62 -30.79
N MET S 452 47.91 52.22 -30.39
CA MET S 452 48.92 51.52 -29.61
C MET S 452 48.42 51.30 -28.18
N ALA S 453 47.56 52.20 -27.69
CA ALA S 453 47.02 52.12 -26.35
C ALA S 453 46.04 50.96 -26.22
N HIS S 454 45.38 50.62 -27.33
CA HIS S 454 44.28 49.66 -27.30
C HIS S 454 44.66 48.35 -28.00
N GLY S 455 45.87 48.32 -28.59
CA GLY S 455 46.44 47.11 -29.13
C GLY S 455 46.12 46.89 -30.61
N SER S 456 45.71 47.96 -31.30
CA SER S 456 45.48 47.92 -32.74
C SER S 456 46.75 48.34 -33.48
N TRP S 457 47.49 47.33 -33.94
CA TRP S 457 48.80 47.52 -34.54
C TRP S 457 48.67 48.19 -35.92
N ASN S 458 47.55 47.91 -36.60
CA ASN S 458 47.34 48.42 -37.95
C ASN S 458 46.90 49.87 -37.89
N ASP S 459 46.17 50.24 -36.83
CA ASP S 459 45.71 51.61 -36.63
C ASP S 459 46.92 52.53 -36.39
N ALA S 460 48.02 51.94 -35.92
CA ALA S 460 49.20 52.71 -35.56
C ALA S 460 50.18 52.74 -36.74
N THR S 461 49.91 51.94 -37.78
CA THR S 461 50.81 51.83 -38.92
C THR S 461 50.05 52.07 -40.22
N TYR S 462 49.59 50.97 -40.85
CA TYR S 462 49.07 51.00 -42.21
C TYR S 462 47.76 51.77 -42.30
N SER S 463 46.85 51.54 -41.35
CA SER S 463 45.49 52.08 -41.43
C SER S 463 45.47 53.54 -40.98
N ASP S 464 46.13 54.40 -41.77
CA ASP S 464 46.11 55.86 -41.60
C ASP S 464 46.83 56.26 -40.32
N GLY S 465 47.75 55.39 -39.86
CA GLY S 465 48.52 55.67 -38.65
C GLY S 465 49.82 56.36 -38.99
N SER S 466 50.94 55.70 -38.67
CA SER S 466 52.28 56.18 -38.98
C SER S 466 52.40 56.48 -40.48
N PHE S 467 51.87 55.57 -41.30
CA PHE S 467 52.02 55.65 -42.74
C PHE S 467 51.02 56.65 -43.32
N GLY S 468 49.98 56.98 -42.53
CA GLY S 468 49.09 58.06 -42.88
C GLY S 468 49.81 59.41 -42.82
N MET S 469 50.58 59.61 -41.75
CA MET S 469 51.37 60.81 -41.53
C MET S 469 52.45 60.93 -42.60
N ASP S 470 52.99 59.78 -43.01
CA ASP S 470 54.00 59.68 -44.05
C ASP S 470 53.43 60.22 -45.35
N ARG S 471 52.21 59.79 -45.68
CA ARG S 471 51.55 60.13 -46.92
C ARG S 471 51.24 61.63 -46.95
N TRP S 472 50.86 62.17 -45.79
CA TRP S 472 50.47 63.57 -45.68
C TRP S 472 51.69 64.48 -45.70
N LEU S 473 52.82 63.97 -45.18
CA LEU S 473 54.08 64.70 -45.22
C LEU S 473 54.51 64.92 -46.67
N VAL S 474 54.38 63.86 -47.48
CA VAL S 474 54.64 63.92 -48.91
C VAL S 474 53.73 64.94 -49.57
N ASN S 475 52.44 64.93 -49.16
CA ASN S 475 51.42 65.78 -49.74
C ASN S 475 51.72 67.25 -49.39
N VAL S 476 52.20 67.48 -48.17
CA VAL S 476 52.52 68.82 -47.70
C VAL S 476 53.73 69.34 -48.48
N LYS S 477 54.77 68.49 -48.60
CA LYS S 477 56.01 68.86 -49.27
C LYS S 477 55.72 69.23 -50.73
N GLN S 478 54.86 68.44 -51.39
CA GLN S 478 54.53 68.66 -52.79
C GLN S 478 53.81 70.00 -52.94
N ASN S 479 52.87 70.29 -52.04
CA ASN S 479 52.09 71.52 -52.05
C ASN S 479 52.99 72.72 -51.79
N ALA S 480 54.01 72.52 -50.93
CA ALA S 480 54.98 73.56 -50.61
C ALA S 480 55.83 73.86 -51.84
N SER S 481 56.30 72.79 -52.50
CA SER S 481 57.15 72.86 -53.68
C SER S 481 56.44 73.65 -54.78
N ARG S 482 55.17 73.31 -55.04
CA ARG S 482 54.38 73.91 -56.11
C ARG S 482 54.20 75.39 -55.84
N ALA S 483 53.89 75.75 -54.58
CA ALA S 483 53.61 77.11 -54.19
C ALA S 483 54.86 77.97 -54.32
N ARG S 484 56.02 77.36 -54.02
CA ARG S 484 57.31 78.04 -54.07
C ARG S 484 57.75 78.23 -55.51
N ARG S 485 57.41 77.27 -56.37
CA ARG S 485 57.78 77.30 -57.78
C ARG S 485 56.99 78.37 -58.52
N LEU S 486 55.72 78.56 -58.10
CA LEU S 486 54.84 79.56 -58.70
C LEU S 486 55.29 80.95 -58.29
N ALA S 487 55.64 81.11 -57.00
CA ALA S 487 56.06 82.38 -56.44
C ALA S 487 57.35 82.87 -57.11
N ALA S 488 58.25 81.91 -57.40
CA ALA S 488 59.53 82.20 -58.02
C ALA S 488 59.31 82.65 -59.47
N LEU S 489 58.39 81.98 -60.17
CA LEU S 489 58.08 82.29 -61.56
C LEU S 489 57.44 83.68 -61.65
N GLU S 490 56.57 83.98 -60.69
CA GLU S 490 55.80 85.22 -60.71
C GLU S 490 56.70 86.42 -60.40
N LYS S 491 57.71 86.20 -59.55
CA LYS S 491 58.68 87.23 -59.24
C LYS S 491 59.46 87.60 -60.50
N LYS S 492 59.97 86.57 -61.20
CA LYS S 492 60.87 86.77 -62.34
C LYS S 492 60.11 87.38 -63.52
N VAL S 493 58.84 87.01 -63.68
CA VAL S 493 58.03 87.49 -64.79
C VAL S 493 57.40 88.84 -64.42
N GLY S 494 57.38 89.14 -63.12
CA GLY S 494 56.91 90.42 -62.63
C GLY S 494 55.39 90.46 -62.43
N ILE S 495 54.81 89.28 -62.10
CA ILE S 495 53.43 89.20 -61.67
C ILE S 495 53.40 89.24 -60.15
N SER S 496 52.59 90.16 -59.61
CA SER S 496 52.24 90.12 -58.20
C SER S 496 50.89 89.43 -58.07
N TRP S 497 50.90 88.19 -57.56
CA TRP S 497 49.72 87.35 -57.52
C TRP S 497 48.68 87.94 -56.56
N GLN S 498 47.49 88.20 -57.11
CA GLN S 498 46.34 88.62 -56.33
C GLN S 498 45.57 87.37 -55.89
N PRO S 499 45.56 87.05 -54.56
CA PRO S 499 44.78 85.91 -54.07
C PRO S 499 43.32 86.01 -54.49
N GLU S 500 42.77 84.88 -54.93
CA GLU S 500 41.45 84.83 -55.55
C GLU S 500 40.37 85.19 -54.55
N GLN S 501 39.18 85.51 -55.06
CA GLN S 501 38.08 86.05 -54.27
C GLN S 501 37.50 84.97 -53.35
N PHE S 502 37.63 83.70 -53.76
CA PHE S 502 36.98 82.60 -53.07
C PHE S 502 37.69 82.27 -51.75
N TRP S 503 38.90 82.81 -51.55
CA TRP S 503 39.59 82.66 -50.27
C TRP S 503 38.94 83.57 -49.22
N LYS S 504 38.40 84.70 -49.68
CA LYS S 504 37.85 85.74 -48.81
C LYS S 504 36.37 85.48 -48.56
N THR S 505 35.61 85.31 -49.65
CA THR S 505 34.16 85.23 -49.59
C THR S 505 33.65 84.04 -50.39
N GLY S 506 32.39 83.68 -50.11
CA GLY S 506 31.72 82.52 -50.70
C GLY S 506 30.41 82.28 -49.97
N GLU S 507 29.52 81.47 -50.57
CA GLU S 507 28.16 81.33 -50.08
C GLU S 507 28.16 80.88 -48.62
N TRP S 508 29.06 79.93 -48.29
CA TRP S 508 29.15 79.40 -46.93
C TRP S 508 29.95 80.36 -46.04
N LEU S 509 31.09 80.82 -46.54
CA LEU S 509 31.99 81.69 -45.79
C LEU S 509 31.25 82.92 -45.27
N ASP S 510 30.34 83.46 -46.08
CA ASP S 510 29.64 84.70 -45.78
C ASP S 510 28.72 84.52 -44.56
N GLN S 511 28.39 83.26 -44.24
CA GLN S 511 27.42 82.96 -43.20
C GLN S 511 28.12 82.80 -41.85
N LEU S 512 29.46 82.91 -41.85
CA LEU S 512 30.25 82.66 -40.66
C LEU S 512 30.29 83.89 -39.76
N THR S 513 30.87 83.73 -38.57
CA THR S 513 30.95 84.76 -37.55
C THR S 513 31.99 85.80 -37.95
N GLY S 514 33.11 85.32 -38.52
CA GLY S 514 34.21 86.17 -38.95
C GLY S 514 33.74 87.40 -39.73
N PRO S 515 33.16 87.21 -40.94
CA PRO S 515 32.65 88.33 -41.74
C PRO S 515 31.66 89.25 -41.03
N TYR S 516 30.81 88.66 -40.17
CA TYR S 516 29.80 89.41 -39.45
C TYR S 516 30.44 90.39 -38.47
N ILE S 517 31.47 89.93 -37.76
CA ILE S 517 32.15 90.74 -36.75
C ILE S 517 32.90 91.89 -37.44
N VAL S 518 33.60 91.57 -38.52
CA VAL S 518 34.39 92.54 -39.27
C VAL S 518 33.47 93.65 -39.79
N LYS S 519 32.28 93.27 -40.25
CA LYS S 519 31.35 94.21 -40.86
C LYS S 519 30.63 95.03 -39.79
N ASN S 520 30.14 94.37 -38.74
CA ASN S 520 29.16 94.97 -37.84
C ASN S 520 29.81 95.50 -36.57
N HIS S 521 30.97 94.97 -36.19
CA HIS S 521 31.70 95.44 -35.02
C HIS S 521 33.16 95.64 -35.40
N PRO S 522 33.48 96.66 -36.23
CA PRO S 522 34.73 96.71 -36.99
C PRO S 522 36.03 96.58 -36.19
N GLY S 523 36.10 97.26 -35.05
CA GLY S 523 37.35 97.36 -34.30
C GLY S 523 37.62 96.18 -33.38
N LYS S 524 36.60 95.34 -33.18
CA LYS S 524 36.59 94.43 -32.04
C LYS S 524 36.61 92.97 -32.50
N THR S 525 36.87 92.06 -31.53
CA THR S 525 36.86 90.62 -31.74
C THR S 525 35.70 90.02 -30.95
N ILE S 526 35.51 88.70 -31.09
CA ILE S 526 34.42 87.98 -30.43
C ILE S 526 34.67 88.00 -28.91
N PHE S 527 35.94 88.10 -28.51
CA PHE S 527 36.32 88.08 -27.11
C PHE S 527 35.93 89.40 -26.46
N ASP S 528 35.99 90.47 -27.26
CA ASP S 528 35.54 91.79 -26.84
C ASP S 528 34.02 91.78 -26.66
N LEU S 529 33.33 91.13 -27.61
CA LEU S 529 31.86 91.15 -27.68
C LEU S 529 31.27 90.17 -26.67
N CYS S 530 32.08 89.22 -26.20
CA CYS S 530 31.67 88.26 -25.19
C CYS S 530 32.63 88.36 -24.00
N PRO S 531 32.49 89.39 -23.13
CA PRO S 531 33.48 89.66 -22.09
C PRO S 531 33.37 88.79 -20.84
N ASP S 532 32.26 88.03 -20.73
CA ASP S 532 31.96 87.21 -19.57
C ASP S 532 33.10 86.23 -19.32
N PRO S 533 33.33 85.80 -18.05
CA PRO S 533 34.34 84.78 -17.75
C PRO S 533 33.98 83.44 -18.39
N GLY S 534 34.99 82.76 -18.95
CA GLY S 534 34.82 81.45 -19.56
C GLY S 534 34.99 80.31 -18.56
N TRP S 535 35.00 79.07 -19.07
CA TRP S 535 35.09 77.89 -18.25
C TRP S 535 36.46 77.81 -17.56
N LEU S 536 37.50 78.20 -18.30
CA LEU S 536 38.88 78.11 -17.83
C LEU S 536 39.13 79.10 -16.70
N ASP S 537 38.28 80.14 -16.61
CA ASP S 537 38.43 81.19 -15.63
C ASP S 537 37.96 80.70 -14.26
N THR S 538 37.03 79.75 -14.27
CA THR S 538 36.35 79.32 -13.04
C THR S 538 36.73 77.89 -12.66
N HIS S 539 37.41 77.18 -13.57
CA HIS S 539 37.78 75.79 -13.36
C HIS S 539 39.28 75.61 -13.50
N HIS S 540 39.90 75.07 -12.44
CA HIS S 540 41.35 74.90 -12.37
C HIS S 540 41.69 73.44 -12.10
N ALA S 541 42.96 73.08 -12.30
CA ALA S 541 43.46 71.74 -12.01
C ALA S 541 43.39 71.47 -10.51
N PRO S 542 43.07 70.23 -10.07
CA PRO S 542 42.98 69.91 -8.64
C PRO S 542 44.32 70.08 -7.92
N ALA S 543 44.24 70.38 -6.62
CA ALA S 543 45.40 70.70 -5.80
C ALA S 543 46.39 69.53 -5.78
N GLU S 544 45.85 68.31 -5.78
CA GLU S 544 46.65 67.09 -5.65
C GLU S 544 47.48 66.85 -6.91
N GLU S 545 46.96 67.30 -8.06
CA GLU S 545 47.63 67.13 -9.33
C GLU S 545 48.87 68.03 -9.39
N VAL S 546 48.71 69.29 -8.99
CA VAL S 546 49.80 70.25 -8.98
C VAL S 546 50.84 69.79 -7.96
N GLU S 547 50.35 69.27 -6.83
CA GLU S 547 51.16 68.84 -5.71
C GLU S 547 52.05 67.67 -6.13
N TYR S 548 51.50 66.75 -6.93
CA TYR S 548 52.21 65.57 -7.40
C TYR S 548 53.33 65.98 -8.35
N ILE S 549 53.01 66.86 -9.30
CA ILE S 549 53.93 67.25 -10.36
C ILE S 549 55.11 67.99 -9.75
N GLU S 550 54.82 68.93 -8.83
CA GLU S 550 55.84 69.73 -8.18
C GLU S 550 56.79 68.83 -7.37
N ARG S 551 56.22 67.82 -6.71
CA ARG S 551 56.98 66.89 -5.89
C ARG S 551 57.93 66.07 -6.76
N LYS S 552 57.44 65.65 -7.94
CA LYS S 552 58.17 64.75 -8.82
C LYS S 552 59.27 65.50 -9.57
N LEU S 553 59.00 66.77 -9.91
CA LEU S 553 59.97 67.60 -10.62
C LEU S 553 61.14 67.92 -9.71
N LYS S 554 60.85 68.11 -8.41
CA LYS S 554 61.87 68.38 -7.41
C LYS S 554 62.68 67.11 -7.16
N GLU S 555 61.98 65.97 -7.15
CA GLU S 555 62.55 64.68 -6.86
C GLU S 555 63.55 64.28 -7.95
N LEU S 556 63.29 64.72 -9.19
CA LEU S 556 64.09 64.32 -10.34
C LEU S 556 65.01 65.45 -10.77
N GLY S 557 64.69 66.67 -10.34
CA GLY S 557 65.48 67.86 -10.68
C GLY S 557 65.30 68.28 -12.14
N ILE S 558 64.05 68.53 -12.52
CA ILE S 558 63.71 69.04 -13.84
C ILE S 558 63.09 70.42 -13.67
N THR S 559 63.45 71.34 -14.57
CA THR S 559 62.96 72.72 -14.55
C THR S 559 61.47 72.75 -14.86
N ALA S 560 60.74 73.61 -14.15
CA ALA S 560 59.31 73.82 -14.37
C ALA S 560 59.12 74.67 -15.63
N GLY S 561 57.93 74.54 -16.25
CA GLY S 561 57.62 75.20 -17.51
C GLY S 561 57.07 76.62 -17.31
N SER S 562 56.70 77.25 -18.44
CA SER S 562 56.23 78.62 -18.46
C SER S 562 54.76 78.69 -18.83
N HIS S 563 54.20 79.91 -18.82
CA HIS S 563 52.80 80.16 -19.16
C HIS S 563 52.58 79.99 -20.66
N VAL T 33 37.91 72.24 -32.31
CA VAL T 33 39.03 71.46 -31.68
C VAL T 33 40.29 72.30 -31.74
N GLU T 34 40.89 72.54 -30.56
CA GLU T 34 42.07 73.38 -30.42
C GLU T 34 43.24 72.55 -29.89
N ILE T 35 44.46 73.09 -30.01
CA ILE T 35 45.59 72.57 -29.25
C ILE T 35 45.57 73.25 -27.89
N ILE T 36 44.98 72.57 -26.91
CA ILE T 36 44.69 73.15 -25.60
C ILE T 36 45.98 73.33 -24.82
N THR T 37 46.23 74.58 -24.40
CA THR T 37 47.46 74.96 -23.74
C THR T 37 47.17 75.47 -22.32
N HIS T 38 46.02 75.07 -21.77
CA HIS T 38 45.57 75.57 -20.48
C HIS T 38 45.19 74.42 -19.55
N TRP T 39 44.77 74.79 -18.33
CA TRP T 39 44.22 73.90 -17.30
C TRP T 39 45.29 73.00 -16.69
N VAL T 40 45.96 72.20 -17.54
CA VAL T 40 47.04 71.32 -17.13
C VAL T 40 48.15 72.19 -16.53
N PRO T 41 48.67 71.86 -15.33
CA PRO T 41 49.71 72.69 -14.68
C PRO T 41 50.90 73.00 -15.59
N HIS T 42 51.38 74.24 -15.51
CA HIS T 42 52.40 74.76 -16.40
C HIS T 42 53.73 74.04 -16.18
N GLU T 43 53.97 73.62 -14.94
CA GLU T 43 55.22 73.01 -14.51
C GLU T 43 55.56 71.84 -15.44
N VAL T 44 54.56 71.31 -16.13
CA VAL T 44 54.70 70.10 -16.92
C VAL T 44 54.65 70.43 -18.42
N TYR T 45 54.59 71.72 -18.76
CA TYR T 45 54.65 72.14 -20.16
C TYR T 45 56.10 72.11 -20.62
N GLY T 46 56.33 71.40 -21.73
CA GLY T 46 57.65 71.36 -22.35
C GLY T 46 57.90 72.64 -23.17
N MET T 47 59.10 73.20 -23.01
CA MET T 47 59.49 74.41 -23.72
C MET T 47 60.53 74.05 -24.79
N PRO T 48 60.68 74.88 -25.86
CA PRO T 48 61.55 74.53 -26.99
C PRO T 48 62.94 74.07 -26.59
N GLY T 49 63.38 72.95 -27.16
CA GLY T 49 64.73 72.45 -26.98
C GLY T 49 64.83 71.37 -25.89
N GLU T 50 63.79 71.24 -25.07
CA GLU T 50 63.76 70.28 -23.98
C GLU T 50 63.60 68.87 -24.53
N PRO T 51 64.08 67.82 -23.81
CA PRO T 51 63.99 66.43 -24.28
C PRO T 51 62.55 65.96 -24.35
N ASP T 52 62.25 65.15 -25.38
CA ASP T 52 60.90 64.63 -25.59
C ASP T 52 60.59 63.54 -24.57
N ASN T 53 61.64 62.95 -24.00
CA ASN T 53 61.51 61.82 -23.09
C ASN T 53 61.54 62.30 -21.64
N SER T 54 61.32 63.60 -21.43
CA SER T 54 61.28 64.18 -20.10
C SER T 54 59.95 63.86 -19.43
N GLY T 55 58.91 63.70 -20.25
CA GLY T 55 57.57 63.42 -19.77
C GLY T 55 56.70 64.67 -19.74
N LYS T 56 57.24 65.76 -20.29
CA LYS T 56 56.53 67.02 -20.33
C LYS T 56 55.65 67.05 -21.58
N VAL T 57 54.58 67.86 -21.51
CA VAL T 57 53.61 67.97 -22.60
C VAL T 57 54.13 68.99 -23.61
N PHE T 58 54.32 68.53 -24.85
CA PHE T 58 54.68 69.40 -25.95
C PHE T 58 53.46 69.60 -26.84
N PHE T 59 52.98 70.84 -26.91
CA PHE T 59 51.75 71.17 -27.61
C PHE T 59 51.88 70.81 -29.08
N SER T 60 50.95 69.97 -29.55
CA SER T 60 50.92 69.47 -30.93
C SER T 60 52.20 68.67 -31.24
N GLY T 61 52.99 68.42 -30.20
CA GLY T 61 54.21 67.62 -30.31
C GLY T 61 55.37 68.43 -30.88
N LEU T 62 55.26 69.77 -30.80
CA LEU T 62 56.22 70.67 -31.43
C LEU T 62 57.32 71.03 -30.45
N LYS T 63 58.48 71.42 -31.00
CA LYS T 63 59.53 72.15 -30.32
C LYS T 63 60.35 71.26 -29.39
N ALA T 64 60.04 69.95 -29.36
CA ALA T 64 60.76 69.01 -28.52
C ALA T 64 62.05 68.55 -29.19
N LYS T 65 63.04 68.21 -28.36
CA LYS T 65 64.29 67.64 -28.84
C LYS T 65 64.16 66.11 -28.81
N TYR T 66 64.30 65.50 -30.00
CA TYR T 66 64.12 64.07 -30.16
C TYR T 66 65.31 63.34 -29.56
N MET T 67 65.03 62.46 -28.59
CA MET T 67 66.07 61.76 -27.85
C MET T 67 66.27 60.35 -28.40
N GLY T 68 65.23 59.82 -29.07
CA GLY T 68 65.29 58.50 -29.67
C GLY T 68 65.01 57.40 -28.64
N TYR T 69 65.00 56.15 -29.11
CA TYR T 69 64.61 55.00 -28.32
C TYR T 69 65.66 54.73 -27.24
N PRO T 70 65.29 54.14 -26.09
CA PRO T 70 66.25 53.83 -25.02
C PRO T 70 67.16 52.67 -25.44
N LYS T 71 68.43 53.01 -25.71
CA LYS T 71 69.40 52.03 -26.20
C LYS T 71 70.16 51.43 -25.03
N ASP T 72 69.87 51.91 -23.82
CA ASP T 72 70.48 51.40 -22.61
C ASP T 72 69.57 50.33 -21.99
N ALA T 73 68.32 50.28 -22.47
CA ALA T 73 67.30 49.38 -21.93
C ALA T 73 67.64 47.93 -22.30
N GLN T 74 67.64 47.06 -21.29
CA GLN T 74 67.94 45.65 -21.46
C GLN T 74 66.92 45.02 -22.41
N ARG T 75 67.43 44.43 -23.49
CA ARG T 75 66.60 43.88 -24.55
C ARG T 75 67.42 42.90 -25.40
N SER T 76 66.82 42.41 -26.48
CA SER T 76 67.48 41.52 -27.41
C SER T 76 67.66 42.20 -28.76
N PRO T 77 68.77 41.93 -29.49
CA PRO T 77 68.86 42.25 -30.90
C PRO T 77 67.87 41.37 -31.67
N TYR T 78 67.40 41.88 -32.82
CA TYR T 78 66.55 41.13 -33.71
C TYR T 78 67.39 40.07 -34.40
N PRO T 79 66.83 38.89 -34.78
CA PRO T 79 67.58 37.90 -35.55
C PRO T 79 67.64 38.31 -37.03
N GLY T 80 68.44 37.57 -37.80
CA GLY T 80 68.38 37.64 -39.26
C GLY T 80 69.48 38.48 -39.87
N LYS T 81 69.35 38.68 -41.19
CA LYS T 81 70.35 39.27 -42.08
C LYS T 81 70.70 40.69 -41.63
N TYR T 82 69.69 41.45 -41.21
CA TYR T 82 69.85 42.88 -40.98
C TYR T 82 69.89 43.17 -39.48
N SER T 83 70.42 42.22 -38.71
CA SER T 83 70.46 42.30 -37.26
C SER T 83 71.10 43.60 -36.80
N LYS T 84 72.17 44.02 -37.51
CA LYS T 84 73.00 45.14 -37.10
C LYS T 84 72.24 46.47 -37.16
N PHE T 85 71.27 46.56 -38.08
CA PHE T 85 70.54 47.81 -38.31
C PHE T 85 69.15 47.76 -37.69
N TRP T 86 68.80 46.60 -37.12
CA TRP T 86 67.50 46.39 -36.50
C TRP T 86 67.48 46.98 -35.09
N LYS T 87 66.87 48.16 -34.96
CA LYS T 87 66.68 48.79 -33.66
C LYS T 87 65.50 48.14 -32.96
N THR T 88 65.70 47.76 -31.69
CA THR T 88 64.72 46.97 -30.96
C THR T 88 64.27 47.67 -29.68
N LEU T 89 63.08 47.28 -29.21
CA LEU T 89 62.54 47.71 -27.93
C LEU T 89 62.50 46.50 -26.99
N PRO T 90 62.49 46.71 -25.65
CA PRO T 90 62.40 45.60 -24.69
C PRO T 90 61.24 44.66 -24.98
N ALA T 91 60.10 45.23 -25.39
CA ALA T 91 58.85 44.49 -25.57
C ALA T 91 59.00 43.38 -26.61
N TYR T 92 59.99 43.52 -27.51
CA TYR T 92 60.11 42.61 -28.65
C TYR T 92 60.53 41.23 -28.19
N ARG T 93 61.02 41.12 -26.95
CA ARG T 93 61.59 39.88 -26.43
C ARG T 93 60.59 38.73 -26.55
N TYR T 94 59.30 39.04 -26.46
CA TYR T 94 58.26 38.03 -26.40
C TYR T 94 57.93 37.49 -27.79
N TYR T 95 58.29 38.24 -28.84
CA TYR T 95 57.67 38.06 -30.14
C TYR T 95 58.42 37.06 -31.03
N ILE T 96 59.74 37.00 -30.87
CA ILE T 96 60.53 35.90 -31.41
C ILE T 96 61.30 35.26 -30.26
N PRO T 97 60.62 34.50 -29.37
CA PRO T 97 61.13 34.22 -28.03
C PRO T 97 62.35 33.31 -27.94
N ASP T 98 62.51 32.40 -28.91
CA ASP T 98 63.62 31.46 -28.90
C ASP T 98 64.94 32.23 -28.90
N TYR T 99 65.02 33.26 -29.75
CA TYR T 99 66.24 34.04 -29.91
C TYR T 99 66.24 35.23 -28.96
N MET T 100 65.07 35.81 -28.71
CA MET T 100 64.96 37.11 -28.10
C MET T 100 64.62 37.04 -26.61
N TYR T 101 64.36 35.82 -26.10
CA TYR T 101 64.02 35.67 -24.69
C TYR T 101 64.80 34.52 -24.07
N ASN T 102 64.92 33.40 -24.80
CA ASN T 102 65.25 32.12 -24.20
C ASN T 102 66.76 31.94 -24.03
N ARG T 103 67.55 32.76 -24.72
CA ARG T 103 69.00 32.72 -24.58
C ARG T 103 69.39 33.37 -23.25
N ASP T 104 70.39 32.76 -22.58
CA ASP T 104 70.83 33.19 -21.26
C ASP T 104 71.32 34.64 -21.31
N GLU T 105 71.87 35.03 -22.46
CA GLU T 105 72.51 36.34 -22.63
C GLU T 105 71.45 37.44 -22.65
N VAL T 106 70.18 37.06 -22.86
CA VAL T 106 69.14 38.02 -23.21
C VAL T 106 68.00 37.99 -22.18
N ARG T 107 67.72 36.80 -21.63
CA ARG T 107 66.62 36.59 -20.71
C ARG T 107 66.54 37.73 -19.70
N PRO T 108 65.35 38.38 -19.54
CA PRO T 108 65.22 39.51 -18.63
C PRO T 108 65.24 39.08 -17.18
N SER T 109 65.55 40.03 -16.29
CA SER T 109 65.60 39.77 -14.86
C SER T 109 64.18 39.55 -14.33
N ASN T 110 64.09 38.87 -13.20
CA ASN T 110 62.80 38.57 -12.57
C ASN T 110 62.96 38.70 -11.06
N PRO T 111 62.07 39.47 -10.38
CA PRO T 111 62.18 39.69 -8.92
C PRO T 111 61.89 38.48 -8.05
N ILE T 112 61.31 37.43 -8.63
CA ILE T 112 60.92 36.24 -7.87
C ILE T 112 61.95 35.15 -8.12
N LYS T 113 62.50 34.60 -7.02
CA LYS T 113 63.56 33.60 -7.08
C LYS T 113 63.05 32.26 -6.57
N GLY T 114 63.66 31.18 -7.06
CA GLY T 114 63.35 29.82 -6.64
C GLY T 114 62.89 28.95 -7.80
N THR T 115 63.02 27.63 -7.63
CA THR T 115 62.41 26.68 -8.55
C THR T 115 61.19 26.08 -7.88
N PHE T 116 60.09 25.94 -8.63
CA PHE T 116 58.80 25.65 -8.02
C PHE T 116 58.12 24.45 -8.69
N LYS T 117 57.24 23.79 -7.92
CA LYS T 117 56.33 22.79 -8.43
C LYS T 117 55.15 23.49 -9.10
N LEU T 118 54.36 22.73 -9.87
CA LEU T 118 53.24 23.28 -10.60
C LEU T 118 52.22 23.91 -9.65
N GLU T 119 51.96 23.22 -8.51
CA GLU T 119 51.01 23.70 -7.51
C GLU T 119 51.35 25.12 -7.12
N GLN T 120 52.64 25.43 -7.06
CA GLN T 120 53.13 26.69 -6.56
C GLN T 120 52.92 27.79 -7.61
N CYS T 121 53.15 27.45 -8.89
CA CYS T 121 52.91 28.36 -9.99
C CYS T 121 51.46 28.85 -9.91
N VAL T 122 50.54 27.88 -9.79
CA VAL T 122 49.11 28.12 -9.85
C VAL T 122 48.69 28.97 -8.66
N ALA T 123 49.13 28.57 -7.46
CA ALA T 123 48.68 29.20 -6.23
C ALA T 123 49.09 30.67 -6.19
N CYS T 124 50.33 30.94 -6.60
CA CYS T 124 50.91 32.28 -6.52
C CYS T 124 50.31 33.17 -7.61
N HIS T 125 50.22 32.64 -8.83
CA HIS T 125 49.75 33.41 -9.97
C HIS T 125 48.24 33.59 -9.94
N SER T 126 47.54 32.74 -9.19
CA SER T 126 46.09 32.82 -9.09
C SER T 126 45.68 34.18 -8.51
N VAL T 127 46.63 34.82 -7.82
CA VAL T 127 46.39 36.11 -7.20
C VAL T 127 47.21 37.18 -7.92
N MET T 128 48.44 36.82 -8.31
CA MET T 128 49.37 37.76 -8.91
C MET T 128 48.94 38.12 -10.33
N THR T 129 48.57 37.10 -11.11
CA THR T 129 48.05 37.30 -12.45
C THR T 129 46.78 36.47 -12.62
N PRO T 130 45.65 36.86 -11.97
CA PRO T 130 44.48 35.99 -11.83
C PRO T 130 43.94 35.41 -13.15
N GLY T 131 43.87 36.26 -14.17
CA GLY T 131 43.29 35.91 -15.46
C GLY T 131 43.99 34.74 -16.14
N ILE T 132 45.31 34.66 -15.96
CA ILE T 132 46.13 33.63 -16.58
C ILE T 132 45.76 32.27 -15.97
N VAL T 133 45.58 32.24 -14.65
CA VAL T 133 45.24 31.01 -13.95
C VAL T 133 43.80 30.61 -14.26
N ARG T 134 42.89 31.59 -14.31
CA ARG T 134 41.51 31.36 -14.69
C ARG T 134 41.44 30.68 -16.06
N ASP T 135 42.25 31.18 -17.01
CA ASP T 135 42.33 30.64 -18.35
C ASP T 135 42.93 29.24 -18.34
N TYR T 136 44.02 29.08 -17.59
CA TYR T 136 44.74 27.81 -17.53
C TYR T 136 43.81 26.70 -17.02
N ASN T 137 43.04 27.02 -15.96
CA ASN T 137 42.20 26.04 -15.30
C ASN T 137 41.07 25.58 -16.23
N LYS T 138 40.67 26.46 -17.15
CA LYS T 138 39.64 26.14 -18.13
C LYS T 138 40.23 25.25 -19.23
N SER T 139 41.54 25.37 -19.47
CA SER T 139 42.21 24.72 -20.58
C SER T 139 42.27 23.21 -20.37
N ALA T 140 42.38 22.47 -21.48
CA ALA T 140 42.49 21.02 -21.48
C ALA T 140 43.85 20.61 -20.90
N HIS T 141 44.83 21.52 -21.03
CA HIS T 141 46.19 21.30 -20.56
C HIS T 141 46.21 20.98 -19.08
N SER T 142 45.34 21.63 -18.31
CA SER T 142 45.32 21.50 -16.86
C SER T 142 44.72 20.16 -16.46
N LYS T 143 43.85 19.62 -17.32
CA LYS T 143 43.06 18.44 -16.98
C LYS T 143 43.73 17.18 -17.52
N ALA T 144 44.81 17.36 -18.29
CA ALA T 144 45.46 16.26 -18.99
C ALA T 144 46.03 15.24 -18.01
N GLU T 145 45.96 13.96 -18.39
CA GLU T 145 46.48 12.86 -17.60
C GLU T 145 47.37 11.98 -18.49
N PRO T 146 48.35 11.29 -17.88
CA PRO T 146 48.53 11.18 -16.43
C PRO T 146 49.12 12.42 -15.77
N ALA T 147 49.82 13.25 -16.56
CA ALA T 147 50.41 14.49 -16.06
C ALA T 147 49.88 15.67 -16.86
N PRO T 148 49.50 16.79 -16.20
CA PRO T 148 49.02 17.98 -16.90
C PRO T 148 50.15 18.73 -17.60
N THR T 149 49.82 19.39 -18.71
CA THR T 149 50.71 20.35 -19.35
C THR T 149 50.60 21.66 -18.58
N GLY T 150 51.46 21.82 -17.57
CA GLY T 150 51.34 22.92 -16.62
C GLY T 150 52.24 24.09 -16.99
N CYS T 151 52.15 25.16 -16.20
CA CYS T 151 52.93 26.38 -16.40
C CYS T 151 54.41 26.03 -16.57
N ASP T 152 54.87 25.07 -15.76
CA ASP T 152 56.27 24.66 -15.72
C ASP T 152 56.64 23.95 -17.01
N THR T 153 55.67 23.24 -17.60
CA THR T 153 55.89 22.48 -18.83
C THR T 153 56.21 23.44 -19.98
N CYS T 154 55.59 24.63 -19.95
CA CYS T 154 55.71 25.58 -21.04
C CYS T 154 56.71 26.68 -20.71
N HIS T 155 56.98 26.90 -19.41
CA HIS T 155 57.74 28.06 -19.00
C HIS T 155 59.01 27.69 -18.24
N GLY T 156 59.04 26.49 -17.65
CA GLY T 156 60.19 26.05 -16.87
C GLY T 156 59.91 26.13 -15.37
N ASN T 157 60.80 25.52 -14.58
CA ASN T 157 60.62 25.38 -13.14
C ASN T 157 61.35 26.49 -12.39
N ASN T 158 62.51 26.88 -12.93
CA ASN T 158 63.37 27.87 -12.31
C ASN T 158 62.86 29.27 -12.68
N HIS T 159 62.47 30.04 -11.66
CA HIS T 159 61.86 31.34 -11.89
C HIS T 159 62.91 32.36 -12.35
N GLN T 160 64.18 32.01 -12.18
CA GLN T 160 65.27 32.85 -12.63
C GLN T 160 65.69 32.44 -14.04
N LYS T 161 65.18 31.30 -14.50
CA LYS T 161 65.49 30.79 -15.83
C LYS T 161 64.20 30.45 -16.59
N LEU T 162 63.23 31.36 -16.52
CA LEU T 162 61.96 31.20 -17.20
C LEU T 162 62.15 31.36 -18.71
N THR T 163 61.32 30.67 -19.49
CA THR T 163 61.35 30.75 -20.94
C THR T 163 59.95 30.99 -21.48
N MET T 164 59.88 31.61 -22.66
CA MET T 164 58.63 31.82 -23.37
C MET T 164 58.52 30.78 -24.49
N PRO T 165 57.45 29.94 -24.51
CA PRO T 165 57.36 28.84 -25.46
C PRO T 165 56.96 29.32 -26.86
N SER T 166 57.82 29.03 -27.84
CA SER T 166 57.56 29.35 -29.23
C SER T 166 56.75 28.24 -29.87
N SER T 167 56.50 28.37 -31.19
CA SER T 167 55.82 27.35 -31.96
C SER T 167 56.61 26.04 -31.94
N LYS T 168 57.93 26.14 -31.78
CA LYS T 168 58.80 24.98 -31.73
C LYS T 168 58.53 24.17 -30.47
N ALA T 169 58.19 24.88 -29.37
CA ALA T 169 57.92 24.26 -28.09
C ALA T 169 56.61 23.48 -28.14
N CYS T 170 55.60 24.06 -28.80
CA CYS T 170 54.30 23.43 -28.94
C CYS T 170 54.40 22.26 -29.91
N GLY T 171 55.29 22.40 -30.92
CA GLY T 171 55.34 21.50 -32.06
C GLY T 171 56.30 20.34 -31.88
N THR T 172 56.68 20.05 -30.63
CA THR T 172 57.52 18.91 -30.32
C THR T 172 56.76 17.63 -30.67
N ALA T 173 57.52 16.57 -31.01
CA ALA T 173 56.96 15.31 -31.49
C ALA T 173 56.00 14.72 -30.47
N GLU T 174 56.29 14.97 -29.18
CA GLU T 174 55.54 14.41 -28.07
C GLU T 174 54.21 15.14 -27.91
N CYS T 175 54.10 16.33 -28.52
CA CYS T 175 52.96 17.21 -28.30
C CYS T 175 52.21 17.46 -29.60
N HIS T 176 52.41 18.63 -30.22
CA HIS T 176 51.60 19.02 -31.36
C HIS T 176 52.45 19.18 -32.63
N GLU T 177 53.20 18.13 -32.96
CA GLU T 177 54.07 18.16 -34.12
C GLU T 177 53.24 18.29 -35.40
N THR T 178 52.03 17.72 -35.37
CA THR T 178 51.14 17.67 -36.53
C THR T 178 50.83 19.08 -37.00
N GLN T 179 50.39 19.94 -36.07
CA GLN T 179 49.95 21.28 -36.40
C GLN T 179 51.14 22.15 -36.79
N TYR T 180 52.28 21.92 -36.13
CA TYR T 180 53.49 22.66 -36.44
C TYR T 180 53.93 22.39 -37.88
N ASN T 181 53.95 21.11 -38.26
CA ASN T 181 54.39 20.67 -39.57
C ASN T 181 53.42 21.16 -40.64
N GLU T 182 52.13 21.11 -40.32
CA GLU T 182 51.07 21.58 -41.22
C GLU T 182 51.31 23.04 -41.56
N GLN T 183 51.42 23.87 -40.52
CA GLN T 183 51.65 25.30 -40.68
C GLN T 183 52.92 25.54 -41.49
N GLY T 184 53.95 24.74 -41.20
CA GLY T 184 55.27 24.88 -41.79
C GLY T 184 55.32 24.55 -43.27
N GLN T 185 54.24 23.95 -43.79
CA GLN T 185 54.15 23.58 -45.20
C GLN T 185 53.95 24.82 -46.06
N GLY T 186 53.59 25.94 -45.41
CA GLY T 186 53.30 27.19 -46.09
C GLY T 186 54.53 27.76 -46.78
N GLY T 187 54.32 28.43 -47.92
CA GLY T 187 55.39 29.02 -48.69
C GLY T 187 55.66 30.46 -48.26
N ILE T 188 56.09 31.29 -49.22
CA ILE T 188 56.25 32.71 -48.97
C ILE T 188 54.86 33.33 -48.78
N GLY T 189 54.76 34.25 -47.82
CA GLY T 189 53.52 34.98 -47.57
C GLY T 189 52.50 34.14 -46.81
N SER T 190 52.98 33.11 -46.12
CA SER T 190 52.14 32.23 -45.32
C SER T 190 52.44 32.45 -43.83
N HIS T 191 51.80 31.65 -42.97
CA HIS T 191 52.02 31.71 -41.54
C HIS T 191 53.37 31.09 -41.18
N ALA T 192 54.03 30.47 -42.17
CA ALA T 192 55.28 29.77 -41.93
C ALA T 192 56.47 30.73 -42.09
N SER T 193 56.24 31.88 -42.74
CA SER T 193 57.34 32.73 -43.15
C SER T 193 57.07 34.20 -42.83
N CYS T 194 55.95 34.48 -42.16
CA CYS T 194 55.49 35.85 -41.96
C CYS T 194 56.39 36.59 -40.97
N SER T 195 57.13 35.84 -40.15
CA SER T 195 58.10 36.43 -39.24
C SER T 195 59.48 36.42 -39.89
N SER T 196 59.93 35.22 -40.27
CA SER T 196 61.30 34.97 -40.69
C SER T 196 61.67 35.76 -41.94
N PHE T 197 60.70 35.91 -42.87
CA PHE T 197 60.96 36.65 -44.09
C PHE T 197 60.39 38.06 -43.99
N ALA T 198 59.05 38.15 -43.92
CA ALA T 198 58.33 39.39 -44.12
C ALA T 198 58.74 40.45 -43.10
N GLN T 199 58.96 40.02 -41.85
CA GLN T 199 59.15 40.95 -40.74
C GLN T 199 60.64 41.14 -40.44
N VAL T 200 61.39 40.03 -40.43
CA VAL T 200 62.79 40.05 -40.07
C VAL T 200 63.59 40.81 -41.14
N GLU T 201 63.09 40.78 -42.37
CA GLU T 201 63.73 41.48 -43.48
C GLU T 201 62.83 42.59 -44.00
N CYS T 202 62.06 43.19 -43.09
CA CYS T 202 61.12 44.24 -43.44
C CYS T 202 61.89 45.56 -43.62
N ALA T 203 61.91 46.05 -44.85
CA ALA T 203 62.66 47.24 -45.24
C ALA T 203 62.32 48.42 -44.31
N TRP T 204 61.02 48.74 -44.21
CA TRP T 204 60.59 49.95 -43.52
C TRP T 204 60.93 49.89 -42.04
N SER T 205 60.76 48.70 -41.44
CA SER T 205 60.99 48.51 -40.02
C SER T 205 62.46 48.76 -39.69
N ILE T 206 63.35 48.26 -40.55
CA ILE T 206 64.79 48.42 -40.39
C ILE T 206 65.14 49.91 -40.58
N GLU T 207 64.55 50.53 -41.60
CA GLU T 207 64.86 51.89 -42.01
C GLU T 207 64.58 52.89 -40.89
N ARG T 208 63.45 52.70 -40.20
CA ARG T 208 62.89 53.73 -39.34
C ARG T 208 63.36 53.52 -37.90
N PRO T 209 63.14 54.51 -37.00
CA PRO T 209 63.23 54.28 -35.55
C PRO T 209 62.23 53.20 -35.14
N PRO T 210 62.49 52.45 -34.04
CA PRO T 210 61.54 51.47 -33.55
C PRO T 210 60.42 52.22 -32.84
N GLY T 211 59.18 51.76 -33.04
CA GLY T 211 58.03 52.48 -32.51
C GLY T 211 57.24 53.09 -33.66
N ASP T 212 57.97 53.59 -34.65
CA ASP T 212 57.39 53.98 -35.92
C ASP T 212 56.67 52.79 -36.51
N THR T 213 57.28 51.60 -36.38
CA THR T 213 56.76 50.37 -36.95
C THR T 213 56.72 49.27 -35.89
N ALA T 214 56.44 49.67 -34.63
CA ALA T 214 56.38 48.72 -33.52
C ALA T 214 55.28 47.70 -33.76
N GLY T 215 54.13 48.19 -34.24
CA GLY T 215 52.96 47.37 -34.49
C GLY T 215 53.24 46.22 -35.46
N CYS T 216 54.25 46.42 -36.33
CA CYS T 216 54.60 45.44 -37.34
C CYS T 216 55.23 44.21 -36.70
N THR T 217 56.03 44.44 -35.64
CA THR T 217 56.65 43.35 -34.90
C THR T 217 55.57 42.55 -34.18
N PHE T 218 54.61 43.26 -33.57
CA PHE T 218 53.57 42.66 -32.75
C PHE T 218 52.60 41.84 -33.59
N CYS T 219 52.46 42.20 -34.87
CA CYS T 219 51.46 41.59 -35.73
C CYS T 219 52.08 40.43 -36.52
N HIS T 220 53.27 40.64 -37.08
CA HIS T 220 53.83 39.75 -38.08
C HIS T 220 54.42 38.49 -37.47
N THR T 221 55.02 38.61 -36.28
CA THR T 221 55.79 37.53 -35.68
C THR T 221 54.85 36.43 -35.18
N SER T 222 53.66 36.82 -34.70
CA SER T 222 52.75 35.97 -33.96
C SER T 222 52.46 34.65 -34.67
N PRO T 223 51.91 34.63 -35.92
CA PRO T 223 51.45 33.36 -36.52
C PRO T 223 52.56 32.31 -36.60
N GLU T 224 53.78 32.77 -36.89
CA GLU T 224 54.91 31.88 -37.12
C GLU T 224 55.52 31.45 -35.79
N GLU T 225 55.58 32.38 -34.82
CA GLU T 225 56.40 32.19 -33.63
C GLU T 225 55.57 31.77 -32.42
N ARG T 226 54.32 32.23 -32.35
CA ARG T 226 53.49 32.00 -31.18
C ARG T 226 52.17 31.32 -31.56
N CYS T 227 51.91 30.17 -30.94
CA CYS T 227 50.74 29.37 -31.24
C CYS T 227 49.57 29.78 -30.36
N SER T 228 49.74 30.89 -29.61
CA SER T 228 48.62 31.47 -28.88
C SER T 228 47.78 32.29 -29.85
N THR T 229 48.15 32.24 -31.13
CA THR T 229 47.44 32.86 -32.22
C THR T 229 46.19 32.03 -32.52
N CYS T 230 45.05 32.71 -32.73
CA CYS T 230 43.78 32.09 -33.09
C CYS T 230 43.12 31.47 -31.86
N HIS T 231 43.80 30.54 -31.21
CA HIS T 231 43.37 30.03 -29.91
C HIS T 231 44.21 30.68 -28.82
N GLN T 232 43.60 31.66 -28.13
CA GLN T 232 44.29 32.52 -27.18
C GLN T 232 44.83 31.71 -26.02
N ARG T 233 45.96 32.18 -25.46
CA ARG T 233 46.44 31.75 -24.16
C ARG T 233 45.54 32.38 -23.10
N HIS T 234 45.39 31.71 -21.94
CA HIS T 234 46.00 30.42 -21.66
C HIS T 234 44.94 29.31 -21.76
N GLN T 235 43.83 29.63 -22.44
CA GLN T 235 42.67 28.77 -22.51
C GLN T 235 42.84 27.76 -23.64
N PHE T 236 43.47 28.21 -24.74
CA PHE T 236 43.76 27.41 -25.91
C PHE T 236 42.53 26.62 -26.35
N ASP T 237 41.44 27.35 -26.62
CA ASP T 237 40.16 26.74 -26.96
C ASP T 237 40.03 26.66 -28.48
N PRO T 238 39.98 25.45 -29.07
CA PRO T 238 39.81 25.31 -30.51
C PRO T 238 38.46 25.86 -30.98
N ALA T 239 37.50 25.92 -30.05
CA ALA T 239 36.15 26.38 -30.35
C ALA T 239 36.16 27.88 -30.65
N VAL T 240 36.98 28.63 -29.90
CA VAL T 240 37.08 30.07 -30.14
C VAL T 240 37.94 30.31 -31.38
N ALA T 241 38.87 29.39 -31.66
CA ALA T 241 39.77 29.51 -32.79
C ALA T 241 39.03 29.31 -34.10
N ARG T 242 37.84 28.70 -34.04
CA ARG T 242 37.08 28.35 -35.23
C ARG T 242 36.23 29.54 -35.68
N ARG T 243 36.22 30.61 -34.88
CA ARG T 243 35.42 31.78 -35.18
C ARG T 243 36.15 32.69 -36.17
N SER T 244 35.39 33.25 -37.10
CA SER T 244 35.93 34.07 -38.19
C SER T 244 36.71 35.27 -37.65
N GLU T 245 36.22 35.85 -36.55
CA GLU T 245 36.73 37.11 -36.03
C GLU T 245 38.19 36.97 -35.60
N GLN T 246 38.63 35.73 -35.38
CA GLN T 246 39.99 35.46 -34.93
C GLN T 246 41.01 36.07 -35.91
N CYS T 247 40.68 36.03 -37.20
CA CYS T 247 41.58 36.41 -38.27
C CYS T 247 41.61 37.93 -38.45
N LYS T 248 40.56 38.61 -37.95
CA LYS T 248 40.33 40.01 -38.23
C LYS T 248 41.46 40.87 -37.66
N THR T 249 42.07 40.40 -36.55
CA THR T 249 43.01 41.20 -35.79
C THR T 249 44.25 41.53 -36.62
N CYS T 250 44.51 40.71 -37.64
CA CYS T 250 45.65 40.92 -38.51
C CYS T 250 45.20 41.11 -39.95
N HIS T 251 44.12 40.43 -40.35
CA HIS T 251 43.66 40.43 -41.73
C HIS T 251 42.60 41.51 -41.95
N TRP T 252 42.98 42.76 -41.68
CA TRP T 252 42.13 43.91 -41.89
C TRP T 252 42.97 45.09 -42.37
N GLY T 253 42.31 46.17 -42.76
CA GLY T 253 42.95 47.46 -42.90
C GLY T 253 43.43 47.75 -44.32
N LYS T 254 44.42 48.64 -44.40
CA LYS T 254 44.70 49.44 -45.58
C LYS T 254 45.15 48.58 -46.76
N ASP T 255 45.87 47.48 -46.49
CA ASP T 255 46.52 46.75 -47.56
C ASP T 255 46.02 45.31 -47.66
N HIS T 256 44.98 44.98 -46.88
CA HIS T 256 44.32 43.68 -46.97
C HIS T 256 43.01 43.71 -46.19
N ARG T 257 41.92 44.10 -46.87
CA ARG T 257 40.61 44.18 -46.26
C ARG T 257 39.95 42.80 -46.28
N ASP T 258 40.64 41.80 -45.71
CA ASP T 258 40.18 40.43 -45.73
C ASP T 258 38.92 40.30 -44.88
N TRP T 259 39.01 40.79 -43.64
CA TRP T 259 37.89 40.76 -42.71
C TRP T 259 36.73 41.61 -43.26
N GLU T 260 37.03 42.86 -43.61
CA GLU T 260 36.03 43.81 -44.05
C GLU T 260 35.23 43.25 -45.23
N ALA T 261 35.93 42.61 -46.17
CA ALA T 261 35.32 42.05 -47.37
C ALA T 261 34.39 40.90 -47.01
N TYR T 262 34.89 39.99 -46.17
CA TYR T 262 34.13 38.85 -45.72
C TYR T 262 32.91 39.33 -44.92
N ASP T 263 33.16 40.23 -43.97
CA ASP T 263 32.19 40.67 -42.98
C ASP T 263 30.97 41.30 -43.65
N ILE T 264 31.20 42.11 -44.68
CA ILE T 264 30.13 42.90 -45.29
C ILE T 264 29.47 42.13 -46.43
N GLY T 265 30.18 41.14 -46.98
CA GLY T 265 29.62 40.23 -47.97
C GLY T 265 28.48 39.41 -47.40
N LEU T 266 27.79 38.65 -48.26
CA LEU T 266 26.63 37.90 -47.82
C LEU T 266 27.05 36.75 -46.90
N HIS T 267 28.27 36.23 -47.10
CA HIS T 267 28.81 35.22 -46.20
C HIS T 267 28.93 35.79 -44.80
N GLY T 268 29.46 37.01 -44.71
CA GLY T 268 29.67 37.70 -43.44
C GLY T 268 28.34 38.15 -42.83
N THR T 269 27.37 38.47 -43.70
CA THR T 269 26.02 38.82 -43.27
C THR T 269 25.37 37.60 -42.64
N VAL T 270 25.42 36.47 -43.36
CA VAL T 270 24.90 35.20 -42.86
C VAL T 270 25.57 34.89 -41.53
N TYR T 271 26.89 35.11 -41.47
CA TYR T 271 27.68 34.79 -40.28
C TYR T 271 27.18 35.59 -39.08
N GLN T 272 27.09 36.92 -39.25
CA GLN T 272 26.80 37.82 -38.14
C GLN T 272 25.39 37.57 -37.61
N VAL T 273 24.50 37.10 -38.50
CA VAL T 273 23.09 36.94 -38.18
C VAL T 273 22.89 35.62 -37.42
N ASN T 274 23.80 34.65 -37.63
CA ASN T 274 23.53 33.28 -37.25
C ASN T 274 24.58 32.73 -36.28
N LYS T 275 25.66 33.49 -36.02
CA LYS T 275 26.86 32.93 -35.42
C LYS T 275 26.60 32.47 -33.98
N TRP T 276 25.61 33.07 -33.31
CA TRP T 276 25.29 32.69 -31.94
C TRP T 276 24.11 31.73 -31.90
N ASP T 277 23.59 31.36 -33.07
CA ASP T 277 22.57 30.34 -33.19
C ASP T 277 23.27 29.00 -33.43
N THR T 278 23.18 28.13 -32.41
CA THR T 278 23.91 26.87 -32.37
C THR T 278 23.40 25.93 -33.47
N GLU T 279 22.18 26.19 -33.96
CA GLU T 279 21.54 25.38 -34.99
C GLU T 279 22.11 25.72 -36.36
N GLN T 280 22.79 26.87 -36.46
CA GLN T 280 23.31 27.35 -37.73
C GLN T 280 24.84 27.28 -37.73
N PHE T 281 25.45 27.58 -36.57
CA PHE T 281 26.89 27.52 -36.41
C PHE T 281 27.23 26.80 -35.11
N ASP T 282 27.82 25.60 -35.24
CA ASP T 282 28.23 24.81 -34.09
C ASP T 282 29.75 24.78 -34.03
N PHE T 283 30.32 25.57 -33.12
CA PHE T 283 31.75 25.76 -33.06
C PHE T 283 32.42 24.64 -32.26
N SER T 284 31.61 23.78 -31.66
CA SER T 284 32.12 22.64 -30.91
C SER T 284 32.54 21.53 -31.88
N LYS T 285 31.95 21.52 -33.07
CA LYS T 285 32.29 20.57 -34.12
C LYS T 285 33.69 20.87 -34.66
N LYS T 286 34.44 19.82 -35.00
CA LYS T 286 35.71 19.97 -35.69
C LYS T 286 35.43 20.39 -37.13
N LEU T 287 36.43 21.00 -37.77
CA LEU T 287 36.25 21.63 -39.08
C LEU T 287 35.90 20.58 -40.13
N SER T 288 36.30 19.32 -39.89
CA SER T 288 35.99 18.22 -40.78
C SER T 288 34.48 17.94 -40.79
N ASP T 289 33.82 18.29 -39.68
CA ASP T 289 32.41 17.97 -39.48
C ASP T 289 31.58 19.25 -39.54
N ALA T 290 32.22 20.37 -39.89
CA ALA T 290 31.57 21.67 -39.94
C ALA T 290 30.45 21.65 -40.97
N ASP T 291 29.22 21.89 -40.51
CA ASP T 291 28.04 21.87 -41.36
C ASP T 291 27.28 23.19 -41.22
N TYR T 292 28.03 24.30 -41.24
CA TYR T 292 27.46 25.62 -41.02
C TYR T 292 26.54 25.97 -42.19
N VAL T 293 25.67 26.97 -41.96
CA VAL T 293 24.81 27.52 -42.99
C VAL T 293 25.67 28.29 -43.98
N GLY T 294 26.64 29.06 -43.45
CA GLY T 294 27.56 29.83 -44.25
C GLY T 294 29.02 29.56 -43.86
N PRO T 295 30.00 29.93 -44.71
CA PRO T 295 31.40 29.63 -44.43
C PRO T 295 32.06 30.61 -43.47
N THR T 296 33.10 30.14 -42.77
CA THR T 296 34.00 30.96 -41.99
C THR T 296 35.35 30.99 -42.70
N CYS T 297 36.23 31.90 -42.28
CA CYS T 297 37.59 31.96 -42.83
C CYS T 297 38.20 30.57 -42.80
N GLN T 298 38.01 29.90 -41.66
CA GLN T 298 38.58 28.59 -41.38
C GLN T 298 37.96 27.55 -42.32
N TYR T 299 36.65 27.70 -42.60
CA TYR T 299 35.93 26.76 -43.42
C TYR T 299 36.60 26.62 -44.78
N CYS T 300 37.10 27.77 -45.31
CA CYS T 300 37.65 27.84 -46.66
C CYS T 300 39.16 27.65 -46.65
N HIS T 301 39.86 28.33 -45.73
CA HIS T 301 41.31 28.40 -45.76
C HIS T 301 41.95 27.29 -44.94
N MET T 302 41.23 26.81 -43.91
CA MET T 302 41.73 25.75 -43.05
C MET T 302 40.83 24.51 -43.19
N ARG T 303 40.51 24.19 -44.45
CA ARG T 303 39.71 23.02 -44.81
C ARG T 303 40.24 21.79 -44.09
N GLY T 304 39.34 21.11 -43.37
CA GLY T 304 39.66 19.87 -42.67
C GLY T 304 40.50 20.10 -41.41
N GLY T 305 40.74 21.39 -41.09
CA GLY T 305 41.49 21.76 -39.90
C GLY T 305 42.99 21.84 -40.14
N HIS T 306 43.40 21.76 -41.41
CA HIS T 306 44.79 21.86 -41.81
C HIS T 306 45.32 23.24 -41.45
N HIS T 307 46.53 23.29 -40.87
CA HIS T 307 47.06 24.50 -40.27
C HIS T 307 47.84 25.34 -41.29
N ASN T 308 48.17 24.74 -42.44
CA ASN T 308 48.67 25.51 -43.55
C ASN T 308 47.51 26.27 -44.18
N VAL T 309 47.46 27.57 -43.88
CA VAL T 309 46.32 28.41 -44.18
C VAL T 309 46.37 28.82 -45.65
N GLN T 310 47.52 28.56 -46.28
CA GLN T 310 47.80 28.95 -47.66
C GLN T 310 47.63 27.73 -48.58
N ARG T 311 47.22 26.60 -47.99
CA ARG T 311 47.21 25.31 -48.67
C ARG T 311 46.43 25.38 -49.98
N ALA T 312 45.32 26.12 -49.97
CA ALA T 312 44.38 26.13 -51.09
C ALA T 312 44.68 27.26 -52.07
N SER T 313 45.64 28.13 -51.70
CA SER T 313 46.01 29.27 -52.53
C SER T 313 46.50 28.81 -53.90
N ILE T 314 46.21 29.62 -54.93
CA ILE T 314 46.54 29.26 -56.30
C ILE T 314 47.99 29.68 -56.59
N VAL T 315 48.29 30.98 -56.46
CA VAL T 315 49.62 31.50 -56.66
C VAL T 315 49.80 32.79 -55.87
N TYR T 316 51.01 32.97 -55.32
CA TYR T 316 51.32 34.15 -54.53
C TYR T 316 51.47 35.35 -55.45
N THR T 317 50.68 36.40 -55.18
CA THR T 317 50.60 37.55 -56.05
C THR T 317 50.93 38.83 -55.26
N SER T 318 51.78 38.68 -54.24
CA SER T 318 52.31 39.80 -53.48
C SER T 318 51.15 40.65 -52.96
N MET T 319 50.26 40.01 -52.19
CA MET T 319 49.13 40.65 -51.52
C MET T 319 48.03 41.02 -52.51
N GLY T 320 48.19 40.58 -53.77
CA GLY T 320 47.23 40.89 -54.82
C GLY T 320 47.63 42.12 -55.61
N MET T 321 48.83 42.64 -55.32
CA MET T 321 49.40 43.78 -56.03
C MET T 321 49.89 43.33 -57.41
N SER T 322 50.51 42.15 -57.45
CA SER T 322 50.80 41.47 -58.70
C SER T 322 49.54 40.82 -59.23
N MET T 323 49.49 40.60 -60.56
CA MET T 323 48.27 40.21 -61.22
C MET T 323 48.46 38.85 -61.90
N ALA T 324 47.42 38.01 -61.80
CA ALA T 324 47.36 36.72 -62.46
C ALA T 324 45.91 36.38 -62.79
N ASP T 325 45.70 35.78 -63.97
CA ASP T 325 44.42 35.20 -64.30
C ASP T 325 44.38 33.79 -63.70
N ARG T 326 43.76 33.68 -62.52
CA ARG T 326 43.71 32.43 -61.77
C ARG T 326 42.76 31.45 -62.45
N GLY T 327 41.91 31.98 -63.35
CA GLY T 327 40.93 31.18 -64.06
C GLY T 327 41.48 30.62 -65.37
N ALA T 328 42.75 30.92 -65.66
CA ALA T 328 43.41 30.46 -66.88
C ALA T 328 43.66 28.96 -66.81
N PRO T 329 43.70 28.26 -67.97
CA PRO T 329 43.88 26.80 -67.99
C PRO T 329 45.09 26.30 -67.20
N LEU T 330 46.08 27.17 -67.01
CA LEU T 330 47.31 26.86 -66.28
C LEU T 330 46.98 26.46 -64.85
N TRP T 331 45.98 27.13 -64.26
CA TRP T 331 45.64 26.95 -62.85
C TRP T 331 44.32 26.18 -62.71
N LYS T 332 43.96 25.41 -63.74
CA LYS T 332 42.64 24.78 -63.80
C LYS T 332 42.41 23.93 -62.55
N GLU T 333 43.41 23.09 -62.21
CA GLU T 333 43.27 22.12 -61.13
C GLU T 333 43.13 22.83 -59.79
N LYS T 334 43.80 23.98 -59.65
CA LYS T 334 43.84 24.72 -58.40
C LYS T 334 42.54 25.48 -58.19
N ARG T 335 41.98 25.99 -59.29
CA ARG T 335 40.69 26.68 -59.27
C ARG T 335 39.58 25.66 -59.01
N ASP T 336 39.72 24.47 -59.63
CA ASP T 336 38.77 23.39 -59.46
C ASP T 336 38.65 23.04 -57.98
N ARG T 337 39.78 23.07 -57.26
CA ARG T 337 39.82 22.73 -55.85
C ARG T 337 39.00 23.74 -55.05
N TRP T 338 39.04 25.01 -55.46
CA TRP T 338 38.27 26.06 -54.81
C TRP T 338 36.78 25.85 -55.04
N VAL T 339 36.43 25.43 -56.27
CA VAL T 339 35.05 25.14 -56.64
C VAL T 339 34.54 23.99 -55.78
N SER T 340 35.44 23.06 -55.41
CA SER T 340 35.12 21.91 -54.58
C SER T 340 34.69 22.37 -53.18
N ILE T 341 35.27 23.49 -52.72
CA ILE T 341 34.97 24.04 -51.41
C ILE T 341 33.62 24.75 -51.45
N CYS T 342 33.39 25.52 -52.53
CA CYS T 342 32.14 26.24 -52.71
C CYS T 342 31.01 25.26 -53.01
N ASP T 343 31.37 24.13 -53.64
CA ASP T 343 30.48 23.04 -53.98
C ASP T 343 29.57 22.66 -52.81
N ASP T 344 30.05 22.91 -51.60
CA ASP T 344 29.36 22.49 -50.38
C ASP T 344 27.98 23.11 -50.29
N CYS T 345 27.81 24.31 -50.87
CA CYS T 345 26.58 25.06 -50.70
C CYS T 345 26.15 25.76 -51.98
N HIS T 346 26.84 25.46 -53.09
CA HIS T 346 26.55 26.04 -54.39
C HIS T 346 26.80 25.02 -55.48
N SER T 347 26.15 25.22 -56.64
CA SER T 347 26.45 24.45 -57.82
C SER T 347 27.87 24.78 -58.29
N PRO T 348 28.63 23.80 -58.82
CA PRO T 348 29.96 24.06 -59.37
C PRO T 348 29.96 25.26 -60.32
N ARG T 349 28.93 25.34 -61.17
CA ARG T 349 28.85 26.37 -62.19
C ARG T 349 28.79 27.75 -61.54
N PHE T 350 27.91 27.90 -60.54
CA PHE T 350 27.69 29.18 -59.90
C PHE T 350 29.01 29.70 -59.31
N ALA T 351 29.73 28.80 -58.64
CA ALA T 351 30.97 29.14 -57.96
C ALA T 351 32.06 29.46 -58.99
N ARG T 352 32.21 28.57 -59.97
CA ARG T 352 33.21 28.71 -61.02
C ARG T 352 33.11 30.10 -61.65
N GLU T 353 31.87 30.48 -62.01
CA GLU T 353 31.62 31.68 -62.79
C GLU T 353 31.77 32.92 -61.92
N ASN T 354 31.47 32.79 -60.62
CA ASN T 354 31.61 33.90 -59.69
C ASN T 354 33.09 34.22 -59.50
N LEU T 355 33.91 33.18 -59.45
CA LEU T 355 35.35 33.35 -59.28
C LEU T 355 35.98 33.83 -60.58
N GLN T 356 35.32 33.51 -61.70
CA GLN T 356 35.74 34.00 -63.00
C GLN T 356 35.56 35.52 -63.04
N ALA T 357 34.46 36.01 -62.45
CA ALA T 357 34.19 37.42 -62.36
C ALA T 357 35.30 38.15 -61.60
N MET T 358 35.79 37.48 -60.54
CA MET T 358 36.90 38.01 -59.75
C MET T 358 38.13 38.19 -60.65
N ASP T 359 38.44 37.16 -61.43
CA ASP T 359 39.59 37.16 -62.33
C ASP T 359 39.52 38.37 -63.27
N GLU T 360 38.32 38.65 -63.77
CA GLU T 360 38.09 39.73 -64.71
C GLU T 360 38.30 41.08 -64.03
N SER T 361 37.84 41.19 -62.78
CA SER T 361 37.99 42.42 -62.01
C SER T 361 39.47 42.69 -61.74
N VAL T 362 40.23 41.63 -61.51
CA VAL T 362 41.65 41.70 -61.20
C VAL T 362 42.41 42.19 -62.43
N LYS T 363 42.03 41.67 -63.61
CA LYS T 363 42.69 42.00 -64.86
C LYS T 363 42.40 43.44 -65.26
N ASP T 364 41.15 43.87 -65.04
CA ASP T 364 40.70 45.21 -65.40
C ASP T 364 41.32 46.24 -64.46
N ALA T 365 41.65 45.79 -63.24
CA ALA T 365 42.26 46.66 -62.25
C ALA T 365 43.70 46.99 -62.65
N SER T 366 44.41 45.98 -63.16
CA SER T 366 45.80 46.14 -63.55
C SER T 366 45.91 46.95 -64.84
N LEU T 367 44.87 46.87 -65.68
CA LEU T 367 44.74 47.71 -66.86
C LEU T 367 44.81 49.18 -66.45
N LYS T 368 44.04 49.53 -65.41
CA LYS T 368 44.01 50.88 -64.88
C LYS T 368 45.37 51.28 -64.34
N TYR T 369 46.02 50.35 -63.61
CA TYR T 369 47.27 50.69 -62.95
C TYR T 369 48.37 50.88 -63.98
N ARG T 370 48.34 50.08 -65.06
CA ARG T 370 49.30 50.22 -66.14
C ARG T 370 49.25 51.64 -66.71
N GLU T 371 48.02 52.17 -66.88
CA GLU T 371 47.83 53.53 -67.34
C GLU T 371 48.35 54.51 -66.31
N THR T 372 48.12 54.21 -65.02
CA THR T 372 48.54 55.06 -63.92
C THR T 372 50.06 55.09 -63.85
N PHE T 373 50.68 53.92 -64.01
CA PHE T 373 52.12 53.77 -63.89
C PHE T 373 52.83 54.48 -65.04
N LYS T 374 52.24 54.38 -66.25
CA LYS T 374 52.80 54.98 -67.45
C LYS T 374 53.00 56.48 -67.22
N VAL T 375 51.99 57.13 -66.63
CA VAL T 375 52.02 58.55 -66.35
C VAL T 375 53.19 58.89 -65.44
N ALA T 376 53.42 58.04 -64.43
CA ALA T 376 54.47 58.25 -63.45
C ALA T 376 55.85 57.97 -64.05
N GLU T 377 55.92 56.91 -64.88
CA GLU T 377 57.17 56.49 -65.50
C GLU T 377 57.63 57.54 -66.50
N ASP T 378 56.67 58.16 -67.20
CA ASP T 378 56.95 59.16 -68.22
C ASP T 378 57.57 60.40 -67.58
N LEU T 379 57.11 60.73 -66.37
CA LEU T 379 57.64 61.88 -65.64
C LEU T 379 59.11 61.65 -65.30
N LEU T 380 59.47 60.40 -65.03
CA LEU T 380 60.83 60.05 -64.65
C LEU T 380 61.74 60.08 -65.89
N ILE T 381 61.26 59.47 -66.98
CA ILE T 381 62.03 59.36 -68.22
C ILE T 381 62.25 60.76 -68.81
N ASP T 382 61.22 61.61 -68.74
CA ASP T 382 61.30 62.98 -69.25
C ASP T 382 62.04 63.86 -68.24
N GLY T 383 62.32 63.33 -67.05
CA GLY T 383 63.13 63.99 -66.04
C GLY T 383 62.42 65.20 -65.41
N VAL T 384 61.09 65.25 -65.54
CA VAL T 384 60.32 66.40 -65.07
C VAL T 384 59.62 66.07 -63.76
N LEU T 385 59.84 64.84 -63.26
CA LEU T 385 59.32 64.41 -61.97
C LEU T 385 59.91 65.31 -60.88
N ASP T 386 59.06 65.72 -59.93
CA ASP T 386 59.37 66.80 -59.01
C ASP T 386 59.31 66.32 -57.55
N PRO T 387 60.45 65.86 -57.02
CA PRO T 387 61.73 65.85 -57.71
C PRO T 387 62.11 64.45 -58.19
N MET T 388 63.27 64.36 -58.86
CA MET T 388 63.84 63.11 -59.30
C MET T 388 64.44 62.37 -58.11
N PRO T 389 64.53 61.02 -58.16
CA PRO T 389 65.01 60.22 -57.02
C PRO T 389 66.32 60.69 -56.41
N LYS T 390 67.19 61.30 -57.22
CA LYS T 390 68.51 61.71 -56.80
C LYS T 390 68.41 62.89 -55.81
N ASP T 391 67.27 63.58 -55.82
CA ASP T 391 67.08 64.77 -55.01
C ASP T 391 66.21 64.47 -53.79
N LEU T 392 65.78 63.20 -53.67
CA LEU T 392 65.09 62.73 -52.48
C LEU T 392 66.14 62.27 -51.47
N CYS T 393 65.71 62.11 -50.22
CA CYS T 393 66.51 61.45 -49.20
C CYS T 393 66.86 60.05 -49.69
N PRO T 394 68.09 59.55 -49.41
CA PRO T 394 68.46 58.17 -49.77
C PRO T 394 67.54 57.16 -49.12
N ASP T 395 67.23 56.08 -49.86
CA ASP T 395 66.35 55.02 -49.39
C ASP T 395 67.03 54.24 -48.26
N TRP T 396 66.32 53.23 -47.74
CA TRP T 396 66.77 52.44 -46.60
C TRP T 396 68.16 51.86 -46.88
N SER T 397 68.43 51.61 -48.17
CA SER T 397 69.65 50.96 -48.62
C SER T 397 70.81 51.94 -48.63
N GLY T 398 70.48 53.24 -48.68
CA GLY T 398 71.46 54.30 -48.80
C GLY T 398 71.68 54.70 -50.25
N GLN T 399 70.70 54.38 -51.10
CA GLN T 399 70.76 54.61 -52.53
C GLN T 399 69.67 55.58 -52.95
N HIS T 400 69.73 56.03 -54.21
CA HIS T 400 68.75 56.93 -54.77
C HIS T 400 68.01 56.25 -55.92
N ILE T 401 67.61 55.00 -55.70
CA ILE T 401 66.86 54.24 -56.70
C ILE T 401 65.41 54.70 -56.68
N TRP T 402 64.78 54.69 -57.86
CA TRP T 402 63.38 55.08 -58.01
C TRP T 402 62.50 54.13 -57.20
N SER T 403 61.56 54.72 -56.45
CA SER T 403 60.64 54.00 -55.58
C SER T 403 59.94 52.87 -56.33
N LEU T 404 59.44 53.18 -57.54
CA LEU T 404 58.52 52.31 -58.25
C LEU T 404 59.26 51.33 -59.16
N LYS T 405 60.60 51.36 -59.11
CA LYS T 405 61.40 50.52 -59.99
C LYS T 405 61.28 49.05 -59.58
N ILE T 406 60.82 48.23 -60.53
CA ILE T 406 60.79 46.78 -60.40
C ILE T 406 61.94 46.22 -61.23
N GLY T 407 62.90 45.61 -60.54
CA GLY T 407 64.15 45.16 -61.15
C GLY T 407 63.94 44.19 -62.31
N ALA T 408 62.82 43.46 -62.29
CA ALA T 408 62.57 42.43 -63.28
C ALA T 408 62.06 43.04 -64.59
N TYR T 409 61.59 44.29 -64.53
CA TYR T 409 60.96 44.93 -65.68
C TYR T 409 61.71 46.19 -66.11
N HIS T 410 62.37 46.85 -65.14
CA HIS T 410 62.96 48.15 -65.38
C HIS T 410 64.48 48.07 -65.30
N ASP T 411 65.14 48.72 -66.26
CA ASP T 411 66.60 48.86 -66.29
C ASP T 411 66.97 50.12 -67.04
N GLY T 412 67.89 50.90 -66.48
CA GLY T 412 68.31 52.14 -67.10
C GLY T 412 68.93 53.12 -66.10
N GLU T 413 69.48 54.21 -66.64
CA GLU T 413 70.18 55.23 -65.86
C GLU T 413 69.18 55.99 -64.98
N ALA T 414 67.97 56.21 -65.53
CA ALA T 414 66.94 57.03 -64.91
C ALA T 414 66.38 56.35 -63.66
N TYR T 415 66.40 55.01 -63.67
CA TYR T 415 65.80 54.22 -62.62
C TYR T 415 66.76 54.10 -61.43
N GLY T 416 68.06 53.99 -61.72
CA GLY T 416 69.08 53.83 -60.70
C GLY T 416 69.26 52.37 -60.30
N GLY T 417 70.29 52.11 -59.48
CA GLY T 417 70.58 50.77 -58.98
C GLY T 417 71.18 49.86 -60.05
N THR T 418 71.66 48.69 -59.62
CA THR T 418 72.26 47.71 -60.51
C THR T 418 71.16 47.01 -61.31
N THR T 419 71.57 46.23 -62.32
CA THR T 419 70.65 45.49 -63.17
C THR T 419 69.93 44.44 -62.35
N GLY T 420 68.59 44.47 -62.41
CA GLY T 420 67.75 43.49 -61.75
C GLY T 420 67.34 43.90 -60.34
N GLU T 421 67.98 44.96 -59.83
CA GLU T 421 67.73 45.47 -58.48
C GLU T 421 66.50 46.37 -58.52
N SER T 422 65.60 46.16 -57.56
CA SER T 422 64.38 46.96 -57.43
C SER T 422 64.64 48.17 -56.54
N GLY T 423 63.70 49.13 -56.56
CA GLY T 423 63.71 50.24 -55.64
C GLY T 423 62.97 49.90 -54.35
N GLU T 424 63.02 50.82 -53.38
CA GLU T 424 62.29 50.64 -52.13
C GLU T 424 60.85 51.11 -52.34
N PHE T 425 59.96 50.16 -52.62
CA PHE T 425 58.54 50.40 -52.81
C PHE T 425 57.97 50.97 -51.52
N ARG T 426 57.42 52.19 -51.60
CA ARG T 426 57.01 52.90 -50.39
C ARG T 426 55.98 53.98 -50.71
N MET T 427 55.32 54.46 -49.64
CA MET T 427 54.36 55.56 -49.69
C MET T 427 54.98 56.77 -49.01
N SER T 428 56.21 56.59 -48.49
CA SER T 428 56.93 57.62 -47.74
C SER T 428 58.14 58.09 -48.54
N ASN T 429 58.63 59.29 -48.22
CA ASN T 429 59.85 59.85 -48.78
C ASN T 429 59.84 59.67 -50.30
N CYS T 430 58.89 60.33 -50.96
CA CYS T 430 58.73 60.25 -52.41
C CYS T 430 57.84 61.42 -52.87
N THR T 431 57.55 61.44 -54.18
CA THR T 431 56.65 62.41 -54.76
C THR T 431 55.20 61.96 -54.53
N ASP T 432 54.26 62.88 -54.74
CA ASP T 432 52.84 62.56 -54.65
C ASP T 432 52.50 61.51 -55.70
N VAL T 433 53.13 61.61 -56.88
CA VAL T 433 52.85 60.72 -58.00
C VAL T 433 53.26 59.30 -57.63
N GLU T 434 54.44 59.17 -57.00
CA GLU T 434 54.94 57.89 -56.53
C GLU T 434 53.99 57.34 -55.46
N ARG T 435 53.58 58.21 -54.53
CA ARG T 435 52.75 57.85 -53.40
C ARG T 435 51.39 57.34 -53.88
N LEU T 436 50.78 58.07 -54.82
CA LEU T 436 49.45 57.75 -55.30
C LEU T 436 49.46 56.44 -56.07
N CYS T 437 50.58 56.18 -56.77
CA CYS T 437 50.76 54.92 -57.48
C CYS T 437 50.81 53.76 -56.49
N PHE T 438 51.56 53.94 -55.41
CA PHE T 438 51.66 52.96 -54.34
C PHE T 438 50.26 52.69 -53.78
N GLU T 439 49.53 53.77 -53.48
CA GLU T 439 48.21 53.67 -52.90
C GLU T 439 47.25 52.93 -53.83
N SER T 440 47.39 53.16 -55.14
CA SER T 440 46.47 52.63 -56.12
C SER T 440 46.58 51.12 -56.20
N VAL T 441 47.82 50.61 -56.21
CA VAL T 441 48.07 49.18 -56.39
C VAL T 441 48.16 48.49 -55.03
N GLY T 442 48.65 49.23 -54.03
CA GLY T 442 48.96 48.66 -52.73
C GLY T 442 47.78 48.68 -51.77
N TYR T 443 46.82 49.57 -52.03
CA TYR T 443 45.60 49.65 -51.22
C TYR T 443 44.38 49.27 -52.06
N PHE T 444 44.04 50.14 -53.02
CA PHE T 444 42.77 50.09 -53.73
C PHE T 444 42.64 48.81 -54.55
N GLN T 445 43.74 48.37 -55.17
CA GLN T 445 43.72 47.20 -56.04
C GLN T 445 43.46 45.94 -55.20
N THR T 446 44.00 45.92 -53.97
CA THR T 446 43.85 44.78 -53.08
C THR T 446 42.39 44.66 -52.63
N TYR T 447 41.70 45.80 -52.53
CA TYR T 447 40.29 45.79 -52.16
C TYR T 447 39.46 45.12 -53.26
N ILE T 448 39.96 45.17 -54.50
CA ILE T 448 39.25 44.57 -55.62
C ILE T 448 39.42 43.06 -55.56
N TYR T 449 40.67 42.60 -55.38
CA TYR T 449 40.96 41.18 -55.33
C TYR T 449 40.26 40.55 -54.13
N LYS T 450 40.54 41.08 -52.93
CA LYS T 450 40.00 40.55 -51.69
C LYS T 450 38.49 40.72 -51.66
N GLY T 451 38.01 41.88 -52.15
CA GLY T 451 36.59 42.17 -52.21
C GLY T 451 35.82 41.12 -53.02
N MET T 452 36.32 40.86 -54.25
CA MET T 452 35.65 39.96 -55.17
C MET T 452 35.77 38.51 -54.69
N ALA T 453 36.89 38.21 -54.01
CA ALA T 453 37.17 36.87 -53.52
C ALA T 453 36.24 36.50 -52.37
N HIS T 454 35.78 37.52 -51.63
CA HIS T 454 35.04 37.28 -50.40
C HIS T 454 33.58 37.72 -50.53
N GLY T 455 33.24 38.27 -51.70
CA GLY T 455 31.86 38.57 -52.05
C GLY T 455 31.41 39.97 -51.64
N SER T 456 32.38 40.86 -51.37
CA SER T 456 32.08 42.25 -51.09
C SER T 456 32.12 43.07 -52.37
N TRP T 457 30.94 43.34 -52.93
CA TRP T 457 30.80 43.96 -54.22
C TRP T 457 31.18 45.44 -54.16
N ASN T 458 30.96 46.05 -52.99
CA ASN T 458 31.22 47.47 -52.81
C ASN T 458 32.71 47.71 -52.61
N ASP T 459 33.39 46.73 -52.00
CA ASP T 459 34.83 46.83 -51.76
C ASP T 459 35.57 46.79 -53.08
N ALA T 460 34.93 46.22 -54.11
CA ALA T 460 35.56 46.04 -55.41
C ALA T 460 35.21 47.19 -56.34
N THR T 461 34.27 48.05 -55.90
CA THR T 461 33.76 49.15 -56.72
C THR T 461 33.84 50.47 -55.94
N TYR T 462 32.73 50.86 -55.30
CA TYR T 462 32.56 52.18 -54.74
C TYR T 462 33.52 52.44 -53.58
N SER T 463 33.64 51.45 -52.68
CA SER T 463 34.35 51.62 -51.43
C SER T 463 35.86 51.46 -51.66
N ASP T 464 36.42 52.43 -52.39
CA ASP T 464 37.87 52.57 -52.60
C ASP T 464 38.39 51.40 -53.44
N GLY T 465 37.50 50.77 -54.21
CA GLY T 465 37.88 49.67 -55.08
C GLY T 465 38.29 50.15 -56.46
N SER T 466 37.52 49.70 -57.47
CA SER T 466 37.71 50.11 -58.86
C SER T 466 37.67 51.63 -58.96
N PHE T 467 36.72 52.24 -58.25
CA PHE T 467 36.48 53.68 -58.36
C PHE T 467 37.49 54.45 -57.50
N GLY T 468 38.14 53.74 -56.56
CA GLY T 468 39.27 54.29 -55.84
C GLY T 468 40.47 54.51 -56.76
N MET T 469 40.74 53.50 -57.60
CA MET T 469 41.83 53.54 -58.57
C MET T 469 41.54 54.61 -59.62
N ASP T 470 40.27 54.77 -59.97
CA ASP T 470 39.79 55.78 -60.90
C ASP T 470 40.15 57.17 -60.38
N ARG T 471 39.85 57.40 -59.10
CA ARG T 471 40.04 58.69 -58.45
C ARG T 471 41.53 59.02 -58.37
N TRP T 472 42.36 57.99 -58.12
CA TRP T 472 43.79 58.17 -57.95
C TRP T 472 44.46 58.39 -59.31
N LEU T 473 43.90 57.77 -60.36
CA LEU T 473 44.39 57.95 -61.72
C LEU T 473 44.25 59.43 -62.12
N VAL T 474 43.08 60.01 -61.80
CA VAL T 474 42.79 61.42 -62.00
C VAL T 474 43.82 62.26 -61.24
N ASN T 475 44.09 61.86 -59.99
CA ASN T 475 44.96 62.60 -59.09
C ASN T 475 46.40 62.56 -59.61
N VAL T 476 46.81 61.41 -60.18
CA VAL T 476 48.15 61.24 -60.72
C VAL T 476 48.30 62.11 -61.97
N LYS T 477 47.29 62.06 -62.85
CA LYS T 477 47.29 62.80 -64.10
C LYS T 477 47.39 64.29 -63.84
N GLN T 478 46.65 64.78 -62.83
CA GLN T 478 46.62 66.19 -62.48
C GLN T 478 48.00 66.61 -61.97
N ASN T 479 48.62 65.77 -61.13
CA ASN T 479 49.93 66.04 -60.56
C ASN T 479 51.00 66.04 -61.65
N ALA T 480 50.82 65.16 -62.65
CA ALA T 480 51.73 65.07 -63.78
C ALA T 480 51.63 66.33 -64.63
N SER T 481 50.38 66.76 -64.89
CA SER T 481 50.08 67.94 -65.68
C SER T 481 50.72 69.17 -65.06
N ARG T 482 50.55 69.35 -63.75
CA ARG T 482 51.04 70.51 -63.03
C ARG T 482 52.57 70.56 -63.09
N ALA T 483 53.21 69.39 -62.88
CA ALA T 483 54.66 69.29 -62.83
C ALA T 483 55.26 69.60 -64.21
N ARG T 484 54.55 69.19 -65.26
CA ARG T 484 54.99 69.39 -66.64
C ARG T 484 54.81 70.84 -67.05
N ARG T 485 53.75 71.48 -66.54
CA ARG T 485 53.44 72.86 -66.85
C ARG T 485 54.46 73.79 -66.21
N LEU T 486 54.94 73.42 -65.01
CA LEU T 486 55.91 74.20 -64.27
C LEU T 486 57.28 74.07 -64.93
N ALA T 487 57.62 72.87 -65.38
CA ALA T 487 58.90 72.58 -66.00
C ALA T 487 59.02 73.34 -67.32
N ALA T 488 57.91 73.44 -68.05
CA ALA T 488 57.85 74.12 -69.34
C ALA T 488 58.03 75.62 -69.14
N LEU T 489 57.38 76.17 -68.10
CA LEU T 489 57.45 77.59 -67.78
C LEU T 489 58.88 77.95 -67.37
N GLU T 490 59.51 77.07 -66.59
CA GLU T 490 60.82 77.34 -66.02
C GLU T 490 61.89 77.30 -67.11
N LYS T 491 61.69 76.43 -68.11
CA LYS T 491 62.61 76.33 -69.23
C LYS T 491 62.58 77.64 -70.02
N LYS T 492 61.37 78.12 -70.34
CA LYS T 492 61.19 79.28 -71.20
C LYS T 492 61.66 80.55 -70.50
N VAL T 493 61.47 80.62 -69.18
CA VAL T 493 61.84 81.81 -68.42
C VAL T 493 63.31 81.72 -68.02
N GLY T 494 63.87 80.51 -68.10
CA GLY T 494 65.29 80.30 -67.86
C GLY T 494 65.61 80.09 -66.38
N ILE T 495 64.64 79.53 -65.63
CA ILE T 495 64.87 79.09 -64.27
C ILE T 495 65.22 77.59 -64.31
N SER T 496 66.33 77.25 -63.67
CA SER T 496 66.64 75.86 -63.37
C SER T 496 66.22 75.58 -61.93
N TRP T 497 65.12 74.83 -61.77
CA TRP T 497 64.51 74.60 -60.48
C TRP T 497 65.44 73.78 -59.58
N GLN T 498 65.77 74.37 -58.42
CA GLN T 498 66.53 73.69 -57.39
C GLN T 498 65.55 72.98 -56.46
N PRO T 499 65.50 71.62 -56.44
CA PRO T 499 64.63 70.89 -55.52
C PRO T 499 64.87 71.32 -54.08
N GLU T 500 63.78 71.53 -53.33
CA GLU T 500 63.81 72.11 -52.01
C GLU T 500 64.56 71.19 -51.04
N GLN T 501 64.93 71.75 -49.89
CA GLN T 501 65.80 71.08 -48.92
C GLN T 501 65.03 69.96 -48.22
N PHE T 502 63.70 70.10 -48.13
CA PHE T 502 62.88 69.19 -47.35
C PHE T 502 62.72 67.84 -48.03
N TRP T 503 63.08 67.75 -49.32
CA TRP T 503 63.07 66.49 -50.03
C TRP T 503 64.26 65.63 -49.59
N LYS T 504 65.36 66.32 -49.19
CA LYS T 504 66.61 65.67 -48.86
C LYS T 504 66.67 65.37 -47.37
N THR T 505 66.41 66.40 -46.56
CA THR T 505 66.59 66.31 -45.11
C THR T 505 65.35 66.84 -44.38
N GLY T 506 65.26 66.49 -43.09
CA GLY T 506 64.16 66.82 -42.23
C GLY T 506 64.26 66.03 -40.91
N GLU T 507 63.51 66.47 -39.90
CA GLU T 507 63.69 65.94 -38.55
C GLU T 507 63.54 64.43 -38.54
N TRP T 508 62.55 63.91 -39.28
CA TRP T 508 62.28 62.48 -39.35
C TRP T 508 63.25 61.82 -40.32
N LEU T 509 63.44 62.42 -41.49
CA LEU T 509 64.27 61.86 -42.55
C LEU T 509 65.69 61.59 -42.04
N ASP T 510 66.19 62.49 -41.19
CA ASP T 510 67.56 62.44 -40.71
C ASP T 510 67.78 61.21 -39.83
N GLN T 511 66.69 60.64 -39.31
CA GLN T 511 66.76 59.55 -38.36
C GLN T 511 66.77 58.20 -39.08
N LEU T 512 66.66 58.23 -40.41
CA LEU T 512 66.52 57.02 -41.20
C LEU T 512 67.88 56.39 -41.47
N THR T 513 67.87 55.19 -42.07
CA THR T 513 69.05 54.41 -42.35
C THR T 513 69.81 55.01 -43.52
N GLY T 514 69.06 55.48 -44.53
CA GLY T 514 69.62 56.09 -45.73
C GLY T 514 70.73 57.09 -45.42
N PRO T 515 70.40 58.25 -44.78
CA PRO T 515 71.40 59.25 -44.43
C PRO T 515 72.58 58.72 -43.61
N TYR T 516 72.31 57.77 -42.72
CA TYR T 516 73.35 57.20 -41.86
C TYR T 516 74.38 56.46 -42.70
N ILE T 517 73.91 55.68 -43.69
CA ILE T 517 74.78 54.85 -44.51
C ILE T 517 75.64 55.76 -45.40
N VAL T 518 75.01 56.77 -46.00
CA VAL T 518 75.67 57.70 -46.90
C VAL T 518 76.79 58.43 -46.14
N LYS T 519 76.52 58.80 -44.88
CA LYS T 519 77.46 59.58 -44.10
C LYS T 519 78.58 58.70 -43.56
N ASN T 520 78.23 57.52 -43.02
CA ASN T 520 79.15 56.77 -42.18
C ASN T 520 79.82 55.63 -42.94
N HIS T 521 79.19 55.16 -44.02
CA HIS T 521 79.76 54.12 -44.87
C HIS T 521 79.64 54.53 -46.32
N PRO T 522 80.42 55.56 -46.76
CA PRO T 522 80.11 56.32 -47.98
C PRO T 522 79.92 55.52 -49.26
N GLY T 523 80.81 54.53 -49.50
CA GLY T 523 80.85 53.84 -50.77
C GLY T 523 79.84 52.71 -50.88
N LYS T 524 79.24 52.32 -49.75
CA LYS T 524 78.58 51.03 -49.63
C LYS T 524 77.08 51.19 -49.41
N THR T 525 76.37 50.06 -49.57
CA THR T 525 74.93 49.95 -49.32
C THR T 525 74.69 49.06 -48.12
N ILE T 526 73.42 48.94 -47.71
CA ILE T 526 73.05 48.13 -46.56
C ILE T 526 73.32 46.65 -46.86
N PHE T 527 73.28 46.28 -48.14
CA PHE T 527 73.48 44.90 -48.56
C PHE T 527 74.96 44.54 -48.44
N ASP T 528 75.83 45.54 -48.61
CA ASP T 528 77.25 45.39 -48.40
C ASP T 528 77.52 45.20 -46.91
N LEU T 529 76.82 45.99 -46.09
CA LEU T 529 77.07 46.05 -44.66
C LEU T 529 76.41 44.87 -43.95
N CYS T 530 75.45 44.22 -44.62
CA CYS T 530 74.80 43.03 -44.11
C CYS T 530 74.97 41.88 -45.11
N PRO T 531 76.16 41.24 -45.16
CA PRO T 531 76.47 40.29 -46.23
C PRO T 531 75.91 38.89 -46.03
N ASP T 532 75.38 38.62 -44.82
CA ASP T 532 74.87 37.31 -44.45
C ASP T 532 73.78 36.87 -45.42
N PRO T 533 73.59 35.55 -45.64
CA PRO T 533 72.50 35.07 -46.50
C PRO T 533 71.13 35.40 -45.89
N GLY T 534 70.20 35.81 -46.77
CA GLY T 534 68.84 36.14 -46.37
C GLY T 534 67.92 34.92 -46.39
N TRP T 535 66.63 35.18 -46.19
CA TRP T 535 65.62 34.13 -46.12
C TRP T 535 65.49 33.46 -47.48
N LEU T 536 65.53 34.26 -48.55
CA LEU T 536 65.31 33.79 -49.91
C LEU T 536 66.44 32.88 -50.35
N ASP T 537 67.60 33.02 -49.69
CA ASP T 537 68.80 32.26 -50.04
C ASP T 537 68.68 30.83 -49.56
N THR T 538 67.91 30.61 -48.49
CA THR T 538 67.86 29.33 -47.80
C THR T 538 66.49 28.68 -47.97
N HIS T 539 65.51 29.43 -48.50
CA HIS T 539 64.15 28.93 -48.64
C HIS T 539 63.70 29.05 -50.10
N HIS T 540 63.28 27.91 -50.66
CA HIS T 540 62.90 27.83 -52.06
C HIS T 540 61.49 27.27 -52.18
N ALA T 541 60.90 27.37 -53.38
CA ALA T 541 59.59 26.83 -53.67
C ALA T 541 59.64 25.30 -53.61
N PRO T 542 58.57 24.62 -53.12
CA PRO T 542 58.56 23.16 -53.05
C PRO T 542 58.66 22.50 -54.42
N ALA T 543 59.22 21.28 -54.44
CA ALA T 543 59.50 20.56 -55.66
C ALA T 543 58.22 20.30 -56.45
N GLU T 544 57.12 20.03 -55.72
CA GLU T 544 55.85 19.67 -56.33
C GLU T 544 55.24 20.87 -57.06
N GLU T 545 55.52 22.07 -56.58
CA GLU T 545 54.99 23.29 -57.17
C GLU T 545 55.64 23.54 -58.53
N VAL T 546 56.97 23.41 -58.59
CA VAL T 546 57.73 23.59 -59.81
C VAL T 546 57.32 22.51 -60.81
N GLU T 547 57.12 21.29 -60.28
CA GLU T 547 56.79 20.12 -61.07
C GLU T 547 55.44 20.30 -61.74
N TYR T 548 54.48 20.90 -61.02
CA TYR T 548 53.13 21.11 -61.51
C TYR T 548 53.15 22.14 -62.65
N ILE T 549 53.86 23.25 -62.42
CA ILE T 549 53.88 24.37 -63.35
C ILE T 549 54.54 23.93 -64.66
N GLU T 550 55.66 23.21 -64.56
CA GLU T 550 56.40 22.74 -65.72
C GLU T 550 55.55 21.78 -66.54
N ARG T 551 54.79 20.93 -65.85
CA ARG T 551 53.94 19.94 -66.49
C ARG T 551 52.82 20.64 -67.26
N LYS T 552 52.26 21.69 -66.67
CA LYS T 552 51.09 22.37 -67.21
C LYS T 552 51.48 23.27 -68.38
N LEU T 553 52.69 23.85 -68.31
CA LEU T 553 53.17 24.73 -69.35
C LEU T 553 53.50 23.91 -70.61
N LYS T 554 53.99 22.69 -70.40
CA LYS T 554 54.28 21.77 -71.48
C LYS T 554 52.98 21.27 -72.10
N GLU T 555 51.99 21.01 -71.23
CA GLU T 555 50.70 20.48 -71.60
C GLU T 555 49.94 21.47 -72.49
N LEU T 556 50.15 22.76 -72.25
CA LEU T 556 49.40 23.81 -72.92
C LEU T 556 50.26 24.48 -74.00
N GLY T 557 51.58 24.30 -73.89
CA GLY T 557 52.52 24.88 -74.84
C GLY T 557 52.66 26.40 -74.66
N ILE T 558 53.04 26.81 -73.45
CA ILE T 558 53.33 28.20 -73.14
C ILE T 558 54.80 28.32 -72.75
N THR T 559 55.45 29.40 -73.22
CA THR T 559 56.85 29.65 -72.96
C THR T 559 57.07 29.96 -71.48
N ALA T 560 58.16 29.43 -70.92
CA ALA T 560 58.55 29.68 -69.54
C ALA T 560 59.15 31.08 -69.43
N GLY T 561 59.10 31.65 -68.23
CA GLY T 561 59.53 33.02 -67.97
C GLY T 561 61.02 33.11 -67.66
N SER T 562 61.47 34.33 -67.34
CA SER T 562 62.87 34.63 -67.10
C SER T 562 63.10 35.00 -65.63
N HIS T 563 64.37 35.23 -65.27
CA HIS T 563 64.77 35.61 -63.92
C HIS T 563 64.33 37.05 -63.61
N VAL U 33 56.99 46.80 -47.52
CA VAL U 33 56.18 46.04 -48.51
C VAL U 33 56.77 46.28 -49.90
N GLU U 34 57.13 45.19 -50.59
CA GLU U 34 57.77 45.24 -51.88
C GLU U 34 56.89 44.55 -52.92
N ILE U 35 57.18 44.79 -54.20
CA ILE U 35 56.65 43.96 -55.27
C ILE U 35 57.58 42.76 -55.41
N ILE U 36 57.21 41.65 -54.75
CA ILE U 36 58.09 40.50 -54.60
C ILE U 36 58.20 39.77 -55.95
N THR U 37 59.46 39.62 -56.41
CA THR U 37 59.76 39.06 -57.71
C THR U 37 60.57 37.77 -57.56
N HIS U 38 60.48 37.14 -56.38
CA HIS U 38 61.30 35.97 -56.08
C HIS U 38 60.42 34.82 -55.56
N TRP U 39 61.09 33.70 -55.26
CA TRP U 39 60.54 32.51 -54.62
C TRP U 39 59.61 31.75 -55.55
N VAL U 40 58.55 32.41 -56.04
CA VAL U 40 57.62 31.84 -56.99
C VAL U 40 58.40 31.44 -58.24
N PRO U 41 58.23 30.20 -58.77
CA PRO U 41 58.98 29.74 -59.94
C PRO U 41 58.92 30.70 -61.13
N HIS U 42 60.05 30.88 -61.81
CA HIS U 42 60.21 31.87 -62.86
C HIS U 42 59.34 31.51 -64.06
N GLU U 43 59.13 30.21 -64.27
CA GLU U 43 58.42 29.69 -65.43
C GLU U 43 57.05 30.35 -65.56
N VAL U 44 56.58 30.92 -64.45
CA VAL U 44 55.22 31.46 -64.36
C VAL U 44 55.25 32.99 -64.29
N TYR U 45 56.44 33.58 -64.42
CA TYR U 45 56.56 35.03 -64.50
C TYR U 45 56.20 35.50 -65.90
N GLY U 46 55.26 36.44 -65.98
CA GLY U 46 54.89 37.06 -67.25
C GLY U 46 55.91 38.10 -67.67
N MET U 47 56.29 38.07 -68.95
CA MET U 47 57.25 39.02 -69.50
C MET U 47 56.52 40.00 -70.42
N PRO U 48 57.08 41.21 -70.67
CA PRO U 48 56.38 42.26 -71.42
C PRO U 48 55.79 41.77 -72.74
N GLY U 49 54.51 42.11 -72.97
CA GLY U 49 53.84 41.84 -74.22
C GLY U 49 52.99 40.57 -74.19
N GLU U 50 53.21 39.71 -73.18
CA GLU U 50 52.50 38.46 -73.04
C GLU U 50 51.05 38.71 -72.63
N PRO U 51 50.11 37.81 -72.98
CA PRO U 51 48.70 37.98 -72.64
C PRO U 51 48.45 37.94 -71.13
N ASP U 52 47.52 38.78 -70.67
CA ASP U 52 47.20 38.87 -69.25
C ASP U 52 46.39 37.65 -68.82
N ASN U 53 45.77 36.98 -69.79
CA ASN U 53 44.88 35.86 -69.51
C ASN U 53 45.62 34.53 -69.64
N SER U 54 46.96 34.60 -69.67
CA SER U 54 47.79 33.41 -69.78
C SER U 54 47.84 32.68 -68.45
N GLY U 55 47.69 33.44 -67.36
CA GLY U 55 47.73 32.90 -66.01
C GLY U 55 49.09 33.12 -65.36
N LYS U 56 49.95 33.88 -66.04
CA LYS U 56 51.28 34.17 -65.53
C LYS U 56 51.20 35.39 -64.61
N VAL U 57 52.17 35.48 -63.69
CA VAL U 57 52.22 36.55 -62.71
C VAL U 57 52.92 37.75 -63.35
N PHE U 58 52.20 38.88 -63.42
CA PHE U 58 52.77 40.14 -63.87
C PHE U 58 52.98 41.04 -62.66
N PHE U 59 54.25 41.36 -62.37
CA PHE U 59 54.62 42.11 -61.18
C PHE U 59 53.95 43.47 -61.20
N SER U 60 53.19 43.76 -60.14
CA SER U 60 52.45 45.00 -59.98
C SER U 60 51.40 45.16 -61.08
N GLY U 61 51.23 44.09 -61.87
CA GLY U 61 50.25 44.05 -62.95
C GLY U 61 50.73 44.78 -64.20
N LEU U 62 52.05 44.98 -64.30
CA LEU U 62 52.63 45.78 -65.37
C LEU U 62 53.01 44.89 -66.55
N LYS U 63 53.08 45.53 -67.74
CA LYS U 63 53.75 45.01 -68.92
C LYS U 63 52.93 43.93 -69.62
N ALA U 64 51.73 43.65 -69.10
CA ALA U 64 50.87 42.62 -69.69
C ALA U 64 50.09 43.20 -70.87
N LYS U 65 49.75 42.33 -71.83
CA LYS U 65 48.90 42.68 -72.95
C LYS U 65 47.46 42.35 -72.58
N TYR U 66 46.61 43.39 -72.56
CA TYR U 66 45.22 43.26 -72.15
C TYR U 66 44.44 42.53 -73.24
N MET U 67 43.82 41.40 -72.86
CA MET U 67 43.13 40.55 -73.81
C MET U 67 41.62 40.79 -73.75
N GLY U 68 41.15 41.33 -72.62
CA GLY U 68 39.75 41.64 -72.43
C GLY U 68 38.94 40.42 -72.02
N TYR U 69 37.64 40.63 -71.79
CA TYR U 69 36.74 39.61 -71.27
C TYR U 69 36.52 38.51 -72.32
N PRO U 70 36.25 37.25 -71.91
CA PRO U 70 36.00 36.16 -72.85
C PRO U 70 34.65 36.34 -73.55
N LYS U 71 34.71 36.69 -74.84
CA LYS U 71 33.52 36.98 -75.61
C LYS U 71 33.03 35.71 -76.32
N ASP U 72 33.80 34.63 -76.16
CA ASP U 72 33.42 33.33 -76.71
C ASP U 72 32.68 32.51 -75.68
N ALA U 73 32.74 32.96 -74.41
CA ALA U 73 32.14 32.25 -73.29
C ALA U 73 30.61 32.32 -73.38
N GLN U 74 29.97 31.15 -73.27
CA GLN U 74 28.53 31.03 -73.34
C GLN U 74 27.90 31.82 -72.20
N ARG U 75 27.04 32.78 -72.56
CA ARG U 75 26.42 33.69 -71.60
C ARG U 75 25.18 34.32 -72.24
N SER U 76 24.57 35.28 -71.51
CA SER U 76 23.42 36.02 -71.99
C SER U 76 23.79 37.48 -72.22
N PRO U 77 23.20 38.13 -73.24
CA PRO U 77 23.22 39.60 -73.33
C PRO U 77 22.38 40.16 -72.20
N TYR U 78 22.73 41.38 -71.77
CA TYR U 78 21.97 42.10 -70.76
C TYR U 78 20.65 42.56 -71.39
N PRO U 79 19.55 42.70 -70.63
CA PRO U 79 18.31 43.27 -71.18
C PRO U 79 18.38 44.79 -71.23
N GLY U 80 17.39 45.41 -71.88
CA GLY U 80 17.18 46.83 -71.78
C GLY U 80 17.70 47.62 -72.97
N LYS U 81 17.65 48.96 -72.82
CA LYS U 81 17.87 49.94 -73.86
C LYS U 81 19.27 49.79 -74.46
N TYR U 82 20.26 49.52 -73.61
CA TYR U 82 21.66 49.59 -74.01
C TYR U 82 22.24 48.19 -74.16
N SER U 83 21.38 47.24 -74.55
CA SER U 83 21.74 45.83 -74.67
C SER U 83 22.99 45.67 -75.53
N LYS U 84 23.09 46.46 -76.60
CA LYS U 84 24.10 46.27 -77.63
C LYS U 84 25.49 46.60 -77.08
N PHE U 85 25.56 47.50 -76.10
CA PHE U 85 26.83 47.98 -75.58
C PHE U 85 27.14 47.36 -74.22
N TRP U 86 26.19 46.57 -73.71
CA TRP U 86 26.33 45.91 -72.42
C TRP U 86 27.18 44.65 -72.57
N LYS U 87 28.45 44.75 -72.15
CA LYS U 87 29.36 43.60 -72.13
C LYS U 87 29.05 42.78 -70.88
N THR U 88 28.90 41.46 -71.06
CA THR U 88 28.44 40.59 -69.99
C THR U 88 29.44 39.47 -69.72
N LEU U 89 29.36 38.91 -68.51
CA LEU U 89 30.11 37.74 -68.09
C LEU U 89 29.14 36.58 -67.90
N PRO U 90 29.61 35.31 -67.97
CA PRO U 90 28.75 34.15 -67.73
C PRO U 90 27.98 34.22 -66.42
N ALA U 91 28.63 34.75 -65.38
CA ALA U 91 28.10 34.77 -64.03
C ALA U 91 26.78 35.55 -63.96
N TYR U 92 26.57 36.46 -64.91
CA TYR U 92 25.46 37.40 -64.85
C TYR U 92 24.13 36.68 -65.07
N ARG U 93 24.20 35.45 -65.59
CA ARG U 93 23.02 34.68 -65.96
C ARG U 93 22.04 34.56 -64.79
N TYR U 94 22.57 34.53 -63.57
CA TYR U 94 21.79 34.26 -62.38
C TYR U 94 21.05 35.51 -61.91
N TYR U 95 21.49 36.69 -62.35
CA TYR U 95 21.15 37.92 -61.66
C TYR U 95 19.89 38.58 -62.20
N ILE U 96 19.64 38.42 -63.51
CA ILE U 96 18.34 38.74 -64.08
C ILE U 96 17.85 37.48 -64.80
N PRO U 97 17.39 36.46 -64.04
CA PRO U 97 17.30 35.09 -64.54
C PRO U 97 16.25 34.84 -65.62
N ASP U 98 15.16 35.60 -65.60
CA ASP U 98 14.06 35.42 -66.54
C ASP U 98 14.57 35.57 -67.97
N TYR U 99 15.38 36.62 -68.17
CA TYR U 99 15.90 36.94 -69.50
C TYR U 99 17.24 36.24 -69.71
N MET U 100 18.04 36.11 -68.65
CA MET U 100 19.44 35.77 -68.79
C MET U 100 19.72 34.30 -68.49
N TYR U 101 18.70 33.56 -68.06
CA TYR U 101 18.88 32.15 -67.75
C TYR U 101 17.77 31.31 -68.37
N ASN U 102 16.53 31.79 -68.27
CA ASN U 102 15.36 30.93 -68.42
C ASN U 102 14.97 30.74 -69.90
N ARG U 103 15.49 31.62 -70.78
CA ARG U 103 15.24 31.47 -72.20
C ARG U 103 16.06 30.30 -72.74
N ASP U 104 15.45 29.53 -73.66
CA ASP U 104 16.06 28.33 -74.21
C ASP U 104 17.37 28.67 -74.93
N GLU U 105 17.43 29.88 -75.49
CA GLU U 105 18.55 30.32 -76.31
C GLU U 105 19.79 30.56 -75.45
N VAL U 106 19.59 30.67 -74.13
CA VAL U 106 20.62 31.20 -73.25
C VAL U 106 20.98 30.18 -72.17
N ARG U 107 19.98 29.40 -71.72
CA ARG U 107 20.14 28.44 -70.64
C ARG U 107 21.46 27.70 -70.78
N PRO U 108 22.30 27.65 -69.73
CA PRO U 108 23.60 26.99 -69.80
C PRO U 108 23.47 25.48 -69.82
N SER U 109 24.52 24.81 -70.32
CA SER U 109 24.55 23.35 -70.37
C SER U 109 24.68 22.78 -68.96
N ASN U 110 24.26 21.54 -68.80
CA ASN U 110 24.30 20.85 -67.51
C ASN U 110 24.71 19.39 -67.74
N PRO U 111 25.74 18.88 -67.03
CA PRO U 111 26.21 17.51 -67.23
C PRO U 111 25.27 16.38 -66.77
N ILE U 112 24.24 16.74 -66.01
CA ILE U 112 23.30 15.76 -65.47
C ILE U 112 22.01 15.79 -66.30
N LYS U 113 21.61 14.62 -66.79
CA LYS U 113 20.47 14.48 -67.68
C LYS U 113 19.35 13.70 -66.99
N GLY U 114 18.11 13.98 -67.41
CA GLY U 114 16.93 13.28 -66.92
C GLY U 114 15.94 14.23 -66.27
N THR U 115 14.68 13.80 -66.18
CA THR U 115 13.68 14.51 -65.40
C THR U 115 13.43 13.70 -64.13
N PHE U 116 13.31 14.40 -62.98
CA PHE U 116 13.37 13.74 -61.70
C PHE U 116 12.19 14.14 -60.81
N LYS U 117 11.86 13.25 -59.86
CA LYS U 117 10.94 13.54 -58.78
C LYS U 117 11.68 14.34 -57.70
N LEU U 118 10.93 14.94 -56.77
CA LEU U 118 11.48 15.76 -55.71
C LEU U 118 12.45 14.94 -54.85
N GLU U 119 12.07 13.70 -54.53
CA GLU U 119 12.87 12.79 -53.72
C GLU U 119 14.27 12.70 -54.29
N GLN U 120 14.36 12.70 -55.62
CA GLN U 120 15.61 12.49 -56.33
C GLN U 120 16.48 13.74 -56.26
N CYS U 121 15.86 14.92 -56.39
CA CYS U 121 16.56 16.18 -56.23
C CYS U 121 17.28 16.17 -54.88
N VAL U 122 16.53 15.90 -53.82
CA VAL U 122 16.99 15.98 -52.45
C VAL U 122 18.11 14.97 -52.21
N ALA U 123 17.89 13.71 -52.62
CA ALA U 123 18.82 12.64 -52.34
C ALA U 123 20.18 12.91 -52.98
N CYS U 124 20.16 13.38 -54.24
CA CYS U 124 21.38 13.57 -55.00
C CYS U 124 22.12 14.80 -54.52
N HIS U 125 21.37 15.89 -54.28
CA HIS U 125 21.97 17.17 -53.92
C HIS U 125 22.39 17.17 -52.46
N SER U 126 21.84 16.24 -51.66
CA SER U 126 22.19 16.16 -50.25
C SER U 126 23.67 15.85 -50.08
N VAL U 127 24.27 15.32 -51.15
CA VAL U 127 25.68 14.97 -51.14
C VAL U 127 26.43 15.89 -52.10
N MET U 128 25.81 16.22 -53.24
CA MET U 128 26.47 17.00 -54.28
C MET U 128 26.60 18.46 -53.85
N THR U 129 25.52 19.01 -53.31
CA THR U 129 25.52 20.36 -52.76
C THR U 129 24.88 20.35 -51.37
N PRO U 130 25.58 19.79 -50.35
CA PRO U 130 24.95 19.48 -49.06
C PRO U 130 24.22 20.64 -48.39
N GLY U 131 24.84 21.82 -48.43
CA GLY U 131 24.36 23.01 -47.73
C GLY U 131 22.96 23.42 -48.20
N ILE U 132 22.71 23.25 -49.50
CA ILE U 132 21.45 23.65 -50.11
C ILE U 132 20.32 22.79 -49.55
N VAL U 133 20.58 21.48 -49.43
CA VAL U 133 19.60 20.54 -48.94
C VAL U 133 19.38 20.77 -47.44
N ARG U 134 20.47 21.01 -46.70
CA ARG U 134 20.40 21.32 -45.28
C ARG U 134 19.48 22.52 -45.05
N ASP U 135 19.64 23.54 -45.88
CA ASP U 135 18.85 24.76 -45.82
C ASP U 135 17.39 24.46 -46.17
N TYR U 136 17.20 23.71 -47.27
CA TYR U 136 15.88 23.41 -47.78
C TYR U 136 15.06 22.66 -46.73
N ASN U 137 15.69 21.69 -46.06
CA ASN U 137 15.02 20.84 -45.08
C ASN U 137 14.57 21.66 -43.87
N LYS U 138 15.31 22.74 -43.57
CA LYS U 138 14.97 23.62 -42.47
C LYS U 138 13.80 24.52 -42.86
N SER U 139 13.66 24.78 -44.17
CA SER U 139 12.69 25.74 -44.68
C SER U 139 11.27 25.23 -44.52
N ALA U 140 10.31 26.18 -44.44
CA ALA U 140 8.90 25.87 -44.33
C ALA U 140 8.40 25.24 -45.62
N HIS U 141 9.10 25.54 -46.73
CA HIS U 141 8.75 25.06 -48.06
C HIS U 141 8.72 23.54 -48.10
N SER U 142 9.65 22.91 -47.37
CA SER U 142 9.81 21.46 -47.40
C SER U 142 8.70 20.78 -46.59
N LYS U 143 8.16 21.51 -45.60
CA LYS U 143 7.22 20.95 -44.65
C LYS U 143 5.78 21.22 -45.09
N ALA U 144 5.61 22.03 -46.14
CA ALA U 144 4.30 22.49 -46.59
C ALA U 144 3.43 21.34 -47.05
N GLU U 145 2.13 21.45 -46.75
CA GLU U 145 1.13 20.45 -47.12
C GLU U 145 -0.03 21.15 -47.82
N PRO U 146 -0.74 20.43 -48.71
CA PRO U 146 -0.59 18.99 -48.93
C PRO U 146 0.65 18.58 -49.73
N ALA U 147 1.17 19.53 -50.52
CA ALA U 147 2.36 19.29 -51.32
C ALA U 147 3.43 20.31 -50.96
N PRO U 148 4.72 19.89 -50.79
CA PRO U 148 5.79 20.82 -50.46
C PRO U 148 6.21 21.65 -51.67
N THR U 149 6.67 22.88 -51.40
CA THR U 149 7.32 23.70 -52.41
C THR U 149 8.76 23.22 -52.55
N GLY U 150 8.96 22.27 -53.46
CA GLY U 150 10.24 21.58 -53.56
C GLY U 150 11.15 22.18 -54.62
N CYS U 151 12.37 21.63 -54.72
CA CYS U 151 13.38 22.06 -55.67
C CYS U 151 12.76 22.17 -57.06
N ASP U 152 11.94 21.18 -57.41
CA ASP U 152 11.32 21.07 -58.72
C ASP U 152 10.30 22.20 -58.92
N THR U 153 9.65 22.62 -57.83
CA THR U 153 8.64 23.68 -57.88
C THR U 153 9.29 24.99 -58.29
N CYS U 154 10.54 25.20 -57.88
CA CYS U 154 11.23 26.46 -58.10
C CYS U 154 12.20 26.36 -59.29
N HIS U 155 12.62 25.14 -59.64
CA HIS U 155 13.70 24.98 -60.60
C HIS U 155 13.28 24.16 -61.82
N GLY U 156 12.22 23.35 -61.67
CA GLY U 156 11.76 22.50 -62.75
C GLY U 156 12.18 21.05 -62.54
N ASN U 157 11.62 20.15 -63.36
CA ASN U 157 11.80 18.71 -63.24
C ASN U 157 12.91 18.22 -64.16
N ASN U 158 12.98 18.83 -65.36
CA ASN U 158 13.92 18.43 -66.38
C ASN U 158 15.28 19.07 -66.10
N HIS U 159 16.30 18.24 -65.86
CA HIS U 159 17.61 18.73 -65.46
C HIS U 159 18.33 19.39 -66.64
N GLN U 160 17.82 19.15 -67.85
CA GLN U 160 18.35 19.77 -69.05
C GLN U 160 17.62 21.08 -69.32
N LYS U 161 16.50 21.29 -68.62
CA LYS U 161 15.70 22.49 -68.79
C LYS U 161 15.42 23.14 -67.44
N LEU U 162 16.48 23.26 -66.63
CA LEU U 162 16.40 23.89 -65.32
C LEU U 162 16.21 25.39 -65.48
N THR U 163 15.54 26.01 -64.50
CA THR U 163 15.32 27.45 -64.50
C THR U 163 15.66 28.01 -63.13
N MET U 164 16.04 29.30 -63.10
CA MET U 164 16.31 30.03 -61.87
C MET U 164 15.11 30.92 -61.57
N PRO U 165 14.47 30.77 -60.37
CA PRO U 165 13.24 31.48 -60.06
C PRO U 165 13.48 32.94 -59.68
N SER U 166 12.89 33.85 -60.47
CA SER U 166 12.96 35.28 -60.19
C SER U 166 11.87 35.67 -59.20
N SER U 167 11.76 36.97 -58.95
CA SER U 167 10.74 37.52 -58.07
C SER U 167 9.35 37.25 -58.63
N LYS U 168 9.27 37.11 -59.96
CA LYS U 168 8.01 36.83 -60.64
C LYS U 168 7.53 35.43 -60.28
N ALA U 169 8.49 34.50 -60.12
CA ALA U 169 8.19 33.11 -59.80
C ALA U 169 7.63 32.99 -58.38
N CYS U 170 8.23 33.74 -57.44
CA CYS U 170 7.81 33.76 -56.06
C CYS U 170 6.46 34.49 -55.94
N GLY U 171 6.26 35.49 -56.80
CA GLY U 171 5.15 36.43 -56.65
C GLY U 171 3.90 36.03 -57.42
N THR U 172 3.82 34.75 -57.79
CA THR U 172 2.64 34.20 -58.44
C THR U 172 1.45 34.27 -57.48
N ALA U 173 0.25 34.41 -58.05
CA ALA U 173 -0.98 34.62 -57.30
C ALA U 173 -1.18 33.49 -56.29
N GLU U 174 -0.73 32.29 -56.67
CA GLU U 174 -0.93 31.08 -55.89
C GLU U 174 0.03 31.06 -54.70
N CYS U 175 1.07 31.90 -54.75
CA CYS U 175 2.15 31.86 -53.78
C CYS U 175 2.26 33.18 -53.01
N HIS U 176 3.23 34.02 -53.38
CA HIS U 176 3.52 35.22 -52.61
C HIS U 176 3.29 36.49 -53.44
N GLU U 177 2.08 36.60 -53.99
CA GLU U 177 1.73 37.76 -54.80
C GLU U 177 1.75 39.02 -53.93
N THR U 178 1.39 38.86 -52.64
CA THR U 178 1.26 39.98 -51.73
C THR U 178 2.58 40.74 -51.63
N GLN U 179 3.66 39.99 -51.38
CA GLN U 179 4.96 40.58 -51.13
C GLN U 179 5.53 41.17 -52.42
N TYR U 180 5.27 40.48 -53.54
CA TYR U 180 5.73 40.95 -54.83
C TYR U 180 5.10 42.30 -55.16
N ASN U 181 3.78 42.39 -54.96
CA ASN U 181 3.02 43.60 -55.29
C ASN U 181 3.44 44.73 -54.36
N GLU U 182 3.67 44.40 -53.08
CA GLU U 182 4.10 45.37 -52.09
C GLU U 182 5.42 46.01 -52.54
N GLN U 183 6.41 45.17 -52.83
CA GLN U 183 7.72 45.62 -53.26
C GLN U 183 7.59 46.47 -54.52
N GLY U 184 6.71 46.03 -55.43
CA GLY U 184 6.53 46.64 -56.74
C GLY U 184 5.88 48.03 -56.67
N GLN U 185 5.36 48.40 -55.49
CA GLN U 185 4.75 49.69 -55.27
C GLN U 185 5.82 50.79 -55.25
N GLY U 186 7.07 50.37 -55.08
CA GLY U 186 8.20 51.29 -54.97
C GLY U 186 8.41 52.09 -56.26
N GLY U 187 8.86 53.34 -56.09
CA GLY U 187 9.11 54.23 -57.21
C GLY U 187 10.54 54.09 -57.72
N ILE U 188 11.08 55.22 -58.22
CA ILE U 188 12.48 55.28 -58.64
C ILE U 188 13.34 55.21 -57.38
N GLY U 189 14.45 54.46 -57.47
CA GLY U 189 15.40 54.33 -56.38
C GLY U 189 14.92 53.41 -55.27
N SER U 190 13.96 52.52 -55.61
CA SER U 190 13.42 51.56 -54.66
C SER U 190 13.88 50.15 -55.05
N HIS U 191 13.35 49.15 -54.33
CA HIS U 191 13.67 47.75 -54.61
C HIS U 191 12.94 47.28 -55.86
N ALA U 192 12.04 48.13 -56.38
CA ALA U 192 11.19 47.78 -57.51
C ALA U 192 11.89 48.12 -58.83
N SER U 193 12.92 48.98 -58.77
CA SER U 193 13.48 49.58 -59.97
C SER U 193 15.00 49.56 -59.96
N CYS U 194 15.59 48.96 -58.91
CA CYS U 194 17.03 49.03 -58.68
C CYS U 194 17.80 48.21 -59.72
N SER U 195 17.12 47.26 -60.37
CA SER U 195 17.70 46.50 -61.46
C SER U 195 17.35 47.15 -62.80
N SER U 196 16.03 47.29 -63.04
CA SER U 196 15.47 47.66 -64.33
C SER U 196 15.92 49.05 -64.76
N PHE U 197 16.04 49.97 -63.81
CA PHE U 197 16.48 51.32 -64.12
C PHE U 197 17.96 51.48 -63.79
N ALA U 198 18.27 51.44 -62.49
CA ALA U 198 19.55 51.88 -61.95
C ALA U 198 20.71 51.09 -62.57
N GLN U 199 20.50 49.79 -62.77
CA GLN U 199 21.59 48.89 -63.14
C GLN U 199 21.59 48.65 -64.65
N VAL U 200 20.41 48.42 -65.23
CA VAL U 200 20.27 48.07 -66.63
C VAL U 200 20.66 49.27 -67.50
N GLU U 201 20.46 50.49 -66.95
CA GLU U 201 20.81 51.71 -67.64
C GLU U 201 21.92 52.45 -66.89
N CYS U 202 22.81 51.68 -66.27
CA CYS U 202 23.92 52.22 -65.50
C CYS U 202 25.02 52.67 -66.45
N ALA U 203 25.27 53.98 -66.49
CA ALA U 203 26.21 54.60 -67.42
C ALA U 203 27.58 53.93 -67.32
N TRP U 204 28.13 53.87 -66.11
CA TRP U 204 29.51 53.44 -65.90
C TRP U 204 29.69 51.98 -66.27
N SER U 205 28.69 51.16 -65.94
CA SER U 205 28.74 49.72 -66.20
C SER U 205 28.82 49.47 -67.70
N ILE U 206 28.01 50.21 -68.47
CA ILE U 206 27.96 50.11 -69.91
C ILE U 206 29.29 50.57 -70.50
N GLU U 207 29.80 51.70 -69.97
CA GLU U 207 30.97 52.39 -70.49
C GLU U 207 32.21 51.51 -70.41
N ARG U 208 32.35 50.79 -69.29
CA ARG U 208 33.60 50.14 -68.94
C ARG U 208 33.62 48.68 -69.40
N PRO U 209 34.79 48.00 -69.40
CA PRO U 209 34.84 46.55 -69.50
C PRO U 209 34.03 45.91 -68.36
N PRO U 210 33.48 44.69 -68.55
CA PRO U 210 32.78 44.00 -67.47
C PRO U 210 33.82 43.45 -66.51
N GLY U 211 33.54 43.53 -65.22
CA GLY U 211 34.52 43.16 -64.20
C GLY U 211 35.02 44.40 -63.48
N ASP U 212 35.22 45.48 -64.24
CA ASP U 212 35.44 46.81 -63.68
C ASP U 212 34.28 47.13 -62.73
N THR U 213 33.06 46.77 -63.16
CA THR U 213 31.85 47.08 -62.43
C THR U 213 31.00 45.82 -62.26
N ALA U 214 31.67 44.67 -62.11
CA ALA U 214 30.99 43.39 -61.96
C ALA U 214 30.15 43.39 -60.68
N GLY U 215 30.71 43.98 -59.61
CA GLY U 215 30.06 44.04 -58.32
C GLY U 215 28.70 44.73 -58.39
N CYS U 216 28.55 45.64 -59.37
CA CYS U 216 27.34 46.43 -59.50
C CYS U 216 26.18 45.56 -59.95
N THR U 217 26.48 44.58 -60.82
CA THR U 217 25.50 43.63 -61.31
C THR U 217 25.02 42.76 -60.15
N PHE U 218 25.99 42.31 -59.33
CA PHE U 218 25.74 41.37 -58.25
C PHE U 218 24.96 42.03 -57.12
N CYS U 219 25.10 43.35 -56.98
CA CYS U 219 24.48 44.07 -55.88
C CYS U 219 23.10 44.59 -56.27
N HIS U 220 23.00 45.18 -57.46
CA HIS U 220 21.84 45.99 -57.82
C HIS U 220 20.65 45.14 -58.23
N THR U 221 20.92 44.02 -58.89
CA THR U 221 19.86 43.22 -59.49
C THR U 221 19.03 42.51 -58.43
N SER U 222 19.70 42.11 -57.33
CA SER U 222 19.17 41.20 -56.33
C SER U 222 17.80 41.63 -55.79
N PRO U 223 17.62 42.84 -55.21
CA PRO U 223 16.36 43.17 -54.54
C PRO U 223 15.15 43.05 -55.45
N GLU U 224 15.33 43.41 -56.73
CA GLU U 224 14.24 43.47 -57.67
C GLU U 224 13.99 42.09 -58.28
N GLU U 225 15.07 41.34 -58.52
CA GLU U 225 14.99 40.14 -59.36
C GLU U 225 14.95 38.86 -58.52
N ARG U 226 15.62 38.87 -57.35
CA ARG U 226 15.77 37.67 -56.54
C ARG U 226 15.26 37.92 -55.12
N CYS U 227 14.31 37.07 -54.71
CA CYS U 227 13.67 37.20 -53.40
C CYS U 227 14.44 36.41 -52.34
N SER U 228 15.61 35.87 -52.72
CA SER U 228 16.52 35.28 -51.75
C SER U 228 17.25 36.38 -51.00
N THR U 229 16.88 37.63 -51.31
CA THR U 229 17.39 38.82 -50.65
C THR U 229 16.71 38.96 -49.28
N CYS U 230 17.51 39.28 -48.26
CA CYS U 230 17.06 39.51 -46.90
C CYS U 230 16.81 38.18 -46.17
N HIS U 231 15.93 37.34 -46.73
CA HIS U 231 15.79 35.97 -46.29
C HIS U 231 16.50 35.04 -47.27
N GLN U 232 17.67 34.54 -46.85
CA GLN U 232 18.58 33.81 -47.70
C GLN U 232 17.95 32.51 -48.16
N ARG U 233 18.34 32.07 -49.37
CA ARG U 233 18.09 30.71 -49.82
C ARG U 233 19.06 29.78 -49.08
N HIS U 234 18.66 28.52 -48.89
CA HIS U 234 17.37 27.99 -49.27
C HIS U 234 16.48 27.83 -48.05
N GLN U 235 16.83 28.55 -46.98
CA GLN U 235 16.17 28.45 -45.69
C GLN U 235 14.93 29.35 -45.66
N PHE U 236 15.05 30.53 -46.30
CA PHE U 236 13.98 31.51 -46.41
C PHE U 236 13.33 31.76 -45.05
N ASP U 237 14.17 32.16 -44.09
CA ASP U 237 13.72 32.37 -42.72
C ASP U 237 13.36 33.84 -42.52
N PRO U 238 12.08 34.18 -42.25
CA PRO U 238 11.69 35.56 -42.00
C PRO U 238 12.37 36.13 -40.75
N ALA U 239 12.75 35.22 -39.84
CA ALA U 239 13.35 35.61 -38.57
C ALA U 239 14.74 36.20 -38.79
N VAL U 240 15.48 35.64 -39.76
CA VAL U 240 16.81 36.14 -40.09
C VAL U 240 16.68 37.41 -40.93
N ALA U 241 15.57 37.52 -41.67
CA ALA U 241 15.30 38.65 -42.55
C ALA U 241 14.98 39.90 -41.73
N ARG U 242 14.58 39.71 -40.46
CA ARG U 242 14.13 40.80 -39.61
C ARG U 242 15.32 41.48 -38.93
N ARG U 243 16.52 40.91 -39.14
CA ARG U 243 17.74 41.42 -38.52
C ARG U 243 18.29 42.58 -39.35
N SER U 244 18.79 43.60 -38.64
CA SER U 244 19.27 44.83 -39.25
C SER U 244 20.40 44.55 -40.24
N GLU U 245 21.27 43.59 -39.89
CA GLU U 245 22.50 43.34 -40.62
C GLU U 245 22.21 42.92 -42.06
N GLN U 246 20.97 42.45 -42.31
CA GLN U 246 20.59 41.97 -43.63
C GLN U 246 20.82 43.05 -44.68
N CYS U 247 20.58 44.31 -44.28
CA CYS U 247 20.58 45.44 -45.19
C CYS U 247 22.01 45.92 -45.45
N LYS U 248 22.93 45.58 -44.55
CA LYS U 248 24.28 46.11 -44.54
C LYS U 248 25.04 45.71 -45.80
N THR U 249 24.70 44.55 -46.36
CA THR U 249 25.48 43.97 -47.45
C THR U 249 25.43 44.86 -48.70
N CYS U 250 24.39 45.71 -48.79
CA CYS U 250 24.21 46.60 -49.92
C CYS U 250 24.21 48.06 -49.45
N HIS U 251 23.63 48.30 -48.27
CA HIS U 251 23.44 49.65 -47.76
C HIS U 251 24.61 50.06 -46.88
N TRP U 252 25.82 50.05 -47.47
CA TRP U 252 27.01 50.51 -46.79
C TRP U 252 27.92 51.20 -47.79
N GLY U 253 28.99 51.81 -47.29
CA GLY U 253 30.10 52.21 -48.14
C GLY U 253 30.02 53.66 -48.60
N LYS U 254 30.72 53.92 -49.71
CA LYS U 254 31.21 55.25 -50.06
C LYS U 254 30.07 56.22 -50.31
N ASP U 255 28.94 55.74 -50.86
CA ASP U 255 27.91 56.65 -51.35
C ASP U 255 26.58 56.44 -50.62
N HIS U 256 26.59 55.62 -49.57
CA HIS U 256 25.42 55.44 -48.71
C HIS U 256 25.82 54.67 -47.45
N ARG U 257 26.26 55.41 -46.42
CA ARG U 257 26.67 54.81 -45.16
C ARG U 257 25.44 54.55 -44.29
N ASP U 258 24.47 53.80 -44.84
CA ASP U 258 23.22 53.54 -44.16
C ASP U 258 23.48 52.68 -42.92
N TRP U 259 24.18 51.56 -43.15
CA TRP U 259 24.52 50.63 -42.08
C TRP U 259 25.41 51.33 -41.05
N GLU U 260 26.50 51.94 -41.53
CA GLU U 260 27.50 52.56 -40.67
C GLU U 260 26.84 53.59 -39.75
N ALA U 261 25.92 54.39 -40.30
CA ALA U 261 25.25 55.45 -39.56
C ALA U 261 24.38 54.85 -38.47
N TYR U 262 23.57 53.84 -38.85
CA TYR U 262 22.69 53.16 -37.93
C TYR U 262 23.50 52.47 -36.83
N ASP U 263 24.53 51.73 -37.27
CA ASP U 263 25.31 50.84 -36.42
C ASP U 263 25.97 51.62 -35.29
N ILE U 264 26.53 52.79 -35.61
CA ILE U 264 27.34 53.52 -34.66
C ILE U 264 26.47 54.48 -33.83
N GLY U 265 25.29 54.82 -34.36
CA GLY U 265 24.31 55.61 -33.63
C GLY U 265 23.81 54.87 -32.39
N LEU U 266 23.04 55.56 -31.55
CA LEU U 266 22.58 54.96 -30.30
C LEU U 266 21.58 53.84 -30.57
N HIS U 267 20.84 53.94 -31.67
CA HIS U 267 19.95 52.87 -32.09
C HIS U 267 20.76 51.61 -32.37
N GLY U 268 21.88 51.78 -33.08
CA GLY U 268 22.77 50.68 -33.45
C GLY U 268 23.55 50.16 -32.24
N THR U 269 23.82 51.07 -31.28
CA THR U 269 24.48 50.70 -30.03
C THR U 269 23.52 49.83 -29.23
N VAL U 270 22.28 50.31 -29.06
CA VAL U 270 21.23 49.56 -28.38
C VAL U 270 21.08 48.19 -29.04
N TYR U 271 21.09 48.19 -30.38
CA TYR U 271 20.89 46.98 -31.14
C TYR U 271 21.98 45.95 -30.83
N GLN U 272 23.25 46.39 -30.95
CA GLN U 272 24.38 45.48 -30.85
C GLN U 272 24.48 44.91 -29.43
N VAL U 273 24.00 45.69 -28.46
CA VAL U 273 24.13 45.33 -27.05
C VAL U 273 23.03 44.33 -26.67
N ASN U 274 21.92 44.33 -27.40
CA ASN U 274 20.72 43.67 -26.93
C ASN U 274 20.21 42.61 -27.92
N LYS U 275 20.81 42.53 -29.11
CA LYS U 275 20.20 41.82 -30.23
C LYS U 275 20.07 40.33 -29.96
N TRP U 276 20.95 39.78 -29.11
CA TRP U 276 20.91 38.36 -28.79
C TRP U 276 20.20 38.12 -27.46
N ASP U 277 19.70 39.20 -26.85
CA ASP U 277 18.84 39.09 -25.67
C ASP U 277 17.40 39.05 -26.16
N THR U 278 16.77 37.89 -25.98
CA THR U 278 15.43 37.61 -26.48
C THR U 278 14.39 38.49 -25.78
N GLU U 279 14.74 39.00 -24.60
CA GLU U 279 13.86 39.83 -23.81
C GLU U 279 13.80 41.26 -24.37
N GLN U 280 14.78 41.60 -25.22
CA GLN U 280 14.91 42.95 -25.76
C GLN U 280 14.60 42.93 -27.25
N PHE U 281 15.02 41.87 -27.94
CA PHE U 281 14.76 41.71 -29.36
C PHE U 281 14.27 40.30 -29.63
N ASP U 282 12.98 40.19 -30.02
CA ASP U 282 12.38 38.90 -30.35
C ASP U 282 12.12 38.86 -31.85
N PHE U 283 12.97 38.13 -32.58
CA PHE U 283 12.93 38.13 -34.03
C PHE U 283 11.92 37.11 -34.54
N SER U 284 11.32 36.34 -33.62
CA SER U 284 10.29 35.37 -33.96
C SER U 284 8.96 36.10 -34.19
N LYS U 285 8.79 37.25 -33.54
CA LYS U 285 7.61 38.09 -33.68
C LYS U 285 7.58 38.69 -35.09
N LYS U 286 6.37 38.82 -35.64
CA LYS U 286 6.16 39.53 -36.90
C LYS U 286 6.32 41.02 -36.65
N LEU U 287 6.63 41.78 -37.71
CA LEU U 287 7.00 43.17 -37.57
C LEU U 287 5.84 44.00 -37.02
N SER U 288 4.60 43.51 -37.22
CA SER U 288 3.42 44.18 -36.69
C SER U 288 3.41 44.11 -35.16
N ASP U 289 4.06 43.09 -34.60
CA ASP U 289 4.04 42.83 -33.17
C ASP U 289 5.40 43.14 -32.55
N ALA U 290 6.30 43.69 -33.36
CA ALA U 290 7.65 44.00 -32.92
C ALA U 290 7.62 45.00 -31.77
N ASP U 291 8.16 44.59 -30.62
CA ASP U 291 8.14 45.40 -29.41
C ASP U 291 9.56 45.53 -28.88
N TYR U 292 10.51 45.77 -29.79
CA TYR U 292 11.93 45.84 -29.45
C TYR U 292 12.20 47.04 -28.55
N VAL U 293 13.35 47.01 -27.87
CA VAL U 293 13.80 48.14 -27.06
C VAL U 293 14.21 49.27 -27.98
N GLY U 294 14.88 48.91 -29.08
CA GLY U 294 15.34 49.86 -30.08
C GLY U 294 14.92 49.44 -31.49
N PRO U 295 14.95 50.35 -32.49
CA PRO U 295 14.49 50.02 -33.84
C PRO U 295 15.52 49.29 -34.69
N THR U 296 15.01 48.52 -35.65
CA THR U 296 15.80 47.90 -36.71
C THR U 296 15.47 48.63 -38.01
N CYS U 297 16.30 48.41 -39.05
CA CYS U 297 16.04 48.97 -40.36
C CYS U 297 14.60 48.66 -40.75
N GLN U 298 14.20 47.41 -40.51
CA GLN U 298 12.90 46.88 -40.87
C GLN U 298 11.80 47.57 -40.05
N TYR U 299 12.12 47.88 -38.78
CA TYR U 299 11.15 48.48 -37.88
C TYR U 299 10.65 49.80 -38.46
N CYS U 300 11.56 50.53 -39.12
CA CYS U 300 11.28 51.87 -39.62
C CYS U 300 10.85 51.84 -41.09
N HIS U 301 11.57 51.07 -41.91
CA HIS U 301 11.39 51.14 -43.36
C HIS U 301 10.37 50.12 -43.86
N MET U 302 10.21 49.02 -43.10
CA MET U 302 9.29 47.96 -43.47
C MET U 302 8.21 47.83 -42.40
N ARG U 303 7.71 49.00 -41.95
CA ARG U 303 6.65 49.11 -40.96
C ARG U 303 5.52 48.14 -41.32
N GLY U 304 5.14 47.31 -40.34
CA GLY U 304 4.03 46.37 -40.50
C GLY U 304 4.39 45.19 -41.39
N GLY U 305 5.64 45.16 -41.88
CA GLY U 305 6.12 44.06 -42.70
C GLY U 305 5.92 44.32 -44.19
N HIS U 306 5.52 45.57 -44.52
CA HIS U 306 5.31 45.98 -45.91
C HIS U 306 6.63 45.91 -46.67
N HIS U 307 6.58 45.34 -47.88
CA HIS U 307 7.79 45.01 -48.63
C HIS U 307 8.25 46.17 -49.50
N ASN U 308 7.40 47.18 -49.69
CA ASN U 308 7.85 48.44 -50.26
C ASN U 308 8.64 49.20 -49.20
N VAL U 309 9.96 49.18 -49.38
CA VAL U 309 10.90 49.64 -48.37
C VAL U 309 10.99 51.16 -48.41
N GLN U 310 10.43 51.75 -49.48
CA GLN U 310 10.48 53.17 -49.76
C GLN U 310 9.16 53.82 -49.35
N ARG U 311 8.25 53.00 -48.80
CA ARG U 311 6.87 53.41 -48.56
C ARG U 311 6.81 54.70 -47.75
N ALA U 312 7.71 54.84 -46.77
CA ALA U 312 7.65 55.92 -45.80
C ALA U 312 8.49 57.11 -46.24
N SER U 313 9.24 56.95 -47.35
CA SER U 313 10.12 57.98 -47.86
C SER U 313 9.33 59.24 -48.22
N ILE U 314 9.96 60.40 -48.01
CA ILE U 314 9.30 61.67 -48.24
C ILE U 314 9.38 62.05 -49.71
N VAL U 315 10.62 62.18 -50.22
CA VAL U 315 10.85 62.51 -51.62
C VAL U 315 12.23 61.99 -52.03
N TYR U 316 12.32 61.48 -53.27
CA TYR U 316 13.56 60.95 -53.79
C TYR U 316 14.52 62.10 -54.09
N THR U 317 15.71 62.03 -53.49
CA THR U 317 16.66 63.13 -53.57
C THR U 317 18.00 62.62 -54.12
N SER U 318 17.93 61.59 -54.98
CA SER U 318 19.09 61.10 -55.71
C SER U 318 20.21 60.74 -54.73
N MET U 319 19.89 59.85 -53.78
CA MET U 319 20.81 59.31 -52.79
C MET U 319 21.14 60.36 -51.73
N GLY U 320 20.44 61.49 -51.75
CA GLY U 320 20.67 62.57 -50.82
C GLY U 320 21.67 63.59 -51.37
N MET U 321 22.03 63.43 -52.65
CA MET U 321 22.89 64.36 -53.36
C MET U 321 22.09 65.63 -53.70
N SER U 322 20.84 65.44 -54.15
CA SER U 322 19.90 66.53 -54.29
C SER U 322 19.36 66.91 -52.91
N MET U 323 18.90 68.15 -52.79
CA MET U 323 18.59 68.73 -51.48
C MET U 323 17.11 69.11 -51.42
N ALA U 324 16.50 68.85 -50.26
CA ALA U 324 15.12 69.23 -49.98
C ALA U 324 14.97 69.47 -48.48
N ASP U 325 14.20 70.50 -48.12
CA ASP U 325 13.77 70.69 -46.75
C ASP U 325 12.54 69.83 -46.52
N ARG U 326 12.76 68.64 -45.94
CA ARG U 326 11.72 67.66 -45.73
C ARG U 326 10.79 68.11 -44.59
N GLY U 327 11.26 69.09 -43.81
CA GLY U 327 10.50 69.62 -42.69
C GLY U 327 9.62 70.80 -43.09
N ALA U 328 9.64 71.14 -44.37
CA ALA U 328 8.85 72.24 -44.91
C ALA U 328 7.36 71.87 -44.91
N PRO U 329 6.45 72.86 -44.79
CA PRO U 329 5.01 72.59 -44.75
C PRO U 329 4.48 71.74 -45.90
N LEU U 330 5.22 71.74 -47.02
CA LEU U 330 4.84 70.97 -48.20
C LEU U 330 4.80 69.47 -47.86
N TRP U 331 5.74 69.03 -47.02
CA TRP U 331 5.90 67.62 -46.70
C TRP U 331 5.40 67.31 -45.30
N LYS U 332 4.50 68.15 -44.76
CA LYS U 332 4.11 68.06 -43.36
C LYS U 332 3.56 66.68 -43.05
N GLU U 333 2.66 66.20 -43.92
CA GLU U 333 1.95 64.94 -43.68
C GLU U 333 2.92 63.76 -43.71
N LYS U 334 3.94 63.86 -44.57
CA LYS U 334 4.91 62.78 -44.77
C LYS U 334 5.90 62.72 -43.60
N ARG U 335 6.28 63.90 -43.09
CA ARG U 335 7.15 64.02 -41.93
C ARG U 335 6.39 63.55 -40.69
N ASP U 336 5.11 63.91 -40.61
CA ASP U 336 4.25 63.52 -39.51
C ASP U 336 4.22 62.00 -39.39
N ARG U 337 4.21 61.31 -40.54
CA ARG U 337 4.17 59.86 -40.58
C ARG U 337 5.42 59.28 -39.95
N TRP U 338 6.57 59.94 -40.19
CA TRP U 338 7.83 59.51 -39.63
C TRP U 338 7.83 59.69 -38.11
N VAL U 339 7.22 60.80 -37.66
CA VAL U 339 7.10 61.10 -36.25
C VAL U 339 6.25 60.01 -35.59
N SER U 340 5.29 59.48 -36.35
CA SER U 340 4.40 58.42 -35.88
C SER U 340 5.17 57.14 -35.59
N ILE U 341 6.26 56.92 -36.34
CA ILE U 341 7.10 55.75 -36.18
C ILE U 341 8.00 55.92 -34.96
N CYS U 342 8.59 57.13 -34.83
CA CYS U 342 9.44 57.45 -33.70
C CYS U 342 8.63 57.53 -32.42
N ASP U 343 7.35 57.90 -32.56
CA ASP U 343 6.36 58.02 -31.49
C ASP U 343 6.38 56.80 -30.58
N ASP U 344 6.78 55.66 -31.14
CA ASP U 344 6.71 54.38 -30.46
C ASP U 344 7.56 54.41 -29.18
N CYS U 345 8.64 55.21 -29.19
CA CYS U 345 9.60 55.18 -28.10
C CYS U 345 10.08 56.58 -27.73
N HIS U 346 9.46 57.61 -28.34
CA HIS U 346 9.81 59.00 -28.07
C HIS U 346 8.56 59.86 -28.10
N SER U 347 8.64 61.03 -27.46
CA SER U 347 7.60 62.05 -27.59
C SER U 347 7.61 62.59 -29.01
N PRO U 348 6.44 62.91 -29.60
CA PRO U 348 6.37 63.51 -30.93
C PRO U 348 7.33 64.67 -31.09
N ARG U 349 7.41 65.52 -30.05
CA ARG U 349 8.21 66.72 -30.09
C ARG U 349 9.69 66.38 -30.27
N PHE U 350 10.18 65.43 -29.47
CA PHE U 350 11.58 65.05 -29.48
C PHE U 350 11.99 64.59 -30.88
N ALA U 351 11.13 63.76 -31.49
CA ALA U 351 11.39 63.17 -32.80
C ALA U 351 11.31 64.23 -33.90
N ARG U 352 10.23 65.03 -33.86
CA ARG U 352 9.96 66.10 -34.79
C ARG U 352 11.19 67.00 -34.90
N GLU U 353 11.72 67.41 -33.74
CA GLU U 353 12.77 68.41 -33.64
C GLU U 353 14.12 67.82 -34.03
N ASN U 354 14.29 66.52 -33.77
CA ASN U 354 15.53 65.83 -34.11
C ASN U 354 15.63 65.71 -35.63
N LEU U 355 14.50 65.46 -36.28
CA LEU U 355 14.47 65.32 -37.72
C LEU U 355 14.58 66.71 -38.38
N GLN U 356 14.15 67.74 -37.65
CA GLN U 356 14.30 69.12 -38.08
C GLN U 356 15.79 69.47 -38.14
N ALA U 357 16.55 68.99 -37.15
CA ALA U 357 17.98 69.18 -37.10
C ALA U 357 18.64 68.56 -38.35
N MET U 358 18.12 67.41 -38.78
CA MET U 358 18.60 66.75 -39.98
C MET U 358 18.41 67.67 -41.17
N ASP U 359 17.21 68.24 -41.29
CA ASP U 359 16.85 69.12 -42.39
C ASP U 359 17.84 70.28 -42.48
N GLU U 360 18.22 70.82 -41.32
CA GLU U 360 19.10 71.98 -41.23
C GLU U 360 20.51 71.59 -41.67
N SER U 361 20.94 70.38 -41.30
CA SER U 361 22.25 69.87 -41.67
C SER U 361 22.33 69.68 -43.18
N VAL U 362 21.22 69.24 -43.78
CA VAL U 362 21.12 68.96 -45.20
C VAL U 362 21.22 70.27 -45.99
N LYS U 363 20.55 71.31 -45.49
CA LYS U 363 20.51 72.61 -46.14
C LYS U 363 21.88 73.28 -46.05
N ASP U 364 22.53 73.16 -44.89
CA ASP U 364 23.83 73.77 -44.64
C ASP U 364 24.91 73.07 -45.46
N ALA U 365 24.69 71.79 -45.76
CA ALA U 365 25.62 71.00 -46.54
C ALA U 365 25.62 71.47 -47.99
N SER U 366 24.42 71.76 -48.52
CA SER U 366 24.27 72.19 -49.90
C SER U 366 24.77 73.62 -50.09
N LEU U 367 24.71 74.40 -49.00
CA LEU U 367 25.29 75.74 -48.97
C LEU U 367 26.78 75.64 -49.27
N LYS U 368 27.45 74.68 -48.64
CA LYS U 368 28.87 74.44 -48.83
C LYS U 368 29.15 73.99 -50.26
N TYR U 369 28.30 73.09 -50.78
CA TYR U 369 28.55 72.53 -52.10
C TYR U 369 28.34 73.58 -53.18
N ARG U 370 27.36 74.46 -52.97
CA ARG U 370 27.11 75.56 -53.89
C ARG U 370 28.38 76.40 -54.03
N GLU U 371 29.06 76.66 -52.91
CA GLU U 371 30.32 77.40 -52.91
C GLU U 371 31.39 76.59 -53.64
N THR U 372 31.39 75.27 -53.41
CA THR U 372 32.36 74.38 -54.00
C THR U 372 32.16 74.32 -55.51
N PHE U 373 30.89 74.24 -55.93
CA PHE U 373 30.53 74.11 -57.34
C PHE U 373 30.88 75.39 -58.09
N LYS U 374 30.63 76.54 -57.46
CA LYS U 374 30.88 77.84 -58.05
C LYS U 374 32.35 77.92 -58.50
N VAL U 375 33.26 77.46 -57.63
CA VAL U 375 34.68 77.50 -57.90
C VAL U 375 34.98 76.68 -59.15
N ALA U 376 34.31 75.52 -59.29
CA ALA U 376 34.54 74.60 -60.38
C ALA U 376 33.93 75.14 -61.67
N GLU U 377 32.75 75.75 -61.56
CA GLU U 377 32.00 76.28 -62.69
C GLU U 377 32.74 77.48 -63.27
N ASP U 378 33.35 78.29 -62.39
CA ASP U 378 34.08 79.49 -62.78
C ASP U 378 35.30 79.11 -63.62
N LEU U 379 35.95 77.99 -63.26
CA LEU U 379 37.11 77.52 -64.00
C LEU U 379 36.72 77.15 -65.42
N LEU U 380 35.50 76.62 -65.59
CA LEU U 380 35.02 76.20 -66.90
C LEU U 380 34.66 77.42 -67.74
N ILE U 381 33.92 78.35 -67.14
CA ILE U 381 33.44 79.55 -67.82
C ILE U 381 34.65 80.40 -68.24
N ASP U 382 35.65 80.51 -67.36
CA ASP U 382 36.85 81.27 -67.64
C ASP U 382 37.79 80.49 -68.56
N GLY U 383 37.45 79.22 -68.79
CA GLY U 383 38.17 78.37 -69.73
C GLY U 383 39.57 77.99 -69.27
N VAL U 384 39.83 78.12 -67.95
CA VAL U 384 41.16 77.90 -67.39
C VAL U 384 41.21 76.53 -66.69
N LEU U 385 40.09 75.79 -66.74
CA LEU U 385 40.01 74.44 -66.21
C LEU U 385 41.00 73.56 -66.97
N ASP U 386 41.72 72.70 -66.23
CA ASP U 386 42.90 72.02 -66.76
C ASP U 386 42.74 70.51 -66.68
N PRO U 387 42.23 69.90 -67.76
CA PRO U 387 41.86 70.58 -68.99
C PRO U 387 40.35 70.77 -69.13
N MET U 388 39.95 71.41 -70.23
CA MET U 388 38.55 71.59 -70.57
C MET U 388 37.98 70.28 -71.09
N PRO U 389 36.65 70.05 -70.96
CA PRO U 389 36.02 68.78 -71.35
C PRO U 389 36.37 68.27 -72.74
N LYS U 390 36.66 69.20 -73.65
CA LYS U 390 36.93 68.89 -75.05
C LYS U 390 38.27 68.16 -75.18
N ASP U 391 39.13 68.31 -74.16
CA ASP U 391 40.48 67.77 -74.20
C ASP U 391 40.58 66.49 -73.35
N LEU U 392 39.45 66.12 -72.72
CA LEU U 392 39.33 64.85 -72.01
C LEU U 392 38.90 63.78 -73.00
N CYS U 393 39.07 62.51 -72.60
CA CYS U 393 38.49 61.38 -73.32
C CYS U 393 36.99 61.59 -73.45
N PRO U 394 36.36 61.22 -74.58
CA PRO U 394 34.90 61.30 -74.72
C PRO U 394 34.21 60.44 -73.67
N ASP U 395 33.08 60.96 -73.16
CA ASP U 395 32.30 60.27 -72.13
C ASP U 395 31.65 59.02 -72.73
N TRP U 396 30.89 58.29 -71.89
CA TRP U 396 30.29 57.03 -72.27
C TRP U 396 29.44 57.18 -73.53
N SER U 397 28.89 58.39 -73.72
CA SER U 397 27.97 58.72 -74.79
C SER U 397 28.73 58.93 -76.10
N GLY U 398 30.02 59.24 -75.99
CA GLY U 398 30.86 59.59 -77.13
C GLY U 398 30.93 61.09 -77.34
N GLN U 399 30.61 61.84 -76.27
CA GLN U 399 30.53 63.29 -76.31
C GLN U 399 31.57 63.89 -75.37
N HIS U 400 31.74 65.22 -75.46
CA HIS U 400 32.67 65.94 -74.60
C HIS U 400 31.90 66.93 -73.73
N ILE U 401 30.80 66.45 -73.13
CA ILE U 401 29.99 67.27 -72.23
C ILE U 401 30.68 67.32 -70.87
N TRP U 402 30.56 68.48 -70.21
CA TRP U 402 31.12 68.70 -68.89
C TRP U 402 30.51 67.71 -67.89
N SER U 403 31.38 67.10 -67.08
CA SER U 403 31.01 66.09 -66.10
C SER U 403 29.90 66.59 -65.19
N LEU U 404 30.03 67.83 -64.71
CA LEU U 404 29.20 68.34 -63.63
C LEU U 404 27.95 69.03 -64.18
N LYS U 405 27.76 68.99 -65.50
CA LYS U 405 26.65 69.69 -66.14
C LYS U 405 25.33 69.00 -65.79
N ILE U 406 24.43 69.76 -65.16
CA ILE U 406 23.06 69.34 -64.92
C ILE U 406 22.17 70.06 -65.92
N GLY U 407 21.55 69.27 -66.81
CA GLY U 407 20.79 69.78 -67.94
C GLY U 407 19.65 70.72 -67.54
N ALA U 408 19.13 70.54 -66.32
CA ALA U 408 17.98 71.30 -65.86
C ALA U 408 18.40 72.70 -65.40
N TYR U 409 19.70 72.89 -65.14
CA TYR U 409 20.19 74.13 -64.57
C TYR U 409 21.20 74.81 -65.49
N HIS U 410 21.91 74.01 -66.29
CA HIS U 410 23.03 74.51 -67.07
C HIS U 410 22.72 74.42 -68.57
N ASP U 411 23.04 75.51 -69.28
CA ASP U 411 22.93 75.56 -70.73
C ASP U 411 23.94 76.57 -71.27
N GLY U 412 24.67 76.18 -72.32
CA GLY U 412 25.66 77.04 -72.91
C GLY U 412 26.70 76.26 -73.71
N GLU U 413 27.57 77.01 -74.42
CA GLU U 413 28.59 76.46 -75.29
C GLU U 413 29.66 75.77 -74.47
N ALA U 414 29.97 76.33 -73.29
CA ALA U 414 31.05 75.88 -72.44
C ALA U 414 30.73 74.51 -71.82
N TYR U 415 29.44 74.25 -71.62
CA TYR U 415 28.98 73.05 -70.95
C TYR U 415 28.94 71.87 -71.92
N GLY U 416 28.57 72.15 -73.17
CA GLY U 416 28.45 71.12 -74.20
C GLY U 416 27.08 70.43 -74.17
N GLY U 417 26.82 69.60 -75.19
CA GLY U 417 25.60 68.83 -75.28
C GLY U 417 24.40 69.69 -75.68
N THR U 418 23.28 69.03 -75.98
CA THR U 418 22.05 69.72 -76.36
C THR U 418 21.40 70.34 -75.14
N THR U 419 20.38 71.20 -75.37
CA THR U 419 19.66 71.87 -74.31
C THR U 419 18.91 70.84 -73.48
N GLY U 420 19.14 70.90 -72.15
CA GLY U 420 18.45 70.04 -71.21
C GLY U 420 19.20 68.74 -70.92
N GLU U 421 20.22 68.46 -71.74
CA GLU U 421 21.02 67.24 -71.62
C GLU U 421 22.09 67.45 -70.55
N SER U 422 22.23 66.46 -69.67
CA SER U 422 23.23 66.48 -68.61
C SER U 422 24.54 65.88 -69.09
N GLY U 423 25.60 66.08 -68.30
CA GLY U 423 26.87 65.41 -68.52
C GLY U 423 26.92 64.06 -67.80
N GLU U 424 27.98 63.29 -68.04
CA GLU U 424 28.17 62.04 -67.34
C GLU U 424 28.82 62.32 -65.98
N PHE U 425 27.98 62.40 -64.95
CA PHE U 425 28.42 62.63 -63.58
C PHE U 425 29.32 61.48 -63.14
N ARG U 426 30.58 61.80 -62.81
CA ARG U 426 31.58 60.76 -62.57
C ARG U 426 32.73 61.29 -61.71
N MET U 427 33.51 60.34 -61.18
CA MET U 427 34.70 60.58 -60.41
C MET U 427 35.92 60.16 -61.23
N SER U 428 35.66 59.64 -62.43
CA SER U 428 36.67 59.12 -63.33
C SER U 428 36.77 60.00 -64.57
N ASN U 429 37.92 59.93 -65.26
CA ASN U 429 38.15 60.60 -66.53
C ASN U 429 37.68 62.05 -66.45
N CYS U 430 38.34 62.81 -65.57
CA CYS U 430 38.01 64.21 -65.33
C CYS U 430 39.18 64.89 -64.63
N THR U 431 38.98 66.18 -64.29
CA THR U 431 39.95 66.95 -63.54
C THR U 431 39.81 66.62 -62.05
N ASP U 432 40.81 67.01 -61.26
CA ASP U 432 40.75 66.86 -59.81
C ASP U 432 39.57 67.66 -59.26
N VAL U 433 39.34 68.84 -59.83
CA VAL U 433 38.30 69.75 -59.37
C VAL U 433 36.93 69.11 -59.58
N GLU U 434 36.74 68.48 -60.75
CA GLU U 434 35.52 67.76 -61.06
C GLU U 434 35.35 66.60 -60.08
N ARG U 435 36.44 65.87 -59.85
CA ARG U 435 36.46 64.68 -59.02
C ARG U 435 36.08 65.03 -57.59
N LEU U 436 36.71 66.08 -57.05
CA LEU U 436 36.52 66.49 -55.67
C LEU U 436 35.10 66.98 -55.44
N CYS U 437 34.52 67.61 -56.47
CA CYS U 437 33.14 68.06 -56.43
C CYS U 437 32.22 66.85 -56.33
N PHE U 438 32.49 65.83 -57.15
CA PHE U 438 31.73 64.59 -57.14
C PHE U 438 31.80 63.97 -55.74
N GLU U 439 33.02 63.91 -55.18
CA GLU U 439 33.26 63.29 -53.89
C GLU U 439 32.52 64.06 -52.80
N SER U 440 32.47 65.39 -52.92
CA SER U 440 31.90 66.24 -51.88
C SER U 440 30.40 66.00 -51.75
N VAL U 441 29.71 65.91 -52.89
CA VAL U 441 28.26 65.81 -52.91
C VAL U 441 27.84 64.33 -52.93
N GLY U 442 28.66 63.50 -53.58
CA GLY U 442 28.32 62.12 -53.86
C GLY U 442 28.72 61.17 -52.72
N TYR U 443 29.69 61.59 -51.91
CA TYR U 443 30.13 60.82 -50.76
C TYR U 443 29.80 61.57 -49.47
N PHE U 444 30.52 62.67 -49.23
CA PHE U 444 30.52 63.34 -47.94
C PHE U 444 29.14 63.88 -47.57
N GLN U 445 28.43 64.42 -48.57
CA GLN U 445 27.12 65.03 -48.32
C GLN U 445 26.13 63.95 -47.89
N THR U 446 26.27 62.75 -48.47
CA THR U 446 25.37 61.64 -48.18
C THR U 446 25.57 61.17 -46.75
N TYR U 447 26.80 61.32 -46.23
CA TYR U 447 27.10 60.94 -44.87
C TYR U 447 26.38 61.87 -43.88
N ILE U 448 26.09 63.09 -44.33
CA ILE U 448 25.40 64.06 -43.49
C ILE U 448 23.92 63.71 -43.43
N TYR U 449 23.31 63.45 -44.59
CA TYR U 449 21.89 63.10 -44.66
C TYR U 449 21.64 61.79 -43.92
N LYS U 450 22.34 60.73 -44.32
CA LYS U 450 22.17 59.39 -43.77
C LYS U 450 22.59 59.39 -42.30
N GLY U 451 23.68 60.11 -42.00
CA GLY U 451 24.19 60.22 -40.64
C GLY U 451 23.14 60.80 -39.69
N MET U 452 22.57 61.94 -40.07
CA MET U 452 21.62 62.66 -39.23
C MET U 452 20.30 61.91 -39.15
N ALA U 453 19.97 61.17 -40.22
CA ALA U 453 18.72 60.43 -40.30
C ALA U 453 18.74 59.21 -39.37
N HIS U 454 19.93 58.69 -39.12
CA HIS U 454 20.06 57.43 -38.40
C HIS U 454 20.71 57.64 -37.03
N GLY U 455 21.08 58.89 -36.74
CA GLY U 455 21.52 59.28 -35.41
C GLY U 455 23.03 59.17 -35.21
N SER U 456 23.78 59.10 -36.32
CA SER U 456 25.23 59.10 -36.25
C SER U 456 25.76 60.53 -36.37
N TRP U 457 26.08 61.13 -35.22
CA TRP U 457 26.48 62.52 -35.13
C TRP U 457 27.85 62.74 -35.74
N ASN U 458 28.70 61.72 -35.68
CA ASN U 458 30.07 61.84 -36.14
C ASN U 458 30.11 61.70 -37.67
N ASP U 459 29.18 60.90 -38.21
CA ASP U 459 29.07 60.70 -39.65
C ASP U 459 28.65 62.00 -40.32
N ALA U 460 27.99 62.88 -39.56
CA ALA U 460 27.46 64.11 -40.10
C ALA U 460 28.46 65.25 -39.89
N THR U 461 29.52 64.98 -39.11
CA THR U 461 30.50 66.01 -38.78
C THR U 461 31.91 65.53 -39.09
N TYR U 462 32.59 64.96 -38.09
CA TYR U 462 34.02 64.69 -38.16
C TYR U 462 34.33 63.60 -39.18
N SER U 463 33.55 62.52 -39.18
CA SER U 463 33.84 61.34 -39.97
C SER U 463 33.41 61.54 -41.42
N ASP U 464 34.10 62.47 -42.11
CA ASP U 464 33.95 62.73 -43.53
C ASP U 464 32.57 63.30 -43.83
N GLY U 465 31.96 63.93 -42.82
CA GLY U 465 30.65 64.54 -42.98
C GLY U 465 30.78 66.01 -43.40
N SER U 466 30.27 66.90 -42.55
CA SER U 466 30.36 68.34 -42.75
C SER U 466 31.81 68.75 -42.95
N PHE U 467 32.70 68.18 -42.13
CA PHE U 467 34.11 68.56 -42.12
C PHE U 467 34.85 67.90 -43.28
N GLY U 468 34.25 66.84 -43.83
CA GLY U 468 34.74 66.24 -45.06
C GLY U 468 34.59 67.20 -46.23
N MET U 469 33.40 67.82 -46.32
CA MET U 469 33.07 68.78 -47.36
C MET U 469 33.95 70.02 -47.21
N ASP U 470 34.23 70.38 -45.95
CA ASP U 470 35.10 71.50 -45.61
C ASP U 470 36.48 71.27 -46.21
N ARG U 471 37.00 70.06 -46.00
CA ARG U 471 38.34 69.68 -46.42
C ARG U 471 38.43 69.70 -47.95
N TRP U 472 37.35 69.25 -48.60
CA TRP U 472 37.32 69.13 -50.05
C TRP U 472 37.14 70.50 -50.70
N LEU U 473 36.44 71.41 -49.99
CA LEU U 473 36.28 72.78 -50.45
C LEU U 473 37.64 73.46 -50.53
N VAL U 474 38.46 73.25 -49.49
CA VAL U 474 39.83 73.74 -49.43
C VAL U 474 40.62 73.17 -50.59
N ASN U 475 40.43 71.86 -50.85
CA ASN U 475 41.18 71.15 -51.87
C ASN U 475 40.82 71.67 -53.26
N VAL U 476 39.53 71.99 -53.45
CA VAL U 476 39.03 72.50 -54.72
C VAL U 476 39.60 73.90 -54.95
N LYS U 477 39.54 74.75 -53.91
CA LYS U 477 40.01 76.13 -54.00
C LYS U 477 41.48 76.15 -54.37
N GLN U 478 42.27 75.27 -53.74
CA GLN U 478 43.70 75.21 -53.96
C GLN U 478 43.99 74.82 -55.40
N ASN U 479 43.25 73.82 -55.90
CA ASN U 479 43.41 73.32 -57.26
C ASN U 479 43.00 74.39 -58.28
N ALA U 480 41.99 75.19 -57.91
CA ALA U 480 41.53 76.29 -58.74
C ALA U 480 42.60 77.37 -58.81
N SER U 481 43.16 77.70 -57.63
CA SER U 481 44.20 78.72 -57.50
C SER U 481 45.41 78.37 -58.37
N ARG U 482 45.86 77.12 -58.27
CA ARG U 482 47.05 76.65 -58.98
C ARG U 482 46.82 76.72 -60.48
N ALA U 483 45.65 76.30 -60.93
CA ALA U 483 45.30 76.25 -62.35
C ALA U 483 45.24 77.66 -62.93
N ARG U 484 44.75 78.61 -62.13
CA ARG U 484 44.60 80.00 -62.55
C ARG U 484 45.95 80.69 -62.58
N ARG U 485 46.85 80.30 -61.66
CA ARG U 485 48.17 80.89 -61.56
C ARG U 485 49.04 80.45 -62.74
N LEU U 486 48.85 79.21 -63.18
CA LEU U 486 49.58 78.65 -64.31
C LEU U 486 49.11 79.29 -65.61
N ALA U 487 47.79 79.47 -65.74
CA ALA U 487 47.17 80.04 -66.93
C ALA U 487 47.64 81.49 -67.11
N ALA U 488 47.76 82.22 -66.00
CA ALA U 488 48.18 83.61 -66.00
C ALA U 488 49.63 83.73 -66.43
N LEU U 489 50.47 82.82 -65.92
CA LEU U 489 51.90 82.79 -66.23
C LEU U 489 52.10 82.47 -67.71
N GLU U 490 51.30 81.53 -68.22
CA GLU U 490 51.45 81.04 -69.59
C GLU U 490 51.02 82.10 -70.58
N LYS U 491 50.01 82.90 -70.21
CA LYS U 491 49.54 84.00 -71.05
C LYS U 491 50.67 85.03 -71.20
N LYS U 492 51.27 85.42 -70.07
CA LYS U 492 52.24 86.50 -70.03
C LYS U 492 53.54 86.09 -70.73
N VAL U 493 53.90 84.81 -70.62
CA VAL U 493 55.13 84.30 -71.20
C VAL U 493 54.88 83.91 -72.66
N GLY U 494 53.60 83.74 -73.02
CA GLY U 494 53.21 83.46 -74.38
C GLY U 494 53.26 81.98 -74.73
N ILE U 495 53.02 81.13 -73.71
CA ILE U 495 52.82 79.70 -73.93
C ILE U 495 51.32 79.44 -74.03
N SER U 496 50.92 78.76 -75.10
CA SER U 496 49.60 78.19 -75.19
C SER U 496 49.69 76.72 -74.80
N TRP U 497 49.16 76.41 -73.60
CA TRP U 497 49.30 75.08 -73.02
C TRP U 497 48.53 74.04 -73.83
N GLN U 498 49.27 73.04 -74.30
CA GLN U 498 48.70 71.88 -74.98
C GLN U 498 48.37 70.82 -73.93
N PRO U 499 47.07 70.54 -73.66
CA PRO U 499 46.70 69.48 -72.72
C PRO U 499 47.36 68.16 -73.10
N GLU U 500 47.87 67.46 -72.08
CA GLU U 500 48.70 66.28 -72.26
C GLU U 500 47.88 65.15 -72.88
N GLN U 501 48.59 64.13 -73.40
CA GLN U 501 47.99 63.07 -74.18
C GLN U 501 47.18 62.13 -73.28
N PHE U 502 47.55 62.07 -71.99
CA PHE U 502 46.96 61.10 -71.07
C PHE U 502 45.53 61.51 -70.66
N TRP U 503 45.14 62.75 -70.95
CA TRP U 503 43.77 63.20 -70.72
C TRP U 503 42.85 62.60 -71.78
N LYS U 504 43.40 62.37 -72.98
CA LYS U 504 42.64 61.92 -74.13
C LYS U 504 42.64 60.40 -74.18
N THR U 505 43.83 59.80 -74.13
CA THR U 505 44.00 58.37 -74.35
C THR U 505 44.87 57.76 -73.25
N GLY U 506 44.81 56.42 -73.17
CA GLY U 506 45.47 55.63 -72.15
C GLY U 506 44.96 54.20 -72.19
N GLU U 507 45.70 53.28 -71.55
CA GLU U 507 45.43 51.86 -71.69
C GLU U 507 43.99 51.53 -71.31
N TRP U 508 43.51 52.13 -70.22
CA TRP U 508 42.16 51.91 -69.73
C TRP U 508 41.16 52.74 -70.55
N LEU U 509 41.47 54.02 -70.78
CA LEU U 509 40.59 54.94 -71.46
C LEU U 509 40.20 54.39 -72.83
N ASP U 510 41.16 53.75 -73.51
CA ASP U 510 40.98 53.28 -74.87
C ASP U 510 39.94 52.16 -74.92
N GLN U 511 39.66 51.55 -73.77
CA GLN U 511 38.78 50.38 -73.71
C GLN U 511 37.34 50.82 -73.46
N LEU U 512 37.12 52.13 -73.32
CA LEU U 512 35.81 52.66 -72.96
C LEU U 512 34.93 52.80 -74.20
N THR U 513 33.66 53.13 -73.96
CA THR U 513 32.65 53.26 -75.01
C THR U 513 32.88 54.55 -75.80
N GLY U 514 33.25 55.62 -75.09
CA GLY U 514 33.52 56.93 -75.68
C GLY U 514 34.37 56.83 -76.94
N PRO U 515 35.66 56.43 -76.83
CA PRO U 515 36.54 56.29 -77.99
C PRO U 515 36.00 55.40 -79.11
N TYR U 516 35.28 54.33 -78.73
CA TYR U 516 34.74 53.39 -79.69
C TYR U 516 33.69 54.06 -80.58
N ILE U 517 32.81 54.85 -79.95
CA ILE U 517 31.71 55.51 -80.65
C ILE U 517 32.28 56.57 -81.60
N VAL U 518 33.23 57.36 -81.10
CA VAL U 518 33.85 58.43 -81.87
C VAL U 518 34.52 57.85 -83.12
N LYS U 519 35.17 56.69 -82.96
CA LYS U 519 35.92 56.08 -84.05
C LYS U 519 34.99 55.38 -85.03
N ASN U 520 34.02 54.61 -84.53
CA ASN U 520 33.30 53.65 -85.34
C ASN U 520 31.95 54.17 -85.80
N HIS U 521 31.38 55.13 -85.05
CA HIS U 521 30.11 55.75 -85.41
C HIS U 521 30.24 57.27 -85.32
N PRO U 522 31.02 57.91 -86.22
CA PRO U 522 31.58 59.25 -85.99
C PRO U 522 30.57 60.34 -85.63
N GLY U 523 29.44 60.38 -86.33
CA GLY U 523 28.50 61.49 -86.22
C GLY U 523 27.54 61.35 -85.04
N LYS U 524 27.50 60.16 -84.43
CA LYS U 524 26.38 59.78 -83.57
C LYS U 524 26.82 59.60 -82.12
N THR U 525 25.81 59.51 -81.23
CA THR U 525 26.00 59.24 -79.81
C THR U 525 25.39 57.88 -79.48
N ILE U 526 25.57 57.45 -78.22
CA ILE U 526 25.08 56.15 -77.77
C ILE U 526 23.55 56.15 -77.80
N PHE U 527 22.95 57.33 -77.65
CA PHE U 527 21.50 57.47 -77.61
C PHE U 527 20.93 57.28 -79.02
N ASP U 528 21.73 57.67 -80.02
CA ASP U 528 21.39 57.43 -81.41
C ASP U 528 21.46 55.93 -81.70
N LEU U 529 22.50 55.28 -81.18
CA LEU U 529 22.80 53.89 -81.48
C LEU U 529 21.91 52.95 -80.68
N CYS U 530 21.30 53.48 -79.61
CA CYS U 530 20.36 52.72 -78.80
C CYS U 530 19.03 53.47 -78.74
N PRO U 531 18.21 53.41 -79.81
CA PRO U 531 17.02 54.25 -79.93
C PRO U 531 15.81 53.77 -79.15
N ASP U 532 15.88 52.54 -78.63
CA ASP U 532 14.77 51.90 -77.93
C ASP U 532 14.33 52.75 -76.75
N PRO U 533 13.04 52.69 -76.34
CA PRO U 533 12.57 53.43 -75.15
C PRO U 533 13.25 52.91 -73.88
N GLY U 534 13.62 53.84 -72.99
CA GLY U 534 14.25 53.52 -71.72
C GLY U 534 13.22 53.28 -70.62
N TRP U 535 13.71 53.12 -69.39
CA TRP U 535 12.87 52.83 -68.24
C TRP U 535 11.97 54.02 -67.93
N LEU U 536 12.53 55.23 -68.06
CA LEU U 536 11.83 56.46 -67.71
C LEU U 536 10.68 56.72 -68.68
N ASP U 537 10.76 56.11 -69.87
CA ASP U 537 9.78 56.31 -70.92
C ASP U 537 8.50 55.54 -70.60
N THR U 538 8.64 54.46 -69.83
CA THR U 538 7.55 53.52 -69.61
C THR U 538 7.10 53.54 -68.15
N HIS U 539 7.88 54.20 -67.29
CA HIS U 539 7.60 54.23 -65.86
C HIS U 539 7.50 55.67 -65.38
N HIS U 540 6.35 56.00 -64.76
CA HIS U 540 6.04 57.34 -64.31
C HIS U 540 5.71 57.34 -62.82
N ALA U 541 5.68 58.53 -62.21
CA ALA U 541 5.31 58.70 -60.82
C ALA U 541 3.84 58.33 -60.63
N PRO U 542 3.44 57.70 -59.50
CA PRO U 542 2.05 57.34 -59.25
C PRO U 542 1.13 58.55 -59.18
N ALA U 543 -0.15 58.33 -59.54
CA ALA U 543 -1.14 59.38 -59.66
C ALA U 543 -1.33 60.10 -58.32
N GLU U 544 -1.27 59.33 -57.23
CA GLU U 544 -1.53 59.83 -55.89
C GLU U 544 -0.43 60.79 -55.45
N GLU U 545 0.79 60.55 -55.95
CA GLU U 545 1.94 61.37 -55.59
C GLU U 545 1.81 62.76 -56.22
N VAL U 546 1.46 62.80 -57.50
CA VAL U 546 1.26 64.04 -58.23
C VAL U 546 0.09 64.80 -57.61
N GLU U 547 -0.95 64.04 -57.25
CA GLU U 547 -2.19 64.55 -56.70
C GLU U 547 -1.93 65.25 -55.36
N TYR U 548 -1.05 64.66 -54.55
CA TYR U 548 -0.71 65.17 -53.23
C TYR U 548 0.05 66.50 -53.37
N ILE U 549 1.05 66.50 -54.26
CA ILE U 549 1.95 67.64 -54.41
C ILE U 549 1.15 68.84 -54.93
N GLU U 550 0.30 68.61 -55.94
CA GLU U 550 -0.51 69.65 -56.54
C GLU U 550 -1.46 70.26 -55.52
N ARG U 551 -2.03 69.39 -54.66
CA ARG U 551 -2.97 69.82 -53.63
C ARG U 551 -2.27 70.71 -52.61
N LYS U 552 -1.03 70.32 -52.24
CA LYS U 552 -0.29 70.98 -51.18
C LYS U 552 0.27 72.32 -51.67
N LEU U 553 0.66 72.38 -52.95
CA LEU U 553 1.21 73.58 -53.54
C LEU U 553 0.12 74.65 -53.67
N LYS U 554 -1.11 74.19 -53.97
CA LYS U 554 -2.26 75.08 -54.07
C LYS U 554 -2.63 75.57 -52.68
N GLU U 555 -2.55 74.67 -51.70
CA GLU U 555 -2.94 74.91 -50.32
C GLU U 555 -2.04 75.97 -49.69
N LEU U 556 -0.77 76.00 -50.12
CA LEU U 556 0.23 76.87 -49.52
C LEU U 556 0.53 78.06 -50.43
N GLY U 557 0.16 77.93 -51.71
CA GLY U 557 0.37 78.98 -52.69
C GLY U 557 1.85 79.12 -53.08
N ILE U 558 2.43 78.02 -53.57
CA ILE U 558 3.79 78.00 -54.08
C ILE U 558 3.73 77.65 -55.57
N THR U 559 4.58 78.33 -56.36
CA THR U 559 4.64 78.14 -57.80
C THR U 559 5.19 76.75 -58.11
N ALA U 560 4.61 76.11 -59.13
CA ALA U 560 5.07 74.81 -59.62
C ALA U 560 6.35 75.00 -60.43
N GLY U 561 7.15 73.92 -60.52
CA GLY U 561 8.45 73.96 -61.18
C GLY U 561 8.36 73.69 -62.67
N SER U 562 9.53 73.61 -63.32
CA SER U 562 9.64 73.45 -64.76
C SER U 562 10.25 72.09 -65.11
N HIS U 563 10.33 71.80 -66.41
CA HIS U 563 10.90 70.55 -66.93
C HIS U 563 12.42 70.53 -66.73
N VAL V 33 -47.34 73.40 -26.02
CA VAL V 33 -48.34 72.29 -26.00
C VAL V 33 -49.66 72.81 -26.55
N GLU V 34 -50.17 72.13 -27.58
CA GLU V 34 -51.39 72.51 -28.28
C GLU V 34 -52.44 71.41 -28.14
N ILE V 35 -53.70 71.75 -28.43
CA ILE V 35 -54.72 70.74 -28.66
C ILE V 35 -54.63 70.33 -30.12
N ILE V 36 -53.89 69.24 -30.39
CA ILE V 36 -53.52 68.84 -31.73
C ILE V 36 -54.75 68.30 -32.46
N THR V 37 -55.05 68.90 -33.62
CA THR V 37 -56.25 68.61 -34.38
C THR V 37 -55.87 68.06 -35.75
N HIS V 38 -54.63 67.54 -35.88
CA HIS V 38 -54.11 67.10 -37.16
C HIS V 38 -53.57 65.66 -37.06
N TRP V 39 -53.07 65.16 -38.20
CA TRP V 39 -52.38 63.89 -38.35
C TRP V 39 -53.33 62.70 -38.22
N VAL V 40 -54.00 62.60 -37.06
CA VAL V 40 -54.99 61.56 -36.79
C VAL V 40 -56.09 61.68 -37.84
N PRO V 41 -56.49 60.56 -38.51
CA PRO V 41 -57.51 60.62 -39.57
C PRO V 41 -58.80 61.33 -39.13
N HIS V 42 -59.36 62.14 -40.05
CA HIS V 42 -60.49 63.00 -39.76
C HIS V 42 -61.73 62.17 -39.47
N GLU V 43 -61.82 61.00 -40.10
CA GLU V 43 -62.99 60.13 -40.03
C GLU V 43 -63.34 59.85 -38.56
N VAL V 44 -62.36 60.05 -37.67
CA VAL V 44 -62.50 59.67 -36.28
C VAL V 44 -62.59 60.91 -35.39
N TYR V 45 -62.65 62.10 -36.01
CA TYR V 45 -62.87 63.33 -35.27
C TYR V 45 -64.35 63.47 -34.93
N GLY V 46 -64.64 63.66 -33.64
CA GLY V 46 -65.99 63.90 -33.18
C GLY V 46 -66.41 65.36 -33.44
N MET V 47 -67.62 65.53 -33.97
CA MET V 47 -68.17 66.85 -34.25
C MET V 47 -69.27 67.18 -33.24
N PRO V 48 -69.57 68.48 -33.02
CA PRO V 48 -70.51 68.88 -31.96
C PRO V 48 -71.83 68.12 -31.99
N GLY V 49 -72.24 67.63 -30.80
CA GLY V 49 -73.53 66.98 -30.64
C GLY V 49 -73.46 65.46 -30.71
N GLU V 50 -72.33 64.93 -31.22
CA GLU V 50 -72.13 63.49 -31.37
C GLU V 50 -71.93 62.85 -30.00
N PRO V 51 -72.27 61.55 -29.84
CA PRO V 51 -72.12 60.85 -28.56
C PRO V 51 -70.65 60.70 -28.15
N ASP V 52 -70.39 60.83 -26.85
CA ASP V 52 -69.04 60.74 -26.32
C ASP V 52 -68.57 59.29 -26.31
N ASN V 53 -69.52 58.36 -26.36
CA ASN V 53 -69.23 56.94 -26.27
C ASN V 53 -69.14 56.31 -27.67
N SER V 54 -69.01 57.16 -28.69
CA SER V 54 -68.90 56.70 -30.07
C SER V 54 -67.49 56.17 -30.31
N GLY V 55 -66.53 56.72 -29.58
CA GLY V 55 -65.13 56.34 -29.72
C GLY V 55 -64.36 57.34 -30.56
N LYS V 56 -65.01 58.45 -30.90
CA LYS V 56 -64.40 59.49 -31.72
C LYS V 56 -63.64 60.45 -30.81
N VAL V 57 -62.62 61.10 -31.39
CA VAL V 57 -61.78 62.01 -30.64
C VAL V 57 -62.46 63.38 -30.58
N PHE V 58 -62.72 63.86 -29.36
CA PHE V 58 -63.24 65.19 -29.13
C PHE V 58 -62.11 66.06 -28.59
N PHE V 59 -61.72 67.07 -29.38
CA PHE V 59 -60.59 67.92 -29.05
C PHE V 59 -60.83 68.64 -27.73
N SER V 60 -59.90 68.45 -26.79
CA SER V 60 -59.97 68.99 -25.45
C SER V 60 -61.20 68.47 -24.70
N GLY V 61 -61.87 67.49 -25.31
CA GLY V 61 -63.04 66.84 -24.74
C GLY V 61 -64.30 67.70 -24.87
N LEU V 62 -64.28 68.64 -25.82
CA LEU V 62 -65.35 69.61 -25.97
C LEU V 62 -66.39 69.10 -26.97
N LYS V 63 -67.61 69.63 -26.83
CA LYS V 63 -68.65 69.60 -27.86
C LYS V 63 -69.32 68.22 -27.96
N ALA V 64 -68.91 67.28 -27.08
CA ALA V 64 -69.48 65.94 -27.10
C ALA V 64 -70.78 65.91 -26.32
N LYS V 65 -71.69 65.01 -26.71
CA LYS V 65 -72.93 64.74 -26.01
C LYS V 65 -72.70 63.62 -25.00
N TYR V 66 -72.87 63.95 -23.72
CA TYR V 66 -72.62 63.03 -22.63
C TYR V 66 -73.70 61.95 -22.59
N MET V 67 -73.28 60.69 -22.71
CA MET V 67 -74.19 59.56 -22.81
C MET V 67 -74.32 58.86 -21.45
N GLY V 68 -73.32 59.06 -20.58
CA GLY V 68 -73.33 58.47 -19.25
C GLY V 68 -72.87 57.02 -19.27
N TYR V 69 -72.82 56.41 -18.07
CA TYR V 69 -72.31 55.06 -17.88
C TYR V 69 -73.24 54.03 -18.50
N PRO V 70 -72.72 52.86 -18.95
CA PRO V 70 -73.57 51.83 -19.55
C PRO V 70 -74.42 51.15 -18.48
N LYS V 71 -75.73 51.43 -18.53
CA LYS V 71 -76.67 50.94 -17.53
C LYS V 71 -77.29 49.63 -18.01
N ASP V 72 -76.92 49.21 -19.22
CA ASP V 72 -77.37 47.94 -19.77
C ASP V 72 -76.34 46.86 -19.49
N ALA V 73 -75.14 47.28 -19.07
CA ALA V 73 -74.02 46.38 -18.84
C ALA V 73 -74.29 45.53 -17.60
N GLN V 74 -74.12 44.20 -17.76
CA GLN V 74 -74.34 43.24 -16.70
C GLN V 74 -73.37 43.53 -15.56
N ARG V 75 -73.93 43.76 -14.37
CA ARG V 75 -73.16 44.17 -13.19
C ARG V 75 -73.98 43.92 -11.93
N SER V 76 -73.43 44.34 -10.79
CA SER V 76 -74.13 44.23 -9.52
C SER V 76 -74.48 45.61 -8.99
N PRO V 77 -75.63 45.77 -8.29
CA PRO V 77 -75.86 46.95 -7.46
C PRO V 77 -74.88 46.93 -6.28
N TYR V 78 -74.56 48.11 -5.78
CA TYR V 78 -73.74 48.25 -4.59
C TYR V 78 -74.57 47.84 -3.38
N PRO V 79 -73.96 47.31 -2.30
CA PRO V 79 -74.70 47.03 -1.07
C PRO V 79 -74.90 48.30 -0.25
N GLY V 80 -75.71 48.19 0.81
CA GLY V 80 -75.79 49.23 1.82
C GLY V 80 -77.01 50.14 1.68
N LYS V 81 -77.03 51.16 2.55
CA LYS V 81 -78.15 52.06 2.78
C LYS V 81 -78.56 52.76 1.48
N TYR V 82 -77.57 53.15 0.67
CA TYR V 82 -77.80 54.03 -0.46
C TYR V 82 -77.73 53.25 -1.77
N SER V 83 -78.12 51.97 -1.70
CA SER V 83 -78.03 51.06 -2.84
C SER V 83 -78.73 51.64 -4.07
N LYS V 84 -79.87 52.30 -3.85
CA LYS V 84 -80.74 52.75 -4.92
C LYS V 84 -80.09 53.85 -5.76
N PHE V 85 -79.22 54.65 -5.13
CA PHE V 85 -78.61 55.80 -5.78
C PHE V 85 -77.17 55.51 -6.17
N TRP V 86 -76.68 54.32 -5.81
CA TRP V 86 -75.33 53.89 -6.09
C TRP V 86 -75.20 53.39 -7.53
N LYS V 87 -74.66 54.24 -8.42
CA LYS V 87 -74.42 53.86 -9.80
C LYS V 87 -73.12 53.05 -9.85
N THR V 88 -73.18 51.89 -10.54
CA THR V 88 -72.09 50.93 -10.51
C THR V 88 -71.58 50.63 -11.92
N LEU V 89 -70.33 50.16 -11.99
CA LEU V 89 -69.71 49.68 -13.21
C LEU V 89 -69.50 48.17 -13.09
N PRO V 90 -69.39 47.43 -14.22
CA PRO V 90 -69.14 46.00 -14.17
C PRO V 90 -67.94 45.62 -13.30
N ALA V 91 -66.89 46.45 -13.35
CA ALA V 91 -65.61 46.16 -12.70
C ALA V 91 -65.77 46.02 -11.20
N TYR V 92 -66.82 46.63 -10.64
CA TYR V 92 -67.00 46.70 -9.19
C TYR V 92 -67.27 45.33 -8.59
N ARG V 93 -67.65 44.36 -9.45
CA ARG V 93 -68.08 43.03 -9.02
C ARG V 93 -67.02 42.38 -8.14
N TYR V 94 -65.75 42.71 -8.38
CA TYR V 94 -64.64 42.04 -7.73
C TYR V 94 -64.39 42.61 -6.34
N TYR V 95 -64.90 43.82 -6.07
CA TYR V 95 -64.39 44.63 -4.98
C TYR V 95 -65.14 44.40 -3.67
N ILE V 96 -66.45 44.09 -3.76
CA ILE V 96 -67.20 43.56 -2.63
C ILE V 96 -67.83 42.24 -3.07
N PRO V 97 -67.01 41.16 -3.20
CA PRO V 97 -67.38 39.99 -4.01
C PRO V 97 -68.53 39.12 -3.49
N ASP V 98 -68.71 39.10 -2.17
CA ASP V 98 -69.75 38.29 -1.55
C ASP V 98 -71.11 38.70 -2.09
N TYR V 99 -71.35 40.01 -2.14
CA TYR V 99 -72.62 40.56 -2.59
C TYR V 99 -72.61 40.78 -4.10
N MET V 100 -71.45 41.18 -4.64
CA MET V 100 -71.40 41.74 -5.99
C MET V 100 -70.91 40.72 -7.01
N TYR V 101 -70.50 39.52 -6.57
CA TYR V 101 -70.03 38.51 -7.49
C TYR V 101 -70.67 37.16 -7.21
N ASN V 102 -70.79 36.82 -5.91
CA ASN V 102 -70.98 35.43 -5.50
C ASN V 102 -72.45 35.02 -5.53
N ARG V 103 -73.36 36.00 -5.58
CA ARG V 103 -74.78 35.71 -5.69
C ARG V 103 -75.09 35.25 -7.11
N ASP V 104 -75.98 34.25 -7.23
CA ASP V 104 -76.33 33.64 -8.49
C ASP V 104 -76.92 34.67 -9.45
N GLU V 105 -77.60 35.67 -8.89
CA GLU V 105 -78.33 36.68 -9.64
C GLU V 105 -77.36 37.61 -10.36
N VAL V 106 -76.09 37.61 -9.92
CA VAL V 106 -75.16 38.67 -10.28
C VAL V 106 -73.94 38.09 -11.00
N ARG V 107 -73.52 36.87 -10.59
CA ARG V 107 -72.33 36.22 -11.11
C ARG V 107 -72.25 36.40 -12.63
N PRO V 108 -71.10 36.90 -13.16
CA PRO V 108 -70.97 37.14 -14.59
C PRO V 108 -70.83 35.85 -15.37
N SER V 109 -71.12 35.92 -16.67
CA SER V 109 -71.02 34.77 -17.56
C SER V 109 -69.55 34.41 -17.77
N ASN V 110 -69.30 33.15 -18.14
CA ASN V 110 -67.95 32.67 -18.38
C ASN V 110 -67.96 31.74 -19.59
N PRO V 111 -67.08 31.95 -20.60
CA PRO V 111 -67.09 31.13 -21.81
C PRO V 111 -66.63 29.69 -21.65
N ILE V 112 -66.03 29.37 -20.49
CA ILE V 112 -65.50 28.04 -20.25
C ILE V 112 -66.46 27.28 -19.33
N LYS V 113 -66.87 26.09 -19.78
CA LYS V 113 -67.86 25.28 -19.09
C LYS V 113 -67.22 24.00 -18.56
N GLY V 114 -67.81 23.48 -17.47
CA GLY V 114 -67.37 22.23 -16.86
C GLY V 114 -66.95 22.42 -15.41
N THR V 115 -66.95 21.31 -14.66
CA THR V 115 -66.37 21.30 -13.32
C THR V 115 -65.06 20.52 -13.40
N PHE V 116 -64.02 21.04 -12.73
CA PHE V 116 -62.66 20.57 -12.95
C PHE V 116 -61.96 20.20 -11.64
N LYS V 117 -60.97 19.32 -11.75
CA LYS V 117 -60.03 19.02 -10.67
C LYS V 117 -58.97 20.12 -10.64
N LEU V 118 -58.20 20.18 -9.54
CA LEU V 118 -57.19 21.20 -9.34
C LEU V 118 -56.14 21.14 -10.44
N GLU V 119 -55.73 19.91 -10.81
CA GLU V 119 -54.74 19.68 -11.86
C GLU V 119 -55.13 20.44 -13.11
N GLN V 120 -56.44 20.47 -13.39
CA GLN V 120 -56.97 21.02 -14.62
C GLN V 120 -56.95 22.54 -14.58
N CYS V 121 -57.26 23.12 -13.41
CA CYS V 121 -57.17 24.55 -13.21
C CYS V 121 -55.76 25.01 -13.57
N VAL V 122 -54.77 24.34 -12.98
CA VAL V 122 -53.37 24.73 -13.07
C VAL V 122 -52.90 24.61 -14.52
N ALA V 123 -53.18 23.47 -15.14
CA ALA V 123 -52.66 23.16 -16.47
C ALA V 123 -53.18 24.17 -17.49
N CYS V 124 -54.47 24.49 -17.40
CA CYS V 124 -55.14 25.35 -18.36
C CYS V 124 -54.70 26.79 -18.16
N HIS V 125 -54.70 27.23 -16.90
CA HIS V 125 -54.39 28.61 -16.57
C HIS V 125 -52.90 28.89 -16.69
N SER V 126 -52.08 27.83 -16.68
CA SER V 126 -50.63 28.01 -16.76
C SER V 126 -50.27 28.65 -18.10
N VAL V 127 -51.19 28.55 -19.05
CA VAL V 127 -51.00 29.10 -20.39
C VAL V 127 -51.96 30.28 -20.60
N MET V 128 -53.19 30.14 -20.09
CA MET V 128 -54.23 31.14 -20.29
C MET V 128 -53.93 32.40 -19.47
N THR V 129 -53.58 32.21 -18.19
CA THR V 129 -53.19 33.31 -17.33
C THR V 129 -51.88 32.96 -16.63
N PRO V 130 -50.74 32.92 -17.36
CA PRO V 130 -49.50 32.34 -16.84
C PRO V 130 -49.06 32.85 -15.47
N GLY V 131 -49.13 34.17 -15.28
CA GLY V 131 -48.63 34.83 -14.08
C GLY V 131 -49.32 34.35 -12.81
N ILE V 132 -50.61 34.02 -12.92
CA ILE V 132 -51.40 33.59 -11.77
C ILE V 132 -50.88 32.23 -11.30
N VAL V 133 -50.57 31.34 -12.25
CA VAL V 133 -50.10 30.01 -11.92
C VAL V 133 -48.66 30.09 -11.39
N ARG V 134 -47.83 30.94 -12.00
CA ARG V 134 -46.48 31.17 -11.52
C ARG V 134 -46.50 31.60 -10.06
N ASP V 135 -47.42 32.51 -9.73
CA ASP V 135 -47.57 33.02 -8.38
C ASP V 135 -48.06 31.90 -7.45
N TYR V 136 -49.07 31.14 -7.91
CA TYR V 136 -49.70 30.11 -7.12
C TYR V 136 -48.66 29.05 -6.74
N ASN V 137 -47.82 28.67 -7.71
CA ASN V 137 -46.84 27.61 -7.53
C ASN V 137 -45.77 28.02 -6.52
N LYS V 138 -45.53 29.33 -6.40
CA LYS V 138 -44.57 29.84 -5.44
C LYS V 138 -45.19 29.87 -4.05
N SER V 139 -46.53 29.95 -3.99
CA SER V 139 -47.24 30.14 -2.73
C SER V 139 -47.17 28.89 -1.86
N ALA V 140 -47.32 29.10 -0.55
CA ALA V 140 -47.36 28.01 0.42
C ALA V 140 -48.63 27.19 0.25
N HIS V 141 -49.68 27.81 -0.29
CA HIS V 141 -50.97 27.19 -0.51
C HIS V 141 -50.83 25.95 -1.39
N SER V 142 -49.95 26.02 -2.40
CA SER V 142 -49.80 24.95 -3.37
C SER V 142 -49.06 23.75 -2.77
N LYS V 143 -48.22 24.03 -1.76
CA LYS V 143 -47.32 23.03 -1.19
C LYS V 143 -47.96 22.38 0.04
N ALA V 144 -49.11 22.91 0.48
CA ALA V 144 -49.74 22.50 1.73
C ALA V 144 -50.15 21.03 1.68
N GLU V 145 -50.03 20.36 2.84
CA GLU V 145 -50.39 18.96 2.99
C GLU V 145 -51.30 18.82 4.21
N PRO V 146 -52.17 17.79 4.22
CA PRO V 146 -52.21 16.72 3.23
C PRO V 146 -52.82 17.12 1.88
N ALA V 147 -53.63 18.18 1.88
CA ALA V 147 -54.26 18.69 0.67
C ALA V 147 -53.90 20.15 0.47
N PRO V 148 -53.54 20.58 -0.76
CA PRO V 148 -53.21 21.98 -1.03
C PRO V 148 -54.45 22.87 -1.06
N THR V 149 -54.26 24.14 -0.66
CA THR V 149 -55.27 25.17 -0.85
C THR V 149 -55.19 25.65 -2.30
N GLY V 150 -55.96 24.98 -3.17
CA GLY V 150 -55.83 25.18 -4.61
C GLY V 150 -56.84 26.18 -5.15
N CYS V 151 -56.75 26.45 -6.45
CA CYS V 151 -57.63 27.38 -7.15
C CYS V 151 -59.08 27.07 -6.80
N ASP V 152 -59.41 25.77 -6.78
CA ASP V 152 -60.76 25.29 -6.55
C ASP V 152 -61.19 25.57 -5.12
N THR V 153 -60.24 25.57 -4.18
CA THR V 153 -60.51 25.81 -2.78
C THR V 153 -61.00 27.24 -2.58
N CYS V 154 -60.46 28.16 -3.40
CA CYS V 154 -60.75 29.59 -3.24
C CYS V 154 -61.80 30.06 -4.23
N HIS V 155 -61.96 29.33 -5.35
CA HIS V 155 -62.78 29.82 -6.45
C HIS V 155 -63.96 28.89 -6.78
N GLY V 156 -63.85 27.61 -6.42
CA GLY V 156 -64.88 26.64 -6.73
C GLY V 156 -64.47 25.72 -7.87
N ASN V 157 -65.23 24.64 -8.07
CA ASN V 157 -64.91 23.60 -9.03
C ASN V 157 -65.65 23.83 -10.34
N ASN V 158 -66.88 24.35 -10.23
CA ASN V 158 -67.74 24.58 -11.38
C ASN V 158 -67.38 25.90 -12.03
N HIS V 159 -66.94 25.84 -13.29
CA HIS V 159 -66.45 27.02 -13.99
C HIS V 159 -67.60 27.96 -14.35
N GLN V 160 -68.83 27.44 -14.29
CA GLN V 160 -70.01 28.23 -14.54
C GLN V 160 -70.52 28.84 -13.23
N LYS V 161 -69.96 28.35 -12.11
CA LYS V 161 -70.37 28.83 -10.80
C LYS V 161 -69.14 29.22 -9.99
N LEU V 162 -68.22 29.95 -10.62
CA LEU V 162 -67.00 30.44 -9.98
C LEU V 162 -67.36 31.53 -8.97
N THR V 163 -66.55 31.65 -7.92
CA THR V 163 -66.73 32.68 -6.91
C THR V 163 -65.40 33.38 -6.64
N MET V 164 -65.47 34.63 -6.18
CA MET V 164 -64.31 35.39 -5.78
C MET V 164 -64.23 35.38 -4.25
N PRO V 165 -63.11 34.89 -3.65
CA PRO V 165 -63.02 34.74 -2.20
C PRO V 165 -62.78 36.07 -1.48
N SER V 166 -63.71 36.43 -0.59
CA SER V 166 -63.60 37.62 0.22
C SER V 166 -62.77 37.33 1.47
N SER V 167 -62.67 38.33 2.36
CA SER V 167 -61.98 38.17 3.63
C SER V 167 -62.67 37.12 4.49
N LYS V 168 -63.98 36.92 4.27
CA LYS V 168 -64.76 35.94 5.00
C LYS V 168 -64.31 34.53 4.61
N ALA V 169 -63.94 34.36 3.34
CA ALA V 169 -63.51 33.07 2.82
C ALA V 169 -62.17 32.68 3.43
N CYS V 170 -61.26 33.66 3.53
CA CYS V 170 -59.93 33.45 4.09
C CYS V 170 -60.04 33.22 5.60
N GLY V 171 -61.03 33.90 6.23
CA GLY V 171 -61.09 34.01 7.67
C GLY V 171 -61.96 32.91 8.31
N THR V 172 -62.21 31.84 7.56
CA THR V 172 -62.93 30.69 8.09
C THR V 172 -62.12 30.06 9.22
N ALA V 173 -62.82 29.43 10.17
CA ALA V 173 -62.23 28.88 11.38
C ALA V 173 -61.14 27.88 11.04
N GLU V 174 -61.33 27.16 9.93
CA GLU V 174 -60.45 26.09 9.50
C GLU V 174 -59.16 26.67 8.91
N CYS V 175 -59.18 27.97 8.56
CA CYS V 175 -58.10 28.59 7.82
C CYS V 175 -57.47 29.73 8.62
N HIS V 176 -57.83 30.98 8.31
CA HIS V 176 -57.16 32.13 8.88
C HIS V 176 -58.13 33.00 9.68
N GLU V 177 -58.85 32.37 10.62
CA GLU V 177 -59.80 33.07 11.45
C GLU V 177 -59.09 34.09 12.32
N THR V 178 -57.85 33.79 12.70
CA THR V 178 -57.07 34.63 13.60
C THR V 178 -56.90 36.02 13.02
N GLN V 179 -56.43 36.08 11.76
CA GLN V 179 -56.12 37.33 11.09
C GLN V 179 -57.40 38.11 10.80
N TYR V 180 -58.46 37.38 10.44
CA TYR V 180 -59.75 37.99 10.13
C TYR V 180 -60.28 38.70 11.37
N ASN V 181 -60.24 38.00 12.52
CA ASN V 181 -60.78 38.51 13.77
C ASN V 181 -59.93 39.69 14.24
N GLU V 182 -58.62 39.60 14.07
CA GLU V 182 -57.69 40.65 14.44
C GLU V 182 -58.04 41.93 13.71
N GLN V 183 -58.13 41.84 12.38
CA GLN V 183 -58.47 42.98 11.54
C GLN V 183 -59.83 43.55 11.94
N GLY V 184 -60.77 42.65 12.23
CA GLY V 184 -62.15 43.00 12.54
C GLY V 184 -62.30 43.73 13.87
N GLN V 185 -61.24 43.75 14.68
CA GLN V 185 -61.24 44.44 15.97
C GLN V 185 -61.20 45.95 15.77
N GLY V 186 -60.85 46.37 14.55
CA GLY V 186 -60.72 47.78 14.21
C GLY V 186 -62.05 48.53 14.31
N GLY V 187 -61.96 49.81 14.71
CA GLY V 187 -63.14 50.65 14.85
C GLY V 187 -63.47 51.39 13.57
N ILE V 188 -64.04 52.59 13.71
CA ILE V 188 -64.30 53.46 12.58
C ILE V 188 -62.96 53.94 12.03
N GLY V 189 -62.84 53.99 10.71
CA GLY V 189 -61.64 54.47 10.05
C GLY V 189 -60.50 53.47 10.08
N SER V 190 -60.83 52.18 10.25
CA SER V 190 -59.86 51.10 10.26
C SER V 190 -60.03 50.24 9.01
N HIS V 191 -59.28 49.14 8.95
CA HIS V 191 -59.36 48.22 7.84
C HIS V 191 -60.63 47.36 7.96
N ALA V 192 -61.34 47.51 9.08
CA ALA V 192 -62.51 46.70 9.38
C ALA V 192 -63.78 47.36 8.80
N SER V 193 -63.69 48.66 8.51
CA SER V 193 -64.88 49.45 8.23
C SER V 193 -64.69 50.34 7.00
N CYS V 194 -63.52 50.22 6.35
CA CYS V 194 -63.15 51.14 5.28
C CYS V 194 -64.00 50.93 4.03
N SER V 195 -64.61 49.74 3.91
CA SER V 195 -65.53 49.47 2.84
C SER V 195 -66.96 49.73 3.30
N SER V 196 -67.36 49.05 4.37
CA SER V 196 -68.75 48.99 4.83
C SER V 196 -69.28 50.37 5.21
N PHE V 197 -68.42 51.20 5.82
CA PHE V 197 -68.83 52.55 6.21
C PHE V 197 -68.35 53.57 5.18
N ALA V 198 -67.03 53.75 5.11
CA ALA V 198 -66.41 54.87 4.43
C ALA V 198 -66.79 54.91 2.96
N GLN V 199 -66.88 53.74 2.33
CA GLN V 199 -67.02 53.66 0.89
C GLN V 199 -68.49 53.43 0.51
N VAL V 200 -69.16 52.53 1.22
CA VAL V 200 -70.53 52.14 0.91
C VAL V 200 -71.46 53.33 1.16
N GLU V 201 -71.07 54.19 2.11
CA GLU V 201 -71.87 55.37 2.45
C GLU V 201 -71.07 56.64 2.11
N CYS V 202 -70.28 56.56 1.04
CA CYS V 202 -69.45 57.67 0.60
C CYS V 202 -70.31 58.68 -0.17
N ALA V 203 -70.48 59.87 0.42
CA ALA V 203 -71.34 60.91 -0.12
C ALA V 203 -71.02 61.19 -1.59
N TRP V 204 -69.75 61.50 -1.87
CA TRP V 204 -69.34 61.98 -3.19
C TRP V 204 -69.52 60.89 -4.24
N SER V 205 -69.22 59.65 -3.87
CA SER V 205 -69.31 58.53 -4.80
C SER V 205 -70.76 58.33 -5.25
N ILE V 206 -71.69 58.44 -4.29
CA ILE V 206 -73.11 58.29 -4.54
C ILE V 206 -73.59 59.46 -5.41
N GLU V 207 -73.14 60.67 -5.07
CA GLU V 207 -73.59 61.91 -5.68
C GLU V 207 -73.26 61.94 -7.18
N ARG V 208 -72.07 61.46 -7.53
CA ARG V 208 -71.50 61.70 -8.86
C ARG V 208 -71.81 60.53 -9.79
N PRO V 209 -71.58 60.68 -11.12
CA PRO V 209 -71.52 59.54 -12.03
C PRO V 209 -70.43 58.57 -11.58
N PRO V 210 -70.54 57.26 -11.89
CA PRO V 210 -69.48 56.31 -11.57
C PRO V 210 -68.35 56.50 -12.58
N GLY V 211 -67.12 56.44 -12.09
CA GLY V 211 -65.97 56.76 -12.93
C GLY V 211 -65.32 58.05 -12.49
N ASP V 212 -66.17 59.03 -12.14
CA ASP V 212 -65.74 60.23 -11.45
C ASP V 212 -64.98 59.81 -10.19
N THR V 213 -65.50 58.79 -9.50
CA THR V 213 -64.96 58.33 -8.24
C THR V 213 -64.72 56.82 -8.27
N ALA V 214 -64.39 56.29 -9.46
CA ALA V 214 -64.18 54.87 -9.64
C ALA V 214 -63.01 54.39 -8.76
N GLY V 215 -61.97 55.21 -8.70
CA GLY V 215 -60.76 54.89 -7.94
C GLY V 215 -61.05 54.67 -6.47
N CYS V 216 -62.14 55.28 -5.97
CA CYS V 216 -62.50 55.20 -4.56
C CYS V 216 -62.99 53.79 -4.23
N THR V 217 -63.71 53.16 -5.17
CA THR V 217 -64.18 51.81 -5.01
C THR V 217 -62.99 50.85 -4.98
N PHE V 218 -62.03 51.08 -5.88
CA PHE V 218 -60.88 50.21 -6.07
C PHE V 218 -59.93 50.29 -4.89
N CYS V 219 -59.92 51.43 -4.20
CA CYS V 219 -58.98 51.65 -3.11
C CYS V 219 -59.58 51.24 -1.76
N HIS V 220 -60.83 51.64 -1.52
CA HIS V 220 -61.41 51.59 -0.18
C HIS V 220 -61.84 50.18 0.21
N THR V 221 -62.34 49.42 -0.77
CA THR V 221 -62.98 48.15 -0.50
C THR V 221 -61.95 47.10 -0.09
N SER V 222 -60.76 47.21 -0.69
CA SER V 222 -59.71 46.19 -0.64
C SER V 222 -59.39 45.72 0.78
N PRO V 223 -58.96 46.60 1.72
CA PRO V 223 -58.48 46.13 3.02
C PRO V 223 -59.50 45.28 3.78
N GLU V 224 -60.78 45.67 3.66
CA GLU V 224 -61.85 45.03 4.41
C GLU V 224 -62.33 43.77 3.70
N GLU V 225 -62.35 43.80 2.36
CA GLU V 225 -63.05 42.79 1.59
C GLU V 225 -62.09 41.76 0.99
N ARG V 226 -60.87 42.19 0.66
CA ARG V 226 -59.92 41.33 -0.04
C ARG V 226 -58.60 41.23 0.73
N CYS V 227 -58.21 40.00 1.04
CA CYS V 227 -57.02 39.74 1.83
C CYS V 227 -55.80 39.58 0.93
N SER V 228 -55.98 39.86 -0.37
CA SER V 228 -54.84 39.94 -1.28
C SER V 228 -54.15 41.29 -1.10
N THR V 229 -54.64 42.06 -0.13
CA THR V 229 -54.05 43.33 0.27
C THR V 229 -52.79 43.06 1.10
N CYS V 230 -51.73 43.82 0.81
CA CYS V 230 -50.45 43.75 1.51
C CYS V 230 -49.62 42.56 1.04
N HIS V 231 -50.18 41.35 1.16
CA HIS V 231 -49.60 40.16 0.55
C HIS V 231 -50.38 39.82 -0.71
N GLN V 232 -49.78 40.13 -1.86
CA GLN V 232 -50.43 40.07 -3.16
C GLN V 232 -50.83 38.64 -3.49
N ARG V 233 -51.94 38.49 -4.22
CA ARG V 233 -52.27 37.24 -4.90
C ARG V 233 -51.33 37.10 -6.10
N HIS V 234 -51.04 35.86 -6.50
CA HIS V 234 -51.51 34.64 -5.85
C HIS V 234 -50.37 34.01 -5.03
N GLN V 235 -49.38 34.83 -4.72
CA GLN V 235 -48.16 34.38 -4.05
C GLN V 235 -48.37 34.36 -2.54
N PHE V 236 -49.11 35.37 -2.04
CA PHE V 236 -49.46 35.52 -0.63
C PHE V 236 -48.22 35.37 0.25
N ASP V 237 -47.21 36.21 -0.02
CA ASP V 237 -45.94 36.13 0.66
C ASP V 237 -45.94 37.10 1.84
N PRO V 238 -45.85 36.62 3.10
CA PRO V 238 -45.79 37.50 4.27
C PRO V 238 -44.53 38.36 4.26
N ALA V 239 -43.49 37.90 3.56
CA ALA V 239 -42.22 38.58 3.48
C ALA V 239 -42.34 39.88 2.68
N VAL V 240 -43.16 39.85 1.62
CA VAL V 240 -43.37 41.05 0.82
C VAL V 240 -44.36 41.97 1.55
N ALA V 241 -45.24 41.38 2.36
CA ALA V 241 -46.26 42.11 3.10
C ALA V 241 -45.63 42.93 4.22
N ARG V 242 -44.40 42.58 4.61
CA ARG V 242 -43.73 43.21 5.74
C ARG V 242 -43.00 44.47 5.31
N ARG V 243 -42.99 44.73 3.99
CA ARG V 243 -42.32 45.88 3.42
C ARG V 243 -43.20 47.12 3.54
N SER V 244 -42.57 48.25 3.86
CA SER V 244 -43.24 49.52 4.09
C SER V 244 -44.06 49.94 2.88
N GLU V 245 -43.50 49.71 1.68
CA GLU V 245 -44.06 50.21 0.43
C GLU V 245 -45.46 49.66 0.17
N GLN V 246 -45.80 48.55 0.84
CA GLN V 246 -47.10 47.91 0.66
C GLN V 246 -48.23 48.89 0.95
N CYS V 247 -48.00 49.75 1.95
CA CYS V 247 -49.03 50.64 2.46
C CYS V 247 -49.17 51.88 1.56
N LYS V 248 -48.14 52.15 0.76
CA LYS V 248 -48.04 53.40 0.02
C LYS V 248 -49.17 53.51 -1.00
N THR V 249 -49.63 52.37 -1.52
CA THR V 249 -50.54 52.35 -2.64
C THR V 249 -51.87 53.01 -2.28
N CYS V 250 -52.17 53.07 -0.98
CA CYS V 250 -53.40 53.67 -0.50
C CYS V 250 -53.09 54.84 0.44
N HIS V 251 -52.02 54.71 1.22
CA HIS V 251 -51.67 55.68 2.25
C HIS V 251 -50.72 56.73 1.69
N TRP V 252 -51.16 57.43 0.64
CA TRP V 252 -50.42 58.53 0.06
C TRP V 252 -51.39 59.60 -0.40
N GLY V 253 -50.84 60.75 -0.84
CA GLY V 253 -51.60 61.70 -1.61
C GLY V 253 -52.21 62.82 -0.77
N LYS V 254 -53.26 63.42 -1.33
CA LYS V 254 -53.69 64.77 -1.00
C LYS V 254 -54.18 64.86 0.44
N ASP V 255 -54.78 63.80 0.97
CA ASP V 255 -55.49 63.91 2.24
C ASP V 255 -54.90 62.97 3.30
N HIS V 256 -53.78 62.32 2.99
CA HIS V 256 -53.04 61.50 3.92
C HIS V 256 -51.67 61.14 3.35
N ARG V 257 -50.69 62.01 3.61
CA ARG V 257 -49.32 61.80 3.13
C ARG V 257 -48.58 60.88 4.08
N ASP V 258 -49.15 59.70 4.34
CA ASP V 258 -48.60 58.75 5.29
C ASP V 258 -47.26 58.23 4.76
N TRP V 259 -47.27 57.75 3.52
CA TRP V 259 -46.08 57.23 2.87
C TRP V 259 -45.04 58.35 2.72
N GLU V 260 -45.46 59.48 2.15
CA GLU V 260 -44.56 60.59 1.84
C GLU V 260 -43.84 61.04 3.11
N ALA V 261 -44.58 61.12 4.22
CA ALA V 261 -44.04 61.59 5.48
C ALA V 261 -43.00 60.61 6.00
N TYR V 262 -43.34 59.31 5.99
CA TYR V 262 -42.46 58.26 6.45
C TYR V 262 -41.21 58.22 5.57
N ASP V 263 -41.44 58.21 4.25
CA ASP V 263 -40.41 57.98 3.24
C ASP V 263 -39.30 59.03 3.34
N ILE V 264 -39.69 60.29 3.56
CA ILE V 264 -38.74 61.39 3.48
C ILE V 264 -38.12 61.65 4.85
N GLY V 265 -38.82 61.23 5.91
CA GLY V 265 -38.28 61.31 7.27
C GLY V 265 -37.04 60.44 7.42
N LEU V 266 -36.38 60.53 8.58
CA LEU V 266 -35.14 59.80 8.79
C LEU V 266 -35.39 58.31 8.88
N HIS V 267 -36.58 57.91 9.36
CA HIS V 267 -36.98 56.51 9.37
C HIS V 267 -37.01 55.99 7.93
N GLY V 268 -37.62 56.77 7.04
CA GLY V 268 -37.75 56.41 5.64
C GLY V 268 -36.42 56.48 4.90
N THR V 269 -35.54 57.39 5.35
CA THR V 269 -34.20 57.52 4.82
C THR V 269 -33.40 56.26 5.19
N VAL V 270 -33.43 55.91 6.49
CA VAL V 270 -32.79 54.71 6.99
C VAL V 270 -33.31 53.51 6.22
N TYR V 271 -34.64 53.47 6.00
CA TYR V 271 -35.28 52.36 5.32
C TYR V 271 -34.75 52.20 3.90
N GLN V 272 -34.77 53.30 3.13
CA GLN V 272 -34.44 53.24 1.71
C GLN V 272 -32.97 52.87 1.52
N VAL V 273 -32.14 53.24 2.50
CA VAL V 273 -30.70 53.06 2.41
C VAL V 273 -30.32 51.61 2.75
N ASN V 274 -31.17 50.93 3.52
CA ASN V 274 -30.78 49.69 4.18
C ASN V 274 -31.70 48.52 3.81
N LYS V 275 -32.81 48.79 3.10
CA LYS V 275 -33.90 47.83 3.00
C LYS V 275 -33.49 46.56 2.25
N TRP V 276 -32.48 46.66 1.37
CA TRP V 276 -32.03 45.50 0.62
C TRP V 276 -30.77 44.91 1.24
N ASP V 277 -30.33 45.49 2.36
CA ASP V 277 -29.26 44.92 3.17
C ASP V 277 -29.89 44.02 4.23
N THR V 278 -29.65 42.71 4.08
CA THR V 278 -30.28 41.69 4.89
C THR V 278 -29.80 41.78 6.35
N GLU V 279 -28.65 42.42 6.56
CA GLU V 279 -28.05 42.58 7.89
C GLU V 279 -28.77 43.69 8.66
N GLN V 280 -29.53 44.52 7.94
CA GLN V 280 -30.20 45.67 8.55
C GLN V 280 -31.71 45.43 8.56
N PHE V 281 -32.23 44.83 7.49
CA PHE V 281 -33.65 44.52 7.37
C PHE V 281 -33.81 43.08 6.90
N ASP V 282 -34.32 42.23 7.79
CA ASP V 282 -34.58 40.83 7.47
C ASP V 282 -36.08 40.60 7.42
N PHE V 283 -36.62 40.50 6.19
CA PHE V 283 -38.06 40.44 5.99
C PHE V 283 -38.58 39.02 6.13
N SER V 284 -37.65 38.07 6.29
CA SER V 284 -38.01 36.68 6.51
C SER V 284 -38.43 36.45 7.95
N LYS V 285 -37.95 37.30 8.86
CA LYS V 285 -38.33 37.26 10.26
C LYS V 285 -39.78 37.69 10.41
N LYS V 286 -40.49 37.07 11.36
CA LYS V 286 -41.82 37.51 11.75
C LYS V 286 -41.71 38.80 12.55
N LEU V 287 -42.81 39.56 12.59
CA LEU V 287 -42.78 40.91 13.13
C LEU V 287 -42.46 40.89 14.62
N SER V 288 -42.74 39.76 15.28
CA SER V 288 -42.44 39.59 16.69
C SER V 288 -40.93 39.56 16.91
N ASP V 289 -40.19 39.15 15.87
CA ASP V 289 -38.75 38.95 15.97
C ASP V 289 -38.01 40.01 15.18
N ALA V 290 -38.76 41.00 14.66
CA ALA V 290 -38.21 42.06 13.83
C ALA V 290 -37.19 42.85 14.64
N ASP V 291 -35.95 42.88 14.14
CA ASP V 291 -34.84 43.55 14.80
C ASP V 291 -34.17 44.49 13.81
N TYR V 292 -34.99 45.25 13.08
CA TYR V 292 -34.50 46.15 12.04
C TYR V 292 -33.71 47.29 12.67
N VAL V 293 -32.90 47.97 11.84
CA VAL V 293 -32.17 49.15 12.28
C VAL V 293 -33.16 50.30 12.47
N GLY V 294 -34.14 50.38 11.56
CA GLY V 294 -35.19 51.39 11.59
C GLY V 294 -36.58 50.77 11.45
N PRO V 295 -37.65 51.50 11.81
CA PRO V 295 -39.00 50.93 11.77
C PRO V 295 -39.64 50.94 10.38
N THR V 296 -40.57 50.01 10.18
CA THR V 296 -41.46 49.97 9.04
C THR V 296 -42.87 50.32 9.51
N CYS V 297 -43.76 50.61 8.56
CA CYS V 297 -45.16 50.88 8.90
C CYS V 297 -45.67 49.76 9.81
N GLN V 298 -45.32 48.52 9.42
CA GLN V 298 -45.78 47.32 10.09
C GLN V 298 -45.18 47.26 11.49
N TYR V 299 -43.92 47.71 11.62
CA TYR V 299 -43.21 47.64 12.88
C TYR V 299 -43.99 48.39 13.97
N CYS V 300 -44.61 49.50 13.58
CA CYS V 300 -45.27 50.40 14.51
C CYS V 300 -46.77 50.08 14.60
N HIS V 301 -47.41 49.88 13.45
CA HIS V 301 -48.87 49.80 13.41
C HIS V 301 -49.36 48.36 13.52
N MET V 302 -48.52 47.40 13.11
CA MET V 302 -48.88 46.00 13.18
C MET V 302 -47.92 45.29 14.14
N ARG V 303 -47.67 45.92 15.28
CA ARG V 303 -46.82 45.41 16.35
C ARG V 303 -47.20 43.95 16.63
N GLY V 304 -46.19 43.06 16.59
CA GLY V 304 -46.36 41.66 16.90
C GLY V 304 -47.09 40.89 15.79
N GLY V 305 -47.38 41.59 14.68
CA GLY V 305 -48.04 40.98 13.54
C GLY V 305 -49.57 41.05 13.63
N HIS V 306 -50.08 41.81 14.61
CA HIS V 306 -51.51 41.98 14.81
C HIS V 306 -52.12 42.69 13.60
N HIS V 307 -53.26 42.18 13.12
CA HIS V 307 -53.82 42.63 11.85
C HIS V 307 -54.74 43.83 12.01
N ASN V 308 -55.14 44.12 13.26
CA ASN V 308 -55.80 45.39 13.55
C ASN V 308 -54.75 46.49 13.52
N VAL V 309 -54.77 47.25 12.43
CA VAL V 309 -53.72 48.20 12.12
C VAL V 309 -53.93 49.48 12.93
N GLN V 310 -55.10 49.58 13.56
CA GLN V 310 -55.54 50.74 14.30
C GLN V 310 -55.35 50.50 15.79
N ARG V 311 -54.83 49.32 16.14
CA ARG V 311 -54.79 48.82 17.50
C ARG V 311 -54.13 49.83 18.44
N ALA V 312 -53.08 50.50 17.96
CA ALA V 312 -52.25 51.35 18.80
C ALA V 312 -52.73 52.81 18.76
N SER V 313 -53.69 53.10 17.89
CA SER V 313 -54.22 54.44 17.71
C SER V 313 -54.80 54.98 19.02
N ILE V 314 -54.64 56.29 19.23
CA ILE V 314 -55.08 56.92 20.47
C ILE V 314 -56.58 57.24 20.39
N VAL V 315 -56.95 58.07 19.41
CA VAL V 315 -58.33 58.44 19.19
C VAL V 315 -58.53 58.83 17.72
N TYR V 316 -59.69 58.45 17.16
CA TYR V 316 -60.00 58.75 15.78
C TYR V 316 -60.33 60.24 15.65
N THR V 317 -59.61 60.92 14.75
CA THR V 317 -59.69 62.36 14.62
C THR V 317 -60.02 62.73 13.18
N SER V 318 -60.76 61.85 12.51
CA SER V 318 -61.30 62.14 11.19
C SER V 318 -60.16 62.53 10.24
N MET V 319 -59.17 61.64 10.11
CA MET V 319 -58.03 61.77 9.22
C MET V 319 -57.04 62.83 9.73
N GLY V 320 -57.28 63.33 10.95
CA GLY V 320 -56.46 64.37 11.54
C GLY V 320 -57.01 65.77 11.28
N MET V 321 -58.20 65.82 10.68
CA MET V 321 -58.91 67.08 10.44
C MET V 321 -59.48 67.60 11.75
N SER V 322 -60.02 66.69 12.57
CA SER V 322 -60.40 67.00 13.94
C SER V 322 -59.14 67.02 14.81
N MET V 323 -59.21 67.74 15.93
CA MET V 323 -58.03 68.03 16.71
C MET V 323 -58.16 67.47 18.13
N ALA V 324 -57.07 66.89 18.63
CA ALA V 324 -56.98 66.39 19.99
C ALA V 324 -55.54 66.52 20.50
N ASP V 325 -55.40 66.93 21.76
CA ASP V 325 -54.11 66.86 22.43
C ASP V 325 -53.92 65.43 22.94
N ARG V 326 -53.19 64.63 22.15
CA ARG V 326 -52.98 63.21 22.44
C ARG V 326 -52.02 63.05 23.62
N GLY V 327 -51.31 64.14 23.95
CA GLY V 327 -50.34 64.14 25.04
C GLY V 327 -50.97 64.53 26.37
N ALA V 328 -52.28 64.79 26.35
CA ALA V 328 -53.02 65.20 27.54
C ALA V 328 -53.13 64.02 28.51
N PRO V 329 -53.24 64.27 29.84
CA PRO V 329 -53.33 63.20 30.83
C PRO V 329 -54.43 62.17 30.56
N LEU V 330 -55.46 62.59 29.82
CA LEU V 330 -56.58 61.73 29.46
C LEU V 330 -56.08 60.51 28.68
N TRP V 331 -55.10 60.73 27.80
CA TRP V 331 -54.62 59.69 26.90
C TRP V 331 -53.24 59.18 27.33
N LYS V 332 -52.92 59.33 28.63
CA LYS V 332 -51.58 59.05 29.12
C LYS V 332 -51.18 57.62 28.79
N GLU V 333 -52.08 56.66 29.08
CA GLU V 333 -51.79 55.25 28.94
C GLU V 333 -51.57 54.88 27.47
N LYS V 334 -52.31 55.55 26.58
CA LYS V 334 -52.29 55.26 25.16
C LYS V 334 -51.03 55.84 24.50
N ARG V 335 -50.60 57.01 24.99
CA ARG V 335 -49.37 57.64 24.54
C ARG V 335 -48.18 56.84 25.06
N ASP V 336 -48.27 56.37 26.32
CA ASP V 336 -47.24 55.57 26.94
C ASP V 336 -46.96 54.33 26.08
N ARG V 337 -48.03 53.75 25.51
CA ARG V 337 -47.91 52.56 24.69
C ARG V 337 -47.09 52.86 23.44
N TRP V 338 -47.27 54.07 22.89
CA TRP V 338 -46.52 54.49 21.71
C TRP V 338 -45.04 54.65 22.06
N VAL V 339 -44.78 55.20 23.26
CA VAL V 339 -43.43 55.39 23.75
C VAL V 339 -42.76 54.02 23.90
N SER V 340 -43.55 53.00 24.23
CA SER V 340 -43.07 51.63 24.39
C SER V 340 -42.57 51.06 23.07
N ILE V 341 -43.17 51.52 21.96
CA ILE V 341 -42.79 51.09 20.63
C ILE V 341 -41.50 51.80 20.21
N CYS V 342 -41.43 53.10 20.48
CA CYS V 342 -40.26 53.90 20.15
C CYS V 342 -39.09 53.50 21.05
N ASP V 343 -39.42 53.06 22.28
CA ASP V 343 -38.48 52.58 23.28
C ASP V 343 -37.45 51.64 22.69
N ASP V 344 -37.84 50.93 21.62
CA ASP V 344 -37.03 49.88 21.03
C ASP V 344 -35.69 50.44 20.56
N CYS V 345 -35.66 51.72 20.19
CA CYS V 345 -34.47 52.30 19.57
C CYS V 345 -34.20 53.71 20.07
N HIS V 346 -34.98 54.17 21.07
CA HIS V 346 -34.83 55.49 21.64
C HIS V 346 -35.11 55.45 23.14
N SER V 347 -34.57 56.44 23.87
CA SER V 347 -34.93 56.64 25.26
C SER V 347 -36.40 57.03 25.36
N PRO V 348 -37.13 56.58 26.40
CA PRO V 348 -38.52 56.99 26.59
C PRO V 348 -38.69 58.50 26.47
N ARG V 349 -37.76 59.25 27.08
CA ARG V 349 -37.84 60.70 27.14
C ARG V 349 -37.82 61.29 25.73
N PHE V 350 -36.87 60.83 24.90
CA PHE V 350 -36.69 61.36 23.57
C PHE V 350 -37.97 61.20 22.76
N ALA V 351 -38.57 60.01 22.85
CA ALA V 351 -39.77 59.67 22.11
C ALA V 351 -40.96 60.46 22.63
N ARG V 352 -41.11 60.50 23.96
CA ARG V 352 -42.25 61.15 24.60
C ARG V 352 -42.30 62.62 24.17
N GLU V 353 -41.12 63.25 24.16
CA GLU V 353 -41.00 64.69 23.94
C GLU V 353 -41.16 65.01 22.46
N ASN V 354 -40.75 64.07 21.59
CA ASN V 354 -40.89 64.24 20.15
C ASN V 354 -42.36 64.17 19.76
N LEU V 355 -43.11 63.28 20.42
CA LEU V 355 -44.53 63.14 20.15
C LEU V 355 -45.31 64.30 20.77
N GLN V 356 -44.74 64.89 21.82
CA GLN V 356 -45.32 66.08 22.44
C GLN V 356 -45.24 67.24 21.45
N ALA V 357 -44.12 67.33 20.73
CA ALA V 357 -43.93 68.35 19.70
C ALA V 357 -45.03 68.22 18.64
N MET V 358 -45.36 66.98 18.27
CA MET V 358 -46.42 66.70 17.32
C MET V 358 -47.72 67.31 17.84
N ASP V 359 -48.04 67.04 19.11
CA ASP V 359 -49.27 67.52 19.75
C ASP V 359 -49.37 69.03 19.63
N GLU V 360 -48.24 69.72 19.82
CA GLU V 360 -48.19 71.17 19.81
C GLU V 360 -48.43 71.68 18.39
N SER V 361 -47.87 70.98 17.40
CA SER V 361 -48.04 71.34 16.00
C SER V 361 -49.50 71.21 15.59
N VAL V 362 -50.16 70.18 16.11
CA VAL V 362 -51.55 69.87 15.80
C VAL V 362 -52.45 70.96 16.37
N LYS V 363 -52.15 71.41 17.60
CA LYS V 363 -52.93 72.41 18.29
C LYS V 363 -52.78 73.78 17.61
N ASP V 364 -51.54 74.09 17.19
CA ASP V 364 -51.22 75.36 16.57
C ASP V 364 -51.82 75.43 15.17
N ALA V 365 -52.00 74.25 14.55
CA ALA V 365 -52.58 74.15 13.22
C ALA V 365 -54.08 74.49 13.28
N SER V 366 -54.77 74.02 14.32
CA SER V 366 -56.19 74.25 14.48
C SER V 366 -56.47 75.69 14.89
N LEU V 367 -55.50 76.30 15.57
CA LEU V 367 -55.55 77.72 15.88
C LEU V 367 -55.67 78.52 14.59
N LYS V 368 -54.86 78.17 13.59
CA LYS V 368 -54.86 78.82 12.30
C LYS V 368 -56.19 78.59 11.59
N TYR V 369 -56.70 77.35 11.65
CA TYR V 369 -57.91 77.02 10.91
C TYR V 369 -59.11 77.73 11.53
N ARG V 370 -59.12 77.85 12.86
CA ARG V 370 -60.18 78.56 13.56
C ARG V 370 -60.27 79.99 13.03
N GLU V 371 -59.11 80.62 12.81
CA GLU V 371 -59.06 81.96 12.24
C GLU V 371 -59.54 81.94 10.80
N THR V 372 -59.19 80.88 10.06
CA THR V 372 -59.56 80.73 8.67
C THR V 372 -61.08 80.53 8.57
N PHE V 373 -61.62 79.70 9.46
CA PHE V 373 -63.03 79.35 9.45
C PHE V 373 -63.88 80.58 9.80
N LYS V 374 -63.40 81.37 10.77
CA LYS V 374 -64.11 82.56 11.25
C LYS V 374 -64.39 83.48 10.07
N VAL V 375 -63.39 83.68 9.21
CA VAL V 375 -63.48 84.55 8.04
C VAL V 375 -64.60 84.04 7.13
N ALA V 376 -64.66 82.71 6.96
CA ALA V 376 -65.63 82.08 6.07
C ALA V 376 -67.03 82.12 6.67
N GLU V 377 -67.12 81.91 7.99
CA GLU V 377 -68.38 81.86 8.71
C GLU V 377 -69.01 83.25 8.73
N ASP V 378 -68.16 84.29 8.85
CA ASP V 378 -68.60 85.67 8.92
C ASP V 378 -69.24 86.08 7.60
N LEU V 379 -68.71 85.58 6.49
CA LEU V 379 -69.24 85.87 5.17
C LEU V 379 -70.65 85.32 5.03
N LEU V 380 -70.90 84.16 5.67
CA LEU V 380 -72.19 83.50 5.61
C LEU V 380 -73.20 84.24 6.48
N ILE V 381 -72.78 84.58 7.71
CA ILE V 381 -73.65 85.24 8.69
C ILE V 381 -74.02 86.64 8.17
N ASP V 382 -73.05 87.33 7.56
CA ASP V 382 -73.27 88.66 7.01
C ASP V 382 -73.98 88.57 5.66
N GLY V 383 -74.10 87.35 5.14
CA GLY V 383 -74.87 87.07 3.93
C GLY V 383 -74.20 87.61 2.66
N VAL V 384 -72.89 87.89 2.75
CA VAL V 384 -72.18 88.51 1.65
C VAL V 384 -71.33 87.46 0.91
N LEU V 385 -71.41 86.21 1.36
CA LEU V 385 -70.75 85.09 0.71
C LEU V 385 -71.30 84.95 -0.71
N ASP V 386 -70.40 84.71 -1.67
CA ASP V 386 -70.70 84.86 -3.08
C ASP V 386 -70.48 83.55 -3.83
N PRO V 387 -71.53 82.72 -3.95
CA PRO V 387 -72.86 83.02 -3.45
C PRO V 387 -73.19 82.27 -2.15
N MET V 388 -74.40 82.53 -1.63
CA MET V 388 -74.91 81.84 -0.46
C MET V 388 -75.34 80.42 -0.87
N PRO V 389 -75.33 79.45 0.08
CA PRO V 389 -75.66 78.06 -0.24
C PRO V 389 -76.93 77.84 -1.04
N LYS V 390 -77.91 78.74 -0.85
CA LYS V 390 -79.23 78.61 -1.47
C LYS V 390 -79.13 78.83 -2.98
N ASP V 391 -78.03 79.47 -3.42
CA ASP V 391 -77.85 79.84 -4.82
C ASP V 391 -76.86 78.88 -5.49
N LEU V 392 -76.33 77.92 -4.72
CA LEU V 392 -75.51 76.86 -5.26
C LEU V 392 -76.41 75.72 -5.71
N CYS V 393 -75.86 74.82 -6.52
CA CYS V 393 -76.51 73.56 -6.84
C CYS V 393 -76.82 72.81 -5.55
N PRO V 394 -77.98 72.12 -5.45
CA PRO V 394 -78.30 71.32 -4.27
C PRO V 394 -77.25 70.23 -4.04
N ASP V 395 -76.93 69.98 -2.76
CA ASP V 395 -75.92 69.00 -2.38
C ASP V 395 -76.44 67.59 -2.69
N TRP V 396 -75.63 66.58 -2.39
CA TRP V 396 -75.93 65.19 -2.70
C TRP V 396 -77.29 64.79 -2.13
N SER V 397 -77.66 65.43 -1.02
CA SER V 397 -78.87 65.12 -0.26
C SER V 397 -80.09 65.71 -0.95
N GLY V 398 -79.87 66.74 -1.79
CA GLY V 398 -80.94 67.48 -2.42
C GLY V 398 -81.31 68.72 -1.62
N GLN V 399 -80.37 69.16 -0.77
CA GLN V 399 -80.59 70.28 0.14
C GLN V 399 -79.60 71.40 -0.20
N HIS V 400 -79.81 72.56 0.45
CA HIS V 400 -78.95 73.72 0.27
C HIS V 400 -78.29 74.07 1.61
N ILE V 401 -77.76 73.04 2.29
CA ILE V 401 -77.05 73.22 3.55
C ILE V 401 -75.64 73.73 3.23
N TRP V 402 -75.12 74.58 4.13
CA TRP V 402 -73.78 75.12 4.00
C TRP V 402 -72.76 73.99 4.07
N SER V 403 -71.79 74.02 3.14
CA SER V 403 -70.76 73.01 3.00
C SER V 403 -70.05 72.77 4.32
N LEU V 404 -69.68 73.85 5.01
CA LEU V 404 -68.78 73.79 6.14
C LEU V 404 -69.53 73.60 7.46
N LYS V 405 -70.86 73.42 7.38
CA LYS V 405 -71.67 73.31 8.58
C LYS V 405 -71.40 71.98 9.27
N ILE V 406 -70.98 72.07 10.54
CA ILE V 406 -70.84 70.92 11.41
C ILE V 406 -72.01 70.93 12.39
N GLY V 407 -72.87 69.92 12.26
CA GLY V 407 -74.12 69.84 12.99
C GLY V 407 -73.95 69.92 14.51
N ALA V 408 -72.79 69.51 15.01
CA ALA V 408 -72.55 69.45 16.44
C ALA V 408 -72.22 70.82 17.01
N TYR V 409 -71.83 71.75 16.13
CA TYR V 409 -71.35 73.07 16.55
C TYR V 409 -72.21 74.19 16.00
N HIS V 410 -72.85 73.96 14.84
CA HIS V 410 -73.54 75.01 14.12
C HIS V 410 -75.04 74.73 14.08
N ASP V 411 -75.83 75.77 14.35
CA ASP V 411 -77.28 75.72 14.25
C ASP V 411 -77.81 77.12 13.95
N GLY V 412 -78.73 77.22 12.99
CA GLY V 412 -79.31 78.49 12.60
C GLY V 412 -79.88 78.47 11.19
N GLU V 413 -80.56 79.57 10.84
CA GLU V 413 -81.25 79.71 9.56
C GLU V 413 -80.23 79.79 8.43
N ALA V 414 -79.10 80.47 8.72
CA ALA V 414 -78.07 80.77 7.73
C ALA V 414 -77.36 79.50 7.27
N TYR V 415 -77.27 78.52 8.17
CA TYR V 415 -76.53 77.29 7.94
C TYR V 415 -77.36 76.31 7.11
N GLY V 416 -78.68 76.27 7.37
CA GLY V 416 -79.59 75.36 6.71
C GLY V 416 -79.65 74.00 7.40
N GLY V 417 -80.58 73.15 6.95
CA GLY V 417 -80.73 71.81 7.47
C GLY V 417 -81.36 71.78 8.86
N THR V 418 -81.70 70.58 9.33
CA THR V 418 -82.30 70.39 10.64
C THR V 418 -81.23 70.52 11.72
N THR V 419 -81.68 70.59 12.98
CA THR V 419 -80.79 70.73 14.13
C THR V 419 -79.92 69.48 14.26
N GLY V 420 -78.60 69.69 14.30
CA GLY V 420 -77.64 68.62 14.50
C GLY V 420 -77.14 68.02 13.18
N GLU V 421 -77.80 68.38 12.08
CA GLU V 421 -77.46 67.88 10.76
C GLU V 421 -76.31 68.71 10.20
N SER V 422 -75.32 68.02 9.63
CA SER V 422 -74.15 68.66 9.03
C SER V 422 -74.41 68.93 7.55
N GLY V 423 -73.54 69.74 6.95
CA GLY V 423 -73.54 69.96 5.52
C GLY V 423 -72.68 68.92 4.81
N GLU V 424 -72.70 68.93 3.47
CA GLU V 424 -71.86 68.05 2.69
C GLU V 424 -70.48 68.70 2.54
N PHE V 425 -69.56 68.29 3.42
CA PHE V 425 -68.18 68.76 3.42
C PHE V 425 -67.54 68.38 2.09
N ARG V 426 -67.10 69.39 1.33
CA ARG V 426 -66.63 69.16 -0.03
C ARG V 426 -65.70 70.27 -0.49
N MET V 427 -64.99 69.98 -1.59
CA MET V 427 -64.11 70.92 -2.27
C MET V 427 -64.75 71.28 -3.61
N SER V 428 -65.90 70.68 -3.90
CA SER V 428 -66.61 70.86 -5.15
C SER V 428 -67.92 71.60 -4.90
N ASN V 429 -68.46 72.21 -5.96
CA ASN V 429 -69.77 72.86 -5.95
C ASN V 429 -69.89 73.75 -4.71
N CYS V 430 -69.04 74.78 -4.65
CA CYS V 430 -69.00 75.70 -3.54
C CYS V 430 -68.25 76.96 -3.95
N THR V 431 -68.07 77.88 -2.99
CA THR V 431 -67.29 79.09 -3.20
C THR V 431 -65.81 78.76 -3.05
N ASP V 432 -64.95 79.68 -3.49
CA ASP V 432 -63.51 79.56 -3.30
C ASP V 432 -63.19 79.52 -1.81
N VAL V 433 -63.92 80.33 -1.03
CA VAL V 433 -63.69 80.44 0.40
C VAL V 433 -63.97 79.11 1.08
N GLU V 434 -65.09 78.47 0.69
CA GLU V 434 -65.44 77.16 1.18
C GLU V 434 -64.37 76.14 0.79
N ARG V 435 -63.95 76.21 -0.48
CA ARG V 435 -62.99 75.28 -1.05
C ARG V 435 -61.64 75.38 -0.33
N LEU V 436 -61.16 76.60 -0.14
CA LEU V 436 -59.86 76.84 0.46
C LEU V 436 -59.86 76.39 1.93
N CYS V 437 -61.02 76.53 2.59
CA CYS V 437 -61.18 76.07 3.97
C CYS V 437 -61.05 74.55 4.02
N PHE V 438 -61.72 73.87 3.07
CA PHE V 438 -61.65 72.42 2.96
C PHE V 438 -60.21 71.99 2.75
N GLU V 439 -59.50 72.68 1.83
CA GLU V 439 -58.13 72.36 1.49
C GLU V 439 -57.22 72.56 2.69
N SER V 440 -57.49 73.59 3.49
CA SER V 440 -56.63 73.96 4.59
C SER V 440 -56.63 72.89 5.67
N VAL V 441 -57.83 72.39 6.01
CA VAL V 441 -57.99 71.42 7.09
C VAL V 441 -57.90 70.00 6.55
N GLY V 442 -58.36 69.81 5.30
CA GLY V 442 -58.53 68.49 4.73
C GLY V 442 -57.26 67.99 4.03
N TYR V 443 -56.39 68.92 3.64
CA TYR V 443 -55.12 68.57 3.01
C TYR V 443 -53.97 69.02 3.91
N PHE V 444 -53.78 70.33 4.04
CA PHE V 444 -52.58 70.90 4.62
C PHE V 444 -52.44 70.52 6.10
N GLN V 445 -53.55 70.50 6.83
CA GLN V 445 -53.52 70.22 8.26
C GLN V 445 -53.10 68.77 8.48
N THR V 446 -53.52 67.88 7.58
CA THR V 446 -53.21 66.46 7.69
C THR V 446 -51.72 66.23 7.48
N TYR V 447 -51.09 67.09 6.67
CA TYR V 447 -49.66 67.00 6.41
C TYR V 447 -48.88 67.33 7.68
N ILE V 448 -49.50 68.13 8.55
CA ILE V 448 -48.85 68.51 9.80
C ILE V 448 -48.91 67.35 10.78
N TYR V 449 -50.10 66.74 10.92
CA TYR V 449 -50.28 65.62 11.83
C TYR V 449 -49.43 64.44 11.39
N LYS V 450 -49.66 63.99 10.14
CA LYS V 450 -48.96 62.84 9.60
C LYS V 450 -47.46 63.14 9.49
N GLY V 451 -47.12 64.37 9.10
CA GLY V 451 -45.74 64.78 8.98
C GLY V 451 -44.98 64.64 10.29
N MET V 452 -45.54 65.20 11.36
CA MET V 452 -44.90 65.23 12.67
C MET V 452 -44.88 63.83 13.28
N ALA V 453 -45.91 63.03 12.94
CA ALA V 453 -46.06 61.69 13.49
C ALA V 453 -45.01 60.76 12.90
N HIS V 454 -44.57 61.04 11.68
CA HIS V 454 -43.70 60.13 10.95
C HIS V 454 -42.29 60.72 10.78
N GLY V 455 -42.09 61.94 11.28
CA GLY V 455 -40.77 62.54 11.37
C GLY V 455 -40.39 63.34 10.13
N SER V 456 -41.38 63.71 9.31
CA SER V 456 -41.16 64.58 8.16
C SER V 456 -41.37 66.04 8.55
N TRP V 457 -40.26 66.73 8.82
CA TRP V 457 -40.27 68.09 9.34
C TRP V 457 -40.76 69.08 8.28
N ASN V 458 -40.48 68.77 7.01
CA ASN V 458 -40.81 69.66 5.92
C ASN V 458 -42.29 69.54 5.58
N ASP V 459 -42.85 68.33 5.76
CA ASP V 459 -44.26 68.09 5.51
C ASP V 459 -45.12 68.87 6.50
N ALA V 460 -44.53 69.20 7.67
CA ALA V 460 -45.24 69.86 8.74
C ALA V 460 -45.06 71.37 8.65
N THR V 461 -44.16 71.81 7.76
CA THR V 461 -43.83 73.22 7.64
C THR V 461 -43.92 73.66 6.18
N TYR V 462 -42.78 73.63 5.47
CA TYR V 462 -42.66 74.27 4.15
C TYR V 462 -43.52 73.56 3.11
N SER V 463 -43.49 72.23 3.12
CA SER V 463 -44.11 71.44 2.06
C SER V 463 -45.62 71.31 2.29
N ASP V 464 -46.31 72.45 2.18
CA ASP V 464 -47.76 72.54 2.22
C ASP V 464 -48.28 72.19 3.61
N GLY V 465 -47.41 72.34 4.62
CA GLY V 465 -47.78 72.05 6.00
C GLY V 465 -48.35 73.28 6.68
N SER V 466 -47.66 73.72 7.75
CA SER V 466 -48.01 74.92 8.49
C SER V 466 -48.09 76.12 7.54
N PHE V 467 -47.12 76.20 6.62
CA PHE V 467 -46.99 77.35 5.74
C PHE V 467 -47.97 77.24 4.58
N GLY V 468 -48.47 76.02 4.33
CA GLY V 468 -49.57 75.81 3.40
C GLY V 468 -50.86 76.46 3.92
N MET V 469 -51.13 76.23 5.21
CA MET V 469 -52.30 76.79 5.87
C MET V 469 -52.19 78.31 5.92
N ASP V 470 -50.97 78.81 6.12
CA ASP V 470 -50.65 80.23 6.13
C ASP V 470 -51.06 80.86 4.81
N ARG V 471 -50.66 80.20 3.71
CA ARG V 471 -50.89 80.68 2.36
C ARG V 471 -52.38 80.71 2.06
N TRP V 472 -53.10 79.69 2.54
CA TRP V 472 -54.52 79.55 2.28
C TRP V 472 -55.33 80.54 3.12
N LEU V 473 -54.81 80.86 4.32
CA LEU V 473 -55.44 81.85 5.18
C LEU V 473 -55.44 83.21 4.48
N VAL V 474 -54.30 83.55 3.86
CA VAL V 474 -54.13 84.77 3.08
C VAL V 474 -55.13 84.76 1.93
N ASN V 475 -55.25 83.60 1.27
CA ASN V 475 -56.09 83.44 0.10
C ASN V 475 -57.56 83.61 0.48
N VAL V 476 -57.93 83.11 1.66
CA VAL V 476 -59.30 83.19 2.16
C VAL V 476 -59.62 84.64 2.49
N LYS V 477 -58.70 85.31 3.19
CA LYS V 477 -58.88 86.69 3.62
C LYS V 477 -59.07 87.60 2.41
N GLN V 478 -58.27 87.37 1.36
CA GLN V 478 -58.30 88.16 0.15
C GLN V 478 -59.66 87.98 -0.54
N ASN V 479 -60.14 86.73 -0.61
CA ASN V 479 -61.41 86.40 -1.25
C ASN V 479 -62.56 86.99 -0.45
N ALA V 480 -62.41 87.04 0.88
CA ALA V 480 -63.41 87.63 1.76
C ALA V 480 -63.48 89.13 1.53
N SER V 481 -62.30 89.76 1.46
CA SER V 481 -62.15 91.20 1.26
C SER V 481 -62.83 91.62 -0.04
N ARG V 482 -62.53 90.90 -1.13
CA ARG V 482 -63.05 91.20 -2.46
C ARG V 482 -64.57 91.11 -2.47
N ALA V 483 -65.11 90.05 -1.85
CA ALA V 483 -66.53 89.78 -1.83
C ALA V 483 -67.27 90.86 -1.05
N ARG V 484 -66.64 91.35 0.03
CA ARG V 484 -67.22 92.35 0.91
C ARG V 484 -67.18 93.73 0.23
N ARG V 485 -66.13 93.96 -0.57
CA ARG V 485 -65.94 95.22 -1.27
C ARG V 485 -66.97 95.35 -2.39
N LEU V 486 -67.29 94.23 -3.04
CA LEU V 486 -68.26 94.21 -4.12
C LEU V 486 -69.67 94.41 -3.57
N ALA V 487 -69.95 93.76 -2.44
CA ALA V 487 -71.26 93.83 -1.80
C ALA V 487 -71.55 95.26 -1.34
N ALA V 488 -70.51 95.95 -0.85
CA ALA V 488 -70.62 97.31 -0.37
C ALA V 488 -70.89 98.26 -1.52
N LEU V 489 -70.21 98.04 -2.65
CA LEU V 489 -70.34 98.86 -3.85
C LEU V 489 -71.74 98.70 -4.44
N GLU V 490 -72.24 97.45 -4.44
CA GLU V 490 -73.52 97.13 -5.05
C GLU V 490 -74.66 97.71 -4.23
N LYS V 491 -74.49 97.77 -2.90
CA LYS V 491 -75.49 98.34 -2.02
C LYS V 491 -75.63 99.84 -2.32
N LYS V 492 -74.49 100.54 -2.40
CA LYS V 492 -74.47 101.98 -2.54
C LYS V 492 -74.95 102.41 -3.93
N VAL V 493 -74.67 101.60 -4.94
CA VAL V 493 -75.04 101.91 -6.31
C VAL V 493 -76.47 101.41 -6.58
N GLY V 494 -76.95 100.51 -5.71
CA GLY V 494 -78.32 100.03 -5.77
C GLY V 494 -78.49 98.85 -6.72
N ILE V 495 -77.42 98.06 -6.88
CA ILE V 495 -77.49 96.79 -7.59
C ILE V 495 -77.73 95.68 -6.57
N SER V 496 -78.77 94.87 -6.82
CA SER V 496 -78.95 93.61 -6.11
C SER V 496 -78.39 92.49 -6.98
N TRP V 497 -77.23 91.95 -6.56
CA TRP V 497 -76.49 91.00 -7.36
C TRP V 497 -77.26 89.68 -7.47
N GLN V 498 -77.54 89.31 -8.73
CA GLN V 498 -78.15 88.03 -9.05
C GLN V 498 -77.04 87.01 -9.25
N PRO V 499 -76.88 86.00 -8.35
CA PRO V 499 -75.89 84.95 -8.52
C PRO V 499 -76.03 84.27 -9.88
N GLU V 500 -74.90 84.04 -10.54
CA GLU V 500 -74.85 83.58 -11.92
C GLU V 500 -75.44 82.17 -12.02
N GLN V 501 -75.76 81.78 -13.26
CA GLN V 501 -76.48 80.54 -13.53
C GLN V 501 -75.57 79.33 -13.29
N PHE V 502 -74.25 79.53 -13.43
CA PHE V 502 -73.30 78.42 -13.38
C PHE V 502 -73.11 77.90 -11.95
N TRP V 503 -73.57 78.67 -10.95
CA TRP V 503 -73.55 78.21 -9.57
C TRP V 503 -74.63 77.15 -9.35
N LYS V 504 -75.73 77.28 -10.11
CA LYS V 504 -76.91 76.44 -9.95
C LYS V 504 -76.79 75.20 -10.84
N THR V 505 -76.52 75.44 -12.14
CA THR V 505 -76.57 74.39 -13.14
C THR V 505 -75.31 74.43 -14.01
N GLY V 506 -75.09 73.34 -14.74
CA GLY V 506 -73.93 73.13 -15.58
C GLY V 506 -73.87 71.67 -16.02
N GLU V 507 -73.05 71.37 -17.04
CA GLU V 507 -73.07 70.07 -17.69
C GLU V 507 -72.82 68.95 -16.67
N TRP V 508 -71.87 69.18 -15.76
CA TRP V 508 -71.53 68.20 -14.73
C TRP V 508 -72.54 68.25 -13.59
N LEU V 509 -72.85 69.46 -13.11
CA LEU V 509 -73.74 69.67 -11.98
C LEU V 509 -75.09 68.96 -12.20
N ASP V 510 -75.56 69.00 -13.45
CA ASP V 510 -76.88 68.49 -13.80
C ASP V 510 -76.93 66.97 -13.63
N GLN V 511 -75.75 66.34 -13.60
CA GLN V 511 -75.66 64.89 -13.57
C GLN V 511 -75.64 64.38 -12.13
N LEU V 512 -75.66 65.31 -11.16
CA LEU V 512 -75.51 64.96 -9.76
C LEU V 512 -76.85 64.53 -9.16
N THR V 513 -76.80 64.04 -7.92
CA THR V 513 -77.96 63.52 -7.20
C THR V 513 -78.85 64.67 -6.77
N GLY V 514 -78.23 65.77 -6.30
CA GLY V 514 -78.94 66.95 -5.85
C GLY V 514 -80.07 67.36 -6.79
N PRO V 515 -79.77 67.81 -8.04
CA PRO V 515 -80.79 68.20 -8.99
C PRO V 515 -81.87 67.14 -9.26
N TYR V 516 -81.45 65.86 -9.26
CA TYR V 516 -82.36 64.76 -9.53
C TYR V 516 -83.42 64.65 -8.43
N ILE V 517 -82.99 64.77 -7.18
CA ILE V 517 -83.88 64.64 -6.03
C ILE V 517 -84.86 65.80 -6.01
N VAL V 518 -84.35 67.03 -6.23
CA VAL V 518 -85.15 68.24 -6.22
C VAL V 518 -86.25 68.14 -7.29
N LYS V 519 -85.89 67.59 -8.46
CA LYS V 519 -86.82 67.53 -9.58
C LYS V 519 -87.82 66.40 -9.39
N ASN V 520 -87.35 65.22 -9.01
CA ASN V 520 -88.13 64.00 -9.13
C ASN V 520 -88.79 63.60 -7.80
N HIS V 521 -88.22 64.05 -6.68
CA HIS V 521 -88.79 63.78 -5.36
C HIS V 521 -88.84 65.08 -4.57
N PRO V 522 -89.71 66.04 -4.96
CA PRO V 522 -89.57 67.45 -4.57
C PRO V 522 -89.45 67.73 -3.06
N GLY V 523 -90.28 67.08 -2.26
CA GLY V 523 -90.39 67.42 -0.85
C GLY V 523 -89.32 66.77 0.02
N LYS V 524 -88.59 65.80 -0.54
CA LYS V 524 -87.84 64.84 0.25
C LYS V 524 -86.34 64.97 0.02
N THR V 525 -85.56 64.33 0.91
CA THR V 525 -84.10 64.25 0.83
C THR V 525 -83.70 62.81 0.55
N ILE V 526 -82.39 62.59 0.37
CA ILE V 526 -81.86 61.27 0.07
C ILE V 526 -82.04 60.34 1.28
N PHE V 527 -82.10 60.94 2.48
CA PHE V 527 -82.26 60.20 3.71
C PHE V 527 -83.68 59.67 3.82
N ASP V 528 -84.63 60.43 3.27
CA ASP V 528 -86.02 60.02 3.19
C ASP V 528 -86.14 58.85 2.21
N LEU V 529 -85.42 58.97 1.08
CA LEU V 529 -85.54 58.03 -0.03
C LEU V 529 -84.73 56.76 0.26
N CYS V 530 -83.81 56.84 1.22
CA CYS V 530 -83.03 55.68 1.64
C CYS V 530 -83.20 55.48 3.15
N PRO V 531 -84.34 54.91 3.60
CA PRO V 531 -84.69 54.90 5.02
C PRO V 531 -84.01 53.79 5.83
N ASP V 532 -83.36 52.86 5.13
CA ASP V 532 -82.72 51.70 5.74
C ASP V 532 -81.69 52.14 6.78
N PRO V 533 -81.42 51.34 7.84
CA PRO V 533 -80.39 51.66 8.82
C PRO V 533 -79.00 51.67 8.18
N GLY V 534 -78.19 52.66 8.58
CA GLY V 534 -76.83 52.80 8.09
C GLY V 534 -75.83 52.02 8.95
N TRP V 535 -74.54 52.21 8.65
CA TRP V 535 -73.46 51.51 9.33
C TRP V 535 -73.40 51.95 10.79
N LEU V 536 -73.59 53.25 11.03
CA LEU V 536 -73.47 53.84 12.35
C LEU V 536 -74.59 53.35 13.27
N ASP V 537 -75.68 52.86 12.66
CA ASP V 537 -76.85 52.42 13.39
C ASP V 537 -76.59 51.05 14.01
N THR V 538 -75.70 50.27 13.38
CA THR V 538 -75.50 48.88 13.73
C THR V 538 -74.10 48.65 14.32
N HIS V 539 -73.23 49.67 14.24
CA HIS V 539 -71.87 49.56 14.71
C HIS V 539 -71.57 50.66 15.72
N HIS V 540 -71.11 50.24 16.91
CA HIS V 540 -70.85 51.16 18.01
C HIS V 540 -69.43 50.98 18.50
N ALA V 541 -68.96 51.93 19.33
CA ALA V 541 -67.64 51.88 19.93
C ALA V 541 -67.59 50.71 20.92
N PRO V 542 -66.43 50.00 21.03
CA PRO V 542 -66.30 48.88 21.98
C PRO V 542 -66.48 49.31 23.43
N ALA V 543 -66.96 48.37 24.25
CA ALA V 543 -67.31 48.63 25.64
C ALA V 543 -66.09 49.11 26.42
N GLU V 544 -64.91 48.56 26.08
CA GLU V 544 -63.67 48.82 26.80
C GLU V 544 -63.22 50.26 26.55
N GLU V 545 -63.54 50.79 25.36
CA GLU V 545 -63.15 52.14 25.00
C GLU V 545 -63.93 53.16 25.82
N VAL V 546 -65.24 52.95 25.92
CA VAL V 546 -66.12 53.83 26.68
C VAL V 546 -65.72 53.75 28.15
N GLU V 547 -65.40 52.52 28.58
CA GLU V 547 -65.06 52.21 29.97
C GLU V 547 -63.79 52.94 30.38
N TYR V 548 -62.83 53.01 29.45
CA TYR V 548 -61.54 53.65 29.70
C TYR V 548 -61.74 55.16 29.85
N ILE V 549 -62.49 55.76 28.92
CA ILE V 549 -62.67 57.20 28.86
C ILE V 549 -63.42 57.68 30.10
N GLU V 550 -64.48 56.96 30.48
CA GLU V 550 -65.28 57.30 31.64
C GLU V 550 -64.44 57.24 32.91
N ARG V 551 -63.55 56.25 32.98
CA ARG V 551 -62.70 56.04 34.15
C ARG V 551 -61.71 57.18 34.26
N LYS V 552 -61.17 57.62 33.12
CA LYS V 552 -60.11 58.62 33.09
C LYS V 552 -60.67 60.01 33.34
N LEU V 553 -61.89 60.26 32.87
CA LEU V 553 -62.54 61.55 33.05
C LEU V 553 -62.90 61.75 34.52
N LYS V 554 -63.30 60.66 35.18
CA LYS V 554 -63.64 60.68 36.60
C LYS V 554 -62.35 60.87 37.41
N GLU V 555 -61.28 60.22 36.95
CA GLU V 555 -59.99 60.21 37.62
C GLU V 555 -59.39 61.61 37.63
N LEU V 556 -59.66 62.38 36.56
CA LEU V 556 -59.05 63.69 36.37
C LEU V 556 -60.05 64.79 36.69
N GLY V 557 -61.34 64.45 36.72
CA GLY V 557 -62.40 65.40 37.01
C GLY V 557 -62.62 66.38 35.86
N ILE V 558 -62.92 65.83 34.68
CA ILE V 558 -63.27 66.62 33.50
C ILE V 558 -64.71 66.28 33.11
N THR V 559 -65.47 67.31 32.71
CA THR V 559 -66.87 67.17 32.33
C THR V 559 -66.96 66.37 31.02
N ALA V 560 -67.97 65.48 30.95
CA ALA V 560 -68.25 64.71 29.75
C ALA V 560 -68.93 65.61 28.71
N GLY V 561 -68.81 65.21 27.44
CA GLY V 561 -69.32 66.00 26.32
C GLY V 561 -70.78 65.69 25.99
N SER V 562 -71.28 66.32 24.92
CA SER V 562 -72.67 66.22 24.51
C SER V 562 -72.79 65.49 23.18
N HIS V 563 -74.03 65.28 22.73
CA HIS V 563 -74.33 64.61 21.48
C HIS V 563 -73.97 65.51 20.29
N VAL W 33 -65.89 62.71 1.94
CA VAL W 33 -65.14 62.88 3.20
C VAL W 33 -65.87 63.93 4.06
N GLU W 34 -66.21 63.53 5.30
CA GLU W 34 -66.98 64.36 6.21
C GLU W 34 -66.14 64.65 7.46
N ILE W 35 -66.57 65.64 8.25
CA ILE W 35 -66.08 65.80 9.60
C ILE W 35 -66.94 64.91 10.50
N ILE W 36 -66.43 63.71 10.77
CA ILE W 36 -67.20 62.66 11.43
C ILE W 36 -67.39 63.01 12.91
N THR W 37 -68.66 63.05 13.32
CA THR W 37 -69.05 63.49 14.66
C THR W 37 -69.76 62.35 15.39
N HIS W 38 -69.53 61.11 14.94
CA HIS W 38 -70.23 59.95 15.49
C HIS W 38 -69.24 58.86 15.90
N TRP W 39 -69.80 57.76 16.41
CA TRP W 39 -69.11 56.52 16.77
C TRP W 39 -68.21 56.70 18.00
N VAL W 40 -67.27 57.63 17.91
CA VAL W 40 -66.38 57.95 19.02
C VAL W 40 -67.24 58.40 20.20
N PRO W 41 -67.02 57.86 21.43
CA PRO W 41 -67.84 58.21 22.58
C PRO W 41 -67.95 59.72 22.83
N HIS W 42 -69.16 60.17 23.17
CA HIS W 42 -69.48 61.59 23.29
C HIS W 42 -68.70 62.23 24.43
N GLU W 43 -68.43 61.43 25.48
CA GLU W 43 -67.79 61.91 26.70
C GLU W 43 -66.49 62.63 26.36
N VAL W 44 -65.95 62.36 25.16
CA VAL W 44 -64.63 62.85 24.79
C VAL W 44 -64.75 63.92 23.70
N TYR W 45 -65.99 64.32 23.36
CA TYR W 45 -66.22 65.42 22.45
C TYR W 45 -66.02 66.74 23.18
N GLY W 46 -65.15 67.59 22.61
CA GLY W 46 -64.94 68.93 23.14
C GLY W 46 -66.07 69.88 22.72
N MET W 47 -66.55 70.66 23.68
CA MET W 47 -67.62 71.62 23.43
C MET W 47 -67.05 73.04 23.46
N PRO W 48 -67.72 74.03 22.81
CA PRO W 48 -67.15 75.38 22.67
C PRO W 48 -66.66 75.96 23.98
N GLY W 49 -65.43 76.51 23.96
CA GLY W 49 -64.88 77.23 25.09
C GLY W 49 -63.95 76.37 25.95
N GLU W 50 -64.00 75.05 25.75
CA GLU W 50 -63.20 74.10 26.52
C GLU W 50 -61.74 74.17 26.07
N PRO W 51 -60.77 73.84 26.96
CA PRO W 51 -59.35 73.91 26.63
C PRO W 51 -58.98 72.91 25.55
N ASP W 52 -58.06 73.31 24.66
CA ASP W 52 -57.62 72.46 23.55
C ASP W 52 -56.67 71.37 24.07
N ASN W 53 -56.10 71.60 25.26
CA ASN W 53 -55.12 70.68 25.84
C ASN W 53 -55.78 69.73 26.83
N SER W 54 -57.12 69.63 26.76
CA SER W 54 -57.88 68.75 27.62
C SER W 54 -57.75 67.30 27.12
N GLY W 55 -57.55 67.16 25.81
CA GLY W 55 -57.43 65.85 25.18
C GLY W 55 -58.73 65.43 24.51
N LYS W 56 -59.70 66.36 24.48
CA LYS W 56 -60.99 66.09 23.88
C LYS W 56 -60.92 66.36 22.39
N VAL W 57 -61.81 65.71 21.63
CA VAL W 57 -61.85 65.84 20.18
C VAL W 57 -62.67 67.07 19.84
N PHE W 58 -62.05 68.02 19.14
CA PHE W 58 -62.73 69.19 18.61
C PHE W 58 -62.88 69.02 17.10
N PHE W 59 -64.14 68.92 16.65
CA PHE W 59 -64.46 68.62 15.27
C PHE W 59 -63.91 69.71 14.36
N SER W 60 -63.07 69.29 13.39
CA SER W 60 -62.40 70.18 12.47
C SER W 60 -61.48 71.16 13.20
N GLY W 61 -61.31 70.92 14.51
CA GLY W 61 -60.42 71.72 15.35
C GLY W 61 -61.05 73.05 15.76
N LEU W 62 -62.39 73.12 15.67
CA LEU W 62 -63.12 74.36 15.92
C LEU W 62 -63.53 74.46 17.39
N LYS W 63 -63.76 75.71 17.82
CA LYS W 63 -64.51 76.05 19.03
C LYS W 63 -63.68 75.80 20.30
N ALA W 64 -62.42 75.39 20.13
CA ALA W 64 -61.56 75.12 21.27
C ALA W 64 -60.93 76.42 21.76
N LYS W 65 -60.63 76.47 23.06
CA LYS W 65 -59.90 77.57 23.68
C LYS W 65 -58.41 77.26 23.67
N TYR W 66 -57.64 78.08 22.95
CA TYR W 66 -56.22 77.86 22.77
C TYR W 66 -55.49 78.14 24.09
N MET W 67 -54.75 77.13 24.58
CA MET W 67 -54.09 77.21 25.87
C MET W 67 -52.61 77.51 25.70
N GLY W 68 -52.08 77.22 24.50
CA GLY W 68 -50.68 77.47 24.19
C GLY W 68 -49.76 76.39 24.74
N TYR W 69 -48.46 76.53 24.44
CA TYR W 69 -47.45 75.53 24.77
C TYR W 69 -47.25 75.45 26.28
N PRO W 70 -46.85 74.28 26.82
CA PRO W 70 -46.61 74.13 28.26
C PRO W 70 -45.34 74.88 28.68
N LYS W 71 -45.55 75.99 29.41
CA LYS W 71 -44.46 76.86 29.81
C LYS W 71 -43.97 76.45 31.19
N ASP W 72 -44.63 75.46 31.79
CA ASP W 72 -44.23 74.94 33.09
C ASP W 72 -43.33 73.71 32.90
N ALA W 73 -43.30 73.20 31.66
CA ALA W 73 -42.56 71.99 31.32
C ALA W 73 -41.06 72.27 31.36
N GLN W 74 -40.33 71.41 32.10
CA GLN W 74 -38.89 71.54 32.27
C GLN W 74 -38.22 71.43 30.90
N ARG W 75 -37.46 72.47 30.54
CA ARG W 75 -36.83 72.57 29.23
C ARG W 75 -35.70 73.59 29.29
N SER W 76 -35.10 73.86 28.12
CA SER W 76 -34.05 74.84 28.01
C SER W 76 -34.54 76.04 27.19
N PRO W 77 -34.08 77.27 27.52
CA PRO W 77 -34.21 78.41 26.59
C PRO W 77 -33.31 78.14 25.38
N TYR W 78 -33.70 78.72 24.23
CA TYR W 78 -32.89 78.67 23.03
C TYR W 78 -31.68 79.58 23.21
N PRO W 79 -30.52 79.29 22.58
CA PRO W 79 -29.39 80.21 22.63
C PRO W 79 -29.57 81.35 21.64
N GLY W 80 -28.68 82.35 21.72
CA GLY W 80 -28.56 83.36 20.68
C GLY W 80 -29.23 84.69 21.03
N LYS W 81 -29.26 85.57 20.02
CA LYS W 81 -29.64 86.98 20.11
C LYS W 81 -31.07 87.10 20.63
N TYR W 82 -31.96 86.22 20.16
CA TYR W 82 -33.39 86.37 20.38
C TYR W 82 -33.88 85.38 21.42
N SER W 83 -33.01 85.04 22.37
CA SER W 83 -33.29 84.04 23.39
C SER W 83 -34.60 84.36 24.11
N LYS W 84 -34.84 85.65 24.37
CA LYS W 84 -35.93 86.09 25.23
C LYS W 84 -37.29 85.81 24.57
N PHE W 85 -37.33 85.82 23.23
CA PHE W 85 -38.58 85.68 22.51
C PHE W 85 -38.72 84.27 21.91
N TRP W 86 -37.68 83.45 22.09
CA TRP W 86 -37.65 82.09 21.59
C TRP W 86 -38.42 81.17 22.53
N LYS W 87 -39.65 80.82 22.12
CA LYS W 87 -40.46 79.85 22.85
C LYS W 87 -40.00 78.45 22.49
N THR W 88 -39.78 77.61 23.53
CA THR W 88 -39.16 76.32 23.35
C THR W 88 -40.05 75.20 23.87
N LEU W 89 -39.82 73.99 23.34
CA LEU W 89 -40.45 72.76 23.81
C LEU W 89 -39.39 71.89 24.48
N PRO W 90 -39.78 70.96 25.39
CA PRO W 90 -38.81 70.06 26.02
C PRO W 90 -37.93 69.31 25.02
N ALA W 91 -38.52 68.92 23.88
CA ALA W 91 -37.86 68.09 22.89
C ALA W 91 -36.61 68.77 22.32
N TYR W 92 -36.55 70.10 22.41
CA TYR W 92 -35.51 70.87 21.75
C TYR W 92 -34.15 70.62 22.42
N ARG W 93 -34.18 70.07 23.64
CA ARG W 93 -32.99 69.90 24.46
C ARG W 93 -31.91 69.14 23.69
N TYR W 94 -32.34 68.23 22.80
CA TYR W 94 -31.42 67.32 22.13
C TYR W 94 -30.71 68.01 20.97
N TYR W 95 -31.28 69.11 20.49
CA TYR W 95 -30.98 69.59 19.14
C TYR W 95 -29.82 70.58 19.12
N ILE W 96 -29.67 71.36 20.21
CA ILE W 96 -28.46 72.14 20.44
C ILE W 96 -27.93 71.77 21.83
N PRO W 97 -27.36 70.55 21.96
CA PRO W 97 -27.21 69.89 23.27
C PRO W 97 -26.25 70.53 24.25
N ASP W 98 -25.21 71.21 23.73
CA ASP W 98 -24.20 71.81 24.59
C ASP W 98 -24.86 72.85 25.50
N TYR W 99 -25.75 73.65 24.94
CA TYR W 99 -26.41 74.71 25.68
C TYR W 99 -27.71 74.19 26.30
N MET W 100 -28.39 73.29 25.59
CA MET W 100 -29.78 72.98 25.88
C MET W 100 -29.93 71.68 26.66
N TYR W 101 -28.82 70.94 26.86
CA TYR W 101 -28.89 69.68 27.58
C TYR W 101 -27.78 69.60 28.63
N ASN W 102 -26.56 70.04 28.25
CA ASN W 102 -25.35 69.65 28.96
C ASN W 102 -25.09 70.54 30.18
N ARG W 103 -25.75 71.70 30.24
CA ARG W 103 -25.62 72.58 31.40
C ARG W 103 -26.41 72.00 32.57
N ASP W 104 -25.83 72.11 33.78
CA ASP W 104 -26.40 71.53 34.99
C ASP W 104 -27.79 72.11 35.26
N GLU W 105 -27.99 73.36 34.85
CA GLU W 105 -29.21 74.11 35.14
C GLU W 105 -30.38 73.57 34.31
N VAL W 106 -30.06 72.79 33.27
CA VAL W 106 -31.03 72.47 32.24
C VAL W 106 -31.21 70.96 32.11
N ARG W 107 -30.13 70.20 32.34
CA ARG W 107 -30.13 68.75 32.17
C ARG W 107 -31.41 68.14 32.76
N PRO W 108 -32.15 67.31 31.99
CA PRO W 108 -33.40 66.74 32.47
C PRO W 108 -33.17 65.65 33.51
N SER W 109 -34.21 65.37 34.30
CA SER W 109 -34.15 64.34 35.33
C SER W 109 -34.11 62.97 34.67
N ASN W 110 -33.58 61.99 35.40
CA ASN W 110 -33.47 60.62 34.91
C ASN W 110 -33.79 59.66 36.05
N PRO W 111 -34.72 58.69 35.84
CA PRO W 111 -35.12 57.76 36.91
C PRO W 111 -34.07 56.75 37.35
N ILE W 112 -32.98 56.60 36.56
CA ILE W 112 -31.94 55.63 36.86
C ILE W 112 -30.75 56.37 37.47
N LYS W 113 -30.31 55.88 38.64
CA LYS W 113 -29.24 56.50 39.41
C LYS W 113 -28.01 55.58 39.44
N GLY W 114 -26.84 56.20 39.59
CA GLY W 114 -25.59 55.48 39.73
C GLY W 114 -24.60 55.86 38.62
N THR W 115 -23.31 55.62 38.89
CA THR W 115 -22.29 55.72 37.85
C THR W 115 -21.88 54.30 37.47
N PHE W 116 -21.72 54.06 36.15
CA PHE W 116 -21.61 52.71 35.64
C PHE W 116 -20.37 52.54 34.75
N LYS W 117 -19.90 51.29 34.65
CA LYS W 117 -18.90 50.88 33.68
C LYS W 117 -19.60 50.66 32.33
N LEU W 118 -18.81 50.57 31.26
CA LEU W 118 -19.34 50.41 29.91
C LEU W 118 -20.16 49.13 29.81
N GLU W 119 -19.65 48.05 30.43
CA GLU W 119 -20.31 46.75 30.41
C GLU W 119 -21.77 46.90 30.85
N GLN W 120 -21.97 47.79 31.83
CA GLN W 120 -23.25 47.97 32.48
C GLN W 120 -24.21 48.74 31.57
N CYS W 121 -23.67 49.75 30.87
CA CYS W 121 -24.46 50.50 29.89
C CYS W 121 -25.05 49.52 28.89
N VAL W 122 -24.17 48.68 28.32
CA VAL W 122 -24.52 47.79 27.23
C VAL W 122 -25.55 46.77 27.70
N ALA W 123 -25.28 46.14 28.85
CA ALA W 123 -26.11 45.05 29.35
C ALA W 123 -27.53 45.54 29.61
N CYS W 124 -27.64 46.71 30.25
CA CYS W 124 -28.93 47.24 30.66
C CYS W 124 -29.71 47.74 29.45
N HIS W 125 -29.04 48.47 28.57
CA HIS W 125 -29.67 49.08 27.42
C HIS W 125 -29.97 48.05 26.34
N SER W 126 -29.28 46.90 26.37
CA SER W 126 -29.49 45.86 25.38
C SER W 126 -30.94 45.38 25.45
N VAL W 127 -31.59 45.63 26.59
CA VAL W 127 -32.95 45.21 26.81
C VAL W 127 -33.86 46.43 26.86
N MET W 128 -33.38 47.51 27.50
CA MET W 128 -34.16 48.72 27.70
C MET W 128 -34.35 49.48 26.40
N THR W 129 -33.26 49.64 25.63
CA THR W 129 -33.32 50.27 24.31
C THR W 129 -32.56 49.39 23.31
N PRO W 130 -33.12 48.21 22.94
CA PRO W 130 -32.37 47.19 22.21
C PRO W 130 -31.65 47.67 20.94
N GLY W 131 -32.36 48.49 20.15
CA GLY W 131 -31.88 48.96 18.86
C GLY W 131 -30.59 49.74 18.96
N ILE W 132 -30.44 50.51 20.06
CA ILE W 132 -29.27 51.35 20.25
C ILE W 132 -28.03 50.46 20.43
N VAL W 133 -28.19 49.39 21.22
CA VAL W 133 -27.09 48.49 21.50
C VAL W 133 -26.77 47.67 20.26
N ARG W 134 -27.81 47.24 19.53
CA ARG W 134 -27.63 46.53 18.27
C ARG W 134 -26.78 47.36 17.32
N ASP W 135 -27.07 48.67 17.27
CA ASP W 135 -26.36 49.60 16.40
C ASP W 135 -24.93 49.78 16.89
N TYR W 136 -24.78 49.98 18.21
CA TYR W 136 -23.48 50.22 18.82
C TYR W 136 -22.52 49.07 18.54
N ASN W 137 -23.03 47.83 18.69
CA ASN W 137 -22.22 46.64 18.57
C ASN W 137 -21.72 46.47 17.13
N LYS W 138 -22.50 46.99 16.17
CA LYS W 138 -22.13 46.94 14.76
C LYS W 138 -21.05 48.00 14.47
N SER W 139 -21.05 49.07 15.27
CA SER W 139 -20.21 50.24 15.01
C SER W 139 -18.73 49.91 15.25
N ALA W 140 -17.85 50.66 14.58
CA ALA W 140 -16.42 50.51 14.74
C ALA W 140 -16.00 50.98 16.14
N HIS W 141 -16.80 51.87 16.73
CA HIS W 141 -16.54 52.44 18.04
C HIS W 141 -16.41 51.35 19.10
N SER W 142 -17.23 50.29 18.98
CA SER W 142 -17.29 49.23 19.97
C SER W 142 -16.07 48.32 19.86
N LYS W 143 -15.49 48.25 18.65
CA LYS W 143 -14.43 47.29 18.34
C LYS W 143 -13.07 47.96 18.51
N ALA W 144 -13.05 49.27 18.76
CA ALA W 144 -11.83 50.06 18.80
C ALA W 144 -10.92 49.61 19.93
N GLU W 145 -9.60 49.64 19.66
CA GLU W 145 -8.58 49.27 20.62
C GLU W 145 -7.53 50.38 20.70
N PRO W 146 -6.85 50.51 21.86
CA PRO W 146 -6.93 49.59 22.98
C PRO W 146 -8.20 49.68 23.82
N ALA W 147 -8.87 50.84 23.77
CA ALA W 147 -10.11 51.08 24.48
C ALA W 147 -11.21 51.47 23.49
N PRO W 148 -12.44 50.91 23.63
CA PRO W 148 -13.54 51.26 22.74
C PRO W 148 -14.11 52.63 23.06
N THR W 149 -14.63 53.29 22.02
CA THR W 149 -15.43 54.50 22.20
C THR W 149 -16.84 54.08 22.58
N GLY W 150 -17.07 53.97 23.90
CA GLY W 150 -18.30 53.38 24.40
C GLY W 150 -19.35 54.43 24.77
N CYS W 151 -20.52 53.95 25.20
CA CYS W 151 -21.63 54.81 25.58
C CYS W 151 -21.16 55.89 26.55
N ASP W 152 -20.29 55.48 27.50
CA ASP W 152 -19.78 56.34 28.55
C ASP W 152 -18.86 57.41 27.96
N THR W 153 -18.14 57.08 26.89
CA THR W 153 -17.22 58.01 26.24
C THR W 153 -17.98 59.18 25.64
N CYS W 154 -19.21 58.92 25.16
CA CYS W 154 -20.00 59.92 24.46
C CYS W 154 -21.05 60.54 25.38
N HIS W 155 -21.43 59.82 26.46
CA HIS W 155 -22.60 60.22 27.24
C HIS W 155 -22.23 60.49 28.71
N GLY W 156 -21.13 59.92 29.18
CA GLY W 156 -20.72 60.08 30.56
C GLY W 156 -21.02 58.82 31.39
N ASN W 157 -20.44 58.76 32.60
CA ASN W 157 -20.51 57.59 33.46
C ASN W 157 -21.67 57.73 34.45
N ASN W 158 -21.89 58.96 34.93
CA ASN W 158 -22.89 59.24 35.93
C ASN W 158 -24.25 59.37 35.25
N HIS W 159 -25.18 58.48 35.63
CA HIS W 159 -26.48 58.42 34.98
C HIS W 159 -27.34 59.62 35.38
N GLN W 160 -26.93 60.31 36.45
CA GLN W 160 -27.62 61.51 36.90
C GLN W 160 -27.01 62.74 36.25
N LYS W 161 -25.86 62.55 35.60
CA LYS W 161 -25.15 63.64 34.93
C LYS W 161 -24.80 63.24 33.50
N LEU W 162 -25.78 62.67 32.80
CA LEU W 162 -25.62 62.27 31.40
C LEU W 162 -25.55 63.51 30.53
N THR W 163 -24.83 63.39 29.40
CA THR W 163 -24.73 64.47 28.43
C THR W 163 -24.99 63.93 27.02
N MET W 164 -25.46 64.81 26.14
CA MET W 164 -25.64 64.48 24.73
C MET W 164 -24.46 65.06 23.95
N PRO W 165 -23.73 64.23 23.18
CA PRO W 165 -22.51 64.69 22.50
C PRO W 165 -22.82 65.47 21.22
N SER W 166 -22.35 66.72 21.20
CA SER W 166 -22.51 67.58 20.04
C SER W 166 -21.38 67.32 19.05
N SER W 167 -21.34 68.13 17.99
CA SER W 167 -20.28 68.07 16.99
C SER W 167 -18.93 68.40 17.62
N LYS W 168 -18.96 69.20 18.69
CA LYS W 168 -17.76 69.59 19.42
C LYS W 168 -17.15 68.37 20.10
N ALA W 169 -18.02 67.47 20.59
CA ALA W 169 -17.59 66.27 21.29
C ALA W 169 -16.89 65.31 20.33
N CYS W 170 -17.47 65.17 19.12
CA CYS W 170 -16.92 64.30 18.10
C CYS W 170 -15.62 64.89 17.56
N GLY W 171 -15.56 66.23 17.52
CA GLY W 171 -14.53 66.95 16.80
C GLY W 171 -13.32 67.30 17.65
N THR W 172 -13.18 66.62 18.80
CA THR W 172 -12.04 66.81 19.67
C THR W 172 -10.78 66.35 18.93
N ALA W 173 -9.64 66.94 19.30
CA ALA W 173 -8.36 66.72 18.61
C ALA W 173 -7.99 65.24 18.63
N GLU W 174 -8.37 64.56 19.73
CA GLU W 174 -8.04 63.17 19.97
C GLU W 174 -8.87 62.26 19.06
N CYS W 175 -9.98 62.79 18.53
CA CYS W 175 -10.97 61.98 17.83
C CYS W 175 -11.10 62.42 16.37
N HIS W 176 -12.14 63.20 16.05
CA HIS W 176 -12.44 63.52 14.66
C HIS W 176 -12.38 65.02 14.41
N GLU W 177 -11.25 65.64 14.77
CA GLU W 177 -11.06 67.07 14.60
C GLU W 177 -11.07 67.41 13.11
N THR W 178 -10.60 66.47 12.28
CA THR W 178 -10.45 66.69 10.85
C THR W 178 -11.80 67.02 10.23
N GLN W 179 -12.81 66.20 10.54
CA GLN W 179 -14.12 66.32 9.92
C GLN W 179 -14.84 67.55 10.47
N TYR W 180 -14.63 67.83 11.76
CA TYR W 180 -15.24 68.99 12.39
C TYR W 180 -14.75 70.27 11.74
N ASN W 181 -13.42 70.36 11.56
CA ASN W 181 -12.77 71.54 10.99
C ASN W 181 -13.18 71.69 9.53
N GLU W 182 -13.26 70.58 8.80
CA GLU W 182 -13.68 70.58 7.41
C GLU W 182 -15.07 71.20 7.28
N GLN W 183 -16.02 70.66 8.05
CA GLN W 183 -17.40 71.14 8.03
C GLN W 183 -17.42 72.62 8.40
N GLY W 184 -16.60 73.00 9.39
CA GLY W 184 -16.57 74.34 9.95
C GLY W 184 -16.03 75.39 8.97
N GLN W 185 -15.45 74.94 7.85
CA GLN W 185 -14.91 75.82 6.83
C GLN W 185 -16.04 76.47 6.05
N GLY W 186 -17.25 75.91 6.17
CA GLY W 186 -18.41 76.40 5.45
C GLY W 186 -18.78 77.83 5.86
N GLY W 187 -19.31 78.59 4.89
CA GLY W 187 -19.72 79.96 5.12
C GLY W 187 -21.18 80.05 5.55
N ILE W 188 -21.84 81.13 5.15
CA ILE W 188 -23.27 81.31 5.38
C ILE W 188 -24.01 80.31 4.49
N GLY W 189 -25.06 79.70 5.05
CA GLY W 189 -25.90 78.78 4.30
C GLY W 189 -25.24 77.41 4.10
N SER W 190 -24.27 77.09 4.97
CA SER W 190 -23.58 75.82 4.94
C SER W 190 -23.98 74.99 6.16
N HIS W 191 -23.33 73.82 6.33
CA HIS W 191 -23.57 72.96 7.47
C HIS W 191 -22.92 73.53 8.72
N ALA W 192 -22.13 74.60 8.55
CA ALA W 192 -21.37 75.19 9.64
C ALA W 192 -22.21 76.23 10.37
N SER W 193 -23.29 76.71 9.71
CA SER W 193 -24.00 77.89 10.19
C SER W 193 -25.52 77.70 10.16
N CYS W 194 -25.97 76.50 9.78
CA CYS W 194 -27.37 76.24 9.54
C CYS W 194 -28.18 76.26 10.84
N SER W 195 -27.49 76.06 11.98
CA SER W 195 -28.13 76.16 13.27
C SER W 195 -27.94 77.57 13.84
N SER W 196 -26.66 77.97 13.96
CA SER W 196 -26.25 79.17 14.67
C SER W 196 -26.83 80.43 14.04
N PHE W 197 -26.92 80.46 12.71
CA PHE W 197 -27.46 81.61 12.01
C PHE W 197 -28.92 81.34 11.63
N ALA W 198 -29.11 80.42 10.68
CA ALA W 198 -30.37 80.24 9.98
C ALA W 198 -31.52 79.95 10.94
N GLN W 199 -31.24 79.14 11.97
CA GLN W 199 -32.29 78.61 12.84
C GLN W 199 -32.41 79.43 14.12
N VAL W 200 -31.27 79.78 14.72
CA VAL W 200 -31.24 80.49 15.99
C VAL W 200 -31.80 81.89 15.80
N GLU W 201 -31.64 82.44 14.59
CA GLU W 201 -32.11 83.77 14.27
C GLU W 201 -33.21 83.68 13.20
N CYS W 202 -33.99 82.60 13.23
CA CYS W 202 -35.05 82.38 12.27
C CYS W 202 -36.27 83.21 12.66
N ALA W 203 -36.60 84.18 11.80
CA ALA W 203 -37.66 85.15 12.05
C ALA W 203 -38.98 84.44 12.39
N TRP W 204 -39.41 83.53 11.51
CA TRP W 204 -40.73 82.91 11.61
C TRP W 204 -40.84 82.07 12.88
N SER W 205 -39.76 81.35 13.21
CA SER W 205 -39.74 80.47 14.36
C SER W 205 -39.94 81.27 15.65
N ILE W 206 -39.26 82.43 15.72
CA ILE W 206 -39.33 83.33 16.87
C ILE W 206 -40.73 83.92 16.95
N GLU W 207 -41.26 84.33 15.79
CA GLU W 207 -42.53 85.05 15.68
C GLU W 207 -43.68 84.20 16.20
N ARG W 208 -43.68 82.91 15.86
CA ARG W 208 -44.85 82.06 16.00
C ARG W 208 -44.80 81.31 17.34
N PRO W 209 -45.92 80.65 17.75
CA PRO W 209 -45.87 79.66 18.82
C PRO W 209 -44.93 78.52 18.42
N PRO W 210 -44.32 77.81 19.40
CA PRO W 210 -43.47 76.66 19.09
C PRO W 210 -44.39 75.49 18.72
N GLY W 211 -43.99 74.71 17.72
CA GLY W 211 -44.85 73.67 17.20
C GLY W 211 -45.37 74.03 15.82
N ASP W 212 -45.71 75.32 15.66
CA ASP W 212 -45.96 75.90 14.35
C ASP W 212 -44.75 75.63 13.46
N THR W 213 -43.56 75.78 14.04
CA THR W 213 -42.30 75.66 13.32
C THR W 213 -41.36 74.71 14.05
N ALA W 214 -41.93 73.70 14.71
CA ALA W 214 -41.15 72.73 15.47
C ALA W 214 -40.20 71.98 14.54
N GLY W 215 -40.70 71.64 13.35
CA GLY W 215 -39.95 70.89 12.36
C GLY W 215 -38.66 71.59 11.95
N CYS W 216 -38.65 72.92 12.08
CA CYS W 216 -37.52 73.73 11.68
C CYS W 216 -36.35 73.51 12.64
N THR W 217 -36.66 73.35 13.92
CA THR W 217 -35.64 73.09 14.94
C THR W 217 -35.01 71.72 14.67
N PHE W 218 -35.87 70.74 14.36
CA PHE W 218 -35.47 69.35 14.20
C PHE W 218 -34.63 69.17 12.93
N CYS W 219 -34.83 70.03 11.94
CA CYS W 219 -34.18 69.87 10.65
C CYS W 219 -32.87 70.67 10.62
N HIS W 220 -32.92 71.92 11.09
CA HIS W 220 -31.86 72.90 10.85
C HIS W 220 -30.65 72.65 11.74
N THR W 221 -30.90 72.27 13.00
CA THR W 221 -29.85 72.20 14.00
C THR W 221 -28.90 71.05 13.70
N SER W 222 -29.44 69.95 13.15
CA SER W 222 -28.76 68.68 13.02
C SER W 222 -27.38 68.79 12.39
N PRO W 223 -27.23 69.30 11.13
CA PRO W 223 -25.93 69.22 10.44
C PRO W 223 -24.80 69.89 11.23
N GLU W 224 -25.13 70.99 11.91
CA GLU W 224 -24.12 71.78 12.61
C GLU W 224 -23.84 71.19 13.98
N GLU W 225 -24.88 70.67 14.64
CA GLU W 225 -24.80 70.37 16.07
C GLU W 225 -24.60 68.88 16.32
N ARG W 226 -25.16 68.04 15.44
CA ARG W 226 -25.16 66.60 15.65
C ARG W 226 -24.53 65.87 14.46
N CYS W 227 -23.49 65.08 14.75
CA CYS W 227 -22.74 64.38 13.71
C CYS W 227 -23.35 63.01 13.43
N SER W 228 -24.51 62.73 14.04
CA SER W 228 -25.29 61.55 13.71
C SER W 228 -26.03 61.78 12.40
N THR W 229 -25.77 62.95 11.79
CA THR W 229 -26.30 63.31 10.49
C THR W 229 -25.51 62.57 9.42
N CYS W 230 -26.24 62.06 8.41
CA CYS W 230 -25.69 61.34 7.26
C CYS W 230 -25.28 59.92 7.64
N HIS W 231 -24.40 59.78 8.63
CA HIS W 231 -24.12 58.48 9.23
C HIS W 231 -24.85 58.38 10.57
N GLN W 232 -25.95 57.61 10.56
CA GLN W 232 -26.89 57.53 11.67
C GLN W 232 -26.20 56.96 12.90
N ARG W 233 -26.65 57.41 14.08
CA ARG W 233 -26.36 56.74 15.34
C ARG W 233 -27.18 55.45 15.39
N HIS W 234 -26.69 54.43 16.11
CA HIS W 234 -25.41 54.44 16.79
C HIS W 234 -24.39 53.61 16.01
N GLN W 235 -24.70 53.38 14.73
CA GLN W 235 -23.92 52.51 13.86
C GLN W 235 -22.76 53.30 13.26
N PHE W 236 -23.02 54.57 12.93
CA PHE W 236 -22.03 55.49 12.37
C PHE W 236 -21.28 54.84 11.21
N ASP W 237 -22.04 54.39 10.21
CA ASP W 237 -21.49 53.68 9.07
C ASP W 237 -21.23 54.67 7.94
N PRO W 238 -19.95 54.89 7.54
CA PRO W 238 -19.63 55.78 6.42
C PRO W 238 -20.22 55.27 5.10
N ALA W 239 -20.45 53.96 5.03
CA ALA W 239 -20.96 53.33 3.83
C ALA W 239 -22.41 53.75 3.57
N VAL W 240 -23.19 53.92 4.66
CA VAL W 240 -24.57 54.34 4.51
C VAL W 240 -24.60 55.86 4.28
N ALA W 241 -23.57 56.56 4.78
CA ALA W 241 -23.47 58.00 4.66
C ALA W 241 -23.14 58.41 3.23
N ARG W 242 -22.64 57.46 2.43
CA ARG W 242 -22.20 57.74 1.07
C ARG W 242 -23.37 57.66 0.10
N ARG W 243 -24.54 57.25 0.61
CA ARG W 243 -25.73 57.09 -0.22
C ARG W 243 -26.43 58.42 -0.40
N SER W 244 -26.93 58.65 -1.62
CA SER W 244 -27.54 59.91 -2.01
C SER W 244 -28.74 60.23 -1.12
N GLU W 245 -29.50 59.20 -0.75
CA GLU W 245 -30.77 59.36 -0.07
C GLU W 245 -30.58 60.03 1.29
N GLN W 246 -29.35 59.99 1.81
CA GLN W 246 -29.05 60.56 3.12
C GLN W 246 -29.44 62.04 3.16
N CYS W 247 -29.26 62.72 2.03
CA CYS W 247 -29.42 64.16 1.92
C CYS W 247 -30.89 64.53 1.78
N LYS W 248 -31.71 63.57 1.34
CA LYS W 248 -33.08 63.81 0.93
C LYS W 248 -33.92 64.29 2.11
N THR W 249 -33.55 63.85 3.31
CA THR W 249 -34.39 64.07 4.49
C THR W 249 -34.52 65.56 4.80
N CYS W 250 -33.54 66.36 4.34
CA CYS W 250 -33.54 67.79 4.56
C CYS W 250 -33.61 68.54 3.22
N HIS W 251 -32.94 67.99 2.20
CA HIS W 251 -32.79 68.67 0.92
C HIS W 251 -33.90 68.25 -0.04
N TRP W 252 -35.14 68.51 0.37
CA TRP W 252 -36.31 68.25 -0.46
C TRP W 252 -37.35 69.34 -0.21
N GLY W 253 -38.40 69.32 -1.02
CA GLY W 253 -39.62 70.06 -0.68
C GLY W 253 -39.69 71.44 -1.32
N LYS W 254 -40.48 72.31 -0.69
CA LYS W 254 -41.10 73.46 -1.32
C LYS W 254 -40.05 74.48 -1.77
N ASP W 255 -38.95 74.60 -1.03
CA ASP W 255 -38.03 75.72 -1.25
C ASP W 255 -36.63 75.24 -1.62
N HIS W 256 -36.49 73.93 -1.84
CA HIS W 256 -35.24 73.34 -2.32
C HIS W 256 -35.46 71.88 -2.73
N ARG W 257 -35.85 71.69 -4.00
CA ARG W 257 -36.11 70.36 -4.54
C ARG W 257 -34.79 69.72 -4.98
N ASP W 258 -33.82 69.67 -4.05
CA ASP W 258 -32.50 69.15 -4.35
C ASP W 258 -32.59 67.67 -4.69
N TRP W 259 -33.23 66.91 -3.79
CA TRP W 259 -33.40 65.48 -3.96
C TRP W 259 -34.25 65.19 -5.20
N GLU W 260 -35.41 65.84 -5.28
CA GLU W 260 -36.37 65.61 -6.35
C GLU W 260 -35.71 65.83 -7.72
N ALA W 261 -34.91 66.89 -7.82
CA ALA W 261 -34.24 67.25 -9.06
C ALA W 261 -33.23 66.17 -9.44
N TYR W 262 -32.39 65.79 -8.47
CA TYR W 262 -31.38 64.76 -8.67
C TYR W 262 -32.04 63.44 -9.03
N ASP W 263 -33.05 63.06 -8.23
CA ASP W 263 -33.69 61.76 -8.28
C ASP W 263 -34.30 61.51 -9.66
N ILE W 264 -34.94 62.53 -10.23
CA ILE W 264 -35.72 62.33 -11.45
C ILE W 264 -34.86 62.58 -12.68
N GLY W 265 -33.75 63.32 -12.49
CA GLY W 265 -32.78 63.52 -13.54
C GLY W 265 -32.12 62.20 -13.95
N LEU W 266 -31.31 62.23 -15.01
CA LEU W 266 -30.71 61.01 -15.53
C LEU W 266 -29.66 60.47 -14.56
N HIS W 267 -29.03 61.36 -13.77
CA HIS W 267 -28.11 60.93 -12.73
C HIS W 267 -28.86 60.11 -11.69
N GLY W 268 -30.04 60.59 -11.31
CA GLY W 268 -30.88 59.92 -10.32
C GLY W 268 -31.50 58.64 -10.87
N THR W 269 -31.77 58.65 -12.19
CA THR W 269 -32.28 57.47 -12.88
C THR W 269 -31.19 56.38 -12.88
N VAL W 270 -29.99 56.77 -13.30
CA VAL W 270 -28.83 55.88 -13.28
C VAL W 270 -28.64 55.34 -11.86
N TYR W 271 -28.76 56.23 -10.86
CA TYR W 271 -28.55 55.87 -9.47
C TYR W 271 -29.54 54.79 -9.02
N GLN W 272 -30.84 55.04 -9.25
CA GLN W 272 -31.89 54.18 -8.75
C GLN W 272 -31.83 52.81 -9.41
N VAL W 273 -31.33 52.77 -10.64
CA VAL W 273 -31.31 51.56 -11.44
C VAL W 273 -30.12 50.69 -11.03
N ASN W 274 -29.08 51.30 -10.48
CA ASN W 274 -27.77 50.65 -10.34
C ASN W 274 -27.28 50.60 -8.89
N LYS W 275 -27.98 51.28 -7.97
CA LYS W 275 -27.43 51.57 -6.65
C LYS W 275 -27.18 50.30 -5.83
N TRP W 276 -27.93 49.22 -6.12
CA TRP W 276 -27.78 47.97 -5.40
C TRP W 276 -26.93 46.99 -6.19
N ASP W 277 -26.45 47.42 -7.36
CA ASP W 277 -25.49 46.66 -8.14
C ASP W 277 -24.09 47.10 -7.74
N THR W 278 -23.37 46.19 -7.08
CA THR W 278 -22.08 46.47 -6.48
C THR W 278 -21.03 46.76 -7.56
N GLU W 279 -21.31 46.31 -8.79
CA GLU W 279 -20.42 46.49 -9.92
C GLU W 279 -20.51 47.92 -10.46
N GLN W 280 -21.58 48.63 -10.08
CA GLN W 280 -21.86 49.96 -10.59
C GLN W 280 -21.67 51.01 -9.48
N PHE W 281 -22.08 50.63 -8.26
CA PHE W 281 -21.95 51.50 -7.09
C PHE W 281 -21.39 50.69 -5.93
N ASP W 282 -20.16 51.02 -5.54
CA ASP W 282 -19.49 50.35 -4.43
C ASP W 282 -19.35 51.35 -3.28
N PHE W 283 -20.24 51.21 -2.29
CA PHE W 283 -20.32 52.19 -1.20
C PHE W 283 -19.27 51.90 -0.14
N SER W 284 -18.55 50.78 -0.29
CA SER W 284 -17.49 50.42 0.64
C SER W 284 -16.23 51.23 0.36
N LYS W 285 -16.09 51.68 -0.89
CA LYS W 285 -14.98 52.51 -1.32
C LYS W 285 -15.11 53.89 -0.68
N LYS W 286 -13.97 54.50 -0.35
CA LYS W 286 -13.94 55.89 0.10
C LYS W 286 -14.18 56.81 -1.10
N LEU W 287 -14.64 58.03 -0.83
CA LEU W 287 -15.09 58.93 -1.88
C LEU W 287 -13.94 59.30 -2.82
N SER W 288 -12.71 59.22 -2.31
CA SER W 288 -11.52 59.47 -3.11
C SER W 288 -11.36 58.41 -4.20
N ASP W 289 -11.90 57.21 -3.95
CA ASP W 289 -11.71 56.07 -4.82
C ASP W 289 -13.02 55.73 -5.52
N ALA W 290 -14.05 56.57 -5.31
CA ALA W 290 -15.36 56.35 -5.88
C ALA W 290 -15.29 56.33 -7.41
N ASP W 291 -15.69 55.19 -7.98
CA ASP W 291 -15.63 54.98 -9.42
C ASP W 291 -17.01 54.55 -9.92
N TYR W 292 -18.05 55.25 -9.44
CA TYR W 292 -19.43 54.91 -9.77
C TYR W 292 -19.69 55.16 -11.25
N VAL W 293 -20.76 54.55 -11.77
CA VAL W 293 -21.21 54.78 -13.13
C VAL W 293 -21.80 56.19 -13.22
N GLY W 294 -22.54 56.59 -12.17
CA GLY W 294 -23.16 57.90 -12.08
C GLY W 294 -22.82 58.58 -10.76
N PRO W 295 -23.00 59.91 -10.63
CA PRO W 295 -22.64 60.63 -9.40
C PRO W 295 -23.69 60.53 -8.30
N THR W 296 -23.22 60.68 -7.05
CA THR W 296 -24.07 60.86 -5.89
C THR W 296 -23.92 62.29 -5.40
N CYS W 297 -24.83 62.74 -4.52
CA CYS W 297 -24.72 64.06 -3.92
C CYS W 297 -23.29 64.25 -3.39
N GLN W 298 -22.79 63.20 -2.72
CA GLN W 298 -21.49 63.20 -2.06
C GLN W 298 -20.38 63.29 -3.10
N TYR W 299 -20.60 62.64 -4.25
CA TYR W 299 -19.60 62.58 -5.31
C TYR W 299 -19.25 64.00 -5.77
N CYS W 300 -20.26 64.88 -5.80
CA CYS W 300 -20.11 66.22 -6.32
C CYS W 300 -19.81 67.22 -5.20
N HIS W 301 -20.55 67.14 -4.10
CA HIS W 301 -20.52 68.17 -3.08
C HIS W 301 -19.48 67.86 -2.00
N MET W 302 -19.19 66.57 -1.81
CA MET W 302 -18.24 66.14 -0.81
C MET W 302 -17.06 65.45 -1.49
N ARG W 303 -16.59 66.07 -2.59
CA ARG W 303 -15.46 65.61 -3.36
C ARG W 303 -14.30 65.26 -2.43
N GLY W 304 -13.76 64.04 -2.59
CA GLY W 304 -12.62 63.58 -1.82
C GLY W 304 -12.96 63.28 -0.36
N GLY W 305 -14.25 63.40 -0.01
CA GLY W 305 -14.72 63.11 1.33
C GLY W 305 -14.68 64.34 2.24
N HIS W 306 -14.42 65.51 1.66
CA HIS W 306 -14.37 66.76 2.40
C HIS W 306 -15.75 67.06 2.99
N HIS W 307 -15.76 67.46 4.26
CA HIS W 307 -17.00 67.59 5.02
C HIS W 307 -17.63 68.97 4.86
N ASN W 308 -16.86 69.94 4.35
CA ASN W 308 -17.44 71.19 3.91
C ASN W 308 -18.18 70.95 2.60
N VAL W 309 -19.51 70.90 2.72
CA VAL W 309 -20.38 70.46 1.65
C VAL W 309 -20.58 71.61 0.65
N GLN W 310 -20.15 72.81 1.06
CA GLN W 310 -20.33 74.05 0.31
C GLN W 310 -19.03 74.40 -0.39
N ARG W 311 -18.01 73.55 -0.23
CA ARG W 311 -16.65 73.83 -0.66
C ARG W 311 -16.60 74.23 -2.14
N ALA W 312 -17.41 73.57 -2.97
CA ALA W 312 -17.32 73.73 -4.41
C ALA W 312 -18.29 74.81 -4.90
N SER W 313 -19.14 75.33 -4.01
CA SER W 313 -20.13 76.34 -4.34
C SER W 313 -19.45 77.59 -4.91
N ILE W 314 -20.13 78.25 -5.86
CA ILE W 314 -19.58 79.40 -6.54
C ILE W 314 -19.85 80.66 -5.71
N VAL W 315 -21.14 80.94 -5.44
CA VAL W 315 -21.52 82.09 -4.64
C VAL W 315 -22.89 81.82 -4.01
N TYR W 316 -23.06 82.28 -2.77
CA TYR W 316 -24.31 82.11 -2.04
C TYR W 316 -25.36 83.06 -2.61
N THR W 317 -26.49 82.48 -3.04
CA THR W 317 -27.51 83.22 -3.73
C THR W 317 -28.85 83.06 -3.02
N SER W 318 -28.78 82.89 -1.70
CA SER W 318 -29.96 82.88 -0.85
C SER W 318 -30.95 81.84 -1.35
N MET W 319 -30.49 80.58 -1.43
CA MET W 319 -31.28 79.43 -1.83
C MET W 319 -31.60 79.44 -3.32
N GLY W 320 -30.98 80.38 -4.04
CA GLY W 320 -31.21 80.53 -5.48
C GLY W 320 -32.30 81.54 -5.79
N MET W 321 -32.79 82.23 -4.73
CA MET W 321 -33.76 83.30 -4.86
C MET W 321 -33.09 84.54 -5.44
N SER W 322 -31.86 84.83 -4.94
CA SER W 322 -31.00 85.83 -5.55
C SER W 322 -30.38 85.25 -6.82
N MET W 323 -29.99 86.14 -7.75
CA MET W 323 -29.60 85.72 -9.08
C MET W 323 -28.15 86.12 -9.35
N ALA W 324 -27.42 85.23 -10.02
CA ALA W 324 -26.05 85.47 -10.46
C ALA W 324 -25.78 84.66 -11.73
N ASP W 325 -25.05 85.27 -12.67
CA ASP W 325 -24.52 84.55 -13.81
C ASP W 325 -23.22 83.89 -13.37
N ARG W 326 -23.31 82.61 -13.02
CA ARG W 326 -22.19 81.84 -12.48
C ARG W 326 -21.20 81.52 -13.61
N GLY W 327 -21.67 81.66 -14.85
CA GLY W 327 -20.86 81.38 -16.03
C GLY W 327 -20.08 82.62 -16.50
N ALA W 328 -20.24 83.73 -15.78
CA ALA W 328 -19.58 84.99 -16.11
C ALA W 328 -18.07 84.88 -15.83
N PRO W 329 -17.22 85.64 -16.56
CA PRO W 329 -15.76 85.57 -16.38
C PRO W 329 -15.29 85.79 -14.95
N LEU W 330 -16.11 86.45 -14.13
CA LEU W 330 -15.81 86.71 -12.73
C LEU W 330 -15.63 85.40 -11.98
N TRP W 331 -16.45 84.40 -12.33
CA TRP W 331 -16.49 83.13 -11.61
C TRP W 331 -15.85 82.01 -12.43
N LYS W 332 -14.96 82.38 -13.36
CA LYS W 332 -14.43 81.43 -14.33
C LYS W 332 -13.76 80.26 -13.61
N GLU W 333 -12.91 80.58 -12.62
CA GLU W 333 -12.11 79.57 -11.95
C GLU W 333 -13.01 78.62 -11.15
N LYS W 334 -14.11 79.15 -10.61
CA LYS W 334 -15.00 78.39 -9.75
C LYS W 334 -15.87 77.46 -10.59
N ARG W 335 -16.28 77.94 -11.77
CA ARG W 335 -17.05 77.15 -12.72
C ARG W 335 -16.15 76.07 -13.32
N ASP W 336 -14.90 76.42 -13.59
CA ASP W 336 -13.91 75.49 -14.12
C ASP W 336 -13.78 74.30 -13.17
N ARG W 337 -13.82 74.56 -11.86
CA ARG W 337 -13.68 73.52 -10.85
C ARG W 337 -14.84 72.53 -10.96
N TRP W 338 -16.03 73.05 -11.23
CA TRP W 338 -17.22 72.21 -11.39
C TRP W 338 -17.09 71.34 -12.64
N VAL W 339 -16.52 71.92 -13.71
CA VAL W 339 -16.29 71.21 -14.94
C VAL W 339 -15.31 70.07 -14.69
N SER W 340 -14.39 70.27 -13.73
CA SER W 340 -13.39 69.28 -13.35
C SER W 340 -14.04 68.05 -12.72
N ILE W 341 -15.16 68.28 -12.03
CA ILE W 341 -15.91 67.22 -11.37
C ILE W 341 -16.72 66.45 -12.41
N CYS W 342 -17.35 67.17 -13.34
CA CYS W 342 -18.13 66.55 -14.40
C CYS W 342 -17.21 65.84 -15.38
N ASP W 343 -15.97 66.36 -15.50
CA ASP W 343 -14.91 65.85 -16.36
C ASP W 343 -14.76 64.34 -16.21
N ASP W 344 -15.13 63.82 -15.03
CA ASP W 344 -14.93 62.43 -14.67
C ASP W 344 -15.64 61.51 -15.65
N CYS W 345 -16.77 61.99 -16.21
CA CYS W 345 -17.63 61.13 -17.01
C CYS W 345 -18.16 61.86 -18.24
N HIS W 346 -17.68 63.09 -18.47
CA HIS W 346 -18.10 63.89 -19.62
C HIS W 346 -16.90 64.68 -20.15
N SER W 347 -17.01 65.10 -21.42
CA SER W 347 -16.07 66.05 -21.99
C SER W 347 -16.23 67.40 -21.30
N PRO W 348 -15.13 68.16 -21.07
CA PRO W 348 -15.22 69.50 -20.49
C PRO W 348 -16.29 70.35 -21.17
N ARG W 349 -16.33 70.27 -22.51
CA ARG W 349 -17.21 71.10 -23.32
C ARG W 349 -18.68 70.81 -22.96
N PHE W 350 -19.03 69.52 -22.95
CA PHE W 350 -20.40 69.10 -22.70
C PHE W 350 -20.89 69.64 -21.36
N ALA W 351 -20.04 69.53 -20.33
CA ALA W 351 -20.38 69.94 -18.98
C ALA W 351 -20.47 71.47 -18.90
N ARG W 352 -19.46 72.14 -19.49
CA ARG W 352 -19.35 73.58 -19.47
C ARG W 352 -20.62 74.21 -20.06
N GLU W 353 -21.09 73.62 -21.17
CA GLU W 353 -22.19 74.19 -21.94
C GLU W 353 -23.52 73.86 -21.28
N ASN W 354 -23.59 72.71 -20.59
CA ASN W 354 -24.79 72.32 -19.89
C ASN W 354 -25.03 73.24 -18.70
N LEU W 355 -23.94 73.62 -18.02
CA LEU W 355 -24.03 74.50 -16.86
C LEU W 355 -24.29 75.92 -17.32
N GLN W 356 -23.86 76.23 -18.55
CA GLN W 356 -24.16 77.53 -19.15
C GLN W 356 -25.67 77.66 -19.37
N ALA W 357 -26.30 76.56 -19.79
CA ALA W 357 -27.73 76.50 -19.99
C ALA W 357 -28.45 76.82 -18.69
N MET W 358 -27.91 76.31 -17.58
CA MET W 358 -28.45 76.58 -16.25
C MET W 358 -28.43 78.08 -15.99
N ASP W 359 -27.28 78.71 -16.25
CA ASP W 359 -27.07 80.13 -16.04
C ASP W 359 -28.15 80.94 -16.76
N GLU W 360 -28.46 80.52 -17.99
CA GLU W 360 -29.41 81.21 -18.86
C GLU W 360 -30.82 81.06 -18.29
N SER W 361 -31.13 79.87 -17.78
CA SER W 361 -32.43 79.59 -17.18
C SER W 361 -32.63 80.46 -15.95
N VAL W 362 -31.55 80.65 -15.19
CA VAL W 362 -31.57 81.41 -13.94
C VAL W 362 -31.83 82.88 -14.25
N LYS W 363 -31.19 83.39 -15.31
CA LYS W 363 -31.30 84.78 -15.71
C LYS W 363 -32.70 85.07 -16.25
N ASP W 364 -33.24 84.13 -17.04
CA ASP W 364 -34.54 84.27 -17.66
C ASP W 364 -35.64 84.18 -16.60
N ALA W 365 -35.35 83.47 -15.50
CA ALA W 365 -36.29 83.31 -14.41
C ALA W 365 -36.45 84.62 -13.67
N SER W 366 -35.34 85.32 -13.45
CA SER W 366 -35.34 86.57 -12.72
C SER W 366 -35.96 87.69 -13.56
N LEU W 367 -35.85 87.56 -14.88
CA LEU W 367 -36.52 88.46 -15.82
C LEU W 367 -38.02 88.42 -15.55
N LYS W 368 -38.56 87.21 -15.40
CA LYS W 368 -39.98 87.01 -15.12
C LYS W 368 -40.36 87.60 -13.77
N TYR W 369 -39.49 87.38 -12.75
CA TYR W 369 -39.81 87.81 -11.40
C TYR W 369 -39.79 89.34 -11.32
N ARG W 370 -38.86 89.96 -12.04
CA ARG W 370 -38.77 91.41 -12.10
C ARG W 370 -40.10 91.98 -12.60
N GLU W 371 -40.68 91.35 -13.62
CA GLU W 371 -41.98 91.75 -14.13
C GLU W 371 -43.05 91.52 -13.07
N THR W 372 -42.94 90.40 -12.35
CA THR W 372 -43.90 90.03 -11.33
C THR W 372 -43.83 91.03 -10.18
N PHE W 373 -42.60 91.39 -9.80
CA PHE W 373 -42.37 92.26 -8.66
C PHE W 373 -42.87 93.67 -8.96
N LYS W 374 -42.65 94.12 -10.22
CA LYS W 374 -43.05 95.45 -10.66
C LYS W 374 -44.54 95.65 -10.41
N VAL W 375 -45.34 94.64 -10.77
CA VAL W 375 -46.79 94.66 -10.62
C VAL W 375 -47.14 94.87 -9.15
N ALA W 376 -46.41 94.18 -8.26
CA ALA W 376 -46.66 94.21 -6.83
C ALA W 376 -46.21 95.54 -6.22
N GLU W 377 -45.06 96.04 -6.70
CA GLU W 377 -44.47 97.27 -6.20
C GLU W 377 -45.34 98.47 -6.60
N ASP W 378 -45.91 98.40 -7.81
CA ASP W 378 -46.76 99.47 -8.32
C ASP W 378 -48.02 99.61 -7.48
N LEU W 379 -48.55 98.48 -7.01
CA LEU W 379 -49.75 98.48 -6.18
C LEU W 379 -49.46 99.22 -4.87
N LEU W 380 -48.23 99.08 -4.37
CA LEU W 380 -47.84 99.69 -3.11
C LEU W 380 -47.64 101.19 -3.30
N ILE W 381 -46.93 101.56 -4.37
CA ILE W 381 -46.59 102.95 -4.65
C ILE W 381 -47.88 103.73 -4.95
N ASP W 382 -48.80 103.11 -5.69
CA ASP W 382 -50.08 103.73 -6.02
C ASP W 382 -51.03 103.66 -4.83
N GLY W 383 -50.64 102.91 -3.79
CA GLY W 383 -51.38 102.82 -2.55
C GLY W 383 -52.71 102.07 -2.67
N VAL W 384 -52.84 101.26 -3.73
CA VAL W 384 -54.09 100.58 -4.01
C VAL W 384 -53.99 99.11 -3.61
N LEU W 385 -52.84 98.72 -3.05
CA LEU W 385 -52.63 97.38 -2.53
C LEU W 385 -53.61 97.12 -1.39
N ASP W 386 -54.20 95.92 -1.38
CA ASP W 386 -55.37 95.65 -0.56
C ASP W 386 -55.10 94.50 0.41
N PRO W 387 -54.64 94.83 1.63
CA PRO W 387 -54.44 96.20 2.08
C PRO W 387 -52.97 96.60 2.08
N MET W 388 -52.71 97.85 2.48
CA MET W 388 -51.36 98.38 2.63
C MET W 388 -50.76 97.80 3.91
N PRO W 389 -49.40 97.70 4.00
CA PRO W 389 -48.74 97.10 5.16
C PRO W 389 -49.18 97.63 6.53
N LYS W 390 -49.62 98.89 6.57
CA LYS W 390 -49.99 99.56 7.81
C LYS W 390 -51.28 98.96 8.37
N ASP W 391 -52.04 98.29 7.50
CA ASP W 391 -53.35 97.76 7.85
C ASP W 391 -53.28 96.24 8.07
N LEU W 392 -52.08 95.68 7.89
CA LEU W 392 -51.81 94.29 8.23
C LEU W 392 -51.40 94.21 9.70
N CYS W 393 -51.45 93.00 10.26
CA CYS W 393 -50.88 92.71 11.56
C CYS W 393 -49.40 93.11 11.54
N PRO W 394 -48.86 93.67 12.65
CA PRO W 394 -47.43 93.98 12.73
C PRO W 394 -46.58 92.74 12.54
N ASP W 395 -45.45 92.89 11.85
CA ASP W 395 -44.52 91.80 11.56
C ASP W 395 -43.84 91.34 12.85
N TRP W 396 -42.97 90.34 12.74
CA TRP W 396 -42.32 89.72 13.89
C TRP W 396 -41.60 90.77 14.73
N SER W 397 -41.16 91.85 14.06
CA SER W 397 -40.37 92.90 14.65
C SER W 397 -41.25 93.85 15.46
N GLY W 398 -42.55 93.86 15.15
CA GLY W 398 -43.51 94.78 15.74
C GLY W 398 -43.68 96.03 14.88
N GLN W 399 -43.34 95.90 13.59
CA GLN W 399 -43.37 97.00 12.64
C GLN W 399 -44.35 96.69 11.51
N HIS W 400 -44.63 97.71 10.69
CA HIS W 400 -45.51 97.56 9.54
C HIS W 400 -44.74 97.78 8.26
N ILE W 401 -43.54 97.17 8.16
CA ILE W 401 -42.71 97.25 6.97
C ILE W 401 -43.28 96.32 5.91
N TRP W 402 -43.17 96.73 4.64
CA TRP W 402 -43.63 95.95 3.51
C TRP W 402 -42.88 94.63 3.46
N SER W 403 -43.62 93.54 3.26
CA SER W 403 -43.10 92.18 3.22
C SER W 403 -41.94 92.06 2.23
N LEU W 404 -42.12 92.62 1.03
CA LEU W 404 -41.22 92.38 -0.09
C LEU W 404 -40.08 93.39 -0.12
N LYS W 405 -40.01 94.28 0.88
CA LYS W 405 -39.01 95.32 0.89
C LYS W 405 -37.63 94.73 1.13
N ILE W 406 -36.72 94.98 0.18
CA ILE W 406 -35.31 94.66 0.30
C ILE W 406 -34.56 95.95 0.59
N GLY W 407 -33.98 96.04 1.79
CA GLY W 407 -33.35 97.25 2.30
C GLY W 407 -32.25 97.81 1.40
N ALA W 408 -31.62 96.92 0.62
CA ALA W 408 -30.49 97.30 -0.22
C ALA W 408 -30.96 97.96 -1.50
N TYR W 409 -32.24 97.79 -1.85
CA TYR W 409 -32.76 98.27 -3.12
C TYR W 409 -33.90 99.27 -2.92
N HIS W 410 -34.63 99.14 -1.79
CA HIS W 410 -35.84 99.90 -1.59
C HIS W 410 -35.67 100.88 -0.43
N ASP W 411 -36.12 102.12 -0.64
CA ASP W 411 -36.14 103.14 0.40
C ASP W 411 -37.26 104.12 0.09
N GLY W 412 -38.05 104.45 1.13
CA GLY W 412 -39.16 105.38 0.97
C GLY W 412 -40.20 105.23 2.07
N GLU W 413 -41.17 106.15 2.06
CA GLU W 413 -42.24 106.22 3.05
C GLU W 413 -43.18 105.03 2.89
N ALA W 414 -43.41 104.64 1.63
CA ALA W 414 -44.38 103.61 1.28
C ALA W 414 -43.92 102.24 1.75
N TYR W 415 -42.59 102.05 1.81
CA TYR W 415 -41.98 100.76 2.13
C TYR W 415 -41.96 100.55 3.65
N GLY W 416 -41.73 101.64 4.40
CA GLY W 416 -41.64 101.58 5.85
C GLY W 416 -40.23 101.21 6.32
N GLY W 417 -40.01 101.29 7.63
CA GLY W 417 -38.74 100.93 8.25
C GLY W 417 -37.65 101.97 7.99
N THR W 418 -36.52 101.81 8.68
CA THR W 418 -35.38 102.71 8.53
C THR W 418 -34.66 102.42 7.23
N THR W 419 -33.72 103.30 6.86
CA THR W 419 -32.96 103.18 5.63
C THR W 419 -32.07 101.95 5.70
N GLY W 420 -32.18 101.08 4.68
CA GLY W 420 -31.35 99.89 4.57
C GLY W 420 -31.99 98.67 5.22
N GLU W 421 -33.05 98.90 6.01
CA GLU W 421 -33.74 97.83 6.72
C GLU W 421 -34.73 97.15 5.77
N SER W 422 -34.73 95.81 5.79
CA SER W 422 -35.62 95.02 4.96
C SER W 422 -36.93 94.75 5.70
N GLY W 423 -37.92 94.25 4.96
CA GLY W 423 -39.16 93.75 5.55
C GLY W 423 -39.04 92.28 5.91
N GLU W 424 -40.07 91.76 6.59
CA GLU W 424 -40.11 90.34 6.92
C GLU W 424 -40.66 89.58 5.72
N PHE W 425 -39.74 89.04 4.90
CA PHE W 425 -40.06 88.24 3.73
C PHE W 425 -40.84 87.00 4.18
N ARG W 426 -42.08 86.86 3.70
CA ARG W 426 -42.98 85.83 4.20
C ARG W 426 -44.07 85.51 3.18
N MET W 427 -44.73 84.38 3.42
CA MET W 427 -45.88 83.92 2.65
C MET W 427 -47.13 84.02 3.52
N SER W 428 -46.94 84.47 4.77
CA SER W 428 -47.99 84.57 5.75
C SER W 428 -48.26 86.05 6.07
N ASN W 429 -49.46 86.32 6.60
CA ASN W 429 -49.85 87.64 7.08
C ASN W 429 -49.47 88.70 6.04
N CYS W 430 -50.10 88.60 4.87
CA CYS W 430 -49.85 89.51 3.77
C CYS W 430 -51.00 89.41 2.76
N THR W 431 -50.87 90.14 1.65
CA THR W 431 -51.82 90.09 0.55
C THR W 431 -51.50 88.88 -0.32
N ASP W 432 -52.45 88.53 -1.19
CA ASP W 432 -52.25 87.46 -2.16
C ASP W 432 -51.09 87.80 -3.08
N VAL W 433 -50.98 89.09 -3.43
CA VAL W 433 -49.97 89.56 -4.37
C VAL W 433 -48.59 89.38 -3.76
N GLU W 434 -48.46 89.73 -2.47
CA GLU W 434 -47.22 89.53 -1.73
C GLU W 434 -46.88 88.04 -1.66
N ARG W 435 -47.91 87.23 -1.36
CA ARG W 435 -47.77 85.80 -1.17
C ARG W 435 -47.29 85.14 -2.47
N LEU W 436 -47.94 85.49 -3.58
CA LEU W 436 -47.66 84.87 -4.88
C LEU W 436 -46.26 85.25 -5.35
N CYS W 437 -45.81 86.46 -4.99
CA CYS W 437 -44.47 86.91 -5.29
C CYS W 437 -43.47 86.07 -4.53
N PHE W 438 -43.74 85.83 -3.25
CA PHE W 438 -42.89 85.00 -2.40
C PHE W 438 -42.79 83.60 -3.01
N GLU W 439 -43.95 83.05 -3.40
CA GLU W 439 -44.03 81.70 -3.95
C GLU W 439 -43.25 81.61 -5.26
N SER W 440 -43.30 82.68 -6.06
CA SER W 440 -42.70 82.68 -7.40
C SER W 440 -41.19 82.58 -7.30
N VAL W 441 -40.59 83.37 -6.39
CA VAL W 441 -39.14 83.45 -6.28
C VAL W 441 -38.65 82.42 -5.27
N GLY W 442 -39.46 82.15 -4.24
CA GLY W 442 -39.04 81.36 -3.10
C GLY W 442 -39.26 79.86 -3.30
N TYR W 443 -40.18 79.52 -4.21
CA TYR W 443 -40.47 78.13 -4.53
C TYR W 443 -40.08 77.86 -5.98
N PHE W 444 -40.83 78.44 -6.92
CA PHE W 444 -40.78 78.07 -8.33
C PHE W 444 -39.41 78.37 -8.94
N GLN W 445 -38.82 79.51 -8.56
CA GLN W 445 -37.54 79.94 -9.12
C GLN W 445 -36.44 78.96 -8.68
N THR W 446 -36.54 78.46 -7.44
CA THR W 446 -35.55 77.55 -6.89
C THR W 446 -35.59 76.22 -7.64
N TYR W 447 -36.77 75.85 -8.14
CA TYR W 447 -36.94 74.62 -8.90
C TYR W 447 -36.18 74.72 -10.22
N ILE W 448 -36.02 75.95 -10.72
CA ILE W 448 -35.33 76.19 -11.98
C ILE W 448 -33.83 76.05 -11.75
N TYR W 449 -33.31 76.71 -10.70
CA TYR W 449 -31.90 76.65 -10.40
C TYR W 449 -31.49 75.22 -10.06
N LYS W 450 -32.15 74.64 -9.06
CA LYS W 450 -31.83 73.31 -8.57
C LYS W 450 -32.13 72.28 -9.67
N GLY W 451 -33.24 72.49 -10.39
CA GLY W 451 -33.62 71.60 -11.48
C GLY W 451 -32.53 71.50 -12.55
N MET W 452 -32.07 72.65 -13.03
CA MET W 452 -31.09 72.73 -14.11
C MET W 452 -29.73 72.25 -13.64
N ALA W 453 -29.44 72.48 -12.35
CA ALA W 453 -28.15 72.13 -11.75
C ALA W 453 -28.01 70.62 -11.62
N HIS W 454 -29.14 69.92 -11.47
CA HIS W 454 -29.13 68.50 -11.16
C HIS W 454 -29.64 67.67 -12.32
N GLY W 455 -30.08 68.34 -13.40
CA GLY W 455 -30.41 67.70 -14.65
C GLY W 455 -31.89 67.31 -14.75
N SER W 456 -32.73 67.92 -13.92
CA SER W 456 -34.17 67.72 -13.99
C SER W 456 -34.80 68.79 -14.87
N TRP W 457 -35.06 68.41 -16.13
CA TRP W 457 -35.54 69.33 -17.15
C TRP W 457 -36.98 69.75 -16.87
N ASN W 458 -37.76 68.87 -16.25
CA ASN W 458 -39.16 69.12 -16.00
C ASN W 458 -39.32 70.02 -14.78
N ASP W 459 -38.38 69.92 -13.83
CA ASP W 459 -38.40 70.74 -12.63
C ASP W 459 -38.14 72.20 -13.00
N ALA W 460 -37.46 72.41 -14.13
CA ALA W 460 -37.07 73.74 -14.58
C ALA W 460 -38.12 74.32 -15.52
N THR W 461 -39.09 73.49 -15.93
CA THR W 461 -40.10 73.90 -16.89
C THR W 461 -41.50 73.61 -16.36
N TYR W 462 -42.06 72.45 -16.74
CA TYR W 462 -43.46 72.12 -16.53
C TYR W 462 -43.80 71.97 -15.05
N SER W 463 -42.94 71.27 -14.31
CA SER W 463 -43.21 70.89 -12.93
C SER W 463 -42.93 72.06 -11.99
N ASP W 464 -43.74 73.12 -12.12
CA ASP W 464 -43.73 74.28 -11.24
C ASP W 464 -42.43 75.06 -11.37
N GLY W 465 -41.76 74.91 -12.52
CA GLY W 465 -40.53 75.62 -12.79
C GLY W 465 -40.80 76.96 -13.47
N SER W 466 -40.28 77.10 -14.70
CA SER W 466 -40.48 78.28 -15.53
C SER W 466 -41.97 78.55 -15.69
N PHE W 467 -42.74 77.48 -15.93
CA PHE W 467 -44.16 77.61 -16.22
C PHE W 467 -44.95 77.81 -14.94
N GLY W 468 -44.33 77.48 -13.80
CA GLY W 468 -44.89 77.80 -12.49
C GLY W 468 -44.91 79.30 -12.27
N MET W 469 -43.79 79.95 -12.61
CA MET W 469 -43.61 81.39 -12.47
C MET W 469 -44.55 82.11 -13.44
N ASP W 470 -44.76 81.50 -14.62
CA ASP W 470 -45.66 82.00 -15.63
C ASP W 470 -47.08 82.08 -15.07
N ARG W 471 -47.49 80.99 -14.41
CA ARG W 471 -48.84 80.84 -13.89
C ARG W 471 -49.07 81.86 -12.76
N TRP W 472 -48.03 82.09 -11.96
CA TRP W 472 -48.12 82.98 -10.82
C TRP W 472 -48.09 84.44 -11.25
N LEU W 473 -47.40 84.72 -12.36
CA LEU W 473 -47.37 86.05 -12.95
C LEU W 473 -48.77 86.45 -13.38
N VAL W 474 -49.48 85.50 -14.03
CA VAL W 474 -50.86 85.68 -14.44
C VAL W 474 -51.72 85.94 -13.22
N ASN W 475 -51.48 85.17 -12.14
CA ASN W 475 -52.25 85.24 -10.92
C ASN W 475 -52.05 86.59 -10.23
N VAL W 476 -50.81 87.10 -10.28
CA VAL W 476 -50.47 88.38 -9.68
C VAL W 476 -51.15 89.51 -10.46
N LYS W 477 -51.06 89.45 -11.79
CA LYS W 477 -51.62 90.45 -12.68
C LYS W 477 -53.13 90.57 -12.46
N GLN W 478 -53.79 89.40 -12.34
CA GLN W 478 -55.24 89.34 -12.18
C GLN W 478 -55.63 89.98 -10.84
N ASN W 479 -54.86 89.68 -9.79
CA ASN W 479 -55.11 90.19 -8.45
C ASN W 479 -54.86 91.70 -8.41
N ALA W 480 -53.89 92.16 -9.20
CA ALA W 480 -53.57 93.58 -9.32
C ALA W 480 -54.73 94.30 -10.02
N SER W 481 -55.20 93.70 -11.13
CA SER W 481 -56.28 94.24 -11.93
C SER W 481 -57.54 94.43 -11.08
N ARG W 482 -57.89 93.39 -10.32
CA ARG W 482 -59.11 93.39 -9.51
C ARG W 482 -59.03 94.48 -8.45
N ALA W 483 -57.86 94.60 -7.80
CA ALA W 483 -57.66 95.54 -6.71
C ALA W 483 -57.73 96.97 -7.23
N ARG W 484 -57.24 97.20 -8.45
CA ARG W 484 -57.22 98.51 -9.07
C ARG W 484 -58.62 98.89 -9.54
N ARG W 485 -59.39 97.88 -9.98
CA ARG W 485 -60.74 98.09 -10.48
C ARG W 485 -61.68 98.48 -9.34
N LEU W 486 -61.44 97.88 -8.16
CA LEU W 486 -62.23 98.14 -6.97
C LEU W 486 -61.92 99.54 -6.44
N ALA W 487 -60.64 99.90 -6.44
CA ALA W 487 -60.18 101.18 -5.93
C ALA W 487 -60.74 102.31 -6.78
N ALA W 488 -60.82 102.09 -8.10
CA ALA W 488 -61.33 103.07 -9.05
C ALA W 488 -62.83 103.28 -8.83
N LEU W 489 -63.55 102.17 -8.60
CA LEU W 489 -64.99 102.20 -8.39
C LEU W 489 -65.31 102.93 -7.10
N GLU W 490 -64.51 102.67 -6.06
CA GLU W 490 -64.74 103.21 -4.73
C GLU W 490 -64.47 104.71 -4.70
N LYS W 491 -63.49 105.16 -5.49
CA LYS W 491 -63.19 106.58 -5.61
C LYS W 491 -64.39 107.31 -6.21
N LYS W 492 -64.90 106.77 -7.33
CA LYS W 492 -65.94 107.44 -8.10
C LYS W 492 -67.27 107.46 -7.33
N VAL W 493 -67.52 106.40 -6.55
CA VAL W 493 -68.77 106.28 -5.82
C VAL W 493 -68.63 106.99 -4.47
N GLY W 494 -67.38 107.25 -4.07
CA GLY W 494 -67.10 108.01 -2.86
C GLY W 494 -67.06 107.15 -1.60
N ILE W 495 -66.68 105.87 -1.78
CA ILE W 495 -66.41 104.99 -0.66
C ILE W 495 -64.91 105.03 -0.38
N SER W 496 -64.57 105.30 0.89
CA SER W 496 -63.22 105.08 1.37
C SER W 496 -63.17 103.72 2.07
N TRP W 497 -62.52 102.74 1.40
CA TRP W 497 -62.52 101.37 1.86
C TRP W 497 -61.76 101.23 3.18
N GLN W 498 -62.46 100.73 4.20
CA GLN W 498 -61.87 100.41 5.48
C GLN W 498 -61.38 98.96 5.44
N PRO W 499 -60.05 98.71 5.47
CA PRO W 499 -59.52 97.35 5.48
C PRO W 499 -60.11 96.55 6.64
N GLU W 500 -60.48 95.30 6.35
CA GLU W 500 -61.23 94.45 7.25
C GLU W 500 -60.39 94.13 8.50
N GLN W 501 -61.08 93.66 9.54
CA GLN W 501 -60.49 93.47 10.85
C GLN W 501 -59.54 92.27 10.83
N PHE W 502 -59.78 91.33 9.91
CA PHE W 502 -59.05 90.06 9.89
C PHE W 502 -57.63 90.25 9.35
N TRP W 503 -57.36 91.39 8.73
CA TRP W 503 -56.00 91.71 8.30
C TRP W 503 -55.14 92.07 9.50
N LYS W 504 -55.78 92.65 10.53
CA LYS W 504 -55.10 93.17 11.70
C LYS W 504 -54.99 92.08 12.77
N THR W 505 -56.14 91.48 13.11
CA THR W 505 -56.22 90.56 14.23
C THR W 505 -56.93 89.28 13.81
N GLY W 506 -56.77 88.25 14.64
CA GLY W 506 -57.29 86.91 14.42
C GLY W 506 -56.70 85.94 15.44
N GLU W 507 -57.30 84.76 15.56
CA GLU W 507 -56.96 83.84 16.64
C GLU W 507 -55.47 83.50 16.59
N TRP W 508 -54.93 83.30 15.39
CA TRP W 508 -53.53 82.95 15.21
C TRP W 508 -52.66 84.21 15.29
N LEU W 509 -53.07 85.26 14.58
CA LEU W 509 -52.33 86.51 14.48
C LEU W 509 -52.03 87.07 15.87
N ASP W 510 -53.01 86.95 16.78
CA ASP W 510 -52.93 87.53 18.12
C ASP W 510 -51.82 86.86 18.93
N GLN W 511 -51.40 85.66 18.49
CA GLN W 511 -50.45 84.85 19.23
C GLN W 511 -49.01 85.17 18.81
N LEU W 512 -48.87 86.05 17.82
CA LEU W 512 -47.57 86.36 17.22
C LEU W 512 -46.83 87.39 18.05
N THR W 513 -45.56 87.63 17.68
CA THR W 513 -44.66 88.53 18.38
C THR W 513 -45.06 89.98 18.11
N GLY W 514 -45.42 90.26 16.85
CA GLY W 514 -45.83 91.58 16.41
C GLY W 514 -46.78 92.26 17.39
N PRO W 515 -48.02 91.75 17.54
CA PRO W 515 -49.00 92.33 18.48
C PRO W 515 -48.50 92.47 19.91
N TYR W 516 -47.67 91.52 20.37
CA TYR W 516 -47.18 91.52 21.74
C TYR W 516 -46.26 92.72 21.95
N ILE W 517 -45.38 92.98 20.97
CA ILE W 517 -44.40 94.06 21.06
C ILE W 517 -45.10 95.40 21.05
N VAL W 518 -46.06 95.55 20.11
CA VAL W 518 -46.83 96.77 19.95
C VAL W 518 -47.56 97.11 21.25
N LYS W 519 -48.11 96.08 21.91
CA LYS W 519 -48.93 96.27 23.10
C LYS W 519 -48.05 96.52 24.32
N ASN W 520 -46.98 95.72 24.48
CA ASN W 520 -46.28 95.65 25.75
C ASN W 520 -45.02 96.50 25.76
N HIS W 521 -44.45 96.75 24.57
CA HIS W 521 -43.26 97.58 24.46
C HIS W 521 -43.48 98.62 23.36
N PRO W 522 -44.38 99.61 23.58
CA PRO W 522 -44.99 100.38 22.49
C PRO W 522 -44.03 101.05 21.51
N GLY W 523 -42.98 101.67 22.05
CA GLY W 523 -42.12 102.52 21.23
C GLY W 523 -41.06 101.75 20.46
N LYS W 524 -40.88 100.47 20.81
CA LYS W 524 -39.65 99.75 20.46
C LYS W 524 -39.95 98.59 19.50
N THR W 525 -38.87 98.04 18.92
CA THR W 525 -38.90 96.87 18.06
C THR W 525 -38.18 95.71 18.73
N ILE W 526 -38.19 94.53 18.08
CA ILE W 526 -37.59 93.34 18.64
C ILE W 526 -36.07 93.51 18.71
N PHE W 527 -35.53 94.35 17.80
CA PHE W 527 -34.11 94.60 17.72
C PHE W 527 -33.66 95.44 18.90
N ASP W 528 -34.57 96.32 19.38
CA ASP W 528 -34.32 97.13 20.56
C ASP W 528 -34.32 96.20 21.79
N LEU W 529 -35.27 95.26 21.81
CA LEU W 529 -35.51 94.42 22.96
C LEU W 529 -34.47 93.29 23.02
N CYS W 530 -33.81 93.02 21.89
CA CYS W 530 -32.76 92.02 21.82
C CYS W 530 -31.47 92.68 21.31
N PRO W 531 -30.75 93.43 22.16
CA PRO W 531 -29.65 94.27 21.70
C PRO W 531 -28.33 93.54 21.48
N ASP W 532 -28.27 92.28 21.92
CA ASP W 532 -27.07 91.46 21.86
C ASP W 532 -26.58 91.34 20.42
N PRO W 533 -25.26 91.16 20.18
CA PRO W 533 -24.73 90.96 18.84
C PRO W 533 -25.24 89.65 18.23
N GLY W 534 -25.59 89.71 16.95
CA GLY W 534 -26.08 88.55 16.21
C GLY W 534 -24.94 87.76 15.58
N TRP W 535 -25.31 86.77 14.75
CA TRP W 535 -24.36 85.87 14.11
C TRP W 535 -23.52 86.65 13.11
N LEU W 536 -24.18 87.57 12.38
CA LEU W 536 -23.54 88.32 11.31
C LEU W 536 -22.50 89.29 11.87
N ASP W 537 -22.65 89.63 13.16
CA ASP W 537 -21.78 90.59 13.81
C ASP W 537 -20.42 89.94 14.13
N THR W 538 -20.41 88.62 14.30
CA THR W 538 -19.25 87.89 14.78
C THR W 538 -18.68 86.97 13.71
N HIS W 539 -19.41 86.80 12.60
CA HIS W 539 -19.01 85.91 11.54
C HIS W 539 -18.95 86.65 10.20
N HIS W 540 -17.78 86.60 9.55
CA HIS W 540 -17.52 87.33 8.32
C HIS W 540 -17.06 86.37 7.23
N ALA W 541 -17.05 86.84 5.99
CA ALA W 541 -16.57 86.07 4.85
C ALA W 541 -15.07 85.85 4.99
N PRO W 542 -14.54 84.67 4.57
CA PRO W 542 -13.11 84.38 4.68
C PRO W 542 -12.26 85.34 3.82
N ALA W 543 -11.02 85.56 4.27
CA ALA W 543 -10.11 86.52 3.67
C ALA W 543 -9.85 86.17 2.20
N GLU W 544 -9.76 84.87 1.92
CA GLU W 544 -9.41 84.38 0.60
C GLU W 544 -10.54 84.66 -0.40
N GLU W 545 -11.78 84.68 0.09
CA GLU W 545 -12.95 84.92 -0.75
C GLU W 545 -12.97 86.37 -1.22
N VAL W 546 -12.73 87.30 -0.28
CA VAL W 546 -12.70 88.73 -0.58
C VAL W 546 -11.52 89.00 -1.52
N GLU W 547 -10.40 88.32 -1.26
CA GLU W 547 -9.15 88.47 -1.99
C GLU W 547 -9.34 88.05 -3.44
N TYR W 548 -10.10 86.96 -3.66
CA TYR W 548 -10.35 86.44 -4.99
C TYR W 548 -11.21 87.41 -5.79
N ILE W 549 -12.28 87.91 -5.17
CA ILE W 549 -13.26 88.76 -5.84
C ILE W 549 -12.60 90.07 -6.25
N GLU W 550 -11.83 90.66 -5.33
CA GLU W 550 -11.16 91.93 -5.57
C GLU W 550 -10.16 91.78 -6.72
N ARG W 551 -9.46 90.64 -6.76
CA ARG W 551 -8.45 90.38 -7.78
C ARG W 551 -9.13 90.27 -9.15
N LYS W 552 -10.29 89.61 -9.19
CA LYS W 552 -10.97 89.30 -10.43
C LYS W 552 -11.67 90.54 -10.99
N LEU W 553 -12.18 91.39 -10.10
CA LEU W 553 -12.87 92.62 -10.49
C LEU W 553 -11.86 93.60 -11.08
N LYS W 554 -10.64 93.62 -10.54
CA LYS W 554 -9.57 94.46 -11.03
C LYS W 554 -9.10 93.93 -12.38
N GLU W 555 -9.03 92.60 -12.49
CA GLU W 555 -8.54 91.90 -13.66
C GLU W 555 -9.45 92.15 -14.86
N LEU W 556 -10.75 92.32 -14.59
CA LEU W 556 -11.75 92.45 -15.64
C LEU W 556 -12.21 93.90 -15.78
N GLY W 557 -11.95 94.70 -14.74
CA GLY W 557 -12.32 96.11 -14.73
C GLY W 557 -13.82 96.30 -14.56
N ILE W 558 -14.38 95.76 -13.47
CA ILE W 558 -15.78 95.93 -13.12
C ILE W 558 -15.83 96.67 -11.78
N THR W 559 -16.79 97.61 -11.67
CA THR W 559 -16.97 98.43 -10.48
C THR W 559 -17.45 97.55 -9.32
N ALA W 560 -16.92 97.82 -8.13
CA ALA W 560 -17.34 97.14 -6.91
C ALA W 560 -18.70 97.68 -6.45
N GLY W 561 -19.43 96.86 -5.69
CA GLY W 561 -20.78 97.19 -5.25
C GLY W 561 -20.80 98.00 -3.96
N SER W 562 -22.02 98.25 -3.45
CA SER W 562 -22.24 99.08 -2.28
C SER W 562 -22.79 98.24 -1.13
N HIS W 563 -22.98 98.89 0.04
CA HIS W 563 -23.50 98.25 1.24
C HIS W 563 -25.00 97.95 1.07
N VAL X 33 -37.24 82.79 6.38
CA VAL X 33 -36.41 82.83 5.14
C VAL X 33 -36.42 84.27 4.62
N GLU X 34 -35.21 84.84 4.45
CA GLU X 34 -35.02 86.22 4.03
C GLU X 34 -34.28 86.25 2.70
N ILE X 35 -34.31 87.40 2.03
CA ILE X 35 -33.39 87.67 0.94
C ILE X 35 -32.11 88.24 1.56
N ILE X 36 -31.13 87.35 1.78
CA ILE X 36 -29.95 87.68 2.57
C ILE X 36 -29.04 88.60 1.76
N THR X 37 -28.73 89.76 2.35
CA THR X 37 -27.98 90.83 1.71
C THR X 37 -26.68 91.08 2.45
N HIS X 38 -26.23 90.09 3.23
CA HIS X 38 -25.05 90.25 4.08
C HIS X 38 -24.05 89.12 3.83
N TRP X 39 -22.93 89.19 4.57
CA TRP X 39 -21.88 88.19 4.65
C TRP X 39 -21.06 88.11 3.36
N VAL X 40 -21.75 87.84 2.24
CA VAL X 40 -21.12 87.78 0.92
C VAL X 40 -20.50 89.16 0.65
N PRO X 41 -19.22 89.22 0.21
CA PRO X 41 -18.54 90.51 -0.02
C PRO X 41 -19.33 91.46 -0.93
N HIS X 42 -19.33 92.74 -0.56
CA HIS X 42 -20.15 93.75 -1.22
C HIS X 42 -19.72 93.96 -2.65
N GLU X 43 -18.40 93.79 -2.89
CA GLU X 43 -17.79 94.05 -4.19
C GLU X 43 -18.53 93.30 -5.29
N VAL X 44 -19.28 92.27 -4.89
CA VAL X 44 -19.92 91.36 -5.86
C VAL X 44 -21.43 91.56 -5.86
N TYR X 45 -21.91 92.55 -5.09
CA TYR X 45 -23.33 92.90 -5.12
C TYR X 45 -23.62 93.73 -6.36
N GLY X 46 -24.61 93.28 -7.14
CA GLY X 46 -25.08 94.02 -8.30
C GLY X 46 -26.00 95.17 -7.89
N MET X 47 -25.77 96.34 -8.49
CA MET X 47 -26.56 97.53 -8.20
C MET X 47 -27.46 97.84 -9.40
N PRO X 48 -28.59 98.58 -9.21
CA PRO X 48 -29.57 98.78 -10.28
C PRO X 48 -28.97 99.26 -11.60
N GLY X 49 -29.35 98.60 -12.69
CA GLY X 49 -28.97 99.01 -14.02
C GLY X 49 -27.78 98.22 -14.57
N GLU X 50 -27.06 97.52 -13.68
CA GLU X 50 -25.88 96.75 -14.05
C GLU X 50 -26.29 95.50 -14.84
N PRO X 51 -25.41 94.97 -15.72
CA PRO X 51 -25.74 93.79 -16.52
C PRO X 51 -25.93 92.55 -15.65
N ASP X 52 -26.87 91.69 -16.06
CA ASP X 52 -27.18 90.46 -15.33
C ASP X 52 -26.09 89.42 -15.57
N ASN X 53 -25.34 89.59 -16.66
CA ASN X 53 -24.33 88.62 -17.07
C ASN X 53 -22.95 89.04 -16.58
N SER X 54 -22.91 89.99 -15.63
CA SER X 54 -21.67 90.45 -15.05
C SER X 54 -21.12 89.41 -14.08
N GLY X 55 -22.04 88.65 -13.47
CA GLY X 55 -21.69 87.63 -12.49
C GLY X 55 -21.90 88.13 -11.06
N LYS X 56 -22.50 89.32 -10.94
CA LYS X 56 -22.75 89.91 -9.64
C LYS X 56 -24.07 89.38 -9.10
N VAL X 57 -24.22 89.40 -7.78
CA VAL X 57 -25.40 88.89 -7.11
C VAL X 57 -26.45 89.99 -7.09
N PHE X 58 -27.61 89.71 -7.69
CA PHE X 58 -28.75 90.60 -7.65
C PHE X 58 -29.79 90.01 -6.69
N PHE X 59 -30.04 90.72 -5.59
CA PHE X 59 -30.91 90.24 -4.53
C PHE X 59 -32.32 90.01 -5.06
N SER X 60 -32.81 88.78 -4.90
CA SER X 60 -34.10 88.33 -5.39
C SER X 60 -34.18 88.43 -6.91
N GLY X 61 -33.03 88.71 -7.54
CA GLY X 61 -32.92 88.81 -8.99
C GLY X 61 -33.46 90.14 -9.52
N LEU X 62 -33.53 91.14 -8.65
CA LEU X 62 -34.14 92.42 -8.99
C LEU X 62 -33.08 93.39 -9.50
N LYS X 63 -33.54 94.39 -10.28
CA LYS X 63 -32.82 95.62 -10.58
C LYS X 63 -31.71 95.39 -11.61
N ALA X 64 -31.59 94.16 -12.12
CA ALA X 64 -30.57 93.85 -13.11
C ALA X 64 -31.04 94.24 -14.50
N LYS X 65 -30.09 94.57 -15.38
CA LYS X 65 -30.35 94.85 -16.78
C LYS X 65 -30.19 93.55 -17.56
N TYR X 66 -31.27 93.11 -18.20
CA TYR X 66 -31.30 91.86 -18.93
C TYR X 66 -30.48 91.99 -20.21
N MET X 67 -29.45 91.14 -20.35
CA MET X 67 -28.53 91.20 -21.47
C MET X 67 -28.88 90.16 -22.53
N GLY X 68 -29.62 89.12 -22.12
CA GLY X 68 -30.04 88.07 -23.03
C GLY X 68 -28.94 87.05 -23.29
N TYR X 69 -29.28 86.03 -24.10
CA TYR X 69 -28.41 84.90 -24.35
C TYR X 69 -27.20 85.32 -25.18
N PRO X 70 -26.04 84.64 -25.04
CA PRO X 70 -24.85 84.97 -25.83
C PRO X 70 -25.03 84.58 -27.29
N LYS X 71 -25.19 85.59 -28.15
CA LYS X 71 -25.47 85.38 -29.56
C LYS X 71 -24.16 85.37 -30.35
N ASP X 72 -23.05 85.61 -29.64
CA ASP X 72 -21.72 85.58 -30.25
C ASP X 72 -21.10 84.20 -30.05
N ALA X 73 -21.71 83.41 -29.15
CA ALA X 73 -21.20 82.10 -28.79
C ALA X 73 -21.37 81.12 -29.95
N GLN X 74 -20.27 80.45 -30.30
CA GLN X 74 -20.25 79.49 -31.40
C GLN X 74 -21.24 78.35 -31.10
N ARG X 75 -22.19 78.15 -32.02
CA ARG X 75 -23.27 77.20 -31.84
C ARG X 75 -23.90 76.88 -33.19
N SER X 76 -24.99 76.10 -33.17
CA SER X 76 -25.73 75.77 -34.37
C SER X 76 -27.12 76.40 -34.31
N PRO X 77 -27.67 76.82 -35.48
CA PRO X 77 -29.11 77.10 -35.58
C PRO X 77 -29.87 75.80 -35.42
N TYR X 78 -31.10 75.89 -34.91
CA TYR X 78 -32.01 74.77 -34.81
C TYR X 78 -32.49 74.40 -36.22
N PRO X 79 -32.81 73.11 -36.50
CA PRO X 79 -33.38 72.74 -37.80
C PRO X 79 -34.87 73.06 -37.85
N GLY X 80 -35.46 72.93 -39.04
CA GLY X 80 -36.91 72.93 -39.19
C GLY X 80 -37.50 74.27 -39.65
N LYS X 81 -38.84 74.31 -39.65
CA LYS X 81 -39.66 75.36 -40.24
C LYS X 81 -39.32 76.72 -39.63
N TYR X 82 -39.10 76.74 -38.31
CA TYR X 82 -39.00 77.99 -37.56
C TYR X 82 -37.56 78.29 -37.19
N SER X 83 -36.64 77.84 -38.05
CA SER X 83 -35.21 77.96 -37.81
C SER X 83 -34.83 79.41 -37.47
N LYS X 84 -35.46 80.36 -38.18
CA LYS X 84 -35.07 81.77 -38.14
C LYS X 84 -35.36 82.37 -36.76
N PHE X 85 -36.38 81.86 -36.08
CA PHE X 85 -36.83 82.43 -34.81
C PHE X 85 -36.38 81.57 -33.64
N TRP X 86 -35.74 80.44 -33.94
CA TRP X 86 -35.24 79.51 -32.94
C TRP X 86 -33.93 80.01 -32.36
N LYS X 87 -33.99 80.59 -31.16
CA LYS X 87 -32.80 81.02 -30.45
C LYS X 87 -32.16 79.81 -29.77
N THR X 88 -30.84 79.64 -29.96
CA THR X 88 -30.15 78.44 -29.54
C THR X 88 -29.01 78.76 -28.57
N LEU X 89 -28.63 77.75 -27.77
CA LEU X 89 -27.48 77.79 -26.89
C LEU X 89 -26.43 76.83 -27.42
N PRO X 90 -25.13 77.01 -27.08
CA PRO X 90 -24.07 76.10 -27.51
C PRO X 90 -24.38 74.63 -27.18
N ALA X 91 -24.97 74.40 -26.01
CA ALA X 91 -25.21 73.07 -25.47
C ALA X 91 -26.10 72.24 -26.41
N TYR X 92 -26.90 72.91 -27.24
CA TYR X 92 -27.91 72.24 -28.04
C TYR X 92 -27.26 71.38 -29.12
N ARG X 93 -25.97 71.62 -29.38
CA ARG X 93 -25.25 70.98 -30.47
C ARG X 93 -25.35 69.46 -30.39
N TYR X 94 -25.46 68.94 -29.15
CA TYR X 94 -25.40 67.51 -28.90
C TYR X 94 -26.74 66.84 -29.19
N TYR X 95 -27.82 67.64 -29.19
CA TYR X 95 -29.16 67.10 -29.00
C TYR X 95 -29.83 66.72 -30.31
N ILE X 96 -29.51 67.45 -31.40
CA ILE X 96 -29.86 67.03 -32.74
C ILE X 96 -28.56 67.01 -33.55
N PRO X 97 -27.69 66.01 -33.31
CA PRO X 97 -26.27 66.11 -33.67
C PRO X 97 -25.94 66.11 -35.17
N ASP X 98 -26.80 65.46 -35.97
CA ASP X 98 -26.56 65.37 -37.40
C ASP X 98 -26.50 66.77 -38.02
N TYR X 99 -27.44 67.63 -37.61
CA TYR X 99 -27.54 68.97 -38.14
C TYR X 99 -26.71 69.94 -37.29
N MET X 100 -26.68 69.70 -35.98
CA MET X 100 -26.21 70.71 -35.04
C MET X 100 -24.78 70.48 -34.58
N TYR X 101 -24.17 69.36 -35.00
CA TYR X 101 -22.81 69.05 -34.60
C TYR X 101 -21.98 68.61 -35.81
N ASN X 102 -22.57 67.77 -36.66
CA ASN X 102 -21.80 66.95 -37.59
C ASN X 102 -21.45 67.70 -38.87
N ARG X 103 -22.14 68.82 -39.13
CA ARG X 103 -21.82 69.65 -40.29
C ARG X 103 -20.54 70.43 -40.02
N ASP X 104 -19.70 70.56 -41.05
CA ASP X 104 -18.39 71.20 -40.95
C ASP X 104 -18.54 72.64 -40.50
N GLU X 105 -19.65 73.27 -40.88
CA GLU X 105 -19.90 74.69 -40.65
C GLU X 105 -20.15 74.94 -39.17
N VAL X 106 -20.46 73.88 -38.42
CA VAL X 106 -21.02 74.02 -37.08
C VAL X 106 -20.14 73.34 -36.03
N ARG X 107 -19.49 72.22 -36.43
CA ARG X 107 -18.67 71.42 -35.53
C ARG X 107 -17.83 72.32 -34.64
N PRO X 108 -17.86 72.14 -33.30
CA PRO X 108 -17.10 72.99 -32.38
C PRO X 108 -15.60 72.69 -32.44
N SER X 109 -14.80 73.66 -32.00
CA SER X 109 -13.35 73.51 -31.95
C SER X 109 -12.98 72.51 -30.85
N ASN X 110 -11.79 71.90 -31.01
CA ASN X 110 -11.29 70.92 -30.07
C ASN X 110 -9.79 71.14 -29.87
N PRO X 111 -9.31 71.26 -28.62
CA PRO X 111 -7.89 71.54 -28.35
C PRO X 111 -6.92 70.40 -28.69
N ILE X 112 -7.45 69.19 -28.94
CA ILE X 112 -6.61 68.04 -29.20
C ILE X 112 -6.62 67.75 -30.71
N LYS X 113 -5.41 67.66 -31.29
CA LYS X 113 -5.24 67.49 -32.73
C LYS X 113 -4.65 66.11 -33.03
N GLY X 114 -4.96 65.60 -34.22
CA GLY X 114 -4.42 64.34 -34.71
C GLY X 114 -5.53 63.33 -35.04
N THR X 115 -5.19 62.35 -35.87
CA THR X 115 -6.06 61.21 -36.09
C THR X 115 -5.46 60.01 -35.37
N PHE X 116 -6.31 59.23 -34.69
CA PHE X 116 -5.82 58.24 -33.73
C PHE X 116 -6.43 56.87 -34.00
N LYS X 117 -5.71 55.83 -33.55
CA LYS X 117 -6.20 54.46 -33.49
C LYS X 117 -7.07 54.31 -32.23
N LEU X 118 -7.84 53.22 -32.18
CA LEU X 118 -8.77 52.98 -31.08
C LEU X 118 -8.01 52.90 -29.75
N GLU X 119 -6.85 52.22 -29.77
CA GLU X 119 -6.01 52.05 -28.59
C GLU X 119 -5.74 53.41 -27.95
N GLN X 120 -5.57 54.43 -28.81
CA GLN X 120 -5.16 55.76 -28.39
C GLN X 120 -6.33 56.49 -27.74
N CYS X 121 -7.53 56.31 -28.32
CA CYS X 121 -8.75 56.88 -27.76
C CYS X 121 -8.88 56.42 -26.31
N VAL X 122 -8.79 55.10 -26.13
CA VAL X 122 -9.04 54.44 -24.85
C VAL X 122 -7.99 54.90 -23.83
N ALA X 123 -6.72 54.84 -24.22
CA ALA X 123 -5.62 55.12 -23.31
C ALA X 123 -5.71 56.55 -22.76
N CYS X 124 -5.98 57.50 -23.67
CA CYS X 124 -5.97 58.92 -23.33
C CYS X 124 -7.20 59.26 -22.49
N HIS X 125 -8.37 58.76 -22.93
CA HIS X 125 -9.64 59.08 -22.29
C HIS X 125 -9.79 58.34 -20.97
N SER X 126 -9.03 57.24 -20.79
CA SER X 126 -9.10 56.45 -19.58
C SER X 126 -8.72 57.32 -18.38
N VAL X 127 -7.99 58.40 -18.66
CA VAL X 127 -7.53 59.31 -17.62
C VAL X 127 -8.27 60.65 -17.75
N MET X 128 -8.50 61.09 -19.00
CA MET X 128 -9.10 62.38 -19.28
C MET X 128 -10.59 62.37 -18.93
N THR X 129 -11.30 61.32 -19.36
CA THR X 129 -12.70 61.13 -19.04
C THR X 129 -12.91 59.71 -18.54
N PRO X 130 -12.43 59.36 -17.31
CA PRO X 130 -12.34 57.97 -16.87
C PRO X 130 -13.63 57.17 -17.00
N GLY X 131 -14.75 57.79 -16.60
CA GLY X 131 -16.04 57.13 -16.53
C GLY X 131 -16.50 56.59 -17.88
N ILE X 132 -16.17 57.31 -18.95
CA ILE X 132 -16.58 56.96 -20.29
C ILE X 132 -15.90 55.66 -20.71
N VAL X 133 -14.59 55.55 -20.38
CA VAL X 133 -13.81 54.38 -20.73
C VAL X 133 -14.23 53.19 -19.85
N ARG X 134 -14.49 53.45 -18.56
CA ARG X 134 -15.00 52.43 -17.66
C ARG X 134 -16.28 51.82 -18.24
N ASP X 135 -17.19 52.68 -18.72
CA ASP X 135 -18.44 52.26 -19.30
C ASP X 135 -18.19 51.47 -20.58
N TYR X 136 -17.32 52.02 -21.44
CA TYR X 136 -17.04 51.43 -22.75
C TYR X 136 -16.52 50.01 -22.57
N ASN X 137 -15.62 49.82 -21.61
CA ASN X 137 -14.95 48.55 -21.38
C ASN X 137 -15.95 47.49 -20.92
N LYS X 138 -17.00 47.94 -20.22
CA LYS X 138 -18.05 47.05 -19.76
C LYS X 138 -18.98 46.67 -20.92
N SER X 139 -19.06 47.55 -21.93
CA SER X 139 -20.00 47.39 -23.02
C SER X 139 -19.64 46.20 -23.91
N ALA X 140 -20.65 45.64 -24.59
CA ALA X 140 -20.46 44.56 -25.53
C ALA X 140 -19.70 45.05 -26.76
N HIS X 141 -19.81 46.36 -27.02
CA HIS X 141 -19.18 47.01 -28.17
C HIS X 141 -17.67 46.78 -28.16
N SER X 142 -17.07 46.81 -26.97
CA SER X 142 -15.63 46.72 -26.81
C SER X 142 -15.14 45.30 -27.03
N LYS X 143 -16.03 44.33 -26.79
CA LYS X 143 -15.68 42.92 -26.80
C LYS X 143 -15.98 42.29 -28.16
N ALA X 144 -16.65 43.05 -29.03
CA ALA X 144 -17.16 42.55 -30.29
C ALA X 144 -16.01 42.09 -31.20
N GLU X 145 -16.27 41.01 -31.95
CA GLU X 145 -15.31 40.45 -32.89
C GLU X 145 -15.99 40.25 -34.24
N PRO X 146 -15.20 40.28 -35.34
CA PRO X 146 -13.75 40.34 -35.33
C PRO X 146 -13.15 41.70 -34.96
N ALA X 147 -13.93 42.77 -35.15
CA ALA X 147 -13.51 44.12 -34.82
C ALA X 147 -14.49 44.75 -33.83
N PRO X 148 -14.00 45.43 -32.77
CA PRO X 148 -14.88 46.09 -31.82
C PRO X 148 -15.52 47.35 -32.38
N THR X 149 -16.73 47.65 -31.90
CA THR X 149 -17.37 48.93 -32.14
C THR X 149 -16.77 49.95 -31.18
N GLY X 150 -15.68 50.59 -31.61
CA GLY X 150 -14.89 51.44 -30.73
C GLY X 150 -15.28 52.91 -30.81
N CYS X 151 -14.62 53.73 -29.99
CA CYS X 151 -14.86 55.16 -29.92
C CYS X 151 -14.82 55.76 -31.32
N ASP X 152 -13.86 55.28 -32.13
CA ASP X 152 -13.63 55.78 -33.47
C ASP X 152 -14.78 55.40 -34.40
N THR X 153 -15.40 54.24 -34.12
CA THR X 153 -16.50 53.74 -34.94
C THR X 153 -17.71 54.67 -34.81
N CYS X 154 -17.88 55.27 -33.63
CA CYS X 154 -19.04 56.08 -33.32
C CYS X 154 -18.73 57.58 -33.43
N HIS X 155 -17.44 57.95 -33.32
CA HIS X 155 -17.07 59.34 -33.19
C HIS X 155 -16.14 59.81 -34.30
N GLY X 156 -15.42 58.86 -34.93
CA GLY X 156 -14.47 59.20 -35.97
C GLY X 156 -13.02 59.13 -35.47
N ASN X 157 -12.07 59.17 -36.41
CA ASN X 157 -10.66 59.00 -36.12
C ASN X 157 -9.98 60.35 -35.95
N ASN X 158 -10.40 61.34 -36.73
CA ASN X 158 -9.80 62.67 -36.72
C ASN X 158 -10.37 63.48 -35.57
N HIS X 159 -9.50 63.88 -34.64
CA HIS X 159 -9.93 64.57 -33.44
C HIS X 159 -10.40 65.99 -33.75
N GLN X 160 -10.04 66.48 -34.93
CA GLN X 160 -10.45 67.80 -35.40
C GLN X 160 -11.76 67.69 -36.18
N LYS X 161 -12.15 66.45 -36.50
CA LYS X 161 -13.36 66.19 -37.26
C LYS X 161 -14.20 65.14 -36.56
N LEU X 162 -14.35 65.29 -35.24
CA LEU X 162 -15.16 64.39 -34.43
C LEU X 162 -16.64 64.60 -34.74
N THR X 163 -17.43 63.53 -34.60
CA THR X 163 -18.87 63.60 -34.80
C THR X 163 -19.59 62.94 -33.63
N MET X 164 -20.83 63.39 -33.37
CA MET X 164 -21.69 62.78 -32.37
C MET X 164 -22.69 61.87 -33.07
N PRO X 165 -22.74 60.56 -32.71
CA PRO X 165 -23.58 59.60 -33.43
C PRO X 165 -25.06 59.69 -33.05
N SER X 166 -25.90 59.96 -34.05
CA SER X 166 -27.33 60.05 -33.86
C SER X 166 -27.94 58.67 -33.98
N SER X 167 -29.27 58.60 -33.92
CA SER X 167 -30.01 57.36 -34.08
C SER X 167 -29.76 56.77 -35.47
N LYS X 168 -29.45 57.65 -36.43
CA LYS X 168 -29.18 57.24 -37.80
C LYS X 168 -27.88 56.44 -37.86
N ALA X 169 -26.92 56.84 -37.01
CA ALA X 169 -25.61 56.21 -36.96
C ALA X 169 -25.73 54.79 -36.39
N CYS X 170 -26.55 54.65 -35.34
CA CYS X 170 -26.78 53.36 -34.70
C CYS X 170 -27.61 52.47 -35.63
N GLY X 171 -28.51 53.10 -36.40
CA GLY X 171 -29.54 52.39 -37.13
C GLY X 171 -29.12 52.02 -38.55
N THR X 172 -27.81 52.03 -38.81
CA THR X 172 -27.29 51.61 -40.11
C THR X 172 -27.58 50.13 -40.31
N ALA X 173 -27.72 49.72 -41.57
CA ALA X 173 -28.11 48.37 -41.96
C ALA X 173 -27.15 47.33 -41.38
N GLU X 174 -25.87 47.73 -41.27
CA GLU X 174 -24.80 46.86 -40.83
C GLU X 174 -24.86 46.66 -39.31
N CYS X 175 -25.61 47.54 -38.63
CA CYS X 175 -25.61 47.57 -37.17
C CYS X 175 -27.01 47.31 -36.62
N HIS X 176 -27.73 48.35 -36.20
CA HIS X 176 -29.00 48.17 -35.50
C HIS X 176 -30.15 48.78 -36.27
N GLU X 177 -30.30 48.38 -37.54
CA GLU X 177 -31.35 48.90 -38.40
C GLU X 177 -32.71 48.48 -37.84
N THR X 178 -32.75 47.29 -37.22
CA THR X 178 -33.99 46.70 -36.73
C THR X 178 -34.64 47.65 -35.72
N GLN X 179 -33.87 48.09 -34.73
CA GLN X 179 -34.38 48.91 -33.63
C GLN X 179 -34.75 50.30 -34.14
N TYR X 180 -33.95 50.82 -35.08
CA TYR X 180 -34.20 52.13 -35.65
C TYR X 180 -35.54 52.13 -36.37
N ASN X 181 -35.76 51.11 -37.21
CA ASN X 181 -36.96 50.98 -38.02
C ASN X 181 -38.18 50.77 -37.13
N GLU X 182 -38.00 49.97 -36.07
CA GLU X 182 -39.07 49.70 -35.11
C GLU X 182 -39.53 51.02 -34.49
N GLN X 183 -38.58 51.78 -33.95
CA GLN X 183 -38.87 53.05 -33.30
C GLN X 183 -39.56 53.98 -34.30
N GLY X 184 -39.06 53.96 -35.54
CA GLY X 184 -39.51 54.85 -36.60
C GLY X 184 -40.94 54.58 -37.06
N GLN X 185 -41.51 53.44 -36.65
CA GLN X 185 -42.87 53.06 -36.99
C GLN X 185 -43.87 53.94 -36.24
N GLY X 186 -43.39 54.61 -35.19
CA GLY X 186 -44.23 55.44 -34.34
C GLY X 186 -44.83 56.61 -35.12
N GLY X 187 -46.05 57.01 -34.71
CA GLY X 187 -46.75 58.11 -35.34
C GLY X 187 -46.46 59.44 -34.64
N ILE X 188 -47.45 60.32 -34.64
CA ILE X 188 -47.36 61.57 -33.90
C ILE X 188 -47.38 61.26 -32.41
N GLY X 189 -46.55 61.97 -31.64
CA GLY X 189 -46.52 61.81 -30.19
C GLY X 189 -45.79 60.55 -29.75
N SER X 190 -44.94 60.01 -30.64
CA SER X 190 -44.15 58.83 -30.35
C SER X 190 -42.67 59.20 -30.24
N HIS X 191 -41.82 58.19 -30.08
CA HIS X 191 -40.38 58.41 -29.99
C HIS X 191 -39.81 58.71 -31.37
N ALA X 192 -40.65 58.59 -32.41
CA ALA X 192 -40.20 58.78 -33.78
C ALA X 192 -40.31 60.25 -34.19
N SER X 193 -41.09 61.04 -33.44
CA SER X 193 -41.49 62.37 -33.87
C SER X 193 -41.35 63.40 -32.75
N CYS X 194 -40.84 62.96 -31.59
CA CYS X 194 -40.84 63.79 -30.39
C CYS X 194 -39.84 64.94 -30.52
N SER X 195 -38.87 64.80 -31.42
CA SER X 195 -37.93 65.86 -31.71
C SER X 195 -38.42 66.67 -32.91
N SER X 196 -38.61 65.96 -34.03
CA SER X 196 -38.84 66.56 -35.34
C SER X 196 -40.12 67.38 -35.35
N PHE X 197 -41.16 66.91 -34.65
CA PHE X 197 -42.43 67.64 -34.60
C PHE X 197 -42.54 68.44 -33.31
N ALA X 198 -42.64 67.72 -32.18
CA ALA X 198 -43.05 68.29 -30.91
C ALA X 198 -42.10 69.40 -30.47
N GLN X 199 -40.80 69.20 -30.70
CA GLN X 199 -39.77 70.08 -30.13
C GLN X 199 -39.33 71.12 -31.16
N VAL X 200 -39.10 70.67 -32.40
CA VAL X 200 -38.60 71.54 -33.45
C VAL X 200 -39.65 72.61 -33.80
N GLU X 201 -40.93 72.26 -33.62
CA GLU X 201 -42.02 73.18 -33.90
C GLU X 201 -42.75 73.51 -32.61
N CYS X 202 -42.00 73.57 -31.50
CA CYS X 202 -42.57 73.85 -30.19
C CYS X 202 -42.81 75.35 -30.04
N ALA X 203 -44.08 75.73 -29.95
CA ALA X 203 -44.50 77.13 -29.93
C ALA X 203 -43.76 77.90 -28.84
N TRP X 204 -43.82 77.40 -27.60
CA TRP X 204 -43.33 78.12 -26.44
C TRP X 204 -41.82 78.30 -26.51
N SER X 205 -41.12 77.26 -26.99
CA SER X 205 -39.67 77.27 -27.07
C SER X 205 -39.21 78.36 -28.03
N ILE X 206 -39.90 78.47 -29.17
CA ILE X 206 -39.60 79.46 -30.19
C ILE X 206 -39.89 80.85 -29.64
N GLU X 207 -41.04 80.98 -28.96
CA GLU X 207 -41.58 82.25 -28.49
C GLU X 207 -40.62 82.92 -27.50
N ARG X 208 -40.04 82.11 -26.60
CA ARG X 208 -39.35 82.61 -25.42
C ARG X 208 -37.86 82.74 -25.69
N PRO X 209 -37.10 83.43 -24.79
CA PRO X 209 -35.64 83.33 -24.78
C PRO X 209 -35.23 81.87 -24.56
N PRO X 210 -34.03 81.45 -25.04
CA PRO X 210 -33.55 80.10 -24.78
C PRO X 210 -33.05 80.04 -23.33
N GLY X 211 -33.33 78.93 -22.66
CA GLY X 211 -33.03 78.82 -21.23
C GLY X 211 -34.32 78.83 -20.42
N ASP X 212 -35.26 79.67 -20.84
CA ASP X 212 -36.62 79.62 -20.36
C ASP X 212 -37.15 78.20 -20.56
N THR X 213 -36.83 77.63 -21.73
CA THR X 213 -37.32 76.32 -22.14
C THR X 213 -36.15 75.44 -22.59
N ALA X 214 -35.00 75.62 -21.95
CA ALA X 214 -33.80 74.85 -22.27
C ALA X 214 -34.05 73.36 -22.03
N GLY X 215 -34.71 73.07 -20.90
CA GLY X 215 -35.01 71.71 -20.49
C GLY X 215 -35.79 70.93 -21.54
N CYS X 216 -36.57 71.65 -22.35
CA CYS X 216 -37.42 71.05 -23.37
C CYS X 216 -36.56 70.45 -24.48
N THR X 217 -35.47 71.14 -24.82
CA THR X 217 -34.54 70.66 -25.83
C THR X 217 -33.88 69.38 -25.33
N PHE X 218 -33.47 69.39 -24.06
CA PHE X 218 -32.70 68.31 -23.46
C PHE X 218 -33.56 67.06 -23.30
N CYS X 219 -34.87 67.25 -23.15
CA CYS X 219 -35.77 66.15 -22.86
C CYS X 219 -36.34 65.56 -24.14
N HIS X 220 -36.78 66.43 -25.06
CA HIS X 220 -37.61 66.01 -26.18
C HIS X 220 -36.80 65.35 -27.29
N THR X 221 -35.59 65.85 -27.52
CA THR X 221 -34.79 65.45 -28.66
C THR X 221 -34.28 64.02 -28.50
N SER X 222 -33.99 63.64 -27.25
CA SER X 222 -33.27 62.42 -26.90
C SER X 222 -33.87 61.17 -27.55
N PRO X 223 -35.15 60.79 -27.33
CA PRO X 223 -35.66 59.51 -27.80
C PRO X 223 -35.50 59.31 -29.30
N GLU X 224 -35.69 60.40 -30.06
CA GLU X 224 -35.69 60.35 -31.51
C GLU X 224 -34.26 60.40 -32.05
N GLU X 225 -33.40 61.19 -31.40
CA GLU X 225 -32.12 61.56 -31.98
C GLU X 225 -30.97 60.74 -31.39
N ARG X 226 -31.08 60.37 -30.11
CA ARG X 226 -29.99 59.72 -29.40
C ARG X 226 -30.44 58.40 -28.79
N CYS X 227 -29.73 57.33 -29.16
CA CYS X 227 -30.08 55.98 -28.75
C CYS X 227 -29.40 55.64 -27.43
N SER X 228 -28.75 56.64 -26.81
CA SER X 228 -28.22 56.48 -25.47
C SER X 228 -29.36 56.62 -24.46
N THR X 229 -30.58 56.76 -24.99
CA THR X 229 -31.80 56.79 -24.21
C THR X 229 -32.16 55.37 -23.78
N CYS X 230 -32.58 55.24 -22.51
CA CYS X 230 -33.01 53.99 -21.91
C CYS X 230 -31.80 53.12 -21.53
N HIS X 231 -30.97 52.78 -22.53
CA HIS X 231 -29.69 52.15 -22.28
C HIS X 231 -28.58 53.19 -22.40
N GLN X 232 -28.08 53.63 -21.24
CA GLN X 232 -27.16 54.75 -21.13
C GLN X 232 -25.86 54.46 -21.86
N ARG X 233 -25.23 55.52 -22.38
CA ARG X 233 -23.86 55.48 -22.83
C ARG X 233 -22.97 55.47 -21.59
N HIS X 234 -21.77 54.87 -21.68
CA HIS X 234 -21.28 54.20 -22.87
C HIS X 234 -21.36 52.69 -22.68
N GLN X 235 -22.18 52.27 -21.72
CA GLN X 235 -22.31 50.88 -21.30
C GLN X 235 -23.29 50.14 -22.21
N PHE X 236 -24.36 50.85 -22.61
CA PHE X 236 -25.40 50.35 -23.50
C PHE X 236 -25.88 48.97 -23.04
N ASP X 237 -26.36 48.92 -21.80
CA ASP X 237 -26.77 47.67 -21.19
C ASP X 237 -28.27 47.50 -21.37
N PRO X 238 -28.74 46.47 -22.13
CA PRO X 238 -30.18 46.22 -22.30
C PRO X 238 -30.84 45.87 -20.98
N ALA X 239 -30.05 45.35 -20.04
CA ALA X 239 -30.54 44.91 -18.74
C ALA X 239 -30.99 46.12 -17.92
N VAL X 240 -30.25 47.23 -18.02
CA VAL X 240 -30.61 48.43 -17.30
C VAL X 240 -31.77 49.12 -18.01
N ALA X 241 -31.85 48.91 -19.33
CA ALA X 241 -32.87 49.52 -20.16
C ALA X 241 -34.24 48.90 -19.89
N ARG X 242 -34.24 47.71 -19.30
CA ARG X 242 -35.47 46.95 -19.08
C ARG X 242 -36.13 47.38 -17.77
N ARG X 243 -35.47 48.26 -17.02
CA ARG X 243 -35.98 48.74 -15.74
C ARG X 243 -36.97 49.87 -15.96
N SER X 244 -38.05 49.86 -15.17
CA SER X 244 -39.14 50.81 -15.27
C SER X 244 -38.64 52.25 -15.11
N GLU X 245 -37.67 52.45 -14.21
CA GLU X 245 -37.23 53.77 -13.80
C GLU X 245 -36.65 54.54 -14.98
N GLN X 246 -36.23 53.81 -16.03
CA GLN X 246 -35.61 54.41 -17.20
C GLN X 246 -36.52 55.47 -17.80
N CYS X 247 -37.84 55.22 -17.75
CA CYS X 247 -38.82 56.05 -18.42
C CYS X 247 -39.16 57.28 -17.58
N LYS X 248 -38.87 57.20 -16.27
CA LYS X 248 -39.32 58.19 -15.31
C LYS X 248 -38.70 59.56 -15.60
N THR X 249 -37.51 59.58 -16.19
CA THR X 249 -36.73 60.80 -16.36
C THR X 249 -37.45 61.78 -17.27
N CYS X 250 -38.33 61.26 -18.14
CA CYS X 250 -39.09 62.08 -19.05
C CYS X 250 -40.60 61.95 -18.79
N HIS X 251 -41.03 60.73 -18.43
CA HIS X 251 -42.45 60.45 -18.26
C HIS X 251 -42.87 60.68 -16.83
N TRP X 252 -42.70 61.91 -16.35
CA TRP X 252 -43.16 62.32 -15.03
C TRP X 252 -43.67 63.76 -15.11
N GLY X 253 -44.24 64.23 -13.99
CA GLY X 253 -44.44 65.65 -13.77
C GLY X 253 -45.82 66.14 -14.19
N LYS X 254 -45.89 67.44 -14.47
CA LYS X 254 -47.11 68.22 -14.40
C LYS X 254 -48.13 67.78 -15.46
N ASP X 255 -47.65 67.32 -16.63
CA ASP X 255 -48.55 67.11 -17.74
C ASP X 255 -48.56 65.65 -18.21
N HIS X 256 -47.88 64.77 -17.45
CA HIS X 256 -47.89 63.34 -17.70
C HIS X 256 -47.27 62.60 -16.51
N ARG X 257 -48.11 62.27 -15.53
CA ARG X 257 -47.66 61.55 -14.34
C ARG X 257 -47.62 60.05 -14.63
N ASP X 258 -46.89 59.67 -15.69
CA ASP X 258 -46.80 58.28 -16.12
C ASP X 258 -46.08 57.46 -15.05
N TRP X 259 -44.90 57.92 -14.64
CA TRP X 259 -44.11 57.26 -13.62
C TRP X 259 -44.87 57.25 -12.30
N GLU X 260 -45.33 58.43 -11.87
CA GLU X 260 -45.97 58.58 -10.58
C GLU X 260 -47.16 57.62 -10.45
N ALA X 261 -47.93 57.50 -11.53
CA ALA X 261 -49.14 56.68 -11.55
C ALA X 261 -48.76 55.21 -11.42
N TYR X 262 -47.77 54.79 -12.22
CA TYR X 262 -47.29 53.42 -12.20
C TYR X 262 -46.69 53.10 -10.84
N ASP X 263 -45.81 53.99 -10.36
CA ASP X 263 -45.00 53.79 -9.18
C ASP X 263 -45.88 53.55 -7.95
N ILE X 264 -46.95 54.33 -7.82
CA ILE X 264 -47.76 54.32 -6.60
C ILE X 264 -48.87 53.27 -6.69
N GLY X 265 -49.23 52.89 -7.93
CA GLY X 265 -50.18 51.81 -8.17
C GLY X 265 -49.65 50.48 -7.65
N LEU X 266 -50.50 49.45 -7.67
CA LEU X 266 -50.11 48.16 -7.12
C LEU X 266 -49.04 47.51 -7.98
N HIS X 267 -49.03 47.81 -9.29
CA HIS X 267 -47.98 47.32 -10.17
C HIS X 267 -46.63 47.89 -9.72
N GLY X 268 -46.63 49.19 -9.39
CA GLY X 268 -45.44 49.89 -8.97
C GLY X 268 -45.02 49.48 -7.56
N THR X 269 -46.02 49.14 -6.73
CA THR X 269 -45.78 48.63 -5.39
C THR X 269 -45.08 47.28 -5.50
N VAL X 270 -45.69 46.38 -6.29
CA VAL X 270 -45.12 45.07 -6.57
C VAL X 270 -43.70 45.25 -7.07
N TYR X 271 -43.50 46.21 -7.98
CA TYR X 271 -42.21 46.43 -8.61
C TYR X 271 -41.16 46.82 -7.57
N GLN X 272 -41.48 47.83 -6.74
CA GLN X 272 -40.51 48.39 -5.82
C GLN X 272 -40.12 47.36 -4.77
N VAL X 273 -41.05 46.44 -4.46
CA VAL X 273 -40.89 45.49 -3.39
C VAL X 273 -40.02 44.31 -3.87
N ASN X 274 -40.01 44.08 -5.18
CA ASN X 274 -39.50 42.82 -5.73
C ASN X 274 -38.38 43.03 -6.75
N LYS X 275 -38.10 44.28 -7.11
CA LYS X 275 -37.29 44.56 -8.30
C LYS X 275 -35.85 44.03 -8.14
N TRP X 276 -35.37 43.96 -6.90
CA TRP X 276 -34.00 43.49 -6.64
C TRP X 276 -33.99 42.03 -6.24
N ASP X 277 -35.17 41.40 -6.22
CA ASP X 277 -35.28 39.96 -6.04
C ASP X 277 -35.30 39.29 -7.41
N THR X 278 -34.22 38.55 -7.69
CA THR X 278 -33.97 37.97 -9.00
C THR X 278 -35.01 36.90 -9.33
N GLU X 279 -35.67 36.37 -8.28
CA GLU X 279 -36.66 35.32 -8.40
C GLU X 279 -37.99 35.91 -8.88
N GLN X 280 -38.14 37.23 -8.77
CA GLN X 280 -39.38 37.90 -9.10
C GLN X 280 -39.20 38.74 -10.36
N PHE X 281 -38.02 39.36 -10.49
CA PHE X 281 -37.69 40.19 -11.64
C PHE X 281 -36.30 39.85 -12.14
N ASP X 282 -36.24 39.22 -13.32
CA ASP X 282 -34.97 38.86 -13.93
C ASP X 282 -34.73 39.74 -15.15
N PHE X 283 -33.85 40.74 -15.00
CA PHE X 283 -33.65 41.76 -16.02
C PHE X 283 -32.67 41.26 -17.07
N SER X 284 -32.07 40.09 -16.84
CA SER X 284 -31.15 39.49 -17.80
C SER X 284 -31.92 38.84 -18.94
N LYS X 285 -33.17 38.46 -18.66
CA LYS X 285 -34.04 37.87 -19.66
C LYS X 285 -34.44 38.94 -20.67
N LYS X 286 -34.60 38.53 -21.93
CA LYS X 286 -35.16 39.39 -22.97
C LYS X 286 -36.66 39.53 -22.73
N LEU X 287 -37.24 40.61 -23.26
CA LEU X 287 -38.62 40.97 -22.96
C LEU X 287 -39.60 39.92 -23.47
N SER X 288 -39.18 39.15 -24.47
CA SER X 288 -39.98 38.06 -25.01
C SER X 288 -40.11 36.94 -23.97
N ASP X 289 -39.14 36.84 -23.06
CA ASP X 289 -39.08 35.76 -22.09
C ASP X 289 -39.36 36.29 -20.69
N ALA X 290 -39.75 37.57 -20.60
CA ALA X 290 -40.00 38.21 -19.33
C ALA X 290 -41.15 37.50 -18.62
N ASP X 291 -40.87 36.99 -17.42
CA ASP X 291 -41.82 36.24 -16.63
C ASP X 291 -41.90 36.85 -15.23
N TYR X 292 -41.97 38.19 -15.17
CA TYR X 292 -41.98 38.92 -13.91
C TYR X 292 -43.26 38.64 -13.15
N VAL X 293 -43.23 38.92 -11.83
CA VAL X 293 -44.42 38.83 -11.00
C VAL X 293 -45.38 39.96 -11.38
N GLY X 294 -44.83 41.15 -11.62
CA GLY X 294 -45.60 42.33 -12.00
C GLY X 294 -45.03 42.96 -13.27
N PRO X 295 -45.79 43.84 -13.97
CA PRO X 295 -45.33 44.43 -15.22
C PRO X 295 -44.41 45.63 -15.04
N THR X 296 -43.56 45.87 -16.04
CA THR X 296 -42.77 47.08 -16.16
C THR X 296 -43.32 47.90 -17.32
N CYS X 297 -42.91 49.17 -17.42
CA CYS X 297 -43.31 50.00 -18.55
C CYS X 297 -43.05 49.25 -19.84
N GLN X 298 -41.88 48.61 -19.90
CA GLN X 298 -41.39 47.90 -21.08
C GLN X 298 -42.26 46.68 -21.34
N TYR X 299 -42.72 46.03 -20.26
CA TYR X 299 -43.51 44.82 -20.37
C TYR X 299 -44.78 45.09 -21.17
N CYS X 300 -45.35 46.28 -21.00
CA CYS X 300 -46.63 46.64 -21.59
C CYS X 300 -46.42 47.38 -22.92
N HIS X 301 -45.52 48.36 -22.93
CA HIS X 301 -45.39 49.28 -24.05
C HIS X 301 -44.39 48.80 -25.08
N MET X 302 -43.41 48.00 -24.64
CA MET X 302 -42.39 47.47 -25.53
C MET X 302 -42.50 45.95 -25.56
N ARG X 303 -43.74 45.47 -25.67
CA ARG X 303 -44.06 44.05 -25.77
C ARG X 303 -43.14 43.39 -26.80
N GLY X 304 -42.46 42.31 -26.37
CA GLY X 304 -41.62 41.52 -27.25
C GLY X 304 -40.30 42.23 -27.58
N GLY X 305 -40.10 43.40 -26.98
CA GLY X 305 -38.87 44.17 -27.16
C GLY X 305 -38.95 45.13 -28.34
N HIS X 306 -40.16 45.29 -28.91
CA HIS X 306 -40.41 46.20 -30.02
C HIS X 306 -40.13 47.63 -29.58
N HIS X 307 -39.42 48.38 -30.42
CA HIS X 307 -38.89 49.69 -30.05
C HIS X 307 -39.90 50.81 -30.34
N ASN X 308 -40.94 50.50 -31.13
CA ASN X 308 -42.07 51.41 -31.25
C ASN X 308 -42.90 51.30 -29.98
N VAL X 309 -42.74 52.32 -29.13
CA VAL X 309 -43.27 52.31 -27.78
C VAL X 309 -44.76 52.64 -27.82
N GLN X 310 -45.23 53.09 -28.99
CA GLN X 310 -46.60 53.55 -29.20
C GLN X 310 -47.40 52.45 -29.90
N ARG X 311 -46.74 51.32 -30.16
CA ARG X 311 -47.27 50.26 -31.00
C ARG X 311 -48.66 49.82 -30.54
N ALA X 312 -48.86 49.76 -29.22
CA ALA X 312 -50.06 49.18 -28.64
C ALA X 312 -51.12 50.25 -28.39
N SER X 313 -50.75 51.52 -28.58
CA SER X 313 -51.64 52.65 -28.33
C SER X 313 -52.89 52.54 -29.20
N ILE X 314 -54.02 52.99 -28.65
CA ILE X 314 -55.30 52.89 -29.34
C ILE X 314 -55.47 54.07 -30.30
N VAL X 315 -55.44 55.29 -29.76
CA VAL X 315 -55.55 56.50 -30.56
C VAL X 315 -54.89 57.66 -29.81
N TYR X 316 -54.21 58.53 -30.57
CA TYR X 316 -53.53 59.68 -30.01
C TYR X 316 -54.56 60.72 -29.58
N THR X 317 -54.49 61.10 -28.29
CA THR X 317 -55.48 61.96 -27.69
C THR X 317 -54.81 63.19 -27.08
N SER X 318 -53.70 63.60 -27.67
CA SER X 318 -53.02 64.84 -27.32
C SER X 318 -52.72 64.86 -25.83
N MET X 319 -51.98 63.82 -25.37
CA MET X 319 -51.53 63.67 -24.00
C MET X 319 -52.67 63.30 -23.07
N GLY X 320 -53.84 62.99 -23.65
CA GLY X 320 -55.02 62.66 -22.87
C GLY X 320 -55.87 63.88 -22.57
N MET X 321 -55.52 65.02 -23.19
CA MET X 321 -56.29 66.25 -23.07
C MET X 321 -57.53 66.14 -23.94
N SER X 322 -57.37 65.57 -25.15
CA SER X 322 -58.51 65.18 -25.98
C SER X 322 -59.11 63.90 -25.42
N MET X 323 -60.38 63.66 -25.73
CA MET X 323 -61.14 62.60 -25.08
C MET X 323 -61.63 61.61 -26.13
N ALA X 324 -61.57 60.32 -25.77
CA ALA X 324 -62.10 59.24 -26.59
C ALA X 324 -62.55 58.10 -25.68
N ASP X 325 -63.67 57.47 -26.04
CA ASP X 325 -64.09 56.23 -25.41
C ASP X 325 -63.35 55.09 -26.11
N ARG X 326 -62.25 54.65 -25.50
CA ARG X 326 -61.38 53.64 -26.08
C ARG X 326 -62.06 52.28 -26.00
N GLY X 327 -63.09 52.18 -25.14
CA GLY X 327 -63.83 50.95 -24.94
C GLY X 327 -64.99 50.79 -25.91
N ALA X 328 -65.16 51.77 -26.80
CA ALA X 328 -66.24 51.77 -27.78
C ALA X 328 -65.97 50.71 -28.84
N PRO X 329 -67.03 50.15 -29.47
CA PRO X 329 -66.88 49.09 -30.48
C PRO X 329 -65.92 49.43 -31.62
N LEU X 330 -65.72 50.73 -31.86
CA LEU X 330 -64.82 51.21 -32.91
C LEU X 330 -63.40 50.71 -32.65
N TRP X 331 -63.00 50.69 -31.38
CA TRP X 331 -61.64 50.37 -30.99
C TRP X 331 -61.56 48.97 -30.36
N LYS X 332 -62.53 48.10 -30.69
CA LYS X 332 -62.66 46.81 -30.02
C LYS X 332 -61.36 46.01 -30.15
N GLU X 333 -60.83 45.94 -31.37
CA GLU X 333 -59.68 45.10 -31.67
C GLU X 333 -58.43 45.62 -30.95
N LYS X 334 -58.34 46.94 -30.78
CA LYS X 334 -57.18 47.58 -30.19
C LYS X 334 -57.21 47.42 -28.67
N ARG X 335 -58.41 47.49 -28.09
CA ARG X 335 -58.61 47.27 -26.66
C ARG X 335 -58.39 45.80 -26.33
N ASP X 336 -58.84 44.91 -27.23
CA ASP X 336 -58.67 43.48 -27.08
C ASP X 336 -57.18 43.14 -26.97
N ARG X 337 -56.35 43.86 -27.73
CA ARG X 337 -54.91 43.64 -27.73
C ARG X 337 -54.33 43.97 -26.36
N TRP X 338 -54.85 45.03 -25.72
CA TRP X 338 -54.41 45.42 -24.40
C TRP X 338 -54.80 44.36 -23.38
N VAL X 339 -56.00 43.79 -23.55
CA VAL X 339 -56.49 42.73 -22.67
C VAL X 339 -55.58 41.52 -22.81
N SER X 340 -55.01 41.32 -24.00
CA SER X 340 -54.08 40.23 -24.29
C SER X 340 -52.80 40.36 -23.47
N ILE X 341 -52.41 41.61 -23.19
CA ILE X 341 -51.21 41.90 -22.43
C ILE X 341 -51.49 41.68 -20.94
N CYS X 342 -52.66 42.15 -20.47
CA CYS X 342 -53.05 41.99 -19.08
C CYS X 342 -53.38 40.52 -18.80
N ASP X 343 -53.81 39.80 -19.84
CA ASP X 343 -54.16 38.39 -19.81
C ASP X 343 -53.06 37.56 -19.14
N ASP X 344 -51.82 38.07 -19.22
CA ASP X 344 -50.66 37.35 -18.72
C ASP X 344 -50.80 37.04 -17.24
N CYS X 345 -51.52 37.89 -16.50
CA CYS X 345 -51.56 37.77 -15.05
C CYS X 345 -52.96 38.04 -14.50
N HIS X 346 -53.93 38.18 -15.39
CA HIS X 346 -55.32 38.44 -15.00
C HIS X 346 -56.26 37.74 -15.97
N SER X 347 -57.50 37.52 -15.53
CA SER X 347 -58.56 37.04 -16.41
C SER X 347 -58.90 38.14 -17.41
N PRO X 348 -59.22 37.80 -18.68
CA PRO X 348 -59.64 38.79 -19.66
C PRO X 348 -60.70 39.74 -19.11
N ARG X 349 -61.68 39.18 -18.39
CA ARG X 349 -62.81 39.93 -17.88
C ARG X 349 -62.33 41.02 -16.91
N PHE X 350 -61.45 40.64 -15.98
CA PHE X 350 -60.98 41.55 -14.95
C PHE X 350 -60.30 42.75 -15.58
N ALA X 351 -59.46 42.49 -16.59
CA ALA X 351 -58.68 43.51 -17.27
C ALA X 351 -59.61 44.37 -18.12
N ARG X 352 -60.45 43.71 -18.93
CA ARG X 352 -61.43 44.37 -19.78
C ARG X 352 -62.16 45.43 -18.96
N GLU X 353 -62.72 45.01 -17.83
CA GLU X 353 -63.66 45.81 -17.05
C GLU X 353 -62.92 46.93 -16.31
N ASN X 354 -61.65 46.67 -15.96
CA ASN X 354 -60.84 47.67 -15.28
C ASN X 354 -60.50 48.81 -16.23
N LEU X 355 -60.25 48.47 -17.50
CA LEU X 355 -59.94 49.46 -18.52
C LEU X 355 -61.21 50.19 -18.94
N GLN X 356 -62.36 49.52 -18.80
CA GLN X 356 -63.65 50.15 -19.04
C GLN X 356 -63.88 51.26 -18.00
N ALA X 357 -63.47 51.01 -16.75
CA ALA X 357 -63.57 51.98 -15.68
C ALA X 357 -62.76 53.22 -16.02
N MET X 358 -61.59 53.01 -16.65
CA MET X 358 -60.74 54.10 -17.10
C MET X 358 -61.51 54.97 -18.10
N ASP X 359 -62.14 54.31 -19.09
CA ASP X 359 -62.90 54.98 -20.13
C ASP X 359 -63.95 55.89 -19.51
N GLU X 360 -64.62 55.39 -18.47
CA GLU X 360 -65.70 56.12 -17.80
C GLU X 360 -65.15 57.33 -17.08
N SER X 361 -63.99 57.18 -16.45
CA SER X 361 -63.34 58.26 -15.73
C SER X 361 -62.95 59.37 -16.70
N VAL X 362 -62.51 58.97 -17.90
CA VAL X 362 -62.05 59.88 -18.94
C VAL X 362 -63.23 60.70 -19.45
N LYS X 363 -64.38 60.04 -19.63
CA LYS X 363 -65.58 60.66 -20.16
C LYS X 363 -66.15 61.64 -19.14
N ASP X 364 -66.12 61.25 -17.86
CA ASP X 364 -66.68 62.04 -16.78
C ASP X 364 -65.79 63.26 -16.51
N ALA X 365 -64.51 63.14 -16.86
CA ALA X 365 -63.55 64.22 -16.68
C ALA X 365 -63.82 65.33 -17.70
N SER X 366 -64.12 64.94 -18.94
CA SER X 366 -64.38 65.88 -20.02
C SER X 366 -65.73 66.57 -19.82
N LEU X 367 -66.67 65.86 -19.16
CA LEU X 367 -67.94 66.43 -18.77
C LEU X 367 -67.69 67.66 -17.89
N LYS X 368 -66.78 67.51 -16.92
CA LYS X 368 -66.41 68.59 -16.01
C LYS X 368 -65.76 69.73 -16.77
N TYR X 369 -64.86 69.39 -17.72
CA TYR X 369 -64.11 70.42 -18.42
C TYR X 369 -65.02 71.21 -19.35
N ARG X 370 -65.99 70.52 -19.96
CA ARG X 370 -66.97 71.17 -20.81
C ARG X 370 -67.70 72.26 -20.02
N GLU X 371 -68.05 71.95 -18.76
CA GLU X 371 -68.69 72.93 -17.89
C GLU X 371 -67.71 74.05 -17.57
N THR X 372 -66.43 73.70 -17.37
CA THR X 372 -65.40 74.66 -17.03
C THR X 372 -65.15 75.59 -18.21
N PHE X 373 -65.10 75.01 -19.41
CA PHE X 373 -64.82 75.76 -20.64
C PHE X 373 -65.96 76.73 -20.94
N LYS X 374 -67.20 76.27 -20.72
CA LYS X 374 -68.39 77.06 -21.00
C LYS X 374 -68.31 78.39 -20.25
N VAL X 375 -67.91 78.32 -18.98
CA VAL X 375 -67.80 79.49 -18.13
C VAL X 375 -66.80 80.47 -18.73
N ALA X 376 -65.69 79.94 -19.27
CA ALA X 376 -64.61 80.75 -19.82
C ALA X 376 -65.02 81.33 -21.17
N GLU X 377 -65.72 80.52 -21.97
CA GLU X 377 -66.14 80.90 -23.31
C GLU X 377 -67.19 82.01 -23.22
N ASP X 378 -68.07 81.91 -22.22
CA ASP X 378 -69.14 82.87 -22.01
C ASP X 378 -68.58 84.24 -21.67
N LEU X 379 -67.46 84.27 -20.92
CA LEU X 379 -66.80 85.52 -20.56
C LEU X 379 -66.28 86.23 -21.81
N LEU X 380 -65.83 85.43 -22.78
CA LEU X 380 -65.28 85.97 -24.02
C LEU X 380 -66.39 86.50 -24.91
N ILE X 381 -67.46 85.71 -25.05
CA ILE X 381 -68.59 86.04 -25.92
C ILE X 381 -69.29 87.29 -25.37
N ASP X 382 -69.43 87.36 -24.04
CA ASP X 382 -70.07 88.50 -23.39
C ASP X 382 -69.09 89.67 -23.31
N GLY X 383 -67.83 89.42 -23.65
CA GLY X 383 -66.81 90.46 -23.75
C GLY X 383 -66.39 91.03 -22.39
N VAL X 384 -66.69 90.28 -21.32
CA VAL X 384 -66.44 90.76 -19.96
C VAL X 384 -65.17 90.10 -19.39
N LEU X 385 -64.52 89.25 -20.19
CA LEU X 385 -63.27 88.62 -19.83
C LEU X 385 -62.21 89.71 -19.61
N ASP X 386 -61.42 89.55 -18.54
CA ASP X 386 -60.60 90.63 -18.03
C ASP X 386 -59.12 90.23 -18.03
N PRO X 387 -58.40 90.56 -19.12
CA PRO X 387 -58.95 91.29 -20.26
C PRO X 387 -59.23 90.39 -21.46
N MET X 388 -59.74 90.99 -22.53
CA MET X 388 -59.99 90.31 -23.79
C MET X 388 -58.65 90.09 -24.50
N PRO X 389 -58.54 89.07 -25.37
CA PRO X 389 -57.28 88.74 -26.06
C PRO X 389 -56.56 89.91 -26.73
N LYS X 390 -57.35 90.89 -27.19
CA LYS X 390 -56.83 92.03 -27.94
C LYS X 390 -55.99 92.93 -27.02
N ASP X 391 -56.21 92.81 -25.70
CA ASP X 391 -55.56 93.67 -24.72
C ASP X 391 -54.42 92.93 -24.02
N LEU X 392 -54.22 91.67 -24.40
CA LEU X 392 -53.07 90.89 -23.95
C LEU X 392 -51.90 91.16 -24.90
N CYS X 393 -50.69 90.81 -24.45
CA CYS X 393 -49.53 90.76 -25.31
C CYS X 393 -49.82 89.84 -26.50
N PRO X 394 -49.36 90.18 -27.72
CA PRO X 394 -49.52 89.29 -28.87
C PRO X 394 -48.87 87.93 -28.63
N ASP X 395 -49.53 86.88 -29.13
CA ASP X 395 -49.05 85.51 -28.98
C ASP X 395 -47.77 85.29 -29.80
N TRP X 396 -47.22 84.08 -29.75
CA TRP X 396 -45.96 83.74 -30.38
C TRP X 396 -46.01 84.09 -31.87
N SER X 397 -47.21 84.03 -32.44
CA SER X 397 -47.45 84.21 -33.86
C SER X 397 -47.44 85.70 -34.22
N GLY X 398 -47.67 86.55 -33.21
CA GLY X 398 -47.79 87.98 -33.39
C GLY X 398 -49.25 88.40 -33.55
N GLN X 399 -50.16 87.54 -33.08
CA GLN X 399 -51.59 87.74 -33.22
C GLN X 399 -52.23 87.86 -31.84
N HIS X 400 -53.52 88.24 -31.82
CA HIS X 400 -54.28 88.36 -30.59
C HIS X 400 -55.43 87.35 -30.60
N ILE X 401 -55.13 86.10 -30.97
CA ILE X 401 -56.11 85.03 -30.98
C ILE X 401 -56.30 84.54 -29.54
N TRP X 402 -57.53 84.14 -29.22
CA TRP X 402 -57.88 83.62 -27.92
C TRP X 402 -57.09 82.35 -27.64
N SER X 403 -56.53 82.27 -26.43
CA SER X 403 -55.68 81.16 -25.99
C SER X 403 -56.39 79.82 -26.21
N LEU X 404 -57.66 79.75 -25.81
CA LEU X 404 -58.36 78.48 -25.69
C LEU X 404 -59.06 78.11 -27.00
N LYS X 405 -58.87 78.93 -28.04
CA LYS X 405 -59.56 78.73 -29.31
C LYS X 405 -59.03 77.48 -30.01
N ILE X 406 -59.93 76.54 -30.26
CA ILE X 406 -59.64 75.36 -31.07
C ILE X 406 -60.28 75.57 -32.44
N GLY X 407 -59.42 75.66 -33.47
CA GLY X 407 -59.82 76.02 -34.82
C GLY X 407 -60.90 75.11 -35.39
N ALA X 408 -60.93 73.85 -34.93
CA ALA X 408 -61.83 72.86 -35.49
C ALA X 408 -63.23 73.02 -34.93
N TYR X 409 -63.36 73.75 -33.81
CA TYR X 409 -64.63 73.87 -33.11
C TYR X 409 -65.10 75.32 -33.03
N HIS X 410 -64.16 76.25 -33.03
CA HIS X 410 -64.47 77.65 -32.78
C HIS X 410 -64.20 78.49 -34.02
N ASP X 411 -65.15 79.39 -34.32
CA ASP X 411 -65.02 80.35 -35.40
C ASP X 411 -65.87 81.58 -35.07
N GLY X 412 -65.29 82.77 -35.26
CA GLY X 412 -65.99 84.01 -34.98
C GLY X 412 -65.03 85.18 -34.74
N GLU X 413 -65.62 86.37 -34.61
CA GLU X 413 -64.88 87.62 -34.46
C GLU X 413 -64.23 87.65 -33.08
N ALA X 414 -64.93 87.10 -32.08
CA ALA X 414 -64.52 87.17 -30.69
C ALA X 414 -63.28 86.31 -30.45
N TYR X 415 -63.14 85.24 -31.24
CA TYR X 415 -62.07 84.27 -31.06
C TYR X 415 -60.78 84.76 -31.71
N GLY X 416 -60.91 85.45 -32.85
CA GLY X 416 -59.77 85.96 -33.60
C GLY X 416 -59.19 84.90 -34.55
N GLY X 417 -58.24 85.31 -35.38
CA GLY X 417 -57.56 84.43 -36.33
C GLY X 417 -58.45 84.04 -37.50
N THR X 418 -57.85 83.40 -38.50
CA THR X 418 -58.57 82.94 -39.68
C THR X 418 -59.39 81.70 -39.33
N THR X 419 -60.26 81.30 -40.27
CA THR X 419 -61.14 80.14 -40.08
C THR X 419 -60.29 78.87 -40.02
N GLY X 420 -60.50 78.08 -38.94
CA GLY X 420 -59.83 76.81 -38.76
C GLY X 420 -58.53 76.94 -37.98
N GLU X 421 -58.06 78.18 -37.79
CA GLU X 421 -56.82 78.46 -37.08
C GLU X 421 -57.09 78.46 -35.57
N SER X 422 -56.22 77.78 -34.82
CA SER X 422 -56.33 77.71 -33.38
C SER X 422 -55.56 78.85 -32.73
N GLY X 423 -55.79 79.05 -31.43
CA GLY X 423 -54.99 79.97 -30.63
C GLY X 423 -53.76 79.28 -30.06
N GLU X 424 -52.90 80.07 -29.41
CA GLU X 424 -51.73 79.52 -28.73
C GLU X 424 -52.14 79.04 -27.35
N PHE X 425 -52.42 77.73 -27.24
CA PHE X 425 -52.80 77.08 -26.00
C PHE X 425 -51.65 77.23 -25.01
N ARG X 426 -51.91 77.89 -23.88
CA ARG X 426 -50.85 78.24 -22.95
C ARG X 426 -51.40 78.47 -21.54
N MET X 427 -50.47 78.49 -20.57
CA MET X 427 -50.73 78.80 -19.18
C MET X 427 -50.12 80.16 -18.85
N SER X 428 -49.46 80.77 -19.85
CA SER X 428 -48.76 82.03 -19.71
C SER X 428 -49.45 83.11 -20.53
N ASN X 429 -49.22 84.37 -20.14
CA ASN X 429 -49.70 85.54 -20.88
C ASN X 429 -51.17 85.35 -21.22
N CYS X 430 -52.00 85.31 -20.18
CA CYS X 430 -53.44 85.13 -20.31
C CYS X 430 -54.12 85.53 -19.01
N THR X 431 -55.44 85.33 -18.96
CA THR X 431 -56.23 85.56 -17.77
C THR X 431 -56.12 84.35 -16.85
N ASP X 432 -56.54 84.53 -15.59
CA ASP X 432 -56.57 83.43 -14.63
C ASP X 432 -57.53 82.35 -15.14
N VAL X 433 -58.64 82.78 -15.76
CA VAL X 433 -59.68 81.87 -16.22
C VAL X 433 -59.11 81.00 -17.34
N GLU X 434 -58.34 81.61 -18.25
CA GLU X 434 -57.68 80.88 -19.33
C GLU X 434 -56.67 79.90 -18.74
N ARG X 435 -55.90 80.38 -17.75
CA ARG X 435 -54.83 79.62 -17.12
C ARG X 435 -55.41 78.39 -16.42
N LEU X 436 -56.47 78.59 -15.63
CA LEU X 436 -57.07 77.53 -14.83
C LEU X 436 -57.70 76.48 -15.74
N CYS X 437 -58.22 76.91 -16.90
CA CYS X 437 -58.77 76.00 -17.89
C CYS X 437 -57.66 75.11 -18.44
N PHE X 438 -56.52 75.73 -18.76
CA PHE X 438 -55.36 75.02 -19.25
C PHE X 438 -54.93 73.99 -18.22
N GLU X 439 -54.84 74.40 -16.95
CA GLU X 439 -54.39 73.55 -15.87
C GLU X 439 -55.35 72.38 -15.69
N SER X 440 -56.64 72.63 -15.87
CA SER X 440 -57.66 71.63 -15.59
C SER X 440 -57.56 70.47 -16.59
N VAL X 441 -57.37 70.81 -17.86
CA VAL X 441 -57.38 69.80 -18.92
C VAL X 441 -55.94 69.33 -19.18
N GLY X 442 -54.98 70.23 -18.98
CA GLY X 442 -53.60 70.00 -19.37
C GLY X 442 -52.77 69.33 -18.27
N TYR X 443 -53.24 69.46 -17.02
CA TYR X 443 -52.59 68.82 -15.89
C TYR X 443 -53.53 67.78 -15.28
N PHE X 444 -54.60 68.26 -14.63
CA PHE X 444 -55.44 67.44 -13.77
C PHE X 444 -56.12 66.32 -14.54
N GLN X 445 -56.59 66.61 -15.76
CA GLN X 445 -57.30 65.63 -16.56
C GLN X 445 -56.38 64.49 -16.97
N THR X 446 -55.09 64.82 -17.19
CA THR X 446 -54.11 63.82 -17.62
C THR X 446 -53.79 62.87 -16.47
N TYR X 447 -53.91 63.37 -15.23
CA TYR X 447 -53.71 62.55 -14.04
C TYR X 447 -54.81 61.49 -13.94
N ILE X 448 -55.99 61.80 -14.50
CA ILE X 448 -57.12 60.87 -14.47
C ILE X 448 -56.86 59.76 -15.49
N TYR X 449 -56.51 60.15 -16.73
CA TYR X 449 -56.26 59.17 -17.78
C TYR X 449 -55.09 58.28 -17.40
N LYS X 450 -53.94 58.89 -17.12
CA LYS X 450 -52.71 58.16 -16.82
C LYS X 450 -52.87 57.40 -15.50
N GLY X 451 -53.54 58.04 -14.53
CA GLY X 451 -53.80 57.42 -13.24
C GLY X 451 -54.57 56.11 -13.36
N MET X 452 -55.70 56.16 -14.08
CA MET X 452 -56.58 55.01 -14.23
C MET X 452 -55.94 53.95 -15.11
N ALA X 453 -55.10 54.39 -16.06
CA ALA X 453 -54.45 53.48 -17.00
C ALA X 453 -53.37 52.67 -16.29
N HIS X 454 -52.80 53.23 -15.23
CA HIS X 454 -51.64 52.61 -14.59
C HIS X 454 -51.98 52.09 -13.20
N GLY X 455 -53.23 52.31 -12.78
CA GLY X 455 -53.75 51.70 -11.56
C GLY X 455 -53.57 52.59 -10.33
N SER X 456 -53.31 53.89 -10.53
CA SER X 456 -53.21 54.84 -9.44
C SER X 456 -54.55 55.51 -9.19
N TRP X 457 -55.26 55.00 -8.18
CA TRP X 457 -56.62 55.39 -7.89
C TRP X 457 -56.66 56.81 -7.31
N ASN X 458 -55.59 57.18 -6.61
CA ASN X 458 -55.54 58.48 -5.94
C ASN X 458 -55.20 59.57 -6.95
N ASP X 459 -54.42 59.20 -7.98
CA ASP X 459 -54.04 60.13 -9.04
C ASP X 459 -55.27 60.51 -9.86
N ALA X 460 -56.29 59.64 -9.85
CA ALA X 460 -57.48 59.84 -10.64
C ALA X 460 -58.56 60.55 -9.83
N THR X 461 -58.32 60.70 -8.52
CA THR X 461 -59.30 61.27 -7.61
C THR X 461 -58.69 62.39 -6.77
N TYR X 462 -58.20 62.05 -5.57
CA TYR X 462 -57.81 63.03 -4.57
C TYR X 462 -56.58 63.82 -5.00
N SER X 463 -55.59 63.12 -5.54
CA SER X 463 -54.29 63.72 -5.82
C SER X 463 -54.32 64.49 -7.13
N ASP X 464 -55.09 65.58 -7.14
CA ASP X 464 -55.16 66.54 -8.24
C ASP X 464 -55.79 65.88 -9.47
N GLY X 465 -56.59 64.84 -9.25
CA GLY X 465 -57.28 64.16 -10.33
C GLY X 465 -58.66 64.76 -10.58
N SER X 466 -59.69 63.93 -10.41
CA SER X 466 -61.08 64.35 -10.52
C SER X 466 -61.35 65.54 -9.62
N PHE X 467 -60.82 65.48 -8.38
CA PHE X 467 -61.11 66.48 -7.38
C PHE X 467 -60.24 67.73 -7.60
N GLY X 468 -59.18 67.55 -8.38
CA GLY X 468 -58.38 68.68 -8.85
C GLY X 468 -59.19 69.55 -9.81
N MET X 469 -59.87 68.90 -10.76
CA MET X 469 -60.71 69.55 -11.74
C MET X 469 -61.88 70.23 -11.05
N ASP X 470 -62.40 69.59 -9.99
CA ASP X 470 -63.48 70.11 -9.18
C ASP X 470 -63.08 71.44 -8.57
N ARG X 471 -61.86 71.48 -8.01
CA ARG X 471 -61.34 72.62 -7.31
C ARG X 471 -61.14 73.79 -8.28
N TRP X 472 -60.69 73.45 -9.49
CA TRP X 472 -60.39 74.45 -10.51
C TRP X 472 -61.66 74.99 -11.14
N LEU X 473 -62.71 74.16 -11.20
CA LEU X 473 -64.02 74.57 -11.69
C LEU X 473 -64.58 75.65 -10.76
N VAL X 474 -64.44 75.44 -9.46
CA VAL X 474 -64.85 76.39 -8.44
C VAL X 474 -64.06 77.69 -8.64
N ASN X 475 -62.75 77.55 -8.90
CA ASN X 475 -61.84 78.68 -9.03
C ASN X 475 -62.20 79.50 -10.26
N VAL X 476 -62.59 78.80 -11.34
CA VAL X 476 -62.95 79.44 -12.60
C VAL X 476 -64.27 80.21 -12.41
N LYS X 477 -65.25 79.55 -11.78
CA LYS X 477 -66.56 80.13 -11.54
C LYS X 477 -66.45 81.40 -10.71
N GLN X 478 -65.60 81.37 -9.67
CA GLN X 478 -65.40 82.50 -8.78
C GLN X 478 -64.79 83.67 -9.54
N ASN X 479 -63.81 83.38 -10.39
CA ASN X 479 -63.11 84.38 -11.19
C ASN X 479 -64.06 84.98 -12.22
N ALA X 480 -64.98 84.15 -12.75
CA ALA X 480 -65.98 84.60 -13.69
C ALA X 480 -66.96 85.54 -13.00
N SER X 481 -67.41 85.14 -11.80
CA SER X 481 -68.36 85.89 -11.00
C SER X 481 -67.81 87.29 -10.69
N ARG X 482 -66.54 87.34 -10.25
CA ARG X 482 -65.91 88.58 -9.84
C ARG X 482 -65.80 89.52 -11.05
N ALA X 483 -65.40 88.97 -12.20
CA ALA X 483 -65.18 89.75 -13.41
C ALA X 483 -66.51 90.33 -13.91
N ARG X 484 -67.59 89.56 -13.77
CA ARG X 484 -68.91 89.96 -14.23
C ARG X 484 -69.49 91.01 -13.28
N ARG X 485 -69.17 90.90 -11.99
CA ARG X 485 -69.66 91.83 -10.98
C ARG X 485 -69.01 93.19 -11.14
N LEU X 486 -67.74 93.20 -11.55
CA LEU X 486 -66.99 94.42 -11.76
C LEU X 486 -67.48 95.13 -13.02
N ALA X 487 -67.73 94.34 -14.08
CA ALA X 487 -68.19 94.85 -15.36
C ALA X 487 -69.56 95.51 -15.21
N ALA X 488 -70.42 94.91 -14.39
CA ALA X 488 -71.76 95.40 -14.13
C ALA X 488 -71.71 96.72 -13.36
N LEU X 489 -70.80 96.79 -12.37
CA LEU X 489 -70.64 97.98 -11.55
C LEU X 489 -70.10 99.14 -12.40
N GLU X 490 -69.18 98.82 -13.30
CA GLU X 490 -68.50 99.83 -14.11
C GLU X 490 -69.45 100.40 -15.15
N LYS X 491 -70.36 99.56 -15.66
CA LYS X 491 -71.37 100.01 -16.61
C LYS X 491 -72.29 101.04 -15.94
N LYS X 492 -72.80 100.69 -14.74
CA LYS X 492 -73.79 101.50 -14.06
C LYS X 492 -73.18 102.82 -13.58
N VAL X 493 -71.91 102.80 -13.19
CA VAL X 493 -71.24 103.98 -12.67
C VAL X 493 -70.67 104.79 -13.83
N GLY X 494 -70.56 104.15 -15.01
CA GLY X 494 -70.13 104.83 -16.22
C GLY X 494 -68.61 104.87 -16.37
N ILE X 495 -67.92 103.87 -15.80
CA ILE X 495 -66.50 103.66 -16.04
C ILE X 495 -66.35 102.68 -17.19
N SER X 496 -65.55 103.07 -18.19
CA SER X 496 -65.07 102.14 -19.19
C SER X 496 -63.67 101.70 -18.81
N TRP X 497 -63.55 100.45 -18.35
CA TRP X 497 -62.31 99.94 -17.78
C TRP X 497 -61.23 99.85 -18.86
N GLN X 498 -60.11 100.53 -18.61
CA GLN X 498 -58.94 100.45 -19.46
C GLN X 498 -58.05 99.33 -18.93
N PRO X 499 -57.90 98.21 -19.69
CA PRO X 499 -57.00 97.12 -19.27
C PRO X 499 -55.59 97.65 -19.00
N GLU X 500 -55.01 97.17 -17.90
CA GLU X 500 -53.75 97.68 -17.37
C GLU X 500 -52.61 97.40 -18.36
N GLN X 501 -51.49 98.11 -18.15
CA GLN X 501 -50.38 98.10 -19.07
C GLN X 501 -49.64 96.75 -19.01
N PHE X 502 -49.72 96.09 -17.86
CA PHE X 502 -48.95 94.88 -17.61
C PHE X 502 -49.49 93.68 -18.37
N TRP X 503 -50.72 93.79 -18.90
CA TRP X 503 -51.28 92.75 -19.76
C TRP X 503 -50.62 92.79 -21.14
N LYS X 504 -50.19 93.99 -21.56
CA LYS X 504 -49.64 94.24 -22.88
C LYS X 504 -48.13 94.05 -22.85
N THR X 505 -47.46 94.74 -21.92
CA THR X 505 -46.01 94.80 -21.90
C THR X 505 -45.49 94.50 -20.50
N GLY X 506 -44.19 94.20 -20.43
CA GLY X 506 -43.48 93.83 -19.22
C GLY X 506 -42.10 93.30 -19.56
N GLU X 507 -41.23 93.21 -18.56
CA GLU X 507 -39.82 92.92 -18.79
C GLU X 507 -39.66 91.62 -19.57
N TRP X 508 -40.45 90.60 -19.18
CA TRP X 508 -40.38 89.29 -19.82
C TRP X 508 -41.16 89.31 -21.15
N LEU X 509 -42.37 89.88 -21.12
CA LEU X 509 -43.26 89.90 -22.27
C LEU X 509 -42.56 90.53 -23.48
N ASP X 510 -41.77 91.58 -23.21
CA ASP X 510 -41.13 92.36 -24.26
C ASP X 510 -40.10 91.52 -25.02
N GLN X 511 -39.66 90.43 -24.40
CA GLN X 511 -38.59 89.61 -24.95
C GLN X 511 -39.15 88.52 -25.86
N LEU X 512 -40.49 88.45 -25.96
CA LEU X 512 -41.15 87.37 -26.68
C LEU X 512 -41.19 87.68 -28.17
N THR X 513 -41.64 86.69 -28.95
CA THR X 513 -41.70 86.77 -30.40
C THR X 513 -42.85 87.68 -30.84
N GLY X 514 -43.98 87.58 -30.13
CA GLY X 514 -45.16 88.37 -30.40
C GLY X 514 -44.84 89.85 -30.63
N PRO X 515 -44.37 90.59 -29.60
CA PRO X 515 -44.02 92.01 -29.76
C PRO X 515 -43.02 92.31 -30.88
N TYR X 516 -42.08 91.39 -31.10
CA TYR X 516 -41.05 91.57 -32.11
C TYR X 516 -41.68 91.56 -33.50
N ILE X 517 -42.60 90.64 -33.74
CA ILE X 517 -43.24 90.49 -35.04
C ILE X 517 -44.11 91.71 -35.32
N VAL X 518 -44.90 92.13 -34.32
CA VAL X 518 -45.80 93.25 -34.45
C VAL X 518 -45.02 94.52 -34.79
N LYS X 519 -43.84 94.68 -34.17
CA LYS X 519 -43.04 95.88 -34.35
C LYS X 519 -42.28 95.85 -35.67
N ASN X 520 -41.66 94.70 -35.99
CA ASN X 520 -40.65 94.65 -37.03
C ASN X 520 -41.21 94.13 -38.35
N HIS X 521 -42.30 93.36 -38.28
CA HIS X 521 -42.95 92.85 -39.47
C HIS X 521 -44.46 93.09 -39.37
N PRO X 522 -44.91 94.36 -39.46
CA PRO X 522 -46.23 94.76 -38.95
C PRO X 522 -47.43 93.98 -39.48
N GLY X 523 -47.45 93.72 -40.79
CA GLY X 523 -48.63 93.17 -41.42
C GLY X 523 -48.73 91.64 -41.32
N LYS X 524 -47.64 91.00 -40.89
CA LYS X 524 -47.47 89.57 -41.10
C LYS X 524 -47.43 88.80 -39.78
N THR X 525 -47.54 87.47 -39.88
CA THR X 525 -47.45 86.54 -38.77
C THR X 525 -46.19 85.69 -38.92
N ILE X 526 -45.93 84.84 -37.91
CA ILE X 526 -44.75 83.99 -37.91
C ILE X 526 -44.83 82.96 -39.03
N PHE X 527 -46.07 82.62 -39.42
CA PHE X 527 -46.32 81.62 -40.45
C PHE X 527 -45.99 82.22 -41.82
N ASP X 528 -46.19 83.53 -41.96
CA ASP X 528 -45.78 84.26 -43.15
C ASP X 528 -44.26 84.29 -43.24
N LEU X 529 -43.61 84.54 -42.09
CA LEU X 529 -42.18 84.76 -42.03
C LEU X 529 -41.42 83.44 -42.09
N CYS X 530 -42.11 82.33 -41.82
CA CYS X 530 -41.54 80.99 -41.91
C CYS X 530 -42.39 80.16 -42.86
N PRO X 531 -42.24 80.35 -44.19
CA PRO X 531 -43.15 79.75 -45.17
C PRO X 531 -42.87 78.29 -45.50
N ASP X 532 -41.73 77.78 -45.03
CA ASP X 532 -41.26 76.43 -45.33
C ASP X 532 -42.30 75.41 -44.88
N PRO X 533 -42.39 74.23 -45.54
CA PRO X 533 -43.31 73.17 -45.09
C PRO X 533 -42.91 72.64 -43.72
N GLY X 534 -43.92 72.40 -42.88
CA GLY X 534 -43.73 71.87 -41.54
C GLY X 534 -43.71 70.35 -41.52
N TRP X 535 -43.68 69.77 -40.31
CA TRP X 535 -43.62 68.34 -40.12
C TRP X 535 -44.91 67.69 -40.61
N LEU X 536 -46.05 68.34 -40.34
CA LEU X 536 -47.36 67.80 -40.64
C LEU X 536 -47.57 67.74 -42.15
N ASP X 537 -46.79 68.55 -42.89
CA ASP X 537 -46.93 68.66 -44.34
C ASP X 537 -46.31 67.45 -45.02
N THR X 538 -45.33 66.83 -44.34
CA THR X 538 -44.51 65.79 -44.96
C THR X 538 -44.75 64.44 -44.28
N HIS X 539 -45.46 64.44 -43.15
CA HIS X 539 -45.71 63.23 -42.38
C HIS X 539 -47.21 63.03 -42.19
N HIS X 540 -47.70 61.85 -42.59
CA HIS X 540 -49.11 61.53 -42.57
C HIS X 540 -49.33 60.24 -41.78
N ALA X 541 -50.59 59.97 -41.43
CA ALA X 541 -50.98 58.74 -40.76
C ALA X 541 -50.74 57.54 -41.67
N PRO X 542 -50.30 56.37 -41.15
CA PRO X 542 -50.07 55.19 -41.98
C PRO X 542 -51.34 54.68 -42.65
N ALA X 543 -51.17 54.04 -43.82
CA ALA X 543 -52.27 53.60 -44.66
C ALA X 543 -53.17 52.62 -43.92
N GLU X 544 -52.55 51.77 -43.09
CA GLU X 544 -53.24 50.71 -42.37
C GLU X 544 -54.17 51.29 -41.30
N GLU X 545 -53.77 52.45 -40.75
CA GLU X 545 -54.55 53.09 -39.70
C GLU X 545 -55.86 53.65 -40.28
N VAL X 546 -55.75 54.33 -41.43
CA VAL X 546 -56.89 54.91 -42.11
C VAL X 546 -57.81 53.78 -42.58
N GLU X 547 -57.18 52.69 -43.06
CA GLU X 547 -57.86 51.53 -43.60
C GLU X 547 -58.70 50.86 -42.51
N TYR X 548 -58.15 50.79 -41.29
CA TYR X 548 -58.82 50.16 -40.17
C TYR X 548 -60.06 50.96 -39.76
N ILE X 549 -59.88 52.29 -39.64
CA ILE X 549 -60.92 53.17 -39.14
C ILE X 549 -62.09 53.17 -40.12
N GLU X 550 -61.78 53.28 -41.42
CA GLU X 550 -62.79 53.32 -42.46
C GLU X 550 -63.60 52.02 -42.47
N ARG X 551 -62.90 50.89 -42.26
CA ARG X 551 -63.51 49.58 -42.26
C ARG X 551 -64.49 49.46 -41.09
N LYS X 552 -64.07 49.98 -39.93
CA LYS X 552 -64.81 49.84 -38.69
C LYS X 552 -66.03 50.76 -38.66
N LEU X 553 -65.88 51.95 -39.26
CA LEU X 553 -66.95 52.93 -39.31
C LEU X 553 -68.07 52.43 -40.23
N LYS X 554 -67.67 51.74 -41.30
CA LYS X 554 -68.62 51.16 -42.25
C LYS X 554 -69.31 49.97 -41.59
N GLU X 555 -68.54 49.20 -40.82
CA GLU X 555 -69.00 47.98 -40.17
C GLU X 555 -70.07 48.32 -39.13
N LEU X 556 -69.94 49.49 -38.49
CA LEU X 556 -70.80 49.87 -37.39
C LEU X 556 -71.84 50.90 -37.84
N GLY X 557 -71.58 51.55 -38.99
CA GLY X 557 -72.46 52.55 -39.54
C GLY X 557 -72.44 53.85 -38.74
N ILE X 558 -71.25 54.44 -38.62
CA ILE X 558 -71.06 55.73 -37.98
C ILE X 558 -70.52 56.70 -39.02
N THR X 559 -71.03 57.95 -38.98
CA THR X 559 -70.64 58.99 -39.92
C THR X 559 -69.19 59.39 -39.67
N ALA X 560 -68.45 59.62 -40.76
CA ALA X 560 -67.07 60.08 -40.71
C ALA X 560 -67.04 61.58 -40.35
N GLY X 561 -65.91 62.03 -39.78
CA GLY X 561 -65.77 63.39 -39.29
C GLY X 561 -65.31 64.36 -40.38
N SER X 562 -65.07 65.62 -39.97
CA SER X 562 -64.70 66.70 -40.87
C SER X 562 -63.27 67.15 -40.61
N HIS X 563 -62.80 68.11 -41.44
CA HIS X 563 -61.46 68.68 -41.33
C HIS X 563 -61.37 69.57 -40.09
N TYR Y 26 -37.10 10.88 48.58
CA TYR Y 26 -37.02 9.60 49.34
C TYR Y 26 -38.36 8.89 49.29
N ASP Y 27 -38.32 7.57 49.01
CA ASP Y 27 -39.50 6.73 48.95
C ASP Y 27 -39.55 5.82 50.18
N VAL Y 28 -40.62 5.97 50.97
CA VAL Y 28 -40.88 5.09 52.09
C VAL Y 28 -41.43 3.79 51.52
N LYS Y 29 -40.64 2.71 51.64
CA LYS Y 29 -41.02 1.42 51.11
C LYS Y 29 -42.17 0.86 51.94
N PRO Y 30 -43.35 0.60 51.33
CA PRO Y 30 -44.52 0.14 52.08
C PRO Y 30 -44.32 -1.28 52.58
N ALA Y 31 -45.00 -1.61 53.68
CA ALA Y 31 -44.97 -2.96 54.24
C ALA Y 31 -45.93 -3.85 53.44
N LYS Y 32 -45.59 -5.13 53.35
CA LYS Y 32 -46.44 -6.11 52.68
C LYS Y 32 -46.93 -7.11 53.72
N LEU Y 33 -48.27 -7.22 53.84
CA LEU Y 33 -48.91 -8.09 54.82
C LEU Y 33 -49.75 -9.13 54.10
N TRP Y 34 -49.41 -10.40 54.33
CA TRP Y 34 -50.20 -11.53 53.88
C TRP Y 34 -51.08 -12.00 55.03
N VAL Y 35 -52.39 -12.17 54.75
CA VAL Y 35 -53.31 -12.70 55.75
C VAL Y 35 -54.00 -13.93 55.19
N THR Y 36 -53.80 -15.07 55.87
CA THR Y 36 -54.39 -16.34 55.45
C THR Y 36 -55.47 -16.73 56.45
N ALA Y 37 -56.67 -17.03 55.91
CA ALA Y 37 -57.80 -17.45 56.71
C ALA Y 37 -57.97 -18.96 56.61
N ILE Y 38 -57.82 -19.63 57.76
CA ILE Y 38 -57.84 -21.08 57.83
C ILE Y 38 -59.03 -21.52 58.69
N ALA Y 39 -59.61 -22.67 58.35
CA ALA Y 39 -60.55 -23.37 59.21
C ALA Y 39 -60.02 -24.77 59.49
N ILE Y 40 -59.34 -24.93 60.64
CA ILE Y 40 -58.58 -26.11 61.03
C ILE Y 40 -57.88 -26.75 59.82
N GLY Y 41 -57.05 -25.95 59.14
CA GLY Y 41 -56.16 -26.47 58.11
C GLY Y 41 -56.57 -26.04 56.70
N THR Y 42 -57.89 -26.04 56.43
CA THR Y 42 -58.39 -25.77 55.09
C THR Y 42 -58.60 -24.28 54.91
N PRO Y 43 -58.29 -23.72 53.72
CA PRO Y 43 -58.52 -22.30 53.45
C PRO Y 43 -60.00 -21.94 53.38
N ILE Y 44 -60.35 -20.77 53.95
CA ILE Y 44 -61.71 -20.27 53.92
C ILE Y 44 -61.89 -19.43 52.67
N VAL Y 45 -62.87 -19.83 51.84
CA VAL Y 45 -63.17 -19.14 50.59
C VAL Y 45 -64.34 -18.17 50.83
N GLY Y 46 -64.15 -16.92 50.43
CA GLY Y 46 -65.20 -15.91 50.49
C GLY Y 46 -65.27 -15.21 51.85
N ALA Y 47 -64.22 -15.37 52.66
CA ALA Y 47 -64.08 -14.62 53.89
C ALA Y 47 -63.59 -13.21 53.58
N GLU Y 48 -64.03 -12.25 54.37
CA GLU Y 48 -63.61 -10.86 54.18
C GLU Y 48 -62.60 -10.47 55.25
N ILE Y 49 -61.46 -9.96 54.79
CA ILE Y 49 -60.37 -9.53 55.66
C ILE Y 49 -60.30 -8.00 55.64
N LYS Y 50 -60.38 -7.40 56.83
CA LYS Y 50 -60.24 -5.96 57.01
C LYS Y 50 -58.89 -5.67 57.67
N VAL Y 51 -58.05 -4.91 56.97
CA VAL Y 51 -56.82 -4.39 57.55
C VAL Y 51 -56.79 -2.88 57.31
N GLY Y 52 -56.85 -2.11 58.42
CA GLY Y 52 -57.03 -0.68 58.33
C GLY Y 52 -58.30 -0.32 57.56
N ASP Y 53 -58.14 0.47 56.49
CA ASP Y 53 -59.26 0.90 55.66
C ASP Y 53 -59.47 -0.08 54.51
N GLU Y 54 -58.53 -1.00 54.32
CA GLU Y 54 -58.55 -1.89 53.17
C GLU Y 54 -59.40 -3.13 53.47
N GLU Y 55 -60.07 -3.61 52.42
CA GLU Y 55 -60.90 -4.81 52.47
C GLU Y 55 -60.51 -5.74 51.33
N CYS Y 56 -60.55 -7.04 51.61
CA CYS Y 56 -60.30 -8.06 50.62
C CYS Y 56 -61.16 -9.27 50.92
N THR Y 57 -61.84 -9.79 49.88
CA THR Y 57 -62.61 -11.01 49.99
C THR Y 57 -61.82 -12.17 49.38
N THR Y 58 -61.54 -13.18 50.20
CA THR Y 58 -60.59 -14.24 49.87
C THR Y 58 -61.09 -15.11 48.73
N GLY Y 59 -60.17 -15.51 47.86
CA GLY Y 59 -60.42 -16.50 46.82
C GLY Y 59 -60.17 -17.91 47.33
N ASN Y 60 -59.64 -18.78 46.46
CA ASN Y 60 -59.39 -20.17 46.78
C ASN Y 60 -58.21 -20.29 47.75
N ASN Y 61 -57.29 -19.31 47.69
CA ASN Y 61 -56.12 -19.24 48.56
C ASN Y 61 -56.56 -19.17 50.02
N GLY Y 62 -57.62 -18.40 50.27
CA GLY Y 62 -57.95 -17.94 51.60
C GLY Y 62 -56.94 -16.90 52.08
N THR Y 63 -56.19 -16.33 51.13
CA THR Y 63 -55.10 -15.41 51.44
C THR Y 63 -55.31 -14.09 50.70
N CYS Y 64 -55.17 -12.99 51.46
CA CYS Y 64 -55.18 -11.65 50.92
C CYS Y 64 -53.82 -10.99 51.17
N VAL Y 65 -53.32 -10.26 50.17
CA VAL Y 65 -52.07 -9.54 50.29
C VAL Y 65 -52.36 -8.05 50.32
N PHE Y 66 -51.85 -7.37 51.34
CA PHE Y 66 -52.07 -5.94 51.52
C PHE Y 66 -50.73 -5.20 51.46
N GLU Y 67 -50.72 -4.09 50.71
CA GLU Y 67 -49.59 -3.17 50.68
C GLU Y 67 -49.96 -1.94 51.51
N LEU Y 68 -49.27 -1.74 52.64
CA LEU Y 68 -49.67 -0.76 53.62
C LEU Y 68 -48.49 0.17 53.96
N ARG Y 69 -48.81 1.42 54.28
CA ARG Y 69 -47.85 2.38 54.80
C ARG Y 69 -47.51 2.00 56.24
N PRO Y 70 -46.30 2.33 56.75
CA PRO Y 70 -45.95 2.03 58.15
C PRO Y 70 -47.01 2.51 59.13
N GLY Y 71 -47.21 1.73 60.20
CA GLY Y 71 -48.17 2.07 61.25
C GLY Y 71 -48.75 0.82 61.90
N THR Y 72 -49.59 1.04 62.92
CA THR Y 72 -50.28 -0.04 63.61
C THR Y 72 -51.66 -0.24 63.00
N TYR Y 73 -52.02 -1.51 62.75
CA TYR Y 73 -53.25 -1.87 62.08
C TYR Y 73 -53.98 -2.94 62.87
N ALA Y 74 -55.29 -3.04 62.65
CA ALA Y 74 -56.11 -4.11 63.20
C ALA Y 74 -56.60 -5.02 62.08
N ILE Y 75 -56.18 -6.29 62.13
CA ILE Y 75 -56.63 -7.29 61.17
C ILE Y 75 -57.88 -7.96 61.75
N SER Y 76 -58.92 -8.05 60.93
CA SER Y 76 -60.13 -8.76 61.29
C SER Y 76 -60.60 -9.63 60.13
N VAL Y 77 -60.82 -10.92 60.42
CA VAL Y 77 -61.30 -11.87 59.44
C VAL Y 77 -62.72 -12.28 59.81
N HIS Y 78 -63.67 -12.00 58.92
CA HIS Y 78 -65.07 -12.32 59.10
C HIS Y 78 -65.52 -13.26 57.98
N GLU Y 79 -66.37 -14.24 58.34
CA GLU Y 79 -66.93 -15.19 57.39
C GLU Y 79 -68.40 -15.44 57.72
N HIS Y 80 -69.19 -15.73 56.67
CA HIS Y 80 -70.65 -15.67 56.69
C HIS Y 80 -71.26 -16.64 57.71
N GLY Y 81 -70.45 -17.53 58.28
CA GLY Y 81 -70.90 -18.46 59.30
C GLY Y 81 -71.14 -17.77 60.64
N GLY Y 82 -70.38 -16.69 60.89
CA GLY Y 82 -70.51 -15.91 62.11
C GLY Y 82 -69.26 -15.98 62.98
N GLN Y 83 -68.16 -16.47 62.40
CA GLN Y 83 -66.90 -16.65 63.09
C GLN Y 83 -65.96 -15.50 62.73
N SER Y 84 -65.16 -15.06 63.71
CA SER Y 84 -64.27 -13.93 63.53
C SER Y 84 -62.92 -14.19 64.20
N ALA Y 85 -61.87 -13.62 63.61
CA ALA Y 85 -60.53 -13.65 64.19
C ALA Y 85 -59.92 -12.25 64.11
N HIS Y 86 -59.21 -11.85 65.16
CA HIS Y 86 -58.64 -10.52 65.27
C HIS Y 86 -57.16 -10.61 65.66
N LYS Y 87 -56.36 -9.70 65.09
CA LYS Y 87 -54.96 -9.55 65.45
C LYS Y 87 -54.50 -8.13 65.13
N GLU Y 88 -53.80 -7.52 66.09
CA GLU Y 88 -53.24 -6.18 65.92
C GLU Y 88 -51.75 -6.32 65.58
N VAL Y 89 -51.33 -5.56 64.58
CA VAL Y 89 -49.99 -5.70 64.01
C VAL Y 89 -49.38 -4.31 63.79
N SER Y 90 -48.13 -4.14 64.26
CA SER Y 90 -47.37 -2.92 64.03
C SER Y 90 -46.33 -3.14 62.93
N LEU Y 91 -46.49 -2.42 61.82
CA LEU Y 91 -45.64 -2.60 60.66
C LEU Y 91 -44.70 -1.39 60.51
N GLU Y 92 -43.42 -1.69 60.28
CA GLU Y 92 -42.40 -0.70 60.03
C GLU Y 92 -42.25 -0.53 58.51
N GLU Y 93 -41.26 0.28 58.11
CA GLU Y 93 -40.99 0.53 56.70
C GLU Y 93 -40.38 -0.73 56.08
N GLY Y 94 -40.97 -1.16 54.97
CA GLY Y 94 -40.46 -2.26 54.16
C GLY Y 94 -40.51 -3.61 54.88
N ASN Y 95 -41.49 -3.78 55.76
CA ASN Y 95 -41.69 -5.03 56.48
C ASN Y 95 -42.46 -6.00 55.58
N ILE Y 96 -42.14 -7.30 55.70
CA ILE Y 96 -42.92 -8.35 55.10
C ILE Y 96 -43.33 -9.32 56.21
N LEU Y 97 -44.64 -9.50 56.39
CA LEU Y 97 -45.17 -10.37 57.43
C LEU Y 97 -46.31 -11.21 56.87
N PHE Y 98 -46.24 -12.51 57.13
CA PHE Y 98 -47.34 -13.43 56.86
C PHE Y 98 -48.07 -13.68 58.17
N VAL Y 99 -49.40 -13.50 58.15
CA VAL Y 99 -50.24 -13.73 59.30
C VAL Y 99 -51.20 -14.87 58.96
N SER Y 100 -51.28 -15.85 59.87
CA SER Y 100 -52.13 -17.01 59.68
C SER Y 100 -53.12 -17.09 60.84
N LEU Y 101 -54.41 -16.91 60.52
CA LEU Y 101 -55.46 -16.90 61.53
C LEU Y 101 -56.42 -18.06 61.27
N ASP Y 102 -56.60 -18.91 62.29
CA ASP Y 102 -57.52 -20.03 62.22
C ASP Y 102 -58.81 -19.65 62.94
N LEU Y 103 -59.95 -19.91 62.28
CA LEU Y 103 -61.24 -19.48 62.78
C LEU Y 103 -62.00 -20.68 63.37
N GLY Y 104 -61.32 -21.82 63.46
CA GLY Y 104 -61.89 -23.00 64.09
C GLY Y 104 -62.71 -23.83 63.12
N ALA Y 105 -63.29 -24.93 63.63
CA ALA Y 105 -63.98 -25.92 62.84
C ALA Y 105 -65.36 -25.43 62.40
N LYS Y 106 -65.88 -24.43 63.13
CA LYS Y 106 -67.20 -23.88 62.86
C LYS Y 106 -67.16 -23.04 61.59
N ALA Y 107 -65.96 -22.72 61.11
CA ALA Y 107 -65.77 -21.86 59.95
C ALA Y 107 -65.69 -22.69 58.67
N ARG Y 108 -65.88 -24.02 58.81
CA ARG Y 108 -65.79 -24.95 57.69
C ARG Y 108 -67.19 -25.26 57.19
N HIS Y 109 -67.46 -24.92 55.93
CA HIS Y 109 -68.80 -25.00 55.38
C HIS Y 109 -68.85 -25.90 54.15
N PRO Y 110 -69.89 -26.76 54.01
CA PRO Y 110 -70.03 -27.64 52.86
C PRO Y 110 -69.99 -26.89 51.52
N SER Y 111 -69.28 -27.48 50.56
CA SER Y 111 -69.05 -26.94 49.23
C SER Y 111 -68.51 -25.51 49.31
N TYR Z 26 -39.25 1.55 -48.67
CA TYR Z 26 -38.77 0.40 -49.48
C TYR Z 26 -38.18 0.90 -50.79
N ASP Z 27 -37.01 0.36 -51.15
CA ASP Z 27 -36.31 0.71 -52.38
C ASP Z 27 -36.42 -0.45 -53.36
N VAL Z 28 -37.05 -0.17 -54.52
CA VAL Z 28 -37.09 -1.11 -55.63
C VAL Z 28 -35.71 -1.09 -56.30
N LYS Z 29 -34.98 -2.20 -56.16
CA LYS Z 29 -33.64 -2.31 -56.73
C LYS Z 29 -33.76 -2.35 -58.27
N PRO Z 30 -33.16 -1.37 -58.98
CA PRO Z 30 -33.27 -1.33 -60.44
C PRO Z 30 -32.51 -2.47 -61.11
N ALA Z 31 -32.97 -2.86 -62.30
CA ALA Z 31 -32.31 -3.89 -63.09
C ALA Z 31 -31.10 -3.29 -63.80
N LYS Z 32 -30.05 -4.10 -63.99
CA LYS Z 32 -28.86 -3.68 -64.72
C LYS Z 32 -28.77 -4.49 -66.02
N LEU Z 33 -28.76 -3.77 -67.15
CA LEU Z 33 -28.72 -4.38 -68.47
C LEU Z 33 -27.45 -3.96 -69.21
N TRP Z 34 -26.64 -4.95 -69.56
CA TRP Z 34 -25.47 -4.78 -70.41
C TRP Z 34 -25.86 -5.14 -71.85
N VAL Z 35 -25.55 -4.25 -72.79
CA VAL Z 35 -25.78 -4.53 -74.20
C VAL Z 35 -24.47 -4.38 -74.95
N THR Z 36 -24.03 -5.49 -75.58
CA THR Z 36 -22.80 -5.53 -76.35
C THR Z 36 -23.14 -5.62 -77.84
N ALA Z 37 -22.56 -4.70 -78.62
CA ALA Z 37 -22.72 -4.66 -80.07
C ALA Z 37 -21.51 -5.29 -80.75
N ILE Z 38 -21.75 -6.40 -81.46
CA ILE Z 38 -20.69 -7.17 -82.10
C ILE Z 38 -20.91 -7.17 -83.61
N ALA Z 39 -19.80 -7.20 -84.35
CA ALA Z 39 -19.81 -7.46 -85.78
C ALA Z 39 -18.92 -8.66 -86.07
N ILE Z 40 -19.55 -9.85 -86.14
CA ILE Z 40 -18.91 -11.16 -86.22
C ILE Z 40 -17.65 -11.20 -85.35
N GLY Z 41 -17.80 -10.95 -84.05
CA GLY Z 41 -16.73 -11.14 -83.09
C GLY Z 41 -16.16 -9.84 -82.55
N THR Z 42 -15.97 -8.86 -83.44
CA THR Z 42 -15.31 -7.61 -83.07
C THR Z 42 -16.35 -6.61 -82.55
N PRO Z 43 -16.02 -5.80 -81.52
CA PRO Z 43 -16.92 -4.78 -81.00
C PRO Z 43 -17.14 -3.61 -81.97
N ILE Z 44 -18.39 -3.14 -82.06
CA ILE Z 44 -18.75 -2.02 -82.91
C ILE Z 44 -18.56 -0.73 -82.10
N VAL Z 45 -17.73 0.16 -82.62
CA VAL Z 45 -17.44 1.45 -82.00
C VAL Z 45 -18.33 2.52 -82.65
N GLY Z 46 -19.03 3.29 -81.80
CA GLY Z 46 -19.82 4.42 -82.25
C GLY Z 46 -21.24 4.03 -82.67
N ALA Z 47 -21.66 2.80 -82.30
CA ALA Z 47 -23.03 2.35 -82.48
C ALA Z 47 -23.90 2.95 -81.38
N GLU Z 48 -25.15 3.27 -81.71
CA GLU Z 48 -26.07 3.82 -80.74
C GLU Z 48 -27.07 2.75 -80.30
N ILE Z 49 -27.18 2.56 -78.98
CA ILE Z 49 -28.08 1.58 -78.40
C ILE Z 49 -29.23 2.32 -77.72
N LYS Z 50 -30.46 1.97 -78.12
CA LYS Z 50 -31.66 2.51 -77.51
C LYS Z 50 -32.32 1.41 -76.67
N VAL Z 51 -32.46 1.69 -75.36
CA VAL Z 51 -33.24 0.84 -74.48
C VAL Z 51 -34.23 1.73 -73.75
N GLY Z 52 -35.52 1.52 -74.03
CA GLY Z 52 -36.57 2.40 -73.54
C GLY Z 52 -36.34 3.83 -74.01
N ASP Z 53 -36.24 4.77 -73.07
CA ASP Z 53 -36.05 6.17 -73.36
C ASP Z 53 -34.55 6.49 -73.38
N GLU Z 54 -33.73 5.55 -72.91
CA GLU Z 54 -32.31 5.78 -72.73
C GLU Z 54 -31.54 5.50 -74.01
N GLU Z 55 -30.49 6.31 -74.23
CA GLU Z 55 -29.62 6.20 -75.38
C GLU Z 55 -28.17 6.16 -74.90
N CYS Z 56 -27.35 5.37 -75.59
CA CYS Z 56 -25.93 5.27 -75.31
C CYS Z 56 -25.19 5.00 -76.62
N THR Z 57 -24.12 5.78 -76.85
CA THR Z 57 -23.26 5.57 -78.00
C THR Z 57 -21.99 4.85 -77.55
N THR Z 58 -21.74 3.67 -78.14
CA THR Z 58 -20.74 2.74 -77.66
C THR Z 58 -19.33 3.28 -77.86
N GLY Z 59 -18.47 3.00 -76.86
CA GLY Z 59 -17.05 3.29 -76.95
C GLY Z 59 -16.29 2.12 -77.58
N ASN Z 60 -15.08 1.85 -77.08
CA ASN Z 60 -14.22 0.80 -77.59
C ASN Z 60 -14.75 -0.58 -77.19
N ASN Z 61 -15.48 -0.63 -76.06
CA ASN Z 61 -16.10 -1.83 -75.55
C ASN Z 61 -17.09 -2.38 -76.57
N GLY Z 62 -17.84 -1.45 -77.20
CA GLY Z 62 -19.06 -1.80 -77.91
C GLY Z 62 -20.17 -2.19 -76.93
N THR Z 63 -19.99 -1.81 -75.67
CA THR Z 63 -20.89 -2.21 -74.59
C THR Z 63 -21.42 -0.98 -73.88
N CYS Z 64 -22.74 -0.96 -73.68
CA CYS Z 64 -23.43 0.05 -72.90
C CYS Z 64 -24.11 -0.62 -71.71
N VAL Z 65 -24.02 0.03 -70.54
CA VAL Z 65 -24.65 -0.46 -69.33
C VAL Z 65 -25.81 0.47 -68.97
N PHE Z 66 -26.99 -0.12 -68.80
CA PHE Z 66 -28.20 0.63 -68.49
C PHE Z 66 -28.74 0.21 -67.13
N GLU Z 67 -29.11 1.21 -66.31
CA GLU Z 67 -29.79 0.99 -65.06
C GLU Z 67 -31.26 1.38 -65.25
N LEU Z 68 -32.14 0.37 -65.16
CA LEU Z 68 -33.55 0.53 -65.55
C LEU Z 68 -34.46 0.06 -64.43
N ARG Z 69 -35.63 0.73 -64.32
CA ARG Z 69 -36.70 0.29 -63.45
C ARG Z 69 -37.36 -0.96 -64.04
N PRO Z 70 -37.95 -1.86 -63.21
CA PRO Z 70 -38.63 -3.04 -63.73
C PRO Z 70 -39.64 -2.72 -64.83
N GLY Z 71 -39.74 -3.63 -65.81
CA GLY Z 71 -40.66 -3.48 -66.93
C GLY Z 71 -40.11 -4.13 -68.20
N THR Z 72 -40.92 -4.09 -69.27
CA THR Z 72 -40.55 -4.63 -70.56
C THR Z 72 -39.98 -3.51 -71.42
N TYR Z 73 -38.83 -3.80 -72.07
CA TYR Z 73 -38.11 -2.80 -72.85
C TYR Z 73 -37.80 -3.37 -74.24
N ALA Z 74 -37.57 -2.45 -75.20
CA ALA Z 74 -37.12 -2.81 -76.53
C ALA Z 74 -35.70 -2.29 -76.74
N ILE Z 75 -34.77 -3.22 -76.95
CA ILE Z 75 -33.38 -2.89 -77.26
C ILE Z 75 -33.22 -2.81 -78.78
N SER Z 76 -32.63 -1.70 -79.23
CA SER Z 76 -32.31 -1.53 -80.64
C SER Z 76 -30.90 -0.97 -80.78
N VAL Z 77 -30.09 -1.67 -81.60
CA VAL Z 77 -28.72 -1.27 -81.88
C VAL Z 77 -28.64 -0.82 -83.34
N HIS Z 78 -28.28 0.46 -83.53
CA HIS Z 78 -28.14 1.06 -84.85
C HIS Z 78 -26.70 1.52 -85.04
N GLU Z 79 -26.18 1.35 -86.26
CA GLU Z 79 -24.84 1.78 -86.61
C GLU Z 79 -24.85 2.39 -88.02
N HIS Z 80 -23.96 3.35 -88.25
CA HIS Z 80 -23.99 4.28 -89.38
C HIS Z 80 -23.91 3.57 -90.73
N GLY Z 81 -23.58 2.27 -90.72
CA GLY Z 81 -23.53 1.47 -91.93
C GLY Z 81 -24.93 1.16 -92.48
N GLY Z 82 -25.92 1.11 -91.58
CA GLY Z 82 -27.31 0.87 -91.95
C GLY Z 82 -27.82 -0.47 -91.44
N GLN Z 83 -27.08 -1.06 -90.50
CA GLN Z 83 -27.41 -2.36 -89.92
C GLN Z 83 -28.05 -2.15 -88.55
N SER Z 84 -29.03 -2.99 -88.23
CA SER Z 84 -29.78 -2.89 -86.98
C SER Z 84 -30.02 -4.27 -86.38
N ALA Z 85 -30.09 -4.30 -85.05
CA ALA Z 85 -30.45 -5.50 -84.29
C ALA Z 85 -31.46 -5.12 -83.20
N HIS Z 86 -32.47 -5.98 -83.01
CA HIS Z 86 -33.55 -5.71 -82.08
C HIS Z 86 -33.75 -6.90 -81.15
N LYS Z 87 -34.07 -6.61 -79.89
CA LYS Z 87 -34.43 -7.62 -78.91
C LYS Z 87 -35.31 -7.00 -77.83
N GLU Z 88 -36.41 -7.69 -77.50
CA GLU Z 88 -37.33 -7.28 -76.46
C GLU Z 88 -37.00 -8.07 -75.18
N VAL Z 89 -36.93 -7.35 -74.05
CA VAL Z 89 -36.47 -7.92 -72.80
C VAL Z 89 -37.40 -7.46 -71.67
N SER Z 90 -37.84 -8.43 -70.85
CA SER Z 90 -38.63 -8.17 -69.65
C SER Z 90 -37.75 -8.27 -68.42
N LEU Z 91 -37.61 -7.14 -67.70
CA LEU Z 91 -36.72 -7.08 -66.55
C LEU Z 91 -37.54 -6.97 -65.27
N GLU Z 92 -37.17 -7.80 -64.28
CA GLU Z 92 -37.77 -7.79 -62.95
C GLU Z 92 -36.94 -6.88 -62.05
N GLU Z 93 -37.29 -6.87 -60.75
CA GLU Z 93 -36.57 -6.10 -59.76
C GLU Z 93 -35.21 -6.74 -59.49
N GLY Z 94 -34.15 -5.93 -59.59
CA GLY Z 94 -32.80 -6.33 -59.24
C GLY Z 94 -32.24 -7.42 -60.16
N ASN Z 95 -32.67 -7.40 -61.43
CA ASN Z 95 -32.17 -8.33 -62.43
C ASN Z 95 -30.85 -7.81 -62.99
N ILE Z 96 -29.95 -8.75 -63.31
CA ILE Z 96 -28.75 -8.43 -64.07
C ILE Z 96 -28.72 -9.33 -65.30
N LEU Z 97 -28.72 -8.71 -66.48
CA LEU Z 97 -28.72 -9.43 -67.74
C LEU Z 97 -27.70 -8.82 -68.69
N PHE Z 98 -26.86 -9.67 -69.28
CA PHE Z 98 -25.98 -9.29 -70.37
C PHE Z 98 -26.62 -9.73 -71.67
N VAL Z 99 -26.74 -8.79 -72.62
CA VAL Z 99 -27.30 -9.07 -73.92
C VAL Z 99 -26.22 -8.84 -74.97
N SER Z 100 -26.05 -9.83 -75.85
CA SER Z 100 -25.05 -9.78 -76.90
C SER Z 100 -25.73 -9.89 -78.26
N LEU Z 101 -25.65 -8.81 -79.04
CA LEU Z 101 -26.29 -8.72 -80.34
C LEU Z 101 -25.24 -8.56 -81.43
N ASP Z 102 -25.24 -9.48 -82.39
CA ASP Z 102 -24.34 -9.43 -83.54
C ASP Z 102 -25.10 -8.85 -84.74
N LEU Z 103 -24.46 -7.88 -85.41
CA LEU Z 103 -25.09 -7.15 -86.49
C LEU Z 103 -24.55 -7.63 -87.84
N GLY Z 104 -23.75 -8.70 -87.81
CA GLY Z 104 -23.24 -9.32 -89.04
C GLY Z 104 -21.97 -8.64 -89.55
N ALA Z 105 -21.45 -9.16 -90.67
CA ALA Z 105 -20.17 -8.75 -91.23
C ALA Z 105 -20.27 -7.38 -91.90
N LYS Z 106 -21.50 -6.97 -92.24
CA LYS Z 106 -21.75 -5.71 -92.92
C LYS Z 106 -21.58 -4.54 -91.95
N ALA Z 107 -21.50 -4.85 -90.65
CA ALA Z 107 -21.40 -3.84 -89.61
C ALA Z 107 -19.94 -3.55 -89.27
N ARG Z 108 -19.03 -4.19 -90.02
CA ARG Z 108 -17.58 -4.07 -89.81
C ARG Z 108 -17.03 -3.06 -90.81
N HIS Z 109 -16.48 -1.95 -90.28
CA HIS Z 109 -16.05 -0.82 -91.10
C HIS Z 109 -14.57 -0.54 -90.89
N PRO Z 110 -13.81 -0.25 -91.98
CA PRO Z 110 -12.39 0.09 -91.86
C PRO Z 110 -12.08 1.23 -90.90
N SER Z 111 -11.01 1.06 -90.11
CA SER Z 111 -10.57 1.98 -89.07
C SER Z 111 -11.73 2.32 -88.12
N TYR AA 26 45.23 16.88 -38.75
CA TYR AA 26 44.67 16.50 -40.08
C TYR AA 26 45.48 15.36 -40.68
N ASP AA 27 44.76 14.36 -41.21
CA ASP AA 27 45.36 13.20 -41.83
C ASP AA 27 45.18 13.28 -43.34
N VAL AA 28 46.31 13.33 -44.06
CA VAL AA 28 46.30 13.25 -45.51
C VAL AA 28 46.05 11.79 -45.89
N LYS AA 29 44.87 11.52 -46.46
CA LYS AA 29 44.50 10.17 -46.86
C LYS AA 29 45.37 9.74 -48.04
N PRO AA 30 46.17 8.65 -47.88
CA PRO AA 30 47.07 8.21 -48.94
C PRO AA 30 46.30 7.64 -50.13
N ALA AA 31 46.91 7.72 -51.32
CA ALA AA 31 46.35 7.16 -52.54
C ALA AA 31 46.62 5.66 -52.58
N LYS AA 32 45.69 4.91 -53.17
CA LYS AA 32 45.83 3.48 -53.33
C LYS AA 32 45.96 3.17 -54.82
N LEU AA 33 47.08 2.53 -55.19
CA LEU AA 33 47.39 2.21 -56.58
C LEU AA 33 47.49 0.69 -56.75
N TRP AA 34 46.63 0.15 -57.61
CA TRP AA 34 46.68 -1.24 -58.04
C TRP AA 34 47.42 -1.32 -59.37
N VAL AA 35 48.41 -2.21 -59.46
CA VAL AA 35 49.10 -2.42 -60.72
C VAL AA 35 49.02 -3.90 -61.08
N THR AA 36 48.41 -4.18 -62.25
CA THR AA 36 48.24 -5.53 -62.75
C THR AA 36 49.17 -5.74 -63.95
N ALA AA 37 49.97 -6.82 -63.87
CA ALA AA 37 50.89 -7.20 -64.93
C ALA AA 37 50.26 -8.33 -65.75
N ILE AA 38 50.02 -8.05 -67.04
CA ILE AA 38 49.36 -8.98 -67.94
C ILE AA 38 50.31 -9.33 -69.08
N ALA AA 39 50.19 -10.57 -69.58
CA ALA AA 39 50.82 -10.99 -70.82
C ALA AA 39 49.75 -11.51 -71.76
N ILE AA 40 49.26 -10.62 -72.65
CA ILE AA 40 48.11 -10.82 -73.52
C ILE AA 40 47.02 -11.61 -72.80
N GLY AA 41 46.54 -11.06 -71.67
CA GLY AA 41 45.36 -11.59 -71.00
C GLY AA 41 45.68 -12.30 -69.69
N THR AA 42 46.75 -13.11 -69.69
CA THR AA 42 47.11 -13.94 -68.54
C THR AA 42 47.98 -13.14 -67.57
N PRO AA 43 47.80 -13.30 -66.24
CA PRO AA 43 48.63 -12.61 -65.25
C PRO AA 43 50.07 -13.13 -65.23
N ILE AA 44 51.01 -12.19 -65.07
CA ILE AA 44 52.44 -12.53 -64.98
C ILE AA 44 52.78 -12.79 -63.52
N VAL AA 45 53.31 -13.98 -63.24
CA VAL AA 45 53.70 -14.38 -61.89
C VAL AA 45 55.20 -14.18 -61.73
N GLY AA 46 55.58 -13.48 -60.64
CA GLY AA 46 56.98 -13.30 -60.31
C GLY AA 46 57.60 -12.09 -60.99
N ALA AA 47 56.75 -11.21 -61.56
CA ALA AA 47 57.19 -9.94 -62.10
C ALA AA 47 57.37 -8.94 -60.95
N GLU AA 48 58.37 -8.05 -61.09
CA GLU AA 48 58.63 -7.06 -60.06
C GLU AA 48 58.13 -5.69 -60.54
N ILE AA 49 57.31 -5.06 -59.69
CA ILE AA 49 56.72 -3.76 -59.97
C ILE AA 49 57.38 -2.73 -59.07
N LYS AA 50 57.94 -1.68 -59.69
CA LYS AA 50 58.52 -0.55 -58.99
C LYS AA 50 57.62 0.66 -59.14
N VAL AA 51 57.13 1.17 -58.00
CA VAL AA 51 56.41 2.43 -57.96
C VAL AA 51 57.08 3.31 -56.90
N GLY AA 52 57.69 4.41 -57.34
CA GLY AA 52 58.51 5.24 -56.48
C GLY AA 52 59.65 4.43 -55.87
N ASP AA 53 59.70 4.42 -54.54
CA ASP AA 53 60.73 3.70 -53.80
C ASP AA 53 60.27 2.28 -53.48
N GLU AA 54 58.98 2.02 -53.70
CA GLU AA 54 58.37 0.76 -53.30
C GLU AA 54 58.56 -0.30 -54.38
N GLU AA 55 58.74 -1.54 -53.93
CA GLU AA 55 58.89 -2.70 -54.79
C GLU AA 55 57.93 -3.79 -54.34
N CYS AA 56 57.41 -4.53 -55.33
CA CYS AA 56 56.51 -5.65 -55.07
C CYS AA 56 56.71 -6.69 -56.15
N THR AA 57 56.88 -7.95 -55.72
CA THR AA 57 56.98 -9.07 -56.64
C THR AA 57 55.64 -9.80 -56.69
N THR AA 58 55.06 -9.88 -57.90
CA THR AA 58 53.68 -10.30 -58.09
C THR AA 58 53.51 -11.78 -57.75
N GLY AA 59 52.36 -12.10 -57.14
CA GLY AA 59 51.94 -13.47 -56.90
C GLY AA 59 51.14 -14.02 -58.09
N ASN AA 60 50.11 -14.82 -57.79
CA ASN AA 60 49.29 -15.45 -58.80
C ASN AA 60 48.36 -14.42 -59.45
N ASN AA 61 48.04 -13.36 -58.69
CA ASN AA 61 47.22 -12.25 -59.17
C ASN AA 61 47.88 -11.60 -60.37
N GLY AA 62 49.21 -11.43 -60.28
CA GLY AA 62 49.93 -10.51 -61.14
C GLY AA 62 49.63 -9.07 -60.76
N THR AA 63 49.09 -8.87 -59.55
CA THR AA 63 48.63 -7.58 -59.10
C THR AA 63 49.32 -7.22 -57.79
N CYS AA 64 49.85 -5.99 -57.73
CA CYS AA 64 50.43 -5.41 -56.52
C CYS AA 64 49.62 -4.18 -56.14
N VAL AA 65 49.38 -4.03 -54.83
CA VAL AA 65 48.65 -2.89 -54.29
C VAL AA 65 49.63 -2.02 -53.50
N PHE AA 66 49.67 -0.73 -53.85
CA PHE AA 66 50.57 0.23 -53.22
C PHE AA 66 49.77 1.32 -52.54
N GLU AA 67 50.16 1.64 -51.30
CA GLU AA 67 49.63 2.78 -50.57
C GLU AA 67 50.68 3.88 -50.57
N LEU AA 68 50.37 5.00 -51.25
CA LEU AA 68 51.34 6.04 -51.55
C LEU AA 68 50.82 7.40 -51.10
N ARG AA 69 51.76 8.26 -50.68
CA ARG AA 69 51.46 9.66 -50.39
C ARG AA 69 51.25 10.40 -51.71
N PRO AA 70 50.45 11.50 -51.73
CA PRO AA 70 50.22 12.27 -52.95
C PRO AA 70 51.53 12.66 -53.65
N GLY AA 71 51.50 12.67 -54.98
CA GLY AA 71 52.67 13.02 -55.79
C GLY AA 71 52.68 12.27 -57.12
N THR AA 72 53.69 12.58 -57.94
CA THR AA 72 53.87 11.94 -59.24
C THR AA 72 54.87 10.79 -59.09
N TYR AA 73 54.51 9.64 -59.68
CA TYR AA 73 55.29 8.42 -59.55
C TYR AA 73 55.54 7.81 -60.92
N ALA AA 74 56.58 6.98 -61.01
CA ALA AA 74 56.88 6.21 -62.20
C ALA AA 74 56.68 4.73 -61.90
N ILE AA 75 55.73 4.10 -62.60
CA ILE AA 75 55.48 2.67 -62.50
C ILE AA 75 56.32 1.97 -63.55
N SER AA 76 57.06 0.94 -63.12
CA SER AA 76 57.82 0.10 -64.03
C SER AA 76 57.62 -1.37 -63.66
N VAL AA 77 57.23 -2.16 -64.66
CA VAL AA 77 57.02 -3.60 -64.50
C VAL AA 77 58.11 -4.34 -65.26
N HIS AA 78 58.92 -5.11 -64.53
CA HIS AA 78 60.01 -5.89 -65.10
C HIS AA 78 59.76 -7.37 -64.84
N GLU AA 79 60.10 -8.21 -65.82
CA GLU AA 79 59.96 -9.66 -65.70
C GLU AA 79 61.17 -10.34 -66.34
N HIS AA 80 61.53 -11.51 -65.80
CA HIS AA 80 62.81 -12.16 -66.03
C HIS AA 80 63.05 -12.50 -67.50
N GLY AA 81 62.01 -12.39 -68.32
CA GLY AA 81 62.12 -12.64 -69.75
C GLY AA 81 62.87 -11.52 -70.48
N GLY AA 82 62.79 -10.30 -69.92
CA GLY AA 82 63.47 -9.15 -70.46
C GLY AA 82 62.50 -8.11 -71.02
N GLN AA 83 61.22 -8.25 -70.65
CA GLN AA 83 60.17 -7.34 -71.10
C GLN AA 83 59.85 -6.35 -70.00
N SER AA 84 59.55 -5.11 -70.40
CA SER AA 84 59.27 -4.02 -69.46
C SER AA 84 58.10 -3.17 -69.95
N ALA AA 85 57.36 -2.62 -68.98
CA ALA AA 85 56.28 -1.67 -69.24
C ALA AA 85 56.40 -0.50 -68.26
N HIS AA 86 56.17 0.72 -68.77
CA HIS AA 86 56.34 1.93 -67.97
C HIS AA 86 55.09 2.80 -68.09
N LYS AA 87 54.73 3.46 -66.97
CA LYS AA 87 53.66 4.43 -66.95
C LYS AA 87 53.88 5.42 -65.80
N GLU AA 88 53.74 6.71 -66.10
CA GLU AA 88 53.87 7.77 -65.11
C GLU AA 88 52.48 8.19 -64.67
N VAL AA 89 52.30 8.31 -63.35
CA VAL AA 89 50.98 8.54 -62.76
C VAL AA 89 51.08 9.63 -61.69
N SER AA 90 50.17 10.61 -61.76
CA SER AA 90 50.05 11.66 -60.76
C SER AA 90 48.87 11.36 -59.84
N LEU AA 91 49.17 11.16 -58.55
CA LEU AA 91 48.16 10.77 -57.57
C LEU AA 91 47.90 11.93 -56.62
N GLU AA 92 46.61 12.21 -56.41
CA GLU AA 92 46.15 13.22 -55.46
C GLU AA 92 45.87 12.54 -54.11
N GLU AA 93 45.32 13.31 -53.17
CA GLU AA 93 44.97 12.80 -51.85
C GLU AA 93 43.74 11.90 -51.97
N GLY AA 94 43.85 10.69 -51.42
CA GLY AA 94 42.75 9.74 -51.32
C GLY AA 94 42.27 9.24 -52.68
N ASN AA 95 43.19 9.15 -53.65
CA ASN AA 95 42.88 8.64 -54.97
C ASN AA 95 42.94 7.11 -54.95
N ILE AA 96 42.05 6.48 -55.73
CA ILE AA 96 42.14 5.05 -55.99
C ILE AA 96 42.20 4.86 -57.50
N LEU AA 97 43.27 4.22 -57.97
CA LEU AA 97 43.48 3.99 -59.39
C LEU AA 97 43.98 2.56 -59.59
N PHE AA 98 43.34 1.87 -60.55
CA PHE AA 98 43.80 0.59 -61.03
C PHE AA 98 44.52 0.81 -62.36
N VAL AA 99 45.76 0.29 -62.44
CA VAL AA 99 46.56 0.39 -63.64
C VAL AA 99 46.80 -1.01 -64.18
N SER AA 100 46.54 -1.19 -65.49
CA SER AA 100 46.69 -2.47 -66.15
C SER AA 100 47.70 -2.33 -67.29
N LEU AA 101 48.84 -3.02 -67.13
CA LEU AA 101 49.92 -2.93 -68.11
C LEU AA 101 50.16 -4.30 -68.73
N ASP AA 102 50.07 -4.36 -70.06
CA ASP AA 102 50.32 -5.58 -70.81
C ASP AA 102 51.73 -5.53 -71.37
N LEU AA 103 52.49 -6.63 -71.19
CA LEU AA 103 53.89 -6.69 -71.56
C LEU AA 103 54.07 -7.51 -72.83
N GLY AA 104 52.95 -7.89 -73.46
CA GLY AA 104 52.98 -8.60 -74.73
C GLY AA 104 53.13 -10.11 -74.56
N ALA AA 105 53.16 -10.81 -75.71
CA ALA AA 105 53.16 -12.26 -75.75
C ALA AA 105 54.52 -12.84 -75.35
N LYS AA 106 55.56 -12.00 -75.42
CA LYS AA 106 56.93 -12.40 -75.12
C LYS AA 106 57.10 -12.55 -73.61
N ALA AA 107 56.13 -12.06 -72.84
CA ALA AA 107 56.18 -12.07 -71.39
C ALA AA 107 55.50 -13.32 -70.83
N ARG AA 108 55.07 -14.21 -71.73
CA ARG AA 108 54.37 -15.43 -71.39
C ARG AA 108 55.35 -16.60 -71.41
N HIS AA 109 55.57 -17.22 -70.24
CA HIS AA 109 56.59 -18.24 -70.08
C HIS AA 109 55.98 -19.57 -69.61
N PRO AA 110 56.45 -20.72 -70.16
CA PRO AA 110 55.96 -22.04 -69.74
C PRO AA 110 56.05 -22.30 -68.24
N SER AA 111 54.99 -22.90 -67.69
CA SER AA 111 54.83 -23.19 -66.27
C SER AA 111 55.07 -21.93 -65.43
N TYR BA 26 12.15 -59.43 -14.47
CA TYR BA 26 12.88 -59.28 -15.75
C TYR BA 26 12.06 -59.87 -16.89
N ASP BA 27 11.97 -59.11 -18.00
CA ASP BA 27 11.23 -59.52 -19.18
C ASP BA 27 12.23 -59.91 -20.28
N VAL BA 28 12.16 -61.17 -20.70
CA VAL BA 28 12.92 -61.66 -21.84
C VAL BA 28 12.23 -61.15 -23.10
N LYS BA 29 12.89 -60.22 -23.80
CA LYS BA 29 12.33 -59.64 -25.01
C LYS BA 29 12.28 -60.70 -26.10
N PRO BA 30 11.09 -61.03 -26.64
CA PRO BA 30 10.97 -62.07 -27.66
C PRO BA 30 11.57 -61.63 -28.99
N ALA BA 31 12.03 -62.61 -29.77
CA ALA BA 31 12.57 -62.37 -31.10
C ALA BA 31 11.42 -62.17 -32.09
N LYS BA 32 11.65 -61.33 -33.10
CA LYS BA 32 10.68 -61.09 -34.16
C LYS BA 32 11.24 -61.64 -35.47
N LEU BA 33 10.51 -62.58 -36.08
CA LEU BA 33 10.93 -63.23 -37.30
C LEU BA 33 9.91 -62.94 -38.40
N TRP BA 34 10.40 -62.32 -39.49
CA TRP BA 34 9.63 -62.11 -40.70
C TRP BA 34 10.00 -63.21 -41.69
N VAL BA 35 8.98 -63.86 -42.27
CA VAL BA 35 9.21 -64.86 -43.30
C VAL BA 35 8.42 -64.48 -44.55
N THR BA 36 9.15 -64.25 -45.65
CA THR BA 36 8.57 -63.88 -46.93
C THR BA 36 8.66 -65.06 -47.89
N ALA BA 37 7.52 -65.43 -48.48
CA ALA BA 37 7.44 -66.50 -49.46
C ALA BA 37 7.40 -65.91 -50.87
N ILE BA 38 8.43 -66.22 -51.67
CA ILE BA 38 8.57 -65.68 -53.00
C ILE BA 38 8.53 -66.82 -54.02
N ALA BA 39 8.00 -66.52 -55.21
CA ALA BA 39 8.11 -67.38 -56.38
C ALA BA 39 8.78 -66.59 -57.51
N ILE BA 40 10.10 -66.75 -57.64
CA ILE BA 40 10.96 -65.95 -58.51
C ILE BA 40 10.51 -64.50 -58.58
N GLY BA 41 10.47 -63.84 -57.41
CA GLY BA 41 10.26 -62.41 -57.33
C GLY BA 41 8.88 -62.03 -56.79
N THR BA 42 7.84 -62.74 -57.22
CA THR BA 42 6.47 -62.42 -56.87
C THR BA 42 6.08 -63.10 -55.56
N PRO BA 43 5.30 -62.42 -54.68
CA PRO BA 43 4.85 -63.01 -53.42
C PRO BA 43 3.84 -64.14 -53.62
N ILE BA 44 3.98 -65.20 -52.82
CA ILE BA 44 3.06 -66.33 -52.87
C ILE BA 44 1.90 -66.04 -51.90
N VAL BA 45 0.68 -66.07 -52.44
CA VAL BA 45 -0.52 -65.83 -51.66
C VAL BA 45 -1.14 -67.18 -51.29
N GLY BA 46 -1.43 -67.34 -49.99
CA GLY BA 46 -2.12 -68.52 -49.49
C GLY BA 46 -1.17 -69.67 -49.15
N ALA BA 47 0.13 -69.36 -49.08
CA ALA BA 47 1.12 -70.31 -48.62
C ALA BA 47 1.08 -70.37 -47.10
N GLU BA 48 1.34 -71.56 -46.54
CA GLU BA 48 1.35 -71.73 -45.09
C GLU BA 48 2.79 -71.85 -44.59
N ILE BA 49 3.12 -71.00 -43.61
CA ILE BA 49 4.45 -70.97 -43.02
C ILE BA 49 4.38 -71.55 -41.61
N LYS BA 50 5.20 -72.57 -41.35
CA LYS BA 50 5.33 -73.18 -40.05
C LYS BA 50 6.66 -72.79 -39.43
N VAL BA 51 6.61 -72.11 -38.28
CA VAL BA 51 7.78 -71.83 -37.48
C VAL BA 51 7.50 -72.30 -36.05
N GLY BA 52 8.25 -73.32 -35.62
CA GLY BA 52 7.98 -73.99 -34.35
C GLY BA 52 6.56 -74.56 -34.35
N ASP BA 53 5.78 -74.14 -33.35
CA ASP BA 53 4.40 -74.59 -33.19
C ASP BA 53 3.44 -73.65 -33.90
N GLU BA 54 3.95 -72.49 -34.34
CA GLU BA 54 3.12 -71.44 -34.91
C GLU BA 54 2.91 -71.67 -36.40
N GLU BA 55 1.70 -71.32 -36.86
CA GLU BA 55 1.30 -71.41 -38.25
C GLU BA 55 0.71 -70.07 -38.71
N CYS BA 56 0.99 -69.72 -39.96
CA CYS BA 56 0.47 -68.52 -40.58
C CYS BA 56 0.26 -68.78 -42.07
N THR BA 57 -0.92 -68.39 -42.56
CA THR BA 57 -1.24 -68.49 -43.97
C THR BA 57 -1.12 -67.10 -44.59
N THR BA 58 -0.25 -66.97 -45.60
CA THR BA 58 0.20 -65.69 -46.12
C THR BA 58 -0.95 -64.98 -46.87
N GLY BA 59 -1.00 -63.66 -46.70
CA GLY BA 59 -1.89 -62.80 -47.45
C GLY BA 59 -1.24 -62.33 -48.75
N ASN BA 60 -1.51 -61.08 -49.13
CA ASN BA 60 -1.00 -60.51 -50.37
C ASN BA 60 0.49 -60.22 -50.26
N ASN BA 61 0.96 -59.96 -49.03
CA ASN BA 61 2.36 -59.73 -48.72
C ASN BA 61 3.20 -60.94 -49.14
N GLY BA 62 2.66 -62.14 -48.87
CA GLY BA 62 3.44 -63.36 -48.86
C GLY BA 62 4.36 -63.38 -47.64
N THR BA 63 4.07 -62.53 -46.66
CA THR BA 63 4.93 -62.34 -45.49
C THR BA 63 4.14 -62.61 -44.21
N CYS BA 64 4.72 -63.42 -43.33
CA CYS BA 64 4.20 -63.68 -42.00
C CYS BA 64 5.20 -63.19 -40.96
N VAL BA 65 4.69 -62.56 -39.90
CA VAL BA 65 5.52 -62.06 -38.81
C VAL BA 65 5.24 -62.91 -37.57
N PHE BA 66 6.31 -63.46 -36.99
CA PHE BA 66 6.22 -64.32 -35.83
C PHE BA 66 6.96 -63.69 -34.65
N GLU BA 67 6.31 -63.71 -33.48
CA GLU BA 67 6.93 -63.31 -32.23
C GLU BA 67 7.23 -64.57 -31.43
N LEU BA 68 8.53 -64.85 -31.22
CA LEU BA 68 8.98 -66.12 -30.70
C LEU BA 68 9.90 -65.91 -29.50
N ARG BA 69 9.86 -66.85 -28.56
CA ARG BA 69 10.81 -66.90 -27.44
C ARG BA 69 12.16 -67.38 -27.96
N PRO BA 70 13.29 -66.99 -27.33
CA PRO BA 70 14.62 -67.46 -27.77
C PRO BA 70 14.67 -68.98 -27.94
N GLY BA 71 15.43 -69.42 -28.95
CA GLY BA 71 15.61 -70.84 -29.23
C GLY BA 71 15.84 -71.10 -30.72
N THR BA 72 16.06 -72.38 -31.05
CA THR BA 72 16.26 -72.81 -32.42
C THR BA 72 14.93 -73.29 -32.98
N TYR BA 73 14.61 -72.85 -34.20
CA TYR BA 73 13.34 -73.14 -34.85
C TYR BA 73 13.57 -73.66 -36.27
N ALA BA 74 12.58 -74.37 -36.79
CA ALA BA 74 12.57 -74.83 -38.17
C ALA BA 74 11.46 -74.11 -38.93
N ILE BA 75 11.84 -73.32 -39.94
CA ILE BA 75 10.90 -72.64 -40.81
C ILE BA 75 10.62 -73.55 -42.00
N SER BA 76 9.33 -73.74 -42.29
CA SER BA 76 8.91 -74.49 -43.46
C SER BA 76 7.77 -73.75 -44.16
N VAL BA 77 7.95 -73.52 -45.47
CA VAL BA 77 6.96 -72.86 -46.29
C VAL BA 77 6.38 -73.89 -47.27
N HIS BA 78 5.07 -74.13 -47.16
CA HIS BA 78 4.35 -75.06 -48.01
C HIS BA 78 3.28 -74.31 -48.80
N GLU BA 79 3.10 -74.71 -50.07
CA GLU BA 79 2.08 -74.12 -50.93
C GLU BA 79 1.42 -75.23 -51.77
N HIS BA 80 0.14 -75.01 -52.09
CA HIS BA 80 -0.76 -76.05 -52.59
C HIS BA 80 -0.29 -76.67 -53.90
N GLY BA 81 0.72 -76.07 -54.54
CA GLY BA 81 1.29 -76.59 -55.77
C GLY BA 81 2.16 -77.83 -55.52
N GLY BA 82 2.73 -77.92 -54.32
CA GLY BA 82 3.53 -79.06 -53.90
C GLY BA 82 4.99 -78.69 -53.71
N GLN BA 83 5.27 -77.38 -53.64
CA GLN BA 83 6.62 -76.87 -53.47
C GLN BA 83 6.85 -76.49 -52.01
N SER BA 84 8.07 -76.73 -51.53
CA SER BA 84 8.43 -76.48 -50.14
C SER BA 84 9.82 -75.84 -50.04
N ALA BA 85 10.00 -75.01 -49.01
CA ALA BA 85 11.29 -74.43 -48.66
C ALA BA 85 11.50 -74.54 -47.15
N HIS BA 86 12.73 -74.86 -46.76
CA HIS BA 86 13.06 -75.10 -45.35
C HIS BA 86 14.29 -74.29 -44.97
N LYS BA 87 14.29 -73.77 -43.73
CA LYS BA 87 15.44 -73.09 -43.16
C LYS BA 87 15.38 -73.19 -41.63
N GLU BA 88 16.51 -73.55 -41.02
CA GLU BA 88 16.65 -73.62 -39.58
C GLU BA 88 17.32 -72.35 -39.08
N VAL BA 89 16.75 -71.77 -38.02
CA VAL BA 89 17.16 -70.46 -37.52
C VAL BA 89 17.27 -70.49 -35.99
N SER BA 90 18.41 -70.00 -35.48
CA SER BA 90 18.63 -69.86 -34.05
C SER BA 90 18.43 -68.39 -33.65
N LEU BA 91 17.44 -68.16 -32.78
CA LEU BA 91 17.08 -66.80 -32.37
C LEU BA 91 17.46 -66.57 -30.92
N GLU BA 92 18.13 -65.44 -30.67
CA GLU BA 92 18.51 -65.00 -29.35
C GLU BA 92 17.42 -64.08 -28.81
N GLU BA 93 17.67 -63.49 -27.64
CA GLU BA 93 16.75 -62.56 -27.01
C GLU BA 93 16.73 -61.24 -27.78
N GLY BA 94 15.53 -60.79 -28.15
CA GLY BA 94 15.31 -59.50 -28.78
C GLY BA 94 15.94 -59.39 -30.17
N ASN BA 95 16.01 -60.53 -30.89
CA ASN BA 95 16.54 -60.56 -32.24
C ASN BA 95 15.42 -60.15 -33.22
N ILE BA 96 15.82 -59.46 -34.29
CA ILE BA 96 14.93 -59.20 -35.40
C ILE BA 96 15.60 -59.72 -36.67
N LEU BA 97 14.93 -60.66 -37.35
CA LEU BA 97 15.47 -61.28 -38.55
C LEU BA 97 14.36 -61.37 -39.61
N PHE BA 98 14.71 -60.92 -40.82
CA PHE BA 98 13.87 -61.13 -41.99
C PHE BA 98 14.45 -62.30 -42.78
N VAL BA 99 13.58 -63.27 -43.09
CA VAL BA 99 13.97 -64.45 -43.86
C VAL BA 99 13.18 -64.43 -45.17
N SER BA 100 13.91 -64.59 -46.28
CA SER BA 100 13.31 -64.59 -47.60
C SER BA 100 13.59 -65.93 -48.28
N LEU BA 101 12.52 -66.68 -48.54
CA LEU BA 101 12.64 -68.01 -49.13
C LEU BA 101 11.92 -68.02 -50.48
N ASP BA 102 12.66 -68.39 -51.53
CA ASP BA 102 12.10 -68.52 -52.87
C ASP BA 102 11.82 -69.99 -53.16
N LEU BA 103 10.61 -70.27 -53.67
CA LEU BA 103 10.15 -71.63 -53.88
C LEU BA 103 10.22 -71.99 -55.36
N GLY BA 104 10.80 -71.10 -56.17
CA GLY BA 104 11.02 -71.36 -57.58
C GLY BA 104 9.80 -71.00 -58.43
N ALA BA 105 9.93 -71.24 -59.75
CA ALA BA 105 8.94 -70.81 -60.73
C ALA BA 105 7.71 -71.70 -60.70
N LYS BA 106 7.87 -72.92 -60.13
CA LYS BA 106 6.80 -73.90 -60.06
C LYS BA 106 5.77 -73.49 -59.01
N ALA BA 107 6.12 -72.50 -58.18
CA ALA BA 107 5.27 -72.04 -57.09
C ALA BA 107 4.39 -70.87 -57.55
N ARG BA 108 4.48 -70.52 -58.83
CA ARG BA 108 3.74 -69.41 -59.43
C ARG BA 108 2.50 -69.97 -60.13
N HIS BA 109 1.32 -69.56 -59.65
CA HIS BA 109 0.06 -70.12 -60.10
C HIS BA 109 -0.84 -69.02 -60.67
N PRO BA 110 -1.54 -69.28 -61.80
CA PRO BA 110 -2.48 -68.32 -62.39
C PRO BA 110 -3.54 -67.80 -61.42
N SER BA 111 -3.79 -66.49 -61.48
CA SER BA 111 -4.72 -65.77 -60.61
C SER BA 111 -4.42 -66.06 -59.14
N TYR CA 26 -41.52 -41.41 -20.37
CA TYR CA 26 -42.29 -41.69 -19.13
C TYR CA 26 -42.04 -43.13 -18.69
N ASP CA 27 -41.78 -43.31 -17.38
CA ASP CA 27 -41.55 -44.62 -16.79
C ASP CA 27 -42.76 -45.03 -15.98
N VAL CA 28 -43.39 -46.15 -16.38
CA VAL CA 28 -44.46 -46.76 -15.61
C VAL CA 28 -43.83 -47.50 -14.43
N LYS CA 29 -44.06 -46.97 -13.22
CA LYS CA 29 -43.49 -47.55 -12.01
C LYS CA 29 -44.15 -48.89 -11.75
N PRO CA 30 -43.36 -50.00 -11.72
CA PRO CA 30 -43.92 -51.34 -11.53
C PRO CA 30 -44.45 -51.53 -10.12
N ALA CA 31 -45.45 -52.42 -9.97
CA ALA CA 31 -46.01 -52.75 -8.68
C ALA CA 31 -45.09 -53.74 -7.96
N LYS CA 32 -45.05 -53.65 -6.63
CA LYS CA 32 -44.28 -54.58 -5.82
C LYS CA 32 -45.23 -55.42 -4.98
N LEU CA 33 -45.15 -56.75 -5.17
CA LEU CA 33 -46.02 -57.70 -4.50
C LEU CA 33 -45.20 -58.63 -3.62
N TRP CA 34 -45.49 -58.60 -2.31
CA TRP CA 34 -44.94 -59.53 -1.35
C TRP CA 34 -45.95 -60.66 -1.12
N VAL CA 35 -45.48 -61.91 -1.22
CA VAL CA 35 -46.33 -63.05 -0.93
C VAL CA 35 -45.67 -63.89 0.16
N THR CA 36 -46.38 -64.03 1.29
CA THR CA 36 -45.91 -64.82 2.42
C THR CA 36 -46.72 -66.11 2.53
N ALA CA 37 -46.01 -67.23 2.59
CA ALA CA 37 -46.62 -68.55 2.74
C ALA CA 37 -46.51 -68.98 4.21
N ILE CA 38 -47.68 -69.16 4.84
CA ILE CA 38 -47.76 -69.51 6.25
C ILE CA 38 -48.46 -70.86 6.40
N ALA CA 39 -48.05 -71.61 7.44
CA ALA CA 39 -48.75 -72.80 7.89
C ALA CA 39 -49.12 -72.62 9.36
N ILE CA 40 -50.35 -72.15 9.60
CA ILE CA 40 -50.86 -71.72 10.90
C ILE CA 40 -49.77 -71.01 11.71
N GLY CA 41 -49.24 -69.92 11.14
CA GLY CA 41 -48.33 -69.04 11.87
C GLY CA 41 -46.88 -69.15 11.42
N THR CA 42 -46.41 -70.38 11.18
CA THR CA 42 -45.01 -70.62 10.86
C THR CA 42 -44.79 -70.48 9.34
N PRO CA 43 -43.67 -69.89 8.91
CA PRO CA 43 -43.36 -69.77 7.47
C PRO CA 43 -43.06 -71.12 6.81
N ILE CA 44 -43.55 -71.29 5.58
CA ILE CA 44 -43.32 -72.50 4.82
C ILE CA 44 -42.03 -72.32 4.01
N VAL CA 45 -41.08 -73.23 4.22
CA VAL CA 45 -39.80 -73.20 3.53
C VAL CA 45 -39.87 -74.16 2.34
N GLY CA 46 -39.48 -73.66 1.16
CA GLY CA 46 -39.38 -74.48 -0.04
C GLY CA 46 -40.70 -74.58 -0.80
N ALA CA 47 -41.66 -73.73 -0.46
CA ALA CA 47 -42.90 -73.61 -1.21
C ALA CA 47 -42.65 -72.79 -2.47
N GLU CA 48 -43.35 -73.14 -3.56
CA GLU CA 48 -43.21 -72.41 -4.81
C GLU CA 48 -44.41 -71.50 -5.02
N ILE CA 49 -44.13 -70.22 -5.26
CA ILE CA 49 -45.15 -69.21 -5.49
C ILE CA 49 -45.13 -68.81 -6.97
N LYS CA 50 -46.29 -68.95 -7.63
CA LYS CA 50 -46.48 -68.52 -9.00
C LYS CA 50 -47.33 -67.26 -9.01
N VAL CA 51 -46.77 -66.17 -9.56
CA VAL CA 51 -47.52 -64.96 -9.84
C VAL CA 51 -47.28 -64.60 -11.30
N GLY CA 52 -48.35 -64.66 -12.11
CA GLY CA 52 -48.23 -64.51 -13.55
C GLY CA 52 -47.29 -65.55 -14.13
N ASP CA 53 -46.25 -65.08 -14.82
CA ASP CA 53 -45.26 -65.94 -15.45
C ASP CA 53 -44.09 -66.20 -14.50
N GLU CA 54 -44.05 -65.44 -13.39
CA GLU CA 54 -42.92 -65.48 -12.47
C GLU CA 54 -43.09 -66.59 -11.43
N GLU CA 55 -41.96 -67.20 -11.08
CA GLU CA 55 -41.90 -68.28 -10.09
C GLU CA 55 -40.82 -67.93 -9.07
N CYS CA 56 -41.10 -68.29 -7.81
CA CYS CA 56 -40.17 -68.09 -6.72
C CYS CA 56 -40.34 -69.23 -5.71
N THR CA 57 -39.22 -69.83 -5.31
CA THR CA 57 -39.22 -70.86 -4.28
C THR CA 57 -38.75 -70.23 -2.97
N THR CA 58 -39.61 -70.32 -1.95
CA THR CA 58 -39.45 -69.57 -0.70
C THR CA 58 -38.24 -70.08 0.09
N GLY CA 59 -37.54 -69.14 0.72
CA GLY CA 59 -36.47 -69.44 1.65
C GLY CA 59 -37.02 -69.57 3.07
N ASN CA 60 -36.23 -69.09 4.05
CA ASN CA 60 -36.58 -69.18 5.46
C ASN CA 60 -37.71 -68.20 5.81
N ASN CA 61 -37.80 -67.11 5.04
CA ASN CA 61 -38.84 -66.10 5.17
C ASN CA 61 -40.21 -66.73 4.96
N GLY CA 62 -40.29 -67.62 3.96
CA GLY CA 62 -41.55 -68.05 3.39
C GLY CA 62 -42.17 -66.91 2.56
N THR CA 63 -41.34 -65.93 2.21
CA THR CA 63 -41.78 -64.71 1.53
C THR CA 63 -41.02 -64.54 0.22
N CYS CA 64 -41.78 -64.28 -0.85
CA CYS CA 64 -41.25 -63.94 -2.16
C CYS CA 64 -41.71 -62.53 -2.53
N VAL CA 65 -40.79 -61.75 -3.10
CA VAL CA 65 -41.09 -60.40 -3.54
C VAL CA 65 -41.06 -60.37 -5.06
N PHE CA 66 -42.15 -59.87 -5.67
CA PHE CA 66 -42.28 -59.81 -7.11
C PHE CA 66 -42.42 -58.36 -7.57
N GLU CA 67 -41.68 -58.01 -8.62
CA GLU CA 67 -41.82 -56.73 -9.28
C GLU CA 67 -42.56 -56.97 -10.60
N LEU CA 68 -43.77 -56.40 -10.70
CA LEU CA 68 -44.70 -56.72 -11.78
C LEU CA 68 -45.19 -55.44 -12.44
N ARG CA 69 -45.44 -55.52 -13.76
CA ARG CA 69 -46.10 -54.46 -14.50
C ARG CA 69 -47.58 -54.44 -14.13
N PRO CA 70 -48.27 -53.27 -14.21
CA PRO CA 70 -49.70 -53.19 -13.90
C PRO CA 70 -50.52 -54.26 -14.64
N GLY CA 71 -51.55 -54.76 -13.96
CA GLY CA 71 -52.44 -55.77 -14.51
C GLY CA 71 -53.00 -56.70 -13.45
N THR CA 72 -53.86 -57.62 -13.87
CA THR CA 72 -54.47 -58.61 -12.98
C THR CA 72 -53.65 -59.89 -13.05
N TYR CA 73 -53.36 -60.45 -11.86
CA TYR CA 73 -52.51 -61.63 -11.73
C TYR CA 73 -53.19 -62.68 -10.87
N ALA CA 74 -52.77 -63.94 -11.04
CA ALA CA 74 -53.21 -65.04 -10.19
C ALA CA 74 -52.03 -65.54 -9.37
N ILE CA 75 -52.14 -65.42 -8.04
CA ILE CA 75 -51.16 -65.93 -7.11
C ILE CA 75 -51.55 -67.35 -6.72
N SER CA 76 -50.58 -68.28 -6.84
CA SER CA 76 -50.77 -69.65 -6.40
C SER CA 76 -49.56 -70.11 -5.60
N VAL CA 77 -49.81 -70.63 -4.40
CA VAL CA 77 -48.76 -71.14 -3.54
C VAL CA 77 -48.92 -72.66 -3.43
N HIS CA 78 -47.89 -73.38 -3.88
CA HIS CA 78 -47.88 -74.84 -3.86
C HIS CA 78 -46.71 -75.31 -2.99
N GLU CA 79 -46.95 -76.40 -2.24
CA GLU CA 79 -45.95 -76.99 -1.38
C GLU CA 79 -46.05 -78.52 -1.46
N HIS CA 80 -44.90 -79.19 -1.29
CA HIS CA 80 -44.70 -80.59 -1.65
C HIS CA 80 -45.63 -81.54 -0.89
N GLY CA 81 -46.30 -81.02 0.14
CA GLY CA 81 -47.25 -81.80 0.92
C GLY CA 81 -48.55 -82.08 0.15
N GLY CA 82 -48.89 -81.16 -0.76
CA GLY CA 82 -50.08 -81.30 -1.59
C GLY CA 82 -51.12 -80.23 -1.28
N GLN CA 83 -50.71 -79.18 -0.55
CA GLN CA 83 -51.59 -78.09 -0.15
C GLN CA 83 -51.36 -76.89 -1.06
N SER CA 84 -52.45 -76.17 -1.38
CA SER CA 84 -52.39 -75.04 -2.28
C SER CA 84 -53.26 -73.89 -1.76
N ALA CA 85 -52.84 -72.66 -2.08
CA ALA CA 85 -53.61 -71.46 -1.80
C ALA CA 85 -53.60 -70.56 -3.03
N HIS CA 86 -54.76 -69.94 -3.31
CA HIS CA 86 -54.93 -69.13 -4.51
C HIS CA 86 -55.54 -67.77 -4.14
N LYS CA 87 -55.08 -66.72 -4.84
CA LYS CA 87 -55.64 -65.39 -4.71
C LYS CA 87 -55.39 -64.60 -5.99
N GLU CA 88 -56.44 -63.94 -6.48
CA GLU CA 88 -56.35 -63.09 -7.67
C GLU CA 88 -56.22 -61.65 -7.21
N VAL CA 89 -55.28 -60.92 -7.82
CA VAL CA 89 -54.93 -59.57 -7.39
C VAL CA 89 -54.80 -58.66 -8.62
N SER CA 90 -55.44 -57.49 -8.55
CA SER CA 90 -55.34 -56.46 -9.57
C SER CA 90 -54.39 -55.37 -9.09
N LEU CA 91 -53.28 -55.19 -9.80
CA LEU CA 91 -52.25 -54.24 -9.42
C LEU CA 91 -52.22 -53.05 -10.38
N GLU CA 92 -52.21 -51.85 -9.80
CA GLU CA 92 -52.10 -50.60 -10.55
C GLU CA 92 -50.62 -50.22 -10.65
N GLU CA 93 -50.37 -49.03 -11.21
CA GLU CA 93 -49.02 -48.50 -11.33
C GLU CA 93 -48.51 -48.08 -9.96
N GLY CA 94 -47.31 -48.57 -9.61
CA GLY CA 94 -46.60 -48.18 -8.40
C GLY CA 94 -47.33 -48.61 -7.12
N ASN CA 95 -48.04 -49.74 -7.19
CA ASN CA 95 -48.73 -50.31 -6.04
C ASN CA 95 -47.74 -51.14 -5.22
N ILE CA 96 -47.91 -51.11 -3.89
CA ILE CA 96 -47.21 -52.01 -3.00
C ILE CA 96 -48.26 -52.75 -2.17
N LEU CA 97 -48.24 -54.09 -2.29
CA LEU CA 97 -49.20 -54.93 -1.59
C LEU CA 97 -48.48 -56.13 -0.98
N PHE CA 98 -48.75 -56.38 0.30
CA PHE CA 98 -48.32 -57.58 0.98
C PHE CA 98 -49.51 -58.54 1.05
N VAL CA 99 -49.28 -59.77 0.58
CA VAL CA 99 -50.30 -60.81 0.58
C VAL CA 99 -49.83 -61.94 1.51
N SER CA 100 -50.71 -62.33 2.43
CA SER CA 100 -50.42 -63.38 3.39
C SER CA 100 -51.42 -64.51 3.20
N LEU CA 101 -50.92 -65.69 2.78
CA LEU CA 101 -51.76 -66.85 2.51
C LEU CA 101 -51.37 -67.99 3.45
N ASP CA 102 -52.35 -68.48 4.22
CA ASP CA 102 -52.16 -69.60 5.11
C ASP CA 102 -52.68 -70.88 4.46
N LEU CA 103 -51.85 -71.93 4.48
CA LEU CA 103 -52.15 -73.17 3.79
C LEU CA 103 -52.62 -74.24 4.78
N GLY CA 104 -52.81 -73.84 6.04
CA GLY CA 104 -53.36 -74.73 7.06
C GLY CA 104 -52.28 -75.57 7.73
N ALA CA 105 -52.71 -76.41 8.67
CA ALA CA 105 -51.84 -77.18 9.54
C ALA CA 105 -51.19 -78.35 8.78
N LYS CA 106 -51.82 -78.73 7.66
CA LYS CA 106 -51.37 -79.85 6.85
C LYS CA 106 -50.12 -79.48 6.07
N ALA CA 107 -49.80 -78.17 6.04
CA ALA CA 107 -48.67 -77.65 5.28
C ALA CA 107 -47.43 -77.57 6.17
N ARG CA 108 -47.54 -78.05 7.42
CA ARG CA 108 -46.47 -78.01 8.39
C ARG CA 108 -45.78 -79.38 8.42
N HIS CA 109 -44.50 -79.40 8.06
CA HIS CA 109 -43.76 -80.64 7.89
C HIS CA 109 -42.54 -80.68 8.82
N PRO CA 110 -42.25 -81.84 9.45
CA PRO CA 110 -41.07 -81.99 10.32
C PRO CA 110 -39.75 -81.61 9.67
N SER CA 111 -38.90 -80.90 10.43
CA SER CA 111 -37.62 -80.37 9.99
C SER CA 111 -37.78 -79.56 8.69
N TYR DA 26 26.45 -45.79 33.30
CA TYR DA 26 25.35 -46.79 33.37
C TYR DA 26 24.87 -46.93 34.81
N ASP DA 27 23.54 -46.92 34.98
CA ASP DA 27 22.92 -47.07 36.29
C ASP DA 27 22.29 -48.45 36.40
N VAL DA 28 22.77 -49.24 37.38
CA VAL DA 28 22.18 -50.52 37.70
C VAL DA 28 20.90 -50.26 38.49
N LYS DA 29 19.75 -50.54 37.86
CA LYS DA 29 18.45 -50.31 38.48
C LYS DA 29 18.28 -51.27 39.66
N PRO DA 30 18.12 -50.76 40.91
CA PRO DA 30 17.99 -51.62 42.08
C PRO DA 30 16.67 -52.39 42.07
N ALA DA 31 16.68 -53.56 42.72
CA ALA DA 31 15.49 -54.38 42.88
C ALA DA 31 14.63 -53.82 44.00
N LYS DA 32 13.31 -53.95 43.87
CA LYS DA 32 12.37 -53.54 44.90
C LYS DA 32 11.69 -54.78 45.48
N LEU DA 33 11.84 -54.95 46.79
CA LEU DA 33 11.30 -56.10 47.50
C LEU DA 33 10.28 -55.63 48.55
N TRP DA 34 9.04 -56.12 48.39
CA TRP DA 34 7.99 -55.93 49.38
C TRP DA 34 7.91 -57.17 50.25
N VAL DA 35 7.90 -56.98 51.58
CA VAL DA 35 7.74 -58.09 52.50
C VAL DA 35 6.55 -57.79 53.41
N THR DA 36 5.55 -58.69 53.35
CA THR DA 36 4.33 -58.57 54.16
C THR DA 36 4.33 -59.65 55.23
N ALA DA 37 4.16 -59.23 56.49
CA ALA DA 37 4.07 -60.12 57.63
C ALA DA 37 2.61 -60.33 58.00
N ILE DA 38 2.17 -61.59 57.89
CA ILE DA 38 0.78 -61.96 58.15
C ILE DA 38 0.73 -62.93 59.32
N ALA DA 39 -0.36 -62.86 60.09
CA ALA DA 39 -0.71 -63.87 61.07
C ALA DA 39 -2.10 -64.42 60.76
N ILE DA 40 -2.14 -65.55 60.03
CA ILE DA 40 -3.33 -66.14 59.43
C ILE DA 40 -4.29 -65.06 58.94
N GLY DA 41 -3.80 -64.21 58.02
CA GLY DA 41 -4.65 -63.27 57.32
C GLY DA 41 -4.45 -61.82 57.74
N THR DA 42 -4.31 -61.60 59.05
CA THR DA 42 -4.21 -60.24 59.60
C THR DA 42 -2.75 -59.78 59.58
N PRO DA 43 -2.49 -58.49 59.28
CA PRO DA 43 -1.12 -57.95 59.30
C PRO DA 43 -0.54 -57.87 60.70
N ILE DA 44 0.76 -58.21 60.83
CA ILE DA 44 1.46 -58.12 62.10
C ILE DA 44 2.04 -56.71 62.22
N VAL DA 45 1.68 -56.02 63.31
CA VAL DA 45 2.17 -54.67 63.59
C VAL DA 45 3.33 -54.75 64.58
N GLY DA 46 4.44 -54.09 64.23
CA GLY DA 46 5.59 -54.00 65.10
C GLY DA 46 6.56 -55.18 64.96
N ALA DA 47 6.38 -55.97 63.89
CA ALA DA 47 7.32 -57.03 63.55
C ALA DA 47 8.55 -56.41 62.87
N GLU DA 48 9.72 -57.00 63.11
CA GLU DA 48 10.94 -56.50 62.48
C GLU DA 48 11.37 -57.44 61.36
N ILE DA 49 11.58 -56.85 60.17
CA ILE DA 49 11.97 -57.59 58.98
C ILE DA 49 13.42 -57.26 58.67
N LYS DA 50 14.25 -58.31 58.58
CA LYS DA 50 15.65 -58.20 58.21
C LYS DA 50 15.83 -58.75 56.79
N VAL DA 51 16.27 -57.88 55.87
CA VAL DA 51 16.70 -58.30 54.55
C VAL DA 51 18.10 -57.77 54.32
N GLY DA 52 19.07 -58.69 54.19
CA GLY DA 52 20.47 -58.32 54.13
C GLY DA 52 20.88 -57.54 55.38
N ASP DA 53 21.42 -56.34 55.17
CA ASP DA 53 21.87 -55.47 56.25
C ASP DA 53 20.74 -54.55 56.70
N GLU DA 54 19.66 -54.51 55.92
CA GLU DA 54 18.57 -53.57 56.15
C GLU DA 54 17.56 -54.14 57.15
N GLU DA 55 17.01 -53.23 57.96
CA GLU DA 55 16.01 -53.56 58.96
C GLU DA 55 14.83 -52.60 58.82
N CYS DA 56 13.63 -53.14 59.04
CA CYS DA 56 12.40 -52.36 59.01
C CYS DA 56 11.43 -52.93 60.03
N THR DA 57 10.84 -52.04 60.83
CA THR DA 57 9.81 -52.43 61.78
C THR DA 57 8.44 -52.03 61.22
N THR DA 58 7.58 -53.03 61.07
CA THR DA 58 6.32 -52.90 60.32
C THR DA 58 5.35 -51.97 61.04
N GLY DA 59 4.62 -51.17 60.23
CA GLY DA 59 3.52 -50.35 60.69
C GLY DA 59 2.21 -51.12 60.65
N ASN DA 60 1.13 -50.43 60.30
CA ASN DA 60 -0.20 -51.02 60.26
C ASN DA 60 -0.33 -51.95 59.06
N ASN DA 61 0.43 -51.66 57.98
CA ASN DA 61 0.48 -52.46 56.78
C ASN DA 61 0.90 -53.88 57.11
N GLY DA 62 1.88 -54.01 58.02
CA GLY DA 62 2.65 -55.23 58.17
C GLY DA 62 3.58 -55.46 56.98
N THR DA 63 3.82 -54.39 56.21
CA THR DA 63 4.58 -54.46 54.97
C THR DA 63 5.75 -53.49 55.03
N CYS DA 64 6.93 -53.99 54.65
CA CYS DA 64 8.13 -53.20 54.49
C CYS DA 64 8.59 -53.27 53.04
N VAL DA 65 9.03 -52.13 52.51
CA VAL DA 65 9.53 -52.05 51.14
C VAL DA 65 11.03 -51.78 51.19
N PHE DA 66 11.81 -52.63 50.52
CA PHE DA 66 13.25 -52.54 50.51
C PHE DA 66 13.74 -52.31 49.08
N GLU DA 67 14.66 -51.34 48.94
CA GLU DA 67 15.35 -51.11 47.68
C GLU DA 67 16.77 -51.67 47.81
N LEU DA 68 17.06 -52.70 47.01
CA LEU DA 68 18.27 -53.49 47.18
C LEU DA 68 19.03 -53.59 45.85
N ARG DA 69 20.36 -53.65 45.95
CA ARG DA 69 21.23 -53.95 44.81
C ARG DA 69 21.10 -55.42 44.46
N PRO DA 70 21.32 -55.81 43.18
CA PRO DA 70 21.24 -57.23 42.79
C PRO DA 70 22.07 -58.13 43.70
N GLY DA 71 21.55 -59.35 43.94
CA GLY DA 71 22.23 -60.31 44.78
C GLY DA 71 21.25 -61.23 45.49
N THR DA 72 21.80 -62.21 46.24
CA THR DA 72 21.00 -63.14 47.02
C THR DA 72 20.91 -62.63 48.46
N TYR DA 73 19.70 -62.65 49.01
CA TYR DA 73 19.42 -62.10 50.33
C TYR DA 73 18.64 -63.11 51.17
N ALA DA 74 18.73 -62.95 52.49
CA ALA DA 74 17.95 -63.75 53.43
C ALA DA 74 16.94 -62.85 54.13
N ILE DA 75 15.65 -63.14 53.92
CA ILE DA 75 14.56 -62.44 54.58
C ILE DA 75 14.24 -63.17 55.88
N SER DA 76 14.17 -62.42 56.98
CA SER DA 76 13.76 -62.97 58.26
C SER DA 76 12.78 -62.01 58.94
N VAL DA 77 11.62 -62.55 59.33
CA VAL DA 77 10.58 -61.79 60.01
C VAL DA 77 10.49 -62.29 61.44
N HIS DA 78 10.75 -61.39 62.39
CA HIS DA 78 10.71 -61.70 63.82
C HIS DA 78 9.66 -60.81 64.49
N GLU DA 79 8.93 -61.39 65.45
CA GLU DA 79 7.92 -60.67 66.21
C GLU DA 79 7.99 -61.09 67.68
N HIS DA 80 7.64 -60.15 68.57
CA HIS DA 80 7.95 -60.21 70.00
C HIS DA 80 7.32 -61.43 70.69
N GLY DA 81 6.42 -62.13 69.98
CA GLY DA 81 5.79 -63.33 70.52
C GLY DA 81 6.75 -64.53 70.53
N GLY DA 82 7.73 -64.51 69.62
CA GLY DA 82 8.74 -65.55 69.54
C GLY DA 82 8.61 -66.38 68.26
N GLN DA 83 7.84 -65.87 67.30
CA GLN DA 83 7.60 -66.54 66.03
C GLN DA 83 8.47 -65.91 64.95
N SER DA 84 8.97 -66.75 64.03
CA SER DA 84 9.87 -66.32 62.98
C SER DA 84 9.50 -66.98 61.65
N ALA DA 85 9.77 -66.28 60.55
CA ALA DA 85 9.63 -66.81 59.21
C ALA DA 85 10.87 -66.43 58.40
N HIS DA 86 11.35 -67.36 57.56
CA HIS DA 86 12.56 -67.17 56.80
C HIS DA 86 12.31 -67.50 55.32
N LYS DA 87 12.93 -66.72 54.43
CA LYS DA 87 12.92 -67.00 53.00
C LYS DA 87 14.16 -66.39 52.34
N GLU DA 88 14.83 -67.20 51.50
CA GLU DA 88 15.99 -66.75 50.76
C GLU DA 88 15.55 -66.39 49.33
N VAL DA 89 16.02 -65.22 48.86
CA VAL DA 89 15.55 -64.65 47.60
C VAL DA 89 16.75 -64.13 46.80
N SER DA 90 16.80 -64.51 45.51
CA SER DA 90 17.81 -64.03 44.58
C SER DA 90 17.20 -62.95 43.69
N LEU DA 91 17.73 -61.74 43.78
CA LEU DA 91 17.20 -60.60 43.06
C LEU DA 91 18.16 -60.18 41.95
N GLU DA 92 17.61 -59.98 40.74
CA GLU DA 92 18.35 -59.50 39.59
C GLU DA 92 18.22 -57.98 39.54
N GLU DA 93 18.73 -57.39 38.45
CA GLU DA 93 18.65 -55.96 38.22
C GLU DA 93 17.22 -55.57 37.86
N GLY DA 94 16.68 -54.59 38.58
CA GLY DA 94 15.38 -54.00 38.30
C GLY DA 94 14.23 -54.97 38.51
N ASN DA 95 14.39 -55.90 39.46
CA ASN DA 95 13.35 -56.86 39.80
C ASN DA 95 12.37 -56.20 40.77
N ILE DA 96 11.10 -56.57 40.65
CA ILE DA 96 10.09 -56.23 41.64
C ILE DA 96 9.43 -57.53 42.10
N LEU DA 97 9.53 -57.79 43.41
CA LEU DA 97 8.98 -59.00 44.01
C LEU DA 97 8.26 -58.66 45.30
N PHE DA 98 7.02 -59.16 45.42
CA PHE DA 98 6.26 -59.12 46.66
C PHE DA 98 6.37 -60.48 47.33
N VAL DA 99 6.78 -60.46 48.61
CA VAL DA 99 6.91 -61.67 49.40
C VAL DA 99 5.92 -61.60 50.55
N SER DA 100 5.14 -62.68 50.70
CA SER DA 100 4.14 -62.77 51.76
C SER DA 100 4.46 -63.96 52.66
N LEU DA 101 4.77 -63.65 53.93
CA LEU DA 101 5.16 -64.67 54.91
C LEU DA 101 4.16 -64.67 56.05
N ASP DA 102 3.54 -65.84 56.28
CA ASP DA 102 2.60 -66.04 57.38
C ASP DA 102 3.32 -66.71 58.54
N LEU DA 103 3.13 -66.16 59.74
CA LEU DA 103 3.85 -66.60 60.92
C LEU DA 103 2.94 -67.43 61.83
N GLY DA 104 1.73 -67.74 61.33
CA GLY DA 104 0.81 -68.61 62.02
C GLY DA 104 -0.05 -67.86 63.03
N ALA DA 105 -0.93 -68.60 63.71
CA ALA DA 105 -1.93 -68.04 64.62
C ALA DA 105 -1.29 -67.57 65.92
N LYS DA 106 -0.10 -68.09 66.22
CA LYS DA 106 0.62 -67.78 67.46
C LYS DA 106 1.19 -66.36 67.40
N ALA DA 107 1.21 -65.78 66.19
CA ALA DA 107 1.77 -64.47 65.95
C ALA DA 107 0.70 -63.38 66.10
N ARG DA 108 -0.52 -63.80 66.47
CA ARG DA 108 -1.65 -62.91 66.62
C ARG DA 108 -1.81 -62.54 68.10
N HIS DA 109 -1.66 -61.25 68.41
CA HIS DA 109 -1.63 -60.78 69.78
C HIS DA 109 -2.74 -59.75 70.04
N PRO DA 110 -3.43 -59.82 71.21
CA PRO DA 110 -4.48 -58.85 71.56
C PRO DA 110 -4.02 -57.39 71.49
N SER DA 111 -4.90 -56.54 70.94
CA SER DA 111 -4.67 -55.12 70.72
C SER DA 111 -3.36 -54.89 69.96
N TYR EA 26 53.76 -29.98 -7.56
CA TYR EA 26 54.48 -29.65 -6.30
C TYR EA 26 55.69 -28.77 -6.62
N ASP EA 27 55.86 -27.70 -5.83
CA ASP EA 27 56.97 -26.77 -5.98
C ASP EA 27 57.97 -26.97 -4.84
N VAL EA 28 59.19 -27.35 -5.21
CA VAL EA 28 60.29 -27.43 -4.26
C VAL EA 28 60.75 -26.00 -3.97
N LYS EA 29 60.48 -25.55 -2.73
CA LYS EA 29 60.85 -24.20 -2.32
C LYS EA 29 62.38 -24.11 -2.26
N PRO EA 30 63.01 -23.20 -3.05
CA PRO EA 30 64.47 -23.07 -3.06
C PRO EA 30 65.00 -22.47 -1.76
N ALA EA 31 66.24 -22.83 -1.43
CA ALA EA 31 66.92 -22.29 -0.26
C ALA EA 31 67.45 -20.89 -0.56
N LYS EA 32 67.48 -20.04 0.47
CA LYS EA 32 68.02 -18.69 0.33
C LYS EA 32 69.29 -18.58 1.18
N LEU EA 33 70.40 -18.25 0.52
CA LEU EA 33 71.70 -18.14 1.17
C LEU EA 33 72.22 -16.70 1.05
N TRP EA 34 72.44 -16.09 2.21
CA TRP EA 34 73.11 -14.80 2.32
C TRP EA 34 74.58 -15.03 2.65
N VAL EA 35 75.47 -14.40 1.87
CA VAL EA 35 76.90 -14.47 2.15
C VAL EA 35 77.44 -13.05 2.31
N THR EA 36 77.98 -12.78 3.50
CA THR EA 36 78.56 -11.49 3.84
C THR EA 36 80.07 -11.61 3.92
N ALA EA 37 80.77 -10.73 3.16
CA ALA EA 37 82.22 -10.67 3.15
C ALA EA 37 82.69 -9.53 4.05
N ILE EA 38 83.44 -9.89 5.10
CA ILE EA 38 83.91 -8.94 6.10
C ILE EA 38 85.43 -8.93 6.10
N ALA EA 39 85.99 -7.76 6.40
CA ALA EA 39 87.41 -7.60 6.71
C ALA EA 39 87.55 -6.98 8.08
N ILE EA 40 87.71 -7.83 9.11
CA ILE EA 40 87.69 -7.49 10.53
C ILE EA 40 86.64 -6.41 10.82
N GLY EA 41 85.39 -6.70 10.47
CA GLY EA 41 84.26 -5.87 10.86
C GLY EA 41 83.64 -5.11 9.69
N THR EA 42 84.48 -4.56 8.81
CA THR EA 42 84.04 -3.71 7.72
C THR EA 42 83.70 -4.58 6.50
N PRO EA 43 82.62 -4.24 5.75
CA PRO EA 43 82.26 -4.98 4.54
C PRO EA 43 83.26 -4.80 3.40
N ILE EA 44 83.53 -5.88 2.67
CA ILE EA 44 84.42 -5.86 1.52
C ILE EA 44 83.61 -5.53 0.28
N VAL EA 45 84.00 -4.43 -0.40
CA VAL EA 45 83.33 -3.99 -1.61
C VAL EA 45 84.10 -4.50 -2.82
N GLY EA 46 83.38 -5.14 -3.75
CA GLY EA 46 83.96 -5.59 -5.01
C GLY EA 46 84.58 -6.99 -4.91
N ALA EA 47 84.29 -7.70 -3.82
CA ALA EA 47 84.68 -9.09 -3.68
C ALA EA 47 83.72 -9.96 -4.49
N GLU EA 48 84.24 -11.06 -5.05
CA GLU EA 48 83.42 -11.98 -5.82
C GLU EA 48 83.15 -13.23 -5.01
N ILE EA 49 81.86 -13.58 -4.89
CA ILE EA 49 81.42 -14.74 -4.14
C ILE EA 49 80.93 -15.80 -5.13
N LYS EA 50 81.50 -16.99 -5.04
CA LYS EA 50 81.10 -18.14 -5.84
C LYS EA 50 80.35 -19.12 -4.96
N VAL EA 51 79.10 -19.39 -5.30
CA VAL EA 51 78.33 -20.47 -4.67
C VAL EA 51 77.77 -21.35 -5.77
N GLY EA 52 78.24 -22.60 -5.83
CA GLY EA 52 77.92 -23.49 -6.93
C GLY EA 52 78.37 -22.89 -8.26
N ASP EA 53 77.41 -22.75 -9.20
CA ASP EA 53 77.67 -22.19 -10.51
C ASP EA 53 77.45 -20.68 -10.52
N GLU EA 54 76.86 -20.17 -9.43
CA GLU EA 54 76.46 -18.76 -9.36
C GLU EA 54 77.62 -17.89 -8.88
N GLU EA 55 77.68 -16.67 -9.43
CA GLU EA 55 78.68 -15.68 -9.08
C GLU EA 55 77.99 -14.36 -8.77
N CYS EA 56 78.55 -13.64 -7.79
CA CYS EA 56 78.04 -12.33 -7.42
C CYS EA 56 79.22 -11.48 -6.95
N THR EA 57 79.28 -10.25 -7.46
CA THR EA 57 80.29 -9.29 -7.04
C THR EA 57 79.66 -8.29 -6.08
N THR EA 58 80.20 -8.22 -4.85
CA THR EA 58 79.58 -7.53 -3.73
C THR EA 58 79.55 -6.02 -3.97
N GLY EA 59 78.44 -5.39 -3.54
CA GLY EA 59 78.32 -3.95 -3.50
C GLY EA 59 78.81 -3.38 -2.17
N ASN EA 60 78.12 -2.34 -1.69
CA ASN EA 60 78.48 -1.67 -0.46
C ASN EA 60 78.17 -2.54 0.75
N ASN EA 61 77.16 -3.41 0.61
CA ASN EA 61 76.75 -4.36 1.64
C ASN EA 61 77.90 -5.28 1.99
N GLY EA 62 78.65 -5.70 0.97
CA GLY EA 62 79.54 -6.84 1.06
C GLY EA 62 78.74 -8.15 1.18
N THR EA 63 77.46 -8.08 0.80
CA THR EA 63 76.54 -9.18 0.96
C THR EA 63 75.91 -9.55 -0.38
N CYS EA 64 75.93 -10.85 -0.70
CA CYS EA 64 75.26 -11.41 -1.86
C CYS EA 64 74.19 -12.39 -1.40
N VAL EA 65 73.03 -12.34 -2.05
CA VAL EA 65 71.93 -13.24 -1.75
C VAL EA 65 71.75 -14.21 -2.92
N PHE EA 66 71.76 -15.50 -2.61
CA PHE EA 66 71.63 -16.55 -3.62
C PHE EA 66 70.37 -17.36 -3.37
N GLU EA 67 69.62 -17.62 -4.45
CA GLU EA 67 68.49 -18.53 -4.42
C GLU EA 67 68.91 -19.83 -5.10
N LEU EA 68 68.97 -20.91 -4.32
CA LEU EA 68 69.57 -22.17 -4.75
C LEU EA 68 68.60 -23.33 -4.53
N ARG EA 69 68.69 -24.33 -5.42
CA ARG EA 69 67.97 -25.58 -5.27
C ARG EA 69 68.65 -26.40 -4.16
N PRO EA 70 67.93 -27.29 -3.44
CA PRO EA 70 68.52 -28.12 -2.40
C PRO EA 70 69.77 -28.85 -2.89
N GLY EA 71 70.75 -28.99 -1.99
CA GLY EA 71 72.00 -29.68 -2.29
C GLY EA 71 73.17 -29.12 -1.50
N THR EA 72 74.35 -29.73 -1.68
CA THR EA 72 75.57 -29.29 -1.03
C THR EA 72 76.34 -28.36 -1.97
N TYR EA 73 76.81 -27.24 -1.43
CA TYR EA 73 77.47 -26.20 -2.21
C TYR EA 73 78.79 -25.81 -1.54
N ALA EA 74 79.69 -25.25 -2.35
CA ALA EA 74 80.95 -24.69 -1.86
C ALA EA 74 80.94 -23.18 -2.07
N ILE EA 75 81.00 -22.45 -0.95
CA ILE EA 75 81.09 -21.00 -0.96
C ILE EA 75 82.56 -20.60 -0.96
N SER EA 76 82.93 -19.71 -1.88
CA SER EA 76 84.27 -19.16 -1.94
C SER EA 76 84.20 -17.65 -2.16
N VAL EA 77 84.88 -16.90 -1.28
CA VAL EA 77 84.94 -15.46 -1.38
C VAL EA 77 86.37 -15.07 -1.75
N HIS EA 78 86.50 -14.41 -2.91
CA HIS EA 78 87.78 -13.95 -3.42
C HIS EA 78 87.76 -12.42 -3.55
N GLU EA 79 88.89 -11.79 -3.23
CA GLU EA 79 89.03 -10.35 -3.34
C GLU EA 79 90.43 -10.01 -3.89
N HIS EA 80 90.51 -8.91 -4.64
CA HIS EA 80 91.63 -8.59 -5.51
C HIS EA 80 92.96 -8.45 -4.76
N GLY EA 81 92.89 -8.44 -3.42
CA GLY EA 81 94.09 -8.37 -2.59
C GLY EA 81 94.85 -9.69 -2.55
N GLY EA 82 94.11 -10.79 -2.76
CA GLY EA 82 94.69 -12.12 -2.79
C GLY EA 82 94.26 -12.98 -1.62
N GLN EA 83 93.21 -12.53 -0.91
CA GLN EA 83 92.68 -13.22 0.26
C GLN EA 83 91.42 -13.99 -0.14
N SER EA 84 91.25 -15.18 0.47
CA SER EA 84 90.14 -16.06 0.16
C SER EA 84 89.57 -16.67 1.44
N ALA EA 85 88.26 -16.94 1.40
CA ALA EA 85 87.58 -17.67 2.46
C ALA EA 85 86.67 -18.73 1.84
N HIS EA 86 86.63 -19.91 2.47
CA HIS EA 86 85.87 -21.05 1.94
C HIS EA 86 84.97 -21.63 3.02
N LYS EA 87 83.77 -22.06 2.62
CA LYS EA 87 82.85 -22.77 3.49
C LYS EA 87 81.93 -23.65 2.67
N GLU EA 88 81.78 -24.92 3.10
CA GLU EA 88 80.89 -25.86 2.45
C GLU EA 88 79.58 -25.91 3.24
N VAL EA 89 78.45 -25.87 2.52
CA VAL EA 89 77.14 -25.73 3.13
C VAL EA 89 76.17 -26.70 2.46
N SER EA 90 75.43 -27.47 3.28
CA SER EA 90 74.37 -28.35 2.80
C SER EA 90 73.01 -27.69 3.05
N LEU EA 91 72.28 -27.42 1.95
CA LEU EA 91 71.01 -26.73 2.03
C LEU EA 91 69.87 -27.69 1.71
N GLU EA 92 68.83 -27.66 2.56
CA GLU EA 92 67.62 -28.44 2.38
C GLU EA 92 66.59 -27.58 1.64
N GLU EA 93 65.38 -28.11 1.50
CA GLU EA 93 64.28 -27.39 0.86
C GLU EA 93 63.81 -26.26 1.77
N GLY EA 94 63.73 -25.05 1.21
CA GLY EA 94 63.18 -23.88 1.87
C GLY EA 94 64.00 -23.43 3.08
N ASN EA 95 65.32 -23.66 3.03
CA ASN EA 95 66.23 -23.24 4.08
C ASN EA 95 66.58 -21.76 3.88
N ILE EA 96 66.76 -21.04 4.99
CA ILE EA 96 67.32 -19.70 4.97
C ILE EA 96 68.53 -19.69 5.90
N LEU EA 97 69.70 -19.35 5.34
CA LEU EA 97 70.94 -19.32 6.09
C LEU EA 97 71.72 -18.07 5.73
N PHE EA 98 72.18 -17.36 6.77
CA PHE EA 98 73.13 -16.27 6.61
C PHE EA 98 74.53 -16.78 6.96
N VAL EA 99 75.47 -16.57 6.04
CA VAL EA 99 76.85 -16.98 6.24
C VAL EA 99 77.71 -15.71 6.29
N SER EA 100 78.55 -15.63 7.34
CA SER EA 100 79.43 -14.49 7.54
C SER EA 100 80.89 -14.96 7.55
N LEU EA 101 81.64 -14.54 6.53
CA LEU EA 101 83.03 -14.96 6.37
C LEU EA 101 83.94 -13.75 6.47
N ASP EA 102 84.90 -13.81 7.41
CA ASP EA 102 85.89 -12.76 7.59
C ASP EA 102 87.20 -13.17 6.92
N LEU EA 103 87.76 -12.25 6.13
CA LEU EA 103 88.93 -12.53 5.32
C LEU EA 103 90.17 -11.92 5.94
N GLY EA 104 90.03 -11.37 7.16
CA GLY EA 104 91.14 -10.83 7.91
C GLY EA 104 91.46 -9.39 7.54
N ALA EA 105 92.49 -8.84 8.20
CA ALA EA 105 92.85 -7.43 8.10
C ALA EA 105 93.53 -7.13 6.76
N LYS EA 106 94.05 -8.17 6.11
CA LYS EA 106 94.77 -8.04 4.85
C LYS EA 106 93.79 -7.77 3.71
N ALA EA 107 92.49 -7.96 3.97
CA ALA EA 107 91.44 -7.80 2.99
C ALA EA 107 90.89 -6.37 3.00
N ARG EA 108 91.48 -5.52 3.85
CA ARG EA 108 91.06 -4.14 4.02
C ARG EA 108 91.95 -3.23 3.19
N HIS EA 109 91.36 -2.54 2.20
CA HIS EA 109 92.10 -1.76 1.22
C HIS EA 109 91.67 -0.30 1.26
N PRO EA 110 92.63 0.66 1.17
CA PRO EA 110 92.31 2.10 1.14
C PRO EA 110 91.31 2.49 0.05
N SER EA 111 90.37 3.37 0.42
CA SER EA 111 89.27 3.83 -0.41
C SER EA 111 88.50 2.66 -1.04
N TYR FA 26 31.20 53.57 -5.75
CA TYR FA 26 32.60 53.13 -5.46
C TYR FA 26 33.06 53.77 -4.15
N ASP FA 27 33.69 52.95 -3.29
CA ASP FA 27 34.21 53.39 -2.01
C ASP FA 27 35.73 53.45 -2.08
N VAL FA 28 36.28 54.65 -1.88
CA VAL FA 28 37.71 54.84 -1.74
C VAL FA 28 38.12 54.37 -0.35
N LYS FA 29 38.86 53.24 -0.30
CA LYS FA 29 39.29 52.68 0.96
C LYS FA 29 40.32 53.61 1.61
N PRO FA 30 40.04 54.14 2.82
CA PRO FA 30 40.96 55.07 3.48
C PRO FA 30 42.24 54.38 3.93
N ALA FA 31 43.32 55.14 4.00
CA ALA FA 31 44.61 54.66 4.48
C ALA FA 31 44.59 54.62 6.01
N LYS FA 32 45.32 53.65 6.58
CA LYS FA 32 45.45 53.53 8.02
C LYS FA 32 46.91 53.81 8.40
N LEU FA 33 47.10 54.82 9.26
CA LEU FA 33 48.43 55.24 9.68
C LEU FA 33 48.56 55.07 11.19
N TRP FA 34 49.54 54.24 11.58
CA TRP FA 34 49.94 54.08 12.98
C TRP FA 34 51.15 54.97 13.24
N VAL FA 35 51.10 55.77 14.32
CA VAL FA 35 52.23 56.59 14.71
C VAL FA 35 52.60 56.25 16.16
N THR FA 36 53.83 55.76 16.35
CA THR FA 36 54.34 55.41 17.66
C THR FA 36 55.38 56.44 18.10
N ALA FA 37 55.19 56.99 19.30
CA ALA FA 37 56.10 57.94 19.91
C ALA FA 37 57.00 57.24 20.92
N ILE FA 38 58.30 57.24 20.64
CA ILE FA 38 59.29 56.54 21.45
C ILE FA 38 60.28 57.56 22.03
N ALA FA 39 60.78 57.26 23.24
CA ALA FA 39 61.90 57.97 23.82
C ALA FA 39 63.00 56.95 24.16
N ILE FA 40 63.95 56.79 23.23
CA ILE FA 40 64.97 55.75 23.23
C ILE FA 40 64.42 54.42 23.75
N GLY FA 41 63.38 53.90 23.09
CA GLY FA 41 62.89 52.56 23.35
C GLY FA 41 61.54 52.55 24.06
N THR FA 42 61.37 53.43 25.05
CA THR FA 42 60.17 53.46 25.88
C THR FA 42 59.10 54.33 25.24
N PRO FA 43 57.80 53.92 25.32
CA PRO FA 43 56.71 54.73 24.77
C PRO FA 43 56.47 56.02 25.55
N ILE FA 44 56.19 57.10 24.83
CA ILE FA 44 55.89 58.39 25.43
C ILE FA 44 54.38 58.47 25.70
N VAL FA 45 54.03 58.69 26.97
CA VAL FA 45 52.65 58.80 27.40
C VAL FA 45 52.27 60.28 27.47
N GLY FA 46 51.15 60.64 26.82
CA GLY FA 46 50.61 61.98 26.90
C GLY FA 46 51.20 62.92 25.85
N ALA FA 47 51.89 62.36 24.86
CA ALA FA 47 52.36 63.12 23.71
C ALA FA 47 51.21 63.32 22.74
N GLU FA 48 51.20 64.48 22.07
CA GLU FA 48 50.15 64.79 21.10
C GLU FA 48 50.70 64.64 19.68
N ILE FA 49 49.99 63.85 18.88
CA ILE FA 49 50.37 63.59 17.50
C ILE FA 49 49.37 64.31 16.58
N LYS FA 50 49.91 65.15 15.69
CA LYS FA 50 49.14 65.84 14.68
C LYS FA 50 49.43 65.23 13.32
N VAL FA 51 48.38 64.69 12.67
CA VAL FA 51 48.46 64.25 11.30
C VAL FA 51 47.32 64.92 10.54
N GLY FA 52 47.68 65.79 9.59
CA GLY FA 52 46.71 66.62 8.90
C GLY FA 52 45.93 67.47 9.89
N ASP FA 53 44.60 67.35 9.87
CA ASP FA 53 43.73 68.10 10.75
C ASP FA 53 43.46 67.32 12.04
N GLU FA 54 43.86 66.05 12.05
CA GLU FA 54 43.54 65.15 13.15
C GLU FA 54 44.59 65.26 14.27
N GLU FA 55 44.11 65.14 15.51
CA GLU FA 55 44.92 65.18 16.70
C GLU FA 55 44.61 63.97 17.58
N CYS FA 56 45.66 63.45 18.22
CA CYS FA 56 45.53 62.32 19.13
C CYS FA 56 46.56 62.47 20.24
N THR FA 57 46.11 62.30 21.49
CA THR FA 57 47.00 62.32 22.63
C THR FA 57 47.23 60.88 23.09
N THR FA 58 48.51 60.47 23.10
CA THR FA 58 48.91 59.07 23.25
C THR FA 58 48.59 58.57 24.65
N GLY FA 59 48.15 57.31 24.72
CA GLY FA 59 47.97 56.58 25.97
C GLY FA 59 49.25 55.87 26.39
N ASN FA 60 49.10 54.66 26.96
CA ASN FA 60 50.22 53.88 27.45
C ASN FA 60 51.00 53.28 26.28
N ASN FA 61 50.31 53.07 25.15
CA ASN FA 61 50.90 52.56 23.91
C ASN FA 61 52.00 53.50 23.44
N GLY FA 62 51.73 54.80 23.55
CA GLY FA 62 52.48 55.82 22.82
C GLY FA 62 52.16 55.76 21.33
N THR FA 63 51.03 55.10 20.99
CA THR FA 63 50.65 54.86 19.61
C THR FA 63 49.25 55.43 19.35
N CYS FA 64 49.14 56.17 18.24
CA CYS FA 64 47.87 56.67 17.74
C CYS FA 64 47.61 56.07 16.36
N VAL FA 65 46.35 55.67 16.12
CA VAL FA 65 45.94 55.12 14.83
C VAL FA 65 45.03 56.13 14.15
N PHE FA 66 45.38 56.48 12.90
CA PHE FA 66 44.63 57.46 12.13
C PHE FA 66 44.07 56.82 10.87
N GLU FA 67 42.79 57.09 10.61
CA GLU FA 67 42.15 56.69 9.36
C GLU FA 67 42.02 57.94 8.49
N LEU FA 68 42.73 57.95 7.35
CA LEU FA 68 42.89 59.14 6.53
C LEU FA 68 42.52 58.85 5.09
N ARG FA 69 41.98 59.86 4.40
CA ARG FA 69 41.75 59.82 2.97
C ARG FA 69 43.09 59.94 2.25
N PRO FA 70 43.24 59.38 1.02
CA PRO FA 70 44.48 59.51 0.26
C PRO FA 70 44.98 60.95 0.18
N GLY FA 71 46.30 61.12 0.21
CA GLY FA 71 46.94 62.43 0.11
C GLY FA 71 48.26 62.48 0.88
N THR FA 72 48.93 63.63 0.81
CA THR FA 72 50.18 63.87 1.52
C THR FA 72 49.88 64.58 2.83
N TYR FA 73 50.50 64.09 3.92
CA TYR FA 73 50.23 64.58 5.26
C TYR FA 73 51.56 64.89 5.96
N ALA FA 74 51.49 65.76 6.98
CA ALA FA 74 52.63 66.05 7.84
C ALA FA 74 52.36 65.53 9.24
N ILE FA 75 53.18 64.59 9.69
CA ILE FA 75 53.10 64.03 11.04
C ILE FA 75 54.02 64.87 11.94
N SER FA 76 53.47 65.31 13.08
CA SER FA 76 54.25 66.00 14.08
C SER FA 76 53.91 65.46 15.47
N VAL FA 77 54.96 65.07 16.21
CA VAL FA 77 54.81 64.56 17.55
C VAL FA 77 55.41 65.57 18.53
N HIS FA 78 54.56 66.11 19.41
CA HIS FA 78 54.96 67.07 20.42
C HIS FA 78 54.72 66.51 21.81
N GLU FA 79 55.64 66.80 22.73
CA GLU FA 79 55.51 66.36 24.11
C GLU FA 79 55.96 67.49 25.04
N HIS FA 80 55.38 67.53 26.24
CA HIS FA 80 55.40 68.68 27.14
C HIS FA 80 56.82 69.05 27.59
N GLY FA 81 57.80 68.18 27.30
CA GLY FA 81 59.20 68.45 27.62
C GLY FA 81 59.81 69.50 26.70
N GLY FA 82 59.29 69.58 25.47
CA GLY FA 82 59.73 70.56 24.48
C GLY FA 82 60.42 69.90 23.29
N GLN FA 83 60.25 68.58 23.16
CA GLN FA 83 60.85 67.81 22.09
C GLN FA 83 59.82 67.54 21.01
N SER FA 84 60.27 67.54 19.75
CA SER FA 84 59.39 67.36 18.60
C SER FA 84 60.04 66.46 17.56
N ALA FA 85 59.19 65.71 16.83
CA ALA FA 85 59.61 64.90 15.70
C ALA FA 85 58.64 65.11 14.55
N HIS FA 86 59.18 65.20 13.32
CA HIS FA 86 58.39 65.49 12.14
C HIS FA 86 58.68 64.48 11.04
N LYS FA 87 57.64 64.10 10.29
CA LYS FA 87 57.79 63.26 9.11
C LYS FA 87 56.62 63.51 8.16
N GLU FA 88 56.96 63.67 6.87
CA GLU FA 88 55.96 63.86 5.83
C GLU FA 88 55.73 62.52 5.12
N VAL FA 89 54.45 62.20 4.91
CA VAL FA 89 54.06 60.88 4.41
C VAL FA 89 52.99 61.05 3.33
N SER FA 90 53.20 60.37 2.19
CA SER FA 90 52.23 60.32 1.11
C SER FA 90 51.49 58.99 1.13
N LEU FA 91 50.17 59.06 1.35
CA LEU FA 91 49.35 57.86 1.49
C LEU FA 91 48.45 57.69 0.26
N GLU FA 92 48.44 56.47 -0.27
CA GLU FA 92 47.57 56.09 -1.38
C GLU FA 92 46.28 55.50 -0.81
N GLU FA 93 45.43 55.00 -1.71
CA GLU FA 93 44.18 54.35 -1.34
C GLU FA 93 44.47 53.00 -0.69
N GLY FA 94 43.89 52.79 0.51
CA GLY FA 94 43.95 51.52 1.20
C GLY FA 94 45.37 51.14 1.65
N ASN FA 95 46.18 52.16 1.96
CA ASN FA 95 47.53 51.95 2.45
C ASN FA 95 47.49 51.70 3.96
N ILE FA 96 48.38 50.83 4.44
CA ILE FA 96 48.61 50.66 5.86
C ILE FA 96 50.11 50.89 6.11
N LEU FA 97 50.41 51.88 6.96
CA LEU FA 97 51.78 52.23 7.27
C LEU FA 97 51.92 52.45 8.78
N PHE FA 98 52.93 51.83 9.37
CA PHE FA 98 53.35 52.08 10.74
C PHE FA 98 54.56 53.01 10.71
N VAL FA 99 54.46 54.12 11.46
CA VAL FA 99 55.52 55.10 11.56
C VAL FA 99 56.01 55.12 13.00
N SER FA 100 57.33 55.01 13.17
CA SER FA 100 57.95 55.01 14.48
C SER FA 100 58.93 56.17 14.57
N LEU FA 101 58.62 57.12 15.46
CA LEU FA 101 59.43 58.32 15.63
C LEU FA 101 59.99 58.37 17.05
N ASP FA 102 61.33 58.44 17.14
CA ASP FA 102 62.01 58.55 18.42
C ASP FA 102 62.37 60.01 18.67
N LEU FA 103 62.07 60.50 19.89
CA LEU FA 103 62.22 61.90 20.24
C LEU FA 103 63.46 62.09 21.12
N GLY FA 104 64.23 61.02 21.29
CA GLY FA 104 65.48 61.07 22.03
C GLY FA 104 65.29 60.90 23.53
N ALA FA 105 66.40 60.96 24.27
CA ALA FA 105 66.45 60.67 25.70
C ALA FA 105 65.85 61.82 26.51
N LYS FA 106 65.76 63.01 25.90
CA LYS FA 106 65.26 64.21 26.55
C LYS FA 106 63.74 64.14 26.69
N ALA FA 107 63.12 63.19 25.99
CA ALA FA 107 61.68 63.03 25.95
C ALA FA 107 61.22 62.04 27.03
N ARG FA 108 62.17 61.56 27.85
CA ARG FA 108 61.91 60.59 28.89
C ARG FA 108 61.79 61.32 30.23
N HIS FA 109 60.59 61.23 30.84
CA HIS FA 109 60.27 62.00 32.02
C HIS FA 109 59.90 61.08 33.18
N PRO FA 110 60.36 61.37 34.43
CA PRO FA 110 60.01 60.57 35.60
C PRO FA 110 58.51 60.40 35.83
N SER FA 111 58.12 59.17 36.18
CA SER FA 111 56.73 58.76 36.39
C SER FA 111 55.87 59.11 35.17
N TYR GA 26 11.71 2.07 60.99
CA TYR GA 26 12.88 2.99 61.07
C TYR GA 26 14.12 2.23 61.51
N ASP GA 27 15.23 2.48 60.80
CA ASP GA 27 16.52 1.87 61.11
C ASP GA 27 17.44 2.90 61.74
N VAL GA 28 17.85 2.63 62.98
CA VAL GA 28 18.86 3.43 63.67
C VAL GA 28 20.22 3.05 63.07
N LYS GA 29 20.81 3.99 62.33
CA LYS GA 29 22.11 3.76 61.69
C LYS GA 29 23.18 3.64 62.76
N PRO GA 30 23.89 2.50 62.86
CA PRO GA 30 24.91 2.31 63.89
C PRO GA 30 26.13 3.20 63.65
N ALA GA 31 26.82 3.54 64.74
CA ALA GA 31 28.05 4.30 64.69
C ALA GA 31 29.22 3.39 64.31
N LYS GA 32 30.18 3.94 63.56
CA LYS GA 32 31.38 3.22 63.17
C LYS GA 32 32.58 3.84 63.89
N LEU GA 33 33.28 3.00 64.68
CA LEU GA 33 34.43 3.44 65.45
C LEU GA 33 35.69 2.69 65.01
N TRP GA 34 36.68 3.46 64.55
CA TRP GA 34 38.00 2.96 64.23
C TRP GA 34 38.91 3.22 65.42
N VAL GA 35 39.64 2.18 65.87
CA VAL GA 35 40.60 2.34 66.95
C VAL GA 35 41.96 1.84 66.45
N THR GA 36 42.94 2.76 66.44
CA THR GA 36 44.30 2.47 66.01
C THR GA 36 45.22 2.45 67.22
N ALA GA 37 45.97 1.35 67.38
CA ALA GA 37 46.94 1.19 68.45
C ALA GA 37 48.34 1.49 67.90
N ILE GA 38 48.98 2.53 68.46
CA ILE GA 38 50.28 2.98 68.02
C ILE GA 38 51.29 2.86 69.17
N ALA GA 39 52.54 2.58 68.82
CA ALA GA 39 53.66 2.67 69.75
C ALA GA 39 54.69 3.64 69.17
N ILE GA 40 54.61 4.90 69.59
CA ILE GA 40 55.35 6.04 69.04
C ILE GA 40 55.50 5.93 67.53
N GLY GA 41 54.36 5.86 66.83
CA GLY GA 41 54.32 5.95 65.38
C GLY GA 41 54.01 4.62 64.70
N THR GA 42 54.58 3.53 65.19
CA THR GA 42 54.46 2.22 64.57
C THR GA 42 53.21 1.52 65.10
N PRO GA 43 52.47 0.78 64.23
CA PRO GA 43 51.29 0.03 64.67
C PRO GA 43 51.64 -1.16 65.56
N ILE GA 44 50.81 -1.37 66.59
CA ILE GA 44 50.98 -2.50 67.50
C ILE GA 44 50.21 -3.69 66.95
N VAL GA 45 50.93 -4.80 66.73
CA VAL GA 45 50.35 -6.03 66.21
C VAL GA 45 50.06 -6.96 67.38
N GLY GA 46 48.82 -7.48 67.43
CA GLY GA 46 48.43 -8.47 68.40
C GLY GA 46 47.92 -7.85 69.71
N ALA GA 47 47.67 -6.54 69.69
CA ALA GA 47 47.04 -5.85 70.81
C ALA GA 47 45.54 -6.13 70.78
N GLU GA 48 44.93 -6.23 71.98
CA GLU GA 48 43.51 -6.46 72.08
C GLU GA 48 42.79 -5.17 72.48
N ILE GA 49 41.78 -4.81 71.68
CA ILE GA 49 41.00 -3.61 71.91
C ILE GA 49 39.61 -4.02 72.38
N LYS GA 50 39.21 -3.48 73.55
CA LYS GA 50 37.89 -3.69 74.10
C LYS GA 50 37.08 -2.41 73.98
N VAL GA 51 35.96 -2.49 73.25
CA VAL GA 51 34.99 -1.40 73.19
C VAL GA 51 33.62 -1.98 73.54
N GLY GA 52 33.06 -1.54 74.67
CA GLY GA 52 31.86 -2.14 75.20
C GLY GA 52 32.06 -3.63 75.46
N ASP GA 53 31.20 -4.45 74.84
CA ASP GA 53 31.24 -5.89 74.99
C ASP GA 53 32.11 -6.53 73.90
N GLU GA 54 32.47 -5.71 72.90
CA GLU GA 54 33.18 -6.21 71.73
C GLU GA 54 34.69 -6.24 71.97
N GLU GA 55 35.33 -7.25 71.38
CA GLU GA 55 36.77 -7.44 71.46
C GLU GA 55 37.32 -7.65 70.06
N CYS GA 56 38.53 -7.13 69.83
CA CYS GA 56 39.22 -7.28 68.56
C CYS GA 56 40.72 -7.32 68.83
N THR GA 57 41.39 -8.31 68.24
CA THR GA 57 42.83 -8.43 68.33
C THR GA 57 43.45 -7.92 67.02
N THR GA 58 44.31 -6.91 67.13
CA THR GA 58 44.79 -6.13 65.99
C THR GA 58 45.67 -6.98 65.08
N GLY GA 59 45.54 -6.75 63.77
CA GLY GA 59 46.42 -7.32 62.77
C GLY GA 59 47.63 -6.41 62.51
N ASN GA 60 48.05 -6.34 61.24
CA ASN GA 60 49.21 -5.55 60.84
C ASN GA 60 48.88 -4.06 60.86
N ASN GA 61 47.59 -3.74 60.68
CA ASN GA 61 47.07 -2.38 60.73
C ASN GA 61 47.34 -1.77 62.09
N GLY GA 62 47.15 -2.58 63.14
CA GLY GA 62 46.99 -2.08 64.50
C GLY GA 62 45.66 -1.37 64.67
N THR GA 63 44.73 -1.61 63.74
CA THR GA 63 43.45 -0.93 63.69
C THR GA 63 42.31 -1.94 63.72
N CYS GA 64 41.34 -1.68 64.60
CA CYS GA 64 40.09 -2.44 64.68
C CYS GA 64 38.93 -1.52 64.38
N VAL GA 65 37.96 -2.03 63.60
CA VAL GA 65 36.77 -1.29 63.25
C VAL GA 65 35.57 -1.91 63.95
N PHE GA 66 34.83 -1.09 64.69
CA PHE GA 66 33.68 -1.54 65.46
C PHE GA 66 32.41 -0.86 64.95
N GLU GA 67 31.36 -1.66 64.78
CA GLU GA 67 30.03 -1.16 64.46
C GLU GA 67 29.17 -1.26 65.73
N LEU GA 68 28.78 -0.10 66.26
CA LEU GA 68 28.17 -0.03 67.58
C LEU GA 68 26.85 0.74 67.52
N ARG GA 69 25.91 0.35 68.38
CA ARG GA 69 24.68 1.08 68.58
C ARG GA 69 24.97 2.35 69.37
N PRO GA 70 24.18 3.45 69.20
CA PRO GA 70 24.40 4.69 69.95
C PRO GA 70 24.53 4.45 71.45
N GLY GA 71 25.39 5.23 72.09
CA GLY GA 71 25.64 5.15 73.53
C GLY GA 71 27.06 5.54 73.90
N THR GA 72 27.35 5.52 75.20
CA THR GA 72 28.67 5.83 75.71
C THR GA 72 29.43 4.52 75.94
N TYR GA 73 30.70 4.49 75.49
CA TYR GA 73 31.53 3.29 75.52
C TYR GA 73 32.88 3.63 76.16
N ALA GA 74 33.54 2.58 76.67
CA ALA GA 74 34.90 2.69 77.17
C ALA GA 74 35.84 1.88 76.26
N ILE GA 75 36.78 2.57 75.61
CA ILE GA 75 37.80 1.94 74.79
C ILE GA 75 39.01 1.65 75.67
N SER GA 76 39.50 0.40 75.60
CA SER GA 76 40.71 0.01 76.31
C SER GA 76 41.58 -0.83 75.38
N VAL GA 77 42.85 -0.41 75.24
CA VAL GA 77 43.82 -1.11 74.41
C VAL GA 77 44.87 -1.73 75.33
N HIS GA 78 44.96 -3.07 75.29
CA HIS GA 78 45.91 -3.83 76.09
C HIS GA 78 46.85 -4.59 75.17
N GLU GA 79 48.13 -4.67 75.56
CA GLU GA 79 49.14 -5.40 74.82
C GLU GA 79 50.05 -6.15 75.79
N HIS GA 80 50.58 -7.29 75.32
CA HIS GA 80 51.20 -8.31 76.17
C HIS GA 80 52.41 -7.79 76.93
N GLY GA 81 52.89 -6.59 76.59
CA GLY GA 81 54.02 -5.97 77.27
C GLY GA 81 53.63 -5.45 78.65
N GLY GA 82 52.35 -5.09 78.80
CA GLY GA 82 51.81 -4.62 80.07
C GLY GA 82 51.39 -3.15 80.02
N GLN GA 83 51.27 -2.62 78.80
CA GLN GA 83 50.91 -1.23 78.58
C GLN GA 83 49.43 -1.15 78.20
N SER GA 84 48.78 -0.08 78.66
CA SER GA 84 47.35 0.11 78.41
C SER GA 84 47.05 1.56 78.08
N ALA GA 85 46.00 1.76 77.26
CA ALA GA 85 45.48 3.08 76.95
C ALA GA 85 43.96 3.04 77.03
N HIS GA 86 43.36 4.10 77.60
CA HIS GA 86 41.93 4.16 77.84
C HIS GA 86 41.36 5.48 77.30
N LYS GA 87 40.15 5.39 76.73
CA LYS GA 87 39.41 6.56 76.28
C LYS GA 87 37.92 6.27 76.30
N GLU GA 88 37.14 7.19 76.86
CA GLU GA 88 35.69 7.08 76.90
C GLU GA 88 35.10 7.93 75.77
N VAL GA 89 34.15 7.35 75.04
CA VAL GA 89 33.61 7.96 73.83
C VAL GA 89 32.09 7.83 73.83
N SER GA 90 31.41 8.94 73.55
CA SER GA 90 29.96 8.99 73.40
C SER GA 90 29.60 9.05 71.91
N LEU GA 91 28.91 8.01 71.42
CA LEU GA 91 28.59 7.89 70.02
C LEU GA 91 27.09 8.11 69.81
N GLU GA 92 26.76 8.95 68.83
CA GLU GA 92 25.39 9.21 68.41
C GLU GA 92 25.04 8.27 67.27
N GLU GA 93 23.85 8.46 66.69
CA GLU GA 93 23.38 7.69 65.56
C GLU GA 93 24.16 8.07 64.30
N GLY GA 94 24.71 7.05 63.62
CA GLY GA 94 25.38 7.21 62.35
C GLY GA 94 26.65 8.06 62.45
N ASN GA 95 27.33 7.98 63.59
CA ASN GA 95 28.60 8.67 63.81
C ASN GA 95 29.74 7.84 63.23
N ILE GA 96 30.74 8.53 62.67
CA ILE GA 96 31.99 7.90 62.28
C ILE GA 96 33.12 8.64 62.99
N LEU GA 97 33.88 7.88 63.79
CA LEU GA 97 34.99 8.45 64.55
C LEU GA 97 36.20 7.52 64.47
N PHE GA 98 37.35 8.13 64.15
CA PHE GA 98 38.63 7.45 64.21
C PHE GA 98 39.32 7.86 65.52
N VAL GA 99 39.74 6.87 66.30
CA VAL GA 99 40.43 7.10 67.56
C VAL GA 99 41.84 6.54 67.43
N SER GA 100 42.83 7.37 67.80
CA SER GA 100 44.22 7.00 67.72
C SER GA 100 44.84 7.08 69.12
N LEU GA 101 45.24 5.92 69.64
CA LEU GA 101 45.80 5.84 70.99
C LEU GA 101 47.23 5.33 70.92
N ASP GA 102 48.15 6.13 71.48
CA ASP GA 102 49.57 5.76 71.54
C ASP GA 102 49.88 5.22 72.93
N LEU GA 103 50.57 4.07 72.97
CA LEU GA 103 50.84 3.36 74.20
C LEU GA 103 52.28 3.56 74.64
N GLY GA 104 53.00 4.44 73.92
CA GLY GA 104 54.36 4.80 74.28
C GLY GA 104 55.39 3.82 73.72
N ALA GA 105 56.67 4.10 74.03
CA ALA GA 105 57.80 3.39 73.46
C ALA GA 105 57.95 2.00 74.08
N LYS GA 106 57.34 1.81 75.25
CA LYS GA 106 57.43 0.56 75.99
C LYS GA 106 56.56 -0.51 75.32
N ALA GA 107 55.70 -0.07 74.39
CA ALA GA 107 54.76 -0.95 73.72
C ALA GA 107 55.36 -1.49 72.42
N ARG GA 108 56.62 -1.14 72.16
CA ARG GA 108 57.33 -1.53 70.94
C ARG GA 108 58.20 -2.74 71.25
N HIS GA 109 57.91 -3.87 70.59
CA HIS GA 109 58.55 -5.14 70.89
C HIS GA 109 59.26 -5.69 69.65
N PRO GA 110 60.49 -6.26 69.81
CA PRO GA 110 61.22 -6.87 68.69
C PRO GA 110 60.44 -7.92 67.92
N SER GA 111 60.55 -7.88 66.59
CA SER GA 111 59.85 -8.74 65.65
C SER GA 111 58.34 -8.74 65.94
N TYR HA 26 -61.73 2.41 -2.02
CA TYR HA 26 -61.99 3.70 -2.73
C TYR HA 26 -62.67 4.68 -1.78
N ASP HA 27 -62.17 5.93 -1.76
CA ASP HA 27 -62.71 6.98 -0.94
C ASP HA 27 -63.47 7.97 -1.81
N VAL HA 28 -64.78 8.11 -1.53
CA VAL HA 28 -65.60 9.13 -2.17
C VAL HA 28 -65.26 10.47 -1.52
N LYS HA 29 -64.63 11.36 -2.28
CA LYS HA 29 -64.23 12.66 -1.78
C LYS HA 29 -65.48 13.50 -1.53
N PRO HA 30 -65.73 13.94 -0.28
CA PRO HA 30 -66.94 14.71 0.04
C PRO HA 30 -66.89 16.10 -0.58
N ALA HA 31 -68.08 16.66 -0.85
CA ALA HA 31 -68.22 18.01 -1.37
C ALA HA 31 -68.06 19.01 -0.23
N LYS HA 32 -67.50 20.18 -0.56
CA LYS HA 32 -67.35 21.26 0.40
C LYS HA 32 -68.25 22.43 -0.02
N LEU HA 33 -69.16 22.81 0.88
CA LEU HA 33 -70.13 23.86 0.62
C LEU HA 33 -69.93 25.01 1.61
N TRP HA 34 -69.64 26.20 1.07
CA TRP HA 34 -69.57 27.44 1.84
C TRP HA 34 -70.89 28.17 1.67
N VAL HA 35 -71.48 28.58 2.80
CA VAL HA 35 -72.72 29.37 2.76
C VAL HA 35 -72.47 30.66 3.52
N THR HA 36 -72.62 31.80 2.81
CA THR HA 36 -72.45 33.12 3.38
C THR HA 36 -73.81 33.80 3.50
N ALA HA 37 -74.12 34.29 4.71
CA ALA HA 37 -75.35 35.02 4.99
C ALA HA 37 -75.06 36.51 4.99
N ILE HA 38 -75.71 37.23 4.05
CA ILE HA 38 -75.49 38.65 3.88
C ILE HA 38 -76.80 39.39 4.12
N ALA HA 39 -76.68 40.63 4.65
CA ALA HA 39 -77.77 41.58 4.72
C ALA HA 39 -77.37 42.86 4.00
N ILE HA 40 -77.75 42.94 2.72
CA ILE HA 40 -77.32 43.97 1.78
C ILE HA 40 -75.85 44.35 2.02
N GLY HA 41 -74.96 43.37 1.90
CA GLY HA 41 -73.52 43.60 1.89
C GLY HA 41 -72.82 43.15 3.18
N THR HA 42 -73.45 43.41 4.32
CA THR HA 42 -72.85 43.13 5.61
C THR HA 42 -73.15 41.70 6.03
N PRO HA 43 -72.19 40.98 6.67
CA PRO HA 43 -72.43 39.63 7.16
C PRO HA 43 -73.39 39.58 8.34
N ILE HA 44 -74.26 38.56 8.35
CA ILE HA 44 -75.22 38.35 9.43
C ILE HA 44 -74.56 37.47 10.48
N VAL HA 45 -74.50 37.99 11.72
CA VAL HA 45 -73.92 37.28 12.85
C VAL HA 45 -75.05 36.62 13.64
N GLY HA 46 -74.89 35.32 13.90
CA GLY HA 46 -75.81 34.57 14.75
C GLY HA 46 -76.99 33.98 13.97
N ALA HA 47 -76.89 33.99 12.64
CA ALA HA 47 -77.86 33.33 11.78
C ALA HA 47 -77.58 31.84 11.77
N GLU HA 48 -78.65 31.03 11.69
CA GLU HA 48 -78.50 29.58 11.65
C GLU HA 48 -78.73 29.09 10.22
N ILE HA 49 -77.76 28.30 9.73
CA ILE HA 49 -77.80 27.74 8.39
C ILE HA 49 -78.05 26.24 8.51
N LYS HA 50 -79.10 25.77 7.84
CA LYS HA 50 -79.42 24.35 7.75
C LYS HA 50 -79.12 23.86 6.34
N VAL HA 51 -78.21 22.88 6.25
CA VAL HA 51 -77.96 22.16 5.02
C VAL HA 51 -78.06 20.66 5.31
N GLY HA 52 -79.07 20.01 4.71
CA GLY HA 52 -79.42 18.64 5.04
C GLY HA 52 -79.74 18.50 6.52
N ASP HA 53 -79.00 17.61 7.20
CA ASP HA 53 -79.19 17.35 8.63
C ASP HA 53 -78.28 18.26 9.46
N GLU HA 54 -77.33 18.94 8.79
CA GLU HA 54 -76.32 19.73 9.47
C GLU HA 54 -76.81 21.13 9.77
N GLU HA 55 -76.39 21.66 10.92
CA GLU HA 55 -76.72 22.99 11.38
C GLU HA 55 -75.45 23.72 11.78
N CYS HA 56 -75.43 25.02 11.50
CA CYS HA 56 -74.31 25.88 11.85
C CYS HA 56 -74.84 27.28 12.15
N THR HA 57 -74.39 27.84 13.28
CA THR HA 57 -74.73 29.20 13.66
C THR HA 57 -73.54 30.10 13.36
N THR HA 58 -73.78 31.11 12.51
CA THR HA 58 -72.72 31.91 11.91
C THR HA 58 -72.01 32.76 12.96
N GLY HA 59 -70.68 32.89 12.78
CA GLY HA 59 -69.88 33.81 13.57
C GLY HA 59 -69.81 35.19 12.91
N ASN HA 60 -68.64 35.83 13.01
CA ASN HA 60 -68.43 37.16 12.47
C ASN HA 60 -68.37 37.13 10.95
N ASN HA 61 -67.94 35.97 10.40
CA ASN HA 61 -67.87 35.73 8.97
C ASN HA 61 -69.25 35.87 8.34
N GLY HA 62 -70.26 35.35 9.05
CA GLY HA 62 -71.56 35.09 8.45
C GLY HA 62 -71.46 33.91 7.48
N THR HA 63 -70.38 33.13 7.61
CA THR HA 63 -70.09 32.04 6.69
C THR HA 63 -69.95 30.73 7.47
N CYS HA 64 -70.63 29.69 6.98
CA CYS HA 64 -70.51 28.34 7.49
C CYS HA 64 -69.99 27.43 6.38
N VAL HA 65 -69.07 26.53 6.75
CA VAL HA 65 -68.48 25.59 5.82
C VAL HA 65 -68.99 24.19 6.17
N PHE HA 66 -69.56 23.50 5.17
CA PHE HA 66 -70.12 22.17 5.36
C PHE HA 66 -69.38 21.17 4.49
N GLU HA 67 -69.04 20.02 5.09
CA GLU HA 67 -68.49 18.89 4.37
C GLU HA 67 -69.58 17.83 4.23
N LEU HA 68 -70.01 17.57 2.99
CA LEU HA 68 -71.19 16.78 2.72
C LEU HA 68 -70.88 15.68 1.73
N ARG HA 69 -71.58 14.54 1.88
CA ARG HA 69 -71.53 13.45 0.91
C ARG HA 69 -72.32 13.86 -0.33
N PRO HA 70 -71.99 13.33 -1.53
CA PRO HA 70 -72.73 13.65 -2.75
C PRO HA 70 -74.24 13.49 -2.58
N GLY HA 71 -75.00 14.38 -3.24
CA GLY HA 71 -76.45 14.35 -3.19
C GLY HA 71 -77.06 15.74 -3.31
N THR HA 72 -78.40 15.79 -3.32
CA THR HA 72 -79.13 17.04 -3.40
C THR HA 72 -79.52 17.48 -1.99
N TYR HA 73 -79.30 18.77 -1.70
CA TYR HA 73 -79.53 19.32 -0.37
C TYR HA 73 -80.36 20.60 -0.48
N ALA HA 74 -81.02 20.95 0.63
CA ALA HA 74 -81.75 22.20 0.76
C ALA HA 74 -81.06 23.10 1.78
N ILE HA 75 -80.57 24.25 1.31
CA ILE HA 75 -79.95 25.24 2.18
C ILE HA 75 -81.04 26.20 2.65
N SER HA 76 -81.08 26.44 3.96
CA SER HA 76 -81.99 27.42 4.53
C SER HA 76 -81.26 28.27 5.57
N VAL HA 77 -81.34 29.59 5.40
CA VAL HA 77 -80.72 30.53 6.32
C VAL HA 77 -81.83 31.27 7.07
N HIS HA 78 -81.83 31.10 8.40
CA HIS HA 78 -82.80 31.73 9.28
C HIS HA 78 -82.08 32.66 10.25
N GLU HA 79 -82.70 33.81 10.55
CA GLU HA 79 -82.17 34.77 11.49
C GLU HA 79 -83.31 35.34 12.34
N HIS HA 80 -82.98 35.71 13.58
CA HIS HA 80 -83.94 35.97 14.65
C HIS HA 80 -84.90 37.11 14.33
N GLY HA 81 -84.61 37.86 13.26
CA GLY HA 81 -85.46 38.96 12.82
C GLY HA 81 -86.75 38.44 12.16
N GLY HA 82 -86.66 37.24 11.56
CA GLY HA 82 -87.80 36.60 10.93
C GLY HA 82 -87.64 36.50 9.41
N GLN HA 83 -86.40 36.70 8.94
CA GLN HA 83 -86.08 36.65 7.52
C GLN HA 83 -85.43 35.31 7.18
N SER HA 84 -85.75 34.81 5.99
CA SER HA 84 -85.26 33.50 5.56
C SER HA 84 -84.84 33.54 4.09
N ALA HA 85 -83.84 32.72 3.74
CA ALA HA 85 -83.41 32.52 2.37
C ALA HA 85 -83.23 31.03 2.12
N HIS HA 86 -83.65 30.58 0.93
CA HIS HA 86 -83.63 29.15 0.58
C HIS HA 86 -82.95 28.96 -0.76
N LYS HA 87 -82.19 27.86 -0.89
CA LYS HA 87 -81.60 27.45 -2.15
C LYS HA 87 -81.36 25.94 -2.13
N GLU HA 88 -81.74 25.28 -3.22
CA GLU HA 88 -81.52 23.85 -3.40
C GLU HA 88 -80.29 23.63 -4.27
N VAL HA 89 -79.40 22.72 -3.83
CA VAL HA 89 -78.11 22.53 -4.45
C VAL HA 89 -77.83 21.04 -4.61
N SER HA 90 -77.41 20.64 -5.83
CA SER HA 90 -77.00 19.28 -6.13
C SER HA 90 -75.48 19.20 -6.17
N LEU HA 91 -74.90 18.41 -5.25
CA LEU HA 91 -73.46 18.32 -5.12
C LEU HA 91 -72.99 16.94 -5.60
N GLU HA 92 -71.94 16.96 -6.43
CA GLU HA 92 -71.29 15.76 -6.92
C GLU HA 92 -70.12 15.42 -6.00
N GLU HA 93 -69.34 14.40 -6.38
CA GLU HA 93 -68.16 13.99 -5.63
C GLU HA 93 -67.06 15.04 -5.79
N GLY HA 94 -66.52 15.49 -4.65
CA GLY HA 94 -65.37 16.38 -4.61
C GLY HA 94 -65.67 17.76 -5.20
N ASN HA 95 -66.93 18.21 -5.06
CA ASN HA 95 -67.34 19.53 -5.51
C ASN HA 95 -66.99 20.57 -4.44
N ILE HA 96 -66.60 21.76 -4.90
CA ILE HA 96 -66.46 22.91 -4.02
C ILE HA 96 -67.34 24.03 -4.57
N LEU HA 97 -68.28 24.49 -3.74
CA LEU HA 97 -69.21 25.53 -4.13
C LEU HA 97 -69.37 26.53 -3.00
N PHE HA 98 -69.24 27.82 -3.35
CA PHE HA 98 -69.57 28.93 -2.46
C PHE HA 98 -70.95 29.44 -2.82
N VAL HA 99 -71.81 29.52 -1.80
CA VAL HA 99 -73.17 30.03 -1.96
C VAL HA 99 -73.31 31.30 -1.14
N SER HA 100 -73.82 32.35 -1.79
CA SER HA 100 -74.01 33.64 -1.16
C SER HA 100 -75.48 34.02 -1.21
N LEU HA 101 -76.11 34.09 -0.03
CA LEU HA 101 -77.53 34.38 0.07
C LEU HA 101 -77.73 35.69 0.84
N ASP HA 102 -78.42 36.64 0.20
CA ASP HA 102 -78.75 37.91 0.81
C ASP HA 102 -80.19 37.87 1.33
N LEU HA 103 -80.37 38.30 2.58
CA LEU HA 103 -81.65 38.21 3.25
C LEU HA 103 -82.32 39.58 3.31
N GLY HA 104 -81.74 40.57 2.62
CA GLY HA 104 -82.32 41.89 2.50
C GLY HA 104 -81.96 42.79 3.68
N ALA HA 105 -82.48 44.03 3.64
CA ALA HA 105 -82.13 45.08 4.58
C ALA HA 105 -82.81 44.84 5.93
N LYS HA 106 -83.88 44.03 5.94
CA LYS HA 106 -84.65 43.74 7.14
C LYS HA 106 -83.87 42.81 8.06
N ALA HA 107 -82.79 42.22 7.52
CA ALA HA 107 -81.98 41.24 8.25
C ALA HA 107 -80.81 41.95 8.96
N ARG HA 108 -80.77 43.28 8.87
CA ARG HA 108 -79.71 44.09 9.45
C ARG HA 108 -80.21 44.65 10.79
N HIS HA 109 -79.53 44.26 11.87
CA HIS HA 109 -79.97 44.58 13.22
C HIS HA 109 -78.90 45.38 13.98
N PRO HA 110 -79.28 46.42 14.75
CA PRO HA 110 -78.33 47.20 15.55
C PRO HA 110 -77.46 46.36 16.49
N SER HA 111 -76.16 46.70 16.53
CA SER HA 111 -75.13 46.01 17.30
C SER HA 111 -75.15 44.51 17.00
N TYR IA 26 -1.85 47.37 40.31
CA TYR IA 26 -3.22 47.92 40.08
C TYR IA 26 -3.10 49.32 39.48
N ASP IA 27 -3.90 49.59 38.43
CA ASP IA 27 -3.93 50.87 37.76
C ASP IA 27 -5.23 51.59 38.11
N VAL IA 28 -5.08 52.76 38.75
CA VAL IA 28 -6.21 53.64 39.01
C VAL IA 28 -6.57 54.34 37.70
N LYS IA 29 -7.73 53.99 37.14
CA LYS IA 29 -8.19 54.55 35.89
C LYS IA 29 -8.52 56.03 36.10
N PRO IA 30 -7.83 56.95 35.40
CA PRO IA 30 -8.06 58.39 35.58
C PRO IA 30 -9.43 58.82 35.05
N ALA IA 31 -9.97 59.89 35.64
CA ALA IA 31 -11.24 60.47 35.20
C ALA IA 31 -11.01 61.32 33.96
N LYS IA 32 -12.02 61.36 33.07
CA LYS IA 32 -11.96 62.19 31.88
C LYS IA 32 -13.01 63.29 32.00
N LEU IA 33 -12.56 64.55 31.93
CA LEU IA 33 -13.43 65.70 32.08
C LEU IA 33 -13.40 66.54 30.82
N TRP IA 34 -14.58 66.71 30.20
CA TRP IA 34 -14.78 67.60 29.06
C TRP IA 34 -15.35 68.91 29.59
N VAL IA 35 -14.74 70.03 29.19
CA VAL IA 35 -15.25 71.34 29.55
C VAL IA 35 -15.50 72.14 28.28
N THR IA 36 -16.76 72.53 28.06
CA THR IA 36 -17.17 73.30 26.90
C THR IA 36 -17.51 74.72 27.33
N ALA IA 37 -16.89 75.70 26.66
CA ALA IA 37 -17.11 77.11 26.90
C ALA IA 37 -18.07 77.67 25.85
N ILE IA 38 -19.23 78.13 26.32
CA ILE IA 38 -20.29 78.63 25.44
C ILE IA 38 -20.56 80.09 25.76
N ALA IA 39 -20.94 80.85 24.71
CA ALA IA 39 -21.48 82.18 24.85
C ALA IA 39 -22.86 82.22 24.19
N ILE IA 40 -23.90 82.03 25.01
CA ILE IA 40 -25.28 81.84 24.59
C ILE IA 40 -25.37 81.03 23.30
N GLY IA 41 -24.83 79.80 23.34
CA GLY IA 41 -25.01 78.84 22.27
C GLY IA 41 -23.74 78.59 21.45
N THR IA 42 -23.01 79.67 21.15
CA THR IA 42 -21.84 79.60 20.28
C THR IA 42 -20.60 79.28 21.11
N PRO IA 43 -19.67 78.46 20.58
CA PRO IA 43 -18.42 78.13 21.27
C PRO IA 43 -17.47 79.33 21.36
N ILE IA 44 -16.83 79.48 22.52
CA ILE IA 44 -15.84 80.53 22.73
C ILE IA 44 -14.48 80.02 22.29
N VAL IA 45 -13.85 80.75 21.35
CA VAL IA 45 -12.54 80.41 20.83
C VAL IA 45 -11.49 81.25 21.54
N GLY IA 46 -10.44 80.57 22.06
CA GLY IA 46 -9.31 81.24 22.68
C GLY IA 46 -9.53 81.51 24.17
N ALA IA 47 -10.56 80.89 24.75
CA ALA IA 47 -10.79 80.94 26.19
C ALA IA 47 -9.85 79.97 26.89
N GLU IA 48 -9.38 80.33 28.08
CA GLU IA 48 -8.49 79.47 28.85
C GLU IA 48 -9.26 78.80 29.99
N ILE IA 49 -9.16 77.47 30.05
CA ILE IA 49 -9.84 76.67 31.06
C ILE IA 49 -8.78 76.14 32.02
N LYS IA 50 -8.99 76.43 33.31
CA LYS IA 50 -8.14 75.92 34.39
C LYS IA 50 -8.90 74.85 35.16
N VAL IA 51 -8.36 73.63 35.16
CA VAL IA 51 -8.85 72.57 36.02
C VAL IA 51 -7.67 72.02 36.82
N GLY IA 52 -7.70 72.21 38.14
CA GLY IA 52 -6.58 71.90 38.99
C GLY IA 52 -5.34 72.67 38.56
N ASP IA 53 -4.26 71.94 38.26
CA ASP IA 53 -2.99 72.53 37.84
C ASP IA 53 -2.94 72.64 36.32
N GLU IA 54 -3.90 72.00 35.64
CA GLU IA 54 -3.89 71.91 34.18
C GLU IA 54 -4.54 73.14 33.56
N GLU IA 55 -4.00 73.54 32.41
CA GLU IA 55 -4.50 74.66 31.62
C GLU IA 55 -4.68 74.21 30.17
N CYS IA 56 -5.73 74.75 29.53
CA CYS IA 56 -6.02 74.49 28.14
C CYS IA 56 -6.67 75.73 27.54
N THR IA 57 -6.17 76.13 26.37
CA THR IA 57 -6.73 77.24 25.62
C THR IA 57 -7.57 76.67 24.47
N THR IA 58 -8.86 77.01 24.46
CA THR IA 58 -9.84 76.37 23.60
C THR IA 58 -9.59 76.71 22.12
N GLY IA 59 -9.81 75.71 21.26
CA GLY IA 59 -9.80 75.89 19.82
C GLY IA 59 -11.20 76.26 19.31
N ASN IA 60 -11.55 75.73 18.14
CA ASN IA 60 -12.82 76.04 17.49
C ASN IA 60 -13.97 75.34 18.21
N ASN IA 61 -13.66 74.21 18.87
CA ASN IA 61 -14.61 73.46 19.65
C ASN IA 61 -15.16 74.31 20.79
N GLY IA 62 -14.28 75.11 21.40
CA GLY IA 62 -14.55 75.70 22.69
C GLY IA 62 -14.54 74.64 23.79
N THR IA 63 -13.95 73.47 23.48
CA THR IA 63 -13.96 72.32 24.36
C THR IA 63 -12.54 71.87 24.65
N CYS IA 64 -12.24 71.65 25.94
CA CYS IA 64 -10.99 71.08 26.40
C CYS IA 64 -11.28 69.76 27.12
N VAL IA 65 -10.43 68.76 26.85
CA VAL IA 65 -10.55 67.46 27.47
C VAL IA 65 -9.38 67.29 28.44
N PHE IA 66 -9.70 66.96 29.70
CA PHE IA 66 -8.71 66.78 30.74
C PHE IA 66 -8.74 65.35 31.26
N GLU IA 67 -7.54 64.76 31.42
CA GLU IA 67 -7.38 63.47 32.06
C GLU IA 67 -6.81 63.71 33.44
N LEU IA 68 -7.59 63.40 34.48
CA LEU IA 68 -7.28 63.78 35.85
C LEU IA 68 -7.34 62.56 36.77
N ARG IA 69 -6.48 62.57 37.81
CA ARG IA 69 -6.53 61.59 38.88
C ARG IA 69 -7.74 61.89 39.76
N PRO IA 70 -8.34 60.88 40.45
CA PRO IA 70 -9.46 61.10 41.34
C PRO IA 70 -9.21 62.23 42.34
N GLY IA 71 -10.27 63.00 42.65
CA GLY IA 71 -10.19 64.10 43.59
C GLY IA 71 -11.17 65.22 43.24
N THR IA 72 -11.20 66.25 44.09
CA THR IA 72 -12.06 67.41 43.88
C THR IA 72 -11.24 68.51 43.20
N TYR IA 73 -11.85 69.12 42.17
CA TYR IA 73 -11.18 70.11 41.33
C TYR IA 73 -12.06 71.35 41.20
N ALA IA 74 -11.41 72.48 40.88
CA ALA IA 74 -12.11 73.72 40.57
C ALA IA 74 -11.90 74.06 39.10
N ILE IA 75 -13.00 74.09 38.34
CA ILE IA 75 -12.98 74.48 36.94
C ILE IA 75 -13.22 75.99 36.87
N SER IA 76 -12.36 76.69 36.12
CA SER IA 76 -12.54 78.11 35.87
C SER IA 76 -12.28 78.41 34.39
N VAL IA 77 -13.26 79.07 33.76
CA VAL IA 77 -13.17 79.46 32.36
C VAL IA 77 -13.05 80.98 32.28
N HIS IA 78 -11.91 81.44 31.73
CA HIS IA 78 -11.62 82.85 31.58
C HIS IA 78 -11.47 83.18 30.09
N GLU IA 79 -11.97 84.35 29.70
CA GLU IA 79 -11.86 84.82 28.32
C GLU IA 79 -11.57 86.32 28.32
N HIS IA 80 -10.85 86.76 27.29
CA HIS IA 80 -10.18 88.05 27.24
C HIS IA 80 -11.15 89.24 27.36
N GLY IA 81 -12.46 88.97 27.26
CA GLY IA 81 -13.48 89.99 27.41
C GLY IA 81 -13.65 90.43 28.87
N GLY IA 82 -13.35 89.52 29.79
CA GLY IA 82 -13.41 89.79 31.22
C GLY IA 82 -14.51 88.99 31.91
N GLN IA 83 -15.01 87.96 31.22
CA GLN IA 83 -16.08 87.11 31.72
C GLN IA 83 -15.49 85.80 32.24
N SER IA 84 -16.07 85.29 33.33
CA SER IA 84 -15.60 84.08 33.97
C SER IA 84 -16.76 83.19 34.40
N ALA IA 85 -16.51 81.88 34.40
CA ALA IA 85 -17.43 80.88 34.91
C ALA IA 85 -16.68 79.88 35.77
N HIS IA 86 -17.30 79.49 36.90
CA HIS IA 86 -16.66 78.60 37.86
C HIS IA 86 -17.59 77.44 38.21
N LYS IA 87 -16.98 76.26 38.39
CA LYS IA 87 -17.70 75.08 38.86
C LYS IA 87 -16.72 74.15 39.56
N GLU IA 88 -17.12 73.65 40.74
CA GLU IA 88 -16.35 72.69 41.50
C GLU IA 88 -16.91 71.29 41.24
N VAL IA 89 -16.01 70.33 40.99
CA VAL IA 89 -16.38 69.00 40.55
C VAL IA 89 -15.55 67.96 41.32
N SER IA 90 -16.24 66.95 41.88
CA SER IA 90 -15.60 65.83 42.54
C SER IA 90 -15.61 64.61 41.61
N LEU IA 91 -14.41 64.15 41.24
CA LEU IA 91 -14.25 63.07 40.29
C LEU IA 91 -13.76 61.81 41.00
N GLU IA 92 -14.42 60.69 40.72
CA GLU IA 92 -14.04 59.37 41.22
C GLU IA 92 -13.13 58.70 40.20
N GLU IA 93 -12.78 57.44 40.46
CA GLU IA 93 -11.95 56.64 39.57
C GLU IA 93 -12.75 56.28 38.32
N GLY IA 94 -12.18 56.57 37.15
CA GLY IA 94 -12.73 56.17 35.87
C GLY IA 94 -14.06 56.84 35.55
N ASN IA 95 -14.23 58.08 36.04
CA ASN IA 95 -15.41 58.87 35.77
C ASN IA 95 -15.26 59.58 34.42
N ILE IA 96 -16.38 59.70 33.70
CA ILE IA 96 -16.44 60.54 32.51
C ILE IA 96 -17.57 61.54 32.71
N LEU IA 97 -17.21 62.83 32.65
CA LEU IA 97 -18.16 63.91 32.86
C LEU IA 97 -17.93 65.00 31.81
N PHE IA 98 -19.03 65.42 31.16
CA PHE IA 98 -19.03 66.58 30.30
C PHE IA 98 -19.61 67.76 31.09
N VAL IA 99 -18.87 68.87 31.11
CA VAL IA 99 -19.30 70.08 31.79
C VAL IA 99 -19.48 71.18 30.74
N SER IA 100 -20.65 71.83 30.78
CA SER IA 100 -20.98 72.89 29.85
C SER IA 100 -21.25 74.18 30.62
N LEU IA 101 -20.38 75.17 30.40
CA LEU IA 101 -20.46 76.45 31.11
C LEU IA 101 -20.70 77.57 30.10
N ASP IA 102 -21.79 78.31 30.32
CA ASP IA 102 -22.13 79.46 29.50
C ASP IA 102 -21.69 80.74 30.21
N LEU IA 103 -21.01 81.61 29.46
CA LEU IA 103 -20.42 82.81 30.03
C LEU IA 103 -21.25 84.04 29.66
N GLY IA 104 -22.41 83.81 29.04
CA GLY IA 104 -23.33 84.88 28.71
C GLY IA 104 -23.02 85.55 27.38
N ALA IA 105 -23.82 86.56 27.03
CA ALA IA 105 -23.77 87.21 25.73
C ALA IA 105 -22.58 88.15 25.65
N LYS IA 106 -22.04 88.55 26.81
CA LYS IA 106 -20.93 89.48 26.88
C LYS IA 106 -19.62 88.78 26.46
N ALA IA 107 -19.67 87.46 26.36
CA ALA IA 107 -18.50 86.65 26.04
C ALA IA 107 -18.41 86.40 24.53
N ARG IA 108 -19.34 87.02 23.77
CA ARG IA 108 -19.43 86.87 22.33
C ARG IA 108 -18.75 88.08 21.68
N HIS IA 109 -17.67 87.81 20.92
CA HIS IA 109 -16.83 88.86 20.37
C HIS IA 109 -16.77 88.75 18.84
N PRO IA 110 -16.83 89.89 18.11
CA PRO IA 110 -16.74 89.89 16.65
C PRO IA 110 -15.49 89.19 16.10
N SER IA 111 -15.69 88.41 15.03
CA SER IA 111 -14.67 87.60 14.37
C SER IA 111 -13.94 86.72 15.40
N TYR JA 26 1.06 42.76 -45.55
CA TYR JA 26 0.43 43.95 -44.92
C TYR JA 26 -0.94 44.21 -45.53
N ASP JA 27 -1.88 44.63 -44.70
CA ASP JA 27 -3.24 44.93 -45.13
C ASP JA 27 -3.49 46.43 -45.05
N VAL JA 28 -3.79 47.02 -46.21
CA VAL JA 28 -4.17 48.41 -46.33
C VAL JA 28 -5.59 48.56 -45.79
N LYS JA 29 -5.71 48.89 -44.50
CA LYS JA 29 -7.00 48.97 -43.84
C LYS JA 29 -7.82 50.09 -44.45
N PRO JA 30 -9.01 49.80 -45.04
CA PRO JA 30 -9.81 50.81 -45.72
C PRO JA 30 -10.38 51.86 -44.78
N ALA JA 31 -10.93 52.93 -45.38
CA ALA JA 31 -11.54 54.03 -44.66
C ALA JA 31 -13.06 53.94 -44.78
N LYS JA 32 -13.76 54.18 -43.66
CA LYS JA 32 -15.21 54.04 -43.60
C LYS JA 32 -15.84 55.43 -43.59
N LEU JA 33 -16.67 55.68 -44.62
CA LEU JA 33 -17.24 56.99 -44.87
C LEU JA 33 -18.75 56.93 -44.65
N TRP JA 34 -19.22 57.74 -43.69
CA TRP JA 34 -20.64 57.89 -43.39
C TRP JA 34 -21.15 59.16 -44.03
N VAL JA 35 -22.14 59.03 -44.92
CA VAL JA 35 -22.69 60.17 -45.63
C VAL JA 35 -24.17 60.31 -45.27
N THR JA 36 -24.51 61.35 -44.51
CA THR JA 36 -25.86 61.59 -44.03
C THR JA 36 -26.46 62.79 -44.76
N ALA JA 37 -27.53 62.52 -45.53
CA ALA JA 37 -28.28 63.53 -46.25
C ALA JA 37 -29.49 63.97 -45.43
N ILE JA 38 -29.60 65.28 -45.20
CA ILE JA 38 -30.69 65.84 -44.41
C ILE JA 38 -31.26 67.07 -45.12
N ALA JA 39 -32.49 67.44 -44.73
CA ALA JA 39 -33.20 68.60 -45.26
C ALA JA 39 -33.71 69.42 -44.08
N ILE JA 40 -32.86 70.32 -43.59
CA ILE JA 40 -33.02 71.06 -42.34
C ILE JA 40 -33.59 70.16 -41.24
N GLY JA 41 -32.91 69.03 -41.01
CA GLY JA 41 -33.22 68.17 -39.87
C GLY JA 41 -33.52 66.72 -40.26
N THR JA 42 -34.59 66.55 -41.04
CA THR JA 42 -35.13 65.22 -41.36
C THR JA 42 -34.29 64.55 -42.44
N PRO JA 43 -34.05 63.22 -42.35
CA PRO JA 43 -33.26 62.50 -43.36
C PRO JA 43 -34.02 62.33 -44.67
N ILE JA 44 -33.31 62.57 -45.79
CA ILE JA 44 -33.90 62.49 -47.11
C ILE JA 44 -33.90 61.04 -47.58
N VAL JA 45 -35.11 60.49 -47.74
CA VAL JA 45 -35.31 59.12 -48.21
C VAL JA 45 -35.38 59.16 -49.73
N GLY JA 46 -34.69 58.19 -50.37
CA GLY JA 46 -34.70 58.05 -51.81
C GLY JA 46 -33.47 58.69 -52.46
N ALA JA 47 -32.88 59.67 -51.77
CA ALA JA 47 -31.70 60.37 -52.24
C ALA JA 47 -30.56 59.38 -52.45
N GLU JA 48 -29.79 59.58 -53.54
CA GLU JA 48 -28.69 58.69 -53.87
C GLU JA 48 -27.35 59.41 -53.71
N ILE JA 49 -26.35 58.68 -53.22
CA ILE JA 49 -25.02 59.18 -52.94
C ILE JA 49 -24.02 58.36 -53.73
N LYS JA 50 -23.16 59.05 -54.51
CA LYS JA 50 -22.11 58.42 -55.29
C LYS JA 50 -20.75 58.97 -54.84
N VAL JA 51 -19.83 58.05 -54.54
CA VAL JA 51 -18.43 58.36 -54.25
C VAL JA 51 -17.57 57.32 -54.97
N GLY JA 52 -16.77 57.80 -55.93
CA GLY JA 52 -15.96 56.93 -56.76
C GLY JA 52 -16.80 56.14 -57.76
N ASP JA 53 -16.70 54.81 -57.71
CA ASP JA 53 -17.44 53.93 -58.59
C ASP JA 53 -18.66 53.36 -57.85
N GLU JA 54 -18.63 53.39 -56.52
CA GLU JA 54 -19.67 52.79 -55.71
C GLU JA 54 -20.84 53.76 -55.55
N GLU JA 55 -22.03 53.29 -55.92
CA GLU JA 55 -23.24 54.11 -55.93
C GLU JA 55 -24.21 53.57 -54.88
N CYS JA 56 -24.50 54.40 -53.88
CA CYS JA 56 -25.43 54.06 -52.83
C CYS JA 56 -26.71 54.90 -52.97
N THR JA 57 -27.81 54.37 -52.46
CA THR JA 57 -29.10 55.05 -52.43
C THR JA 57 -29.77 54.81 -51.08
N THR JA 58 -30.04 55.90 -50.35
CA THR JA 58 -30.39 55.88 -48.93
C THR JA 58 -31.81 55.37 -48.72
N GLY JA 59 -32.01 54.65 -47.60
CA GLY JA 59 -33.32 54.21 -47.15
C GLY JA 59 -33.93 55.21 -46.17
N ASN JA 60 -34.71 54.70 -45.21
CA ASN JA 60 -35.37 55.52 -44.19
C ASN JA 60 -34.33 56.12 -43.24
N ASN JA 61 -33.21 55.40 -43.10
CA ASN JA 61 -32.09 55.78 -42.27
C ASN JA 61 -31.49 57.08 -42.79
N GLY JA 62 -31.30 57.15 -44.12
CA GLY JA 62 -30.84 58.34 -44.80
C GLY JA 62 -29.32 58.50 -44.72
N THR JA 63 -28.61 57.36 -44.72
CA THR JA 63 -27.15 57.34 -44.58
C THR JA 63 -26.58 56.19 -45.42
N CYS JA 64 -25.39 56.44 -45.99
CA CYS JA 64 -24.66 55.45 -46.76
C CYS JA 64 -23.28 55.23 -46.14
N VAL JA 65 -22.95 53.98 -45.86
CA VAL JA 65 -21.65 53.60 -45.33
C VAL JA 65 -20.81 53.07 -46.49
N PHE JA 66 -19.70 53.77 -46.78
CA PHE JA 66 -18.78 53.38 -47.82
C PHE JA 66 -17.47 52.91 -47.21
N GLU JA 67 -16.83 51.94 -47.88
CA GLU JA 67 -15.50 51.48 -47.51
C GLU JA 67 -14.59 51.67 -48.73
N LEU JA 68 -13.62 52.58 -48.60
CA LEU JA 68 -12.87 53.08 -49.74
C LEU JA 68 -11.37 52.84 -49.53
N ARG JA 69 -10.67 52.58 -50.64
CA ARG JA 69 -9.21 52.55 -50.67
C ARG JA 69 -8.70 53.95 -50.37
N PRO JA 70 -7.61 54.11 -49.58
CA PRO JA 70 -7.08 55.43 -49.25
C PRO JA 70 -6.89 56.27 -50.51
N GLY JA 71 -7.25 57.56 -50.42
CA GLY JA 71 -7.13 58.48 -51.54
C GLY JA 71 -8.06 59.68 -51.40
N THR JA 72 -8.26 60.40 -52.51
CA THR JA 72 -9.13 61.56 -52.56
C THR JA 72 -10.39 61.21 -53.35
N TYR JA 73 -11.55 61.50 -52.75
CA TYR JA 73 -12.85 61.13 -53.31
C TYR JA 73 -13.79 62.32 -53.27
N ALA JA 74 -14.62 62.44 -54.32
CA ALA JA 74 -15.65 63.45 -54.40
C ALA JA 74 -17.00 62.85 -54.06
N ILE JA 75 -17.78 63.58 -53.25
CA ILE JA 75 -19.08 63.14 -52.76
C ILE JA 75 -20.16 63.98 -53.43
N SER JA 76 -21.17 63.30 -54.00
CA SER JA 76 -22.30 63.94 -54.64
C SER JA 76 -23.60 63.35 -54.12
N VAL JA 77 -24.53 64.22 -53.71
CA VAL JA 77 -25.81 63.81 -53.16
C VAL JA 77 -26.91 64.34 -54.06
N HIS JA 78 -27.40 63.48 -54.97
CA HIS JA 78 -28.41 63.84 -55.94
C HIS JA 78 -29.77 63.24 -55.56
N GLU JA 79 -30.85 63.96 -55.92
CA GLU JA 79 -32.20 63.67 -55.47
C GLU JA 79 -33.15 63.67 -56.67
N HIS JA 80 -34.36 63.16 -56.46
CA HIS JA 80 -35.43 63.19 -57.45
C HIS JA 80 -36.00 64.60 -57.58
N GLY JA 81 -35.91 65.38 -56.49
CA GLY JA 81 -36.51 66.70 -56.42
C GLY JA 81 -35.59 67.80 -56.95
N GLY JA 82 -34.55 67.40 -57.70
CA GLY JA 82 -33.64 68.33 -58.36
C GLY JA 82 -32.91 69.24 -57.38
N GLN JA 83 -32.26 68.64 -56.38
CA GLN JA 83 -31.47 69.35 -55.39
C GLN JA 83 -30.26 68.49 -55.00
N SER JA 84 -29.07 69.10 -55.04
CA SER JA 84 -27.83 68.38 -54.80
C SER JA 84 -26.90 69.17 -53.87
N ALA JA 85 -26.01 68.43 -53.19
CA ALA JA 85 -24.93 69.00 -52.41
C ALA JA 85 -23.63 68.27 -52.75
N HIS JA 86 -22.53 69.04 -52.83
CA HIS JA 86 -21.25 68.51 -53.25
C HIS JA 86 -20.19 68.78 -52.17
N LYS JA 87 -19.24 67.84 -52.04
CA LYS JA 87 -18.09 67.97 -51.15
C LYS JA 87 -17.04 66.93 -51.54
N GLU JA 88 -15.81 67.13 -51.05
CA GLU JA 88 -14.69 66.25 -51.38
C GLU JA 88 -13.84 65.99 -50.14
N VAL JA 89 -13.41 64.74 -49.99
CA VAL JA 89 -12.66 64.28 -48.81
C VAL JA 89 -11.46 63.46 -49.28
N SER JA 90 -10.31 63.67 -48.61
CA SER JA 90 -9.11 62.89 -48.81
C SER JA 90 -8.87 61.99 -47.60
N LEU JA 91 -9.12 60.69 -47.78
CA LEU JA 91 -9.07 59.72 -46.69
C LEU JA 91 -7.73 58.99 -46.71
N GLU JA 92 -7.06 58.99 -45.56
CA GLU JA 92 -5.83 58.26 -45.33
C GLU JA 92 -6.18 56.79 -45.07
N GLU JA 93 -5.24 56.05 -44.48
CA GLU JA 93 -5.48 54.65 -44.14
C GLU JA 93 -6.25 54.56 -42.82
N GLY JA 94 -7.27 53.71 -42.81
CA GLY JA 94 -8.04 53.36 -41.62
C GLY JA 94 -8.70 54.58 -40.97
N ASN JA 95 -9.32 55.42 -41.78
CA ASN JA 95 -10.00 56.62 -41.29
C ASN JA 95 -11.49 56.36 -41.16
N ILE JA 96 -12.11 56.99 -40.16
CA ILE JA 96 -13.56 57.02 -40.01
C ILE JA 96 -13.98 58.48 -39.95
N LEU JA 97 -14.80 58.89 -40.94
CA LEU JA 97 -15.33 60.24 -40.99
C LEU JA 97 -16.82 60.21 -41.30
N PHE JA 98 -17.59 60.91 -40.47
CA PHE JA 98 -19.02 61.10 -40.65
C PHE JA 98 -19.25 62.44 -41.33
N VAL JA 99 -19.98 62.42 -42.46
CA VAL JA 99 -20.26 63.61 -43.24
C VAL JA 99 -21.76 63.88 -43.21
N SER JA 100 -22.12 65.10 -42.78
CA SER JA 100 -23.51 65.54 -42.75
C SER JA 100 -23.70 66.70 -43.73
N LEU JA 101 -24.60 66.47 -44.71
CA LEU JA 101 -24.88 67.47 -45.74
C LEU JA 101 -26.36 67.82 -45.72
N ASP JA 102 -26.65 69.08 -45.35
CA ASP JA 102 -28.01 69.57 -45.30
C ASP JA 102 -28.34 70.26 -46.62
N LEU JA 103 -29.21 69.63 -47.41
CA LEU JA 103 -29.51 70.06 -48.76
C LEU JA 103 -30.51 71.22 -48.76
N GLY JA 104 -31.26 71.37 -47.67
CA GLY JA 104 -32.17 72.49 -47.50
C GLY JA 104 -33.63 72.09 -47.63
N ALA JA 105 -34.52 73.07 -47.45
CA ALA JA 105 -35.96 72.85 -47.34
C ALA JA 105 -36.56 72.43 -48.68
N LYS JA 106 -35.84 72.69 -49.77
CA LYS JA 106 -36.33 72.43 -51.12
C LYS JA 106 -36.22 70.93 -51.43
N ALA JA 107 -35.43 70.22 -50.62
CA ALA JA 107 -35.26 68.79 -50.75
C ALA JA 107 -36.17 68.06 -49.75
N ARG JA 108 -37.44 68.49 -49.70
CA ARG JA 108 -38.41 67.97 -48.75
C ARG JA 108 -39.80 68.01 -49.40
N HIS JA 109 -40.33 66.81 -49.69
CA HIS JA 109 -41.62 66.66 -50.36
C HIS JA 109 -42.58 65.87 -49.46
N PRO JA 110 -43.91 66.11 -49.54
CA PRO JA 110 -44.89 65.40 -48.71
C PRO JA 110 -44.83 63.88 -48.82
N SER JA 111 -45.07 63.20 -47.68
CA SER JA 111 -45.01 61.75 -47.52
C SER JA 111 -43.74 61.19 -48.17
FE HEC KA . -52.31 -43.66 7.21
CHA HEC KA . -53.50 -45.11 9.98
CHB HEC KA . -49.84 -46.08 6.97
CHC HEC KA . -51.41 -42.56 4.01
CHD HEC KA . -54.18 -40.92 7.63
NA HEC KA . -51.75 -45.27 8.25
C1A HEC KA . -52.41 -45.71 9.38
C2A HEC KA . -51.80 -46.90 9.84
C3A HEC KA . -50.76 -47.18 8.99
C4A HEC KA . -50.74 -46.16 8.01
CMA HEC KA . -49.80 -48.35 9.07
CAA HEC KA . -52.22 -47.70 11.06
CBA HEC KA . -53.20 -48.81 10.71
CGA HEC KA . -53.66 -49.46 11.99
O1A HEC KA . -54.05 -48.75 12.95
O2A HEC KA . -53.64 -50.70 12.11
NB HEC KA . -50.89 -44.22 5.77
C1B HEC KA . -50.01 -45.22 5.90
C2B HEC KA . -49.21 -45.32 4.72
C3B HEC KA . -49.63 -44.34 3.88
C4B HEC KA . -50.72 -43.63 4.57
CMB HEC KA . -48.10 -46.33 4.47
CAB HEC KA . -49.12 -44.04 2.52
CBB HEC KA . -49.33 -44.88 1.52
NC HEC KA . -52.72 -42.03 6.00
C1C HEC KA . -52.28 -41.76 4.74
C2C HEC KA . -52.84 -40.55 4.30
C3C HEC KA . -53.63 -40.06 5.34
C4C HEC KA . -53.55 -41.02 6.42
CMC HEC KA . -52.59 -39.90 2.97
CAC HEC KA . -54.40 -38.80 5.30
CBC HEC KA . -54.63 -38.09 6.39
ND HEC KA . -53.56 -43.13 8.51
C1D HEC KA . -54.23 -41.98 8.54
C2D HEC KA . -55.10 -41.94 9.73
C3D HEC KA . -54.91 -43.10 10.37
C4D HEC KA . -53.93 -43.85 9.59
CMD HEC KA . -56.03 -40.81 10.13
CAD HEC KA . -55.58 -43.53 11.65
CBD HEC KA . -56.86 -44.33 11.40
CGD HEC KA . -57.48 -44.69 12.74
O1D HEC KA . -58.47 -44.05 13.16
O2D HEC KA . -57.00 -45.63 13.43
FE HEC LA . -44.51 -48.16 10.49
CHA HEC LA . -45.92 -49.89 12.96
CHB HEC LA . -47.16 -45.93 10.51
CHC HEC LA . -42.81 -46.00 8.31
CHD HEC LA . -42.04 -50.41 10.12
NA HEC LA . -46.21 -47.93 11.51
C1A HEC LA . -46.62 -48.80 12.50
C2A HEC LA . -47.89 -48.37 13.00
C3A HEC LA . -48.22 -47.26 12.29
C4A HEC LA . -47.18 -46.98 11.39
CMA HEC LA . -49.48 -46.43 12.46
CAA HEC LA . -48.76 -49.02 14.07
CBA HEC LA . -48.10 -49.19 15.44
CGA HEC LA . -48.21 -47.91 16.21
O1A HEC LA . -47.22 -47.48 16.84
O2A HEC LA . -49.30 -47.29 16.22
NB HEC LA . -44.91 -46.32 9.58
C1B HEC LA . -46.04 -45.61 9.73
C2B HEC LA . -45.97 -44.41 8.98
C3B HEC LA . -44.76 -44.40 8.35
C4B HEC LA . -44.08 -45.66 8.76
CMB HEC LA . -47.03 -43.35 8.87
CAB HEC LA . -44.24 -43.36 7.46
CBB HEC LA . -43.75 -42.24 7.99
NC HEC LA . -42.70 -48.16 9.46
C1C HEC LA . -42.29 -47.28 8.49
C2C HEC LA . -41.27 -47.87 7.72
C3C HEC LA . -41.05 -49.13 8.23
C4C HEC LA . -41.96 -49.30 9.32
CMC HEC LA . -40.55 -47.24 6.55
CAC HEC LA . -40.07 -50.12 7.71
CBC HEC LA . -38.77 -49.95 7.93
ND HEC LA . -44.08 -49.77 11.34
C1D HEC LA . -43.02 -50.58 11.11
C2D HEC LA . -43.04 -51.73 12.02
C3D HEC LA . -44.13 -51.57 12.81
C4D HEC LA . -44.77 -50.33 12.36
CMD HEC LA . -42.06 -52.88 12.07
CAD HEC LA . -44.63 -52.49 13.90
CBD HEC LA . -45.75 -53.33 13.28
CGD HEC LA . -46.45 -54.24 14.26
O1D HEC LA . -46.92 -55.32 13.84
O2D HEC LA . -46.59 -53.94 15.47
FE HEC MA . -33.82 -51.30 7.09
CHA HEC MA . -31.34 -49.15 7.40
CHB HEC MA . -33.72 -51.98 10.46
CHC HEC MA . -36.97 -52.77 6.91
CHD HEC MA . -33.60 -51.38 3.73
NA HEC MA . -32.78 -50.66 8.65
C1A HEC MA . -31.68 -49.85 8.53
C2A HEC MA . -30.98 -49.82 9.75
C3A HEC MA . -31.66 -50.61 10.62
C4A HEC MA . -32.78 -51.13 9.94
CMA HEC MA . -31.29 -50.90 12.06
CAA HEC MA . -29.71 -49.06 10.03
CBA HEC MA . -30.10 -47.65 10.46
CGA HEC MA . -28.89 -46.78 10.75
O1A HEC MA . -29.06 -45.59 11.16
O2A HEC MA . -27.74 -47.22 10.58
NB HEC MA . -35.12 -52.21 8.45
C1B HEC MA . -34.86 -52.37 9.74
C2B HEC MA . -35.95 -53.03 10.37
C3B HEC MA . -36.88 -53.28 9.40
C4B HEC MA . -36.32 -52.73 8.15
CMB HEC MA . -36.05 -53.38 11.83
CAB HEC MA . -38.19 -53.92 9.57
CBB HEC MA . -39.27 -53.18 9.83
NC HEC MA . -35.10 -51.93 5.58
C1C HEC MA . -36.29 -52.60 5.72
C2C HEC MA . -36.69 -53.08 4.45
C3C HEC MA . -35.71 -52.68 3.54
C4C HEC MA . -34.73 -51.96 4.28
CMC HEC MA . -37.93 -53.88 4.17
CAC HEC MA . -35.69 -52.96 2.08
CBC HEC MA . -36.03 -52.04 1.19
ND HEC MA . -32.72 -50.45 5.84
C1D HEC MA . -32.75 -50.57 4.49
C2D HEC MA . -31.71 -49.70 3.89
C3D HEC MA . -31.08 -49.08 4.91
C4D HEC MA . -31.74 -49.57 6.14
CMD HEC MA . -31.41 -49.54 2.41
CAD HEC MA . -29.94 -48.08 4.85
CBD HEC MA . -28.62 -48.72 5.24
CGD HEC MA . -27.95 -49.18 3.97
O1D HEC MA . -27.40 -48.33 3.23
O2D HEC MA . -27.94 -50.40 3.66
FE HEC NA . -30.91 -55.47 14.92
CHA HEC NA . -28.10 -53.80 14.18
CHB HEC NA . -31.82 -55.45 11.57
CHC HEC NA . -33.55 -57.70 15.51
CHD HEC NA . -30.21 -55.48 18.21
NA HEC NA . -30.14 -54.80 13.21
C1A HEC NA . -28.98 -54.05 13.15
C2A HEC NA . -28.81 -53.58 11.83
C3A HEC NA . -29.86 -54.06 11.09
C4A HEC NA . -30.68 -54.80 11.95
CMA HEC NA . -30.11 -53.81 9.62
CAA HEC NA . -27.66 -52.74 11.33
CBA HEC NA . -26.70 -53.72 10.65
CGA HEC NA . -25.31 -53.16 10.62
O1A HEC NA . -24.55 -53.31 11.61
O2A HEC NA . -24.95 -52.54 9.60
NB HEC NA . -32.39 -56.40 13.76
C1B HEC NA . -32.55 -56.26 12.44
C2B HEC NA . -33.64 -57.04 11.97
C3B HEC NA . -34.15 -57.68 13.06
C4B HEC NA . -33.32 -57.25 14.21
CMB HEC NA . -34.13 -57.14 10.56
CAB HEC NA . -35.28 -58.62 13.11
CBB HEC NA . -35.10 -59.88 12.77
NC HEC NA . -31.75 -56.44 16.55
C1C HEC NA . -32.85 -57.24 16.62
C2C HEC NA . -33.16 -57.52 17.96
C3C HEC NA . -32.19 -56.88 18.73
C4C HEC NA . -31.31 -56.22 17.83
CMC HEC NA . -34.31 -58.36 18.47
CAC HEC NA . -32.08 -56.89 20.20
CBC HEC NA . -31.91 -58.03 20.87
ND HEC NA . -29.50 -54.80 15.95
C1D HEC NA . -29.35 -54.90 17.28
C2D HEC NA . -28.08 -54.26 17.70
C3D HEC NA . -27.51 -53.80 16.58
C4D HEC NA . -28.41 -54.15 15.49
CMD HEC NA . -27.54 -54.16 19.10
CAD HEC NA . -26.18 -53.09 16.44
CBD HEC NA . -25.16 -54.24 16.31
CGD HEC NA . -23.80 -53.86 15.78
O1D HEC NA . -23.14 -52.92 16.29
O2D HEC NA . -23.30 -54.51 14.82
FE HEC OA . -33.88 -61.74 24.89
CHA HEC OA . -34.13 -65.07 24.95
CHB HEC OA . -30.52 -61.91 25.57
CHC HEC OA . -33.54 -58.35 24.20
CHD HEC OA . -37.23 -61.35 25.14
NA HEC OA . -32.56 -63.19 25.19
C1A HEC OA . -32.89 -64.53 25.18
C2A HEC OA . -31.71 -65.28 25.42
C3A HEC OA . -30.69 -64.40 25.59
C4A HEC OA . -31.22 -63.09 25.46
CMA HEC OA . -29.24 -64.72 25.87
CAA HEC OA . -31.63 -66.80 25.47
CBA HEC OA . -32.07 -67.32 26.85
CGA HEC OA . -31.93 -68.83 26.93
O1A HEC OA . -32.47 -69.44 27.88
O2A HEC OA . -31.28 -69.47 26.07
NB HEC OA . -32.31 -60.38 24.88
C1B HEC OA . -31.05 -60.67 25.18
C2B HEC OA . -30.23 -59.51 25.08
C3B HEC OA . -31.05 -58.48 24.69
C4B HEC OA . -32.40 -59.08 24.58
CMB HEC OA . -28.75 -59.44 25.34
CAB HEC OA . -30.68 -57.07 24.45
CBB HEC OA . -29.93 -56.72 23.40
NC HEC OA . -35.14 -60.11 24.69
C1C HEC OA . -34.82 -58.82 24.41
C2C HEC OA . -36.00 -58.05 24.37
C3C HEC OA . -37.06 -58.91 24.63
C4C HEC OA . -36.51 -60.21 24.83
CMC HEC OA . -36.08 -56.58 24.09
CAC HEC OA . -38.49 -58.56 24.68
CBC HEC OA . -39.12 -58.04 23.63
ND HEC OA . -35.35 -62.94 25.02
C1D HEC OA . -36.66 -62.63 25.12
C2D HEC OA . -37.49 -63.86 25.19
C3D HEC OA . -36.61 -64.89 25.13
C4D HEC OA . -35.28 -64.28 25.03
CMD HEC OA . -38.99 -63.89 25.30
CAD HEC OA . -36.82 -66.40 25.16
CBD HEC OA . -38.20 -66.94 25.55
CGD HEC OA . -38.21 -68.44 25.33
O1D HEC OA . -38.59 -68.92 24.24
O2D HEC OA . -37.81 -69.22 26.24
FE HEC PA . -25.88 -62.45 30.32
CHA HEC PA . -26.38 -65.63 31.06
CHB HEC PA . -29.16 -62.06 29.39
CHC HEC PA . -25.56 -59.00 30.58
CHD HEC PA . -22.53 -62.76 30.41
NA HEC PA . -27.49 -63.59 30.27
C1A HEC PA . -27.43 -64.94 30.51
C2A HEC PA . -28.67 -65.50 30.14
C3A HEC PA . -29.47 -64.50 29.67
C4A HEC PA . -28.72 -63.31 29.76
CMA HEC PA . -30.88 -64.63 29.15
CAA HEC PA . -29.04 -66.97 30.23
CBA HEC PA . -28.58 -67.63 28.93
CGA HEC PA . -28.70 -69.12 28.97
O1A HEC PA . -28.09 -69.79 28.11
O2A HEC PA . -29.40 -69.70 29.84
NB HEC PA . -27.14 -60.82 30.03
C1B HEC PA . -28.42 -60.91 29.66
C2B HEC PA . -28.98 -59.61 29.58
C3B HEC PA . -27.98 -58.73 29.91
C4B HEC PA . -26.79 -59.54 30.21
CMB HEC PA . -30.39 -59.29 29.19
CAB HEC PA . -28.08 -57.26 29.98
CBB HEC PA . -28.68 -56.68 31.02
NC HEC PA . -24.31 -61.09 30.53
C1C HEC PA . -24.37 -59.73 30.45
C2C HEC PA . -23.07 -59.22 30.26
C3C HEC PA . -22.22 -60.31 30.20
C4C HEC PA . -23.00 -61.48 30.38
CMC HEC PA . -22.69 -57.77 30.12
CAC HEC PA . -20.75 -60.26 30.00
CBC HEC PA . -19.93 -59.92 30.99
ND HEC PA . -24.72 -63.88 30.66
C1D HEC PA . -23.36 -63.85 30.69
C2D HEC PA . -22.84 -65.20 31.03
C3D HEC PA . -23.92 -65.98 31.20
C4D HEC PA . -25.09 -65.14 30.97
CMD HEC PA . -21.40 -65.61 31.17
CAD HEC PA . -23.94 -67.44 31.57
CBD HEC PA . -23.94 -68.29 30.30
CGD HEC PA . -23.58 -69.71 30.66
O1D HEC PA . -24.44 -70.61 30.52
O2D HEC PA . -22.44 -69.99 31.12
FE HEC QA . -15.61 -57.91 34.38
CHA HEC QA . -15.50 -56.31 37.26
CHB HEC QA . -15.91 -60.94 35.99
CHC HEC QA . -16.52 -59.46 31.40
CHD HEC QA . -14.55 -55.22 32.66
NA HEC QA . -15.65 -58.54 36.25
C1A HEC QA . -15.68 -57.68 37.32
C2A HEC QA . -15.90 -58.41 38.50
C3A HEC QA . -16.02 -59.71 38.15
C4A HEC QA . -15.86 -59.79 36.75
CMA HEC QA . -16.27 -60.85 39.11
CAA HEC QA . -16.01 -57.87 39.90
CBA HEC QA . -14.74 -57.19 40.39
CGA HEC QA . -13.90 -58.18 41.17
O1A HEC QA . -14.39 -58.82 42.12
O2A HEC QA . -12.68 -58.32 40.87
NB HEC QA . -16.11 -59.86 33.79
C1B HEC QA . -16.18 -60.91 34.62
C2B HEC QA . -16.57 -62.07 33.88
C3B HEC QA . -16.74 -61.69 32.58
C4B HEC QA . -16.44 -60.24 32.55
CMB HEC QA . -16.74 -63.47 34.44
CAB HEC QA . -17.14 -62.56 31.46
CBB HEC QA . -18.36 -63.09 31.41
NC HEC QA . -15.59 -57.43 32.36
C1C HEC QA . -15.93 -58.20 31.30
C2C HEC QA . -15.60 -57.52 30.11
C3C HEC QA . -15.04 -56.30 30.47
C4C HEC QA . -15.03 -56.26 31.89
CMC HEC QA . -15.81 -58.03 28.70
CAC HEC QA . -14.52 -55.25 29.57
CBC HEC QA . -15.32 -54.57 28.75
ND HEC QA . -15.13 -56.16 34.85
C1D HEC QA . -14.71 -55.16 34.05
C2D HEC QA . -14.43 -53.95 34.83
C3D HEC QA . -14.69 -54.26 36.11
C4D HEC QA . -15.13 -55.66 36.10
CMD HEC QA . -13.94 -52.62 34.29
CAD HEC QA . -14.56 -53.37 37.33
CBD HEC QA . -13.23 -53.67 38.04
CGD HEC QA . -13.19 -53.25 39.49
O1D HEC QA . -14.18 -53.36 40.24
O2D HEC QA . -12.13 -52.77 39.99
S SO4 RA . -4.96 -74.90 37.82
O1 SO4 RA . -5.33 -76.26 38.28
O2 SO4 RA . -4.11 -75.01 36.61
O3 SO4 RA . -4.20 -74.21 38.90
O4 SO4 RA . -6.18 -74.14 37.50
S SO4 SA . -50.98 -73.68 59.07
O1 SO4 SA . -49.79 -74.33 58.49
O2 SO4 SA . -51.74 -74.64 59.89
O3 SO4 SA . -50.57 -72.53 59.91
O4 SO4 SA . -51.82 -73.17 57.97
S SO4 TA . -21.04 -70.95 16.94
O1 SO4 TA . -20.82 -72.35 16.50
O2 SO4 TA . -19.73 -70.25 16.98
O3 SO4 TA . -21.95 -70.27 15.99
O4 SO4 TA . -21.65 -70.97 18.29
S SO4 UA . -16.65 -64.95 19.15
O1 SO4 UA . -16.53 -66.19 18.35
O2 SO4 UA . -15.36 -64.65 19.81
O3 SO4 UA . -17.00 -63.83 18.24
O4 SO4 UA . -17.71 -65.12 20.18
S SO4 VA . -70.55 -38.96 49.77
O1 SO4 VA . -70.70 -40.33 49.25
O2 SO4 VA . -69.31 -38.33 49.29
O3 SO4 VA . -71.72 -38.18 49.28
O4 SO4 VA . -70.50 -38.99 51.26
S SO4 WA . -57.66 -87.49 35.74
O1 SO4 WA . -57.96 -88.62 34.84
O2 SO4 WA . -56.21 -87.21 35.74
O3 SO4 WA . -58.43 -86.31 35.25
O4 SO4 WA . -58.10 -87.82 37.11
C1 GOL XA . -69.83 -61.75 45.72
O1 GOL XA . -69.95 -61.51 44.30
C2 GOL XA . -68.61 -61.04 46.29
O2 GOL XA . -67.40 -61.43 45.61
C3 GOL XA . -68.45 -61.38 47.77
O3 GOL XA . -68.54 -60.19 48.60
C1 GOL YA . -39.90 -90.36 41.90
O1 GOL YA . -39.40 -90.65 43.21
C2 GOL YA . -39.87 -91.61 41.05
O2 GOL YA . -39.91 -92.75 41.90
C3 GOL YA . -41.11 -91.67 40.18
O3 GOL YA . -40.95 -92.75 39.26
FE HEC ZA . -41.97 -65.93 29.41
CHA HEC ZA . -39.17 -67.78 29.07
CHB HEC ZA . -43.82 -68.30 28.06
CHC HEC ZA . -44.68 -64.38 30.96
CHD HEC ZA . -40.24 -63.09 29.56
NA HEC ZA . -41.64 -67.74 28.92
C1A HEC ZA . -40.42 -68.50 29.33
C2A HEC ZA . -40.55 -69.85 28.61
C3A HEC ZA . -41.89 -69.97 28.34
C4A HEC ZA . -42.53 -68.65 28.48
CMA HEC ZA . -42.65 -71.16 27.88
CAA HEC ZA . -39.51 -70.90 28.38
CBA HEC ZA . -39.03 -71.45 29.72
CGA HEC ZA . -39.77 -72.48 30.54
O1A HEC ZA . -39.21 -72.86 31.56
O2A HEC ZA . -40.94 -72.91 30.16
NB HEC ZA . -43.80 -66.38 29.56
C1B HEC ZA . -44.45 -67.25 28.68
C2B HEC ZA . -45.90 -67.01 28.73
C3B HEC ZA . -46.13 -66.18 29.78
C4B HEC ZA . -44.81 -65.86 30.48
CMB HEC ZA . -46.90 -67.87 28.06
CAB HEC ZA . -47.43 -65.59 30.14
CBB HEC ZA . -48.40 -66.52 30.86
NC HEC ZA . -42.43 -64.12 29.86
C1C HEC ZA . -43.53 -63.61 30.38
C2C HEC ZA . -43.54 -62.11 30.28
C3C HEC ZA . -42.36 -61.73 29.76
C4C HEC ZA . -41.67 -62.99 29.26
CMC HEC ZA . -44.76 -61.29 30.49
CAC HEC ZA . -41.98 -60.41 29.19
CBC HEC ZA . -41.76 -59.29 30.19
ND HEC ZA . -40.14 -65.49 29.04
C1D HEC ZA . -39.56 -64.23 29.27
C2D HEC ZA . -38.13 -64.34 28.99
C3D HEC ZA . -37.81 -65.69 29.09
C4D HEC ZA . -39.07 -66.42 29.20
CMD HEC ZA . -37.21 -63.22 28.66
CAD HEC ZA . -36.50 -66.34 28.78
CBD HEC ZA . -35.51 -66.27 29.96
CGD HEC ZA . -34.36 -67.35 29.83
O1D HEC ZA . -34.57 -68.33 29.04
O2D HEC ZA . -33.30 -67.20 30.49
FE HEC AB . -24.97 -21.70 -60.66
CHA HEC AB . -23.50 -23.57 -62.99
CHB HEC AB . -23.39 -18.87 -61.89
CHC HEC AB . -26.97 -19.62 -58.65
CHD HEC AB . -26.08 -24.37 -58.95
NA HEC AB . -23.69 -21.29 -62.13
C1A HEC AB . -23.21 -22.23 -63.00
C2A HEC AB . -22.37 -21.60 -63.94
C3A HEC AB . -22.33 -20.28 -63.63
C4A HEC AB . -23.16 -20.08 -62.51
CMA HEC AB . -21.56 -19.20 -64.35
CAA HEC AB . -21.61 -22.27 -65.08
CBA HEC AB . -22.40 -22.25 -66.39
CGA HEC AB . -21.66 -23.10 -67.40
O1A HEC AB . -21.27 -24.26 -67.11
O2A HEC AB . -21.43 -22.68 -68.56
NB HEC AB . -25.14 -19.63 -60.33
C1B HEC AB . -24.40 -18.70 -60.93
C2B HEC AB . -24.78 -17.41 -60.48
C3B HEC AB . -25.78 -17.59 -59.56
C4B HEC AB . -26.00 -19.04 -59.49
CMB HEC AB . -24.19 -16.08 -60.92
CAB HEC AB . -26.52 -16.55 -58.82
CBB HEC AB . -27.36 -15.73 -59.45
NC HEC AB . -26.30 -21.93 -59.08
C1C HEC AB . -27.01 -20.98 -58.40
C2C HEC AB . -27.80 -21.60 -57.41
C3C HEC AB . -27.55 -22.97 -57.49
C4C HEC AB . -26.60 -23.17 -58.55
CMC HEC AB . -28.74 -20.92 -56.45
CAC HEC AB . -28.19 -23.99 -56.62
CBC HEC AB . -27.57 -25.12 -56.27
ND HEC AB . -24.83 -23.55 -60.91
C1D HEC AB . -25.33 -24.52 -60.12
C2D HEC AB . -24.98 -25.84 -60.66
C3D HEC AB . -24.28 -25.63 -61.78
C4D HEC AB . -24.18 -24.16 -61.93
CMD HEC AB . -25.35 -27.19 -60.07
CAD HEC AB . -23.67 -26.66 -62.70
CBD HEC AB . -24.62 -27.05 -63.82
CGD HEC AB . -23.92 -28.12 -64.64
O1D HEC AB . -24.27 -29.32 -64.52
O2D HEC AB . -23.01 -27.81 -65.43
FE HEC BB . -17.13 -16.55 -62.51
CHA HEC BB . -15.99 -18.28 -65.12
CHB HEC BB . -19.01 -19.28 -61.49
CHC HEC BB . -17.94 -14.97 -59.49
CHD HEC BB . -15.65 -13.70 -63.55
NA HEC BB . -17.45 -18.40 -63.15
C1A HEC BB . -16.88 -18.92 -64.29
C2A HEC BB . -17.33 -20.25 -64.47
C3A HEC BB . -18.19 -20.52 -63.45
C4A HEC BB . -18.25 -19.38 -62.62
CMA HEC BB . -18.92 -21.82 -63.23
CAA HEC BB . -17.00 -21.20 -65.61
CBA HEC BB . -15.51 -21.51 -65.77
CGA HEC BB . -15.11 -22.59 -64.81
O1A HEC BB . -14.04 -22.45 -64.16
O2A HEC BB . -15.83 -23.61 -64.64
NB HEC BB . -18.26 -17.03 -60.81
C1B HEC BB . -18.92 -18.18 -60.62
C2B HEC BB . -19.57 -18.17 -59.35
C3B HEC BB . -19.28 -16.97 -58.78
C4B HEC BB . -18.43 -16.24 -59.74
CMB HEC BB . -20.42 -19.26 -58.75
CAB HEC BB . -19.72 -16.51 -57.47
CBB HEC BB . -19.11 -16.94 -56.37
NC HEC BB . -16.79 -14.69 -61.62
C1C HEC BB . -17.35 -14.20 -60.48
C2C HEC BB . -17.25 -12.79 -60.47
C3C HEC BB . -16.59 -12.43 -61.64
C4C HEC BB . -16.32 -13.63 -62.35
CMC HEC BB . -17.75 -11.87 -59.38
CAC HEC BB . -16.28 -11.04 -62.06
CBC HEC BB . -15.31 -10.34 -61.46
ND HEC BB . -16.07 -16.09 -63.99
C1D HEC BB . -15.52 -14.89 -64.26
C2D HEC BB . -14.73 -14.96 -65.51
C3D HEC BB . -14.83 -16.24 -65.93
C4D HEC BB . -15.68 -16.94 -64.96
CMD HEC BB . -13.96 -13.86 -66.17
CAD HEC BB . -14.22 -16.84 -67.18
CBD HEC BB . -15.34 -16.89 -68.22
CGD HEC BB . -14.97 -17.59 -69.50
O1D HEC BB . -15.49 -17.19 -70.57
O2D HEC BB . -14.17 -18.55 -69.52
FE HEC CB . -12.70 -5.89 -60.66
CHA HEC CB . -11.09 -5.31 -57.87
CHB HEC CB . -10.00 -7.58 -61.97
CHC HEC CB . -14.71 -7.32 -63.15
CHD HEC CB . -15.14 -3.70 -59.97
NA HEC CB . -10.90 -6.41 -60.03
C1A HEC CB . -10.38 -5.94 -58.87
C2A HEC CB . -9.00 -6.21 -58.83
C3A HEC CB . -8.68 -6.86 -59.99
C4A HEC CB . -9.88 -6.98 -60.73
CMA HEC CB . -7.32 -7.36 -60.40
CAA HEC CB . -8.03 -5.85 -57.72
CBA HEC CB . -8.08 -6.97 -56.68
CGA HEC CB . -7.17 -6.69 -55.51
O1A HEC CB . -7.06 -7.54 -54.59
O2A HEC CB . -6.50 -5.63 -55.45
NB HEC CB . -12.41 -7.21 -62.27
C1B HEC CB . -11.24 -7.76 -62.59
C2B HEC CB . -11.40 -8.62 -63.72
C3B HEC CB . -12.71 -8.56 -64.08
C4B HEC CB . -13.35 -7.64 -63.11
CMB HEC CB . -10.31 -9.42 -64.39
CAB HEC CB . -13.37 -9.28 -65.19
CBB HEC CB . -13.93 -10.46 -64.96
NC HEC CB . -14.62 -5.61 -61.43
C1C HEC CB . -15.22 -6.21 -62.49
C2C HEC CB . -16.42 -5.53 -62.80
C3C HEC CB . -16.54 -4.48 -61.89
C4C HEC CB . -15.40 -4.54 -61.02
CMC HEC CB . -17.36 -5.88 -63.92
CAC HEC CB . -17.63 -3.49 -61.83
CBC HEC CB . -18.60 -3.57 -60.93
ND HEC CB . -13.04 -4.75 -59.23
C1D HEC CB . -14.09 -3.92 -59.08
C2D HEC CB . -13.97 -3.21 -57.79
C3D HEC CB . -12.84 -3.66 -57.21
C4D HEC CB . -12.28 -4.64 -58.14
CMD HEC CB . -14.94 -2.18 -57.23
CAD HEC CB . -12.26 -3.26 -55.87
CBD HEC CB . -11.06 -2.35 -56.03
CGD HEC CB . -11.56 -0.94 -55.91
O1D HEC CB . -11.82 -0.46 -54.78
O2D HEC CB . -11.72 -0.24 -56.94
FE HEC DB . -4.50 -6.92 -64.97
CHA HEC DB . -3.44 -5.28 -62.31
CHB HEC DB . -7.65 -5.54 -64.61
CHC HEC DB . -5.54 -8.18 -68.10
CHD HEC DB . -1.53 -8.47 -65.40
NA HEC DB . -5.38 -5.66 -63.74
C1A HEC DB . -4.76 -5.15 -62.63
C2A HEC DB . -5.70 -4.42 -61.87
C3A HEC DB . -6.89 -4.48 -62.52
C4A HEC DB . -6.69 -5.26 -63.68
CMA HEC DB . -8.19 -3.86 -62.08
CAA HEC DB . -5.44 -3.68 -60.58
CBA HEC DB . -5.26 -2.21 -60.96
CGA HEC DB . -4.45 -1.50 -59.91
O1A HEC DB . -3.20 -1.54 -59.96
O2A HEC DB . -5.04 -0.89 -58.99
NB HEC DB . -6.26 -6.87 -66.13
C1B HEC DB . -7.39 -6.23 -65.79
C2B HEC DB . -8.37 -6.36 -66.80
C3B HEC DB . -7.81 -7.10 -67.80
C4B HEC DB . -6.43 -7.42 -67.34
CMB HEC DB . -9.76 -5.78 -66.77
CAB HEC DB . -8.41 -7.51 -69.09
CBB HEC DB . -8.45 -6.64 -70.10
NC HEC DB . -3.69 -8.10 -66.50
C1C HEC DB . -4.28 -8.55 -67.64
C2C HEC DB . -3.40 -9.45 -68.28
C3C HEC DB . -2.26 -9.52 -67.51
C4C HEC DB . -2.45 -8.67 -66.40
CMC HEC DB . -3.68 -10.19 -69.58
CAC HEC DB . -1.05 -10.34 -67.77
CBC HEC DB . -0.32 -10.11 -68.85
ND HEC DB . -2.86 -6.89 -64.07
C1D HEC DB . -1.74 -7.56 -64.36
C2D HEC DB . -0.67 -7.22 -63.41
C3D HEC DB . -1.20 -6.33 -62.56
C4D HEC DB . -2.59 -6.13 -62.99
CMD HEC DB . 0.75 -7.76 -63.40
CAD HEC DB . -0.53 -5.65 -61.40
CBD HEC DB . 0.08 -4.39 -62.02
CGD HEC DB . 0.49 -3.31 -61.05
O1D HEC DB . 1.26 -3.56 -60.10
O2D HEC DB . 0.08 -2.14 -61.23
FE HEC EB . 1.80 -12.40 -73.87
CHA HEC EB . 1.97 -11.19 -76.95
CHB HEC EB . 4.47 -10.44 -72.88
CHC HEC EB . 1.21 -13.15 -70.49
CHD HEC EB . -0.17 -14.95 -74.78
NA HEC EB . 3.00 -11.06 -74.72
C1A HEC EB . 2.89 -10.71 -76.05
C2A HEC EB . 3.89 -9.76 -76.34
C3A HEC EB . 4.60 -9.53 -75.20
C4A HEC EB . 4.04 -10.36 -74.19
CMA HEC EB . 5.76 -8.58 -75.04
CAA HEC EB . 4.12 -9.09 -77.68
CBA HEC EB . 4.96 -10.00 -78.60
CGA HEC EB . 5.24 -9.34 -79.94
O1A HEC EB . 5.71 -10.01 -80.88
O2A HEC EB . 5.02 -8.11 -80.10
NB HEC EB . 2.67 -11.88 -72.02
C1B HEC EB . 3.74 -11.09 -71.87
C2B HEC EB . 4.08 -10.95 -70.50
C3B HEC EB . 3.17 -11.70 -69.79
C4B HEC EB . 2.28 -12.31 -70.81
CMB HEC EB . 5.21 -10.13 -69.93
CAB HEC EB . 3.10 -11.89 -68.32
CBB HEC EB . 2.75 -10.89 -67.52
NC HEC EB . 0.71 -13.80 -72.79
C1C HEC EB . 0.59 -13.96 -71.43
C2C HEC EB . -0.27 -15.04 -71.17
C3C HEC EB . -0.67 -15.55 -72.39
C4C HEC EB . -0.04 -14.76 -73.41
CMC HEC EB . -0.66 -15.52 -69.79
CAC HEC EB . -1.56 -16.71 -72.63
CBC HEC EB . -2.81 -16.73 -72.17
ND HEC EB . 1.07 -12.96 -75.50
C1D HEC EB . 0.30 -14.02 -75.71
C2D HEC EB . -0.06 -14.12 -77.14
C3D HEC EB . 0.54 -13.06 -77.75
C4D HEC EB . 1.25 -12.34 -76.68
CMD HEC EB . -0.93 -15.19 -77.74
CAD HEC EB . 0.55 -12.58 -79.20
CBD HEC EB . 0.04 -13.53 -80.29
CGD HEC EB . -0.03 -12.80 -81.62
O1D HEC EB . -1.06 -12.19 -81.96
O2D HEC EB . 0.96 -12.79 -82.39
FE HEC FB . 11.14 -9.91 -72.62
CHA HEC FB . 11.67 -9.42 -75.84
CHB HEC FB . 8.30 -11.76 -73.29
CHC HEC FB . 11.23 -11.31 -69.43
CHD HEC FB . 13.34 -7.58 -71.66
NA HEC FB . 10.17 -10.53 -74.24
C1A HEC FB . 10.52 -10.10 -75.49
C2A HEC FB . 9.50 -10.49 -76.39
C3A HEC FB . 8.54 -11.14 -75.69
C4A HEC FB . 8.98 -11.18 -74.34
CMA HEC FB . 7.26 -11.74 -76.21
CAA HEC FB . 9.48 -10.18 -77.88
CBA HEC FB . 8.82 -8.80 -78.02
CGA HEC FB . 8.85 -8.27 -79.43
O1A HEC FB . 8.66 -7.05 -79.62
O2A HEC FB . 9.07 -9.06 -80.39
NB HEC FB . 9.97 -11.29 -71.55
C1B HEC FB . 8.89 -11.90 -72.03
C2B HEC FB . 8.35 -12.77 -71.05
C3B HEC FB . 9.15 -12.68 -69.94
C4B HEC FB . 10.21 -11.70 -70.30
CMB HEC FB . 7.12 -13.65 -71.19
CAB HEC FB . 9.03 -13.40 -68.67
CBB HEC FB . 9.40 -14.69 -68.59
NC HEC FB . 12.16 -9.56 -70.83
C1C HEC FB . 11.95 -10.13 -69.62
C2C HEC FB . 12.58 -9.35 -68.63
C3C HEC FB . 13.18 -8.28 -69.29
C4C HEC FB . 12.91 -8.43 -70.67
CMC HEC FB . 12.59 -9.63 -67.15
CAC HEC FB . 13.95 -7.19 -68.65
CBC HEC FB . 15.21 -7.38 -68.26
ND HEC FB . 12.27 -8.75 -73.54
C1D HEC FB . 13.12 -7.86 -73.01
C2D HEC FB . 13.84 -7.17 -74.10
C3D HEC FB . 13.37 -7.69 -75.26
C4D HEC FB . 12.37 -8.70 -74.88
CMD HEC FB . 14.89 -6.09 -73.96
CAD HEC FB . 13.76 -7.32 -76.67
CBD HEC FB . 12.85 -6.21 -77.18
CGD HEC FB . 13.45 -5.59 -78.41
O1D HEC FB . 12.86 -5.69 -79.51
O2D HEC FB . 14.55 -4.98 -78.33
FE HEC GB . 20.35 -7.35 -65.50
CHA HEC GB . 22.51 -9.68 -64.64
CHB HEC GB . 21.68 -7.24 -68.71
CHC HEC GB . 17.62 -5.49 -66.65
CHD HEC GB . 19.47 -6.72 -62.35
NA HEC GB . 21.83 -8.23 -66.49
C1A HEC GB . 22.56 -9.26 -65.94
C2A HEC GB . 23.40 -9.82 -66.94
C3A HEC GB . 23.16 -9.13 -68.10
C4A HEC GB . 22.20 -8.14 -67.80
CMA HEC GB . 23.82 -9.39 -69.42
CAA HEC GB . 24.35 -10.98 -66.79
CBA HEC GB . 25.47 -10.68 -65.80
CGA HEC GB . 26.68 -10.17 -66.53
O1A HEC GB . 27.17 -10.83 -67.48
O2A HEC GB . 27.21 -9.10 -66.15
NB HEC GB . 19.76 -6.51 -67.35
C1B HEC GB . 20.45 -6.60 -68.49
C2B HEC GB . 19.74 -5.93 -69.54
C3B HEC GB . 18.59 -5.43 -69.00
C4B HEC GB . 18.63 -5.82 -67.56
CMB HEC GB . 20.19 -5.81 -70.99
CAB HEC GB . 17.53 -4.67 -69.69
CBB HEC GB . 16.76 -5.27 -70.59
NC HEC GB . 18.78 -6.32 -64.65
C1C HEC GB . 17.81 -5.57 -65.28
C2C HEC GB . 17.06 -4.91 -64.29
C3C HEC GB . 17.58 -5.27 -63.06
C4C HEC GB . 18.67 -6.15 -63.31
CMC HEC GB . 15.88 -3.99 -64.53
CAC HEC GB . 17.13 -4.81 -61.72
CBC HEC GB . 15.92 -5.13 -61.26
ND HEC GB . 20.88 -8.04 -63.85
C1D HEC GB . 20.43 -7.68 -62.64
C2D HEC GB . 21.12 -8.45 -61.58
C3D HEC GB . 21.97 -9.29 -62.24
C4D HEC GB . 21.79 -9.01 -63.66
CMD HEC GB . 20.91 -8.37 -60.10
CAD HEC GB . 22.91 -10.30 -61.62
CBD HEC GB . 24.32 -9.72 -61.56
CGD HEC GB . 25.43 -10.75 -61.46
O1D HEC GB . 25.38 -11.84 -62.10
O2D HEC GB . 26.42 -10.54 -60.73
S SO4 HB . 10.51 -23.40 -57.90
O1 SO4 HB . 10.36 -24.40 -56.81
O2 SO4 HB . 10.65 -24.11 -59.19
O3 SO4 HB . 11.73 -22.59 -57.66
O4 SO4 HB . 9.30 -22.54 -57.94
S SO4 IB . 31.22 4.98 -77.62
O1 SO4 IB . 30.15 3.97 -77.45
O2 SO4 IB . 32.52 4.36 -77.31
O3 SO4 IB . 31.23 5.43 -79.04
O4 SO4 IB . 30.98 6.14 -76.73
S SO4 JB . -4.73 -61.72 -72.11
O1 SO4 JB . -3.99 -63.00 -72.22
O2 SO4 JB . -4.07 -60.90 -71.07
O3 SO4 JB . -4.69 -61.00 -73.40
O4 SO4 JB . -6.14 -61.98 -71.75
C1 GOL KB . -4.10 -48.02 -90.20
O1 GOL KB . -5.53 -47.96 -90.30
C2 GOL KB . -3.64 -49.46 -90.29
O2 GOL KB . -4.39 -50.16 -91.29
C3 GOL KB . -2.17 -49.52 -90.69
O3 GOL KB . -1.68 -50.85 -90.46
C1 GOL LB . -0.89 -23.71 -108.89
O1 GOL LB . 0.23 -22.90 -108.50
C2 GOL LB . -1.97 -23.68 -107.81
O2 GOL LB . -2.25 -22.34 -107.37
C3 GOL LB . -3.24 -24.35 -108.32
O3 GOL LB . -4.33 -23.41 -108.39
C1 GOL MB . 8.82 -7.12 -105.36
O1 GOL MB . 8.46 -5.80 -104.94
C2 GOL MB . 7.75 -7.67 -106.30
O2 GOL MB . 8.24 -7.65 -107.65
C3 GOL MB . 7.40 -9.11 -105.92
O3 GOL MB . 5.99 -9.22 -105.70
FE HEC NB . 0.53 -18.85 -81.58
CHA HEC NB . 2.19 -15.96 -82.12
CHB HEC NB . -1.51 -18.28 -84.09
CHC HEC NB . -0.15 -22.25 -81.49
CHD HEC NB . 1.46 -18.92 -78.38
NA HEC NB . 0.51 -17.56 -82.99
C1A HEC NB . 1.66 -16.67 -83.30
C2A HEC NB . 1.12 -15.76 -84.41
C3A HEC NB . 0.07 -16.44 -84.98
C4A HEC NB . -0.34 -17.51 -84.04
CMA HEC NB . -0.65 -16.16 -86.23
CAA HEC NB . 1.69 -14.47 -84.91
CBA HEC NB . 3.04 -14.74 -85.54
CGA HEC NB . 3.31 -15.34 -86.90
O1A HEC NB . 4.47 -15.39 -87.25
O2A HEC NB . 2.32 -15.77 -87.65
NB HEC NB . -0.50 -19.99 -82.69
C1B HEC NB . -1.52 -19.53 -83.52
C2B HEC NB . -2.42 -20.64 -83.85
C3B HEC NB . -1.82 -21.78 -83.43
C4B HEC NB . -0.46 -21.45 -82.78
CMB HEC NB . -3.52 -20.54 -84.85
CAB HEC NB . -2.42 -23.14 -83.43
CBB HEC NB . -2.37 -23.84 -84.77
NC HEC NB . 0.40 -20.18 -80.20
C1C HEC NB . 0.04 -21.45 -80.25
C2C HEC NB . -0.14 -22.04 -78.89
C3C HEC NB . 0.19 -21.08 -77.98
C4C HEC NB . 0.33 -19.78 -78.75
CMC HEC NB . -0.82 -23.34 -78.65
CAC HEC NB . -0.13 -21.03 -76.53
CBC HEC NB . 0.69 -21.96 -75.66
ND HEC NB . 1.37 -17.56 -80.43
C1D HEC NB . 1.78 -17.83 -79.10
C2D HEC NB . 2.47 -16.64 -78.61
C3D HEC NB . 2.90 -15.94 -79.73
C4D HEC NB . 2.27 -16.56 -80.90
CMD HEC NB . 2.71 -16.28 -77.19
CAD HEC NB . 3.54 -14.60 -79.76
CBD HEC NB . 5.07 -14.67 -79.57
CGD HEC NB . 5.78 -13.35 -80.09
O1D HEC NB . 5.13 -12.60 -80.87
O2D HEC NB . 6.94 -13.08 -79.70
FE HEC OB . 31.48 -24.20 -73.44
CHA HEC OB . 33.03 -26.70 -71.82
CHB HEC OB . 34.21 -23.44 -75.12
CHC HEC OB . 29.40 -22.54 -75.66
CHD HEC OB . 29.22 -23.85 -71.01
NA HEC OB . 33.18 -25.04 -73.65
C1A HEC OB . 33.45 -26.44 -73.20
C2A HEC OB . 34.96 -26.62 -73.47
C3A HEC OB . 35.28 -25.68 -74.42
C4A HEC OB . 34.19 -24.68 -74.46
CMA HEC OB . 36.48 -25.58 -75.26
CAA HEC OB . 35.87 -27.68 -72.98
CBA HEC OB . 35.40 -29.02 -73.50
CGA HEC OB . 35.69 -29.58 -74.87
O1A HEC OB . 35.35 -30.73 -75.10
O2A HEC OB . 36.28 -28.82 -75.76
NB HEC OB . 31.79 -23.34 -75.11
C1B HEC OB . 33.03 -22.86 -75.52
C2B HEC OB . 32.86 -21.84 -76.57
C3B HEC OB . 31.55 -21.89 -76.96
C4B HEC OB . 30.81 -22.96 -76.14
CMB HEC OB . 33.98 -21.25 -77.34
CAB HEC OB . 30.86 -20.99 -77.91
CBB HEC OB . 31.15 -21.28 -79.36
NC HEC OB . 29.85 -23.19 -73.29
C1C HEC OB . 29.20 -22.48 -74.19
C2C HEC OB . 28.09 -21.69 -73.57
C3C HEC OB . 28.08 -21.96 -72.25
C4C HEC OB . 29.37 -22.73 -71.95
CMC HEC OB . 27.35 -20.63 -74.29
CAC HEC OB . 27.44 -21.19 -71.15
CBC HEC OB . 25.94 -21.36 -71.03
ND HEC OB . 31.34 -24.91 -71.67
C1D HEC OB . 30.24 -24.71 -70.79
C2D HEC OB . 30.48 -25.51 -69.60
C3D HEC OB . 31.39 -26.50 -69.96
C4D HEC OB . 31.88 -26.17 -71.30
CMD HEC OB . 29.82 -25.35 -68.29
CAD HEC OB . 32.05 -27.47 -69.04
CBD HEC OB . 31.20 -28.72 -68.82
CGD HEC OB . 32.07 -29.92 -68.29
O1D HEC OB . 33.34 -29.87 -68.46
O2D HEC OB . 31.50 -30.89 -67.75
FE HEC PB . 29.29 6.70 -61.71
CHA HEC PB . 28.63 5.12 -64.57
CHB HEC PB . 31.23 4.05 -60.65
CHC HEC PB . 30.49 8.55 -59.00
CHD HEC PB . 26.97 9.06 -62.27
NA HEC PB . 29.83 4.93 -62.43
C1A HEC PB . 29.44 4.47 -63.68
C2A HEC PB . 30.04 3.22 -63.91
C3A HEC PB . 30.77 2.90 -62.80
C4A HEC PB . 30.64 3.98 -61.89
CMA HEC PB . 31.59 1.64 -62.58
CAA HEC PB . 29.87 2.37 -65.14
CBA HEC PB . 30.97 2.61 -66.17
CGA HEC PB . 30.62 1.83 -67.42
O1A HEC PB . 29.48 1.92 -67.92
O2A HEC PB . 31.48 1.08 -67.96
NB HEC PB . 30.61 6.36 -60.12
C1B HEC PB . 31.28 5.22 -59.90
C2B HEC PB . 32.10 5.34 -58.74
C3B HEC PB . 31.90 6.61 -58.25
C4B HEC PB . 30.94 7.25 -59.16
CMB HEC PB . 32.99 4.27 -58.17
CAB HEC PB . 32.53 7.22 -57.07
CBB HEC PB . 33.84 7.46 -57.06
NC HEC PB . 28.82 8.50 -60.78
C1C HEC PB . 29.42 9.09 -59.71
C2C HEC PB . 28.81 10.32 -59.46
C3C HEC PB . 27.80 10.48 -60.39
C4C HEC PB . 27.81 9.31 -61.22
CMC HEC PB . 29.18 11.30 -58.35
CAC HEC PB . 26.90 11.64 -60.46
CBC HEC PB . 25.64 11.56 -60.89
ND HEC PB . 28.07 7.01 -63.11
C1D HEC PB . 27.18 8.02 -63.19
C2D HEC PB . 26.41 7.91 -64.43
C3D HEC PB . 26.88 6.82 -65.07
C4D HEC PB . 27.93 6.26 -64.22
CMD HEC PB . 25.32 8.84 -64.91
CAD HEC PB . 26.39 6.27 -66.39
CBD HEC PB . 27.20 6.82 -67.58
CGD HEC PB . 26.63 6.26 -68.86
O1D HEC PB . 25.90 6.97 -69.59
O2D HEC PB . 26.89 5.07 -69.19
FE HEC QB . 30.37 -2.43 -59.08
CHA HEC QB . 30.11 -3.86 -62.07
CHB HEC QB . 28.74 0.39 -60.25
CHC HEC QB . 30.13 -1.11 -55.84
CHD HEC QB . 32.27 -4.93 -57.87
NA HEC QB . 29.57 -1.83 -60.80
C1A HEC QB . 29.60 -2.59 -61.95
C2A HEC QB . 28.99 -1.86 -63.01
C3A HEC QB . 28.60 -0.67 -62.48
C4A HEC QB . 28.96 -0.66 -61.12
CMA HEC QB . 27.91 0.45 -63.23
CAA HEC QB . 28.80 -2.26 -64.46
CBA HEC QB . 28.01 -3.54 -64.69
CGA HEC QB . 26.54 -3.25 -64.62
O1A HEC QB . 25.80 -4.00 -63.95
O2A HEC QB . 26.08 -2.25 -65.21
NB HEC QB . 29.59 -0.70 -58.21
C1B HEC QB . 28.98 0.29 -58.88
C2B HEC QB . 28.56 1.31 -57.98
C3B HEC QB . 28.93 0.91 -56.73
C4B HEC QB . 29.61 -0.40 -56.91
CMB HEC QB . 27.84 2.59 -58.34
CAB HEC QB . 28.71 1.63 -55.47
CBB HEC QB . 27.52 1.60 -54.87
NC HEC QB . 31.02 -2.95 -57.16
C1C HEC QB . 30.96 -2.19 -56.03
C2C HEC QB . 31.87 -2.70 -55.08
C3C HEC QB . 32.50 -3.79 -55.66
C4C HEC QB . 31.94 -3.94 -56.97
CMC HEC QB . 32.12 -2.15 -53.71
CAC HEC QB . 33.56 -4.63 -55.03
CBC HEC QB . 33.26 -5.50 -54.07
ND HEC QB . 31.03 -4.03 -59.80
C1D HEC QB . 31.78 -4.96 -59.17
C2D HEC QB . 32.07 -6.08 -60.10
C3D HEC QB . 31.45 -5.78 -61.26
C4D HEC QB . 30.81 -4.47 -61.05
CMD HEC QB . 32.88 -7.33 -59.81
CAD HEC QB . 31.46 -6.57 -62.54
CBD HEC QB . 32.51 -5.92 -63.45
CGD HEC QB . 32.59 -6.52 -64.83
O1D HEC QB . 33.70 -6.55 -65.40
O2D HEC QB . 31.57 -6.97 -65.42
FE HEC RB . 34.69 -8.84 -50.32
CHA HEC RB . 32.80 -9.45 -47.71
CHB HEC RB . 33.02 -11.21 -52.20
CHC HEC RB . 36.03 -7.51 -53.28
CHD HEC RB . 36.93 -7.05 -48.54
NA HEC RB . 33.16 -10.05 -50.05
C1A HEC RB . 32.59 -10.25 -48.82
C2A HEC RB . 31.77 -11.40 -48.86
C3A HEC RB . 31.83 -11.89 -50.13
C4A HEC RB . 32.69 -11.05 -50.87
CMA HEC RB . 31.10 -13.11 -50.66
CAA HEC RB . 30.96 -11.96 -47.72
CBA HEC RB . 29.62 -11.21 -47.68
CGA HEC RB . 28.74 -11.71 -46.55
O1A HEC RB . 27.59 -11.20 -46.43
O2A HEC RB . 29.13 -12.59 -45.76
NB HEC RB . 34.55 -9.28 -52.37
C1B HEC RB . 33.82 -10.27 -52.88
C2B HEC RB . 33.94 -10.27 -54.30
C3B HEC RB . 34.78 -9.25 -54.63
C4B HEC RB . 35.17 -8.61 -53.36
CMB HEC RB . 33.26 -11.23 -55.23
CAB HEC RB . 35.20 -8.85 -55.98
CBB HEC RB . 34.52 -7.92 -56.65
NC HEC RB . 36.18 -7.46 -50.85
C1C HEC RB . 36.64 -7.15 -52.09
C2C HEC RB . 37.84 -6.41 -51.97
C3C HEC RB . 38.10 -6.27 -50.60
C4C HEC RB . 37.05 -6.95 -49.91
CMC HEC RB . 38.66 -5.87 -53.11
CAC HEC RB . 39.26 -5.59 -49.99
CBC HEC RB . 39.13 -4.39 -49.43
ND HEC RB . 34.83 -8.35 -48.53
C1D HEC RB . 35.80 -7.61 -47.94
C2D HEC RB . 35.51 -7.47 -46.50
C3D HEC RB . 34.36 -8.14 -46.27
C4D HEC RB . 33.95 -8.69 -47.57
CMD HEC RB . 36.34 -6.73 -45.48
CAD HEC RB . 33.63 -8.29 -44.96
CBD HEC RB . 33.81 -9.68 -44.39
CGD HEC RB . 34.95 -9.63 -43.42
O1D HEC RB . 34.77 -9.11 -42.28
O2D HEC RB . 36.08 -10.07 -43.75
FE HEC SB . 32.71 -17.33 -53.59
CHA HEC SB . 31.87 -17.83 -50.41
CHB HEC SB . 34.87 -14.81 -52.64
CHC HEC SB . 34.06 -17.17 -56.82
CHD HEC SB . 30.54 -19.69 -54.68
NA HEC SB . 33.28 -16.49 -51.90
C1A HEC SB . 32.75 -16.82 -50.68
C2A HEC SB . 33.23 -15.91 -49.70
C3A HEC SB . 34.08 -15.06 -50.33
C4A HEC SB . 34.11 -15.42 -51.68
CMA HEC SB . 34.86 -13.92 -49.70
CAA HEC SB . 32.91 -15.91 -48.23
CBA HEC SB . 34.05 -16.64 -47.52
CGA HEC SB . 33.58 -17.20 -46.21
O1A HEC SB . 33.04 -18.32 -46.17
O2A HEC SB . 33.75 -16.51 -45.18
NB HEC SB . 34.18 -16.21 -54.55
C1B HEC SB . 34.94 -15.28 -53.96
C2B HEC SB . 35.87 -14.73 -54.88
C3B HEC SB . 35.66 -15.37 -56.07
C4B HEC SB . 34.56 -16.34 -55.83
CMB HEC SB . 36.88 -13.64 -54.59
CAB HEC SB . 36.38 -15.16 -57.33
CBB HEC SB . 37.55 -15.75 -57.54
NC HEC SB . 32.40 -18.26 -55.43
C1C HEC SB . 32.99 -18.01 -56.63
C2C HEC SB . 32.33 -18.75 -57.64
C3C HEC SB . 31.33 -19.48 -57.02
C4C HEC SB . 31.38 -19.17 -55.63
CMC HEC SB . 32.69 -18.73 -59.10
CAC HEC SB . 30.37 -20.41 -57.65
CBC HEC SB . 30.77 -21.50 -58.30
ND HEC SB . 31.49 -18.48 -52.74
C1D HEC SB . 30.69 -19.40 -53.32
C2D HEC SB . 29.90 -20.12 -52.31
C3D HEC SB . 30.26 -19.59 -51.11
C4D HEC SB . 31.27 -18.57 -51.42
CMD HEC SB . 28.88 -21.21 -52.54
CAD HEC SB . 29.78 -19.98 -49.74
CBD HEC SB . 30.72 -21.12 -49.33
CGD HEC SB . 30.73 -21.46 -47.86
O1D HEC SB . 29.67 -21.69 -47.24
O2D HEC SB . 31.83 -21.53 -47.27
FE HEC TB . 31.05 -24.48 -63.31
CHA HEC TB . 33.52 -26.09 -64.82
CHB HEC TB . 30.66 -27.08 -61.07
CHC HEC TB . 28.91 -22.54 -61.34
CHD HEC TB . 30.69 -22.29 -65.83
NA HEC TB . 31.91 -26.24 -62.98
C1A HEC TB . 32.94 -26.71 -63.76
C2A HEC TB . 33.33 -27.99 -63.27
C3A HEC TB . 32.52 -28.27 -62.21
C4A HEC TB . 31.64 -27.18 -62.03
CMA HEC TB . 32.55 -29.52 -61.36
CAA HEC TB . 34.43 -28.86 -63.82
CBA HEC TB . 33.95 -29.68 -65.02
CGA HEC TB . 35.03 -30.58 -65.57
O1A HEC TB . 34.90 -31.10 -66.69
O2A HEC TB . 36.07 -30.81 -64.91
NB HEC TB . 29.99 -24.75 -61.53
C1B HEC TB . 29.98 -25.88 -60.81
C2B HEC TB . 29.14 -25.73 -59.66
C3B HEC TB . 28.64 -24.47 -59.70
C4B HEC TB . 29.20 -23.84 -60.92
CMB HEC TB . 28.88 -26.77 -58.60
CAB HEC TB . 27.71 -23.84 -58.74
CBB HEC TB . 28.13 -23.52 -57.52
NC HEC TB . 29.99 -22.72 -63.53
C1C HEC TB . 29.16 -22.09 -62.63
C2C HEC TB . 28.64 -20.92 -63.21
C3C HEC TB . 29.16 -20.86 -64.50
C4C HEC TB . 30.01 -21.99 -64.68
CMC HEC TB . 27.70 -19.95 -62.55
CAC HEC TB . 28.89 -19.80 -65.50
CBC HEC TB . 29.17 -18.53 -65.26
ND HEC TB . 31.91 -24.24 -64.97
C1D HEC TB . 31.65 -23.31 -65.89
C2D HEC TB . 32.56 -23.47 -67.06
C3D HEC TB . 33.35 -24.54 -66.77
C4D HEC TB . 32.90 -24.99 -65.44
CMD HEC TB . 32.55 -22.61 -68.30
CAD HEC TB . 34.48 -25.22 -67.54
CBD HEC TB . 34.67 -24.83 -68.99
CGD HEC TB . 35.95 -25.45 -69.51
O1D HEC TB . 37.02 -24.80 -69.46
O2D HEC TB . 35.96 -26.61 -69.96
FE HEC UB . 27.86 -33.04 -60.02
CHA HEC UB . 29.77 -34.80 -62.03
CHB HEC UB . 28.24 -30.22 -61.96
CHC HEC UB . 25.06 -31.60 -58.53
CHD HEC UB . 27.92 -35.38 -57.58
NA HEC UB . 28.78 -32.58 -61.70
C1A HEC UB . 29.64 -33.46 -62.32
C2A HEC UB . 30.34 -32.77 -63.32
C3A HEC UB . 29.91 -31.46 -63.30
C4A HEC UB . 28.93 -31.36 -62.30
CMA HEC UB . 30.38 -30.34 -64.20
CAA HEC UB . 31.40 -33.36 -64.22
CBA HEC UB . 32.72 -33.23 -63.48
CGA HEC UB . 33.86 -33.94 -64.18
O1A HEC UB . 34.91 -34.21 -63.55
O2A HEC UB . 33.77 -34.28 -65.39
NB HEC UB . 26.83 -31.24 -60.21
C1B HEC UB . 27.17 -30.26 -61.05
C2B HEC UB . 26.26 -29.17 -60.93
C3B HEC UB . 25.35 -29.53 -59.97
C4B HEC UB . 25.74 -30.88 -59.51
CMB HEC UB . 26.31 -27.89 -61.71
CAB HEC UB . 24.20 -28.77 -59.48
CBB HEC UB . 23.09 -28.72 -60.22
NC HEC UB . 26.64 -33.44 -58.37
C1C HEC UB . 25.66 -32.65 -57.85
C2C HEC UB . 25.37 -33.09 -56.54
C3C HEC UB . 26.20 -34.18 -56.27
C4C HEC UB . 26.98 -34.38 -57.43
CMC HEC UB . 24.34 -32.49 -55.61
CAC HEC UB . 26.25 -34.95 -55.01
CBC HEC UB . 25.34 -35.88 -54.76
ND HEC UB . 28.67 -34.72 -59.85
C1D HEC UB . 28.60 -35.57 -58.80
C2D HEC UB . 29.35 -36.79 -59.10
C3D HEC UB . 29.88 -36.61 -60.34
C4D HEC UB . 29.42 -35.31 -60.79
CMD HEC UB . 29.54 -37.99 -58.20
CAD HEC UB . 30.75 -37.57 -61.11
CBD HEC UB . 32.22 -37.28 -60.83
CGD HEC UB . 33.06 -38.46 -61.28
O1D HEC UB . 33.89 -38.32 -62.20
O2D HEC UB . 32.93 -39.57 -60.72
FE HEC VB . 21.47 -39.49 -52.28
CHA HEC VB . 18.39 -40.41 -52.99
CHB HEC VB . 22.75 -41.82 -54.48
CHC HEC VB . 24.64 -37.99 -52.13
CHD HEC VB . 20.54 -37.76 -49.56
NA HEC VB . 20.74 -40.89 -53.47
C1A HEC VB . 19.39 -41.04 -53.69
C2A HEC VB . 19.19 -41.96 -54.72
C3A HEC VB . 20.42 -42.37 -55.15
C4A HEC VB . 21.38 -41.70 -54.37
CMA HEC VB . 20.69 -43.36 -56.26
CAA HEC VB . 17.86 -42.41 -55.28
CBA HEC VB . 17.00 -43.15 -54.25
CGA HEC VB . 17.23 -44.63 -54.38
O1A HEC VB . 17.12 -45.21 -55.49
O2A HEC VB . 17.53 -45.30 -53.37
NB HEC VB . 23.35 -39.85 -53.15
C1B HEC VB . 23.63 -40.84 -54.00
C2B HEC VB . 24.99 -40.79 -54.40
C3B HEC VB . 25.55 -39.72 -53.76
C4B HEC VB . 24.47 -39.11 -52.94
CMB HEC VB . 25.68 -41.74 -55.35
CAB HEC VB . 26.95 -39.24 -53.85
CBB HEC VB . 27.42 -38.75 -54.98
NC HEC VB . 22.44 -38.08 -51.09
C1C HEC VB . 23.72 -37.66 -51.13
C2C HEC VB . 23.97 -36.84 -50.01
C3C HEC VB . 22.79 -36.77 -49.28
C4C HEC VB . 21.83 -37.56 -49.97
CMC HEC VB . 25.28 -36.16 -49.68
CAC HEC VB . 22.55 -36.04 -48.02
CBC HEC VB . 22.61 -34.70 -47.95
ND HEC VB . 19.83 -39.16 -51.45
C1D HEC VB . 19.60 -38.43 -50.34
C2D HEC VB . 18.16 -38.44 -50.01
C3D HEC VB . 17.57 -39.19 -50.97
C4D HEC VB . 18.65 -39.63 -51.87
CMD HEC VB . 17.51 -37.74 -48.84
CAD HEC VB . 16.09 -39.52 -51.10
CBD HEC VB . 15.83 -40.92 -50.54
CGD HEC VB . 14.57 -41.58 -51.05
O1D HEC VB . 14.21 -41.48 -52.24
O2D HEC VB . 13.85 -42.25 -50.27
S SO4 WB . 18.07 -39.79 -98.05
O1 SO4 WB . 18.99 -40.48 -97.12
O2 SO4 WB . 18.11 -40.47 -99.36
O3 SO4 WB . 16.70 -39.81 -97.50
O4 SO4 WB . 18.52 -38.39 -98.19
S SO4 XB . 31.85 -57.22 -52.31
O1 SO4 XB . 32.99 -57.46 -51.37
O2 SO4 XB . 32.22 -57.70 -53.67
O3 SO4 XB . 31.57 -55.77 -52.35
O4 SO4 XB . 30.67 -57.97 -51.83
FE HEC YB . 9.22 -47.20 -68.44
CHA HEC YB . 5.87 -47.28 -68.73
CHB HEC YB . 9.44 -50.46 -68.96
CHC HEC YB . 12.56 -46.65 -69.15
CHD HEC YB . 9.12 -44.46 -66.56
NA HEC YB . 7.98 -48.54 -69.02
C1A HEC YB . 6.64 -48.21 -69.58
C2A HEC YB . 5.98 -49.59 -69.79
C3A HEC YB . 7.03 -50.47 -69.87
C4A HEC YB . 8.23 -49.83 -69.32
CMA HEC YB . 7.01 -51.89 -70.32
CAA HEC YB . 4.54 -49.90 -70.04
CBA HEC YB . 4.12 -49.27 -71.35
CGA HEC YB . 4.41 -49.84 -72.72
O1A HEC YB . 3.89 -49.26 -73.66
O2A HEC YB . 5.16 -50.90 -72.85
NB HEC YB . 10.61 -48.32 -69.07
C1B HEC YB . 10.60 -49.71 -68.95
C2B HEC YB . 11.97 -50.24 -69.09
C3B HEC YB . 12.75 -49.20 -69.52
C4B HEC YB . 11.88 -47.95 -69.66
CMB HEC YB . 12.31 -51.68 -69.21
CAB HEC YB . 14.21 -49.22 -69.69
CBB HEC YB . 14.71 -49.90 -70.94
NC HEC YB . 10.56 -45.99 -67.80
C1C HEC YB . 11.85 -45.93 -68.06
C2C HEC YB . 12.57 -45.00 -67.13
C3C HEC YB . 11.64 -44.44 -66.32
C4C HEC YB . 10.35 -45.25 -66.52
CMC HEC YB . 14.05 -44.93 -67.04
CAC HEC YB . 11.86 -43.72 -65.04
CBC HEC YB . 12.37 -42.30 -65.18
ND HEC YB . 7.80 -46.26 -67.59
C1D HEC YB . 7.94 -45.03 -66.90
C2D HEC YB . 6.60 -44.59 -66.51
C3D HEC YB . 5.71 -45.22 -67.35
C4D HEC YB . 6.46 -46.25 -68.07
CMD HEC YB . 6.28 -43.57 -65.48
CAD HEC YB . 4.23 -45.20 -67.27
CBD HEC YB . 3.62 -43.99 -67.99
CGD HEC YB . 2.09 -44.24 -68.32
O1D HEC YB . 1.67 -45.45 -68.29
O2D HEC YB . 1.37 -43.26 -68.57
FE HEC ZB . 25.02 -50.26 -39.49
CHA HEC ZB . 25.82 -50.21 -42.73
CHB HEC ZB . 21.69 -50.83 -40.29
CHC HEC ZB . 24.23 -50.93 -36.13
CHD HEC ZB . 28.02 -49.12 -38.54
NA HEC ZB . 23.94 -50.47 -41.16
C1A HEC ZB . 24.50 -50.43 -42.42
C2A HEC ZB . 23.47 -50.66 -43.37
C3A HEC ZB . 22.30 -50.82 -42.69
C4A HEC ZB . 22.60 -50.71 -41.31
CMA HEC ZB . 20.94 -51.09 -43.28
CAA HEC ZB . 23.63 -50.69 -44.88
CBA HEC ZB . 23.90 -52.09 -45.41
CGA HEC ZB . 24.21 -52.00 -46.89
O1A HEC ZB . 25.05 -51.17 -47.30
O2A HEC ZB . 23.65 -52.75 -47.71
NB HEC ZB . 23.29 -50.78 -38.42
C1B HEC ZB . 22.07 -50.95 -38.95
C2B HEC ZB . 21.13 -51.30 -37.93
C3B HEC ZB . 21.83 -51.33 -36.75
C4B HEC ZB . 23.22 -50.98 -37.09
CMB HEC ZB . 19.66 -51.57 -38.13
CAB HEC ZB . 21.32 -51.65 -35.41
CBB HEC ZB . 20.91 -52.89 -35.13
NC HEC ZB . 25.95 -50.05 -37.64
C1C HEC ZB . 25.48 -50.39 -36.41
C2C HEC ZB . 26.47 -50.11 -35.46
C3C HEC ZB . 27.57 -49.59 -36.13
C4C HEC ZB . 27.22 -49.57 -37.52
CMC HEC ZB . 26.35 -50.34 -33.97
CAC HEC ZB . 28.83 -49.15 -35.48
CBC HEC ZB . 29.57 -48.17 -35.96
ND HEC ZB . 26.56 -49.77 -40.42
C1D HEC ZB . 27.72 -49.32 -39.89
C2D HEC ZB . 28.69 -49.04 -40.95
C3D HEC ZB . 28.08 -49.35 -42.11
C4D HEC ZB . 26.74 -49.81 -41.76
CMD HEC ZB . 30.10 -48.52 -40.79
CAD HEC ZB . 28.66 -49.22 -43.49
CBD HEC ZB . 29.35 -50.51 -43.96
CGD HEC ZB . 29.92 -50.30 -45.34
O1D HEC ZB . 31.15 -50.10 -45.50
O2D HEC ZB . 29.17 -50.32 -46.35
FE HEC AC . 16.73 -47.58 -43.43
CHA HEC AC . 17.54 -48.01 -46.64
CHB HEC AC . 20.08 -47.37 -42.59
CHC HEC AC . 15.94 -46.61 -40.17
CHD HEC AC . 13.44 -48.08 -44.03
NA HEC AC . 18.46 -47.67 -44.40
C1A HEC AC . 18.58 -47.88 -45.75
C2A HEC AC . 19.95 -47.94 -46.11
C3A HEC AC . 20.66 -47.75 -44.96
C4A HEC AC . 19.74 -47.58 -43.91
CMA HEC AC . 22.16 -47.73 -44.84
CAA HEC AC . 20.54 -48.18 -47.49
CBA HEC AC . 20.15 -47.14 -48.54
CGA HEC AC . 20.99 -45.90 -48.42
O1A HEC AC . 20.43 -44.78 -48.46
O2A HEC AC . 22.24 -45.97 -48.29
NB HEC AC . 17.80 -47.09 -41.70
C1B HEC AC . 19.13 -47.08 -41.61
C2B HEC AC . 19.52 -46.69 -40.29
C3B HEC AC . 18.38 -46.46 -39.60
C4B HEC AC . 17.26 -46.73 -40.53
CMB HEC AC . 20.93 -46.56 -39.77
CAB HEC AC . 18.26 -46.04 -38.20
CBB HEC AC . 18.46 -44.76 -37.86
NC HEC AC . 15.00 -47.31 -42.30
C1C HEC AC . 14.90 -47.09 -40.96
C2C HEC AC . 13.60 -47.43 -40.52
C3C HEC AC . 12.89 -47.85 -41.62
C4C HEC AC . 13.78 -47.76 -42.74
CMC HEC AC . 13.11 -47.33 -39.10
CAC HEC AC . 11.49 -48.32 -41.62
CBC HEC AC . 10.47 -47.47 -41.48
ND HEC AC . 15.72 -47.95 -44.97
C1D HEC AC . 14.38 -48.11 -45.06
C2D HEC AC . 14.00 -48.35 -46.47
C3D HEC AC . 15.13 -48.33 -47.18
C4D HEC AC . 16.22 -48.08 -46.22
CMD HEC AC . 12.59 -48.58 -47.00
CAD HEC AC . 15.31 -48.55 -48.67
CBD HEC AC . 15.78 -49.99 -48.84
CGD HEC AC . 16.10 -50.37 -50.26
O1D HEC AC . 15.87 -51.54 -50.60
O2D HEC AC . 16.60 -49.54 -51.06
FE HEC BC . 5.43 -46.45 -40.77
CHA HEC BC . 4.40 -43.66 -39.36
CHB HEC BC . 5.59 -44.92 -43.85
CHC HEC BC . 7.39 -49.05 -42.01
CHD HEC BC . 4.62 -48.32 -38.10
NA HEC BC . 5.12 -44.62 -41.49
C1A HEC BC . 4.55 -43.63 -40.73
C2A HEC BC . 4.16 -42.57 -41.59
C3A HEC BC . 4.50 -42.92 -42.86
C4A HEC BC . 5.10 -44.19 -42.79
CMA HEC BC . 4.29 -42.10 -44.11
CAA HEC BC . 3.50 -41.28 -41.17
CBA HEC BC . 4.58 -40.30 -40.73
CGA HEC BC . 4.02 -38.97 -40.28
O1A HEC BC . 4.81 -38.07 -39.92
O2A HEC BC . 2.77 -38.79 -40.26
NB HEC BC . 6.33 -46.90 -42.60
C1B HEC BC . 6.27 -46.13 -43.69
C2B HEC BC . 7.00 -46.74 -44.74
C3B HEC BC . 7.51 -47.91 -44.26
C4B HEC BC . 7.06 -47.99 -42.85
CMB HEC BC . 7.17 -46.20 -46.12
CAB HEC BC . 8.35 -48.88 -44.98
CBB HEC BC . 9.67 -48.76 -44.94
NC HEC BC . 5.96 -48.35 -40.15
C1C HEC BC . 6.69 -49.29 -40.82
C2C HEC BC . 6.59 -50.52 -40.15
C3C HEC BC . 5.80 -50.31 -39.03
C4C HEC BC . 5.41 -48.94 -39.04
CMC HEC BC . 7.25 -51.82 -40.58
CAC HEC BC . 5.41 -51.32 -38.02
CBC HEC BC . 6.02 -51.37 -36.85
ND HEC BC . 4.67 -46.07 -39.09
C1D HEC BC . 4.40 -46.94 -38.10
C2D HEC BC . 3.83 -46.22 -36.96
C3D HEC BC . 3.77 -44.92 -37.31
C4D HEC BC . 4.31 -44.85 -38.67
CMD HEC BC . 3.39 -46.83 -35.65
CAD HEC BC . 3.27 -43.74 -36.49
CBD HEC BC . 1.89 -43.29 -36.96
CGD HEC BC . 0.87 -43.98 -36.09
O1D HEC BC . 0.66 -43.57 -34.93
O2D HEC BC . 0.24 -44.97 -36.54
FE HEC CC . 2.26 -43.30 -48.97
CHA HEC CC . 0.53 -41.29 -46.97
CHB HEC CC . 2.50 -45.65 -46.42
CHC HEC CC . 3.58 -45.71 -51.16
CHD HEC CC . 2.22 -41.07 -51.50
NA HEC CC . 1.64 -43.47 -47.08
C1A HEC CC . 0.99 -42.45 -46.43
C2A HEC CC . 0.84 -42.82 -45.06
C3A HEC CC . 1.38 -44.05 -44.92
C4A HEC CC . 1.88 -44.45 -46.17
CMA HEC CC . 1.47 -44.87 -43.65
CAA HEC CC . 0.17 -42.01 -43.98
CBA HEC CC . -1.26 -42.56 -43.87
CGA HEC CC . -2.17 -41.52 -43.28
O1A HEC CC . -2.73 -40.69 -44.03
O2A HEC CC . -2.36 -41.52 -42.04
NB HEC CC . 2.91 -45.29 -48.82
C1B HEC CC . 2.88 -46.04 -47.70
C2B HEC CC . 3.36 -47.35 -47.96
C3B HEC CC . 3.68 -47.39 -49.28
C4B HEC CC . 3.37 -46.05 -49.82
CMB HEC CC . 3.50 -48.46 -46.95
CAB HEC CC . 4.21 -48.53 -50.04
CBB HEC CC . 3.37 -49.46 -50.48
NC HEC CC . 2.80 -43.41 -50.97
C1C HEC CC . 3.38 -44.43 -51.66
C2C HEC CC . 3.71 -43.99 -52.95
C3C HEC CC . 3.32 -42.66 -53.04
C4C HEC CC . 2.74 -42.30 -51.79
CMC HEC CC . 4.39 -44.83 -54.02
CAC HEC CC . 3.46 -41.76 -54.20
CBC HEC CC . 2.84 -42.03 -55.34
ND HEC CC . 1.55 -41.58 -49.19
C1D HEC CC . 1.60 -40.80 -50.28
C2D HEC CC . 0.89 -39.53 -50.05
C3D HEC CC . 0.44 -39.60 -48.78
C4D HEC CC . 0.85 -40.90 -48.27
CMD HEC CC . 0.73 -38.39 -51.03
CAD HEC CC . -0.39 -38.56 -48.04
CBD HEC CC . -1.85 -38.91 -48.40
CGD HEC CC . -2.92 -38.31 -47.54
O1D HEC CC . -2.98 -37.07 -47.33
O2D HEC CC . -3.80 -39.04 -47.06
FE HEC DC . 3.53 -43.15 -61.08
CHA HEC DC . 2.15 -45.43 -63.08
CHB HEC DC . 0.65 -41.25 -61.15
CHC HEC DC . 4.74 -41.12 -58.49
CHD HEC DC . 6.61 -44.38 -61.56
NA HEC DC . 1.74 -43.29 -61.93
C1A HEC DC . 1.37 -44.35 -62.74
C2A HEC DC . 0.04 -44.14 -63.17
C3A HEC DC . -0.38 -42.97 -62.64
C4A HEC DC . 0.68 -42.43 -61.86
CMA HEC DC . -1.74 -42.34 -62.83
CAA HEC DC . -0.77 -45.04 -64.07
CBA HEC DC . -0.42 -44.80 -65.54
CGA HEC DC . -1.25 -45.69 -66.47
O1A HEC DC . -0.92 -45.81 -67.66
O2A HEC DC . -2.26 -46.28 -66.04
NB HEC DC . 2.83 -41.49 -60.02
C1B HEC DC . 1.65 -40.91 -60.21
C2B HEC DC . 1.48 -39.81 -59.32
C3B HEC DC . 2.61 -39.74 -58.56
C4B HEC DC . 3.48 -40.85 -59.04
CMB HEC DC . 0.29 -38.89 -59.24
CAB HEC DC . 2.94 -38.76 -57.49
CBB HEC DC . 2.28 -38.79 -56.34
NC HEC DC . 5.36 -42.81 -60.15
C1C HEC DC . 5.66 -41.95 -59.13
C2C HEC DC . 7.03 -42.05 -58.84
C3C HEC DC . 7.56 -42.99 -59.71
C4C HEC DC . 6.50 -43.46 -60.55
CMC HEC DC . 7.78 -41.28 -57.78
CAC HEC DC . 8.97 -43.43 -59.80
CBC HEC DC . 9.58 -43.99 -58.76
ND HEC DC . 4.23 -44.58 -62.09
C1D HEC DC . 5.52 -44.95 -62.20
C2D HEC DC . 5.65 -46.11 -63.10
C3D HEC DC . 4.39 -46.41 -63.52
C4D HEC DC . 3.51 -45.41 -62.87
CMD HEC DC . 6.95 -46.79 -63.44
CAD HEC DC . 3.84 -47.48 -64.44
CBD HEC DC . 4.83 -48.31 -65.26
CGD HEC DC . 4.09 -49.43 -65.97
O1D HEC DC . 4.03 -50.57 -65.46
O2D HEC DC . 3.53 -49.23 -67.07
FE HEC EC . -2.80 -36.62 -64.50
CHA HEC EC . -3.75 -38.52 -67.02
CHB HEC EC . 0.08 -38.48 -64.08
CHC HEC EC . -1.36 -34.06 -62.65
CHD HEC EC . -5.80 -35.15 -64.20
NA HEC EC . -1.95 -38.16 -65.40
C1A HEC EC . -2.59 -38.89 -66.37
C2A HEC EC . -1.87 -40.08 -66.60
C3A HEC EC . -0.79 -40.08 -65.77
C4A HEC EC . -0.84 -38.88 -65.03
CMA HEC EC . 0.28 -41.15 -65.67
CAA HEC EC . -2.26 -41.16 -67.57
CBA HEC EC . -3.20 -42.13 -66.84
CGA HEC EC . -3.78 -43.21 -67.73
O1A HEC EC . -4.78 -43.84 -67.33
O2A HEC EC . -3.27 -43.46 -68.85
NB HEC EC . -0.96 -36.32 -63.53
C1B HEC EC . 0.04 -37.21 -63.50
C2B HEC EC . 1.13 -36.68 -62.77
C3B HEC EC . 0.75 -35.44 -62.36
C4B HEC EC . -0.62 -35.22 -62.87
CMB HEC EC . 2.44 -37.36 -62.51
CAB HEC EC . 1.56 -34.48 -61.58
CBB HEC EC . 2.52 -33.80 -62.19
NC HEC EC . -3.45 -34.86 -63.60
C1C HEC EC . -2.75 -34.03 -62.78
C2C HEC EC . -3.65 -33.19 -62.12
C3C HEC EC . -4.92 -33.50 -62.57
C4C HEC EC . -4.78 -34.56 -63.51
CMC HEC EC . -3.31 -32.12 -61.12
CAC HEC EC . -6.19 -32.87 -62.13
CBC HEC EC . -6.57 -31.69 -62.61
ND HEC EC . -4.41 -36.79 -65.42
C1D HEC EC . -5.56 -36.12 -65.20
C2D HEC EC . -6.59 -36.54 -66.16
C3D HEC EC . -6.01 -37.48 -66.94
C4D HEC EC . -4.63 -37.62 -66.46
CMD HEC EC . -8.01 -36.03 -66.25
CAD HEC EC . -6.64 -38.24 -68.08
CBD HEC EC . -7.25 -39.53 -67.55
CGD HEC EC . -8.18 -40.11 -68.57
O1D HEC EC . -7.91 -41.23 -69.08
O2D HEC EC . -9.23 -39.47 -68.89
FE HEC FC . -8.72 -26.32 -63.46
CHA HEC FC . -7.55 -23.56 -64.84
CHB HEC FC . -9.64 -27.55 -66.54
CHC HEC FC . -9.21 -29.51 -62.11
CHD HEC FC . -8.64 -25.03 -60.36
NA HEC FC . -8.67 -25.68 -65.33
C1A HEC FC . -8.04 -24.52 -65.69
C2A HEC FC . -8.00 -24.43 -67.10
C3A HEC FC . -8.59 -25.55 -67.59
C4A HEC FC . -9.01 -26.33 -66.48
CMA HEC FC . -8.77 -25.89 -69.04
CAA HEC FC . -7.40 -23.32 -67.92
CBA HEC FC . -8.11 -21.98 -67.68
CGA HEC FC . -9.16 -21.75 -68.73
O1A HEC FC . -8.89 -21.87 -69.94
O2A HEC FC . -10.31 -21.42 -68.38
NB HEC FC . -9.32 -28.20 -64.19
C1B HEC FC . -9.64 -28.46 -65.46
C2B HEC FC . -9.99 -29.83 -65.63
C3B HEC FC . -9.87 -30.40 -64.39
C4B HEC FC . -9.43 -29.33 -63.47
CMB HEC FC . -10.42 -30.52 -66.91
CAB HEC FC . -10.13 -31.81 -64.06
CBB HEC FC . -9.36 -32.77 -64.55
NC HEC FC . -8.86 -27.16 -61.56
C1C HEC FC . -9.13 -28.45 -61.21
C2C HEC FC . -9.29 -28.52 -59.81
C3C HEC FC . -9.11 -27.24 -59.31
C4C HEC FC . -8.85 -26.38 -60.43
CMC HEC FC . -9.59 -29.77 -59.01
CAC HEC FC . -9.21 -26.83 -57.90
CBC HEC FC . -8.32 -27.24 -56.99
ND HEC FC . -8.22 -24.65 -62.75
C1D HEC FC . -8.25 -24.27 -61.47
C2D HEC FC . -7.77 -22.88 -61.34
C3D HEC FC . -7.47 -22.48 -62.60
C4D HEC FC . -7.76 -23.62 -63.47
CMD HEC FC . -7.64 -22.08 -60.06
CAD HEC FC . -6.94 -21.14 -63.04
CBD HEC FC . -8.10 -20.29 -63.56
CGD HEC FC . -7.69 -19.14 -64.46
O1D HEC FC . -6.74 -19.28 -65.27
O2D HEC FC . -8.30 -18.04 -64.39
S SO4 GC . -25.85 -30.25 -74.32
O1 SO4 GC . -26.26 -31.64 -74.04
O2 SO4 GC . -24.40 -30.12 -74.11
O3 SO4 GC . -26.15 -29.93 -75.74
O4 SO4 GC . -26.58 -29.33 -73.42
S SO4 HC . 37.24 -46.95 -83.97
O1 SO4 HC . 38.33 -47.95 -83.86
O2 SO4 HC . 36.24 -47.42 -84.95
O3 SO4 HC . 37.80 -45.65 -84.43
O4 SO4 HC . 36.60 -46.81 -82.65
S SO4 IC . -2.74 -56.48 -92.17
O1 SO4 IC . -2.84 -56.45 -93.64
O2 SO4 IC . -1.59 -57.33 -91.78
O3 SO4 IC . -3.98 -57.04 -91.61
O4 SO4 IC . -2.57 -55.09 -91.68
FE HEC JC . -31.74 -29.92 -50.07
CHA HEC JC . -34.84 -29.53 -51.15
CHB HEC JC . -32.82 -32.16 -47.64
CHC HEC JC . -28.43 -30.87 -49.36
CHD HEC JC . -30.59 -27.33 -51.82
NA HEC JC . -33.46 -30.71 -49.50
C1A HEC JC . -34.66 -30.38 -50.09
C2A HEC JC . -35.71 -31.08 -49.46
C3A HEC JC . -35.15 -31.81 -48.45
C4A HEC JC . -33.74 -31.59 -48.48
CMA HEC JC . -35.88 -32.71 -47.48
CAA HEC JC . -37.18 -30.97 -49.81
CBA HEC JC . -37.67 -32.02 -50.81
CGA HEC JC . -39.17 -31.88 -51.00
O1A HEC JC . -39.73 -30.76 -50.86
O2A HEC JC . -39.88 -32.87 -51.28
NB HEC JC . -30.79 -31.27 -48.75
C1B HEC JC . -31.44 -32.06 -47.86
C2B HEC JC . -30.50 -32.83 -47.13
C3B HEC JC . -29.26 -32.50 -47.59
C4B HEC JC . -29.46 -31.47 -48.64
CMB HEC JC . -30.82 -33.84 -46.05
CAB HEC JC . -27.96 -33.06 -47.13
CBB HEC JC . -27.63 -34.31 -47.44
NC HEC JC . -29.81 -29.21 -50.48
C1C HEC JC . -28.60 -29.76 -50.18
C2C HEC JC . -27.59 -29.04 -50.83
C3C HEC JC . -28.20 -28.01 -51.53
C4C HEC JC . -29.61 -28.14 -51.30
CMC HEC JC . -26.10 -29.28 -50.78
CAC HEC JC . -27.50 -27.00 -52.34
CBC HEC JC . -27.85 -25.71 -52.32
ND HEC JC . -32.53 -28.70 -51.23
C1D HEC JC . -31.93 -27.69 -51.88
C2D HEC JC . -32.92 -26.95 -52.69
C3D HEC JC . -34.11 -27.57 -52.50
C4D HEC JC . -33.83 -28.67 -51.57
CMD HEC JC . -32.66 -25.75 -53.57
CAD HEC JC . -35.47 -27.21 -53.09
CBD HEC JC . -35.75 -27.70 -54.52
CGD HEC JC . -37.04 -27.07 -55.01
O1D HEC JC . -37.01 -26.09 -55.79
O2D HEC JC . -38.15 -27.52 -54.64
FE HEC KC . -36.58 -31.63 -42.00
CHA HEC KC . -39.66 -31.54 -43.23
CHB HEC KC . -35.38 -29.85 -44.73
CHC HEC KC . -33.46 -31.17 -40.48
CHD HEC KC . -37.46 -33.69 -39.47
NA HEC KC . -37.35 -30.82 -43.64
C1A HEC KC . -38.67 -30.97 -44.00
C2A HEC KC . -38.86 -30.41 -45.28
C3A HEC KC . -37.65 -29.93 -45.69
C4A HEC KC . -36.72 -30.19 -44.68
CMA HEC KC . -37.35 -29.25 -47.00
CAA HEC KC . -40.13 -30.34 -46.10
CBA HEC KC . -41.29 -29.67 -45.37
CGA HEC KC . -41.30 -28.18 -45.54
O1A HEC KC . -42.13 -27.50 -44.90
O2A HEC KC . -40.50 -27.61 -46.31
NB HEC KC . -34.76 -30.70 -42.51
C1B HEC KC . -34.52 -30.04 -43.66
C2B HEC KC . -33.20 -29.53 -43.66
C3B HEC KC . -32.64 -29.88 -42.48
C4B HEC KC . -33.67 -30.64 -41.75
CMB HEC KC . -32.53 -28.73 -44.76
CAB HEC KC . -31.27 -29.57 -42.01
CBB HEC KC . -30.97 -28.33 -41.63
NC HEC KC . -35.63 -32.23 -40.22
C1C HEC KC . -34.31 -32.10 -39.92
C2C HEC KC . -33.95 -33.07 -38.97
C3C HEC KC . -35.10 -33.80 -38.68
C4C HEC KC . -36.15 -33.25 -39.48
CMC HEC KC . -32.58 -33.28 -38.37
CAC HEC KC . -35.17 -34.94 -37.73
CBC HEC KC . -35.42 -34.69 -36.45
ND HEC KC . -38.19 -32.43 -41.46
C1D HEC KC . -38.41 -33.23 -40.40
C2D HEC KC . -39.83 -33.62 -40.35
C3D HEC KC . -40.43 -33.03 -41.39
C4D HEC KC . -39.38 -32.27 -42.08
CMD HEC KC . -40.50 -34.51 -39.33
CAD HEC KC . -41.89 -33.11 -41.78
CBD HEC KC . -42.02 -34.22 -42.83
CGD HEC KC . -43.35 -34.29 -43.54
O1D HEC KC . -43.63 -35.33 -44.15
O2D HEC KC . -44.17 -33.34 -43.54
FE HEC LC . -34.94 -36.29 -31.37
CHA HEC LC . -33.82 -34.35 -28.97
CHB HEC LC . -38.08 -34.92 -31.14
CHC HEC LC . -35.84 -37.65 -34.47
CHD HEC LC . -32.24 -38.29 -31.31
NA HEC LC . -35.80 -34.88 -30.30
C1A HEC LC . -35.16 -34.26 -29.26
C2A HEC LC . -36.12 -33.51 -28.54
C3A HEC LC . -37.32 -33.66 -29.16
C4A HEC LC . -37.12 -34.51 -30.25
CMA HEC LC . -38.65 -33.05 -28.75
CAA HEC LC . -35.84 -32.68 -27.31
CBA HEC LC . -35.25 -31.33 -27.72
CGA HEC LC . -34.93 -30.49 -26.51
O1A HEC LC . -34.72 -29.27 -26.66
O2A HEC LC . -34.91 -31.01 -25.37
NB HEC LC . -36.64 -36.29 -32.59
C1B HEC LC . -37.78 -35.66 -32.28
C2B HEC LC . -38.74 -35.86 -33.31
C3B HEC LC . -38.14 -36.62 -34.27
C4B HEC LC . -36.77 -36.89 -33.77
CMB HEC LC . -40.13 -35.29 -33.32
CAB HEC LC . -38.73 -37.10 -35.54
CBB HEC LC . -39.22 -36.24 -36.44
NC HEC LC . -34.15 -37.68 -32.71
C1C HEC LC . -34.73 -38.18 -33.84
C2C HEC LC . -34.04 -39.34 -34.24
C3C HEC LC . -33.01 -39.54 -33.34
C4C HEC LC . -33.09 -38.48 -32.37
CMC HEC LC . -34.40 -40.18 -35.44
CAC HEC LC . -32.02 -40.65 -33.36
CBC HEC LC . -30.79 -40.49 -33.87
ND HEC LC . -33.37 -36.30 -30.36
C1D HEC LC . -32.35 -37.17 -30.46
C2D HEC LC . -31.29 -36.82 -29.48
C3D HEC LC . -31.73 -35.71 -28.82
C4D HEC LC . -33.05 -35.41 -29.40
CMD HEC LC . -29.99 -37.55 -29.28
CAD HEC LC . -31.01 -34.95 -27.73
CBD HEC LC . -31.63 -35.08 -26.34
CGD HEC LC . -31.67 -36.53 -25.96
O1D HEC LC . -30.60 -37.21 -25.91
O2D HEC LC . -32.77 -37.08 -25.69
FE HEC MC . -43.53 -35.10 -27.99
CHA HEC MC . -41.78 -34.26 -25.32
CHB HEC MC . -40.93 -37.12 -29.08
CHC HEC MC . -45.52 -36.49 -30.54
CHD HEC MC . -46.15 -33.17 -27.07
NA HEC MC . -41.72 -35.61 -27.35
C1A HEC MC . -41.16 -35.08 -26.21
C2A HEC MC . -39.82 -35.54 -26.09
C3A HEC MC . -39.59 -36.34 -27.16
C4A HEC MC . -40.77 -36.39 -27.93
CMA HEC MC . -38.30 -37.06 -27.47
CAA HEC MC . -38.85 -35.21 -24.98
CBA HEC MC . -38.67 -36.45 -24.10
CGA HEC MC . -38.82 -36.13 -22.63
O1A HEC MC . -39.95 -35.96 -22.13
O2A HEC MC . -37.80 -36.06 -21.90
NB HEC MC . -43.28 -36.53 -29.51
C1B HEC MC . -42.16 -37.22 -29.74
C2B HEC MC . -42.34 -38.11 -30.83
C3B HEC MC . -43.63 -37.96 -31.25
C4B HEC MC . -44.21 -36.92 -30.38
CMB HEC MC . -41.30 -39.06 -31.39
CAB HEC MC . -44.31 -38.66 -32.37
CBB HEC MC . -45.05 -39.73 -32.09
NC HEC MC . -45.49 -34.91 -28.67
C1C HEC MC . -46.08 -35.49 -29.76
C2C HEC MC . -47.34 -34.91 -29.97
C3C HEC MC . -47.52 -33.96 -28.98
C4C HEC MC . -46.35 -33.97 -28.17
CMC HEC MC . -48.31 -35.27 -31.07
CAC HEC MC . -48.71 -33.12 -28.79
CBC HEC MC . -49.91 -33.64 -28.56
ND HEC MC . -43.88 -33.97 -26.54
C1D HEC MC . -45.00 -33.27 -26.29
C2D HEC MC . -44.87 -32.54 -25.03
C3D HEC MC . -43.65 -32.84 -24.55
C4D HEC MC . -43.05 -33.76 -25.51
CMD HEC MC . -45.89 -31.63 -24.39
CAD HEC MC . -43.00 -32.38 -23.26
CBD HEC MC . -43.19 -33.61 -22.35
CGD HEC MC . -42.80 -33.43 -20.90
O1D HEC MC . -42.79 -32.31 -20.35
O2D HEC MC . -42.52 -34.46 -20.26
FE HEC NC . -55.52 -34.45 -30.21
CHA HEC NC . -57.58 -37.04 -30.30
CHB HEC NC . -55.91 -34.21 -26.78
CHC HEC NC . -52.96 -32.11 -30.02
CHD HEC NC . -55.64 -34.03 -33.55
NA HEC NC . -56.53 -35.42 -28.79
C1A HEC NC . -57.34 -36.51 -29.07
C2A HEC NC . -57.89 -36.98 -27.86
C3A HEC NC . -57.41 -36.17 -26.86
C4A HEC NC . -56.58 -35.20 -27.45
CMA HEC NC . -57.70 -36.28 -25.38
CAA HEC NC . -58.81 -38.16 -27.68
CBA HEC NC . -60.27 -37.78 -27.96
CGA HEC NC . -61.18 -38.99 -27.98
O1A HEC NC . -62.42 -38.85 -28.07
O2A HEC NC . -60.69 -40.15 -27.89
NB HEC NC . -54.59 -33.36 -28.68
C1B HEC NC . -54.91 -33.42 -27.38
C2B HEC NC . -54.08 -32.55 -26.63
C3B HEC NC . -53.24 -31.95 -27.52
C4B HEC NC . -53.60 -32.49 -28.84
CMB HEC NC . -54.13 -32.35 -25.14
CAB HEC NC . -52.18 -30.95 -27.25
CBB HEC NC . -51.12 -31.28 -26.53
NC HEC NC . -54.44 -33.29 -31.54
C1C HEC NC . -53.49 -32.35 -31.27
C2C HEC NC . -53.14 -31.69 -32.46
C3C HEC NC . -53.91 -32.25 -33.48
C4C HEC NC . -54.72 -33.25 -32.88
CMC HEC NC . -52.11 -30.57 -32.59
CAC HEC NC . -53.90 -31.88 -34.91
CBC HEC NC . -52.81 -32.04 -35.65
ND HEC NC . -56.40 -35.32 -31.61
C1D HEC NC . -56.35 -35.03 -32.93
C2D HEC NC . -57.21 -35.96 -33.70
C3D HEC NC . -57.75 -36.81 -32.79
C4D HEC NC . -57.22 -36.38 -31.48
CMD HEC NC . -57.38 -35.92 -35.19
CAD HEC NC . -58.70 -37.99 -32.94
CBD HEC NC . -59.42 -38.21 -34.27
CGD HEC NC . -60.09 -39.57 -34.20
O1D HEC NC . -59.50 -40.61 -34.59
O2D HEC NC . -61.25 -39.67 -33.74
FE HEC OC . -59.74 -31.95 -21.95
CHA HEC OC . -62.19 -34.11 -22.31
CHB HEC OC . -58.92 -32.19 -25.29
CHC HEC OC . -57.95 -28.99 -21.74
CHD HEC OC . -59.82 -32.12 -18.60
NA HEC OC . -60.43 -32.92 -23.53
C1A HEC OC . -61.43 -33.86 -23.43
C2A HEC OC . -61.54 -34.54 -24.66
C3A HEC OC . -60.61 -34.00 -25.51
C4A HEC OC . -59.93 -32.98 -24.81
CMA HEC OC . -60.37 -34.41 -26.94
CAA HEC OC . -62.50 -35.66 -24.96
CBA HEC OC . -61.87 -36.96 -24.40
CGA HEC OC . -62.75 -38.17 -24.59
O1A HEC OC . -62.27 -39.30 -24.35
O2A HEC OC . -63.93 -38.05 -25.00
NB HEC OC . -58.63 -30.80 -23.28
C1B HEC OC . -58.44 -31.08 -24.58
C2B HEC OC . -57.65 -30.05 -25.16
C3B HEC OC . -57.37 -29.14 -24.17
C4B HEC OC . -58.02 -29.64 -22.96
CMB HEC OC . -57.19 -29.97 -26.60
CAB HEC OC . -56.61 -27.90 -24.28
CBB HEC OC . -57.24 -26.82 -24.72
NC HEC OC . -59.07 -30.70 -20.42
C1C HEC OC . -58.17 -29.67 -20.55
C2C HEC OC . -57.55 -29.44 -19.32
C3C HEC OC . -58.09 -30.34 -18.40
C4C HEC OC . -59.04 -31.12 -19.12
CMC HEC OC . -56.50 -28.39 -19.04
CAC HEC OC . -57.72 -30.48 -16.97
CBC HEC OC . -58.03 -29.54 -16.08
ND HEC OC . -60.79 -32.91 -20.72
C1D HEC OC . -60.71 -32.86 -19.38
C2D HEC OC . -61.73 -33.76 -18.80
C3D HEC OC . -62.39 -34.31 -19.85
C4D HEC OC . -61.76 -33.76 -21.05
CMD HEC OC . -61.99 -34.01 -17.32
CAD HEC OC . -63.52 -35.30 -19.80
CBD HEC OC . -62.98 -36.73 -19.66
CGD HEC OC . -64.12 -37.69 -19.46
O1D HEC OC . -64.32 -38.62 -20.28
O2D HEC OC . -64.88 -37.54 -18.46
FE HEC PC . -59.58 -26.00 -11.54
CHA HEC PC . -61.04 -23.06 -11.18
CHB HEC PC . -62.67 -27.59 -11.64
CHC HEC PC . -58.10 -28.98 -12.62
CHD HEC PC . -56.54 -24.79 -10.74
NA HEC PC . -61.48 -25.47 -11.35
C1A HEC PC . -61.87 -24.14 -11.37
C2A HEC PC . -63.26 -24.07 -11.58
C3A HEC PC . -63.72 -25.34 -11.71
C4A HEC PC . -62.61 -26.21 -11.56
CMA HEC PC . -65.14 -25.75 -11.95
CAA HEC PC . -64.13 -22.83 -11.66
CBA HEC PC . -64.05 -21.99 -10.38
CGA HEC PC . -65.14 -22.35 -9.41
O1A HEC PC . -66.33 -22.43 -9.76
O2A HEC PC . -64.85 -22.55 -8.20
NB HEC PC . -60.25 -27.93 -12.05
C1B HEC PC . -61.54 -28.33 -12.01
C2B HEC PC . -61.65 -29.70 -12.40
C3B HEC PC . -60.38 -30.12 -12.69
C4B HEC PC . -59.49 -28.96 -12.44
CMB HEC PC . -62.93 -30.50 -12.49
CAB HEC PC . -59.99 -31.47 -13.15
CBB HEC PC . -60.26 -31.84 -14.40
NC HEC PC . -57.66 -26.77 -11.72
C1C HEC PC . -57.27 -28.02 -12.07
C2C HEC PC . -55.90 -28.15 -11.82
C3C HEC PC . -55.45 -26.95 -11.29
C4C HEC PC . -56.58 -26.08 -11.23
CMC HEC PC . -55.07 -29.38 -12.09
CAC HEC PC . -54.08 -26.62 -10.86
CBC HEC PC . -53.02 -26.81 -11.64
ND HEC PC . -58.93 -24.31 -11.06
C1D HEC PC . -57.68 -23.97 -10.76
C2D HEC PC . -57.60 -22.53 -10.42
C3D HEC PC . -58.86 -22.05 -10.53
C4D HEC PC . -59.68 -23.20 -10.95
CMD HEC PC . -56.38 -21.75 -10.01
CAD HEC PC . -59.32 -20.63 -10.31
CBD HEC PC . -59.94 -20.47 -8.92
CGD HEC PC . -60.94 -19.33 -8.86
O1D HEC PC . -61.74 -19.14 -9.79
O2D HEC PC . -60.99 -18.57 -7.85
S SO4 QC . -71.77 -37.83 -0.09
O1 SO4 QC . -71.26 -37.12 -1.28
O2 SO4 QC . -70.79 -38.86 0.31
O3 SO4 QC . -73.07 -38.48 -0.42
O4 SO4 QC . -71.97 -36.86 1.01
C1 GOL RC . -87.54 -47.97 -33.14
O1 GOL RC . -87.02 -46.64 -33.26
C2 GOL RC . -87.29 -48.77 -34.42
O2 GOL RC . -86.82 -47.89 -35.45
C3 GOL RC . -86.26 -49.86 -34.16
O3 GOL RC . -86.04 -50.60 -35.38
FE HEC SC . -62.16 -35.02 -37.87
CHA HEC SC . -62.87 -36.71 -35.07
CHB HEC SC . -62.58 -37.66 -39.75
CHC HEC SC . -62.70 -32.79 -40.50
CHD HEC SC . -60.33 -32.76 -36.22
NA HEC SC . -62.86 -36.76 -37.54
C1A HEC SC . -63.57 -37.14 -36.30
C2A HEC SC . -63.77 -38.66 -36.45
C3A HEC SC . -63.81 -38.85 -37.81
C4A HEC SC . -63.10 -37.72 -38.44
CMA HEC SC . -64.50 -39.89 -38.59
CAA HEC SC . -64.14 -39.79 -35.55
CBA HEC SC . -65.47 -39.45 -34.89
CGA HEC SC . -66.83 -39.95 -35.34
O1A HEC SC . -67.67 -40.15 -34.49
O2A HEC SC . -67.04 -40.14 -36.61
NB HEC SC . -62.66 -35.24 -39.69
C1B HEC SC . -62.51 -36.44 -40.38
C2B HEC SC . -62.55 -36.19 -41.82
C3B HEC SC . -62.95 -34.91 -42.00
C4B HEC SC . -63.21 -34.26 -40.63
CMB HEC SC . -62.51 -37.26 -42.84
CAB HEC SC . -63.13 -34.21 -43.29
CBB HEC SC . -64.35 -34.68 -44.08
NC HEC SC . -61.53 -33.26 -38.31
C1C HEC SC . -61.81 -32.47 -39.35
C2C HEC SC . -60.80 -31.38 -39.46
C3C HEC SC . -60.09 -31.36 -38.30
C4C HEC SC . -60.28 -32.73 -37.69
CMC HEC SC . -60.44 -30.79 -40.77
CAC HEC SC . -58.85 -30.59 -37.98
CBC HEC SC . -59.02 -29.09 -37.84
ND HEC SC . -61.49 -34.95 -36.08
C1D HEC SC . -60.75 -33.87 -35.53
C2D HEC SC . -60.60 -34.12 -34.10
C3D HEC SC . -61.60 -35.03 -33.75
C4D HEC SC . -62.19 -35.53 -34.99
CMD HEC SC . -59.61 -33.50 -33.20
CAD HEC SC . -61.69 -35.76 -32.47
CBD HEC SC . -62.47 -34.98 -31.40
CGD HEC SC . -62.81 -35.88 -30.15
O1D HEC SC . -62.69 -37.15 -30.28
O2D HEC SC . -63.18 -35.34 -29.10
FE HEC TC . -77.25 -14.73 -17.49
CHA HEC TC . -77.76 -11.40 -17.51
CHB HEC TC . -79.93 -15.26 -15.68
CHC HEC TC . -77.06 -18.02 -18.60
CHD HEC TC . -73.98 -14.36 -18.06
NA HEC TC . -78.70 -13.62 -16.96
C1A HEC TC . -78.95 -12.27 -17.52
C2A HEC TC . -80.14 -11.73 -16.70
C3A HEC TC . -80.75 -12.86 -16.22
C4A HEC TC . -79.82 -13.99 -16.31
CMA HEC TC . -82.08 -12.98 -15.59
CAA HEC TC . -80.65 -10.33 -16.59
CBA HEC TC . -81.15 -9.88 -17.96
CGA HEC TC . -82.47 -10.26 -18.62
O1A HEC TC . -82.70 -9.72 -19.69
O2A HEC TC . -83.28 -11.11 -18.04
NB HEC TC . -78.39 -16.21 -17.29
C1B HEC TC . -79.30 -16.35 -16.24
C2B HEC TC . -79.67 -17.75 -16.06
C3B HEC TC . -79.15 -18.44 -17.11
C4B HEC TC . -78.41 -17.47 -18.05
CMB HEC TC . -80.76 -18.22 -15.17
CAB HEC TC . -79.16 -19.90 -17.27
CBB HEC TC . -80.46 -20.48 -17.76
NC HEC TC . -75.82 -15.96 -17.91
C1C HEC TC . -75.85 -17.23 -18.24
C2C HEC TC . -74.48 -17.84 -18.24
C3C HEC TC . -73.59 -16.85 -17.97
C4C HEC TC . -74.41 -15.65 -17.52
CMC HEC TC . -74.24 -19.30 -18.29
CAC HEC TC . -72.18 -16.97 -17.54
CBC HEC TC . -71.19 -17.34 -18.64
ND HEC TC . -76.08 -13.20 -17.48
C1D HEC TC . -74.71 -13.22 -17.85
C2D HEC TC . -74.22 -11.85 -17.78
C3D HEC TC . -75.33 -11.03 -17.90
C4D HEC TC . -76.52 -11.89 -17.77
CMD HEC TC . -72.81 -11.42 -17.68
CAD HEC TC . -75.39 -9.55 -17.78
CBD HEC TC . -75.06 -8.85 -19.10
CGD HEC TC . -75.54 -7.34 -19.09
O1D HEC TC . -76.43 -7.03 -18.24
O2D HEC TC . -75.04 -6.53 -19.90
FE HEC UC . -58.42 -30.13 4.96
CHA HEC UC . -60.52 -30.99 2.55
CHB HEC UC . -59.63 -26.89 4.92
CHC HEC UC . -56.67 -29.34 7.91
CHD HEC UC . -56.70 -32.99 4.74
NA HEC UC . -59.79 -29.11 3.94
C1A HEC UC . -60.59 -29.70 2.98
C2A HEC UC . -61.49 -28.72 2.49
C3A HEC UC . -61.24 -27.56 3.15
C4A HEC UC . -60.18 -27.81 4.06
CMA HEC UC . -61.95 -26.23 2.97
CAA HEC UC . -62.54 -28.91 1.41
CBA HEC UC . -63.91 -29.30 1.97
CGA HEC UC . -64.81 -29.65 0.82
O1A HEC UC . -64.43 -30.45 -0.08
O2A HEC UC . -65.96 -29.15 0.75
NB HEC UC . -58.18 -28.43 6.19
C1B HEC UC . -58.77 -27.25 5.97
C2B HEC UC . -58.42 -26.33 6.98
C3B HEC UC . -57.59 -26.99 7.84
C4B HEC UC . -57.45 -28.36 7.30
CMB HEC UC . -58.87 -24.89 7.09
CAB HEC UC . -56.96 -26.47 9.07
CBB HEC UC . -57.71 -26.16 10.13
NC HEC UC . -56.93 -30.99 6.14
C1C HEC UC . -56.37 -30.53 7.29
C2C HEC UC . -55.44 -31.49 7.76
C3C HEC UC . -55.44 -32.54 6.86
C4C HEC UC . -56.39 -32.22 5.84
CMC HEC UC . -54.60 -31.38 9.02
CAC HEC UC . -54.58 -33.74 6.99
CBC HEC UC . -54.14 -34.41 5.93
ND HEC UC . -58.57 -31.64 3.89
C1D HEC UC . -57.79 -32.73 3.90
C2D HEC UC . -58.23 -33.70 2.90
C3D HEC UC . -59.30 -33.15 2.30
C4D HEC UC . -59.50 -31.84 2.93
CMD HEC UC . -57.63 -35.05 2.60
CAD HEC UC . -60.12 -33.75 1.18
CBD HEC UC . -61.30 -34.57 1.68
CGD HEC UC . -62.04 -35.14 0.50
O1D HEC UC . -61.90 -36.35 0.21
O2D HEC UC . -62.77 -34.39 -0.19
FE HEC VC . -59.85 -21.74 0.66
CHA HEC VC . -62.25 -22.63 -1.45
CHB HEC VC . -58.87 -25.03 0.99
CHC HEC VC . -56.97 -20.78 2.43
CHD HEC VC . -60.88 -18.53 0.73
NA HEC VC . -60.42 -23.50 -0.07
C1A HEC VC . -61.48 -23.64 -0.93
C2A HEC VC . -61.65 -25.01 -1.21
C3A HEC VC . -60.70 -25.68 -0.52
C4A HEC VC . -59.93 -24.73 0.17
CMA HEC VC . -60.48 -27.17 -0.51
CAA HEC VC . -62.71 -25.67 -2.08
CBA HEC VC . -62.75 -25.19 -3.53
CGA HEC VC . -61.71 -25.93 -4.34
O1A HEC VC . -60.98 -25.27 -5.12
O2A HEC VC . -61.57 -27.16 -4.23
NB HEC VC . -58.22 -22.72 1.55
C1B HEC VC . -58.05 -24.06 1.55
C2B HEC VC . -56.84 -24.37 2.22
C3B HEC VC . -56.28 -23.19 2.64
C4B HEC VC . -57.20 -22.13 2.19
CMB HEC VC . -56.26 -25.75 2.44
CAB HEC VC . -55.01 -23.03 3.37
CBB HEC VC . -53.86 -23.09 2.72
NC HEC VC . -59.03 -19.96 1.39
C1C HEC VC . -57.95 -19.81 2.21
C2C HEC VC . -57.98 -18.55 2.82
C3C HEC VC . -59.11 -17.89 2.35
C4C HEC VC . -59.75 -18.80 1.45
CMC HEC VC . -56.97 -18.01 3.82
CAC HEC VC . -59.55 -16.53 2.73
CBC HEC VC . -58.92 -15.45 2.30
ND HEC VC . -61.24 -20.80 -0.18
C1D HEC VC . -61.53 -19.49 -0.07
C2D HEC VC . -62.69 -19.14 -0.91
C3D HEC VC . -63.07 -20.29 -1.51
C4D HEC VC . -62.14 -21.32 -1.03
CMD HEC VC . -63.35 -17.80 -1.07
CAD HEC VC . -64.22 -20.50 -2.46
CBD HEC VC . -65.38 -21.08 -1.63
CGD HEC VC . -66.59 -21.49 -2.42
O1D HEC VC . -67.73 -21.42 -1.88
O2D HEC VC . -66.50 -21.92 -3.59
FE HEC WC . -58.11 -10.31 2.35
CHA HEC WC . -55.20 -8.99 1.54
CHB HEC WC . -59.09 -10.40 -0.93
CHC HEC WC . -60.68 -12.53 3.14
CHD HEC WC . -57.72 -9.61 5.62
NA HEC WC . -57.30 -9.83 0.61
C1A HEC WC . -56.11 -9.17 0.52
C2A HEC WC . -55.95 -8.71 -0.82
C3A HEC WC . -57.04 -9.11 -1.52
C4A HEC WC . -57.89 -9.82 -0.62
CMA HEC WC . -57.33 -8.85 -2.99
CAA HEC WC . -54.77 -7.92 -1.34
CBA HEC WC . -53.69 -8.92 -1.78
CGA HEC WC . -52.46 -8.22 -2.33
O1A HEC WC . -51.50 -8.92 -2.75
O2A HEC WC . -52.41 -6.97 -2.38
NB HEC WC . -59.62 -11.29 1.29
C1B HEC WC . -59.81 -11.17 -0.02
C2B HEC WC . -60.90 -11.98 -0.40
C3B HEC WC . -61.38 -12.59 0.72
C4B HEC WC . -60.51 -12.13 1.82
CMB HEC WC . -61.45 -12.13 -1.81
CAB HEC WC . -62.51 -13.53 0.82
CBB HEC WC . -62.31 -14.83 0.71
NC HEC WC . -59.03 -11.01 4.09
C1C HEC WC . -60.11 -11.84 4.20
C2C HEC WC . -60.55 -11.83 5.54
C3C HEC WC . -59.69 -10.99 6.24
C4C HEC WC . -58.74 -10.47 5.32
CMC HEC WC . -61.72 -12.61 6.09
CAC HEC WC . -59.77 -10.68 7.70
CBC HEC WC . -58.95 -11.24 8.57
ND HEC WC . -56.75 -9.49 3.36
C1D HEC WC . -56.72 -9.28 4.69
C2D HEC WC . -55.47 -8.61 5.07
C3D HEC WC . -54.76 -8.44 3.91
C4D HEC WC . -55.61 -9.00 2.85
CMD HEC WC . -55.03 -8.20 6.46
CAD HEC WC . -53.40 -7.83 3.73
CBD HEC WC . -53.51 -6.43 3.16
CGD HEC WC . -53.50 -5.46 4.31
O1D HEC WC . -52.43 -5.20 4.90
O2D HEC WC . -54.57 -4.92 4.70
FE HEC XC . -61.66 -7.06 -5.62
CHA HEC XC . -58.96 -5.09 -5.46
CHB HEC XC . -61.62 -7.42 -2.17
CHC HEC XC . -64.80 -8.64 -5.65
CHD HEC XC . -61.76 -6.89 -8.99
NA HEC XC . -60.55 -6.40 -4.11
C1A HEC XC . -59.43 -5.64 -4.28
C2A HEC XC . -58.77 -5.49 -3.04
C3A HEC XC . -59.53 -6.13 -2.10
C4A HEC XC . -60.63 -6.70 -2.78
CMA HEC XC . -59.24 -6.26 -0.62
CAA HEC XC . -57.50 -4.72 -2.79
CBA HEC XC . -57.94 -3.36 -2.24
CGA HEC XC . -56.88 -2.33 -2.46
O1A HEC XC . -56.81 -1.73 -3.55
O2A HEC XC . -56.06 -2.10 -1.53
NB HEC XC . -62.96 -7.87 -4.18
C1B HEC XC . -62.74 -7.89 -2.86
C2B HEC XC . -63.84 -8.48 -2.19
C3B HEC XC . -64.74 -8.83 -3.14
C4B HEC XC . -64.15 -8.42 -4.44
CMB HEC XC . -63.96 -8.68 -0.70
CAB HEC XC . -66.05 -9.49 -2.93
CBB HEC XC . -67.09 -8.75 -2.57
NC HEC XC . -63.06 -7.65 -7.04
C1C HEC XC . -64.23 -8.33 -6.88
C2C HEC XC . -64.74 -8.67 -8.14
C3C HEC XC . -63.88 -8.15 -9.08
C4C HEC XC . -62.82 -7.51 -8.39
CMC HEC XC . -66.02 -9.43 -8.40
CAC HEC XC . -64.00 -8.25 -10.55
CBC HEC XC . -65.04 -7.70 -11.18
ND HEC XC . -60.61 -6.20 -6.92
C1D HEC XC . -60.78 -6.21 -8.25
C2D HEC XC . -59.76 -5.39 -8.92
C3D HEC XC . -58.98 -4.90 -7.94
C4D HEC XC . -59.54 -5.41 -6.68
CMD HEC XC . -59.62 -5.16 -10.40
CAD HEC XC . -57.81 -3.97 -8.06
CBD HEC XC . -58.43 -2.57 -8.01
CGD HEC XC . -57.49 -1.43 -7.73
O1D HEC XC . -56.46 -1.26 -8.41
O2D HEC XC . -57.76 -0.62 -6.81
FE HEC YC . -69.73 -8.56 -14.62
CHA HEC YC . -72.85 -7.42 -14.47
CHB HEC YC . -68.61 -5.53 -15.84
CHC HEC YC . -66.40 -9.52 -14.18
CHD HEC YC . -70.69 -11.74 -14.28
NA HEC YC . -70.55 -6.80 -15.07
C1A HEC YC . -71.88 -6.54 -14.93
C2A HEC YC . -72.14 -5.20 -15.32
C3A HEC YC . -70.94 -4.67 -15.71
C4A HEC YC . -69.96 -5.67 -15.56
CMA HEC YC . -70.72 -3.26 -16.21
CAA HEC YC . -73.48 -4.50 -15.32
CBA HEC YC . -74.29 -4.87 -16.57
CGA HEC YC . -75.61 -4.14 -16.60
O1A HEC YC . -76.49 -4.50 -17.42
O2A HEC YC . -75.85 -3.19 -15.83
NB HEC YC . -67.85 -7.68 -14.94
C1B HEC YC . -67.65 -6.45 -15.45
C2B HEC YC . -66.25 -6.18 -15.54
C3B HEC YC . -65.60 -7.29 -15.07
C4B HEC YC . -66.66 -8.25 -14.70
CMB HEC YC . -65.62 -4.91 -16.04
CAB HEC YC . -64.14 -7.51 -14.95
CBB HEC YC . -63.43 -6.81 -14.07
NC HEC YC . -68.70 -10.31 -14.27
C1C HEC YC . -67.36 -10.52 -14.12
C2C HEC YC . -67.12 -11.88 -13.91
C3C HEC YC . -68.35 -12.52 -13.93
C4C HEC YC . -69.35 -11.52 -14.17
CMC HEC YC . -65.76 -12.51 -13.70
CAC HEC YC . -68.64 -13.96 -13.77
CBC HEC YC . -68.29 -14.61 -12.66
ND HEC YC . -71.39 -9.40 -14.42
C1D HEC YC . -71.63 -10.71 -14.30
C2D HEC YC . -73.09 -10.96 -14.17
C3D HEC YC . -73.69 -9.74 -14.22
C4D HEC YC . -72.59 -8.77 -14.39
CMD HEC YC . -73.73 -12.32 -14.02
CAD HEC YC . -75.14 -9.32 -14.14
CBD HEC YC . -76.22 -10.41 -14.26
CGD HEC YC . -77.57 -9.78 -13.97
O1D HEC YC . -78.03 -9.79 -12.82
O2D HEC YC . -78.23 -9.25 -14.90
FE HEC ZC . -67.82 -1.72 -21.27
CHA HEC ZC . -70.99 -1.02 -21.80
CHB HEC ZC . -68.64 -4.75 -19.83
CHC HEC ZC . -64.57 -2.89 -21.76
CHD HEC ZC . -66.79 1.40 -21.90
NA HEC ZC . -69.48 -2.74 -20.92
C1A HEC ZC . -70.72 -2.18 -21.11
C2A HEC ZC . -71.69 -3.01 -20.49
C3A HEC ZC . -71.03 -4.07 -19.95
C4A HEC ZC . -69.66 -3.90 -20.21
CMA HEC ZC . -71.64 -5.22 -19.18
CAA HEC ZC . -73.17 -2.75 -20.44
CBA HEC ZC . -73.45 -1.89 -19.21
CGA HEC ZC . -74.87 -1.40 -19.12
O1A HEC ZC . -75.12 -0.45 -18.36
O2A HEC ZC . -75.79 -1.93 -19.80
NB HEC ZC . -66.80 -3.51 -20.87
C1B HEC ZC . -67.33 -4.59 -20.29
C2B HEC ZC . -66.35 -5.60 -20.17
C3B HEC ZC . -65.20 -5.11 -20.71
C4B HEC ZC . -65.51 -3.74 -21.16
CMB HEC ZC . -66.57 -6.97 -19.58
CAB HEC ZC . -63.91 -5.80 -20.84
CBB HEC ZC . -63.75 -6.70 -21.80
NC HEC ZC . -65.98 -0.90 -21.80
C1C HEC ZC . -64.75 -1.51 -21.81
C2C HEC ZC . -63.76 -0.52 -21.86
C3C HEC ZC . -64.40 0.71 -21.89
C4C HEC ZC . -65.80 0.45 -21.86
CMC HEC ZC . -62.28 -0.75 -21.87
CAC HEC ZC . -63.75 2.03 -21.95
CBC HEC ZC . -63.22 2.49 -23.08
ND HEC ZC . -68.70 -0.14 -21.75
C1D HEC ZC . -68.14 1.06 -21.99
C2D HEC ZC . -69.19 2.02 -22.36
C3D HEC ZC . -70.36 1.35 -22.33
C4D HEC ZC . -70.02 -0.02 -21.94
CMD HEC ZC . -68.99 3.48 -22.71
CAD HEC ZC . -71.74 1.88 -22.63
CBD HEC ZC . -72.37 2.36 -21.33
CGD HEC ZC . -73.57 3.22 -21.63
O1D HEC ZC . -74.69 2.83 -21.27
O2D HEC ZC . -73.41 4.31 -22.24
FE HEC AD . -60.09 5.12 -27.25
CHA HEC AD . -58.93 4.17 -30.19
CHB HEC AD . -63.16 5.85 -28.63
CHC HEC AD . -61.53 5.34 -24.07
CHD HEC AD . -57.02 5.20 -25.87
NA HEC AD . -60.90 5.08 -29.06
C1A HEC AD . -60.25 4.56 -30.15
C2A HEC AD . -61.14 4.49 -31.24
C3A HEC AD . -62.33 4.97 -30.80
C4A HEC AD . -62.19 5.33 -29.45
CMA HEC AD . -63.59 5.07 -31.62
CAA HEC AD . -60.86 3.97 -32.63
CBA HEC AD . -59.78 4.80 -33.33
CGA HEC AD . -60.42 5.85 -34.19
O1A HEC AD . -61.31 5.53 -35.03
O2A HEC AD . -60.07 7.04 -34.07
NB HEC AD . -62.00 5.53 -26.48
C1B HEC AD . -63.08 5.79 -27.23
C2B HEC AD . -64.21 6.02 -26.40
C3B HEC AD . -63.78 5.89 -25.11
C4B HEC AD . -62.33 5.57 -25.19
CMB HEC AD . -65.62 6.36 -26.85
CAB HEC AD . -64.59 6.03 -23.88
CBB HEC AD . -65.55 5.14 -23.60
NC HEC AD . -59.41 5.22 -25.29
C1C HEC AD . -60.13 5.38 -24.14
C2C HEC AD . -59.25 5.56 -23.06
C3C HEC AD . -57.95 5.51 -23.59
C4C HEC AD . -58.08 5.30 -25.00
CMC HEC AD . -59.63 5.76 -21.62
CAC HEC AD . -56.68 5.65 -22.86
CBC HEC AD . -56.28 4.76 -21.96
ND HEC AD . -58.36 4.77 -27.89
C1D HEC AD . -57.20 4.85 -27.21
C2D HEC AD . -56.07 4.51 -28.09
C3D HEC AD . -56.60 4.22 -29.29
C4D HEC AD . -58.05 4.41 -29.14
CMD HEC AD . -54.62 4.49 -27.71
CAD HEC AD . -55.86 3.82 -30.55
CBD HEC AD . -55.71 5.04 -31.47
CGD HEC AD . -55.45 4.69 -32.93
O1D HEC AD . -56.03 3.73 -33.48
O2D HEC AD . -54.65 5.37 -33.61
S SO4 BD . -52.79 -13.76 -26.06
O1 SO4 BD . -52.91 -13.58 -24.59
O2 SO4 BD . -52.05 -14.99 -26.40
O3 SO4 BD . -52.10 -12.57 -26.61
O4 SO4 BD . -54.14 -13.91 -26.63
S SO4 CD . -71.75 21.44 -31.49
O1 SO4 CD . -71.01 20.91 -30.32
O2 SO4 CD . -71.58 20.51 -32.63
O3 SO4 CD . -71.25 22.78 -31.84
O4 SO4 CD . -73.20 21.52 -31.17
FE HEC DD . -66.27 -3.79 -46.04
CHA HEC DD . -64.43 -5.22 -48.47
CHB HEC DD . -67.74 -1.76 -48.16
CHC HEC DD . -68.74 -3.41 -43.61
CHD HEC DD . -64.08 -4.68 -43.67
NA HEC DD . -66.30 -3.68 -47.94
C1A HEC DD . -65.79 -4.76 -48.82
C2A HEC DD . -65.91 -4.16 -50.24
C3A HEC DD . -66.87 -3.18 -50.13
C4A HEC DD . -67.04 -2.86 -48.70
CMA HEC DD . -67.57 -2.46 -51.21
CAA HEC DD . -65.28 -4.60 -51.51
CBA HEC DD . -65.81 -5.98 -51.82
CGA HEC DD . -67.15 -6.32 -52.47
O1A HEC DD . -67.32 -7.50 -52.76
O2A HEC DD . -68.03 -5.38 -52.67
NB HEC DD . -67.93 -2.89 -46.02
C1B HEC DD . -68.26 -1.84 -46.89
C2B HEC DD . -69.37 -1.06 -46.34
C3B HEC DD . -69.85 -1.75 -45.27
C4B HEC DD . -69.06 -3.05 -45.09
CMB HEC DD . -70.06 0.03 -47.08
CAB HEC DD . -70.89 -1.29 -44.31
CBB HEC DD . -72.31 -1.39 -44.82
NC HEC DD . -66.30 -3.73 -44.11
C1C HEC DD . -67.29 -3.49 -43.26
C2C HEC DD . -66.80 -3.35 -41.87
C3C HEC DD . -65.47 -3.58 -41.87
C4C HEC DD . -65.03 -3.62 -43.32
CMC HEC DD . -67.64 -2.78 -40.77
CAC HEC DD . -64.46 -3.24 -40.82
CBC HEC DD . -64.48 -4.14 -39.60
ND HEC DD . -64.49 -4.50 -46.10
C1D HEC DD . -63.73 -4.91 -44.96
C2D HEC DD . -62.49 -5.49 -45.45
C3D HEC DD . -62.73 -5.88 -46.76
C4D HEC DD . -64.02 -5.32 -47.16
CMD HEC DD . -61.26 -5.67 -44.67
CAD HEC DD . -61.73 -6.39 -47.74
CBD HEC DD . -61.53 -7.90 -47.63
CGD HEC DD . -60.87 -8.50 -48.93
O1D HEC DD . -60.94 -7.80 -49.99
O2D HEC DD . -60.34 -9.63 -48.89
FE HEC ED . -56.07 21.70 -27.56
CHA HEC ED . -58.90 20.03 -28.04
CHB HEC ED . -54.72 20.38 -30.44
CHC HEC ED . -53.33 23.91 -27.39
CHD HEC ED . -56.92 22.60 -24.43
NA HEC ED . -56.66 20.45 -28.97
C1A HEC ED . -57.91 19.88 -28.99
C2A HEC ED . -58.03 19.09 -30.15
C3A HEC ED . -56.85 19.18 -30.83
C4A HEC ED . -56.01 20.04 -30.08
CMA HEC ED . -56.50 18.49 -32.13
CAA HEC ED . -59.22 18.27 -30.55
CBA HEC ED . -60.19 19.03 -31.48
CGA HEC ED . -61.44 18.20 -31.69
O1A HEC ED . -62.06 17.71 -30.72
O2A HEC ED . -61.85 17.99 -32.86
NB HEC ED . -54.34 22.07 -28.69
C1B HEC ED . -54.02 21.42 -29.82
C2B HEC ED . -52.79 21.92 -30.34
C3B HEC ED . -52.38 22.91 -29.50
C4B HEC ED . -53.41 22.99 -28.44
CMB HEC ED . -52.09 21.45 -31.59
CAB HEC ED . -51.18 23.74 -29.62
CBB HEC ED . -51.08 24.63 -30.61
NC HEC ED . -55.25 23.03 -26.16
C1C HEC ED . -54.15 23.84 -26.28
C2C HEC ED . -54.00 24.60 -25.11
C3C HEC ED . -55.03 24.22 -24.25
C4C HEC ED . -55.81 23.24 -24.93
CMC HEC ED . -52.93 25.62 -24.82
CAC HEC ED . -55.24 24.77 -22.89
CBC HEC ED . -55.78 24.06 -21.90
ND HEC ED . -57.56 21.38 -26.47
C1D HEC ED . -57.76 21.82 -25.21
C2D HEC ED . -59.07 21.34 -24.73
C3D HEC ED . -59.61 20.64 -25.73
C4D HEC ED . -58.64 20.67 -26.83
CMD HEC ED . -59.69 21.60 -23.37
CAD HEC ED . -60.95 19.93 -25.70
CBD HEC ED . -62.08 20.82 -26.22
CGD HEC ED . -63.39 20.06 -26.16
O1D HEC ED . -64.20 20.30 -25.24
O2D HEC ED . -63.67 19.18 -27.02
FE HEC FD . -52.97 14.34 -32.77
CHA HEC FD . -55.90 13.00 -33.56
CHB HEC FD . -54.38 15.95 -30.08
CHC HEC FD . -49.82 15.34 -31.61
CHD HEC FD . -51.48 13.10 -35.54
NA HEC FD . -54.77 14.47 -31.96
C1A HEC FD . -55.88 13.84 -32.48
C2A HEC FD . -57.01 14.17 -31.69
C3A HEC FD . -56.57 14.99 -30.71
C4A HEC FD . -55.18 15.17 -30.88
CMA HEC FD . -57.42 15.62 -29.63
CAA HEC FD . -58.45 13.74 -31.88
CBA HEC FD . -58.68 12.23 -31.85
CGA HEC FD . -58.77 11.74 -30.43
O1A HEC FD . -58.16 10.70 -30.10
O2A HEC FD . -59.45 12.38 -29.58
NB HEC FD . -52.24 15.44 -31.15
C1B HEC FD . -53.00 15.99 -30.21
C2B HEC FD . -52.17 16.66 -29.25
C3B HEC FD . -50.89 16.50 -29.66
C4B HEC FD . -50.95 15.71 -30.90
CMB HEC FD . -52.64 17.41 -28.02
CAB HEC FD . -49.69 17.00 -28.98
CBB HEC FD . -49.20 16.38 -27.91
NC HEC FD . -50.98 14.18 -33.42
C1C HEC FD . -49.88 14.80 -32.88
C2C HEC FD . -48.85 14.82 -33.84
C3C HEC FD . -49.32 14.18 -34.97
C4C HEC FD . -50.67 13.79 -34.69
CMC HEC FD . -47.48 15.42 -33.65
CAC HEC FD . -48.58 13.97 -36.24
CBC HEC FD . -47.62 13.08 -36.33
ND HEC FD . -53.56 13.29 -34.21
C1D HEC FD . -52.83 12.85 -35.26
C2D HEC FD . -53.67 12.03 -36.16
C3D HEC FD . -54.90 12.01 -35.61
C4D HEC FD . -54.80 12.82 -34.38
CMD HEC FD . -53.26 11.36 -37.44
CAD HEC FD . -56.13 11.33 -36.13
CBD HEC FD . -56.98 12.41 -36.81
CGD HEC FD . -58.32 11.94 -37.30
O1D HEC FD . -58.79 12.47 -38.33
O2D HEC FD . -58.96 11.04 -36.71
FE HEC GD . -43.62 10.91 -38.88
CHA HEC GD . -41.15 9.40 -37.30
CHB HEC GD . -45.52 8.04 -38.82
CHC HEC GD . -46.49 12.74 -39.62
CHD HEC GD . -41.72 13.54 -39.76
NA HEC GD . -43.42 9.08 -38.15
C1A HEC GD . -42.23 8.62 -37.64
C2A HEC GD . -42.31 7.21 -37.50
C3A HEC GD . -43.54 6.83 -37.92
C4A HEC GD . -44.24 7.99 -38.33
CMA HEC GD . -44.09 5.41 -37.97
CAA HEC GD . -41.20 6.32 -36.98
CBA HEC GD . -41.30 6.27 -35.45
CGA HEC GD . -40.25 5.39 -34.84
O1A HEC GD . -40.23 5.23 -33.59
O2A HEC GD . -39.39 4.81 -35.55
NB HEC GD . -45.64 10.48 -39.17
C1B HEC GD . -46.17 9.25 -39.08
C2B HEC GD . -47.57 9.31 -39.33
C3B HEC GD . -47.88 10.62 -39.56
C4B HEC GD . -46.61 11.36 -39.45
CMB HEC GD . -48.53 8.15 -39.33
CAB HEC GD . -49.20 11.19 -39.85
CBB HEC GD . -49.96 11.64 -38.86
NC HEC GD . -44.07 12.84 -39.53
C1C HEC GD . -45.28 13.36 -39.88
C2C HEC GD . -45.08 14.59 -40.52
C3C HEC GD . -43.71 14.83 -40.55
C4C HEC GD . -43.08 13.71 -39.93
CMC HEC GD . -46.18 15.49 -41.06
CAC HEC GD . -43.03 16.00 -41.14
CBC HEC GD . -42.55 16.97 -40.36
ND HEC GD . -41.82 11.37 -38.59
C1D HEC GD . -41.19 12.49 -39.01
C2D HEC GD . -39.79 12.45 -38.54
C3D HEC GD . -39.64 11.30 -37.86
C4D HEC GD . -40.94 10.64 -37.90
CMD HEC GD . -38.74 13.51 -38.80
CAD HEC GD . -38.39 10.79 -37.18
CBD HEC GD . -37.74 9.67 -37.98
CGD HEC GD . -36.67 10.29 -38.84
O1D HEC GD . -35.58 10.62 -38.32
O2D HEC GD . -36.87 10.46 -40.07
FE HEC HD . -46.68 2.57 -41.74
CHA HEC HD . -43.56 1.69 -40.96
CHB HEC HD . -45.66 5.84 -42.25
CHC HEC HD . -49.78 3.43 -43.15
CHD HEC HD . -47.85 -0.53 -41.17
NA HEC HD . -44.98 3.59 -41.65
C1A HEC HD . -43.80 3.02 -41.24
C2A HEC HD . -42.82 4.04 -41.11
C3A HEC HD . -43.41 5.21 -41.47
C4A HEC HD . -44.74 4.92 -41.82
CMA HEC HD . -42.76 6.57 -41.52
CAA HEC HD . -41.38 3.86 -40.69
CBA HEC HD . -40.57 3.79 -41.99
CGA HEC HD . -39.28 3.08 -41.75
O1A HEC HD . -39.24 1.84 -41.84
O2A HEC HD . -38.26 3.75 -41.47
NB HEC HD . -47.55 4.31 -42.54
C1B HEC HD . -46.95 5.49 -42.66
C2B HEC HD . -47.81 6.44 -43.27
C3B HEC HD . -48.98 5.78 -43.53
C4B HEC HD . -48.78 4.39 -43.06
CMB HEC HD . -47.47 7.88 -43.55
CAB HEC HD . -50.21 6.30 -44.16
CBB HEC HD . -50.29 6.41 -45.48
NC HEC HD . -48.50 1.62 -42.12
C1C HEC HD . -49.66 2.15 -42.63
C2C HEC HD . -50.68 1.20 -42.53
C3C HEC HD . -50.12 0.06 -41.96
C4C HEC HD . -48.75 0.35 -41.72
CMC HEC HD . -52.12 1.39 -42.95
CAC HEC HD . -50.80 -1.21 -41.66
CBC HEC HD . -51.32 -1.95 -42.63
ND HEC HD . -45.89 0.95 -41.19
C1D HEC HD . -46.50 -0.23 -41.02
C2D HEC HD . -45.53 -1.25 -40.60
C3D HEC HD . -44.34 -0.62 -40.53
C4D HEC HD . -44.59 0.77 -40.92
CMD HEC HD . -45.81 -2.70 -40.29
CAD HEC HD . -43.00 -1.21 -40.18
CBD HEC HD . -42.47 -1.75 -41.52
CGD HEC HD . -40.99 -2.04 -41.57
O1D HEC HD . -40.45 -2.79 -40.72
O2D HEC HD . -40.30 -1.54 -42.49
FE HEC ID . -56.21 -4.36 -44.84
CHA HEC ID . -57.44 -4.50 -47.91
CHB HEC ID . -53.93 -6.83 -45.57
CHC HEC ID . -54.52 -3.77 -41.83
CHD HEC ID . -58.85 -2.61 -43.67
NA HEC ID . -55.75 -5.46 -46.41
C1A HEC ID . -56.40 -5.34 -47.62
C2A HEC ID . -55.83 -6.25 -48.53
C3A HEC ID . -54.83 -6.90 -47.88
C4A HEC ID . -54.79 -6.41 -46.56
CMA HEC ID . -53.93 -7.96 -48.47
CAA HEC ID . -56.24 -6.44 -49.97
CBA HEC ID . -57.47 -7.35 -50.08
CGA HEC ID . -57.86 -7.60 -51.53
O1A HEC ID . -58.97 -8.12 -51.78
O2A HEC ID . -57.09 -7.30 -52.47
NB HEC ID . -54.53 -5.15 -43.88
C1B HEC ID . -53.77 -6.13 -44.36
C2B HEC ID . -52.71 -6.44 -43.46
C3B HEC ID . -52.84 -5.59 -42.39
C4B HEC ID . -54.04 -4.76 -42.68
CMB HEC ID . -51.64 -7.49 -43.67
CAB HEC ID . -51.98 -5.52 -41.18
CBB HEC ID . -50.74 -5.04 -41.26
NC HEC ID . -56.58 -3.35 -43.05
C1C HEC ID . -55.79 -3.23 -41.95
C2C HEC ID . -56.47 -2.48 -40.97
C3C HEC ID . -57.70 -2.14 -41.50
C4C HEC ID . -57.77 -2.72 -42.81
CMC HEC ID . -55.94 -2.11 -39.60
CAC HEC ID . -58.78 -1.36 -40.84
CBC HEC ID . -58.57 -0.12 -40.41
ND HEC ID . -57.80 -3.71 -45.61
C1D HEC ID . -58.78 -3.01 -45.00
C2D HEC ID . -59.85 -2.69 -45.98
C3D HEC ID . -59.46 -3.21 -47.16
C4D HEC ID . -58.16 -3.85 -46.90
CMD HEC ID . -61.11 -1.92 -45.65
CAD HEC ID . -60.10 -3.22 -48.54
CBD HEC ID . -61.57 -2.78 -48.65
CGD HEC ID . -61.94 -2.69 -50.13
O1D HEC ID . -61.84 -1.60 -50.74
O2D HEC ID . -62.33 -3.72 -50.75
FE HEC JD . -52.85 -13.39 -46.06
CHA HEC JD . -54.62 -13.93 -48.78
CHB HEC JD . -54.87 -10.74 -45.16
CHC HEC JD . -51.68 -13.56 -42.77
CHD HEC JD . -50.34 -15.37 -47.05
NA HEC JD . -54.47 -12.50 -46.78
C1A HEC JD . -54.98 -12.83 -48.01
C2A HEC JD . -55.95 -11.86 -48.37
C3A HEC JD . -56.01 -10.96 -47.35
C4A HEC JD . -55.10 -11.38 -46.36
CMA HEC JD . -56.91 -9.74 -47.28
CAA HEC JD . -56.73 -11.83 -49.65
CBA HEC JD . -55.90 -11.05 -50.68
CGA HEC JD . -56.47 -11.11 -52.08
O1A HEC JD . -55.73 -10.83 -53.06
O2A HEC JD . -57.67 -11.42 -52.28
NB HEC JD . -53.21 -12.33 -44.28
C1B HEC JD . -54.06 -11.32 -44.16
C2B HEC JD . -54.06 -10.85 -42.82
C3B HEC JD . -53.17 -11.62 -42.13
C4B HEC JD . -52.63 -12.59 -43.11
CMB HEC JD . -54.88 -9.71 -42.28
CAB HEC JD . -52.83 -11.56 -40.72
CBB HEC JD . -53.68 -12.04 -39.83
NC HEC JD . -51.31 -14.36 -45.04
C1C HEC JD . -50.90 -14.17 -43.75
C2C HEC JD . -49.60 -14.70 -43.60
C3C HEC JD . -49.23 -15.22 -44.82
C4C HEC JD . -50.31 -14.99 -45.73
CMC HEC JD . -48.79 -14.71 -42.33
CAC HEC JD . -47.94 -15.87 -45.15
CBC HEC JD . -47.72 -17.14 -44.80
ND HEC JD . -52.55 -14.42 -47.58
C1D HEC JD . -51.49 -15.20 -47.84
C2D HEC JD . -51.66 -15.86 -49.14
C3D HEC JD . -52.85 -15.45 -49.61
C4D HEC JD . -53.40 -14.54 -48.61
CMD HEC JD . -50.70 -16.80 -49.82
CAD HEC JD . -53.50 -15.84 -50.92
CBD HEC JD . -53.12 -14.84 -52.00
CGD HEC JD . -53.43 -15.42 -53.36
O1D HEC JD . -54.31 -14.86 -54.06
O2D HEC JD . -52.82 -16.44 -53.76
FE HEC KD . -45.44 -22.22 -43.05
CHA HEC KD . -46.37 -24.58 -40.93
CHB HEC KD . -47.41 -23.61 -45.53
CHC HEC KD . -45.08 -19.35 -45.01
CHD HEC KD . -42.88 -21.23 -41.12
NA HEC KD . -46.63 -23.81 -43.24
C1A HEC KD . -46.96 -24.61 -42.18
C2A HEC KD . -47.97 -25.50 -42.56
C3A HEC KD . -48.27 -25.23 -43.85
C4A HEC KD . -47.43 -24.17 -44.28
CMA HEC KD . -49.31 -25.94 -44.69
CAA HEC KD . -48.63 -26.55 -41.70
CBA HEC KD . -47.64 -27.62 -41.24
CGA HEC KD . -47.68 -28.81 -42.16
O1A HEC KD . -48.77 -29.36 -42.45
O2A HEC KD . -46.62 -29.25 -42.63
NB HEC KD . -46.13 -21.59 -44.93
C1B HEC KD . -46.91 -22.31 -45.76
C2B HEC KD . -47.19 -21.57 -46.94
C3B HEC KD . -46.55 -20.36 -46.82
C4B HEC KD . -45.86 -20.39 -45.50
CMB HEC KD . -48.05 -22.03 -48.10
CAB HEC KD . -46.54 -19.24 -47.80
CBB HEC KD . -47.64 -18.54 -48.04
NC HEC KD . -44.22 -20.54 -43.05
C1C HEC KD . -44.18 -19.52 -43.96
C2C HEC KD . -43.07 -18.70 -43.65
C3C HEC KD . -42.45 -19.23 -42.53
C4C HEC KD . -43.19 -20.40 -42.17
CMC HEC KD . -42.66 -17.46 -44.40
CAC HEC KD . -41.23 -18.72 -41.84
CBC HEC KD . -41.23 -17.55 -41.20
ND HEC KD . -44.78 -22.78 -41.39
C1D HEC KD . -43.71 -22.28 -40.73
C2D HEC KD . -43.51 -23.01 -39.46
C3D HEC KD . -44.49 -23.95 -39.41
C4D HEC KD . -45.27 -23.78 -40.65
CMD HEC KD . -42.45 -22.75 -38.43
CAD HEC KD . -44.75 -24.97 -38.31
CBD HEC KD . -44.14 -26.32 -38.73
CGD HEC KD . -44.73 -27.51 -37.99
O1D HEC KD . -45.95 -27.57 -37.71
O2D HEC KD . -43.99 -28.46 -37.67
S SO4 LD . -43.63 -32.07 -60.86
O1 SO4 LD . -43.99 -33.48 -60.62
O2 SO4 LD . -42.16 -31.94 -60.87
O3 SO4 LD . -44.19 -31.65 -62.16
O4 SO4 LD . -44.20 -31.20 -59.79
S SO4 MD . -91.53 -2.23 -9.80
O1 SO4 MD . -92.79 -2.95 -10.11
O2 SO4 MD . -90.50 -3.21 -9.42
O3 SO4 MD . -91.09 -1.45 -10.97
O4 SO4 MD . -91.76 -1.30 -8.66
FE HEC ND . -22.96 -58.97 54.77
CHA HEC ND . -23.06 -56.57 57.15
CHB HEC ND . -21.33 -61.01 56.77
CHC HEC ND . -23.97 -61.50 52.62
CHD HEC ND . -23.24 -56.72 52.32
NA HEC ND . -22.55 -58.94 56.64
C1A HEC ND . -23.14 -57.97 57.60
C2A HEC ND . -22.41 -58.26 58.92
C3A HEC ND . -21.95 -59.55 58.79
C4A HEC ND . -21.97 -59.92 57.37
CMA HEC ND . -21.40 -60.46 59.83
CAA HEC ND . -22.37 -57.45 60.17
CBA HEC ND . -23.77 -57.30 60.74
CGA HEC ND . -24.50 -58.35 61.55
O1A HEC ND . -25.59 -58.05 61.98
O2A HEC ND . -23.95 -59.52 61.75
NB HEC ND . -22.79 -60.84 54.82
C1B HEC ND . -21.83 -61.51 55.59
C2B HEC ND . -21.65 -62.87 55.07
C3B HEC ND . -22.64 -63.09 54.16
C4B HEC ND . -23.53 -61.85 54.06
CMB HEC ND . -20.81 -63.91 55.74
CAB HEC ND . -22.79 -64.28 53.30
CBB HEC ND . -23.37 -65.49 53.99
NC HEC ND . -23.28 -59.11 52.89
C1C HEC ND . -23.55 -60.16 52.14
C2C HEC ND . -23.47 -59.84 50.68
C3C HEC ND . -23.16 -58.53 50.56
C4C HEC ND . -22.77 -58.05 51.95
CMC HEC ND . -23.51 -60.88 49.62
CAC HEC ND . -22.61 -57.81 49.36
CBC HEC ND . -23.62 -57.53 48.28
ND HEC ND . -22.87 -57.04 54.74
C1D HEC ND . -23.12 -56.25 53.59
C2D HEC ND . -23.07 -54.85 54.02
C3D HEC ND . -23.28 -54.84 55.38
C4D HEC ND . -23.22 -56.23 55.84
CMD HEC ND . -22.88 -53.68 53.13
CAD HEC ND . -23.19 -53.69 56.30
CBD HEC ND . -24.50 -52.88 56.35
CGD HEC ND . -24.55 -51.96 57.63
O1D HEC ND . -23.76 -52.23 58.58
O2D HEC ND . -25.35 -51.00 57.66
FE HEC OD . 0.98 -61.10 32.03
CHA HEC OD . -1.59 -62.96 33.05
CHB HEC OD . 0.83 -59.21 34.90
CHC HEC OD . 4.04 -59.52 31.25
CHD HEC OD . 0.92 -62.41 28.92
NA HEC OD . -0.14 -61.06 33.66
C1A HEC OD . -1.16 -61.95 33.89
C2A HEC OD . -1.72 -61.67 35.16
C3A HEC OD . -1.04 -60.60 35.69
C4A HEC OD . -0.06 -60.24 34.75
CMA HEC OD . -1.29 -59.93 37.02
CAA HEC OD . -2.87 -62.40 35.82
CBA HEC OD . -2.42 -63.53 36.74
CGA HEC OD . -3.61 -64.33 37.18
O1A HEC OD . -4.46 -64.73 36.36
O2A HEC OD . -3.78 -64.58 38.39
NB HEC OD . 2.20 -59.64 32.91
C1B HEC OD . 1.93 -59.02 34.06
C2B HEC OD . 2.95 -58.08 34.38
C3B HEC OD . 3.87 -58.15 33.36
C4B HEC OD . 3.36 -59.16 32.41
CMB HEC OD . 3.02 -57.20 35.60
CAB HEC OD . 5.12 -57.40 33.23
CBB HEC OD . 6.11 -57.61 34.10
NC HEC OD . 2.27 -60.98 30.38
C1C HEC OD . 3.45 -60.30 30.26
C2C HEC OD . 3.99 -60.54 28.99
C3C HEC OD . 3.10 -61.37 28.31
C4C HEC OD . 2.02 -61.63 29.20
CMC HEC OD . 5.30 -59.98 28.47
CAC HEC OD . 3.29 -61.85 26.92
CBC HEC OD . 2.27 -62.09 26.10
ND HEC OD . -0.09 -62.39 31.18
C1D HEC OD . 0.01 -62.82 29.90
C2D HEC OD . -1.02 -63.84 29.63
C3D HEC OD . -1.71 -63.99 30.77
C4D HEC OD . -1.11 -63.06 31.75
CMD HEC OD . -1.26 -64.57 28.33
CAD HEC OD . -2.88 -64.91 31.00
CBD HEC OD . -2.43 -66.27 31.55
CGD HEC OD . -3.66 -67.13 31.71
O1D HEC OD . -3.93 -68.03 30.87
O2D HEC OD . -4.42 -66.95 32.68
FE HEC PD . -3.57 -54.99 37.79
CHA HEC PD . -5.78 -57.08 39.08
CHB HEC PD . -3.11 -57.08 35.06
CHC HEC PD . -1.60 -52.59 36.14
CHD HEC PD . -3.60 -52.98 40.51
NA HEC PD . -4.30 -56.72 37.17
C1A HEC PD . -5.21 -57.44 37.90
C2A HEC PD . -5.49 -58.66 37.22
C3A HEC PD . -4.73 -58.65 36.08
C4A HEC PD . -4.00 -57.44 36.06
CMA HEC PD . -4.68 -59.73 35.03
CAA HEC PD . -6.41 -59.80 37.63
CBA HEC PD . -7.88 -59.38 37.82
CGA HEC PD . -8.59 -59.31 36.50
O1A HEC PD . -9.34 -58.33 36.26
O2A HEC PD . -8.45 -60.23 35.65
NB HEC PD . -2.54 -54.87 35.95
C1B HEC PD . -2.51 -55.83 35.02
C2B HEC PD . -1.74 -55.40 33.91
C3B HEC PD . -1.30 -54.14 34.18
C4B HEC PD . -1.84 -53.81 35.52
CMB HEC PD . -1.45 -56.17 32.65
CAB HEC PD . -0.48 -53.28 33.31
CBB HEC PD . -1.04 -52.64 32.28
NC HEC PD . -2.79 -53.08 38.21
C1C HEC PD . -1.89 -52.36 37.48
C2C HEC PD . -1.30 -51.38 38.29
C3C HEC PD . -1.87 -51.50 39.55
C4C HEC PD . -2.80 -52.56 39.48
CMC HEC PD . -0.25 -50.39 37.86
CAC HEC PD . -1.53 -50.66 40.74
CBC HEC PD . -1.95 -49.40 40.82
ND HEC PD . -4.49 -55.01 39.42
C1D HEC PD . -4.41 -54.12 40.43
C2D HEC PD . -5.32 -54.51 41.51
C3D HEC PD . -5.92 -55.65 41.11
C4D HEC PD . -5.38 -55.95 39.78
CMD HEC PD . -5.56 -53.79 42.83
CAD HEC PD . -6.93 -56.46 41.88
CBD HEC PD . -6.18 -57.66 42.45
CGD HEC PD . -7.05 -58.67 43.17
O1D HEC PD . -6.59 -59.23 44.18
O2D HEC PD . -8.20 -58.96 42.74
FE HEC QD . -1.89 -44.75 43.17
CHA HEC QD . -2.53 -41.98 41.53
CHB HEC QD . -5.26 -45.31 43.69
CHC HEC QD . -1.26 -48.08 44.00
CHD HEC QD . 1.39 -44.06 43.48
NA HEC QD . -3.59 -43.87 42.67
C1A HEC QD . -3.61 -42.61 42.10
C2A HEC QD . -4.93 -42.11 42.16
C3A HEC QD . -5.70 -43.05 42.77
C4A HEC QD . -4.87 -44.14 43.08
CMA HEC QD . -7.18 -42.98 43.06
CAA HEC QD . -5.38 -40.77 41.64
CBA HEC QD . -5.70 -40.92 40.15
CGA HEC QD . -6.16 -39.62 39.52
O1A HEC QD . -6.52 -39.64 38.31
O2A HEC QD . -6.20 -38.56 40.18
NB HEC QD . -3.05 -46.40 43.74
C1B HEC QD . -4.37 -46.39 43.88
C2B HEC QD . -4.82 -47.68 44.27
C3B HEC QD . -3.73 -48.48 44.36
C4B HEC QD . -2.58 -47.63 44.01
CMB HEC QD . -6.24 -48.09 44.52
CAB HEC QD . -3.69 -49.90 44.73
CBB HEC QD . -3.75 -50.82 43.78
NC HEC QD . -0.21 -45.91 43.63
C1C HEC QD . -0.16 -47.21 44.04
C2C HEC QD . 1.13 -47.51 44.47
C3C HEC QD . 1.89 -46.35 44.33
C4C HEC QD . 1.03 -45.35 43.79
CMC HEC QD . 1.59 -48.84 45.02
CAC HEC QD . 3.33 -46.17 44.67
CBC HEC QD . 4.27 -46.20 43.74
ND HEC QD . -0.81 -43.34 42.63
C1D HEC QD . 0.52 -43.19 42.81
C2D HEC QD . 0.98 -41.93 42.20
C3D HEC QD . -0.13 -41.34 41.66
C4D HEC QD . -1.24 -42.25 41.94
CMD HEC QD . 2.40 -41.40 42.20
CAD HEC QD . -0.21 -40.04 40.90
CBD HEC QD . -0.81 -38.94 41.77
CGD HEC QD . 0.32 -38.18 42.42
O1D HEC QD . 0.97 -37.35 41.74
O2D HEC QD . 0.61 -38.41 43.62
FE HEC RD . -10.15 -43.95 47.45
CHA HEC RD . -9.82 -40.80 46.43
CHB HEC RD . -6.69 -44.35 47.40
CHC HEC RD . -10.37 -47.07 49.08
CHD HEC RD . -13.51 -43.79 47.43
NA HEC RD . -8.57 -42.84 47.04
C1A HEC RD . -8.67 -41.55 46.55
C2A HEC RD . -7.38 -41.09 46.18
C3A HEC RD . -6.51 -42.09 46.46
C4A HEC RD . -7.25 -43.16 46.99
CMA HEC RD . -5.02 -42.07 46.24
CAA HEC RD . -7.04 -39.74 45.62
CBA HEC RD . -6.55 -38.90 46.80
CGA HEC RD . -6.72 -37.43 46.52
O1A HEC RD . -7.82 -36.88 46.77
O2A HEC RD . -5.76 -36.79 46.04
NB HEC RD . -8.79 -45.42 48.12
C1B HEC RD . -7.46 -45.36 48.00
C2B HEC RD . -6.84 -46.51 48.57
C3B HEC RD . -7.85 -47.28 49.05
C4B HEC RD . -9.11 -46.56 48.74
CMB HEC RD . -5.36 -46.78 48.62
CAB HEC RD . -7.73 -48.58 49.74
CBB HEC RD . -7.46 -48.59 51.05
NC HEC RD . -11.66 -45.21 48.17
C1C HEC RD . -11.55 -46.46 48.72
C2C HEC RD . -12.84 -47.01 48.86
C3C HEC RD . -13.74 -46.06 48.39
C4C HEC RD . -12.97 -44.94 47.96
CMC HEC RD . -13.16 -48.38 49.44
CAC HEC RD . -15.21 -46.19 48.34
CBC HEC RD . -15.92 -46.31 49.47
ND HEC RD . -11.38 -42.61 47.03
C1D HEC RD . -12.72 -42.69 47.08
C2D HEC RD . -13.32 -41.41 46.69
C3D HEC RD . -12.29 -40.58 46.40
C4D HEC RD . -11.08 -41.37 46.63
CMD HEC RD . -14.80 -41.09 46.62
CAD HEC RD . -12.35 -39.13 45.97
CBD HEC RD . -12.36 -38.37 47.31
CGD HEC RD . -12.05 -36.89 47.24
O1D HEC RD . -12.65 -36.13 46.45
O2D HEC RD . -11.20 -36.43 48.03
FE HEC SD . -19.67 -49.65 52.51
CHA HEC SD . -19.75 -50.54 55.69
CHB HEC SD . -20.84 -46.50 53.31
CHC HEC SD . -18.98 -48.49 49.28
CHD HEC SD . -19.36 -52.81 51.44
NA HEC SD . -20.19 -48.69 54.16
C1A HEC SD . -20.15 -49.26 55.41
C2A HEC SD . -20.58 -48.33 56.37
C3A HEC SD . -20.89 -47.18 55.70
C4A HEC SD . -20.64 -47.41 54.33
CMA HEC SD . -21.38 -45.89 56.31
CAA HEC SD . -20.68 -48.54 57.86
CBA HEC SD . -21.98 -49.26 58.22
CGA HEC SD . -22.13 -49.46 59.71
O1A HEC SD . -22.98 -50.25 60.17
O2A HEC SD . -21.41 -48.83 60.52
NB HEC SD . -19.88 -47.82 51.48
C1B HEC SD . -20.37 -46.70 52.01
C2B HEC SD . -20.36 -45.66 51.02
C3B HEC SD . -19.85 -46.20 49.88
C4B HEC SD . -19.55 -47.61 50.19
CMB HEC SD . -20.84 -44.24 51.23
CAB HEC SD . -19.63 -45.51 48.59
CBB HEC SD . -18.71 -44.57 48.46
NC HEC SD . -19.23 -50.49 50.66
C1C HEC SD . -18.98 -49.87 49.48
C2C HEC SD . -18.73 -50.84 48.49
C3C HEC SD . -18.83 -52.07 49.12
C4C HEC SD . -19.16 -51.83 50.49
CMC HEC SD . -18.40 -50.59 47.04
CAC HEC SD . -18.66 -53.40 48.49
CBC HEC SD . -17.52 -53.75 47.90
ND HEC SD . -19.58 -51.31 53.37
C1D HEC SD . -19.47 -52.51 52.79
C2D HEC SD . -19.44 -53.56 53.83
C3D HEC SD . -19.55 -52.93 55.03
C4D HEC SD . -19.64 -51.51 54.70
CMD HEC SD . -19.31 -55.03 53.54
CAD HEC SD . -19.57 -53.44 56.45
CBD HEC SD . -19.73 -54.95 56.68
CGD HEC SD . -19.53 -55.24 58.16
O1D HEC SD . -18.41 -55.54 58.61
O2D HEC SD . -20.49 -55.19 58.96
FE HEC TD . -26.25 -42.81 54.53
CHA HEC TD . -26.99 -44.06 57.49
CHB HEC TD . -24.84 -45.77 53.53
CHC HEC TD . -26.50 -41.83 51.19
CHD HEC TD . -26.88 -39.65 55.49
NA HEC TD . -26.00 -44.61 55.31
C1A HEC TD . -26.29 -44.86 56.63
C2A HEC TD . -25.74 -46.13 56.96
C3A HEC TD . -25.13 -46.62 55.85
C4A HEC TD . -25.32 -45.67 54.82
CMA HEC TD . -24.40 -47.93 55.72
CAA HEC TD . -25.79 -46.78 58.31
CBA HEC TD . -24.58 -46.26 59.11
CGA HEC TD . -24.60 -46.72 60.54
O1A HEC TD . -23.85 -46.16 61.38
O2A HEC TD . -25.36 -47.66 60.89
NB HEC TD . -25.75 -43.65 52.69
C1B HEC TD . -25.19 -44.86 52.53
C2B HEC TD . -25.00 -45.12 51.15
C3B HEC TD . -25.46 -44.03 50.47
C4B HEC TD . -25.95 -43.08 51.49
CMB HEC TD . -24.41 -46.36 50.56
CAB HEC TD . -25.49 -43.84 49.02
CBB HEC TD . -26.41 -44.48 48.31
NC HEC TD . -26.69 -41.05 53.50
C1C HEC TD . -26.58 -40.82 52.15
C2C HEC TD . -26.57 -39.43 51.92
C3C HEC TD . -26.68 -38.80 53.15
C4C HEC TD . -26.75 -39.84 54.14
CMC HEC TD . -26.46 -38.75 50.58
CAC HEC TD . -26.70 -37.35 53.41
CBC HEC TD . -27.78 -36.63 53.21
ND HEC TD . -26.83 -42.03 56.14
C1D HEC TD . -27.05 -40.72 56.38
C2D HEC TD . -27.50 -40.53 57.77
C3D HEC TD . -27.53 -41.77 58.32
C4D HEC TD . -27.10 -42.70 57.27
CMD HEC TD . -27.86 -39.24 58.45
CAD HEC TD . -27.92 -42.14 59.73
CBD HEC TD . -26.68 -42.13 60.62
CGD HEC TD . -27.09 -42.12 62.06
O1D HEC TD . -26.80 -43.10 62.79
O2D HEC TD . -27.71 -41.13 62.54
FE HEC UD . -31.78 -32.56 51.91
CHA HEC UD . -34.63 -32.57 50.23
CHB HEC UD . -33.39 -33.68 54.75
CHC HEC UD . -28.71 -33.32 53.41
CHD HEC UD . -30.19 -30.75 49.57
NA HEC UD . -33.65 -33.00 52.43
C1A HEC UD . -34.68 -33.02 51.52
C2A HEC UD . -35.83 -33.56 52.14
C3A HEC UD . -35.49 -33.87 53.42
C4A HEC UD . -34.13 -33.51 53.59
CMA HEC UD . -36.40 -34.49 54.45
CAA HEC UD . -37.17 -33.77 51.50
CBA HEC UD . -37.84 -32.45 51.08
CGA HEC UD . -38.74 -31.95 52.17
O1A HEC UD . -39.63 -32.69 52.66
O2A HEC UD . -38.60 -30.78 52.58
NB HEC UD . -31.16 -33.35 53.75
C1B HEC UD . -31.99 -33.74 54.73
C2B HEC UD . -31.24 -34.25 55.83
C3B HEC UD . -29.91 -34.16 55.48
C4B HEC UD . -29.89 -33.58 54.11
CMB HEC UD . -31.80 -34.78 57.13
CAB HEC UD . -28.75 -34.57 56.30
CBB HEC UD . -28.54 -35.85 56.56
NC HEC UD . -29.78 -32.15 51.55
C1C HEC UD . -28.69 -32.48 52.29
C2C HEC UD . -27.56 -31.83 51.76
C3C HEC UD . -27.99 -31.11 50.65
C4C HEC UD . -29.40 -31.31 50.53
CMC HEC UD . -26.14 -31.92 52.29
CAC HEC UD . -27.17 -30.26 49.76
CBC HEC UD . -26.21 -30.78 49.00
ND HEC UD . -32.30 -31.82 50.26
C1D HEC UD . -31.54 -31.10 49.42
C2D HEC UD . -32.33 -30.68 48.26
C3D HEC UD . -33.58 -31.19 48.45
C4D HEC UD . -33.52 -31.90 49.72
CMD HEC UD . -31.86 -29.86 47.09
CAD HEC UD . -34.79 -31.06 47.54
CBD HEC UD . -35.68 -29.92 48.05
CGD HEC UD . -37.10 -30.00 47.56
O1D HEC UD . -37.68 -31.11 47.42
O2D HEC UD . -37.72 -28.94 47.29
S SO4 VD . -37.31 -25.77 70.64
O1 SO4 VD . -38.03 -26.67 71.58
O2 SO4 VD . -36.73 -26.57 69.54
O3 SO4 VD . -38.27 -24.79 70.07
O4 SO4 VD . -36.21 -25.05 71.33
S SO4 WD . -37.11 -84.65 21.90
O1 SO4 WD . -37.16 -86.03 21.36
O2 SO4 WD . -36.53 -84.68 23.27
O3 SO4 WD . -36.29 -83.80 21.01
O4 SO4 WD . -38.49 -84.10 21.96
S SO4 XD . -11.41 -83.48 61.34
O1 SO4 XD . -10.69 -83.44 60.05
O2 SO4 XD . -10.45 -83.75 62.44
O3 SO4 XD . -12.43 -84.55 61.32
O4 SO4 XD . -12.06 -82.15 61.54
S SO4 YD . 18.69 -54.93 28.80
O1 SO4 YD . 19.27 -56.09 28.08
O2 SO4 YD . 19.76 -54.01 29.23
O3 SO4 YD . 17.77 -54.19 27.88
O4 SO4 YD . 17.93 -55.39 29.97
S SO4 ZD . -16.70 -31.50 58.57
O1 SO4 ZD . -16.15 -31.58 57.20
O2 SO4 ZD . -15.56 -31.55 59.52
O3 SO4 ZD . -17.61 -32.64 58.86
O4 SO4 ZD . -17.43 -30.22 58.71
C1 GOL AE . -30.20 -38.37 52.38
O1 GOL AE . -30.64 -39.30 51.38
C2 GOL AE . -31.00 -38.40 53.69
O2 GOL AE . -30.04 -38.43 54.75
C3 GOL AE . -31.92 -37.21 53.93
O3 GOL AE . -33.29 -37.42 53.55
C1 GOL BE . -50.41 -56.78 62.98
O1 GOL BE . -49.42 -55.78 63.22
C2 GOL BE . -50.79 -57.61 64.23
O2 GOL BE . -51.45 -56.78 65.20
C3 GOL BE . -51.68 -58.81 63.87
O3 GOL BE . -52.70 -59.08 64.83
K K CE . -22.25 -26.48 57.51
FE HEC DE . -50.82 -42.92 50.52
CHA HEC DE . -53.15 -42.93 48.08
CHB HEC DE . -53.01 -42.08 52.84
CHC HEC DE . -48.51 -44.05 52.86
CHD HEC DE . -48.39 -42.29 48.33
NA HEC DE . -52.72 -42.78 50.55
C1A HEC DE . -53.63 -43.22 49.44
C2A HEC DE . -54.97 -42.58 49.81
C3A HEC DE . -54.92 -42.62 51.19
C4A HEC DE . -53.50 -42.59 51.63
CMA HEC DE . -56.03 -42.48 52.15
CAA HEC DE . -55.98 -43.13 48.86
CBA HEC DE . -56.49 -44.43 48.29
CGA HEC DE . -57.28 -45.33 49.21
O1A HEC DE . -57.83 -46.30 48.70
O2A HEC DE . -57.34 -45.08 50.49
NB HEC DE . -50.83 -43.07 52.41
C1B HEC DE . -51.77 -42.49 53.26
C2B HEC DE . -51.30 -42.60 54.65
C3B HEC DE . -50.24 -43.47 54.66
C4B HEC DE . -50.00 -43.95 53.23
CMB HEC DE . -52.05 -42.06 55.81
CAB HEC DE . -49.38 -43.86 55.81
CBB HEC DE . -50.07 -44.43 57.04
NC HEC DE . -48.91 -43.02 50.61
C1C HEC DE . -48.10 -43.38 51.60
C2C HEC DE . -46.67 -43.05 51.32
C3C HEC DE . -46.63 -42.38 50.14
C4C HEC DE . -48.08 -42.11 49.75
CMC HEC DE . -45.63 -43.09 52.37
CAC HEC DE . -45.54 -41.54 49.57
CBC HEC DE . -44.19 -42.22 49.42
ND HEC DE . -50.82 -42.58 48.65
C1D HEC DE . -49.65 -42.47 47.86
C2D HEC DE . -50.09 -42.23 46.49
C3D HEC DE . -51.37 -42.77 46.39
C4D HEC DE . -51.83 -43.01 47.75
CMD HEC DE . -49.25 -41.65 45.43
CAD HEC DE . -52.33 -42.54 45.28
CBD HEC DE . -52.02 -43.41 44.05
CGD HEC DE . -53.27 -43.51 43.10
O1D HEC DE . -54.32 -42.89 43.49
O2D HEC DE . -53.22 -44.17 42.04
FE HEC EE . -32.12 -16.76 58.42
CHA HEC EE . -32.73 -19.81 59.59
CHB HEC EE . -34.85 -17.00 56.28
CHC HEC EE . -31.82 -13.37 57.47
CHD HEC EE . -29.17 -16.52 60.05
NA HEC EE . -33.50 -18.13 57.98
C1A HEC EE . -33.61 -19.32 58.65
C2A HEC EE . -34.77 -20.01 58.18
C3A HEC EE . -35.35 -19.21 57.26
C4A HEC EE . -34.56 -18.05 57.13
CMA HEC EE . -36.61 -19.52 56.48
CAA HEC EE . -35.26 -21.35 58.65
CBA HEC EE . -36.28 -21.23 59.78
CGA HEC EE . -36.66 -22.59 60.32
O1A HEC EE . -36.16 -23.64 59.85
O2A HEC EE . -37.49 -22.72 61.25
NB HEC EE . -33.14 -15.43 57.13
C1B HEC EE . -34.21 -15.76 56.38
C2B HEC EE . -34.65 -14.64 55.64
C3B HEC EE . -33.81 -13.60 55.97
C4B HEC EE . -32.83 -14.14 56.93
CMB HEC EE . -35.84 -14.64 54.69
CAB HEC EE . -33.85 -12.20 55.48
CBB HEC EE . -34.78 -11.36 55.94
NC HEC EE . -30.76 -15.20 58.74
C1C HEC EE . -30.76 -13.93 58.20
C2C HEC EE . -29.55 -13.31 58.49
C3C HEC EE . -28.79 -14.20 59.23
C4C HEC EE . -29.56 -15.39 59.37
CMC HEC EE . -29.16 -11.91 58.07
CAC HEC EE . -27.42 -13.93 59.73
CBC HEC EE . -26.58 -14.91 60.09
ND HEC EE . -31.16 -17.91 59.55
C1D HEC EE . -29.97 -17.66 60.13
C2D HEC EE . -29.57 -18.83 60.94
C3D HEC EE . -30.56 -19.74 60.83
C4D HEC EE . -31.56 -19.14 59.93
CMD HEC EE . -28.31 -18.96 61.76
CAD HEC EE . -30.64 -21.11 61.45
CBD HEC EE . -31.19 -21.12 62.86
CGD HEC EE . -31.22 -22.53 63.37
O1D HEC EE . -30.47 -22.88 64.31
O2D HEC EE . -31.99 -23.38 62.86
FE HEC FE . -36.98 -20.71 51.28
CHA HEC FE . -37.95 -23.49 52.82
CHB HEC FE . -34.33 -20.41 53.50
CHC HEC FE . -35.56 -18.12 49.39
CHD HEC FE . -39.61 -20.77 49.17
NA HEC FE . -36.27 -21.73 52.84
C1A HEC FE . -36.85 -22.86 53.33
C2A HEC FE . -36.13 -23.31 54.46
C3A HEC FE . -35.11 -22.42 54.65
C4A HEC FE . -35.20 -21.46 53.64
CMA HEC FE . -34.06 -22.46 55.74
CAA HEC FE . -36.42 -24.50 55.33
CBA HEC FE . -36.50 -25.81 54.54
CGA HEC FE . -35.14 -26.42 54.30
O1A HEC FE . -34.89 -26.88 53.15
O2A HEC FE . -34.28 -26.45 55.22
NB HEC FE . -35.28 -19.50 51.42
C1B HEC FE . -34.37 -19.56 52.40
C2B HEC FE . -33.35 -18.62 52.20
C3B HEC FE . -33.65 -17.96 51.05
C4B HEC FE . -34.93 -18.55 50.55
CMB HEC FE . -32.15 -18.40 53.09
CAB HEC FE . -32.87 -16.87 50.42
CBB HEC FE . -31.89 -17.14 49.59
NC HEC FE . -37.46 -19.64 49.53
C1C HEC FE . -36.83 -18.53 49.04
C2C HEC FE . -37.69 -17.89 48.12
C3C HEC FE . -38.86 -18.65 48.05
C4C HEC FE . -38.70 -19.75 48.95
CMC HEC FE . -37.41 -16.64 47.33
CAC HEC FE . -40.03 -18.32 47.21
CBC HEC FE . -39.95 -18.56 45.90
ND HEC FE . -38.44 -21.87 51.04
C1D HEC FE . -39.42 -21.77 50.13
C2D HEC FE . -40.36 -22.91 50.28
C3D HEC FE . -39.88 -23.65 51.30
C4D HEC FE . -38.68 -22.97 51.77
CMD HEC FE . -41.60 -23.20 49.48
CAD HEC FE . -40.49 -24.92 51.87
CBD HEC FE . -41.13 -24.55 53.21
CGD HEC FE . -41.89 -25.67 53.87
O1D HEC FE . -43.05 -25.47 54.26
O2D HEC FE . -41.38 -26.80 54.05
FE HEC GE . -42.45 -17.88 41.35
CHA HEC GE . -40.74 -17.87 38.56
CHB HEC GE . -42.60 -21.34 41.36
CHC HEC GE . -43.27 -17.92 44.75
CHD HEC GE . -43.06 -14.61 41.27
NA HEC GE . -41.78 -19.36 40.21
C1A HEC GE . -41.17 -19.11 39.01
C2A HEC GE . -41.02 -20.34 38.32
C3A HEC GE . -41.54 -21.33 39.11
C4A HEC GE . -42.01 -20.71 40.29
CMA HEC GE . -41.61 -22.79 38.77
CAA HEC GE . -40.43 -20.58 36.95
CBA HEC GE . -38.94 -20.28 36.84
CGA HEC GE . -38.59 -20.26 35.37
O1A HEC GE . -37.49 -20.73 34.99
O2A HEC GE . -39.39 -19.77 34.53
NB HEC GE . -42.86 -19.35 42.80
C1B HEC GE . -42.86 -20.67 42.56
C2B HEC GE . -43.16 -21.37 43.76
C3B HEC GE . -43.36 -20.45 44.73
C4B HEC GE . -43.15 -19.13 44.09
CMB HEC GE . -43.25 -22.87 43.88
CAB HEC GE . -43.69 -20.70 46.15
CBB HEC GE . -42.75 -21.15 46.97
NC HEC GE . -43.00 -16.49 42.81
C1C HEC GE . -43.46 -16.73 44.07
C2C HEC GE . -44.16 -15.60 44.55
C3C HEC GE . -44.11 -14.64 43.54
C4C HEC GE . -43.37 -15.22 42.46
CMC HEC GE . -44.82 -15.48 45.90
CAC HEC GE . -44.72 -13.29 43.57
CBC HEC GE . -44.11 -12.27 44.19
ND HEC GE . -42.00 -16.53 40.17
C1D HEC GE . -42.31 -15.22 40.27
C2D HEC GE . -41.72 -14.49 39.15
C3D HEC GE . -41.07 -15.39 38.37
C4D HEC GE . -41.26 -16.68 39.06
CMD HEC GE . -41.82 -13.00 38.89
CAD HEC GE . -40.29 -15.10 37.11
CBD HEC GE . -40.91 -15.71 35.86
CGD HEC GE . -41.83 -14.67 35.27
O1D HEC GE . -41.58 -14.15 34.16
O2D HEC GE . -42.85 -14.34 35.92
FE HEC HE . -45.32 -26.41 38.68
CHA HEC HE . -44.27 -25.27 35.74
CHB HEC HE . -45.83 -23.18 39.79
CHC HEC HE . -46.84 -27.55 41.61
CHD HEC HE . -44.82 -29.63 37.76
NA HEC HE . -45.13 -24.59 37.93
C1A HEC HE . -44.58 -24.34 36.71
C2A HEC HE . -44.39 -22.94 36.55
C3A HEC HE . -44.84 -22.35 37.69
C4A HEC HE . -45.30 -23.38 38.54
CMA HEC HE . -44.83 -20.87 37.99
CAA HEC HE . -43.83 -22.21 35.36
CBA HEC HE . -44.99 -21.51 34.65
CGA HEC HE . -44.71 -21.37 33.17
O1A HEC HE . -44.41 -22.38 32.49
O2A HEC HE . -44.78 -20.22 32.65
NB HEC HE . -46.17 -25.53 40.38
C1B HEC HE . -46.28 -24.22 40.59
C2B HEC HE . -46.92 -23.97 41.82
C3B HEC HE . -47.22 -25.17 42.36
C4B HEC HE . -46.72 -26.19 41.40
CMB HEC HE . -47.21 -22.62 42.40
CAB HEC HE . -47.90 -25.43 43.63
CBB HEC HE . -49.22 -25.25 43.69
NC HEC HE . -45.77 -28.25 39.55
C1C HEC HE . -46.33 -28.52 40.76
C2C HEC HE . -46.32 -29.91 40.99
C3C HEC HE . -45.75 -30.50 39.88
C4C HEC HE . -45.40 -29.44 38.98
CMC HEC HE . -46.84 -30.64 42.21
CAC HEC HE . -45.52 -31.94 39.66
CBC HEC HE . -46.57 -32.76 39.53
ND HEC HE . -44.69 -27.26 37.12
C1D HEC HE . -44.57 -28.58 36.90
C2D HEC HE . -44.06 -28.83 35.54
C3D HEC HE . -43.90 -27.62 34.98
C4D HEC HE . -44.32 -26.64 36.00
CMD HEC HE . -43.79 -30.17 34.92
CAD HEC HE . -43.43 -27.33 33.56
CBD HEC HE . -44.74 -27.21 32.78
CGD HEC HE . -44.63 -26.78 31.34
O1D HEC HE . -43.93 -27.42 30.53
O2D HEC HE . -45.29 -25.78 30.95
FE HEC IE . -48.91 -37.51 42.17
CHA HEC IE . -52.05 -38.29 42.88
CHB HEC IE . -49.50 -38.00 38.80
CHC HEC IE . -45.77 -36.18 41.34
CHD HEC IE . -47.96 -37.66 45.40
NA HEC IE . -50.46 -38.01 41.05
C1A HEC IE . -51.69 -38.33 41.57
C2A HEC IE . -52.56 -38.72 40.52
C3A HEC IE . -51.85 -38.64 39.36
C4A HEC IE . -50.54 -38.20 39.70
CMA HEC IE . -52.35 -38.96 37.97
CAA HEC IE . -54.01 -39.12 40.64
CBA HEC IE . -54.21 -40.58 41.08
CGA HEC IE . -55.68 -40.94 41.12
O1A HEC IE . -56.07 -41.91 41.80
O2A HEC IE . -56.53 -40.27 40.47
NB HEC IE . -47.83 -37.16 40.40
C1B HEC IE . -48.28 -37.45 39.18
C2B HEC IE . -47.32 -37.09 38.20
C3B HEC IE . -46.24 -36.57 38.87
C4B HEC IE . -46.60 -36.64 40.32
CMB HEC IE . -47.46 -37.26 36.71
CAB HEC IE . -44.98 -36.06 38.29
CBB HEC IE . -44.99 -34.99 37.50
NC HEC IE . -47.16 -37.01 43.18
C1C HEC IE . -46.01 -36.47 42.68
C2C HEC IE . -45.12 -36.26 43.75
C3C HEC IE . -45.75 -36.67 44.92
C4C HEC IE . -47.04 -37.14 44.54
CMC HEC IE . -43.73 -35.67 43.64
CAC HEC IE . -45.19 -36.66 46.29
CBC HEC IE . -44.63 -35.57 46.79
ND HEC IE . -49.79 -37.89 43.77
C1D HEC IE . -49.28 -37.92 45.02
C2D HEC IE . -50.31 -38.27 46.00
C3D HEC IE . -51.46 -38.44 45.29
C4D HEC IE . -51.09 -38.20 43.89
CMD HEC IE . -50.08 -38.39 47.49
CAD HEC IE . -52.88 -38.81 45.69
CBD HEC IE . -53.09 -39.38 47.09
CGD HEC IE . -54.57 -39.33 47.38
O1D HEC IE . -55.08 -38.30 47.87
O2D HEC IE . -55.31 -40.32 47.14
FE HEC JE . -49.82 -42.75 34.00
CHA HEC JE . -52.70 -44.15 34.98
CHB HEC JE . -49.10 -41.89 37.26
CHC HEC JE . -46.47 -42.20 33.17
CHD HEC JE . -50.61 -42.96 30.77
NA HEC JE . -50.67 -43.00 35.78
C1A HEC JE . -51.94 -43.53 35.94
C2A HEC JE . -52.34 -43.35 37.28
C3A HEC JE . -51.33 -42.71 37.93
C4A HEC JE . -50.29 -42.51 37.00
CMA HEC JE . -51.33 -42.31 39.38
CAA HEC JE . -53.67 -43.77 37.85
CBA HEC JE . -54.62 -42.57 37.72
CGA HEC JE . -56.07 -42.96 37.85
O1A HEC JE . -56.92 -42.29 37.23
O2A HEC JE . -56.41 -43.92 38.57
NB HEC JE . -48.10 -42.16 35.03
C1B HEC JE . -48.05 -41.86 36.33
C2B HEC JE . -46.73 -41.52 36.71
C3B HEC JE . -45.97 -41.61 35.57
C4B HEC JE . -46.88 -42.02 34.49
CMB HEC JE . -46.27 -41.12 38.09
CAB HEC JE . -44.53 -41.35 35.43
CBB HEC JE . -43.66 -42.19 35.99
NC HEC JE . -48.70 -42.64 32.26
C1C HEC JE . -47.40 -42.26 32.11
C2C HEC JE . -47.16 -41.96 30.76
C3C HEC JE . -48.36 -42.19 30.07
C4C HEC JE . -49.30 -42.61 31.05
CMC HEC JE . -45.85 -41.50 30.17
CAC HEC JE . -48.67 -42.00 28.63
CBC HEC JE . -47.95 -42.54 27.65
ND HEC JE . -51.31 -43.41 33.08
C1D HEC JE . -51.48 -43.44 31.75
C2D HEC JE . -52.78 -44.06 31.42
C3D HEC JE . -53.36 -44.37 32.60
C4D HEC JE . -52.41 -43.96 33.64
CMD HEC JE . -53.36 -44.28 30.04
CAD HEC JE . -54.69 -45.04 32.82
CBD HEC JE . -55.76 -44.01 33.20
CGD HEC JE . -57.11 -44.63 33.01
O1D HEC JE . -57.86 -44.82 34.00
O2D HEC JE . -57.51 -44.95 31.86
FE HEC KE . -46.18 -45.71 23.11
CHA HEC KE . -44.11 -48.24 22.49
CHB HEC KE . -48.71 -47.93 23.89
CHC HEC KE . -48.21 -43.10 24.25
CHD HEC KE . -44.08 -43.46 21.78
NA HEC KE . -46.39 -47.68 23.17
C1A HEC KE . -45.36 -48.55 22.92
C2A HEC KE . -45.80 -49.87 23.16
C3A HEC KE . -47.09 -49.80 23.55
C4A HEC KE . -47.47 -48.43 23.56
CMA HEC KE . -47.95 -50.97 23.92
CAA HEC KE . -44.96 -51.12 23.02
CBA HEC KE . -44.49 -51.31 21.58
CGA HEC KE . -45.32 -52.38 20.92
O1A HEC KE . -45.60 -53.44 21.54
O2A HEC KE . -45.72 -52.21 19.76
NB HEC KE . -48.11 -45.54 23.91
C1B HEC KE . -48.94 -46.57 24.13
C2B HEC KE . -50.17 -46.09 24.71
C3B HEC KE . -50.05 -44.74 24.82
C4B HEC KE . -48.70 -44.41 24.31
CMB HEC KE . -51.37 -46.92 25.10
CAB HEC KE . -51.04 -43.78 25.35
CBB HEC KE . -51.18 -43.67 26.67
NC HEC KE . -46.16 -43.64 23.06
C1C HEC KE . -47.09 -42.75 23.53
C2C HEC KE . -46.70 -41.46 23.18
C3C HEC KE . -45.51 -41.56 22.47
C4C HEC KE . -45.19 -42.95 22.41
CMC HEC KE . -47.46 -40.19 23.52
CAC HEC KE . -44.73 -40.45 21.89
CBC HEC KE . -44.14 -39.53 22.64
ND HEC KE . -44.48 -45.82 22.32
C1D HEC KE . -43.75 -44.81 21.81
C2D HEC KE . -42.48 -45.32 21.26
C3D HEC KE . -42.48 -46.67 21.45
C4D HEC KE . -43.77 -46.95 22.12
CMD HEC KE . -41.39 -44.50 20.60
CAD HEC KE . -41.42 -47.69 21.09
CBD HEC KE . -41.87 -48.57 19.92
CGD HEC KE . -40.96 -49.76 19.65
O1D HEC KE . -40.59 -50.53 20.58
O2D HEC KE . -40.58 -49.97 18.48
S SO4 LE . -29.90 -43.60 34.99
O1 SO4 LE . -30.26 -44.77 35.79
O2 SO4 LE . -28.45 -43.32 35.22
O3 SO4 LE . -30.72 -42.46 35.44
O4 SO4 LE . -30.11 -43.92 33.54
S SO4 ME . -63.79 -52.25 14.81
O1 SO4 ME . -62.93 -51.24 15.46
O2 SO4 ME . -63.03 -53.51 14.62
O3 SO4 ME . -64.26 -51.74 13.49
O4 SO4 ME . -64.97 -52.51 15.67
S SO4 NE . -16.28 -57.16 74.01
O1 SO4 NE . -16.03 -57.23 72.55
O2 SO4 NE . -15.69 -58.35 74.65
O3 SO4 NE . -15.66 -55.94 74.57
O4 SO4 NE . -17.74 -57.13 74.28
S SO4 OE . -68.97 -27.61 40.47
O1 SO4 OE . -68.75 -28.22 39.14
O2 SO4 OE . -67.77 -27.81 41.32
O3 SO4 OE . -69.21 -26.15 40.31
O4 SO4 OE . -70.14 -28.22 41.12
C1 GOL PE . -72.67 -59.81 51.61
O1 GOL PE . -72.36 -61.17 51.29
C2 GOL PE . -74.14 -59.69 51.98
O2 GOL PE . -74.73 -58.69 51.13
C3 GOL PE . -74.27 -59.27 53.44
O3 GOL PE . -74.75 -57.91 53.53
C1 GOL QE . -53.28 -50.94 49.94
O1 GOL QE . -53.58 -50.80 48.54
C2 GOL QE . -52.04 -50.13 50.27
O2 GOL QE . -52.27 -48.77 49.86
C3 GOL QE . -51.76 -50.13 51.76
O3 GOL QE . -50.50 -50.73 52.06
C1 GOL RE . -68.56 -57.99 65.39
O1 GOL RE . -68.38 -57.86 66.80
C2 GOL RE . -68.28 -59.43 64.98
O2 GOL RE . -68.56 -59.55 63.59
C3 GOL RE . -66.82 -59.81 65.22
O3 GOL RE . -66.64 -61.19 65.59
FE HEC SE . 54.05 -28.97 25.05
CHA HEC SE . 55.57 -31.75 24.01
CHB HEC SE . 51.77 -30.85 26.86
CHC HEC SE . 52.82 -26.10 26.63
CHD HEC SE . 55.76 -27.04 22.91
NA HEC SE . 53.71 -30.90 25.37
C1A HEC SE . 54.50 -31.91 24.85
C2A HEC SE . 54.02 -33.16 25.31
C3A HEC SE . 52.95 -32.91 26.12
C4A HEC SE . 52.76 -31.50 26.16
CMA HEC SE . 52.12 -33.95 26.82
CAA HEC SE . 54.58 -34.52 24.97
CBA HEC SE . 55.59 -35.02 26.00
CGA HEC SE . 56.21 -36.30 25.50
O1A HEC SE . 56.64 -36.38 24.34
O2A HEC SE . 56.29 -37.30 26.25
NB HEC SE . 52.57 -28.54 26.47
C1B HEC SE . 51.78 -29.47 27.05
C2B HEC SE . 50.89 -28.84 27.97
C3B HEC SE . 51.17 -27.50 27.93
C4B HEC SE . 52.26 -27.34 26.94
CMB HEC SE . 49.86 -29.52 28.81
CAB HEC SE . 50.52 -26.43 28.71
CBB HEC SE . 50.72 -26.35 30.03
NC HEC SE . 54.23 -26.91 24.83
C1C HEC SE . 53.68 -25.91 25.57
C2C HEC SE . 54.13 -24.67 25.09
C3C HEC SE . 54.98 -24.92 24.02
C4C HEC SE . 55.04 -26.35 23.86
CMC HEC SE . 53.76 -23.31 25.63
CAC HEC SE . 55.65 -23.88 23.22
CBC HEC SE . 55.91 -24.04 21.93
ND HEC SE . 55.37 -29.31 23.76
C1D HEC SE . 55.96 -28.41 22.95
C2D HEC SE . 56.92 -29.09 22.06
C3D HEC SE . 56.87 -30.39 22.38
C4D HEC SE . 55.88 -30.52 23.45
CMD HEC SE . 57.81 -28.44 21.01
CAD HEC SE . 57.68 -31.51 21.75
CBD HEC SE . 58.99 -31.76 22.49
CGD HEC SE . 59.75 -32.87 21.79
O1D HEC SE . 60.72 -32.57 21.04
O2D HEC SE . 59.39 -34.06 21.95
FE HEC TE . 46.94 -35.30 25.55
CHA HEC TE . 48.65 -38.07 24.92
CHB HEC TE . 49.39 -33.39 24.09
CHC HEC TE . 44.92 -32.43 25.70
CHD HEC TE . 44.57 -36.97 27.31
NA HEC TE . 48.66 -35.64 24.66
C1A HEC TE . 49.22 -36.90 24.53
C2A HEC TE . 50.50 -36.77 23.93
C3A HEC TE . 50.70 -35.45 23.69
C4A HEC TE . 49.56 -34.75 24.14
CMA HEC TE . 51.92 -34.84 23.04
CAA HEC TE . 51.51 -37.86 23.59
CBA HEC TE . 50.97 -38.96 22.67
CGA HEC TE . 51.03 -38.52 21.23
O1A HEC TE . 50.03 -38.71 20.50
O2A HEC TE . 52.06 -37.95 20.79
NB HEC TE . 47.12 -33.29 25.01
C1B HEC TE . 48.21 -32.75 24.43
C2B HEC TE . 47.99 -31.36 24.19
C3B HEC TE . 46.74 -31.08 24.64
C4B HEC TE . 46.18 -32.34 25.16
CMB HEC TE . 48.95 -30.39 23.57
CAB HEC TE . 46.08 -29.76 24.57
CBB HEC TE . 45.54 -29.33 23.44
NC HEC TE . 45.04 -34.80 26.29
C1C HEC TE . 44.49 -33.54 26.41
C2C HEC TE . 43.45 -33.57 27.35
C3C HEC TE . 43.35 -34.87 27.83
C4C HEC TE . 44.35 -35.63 27.14
CMC HEC TE . 42.60 -32.40 27.77
CAC HEC TE . 42.39 -35.35 28.86
CBC HEC TE . 41.11 -35.51 28.56
ND HEC TE . 46.67 -37.11 26.00
C1D HEC TE . 45.65 -37.63 26.71
C2D HEC TE . 45.83 -39.10 26.82
C3D HEC TE . 46.96 -39.39 26.15
C4D HEC TE . 47.47 -38.12 25.64
CMD HEC TE . 44.92 -40.07 27.53
CAD HEC TE . 47.61 -40.75 25.97
CBD HEC TE . 48.74 -40.82 27.00
CGD HEC TE . 49.56 -42.08 26.92
O1D HEC TE . 50.03 -42.56 27.97
O2D HEC TE . 49.79 -42.64 25.82
FE HEC UE . 36.19 -36.45 30.04
CHA HEC UE . 33.64 -35.34 28.34
CHB HEC UE . 36.44 -39.22 28.02
CHC HEC UE . 39.43 -37.10 31.23
CHD HEC UE . 35.71 -34.31 32.56
NA HEC UE . 35.25 -37.15 28.45
C1A HEC UE . 34.11 -36.58 27.97
C2A HEC UE . 33.51 -37.46 27.04
C3A HEC UE . 34.32 -38.54 26.95
C4A HEC UE . 35.40 -38.35 27.82
CMA HEC UE . 34.09 -39.76 26.06
CAA HEC UE . 32.23 -37.22 26.29
CBA HEC UE . 32.55 -36.43 25.03
CGA HEC UE . 31.33 -36.11 24.20
O1A HEC UE . 31.48 -35.50 23.11
O2A HEC UE . 30.19 -36.45 24.60
NB HEC UE . 37.67 -37.90 29.70
C1B HEC UE . 37.54 -38.91 28.83
C2B HEC UE . 38.73 -39.69 28.83
C3B HEC UE . 39.58 -39.12 29.73
C4B HEC UE . 38.87 -37.95 30.28
CMB HEC UE . 39.00 -40.92 28.00
CAB HEC UE . 40.94 -39.56 30.06
CBB HEC UE . 41.98 -39.06 29.41
NC HEC UE . 37.39 -35.78 31.60
C1C HEC UE . 38.64 -36.23 31.98
C2C HEC UE . 38.97 -35.68 33.23
C3C HEC UE . 37.90 -34.87 33.62
C4C HEC UE . 36.92 -34.97 32.59
CMC HEC UE . 40.24 -35.92 33.99
CAC HEC UE . 37.79 -34.09 34.88
CBC HEC UE . 37.99 -32.78 34.91
ND HEC UE . 34.95 -35.11 30.37
C1D HEC UE . 34.87 -34.31 31.45
C2D HEC UE . 33.74 -33.38 31.31
C3D HEC UE . 33.16 -33.66 30.12
C4D HEC UE . 33.95 -34.77 29.55
CMD HEC UE . 33.32 -32.31 32.28
CAD HEC UE . 31.97 -33.01 29.48
CBD HEC UE . 30.72 -33.88 29.59
CGD HEC UE . 29.98 -33.43 30.82
O1D HEC UE . 29.29 -32.37 30.78
O2D HEC UE . 30.03 -34.11 31.88
FE HEC VE . 34.26 -45.06 27.05
CHA HEC VE . 31.30 -43.65 26.43
CHB HEC VE . 34.88 -42.72 29.52
CHC HEC VE . 37.10 -46.81 28.15
CHD HEC VE . 33.84 -47.37 24.61
NA HEC VE . 33.30 -43.51 27.85
C1A HEC VE . 32.10 -43.07 27.38
C2A HEC VE . 31.78 -41.86 28.04
C3A HEC VE . 32.78 -41.59 28.92
C4A HEC VE . 33.73 -42.63 28.80
CMA HEC VE . 32.89 -40.40 29.85
CAA HEC VE . 30.53 -41.03 27.83
CBA HEC VE . 29.59 -41.42 28.98
CGA HEC VE . 28.17 -41.11 28.61
O1A HEC VE . 27.50 -41.95 27.95
O2A HEC VE . 27.66 -40.02 28.95
NB HEC VE . 35.71 -44.82 28.55
C1B HEC VE . 35.74 -43.81 29.43
C2B HEC VE . 36.83 -43.97 30.32
C3B HEC VE . 37.49 -45.11 29.95
C4B HEC VE . 36.73 -45.65 28.80
CMB HEC VE . 37.20 -43.03 31.45
CAB HEC VE . 38.68 -45.72 30.56
CBB HEC VE . 38.55 -46.46 31.66
NC HEC VE . 35.28 -46.79 26.51
C1C HEC VE . 36.45 -47.30 27.02
C2C HEC VE . 36.88 -48.38 26.21
C3C HEC VE . 35.93 -48.54 25.21
C4C HEC VE . 34.94 -47.53 25.41
CMC HEC VE . 38.12 -49.21 26.42
CAC HEC VE . 35.93 -49.54 24.12
CBC HEC VE . 35.89 -50.84 24.38
ND HEC VE . 32.90 -45.42 25.81
C1D HEC VE . 32.86 -46.41 24.89
C2D HEC VE . 31.61 -46.36 24.14
C3D HEC VE . 30.91 -45.32 24.63
C4D HEC VE . 31.74 -44.75 25.70
CMD HEC VE . 31.19 -47.28 23.02
CAD HEC VE . 29.52 -44.86 24.23
CBD HEC VE . 28.58 -45.71 25.09
CGD HEC VE . 27.15 -45.22 25.21
O1D HEC VE . 26.47 -44.96 24.20
O2D HEC VE . 26.65 -45.11 26.35
FE HEC WE . 38.50 -56.06 23.99
CHA HEC WE . 38.96 -58.50 26.18
CHB HEC WE . 35.21 -56.99 23.55
CHC HEC WE . 37.85 -53.15 22.20
CHD HEC WE . 41.79 -55.55 23.62
NA HEC WE . 37.30 -57.45 24.71
C1A HEC WE . 37.70 -58.39 25.63
C2A HEC WE . 36.61 -59.24 25.95
C3A HEC WE . 35.54 -58.80 25.19
C4A HEC WE . 35.99 -57.70 24.43
CMA HEC WE . 34.14 -59.39 25.19
CAA HEC WE . 36.63 -60.38 26.92
CBA HEC WE . 37.20 -61.64 26.26
CGA HEC WE . 37.17 -62.81 27.21
O1A HEC WE . 37.81 -63.84 26.94
O2A HEC WE . 36.50 -62.77 28.27
NB HEC WE . 36.83 -55.22 23.04
C1B HEC WE . 35.62 -55.77 22.99
C2B HEC WE . 34.72 -54.93 22.27
C3B HEC WE . 35.43 -53.83 21.88
C4B HEC WE . 36.81 -54.04 22.39
CMB HEC WE . 33.25 -55.20 22.01
CAB HEC WE . 34.92 -52.68 21.10
CBB HEC WE . 34.10 -51.79 21.64
NC HEC WE . 39.62 -54.58 23.07
C1C HEC WE . 39.19 -53.48 22.40
C2C HEC WE . 40.30 -52.76 21.93
C3C HEC WE . 41.43 -53.44 22.34
C4C HEC WE . 40.98 -54.60 23.06
CMC HEC WE . 40.25 -51.47 21.12
CAC HEC WE . 42.84 -53.08 22.09
CBC HEC WE . 43.37 -51.93 22.49
ND HEC WE . 40.03 -56.86 24.72
C1D HEC WE . 41.31 -56.54 24.47
C2D HEC WE . 42.22 -57.41 25.25
C3D HEC WE . 41.43 -58.23 25.96
C4D HEC WE . 40.05 -57.86 25.61
CMD HEC WE . 43.73 -57.34 25.22
CAD HEC WE . 41.74 -59.34 26.97
CBD HEC WE . 43.19 -59.84 27.07
CGD HEC WE . 43.27 -60.79 28.24
O1D HEC WE . 43.62 -60.38 29.37
O2D HEC WE . 42.99 -62.02 28.09
FE HEC XE . 31.00 -61.06 20.34
CHA HEC XE . 31.78 -63.85 21.92
CHB HEC XE . 34.16 -59.80 20.79
CHC HEC XE . 30.48 -58.74 17.81
CHD HEC XE . 27.71 -61.69 20.43
NA HEC XE . 32.68 -61.71 21.15
C1A HEC XE . 32.75 -62.87 21.87
C2A HEC XE . 33.99 -62.90 22.55
C3A HEC XE . 34.66 -61.77 22.23
C4A HEC XE . 33.84 -61.03 21.35
CMA HEC XE . 36.04 -61.37 22.72
CAA HEC XE . 34.46 -63.99 23.48
CBA HEC XE . 33.95 -63.64 24.89
CGA HEC XE . 34.20 -64.72 25.90
O1A HEC XE . 33.55 -64.70 26.98
O2A HEC XE . 35.02 -65.64 25.68
NB HEC XE . 32.12 -59.53 19.46
C1B HEC XE . 33.37 -59.21 19.81
C2B HEC XE . 33.83 -58.14 19.00
C3B HEC XE . 32.82 -57.83 18.15
C4B HEC XE . 31.71 -58.75 18.46
CMB HEC XE . 35.19 -57.47 19.08
CAB HEC XE . 32.81 -56.79 17.11
CBB HEC XE . 33.45 -57.00 15.96
NC HEC XE . 29.37 -60.35 19.25
C1C HEC XE . 29.34 -59.30 18.38
C2C HEC XE . 28.00 -58.93 18.17
C3C HEC XE . 27.20 -59.78 18.93
C4C HEC XE . 28.09 -60.67 19.60
CMC HEC XE . 27.52 -57.81 17.29
CAC HEC XE . 25.73 -59.75 19.03
CBC HEC XE . 24.98 -60.26 18.05
ND HEC XE . 29.97 -62.46 21.02
C1D HEC XE . 28.63 -62.59 20.97
C2D HEC XE . 28.23 -63.87 21.60
C3D HEC XE . 29.37 -64.46 22.02
C4D HEC XE . 30.46 -63.56 21.63
CMD HEC XE . 26.83 -64.41 21.77
CAD HEC XE . 29.52 -65.78 22.73
CBD HEC XE . 29.50 -65.55 24.24
CGD HEC XE . 29.25 -66.87 24.93
O1D HEC XE . 30.13 -67.32 25.70
O2D HEC XE . 28.18 -67.50 24.75
FE HEC YE . 20.84 -61.52 14.10
CHA HEC YE . 20.87 -62.30 10.90
CHB HEC YE . 21.47 -64.80 14.97
CHC HEC YE . 21.61 -60.57 17.36
CHD HEC YE . 19.48 -58.50 13.54
NA HEC YE . 21.08 -63.24 13.15
C1A HEC YE . 21.14 -63.31 11.78
C2A HEC YE . 21.51 -64.63 11.40
C3A HEC YE . 21.69 -65.33 12.55
C4A HEC YE . 21.41 -64.47 13.63
CMA HEC YE . 22.08 -66.79 12.64
CAA HEC YE . 21.71 -65.13 9.99
CBA HEC YE . 20.42 -65.12 9.18
CGA HEC YE . 19.70 -66.43 9.26
O1A HEC YE . 20.30 -67.51 9.01
O2A HEC YE . 18.48 -66.45 9.58
NB HEC YE . 21.43 -62.51 15.86
C1B HEC YE . 21.62 -63.83 15.97
C2B HEC YE . 22.02 -64.16 17.30
C3B HEC YE . 22.07 -62.99 18.00
C4B HEC YE . 21.69 -61.93 17.04
CMB HEC YE . 22.33 -65.54 17.84
CAB HEC YE . 22.44 -62.81 19.42
CBB HEC YE . 23.67 -63.06 19.83
NC HEC YE . 20.62 -59.82 15.27
C1C HEC YE . 20.92 -59.65 16.58
C2C HEC YE . 20.46 -58.38 17.00
C3C HEC YE . 19.85 -57.79 15.90
C4C HEC YE . 19.96 -58.71 14.81
CMC HEC YE . 20.59 -57.80 18.38
CAC HEC YE . 19.20 -56.46 15.85
CBC HEC YE . 19.89 -55.34 16.00
ND HEC YE . 20.29 -60.61 12.57
C1D HEC YE . 19.75 -59.38 12.48
C2D HEC YE . 19.45 -59.04 11.09
C3D HEC YE . 19.83 -60.10 10.35
C4D HEC YE . 20.37 -61.07 11.31
CMD HEC YE . 18.82 -57.76 10.57
CAD HEC YE . 19.74 -60.28 8.85
CBD HEC YE . 18.49 -61.12 8.51
CGD HEC YE . 18.55 -61.80 7.15
O1D HEC YE . 19.60 -62.28 6.70
O2D HEC YE . 17.52 -61.88 6.46
S SO4 ZE . 11.47 -77.58 23.13
O1 SO4 ZE . 11.92 -78.24 24.37
O2 SO4 ZE . 12.18 -78.15 21.97
O3 SO4 ZE . 10.00 -77.78 22.98
O4 SO4 ZE . 11.76 -76.13 23.20
S SO4 AF . 64.06 -79.32 34.22
O1 SO4 AF . 64.23 -80.73 34.64
O2 SO4 AF . 65.16 -78.94 33.31
O3 SO4 AF . 62.74 -79.19 33.54
O4 SO4 AF . 64.09 -78.45 35.42
S SO4 BF . 58.91 -86.05 6.90
O1 SO4 BF . 59.57 -87.37 6.97
O2 SO4 BF . 59.89 -85.00 7.27
O3 SO4 BF . 58.40 -85.81 5.53
O4 SO4 BF . 57.78 -86.00 7.85
C1 GOL CF . 69.00 -60.09 32.16
O1 GOL CF . 68.85 -60.11 33.59
C2 GOL CF . 67.85 -60.86 31.50
O2 GOL CF . 67.07 -59.97 30.67
C3 GOL CF . 68.38 -62.09 30.76
O3 GOL CF . 68.55 -61.90 29.34
C1 GOL DF . 44.90 -85.54 26.61
O1 GOL DF . 45.93 -85.80 27.57
C2 GOL DF . 43.86 -86.66 26.59
O2 GOL DF . 44.47 -87.89 26.15
C3 GOL DF . 42.75 -86.26 25.63
O3 GOL DF . 41.49 -86.42 26.30
FE HEC EF . 47.18 -61.28 23.61
CHA HEC EF . 44.48 -62.72 25.04
CHB HEC EF . 49.06 -61.93 26.23
CHC HEC EF . 49.90 -60.87 21.48
CHD HEC EF . 45.27 -59.47 21.57
NA HEC EF . 46.93 -62.33 25.19
C1A HEC EF . 45.80 -63.29 25.37
C2A HEC EF . 45.96 -63.76 26.83
C3A HEC EF . 47.27 -63.53 27.14
C4A HEC EF . 47.83 -62.60 26.14
CMA HEC EF . 48.05 -64.02 28.30
CAA HEC EF . 44.97 -64.50 27.68
CBA HEC EF . 44.66 -65.86 27.07
CGA HEC EF . 45.53 -67.10 27.17
O1A HEC EF . 45.07 -68.12 26.70
O2A HEC EF . 46.71 -67.03 27.75
NB HEC EF . 49.03 -61.51 23.83
C1B HEC EF . 49.67 -61.49 25.07
C2B HEC EF . 51.09 -61.21 24.90
C3B HEC EF . 51.36 -61.27 23.56
C4B HEC EF . 50.09 -61.64 22.81
CMB HEC EF . 52.10 -61.26 25.99
CAB HEC EF . 52.64 -60.95 22.90
CBB HEC EF . 53.71 -61.99 23.04
NC HEC EF . 47.56 -60.18 22.08
C1C HEC EF . 48.67 -60.03 21.38
C2C HEC EF . 48.56 -58.88 20.43
C3C HEC EF . 47.30 -58.39 20.53
C4C HEC EF . 46.66 -59.04 21.75
CMC HEC EF . 49.73 -58.30 19.74
CAC HEC EF . 46.78 -57.08 20.04
CBC HEC EF . 46.59 -56.99 18.54
ND HEC EF . 45.29 -60.94 23.54
C1D HEC EF . 44.64 -60.20 22.52
C2D HEC EF . 43.21 -60.26 22.77
C3D HEC EF . 42.99 -61.40 23.56
C4D HEC EF . 44.31 -61.87 23.98
CMD HEC EF . 42.21 -59.32 22.25
CAD HEC EF . 41.72 -61.79 24.23
CBD HEC EF . 40.82 -62.60 23.30
CGD HEC EF . 39.73 -63.40 24.12
O1D HEC EF . 39.94 -63.53 25.37
O2D HEC EF . 38.73 -63.84 23.53
FE HEC FF . 29.91 -75.20 -0.10
CHA HEC FF . 30.09 -75.01 -3.45
CHB HEC FF . 28.60 -78.20 -0.20
CHC HEC FF . 30.89 -75.49 3.22
CHD HEC FF . 29.86 -71.87 0.20
NA HEC FF . 29.65 -76.46 -1.50
C1A HEC FF . 30.27 -76.34 -2.83
C2A HEC FF . 29.67 -77.50 -3.62
C3A HEC FF . 29.24 -78.40 -2.69
C4A HEC FF . 29.20 -77.72 -1.38
CMA HEC FF . 28.87 -79.82 -2.86
CAA HEC FF . 29.69 -77.75 -5.10
CBA HEC FF . 31.11 -77.88 -5.58
CGA HEC FF . 31.96 -79.13 -5.45
O1A HEC FF . 33.05 -79.09 -5.98
O2A HEC FF . 31.48 -80.18 -4.81
NB HEC FF . 29.88 -76.62 1.13
C1B HEC FF . 29.03 -77.72 1.02
C2B HEC FF . 28.88 -78.39 2.32
C3B HEC FF . 29.80 -77.82 3.15
C4B HEC FF . 30.60 -76.77 2.39
CMB HEC FF . 28.19 -79.68 2.53
CAB HEC FF . 29.99 -78.10 4.59
CBB HEC FF . 30.69 -79.39 4.93
NC HEC FF . 30.04 -74.00 1.41
C1C HEC FF . 30.36 -74.22 2.67
C2C HEC FF . 30.15 -73.02 3.53
C3C HEC FF . 29.72 -72.01 2.72
C4C HEC FF . 29.41 -72.64 1.37
CMC HEC FF . 30.14 -73.08 5.01
CAC HEC FF . 29.06 -70.74 3.12
CBC HEC FF . 29.93 -69.66 3.72
ND HEC FF . 29.69 -73.77 -1.36
C1D HEC FF . 29.79 -72.39 -1.05
C2D HEC FF . 29.65 -71.65 -2.29
C3D HEC FF . 30.00 -72.53 -3.32
C4D HEC FF . 30.10 -73.86 -2.72
CMD HEC FF . 29.32 -70.22 -2.41
CAD HEC FF . 29.91 -72.29 -4.79
CBD HEC FF . 31.17 -71.61 -5.34
CGD HEC FF . 31.27 -71.79 -6.91
O1D HEC FF . 30.59 -72.72 -7.46
O2D HEC FF . 32.00 -71.03 -7.56
FE HEC GF . 4.38 -63.93 17.72
CHA HEC GF . 7.12 -65.73 18.26
CHB HEC GF . 4.67 -64.43 14.32
CHC HEC GF . 1.17 -62.57 17.16
CHD HEC GF . 4.28 -62.79 20.88
NA HEC GF . 5.63 -64.87 16.51
C1A HEC GF . 6.71 -65.58 16.95
C2A HEC GF . 7.37 -66.17 15.84
C3A HEC GF . 6.68 -65.80 14.72
C4A HEC GF . 5.60 -65.00 15.15
CMA HEC GF . 7.01 -66.18 13.29
CAA HEC GF . 8.63 -67.03 15.87
CBA HEC GF . 8.31 -68.53 15.93
CGA HEC GF . 9.60 -69.30 16.13
O1A HEC GF . 10.39 -68.96 17.03
O2A HEC GF . 9.86 -70.29 15.43
NB HEC GF . 3.15 -63.57 16.05
C1B HEC GF . 3.48 -63.86 14.79
C2B HEC GF . 2.42 -63.49 13.92
C3B HEC GF . 1.43 -62.97 14.69
C4B HEC GF . 1.92 -63.02 16.08
CMB HEC GF . 2.40 -63.66 12.41
CAB HEC GF . 0.12 -62.45 14.27
CBB HEC GF . -0.79 -63.30 13.77
NC HEC GF . 2.96 -62.87 18.81
C1C HEC GF . 1.73 -62.42 18.43
C2C HEC GF . 1.10 -61.79 19.51
C3C HEC GF . 1.98 -61.85 20.58
C4C HEC GF . 3.16 -62.54 20.13
CMC HEC GF . -0.27 -61.17 19.51
CAC HEC GF . 1.71 -61.28 21.92
CBC HEC GF . 2.68 -60.81 22.69
ND HEC GF . 5.45 -64.20 19.23
C1D HEC GF . 5.29 -63.66 20.45
C2D HEC GF . 6.35 -64.11 21.35
C3D HEC GF . 7.13 -64.94 20.64
C4D HEC GF . 6.55 -64.98 19.29
CMD HEC GF . 6.52 -63.75 22.82
CAD HEC GF . 8.37 -65.66 21.12
CBD HEC GF . 8.07 -67.06 21.66
CGD HEC GF . 9.37 -67.69 22.12
O1D HEC GF . 9.62 -67.74 23.35
O2D HEC GF . 10.18 -68.14 21.29
FE HEC HF . 8.96 -62.89 9.38
CHA HEC HF . 11.44 -65.03 9.90
CHB HEC HF . 8.42 -62.64 12.81
CHC HEC HF . 6.73 -60.20 8.96
CHD HEC HF . 9.11 -63.22 6.05
NA HEC HF . 9.76 -63.66 11.03
C1A HEC HF . 10.79 -64.57 11.02
C2A HEC HF . 11.09 -64.98 12.35
C3A HEC HF . 10.22 -64.29 13.16
C4A HEC HF . 9.42 -63.47 12.35
CMA HEC HF . 10.16 -64.38 14.67
CAA HEC HF . 12.11 -66.00 12.81
CBA HEC HF . 13.55 -65.68 12.41
CGA HEC HF . 14.16 -64.70 13.38
O1A HEC HF . 14.83 -63.75 12.92
O2A HEC HF . 14.00 -64.82 14.61
NB HEC HF . 7.79 -61.66 10.64
C1B HEC HF . 7.74 -61.75 11.98
C2B HEC HF . 6.85 -60.77 12.51
C3B HEC HF . 6.37 -60.07 11.46
C4B HEC HF . 6.98 -60.67 10.25
CMB HEC HF . 6.51 -60.53 13.96
CAB HEC HF . 5.43 -58.94 11.51
CBB HEC HF . 5.82 -57.71 11.84
NC HEC HF . 8.11 -61.83 7.78
C1C HEC HF . 7.11 -60.90 7.82
C2C HEC HF . 6.53 -60.78 6.55
C3C HEC HF . 7.21 -61.66 5.71
C4C HEC HF . 8.20 -62.31 6.50
CMC HEC HF . 5.39 -59.87 6.18
CAC HEC HF . 6.91 -61.89 4.27
CBC HEC HF . 7.24 -61.00 3.34
ND HEC HF . 10.03 -63.89 8.24
C1D HEC HF . 9.98 -63.91 6.90
C2D HEC HF . 11.02 -64.82 6.38
C3D HEC HF . 11.67 -65.32 7.45
C4D HEC HF . 11.01 -64.71 8.62
CMD HEC HF . 11.30 -65.13 4.93
CAD HEC HF . 12.79 -66.33 7.48
CBD HEC HF . 12.14 -67.68 7.81
CGD HEC HF . 13.13 -68.80 7.98
O1D HEC HF . 12.78 -69.95 7.64
O2D HEC HF . 14.27 -68.61 8.47
FE HEC IF . 7.08 -59.16 -1.51
CHA HEC IF . 7.40 -55.95 -2.17
CHB HEC IF . 10.49 -59.57 -1.47
CHC HEC IF . 6.73 -62.22 0.14
CHD HEC IF . 3.80 -59.20 -2.27
NA HEC IF . 8.67 -57.99 -1.72
C1A HEC IF . 8.56 -56.69 -2.14
C2A HEC IF . 9.84 -56.22 -2.51
C3A HEC IF . 10.72 -57.24 -2.31
C4A HEC IF . 9.98 -58.34 -1.81
CMA HEC IF . 12.21 -57.21 -2.56
CAA HEC IF . 10.18 -54.84 -3.02
CBA HEC IF . 10.40 -53.92 -1.81
CGA HEC IF . 10.71 -52.50 -2.22
O1A HEC IF . 10.96 -51.64 -1.33
O2A HEC IF . 10.74 -52.18 -3.43
NB HEC IF . 8.37 -60.63 -0.78
C1B HEC IF . 9.70 -60.56 -0.88
C2B HEC IF . 10.27 -61.73 -0.29
C3B HEC IF . 9.25 -62.50 0.17
C4B HEC IF . 8.01 -61.75 -0.17
CMB HEC IF . 11.75 -62.04 -0.20
CAB HEC IF . 9.33 -63.79 0.86
CBB HEC IF . 9.40 -63.83 2.19
NC HEC IF . 5.52 -60.47 -1.08
C1C HEC IF . 5.59 -61.71 -0.49
C2C HEC IF . 4.35 -62.35 -0.63
C3C HEC IF . 3.51 -61.49 -1.33
C4C HEC IF . 4.26 -60.30 -1.59
CMC HEC IF . 4.02 -63.75 -0.12
CAC HEC IF . 2.11 -61.73 -1.72
CBC HEC IF . 1.09 -61.19 -1.05
ND HEC IF . 5.87 -57.85 -2.10
C1D HEC IF . 4.55 -58.01 -2.35
C2D HEC IF . 3.96 -56.72 -2.77
C3D HEC IF . 4.97 -55.82 -2.74
C4D HEC IF . 6.16 -56.57 -2.31
CMD HEC IF . 2.52 -56.47 -3.14
CAD HEC IF . 4.92 -54.35 -3.06
CBD HEC IF . 5.52 -54.06 -4.43
CGD HEC IF . 4.38 -54.04 -5.43
O1D HEC IF . 3.61 -53.06 -5.49
O2D HEC IF . 4.21 -55.02 -6.19
FE HEC JF . 15.58 -60.60 -5.05
CHA HEC JF . 14.97 -57.61 -6.42
CHB HEC JF . 12.17 -61.21 -4.81
CHC HEC JF . 16.14 -63.94 -4.15
CHD HEC JF . 18.92 -60.10 -5.12
NA HEC JF . 13.91 -59.64 -5.51
C1A HEC JF . 13.89 -58.36 -6.03
C2A HEC JF . 12.55 -57.92 -6.11
C3A HEC JF . 11.75 -58.93 -5.66
C4A HEC JF . 12.60 -60.00 -5.31
CMA HEC JF . 10.24 -58.93 -5.57
CAA HEC JF . 12.08 -56.58 -6.62
CBA HEC JF . 11.64 -56.82 -8.07
CGA HEC JF . 11.68 -55.54 -8.84
O1A HEC JF . 12.75 -55.19 -9.38
O2A HEC JF . 10.64 -54.85 -8.93
NB HEC JF . 14.38 -62.26 -4.57
C1B HEC JF . 13.04 -62.27 -4.56
C2B HEC JF . 12.55 -63.56 -4.23
C3B HEC JF . 13.65 -64.34 -4.04
C4B HEC JF . 14.83 -63.48 -4.27
CMB HEC JF . 11.10 -63.96 -4.10
CAB HEC JF . 13.67 -65.78 -3.67
CBB HEC JF . 13.53 -66.70 -4.62
NC HEC JF . 17.22 -61.83 -4.72
C1C HEC JF . 17.25 -63.12 -4.28
C2C HEC JF . 18.59 -63.49 -3.99
C3C HEC JF . 19.38 -62.38 -4.27
C4C HEC JF . 18.50 -61.35 -4.73
CMC HEC JF . 19.06 -64.82 -3.48
CAC HEC JF . 20.84 -62.28 -4.14
CBC HEC JF . 21.64 -63.04 -4.87
ND HEC JF . 16.68 -59.19 -5.62
C1D HEC JF . 18.03 -59.15 -5.60
C2D HEC JF . 18.51 -57.87 -6.17
C3D HEC JF . 17.41 -57.19 -6.53
C4D HEC JF . 16.26 -58.04 -6.17
CMD HEC JF . 19.94 -57.43 -6.33
CAD HEC JF . 17.32 -55.83 -7.20
CBD HEC JF . 17.39 -56.18 -8.70
CGD HEC JF . 17.00 -55.08 -9.66
O1D HEC JF . 17.49 -53.93 -9.58
O2D HEC JF . 16.17 -55.34 -10.57
FE HEC KF . 25.83 -67.17 -4.79
CHA HEC KF . 26.23 -69.97 -6.52
CHB HEC KF . 26.86 -65.28 -7.48
CHC HEC KF . 24.81 -64.23 -3.20
CHD HEC KF . 25.61 -68.81 -1.85
NA HEC KF . 26.44 -67.52 -6.64
C1A HEC KF . 26.53 -68.79 -7.16
C2A HEC KF . 26.98 -68.70 -8.50
C3A HEC KF . 27.15 -67.38 -8.79
C4A HEC KF . 26.82 -66.65 -7.61
CMA HEC KF . 27.63 -66.80 -10.10
CAA HEC KF . 27.20 -69.85 -9.45
CBA HEC KF . 28.57 -70.49 -9.21
CGA HEC KF . 28.81 -71.64 -10.16
O1A HEC KF . 29.76 -72.44 -9.94
O2A HEC KF . 28.10 -71.82 -11.17
NB HEC KF . 25.84 -65.12 -5.26
C1B HEC KF . 26.30 -64.60 -6.40
C2B HEC KF . 26.14 -63.18 -6.39
C3B HEC KF . 25.56 -62.85 -5.19
C4B HEC KF . 25.38 -64.14 -4.47
CMB HEC KF . 26.54 -62.23 -7.50
CAB HEC KF . 25.19 -61.52 -4.69
CBB HEC KF . 24.22 -60.83 -5.27
NC HEC KF . 25.29 -66.60 -2.87
C1C HEC KF . 24.92 -65.37 -2.41
C2C HEC KF . 24.66 -65.45 -1.03
C3C HEC KF . 24.88 -66.76 -0.66
C4C HEC KF . 25.28 -67.48 -1.81
CMC HEC KF . 24.22 -64.30 -0.15
CAC HEC KF . 24.75 -67.34 0.69
CBC HEC KF . 23.58 -67.31 1.34
ND HEC KF . 25.91 -68.98 -4.29
C1D HEC KF . 25.81 -69.50 -3.06
C2D HEC KF . 25.94 -70.97 -3.11
C3D HEC KF . 26.11 -71.29 -4.41
C4D HEC KF . 26.09 -70.00 -5.14
CMD HEC KF . 25.88 -71.88 -1.90
CAD HEC KF . 26.28 -72.63 -5.11
CBD HEC KF . 26.58 -73.87 -4.26
CGD HEC KF . 26.55 -75.09 -5.16
O1D HEC KF . 25.50 -75.76 -5.28
O2D HEC KF . 27.57 -75.46 -5.78
FE HEC LF . 32.12 -62.82 -10.80
CHA HEC LF . 33.16 -65.65 -12.12
CHB HEC LF . 30.81 -64.48 -8.07
CHC HEC LF . 32.02 -59.85 -9.00
CHD HEC LF . 32.59 -61.08 -13.63
NA HEC LF . 32.04 -64.69 -10.17
C1A HEC LF . 32.44 -65.74 -10.95
C2A HEC LF . 32.00 -66.95 -10.35
C3A HEC LF . 31.34 -66.63 -9.20
C4A HEC LF . 31.37 -65.22 -9.10
CMA HEC LF . 30.69 -67.58 -8.22
CAA HEC LF . 32.23 -68.34 -10.90
CBA HEC LF . 31.06 -68.62 -11.85
CGA HEC LF . 31.23 -69.92 -12.60
O1A HEC LF . 30.52 -70.11 -13.62
O2A HEC LF . 32.05 -70.79 -12.22
NB HEC LF . 31.51 -62.25 -8.88
C1B HEC LF . 31.03 -63.09 -7.96
C2B HEC LF . 30.72 -62.38 -6.78
C3B HEC LF . 31.06 -61.07 -7.00
C4B HEC LF . 31.58 -61.02 -8.39
CMB HEC LF . 30.16 -62.95 -5.50
CAB HEC LF . 30.96 -59.95 -6.07
CBB HEC LF . 31.86 -59.79 -5.10
NC HEC LF . 32.33 -60.80 -11.22
C1C HEC LF . 32.11 -59.74 -10.38
C2C HEC LF . 31.97 -58.56 -11.15
C3C HEC LF . 32.13 -58.92 -12.49
C4C HEC LF . 32.36 -60.33 -12.51
CMC HEC LF . 31.71 -57.18 -10.61
CAC HEC LF . 32.08 -58.02 -13.65
CBC HEC LF . 33.11 -57.24 -13.96
ND HEC LF . 32.74 -63.27 -12.50
C1D HEC LF . 32.89 -62.45 -13.55
C2D HEC LF . 33.45 -63.21 -14.69
C3D HEC LF . 33.61 -64.48 -14.26
C4D HEC LF . 33.15 -64.49 -12.87
CMD HEC LF . 33.79 -62.68 -16.07
CAD HEC LF . 34.14 -65.66 -15.04
CBD HEC LF . 32.97 -66.39 -15.70
CGD HEC LF . 33.53 -67.30 -16.77
O1D HEC LF . 33.41 -68.54 -16.63
O2D HEC LF . 34.12 -66.83 -17.78
FE HEC MF . 36.71 -52.96 -15.69
CHA HEC MF . 39.41 -51.54 -14.44
CHB HEC MF . 38.62 -55.54 -17.01
CHC HEC MF . 33.85 -54.85 -16.33
CHD HEC MF . 34.83 -50.23 -15.22
NA HEC MF . 38.64 -53.44 -15.77
C1A HEC MF . 39.60 -52.74 -15.08
C2A HEC MF . 40.81 -53.44 -15.14
C3A HEC MF . 40.60 -54.57 -15.87
C4A HEC MF . 39.25 -54.57 -16.26
CMA HEC MF . 41.63 -55.63 -16.20
CAA HEC MF . 42.13 -53.04 -14.50
CBA HEC MF . 42.67 -51.72 -15.06
CGA HEC MF . 43.64 -51.98 -16.19
O1A HEC MF . 44.61 -52.76 -16.03
O2A HEC MF . 43.46 -51.39 -17.29
NB HEC MF . 36.30 -54.86 -16.52
C1B HEC MF . 37.22 -55.72 -16.97
C2B HEC MF . 36.60 -56.91 -17.46
C3B HEC MF . 35.26 -56.74 -17.28
C4B HEC MF . 35.08 -55.40 -16.66
CMB HEC MF . 37.30 -58.11 -18.04
CAB HEC MF . 34.18 -57.69 -17.61
CBB HEC MF . 34.07 -58.83 -16.94
NC HEC MF . 34.66 -52.63 -15.73
C1C HEC MF . 33.66 -53.49 -16.08
C2C HEC MF . 32.45 -52.78 -16.14
C3C HEC MF . 32.74 -51.44 -15.81
C4C HEC MF . 34.14 -51.38 -15.57
CMC HEC MF . 31.10 -53.34 -16.50
CAC HEC MF . 31.81 -50.30 -15.75
CBC HEC MF . 30.83 -50.25 -14.84
ND HEC MF . 37.04 -51.26 -14.98
C1D HEC MF . 36.17 -50.25 -14.87
C2D HEC MF . 36.84 -49.08 -14.28
C3D HEC MF . 38.13 -49.44 -14.06
C4D HEC MF . 38.22 -50.85 -14.52
CMD HEC MF . 36.22 -47.74 -13.98
CAD HEC MF . 39.25 -48.62 -13.47
CBD HEC MF . 40.12 -48.07 -14.61
CGD HEC MF . 41.51 -47.66 -14.17
O1D HEC MF . 42.16 -48.33 -13.33
O2D HEC MF . 42.06 -46.64 -14.65
S SO4 NF . 34.19 -49.87 4.15
O1 SO4 NF . 35.20 -50.91 4.31
O2 SO4 NF . 32.90 -50.52 3.89
O3 SO4 NF . 34.63 -49.03 3.00
O4 SO4 NF . 34.11 -49.06 5.37
S SO4 OF . 43.33 -60.13 -33.63
O1 SO4 OF . 43.74 -61.40 -34.28
O2 SO4 OF . 43.55 -60.23 -32.17
O3 SO4 OF . 44.14 -59.01 -34.18
O4 SO4 OF . 41.89 -59.87 -33.87
S SO4 PF . 22.78 -57.02 -22.29
O1 SO4 PF . 22.40 -58.02 -21.28
O2 SO4 PF . 24.24 -56.99 -22.46
O3 SO4 PF . 22.29 -55.68 -21.89
O4 SO4 PF . 22.13 -57.39 -23.58
C1 GOL QF . 48.31 -88.14 -15.17
O1 GOL QF . 47.96 -88.13 -16.57
C2 GOL QF . 47.53 -87.09 -14.37
O2 GOL QF . 47.37 -85.88 -15.12
C3 GOL QF . 46.14 -87.61 -14.00
O3 GOL QF . 46.20 -88.79 -13.18
C1 GOL RF . 45.76 -94.26 -14.53
O1 GOL RF . 46.19 -92.92 -14.27
C2 GOL RF . 44.24 -94.28 -14.43
O2 GOL RF . 43.71 -93.97 -15.72
C3 GOL RF . 43.74 -95.64 -13.94
O3 GOL RF . 44.00 -96.65 -14.93
C1 GOL SF . 14.38 -58.76 11.70
O1 GOL SF . 14.78 -57.87 10.65
C2 GOL SF . 15.24 -60.02 11.66
O2 GOL SF . 16.40 -59.83 12.48
C3 GOL SF . 14.45 -61.17 12.25
O3 GOL SF . 13.91 -62.01 11.23
C1 GOL TF . 40.48 -70.78 33.28
O1 GOL TF . 41.04 -71.53 34.36
C2 GOL TF . 39.74 -71.71 32.31
O2 GOL TF . 38.34 -71.50 32.43
C3 GOL TF . 40.14 -71.40 30.87
O3 GOL TF . 41.29 -72.18 30.47
K K UF . 27.12 -53.00 -23.79
FE HEC VF . 56.19 -57.61 -7.32
CHA HEC VF . 58.24 -55.68 -5.51
CHB HEC VF . 58.56 -58.27 -9.52
CHC HEC VF . 54.22 -60.30 -8.34
CHD HEC VF . 53.48 -56.07 -6.16
NA HEC VF . 58.06 -57.27 -7.37
C1A HEC VF . 58.83 -56.83 -6.19
C2A HEC VF . 60.26 -56.61 -6.73
C3A HEC VF . 60.32 -57.35 -7.88
C4A HEC VF . 58.94 -57.71 -8.29
CMA HEC VF . 61.50 -57.74 -8.68
CAA HEC VF . 61.38 -55.88 -6.09
CBA HEC VF . 61.76 -56.63 -4.82
CGA HEC VF . 62.62 -57.87 -4.73
O1A HEC VF . 62.95 -58.23 -3.61
O2A HEC VF . 62.98 -58.51 -5.83
NB HEC VF . 56.46 -59.03 -8.54
C1B HEC VF . 57.38 -58.99 -9.58
C2B HEC VF . 57.04 -59.99 -10.61
C3B HEC VF . 56.06 -60.77 -10.10
C4B HEC VF . 55.74 -60.29 -8.68
CMB HEC VF . 57.90 -60.32 -11.77
CAB HEC VF . 55.32 -61.83 -10.79
CBB HEC VF . 56.08 -63.12 -10.98
NC HEC VF . 54.30 -57.95 -7.47
C1C HEC VF . 53.64 -58.98 -7.97
C2C HEC VF . 52.18 -58.72 -8.08
C3C HEC VF . 51.95 -57.48 -7.59
C4C HEC VF . 53.31 -56.83 -7.40
CMC HEC VF . 51.24 -59.61 -8.82
CAC HEC VF . 50.74 -56.64 -7.77
CBC HEC VF . 49.51 -57.03 -6.97
ND HEC VF . 55.94 -56.02 -6.29
C1D HEC VF . 54.70 -55.58 -5.79
C2D HEC VF . 54.94 -54.40 -4.96
C3D HEC VF . 56.28 -54.47 -4.58
C4D HEC VF . 56.89 -55.55 -5.37
CMD HEC VF . 53.95 -53.39 -4.57
CAD HEC VF . 57.06 -53.45 -3.84
CBD HEC VF . 56.89 -53.60 -2.32
CGD HEC VF . 58.03 -52.84 -1.54
O1D HEC VF . 59.10 -52.57 -2.17
O2D HEC VF . 57.87 -52.55 -0.33
FE HEC WF . 36.44 -45.70 -31.11
CHA HEC WF . 37.40 -48.70 -29.99
CHB HEC WF . 39.04 -44.19 -29.40
CHC HEC WF . 35.84 -42.65 -32.73
CHD HEC WF . 33.52 -46.88 -32.28
NA HEC WF . 37.92 -46.29 -29.93
C1A HEC WF . 38.16 -47.61 -29.61
C2A HEC WF . 39.31 -47.70 -28.80
C3A HEC WF . 39.77 -46.43 -28.61
C4A HEC WF . 38.91 -45.56 -29.32
CMA HEC WF . 40.98 -46.02 -27.82
CAA HEC WF . 39.92 -48.95 -28.21
CBA HEC WF . 41.02 -49.56 -29.11
CGA HEC WF . 41.45 -50.89 -28.55
O1A HEC WF . 40.59 -51.74 -28.22
O2A HEC WF . 42.67 -51.14 -28.40
NB HEC WF . 37.28 -43.79 -31.07
C1B HEC WF . 38.32 -43.42 -30.31
C2B HEC WF . 38.64 -42.05 -30.54
C3B HEC WF . 37.75 -41.59 -31.48
C4B HEC WF . 36.88 -42.74 -31.80
CMB HEC WF . 39.75 -41.28 -29.88
CAB HEC WF . 37.68 -40.24 -32.06
CBB HEC WF . 38.66 -39.81 -32.87
NC HEC WF . 34.95 -44.88 -32.30
C1C HEC WF . 34.89 -43.65 -32.88
C2C HEC WF . 33.71 -43.56 -33.64
C3C HEC WF . 33.03 -44.76 -33.51
C4C HEC WF . 33.83 -45.59 -32.66
CMC HEC WF . 33.26 -42.37 -34.44
CAC HEC WF . 31.73 -45.07 -34.15
CBC HEC WF . 30.84 -45.88 -33.59
ND HEC WF . 35.63 -47.39 -31.12
C1D HEC WF . 34.43 -47.72 -31.64
C2D HEC WF . 34.16 -49.16 -31.45
C3D HEC WF . 35.24 -49.67 -30.83
C4D HEC WF . 36.17 -48.53 -30.62
CMD HEC WF . 32.94 -49.91 -31.88
CAD HEC WF . 35.45 -51.10 -30.40
CBD HEC WF . 36.16 -51.91 -31.48
CGD HEC WF . 36.33 -53.33 -31.00
O1D HEC WF . 35.58 -54.23 -31.45
O2D HEC WF . 37.21 -53.61 -30.15
FE HEC XF . 41.00 -43.33 -23.06
CHA HEC XF . 42.27 -46.31 -22.29
CHB HEC XF . 38.59 -44.83 -25.06
CHC HEC XF . 39.30 -40.29 -23.45
CHD HEC XF . 43.46 -41.69 -21.44
NA HEC XF . 40.51 -45.18 -23.59
C1A HEC XF . 41.21 -46.30 -23.16
C2A HEC XF . 40.63 -47.46 -23.75
C3A HEC XF . 39.59 -47.04 -24.52
C4A HEC XF . 39.52 -45.63 -24.41
CMA HEC XF . 38.69 -47.92 -25.34
CAA HEC XF . 41.07 -48.90 -23.60
CBA HEC XF . 41.06 -49.45 -22.17
CGA HEC XF . 39.67 -49.87 -21.76
O1A HEC XF . 39.23 -49.52 -20.64
O2A HEC XF . 38.95 -50.55 -22.53
NB HEC XF . 39.28 -42.68 -24.06
C1B HEC XF . 38.47 -43.47 -24.80
C2B HEC XF . 37.39 -42.69 -25.33
C3B HEC XF . 37.58 -41.42 -24.90
C4B HEC XF . 38.81 -41.43 -24.07
CMB HEC XF . 36.27 -43.18 -26.21
CAB HEC XF . 36.71 -40.26 -25.18
CBB HEC XF . 35.57 -40.11 -24.51
NC HEC XF . 41.27 -41.34 -22.49
C1C HEC XF . 40.57 -40.26 -22.90
C2C HEC XF . 41.33 -39.09 -22.68
C3C HEC XF . 42.53 -39.48 -22.10
C4C HEC XF . 42.48 -40.91 -21.99
CMC HEC XF . 40.91 -37.67 -22.99
CAC HEC XF . 43.64 -38.57 -21.72
CBC HEC XF . 43.54 -37.81 -20.63
ND HEC XF . 42.51 -43.87 -22.08
C1D HEC XF . 43.41 -43.09 -21.47
C2D HEC XF . 44.43 -43.93 -20.79
C3D HEC XF . 44.10 -45.20 -21.04
C4D HEC XF . 42.87 -45.15 -21.85
CMD HEC XF . 45.62 -43.46 -19.99
CAD HEC XF . 44.83 -46.45 -20.59
CBD HEC XF . 45.65 -46.91 -21.79
CGD HEC XF . 46.36 -48.23 -21.61
O1D HEC XF . 47.42 -48.45 -22.22
O2D HEC XF . 45.89 -49.12 -20.86
FE HEC YF . 45.37 -33.98 -17.59
CHA HEC YF . 43.38 -32.17 -15.70
CHB HEC YF . 45.61 -36.40 -15.16
CHC HEC YF . 46.61 -36.26 -19.92
CHD HEC YF . 45.94 -31.47 -19.77
NA HEC YF . 44.60 -34.29 -15.79
C1A HEC YF . 43.89 -33.32 -15.14
C2A HEC YF . 43.75 -33.68 -13.79
C3A HEC YF . 44.38 -34.88 -13.63
C4A HEC YF . 44.90 -35.25 -14.89
CMA HEC YF . 44.49 -35.69 -12.35
CAA HEC YF . 43.03 -32.89 -12.72
CBA HEC YF . 41.56 -33.27 -12.77
CGA HEC YF . 40.77 -32.52 -11.73
O1A HEC YF . 39.54 -32.76 -11.60
O2A HEC YF . 41.34 -31.67 -10.98
NB HEC YF . 46.00 -35.98 -17.56
C1B HEC YF . 46.00 -36.75 -16.46
C2B HEC YF . 46.48 -38.05 -16.80
C3B HEC YF . 46.77 -38.04 -18.13
C4B HEC YF . 46.44 -36.68 -18.61
CMB HEC YF . 46.63 -39.20 -15.86
CAB HEC YF . 47.28 -39.17 -18.91
CBB HEC YF . 46.44 -39.97 -19.55
NC HEC YF . 46.12 -33.91 -19.54
C1C HEC YF . 46.66 -34.91 -20.28
C2C HEC YF . 47.27 -34.36 -21.42
C3C HEC YF . 47.07 -32.99 -21.37
C4C HEC YF . 46.35 -32.72 -20.18
CMC HEC YF . 48.00 -35.15 -22.50
CAC HEC YF . 47.54 -31.99 -22.37
CBC HEC YF . 46.71 -31.45 -23.25
ND HEC YF . 44.79 -32.21 -17.71
C1D HEC YF . 45.09 -31.30 -18.66
C2D HEC YF . 44.39 -30.03 -18.38
C3D HEC YF . 43.69 -30.22 -17.24
C4D HEC YF . 43.95 -31.62 -16.84
CMD HEC YF . 44.46 -28.76 -19.20
CAD HEC YF . 42.78 -29.24 -16.52
CBD HEC YF . 43.45 -28.72 -15.26
CGD HEC YF . 44.13 -27.42 -15.63
O1D HEC YF . 43.43 -26.38 -15.76
O2D HEC YF . 45.37 -27.38 -15.79
FE HEC ZF . 48.62 -38.13 -9.93
CHA HEC ZF . 47.27 -35.44 -8.49
CHB HEC ZF . 48.98 -36.40 -12.90
CHC HEC ZF . 50.55 -40.72 -11.31
CHD HEC ZF . 48.24 -39.98 -7.13
NA HEC ZF . 48.22 -36.30 -10.58
C1A HEC ZF . 47.59 -35.35 -9.82
C2A HEC ZF . 47.34 -34.23 -10.62
C3A HEC ZF . 47.82 -34.48 -11.87
C4A HEC ZF . 48.38 -35.78 -11.83
CMA HEC ZF . 47.77 -33.57 -13.06
CAA HEC ZF . 46.68 -32.95 -10.17
CBA HEC ZF . 47.82 -31.95 -9.91
CGA HEC ZF . 47.35 -30.88 -8.97
O1A HEC ZF . 47.41 -31.07 -7.73
O2A HEC ZF . 46.93 -29.79 -9.43
NB HEC ZF . 49.59 -38.50 -11.75
C1B HEC ZF . 49.61 -37.64 -12.78
C2B HEC ZF . 50.39 -38.18 -13.85
C3B HEC ZF . 50.83 -39.40 -13.44
C4B HEC ZF . 50.31 -39.57 -12.06
CMB HEC ZF . 50.63 -37.52 -15.19
CAB HEC ZF . 51.67 -40.35 -14.18
CBB HEC ZF . 52.98 -40.17 -14.22
NC HEC ZF . 49.31 -40.02 -9.34
C1C HEC ZF . 50.00 -40.95 -10.06
C2C HEC ZF . 50.07 -42.15 -9.33
C3C HEC ZF . 49.42 -41.92 -8.12
C4C HEC ZF . 48.94 -40.58 -8.14
CMC HEC ZF . 50.74 -43.42 -9.76
CAC HEC ZF . 49.23 -42.89 -7.03
CBC HEC ZF . 50.28 -43.38 -6.37
ND HEC ZF . 47.91 -37.80 -8.22
C1D HEC ZF . 47.85 -38.65 -7.17
C2D HEC ZF . 47.25 -37.97 -6.00
C3D HEC ZF . 46.98 -36.71 -6.38
C4D HEC ZF . 47.42 -36.62 -7.78
CMD HEC ZF . 47.00 -38.58 -4.65
CAD HEC ZF . 46.40 -35.60 -5.56
CBD HEC ZF . 47.63 -34.96 -4.89
CGD HEC ZF . 47.42 -33.58 -4.29
O1D HEC ZF . 46.51 -33.34 -3.48
O2D HEC ZF . 48.21 -32.66 -4.61
FE HEC AG . 53.24 -48.21 -4.88
CHA HEC AG . 56.49 -48.90 -4.85
CHB HEC AG . 53.56 -46.36 -1.99
CHC HEC AG . 49.99 -46.96 -5.23
CHD HEC AG . 52.59 -50.59 -7.15
NA HEC AG . 54.72 -47.70 -3.66
C1A HEC AG . 56.03 -48.12 -3.84
C2A HEC AG . 56.81 -47.60 -2.79
C3A HEC AG . 56.00 -46.88 -1.98
C4A HEC AG . 54.69 -46.95 -2.52
CMA HEC AG . 56.41 -46.14 -0.73
CAA HEC AG . 58.31 -47.79 -2.61
CBA HEC AG . 58.61 -49.14 -1.94
CGA HEC AG . 60.09 -49.32 -1.74
O1A HEC AG . 60.53 -50.45 -1.44
O2A HEC AG . 60.87 -48.36 -1.86
NB HEC AG . 52.01 -46.90 -3.81
C1B HEC AG . 52.36 -46.28 -2.68
C2B HEC AG . 51.29 -45.46 -2.22
C3B HEC AG . 50.26 -45.62 -3.11
C4B HEC AG . 50.76 -46.55 -4.14
CMB HEC AG . 51.32 -44.61 -0.97
CAB HEC AG . 48.93 -44.98 -3.09
CBB HEC AG . 48.82 -43.67 -3.28
NC HEC AG . 51.56 -48.68 -6.00
C1C HEC AG . 50.34 -48.07 -6.00
C2C HEC AG . 49.50 -48.74 -6.92
C3C HEC AG . 50.25 -49.77 -7.47
C4C HEC AG . 51.54 -49.72 -6.88
CMC HEC AG . 48.07 -48.40 -7.23
CAC HEC AG . 49.82 -50.76 -8.48
CBC HEC AG . 49.37 -50.38 -9.68
ND HEC AG . 54.29 -49.47 -5.80
C1D HEC AG . 53.89 -50.38 -6.69
C2D HEC AG . 55.02 -51.17 -7.17
C3D HEC AG . 56.12 -50.71 -6.53
C4D HEC AG . 55.62 -49.62 -5.67
CMD HEC AG . 54.93 -52.29 -8.18
CAD HEC AG . 57.59 -51.09 -6.59
CBD HEC AG . 57.95 -52.41 -7.28
CGD HEC AG . 59.46 -52.51 -7.37
O1D HEC AG . 60.06 -52.11 -8.40
O2D HEC AG . 60.13 -52.98 -6.41
FE HEC BG . 53.78 -46.57 4.70
CHA HEC BG . 56.76 -47.95 5.00
CHB HEC BG . 53.27 -48.16 1.68
CHC HEC BG . 50.35 -46.01 4.93
CHD HEC BG . 54.31 -44.38 7.17
NA HEC BG . 54.77 -47.86 3.56
C1A HEC BG . 56.07 -48.19 3.83
C2A HEC BG . 56.61 -48.86 2.70
C3A HEC BG . 55.62 -48.93 1.75
C4A HEC BG . 54.48 -48.31 2.31
CMA HEC BG . 55.71 -49.56 0.39
CAA HEC BG . 58.02 -49.39 2.56
CBA HEC BG . 58.88 -48.23 2.06
CGA HEC BG . 60.34 -48.57 1.99
O1A HEC BG . 61.16 -47.63 1.86
O2A HEC BG . 60.74 -49.77 2.05
NB HEC BG . 52.12 -47.00 3.52
C1B HEC BG . 52.16 -47.66 2.34
C2B HEC BG . 50.84 -47.79 1.82
C3B HEC BG . 50.00 -47.19 2.73
C4B HEC BG . 50.85 -46.69 3.82
CMB HEC BG . 50.45 -48.45 0.52
CAB HEC BG . 48.55 -47.09 2.65
CBB HEC BG . 47.79 -48.15 2.91
NC HEC BG . 52.51 -45.44 5.90
C1C HEC BG . 51.17 -45.23 5.74
C2C HEC BG . 50.80 -44.11 6.50
C3C HEC BG . 51.94 -43.64 7.15
C4C HEC BG . 53.01 -44.49 6.75
CMC HEC BG . 49.41 -43.54 6.61
CAC HEC BG . 52.02 -42.47 8.05
CBC HEC BG . 51.63 -42.58 9.31
ND HEC BG . 55.22 -46.25 5.84
C1D HEC BG . 55.30 -45.32 6.81
C2D HEC BG . 56.61 -45.41 7.49
C3D HEC BG . 57.28 -46.41 6.87
C4D HEC BG . 56.38 -46.91 5.84
CMD HEC BG . 57.10 -44.56 8.63
CAD HEC BG . 58.67 -46.91 7.17
CBD HEC BG . 59.68 -46.13 6.33
CGD HEC BG . 61.05 -46.35 6.89
O1D HEC BG . 61.92 -46.96 6.22
O2D HEC BG . 61.33 -45.93 8.05
FE HEC CG . 49.47 -41.69 14.67
CHA HEC CG . 47.51 -43.43 16.71
CHB HEC CG . 52.23 -43.48 15.73
CHC HEC CG . 51.36 -40.44 12.02
CHD HEC CG . 47.12 -39.36 14.12
NA HEC CG . 49.85 -43.13 15.99
C1A HEC CG . 48.84 -43.79 16.67
C2A HEC CG . 49.39 -44.89 17.36
C3A HEC CG . 50.72 -44.91 17.09
C4A HEC CG . 51.00 -43.82 16.24
CMA HEC CG . 51.72 -45.93 17.62
CAA HEC CG . 48.64 -45.89 18.21
CBA HEC CG . 48.01 -45.21 19.44
CGA HEC CG . 48.91 -45.33 20.63
O1A HEC CG . 49.37 -46.45 20.98
O2A HEC CG . 49.19 -44.30 21.28
NB HEC CG . 51.45 -41.91 14.00
C1B HEC CG . 52.38 -42.69 14.57
C2B HEC CG . 53.60 -42.62 13.84
C3B HEC CG . 53.38 -41.77 12.79
C4B HEC CG . 51.97 -41.32 12.92
CMB HEC CG . 54.88 -43.35 14.18
CAB HEC CG . 54.33 -41.37 11.74
CBB HEC CG . 54.79 -42.25 10.87
NC HEC CG . 49.27 -40.19 13.26
C1C HEC CG . 50.17 -39.78 12.32
C2C HEC CG . 49.68 -38.61 11.70
C3C HEC CG . 48.46 -38.30 12.31
C4C HEC CG . 48.22 -39.31 13.30
CMC HEC CG . 50.36 -37.83 10.60
CAC HEC CG . 47.57 -37.14 12.02
CBC HEC CG . 46.93 -37.01 10.86
ND HEC CG . 47.71 -41.44 15.27
C1D HEC CG . 46.88 -40.44 14.97
C2D HEC CG . 45.60 -40.61 15.66
C3D HEC CG . 45.71 -41.75 16.39
C4D HEC CG . 47.06 -42.26 16.12
CMD HEC CG . 44.39 -39.70 15.58
CAD HEC CG . 44.67 -42.38 17.29
CBD HEC CG . 44.98 -42.01 18.76
CGD HEC CG . 44.34 -42.93 19.76
O1D HEC CG . 44.27 -44.17 19.53
O2D HEC CG . 43.86 -42.48 20.83
S SO4 DG . 66.72 -39.05 25.64
O1 SO4 DG . 65.91 -40.29 25.73
O2 SO4 DG . 68.15 -39.42 25.46
O3 SO4 DG . 66.27 -38.23 24.49
O4 SO4 DG . 66.55 -38.25 26.88
S SO4 EG . 66.07 -69.34 -29.13
O1 SO4 EG . 66.05 -70.79 -28.84
O2 SO4 EG . 67.37 -68.81 -28.63
O3 SO4 EG . 65.94 -69.14 -30.59
O4 SO4 EG . 64.96 -68.67 -28.42
S SO4 FG . 24.52 -87.92 -15.79
O1 SO4 FG . 24.01 -88.15 -17.16
O2 SO4 FG . 25.54 -88.95 -15.45
O3 SO4 FG . 25.14 -86.58 -15.72
O4 SO4 FG . 23.41 -88.01 -14.82
S SO4 GG . 57.20 -31.38 5.91
O1 SO4 GG . 57.21 -31.82 7.32
O2 SO4 GG . 57.68 -32.48 5.04
O3 SO4 GG . 58.06 -30.19 5.76
O4 SO4 GG . 55.82 -31.01 5.50
C1 GOL HG . 75.45 -66.13 8.69
O1 GOL HG . 74.53 -65.11 9.06
C2 GOL HG . 74.69 -67.25 8.00
O2 GOL HG . 73.48 -67.52 8.72
C3 GOL HG . 74.32 -66.81 6.59
O3 GOL HG . 74.86 -67.73 5.65
FE HEC IG . -18.58 -11.72 62.33
CHA HEC IG . -19.61 -9.52 64.62
CHB HEC IG . -15.29 -11.01 63.04
CHC HEC IG . -17.49 -14.45 60.37
CHD HEC IG . -21.66 -12.09 61.04
NA HEC IG . -17.62 -10.51 63.56
C1A HEC IG . -18.25 -9.69 64.46
C2A HEC IG . -17.28 -9.01 65.22
C3A HEC IG . -16.06 -9.41 64.78
C4A HEC IG . -16.28 -10.35 63.75
CMA HEC IG . -14.72 -8.95 65.31
CAA HEC IG . -17.53 -8.00 66.32
CBA HEC IG . -17.58 -8.63 67.71
CGA HEC IG . -18.00 -7.58 68.71
O1A HEC IG . -19.00 -6.86 68.50
O2A HEC IG . -17.37 -7.42 69.77
NB HEC IG . -16.74 -12.56 61.81
C1B HEC IG . -15.55 -12.10 62.21
C2B HEC IG . -14.50 -12.91 61.69
C3B HEC IG . -15.10 -13.89 60.93
C4B HEC IG . -16.55 -13.64 61.02
CMB HEC IG . -13.03 -12.72 61.92
CAB HEC IG . -14.45 -14.97 60.18
CBB HEC IG . -13.81 -15.93 60.84
NC HEC IG . -19.41 -13.05 60.94
C1C HEC IG . -18.83 -14.09 60.28
C2C HEC IG . -19.79 -14.73 59.48
C3C HEC IG . -20.99 -14.07 59.67
C4C HEC IG . -20.74 -13.01 60.59
CMC HEC IG . -19.54 -15.94 58.60
CAC HEC IG . -22.26 -14.43 59.00
CBC HEC IG . -23.17 -13.53 58.69
ND HEC IG . -20.26 -10.98 62.73
C1D HEC IG . -21.42 -11.23 62.11
C2D HEC IG . -22.50 -10.44 62.73
C3D HEC IG . -21.95 -9.74 63.73
C4D HEC IG . -20.51 -10.08 63.72
CMD HEC IG . -23.96 -10.43 62.34
CAD HEC IG . -22.64 -8.77 64.65
CBD HEC IG . -23.13 -9.46 65.92
CGD HEC IG . -23.82 -8.43 66.80
O1D HEC IG . -25.06 -8.40 66.86
O2D HEC IG . -23.13 -7.61 67.45
FE HEC JG . -11.16 -5.73 62.62
CHA HEC JG . -12.09 -3.90 65.21
CHB HEC JG . -14.43 -6.75 62.10
CHC HEC JG . -10.31 -7.27 59.56
CHD HEC JG . -7.88 -5.13 63.14
NA HEC JG . -12.91 -5.40 63.47
C1A HEC JG . -13.07 -4.61 64.57
C2A HEC JG . -14.44 -4.62 64.96
C3A HEC JG . -15.09 -5.43 64.08
C4A HEC JG . -14.15 -5.90 63.14
CMA HEC JG . -16.57 -5.75 64.09
CAA HEC JG . -15.09 -3.92 66.15
CBA HEC JG . -14.94 -2.39 66.15
CGA HEC JG . -15.96 -1.76 65.22
O1A HEC JG . -15.56 -0.89 64.41
O2A HEC JG . -17.16 -2.11 65.26
NB HEC JG . -12.17 -6.81 61.12
C1B HEC JG . -13.48 -7.10 61.14
C2B HEC JG . -13.84 -7.83 59.97
C3B HEC JG . -12.70 -7.98 59.25
C4B HEC JG . -11.63 -7.31 60.01
CMB HEC JG . -15.20 -8.34 59.60
CAB HEC JG . -12.57 -8.67 57.95
CBB HEC JG . -12.94 -8.05 56.83
NC HEC JG . -9.42 -6.06 61.50
C1C HEC JG . -9.27 -6.85 60.38
C2C HEC JG . -7.92 -7.18 60.22
C3C HEC JG . -7.22 -6.57 61.25
C4C HEC JG . -8.18 -5.87 62.04
CMC HEC JG . -7.35 -8.04 59.12
CAC HEC JG . -5.75 -6.66 61.48
CBC HEC JG . -4.91 -6.01 60.69
ND HEC JG . -10.21 -4.74 63.87
C1D HEC JG . -8.87 -4.57 63.96
C2D HEC JG . -8.54 -3.70 65.10
C3D HEC JG . -9.72 -3.37 65.66
C4D HEC JG . -10.75 -4.04 64.88
CMD HEC JG . -7.17 -3.26 65.54
CAD HEC JG . -9.94 -2.49 66.86
CBD HEC JG . -10.17 -3.43 68.06
CGD HEC JG . -10.53 -2.71 69.33
O1D HEC JG . -10.14 -3.21 70.41
O2D HEC JG . -11.19 -1.65 69.34
FE HEC KG . -0.03 -5.02 59.11
CHA HEC KG . 0.62 -3.93 56.08
CHB HEC KG . -0.66 -1.82 60.21
CHC HEC KG . -1.62 -6.25 61.98
CHD HEC KG . 1.24 -8.06 58.51
NA HEC KG . -0.07 -3.20 58.30
C1A HEC KG . 0.36 -2.96 57.03
C2A HEC KG . 0.50 -1.56 56.85
C3A HEC KG . 0.13 -0.96 58.03
C4A HEC KG . -0.22 -1.99 58.91
CMA HEC KG . 0.11 0.51 58.32
CAA HEC KG . 0.97 -0.86 55.60
CBA HEC KG . -0.23 -0.64 54.68
CGA HEC KG . 0.15 0.02 53.38
O1A HEC KG . -0.75 0.30 52.54
O2A HEC KG . 1.33 0.32 53.12
NB HEC KG . -0.97 -4.18 60.79
C1B HEC KG . -1.11 -2.87 61.01
C2B HEC KG . -1.80 -2.66 62.23
C3B HEC KG . -2.08 -3.88 62.75
C4B HEC KG . -1.53 -4.87 61.79
CMB HEC KG . -2.15 -1.32 62.81
CAB HEC KG . -2.80 -4.16 64.02
CBB HEC KG . -4.11 -4.36 63.97
NC HEC KG . -0.20 -6.86 60.07
C1C HEC KG . -0.81 -7.13 61.27
C2C HEC KG . -0.47 -8.44 61.66
C3C HEC KG . 0.35 -8.96 60.66
C4C HEC KG . 0.51 -7.94 59.67
CMC HEC KG . -0.94 -9.12 62.93
CAC HEC KG . 0.97 -10.31 60.64
CBC HEC KG . 0.48 -11.28 59.87
ND HEC KG . 0.75 -5.82 57.62
C1D HEC KG . 1.21 -7.07 57.52
C2D HEC KG . 1.74 -7.30 56.15
C3D HEC KG . 1.57 -6.15 55.48
C4D HEC KG . 0.94 -5.22 56.43
CMD HEC KG . 2.35 -8.58 55.62
CAD HEC KG . 1.92 -5.85 54.05
CBD HEC KG . 3.17 -4.99 53.96
CGD HEC KG . 4.34 -5.91 53.78
O1D HEC KG . 4.55 -6.42 52.65
O2D HEC KG . 5.10 -6.16 54.75
FE HEC LG . 2.00 3.46 62.43
CHA HEC LG . 3.52 3.72 59.47
CHB HEC LG . 2.34 0.02 62.31
CHC HEC LG . 0.98 3.16 65.77
CHD HEC LG . 1.50 6.79 62.61
NA HEC LG . 2.78 2.12 61.18
C1A HEC LG . 3.30 2.46 59.96
C2A HEC LG . 3.60 1.27 59.25
C3A HEC LG . 3.27 0.23 60.05
C4A HEC LG . 2.77 0.76 61.24
CMA HEC LG . 3.41 -1.24 59.73
CAA HEC LG . 4.21 1.19 57.87
CBA HEC LG . 5.70 0.95 58.07
CGA HEC LG . 6.48 1.38 56.87
O1A HEC LG . 6.83 2.57 56.77
O2A HEC LG . 6.75 0.52 56.00
NB HEC LG . 1.71 1.90 63.78
C1B HEC LG . 1.93 0.60 63.51
C2B HEC LG . 1.66 -0.19 64.66
C3B HEC LG . 1.28 0.67 65.65
C4B HEC LG . 1.32 2.02 65.05
CMB HEC LG . 1.79 -1.69 64.74
CAB HEC LG . 0.89 0.34 67.03
CBB HEC LG . 1.85 0.16 67.94
NC HEC LG . 1.37 4.73 63.94
C1C HEC LG . 0.92 4.42 65.20
C2C HEC LG . 0.43 5.58 65.80
C3C HEC LG . 0.59 6.62 64.90
C4C HEC LG . 1.18 6.07 63.73
CMC HEC LG . -0.16 5.67 67.20
CAC HEC LG . 0.21 8.04 65.09
CBC HEC LG . 0.73 8.77 66.08
ND HEC LG . 2.41 4.93 61.31
C1D HEC LG . 2.15 6.22 61.53
C2D HEC LG . 2.66 7.04 60.41
C3D HEC LG . 3.21 6.18 59.54
C4D HEC LG . 3.05 4.85 60.13
CMD HEC LG . 2.57 8.55 60.27
CAD HEC LG . 3.90 6.49 58.23
CBD HEC LG . 5.35 6.78 58.65
CGD HEC LG . 6.35 6.74 57.53
O1D HEC LG . 6.19 7.43 56.50
O2D HEC LG . 7.36 6.02 57.65
FE HEC MG . -0.07 11.95 70.91
CHA HEC MG . 1.53 12.05 73.82
CHB HEC MG . 2.45 13.76 69.40
CHC HEC MG . -1.43 11.32 67.77
CHD HEC MG . -2.95 10.94 72.34
NA HEC MG . 1.65 12.76 71.46
C1A HEC MG . 2.14 12.67 72.76
C2A HEC MG . 3.37 13.34 72.82
C3A HEC MG . 3.64 13.82 71.58
C4A HEC MG . 2.56 13.46 70.74
CMA HEC MG . 4.86 14.61 71.16
CAA HEC MG . 4.25 13.49 74.04
CBA HEC MG . 3.78 14.64 74.94
CGA HEC MG . 4.68 14.81 76.15
O1A HEC MG . 4.30 15.52 77.11
O2A HEC MG . 5.80 14.25 76.19
NB HEC MG . 0.43 12.44 68.94
C1B HEC MG . 1.48 13.18 68.59
C2B HEC MG . 1.51 13.32 67.17
C3B HEC MG . 0.43 12.64 66.67
C4B HEC MG . -0.26 12.08 67.85
CMB HEC MG . 2.55 14.08 66.39
CAB HEC MG . 0.01 12.51 65.25
CBB HEC MG . 0.74 11.81 64.38
NC HEC MG . -1.87 11.24 70.14
C1C HEC MG . -2.23 11.06 68.86
C2C HEC MG . -3.54 10.56 68.82
C3C HEC MG . -3.98 10.44 70.13
C4C HEC MG . -2.91 10.88 70.96
CMC HEC MG . -4.33 10.22 67.56
CAC HEC MG . -5.31 9.97 70.60
CBC HEC MG . -5.75 8.74 70.31
ND HEC MG . -0.59 11.58 72.68
C1D HEC MG . -1.80 11.18 73.11
C2D HEC MG . -1.80 11.00 74.57
C3D HEC MG . -0.54 11.32 74.99
C4D HEC MG . 0.18 11.68 73.76
CMD HEC MG . -2.98 10.56 75.40
CAD HEC MG . 0.11 11.33 76.36
CBD HEC MG . -0.79 11.20 77.59
CGD HEC MG . 0.08 11.03 78.82
O1D HEC MG . 0.37 9.89 79.23
O2D HEC MG . 0.51 12.05 79.43
FE HEC NG . 4.86 19.87 68.24
CHA HEC NG . 5.92 20.53 71.28
CHB HEC NG . 2.36 17.82 69.46
CHC HEC NG . 3.13 20.09 65.22
CHD HEC NG . 7.58 21.16 66.77
NA HEC NG . 4.21 19.31 70.02
C1A HEC NG . 4.89 19.61 71.17
C2A HEC NG . 4.37 18.84 72.23
C3A HEC NG . 3.36 18.08 71.71
C4A HEC NG . 3.26 18.38 70.35
CMA HEC NG . 2.50 17.10 72.46
CAA HEC NG . 4.86 18.85 73.65
CBA HEC NG . 5.99 17.81 73.75
CGA HEC NG . 6.68 17.83 75.10
O1A HEC NG . 7.80 17.29 75.21
O2A HEC NG . 6.17 18.38 76.10
NB HEC NG . 3.07 19.10 67.48
C1B HEC NG . 2.23 18.30 68.16
C2B HEC NG . 1.12 17.98 67.34
C3B HEC NG . 1.31 18.60 66.14
C4B HEC NG . 2.58 19.34 66.25
CMB HEC NG . -0.04 17.10 67.74
CAB HEC NG . 0.41 18.58 64.97
CBB HEC NG . -0.69 19.35 64.97
NC HEC NG . 5.25 20.56 66.31
C1C HEC NG . 4.48 20.43 65.19
C2C HEC NG . 5.27 20.68 64.06
C3C HEC NG . 6.55 20.98 64.51
C4C HEC NG . 6.52 20.91 65.93
CMC HEC NG . 4.82 20.64 62.63
CAC HEC NG . 7.73 21.32 63.67
CBC HEC NG . 7.88 22.52 63.14
ND HEC NG . 6.41 20.67 68.89
C1D HEC NG . 7.44 21.16 68.16
C2D HEC NG . 8.45 21.73 69.07
C3D HEC NG . 7.99 21.54 70.33
C4D HEC NG . 6.69 20.87 70.18
CMD HEC NG . 9.77 22.37 68.69
CAD HEC NG . 8.64 21.93 71.63
CBD HEC NG . 9.47 20.78 72.14
CGD HEC NG . 10.43 21.29 73.20
O1D HEC NG . 10.32 20.84 74.36
O2D HEC NG . 11.31 22.14 72.90
FE HEC OG . 9.01 27.16 59.77
CHA HEC OG . 7.33 29.87 58.86
CHB HEC OG . 9.93 28.68 62.74
CHC HEC OG . 10.12 24.12 61.06
CHD HEC OG . 8.90 25.84 56.70
NA HEC OG . 8.74 28.93 60.65
C1A HEC OG . 7.91 29.89 60.11
C2A HEC OG . 7.77 30.95 61.05
C3A HEC OG . 8.50 30.61 62.14
C4A HEC OG . 9.10 29.36 61.88
CMA HEC OG . 8.64 31.43 63.40
CAA HEC OG . 6.93 32.19 60.87
CBA HEC OG . 7.41 33.07 59.71
CGA HEC OG . 8.35 34.13 60.23
O1A HEC OG . 8.01 34.88 61.18
O2A HEC OG . 9.49 34.26 59.70
NB HEC OG . 9.88 26.51 61.58
C1B HEC OG . 10.15 27.29 62.63
C2B HEC OG . 10.72 26.53 63.69
C3B HEC OG . 10.79 25.24 63.24
C4B HEC OG . 10.23 25.25 61.87
CMB HEC OG . 11.16 27.05 65.04
CAB HEC OG . 11.30 24.07 63.99
CBB HEC OG . 10.65 23.62 65.06
NC HEC OG . 9.40 25.27 59.03
C1C HEC OG . 9.93 24.19 59.68
C2C HEC OG . 10.20 23.18 58.73
C3C HEC OG . 9.83 23.69 57.49
C4C HEC OG . 9.35 25.01 57.69
CMC HEC OG . 10.77 21.82 59.02
CAC HEC OG . 9.94 23.01 56.18
CBC HEC OG . 9.24 21.91 55.89
ND HEC OG . 8.28 27.72 58.14
C1D HEC OG . 8.33 27.09 56.97
C2D HEC OG . 7.66 27.88 55.93
C3D HEC OG . 7.22 29.00 56.55
C4D HEC OG . 7.63 28.88 57.95
CMD HEC OG . 7.47 27.52 54.47
CAD HEC OG . 6.46 30.17 55.93
CBD HEC OG . 7.45 31.31 55.63
CGD HEC OG . 6.77 32.66 55.47
O1D HEC OG . 5.82 33.01 56.22
O2D HEC OG . 7.16 33.45 54.58
S SO4 PG . 25.80 34.74 69.03
O1 SO4 PG . 25.37 33.54 68.26
O2 SO4 PG . 26.05 34.38 70.44
O3 SO4 PG . 27.02 35.29 68.41
O4 SO4 PG . 24.72 35.76 68.98
S SO4 QG . -17.43 38.09 95.37
O1 SO4 QG . -18.16 36.81 95.28
O2 SO4 QG . -16.02 37.87 94.95
O3 SO4 QG . -18.05 39.07 94.46
O4 SO4 QG . -17.48 38.58 96.76
S SO4 RG . -34.46 20.54 92.07
O1 SO4 RG . -34.75 19.24 91.42
O2 SO4 RG . -33.02 20.83 91.97
O3 SO4 RG . -34.86 20.48 93.49
O4 SO4 RG . -35.23 21.64 91.41
S SO4 SG . -48.90 20.58 74.90
O1 SO4 SG . -48.47 20.84 73.51
O2 SO4 SG . -47.84 19.86 75.63
O3 SO4 SG . -50.13 19.76 74.93
O4 SO4 SG . -49.16 21.89 75.56
FE HEC TG . -5.48 13.43 79.39
CHA HEC TG . -2.20 14.18 79.39
CHB HEC TG . -5.20 11.57 82.04
CHC HEC TG . -8.91 13.81 79.71
CHD HEC TG . -5.73 14.05 76.10
NA HEC TG . -4.08 13.14 80.63
C1A HEC TG . -2.86 13.99 80.70
C2A HEC TG . -1.99 13.30 81.76
C3A HEC TG . -2.89 12.58 82.53
C4A HEC TG . -4.14 12.44 81.77
CMA HEC TG . -2.67 11.94 83.84
CAA HEC TG . -0.54 13.49 82.04
CBA HEC TG . -0.30 14.91 82.52
CGA HEC TG . -0.57 15.46 83.90
O1A HEC TG . -0.24 16.61 84.10
O2A HEC TG . -1.15 14.71 84.81
NB HEC TG . -6.71 12.93 80.72
C1B HEC TG . -6.46 11.89 81.62
C2B HEC TG . -7.73 11.42 82.20
C3B HEC TG . -8.70 12.28 81.80
C4B HEC TG . -8.07 13.40 80.96
CMB HEC TG . -7.84 10.44 83.31
CAB HEC TG . -10.16 12.16 82.03
CBB HEC TG . -10.62 12.52 83.43
NC HEC TG . -6.97 13.58 78.16
C1C HEC TG . -8.27 13.61 78.40
C2C HEC TG . -9.06 13.52 77.13
C3C HEC TG . -8.18 13.47 76.10
C4C HEC TG . -6.80 13.27 76.70
CMC HEC TG . -10.51 13.26 77.11
CAC HEC TG . -8.43 13.02 74.70
CBC HEC TG . -9.15 14.00 73.80
ND HEC TG . -4.18 13.71 78.00
C1D HEC TG . -4.48 14.04 76.65
C2D HEC TG . -3.23 14.30 75.96
C3D HEC TG . -2.30 14.63 76.94
C4D HEC TG . -2.91 14.32 78.23
CMD HEC TG . -3.01 14.32 74.49
CAD HEC TG . -0.84 14.82 76.75
CBD HEC TG . -0.48 16.26 76.37
CGD HEC TG . 1.04 16.58 76.64
O1D HEC TG . 1.66 15.82 77.46
O2D HEC TG . 1.58 17.54 76.06
FE HEC UG . -2.51 43.64 67.87
CHA HEC UG . -4.67 45.73 66.32
CHB HEC UG . -0.76 46.14 69.09
CHC HEC UG . -1.27 41.35 70.16
CHD HEC UG . -3.21 41.16 65.74
NA HEC UG . -2.79 45.52 67.94
C1A HEC UG . -4.09 46.17 67.61
C2A HEC UG . -3.79 47.68 67.70
C3A HEC UG . -2.68 47.77 68.52
C4A HEC UG . -2.05 46.44 68.59
CMA HEC UG . -2.09 48.97 69.14
CAA HEC UG . -4.59 48.82 67.18
CBA HEC UG . -5.93 48.85 67.90
CGA HEC UG . -6.17 49.40 69.30
O1A HEC UG . -7.33 49.41 69.68
O2A HEC UG . -5.16 49.83 70.03
NB HEC UG . -1.39 43.81 69.37
C1B HEC UG . -0.50 44.87 69.54
C2B HEC UG . 0.55 44.50 70.51
C3B HEC UG . 0.17 43.31 71.06
C4B HEC UG . -1.18 42.87 70.48
CMB HEC UG . 1.53 45.45 71.05
CAB HEC UG . 0.96 42.49 71.99
CBB HEC UG . 0.97 42.96 73.42
NC HEC UG . -2.07 41.76 67.82
C1C HEC UG . -1.49 40.99 68.73
C2C HEC UG . -1.13 39.66 68.17
C3C HEC UG . -1.58 39.61 66.90
C4C HEC UG . -1.98 41.03 66.53
CMC HEC UG . -0.25 38.70 68.87
CAC HEC UG . -1.19 38.66 65.81
CBC HEC UG . -1.82 37.28 65.91
ND HEC UG . -3.49 43.56 66.21
C1D HEC UG . -3.75 42.38 65.48
C2D HEC UG . -4.58 42.76 64.34
C3D HEC UG . -5.21 43.94 64.69
C4D HEC UG . -4.57 44.44 65.90
CMD HEC UG . -4.79 41.95 63.12
CAD HEC UG . -6.07 44.79 63.82
CBD HEC UG . -7.54 44.36 63.84
CGD HEC UG . -8.48 45.50 63.30
O1D HEC UG . -8.03 46.69 63.28
O2D HEC UG . -9.64 45.21 62.91
FE HEC VG . 24.39 30.94 53.35
CHA HEC VG . 23.09 31.06 56.42
CHB HEC VG . 22.30 33.49 52.32
CHC HEC VG . 26.13 31.25 50.31
CHD HEC VG . 26.01 28.07 53.95
NA HEC VG . 22.97 32.06 54.18
C1A HEC VG . 22.59 31.95 55.50
C2A HEC VG . 21.61 32.92 55.77
C3A HEC VG . 21.37 33.61 54.62
C4A HEC VG . 22.22 33.06 53.64
CMA HEC VG . 20.39 34.73 54.43
CAA HEC VG . 20.92 33.13 57.10
CBA HEC VG . 21.61 34.19 57.95
CGA HEC VG . 20.97 34.22 59.32
O1A HEC VG . 20.79 33.16 59.95
O2A HEC VG . 20.59 35.30 59.83
NB HEC VG . 24.24 32.13 51.64
C1B HEC VG . 23.32 33.10 51.45
C2B HEC VG . 23.51 33.72 50.19
C3B HEC VG . 24.58 33.11 49.60
C4B HEC VG . 25.03 32.08 50.56
CMB HEC VG . 22.68 34.85 49.62
CAB HEC VG . 25.17 33.41 48.29
CBB HEC VG . 25.83 34.57 48.11
NC HEC VG . 25.82 29.86 52.30
C1C HEC VG . 26.41 30.14 51.09
C2C HEC VG . 27.35 29.15 50.79
C3C HEC VG . 27.33 28.23 51.83
C4C HEC VG . 26.36 28.68 52.78
CMC HEC VG . 28.22 29.08 49.56
CAC HEC VG . 28.18 27.02 51.89
CBC HEC VG . 27.79 25.90 52.49
ND HEC VG . 24.52 29.81 54.85
C1D HEC VG . 25.21 28.67 54.93
C2D HEC VG . 25.06 28.08 56.27
C3D HEC VG . 24.25 28.91 56.96
C4D HEC VG . 23.91 30.00 56.03
CMD HEC VG . 25.67 26.81 56.79
CAD HEC VG . 23.78 28.74 58.37
CBD HEC VG . 24.70 29.43 59.37
CGD HEC VG . 24.17 29.19 60.77
O1D HEC VG . 24.70 28.33 61.49
O2D HEC VG . 23.19 29.86 61.19
FE HEC WG . 15.71 34.54 51.57
CHA HEC WG . 14.71 35.00 54.69
CHB HEC WG . 18.05 32.22 52.64
CHC HEC WG . 16.44 33.61 48.27
CHD HEC WG . 13.71 36.96 50.38
NA HEC WG . 16.28 33.76 53.31
C1A HEC WG . 15.74 34.12 54.50
C2A HEC WG . 16.38 33.42 55.54
C3A HEC WG . 17.33 32.63 54.95
C4A HEC WG . 17.25 32.84 53.57
CMA HEC WG . 18.28 31.68 55.66
CAA HEC WG . 16.15 33.51 57.05
CBA HEC WG . 14.73 33.17 57.50
CGA HEC WG . 14.56 31.68 57.60
O1A HEC WG . 13.54 31.15 57.11
O2A HEC WG . 15.43 30.98 58.18
NB HEC WG . 17.01 33.18 50.63
C1B HEC WG . 17.85 32.34 51.27
C2B HEC WG . 18.57 31.57 50.31
C3B HEC WG . 18.13 31.93 49.08
C4B HEC WG . 17.12 32.98 49.31
CMB HEC WG . 19.61 30.52 50.61
CAB HEC WG . 18.58 31.38 47.79
CBB HEC WG . 18.11 30.20 47.37
NC HEC WG . 15.13 35.12 49.65
C1C HEC WG . 15.67 34.74 48.46
C2C HEC WG . 15.33 35.68 47.46
C3C HEC WG . 14.55 36.65 48.07
C4C HEC WG . 14.44 36.28 49.44
CMC HEC WG . 15.74 35.64 46.01
CAC HEC WG . 13.97 37.85 47.41
CBC HEC WG . 12.96 37.75 46.55
ND HEC WG . 14.48 35.70 52.36
C1D HEC WG . 13.73 36.63 51.75
C2D HEC WG . 12.88 37.33 52.74
C3D HEC WG . 13.17 36.78 53.93
C4D HEC WG . 14.18 35.75 53.67
CMD HEC WG . 11.89 38.44 52.47
CAD HEC WG . 12.59 37.14 55.28
CBD HEC WG . 13.63 38.03 55.97
CGD HEC WG . 13.31 38.41 57.39
O1D HEC WG . 13.69 39.52 57.83
O2D HEC WG . 12.68 37.65 58.16
FE HEC XG . 9.71 39.80 43.04
CHA HEC XG . 8.20 37.97 40.77
CHB HEC XG . 7.26 39.12 45.35
CHC HEC XG . 11.77 40.92 45.64
CHD HEC XG . 11.80 41.22 40.81
NA HEC XG . 8.06 38.71 43.09
C1A HEC XG . 7.55 38.12 41.96
C2A HEC XG . 6.23 37.69 42.24
C3A HEC XG . 5.96 38.00 43.54
C4A HEC XG . 7.11 38.64 44.07
CMA HEC XG . 4.67 37.74 44.28
CAA HEC XG . 5.29 37.00 41.28
CBA HEC XG . 5.59 35.51 41.36
CGA HEC XG . 4.73 34.71 40.40
O1A HEC XG . 4.84 33.47 40.37
O2A HEC XG . 3.91 35.31 39.66
NB HEC XG . 9.55 39.98 45.12
C1B HEC XG . 8.47 39.64 45.83
C2B HEC XG . 8.70 39.90 47.20
C3B HEC XG . 9.95 40.41 47.32
C4B HEC XG . 10.50 40.46 45.95
CMB HEC XG . 7.73 39.65 48.33
CAB HEC XG . 10.63 40.81 48.56
CBB HEC XG . 11.37 39.93 49.22
NC HEC XG . 11.51 40.85 43.22
C1C HEC XG . 12.14 41.28 44.36
C2C HEC XG . 13.18 42.17 44.00
C3C HEC XG . 13.18 42.26 42.61
C4C HEC XG . 12.13 41.42 42.14
CMC HEC XG . 14.10 42.87 44.97
CAC HEC XG . 14.10 43.08 41.80
CBC HEC XG . 15.13 42.54 41.16
ND HEC XG . 9.95 39.63 41.19
C1D HEC XG . 10.84 40.27 40.42
C2D HEC XG . 10.69 39.83 39.01
C3D HEC XG . 9.69 38.93 39.02
C4D HEC XG . 9.24 38.81 40.40
CMD HEC XG . 11.49 40.30 37.82
CAD HEC XG . 9.14 38.15 37.84
CBD HEC XG . 7.79 38.71 37.39
CGD HEC XG . 8.06 39.67 36.27
O1D HEC XG . 8.31 39.24 35.13
O2D HEC XG . 8.03 40.90 36.49
FE HEC YG . 1.54 40.84 47.40
CHA HEC YG . 0.38 39.92 44.43
CHB HEC YG . 4.44 42.03 45.93
CHC HEC YG . 2.56 42.39 50.40
CHD HEC YG . -1.17 39.62 49.01
NA HEC YG . 2.28 40.97 45.57
C1A HEC YG . 1.65 40.45 44.47
C2A HEC YG . 2.50 40.56 43.35
C3A HEC YG . 3.64 41.16 43.77
C4A HEC YG . 3.50 41.42 45.15
CMA HEC YG . 4.85 41.48 42.91
CAA HEC YG . 2.19 40.11 41.94
CBA HEC YG . 1.75 41.35 41.20
CGA HEC YG . 0.91 40.99 40.00
O1A HEC YG . -0.32 40.83 40.14
O2A HEC YG . 1.46 40.88 38.88
NB HEC YG . 3.17 41.99 48.04
C1B HEC YG . 4.21 42.36 47.27
C2B HEC YG . 5.14 43.15 48.01
C3B HEC YG . 4.63 43.26 49.27
C4B HEC YG . 3.35 42.51 49.27
CMB HEC YG . 6.42 43.74 47.48
CAB HEC YG . 5.20 43.99 50.41
CBB HEC YG . 5.03 45.30 50.52
NC HEC YG . 0.83 41.01 49.36
C1C HEC YG . 1.42 41.60 50.44
C2C HEC YG . 0.66 41.29 51.59
C3C HEC YG . -0.41 40.51 51.18
C4C HEC YG . -0.29 40.34 49.77
CMC HEC YG . 0.97 41.75 53.00
CAC HEC YG . -1.47 39.95 52.04
CBC HEC YG . -2.30 40.75 52.70
ND HEC YG . -0.02 39.96 46.85
C1D HEC YG . -1.05 39.54 47.63
C2D HEC YG . -2.10 38.93 46.80
C3D HEC YG . -1.65 39.01 45.52
C4D HEC YG . -0.35 39.67 45.58
CMD HEC YG . -3.39 38.33 47.27
CAD HEC YG . -2.35 38.54 44.26
CBD HEC YG . -3.21 39.75 43.87
CGD HEC YG . -3.73 39.74 42.45
O1D HEC YG . -4.36 38.75 42.00
O2D HEC YG . -3.56 40.73 41.73
FE HEC ZG . -4.35 42.41 57.96
CHA HEC ZG . -4.92 45.37 59.31
CHB HEC ZG . -7.21 42.62 56.07
CHC HEC ZG . -3.43 39.56 56.09
CHD HEC ZG . -2.04 41.60 60.27
NA HEC ZG . -5.80 43.72 57.72
C1A HEC ZG . -5.84 44.92 58.39
C2A HEC ZG . -6.98 45.63 57.98
C3A HEC ZG . -7.64 44.86 57.07
C4A HEC ZG . -6.90 43.67 56.91
CMA HEC ZG . -8.92 45.22 56.35
CAA HEC ZG . -7.40 47.00 58.47
CBA HEC ZG . -8.11 46.90 59.82
CGA HEC ZG . -8.59 48.25 60.29
O1A HEC ZG . -8.94 48.39 61.48
O2A HEC ZG . -8.64 49.22 59.51
NB HEC ZG . -5.17 41.30 56.37
C1B HEC ZG . -6.32 41.58 55.78
C2B HEC ZG . -6.59 40.63 54.75
C3B HEC ZG . -5.54 39.76 54.73
C4B HEC ZG . -4.63 40.21 55.80
CMB HEC ZG . -7.80 40.62 53.85
CAB HEC ZG . -5.34 38.59 53.83
CBB HEC ZG . -5.10 38.75 52.52
NC HEC ZG . -2.97 40.84 58.13
C1C HEC ZG . -2.74 39.79 57.28
C2C HEC ZG . -1.71 38.99 57.80
C3C HEC ZG . -1.31 39.58 59.00
C4C HEC ZG . -2.12 40.75 59.19
CMC HEC ZG . -1.16 37.73 57.17
CAC HEC ZG . -0.25 39.10 59.90
CBC HEC ZG . 1.02 38.96 59.51
ND HEC ZG . -3.64 43.28 59.45
C1D HEC ZG . -2.70 42.83 60.31
C2D HEC ZG . -2.42 43.83 61.35
C3D HEC ZG . -3.23 44.88 61.08
C4D HEC ZG . -3.99 44.50 59.87
CMD HEC ZG . -1.43 43.66 62.46
CAD HEC ZG . -3.42 46.23 61.76
CBD HEC ZG . -2.81 46.45 63.15
CGD HEC ZG . -2.97 47.89 63.54
O1D HEC ZG . -2.06 48.73 63.27
O2D HEC ZG . -4.00 48.29 64.12
FE HEC AH . -13.85 41.71 56.02
CHA HEC AH . -14.66 44.24 57.96
CHB HEC AH . -10.79 41.38 57.58
CHC HEC AH . -13.50 38.47 54.76
CHD HEC AH . -16.35 42.27 53.86
NA HEC AH . -12.91 42.59 57.52
C1A HEC AH . -13.39 43.72 58.11
C2A HEC AH . -12.39 44.26 58.93
C3A HEC AH . -11.29 43.46 58.84
C4A HEC AH . -11.63 42.41 57.95
CMA HEC AH . -9.96 43.65 59.54
CAA HEC AH . -12.49 45.54 59.75
CBA HEC AH . -12.09 46.71 58.84
CGA HEC AH . -12.30 48.06 59.47
O1A HEC AH . -12.32 49.08 58.73
O2A HEC AH . -12.46 48.19 60.71
NB HEC AH . -12.40 40.19 56.15
C1B HEC AH . -11.26 40.28 56.84
C2B HEC AH . -10.53 39.07 56.72
C3B HEC AH . -11.27 38.23 55.94
C4B HEC AH . -12.49 38.98 55.57
CMB HEC AH . -9.19 38.77 57.35
CAB HEC AH . -10.93 36.86 55.54
CBB HEC AH . -11.10 35.87 56.43
NC HEC AH . -14.81 40.53 54.58
C1C HEC AH . -14.42 39.29 54.12
C2C HEC AH . -15.10 39.04 52.91
C3C HEC AH . -15.91 40.14 52.66
C4C HEC AH . -15.71 41.06 53.72
CMC HEC AH . -14.97 37.80 52.06
CAC HEC AH . -16.81 40.32 51.50
CBC HEC AH . -17.97 39.69 51.43
ND HEC AH . -15.21 42.97 55.93
C1D HEC AH . -16.17 43.08 55.00
C2D HEC AH . -17.06 44.21 55.31
C3D HEC AH . -16.59 44.75 56.46
C4D HEC AH . -15.42 43.95 56.83
CMD HEC AH . -18.26 44.68 54.52
CAD HEC AH . -17.12 45.94 57.21
CBD HEC AH . -16.45 47.22 56.71
CGD HEC AH . -17.23 48.42 57.17
O1D HEC AH . -16.72 49.23 57.97
O2D HEC AH . -18.40 48.61 56.75
FE HEC BH . -22.90 36.95 49.88
CHA HEC BH . -24.60 34.37 51.07
CHB HEC BH . -24.40 39.06 52.16
CHC HEC BH . -20.58 39.47 49.16
CHD HEC BH . -21.90 35.25 47.14
NA HEC BH . -24.27 36.80 51.31
C1A HEC BH . -24.79 35.58 51.70
C2A HEC BH . -25.56 35.77 52.87
C3A HEC BH . -25.51 37.09 53.18
C4A HEC BH . -24.70 37.72 52.20
CMA HEC BH . -26.19 37.75 54.35
CAA HEC BH . -26.31 34.72 53.66
CBA HEC BH . -27.39 34.03 52.82
CGA HEC BH . -28.72 34.68 53.07
O1A HEC BH . -29.15 34.81 54.23
O2A HEC BH . -29.40 35.08 52.08
NB HEC BH . -22.55 38.92 50.54
C1B HEC BH . -23.28 39.56 51.47
C2B HEC BH . -22.76 40.87 51.68
C3B HEC BH . -21.70 41.02 50.84
C4B HEC BH . -21.57 39.74 50.11
CMB HEC BH . -23.31 41.91 52.63
CAB HEC BH . -20.83 42.21 50.72
CBB HEC BH . -20.05 42.57 51.73
NC HEC BH . -21.44 37.30 48.43
C1C HEC BH . -20.67 38.41 48.26
C2C HEC BH . -19.98 38.29 47.04
C3C HEC BH . -20.36 37.08 46.47
C4C HEC BH . -21.29 36.47 47.36
CMC HEC BH . -19.01 39.30 46.48
CAC HEC BH . -19.89 36.52 45.18
CBC HEC BH . -18.63 36.14 45.01
ND HEC BH . -23.18 35.21 49.24
C1D HEC BH . -22.72 34.66 48.11
C2D HEC BH . -23.20 33.27 47.98
C3D HEC BH . -23.94 33.03 49.07
C4D HEC BH . -23.92 34.27 49.86
CMD HEC BH . -22.88 32.33 46.85
CAD HEC BH . -24.67 31.74 49.42
CBD HEC BH . -26.16 31.89 49.05
CGD HEC BH . -27.08 30.94 49.81
O1D HEC BH . -26.88 30.65 51.02
O2D HEC BH . -28.06 30.45 49.21
S SO4 CH . -10.15 22.13 55.19
O1 SO4 CH . -9.04 23.02 54.77
O2 SO4 CH . -9.65 20.74 55.28
O3 SO4 CH . -10.62 22.57 56.52
O4 SO4 CH . -11.27 22.22 54.20
S SO4 DH . -36.26 51.92 50.76
O1 SO4 DH . -35.32 50.82 51.12
O2 SO4 DH . -35.65 52.73 49.68
O3 SO4 DH . -37.55 51.36 50.30
O4 SO4 DH . -36.49 52.76 51.95
S SO4 EH . 10.42 8.14 91.48
O1 SO4 EH . 11.19 6.89 91.39
O2 SO4 EH . 10.87 8.91 92.66
O3 SO4 EH . 8.98 7.82 91.61
O4 SO4 EH . 10.64 8.95 90.26
FE HEC FH . -31.56 29.18 68.19
CHA HEC FH . -32.58 26.06 68.93
CHB HEC FH . -34.48 30.44 69.06
CHC HEC FH . -29.93 32.22 68.43
CHD HEC FH . -29.21 28.07 66.10
NA HEC FH . -33.10 28.47 69.07
C1A HEC FH . -33.12 27.15 69.75
C2A HEC FH . -34.58 26.98 70.20
C3A HEC FH . -35.09 28.25 70.24
C4A HEC FH . -34.19 29.14 69.49
CMA HEC FH . -36.36 28.70 70.82
CAA HEC FH . -35.29 25.74 70.66
CBA HEC FH . -34.62 25.29 71.94
CGA HEC FH . -34.87 25.86 73.31
O1A HEC FH . -34.32 25.29 74.25
O2A HEC FH . -35.64 26.91 73.46
NB HEC FH . -32.11 30.89 68.76
C1B HEC FH . -33.45 31.31 68.80
C2B HEC FH . -33.51 32.78 68.81
C3B HEC FH . -32.25 33.24 69.02
C4B HEC FH . -31.28 32.04 69.17
CMB HEC FH . -34.76 33.55 69.01
CAB HEC FH . -31.79 34.65 68.97
CBB HEC FH . -32.08 35.43 70.24
NC HEC FH . -30.09 30.01 67.27
C1C HEC FH . -29.60 31.24 67.37
C2C HEC FH . -28.65 31.54 66.27
C3C HEC FH . -28.49 30.41 65.53
C4C HEC FH . -29.60 29.46 65.98
CMC HEC FH . -28.17 32.92 65.98
CAC HEC FH . -27.92 30.28 64.17
CBC HEC FH . -26.41 30.33 64.08
ND HEC FH . -31.18 27.45 67.45
C1D HEC FH . -30.06 27.15 66.63
C2D HEC FH . -30.10 25.72 66.35
C3D HEC FH . -30.85 25.14 67.37
C4D HEC FH . -31.50 26.23 68.10
CMD HEC FH . -29.40 25.02 65.26
CAD HEC FH . -31.29 23.72 67.46
CBD HEC FH . -30.24 22.84 68.16
CGD HEC FH . -30.86 21.50 68.69
O1D HEC FH . -32.13 21.45 68.87
O2D HEC FH . -30.11 20.52 68.93
FE HEC GH . -33.73 42.38 37.90
CHA HEC GH . -33.03 43.43 40.99
CHB HEC GH . -35.15 39.49 39.19
CHC HEC GH . -35.06 41.52 34.76
CHD HEC GH . -31.88 44.77 36.46
NA HEC GH . -34.03 41.60 39.71
C1A HEC GH . -33.67 42.22 40.87
C2A HEC GH . -34.05 41.41 41.97
C3A HEC GH . -34.64 40.29 41.47
C4A HEC GH . -34.64 40.41 40.07
CMA HEC GH . -35.21 39.15 42.27
CAA HEC GH . -33.82 41.73 43.44
CBA HEC GH . -35.00 42.45 44.08
CGA HEC GH . -34.61 42.86 45.49
O1A HEC GH . -33.53 43.45 45.69
O2A HEC GH . -35.36 42.62 46.47
NB HEC GH . -34.88 40.80 37.12
C1B HEC GH . -35.33 39.75 37.83
C2B HEC GH . -36.09 38.88 36.99
C3B HEC GH . -36.07 39.43 35.74
C4B HEC GH . -35.29 40.68 35.85
CMB HEC GH . -36.76 37.60 37.41
CAB HEC GH . -36.73 38.90 34.53
CBB HEC GH . -38.05 38.89 34.42
NC HEC GH . -33.52 43.02 35.94
C1C HEC GH . -34.15 42.57 34.82
C2C HEC GH . -33.72 43.35 33.72
C3C HEC GH . -32.81 44.27 34.20
C4C HEC GH . -32.69 44.05 35.60
CMC HEC GH . -34.17 43.18 32.29
CAC HEC GH . -32.13 45.27 33.36
CBC HEC GH . -30.90 45.70 33.65
ND HEC GH . -32.69 43.78 38.57
C1D HEC GH . -31.99 44.68 37.86
C2D HEC GH . -31.30 45.62 38.75
C3D HEC GH . -31.63 45.25 40.00
C4D HEC GH . -32.50 44.09 39.87
CMD HEC GH . -30.41 46.77 38.36
CAD HEC GH . -31.14 45.89 41.27
CBD HEC GH . -32.09 46.97 41.77
CGD HEC GH . -31.53 47.57 43.04
O1D HEC GH . -30.98 48.70 43.00
O2D HEC GH . -31.61 46.94 44.14
FE HEC HH . -33.11 34.10 42.61
CHA HEC HH . -32.81 35.26 45.70
CHB HEC HH . -32.04 37.12 41.31
CHC HEC HH . -32.90 32.73 39.38
CHD HEC HH . -34.48 31.19 43.67
NA HEC HH . -32.53 35.84 43.33
C1A HEC HH . -32.51 36.13 44.68
C2A HEC HH . -32.11 37.48 44.85
C3A HEC HH . -31.89 37.99 43.61
C4A HEC HH . -32.14 36.97 42.67
CMA HEC HH . -31.45 39.40 43.28
CAA HEC HH . -31.96 38.27 46.15
CBA HEC HH . -30.99 37.65 47.14
CGA HEC HH . -29.59 38.06 46.80
O1A HEC HH . -28.68 37.20 46.83
O2A HEC HH . -29.35 39.24 46.48
NB HEC HH . -32.57 34.79 40.71
C1B HEC HH . -32.18 36.04 40.43
C2B HEC HH . -31.90 36.17 39.04
C3B HEC HH . -32.12 34.95 38.48
C4B HEC HH . -32.56 34.06 39.58
CMB HEC HH . -31.43 37.40 38.33
CAB HEC HH . -31.93 34.61 37.07
CBB HEC HH . -30.72 34.35 36.60
NC HEC HH . -33.54 32.26 41.68
C1C HEC HH . -33.54 31.97 40.35
C2C HEC HH . -34.29 30.81 40.11
C3C HEC HH . -34.75 30.37 41.34
C4C HEC HH . -34.26 31.28 42.32
CMC HEC HH . -34.53 30.16 38.77
CAC HEC HH . -35.59 29.17 41.60
CBC HEC HH . -35.10 27.94 41.52
ND HEC HH . -33.54 33.39 44.30
C1D HEC HH . -34.07 32.19 44.57
C2D HEC HH . -34.23 32.02 46.03
C3D HEC HH . -33.77 33.16 46.58
C4D HEC HH . -33.34 34.00 45.46
CMD HEC HH . -34.80 30.83 46.76
CAD HEC HH . -33.72 33.50 48.05
CBD HEC HH . -34.92 34.43 48.31
CGD HEC HH . -35.01 34.97 49.71
O1D HEC HH . -36.13 35.18 50.22
O2D HEC HH . -33.97 35.24 50.37
FE HEC IH . -35.75 22.77 41.33
CHA HEC IH . -33.60 20.81 39.79
CHB HEC IH . -33.83 22.74 44.19
CHC HEC IH . -37.46 25.56 42.56
CHD HEC IH . -38.12 22.35 39.00
NA HEC IH . -34.01 21.98 41.89
C1A HEC IH . -33.34 21.08 41.11
C2A HEC IH . -32.34 20.46 41.90
C3A HEC IH . -32.39 21.01 43.14
C4A HEC IH . -33.44 21.96 43.13
CMA HEC IH . -31.52 20.67 44.32
CAA HEC IH . -31.37 19.40 41.43
CBA HEC IH . -30.18 20.09 40.78
CGA HEC IH . -29.15 19.10 40.27
O1A HEC IH . -28.08 19.54 39.75
O2A HEC IH . -29.35 17.87 40.37
NB HEC IH . -35.66 23.95 43.06
C1B HEC IH . -34.81 23.75 44.07
C2B HEC IH . -35.01 24.73 45.07
C3B HEC IH . -36.02 25.53 44.64
C4B HEC IH . -36.43 25.00 43.32
CMB HEC IH . -34.25 24.84 46.36
CAB HEC IH . -36.61 26.69 45.32
CBB HEC IH . -36.12 27.91 45.09
NC HEC IH . -37.48 23.82 40.85
C1C HEC IH . -38.05 24.86 41.52
C2C HEC IH . -39.34 25.08 40.99
C3C HEC IH . -39.54 24.16 39.96
C4C HEC IH . -38.35 23.37 39.88
CMC HEC IH . -40.32 26.14 41.46
CAC HEC IH . -40.75 24.02 39.12
CBC HEC IH . -40.79 24.48 37.88
ND HEC IH . -35.83 21.80 39.74
C1D HEC IH . -36.87 21.73 38.88
C2D HEC IH . -36.52 20.86 37.74
C3D HEC IH . -35.25 20.43 37.96
C4D HEC IH . -34.84 21.04 39.24
CMD HEC IH . -37.39 20.51 36.56
CAD HEC IH . -34.41 19.52 37.10
CBD HEC IH . -34.32 18.12 37.70
CGD HEC IH . -35.39 17.29 37.05
O1D HEC IH . -35.23 16.88 35.87
O2D HEC IH . -36.45 17.02 37.67
FE HEC JH . -32.57 19.59 49.50
CHA HEC JH . -31.43 17.14 47.54
CHB HEC JH . -35.07 20.28 47.21
CHC HEC JH . -34.16 21.77 51.74
CHD HEC JH . -30.14 19.10 51.76
NA HEC JH . -33.16 18.87 47.75
C1A HEC JH . -32.50 17.87 47.08
C2A HEC JH . -33.08 17.71 45.80
C3A HEC JH . -34.11 18.58 45.71
C4A HEC JH . -34.16 19.31 46.92
CMA HEC JH . -35.03 18.78 44.52
CAA HEC JH . -32.65 16.71 44.75
CBA HEC JH . -33.61 15.53 44.88
CGA HEC JH . -33.01 14.29 44.31
O1A HEC JH . -32.28 13.56 45.03
O2A HEC JH . -33.23 13.99 43.11
NB HEC JH . -34.29 20.79 49.48
C1B HEC JH . -35.15 20.90 48.47
C2B HEC JH . -36.22 21.77 48.80
C3B HEC JH . -35.98 22.20 50.06
C4B HEC JH . -34.72 21.55 50.50
CMB HEC JH . -37.37 22.13 47.90
CAB HEC JH . -36.81 23.13 50.87
CBB HEC JH . -37.86 22.68 51.52
NC HEC JH . -32.24 20.30 51.42
C1C HEC JH . -32.94 21.22 52.13
C2C HEC JH . -32.24 21.53 53.31
C3C HEC JH . -31.09 20.76 53.31
C4C HEC JH . -31.11 20.00 52.12
CMC HEC JH . -32.70 22.53 54.36
CAC HEC JH . -30.04 20.73 54.35
CBC HEC JH . -30.34 20.34 55.58
ND HEC JH . -31.12 18.41 49.62
C1D HEC JH . -30.23 18.31 50.61
C2D HEC JH . -29.27 17.22 50.35
C3D HEC JH . -29.63 16.69 49.18
C4D HEC JH . -30.80 17.45 48.73
CMD HEC JH . -28.11 16.80 51.23
CAD HEC JH . -28.99 15.53 48.46
CBD HEC JH . -29.70 14.30 49.06
CGD HEC JH . -29.57 13.03 48.27
O1D HEC JH . -28.45 12.60 47.92
O2D HEC JH . -30.61 12.39 47.98
FE HEC KH . -30.43 21.88 61.27
CHA HEC KH . -32.69 21.43 63.65
CHB HEC KH . -29.45 18.56 61.51
CHC HEC KH . -28.50 22.14 58.35
CHD HEC KH . -30.59 25.20 61.46
NA HEC KH . -30.95 20.29 62.36
C1A HEC KH . -31.94 20.33 63.31
C2A HEC KH . -32.07 19.06 63.89
C3A HEC KH . -31.16 18.24 63.29
C4A HEC KH . -30.46 19.01 62.34
CMA HEC KH . -30.92 16.77 63.57
CAA HEC KH . -33.05 18.66 64.97
CBA HEC KH . -32.51 19.05 66.34
CGA HEC KH . -33.47 18.64 67.45
O1A HEC KH . -33.32 19.10 68.61
O2A HEC KH . -34.39 17.82 67.22
NB HEC KH . -29.21 20.58 60.13
C1B HEC KH . -28.96 19.30 60.42
C2B HEC KH . -28.10 18.73 59.45
C3B HEC KH . -27.82 19.71 58.54
C4B HEC KH . -28.55 20.91 59.01
CMB HEC KH . -27.60 17.30 59.43
CAB HEC KH . -26.95 19.60 57.34
CBB HEC KH . -27.28 18.86 56.28
NC HEC KH . -29.68 23.40 60.08
C1C HEC KH . -28.92 23.32 58.95
C2C HEC KH . -28.64 24.62 58.50
C3C HEC KH . -29.25 25.50 59.38
C4C HEC KH . -29.89 24.72 60.38
CMC HEC KH . -27.84 24.99 57.27
CAC HEC KH . -29.23 26.98 59.33
CBC HEC KH . -29.71 27.63 58.27
ND HEC KH . -31.42 23.06 62.32
C1D HEC KH . -31.37 24.39 62.28
C2D HEC KH . -32.31 24.96 63.28
C3D HEC KH . -32.90 23.89 63.89
C4D HEC KH . -32.31 22.71 63.26
CMD HEC KH . -32.51 26.44 63.51
CAD HEC KH . -33.95 23.80 64.98
CBD HEC KH . -34.31 25.07 65.76
CGD HEC KH . -35.49 24.79 66.67
O1D HEC KH . -36.64 25.05 66.28
O2D HEC KH . -35.32 24.30 67.83
FE HEC LH . -25.63 14.16 64.80
CHA HEC LH . -27.34 14.09 67.60
CHB HEC LH . -26.61 17.42 64.18
CHC HEC LH . -23.03 14.56 62.51
CHD HEC LH . -25.18 10.83 64.72
NA HEC LH . -26.72 15.53 65.73
C1A HEC LH . -27.45 15.23 66.84
C2A HEC LH . -28.33 16.32 67.10
C3A HEC LH . -28.13 17.26 66.13
C4A HEC LH . -27.12 16.76 65.29
CMA HEC LH . -28.84 18.58 65.99
CAA HEC LH . -29.34 16.38 68.23
CBA HEC LH . -30.63 15.73 67.72
CGA HEC LH . -31.68 15.56 68.79
O1A HEC LH . -32.63 14.76 68.59
O2A HEC LH . -31.61 16.19 69.88
NB HEC LH . -24.94 15.71 63.56
C1B HEC LH . -25.49 16.93 63.49
C2B HEC LH . -24.77 17.74 62.57
C3B HEC LH . -23.76 16.95 62.08
C4B HEC LH . -23.88 15.64 62.75
CMB HEC LH . -25.07 19.16 62.20
CAB HEC LH . -22.71 17.32 61.13
CBB HEC LH . -21.70 18.09 61.55
NC HEC LH . -24.28 12.92 63.81
C1C HEC LH . -23.40 13.26 62.82
C2C HEC LH . -22.96 12.08 62.19
C3C HEC LH . -23.58 11.01 62.83
C4C HEC LH . -24.41 11.55 63.85
CMC HEC LH . -21.99 12.01 61.05
CAC HEC LH . -23.43 9.57 62.51
CBC HEC LH . -22.34 8.90 62.90
ND HEC LH . -26.15 12.77 65.92
C1D HEC LH . -25.88 11.46 65.77
C2D HEC LH . -26.45 10.71 66.90
C3D HEC LH . -27.05 11.62 67.70
C4D HEC LH . -26.84 12.92 67.06
CMD HEC LH . -26.38 9.22 67.13
CAD HEC LH . -27.79 11.37 69.00
CBD HEC LH . -29.27 11.14 68.69
CGD HEC LH . -29.94 10.53 69.90
O1D HEC LH . -30.82 11.18 70.52
O2D HEC LH . -29.61 9.37 70.28
FE HEC MH . -17.78 5.30 63.48
CHA HEC MH . -14.64 5.68 64.40
CHB HEC MH . -18.79 5.08 66.77
CHC HEC MH . -21.12 5.68 62.54
CHD HEC MH . -16.94 4.68 60.27
NA HEC MH . -16.91 5.32 65.25
C1A HEC MH . -15.57 5.59 65.40
C2A HEC MH . -15.28 5.73 66.78
C3A HEC MH . -16.45 5.56 67.46
C4A HEC MH . -17.46 5.30 66.50
CMA HEC MH . -16.63 5.61 68.96
CAA HEC MH . -13.94 6.03 67.42
CBA HEC MH . -12.91 4.92 67.14
CGA HEC MH . -12.89 3.97 68.29
O1A HEC MH . -12.78 4.39 69.46
O2A HEC MH . -12.97 2.75 68.05
NB HEC MH . -19.63 5.38 64.48
C1B HEC MH . -19.78 5.27 65.80
C2B HEC MH . -21.17 5.38 66.14
C3B HEC MH . -21.85 5.55 64.96
C4B HEC MH . -20.82 5.54 63.89
CMB HEC MH . -21.76 5.30 67.53
CAB HEC MH . -23.31 5.70 64.77
CBB HEC MH . -23.94 6.77 65.25
NC HEC MH . -18.88 5.24 61.71
C1C HEC MH . -20.22 5.35 61.53
C2C HEC MH . -20.53 5.10 60.18
C3C HEC MH . -19.32 4.82 59.52
C4C HEC MH . -18.29 4.90 60.51
CMC HEC MH . -21.90 5.13 59.56
CAC HEC MH . -19.13 4.47 58.10
CBC HEC MH . -19.40 5.32 57.11
ND HEC MH . -16.16 5.21 62.54
C1D HEC MH . -15.97 4.93 61.24
C2D HEC MH . -14.53 4.94 60.91
C3D HEC MH . -13.88 5.22 62.06
C4D HEC MH . -14.94 5.38 63.08
CMD HEC MH . -13.91 4.68 59.56
CAD HEC MH . -12.38 5.33 62.27
CBD HEC MH . -11.85 4.02 62.85
CGD HEC MH . -10.53 4.15 63.59
O1D HEC MH . -10.27 5.13 64.32
O2D HEC MH . -9.67 3.26 63.49
S SO4 NH . -25.19 -8.40 76.84
O1 SO4 NH . -25.52 -9.14 75.59
O2 SO4 NH . -24.41 -9.27 77.75
O3 SO4 NH . -26.44 -8.00 77.52
O4 SO4 NH . -24.41 -7.19 76.51
S SO4 OH . -31.98 1.78 56.29
O1 SO4 OH . -33.00 0.70 56.32
O2 SO4 OH . -30.80 1.36 57.09
O3 SO4 OH . -31.58 2.04 54.89
O4 SO4 OH . -32.55 3.02 56.88
S SO4 PH . -49.60 50.45 72.72
O1 SO4 PH . -50.47 49.25 72.56
O2 SO4 PH . -48.32 50.04 73.33
O3 SO4 PH . -49.36 51.05 71.39
O4 SO4 PH . -50.29 51.44 73.58
FE HEC QH . 63.24 -19.15 18.53
CHA HEC QH . 65.29 -17.76 20.75
CHB HEC QH . 64.24 -16.88 16.11
CHC HEC QH . 61.53 -20.93 16.01
CHD HEC QH . 61.70 -21.03 20.85
NA HEC QH . 64.49 -17.63 18.43
C1A HEC QH . 65.28 -17.23 19.49
C2A HEC QH . 66.09 -16.15 19.07
C3A HEC QH . 65.79 -15.88 17.76
C4A HEC QH . 64.81 -16.81 17.37
CMA HEC QH . 66.41 -14.82 16.90
CAA HEC QH . 67.09 -15.40 19.92
CBA HEC QH . 68.51 -15.97 19.80
CGA HEC QH . 69.41 -15.28 20.80
O1A HEC QH . 69.04 -15.15 22.00
O2A HEC QH . 70.53 -14.84 20.47
NB HEC QH . 62.94 -18.94 16.45
C1B HEC QH . 63.45 -17.95 15.71
C2B HEC QH . 63.07 -18.12 14.34
C3B HEC QH . 62.30 -19.26 14.29
C4B HEC QH . 62.23 -19.77 15.67
CMB HEC QH . 63.44 -17.21 13.19
CAB HEC QH . 61.67 -19.86 13.11
CBB HEC QH . 62.43 -20.39 12.15
NC HEC QH . 61.85 -20.71 18.43
C1C HEC QH . 61.29 -21.29 17.33
C2C HEC QH . 60.44 -22.33 17.75
C3C HEC QH . 60.47 -22.37 19.14
C4C HEC QH . 61.37 -21.33 19.55
CMC HEC QH . 59.63 -23.22 16.84
CAC HEC QH . 59.70 -23.33 19.96
CBC HEC QH . 59.25 -23.02 21.17
ND HEC QH . 63.45 -19.35 20.37
C1D HEC QH . 62.73 -20.16 21.18
C2D HEC QH . 63.21 -20.02 22.58
C3D HEC QH . 64.20 -19.11 22.55
C4D HEC QH . 64.34 -18.70 21.15
CMD HEC QH . 62.67 -20.74 23.79
CAD HEC QH . 65.00 -18.61 23.73
CBD HEC QH . 66.26 -19.44 23.96
CGD HEC QH . 67.00 -18.91 25.17
O1D HEC QH . 66.94 -19.52 26.25
O2D HEC QH . 67.67 -17.85 25.08
FE HEC RH . 63.93 -10.24 15.15
CHA HEC RH . 66.32 -9.12 17.15
CHB HEC RH . 63.16 -12.76 17.40
CHC HEC RH . 61.05 -11.11 13.34
CHD HEC RH . 64.74 -8.09 12.70
NA HEC RH . 64.59 -10.85 16.92
C1A HEC RH . 65.64 -10.24 17.58
C2A HEC RH . 65.89 -10.93 18.79
C3A HEC RH . 64.98 -11.95 18.85
C4A HEC RH . 64.19 -11.88 17.69
CMA HEC RH . 64.84 -12.98 19.96
CAA HEC RH . 66.96 -10.64 19.84
CBA HEC RH . 66.88 -9.25 20.47
CGA HEC RH . 65.86 -9.21 21.56
O1A HEC RH . 65.05 -8.25 21.62
O2A HEC RH . 65.81 -10.14 22.40
NB HEC RH . 62.40 -11.66 15.33
C1B HEC RH . 62.30 -12.56 16.31
C2B HEC RH . 61.14 -13.36 16.14
C3B HEC RH . 60.52 -12.91 15.00
C4B HEC RH . 61.35 -11.80 14.49
CMB HEC RH . 60.66 -14.49 17.01
CAB HEC RH . 59.28 -13.42 14.40
CBB HEC RH . 58.10 -13.11 14.92
NC HEC RH . 63.00 -9.66 13.36
C1C HEC RH . 61.94 -10.24 12.73
C2C HEC RH . 61.92 -9.85 11.37
C3C HEC RH . 62.98 -8.98 11.19
C4C HEC RH . 63.64 -8.87 12.44
CMC HEC RH . 60.92 -10.28 10.33
CAC HEC RH . 63.36 -8.33 9.91
CBC HEC RH . 62.65 -7.31 9.41
ND HEC RH . 65.23 -8.90 14.97
C1D HEC RH . 65.43 -8.09 13.92
C2D HEC RH . 66.54 -7.15 14.18
C3D HEC RH . 66.97 -7.45 15.42
C4D HEC RH . 66.13 -8.56 15.90
CMD HEC RH . 67.09 -6.08 13.27
CAD HEC RH . 68.11 -6.79 16.18
CBD HEC RH . 69.31 -7.75 16.05
CGD HEC RH . 70.51 -7.34 16.85
O1D HEC RH . 71.64 -7.59 16.38
O2D HEC RH . 70.41 -6.77 17.97
FE HEC SH . 61.49 -4.00 5.58
CHA HEC SH . 58.48 -2.71 5.23
CHB HEC SH . 62.35 -1.55 7.85
CHC HEC SH . 64.24 -5.89 6.63
CHD HEC SH . 61.17 -6.00 2.90
NA HEC SH . 60.59 -2.46 6.44
C1A HEC SH . 59.35 -2.02 6.02
C2A HEC SH . 59.11 -0.74 6.57
C3A HEC SH . 60.21 -0.41 7.32
C4A HEC SH . 61.11 -1.47 7.24
CMA HEC SH . 60.41 0.87 8.10
CAA HEC SH . 57.88 0.10 6.37
CBA HEC SH . 56.85 -0.32 7.42
CGA HEC SH . 55.56 0.45 7.30
O1A HEC SH . 54.63 0.22 8.11
O2A HEC SH . 55.41 1.29 6.39
NB HEC SH . 63.03 -3.76 6.98
C1B HEC SH . 63.17 -2.70 7.78
C2B HEC SH . 64.30 -2.87 8.62
C3B HEC SH . 64.86 -4.08 8.30
C4B HEC SH . 64.00 -4.64 7.23
CMB HEC SH . 64.80 -1.92 9.66
CAB HEC SH . 66.05 -4.68 8.91
CBB HEC SH . 65.91 -5.49 9.95
NC HEC SH . 62.52 -5.69 4.92
C1C HEC SH . 63.66 -6.24 5.43
C2C HEC SH . 64.15 -7.20 4.52
C3C HEC SH . 63.28 -7.23 3.45
C4C HEC SH . 62.25 -6.27 3.71
CMC HEC SH . 65.40 -8.03 4.69
CAC HEC SH . 63.39 -8.09 2.24
CBC HEC SH . 62.64 -9.17 2.09
ND HEC SH . 60.12 -4.31 4.34
C1D HEC SH . 60.13 -5.16 3.30
C2D HEC SH . 58.84 -5.10 2.59
C3D HEC SH . 58.10 -4.18 3.23
C4D HEC SH . 58.93 -3.69 4.34
CMD HEC SH . 58.44 -5.90 1.37
CAD HEC SH . 56.67 -3.73 2.92
CBD HEC SH . 56.66 -2.35 2.27
CGD HEC SH . 56.65 -2.56 0.77
O1D HEC SH . 55.58 -2.91 0.21
O2D HEC SH . 57.70 -2.40 0.10
FE HEC TH . 64.54 4.34 8.42
CHA HEC TH . 61.74 5.33 6.93
CHB HEC TH . 64.64 1.52 6.41
CHC HEC TH . 67.76 3.53 9.54
CHD HEC TH . 64.51 6.97 10.55
NA HEC TH . 63.44 3.57 6.96
C1A HEC TH . 62.26 4.13 6.53
C2A HEC TH . 61.65 3.26 5.59
C3A HEC TH . 62.47 2.19 5.44
C4A HEC TH . 63.58 2.39 6.29
CMA HEC TH . 62.25 0.99 4.55
CAA HEC TH . 60.34 3.50 4.88
CBA HEC TH . 60.70 4.03 3.50
CGA HEC TH . 59.53 4.79 2.93
O1A HEC TH . 59.39 6.01 3.22
O2A HEC TH . 58.71 4.22 2.17
NB HEC TH . 65.93 2.82 8.04
C1B HEC TH . 65.76 1.81 7.18
C2B HEC TH . 66.91 0.97 7.15
C3B HEC TH . 67.81 1.52 8.03
C4B HEC TH . 67.15 2.72 8.59
CMB HEC TH . 67.07 -0.26 6.31
CAB HEC TH . 69.16 1.04 8.35
CBB HEC TH . 70.16 1.35 7.53
NC HEC TH . 65.92 5.11 9.77
C1C HEC TH . 67.14 4.60 10.15
C2C HEC TH . 67.64 5.35 11.23
C3C HEC TH . 66.70 6.34 11.50
C4C HEC TH . 65.62 6.17 10.58
CMC HEC TH . 68.96 5.11 11.91
CAC HEC TH . 66.77 7.38 12.54
CBC HEC TH . 67.75 8.28 12.55
ND HEC TH . 63.38 5.80 8.68
C1D HEC TH . 63.51 6.80 9.58
C2D HEC TH . 62.42 7.77 9.43
C3D HEC TH . 61.66 7.31 8.43
C4D HEC TH . 62.28 6.07 7.96
CMD HEC TH . 62.20 9.03 10.25
CAD HEC TH . 60.41 7.94 7.84
CBD HEC TH . 60.94 8.88 6.76
CGD HEC TH . 59.94 9.37 5.76
O1D HEC TH . 58.88 9.94 6.13
O2D HEC TH . 60.20 9.25 4.53
FE HEC UH . 72.36 10.60 15.37
CHA HEC UH . 75.39 11.47 14.36
CHB HEC UH . 71.00 13.44 13.97
CHC HEC UH . 69.10 9.38 15.86
CHD HEC UH . 73.54 8.28 17.49
NA HEC UH . 73.04 12.16 14.36
C1A HEC UH . 74.36 12.32 14.04
C2A HEC UH . 74.51 13.51 13.31
C3A HEC UH . 73.28 14.07 13.18
C4A HEC UH . 72.37 13.23 13.85
CMA HEC UH . 72.95 15.36 12.48
CAA HEC UH . 75.80 14.07 12.74
CBA HEC UH . 76.58 14.84 13.83
CGA HEC UH . 77.85 15.44 13.27
O1A HEC UH . 78.72 15.86 14.05
O2A HEC UH . 78.05 15.54 12.04
NB HEC UH . 70.41 11.29 14.99
C1B HEC UH . 70.11 12.46 14.42
C2B HEC UH . 68.69 12.62 14.31
C3B HEC UH . 68.13 11.48 14.83
C4B HEC UH . 69.27 10.63 15.26
CMB HEC UH . 67.98 13.81 13.71
CAB HEC UH . 66.68 11.15 14.95
CBB HEC UH . 65.95 10.91 13.86
NC HEC UH . 71.45 9.09 16.48
C1C HEC UH . 70.13 8.75 16.55
C2C HEC UH . 69.99 7.66 17.42
C3C HEC UH . 71.26 7.34 17.89
C4C HEC UH . 72.17 8.26 17.28
CMC HEC UH . 68.69 6.98 17.80
CAC HEC UH . 71.62 6.27 18.84
CBC HEC UH . 71.36 5.00 18.56
ND HEC UH . 74.08 10.01 15.83
C1D HEC UH . 74.39 9.06 16.71
C2D HEC UH . 75.86 8.89 16.77
C3D HEC UH . 76.38 9.79 15.89
C4D HEC UH . 75.22 10.48 15.31
CMD HEC UH . 76.57 7.90 17.67
CAD HEC UH . 77.81 10.12 15.48
CBD HEC UH . 78.95 9.55 16.32
CGD HEC UH . 80.27 9.85 15.64
O1D HEC UH . 80.78 9.02 14.87
O2D HEC UH . 80.84 10.95 15.83
FE HEC VH . 69.74 19.94 14.82
CHA HEC VH . 72.85 21.03 14.54
CHB HEC VH . 70.83 16.93 16.06
CHC HEC VH . 66.56 19.30 16.09
CHD HEC VH . 68.49 22.43 12.96
NA HEC VH . 71.48 19.12 15.27
C1A HEC VH . 72.68 19.72 14.96
C2A HEC VH . 73.72 18.79 15.15
C3A HEC VH . 73.16 17.63 15.57
C4A HEC VH . 71.77 17.85 15.66
CMA HEC VH . 73.88 16.35 15.91
CAA HEC VH . 75.19 19.04 14.88
CBA HEC VH . 75.45 18.69 13.41
CGA HEC VH . 76.83 19.05 12.96
O1A HEC VH . 77.07 19.14 11.74
O2A HEC VH . 77.74 19.28 13.80
NB HEC VH . 68.85 18.39 15.89
C1B HEC VH . 69.48 17.28 16.28
C2B HEC VH . 68.59 16.44 16.99
C3B HEC VH . 67.38 17.08 17.02
C4B HEC VH . 67.58 18.36 16.29
CMB HEC VH . 68.92 15.09 17.59
CAB HEC VH . 66.14 16.62 17.64
CBB HEC VH . 65.99 16.70 18.96
NC HEC VH . 67.84 20.76 14.61
C1C HEC VH . 66.65 20.26 15.09
C2C HEC VH . 65.59 20.88 14.40
C3C HEC VH . 66.15 21.79 13.51
C4C HEC VH . 67.56 21.69 13.65
CMC HEC VH . 64.12 20.64 14.60
CAC HEC VH . 65.42 22.66 12.56
CBC HEC VH . 64.84 23.78 12.98
ND HEC VH . 70.50 21.41 13.95
C1D HEC VH . 69.85 22.36 13.24
C2D HEC VH . 70.83 23.35 12.74
C3D HEC VH . 72.05 22.95 13.17
C4D HEC VH . 71.81 21.73 13.94
CMD HEC VH . 70.54 24.57 11.89
CAD HEC VH . 73.38 23.60 12.95
CBD HEC VH . 74.02 23.04 11.68
CGD HEC VH . 75.15 23.95 11.22
O1D HEC VH . 76.34 23.52 11.21
O2D HEC VH . 74.89 25.12 10.86
FE HEC WH . 61.39 28.40 13.93
CHA HEC WH . 60.17 29.87 16.61
CHB HEC WH . 64.35 30.14 14.21
CHC HEC WH . 62.91 26.29 11.58
CHD HEC WH . 58.36 27.20 13.01
NA HEC WH . 62.13 29.77 15.13
C1A HEC WH . 61.47 30.18 16.26
C2A HEC WH . 62.33 31.02 17.02
C3A HEC WH . 63.50 31.10 16.34
C4A HEC WH . 63.38 30.32 15.17
CMA HEC WH . 64.71 31.88 16.78
CAA HEC WH . 62.02 31.68 18.34
CBA HEC WH . 60.87 32.68 18.24
CGA HEC WH . 61.41 34.06 18.02
O1A HEC WH . 62.28 34.54 18.79
O2A HEC WH . 60.98 34.73 17.07
NB HEC WH . 63.29 28.23 13.05
C1B HEC WH . 64.33 29.04 13.33
C2B HEC WH . 65.47 28.65 12.57
C3B HEC WH . 65.10 27.57 11.83
C4B HEC WH . 63.67 27.32 12.15
CMB HEC WH . 66.83 29.31 12.60
CAB HEC WH . 65.95 26.81 10.88
CBB HEC WH . 66.96 26.08 11.32
NC HEC WH . 60.77 26.96 12.55
C1C HEC WH . 61.52 26.26 11.65
C2C HEC WH . 60.65 25.53 10.81
C3C HEC WH . 59.35 25.78 11.23
C4C HEC WH . 59.44 26.69 12.33
CMC HEC WH . 61.09 24.63 9.67
CAC HEC WH . 58.11 25.23 10.65
CBC HEC WH . 57.83 23.94 10.71
ND HEC WH . 59.65 28.52 14.64
C1D HEC WH . 58.52 27.99 14.16
C2D HEC WH . 57.38 28.33 15.02
C3D HEC WH . 57.89 29.06 16.03
C4D HEC WH . 59.33 29.17 15.77
CMD HEC WH . 55.94 27.92 14.84
CAD HEC WH . 57.15 29.69 17.20
CBD HEC WH . 56.88 31.18 16.88
CGD HEC WH . 56.58 32.01 18.12
O1D HEC WH . 57.20 31.82 19.19
O2D HEC WH . 55.71 32.91 18.07
S SO4 XH . 71.64 42.96 4.20
O1 SO4 XH . 71.51 41.84 5.15
O2 SO4 XH . 73.07 43.16 3.88
O3 SO4 XH . 71.10 44.19 4.83
O4 SO4 XH . 70.90 42.68 2.95
FE HEC YH . 80.15 9.13 21.70
CHA HEC YH . 80.44 11.41 19.24
CHB HEC YH . 82.95 7.65 20.83
CHC HEC YH . 80.12 7.73 24.86
CHD HEC YH . 76.84 9.55 21.84
NA HEC YH . 81.54 9.58 20.48
C1A HEC YH . 81.68 10.92 19.86
C2A HEC YH . 82.86 10.76 18.89
C3A HEC YH . 83.58 9.68 19.37
C4A HEC YH . 82.71 8.94 20.30
CMA HEC YH . 84.94 9.23 19.00
CAA HEC YH . 83.27 11.66 17.77
CBA HEC YH . 83.68 13.00 18.35
CGA HEC YH . 85.03 13.33 18.99
O1A HEC YH . 85.21 14.50 19.27
O2A HEC YH . 85.91 12.39 19.21
NB HEC YH . 81.37 8.06 22.64
C1B HEC YH . 82.34 7.28 22.02
C2B HEC YH . 82.81 6.24 22.93
C3B HEC YH . 82.29 6.51 24.15
C4B HEC YH . 81.45 7.79 24.07
CMB HEC YH . 83.97 5.35 22.65
CAB HEC YH . 82.38 5.66 25.35
CBB HEC YH . 83.71 5.73 26.06
NC HEC YH . 78.79 8.53 22.92
C1C HEC YH . 78.88 7.91 24.09
C2C HEC YH . 77.55 7.42 24.57
C3C HEC YH . 76.62 7.81 23.67
C4C HEC YH . 77.38 8.33 22.45
CMC HEC YH . 77.42 6.45 25.68
CAC HEC YH . 75.23 7.31 23.50
CBC HEC YH . 74.25 7.81 24.54
ND HEC YH . 78.89 10.05 20.58
C1D HEC YH . 77.51 10.20 20.86
C2D HEC YH . 76.92 11.04 19.82
C3D HEC YH . 77.98 11.78 19.28
C4D HEC YH . 79.21 11.20 19.81
CMD HEC YH . 75.49 11.14 19.49
CAD HEC YH . 77.93 12.67 18.10
CBD HEC YH . 77.51 14.10 18.47
CGD HEC YH . 77.90 15.13 17.34
O1D HEC YH . 78.80 14.76 16.50
O2D HEC YH . 77.35 16.25 17.30
FE HEC ZH . 67.43 36.82 32.95
CHA HEC ZH . 65.60 37.55 35.69
CHB HEC ZH . 68.68 39.86 32.82
CHC HEC ZH . 69.97 35.45 31.00
CHD HEC ZH . 65.38 34.34 32.07
NA HEC ZH . 67.39 38.31 34.15
C1A HEC ZH . 66.91 38.21 35.55
C2A HEC ZH . 66.95 39.67 36.06
C3A HEC ZH . 67.85 40.30 35.23
C4A HEC ZH . 68.04 39.48 34.02
CMA HEC ZH . 68.47 41.64 35.38
CAA HEC ZH . 66.29 40.27 37.25
CBA HEC ZH . 66.87 39.62 38.49
CGA HEC ZH . 68.21 39.95 39.13
O1A HEC ZH . 68.47 39.38 40.19
O2A HEC ZH . 69.02 40.79 38.55
NB HEC ZH . 69.04 37.53 32.24
C1B HEC ZH . 69.25 38.89 32.03
C2B HEC ZH . 70.33 39.08 31.05
C3B HEC ZH . 70.90 37.86 30.83
C4B HEC ZH . 70.21 36.81 31.72
CMB HEC ZH . 70.93 40.40 30.71
CAB HEC ZH . 71.93 37.54 29.83
CBB HEC ZH . 73.34 37.94 30.23
NC HEC ZH . 67.54 35.43 31.62
C1C HEC ZH . 68.55 35.04 30.86
C2C HEC ZH . 68.10 34.07 29.82
C3C HEC ZH . 66.77 33.81 30.02
C4C HEC ZH . 66.30 34.84 31.03
CMC HEC ZH . 68.94 33.69 28.65
CAC HEC ZH . 65.79 33.20 29.09
CBC HEC ZH . 65.90 31.69 28.95
ND HEC ZH . 65.69 36.28 33.56
C1D HEC ZH . 65.00 35.13 33.11
C2D HEC ZH . 63.78 35.03 33.89
C3D HEC ZH . 63.98 35.74 35.06
C4D HEC ZH . 65.23 36.50 34.90
CMD HEC ZH . 62.59 34.23 33.55
CAD HEC ZH . 62.99 36.05 36.12
CBD HEC ZH . 62.89 34.93 37.15
CGD HEC ZH . 62.22 35.43 38.48
O1D HEC ZH . 62.17 36.69 38.65
O2D HEC ZH . 61.76 34.62 39.31
FE HEC AI . 56.32 39.45 1.88
CHA HEC AI . 59.23 38.89 3.39
CHB HEC AI . 54.96 40.63 4.83
CHC HEC AI . 53.46 40.62 0.21
CHD HEC AI . 57.23 37.79 -0.89
NA HEC AI . 56.95 39.71 3.75
C1A HEC AI . 58.23 39.41 4.15
C2A HEC AI . 58.34 39.75 5.53
C3A HEC AI . 57.14 40.24 5.94
C4A HEC AI . 56.28 40.21 4.83
CMA HEC AI . 56.79 40.71 7.33
CAA HEC AI . 59.57 39.58 6.40
CBA HEC AI . 60.43 40.85 6.44
CGA HEC AI . 61.73 40.54 7.15
O1A HEC AI . 62.40 39.54 6.84
O2A HEC AI . 62.13 41.29 8.07
NB HEC AI . 54.55 40.44 2.41
C1B HEC AI . 54.21 40.81 3.67
C2B HEC AI . 52.94 41.45 3.68
C3B HEC AI . 52.50 41.46 2.39
C4B HEC AI . 53.56 40.79 1.58
CMB HEC AI . 52.23 42.01 4.88
CAB HEC AI . 51.24 42.02 1.88
CBB HEC AI . 51.05 43.33 1.90
NC HEC AI . 55.48 39.25 -0.02
C1C HEC AI . 54.32 39.79 -0.51
C2C HEC AI . 54.18 39.41 -1.86
C3C HEC AI . 55.25 38.61 -2.18
C4C HEC AI . 56.07 38.50 -1.00
CMC HEC AI . 53.04 39.81 -2.77
CAC HEC AI . 55.46 37.98 -3.50
CBC HEC AI . 56.08 36.81 -3.65
ND HEC AI . 57.88 38.55 1.36
C1D HEC AI . 58.10 37.91 0.20
C2D HEC AI . 59.44 37.31 0.20
C3D HEC AI . 59.99 37.62 1.38
C4D HEC AI . 58.99 38.41 2.11
CMD HEC AI . 60.09 36.52 -0.92
CAD HEC AI . 61.37 37.23 1.88
CBD HEC AI . 62.43 38.28 1.55
CGD HEC AI . 63.77 37.81 2.03
O1D HEC AI . 64.61 37.35 1.23
O2D HEC AI . 64.05 37.88 3.27
FE HEC BI . 53.50 38.20 10.95
CHA HEC BI . 56.49 38.07 12.39
CHB HEC BI . 54.92 37.39 7.88
CHC HEC BI . 50.34 37.77 9.47
CHD HEC BI . 52.01 39.31 13.73
NA HEC BI . 55.32 37.80 10.26
C1A HEC BI . 56.45 37.83 11.04
C2A HEC BI . 57.59 37.57 10.23
C3A HEC BI . 57.14 37.37 8.97
C4A HEC BI . 55.73 37.51 8.98
CMA HEC BI . 57.98 37.04 7.75
CAA HEC BI . 59.05 37.52 10.64
CBA HEC BI . 59.35 36.50 11.75
CGA HEC BI . 59.53 35.14 11.15
O1A HEC BI . 59.00 34.16 11.73
O2A HEC BI . 60.20 34.98 10.09
NB HEC BI . 52.76 37.68 9.05
C1B HEC BI . 53.52 37.39 7.97
C2B HEC BI . 52.70 37.07 6.86
C3B HEC BI . 51.41 37.17 7.28
C4B HEC BI . 51.47 37.57 8.71
CMB HEC BI . 53.16 36.69 5.47
CAB HEC BI . 50.21 36.91 6.48
CBB HEC BI . 49.81 35.66 6.22
NC HEC BI . 51.51 38.42 11.51
C1C HEC BI . 50.39 38.37 10.73
C2C HEC BI . 49.33 39.02 11.37
C3C HEC BI . 49.80 39.47 12.59
C4C HEC BI . 51.18 39.09 12.67
CMC HEC BI . 47.92 39.19 10.83
CAC HEC BI . 49.04 40.22 13.61
CBC HEC BI . 48.12 39.61 14.35
ND HEC BI . 54.10 38.60 12.67
C1D HEC BI . 53.37 39.03 13.70
C2D HEC BI . 54.23 39.20 14.88
C3D HEC BI . 55.47 38.85 14.51
C4D HEC BI . 55.37 38.48 13.09
CMD HEC BI . 53.81 39.68 16.25
CAD HEC BI . 56.73 38.88 15.34
CBD HEC BI . 57.48 40.17 14.96
CGD HEC BI . 58.84 40.32 15.61
O1D HEC BI . 59.24 41.47 15.88
O2D HEC BI . 59.57 39.33 15.86
FE HEC CI . 44.18 39.77 17.77
CHA HEC CI . 41.87 37.43 17.89
CHB HEC CI . 46.26 37.96 19.81
CHC HEC CI . 46.90 41.76 16.85
CHD HEC CI . 42.09 42.06 16.44
NA HEC CI . 44.12 38.00 18.65
C1A HEC CI . 42.98 37.24 18.67
C2A HEC CI . 43.15 36.20 19.62
C3A HEC CI . 44.39 36.34 20.16
C4A HEC CI . 44.99 37.46 19.56
CMA HEC CI . 45.02 35.47 21.23
CAA HEC CI . 42.14 35.14 19.96
CBA HEC CI . 42.30 33.99 18.96
CGA HEC CI . 41.31 32.88 19.22
O1A HEC CI . 41.34 31.86 18.49
O2A HEC CI . 40.47 32.96 20.14
NB HEC CI . 46.21 39.84 18.24
C1B HEC CI . 46.82 39.00 19.08
C2B HEC CI . 48.20 39.32 19.16
C3B HEC CI . 48.42 40.39 18.34
C4B HEC CI . 47.10 40.71 17.74
CMB HEC CI . 49.23 38.61 20.00
CAB HEC CI . 49.69 41.09 18.08
CBB HEC CI . 50.45 40.72 17.05
NC HEC CI . 44.47 41.59 16.77
C1C HEC CI . 45.64 42.27 16.59
C2C HEC CI . 45.34 43.56 16.11
C3C HEC CI . 43.95 43.64 15.99
C4C HEC CI . 43.43 42.39 16.42
CMC HEC CI . 46.35 44.64 15.78
CAC HEC CI . 43.18 44.83 15.53
CBC HEC CI . 42.66 44.88 14.30
ND HEC CI . 42.37 39.75 17.28
C1D HEC CI . 41.65 40.75 16.74
C2D HEC CI . 40.27 40.30 16.48
C3D HEC CI . 40.22 39.01 16.89
C4D HEC CI . 41.56 38.69 17.39
CMD HEC CI . 39.14 41.12 15.90
CAD HEC CI . 39.04 38.07 16.85
CBD HEC CI . 38.42 37.88 18.23
CGD HEC CI . 37.28 38.86 18.37
O1D HEC CI . 36.19 38.63 17.80
O2D HEC CI . 37.43 39.93 19.03
FE HEC DI . 47.66 36.55 25.80
CHA HEC DI . 44.63 35.16 25.99
CHB HEC DI . 46.42 39.03 23.73
CHC HEC DI . 50.65 38.38 26.04
CHD HEC DI . 49.04 34.12 27.68
NA HEC DI . 45.89 37.04 25.02
C1A HEC DI . 44.76 36.26 25.18
C2A HEC DI . 43.73 36.79 24.37
C3A HEC DI . 44.24 37.89 23.74
C4A HEC DI . 45.58 38.03 24.15
CMA HEC DI . 43.50 38.78 22.77
CAA HEC DI . 42.33 36.26 24.26
CBA HEC DI . 41.48 37.12 25.19
CGA HEC DI . 40.24 36.38 25.58
O1A HEC DI . 40.28 35.61 26.57
O2A HEC DI . 39.19 36.54 24.90
NB HEC DI . 48.39 38.36 25.04
C1B HEC DI . 47.70 39.19 24.24
C2B HEC DI . 48.49 40.34 23.93
C3B HEC DI . 49.69 40.18 24.57
C4B HEC DI . 49.59 38.89 25.28
CMB HEC DI . 48.05 41.49 23.05
CAB HEC DI . 50.85 41.10 24.56
CBB HEC DI . 50.85 42.13 25.40
NC HEC DI . 49.52 36.32 26.71
C1C HEC DI . 50.62 37.13 26.63
C2C HEC DI . 51.69 36.48 27.26
C3C HEC DI . 51.23 35.27 27.73
C4C HEC DI . 49.85 35.18 27.38
CMC HEC DI . 53.09 37.05 27.38
CAC HEC DI . 52.00 34.24 28.46
CBC HEC DI . 52.50 34.50 29.66
ND HEC DI . 47.00 35.00 26.64
C1D HEC DI . 47.67 34.12 27.38
C2D HEC DI . 46.78 33.06 27.87
C3D HEC DI . 45.57 33.35 27.40
C4D HEC DI . 45.72 34.59 26.62
CMD HEC DI . 47.16 31.88 28.74
CAD HEC DI . 44.27 32.60 27.62
CBD HEC DI . 43.72 33.21 28.93
CGD HEC DI . 42.26 32.95 29.21
O1D HEC DI . 41.79 31.79 29.21
O2D HEC DI . 41.51 33.92 29.46
FE HEC EI . 57.47 34.87 32.80
CHA HEC EI . 58.60 37.15 34.92
CHB HEC EI . 55.32 33.62 35.17
CHC HEC EI . 55.85 32.91 30.38
CHD HEC EI . 60.03 35.33 30.67
NA HEC EI . 57.03 35.28 34.68
C1A HEC EI . 57.63 36.29 35.39
C2A HEC EI . 57.08 36.33 36.68
C3A HEC EI . 56.15 35.34 36.76
C4A HEC EI . 56.13 34.68 35.51
CMA HEC EI . 55.29 35.00 37.96
CAA HEC EI . 57.44 37.29 37.79
CBA HEC EI . 58.72 36.84 38.52
CGA HEC EI . 59.09 37.79 39.64
O1A HEC EI . 60.21 37.70 40.19
O2A HEC EI . 58.28 38.65 40.06
NB HEC EI . 55.87 33.52 32.78
C1B HEC EI . 55.16 33.17 33.85
C2B HEC EI . 54.15 32.22 33.49
C3B HEC EI . 54.27 32.00 32.15
C4B HEC EI . 55.40 32.86 31.70
CMB HEC EI . 53.14 31.60 34.43
CAB HEC EI . 53.45 31.10 31.31
CBB HEC EI . 52.18 31.38 31.04
NC HEC EI . 57.86 34.22 30.86
C1C HEC EI . 57.10 33.45 30.05
C2C HEC EI . 57.76 33.26 28.82
C3C HEC EI . 58.96 33.97 28.90
C4C HEC EI . 59.01 34.56 30.19
CMC HEC EI . 57.24 32.45 27.65
CAC HEC EI . 60.00 34.07 27.85
CBC HEC EI . 59.73 34.62 26.67
ND HEC EI . 58.98 35.99 32.79
C1D HEC EI . 59.94 36.06 31.85
C2D HEC EI . 60.95 37.08 32.24
C3D HEC EI . 60.55 37.58 33.44
C4D HEC EI . 59.30 36.88 33.75
CMD HEC EI . 62.17 37.43 31.42
CAD HEC EI . 61.14 38.65 34.34
CBD HEC EI . 62.57 39.12 34.06
CGD HEC EI . 62.88 40.30 34.95
O1D HEC EI . 62.66 41.46 34.54
O2D HEC EI . 63.34 40.12 36.09
FE HEC FI . 54.65 29.51 40.39
CHA HEC FI . 56.38 31.28 42.58
CHB HEC FI . 56.53 30.76 37.78
CHC HEC FI . 53.62 26.89 38.35
CHD HEC FI . 52.24 28.75 42.58
NA HEC FI . 56.20 30.74 40.19
C1A HEC FI . 56.68 31.48 41.25
C2A HEC FI . 57.56 32.46 40.74
C3A HEC FI . 57.62 32.31 39.39
C4A HEC FI . 56.77 31.24 39.05
CMA HEC FI . 58.43 33.14 38.42
CAA HEC FI . 58.30 33.50 41.56
CBA HEC FI . 57.38 34.72 41.68
CGA HEC FI . 57.90 35.76 42.64
O1A HEC FI . 57.12 36.62 43.09
O2A HEC FI . 59.11 35.77 43.00
NB HEC FI . 55.01 28.93 38.41
C1B HEC FI . 55.80 29.59 37.55
C2B HEC FI . 55.82 28.90 36.31
C3B HEC FI . 55.02 27.81 36.44
C4B HEC FI . 54.50 27.84 37.83
CMB HEC FI . 56.60 29.31 35.08
CAB HEC FI . 54.72 26.77 35.43
CBB HEC FI . 55.63 25.83 35.17
NC HEC FI . 53.20 28.02 40.47
C1C HEC FI . 52.84 27.15 39.48
C2C HEC FI . 51.59 26.58 39.80
C3C HEC FI . 51.19 27.12 41.02
C4C HEC FI . 52.22 28.02 41.42
CMC HEC FI . 50.84 25.58 38.96
CAC HEC FI . 49.93 26.83 41.75
CBC HEC FI . 49.82 25.72 42.46
ND HEC FI . 54.36 29.93 42.20
C1D HEC FI . 53.33 29.54 42.96
C2D HEC FI . 53.51 30.07 44.33
C3D HEC FI . 54.66 30.77 44.32
C4D HEC FI . 55.19 30.66 42.96
CMD HEC FI . 52.58 29.86 45.50
CAD HEC FI . 55.30 31.52 45.46
CBD HEC FI . 54.81 32.97 45.46
CGD HEC FI . 55.12 33.61 46.78
O1D HEC FI . 55.91 34.59 46.83
O2D HEC FI . 54.58 33.17 47.84
FE HEC GI . 47.90 20.90 45.12
CHA HEC GI . 49.07 17.80 45.41
CHB HEC GI . 49.88 21.94 47.74
CHC HEC GI . 47.31 24.22 44.28
CHD HEC GI . 45.38 19.94 43.12
NA HEC GI . 49.18 20.06 46.38
C1A HEC GI . 49.59 18.75 46.25
C2A HEC GI . 50.65 18.51 47.16
C3A HEC GI . 50.88 19.67 47.82
C4A HEC GI . 49.97 20.63 47.33
CMA HEC GI . 51.94 19.87 48.89
CAA HEC GI . 51.41 17.21 47.36
CBA HEC GI . 50.52 16.08 47.85
CGA HEC GI . 50.62 15.98 49.35
O1A HEC GI . 51.73 15.90 49.93
O2A HEC GI . 49.57 15.97 50.02
NB HEC GI . 48.50 22.76 45.88
C1B HEC GI . 49.30 22.93 46.95
C2B HEC GI . 49.49 24.32 47.18
C3B HEC GI . 48.79 24.99 46.22
C4B HEC GI . 48.14 23.94 45.39
CMB HEC GI . 50.33 24.93 48.28
CAB HEC GI . 48.67 26.44 46.03
CBB HEC GI . 49.73 27.17 45.68
NC HEC GI . 46.60 21.92 43.88
C1C HEC GI . 46.46 23.27 43.73
C2C HEC GI . 45.33 23.52 42.93
C3C HEC GI . 44.77 22.28 42.60
C4C HEC GI . 45.59 21.29 43.20
CMC HEC GI . 44.83 24.90 42.54
CAC HEC GI . 43.57 22.03 41.78
CBC HEC GI . 43.51 22.33 40.48
ND HEC GI . 47.33 19.24 44.43
C1D HEC GI . 46.28 19.01 43.63
C2D HEC GI . 46.18 17.57 43.33
C3D HEC GI . 47.22 16.96 43.97
C4D HEC GI . 47.93 18.05 44.66
CMD HEC GI . 45.14 16.89 42.45
CAD HEC GI . 47.59 15.49 43.99
CBD HEC GI . 47.06 14.85 45.29
CGD HEC GI . 47.76 13.57 45.69
O1D HEC GI . 48.98 13.40 45.48
O2D HEC GI . 47.11 12.64 46.24
S SO4 HI . 45.91 27.52 64.49
O1 SO4 HI . 46.09 26.10 64.87
O2 SO4 HI . 46.39 27.74 63.12
O3 SO4 HI . 46.70 28.35 65.44
O4 SO4 HI . 44.49 27.91 64.58
S SO4 II . 96.43 28.72 22.01
O1 SO4 II . 96.75 27.30 21.74
O2 SO4 II . 96.62 28.99 23.45
O3 SO4 II . 95.02 29.01 21.63
O4 SO4 II . 97.33 29.59 21.20
S SO4 JI . 93.92 13.27 6.68
O1 SO4 JI . 94.11 12.20 7.67
O2 SO4 JI . 94.77 13.04 5.48
O3 SO4 JI . 92.50 13.31 6.28
O4 SO4 JI . 94.29 14.59 7.26
K K KI . 38.67 29.60 46.03
FE HEC LI . 65.66 9.71 50.70
CHA HEC LI . 66.48 6.51 50.08
CHB HEC LI . 66.14 9.33 53.95
CHC HEC LI . 65.87 13.17 50.86
CHD HEC LI . 63.82 9.93 47.92
NA HEC LI . 66.39 8.32 51.78
C1A HEC LI . 67.16 7.18 51.19
C2A HEC LI . 67.45 6.28 52.41
C3A HEC LI . 67.35 7.11 53.50
C4A HEC LI . 66.63 8.33 53.10
CMA HEC LI . 67.82 6.86 54.88
CAA HEC LI . 67.92 4.87 52.44
CBA HEC LI . 69.28 4.78 51.76
CGA HEC LI . 70.59 5.13 52.44
O1A HEC LI . 71.59 4.88 51.81
O2A HEC LI . 70.59 5.66 53.63
NB HEC LI . 66.09 10.92 52.09
C1B HEC LI . 65.98 10.61 53.46
C2B HEC LI . 65.90 11.85 54.25
C3B HEC LI . 66.18 12.87 53.41
C4B HEC LI . 66.49 12.32 52.01
CMB HEC LI . 65.92 11.89 55.72
CAB HEC LI . 66.10 14.31 53.73
CBB HEC LI . 67.28 14.83 54.54
NC HEC LI . 64.80 11.18 49.80
C1C HEC LI . 64.87 12.48 50.01
C2C HEC LI . 63.88 13.23 49.18
C3C HEC LI . 63.22 12.32 48.40
C4C HEC LI . 63.60 10.95 48.95
CMC HEC LI . 63.57 14.67 49.38
CAC HEC LI . 61.93 12.49 47.68
CBC HEC LI . 62.00 13.30 46.40
ND HEC LI . 65.04 8.41 49.44
C1D HEC LI . 64.35 8.72 48.23
C2D HEC LI . 64.16 7.47 47.50
C3D HEC LI . 65.11 6.57 47.99
C4D HEC LI . 65.72 7.19 49.17
CMD HEC LI . 63.18 7.23 46.41
CAD HEC LI . 65.26 5.13 47.67
CBD HEC LI . 66.05 4.90 46.37
CGD HEC LI . 66.60 3.43 46.28
O1D HEC LI . 66.64 2.74 47.37
O2D HEC LI . 67.00 2.98 45.17
FE HEC MI . 34.65 20.17 55.86
CHA HEC MI . 37.72 21.43 56.09
CHB HEC MI . 35.93 16.96 55.74
CHC HEC MI . 31.45 18.79 56.23
CHD HEC MI . 33.26 23.19 55.33
NA HEC MI . 36.46 19.33 55.90
C1A HEC MI . 37.62 20.06 56.02
C2A HEC MI . 38.71 19.15 56.07
C3A HEC MI . 38.21 17.90 55.97
C4A HEC MI . 36.80 18.02 55.87
CMA HEC MI . 39.00 16.61 55.98
CAA HEC MI . 40.18 19.52 56.20
CBA HEC MI . 40.66 19.55 57.66
CGA HEC MI . 42.05 20.10 57.70
O1A HEC MI . 42.32 21.17 57.09
O2A HEC MI . 42.95 19.51 58.34
NB HEC MI . 33.84 18.24 55.96
C1B HEC MI . 34.55 17.10 55.89
C2B HEC MI . 33.68 15.98 56.01
C3B HEC MI . 32.42 16.47 56.14
C4B HEC MI . 32.54 17.93 56.11
CMB HEC MI . 34.10 14.52 55.98
CAB HEC MI . 31.16 15.71 56.31
CBB HEC MI . 30.95 14.99 57.41
NC HEC MI . 32.68 20.86 55.79
C1C HEC MI . 31.53 20.16 55.98
C2C HEC MI . 30.44 21.04 55.87
C3C HEC MI . 30.95 22.31 55.60
C4C HEC MI . 32.38 22.17 55.56
CMC HEC MI . 28.98 20.66 56.00
CAC HEC MI . 30.13 23.53 55.42
CBC HEC MI . 30.48 24.51 54.60
ND HEC MI . 35.33 21.92 55.74
C1D HEC MI . 34.65 23.04 55.52
C2D HEC MI . 35.56 24.20 55.47
C3D HEC MI . 36.80 23.71 55.69
C4D HEC MI . 36.64 22.26 55.85
CMD HEC MI . 35.17 25.64 55.24
CAD HEC MI . 38.08 24.50 55.74
CBD HEC MI . 38.43 24.96 57.15
CGD HEC MI . 39.71 25.76 57.11
O1D HEC MI . 39.65 27.01 57.17
O2D HEC MI . 40.82 25.18 57.00
FE HEC NI . 39.80 13.30 51.68
CHA HEC NI . 42.86 14.45 52.36
CHB HEC NI . 38.47 16.45 52.13
CHC HEC NI . 36.69 12.25 50.45
CHD HEC NI . 40.89 10.08 51.52
NA HEC NI . 40.51 15.09 52.14
C1A HEC NI . 41.83 15.35 52.42
C2A HEC NI . 41.98 16.72 52.77
C3A HEC NI . 40.73 17.28 52.70
C4A HEC NI . 39.83 16.27 52.31
CMA HEC NI . 40.38 18.71 52.98
CAA HEC NI . 43.24 17.46 53.17
CBA HEC NI . 44.38 17.44 52.14
CGA HEC NI . 44.13 18.48 51.09
O1A HEC NI . 44.34 18.18 49.89
O2A HEC NI . 43.74 19.62 51.41
NB HEC NI . 37.94 14.18 51.36
C1B HEC NI . 37.64 15.45 51.60
C2B HEC NI . 36.29 15.73 51.26
C3B HEC NI . 35.77 14.56 50.78
C4B HEC NI . 36.86 13.56 50.85
CMB HEC NI . 35.55 17.03 51.39
CAB HEC NI . 34.40 14.36 50.29
CBB HEC NI . 34.05 14.76 49.07
NC HEC NI . 38.95 11.50 51.03
C1C HEC NI . 37.63 11.26 50.74
C2C HEC NI . 37.38 9.88 50.77
C3C HEC NI . 38.59 9.26 51.09
C4C HEC NI . 39.56 10.29 51.23
CMC HEC NI . 36.07 9.20 50.53
CAC HEC NI . 38.79 7.79 51.25
CBC HEC NI . 38.82 6.98 50.19
ND HEC NI . 41.48 12.46 51.89
C1D HEC NI . 41.77 11.15 51.78
C2D HEC NI . 43.21 10.92 52.00
C3D HEC NI . 43.75 12.14 52.22
C4D HEC NI . 42.64 13.10 52.15
CMD HEC NI . 43.96 9.61 51.97
CAD HEC NI . 45.19 12.48 52.52
CBD HEC NI . 45.28 12.64 54.04
CGD HEC NI . 46.64 13.07 54.52
O1D HEC NI . 47.03 12.70 55.64
O2D HEC NI . 47.37 13.82 53.83
FE HEC OI . 38.87 2.22 48.13
CHA HEC OI . 37.65 1.59 45.15
CHB HEC OI . 41.89 3.13 46.79
CHC HEC OI . 39.77 3.75 51.14
CHD HEC OI . 36.33 0.65 49.72
NA HEC OI . 39.64 2.38 46.32
C1A HEC OI . 38.97 1.94 45.20
C2A HEC OI . 39.88 1.91 44.12
C3A HEC OI . 41.09 2.35 44.58
C4A HEC OI . 40.93 2.66 45.95
CMA HEC OI . 42.36 2.50 43.78
CAA HEC OI . 39.57 1.47 42.71
CBA HEC OI . 39.00 2.67 41.94
CGA HEC OI . 38.65 2.34 40.52
O1A HEC OI . 38.23 3.23 39.75
O2A HEC OI . 38.79 1.16 40.09
NB HEC OI . 40.53 3.26 48.84
C1B HEC OI . 41.63 3.52 48.11
C2B HEC OI . 42.55 4.25 48.91
C3B HEC OI . 41.98 4.43 50.13
C4B HEC OI . 40.66 3.78 50.07
CMB HEC OI . 43.91 4.73 48.47
CAB HEC OI . 42.56 5.14 51.28
CBB HEC OI . 42.30 6.43 51.46
NC HEC OI . 38.16 2.25 50.10
C1C HEC OI . 38.72 2.84 51.18
C2C HEC OI . 38.06 2.40 52.34
C3C HEC OI . 37.08 1.50 51.94
C4C HEC OI . 37.15 1.42 50.51
CMC HEC OI . 38.38 2.82 53.75
CAC HEC OI . 36.13 0.78 52.83
CBC HEC OI . 34.86 1.16 52.96
ND HEC OI . 37.33 1.32 47.55
C1D HEC OI . 36.38 0.74 48.32
C2D HEC OI . 35.32 0.17 47.45
C3D HEC OI . 35.69 0.43 46.17
C4D HEC OI . 36.96 1.16 46.27
CMD HEC OI . 34.09 -0.57 47.90
CAD HEC OI . 34.96 0.06 44.90
CBD HEC OI . 35.64 -1.11 44.20
CGD HEC OI . 34.94 -2.37 44.63
O1D HEC OI . 33.82 -2.65 44.14
O2D HEC OI . 35.47 -3.12 45.49
FE HEC PI . 47.46 0.98 44.73
CHA HEC PI . 45.76 -0.57 42.32
CHB HEC PI . 44.90 0.34 46.98
CHC HEC PI . 49.42 2.08 47.43
CHD HEC PI . 49.97 1.79 42.63
NA HEC PI . 45.70 0.07 44.69
C1A HEC PI . 45.15 -0.46 43.55
C2A HEC PI . 43.82 -0.87 43.82
C3A HEC PI . 43.58 -0.62 45.13
C4A HEC PI . 44.75 -0.04 45.67
CMA HEC PI . 42.31 -0.89 45.89
CAA HEC PI . 42.86 -1.50 42.86
CBA HEC PI . 42.94 -3.01 43.10
CGA HEC PI . 42.50 -3.76 41.87
O1A HEC PI . 43.34 -4.01 40.97
O2A HEC PI . 41.29 -4.10 41.77
NB HEC PI . 47.21 1.16 46.81
C1B HEC PI . 46.11 0.82 47.48
C2B HEC PI . 46.29 1.05 48.87
C3B HEC PI . 47.54 1.55 49.02
C4B HEC PI . 48.13 1.60 47.67
CMB HEC PI . 45.27 0.80 49.96
CAB HEC PI . 48.20 1.94 50.28
CBB HEC PI . 48.77 1.00 51.05
NC HEC PI . 49.36 1.78 45.01
C1C HEC PI . 49.95 2.23 46.16
C2C HEC PI . 51.18 2.84 45.84
C3C HEC PI . 51.33 2.75 44.46
C4C HEC PI . 50.19 2.08 43.96
CMC HEC PI . 52.14 3.48 46.82
CAC HEC PI . 52.47 3.25 43.65
CBC HEC PI . 53.70 2.79 43.83
ND HEC PI . 47.80 0.69 42.91
C1D HEC PI . 48.87 1.07 42.20
C2D HEC PI . 48.75 0.61 40.79
C3D HEC PI . 47.57 -0.04 40.72
C4D HEC PI . 46.99 0.01 42.06
CMD HEC PI . 49.74 0.84 39.68
CAD HEC PI . 46.97 -0.72 39.51
CBD HEC PI . 47.54 -2.15 39.56
CGD HEC PI . 46.87 -3.19 38.70
O1D HEC PI . 46.68 -3.01 37.48
O2D HEC PI . 46.53 -4.27 39.21
FE HEC QI . 59.25 3.99 45.29
CHA HEC QI . 61.41 2.47 47.30
CHB HEC QI . 59.75 1.61 42.84
CHC HEC QI . 56.53 5.22 43.45
CHD HEC QI . 59.25 6.79 47.15
NA HEC QI . 60.36 2.36 45.08
C1A HEC QI . 61.20 1.90 46.06
C2A HEC QI . 61.83 0.73 45.60
C3A HEC QI . 61.36 0.48 44.35
C4A HEC QI . 60.44 1.50 44.02
CMA HEC QI . 61.74 -0.68 43.46
CAA HEC QI . 62.83 -0.13 46.37
CBA HEC QI . 64.24 0.47 46.27
CGA HEC QI . 65.26 -0.37 47.01
O1A HEC QI . 66.41 0.09 47.24
O2A HEC QI . 65.01 -1.52 47.40
NB HEC QI . 58.31 3.50 43.48
C1B HEC QI . 58.69 2.51 42.67
C2B HEC QI . 57.84 2.46 41.52
C3B HEC QI . 56.92 3.46 41.66
C4B HEC QI . 57.25 4.13 42.95
CMB HEC QI . 57.94 1.48 40.38
CAB HEC QI . 55.82 3.82 40.74
CBB HEC QI . 54.77 3.03 40.59
NC HEC QI . 58.08 5.70 45.29
C1C HEC QI . 57.03 6.03 44.47
C2C HEC QI . 56.54 7.30 44.83
C3C HEC QI . 57.32 7.74 45.90
C4C HEC QI . 58.28 6.73 46.17
CMC HEC QI . 55.38 8.02 44.18
CAC HEC QI . 57.19 9.02 46.63
CBC HEC QI . 56.06 9.36 47.26
ND HEC QI . 60.14 4.53 46.86
C1D HEC QI . 60.04 5.69 47.50
C2D HEC QI . 60.90 5.70 48.70
C3D HEC QI . 61.51 4.50 48.73
C4D HEC QI . 61.00 3.77 47.56
CMD HEC QI . 61.05 6.87 49.66
CAD HEC QI . 62.50 3.87 49.71
CBD HEC QI . 63.18 4.79 50.72
CGD HEC QI . 63.97 3.94 51.70
O1D HEC QI . 63.44 3.59 52.78
O2D HEC QI . 65.14 3.58 51.46
FE HEC RI . 63.60 -0.27 37.74
CHA HEC RI . 66.22 -1.22 39.49
CHB HEC RI . 62.74 2.04 40.13
CHC HEC RI . 61.59 1.40 35.43
CHD HEC RI . 63.77 -2.91 35.67
NA HEC RI . 64.35 0.34 39.46
C1A HEC RI . 65.40 -0.29 40.06
C2A HEC RI . 65.53 0.20 41.38
C3A HEC RI . 64.55 1.13 41.58
C4A HEC RI . 63.82 1.22 40.37
CMA HEC RI . 64.28 1.91 42.83
CAA HEC RI . 66.54 -0.25 42.39
CBA HEC RI . 65.95 -1.46 43.12
CGA HEC RI . 66.93 -2.14 44.04
O1A HEC RI . 66.68 -3.30 44.41
O2A HEC RI . 67.97 -1.56 44.43
NB HEC RI . 62.38 1.41 37.77
C1B HEC RI . 62.19 2.19 38.85
C2B HEC RI . 61.32 3.27 38.52
C3B HEC RI . 60.98 3.10 37.20
C4B HEC RI . 61.69 1.90 36.73
CMB HEC RI . 60.85 4.35 39.46
CAB HEC RI . 60.12 3.95 36.38
CBB HEC RI . 60.56 5.13 35.94
NC HEC RI . 62.84 -0.65 35.83
C1C HEC RI . 61.94 0.08 35.13
C2C HEC RI . 61.41 -0.71 34.09
C3C HEC RI . 62.03 -1.96 34.16
C4C HEC RI . 62.93 -1.89 35.27
CMC HEC RI . 60.37 -0.30 33.07
CAC HEC RI . 61.79 -3.11 33.27
CBC HEC RI . 62.32 -3.16 32.05
ND HEC RI . 64.74 -1.74 37.61
C1D HEC RI . 64.70 -2.73 36.70
C2D HEC RI . 65.81 -3.68 36.94
C3D HEC RI . 66.48 -3.20 38.01
C4D HEC RI . 65.79 -1.98 38.41
CMD HEC RI . 66.13 -4.94 36.15
CAD HEC RI . 67.70 -3.78 38.67
CBD HEC RI . 67.28 -4.73 39.80
CGD HEC RI . 68.43 -5.61 40.18
O1D HEC RI . 68.91 -5.52 41.34
O2D HEC RI . 68.92 -6.44 39.36
FE HEC SI . 63.53 -3.98 26.41
CHA HEC SI . 64.73 -2.07 23.99
CHB HEC SI . 66.71 -4.71 27.51
CHC HEC SI . 62.24 -5.30 29.38
CHD HEC SI . 60.46 -4.08 25.04
NA HEC SI . 65.37 -3.54 25.85
C1A HEC SI . 65.64 -2.63 24.85
C2A HEC SI . 67.03 -2.38 24.82
C3A HEC SI . 67.60 -3.12 25.80
C4A HEC SI . 66.56 -3.85 26.45
CMA HEC SI . 69.07 -3.17 26.16
CAA HEC SI . 67.75 -1.44 23.88
CBA HEC SI . 67.65 -1.88 22.43
CGA HEC SI . 68.85 -2.72 22.09
O1A HEC SI . 70.01 -2.32 22.32
O2A HEC SI . 68.68 -3.83 21.54
NB HEC SI . 64.33 -4.86 28.14
C1B HEC SI . 65.63 -5.04 28.35
C2B HEC SI . 65.83 -5.65 29.63
C3B HEC SI . 64.59 -5.83 30.18
C4B HEC SI . 63.63 -5.31 29.19
CMB HEC SI . 67.16 -6.03 30.26
CAB HEC SI . 64.28 -6.43 31.49
CBB HEC SI . 64.63 -5.83 32.62
NC HEC SI . 61.66 -4.56 27.12
C1C HEC SI . 61.35 -5.14 28.32
C2C HEC SI . 60.00 -5.51 28.31
C3C HEC SI . 59.48 -5.15 27.06
C4C HEC SI . 60.55 -4.56 26.32
CMC HEC SI . 59.24 -6.17 29.43
CAC HEC SI . 58.09 -5.36 26.56
CBC HEC SI . 57.05 -4.75 27.13
ND HEC SI . 62.76 -3.25 24.86
C1D HEC SI . 61.50 -3.39 24.43
C2D HEC SI . 61.31 -2.66 23.15
C3D HEC SI . 62.51 -2.09 22.86
C4D HEC SI . 63.41 -2.49 23.96
CMD HEC SI . 60.05 -2.56 22.34
CAD HEC SI . 62.86 -1.25 21.66
CBD HEC SI . 63.56 -2.12 20.61
CGD HEC SI . 64.40 -1.36 19.62
O1D HEC SI . 65.08 -0.35 19.95
O2D HEC SI . 64.45 -1.73 18.42
S SO4 TI . 55.22 14.44 27.29
O1 SO4 TI . 55.89 13.41 26.47
O2 SO4 TI . 54.48 13.80 28.39
O3 SO4 TI . 56.22 15.34 27.89
O4 SO4 TI . 54.32 15.26 26.44
S SO4 UI . 76.65 -19.68 27.24
O1 SO4 UI . 75.71 -20.82 27.39
O2 SO4 UI . 77.80 -19.91 28.15
O3 SO4 UI . 77.14 -19.61 25.85
O4 SO4 UI . 75.95 -18.42 27.60
S SO4 VI . 93.55 24.33 46.09
O1 SO4 VI . 93.41 22.86 46.03
O2 SO4 VI . 94.90 24.70 46.55
O3 SO4 VI . 92.55 24.88 47.04
O4 SO4 VI . 93.32 24.91 44.75
FE HEC WI . 2.82 62.90 -20.94
CHA HEC WI . 4.48 64.11 -23.53
CHB HEC WI . 5.67 63.01 -18.98
CHC HEC WI . 0.97 62.20 -18.02
CHD HEC WI . 0.12 62.14 -22.78
NA HEC WI . 4.71 63.43 -21.19
C1A HEC WI . 5.19 63.93 -22.37
C2A HEC WI . 6.55 64.26 -22.20
C3A HEC WI . 6.90 63.94 -20.92
C4A HEC WI . 5.74 63.44 -20.30
CMA HEC WI . 8.26 64.12 -20.29
CAA HEC WI . 7.48 64.83 -23.26
CBA HEC WI . 7.53 66.35 -23.23
CGA HEC WI . 8.34 66.85 -24.41
O1A HEC WI . 8.09 66.42 -25.55
O2A HEC WI . 9.25 67.69 -24.25
NB HEC WI . 3.25 62.65 -18.89
C1B HEC WI . 4.46 62.74 -18.34
C2B HEC WI . 4.39 62.52 -16.95
C3B HEC WI . 3.09 62.29 -16.64
C4B HEC WI . 2.35 62.38 -17.92
CMB HEC WI . 5.55 62.55 -15.98
CAB HEC WI . 2.51 62.02 -15.31
CBB HEC WI . 2.48 62.97 -14.39
NC HEC WI . 0.88 62.27 -20.46
C1C HEC WI . 0.31 62.05 -19.23
C2C HEC WI . -1.03 61.68 -19.40
C3C HEC WI . -1.29 61.66 -20.77
C4C HEC WI . -0.07 62.03 -21.42
CMC HEC WI . -2.02 61.36 -18.31
CAC HEC WI . -2.59 61.30 -21.37
CBC HEC WI . -2.68 60.70 -22.56
ND HEC WI . 2.39 63.08 -22.76
C1D HEC WI . 1.26 62.72 -23.36
C2D HEC WI . 1.32 63.03 -24.79
C3D HEC WI . 2.53 63.58 -24.99
C4D HEC WI . 3.20 63.60 -23.69
CMD HEC WI . 0.25 62.78 -25.84
CAD HEC WI . 3.09 64.05 -26.31
CBD HEC WI . 2.81 65.54 -26.56
CGD HEC WI . 3.39 65.92 -27.91
O1D HEC WI . 2.63 66.03 -28.90
O2D HEC WI . 4.63 66.11 -28.04
FE HEC XI . 11.73 60.05 -18.92
CHA HEC XI . 13.33 61.68 -21.32
CHB HEC XI . 8.76 60.25 -20.71
CHC HEC XI . 10.10 57.88 -16.68
CHD HEC XI . 14.42 60.03 -16.90
NA HEC XI . 11.14 60.80 -20.67
C1A HEC XI . 11.98 61.48 -21.52
C2A HEC XI . 11.25 61.93 -22.64
C3A HEC XI . 9.97 61.53 -22.46
C4A HEC XI . 9.90 60.82 -21.24
CMA HEC XI . 8.81 61.77 -23.39
CAA HEC XI . 11.74 62.73 -23.83
CBA HEC XI . 12.87 62.07 -24.59
CGA HEC XI . 12.32 61.08 -25.58
O1A HEC XI . 12.86 59.96 -25.69
O2A HEC XI . 11.31 61.37 -26.28
NB HEC XI . 9.81 59.23 -18.73
C1B HEC XI . 8.79 59.45 -19.57
C2B HEC XI . 7.63 58.73 -19.14
C3B HEC XI . 7.97 58.06 -18.03
C4B HEC XI . 9.40 58.39 -17.76
CMB HEC XI . 6.28 58.71 -19.81
CAB HEC XI . 7.13 57.17 -17.23
CBB HEC XI . 6.86 55.93 -17.64
NC HEC XI . 12.19 59.06 -17.13
C1C HEC XI . 11.35 58.38 -16.31
C2C HEC XI . 11.92 58.27 -15.03
C3C HEC XI . 13.16 58.88 -15.09
C4C HEC XI . 13.32 59.38 -16.42
CMC HEC XI . 11.30 57.59 -13.84
CAC HEC XI . 14.12 59.03 -13.97
CBC HEC XI . 14.83 57.98 -13.54
ND HEC XI . 13.48 60.69 -19.07
C1D HEC XI . 14.47 60.60 -18.16
C2D HEC XI . 15.69 61.23 -18.70
C3D HEC XI . 15.38 61.68 -19.93
C4D HEC XI . 13.97 61.33 -20.15
CMD HEC XI . 17.03 61.35 -18.02
CAD HEC XI . 16.28 62.41 -20.89
CBD HEC XI . 15.92 63.90 -20.76
CGD HEC XI . 16.65 64.79 -21.73
O1D HEC XI . 16.92 65.96 -21.36
O2D HEC XI . 16.98 64.41 -22.88
FE HEC YI . 18.01 55.75 -10.08
CHA HEC YI . 18.05 52.49 -9.58
CHB HEC YI . 20.20 55.44 -12.73
CHC HEC YI . 17.22 58.98 -11.18
CHD HEC YI . 16.58 56.40 -7.13
NA HEC YI . 18.92 54.26 -11.03
C1A HEC YI . 18.89 52.97 -10.56
C2A HEC YI . 19.87 52.21 -11.25
C3A HEC YI . 20.47 53.04 -12.14
C4A HEC YI . 19.87 54.31 -12.01
CMA HEC YI . 21.58 52.67 -13.11
CAA HEC YI . 20.17 50.74 -11.03
CBA HEC YI . 19.18 49.93 -11.88
CGA HEC YI . 19.41 48.45 -11.72
O1A HEC YI . 18.72 47.65 -12.39
O2A HEC YI . 20.29 48.02 -10.94
NB HEC YI . 18.60 56.98 -11.67
C1B HEC YI . 19.48 56.64 -12.62
C2B HEC YI . 19.63 57.70 -13.54
C3B HEC YI . 18.82 58.71 -13.13
C4B HEC YI . 18.14 58.23 -11.91
CMB HEC YI . 20.53 57.71 -14.74
CAB HEC YI . 18.63 60.03 -13.77
CBB HEC YI . 17.65 60.18 -14.65
NC HEC YI . 17.03 57.41 -9.31
C1C HEC YI . 16.89 58.65 -9.87
C2C HEC YI . 16.37 59.52 -8.91
C3C HEC YI . 16.18 58.79 -7.74
C4C HEC YI . 16.60 57.46 -8.01
CMC HEC YI . 16.06 61.00 -9.12
CAC HEC YI . 15.64 59.30 -6.45
CBC HEC YI . 14.38 59.05 -6.08
ND HEC YI . 17.43 54.67 -8.66
C1D HEC YI . 16.85 55.08 -7.52
C2D HEC YI . 16.53 53.92 -6.68
C3D HEC YI . 16.94 52.83 -7.37
C4D HEC YI . 17.51 53.33 -8.62
CMD HEC YI . 15.87 53.93 -5.32
CAD HEC YI . 16.85 51.37 -6.97
CBD HEC YI . 18.21 50.84 -6.52
CGD HEC YI . 18.26 50.97 -5.02
O1D HEC YI . 17.64 50.15 -4.30
O2D HEC YI . 18.93 51.89 -4.50
FE HEC ZI . 26.28 54.98 -14.37
CHA HEC ZI . 26.33 52.10 -12.70
CHB HEC ZI . 24.11 56.33 -12.01
CHC HEC ZI . 26.64 58.23 -15.71
CHD HEC ZI . 28.25 53.82 -16.81
NA HEC ZI . 25.41 54.38 -12.69
C1A HEC ZI . 25.52 53.09 -12.21
C2A HEC ZI . 24.65 52.94 -11.12
C3A HEC ZI . 24.02 54.13 -10.91
C4A HEC ZI . 24.50 55.02 -11.89
CMA HEC ZI . 22.99 54.45 -9.86
CAA HEC ZI . 24.46 51.69 -10.30
CBA HEC ZI . 25.34 51.86 -9.06
CGA HEC ZI . 25.67 50.52 -8.47
O1A HEC ZI . 26.67 49.90 -8.90
O2A HEC ZI . 24.95 50.05 -7.56
NB HEC ZI . 25.52 56.91 -13.94
C1B HEC ZI . 24.69 57.20 -12.93
C2B HEC ZI . 24.40 58.59 -12.91
C3B HEC ZI . 25.10 59.15 -13.94
C4B HEC ZI . 25.82 58.04 -14.60
CMB HEC ZI . 23.50 59.29 -11.93
CAB HEC ZI . 25.14 60.59 -14.35
CBB HEC ZI . 25.96 61.41 -13.71
NC HEC ZI . 27.28 55.89 -15.96
C1C HEC ZI . 27.25 57.19 -16.38
C2C HEC ZI . 27.94 57.30 -17.61
C3C HEC ZI . 28.40 56.02 -17.92
C4C HEC ZI . 27.98 55.15 -16.87
CMC HEC ZI . 28.12 58.56 -18.41
CAC HEC ZI . 29.19 55.63 -19.10
CBC HEC ZI . 30.39 56.13 -19.33
ND HEC ZI . 27.10 53.34 -14.70
C1D HEC ZI . 27.90 53.02 -15.72
C2D HEC ZI . 28.36 51.63 -15.60
C3D HEC ZI . 27.82 51.16 -14.46
C4D HEC ZI . 27.03 52.26 -13.90
CMD HEC ZI . 29.26 50.89 -16.56
CAD HEC ZI . 28.00 49.80 -13.84
CBD HEC ZI . 29.25 49.95 -12.97
CGD HEC ZI . 29.45 48.88 -11.93
O1D HEC ZI . 29.45 47.67 -12.23
O2D HEC ZI . 29.66 49.23 -10.74
FE HEC AJ . 33.82 59.26 -22.94
CHA HEC AJ . 35.95 61.72 -22.39
CHB HEC AJ . 36.08 56.93 -21.79
CHC HEC AJ . 31.34 56.76 -22.91
CHD HEC AJ . 31.83 61.17 -24.86
NA HEC AJ . 35.66 59.30 -22.22
C1A HEC AJ . 36.37 60.46 -22.08
C2A HEC AJ . 37.65 60.13 -21.56
C3A HEC AJ . 37.70 58.79 -21.38
C4A HEC AJ . 36.45 58.27 -21.80
CMA HEC AJ . 38.86 57.98 -20.84
CAA HEC AJ . 38.76 61.11 -21.23
CBA HEC AJ . 39.56 61.46 -22.48
CGA HEC AJ . 40.70 62.41 -22.18
O1A HEC AJ . 41.30 62.99 -23.11
O2A HEC AJ . 41.05 62.64 -20.99
NB HEC AJ . 33.73 57.23 -22.43
C1B HEC AJ . 34.76 56.50 -22.00
C2B HEC AJ . 34.37 55.15 -21.76
C3B HEC AJ . 33.03 55.07 -22.06
C4B HEC AJ . 32.64 56.43 -22.50
CMB HEC AJ . 35.25 54.04 -21.26
CAB HEC AJ . 32.16 53.88 -21.97
CBB HEC AJ . 31.83 53.38 -20.79
NC HEC AJ . 31.91 58.99 -23.73
C1C HEC AJ . 31.06 57.93 -23.61
C2C HEC AJ . 29.88 58.20 -24.32
C3C HEC AJ . 30.02 59.47 -24.87
C4C HEC AJ . 31.30 59.96 -24.50
CMC HEC AJ . 28.69 57.27 -24.43
CAC HEC AJ . 29.03 60.21 -25.70
CBC HEC AJ . 27.82 60.51 -25.24
ND HEC AJ . 33.88 61.05 -23.50
C1D HEC AJ . 33.00 61.69 -24.29
C2D HEC AJ . 33.42 63.09 -24.50
C3D HEC AJ . 34.58 63.24 -23.81
C4D HEC AJ . 34.84 61.93 -23.19
CMD HEC AJ . 32.67 64.11 -25.32
CAD HEC AJ . 35.49 64.45 -23.61
CBD HEC AJ . 35.30 65.67 -24.51
CGD HEC AJ . 36.20 66.78 -24.02
O1D HEC AJ . 35.78 67.64 -23.21
O2D HEC AJ . 37.39 66.86 -24.44
FE HEC BJ . 41.34 53.11 -23.38
CHA HEC BJ . 43.58 55.51 -23.62
CHB HEC BJ . 38.80 55.26 -24.32
CHC HEC BJ . 39.26 50.42 -24.19
CHD HEC BJ . 43.39 51.04 -21.76
NA HEC BJ . 41.20 55.01 -23.93
C1A HEC BJ . 42.26 55.87 -23.84
C2A HEC BJ . 41.79 57.19 -24.01
C3A HEC BJ . 40.44 57.13 -24.20
C4A HEC BJ . 40.08 55.77 -24.17
CMA HEC BJ . 39.50 58.29 -24.44
CAA HEC BJ . 42.63 58.45 -23.96
CBA HEC BJ . 42.69 58.90 -22.49
CGA HEC BJ . 43.66 60.03 -22.25
O1A HEC BJ . 44.06 60.24 -21.09
O2A HEC BJ . 44.06 60.74 -23.20
NB HEC BJ . 39.39 52.88 -24.12
C1B HEC BJ . 38.56 53.89 -24.43
C2B HEC BJ . 37.33 53.37 -24.90
C3B HEC BJ . 37.43 52.01 -24.88
C4B HEC BJ . 38.78 51.71 -24.37
CMB HEC BJ . 36.13 54.19 -25.35
CAB HEC BJ . 36.41 51.03 -25.29
CBB HEC BJ . 36.22 50.79 -26.59
NC HEC BJ . 41.35 51.05 -23.08
C1C HEC BJ . 40.34 50.16 -23.35
C2C HEC BJ . 40.61 48.96 -22.65
C3C HEC BJ . 41.79 49.14 -21.95
C4C HEC BJ . 42.24 50.47 -22.24
CMC HEC BJ . 39.75 47.72 -22.67
CAC HEC BJ . 42.45 48.15 -21.07
CBC HEC BJ . 43.17 47.17 -21.60
ND HEC BJ . 43.11 53.24 -22.82
C1D HEC BJ . 43.82 52.31 -22.18
C2D HEC BJ . 45.18 52.81 -21.93
C3D HEC BJ . 45.22 54.05 -22.45
C4D HEC BJ . 43.90 54.31 -23.01
CMD HEC BJ . 46.31 52.09 -21.23
CAD HEC BJ . 46.39 55.01 -22.47
CBD HEC BJ . 46.33 55.89 -21.23
CGD HEC BJ . 47.66 56.58 -21.02
O1D HEC BJ . 47.73 57.83 -21.10
O2D HEC BJ . 48.69 55.89 -20.79
FE HEC CJ . 45.81 42.08 -22.74
CHA HEC CJ . 46.21 40.25 -25.45
CHB HEC CJ . 48.52 44.05 -23.58
CHC HEC CJ . 44.91 44.44 -20.34
CHD HEC CJ . 43.70 39.85 -21.34
NA HEC CJ . 47.15 42.13 -24.20
C1A HEC CJ . 47.06 41.31 -25.30
C2A HEC CJ . 48.02 41.72 -26.25
C3A HEC CJ . 48.67 42.79 -25.72
C4A HEC CJ . 48.14 43.04 -24.44
CMA HEC CJ . 49.77 43.56 -26.40
CAA HEC CJ . 48.26 41.11 -27.61
CBA HEC CJ . 48.74 39.67 -27.51
CGA HEC CJ . 50.23 39.60 -27.56
O1A HEC CJ . 50.88 40.14 -28.49
O2A HEC CJ . 50.84 38.97 -26.67
NB HEC CJ . 46.58 43.92 -22.08
C1B HEC CJ . 47.68 44.51 -22.58
C2B HEC CJ . 47.90 45.74 -21.89
C3B HEC CJ . 46.90 45.89 -20.98
C4B HEC CJ . 46.06 44.68 -21.11
CMB HEC CJ . 49.04 46.72 -22.16
CAB HEC CJ . 46.70 47.01 -20.04
CBB HEC CJ . 46.37 48.22 -20.49
NC HEC CJ . 44.50 42.17 -21.13
C1C HEC CJ . 44.33 43.18 -20.23
C2C HEC CJ . 43.46 42.73 -19.21
C3C HEC CJ . 43.12 41.42 -19.51
C4C HEC CJ . 43.78 41.07 -20.72
CMC HEC CJ . 43.01 43.55 -18.02
CAC HEC CJ . 42.23 40.51 -18.73
CBC HEC CJ . 40.93 40.76 -18.58
ND HEC CJ . 45.11 40.42 -23.28
C1D HEC CJ . 44.27 39.61 -22.59
C2D HEC CJ . 43.99 38.39 -23.38
C3D HEC CJ . 44.68 38.50 -24.52
C4D HEC CJ . 45.38 39.80 -24.43
CMD HEC CJ . 43.09 37.24 -22.98
CAD HEC CJ . 44.73 37.51 -25.66
CBD HEC CJ . 46.01 36.67 -25.54
CGD HEC CJ . 46.46 36.03 -26.84
O1D HEC CJ . 46.37 36.64 -27.93
O2D HEC CJ . 46.95 34.89 -26.83
S SO4 DJ . 9.65 63.33 -66.15
O1 SO4 DJ . 8.98 62.24 -65.44
O2 SO4 DJ . 10.86 62.82 -66.84
O3 SO4 DJ . 8.72 63.92 -67.15
O4 SO4 DJ . 10.04 64.39 -65.18
S SO4 EJ . 64.98 45.85 -16.43
O1 SO4 EJ . 64.21 45.08 -15.42
O2 SO4 EJ . 65.90 44.94 -17.15
O3 SO4 EJ . 64.05 46.45 -17.40
O4 SO4 EJ . 65.75 46.92 -15.74
FE HEC FJ . 34.48 66.67 -29.86
CHA HEC FJ . 37.08 66.12 -27.78
CHB HEC FJ . 34.37 69.86 -29.08
CHC HEC FJ . 32.70 67.06 -32.80
CHD HEC FJ . 33.51 63.47 -29.67
NA HEC FJ . 35.64 67.82 -28.88
C1A HEC FJ . 37.02 67.43 -28.46
C2A HEC FJ . 37.50 68.62 -27.61
C3A HEC FJ . 36.72 69.69 -28.02
C4A HEC FJ . 35.54 69.15 -28.73
CMA HEC FJ . 36.90 71.12 -27.73
CAA HEC FJ . 38.65 68.70 -26.67
CBA HEC FJ . 39.94 68.48 -27.45
CGA HEC FJ . 40.64 69.52 -28.31
O1A HEC FJ . 41.71 69.18 -28.79
O2A HEC FJ . 40.11 70.71 -28.49
NB HEC FJ . 33.85 68.19 -30.77
C1B HEC FJ . 33.62 69.42 -30.14
C2B HEC FJ . 32.68 70.22 -30.95
C3B HEC FJ . 32.51 69.57 -32.14
C4B HEC FJ . 33.39 68.31 -32.16
CMB HEC FJ . 32.39 71.66 -30.69
CAB HEC FJ . 31.57 69.95 -33.22
CBB HEC FJ . 32.06 71.09 -34.09
NC HEC FJ . 33.18 65.62 -30.82
C1C HEC FJ . 32.47 65.90 -31.90
C2C HEC FJ . 31.42 64.87 -32.16
C3C HEC FJ . 31.55 63.90 -31.21
C4C HEC FJ . 32.53 64.43 -30.17
CMC HEC FJ . 30.32 65.08 -33.12
CAC HEC FJ . 30.57 62.85 -30.85
CBC HEC FJ . 30.45 61.70 -31.82
ND HEC FJ . 35.00 65.19 -28.74
C1D HEC FJ . 34.53 63.86 -28.87
C2D HEC FJ . 35.25 63.04 -27.89
C3D HEC FJ . 36.42 63.73 -27.59
C4D HEC FJ . 36.30 65.08 -28.16
CMD HEC FJ . 34.84 61.71 -27.41
CAD HEC FJ . 37.41 63.38 -26.53
CBD HEC FJ . 38.47 62.40 -27.04
CGD HEC FJ . 39.77 62.42 -26.13
O1D HEC FJ . 39.93 63.42 -25.37
O2D HEC FJ . 40.58 61.48 -26.19
FE HEC GJ . 52.54 43.20 -43.30
CHA HEC GJ . 52.04 41.02 -45.84
CHB HEC GJ . 55.81 43.09 -43.72
CHC HEC GJ . 52.62 46.16 -41.50
CHD HEC GJ . 49.64 42.36 -41.85
NA HEC GJ . 53.67 42.47 -44.65
C1A HEC GJ . 53.18 41.97 -45.96
C2A HEC GJ . 54.41 41.39 -46.66
C3A HEC GJ . 55.48 42.01 -46.05
C4A HEC GJ . 55.01 42.60 -44.77
CMA HEC GJ . 56.89 42.04 -46.48
CAA HEC GJ . 54.49 40.51 -47.86
CBA HEC GJ . 53.90 41.26 -49.05
CGA HEC GJ . 54.63 42.30 -49.87
O1A HEC GJ . 54.04 42.71 -50.86
O2A HEC GJ . 55.83 42.71 -49.51
NB HEC GJ . 53.93 44.40 -42.89
C1B HEC GJ . 55.29 44.03 -42.87
C2B HEC GJ . 56.05 44.98 -42.05
C3B HEC GJ . 55.22 46.01 -41.75
C4B HEC GJ . 53.84 45.79 -42.41
CMB HEC GJ . 57.53 45.01 -41.98
CAB HEC GJ . 55.51 47.13 -40.82
CBB HEC GJ . 56.36 48.23 -41.44
NC HEC GJ . 51.56 43.91 -41.81
C1C HEC GJ . 51.76 45.01 -41.10
C2C HEC GJ . 50.88 45.04 -39.90
C3C HEC GJ . 50.09 43.93 -39.92
C4C HEC GJ . 50.65 43.04 -41.02
CMC HEC GJ . 51.04 46.02 -38.81
CAC HEC GJ . 49.28 43.34 -38.82
CBC HEC GJ . 47.99 44.06 -38.47
ND HEC GJ . 51.26 41.80 -43.62
C1D HEC GJ . 50.01 41.68 -42.96
C2D HEC GJ . 49.31 40.56 -43.57
C3D HEC GJ . 49.87 40.38 -44.84
C4D HEC GJ . 51.06 41.20 -44.90
CMD HEC GJ . 48.20 39.80 -42.96
CAD HEC GJ . 49.58 39.28 -45.81
CBD HEC GJ . 48.34 39.58 -46.66
CGD HEC GJ . 48.31 38.71 -47.98
O1D HEC GJ . 49.41 38.16 -48.34
O2D HEC GJ . 47.24 38.58 -48.61
FE HEC HJ . 55.81 33.47 -11.81
CHA HEC HJ . 56.19 36.28 -13.55
CHB HEC HJ . 55.84 31.60 -14.73
CHC HEC HJ . 56.02 30.46 -10.00
CHD HEC HJ . 55.13 35.10 -8.97
NA HEC HJ . 55.97 33.83 -13.75
C1A HEC HJ . 56.14 35.10 -14.27
C2A HEC HJ . 56.26 35.01 -15.67
C3A HEC HJ . 56.16 33.69 -16.01
C4A HEC HJ . 55.98 32.97 -14.82
CMA HEC HJ . 56.23 33.11 -17.41
CAA HEC HJ . 56.46 36.18 -16.63
CBA HEC HJ . 57.94 36.44 -16.92
CGA HEC HJ . 58.05 37.70 -17.75
O1A HEC HJ . 57.45 38.74 -17.42
O2A HEC HJ . 58.74 37.73 -18.79
NB HEC HJ . 55.91 31.42 -12.27
C1B HEC HJ . 55.91 30.91 -13.52
C2B HEC HJ . 55.99 29.49 -13.47
C3B HEC HJ . 56.04 29.14 -12.15
C4B HEC HJ . 55.98 30.40 -11.39
CMB HEC HJ . 56.03 28.54 -14.65
CAB HEC HJ . 56.15 27.78 -11.59
CBB HEC HJ . 57.26 27.07 -11.77
NC HEC HJ . 55.61 32.86 -9.82
C1C HEC HJ . 55.74 31.61 -9.28
C2C HEC HJ . 55.57 31.69 -7.89
C3C HEC HJ . 55.31 33.02 -7.58
C4C HEC HJ . 55.34 33.75 -8.82
CMC HEC HJ . 55.64 30.55 -6.91
CAC HEC HJ . 55.07 33.53 -6.21
CBC HEC HJ . 54.25 34.56 -5.98
ND HEC HJ . 55.69 35.28 -11.35
C1D HEC HJ . 55.40 35.79 -10.15
C2D HEC HJ . 55.39 37.26 -10.22
C3D HEC HJ . 55.69 37.59 -11.48
C4D HEC HJ . 55.87 36.31 -12.19
CMD HEC HJ . 55.12 38.22 -9.08
CAD HEC HJ . 55.80 38.97 -12.06
CBD HEC HJ . 57.23 39.51 -12.00
CGD HEC HJ . 57.23 40.92 -12.56
O1D HEC HJ . 57.26 41.89 -11.77
O2D HEC HJ . 57.20 41.10 -13.81
FE HEC IJ . 52.03 30.97 -20.24
CHA HEC IJ . 52.87 33.67 -21.98
CHB HEC IJ . 52.37 32.73 -17.29
CHC HEC IJ . 50.65 28.34 -18.38
CHD HEC IJ . 51.97 29.01 -22.97
NA HEC IJ . 52.51 32.82 -19.71
C1A HEC IJ . 52.86 33.80 -20.62
C2A HEC IJ . 53.19 34.98 -19.91
C3A HEC IJ . 53.03 34.72 -18.59
C4A HEC IJ . 52.62 33.37 -18.47
CMA HEC IJ . 53.28 35.67 -17.44
CAA HEC IJ . 53.66 36.32 -20.48
CBA HEC IJ . 52.66 36.96 -21.45
CGA HEC IJ . 51.60 37.72 -20.70
O1A HEC IJ . 50.41 37.61 -21.07
O2A HEC IJ . 51.90 38.46 -19.72
NB HEC IJ . 51.60 30.60 -18.21
C1B HEC IJ . 51.82 31.45 -17.21
C2B HEC IJ . 51.40 30.89 -15.98
C3B HEC IJ . 50.91 29.65 -16.27
C4B HEC IJ . 51.05 29.49 -17.73
CMB HEC IJ . 51.47 31.52 -14.62
CAB HEC IJ . 50.34 28.69 -15.32
CBB HEC IJ . 49.09 28.84 -14.86
NC HEC IJ . 51.35 29.03 -20.61
C1C HEC IJ . 50.99 28.07 -19.70
C2C HEC IJ . 51.05 26.80 -20.31
C3C HEC IJ . 51.42 26.99 -21.63
C4C HEC IJ . 51.61 28.41 -21.80
CMC HEC IJ . 50.73 25.49 -19.64
CAC HEC IJ . 51.62 25.92 -22.63
CBC HEC IJ . 50.58 25.31 -23.19
ND HEC IJ . 52.34 31.27 -22.06
C1D HEC IJ . 52.26 30.38 -23.06
C2D HEC IJ . 52.57 31.03 -24.34
C3D HEC IJ . 52.82 32.33 -24.06
C4D HEC IJ . 52.67 32.45 -22.61
CMD HEC IJ . 52.60 30.39 -25.72
CAD HEC IJ . 53.20 33.43 -25.03
CBD HEC IJ . 54.71 33.59 -24.91
CGD HEC IJ . 55.25 34.73 -25.73
O1D HEC IJ . 56.41 34.62 -26.21
O2D HEC IJ . 54.60 35.77 -25.92
FE HEC JJ . 48.62 21.48 -26.13
CHA HEC JJ . 45.58 20.34 -25.66
CHB HEC JJ . 47.44 24.04 -28.11
CHC HEC JJ . 51.65 23.21 -25.80
CHD HEC JJ . 50.08 18.72 -24.91
NA HEC JJ . 46.85 22.12 -26.73
C1A HEC JJ . 45.71 21.40 -26.52
C2A HEC JJ . 44.68 21.92 -27.34
C3A HEC JJ . 45.20 22.98 -28.03
C4A HEC JJ . 46.55 23.10 -27.65
CMA HEC JJ . 44.48 23.86 -29.03
CAA HEC JJ . 43.26 21.41 -27.42
CBA HEC JJ . 42.45 22.08 -26.31
CGA HEC JJ . 41.02 21.63 -26.30
O1A HEC JJ . 40.23 22.12 -25.46
O2A HEC JJ . 40.62 20.76 -27.13
NB HEC JJ . 49.40 23.30 -26.83
C1B HEC JJ . 48.74 24.16 -27.61
C2B HEC JJ . 49.56 25.29 -27.89
C3B HEC JJ . 50.76 25.09 -27.25
C4B HEC JJ . 50.63 23.78 -26.56
CMB HEC JJ . 49.18 26.47 -28.72
CAB HEC JJ . 51.93 25.98 -27.24
CBB HEC JJ . 52.07 26.88 -26.27
NC HEC JJ . 50.54 21.07 -25.42
C1C HEC JJ . 51.66 21.86 -25.47
C2C HEC JJ . 52.78 21.10 -25.14
C3C HEC JJ . 52.34 19.80 -24.88
C4C HEC JJ . 50.92 19.81 -25.07
CMC HEC JJ . 54.21 21.59 -25.07
CAC HEC JJ . 53.16 18.64 -24.49
CBC HEC JJ . 53.21 18.22 -23.24
ND HEC JJ . 47.97 19.88 -25.43
C1D HEC JJ . 48.69 18.84 -24.97
C2D HEC JJ . 47.78 17.77 -24.49
C3D HEC JJ . 46.52 18.23 -24.71
C4D HEC JJ . 46.68 19.56 -25.31
CMD HEC JJ . 48.17 16.44 -23.89
CAD HEC JJ . 45.22 17.54 -24.39
CBD HEC JJ . 44.57 16.99 -25.67
CGD HEC JJ . 44.99 15.55 -25.81
O1D HEC JJ . 44.44 14.68 -25.11
O2D HEC JJ . 45.88 15.24 -26.64
FE HEC KJ . 45.70 25.59 -33.97
CHA HEC KJ . 43.23 23.38 -33.64
CHB HEC KJ . 47.83 23.53 -32.15
CHC HEC KJ . 48.50 27.55 -34.80
CHD HEC KJ . 43.74 27.76 -35.66
NA HEC KJ . 45.59 23.81 -33.09
C1A HEC KJ . 44.42 23.10 -33.01
C2A HEC KJ . 44.63 21.97 -32.18
C3A HEC KJ . 45.93 22.01 -31.76
C4A HEC KJ . 46.51 23.15 -32.34
CMA HEC KJ . 46.61 21.02 -30.85
CAA HEC KJ . 43.62 20.91 -31.83
CBA HEC KJ . 43.91 19.74 -32.76
CGA HEC KJ . 42.68 18.90 -32.90
O1A HEC KJ . 41.82 19.21 -33.77
O2A HEC KJ . 42.52 17.90 -32.17
NB HEC KJ . 47.77 25.55 -33.56
C1B HEC KJ . 48.39 24.62 -32.82
C2B HEC KJ . 49.79 24.88 -32.76
C3B HEC KJ . 50.00 26.01 -33.50
C4B HEC KJ . 48.68 26.43 -34.01
CMB HEC KJ . 50.81 24.06 -32.02
CAB HEC KJ . 51.28 26.70 -33.75
CBB HEC KJ . 52.10 26.23 -34.70
NC HEC KJ . 46.09 27.32 -35.06
C1C HEC KJ . 47.27 28.01 -35.21
C2C HEC KJ . 47.01 29.24 -35.86
C3C HEC KJ . 45.65 29.29 -36.11
C4C HEC KJ . 45.08 28.08 -35.61
CMC HEC KJ . 48.05 30.28 -36.21
CAC HEC KJ . 44.90 30.38 -36.77
CBC HEC KJ . 45.14 30.69 -38.04
ND HEC KJ . 43.90 25.58 -34.52
C1D HEC KJ . 43.26 26.53 -35.21
C2D HEC KJ . 41.87 26.12 -35.46
C3D HEC KJ . 41.73 24.90 -34.89
C4D HEC KJ . 43.04 24.58 -34.31
CMD HEC KJ . 40.81 26.91 -36.20
CAD HEC KJ . 40.51 24.02 -34.88
CBD HEC KJ . 40.63 23.21 -36.17
CGD HEC KJ . 39.76 21.98 -36.26
O1D HEC KJ . 38.53 22.04 -36.05
O2D HEC KJ . 40.29 20.89 -36.57
FE HEC LJ . 46.90 34.89 -41.74
CHA HEC LJ . 49.03 34.88 -44.27
CHB HEC LJ . 44.50 33.31 -43.68
CHC HEC LJ . 44.89 34.33 -38.92
CHD HEC LJ . 48.69 37.15 -40.00
NA HEC LJ . 46.77 34.22 -43.60
C1A HEC LJ . 47.80 34.32 -44.50
C2A HEC LJ . 47.40 33.75 -45.73
C3A HEC LJ . 46.11 33.31 -45.56
C4A HEC LJ . 45.73 33.60 -44.23
CMA HEC LJ . 45.26 32.62 -46.61
CAA HEC LJ . 48.23 33.64 -46.99
CBA HEC LJ . 48.20 34.96 -47.78
CGA HEC LJ . 48.98 34.86 -49.07
O1A HEC LJ . 49.23 35.89 -49.73
O2A HEC LJ . 49.36 33.74 -49.50
NB HEC LJ . 45.04 33.99 -41.37
C1B HEC LJ . 44.26 33.43 -42.30
C2B HEC LJ . 43.08 32.91 -41.70
C3B HEC LJ . 43.15 33.19 -40.37
C4B HEC LJ . 44.44 33.88 -40.17
CMB HEC LJ . 41.96 32.20 -42.44
CAB HEC LJ . 42.17 32.84 -39.32
CBB HEC LJ . 41.96 31.58 -38.97
NC HEC LJ . 46.80 35.60 -39.79
C1C HEC LJ . 45.92 35.26 -38.80
C2C HEC LJ . 46.23 35.99 -37.65
C3C HEC LJ . 47.33 36.80 -37.95
C4C HEC LJ . 47.67 36.54 -39.31
CMC HEC LJ . 45.49 35.90 -36.34
CAC HEC LJ . 48.01 37.76 -37.06
CBC HEC LJ . 48.60 37.38 -35.93
ND HEC LJ . 48.51 35.81 -42.05
C1D HEC LJ . 49.11 36.70 -41.26
C2D HEC LJ . 50.34 37.20 -41.89
C3D HEC LJ . 50.45 36.56 -43.08
C4D HEC LJ . 49.26 35.70 -43.16
CMD HEC LJ . 51.28 38.21 -41.27
CAD HEC LJ . 51.48 36.62 -44.19
CBD HEC LJ . 52.52 37.75 -44.17
CGD HEC LJ . 53.54 37.50 -45.26
O1D HEC LJ . 54.58 36.84 -45.02
O2D HEC LJ . 53.34 37.93 -46.43
FE HEC MJ . 39.66 34.13 -48.18
CHA HEC MJ . 41.55 34.88 -50.76
CHB HEC MJ . 41.96 35.47 -45.98
CHC HEC MJ . 37.22 34.36 -45.69
CHD HEC MJ . 37.66 32.12 -49.95
NA HEC MJ . 41.39 35.05 -48.32
C1A HEC MJ . 42.07 35.14 -49.51
C2A HEC MJ . 43.39 35.57 -49.25
C3A HEC MJ . 43.52 35.74 -47.90
C4A HEC MJ . 42.26 35.43 -47.33
CMA HEC MJ . 44.75 36.19 -47.16
CAA HEC MJ . 44.47 35.77 -50.28
CBA HEC MJ . 45.18 34.43 -50.46
CGA HEC MJ . 46.19 34.45 -51.58
O1A HEC MJ . 46.60 33.36 -52.05
O2A HEC MJ . 46.64 35.52 -52.04
NB HEC MJ . 39.60 34.80 -46.19
C1B HEC MJ . 40.65 35.30 -45.52
C2B HEC MJ . 40.25 35.66 -44.21
C3B HEC MJ . 38.92 35.36 -44.09
C4B HEC MJ . 38.51 34.80 -45.40
CMB HEC MJ . 41.13 36.25 -43.15
CAB HEC MJ . 38.07 35.56 -42.92
CBB HEC MJ . 37.62 36.79 -42.64
NC HEC MJ . 37.72 33.41 -47.88
C1C HEC MJ . 36.95 33.49 -46.75
C2C HEC MJ . 35.89 32.57 -46.85
C3C HEC MJ . 36.02 31.92 -48.07
C4C HEC MJ . 37.18 32.47 -48.71
CMC HEC MJ . 34.82 32.33 -45.82
CAC HEC MJ . 35.14 30.86 -48.62
CBC HEC MJ . 33.96 31.16 -49.16
ND HEC MJ . 39.62 33.61 -49.97
C1D HEC MJ . 38.73 32.79 -50.56
C2D HEC MJ . 39.04 32.66 -51.99
C3D HEC MJ . 40.13 33.43 -52.20
C4D HEC MJ . 40.47 34.02 -50.91
CMD HEC MJ . 38.31 31.83 -53.01
CAD HEC MJ . 40.85 33.64 -53.51
CBD HEC MJ . 41.96 32.60 -53.65
CGD HEC MJ . 42.44 32.57 -55.08
O1D HEC MJ . 43.62 32.91 -55.34
O2D HEC MJ . 41.66 32.21 -55.99
FE HEC NJ . 28.39 31.29 -50.89
CHA HEC NJ . 26.01 33.58 -50.89
CHB HEC NJ . 29.69 32.53 -53.85
CHC HEC NJ . 31.32 29.41 -50.47
CHD HEC NJ . 26.87 29.45 -48.51
NA HEC NJ . 27.93 32.72 -52.17
C1A HEC NJ . 26.94 33.64 -51.91
C2A HEC NJ . 26.98 34.66 -52.88
C3A HEC NJ . 28.02 34.38 -53.72
C4A HEC NJ . 28.61 33.17 -53.27
CMA HEC NJ . 28.45 35.20 -54.91
CAA HEC NJ . 26.07 35.87 -52.97
CBA HEC NJ . 24.61 35.50 -53.22
CGA HEC NJ . 24.33 35.52 -54.69
O1A HEC NJ . 24.58 36.54 -55.38
O2A HEC NJ . 23.81 34.54 -55.26
NB HEC NJ . 30.18 31.02 -51.96
C1B HEC NJ . 30.48 31.63 -53.12
C2B HEC NJ . 31.77 31.22 -53.56
C3B HEC NJ . 32.25 30.35 -52.64
C4B HEC NJ . 31.20 30.23 -51.60
CMB HEC NJ . 32.47 31.68 -54.82
CAB HEC NJ . 33.56 29.66 -52.64
CBB HEC NJ . 34.70 30.34 -52.50
NC HEC NJ . 29.03 29.72 -49.67
C1C HEC NJ . 30.20 29.04 -49.70
C2C HEC NJ . 30.12 27.94 -48.83
C3C HEC NJ . 28.85 27.96 -48.26
C4C HEC NJ . 28.17 29.08 -48.81
CMC HEC NJ . 31.21 26.93 -48.57
CAC HEC NJ . 28.30 26.99 -47.30
CBC HEC NJ . 28.77 26.89 -46.05
ND HEC NJ . 26.80 31.47 -49.92
C1D HEC NJ . 26.31 30.64 -48.99
C2D HEC NJ . 25.02 31.15 -48.48
C3D HEC NJ . 24.77 32.30 -49.15
C4D HEC NJ . 25.92 32.48 -50.05
CMD HEC NJ . 24.14 30.49 -47.43
CAD HEC NJ . 23.57 33.22 -49.00
CBD HEC NJ . 22.57 32.93 -50.14
CGD HEC NJ . 21.62 34.08 -50.42
O1D HEC NJ . 21.99 35.28 -50.38
O2D HEC NJ . 20.42 33.84 -50.71
S SO4 OJ . 30.22 26.20 -70.53
O1 SO4 OJ . 31.27 25.49 -71.30
O2 SO4 OJ . 30.57 26.16 -69.09
O3 SO4 OJ . 28.92 25.52 -70.75
O4 SO4 OJ . 30.12 27.60 -70.98
FE HEC PJ . 24.32 51.79 -56.91
CHA HEC PJ . 21.85 53.88 -55.94
CHB HEC PJ . 23.61 52.23 -60.09
CHC HEC PJ . 27.51 50.58 -57.55
CHD HEC PJ . 24.30 50.21 -53.96
NA HEC PJ . 23.19 53.00 -57.84
C1A HEC PJ . 22.55 54.19 -57.20
C2A HEC PJ . 21.65 54.76 -58.31
C3A HEC PJ . 22.17 54.28 -59.49
C4A HEC PJ . 23.07 53.15 -59.17
CMA HEC PJ . 21.89 54.72 -60.87
CAA HEC PJ . 20.53 55.75 -58.19
CBA HEC PJ . 21.12 57.06 -57.70
CGA HEC PJ . 21.85 58.08 -58.54
O1A HEC PJ . 22.15 59.14 -58.00
O2A HEC PJ . 22.13 57.81 -59.80
NB HEC PJ . 25.34 51.62 -58.48
C1B HEC PJ . 24.78 51.58 -59.76
C2B HEC PJ . 25.73 50.97 -60.70
C3B HEC PJ . 26.93 50.85 -60.05
C4B HEC PJ . 26.78 51.42 -58.63
CMB HEC PJ . 25.53 50.92 -62.17
CAB HEC PJ . 28.16 50.21 -60.55
CBB HEC PJ . 28.95 51.03 -61.54
NC HEC PJ . 25.48 50.48 -56.10
C1C HEC PJ . 26.65 50.00 -56.49
C2C HEC PJ . 27.07 48.82 -55.68
C3C HEC PJ . 26.14 48.63 -54.71
C4C HEC PJ . 24.95 49.51 -55.08
CMC HEC PJ . 28.19 47.94 -56.06
CAC HEC PJ . 25.91 47.42 -53.88
CBC HEC PJ . 26.88 47.22 -52.73
ND HEC PJ . 23.12 51.83 -55.40
C1D HEC PJ . 23.33 51.15 -54.18
C2D HEC PJ . 22.25 51.52 -53.27
C3D HEC PJ . 21.76 52.73 -53.73
C4D HEC PJ . 22.34 52.97 -55.05
CMD HEC PJ . 21.83 50.77 -52.07
CAD HEC PJ . 20.56 53.45 -53.24
CBD HEC PJ . 20.89 54.36 -52.05
CGD HEC PJ . 19.78 55.47 -51.82
O1D HEC PJ . 19.01 55.73 -52.80
O2D HEC PJ . 19.71 56.06 -50.72
FE HEC QJ . 20.68 19.03 -59.83
CHA HEC QJ . 22.97 21.31 -60.57
CHB HEC QJ . 18.28 21.52 -59.42
CHC HEC QJ . 18.07 16.64 -59.63
CHD HEC QJ . 22.93 16.56 -59.56
NA HEC QJ . 20.61 21.01 -59.95
C1A HEC QJ . 21.71 21.77 -60.30
C2A HEC QJ . 21.32 23.13 -60.36
C3A HEC QJ . 19.99 23.19 -60.02
C4A HEC QJ . 19.56 21.87 -59.78
CMA HEC QJ . 19.15 24.45 -59.95
CAA HEC QJ . 22.21 24.30 -60.71
CBA HEC QJ . 22.18 24.65 -62.19
CGA HEC QJ . 23.23 25.71 -62.48
O1A HEC QJ . 24.40 25.54 -62.07
O2A HEC QJ . 22.93 26.75 -63.10
NB HEC QJ . 18.57 19.07 -59.58
C1B HEC QJ . 17.84 20.18 -59.44
C2B HEC QJ . 16.47 19.85 -59.29
C3B HEC QJ . 16.38 18.48 -59.34
C4B HEC QJ . 17.77 18.00 -59.53
CMB HEC QJ . 15.32 20.81 -59.11
CAB HEC QJ . 15.16 17.64 -59.25
CBB HEC QJ . 14.28 17.64 -60.23
NC HEC QJ . 20.51 16.96 -59.62
C1C HEC QJ . 19.39 16.18 -59.58
C2C HEC QJ . 19.77 14.82 -59.47
C3C HEC QJ . 21.16 14.79 -59.45
C4C HEC QJ . 21.62 16.14 -59.54
CMC HEC QJ . 18.84 13.63 -59.39
CAC HEC QJ . 21.96 13.55 -59.34
CBC HEC QJ . 23.14 13.51 -58.72
ND HEC QJ . 22.53 18.95 -60.02
C1D HEC QJ . 23.30 17.86 -59.87
C2D HEC QJ . 24.72 18.22 -60.09
C3D HEC QJ . 24.73 19.53 -60.38
C4D HEC QJ . 23.33 19.98 -60.33
CMD HEC QJ . 25.91 17.30 -60.02
CAD HEC QJ . 25.95 20.37 -60.67
CBD HEC QJ . 26.25 20.43 -62.18
CGD HEC QJ . 27.47 21.29 -62.40
O1D HEC QJ . 28.58 20.74 -62.64
O2D HEC QJ . 27.39 22.54 -62.36
FE HEC RJ . 17.21 26.75 -55.37
CHA HEC RJ . 19.33 29.01 -56.55
CHB HEC RJ . 19.45 24.20 -56.09
CHC HEC RJ . 15.24 24.38 -53.66
CHD HEC RJ . 14.78 29.02 -54.89
NA HEC RJ . 19.02 26.61 -56.15
C1A HEC RJ . 19.73 27.70 -56.61
C2A HEC RJ . 20.96 27.26 -57.15
C3A HEC RJ . 20.98 25.90 -57.02
C4A HEC RJ . 19.79 25.51 -56.39
CMA HEC RJ . 22.10 24.99 -57.46
CAA HEC RJ . 22.05 28.08 -57.81
CBA HEC RJ . 22.63 29.17 -56.89
CGA HEC RJ . 23.69 28.60 -56.00
O1A HEC RJ . 23.68 28.94 -54.80
O2A HEC RJ . 24.54 27.79 -56.45
NB HEC RJ . 17.32 24.69 -54.95
C1B HEC RJ . 18.32 23.88 -55.35
C2B HEC RJ . 18.08 22.55 -54.89
C3B HEC RJ . 16.91 22.57 -54.20
C4B HEC RJ . 16.42 23.97 -54.25
CMB HEC RJ . 18.96 21.35 -55.13
CAB HEC RJ . 16.26 21.43 -53.54
CBB HEC RJ . 16.71 21.03 -52.36
NC HEC RJ . 15.36 26.71 -54.38
C1C HEC RJ . 14.67 25.63 -53.91
C2C HEC RJ . 13.32 25.96 -53.74
C3C HEC RJ . 13.18 27.30 -54.10
C4C HEC RJ . 14.47 27.75 -54.50
CMC HEC RJ . 12.24 25.03 -53.25
CAC HEC RJ . 11.91 28.07 -54.08
CBC HEC RJ . 11.37 28.49 -52.94
ND HEC RJ . 17.08 28.59 -55.65
C1D HEC RJ . 16.03 29.38 -55.39
C2D HEC RJ . 16.36 30.78 -55.75
C3D HEC RJ . 17.61 30.77 -56.20
C4D HEC RJ . 18.07 29.37 -56.14
CMD HEC RJ . 15.45 32.00 -55.61
CAD HEC RJ . 18.43 31.94 -56.71
CBD HEC RJ . 18.37 31.85 -58.24
CGD HEC RJ . 19.23 32.88 -58.94
O1D HEC RJ . 18.83 33.33 -60.04
O2D HEC RJ . 20.31 33.28 -58.45
FE HEC SJ . 7.41 30.58 -50.26
CHA HEC SJ . 6.89 29.86 -47.10
CHB HEC SJ . 9.68 33.03 -49.43
CHC HEC SJ . 8.66 30.62 -53.54
CHD HEC SJ . 4.75 28.84 -51.31
NA HEC SJ . 8.20 31.29 -48.59
C1A HEC SJ . 7.72 30.93 -47.36
C2A HEC SJ . 8.24 31.82 -46.40
C3A HEC SJ . 9.03 32.72 -47.05
C4A HEC SJ . 9.00 32.38 -48.42
CMA HEC SJ . 9.79 33.87 -46.42
CAA HEC SJ . 7.96 31.78 -44.91
CBA HEC SJ . 8.96 30.82 -44.26
CGA HEC SJ . 8.75 30.71 -42.77
O1A HEC SJ . 9.53 29.98 -42.10
O2A HEC SJ . 7.84 31.33 -42.19
NB HEC SJ . 8.90 31.63 -51.30
C1B HEC SJ . 9.69 32.56 -50.74
C2B HEC SJ . 10.59 33.06 -51.71
C3B HEC SJ . 10.33 32.41 -52.89
C4B HEC SJ . 9.22 31.47 -52.59
CMB HEC SJ . 11.63 34.12 -51.49
CAB HEC SJ . 11.01 32.59 -54.18
CBB HEC SJ . 12.04 31.81 -54.49
NC HEC SJ . 6.84 29.82 -52.12
C1C HEC SJ . 7.41 30.03 -53.34
C2C HEC SJ . 6.56 29.55 -54.34
C3C HEC SJ . 5.43 29.03 -53.71
C4C HEC SJ . 5.63 29.22 -52.30
CMC HEC SJ . 6.83 29.59 -55.84
CAC HEC SJ . 4.24 28.43 -54.36
CBC HEC SJ . 4.07 27.11 -54.38
ND HEC SJ . 6.10 29.57 -49.40
C1D HEC SJ . 5.07 28.90 -49.95
C2D HEC SJ . 4.29 28.22 -48.90
C3D HEC SJ . 4.89 28.52 -47.73
C4D HEC SJ . 6.04 29.36 -48.07
CMD HEC SJ . 3.06 27.37 -49.10
CAD HEC SJ . 4.50 28.06 -46.35
CBD HEC SJ . 3.83 29.19 -45.58
CGD HEC SJ . 2.34 29.03 -45.75
O1D HEC SJ . 1.73 28.15 -45.10
O2D HEC SJ . 1.73 29.77 -46.55
FE HEC TJ . 10.31 39.07 -47.72
CHA HEC TJ . 8.64 38.29 -44.95
CHB HEC TJ . 8.34 36.87 -49.56
CHC HEC TJ . 11.60 40.28 -50.77
CHD HEC TJ . 12.38 41.13 -46.07
NA HEC TJ . 8.79 37.85 -47.36
C1A HEC TJ . 8.28 37.61 -46.10
C2A HEC TJ . 7.34 36.57 -46.17
C3A HEC TJ . 7.25 36.16 -47.46
C4A HEC TJ . 8.15 36.97 -48.20
CMA HEC TJ . 6.38 35.08 -48.01
CAA HEC TJ . 6.55 36.00 -45.01
CBA HEC TJ . 5.18 36.69 -45.06
CGA HEC TJ . 4.53 36.65 -43.72
O1A HEC TJ . 4.79 37.56 -42.90
O2A HEC TJ . 3.75 35.73 -43.45
NB HEC TJ . 10.02 38.67 -49.77
C1B HEC TJ . 9.17 37.75 -50.25
C2B HEC TJ . 9.20 37.74 -51.68
C3B HEC TJ . 10.12 38.70 -52.05
C4B HEC TJ . 10.63 39.28 -50.79
CMB HEC TJ . 8.39 36.86 -52.60
CAB HEC TJ . 10.53 39.09 -53.40
CBB HEC TJ . 9.76 39.92 -54.11
NC HEC TJ . 11.72 40.48 -48.34
C1C HEC TJ . 12.16 40.76 -49.59
C2C HEC TJ . 13.24 41.65 -49.52
C3C HEC TJ . 13.46 41.89 -48.16
C4C HEC TJ . 12.49 41.15 -47.44
CMC HEC TJ . 14.02 42.21 -50.68
CAC HEC TJ . 14.51 42.76 -47.57
CBC HEC TJ . 14.52 44.08 -47.80
ND HEC TJ . 10.49 39.58 -45.93
C1D HEC TJ . 11.37 40.43 -45.41
C2D HEC TJ . 11.15 40.59 -43.97
C3D HEC TJ . 10.11 39.79 -43.67
C4D HEC TJ . 9.70 39.17 -44.93
CMD HEC TJ . 11.95 41.47 -43.03
CAD HEC TJ . 9.44 39.58 -42.32
CBD HEC TJ . 8.39 40.70 -42.26
CGD HEC TJ . 7.33 40.53 -41.20
O1D HEC TJ . 7.64 40.35 -39.99
O2D HEC TJ . 6.13 40.58 -41.54
FE HEC UJ . 17.58 48.57 -50.06
CHA HEC UJ . 16.71 51.06 -52.06
CHB HEC UJ . 16.07 50.13 -47.37
CHC HEC UJ . 17.91 45.68 -48.11
CHD HEC UJ . 19.77 47.32 -52.26
NA HEC UJ . 16.58 50.25 -49.75
C1A HEC UJ . 16.32 51.16 -50.75
C2A HEC UJ . 15.58 52.23 -50.21
C3A HEC UJ . 15.39 51.99 -48.88
C4A HEC UJ . 16.02 50.74 -48.60
CMA HEC UJ . 14.64 52.84 -47.89
CAA HEC UJ . 15.08 53.44 -50.97
CBA HEC UJ . 16.19 54.50 -51.11
CGA HEC UJ . 15.70 55.75 -51.83
O1A HEC UJ . 16.53 56.58 -52.22
O2A HEC UJ . 14.48 55.96 -52.01
NB HEC UJ . 17.08 48.00 -48.10
C1B HEC UJ . 16.48 48.79 -47.21
C2B HEC UJ . 16.29 48.10 -45.98
C3B HEC UJ . 16.80 46.83 -46.16
C4B HEC UJ . 17.31 46.80 -47.54
CMB HEC UJ . 15.64 48.66 -44.74
CAB HEC UJ . 16.85 45.72 -45.16
CBB HEC UJ . 15.73 45.09 -44.79
NC HEC UJ . 18.64 46.79 -50.15
C1C HEC UJ . 18.66 45.75 -49.27
C2C HEC UJ . 19.55 44.77 -49.74
C3C HEC UJ . 20.07 45.24 -50.94
C4C HEC UJ . 19.50 46.52 -51.19
CMC HEC UJ . 19.85 43.45 -49.06
CAC HEC UJ . 21.05 44.57 -51.81
CBC HEC UJ . 20.82 43.36 -52.33
ND HEC UJ . 18.13 49.08 -51.78
C1D HEC UJ . 19.04 48.47 -52.55
C2D HEC UJ . 19.18 49.20 -53.84
C3D HEC UJ . 18.33 50.25 -53.77
C4D HEC UJ . 17.67 50.15 -52.46
CMD HEC UJ . 20.13 48.80 -54.95
CAD HEC UJ . 17.99 51.35 -54.77
CBD HEC UJ . 18.91 51.54 -55.98
CGD HEC UJ . 18.29 52.57 -56.90
O1D HEC UJ . 17.55 52.21 -57.84
O2D HEC UJ . 18.50 53.79 -56.72
FE HEC VJ . 16.74 54.66 -42.53
CHA HEC VJ . 16.62 57.36 -44.42
CHB HEC VJ . 18.09 52.81 -45.10
CHC HEC VJ . 17.84 52.24 -40.26
CHD HEC VJ . 14.78 55.99 -40.15
NA HEC VJ . 17.32 55.01 -44.39
C1A HEC VJ . 17.06 56.20 -45.02
C2A HEC VJ . 17.31 56.03 -46.40
C3A HEC VJ . 17.73 54.75 -46.61
C4A HEC VJ . 17.74 54.12 -45.35
CMA HEC VJ . 18.11 54.12 -47.92
CAA HEC VJ . 17.11 57.10 -47.47
CBA HEC VJ . 15.67 57.01 -47.96
CGA HEC VJ . 15.30 58.13 -48.89
O1A HEC VJ . 14.08 58.36 -49.09
O2A HEC VJ . 16.17 58.81 -49.47
NB HEC VJ . 17.78 52.85 -42.67
C1B HEC VJ . 18.23 52.31 -43.81
C2B HEC VJ . 18.89 51.09 -43.52
C3B HEC VJ . 18.83 50.91 -42.17
C4B HEC VJ . 18.10 52.07 -41.62
CMB HEC VJ . 19.54 50.18 -44.55
CAB HEC VJ . 19.40 49.79 -41.39
CBB HEC VJ . 20.71 49.75 -41.15
NC HEC VJ . 16.42 54.22 -40.51
C1C HEC VJ . 16.84 53.11 -39.82
C2C HEC VJ . 16.09 53.01 -38.64
C3C HEC VJ . 15.21 54.09 -38.61
C4C HEC VJ . 15.44 54.84 -39.80
CMC HEC VJ . 16.23 51.94 -37.59
CAC HEC VJ . 14.22 54.38 -37.55
CBC HEC VJ . 14.61 54.97 -36.41
ND HEC VJ . 15.89 56.31 -42.33
C1D HEC VJ . 15.13 56.72 -41.29
C2D HEC VJ . 14.67 58.10 -41.53
C3D HEC VJ . 15.18 58.47 -42.72
C4D HEC VJ . 15.96 57.33 -43.20
CMD HEC VJ . 13.79 58.94 -40.62
CAD HEC VJ . 15.01 59.80 -43.42
CBD HEC VJ . 13.80 59.73 -44.36
CGD HEC VJ . 13.39 61.12 -44.77
O1D HEC VJ . 13.46 61.45 -45.98
O2D HEC VJ . 12.99 61.94 -43.91
FE HEC WJ . 15.29 56.66 -30.86
CHA HEC WJ . 17.88 57.10 -28.89
CHB HEC WJ . 15.69 59.81 -32.23
CHC HEC WJ . 13.07 55.88 -33.47
CHD HEC WJ . 14.22 53.97 -29.15
NA HEC WJ . 16.51 58.19 -30.59
C1A HEC WJ . 17.60 58.12 -29.76
C2A HEC WJ . 18.39 59.28 -29.95
C3A HEC WJ . 17.78 60.05 -30.88
C4A HEC WJ . 16.60 59.36 -31.29
CMA HEC WJ . 18.25 61.37 -31.41
CAA HEC WJ . 19.69 59.62 -29.24
CBA HEC WJ . 19.51 59.76 -27.73
CGA HEC WJ . 19.30 61.20 -27.37
O1A HEC WJ . 20.11 62.08 -27.75
O2A HEC WJ . 18.32 61.52 -26.67
NB HEC WJ . 14.52 57.66 -32.55
C1B HEC WJ . 14.83 58.92 -32.90
C2B HEC WJ . 14.14 59.28 -34.09
C3B HEC WJ . 13.39 58.20 -34.46
C4B HEC WJ . 13.66 57.15 -33.44
CMB HEC WJ . 14.22 60.60 -34.81
CAB HEC WJ . 12.50 58.09 -35.64
CBB HEC WJ . 13.00 58.08 -36.88
NC HEC WJ . 13.90 55.16 -31.29
C1C HEC WJ . 13.05 55.05 -32.34
C2C HEC WJ . 12.18 53.97 -32.12
C3C HEC WJ . 12.52 53.42 -30.89
C4C HEC WJ . 13.59 54.19 -30.37
CMC HEC WJ . 11.09 53.51 -33.05
CAC HEC WJ . 11.88 52.26 -30.23
CBC HEC WJ . 11.92 51.03 -30.73
ND HEC WJ . 15.91 55.74 -29.35
C1D HEC WJ . 15.36 54.67 -28.77
C2D HEC WJ . 16.15 54.26 -27.60
C3D HEC WJ . 17.18 55.13 -27.52
C4D HEC WJ . 17.00 56.06 -28.64
CMD HEC WJ . 15.88 53.09 -26.68
CAD HEC WJ . 18.30 55.18 -26.50
CBD HEC WJ . 17.95 56.22 -25.42
CGD HEC WJ . 19.16 56.70 -24.65
O1D HEC WJ . 20.26 56.88 -25.21
O2D HEC WJ . 19.05 56.95 -23.43
S SO4 XJ . 28.58 41.39 -33.27
O1 SO4 XJ . 29.72 42.23 -33.70
O2 SO4 XJ . 29.16 40.22 -32.57
O3 SO4 XJ . 27.67 42.11 -32.35
O4 SO4 XJ . 27.84 40.95 -34.47
S SO4 YJ . 6.53 75.31 -31.12
O1 SO4 YJ . 5.67 74.12 -30.93
O2 SO4 YJ . 7.94 74.96 -30.87
O3 SO4 YJ . 6.39 75.79 -32.51
O4 SO4 YJ . 6.11 76.37 -30.17
S SO4 ZJ . 64.19 32.86 -56.90
O1 SO4 ZJ . 63.47 31.71 -56.29
O2 SO4 ZJ . 65.24 32.36 -57.81
O3 SO4 ZJ . 63.23 33.68 -57.68
O4 SO4 ZJ . 64.79 33.68 -55.83
FE HEC AK . -60.57 29.19 -15.36
CHA HEC AK . -61.30 32.39 -15.98
CHB HEC AK . -60.72 29.78 -11.96
CHC HEC AK . -60.41 25.76 -14.68
CHD HEC AK . -59.76 28.57 -18.56
NA HEC AK . -60.93 30.76 -14.18
C1A HEC AK . -61.23 32.01 -14.66
C2A HEC AK . -61.48 32.86 -13.57
C3A HEC AK . -61.31 32.13 -12.43
C4A HEC AK . -60.97 30.82 -12.82
CMA HEC AK . -61.47 32.63 -11.01
CAA HEC AK . -61.85 34.33 -13.64
CBA HEC AK . -63.36 34.57 -13.65
CGA HEC AK . -63.63 36.03 -13.88
O1A HEC AK . -63.09 36.62 -14.84
O2A HEC AK . -64.39 36.67 -13.12
NB HEC AK . -60.56 27.99 -13.64
C1B HEC AK . -60.64 28.44 -12.39
C2B HEC AK . -60.61 27.36 -11.47
C3B HEC AK . -60.52 26.23 -12.21
C4B HEC AK . -60.49 26.66 -13.62
CMB HEC AK . -60.68 27.46 -9.97
CAB HEC AK . -60.48 24.83 -11.72
CBB HEC AK . -61.54 24.28 -11.14
NC HEC AK . -60.14 27.45 -16.42
C1C HEC AK . -60.16 26.16 -15.98
C2C HEC AK . -59.86 25.31 -17.06
C3C HEC AK . -59.68 26.10 -18.18
C4C HEC AK . -59.85 27.46 -17.76
CMC HEC AK . -59.78 23.80 -17.00
CAC HEC AK . -59.36 25.58 -19.53
CBC HEC AK . -58.60 26.26 -20.38
ND HEC AK . -60.53 30.24 -16.92
C1D HEC AK . -60.18 29.84 -18.15
C2D HEC AK . -60.29 30.97 -19.10
C3D HEC AK . -60.71 32.02 -18.39
C4D HEC AK . -60.88 31.54 -17.00
CMD HEC AK . -59.99 30.95 -20.58
CAD HEC AK . -60.98 33.41 -18.91
CBD HEC AK . -62.43 33.61 -19.34
CGD HEC AK . -62.60 35.01 -19.86
O1D HEC AK . -62.64 35.21 -21.10
O2D HEC AK . -62.70 35.98 -19.07
FE HEC BK . -57.40 33.42 -7.39
CHA HEC BK . -58.57 36.49 -7.94
CHB HEC BK . -57.60 32.71 -10.77
CHC HEC BK . -55.66 30.40 -6.94
CHD HEC BK . -57.46 33.82 -4.05
NA HEC BK . -57.96 34.38 -9.04
C1A HEC BK . -58.45 35.67 -9.04
C2A HEC BK . -58.81 36.04 -10.36
C3A HEC BK . -58.53 34.96 -11.16
C4A HEC BK . -58.00 33.94 -10.33
CMA HEC BK . -58.75 34.87 -12.64
CAA HEC BK . -59.42 37.33 -10.84
CBA HEC BK . -58.57 38.57 -10.54
CGA HEC BK . -57.50 38.74 -11.60
O1A HEC BK . -56.34 39.05 -11.23
O2A HEC BK . -57.75 38.60 -12.81
NB HEC BK . -56.75 31.85 -8.62
C1B HEC BK . -56.94 31.79 -9.95
C2B HEC BK . -56.38 30.59 -10.47
C3B HEC BK . -55.83 29.92 -9.42
C4B HEC BK . -56.08 30.76 -8.22
CMB HEC BK . -56.38 30.15 -11.91
CAB HEC BK . -55.11 28.64 -9.45
CBB HEC BK . -53.85 28.59 -9.86
NC HEC BK . -56.61 32.33 -5.79
C1C HEC BK . -56.11 31.06 -5.81
C2C HEC BK . -56.14 30.52 -4.50
C3C HEC BK . -56.66 31.51 -3.67
C4C HEC BK . -56.94 32.63 -4.49
CMC HEC BK . -55.68 29.14 -4.11
CAC HEC BK . -56.89 31.39 -2.20
CBC HEC BK . -55.87 31.40 -1.34
ND HEC BK . -57.89 34.83 -6.25
C1D HEC BK . -57.85 34.84 -4.91
C2D HEC BK . -58.32 36.15 -4.40
C3D HEC BK . -58.62 36.88 -5.50
C4D HEC BK . -58.35 36.02 -6.65
CMD HEC BK . -58.43 36.59 -2.97
CAD HEC BK . -59.17 38.29 -5.54
CBD HEC BK . -60.68 38.17 -5.77
CGD HEC BK . -61.38 39.50 -5.95
O1D HEC BK . -62.56 39.60 -5.55
O2D HEC BK . -60.82 40.48 -6.49
FE HEC CK . -53.89 30.78 3.43
CHA HEC CK . -50.75 29.95 3.89
CHB HEC CK . -53.08 34.11 3.20
CHC HEC CK . -56.99 31.48 1.96
CHD HEC CK . -55.05 27.76 4.37
NA HEC CK . -52.23 31.85 3.47
C1A HEC CK . -51.03 31.31 3.82
C2A HEC CK . -50.12 32.35 4.10
C3A HEC CK . -50.77 33.53 3.90
C4A HEC CK . -52.09 33.20 3.50
CMA HEC CK . -50.21 34.92 4.06
CAA HEC CK . -48.68 32.18 4.53
CBA HEC CK . -47.82 32.02 3.26
CGA HEC CK . -46.36 31.83 3.60
O1A HEC CK . -45.54 31.70 2.67
O2A HEC CK . -45.96 31.82 4.79
NB HEC CK . -54.87 32.49 2.70
C1B HEC CK . -54.34 33.71 2.71
C2B HEC CK . -55.25 34.63 2.14
C3B HEC CK . -56.36 33.93 1.78
C4B HEC CK . -56.09 32.52 2.15
CMB HEC CK . -55.03 36.11 1.96
CAB HEC CK . -57.59 34.43 1.14
CBB HEC CK . -57.70 34.42 -0.18
NC HEC CK . -55.71 29.79 3.15
C1C HEC CK . -56.88 30.27 2.63
C2C HEC CK . -57.90 29.35 2.87
C3C HEC CK . -57.34 28.28 3.57
C4C HEC CK . -55.96 28.57 3.74
CMC HEC CK . -59.35 29.51 2.45
CAC HEC CK . -58.06 27.06 4.05
CBC HEC CK . -57.98 25.90 3.41
ND HEC CK . -53.07 29.20 4.01
C1D HEC CK . -53.67 28.05 4.34
C2D HEC CK . -52.65 27.05 4.73
C3D HEC CK . -51.45 27.67 4.61
C4D HEC CK . -51.75 29.02 4.14
CMD HEC CK . -52.91 25.63 5.19
CAD HEC CK . -50.08 27.10 4.86
CBD HEC CK . -49.51 27.62 6.18
CGD HEC CK . -49.83 26.61 7.25
O1D HEC CK . -49.16 25.55 7.33
O2D HEC CK . -50.76 26.84 8.05
FE HEC DK . -51.99 39.37 6.51
CHA HEC DK . -49.36 37.80 7.80
CHB HEC DK . -53.80 36.40 6.50
CHC HEC DK . -54.99 41.05 5.72
CHD HEC DK . -50.35 42.30 6.33
NA HEC DK . -51.68 37.49 7.05
C1A HEC DK . -50.46 37.03 7.51
C2A HEC DK . -50.52 35.63 7.63
C3A HEC DK . -51.76 35.23 7.28
C4A HEC DK . -52.48 36.39 6.91
CMA HEC DK . -52.29 33.81 7.25
CAA HEC DK . -49.39 34.74 8.11
CBA HEC DK . -49.67 34.47 9.59
CGA HEC DK . -48.41 34.08 10.31
O1A HEC DK . -47.66 34.97 10.76
O2A HEC DK . -48.13 32.87 10.45
NB HEC DK . -54.00 38.83 6.18
C1B HEC DK . -54.49 37.58 6.25
C2B HEC DK . -55.88 37.57 6.00
C3B HEC DK . -56.25 38.86 5.77
C4B HEC DK . -55.00 39.66 5.90
CMB HEC DK . -56.76 36.36 5.98
CAB HEC DK . -57.59 39.39 5.46
CBB HEC DK . -58.45 39.60 6.46
NC HEC DK . -52.59 41.33 6.13
C1C HEC DK . -53.82 41.79 5.75
C2C HEC DK . -53.71 43.17 5.41
C3C HEC DK . -52.38 43.52 5.60
C4C HEC DK . -51.69 42.35 6.04
CMC HEC DK . -54.85 44.05 4.95
CAC HEC DK . -51.77 44.84 5.37
CBC HEC DK . -52.15 45.89 6.09
ND HEC DK . -50.26 39.92 6.95
C1D HEC DK . -49.74 41.16 6.84
C2D HEC DK . -48.35 41.17 7.32
C3D HEC DK . -48.08 39.92 7.72
C4D HEC DK . -49.31 39.14 7.49
CMD HEC DK . -47.42 42.36 7.35
CAD HEC DK . -46.80 39.37 8.32
CBD HEC DK . -46.98 39.65 9.83
CGD HEC DK . -46.04 38.90 10.74
O1D HEC DK . -44.80 38.94 10.58
O2D HEC DK . -46.52 38.25 11.69
FE HEC EK . -54.52 51.28 5.93
CHA HEC EK . -56.87 52.72 7.77
CHB HEC EK . -52.21 51.67 8.47
CHC HEC EK . -52.23 49.20 4.27
CHD HEC EK . -56.29 51.56 3.10
NA HEC EK . -54.52 52.04 7.76
C1A HEC EK . -55.63 52.59 8.34
C2A HEC EK . -55.30 53.02 9.65
C3A HEC EK . -53.99 52.72 9.84
C4A HEC EK . -53.50 52.12 8.67
CMA HEC EK . -53.18 53.00 11.10
CAA HEC EK . -56.24 53.69 10.62
CBA HEC EK . -56.36 55.19 10.34
CGA HEC EK . -57.25 55.88 11.34
O1A HEC EK . -57.67 57.04 11.12
O2A HEC EK . -57.57 55.32 12.42
NB HEC EK . -52.58 50.56 6.29
C1B HEC EK . -51.86 50.86 7.38
C2B HEC EK . -50.58 50.21 7.32
C3B HEC EK . -50.55 49.50 6.14
C4B HEC EK . -51.87 49.75 5.49
CMB HEC EK . -49.48 50.30 8.36
CAB HEC EK . -49.45 48.66 5.62
CBB HEC EK . -49.15 47.51 6.21
NC HEC EK . -54.29 50.49 4.02
C1C HEC EK . -53.30 49.69 3.53
C2C HEC EK . -53.56 49.41 2.18
C3C HEC EK . -54.73 50.08 1.84
C4C HEC EK . -55.17 50.77 3.02
CMC HEC EK . -52.71 48.55 1.28
CAC HEC EK . -55.40 50.11 0.53
CBC HEC EK . -55.84 48.99 -0.04
ND HEC EK . -56.21 51.99 5.52
C1D HEC EK . -56.80 52.02 4.31
C2D HEC EK . -58.13 52.66 4.43
C3D HEC EK . -58.29 53.00 5.74
C4D HEC EK . -57.06 52.55 6.41
CMD HEC EK . -59.08 52.88 3.27
CAD HEC EK . -59.43 53.66 6.50
CBD HEC EK . -60.53 54.36 5.69
CGD HEC EK . -61.63 54.79 6.63
O1D HEC EK . -62.61 54.04 6.85
O2D HEC EK . -61.56 55.89 7.21
FE HEC FK . -47.84 55.84 11.34
CHA HEC FK . -50.04 57.87 12.73
CHB HEC FK . -50.02 55.11 8.76
CHC HEC FK . -45.21 54.60 9.41
CHD HEC FK . -45.86 55.79 14.04
NA HEC FK . -49.66 56.40 10.80
C1A HEC FK . -50.45 57.19 11.61
C2A HEC FK . -51.76 57.19 11.09
C3A HEC FK . -51.77 56.41 9.97
C4A HEC FK . -50.45 55.94 9.79
CMA HEC FK . -52.94 56.10 9.07
CAA HEC FK . -52.94 57.90 11.69
CBA HEC FK . -53.57 56.94 12.71
CGA HEC FK . -54.66 57.60 13.53
O1A HEC FK . -55.03 57.07 14.61
O2A HEC FK . -55.20 58.66 13.14
NB HEC FK . -47.66 55.00 9.43
C1B HEC FK . -48.66 54.81 8.58
C2B HEC FK . -48.18 54.22 7.38
C3B HEC FK . -46.83 54.07 7.53
C4B HEC FK . -46.51 54.59 8.88
CMB HEC FK . -49.00 53.85 6.17
CAB HEC FK . -45.89 53.52 6.55
CBB HEC FK . -45.50 54.29 5.53
NC HEC FK . -45.84 55.32 11.64
C1C HEC FK . -45.00 54.70 10.77
C2C HEC FK . -43.90 54.20 11.49
C3C HEC FK . -44.08 54.54 12.82
C4C HEC FK . -45.31 55.26 12.90
CMC HEC FK . -42.73 53.44 10.93
CAC HEC FK . -43.17 54.20 13.95
CBC HEC FK . -42.08 54.92 14.17
ND HEC FK . -47.93 56.65 13.02
C1D HEC FK . -47.04 56.56 14.02
C2D HEC FK . -47.47 57.38 15.16
C3D HEC FK . -48.63 57.94 14.79
C4D HEC FK . -48.90 57.47 13.42
CMD HEC FK . -46.77 57.55 16.49
CAD HEC FK . -49.51 58.89 15.58
CBD HEC FK . -50.56 58.09 16.35
CGD HEC FK . -51.14 58.96 17.43
O1D HEC FK . -52.35 59.25 17.38
O2D HEC FK . -50.41 59.39 18.36
FE HEC GK . -36.71 56.79 15.49
CHA HEC GK . -34.51 58.76 13.98
CHB HEC GK . -38.35 59.54 16.80
CHC HEC GK . -39.44 54.81 16.38
CHD HEC GK . -34.85 54.04 15.01
NA HEC GK . -36.47 58.77 15.46
C1A HEC GK . -35.53 59.38 14.67
C2A HEC GK . -35.73 60.78 14.69
C3A HEC GK . -36.82 61.01 15.49
C4A HEC GK . -37.27 59.75 15.96
CMA HEC GK . -37.41 62.35 15.80
CAA HEC GK . -34.93 61.82 13.96
CBA HEC GK . -33.48 61.88 14.45
CGA HEC GK . -33.30 62.92 15.50
O1A HEC GK . -33.68 64.10 15.30
O2A HEC GK . -32.77 62.60 16.59
NB HEC GK . -38.56 57.12 16.43
C1B HEC GK . -39.01 58.30 16.87
C2B HEC GK . -40.30 58.17 17.44
C3B HEC GK . -40.64 56.84 17.33
C4B HEC GK . -39.48 56.18 16.67
CMB HEC GK . -41.14 59.26 18.05
CAB HEC GK . -41.89 56.19 17.79
CBB HEC GK . -43.05 56.46 17.18
NC HEC GK . -37.11 54.76 15.64
C1C HEC GK . -38.24 54.15 16.09
C2C HEC GK . -38.00 52.77 16.19
C3C HEC GK . -36.69 52.55 15.78
C4C HEC GK . -36.14 53.83 15.45
CMC HEC GK . -38.99 51.72 16.64
CAC HEC GK . -35.98 51.25 15.73
CBC HEC GK . -36.34 50.28 14.89
ND HEC GK . -35.05 56.47 14.69
C1D HEC GK . -34.42 55.30 14.57
C2D HEC GK . -33.14 55.47 13.87
C3D HEC GK . -33.04 56.79 13.58
C4D HEC GK . -34.27 57.40 14.11
CMD HEC GK . -32.12 54.40 13.54
CAD HEC GK . -31.90 57.50 12.87
CBD HEC GK . -30.97 58.16 13.92
CGD HEC GK . -30.13 59.30 13.38
O1D HEC GK . -30.57 60.10 12.52
O2D HEC GK . -28.97 59.49 13.81
S SO4 HK . -35.92 52.40 -4.32
O1 SO4 HK . -34.99 52.23 -5.47
O2 SO4 HK . -36.75 51.17 -4.19
O3 SO4 HK . -36.80 53.57 -4.55
O4 SO4 HK . -35.19 52.66 -3.06
S SO4 IK . -40.01 65.96 33.27
O1 SO4 IK . -39.70 64.78 34.11
O2 SO4 IK . -40.15 65.58 31.85
O3 SO4 IK . -38.91 66.94 33.40
O4 SO4 IK . -41.28 66.59 33.74
S SO4 JK . -54.07 66.41 -41.55
O1 SO4 JK . -54.84 65.19 -41.87
O2 SO4 JK . -52.74 66.04 -41.01
O3 SO4 JK . -53.88 67.21 -42.79
O4 SO4 JK . -54.79 67.23 -40.55
FE HEC KK . -60.86 57.77 1.38
CHA HEC KK . -60.42 57.98 4.72
CHB HEC KK . -64.13 57.61 1.71
CHC HEC KK . -61.00 58.67 -1.98
CHD HEC KK . -57.79 56.52 0.93
NA HEC KK . -62.05 58.02 2.86
C1A HEC KK . -61.62 58.62 4.15
C2A HEC KK . -62.88 58.51 5.03
C3A HEC KK . -63.92 58.43 4.14
C4A HEC KK . -63.39 58.04 2.83
CMA HEC KK . -65.37 58.56 4.40
CAA HEC KK . -62.98 58.64 6.51
CBA HEC KK . -62.58 60.04 6.90
CGA HEC KK . -63.45 61.28 6.79
O1A HEC KK . -63.00 62.31 7.25
O2A HEC KK . -64.63 61.20 6.22
NB HEC KK . -62.28 58.22 0.22
C1B HEC KK . -63.60 57.80 0.44
C2B HEC KK . -64.36 57.84 -0.82
C3B HEC KK . -63.57 58.47 -1.73
C4B HEC KK . -62.25 58.88 -1.08
CMB HEC KK . -65.83 57.66 -0.93
CAB HEC KK . -63.87 58.66 -3.16
CBB HEC KK . -64.83 59.78 -3.46
NC HEC KK . -59.79 57.42 -0.17
C1C HEC KK . -59.99 57.73 -1.45
C2C HEC KK . -59.02 57.03 -2.34
C3C HEC KK . -58.15 56.33 -1.56
C4C HEC KK . -58.75 56.33 -0.16
CMC HEC KK . -59.17 56.97 -3.82
CAC HEC KK . -57.21 55.25 -1.95
CBC HEC KK . -55.96 55.69 -2.68
ND HEC KK . -59.52 57.10 2.59
C1D HEC KK . -58.21 56.70 2.20
C2D HEC KK . -57.49 56.36 3.43
C3D HEC KK . -58.12 57.03 4.47
C4D HEC KK . -59.39 57.55 3.93
CMD HEC KK . -56.25 55.55 3.51
CAD HEC KK . -57.84 56.90 5.92
CBD HEC KK . -56.72 57.83 6.37
CGD HEC KK . -56.75 58.08 7.94
O1D HEC KK . -57.84 57.78 8.55
O2D HEC KK . -55.76 58.55 8.53
FE HEC LK . -34.62 76.27 6.21
CHA HEC LK . -32.25 77.43 4.15
CHB HEC LK . -34.24 78.77 8.30
CHC HEC LK . -37.79 75.46 7.41
CHD HEC LK . -34.25 73.14 5.10
NA HEC LK . -33.66 77.90 6.12
C1A HEC LK . -33.07 78.42 4.86
C2A HEC LK . -32.30 79.67 5.31
C3A HEC LK . -32.90 80.06 6.49
C4A HEC LK . -33.68 78.91 7.00
CMA HEC LK . -32.77 81.33 7.22
CAA HEC LK . -31.26 80.45 4.57
CBA HEC LK . -31.87 81.02 3.30
CGA HEC LK . -32.73 82.27 3.23
O1A HEC LK . -33.05 82.62 2.11
O2A HEC LK . -33.09 82.90 4.32
NB HEC LK . -35.79 77.09 7.46
C1B HEC LK . -35.33 77.95 8.46
C2B HEC LK . -36.33 78.04 9.52
C3B HEC LK . -37.45 77.41 9.09
C4B HEC LK . -37.22 76.89 7.67
CMB HEC LK . -36.26 79.01 10.65
CAB HEC LK . -38.66 77.11 9.89
CBB HEC LK . -39.60 78.27 10.07
NC HEC LK . -35.63 74.64 6.46
C1C HEC LK . -36.81 74.42 7.02
C2C HEC LK . -37.06 72.96 7.22
C3C HEC LK . -36.02 72.28 6.68
C4C HEC LK . -34.95 73.31 6.37
CMC HEC LK . -38.15 72.43 8.08
CAC HEC LK . -35.63 70.84 6.90
CBC HEC LK . -36.47 69.83 6.15
ND HEC LK . -33.31 75.43 5.11
C1D HEC LK . -33.38 74.08 4.65
C2D HEC LK . -32.25 73.87 3.75
C3D HEC LK . -31.88 75.11 3.28
C4D HEC LK . -32.60 76.11 4.10
CMD HEC LK . -31.67 72.56 3.38
CAD HEC LK . -30.68 75.45 2.47
CBD HEC LK . -30.96 75.28 0.97
CGD HEC LK . -29.91 76.06 0.10
O1D HEC LK . -29.24 76.99 0.67
O2D HEC LK . -29.77 75.74 -1.10
FE HEC MK . -29.04 54.56 30.55
CHA HEC MK . -31.55 56.46 29.53
CHB HEC MK . -26.80 56.37 28.63
CHC HEC MK . -26.29 52.96 32.08
CHD HEC MK . -31.10 52.30 31.97
NA HEC MK . -29.13 56.10 29.31
C1A HEC MK . -30.30 56.77 29.05
C2A HEC MK . -30.00 57.86 28.17
C3A HEC MK . -28.67 57.81 27.91
C4A HEC MK . -28.13 56.73 28.64
CMA HEC MK . -27.88 58.77 27.04
CAA HEC MK . -30.99 58.84 27.61
CBA HEC MK . -31.12 60.10 28.47
CGA HEC MK . -32.26 60.95 27.93
O1A HEC MK . -33.37 60.44 27.69
O2A HEC MK . -32.10 62.18 27.72
NB HEC MK . -26.95 54.64 30.39
C1B HEC MK . -26.28 55.44 29.55
C2B HEC MK . -24.87 55.26 29.70
C3B HEC MK . -24.70 54.31 30.65
C4B HEC MK . -26.06 53.92 31.09
CMB HEC MK . -23.79 55.98 28.93
CAB HEC MK . -23.44 53.77 31.17
CBB HEC MK . -22.62 54.53 31.90
NC HEC MK . -28.73 52.91 31.81
C1C HEC MK . -27.56 52.42 32.32
C2C HEC MK . -27.84 51.31 33.14
C3C HEC MK . -29.21 51.12 33.12
C4C HEC MK . -29.76 52.13 32.27
CMC HEC MK . -26.82 50.50 33.89
CAC HEC MK . -29.92 50.04 33.85
CBC HEC MK . -31.04 49.48 33.40
ND HEC MK . -30.90 54.41 30.71
C1D HEC MK . -31.59 53.44 31.31
C2D HEC MK . -33.03 53.69 31.21
C3D HEC MK . -33.16 54.85 30.54
C4D HEC MK . -31.79 55.29 30.23
CMD HEC MK . -34.16 52.83 31.76
CAD HEC MK . -34.44 55.53 30.17
CBD HEC MK . -34.88 56.55 31.21
CGD HEC MK . -36.19 57.17 30.78
O1D HEC MK . -37.26 56.79 31.30
O2D HEC MK . -36.21 58.05 29.89
FE HEC NK . -25.72 57.62 22.12
CHA HEC NK . -28.08 59.82 21.42
CHB HEC NK . -27.84 55.99 24.33
CHC HEC NK . -23.45 54.97 22.50
CHD HEC NK . -23.42 59.26 20.29
NA HEC NK . -27.59 57.84 22.76
C1A HEC NK . -28.40 58.87 22.35
C2A HEC NK . -29.65 58.78 23.02
C3A HEC NK . -29.57 57.70 23.84
C4A HEC NK . -28.29 57.12 23.67
CMA HEC NK . -30.65 57.19 24.77
CAA HEC NK . -30.85 59.69 22.92
CBA HEC NK . -31.42 59.81 21.50
CGA HEC NK . -32.36 58.67 21.20
O1A HEC NK . -32.30 58.12 20.09
O2A HEC NK . -33.20 58.29 22.05
NB HEC NK . -25.66 55.82 23.21
C1B HEC NK . -26.63 55.38 24.03
C2B HEC NK . -26.26 54.12 24.59
C3B HEC NK . -25.03 53.81 24.09
C4B HEC NK . -24.66 54.93 23.19
CMB HEC NK . -27.07 53.29 25.56
CAB HEC NK . -24.25 52.60 24.37
CBB HEC NK . -24.54 51.45 23.77
NC HEC NK . -23.80 57.14 21.45
C1C HEC NK . -23.00 56.11 21.86
C2C HEC NK . -21.66 56.39 21.54
C3C HEC NK . -21.63 57.62 20.90
C4C HEC NK . -22.99 58.08 20.86
CMC HEC NK . -20.47 55.51 21.83
CAC HEC NK . -20.43 58.33 20.41
CBC HEC NK . -19.82 57.93 19.30
ND HEC NK . -25.74 59.18 21.09
C1D HEC NK . -24.73 59.71 20.39
C2D HEC NK . -25.18 60.94 19.71
C3D HEC NK . -26.48 61.09 20.02
C4D HEC NK . -26.82 59.96 20.89
CMD HEC NK . -24.36 61.85 18.81
CAD HEC NK . -27.42 62.20 19.59
CBD HEC NK . -27.49 63.18 20.76
CGD HEC NK . -28.46 64.31 20.56
O1D HEC NK . -28.19 65.42 21.07
O2D HEC NK . -29.51 64.14 19.92
FE HEC OK . -15.79 58.12 15.98
CHA HEC OK . -14.94 55.52 14.14
CHB HEC OK . -18.15 59.09 13.65
CHC HEC OK . -17.32 60.20 18.33
CHD HEC OK . -13.12 57.84 17.99
NA HEC OK . -16.48 57.43 14.25
C1A HEC OK . -15.86 56.39 13.60
C2A HEC OK . -16.35 56.35 12.27
C3A HEC OK . -17.26 57.35 12.14
C4A HEC OK . -17.34 58.02 13.37
CMA HEC OK . -18.05 57.70 10.89
CAA HEC OK . -15.93 55.36 11.21
CBA HEC OK . -16.79 54.10 11.37
CGA HEC OK . -16.47 53.05 10.33
O1A HEC OK . -17.13 51.99 10.33
O2A HEC OK . -15.55 53.23 9.49
NB HEC OK . -17.44 59.42 16.00
C1B HEC OK . -18.23 59.64 14.95
C2B HEC OK . -19.24 60.57 15.31
C3B HEC OK . -19.04 60.90 16.61
C4B HEC OK . -17.85 60.13 17.05
CMB HEC OK . -20.34 61.08 14.40
CAB HEC OK . -19.85 61.83 17.42
CBB HEC OK . -20.85 61.35 18.16
NC HEC OK . -15.33 58.87 17.87
C1C HEC OK . -16.03 59.77 18.62
C2C HEC OK . -15.23 60.18 19.71
C3C HEC OK . -14.03 59.50 19.61
C4C HEC OK . -14.11 58.68 18.44
CMC HEC OK . -15.62 61.18 20.78
CAC HEC OK . -12.88 59.61 20.53
CBC HEC OK . -12.61 58.70 21.43
ND HEC OK . -14.34 56.94 16.05
C1D HEC OK . -13.33 56.94 16.94
C2D HEC OK . -12.41 55.82 16.64
C3D HEC OK . -12.93 55.18 15.56
C4D HEC OK . -14.15 55.91 15.22
CMD HEC OK . -11.15 55.45 17.39
CAD HEC OK . -12.39 53.96 14.85
CBD HEC OK . -11.71 54.35 13.53
CGD HEC OK . -10.24 54.52 13.79
O1D HEC OK . -9.52 53.50 13.90
O2D HEC OK . -9.75 55.67 13.89
FE HEC PK . -19.01 62.34 8.31
CHA HEC PK . -17.05 60.07 6.84
CHB HEC PK . -17.06 62.18 11.19
CHC HEC PK . -20.65 65.13 9.72
CHD HEC PK . -21.06 62.51 5.66
NA HEC PK . -17.37 61.36 8.91
C1A HEC PK . -16.77 60.41 8.15
C2A HEC PK . -15.76 59.77 8.92
C3A HEC PK . -15.76 60.38 10.14
C4A HEC PK . -16.76 61.36 10.13
CMA HEC PK . -14.85 60.03 11.31
CAA HEC PK . -14.85 58.67 8.46
CBA HEC PK . -13.52 59.35 8.06
CGA HEC PK . -12.76 58.48 7.10
O1A HEC PK . -13.01 58.54 5.88
O2A HEC PK . -11.88 57.71 7.54
NB HEC PK . -18.88 63.44 10.10
C1B HEC PK . -18.01 63.20 11.09
C2B HEC PK . -18.17 64.15 12.14
C3B HEC PK . -19.18 64.98 11.76
C4B HEC PK . -19.62 64.51 10.43
CMB HEC PK . -17.38 64.20 13.43
CAB HEC PK . -19.73 66.14 12.48
CBB HEC PK . -19.08 67.29 12.47
NC HEC PK . -20.56 63.62 7.79
C1C HEC PK . -21.13 64.65 8.52
C2C HEC PK . -22.27 65.11 7.83
C3C HEC PK . -22.38 64.36 6.66
C4C HEC PK . -21.30 63.43 6.65
CMC HEC PK . -23.19 66.22 8.29
CAC HEC PK . -23.41 64.47 5.61
CBC HEC PK . -23.55 65.60 4.91
ND HEC PK . -19.05 61.49 6.65
C1D HEC PK . -19.94 61.68 5.66
C2D HEC PK . -19.61 60.84 4.50
C3D HEC PK . -18.50 60.15 4.84
C4D HEC PK . -18.16 60.60 6.20
CMD HEC PK . -20.36 60.75 3.18
CAD HEC PK . -17.71 59.17 4.00
CBD HEC PK . -16.73 60.07 3.23
CGD HEC PK . -15.56 59.38 2.58
O1D HEC PK . -15.73 58.40 1.82
O2D HEC PK . -14.40 59.81 2.77
FE HEC QK . -27.09 70.08 3.48
CHA HEC QK . -26.58 73.34 3.30
CHB HEC QK . -25.44 69.59 0.49
CHC HEC QK . -27.05 66.59 3.99
CHD HEC QK . -29.41 70.38 5.89
NA HEC QK . -26.18 71.22 2.13
C1A HEC QK . -26.09 72.57 2.27
C2A HEC QK . -25.38 73.08 1.16
C3A HEC QK . -25.05 72.03 0.36
C4A HEC QK . -25.56 70.87 0.98
CMA HEC QK . -24.29 72.07 -0.94
CAA HEC QK . -25.04 74.54 0.90
CBA HEC QK . -26.23 75.28 0.28
CGA HEC QK . -25.89 76.72 -0.03
O1A HEC QK . -26.80 77.54 -0.29
O2A HEC QK . -24.70 77.12 -0.02
NB HEC QK . -26.37 68.40 2.43
C1B HEC QK . -25.75 68.45 1.24
C2B HEC QK . -25.40 67.13 0.82
C3B HEC QK . -25.84 66.27 1.78
C4B HEC QK . -26.47 67.11 2.82
CMB HEC QK . -24.68 66.78 -0.46
CAB HEC QK . -25.72 64.79 1.78
CBB HEC QK . -24.53 64.20 1.96
NC HEC QK . -28.04 68.71 4.73
C1C HEC QK . -27.91 67.35 4.78
C2C HEC QK . -28.77 66.85 5.78
C3C HEC QK . -29.44 67.93 6.33
C4C HEC QK . -28.97 69.10 5.65
CMC HEC QK . -28.92 65.39 6.15
CAC HEC QK . -30.45 67.90 7.40
CBC HEC QK . -30.16 67.42 8.61
ND HEC QK . -27.83 71.54 4.38
C1D HEC QK . -28.77 71.51 5.35
C2D HEC QK . -29.08 72.89 5.80
C3D HEC QK . -28.29 73.71 5.07
C4D HEC QK . -27.51 72.82 4.19
CMD HEC QK . -30.09 73.24 6.86
CAD HEC QK . -28.12 75.22 5.06
CBD HEC QK . -29.16 76.07 5.80
CGD HEC QK . -28.69 77.51 5.82
O1D HEC QK . -28.04 77.96 6.79
O2D HEC QK . -28.96 78.26 4.85
FE HEC RK . -25.99 69.60 -6.18
CHA HEC RK . -26.23 72.86 -6.58
CHB HEC RK . -27.43 69.81 -3.04
CHC HEC RK . -26.73 66.20 -6.24
CHD HEC RK . -23.93 69.21 -8.77
NA HEC RK . -26.74 71.04 -5.02
C1A HEC RK . -26.63 72.36 -5.36
C2A HEC RK . -26.98 73.14 -4.24
C3A HEC RK . -27.32 72.29 -3.23
C4A HEC RK . -27.18 70.98 -3.74
CMA HEC RK . -27.77 72.66 -1.85
CAA HEC RK . -26.97 74.65 -4.16
CBA HEC RK . -25.57 75.07 -3.72
CGA HEC RK . -25.36 76.57 -3.78
O1A HEC RK . -24.19 77.01 -3.78
O2A HEC RK . -26.31 77.37 -3.82
NB HEC RK . -26.91 68.24 -4.88
C1B HEC RK . -27.42 68.55 -3.67
C2B HEC RK . -27.97 67.40 -3.07
C3B HEC RK . -27.80 66.37 -3.94
C4B HEC RK . -27.10 66.95 -5.12
CMB HEC RK . -28.63 67.34 -1.72
CAB HEC RK . -28.21 64.97 -3.76
CBB HEC RK . -29.48 64.63 -3.96
NC HEC RK . -25.47 67.97 -7.35
C1C HEC RK . -25.75 66.65 -7.12
C2C HEC RK . -24.89 65.86 -7.92
C3C HEC RK . -24.09 66.73 -8.65
C4C HEC RK . -24.47 68.05 -8.27
CMC HEC RK . -24.87 64.35 -7.98
CAC HEC RK . -23.04 66.35 -9.60
CBC HEC RK . -23.35 65.97 -10.84
ND HEC RK . -25.25 70.78 -7.41
C1D HEC RK . -24.42 70.46 -8.43
C2D HEC RK . -24.08 71.69 -9.18
C3D HEC RK . -24.72 72.71 -8.56
C4D HEC RK . -25.45 72.10 -7.44
CMD HEC RK . -23.18 71.79 -10.39
CAD HEC RK . -24.70 74.17 -8.93
CBD HEC RK . -23.58 74.88 -8.16
CGD HEC RK . -23.31 76.22 -8.79
O1D HEC RK . -23.49 77.26 -8.11
O2D HEC RK . -22.90 76.28 -9.98
FE HEC SK . -23.63 63.42 -16.10
CHA HEC SK . -26.06 62.14 -17.91
CHB HEC SK . -24.38 66.61 -17.21
CHC HEC SK . -21.62 64.85 -13.62
CHD HEC SK . -22.23 60.43 -15.51
NA HEC SK . -24.92 64.24 -17.36
C1A HEC SK . -25.91 63.52 -17.94
C2A HEC SK . -26.79 64.40 -18.61
C3A HEC SK . -26.33 65.66 -18.42
C4A HEC SK . -25.15 65.56 -17.64
CMA HEC SK . -26.95 66.92 -18.95
CAA HEC SK . -28.04 64.02 -19.38
CBA HEC SK . -27.72 63.14 -20.60
CGA HEC SK . -27.59 63.99 -21.84
O1A HEC SK . -28.50 64.79 -22.17
O2A HEC SK . -26.57 63.89 -22.55
NB HEC SK . -23.09 65.37 -15.52
C1B HEC SK . -23.51 66.50 -16.12
C2B HEC SK . -22.97 67.63 -15.47
C3B HEC SK . -22.19 67.18 -14.45
C4B HEC SK . -22.28 65.69 -14.50
CMB HEC SK . -23.21 69.08 -15.85
CAB HEC SK . -21.41 67.97 -13.48
CBB HEC SK . -22.01 68.74 -12.58
NC HEC SK . -22.19 62.76 -14.75
C1C HEC SK . -21.44 63.48 -13.87
C2C HEC SK . -20.48 62.64 -13.29
C3C HEC SK . -20.66 61.38 -13.83
C4C HEC SK . -21.74 61.47 -14.76
CMC HEC SK . -19.43 63.05 -12.26
CAC HEC SK . -19.88 60.15 -13.53
CBC HEC SK . -19.89 59.57 -12.34
ND HEC SK . -24.05 61.68 -16.60
C1D HEC SK . -23.38 60.55 -16.30
C2D HEC SK . -24.04 59.38 -16.90
C3D HEC SK . -25.11 59.87 -17.58
C4D HEC SK . -25.08 61.32 -17.37
CMD HEC SK . -23.62 57.93 -16.79
CAD HEC SK . -26.14 59.08 -18.38
CBD HEC SK . -25.76 59.17 -19.87
CGD HEC SK . -26.93 58.89 -20.79
O1D HEC SK . -28.10 59.29 -20.52
O2D HEC SK . -26.74 58.26 -21.85
S SO4 TK . -15.72 78.05 -28.73
O1 SO4 TK . -14.87 76.95 -29.23
O2 SO4 TK . -15.43 78.30 -27.29
O3 SO4 TK . -15.43 79.27 -29.52
O4 SO4 TK . -17.14 77.71 -28.90
FE HEC UK . -43.29 67.90 -23.98
CHA HEC UK . -45.64 65.84 -25.20
CHB HEC UK . -43.33 69.75 -26.69
CHC HEC UK . -41.81 70.37 -22.02
CHD HEC UK . -42.12 65.56 -21.91
NA HEC UK . -44.43 67.97 -25.50
C1A HEC UK . -45.73 67.26 -25.56
C2A HEC UK . -46.23 67.53 -26.99
C3A HEC UK . -45.56 68.66 -27.40
C4A HEC UK . -44.41 68.87 -26.50
CMA HEC UK . -45.82 69.51 -28.57
CAA HEC UK . -47.29 66.82 -27.76
CBA HEC UK . -48.63 67.06 -27.08
CGA HEC UK . -49.46 68.33 -27.16
O1A HEC UK . -50.54 68.30 -26.59
O2A HEC UK . -49.03 69.37 -27.82
NB HEC UK . -42.85 69.72 -24.31
C1B HEC UK . -42.64 70.23 -25.59
C2B HEC UK . -41.84 71.46 -25.53
C3B HEC UK . -41.75 71.80 -24.20
C4B HEC UK . -42.53 70.78 -23.35
CMB HEC UK . -41.61 72.36 -26.68
CAB HEC UK . -40.93 72.90 -23.65
CBB HEC UK . -41.56 74.27 -23.77
NC HEC UK . -42.01 67.93 -22.54
C1C HEC UK . -41.42 68.95 -21.91
C2C HEC UK . -40.34 68.47 -21.00
C3C HEC UK . -40.33 67.12 -21.03
C4C HEC UK . -41.24 66.71 -22.18
CMC HEC UK . -39.33 69.39 -20.40
CAC HEC UK . -39.24 66.20 -20.58
CBC HEC UK . -39.11 66.03 -19.08
ND HEC UK . -43.61 66.02 -23.83
C1D HEC UK . -43.09 65.19 -22.80
C2D HEC UK . -43.64 63.86 -22.98
C3D HEC UK . -44.81 64.02 -23.71
C4D HEC UK . -44.82 65.40 -24.20
CMD HEC UK . -43.09 62.61 -22.44
CAD HEC UK . -45.68 62.94 -24.27
CBD HEC UK . -46.70 62.44 -23.24
CGD HEC UK . -47.91 61.69 -23.94
O1D HEC UK . -48.09 61.91 -25.19
O2D HEC UK . -48.64 60.94 -23.26
FE HEC VK . -10.77 62.66 -27.37
CHA HEC VK . -12.75 65.13 -26.30
CHB HEC VK . -13.45 61.12 -28.93
CHC HEC VK . -8.64 60.42 -29.01
CHD HEC VK . -8.22 63.65 -25.43
NA HEC VK . -12.72 63.02 -27.58
C1A HEC VK . -13.34 64.14 -27.06
C2A HEC VK . -14.70 64.12 -27.44
C3A HEC VK . -14.90 62.98 -28.17
C4A HEC VK . -13.66 62.31 -28.26
CMA HEC VK . -16.20 62.53 -28.78
CAA HEC VK . -15.74 65.14 -27.07
CBA HEC VK . -15.90 66.24 -28.12
CGA HEC VK . -16.85 67.29 -27.59
O1A HEC VK . -16.67 67.76 -26.45
O2A HEC VK . -17.81 67.69 -28.29
NB HEC VK . -10.99 61.06 -28.71
C1B HEC VK . -12.17 60.63 -29.19
C2B HEC VK . -11.96 59.54 -30.08
C3B HEC VK . -10.62 59.33 -30.13
C4B HEC VK . -10.01 60.33 -29.23
CMB HEC VK . -13.02 58.77 -30.83
CAB HEC VK . -9.90 58.30 -30.91
CBB HEC VK . -9.84 58.40 -32.24
NC HEC VK . -8.77 62.10 -27.25
C1C HEC VK . -8.09 61.20 -28.01
C2C HEC VK . -6.73 61.19 -27.61
C3C HEC VK . -6.60 62.11 -26.57
C4C HEC VK . -7.90 62.69 -26.36
CMC HEC VK . -5.64 60.34 -28.19
CAC HEC VK . -5.34 62.41 -25.86
CBC HEC VK . -5.32 62.78 -24.59
ND HEC VK . -10.54 64.07 -26.15
C1D HEC VK . -9.43 64.33 -25.43
C2D HEC VK . -9.65 65.52 -24.58
C3D HEC VK . -10.91 65.93 -24.82
C4D HEC VK . -11.45 64.99 -25.82
CMD HEC VK . -8.66 66.15 -23.62
CAD HEC VK . -11.62 67.10 -24.19
CBD HEC VK . -11.46 68.38 -25.00
CGD HEC VK . -12.17 69.49 -24.27
O1D HEC VK . -11.51 70.33 -23.61
O2D HEC VK . -13.42 69.59 -24.33
FE HEC WK . -19.25 58.26 -27.11
CHA HEC WK . -21.17 60.88 -26.47
CHB HEC WK . -16.47 59.94 -25.88
CHC HEC WK . -17.29 55.34 -27.28
CHD HEC WK . -21.75 56.59 -28.66
NA HEC WK . -18.87 60.04 -26.34
C1A HEC WK . -19.84 61.01 -26.18
C2A HEC WK . -19.23 62.17 -25.63
C3A HEC WK . -17.92 61.90 -25.47
C4A HEC WK . -17.69 60.58 -25.90
CMA HEC WK . -16.87 62.84 -24.93
CAA HEC WK . -19.88 63.51 -25.31
CBA HEC WK . -21.03 63.41 -24.31
CGA HEC WK . -20.50 63.43 -22.91
O1A HEC WK . -20.97 62.63 -22.07
O2A HEC WK . -19.58 64.23 -22.59
NB HEC WK . -17.26 57.74 -26.67
C1B HEC WK . -16.33 58.58 -26.19
C2B HEC WK . -15.11 57.90 -26.00
C3B HEC WK . -15.31 56.61 -26.37
C4B HEC WK . -16.72 56.52 -26.81
CMB HEC WK . -13.82 58.48 -25.47
CAB HEC WK . -14.33 55.51 -26.35
CBB HEC WK . -14.03 54.91 -25.19
NC HEC WK . -19.49 56.28 -27.77
C1C HEC WK . -18.53 55.33 -27.91
C2C HEC WK . -18.98 54.33 -28.80
C3C HEC WK . -20.25 54.68 -29.19
C4C HEC WK . -20.56 55.91 -28.54
CMC HEC WK . -18.20 53.09 -29.22
CAC HEC WK . -21.11 53.93 -30.14
CBC HEC WK . -21.72 52.80 -29.77
ND HEC WK . -21.05 58.63 -27.48
C1D HEC WK . -21.95 57.86 -28.10
C2D HEC WK . -23.26 58.54 -28.16
C3D HEC WK . -23.09 59.73 -27.55
C4D HEC WK . -21.68 59.77 -27.13
CMD HEC WK . -24.53 58.01 -28.78
CAD HEC WK . -24.11 60.82 -27.36
CBD HEC WK . -23.84 61.86 -28.45
CGD HEC WK . -24.71 63.10 -28.35
O1D HEC WK . -25.03 63.67 -29.40
O2D HEC WK . -25.09 63.55 -27.24
FE HEC XK . -24.42 48.49 -30.87
CHA HEC XK . -24.18 45.76 -29.05
CHB HEC XK . -26.80 49.80 -28.75
CHC HEC XK . -23.95 51.68 -32.23
CHD HEC XK . -22.74 47.16 -33.47
NA HEC XK . -25.30 47.94 -29.18
C1A HEC XK . -25.13 46.67 -28.67
C2A HEC XK . -26.12 46.46 -27.67
C3A HEC XK . -26.86 47.61 -27.58
C4A HEC XK . -26.34 48.52 -28.52
CMA HEC XK . -28.02 47.87 -26.65
CAA HEC XK . -26.29 45.20 -26.85
CBA HEC XK . -25.35 45.28 -25.65
CGA HEC XK . -25.47 44.07 -24.77
O1A HEC XK . -24.78 44.00 -23.74
O2A HEC XK . -26.24 43.12 -25.08
NB HEC XK . -25.22 50.39 -30.55
C1B HEC XK . -26.15 50.67 -29.63
C2B HEC XK . -26.47 52.05 -29.67
C3B HEC XK . -25.69 52.62 -30.64
C4B HEC XK . -24.88 51.52 -31.21
CMB HEC XK . -27.47 52.76 -28.81
CAB HEC XK . -25.63 54.03 -31.06
CBB HEC XK . -24.77 54.86 -30.49
NC HEC XK . -23.46 49.31 -32.53
C1C HEC XK . -23.46 50.61 -32.96
C2C HEC XK . -22.92 50.66 -34.26
C3C HEC XK . -22.58 49.36 -34.62
C4C HEC XK . -22.92 48.52 -33.52
CMC HEC XK . -22.75 51.90 -35.11
CAC HEC XK . -21.97 48.93 -35.91
CBC HEC XK . -20.68 48.65 -36.01
ND HEC XK . -23.63 46.82 -31.19
C1D HEC XK . -22.98 46.43 -32.29
C2D HEC XK . -22.51 45.04 -32.12
C3D HEC XK . -22.91 44.65 -30.89
C4D HEC XK . -23.62 45.80 -30.31
CMD HEC XK . -21.73 44.21 -33.12
CAD HEC XK . -22.69 43.32 -30.20
CBD HEC XK . -23.95 42.48 -30.21
CGD HEC XK . -23.89 41.55 -31.39
O1D HEC XK . -23.14 40.55 -31.36
O2D HEC XK . -24.57 41.81 -32.42
FE HEC YK . -32.96 49.87 -27.37
CHA HEC YK . -32.67 46.65 -26.65
CHB HEC YK . -30.70 49.53 -29.99
CHC HEC YK . -33.66 53.13 -28.57
CHD HEC YK . -35.07 50.43 -24.80
NA HEC YK . -31.91 48.41 -28.19
C1A HEC YK . -31.88 47.14 -27.67
C2A HEC YK . -30.91 46.39 -28.35
C3A HEC YK . -30.36 47.19 -29.29
C4A HEC YK . -30.98 48.45 -29.19
CMA HEC YK . -29.27 46.83 -30.27
CAA HEC YK . -30.57 44.94 -28.10
CBA HEC YK . -31.32 44.13 -29.16
CGA HEC YK . -31.52 42.72 -28.70
O1A HEC YK . -32.51 42.43 -27.98
O2A HEC YK . -30.70 41.84 -29.04
NB HEC YK . -32.30 51.09 -28.97
C1B HEC YK . -31.40 50.73 -29.90
C2B HEC YK . -31.21 51.78 -30.84
C3B HEC YK . -32.03 52.80 -30.47
C4B HEC YK . -32.73 52.33 -29.25
CMB HEC YK . -30.27 51.73 -32.03
CAB HEC YK . -32.20 54.11 -31.12
CBB HEC YK . -33.00 54.20 -32.19
NC HEC YK . -34.15 51.50 -26.82
C1C HEC YK . -34.25 52.74 -27.38
C2C HEC YK . -35.06 53.56 -26.56
C3C HEC YK . -35.47 52.79 -25.49
C4C HEC YK . -34.89 51.49 -25.66
CMC HEC YK . -35.42 55.01 -26.82
CAC HEC YK . -36.33 53.21 -24.36
CBC HEC YK . -37.59 53.58 -24.56
ND HEC YK . -33.69 48.79 -26.03
C1D HEC YK . -34.55 49.17 -25.06
C2D HEC YK . -34.91 48.00 -24.23
C3D HEC YK . -34.23 46.96 -24.75
C4D HEC YK . -33.48 47.48 -25.89
CMD HEC YK . -35.84 47.99 -23.04
CAD HEC YK . -34.26 45.51 -24.29
CBD HEC YK . -35.44 44.90 -25.05
CGD HEC YK . -35.48 43.39 -25.12
O1D HEC YK . -35.44 42.71 -24.06
O2D HEC YK . -35.60 42.82 -26.22
FE HEC ZK . -41.51 57.94 -24.07
CHA HEC ZK . -43.75 59.13 -26.18
CHB HEC ZK . -43.52 55.21 -23.37
CHC HEC ZK . -38.89 56.34 -22.38
CHD HEC ZK . -39.82 60.83 -23.91
NA HEC ZK . -43.28 57.28 -24.64
C1A HEC ZK . -44.06 57.94 -25.56
C2A HEC ZK . -45.25 57.21 -25.76
C3A HEC ZK . -45.19 56.10 -24.97
C4A HEC ZK . -43.96 56.15 -24.27
CMA HEC ZK . -46.23 55.02 -24.87
CAA HEC ZK . -46.38 57.59 -26.69
CBA HEC ZK . -47.32 58.61 -26.03
CGA HEC ZK . -48.48 58.97 -26.91
O1A HEC ZK . -49.20 59.96 -26.62
O2A HEC ZK . -48.76 58.31 -27.94
NB HEC ZK . -41.24 56.10 -23.06
C1B HEC ZK . -42.19 55.16 -22.91
C2B HEC ZK . -41.68 54.06 -22.17
C3B HEC ZK . -40.37 54.34 -21.89
C4B HEC ZK . -40.11 55.68 -22.47
CMB HEC ZK . -42.44 52.80 -21.81
CAB HEC ZK . -39.41 53.51 -21.14
CBB HEC ZK . -38.95 52.38 -21.68
NC HEC ZK . -39.65 58.47 -23.29
C1C HEC ZK . -38.74 57.70 -22.63
C2C HEC ZK . -37.65 58.50 -22.26
C3C HEC ZK . -37.92 59.78 -22.71
C4C HEC ZK . -39.19 59.75 -23.35
CMC HEC ZK . -36.42 58.02 -21.52
CAC HEC ZK . -37.06 60.98 -22.55
CBC HEC ZK . -35.83 61.02 -23.07
ND HEC ZK . -41.74 59.62 -24.87
C1D HEC ZK . -40.98 60.70 -24.70
C2D HEC ZK . -41.51 61.82 -25.50
C3D HEC ZK . -42.61 61.35 -26.13
C4D HEC ZK . -42.72 59.94 -25.71
CMD HEC ZK . -40.90 63.21 -25.56
CAD HEC ZK . -43.59 61.99 -27.10
CBD HEC ZK . -43.56 63.52 -27.25
CGD HEC ZK . -44.49 63.90 -28.38
O1D HEC ZK . -44.04 64.00 -29.55
O2D HEC ZK . -45.69 64.11 -28.15
FE HEC AL . -48.60 52.87 -19.74
CHA HEC AL . -51.01 54.54 -21.22
CHB HEC AL . -46.31 55.36 -20.45
CHC HEC AL . -46.44 51.66 -17.28
CHD HEC AL . -50.35 50.03 -19.59
NA HEC AL . -48.63 54.65 -20.61
C1A HEC AL . -49.74 55.10 -21.29
C2A HEC AL . -49.38 56.23 -22.04
C3A HEC AL . -48.05 56.47 -21.82
C4A HEC AL . -47.60 55.48 -20.93
CMA HEC AL . -47.21 57.59 -22.43
CAA HEC AL . -50.30 57.02 -22.94
CBA HEC AL . -50.25 56.35 -24.33
CGA HEC AL . -51.25 56.93 -25.29
O1A HEC AL . -51.54 56.28 -26.32
O2A HEC AL . -51.79 58.04 -25.07
NB HEC AL . -46.71 53.41 -19.00
C1B HEC AL . -45.99 54.44 -19.43
C2B HEC AL . -44.78 54.53 -18.71
C3B HEC AL . -44.78 53.51 -17.81
C4B HEC AL . -46.05 52.79 -18.02
CMB HEC AL . -43.69 55.55 -18.91
CAB HEC AL . -43.74 53.17 -16.83
CBB HEC AL . -43.64 53.90 -15.72
NC HEC AL . -48.44 51.15 -18.57
C1C HEC AL . -47.41 50.78 -17.75
C2C HEC AL . -47.53 49.41 -17.47
C3C HEC AL . -48.66 48.94 -18.13
C4C HEC AL . -49.23 50.05 -18.83
CMC HEC AL . -46.60 48.60 -16.60
CAC HEC AL . -49.16 47.54 -18.13
CBC HEC AL . -49.87 47.10 -17.10
ND HEC AL . -50.32 52.39 -20.28
C1D HEC AL . -50.90 51.19 -20.15
C2D HEC AL . -52.27 51.25 -20.71
C3D HEC AL . -52.44 52.51 -21.16
C4D HEC AL . -51.19 53.21 -20.88
CMD HEC AL . -53.27 50.13 -20.77
CAD HEC AL . -53.66 53.09 -21.82
CBD HEC AL . -53.56 52.91 -23.33
CGD HEC AL . -54.92 53.13 -23.95
O1D HEC AL . -55.08 54.08 -24.75
O2D HEC AL . -55.87 52.35 -23.69
FE HEC BL . -52.23 43.84 -12.87
CHA HEC BL . -52.74 44.27 -9.65
CHB HEC BL . -55.13 45.55 -13.63
CHC HEC BL . -51.29 44.06 -16.23
CHD HEC BL . -49.86 41.50 -12.36
NA HEC BL . -53.70 44.70 -11.86
C1A HEC BL . -53.65 44.85 -10.50
C2A HEC BL . -54.71 45.68 -10.08
C3A HEC BL . -55.39 46.04 -11.21
C4A HEC BL . -54.75 45.43 -12.31
CMA HEC BL . -56.60 46.94 -11.27
CAA HEC BL . -55.04 46.12 -8.67
CBA HEC BL . -55.40 44.93 -7.79
CGA HEC BL . -56.89 44.75 -7.75
O1A HEC BL . -57.65 45.70 -7.45
O2A HEC BL . -57.38 43.62 -8.00
NB HEC BL . -53.05 44.67 -14.62
C1B HEC BL . -54.23 45.30 -14.67
C2B HEC BL . -54.49 45.74 -16.01
C3B HEC BL . -53.42 45.34 -16.78
C4B HEC BL . -52.49 44.63 -15.84
CMB HEC BL . -55.70 46.50 -16.51
CAB HEC BL . -53.22 45.55 -18.21
CBB HEC BL . -53.00 46.78 -18.68
NC HEC BL . -50.80 42.97 -14.10
C1C HEC BL . -50.61 43.13 -15.44
C2C HEC BL . -49.64 42.21 -15.89
C3C HEC BL . -49.22 41.48 -14.77
C4C HEC BL . -49.97 41.97 -13.65
CMC HEC BL . -49.13 42.05 -17.30
CAC HEC BL . -48.22 40.39 -14.73
CBC HEC BL . -46.94 40.61 -15.01
ND HEC BL . -51.46 43.05 -11.34
C1D HEC BL . -50.52 42.10 -11.29
C2D HEC BL . -50.22 41.76 -9.89
C3D HEC BL . -51.03 42.54 -9.13
C4D HEC BL . -51.80 43.35 -10.08
CMD HEC BL . -49.22 40.74 -9.40
CAD HEC BL . -51.13 42.58 -7.62
CBD HEC BL . -52.34 41.74 -7.19
CGD HEC BL . -52.85 42.08 -5.80
O1D HEC BL . -52.85 43.26 -5.38
O2D HEC BL . -53.26 41.18 -5.03
S SO4 CL . -70.65 40.07 -20.80
O1 SO4 CL . -70.69 38.72 -20.19
O2 SO4 CL . -69.27 40.38 -21.23
O3 SO4 CL . -71.55 40.08 -21.97
O4 SO4 CL . -71.09 41.07 -19.80
S SO4 DL . -48.85 41.22 -31.70
O1 SO4 DL . -48.89 39.74 -31.77
O2 SO4 DL . -47.50 41.69 -32.05
O3 SO4 DL . -49.84 41.79 -32.64
O4 SO4 DL . -49.18 41.65 -30.32
S SO4 EL . -21.73 92.55 5.36
O1 SO4 EL . -22.44 91.48 6.11
O2 SO4 EL . -20.28 92.50 5.69
O3 SO4 EL . -21.93 92.35 3.91
O4 SO4 EL . -22.27 93.87 5.77
K K FL . -51.80 36.07 -22.74
S SO4 GL . -64.64 -5.70 62.75
O1 SO4 GL . -64.30 -5.66 61.30
O2 SO4 GL . -63.91 -6.79 63.41
O3 SO4 GL . -64.25 -4.41 63.37
O4 SO4 GL . -66.10 -5.92 62.90
S SO4 HL . -60.32 -13.05 68.30
O1 SO4 HL . -60.39 -13.94 69.48
O2 SO4 HL . -59.11 -13.38 67.50
O3 SO4 HL . -61.51 -13.25 67.45
O4 SO4 HL . -60.25 -11.65 68.76
S SO4 IL . 63.77 0.60 -65.77
O1 SO4 IL . 63.64 0.12 -67.16
O2 SO4 IL . 64.66 -0.31 -65.01
O3 SO4 IL . 62.43 0.63 -65.14
O4 SO4 IL . 64.36 1.96 -65.77
S SO4 JL . -52.44 -73.94 -9.98
O1 SO4 JL . -53.06 -74.95 -9.09
O2 SO4 JL . -50.97 -73.97 -9.83
O3 SO4 JL . -52.81 -74.25 -11.38
O4 SO4 JL . -52.93 -72.58 -9.64
#